data_3JAI
#
_entry.id   3JAI
#
_cell.length_a   1
_cell.length_b   1
_cell.length_c   1
_cell.angle_alpha   90
_cell.angle_beta   90
_cell.angle_gamma   90
#
_symmetry.space_group_name_H-M   'P 1'
#
loop_
_entity.id
_entity.type
_entity.pdbx_description
1 polymer uL2
2 polymer uL3
3 polymer uL4
4 polymer uL18
5 polymer eL6
6 polymer uL30
7 polymer eL8
8 polymer uL6
9 polymer uL16
10 polymer uL5
11 polymer eL13
12 polymer eL14
13 polymer eL15
14 polymer uL13
15 polymer uL22
16 polymer eL18
17 polymer eL19
18 polymer eL20
19 polymer eL21
20 polymer eL22
21 polymer uL14
22 polymer eL24
23 polymer uL23
24 polymer uL24
25 polymer eL27
26 polymer uL15
27 polymer eL29
28 polymer eL30
29 polymer eL31
30 polymer eL32
31 polymer eL33
32 polymer eL34
33 polymer uL29
34 polymer eL36
35 polymer eL37
36 polymer eL38
37 polymer eL39
38 polymer eL40
39 polymer eL41
40 polymer eL42
41 polymer eL43
42 polymer eL28
43 polymer uL10
44 polymer uL11
45 polymer peptide
46 polymer tRNA(Val)
47 polymer tRNA(Lys)
48 polymer '28S ribosomal RNA'
49 polymer '5S ribosomal RNA'
50 polymer '5.8S ribosomal RNA'
51 polymer '18S ribosomal RNA'
52 polymer uS2
53 polymer eS1
54 polymer uS5
55 polymer uS3
56 polymer eS4
57 polymer uS7
58 polymer eS6
59 polymer eS7
60 polymer eS8
61 polymer uS4
62 polymer eS10
63 polymer uS17
64 polymer eS12
65 polymer uS15
66 polymer uS11
67 polymer uS19
68 polymer uS9
69 polymer eS17
70 polymer uS13
71 polymer eS19
72 polymer uS10
73 polymer eS21
74 polymer uS8
75 polymer uS12
76 polymer eS24
77 polymer eS25
78 polymer eS26
79 polymer eS27
80 polymer eS28
81 polymer uS14
82 polymer eS30
83 polymer eS31
84 polymer RACK1
85 polymer mRNA
86 polymer eRF1
87 polymer ABCE1
88 non-polymer 'MAGNESIUM ION'
89 non-polymer 'ZINC ION'
90 non-polymer 'IRON/SULFUR CLUSTER'
91 non-polymer "ADENOSINE-5'-DIPHOSPHATE"
#
loop_
_entity_poly.entity_id
_entity_poly.type
_entity_poly.pdbx_seq_one_letter_code
_entity_poly.pdbx_strand_id
1 'polypeptide(L)'
;GRVIRGQRKGAGSVFRAHVKHRKGAARLRAVDFAERHGYIKGIVKDIIHDPGRGAPLAKVVFRDPYRFKKRTELFIAAEG
IHTGQFVYCGKKAQLNIGNVLPVGTMPEGTIVCCLEEKPGDRGKLARASGNYATVISHNPETKKTRVKLPSGSKKVISSA
NRAVVGVVAGGGRIDKPILKAGRAYHKYKAKRNCWPRVRGVAMNPVEHPFGGGNHQHIGKPSTIRRDAPAGRKVGLIAAR
RTGR
;
A
2 'polypeptide(L)'
;SHRKFSAPRHGSLGFLPRKRSSRHRGKVKSFPKDDPSKPVHLTAFLGYKAGMTHIVREVDRPGSKVNKKEVVEAVTIVET
PPMVVVGIVGYVETPRGLRTFKTVFAEHISDECKRRFYKNWHKSKKKAFTKYCKKWQDDAGKRQLDKDFSSMKKYCQVIR
VLAHTQMRLLPLRQKKAHLMEIQVNGGTVAEKLDWARERLEQQVPVSQVFGQDEMIDVIGVTKGKGYKGVTSRWHTKKLP
RKTHRGLRKVACIGAWHPARVAFSVARAGQKGYHHRTEINKKIYKIGQGYLIKDGKLIKNNASTDYDLSDKSINPLGGFV
HYGEVTNDFVMLKGCVVGTKKRVLTLRKSLLVQTKRRALEKIDLKFIDTTSKFGHGRFQTVEEKKAFMGPLKKD
;
B
3 'polypeptide(L)'
;ACARPLISVYSEKGESSGKNVTLPAVFKAPIRPDIVNFVHTNLRKNNRQPYAVSELAGHQTSAESWGTGRAVARIPRVRG
GGTHRSGQGAFGNMCRGGRMFAPTKTWRRWHRRVNTTQKRYAICSALAASALPALVMSKGHRIEEVPELPLVVEDKVEGY
KKTKEAVLLLKKLKAWNDIKKVYASQRMRAGKGKMRNRRRIQRRGPCVIYNEDNGIVKAFRNIPGITLLNVTKLNILKLA
PGGHVGRFCIWTESAFRKLDDLYGTWRKAASLKSNYNLPMHKMLNTDLSRILKSPEIQRALRAPRKKIHRRVLKKNPLKN
LRIMLKLNPYAKTMRRNTILRQARNHKLRVERAAAALAAKS
;
C
4 'polypeptide(L)'
;FVKVVKNKAYFKRYQVKFRRRREGKTDYYARKRLVIQDKNKYNTPKYRMIVRVTNRDIICQIAYARIEGDMIVCAAYAHE
LPKYGVKVGLTNYAAAYCTGLLLARRLLNRFGMDKIYEGQVEVTGDEYNVESIDGQPGAFTCYLDAGLARTTTGNKVFGA
LKGAVDGGLSIPHSTKRFPGYDSESKEFNAEVHRKHIMGQNVADYMRYLMEEDEDAYKKQFSQYIKNNVTPDMMEEMYKK
AHAAIRENPVYEKKPKREVKKKRWNRPKMSLAQKKDRVAQKKASFLRAQERA
;
D
5 'polypeptide(L)'
;PHCSRNPVLVRGIGRYSRSAMYSRKALYKRKYAAPKSRIERKKKREKVLATVTKPVGGDKNGGTRVVKLRKMPRYYPTED
VPRKLLSHGRKPFSQHVRKLRASITPGTILIILTGRHRGKRVVFLKQLSSGLLLVTGPLSLNRVPLRRTHQKFVIATSTK
IDISGVKIPKHLTDAYFKKKQLRKPRHQEGEIFDTEKEKYEITEQRKVDQKAVDSQILPKIKAVPQLQGYLRSVFALTNG
VYPHKLVF
;
E
6 'polypeptide(L)'
;NFAELKIKRLRKKFAQKMLRKARRKLIYEKAKHYHKEYRQMYRTEIRMARMARKAGNFYVPAEPKLAFVIRIRGINGVSP
KVRKVLQLLRLRQIFNGTFVKLNKASINMLRIVEPYIAWGYPNLKSVNELIYKRGYGKINKKRIALTDNALIARSLGKYG
IICMEDLIHEIYTVGKRFKEANNFLWPFKLSSPRGGMKKKTTHFVEGEDAGNREDQINRLIRRMN
;
F
7 'polypeptide(L)'
;KVVNPLFEKRPKNFGIGQDIQPKRDLTRFVKWPRYIRLQRQRAILYKRLKVPPAINQFTQVLDRQTATQLLKLAHKYRPE
TKQEKKQRLLARAEKKAAGKGDVPTKRPPVLRAGVNTVTTLVENKKAQLVVIAHDVDPIELVVFLPALCRKMGVPYCILK
GKARLGRLVHRKTCTTVAFTQVNSEDKGALAKLVEAIRTNYNDRYDEIRRHWGGNVLGPKSVARIAKLEKAKAKELATKL
G
;
G
8 'polypeptide(L)'
;MKTILSNQTVDIPENVDISLKGRTVIVKGPRGTLRRDFNHINVELSLLGKKKKRLRVDKWWGNRKELATVRTICSHVQNM
IKGVTLGFRYKMRSVYAHFPINVVIQENGSLVEIRNFLGEKYIRRVRMRPGVACSVSQAQKDELVLEGNDIELVSNSAAL
IQQATTVKNKDIRKFLDGIYVSEKGTVQQA
;
H
9 'polypeptide(L)'
;GRRPARCYRYCKNKPYPKSRFCRGVPDAKIRIFDLGRKKAKVDEFPLCGHMVSDEYEQLSSEALEAARICANKYMVKSCG
KDGFHIRVRLHPFHVIRINKMLSCAGADRLQTGMRGAFGKPQGTVARVHIGQVIMSIRTKLQNKEHVVEALRRAKFKFPG
RQKIHISKKWGFTKFNADEFEDMVAEKRLIPDGCGVKYIPNRGPLDKWRALHS
;
I
10 'polypeptide(L)'
;ENPMRELRIRKLCLNICVGESGDRLTRAAKVLEQLTGQTPVFSKARYTVRSFGIRRNEKIAVHCTVRGAKAEEILEKGLK
VREYELRKNNFSDTGNFGFGIQEHIDLGIKYDPSIGIYGLDFYVVLGRPGFSIADKKRRTGCIGAKHRISKEEAMRWFQQ
KYDGIILPG
;
J
11 'polypeptide(L)'
;APSRNGMILKPHFHKDWQRRVATWFNQPARKIRRRKARQARARRIAPRPASGPLRPIVRCPTVRYHTKVRAGRGFSLEEL
RVAGIHKKVARTIGISVDPRRRNKSTESLQANVQRLKEYRSKLVLFPRKPSAPKKGDSSAEELKLATQLTGPVMPIRNVF
KKEKARVITEEEKNFKAFASLRMARANARLFGIRAKRAKEAAEQDVEKKK
;
L
12 'polypeptide(L)'
;VFRRFVEVGRVAYVSFGPHAGKLVAIVDVIDQNRALVDGPCTRVRRQAMPFKCMQLTDFILKFPHSARQKYVRKAWEKAD
INTKWAATRWAKKIEARERKAKMTDFDRYKVMKAKKMRNRIIKNEVKKLQRAALLKAS
;
M
13 'polypeptide(L)'
;GAYKYIQELWRKKQSDVMRFLLRVRCWQYRQLSALHRAPRPTRPDKARRLGYKAKQGYVIYRIRVRRGGRKRPVPKGATY
GKPVHHGVNQLKFARSLQSVAEERAGRHCGALRVLNSYWVGEDSTYKFFEVILIDPFHKAIRRNPDTQWITKPVHKHREM
RGLTSAGRKSRGLGKGHKFHHTIGGSRRAAWRRRNTLQLHRYR
;
N
14 'polypeptide(L)'
;QVLVLDGRGHLLGRLAAIVAKQVLLGRKVVVVRCEGINISGNFYRNKLKYLAFLRKRMNTNPSRGPYHFRAPSRIFWRTV
RGMLPHKTKRGQAALDRLKVFDGIPPPYDKKKRMVVPAALKVVRLKPTRKFAYLGRLAHEVGWKYQAVTATLEEKRKEKA
KIHYRKKKQLMRLRKQAEKNVEKKIDRFTEVLKTHGFLV
;
O
15 'polypeptide(L)'
;VRYSLDPENPTKSCKSRGSNLRVHFKNTRETAQAIKGMHIRKATKYLKDVTLQKQCVPFRRYNGGVGRCAQAKQWGWTQG
RWPKKSAEFLLHMLKNAESNAELKGLDVDSLVIEHIQVNKAPKMRRRTYRAHGRINPYMSSPCHIEMILTEKE
;
P
16 'polypeptide(L)'
;GVDIRHNKDRKVRRKEPKSQDIYLRLLVKLYRFLARRTNSTFNQVVLKRLFMSRTNRPPLSLSRMIRKMKLPGREGKTAV
VVGTITDDVRVQEVPKLKVCALRVSSRARSRILKAGGKILTFDQLALDSPKGCGTVLLSGPRKGREVYRHFGKAPGTPHS
HTKPYVRSKGRKFERARGRRASRGYKN
;
Q
17 'polypeptide(L)'
;SMLRLQKRLASSVLRCGKKKVWLDPNETNEIANANSRQQIRKLIKDGLIIRKPVTVHSRARCRKNTLARRKGRHMGIGKR
KGTANARMPEKVTWMRRMRILRRLLRRYRESKKIDRHMYHSLYLKVKGNVFKNKRILMEHIHKLKADKARKKLLADQAEA
RRSKTKEARKRREERLQAKK
;
R
18 'polypeptide(L)'
;KASGTLREYKVVGRCLPTPKCRTPPLYRMRIFAPNHVVAKSRFWYFVSQLKKMKKSSGEIVYCGQVFEKSPLRVKNFGIW
LRYDSRSGTHNMYREYRDLTTAGAVTQCYRDMGARHRARAHSIQIMKVEEIAASKCRRPAVKQFHDSKIKFPLPHRVLRR
QHKPRFTTKRPNTFF
;
S
19 'polypeptide(L)'
;TNTKGKRRGTRYMFSRPFRKHGVVPLATYMRIYKKGDIVDIKGMGTVQKGMPHKCYHGKTGRVYNVTQHAVGIVVNKQVK
GKILAKRINVRIEHIKHSKSRDSFLKRVKENDQKKKEAKEKGTWVQLKRQPAPPREAHFVRTNGKEPELLEPIPYEFMA
;
T
20 'polypeptide(L)'
;QVLKFTLDCTHPVEDGIMDAANFEQFLQERIKVNGKAGNLGGGVVTIERSKSKITVTSEVPFSKRYLKYLTKKYLKKNNL
RDWLRVVANSKESYELRYF
;
U
21 'polypeptide(L)'
;SGAKFRISLGLPVGAVINCADNTGAKNLYIISVKGIKGRLNRLPAAGVGDMVMATVKKGKPELRKKVHPAVVIRQRKSYR
RKDGVFLYFEDNAGVIVNNKGEMKGSAITGPVAKECADLWPRIASNAGSIA
;
V
22 'polypeptide(L)' MKVELCSFSGYKIYPGHGRRYARTDGKVFQFLNAKCESAFLSKRNPRQINWTVLYRRKHKKGQ W
23 'polypeptide(L)'
;KKIRTSPTFRRPKTLRLRRQPKYPRKSAPRRNKLDHYAIIKFPLTTESAMKKIEDNNTLVFIVDVKANKHQIKQAVKKLY
DIDVAKVNTLIRPDGEKKAYVRLAPDYDALDVANKIGII
;
X
24 'polypeptide(L)'
;MKFNPFVTSDRSKNRKRHFNAPSHIRRKIMSSPLSKELRQKYNVRSMPIRKDDEVQVVRGHYKGQQIGKVVQVYRKKYVI
YIERVQREKANGTTVHVGIHPSKVVITRLKLDKDRKKILERKAKSRQVGKEKGK
;
Y
25 'polypeptide(L)'
;GKFMKPGKVVLVLAGRYSGRKAVIVKNIDDGTSDRPYSHALVAGIDRYPRKVTAAMGKKKIAKRSKIKSFVKVYNYNHLM
PTRYSVDIPLDKTVVNKDVFRDPALKRKARREAKVKFEERYKTGKNKWFFQKLRF
;
Z
26 'polypeptide(L)'
;PSRLRKTRKLRGHVSHGHGRIGKHRKHPGGRGNAGGMHHHRINFDKYHPGYFGKVGMRHYHLKRNQSFCPTVNLDKLWTL
VSEQTRVNAAKNKTGAAPIIDVVRSGYYKVLGKGKLPKQPVIVKAKFFSRRAEEKIKGVGGACVLVA
;
a
27 'polypeptide(L)' AKSKNHTTHNQSRKWHRNGIKKPRSQRYESLKGVDPKFLRNMRFAKKHNKKGLKKMQANNAKAMAARAEAIKALV b
28 'polypeptide(L)'
;SINSRLQLVMKSGKYVLGYKQTLKMIRQGKAKLVILANNCPALRKSEIEYYAMLAKTGVHHYSGNNIELGTACGKYYRVC
TLAIIDPGDSDIIR
;
c
29 'polypeptide(L)'
;NEVVTREYTINIHKRIHGVGFKKRAPRALKEIRKFAMKEMGTPDVRIDTRLNKAVWAKGIRNVPYRIRVRLSRKRNEDED
SPNKLYTLVTYVPVTTFKNLQTVNVDE
;
d
30 'polypeptide(L)'
;AALRPLVKPKIVKKRTKKFIRHQSDRYVKIKRNWRKPRGIDNRVRRRFKGQILMPNIGYGSNKKTKHMLPSGFRKFLVHN
VKELEVLLMCNKSYCAEIAHNVSSKNRKAIVERAAQLAIRVTNPNARL
;
e
31 'polypeptide(L)'
;SGRLWCKAIFAGYKRGLRNQREHTALLKIEGVYARDETEFYLGKRCAYVYKAKNNTVTPGGKPNKTRVIWGKVTRAHGNS
GMVRAKFRSNLPAKAIGHRIRVMLYPSRI
;
f
32 'polypeptide(L)'
;VQRLTYRRRLSYNTASNKTRLSRTPGNRIVYLYTKKVGKAPKSACGVCPGRLRGVRAVRPKVLMRLSKTKKHVSRAYGGS
MCAKCVRDRIKRAFLIEEQKIVVKVLKAQAQSQK
;
g
33 'polypeptide(L)'
;AKIKARDLRGKKKEELLKQLDDLKVELSQLRVAKVTGGAASKLSKIRVVRKSIARVLTVINQTQKENLRKFYKGKKYKPL
DLRPKKTRAMRRRLNKHEESLKTKKQQRKERLYPLRKYAVKA
;
h
34 'polypeptide(L)'
;ALRYPMAVGLNKGHKVTKNVSKPRHSRRRGRLTKHTKFVRDMIREVCGFAPYERRAMELLKVSKDKRALKFIKKRVGTHI
RAKRKREELSSVLAAMRKAAAK
;
i
35 'polypeptide(L)'
;TKGTSSFGKRRNKTHTLCRRCGSKAYHLQKSTCGKCGYPAKRKRKYNWSAKAKRRNTTGTGRMRHLKIVYRRFRHGFREG
TTPKPK
;
j
36 'polypeptide(L)' PRKIEEIKDFLLTARRKDAKSVKIKKNKDNVKFKVRCSRYLYTLVITDKEKAEKLKQSLPPGLAVKELK k
37 'polypeptide(L)' SSHKTFRIKRFLAKKQKQNRPIPQWIRMKTGNKIRYNSKRRHWRRTKLGL l
38 'polypeptide(L)' IIEPSLRQLAQKYNCDKMICRKCYARLHPRAVNCRKKKCGHTNNLRPKKKVK m
39 'polypeptide(L)' RAKWRKKRMRRLKRKRRKMRQRS n
40 'polypeptide(L)'
;VNVPKTRRTFCKKCGKHQPHKVTQYKKGKDSLYAQGKRRYDRKQSGYGGQTKPIFRKKAKTTKKIVLRLECVEPNCRSKR
MLAIKRCKHFELGGDKKRKGQVIQ
;
o
41 'polypeptide(L)'
;AKRTKKVGIVGKYGTRYGASLRKMVKKIEISQHAKYTCSFCGKTKMKRRAVGIWHCGSCMKTVAGGAWTYNTTSAVTVKS
AIRRLKELKDQ
;
p
42 'polypeptide(L)'
;SAHLQWMVVRNCSSFLIKRNKQTYSTEPNNLKARNSFRYNGLIHRKTVGVEPAADGKGVVVVMKRRSGQRKPATSYVRTT
INKNARATLSSIRHMIRKNKYHPDLRMAAIRRASAILRSQKPVMV
;
r
43 'polypeptide(L)'
;DRATWKSNYFLKIIQLLDDYPKCFIVGADNVGSKQMQQIRMSLRGKAVVLMGKNTMMRKAIRGHLENNPALEKLLPHIRG
NVGFVFTKEDLTEIRDMLLANKVPAAARAGAIAPCEVTVPAQNTGLGPEKTSFFQALGITTKISRGTIEILSDVQLIKTG
DKVGASEATLLNMLNISPFSFGLIIQQVFDNGSIYNPE
;
s
44 'polypeptide(L)'
;MPPKFDPNEIKVVYLRCTGGEVGATSALAPKIGPLGLSPKKVGDDIAKATGDWKGLRITVKLTIQNRQAQIEVVPSASAL
IIKALKEPPRDRKKQKNIKHSGNITFDEIVNIARQMRHRSLARELSGTIKEILGTAQSVGCNVDGRHPHDIIDDINSGAV
ECP
;
t
45 'polypeptide(L)' GMWRFYTEDSPGLKV 1
46 'polyribonucleotide' GUCUCCGUAGUGUAGCGGUUAUCACGUUCGCCUAACACGCGAAAGGUCCUCGGUUCGAAACCGGGCGGAAACACCA 2
47 'polyribonucleotide' GCCCGGAUAGCUCAGCUGUAGAGCAUCAGACUUUUAAUCUGAGGGUCCAGGGUUCAAGUCCCUGUUCGGGCGCCA 3
48 'polyribonucleotide'
;CGCGACCUCAGAUCAGACGUGGCGACCCGCUGAAUUUAAGCAUAUUAGUCAGCGGAGGAGAAGAAACUAACCAGGAUUCC
CUCAGUAACGGCGAGUGAACAGGGAAGAGCCCAGCGCCGAAUCCCCGCCCCGCGGCGGGGCGCGGGACAUGUGGCGUACG
GAAGACCCGCUCCCCGGCGCCGCUCGUGGGGGGCCCAAGUCCUUCUGAUCGAGGCCCAGCCCGUGGACGGUGUGAGGCCG
GUAGCGGCCCCCGGCGCGCCGGGCCCGGGUCUUCCCGGAGUCGGGUUGCUUGGGAAUGCAGCCCAAAGCGGGUGGUAAAC
UCCAUCUAAGGCUAAAUACCGGCACGAGACCGAUAGUCAACAAGUACCGUAAGGGAAAGUUGAAAAGAACUUUGAAGAGA
GAGUUCAAGAGGGCGUGAAACCGUUAAGAGGUAAACGGGUGGGGUCCGCGCAGUCCGCCCGGAGGAUUCAACCCGGCGGC
GGGUCCGGCCGUGUCGGCGGCCCGGCGGAUCUUUCCCGCGCGGGGGACCGUCCCCCGACCGGCGACCGGCCGCCGCCGGG
CGCAUUUCCACCGCGGCGGUGCGCCGCGACCGGCUCCGGGACGGCUGGGAAGGCCCGGCGGGGAAGGUGGCUCGGCCGAG
UGUUACAGCCCCCCCGGCAGCAGCACUCGCCGAAUCCCGGGGCCGAGGGAGCGAGACCCGUCGCCGCGCUCUCCCCCCUC
CCGGCGCCGCCGGGGGGGGCCGGGCCACCCCUCCCACGGCGCGACCGCUCGGGGCGGACUGUCCCCAGUGCGCCCCGGGC
GGGUCGCGCCGUCGGGCCCGGGGGAGGGGCCACGCGCGCGUCCCCCGAAGAGGGGGACGGCGGAGCGAGCGCACGGGGUC
GGCGGCGACGUCGGCUACCCACCCGACCCGUCUUGAAACACGGACCAAGGAGUCUAACACGUGCGCGAGUCGGGGGCUCG
CACGAAAGCCGCCGUGGCGCAAUGAAGGUGAAGGCCGGCGCGCUCGCCGGCCGAGGUGGGAUCCCGAGGCCUCUCCAGUC
CGCCGAGGGCGCACCACCGGCCCGUCUCGCCCGCCGCGCCGGGGAGGUGGAGCACGAGCGCACGUGUUAGGACCCGAAAG
AUGGUGAACUAUGCCUGGGCAGGGCGAAGCCAGAGGAAACUCUGGUGGAGGUCCGUAGCGGUCCUGACGUGCAAAUCGGU
CGUCCGACCUGGGUAUAGGGGCGAAAGACUAAUCGAACCAUCUAGUAGCUGGUUCCCUCCGAAGUUUCCCUCAGGAUAGC
UGGCGCUCUCGCACACGCAGUUUUAUCCGGUAAAGCGAAUGAUUAGAGGUCUUGGGGCCGAAACGAUCUCAACCUAUUCU
CAAACUUUAAAUGGGUAAGAAGCCCGGCUCGCUGGCGUGAGCCGGGCGUGGAAUGGAGUGCCUAGUGGGCCACUUUUGGU
AAGCAGAACUGGCGCUGCGGGAUGAACCGAACGCCGGGUUAAGGCGCCCGAUGCCGACGCUCAUCAGACCCCAGAAAAGG
UGUUGGUUGAUAUAGACAGCAGGACGGUGGCCAUGGAAGUCGGAAUCCGCUAAGGAGUGUGUAACAACUCACCUGCCGAA
UCAACUAGCCCUGAAAAUGGAUGGCGCUGGAGCGUCGGGCCCAUACCCGGCCGUCGCCGGCAGUCGAGAGUGGACGGGAG
CGGCGGGGGCGGCGCGCGCGCGCGCCCGCCCCCGGAGCCCCGCGGACGCUACGCCGCGACGAGUAGGAGGGCCGCUGCGG
UGAGCCUUGAAGCCUAGGGCGCGGGCCCGGGUGGAGCCGCCGCAGGUGCAGAUCUUGGUGGUAGUAGCAAAUAUUCAAAC
GAGAACUUUGAAGGCCGAAGUGGAGAAGGGUUCCAUGUGAACAGCAGUUGAACAUGGGUCAGUCGGUCCUGAGAGAUGGG
CGAGCGCCGUUCCGAAGGGACGGGCGAUGGCCUCCGUUGCCCUCGGCCGAUCGAAAGGGAGUCGGGUUCAGAUCCCCGAA
UCCGGAGUGGCGGAGAUGGGCGCCGCGAGGCGUCCAGUGCGGUAACGCGACCGAUCCCGGAGAAGCCGGCGGGAGCCCCG
GGGAGAGUUCUCUUUUCUUUGUGAAGGGCAGGGCGCCCUGGAAUGGGUUCGCCCCGAGAGAGGGGCCCGUGCCUUGGAAA
GCGUCGCGGUUCCGGCGGCGUCCGGUGAGCUCUCGCUGGCCCUUGAAAAUCCGGGGGAGAGGGUGUAAAUCUCGCGCCGG
GCCGUACCCAUAUCCGCAGCAGGUCUCCAAGGUGAACAGCCUCUGGCAUGUUGGAACAAUGUAGGUAAGGGAAGUCGGCA
AGCCGGAUCCGUAACUUCGGGAUAAGGAUUGGCUCUAAGGGCUGGGUCGGUCGUCGGCCGGCGCCUAGCAGCCGACUUAG
AACUGGUGCGGACCAGGGGAAUCCGACUGUUUAAUUAAAACAAAGCAUCGCGAAGGCCCGCGGCGGGUGUUGACGCGAUG
UGAUUUCUGCCCAGUGCUCUGAAUGUCAAAGUGAAGAAAUUCAAUGAAGCGCGGGUAAACGGCGGGAGUAACUAUGACUC
UCUUAAGGUAGCCAAAUGCCUCGUCAUCUAAUUAGUGACGCGCAUGAAUGGAUGAACGAGAUUCCCACUGUCCCUACCUA
CUAUCCAGCGAAACCACAGCCAAGGGAACGGGCUUGGCGGAAUCAGCGGGGAAAGAAGACCCUGUUGAGCUUGACUCUAG
UCUGGCACGGUGAAGAGACAUGUUUUUUCACUGACCCGGUGAGGCGGGGGGGCGAGCCCCGAGGGGCUCUCGCUUCUGGC
GCCAAGCGCCCGGCCGCGCGCCGGCCGGGCGCGACCCGCUCCGGGGACAGUGCCAGGUGGGGAGUUUGACUGGGGCGGUA
CACCUGUCAAACGGUAACGCAGGUGUCCUAAGGCGAGCUCAGGGAGGACAGAAACCUCCCGUGGAGCAGAAGGGCAAAAG
CUCGCUUGAUCUUGAUUUUCAGUACGAAUACAGACCGUGAAAGCGGGGCCUCACGAUCCUUCUGACCUUUUGGGUUUUAA
GCAGGAGGUGUCAGAAAAGUUACCACAGGGAUAACUGGCUUGUGGCGGCCAAGCGUUCAUAGCGACGUCGCUUUUUGAUC
CUUCGAUGUCGGCUCUUCCUAUCAUUGUGAAGCAGAAUUCACCAAGCGUUGGAUUGUUCACCCACUAAUAGGGAACGUGA
GCUGGGUUUAGACCGUCGUGAGACAGGUUAGUUUUACCCUACUGAUGAUGUGUUGUUGCCAUGGUAAUCCUGCUCAGUAC
GAGAGGAACCGCAGGUUCAGACAUUUGGUGUAUGUGCUUGGCUGAGGAGCCAAUGGGGCGAAGCUACCAUCUGUGGGAUU
AUGACUGAACGCCUCUAAGUCAGAAUCCCGCCCAGGCGGAACGAUACGGCAGCGCCGCGGAGCCUCGGUUGGCCUCGGAU
AGCCGGUCCCCCGCGGGGUCCGGUGCGGAGUGCCCUUCGUCCUGGGAAACGGGGCGCGGCCGGAGAGGCGGCCGCCCCCU
CGCCCGUCACGCACGCCGUUCGUGGGGAACCUGGCGCUAAACCAUUCGUAGACGACCUGCUUCUGGGUCGGGGUUUCGUA
CGUAGCAGAGCAGCUCCCUCGCUGCGAUCUAUUGAAAGUCAGCCCUCGACACAAGGGUUUGU
;
5
49 'polyribonucleotide'
;GUCUACGGCCAUACCACCCUGAACGCGCCCGAUCUCGUCUGAUCUCGGAAGCUAAGCAGGGUCGGGCCUGGUUAGUACUU
GGAUGGGAGACCGCCUGGGAAUACCGGGUGCUGUAGGCUU
;
7
50 'polyribonucleotide'
;CGACUCUUAGCGGUGGAUCACUCGGCUCGUGCGUCGAUGAAGAACGCAGCUAGCUGCGAGAAUUAAUGUGAAUUGCAGGA
CACAUUGAUCAUCGACACUUCGAACGCACUUGCGGCCCCGGGUUCCUCCCGGGGCUACGCCUGUCUGAGCGUCGCU
;
8
51 'polyribonucleotide'
;UACCUGGUUGAUCCUGCCAGUAGCAUAUGCUUGUCUCAAAGAUUAAGCCAUGCAUGUCUAAGUACGCACGGCCGGUACAG
UGAAACUGCGAAUGGCUCAUUAAAUCAGUUAUGGUUCCUUUGGUCGCCACUUGGAUAACUGUGGUAAUUCUAGAGCUAAU
ACAUGCCGACGGGCGCUGACCCCCUUCGCGGGGGGGAUGCGUGCAUUUAUCAGUGGUGACUCUAGAUAACCUCGGGCCGA
UCGCACGCCCCCCGUGGCGGCGACGACCAUUCGAACGUCUGCCCUAUCAACUUUCGAUGGUAGUCGCCGUGCCUACCAUG
GUGACCACGGGUGACGGGGAAUCAGGGUUCGAUUCCGGAGAGGGAGCCUGAGAAACGGCUACCACAUCCAAGGAAGGCAG
CAGGCGCGCAAAUUACCCACUCCCGACCCGGGGAGGUAGUGACGAAAAAUAACAAUACAGGACUCUUUCGAGGCCCUGUA
AUUGGAAUGAGUCCACUUUAAAUCCUUUAACGAGGAUCCAUUGGAGGGCAAGUCUGGUGCCAGCAGCCGCGGUAAUUCCA
GCUCCAAUAGCGUAUAUUAAAGUUGCUGCAGUUAAAAAGCUCGUAGUUGGAUCUUGGGAGCGGGCGUCCCCGCCGCCUCU
CGGCCGGGGCCCGAAGCGUUUACUUUGAAAAAAUUAGAGUGUUCAAAGCAGGCCCGAGCCGCCUGGAUACCGCAGCUAGG
AAUAAUGGAAUAGGACCGCGGUUCUAUUUUGUUGGUUUUCGGAACUGAGGCCAUGAUUAAGAGGGACGGCCGGGGGCAUU
CGUAUUGCGCCGCUAGAGGUGAAAUUCUUGGACCGGCGCAAGACGGACCAGAGCGAAAGCAUUUGCCAAGAAUGUUUUCA
UUAAUCAAGAACGAAAGUCGGAGGUUCGAAGACGAUCAGAUACCGUCGUAGUUCCGACCAUAAACGAUGCCGACCGGCGA
UGCGGCGGCGUUAUUCCCAUGACCCGCCGGGCAGCUUCCGGGAAACCAAAGUCUUUGGGUUCCGGGGGGAGUAUGGUUGC
AAAGCUGAAACUUAAAGGAAUUGACGGAAGGGCACCACCAGGAGUGGAGCCUGCGGCUUAAUUUGACUCAACACGGGAAA
CCUCACCCGGCCCGGACACGGACAGGAUUGACAGAUUGAUAGCUCUUUCUCGAUUCCGUGGGUGGUGGUGCAUGGCCGUU
CUUAGUUGGUGGAGCGAUUUGUCUGGUUAAUUCCGAUAACGAACGAGACUCUGGCAUGCUAACUAGUUACGCGACCCCCG
AGCGGUCGGCGUCCCCCAACUUCUUAGAGGGACAAGUGGCGUUCAGCCACCCGAGAUUGAGCAAUAACAGGUCUGUGAUG
CCCUUAGAUGUCCGGGGCUGCACGCGCGCUACACUGACUGGCUCAGCGUGUGCCUACCCUACGCCGGCAGGCGCGGGUAA
CCCGUUGAACCCCAUUCGUGAUGGGGAUCGGGGAUUGCAAUUAUUCCCCAUGAACGAGGAAUUCCCAGUAAGUGCGGGUC
AUAAGCUUGCGUUGAUUAAGUCCCUGCCCUUUGUACACACCGCCCGUCGCUACUACCGAUUGGAUGGUUUAGUGAGGCCC
UCGGAUCGGCCCCGCCGGGGUGCCCUGGCGGAGCGCUGAGAAGACGGUCGAACUUGACUAUCUAGAGGAAGUAAAAGUCG
UAACAAGGUUUCCGUAGGUGAACCUGCGGAAGGAUCAUU
;
9
52 'polypeptide(L)'
;SGALDVLQMKEEDVLKFLAAGTHLGGTNLDFQMEQYIYKRKSDGIYIINLKRTWEKLLLAARAIVAIENPADVSVISSRN
TGQRAVLKFAAATGATPIAGRFTPGTFTNQIQAAFREPRLLVVTDPRADHQPLTEASYVNLPTIALCNTDSPLRYVDIAI
PCNNKGAHSVGLMWWMLAREVLRMRGTISREHPWEVMPDLYFYRDPEE
;
AA
53 'polypeptide(L)'
;VVDPFSKKDWYDVKAPAMFNIRNIGKTLVTRTQGTKIASDGLKGRVFEVSLADLQNDEVAFRKFKLITEDVQGKNCLTNF
HGMDLTRDKMCSMVKKWQTMIEAHVDVKTTDGYLLRLFCVGFTKKRNNQIRKTSYAQHQQVRQIRKKMMEIMTREVQTND
LKEVVNKLIPDSIGKDIEKACQSIYPLHDVFVRKVKMLKKPKFELGKLMELHG
;
BB
54 'polypeptide(L)'
;EWLPVTKLGRLVKDVKIKSLEEIYLFSLPIKESEIIDFFLGAALKDEVLKIMPVQKQTRAAQRTRFKAFVAIGDYNGHVG
LGVKCSKEVATAIRGAIILAKLSIVPVRRGYWGNKIGKPHTVPCKVTGRCGSVLVRLIPAPRGTGIVSAPVPKKLLLMAG
IDDCYTSAWGCTATLGNFAKATFDAISKTYSYLTPDLWKETVFTKSPYQEFTDHLVKT
;
CC
55 'polypeptide(L)'
;MAVQISKKRKFVADGIFKAELNEFLTRELAEDGYSGVEVRVTPTRTEIIILATRTQNVLGEKGRRIRELTAVVQKRFGFP
EGSVELYAEKVATRGLCAIAQAESLRYKLLGGLAVRRACYGVLRFIMESGAKGCEVVVSGKLRGQRAKSMKFVDGLMIHS
GDPVNYYVDTAVRHVLLRQGVLGIKVKIMLPWDPSGKIGPKKPLPDHVSIVEPKDEILPTTPISEQK
;
DD
56 'polypeptide(L)'
;ARGPKKHLKRVAAPKHWMLDKLTGVFAPRPSTGPHKLRECLPLIIFLRNKLKYALTGDEVKKICMQRFIKIDGKVRADIT
YPAGFMDVISIDKTGENFRLIYDTKGRFAVHRITPEEAKYKLCKVRKIFVGTKGIPHLVTHDARTIRYPDPLIKMNDTIQ
IDLETGKITDFIKFDTGNLCMVTGGANLGRIGVITNRERHPGSFDVVHVKDANGNSFATRLSNIFVIGKGNKPWISLPRG
KGIRLTIAEERDKRLAAKQSSG
;
EE
57 'polypeptide(L)'
;TPDIKLFGKWSTDDVQINDISLQDYIAVKEKYAKYLPHSAGRYAAKRFRKAQCPIVERLTNSMMMHGRNNGKKLMTVRIV
KHAFEIIHLLTGENPLQVLVNAIINSGPREDSTRIGRAGTVRRQAVDVSPLRRVNQAIWLLCTGAREAAFRNIKTIAECL
ADELINAAKGSSNSYAIKKKDELERVAKSNR
;
FF
58 'polypeptide(L)'
;MKLNISFPATGCQKLIEVDDERKLRTFYEKRMATEVAADALGEEWKGYVVRISGGNDKQGFPMKQGVLTHGRVRLLLSKG
HSCYRPRRTGERKRKSVRGCIVDANLSVLNLVIVKKGEKDIPGLTDTTVPRRLGPKRASRIRKLFNLSKEDDVRQYVVRK
PLNKEGKKPRTKAPKIQRLVTPRVLQHKRRRIALKKQRTKKNKEEAAEYAKLLAKRMKEAKEKRQEQIAKRRRLSSL
;
GG
59 'polypeptide(L)'
;SAKIVKPNGEKPDEFESGISQALLELEMNSDLKAQLRELNITAAKEIEVGGGRKAIIIFVPVPQLKSFQKIQVRLVRELE
KKFSGKHVVFIAQRRILPKPTRKSRTKNKQKRPRSRTLTAVHDAILEDLVFPSEIVGKRIRVKLDGSRLIKVHLDKAQQN
NVEHKVETFSGVYKKLTGKDVNFEFPEFQ
;
HH
60 'polypeptide(L)'
;GISRDNWHKRRKTGGKRKPYHKKRKYELGRPAANTKIGPRRIHTVRVRGGNKKYRALRLDVGNFSWGSECCTRKTRIIDV
VYNASNNELVRTKTLVKNCIVLIDSTPYRQWYESHYALPLGRKKGAKLTPEEEEILNKKRSKKIQKKYDERKKNAKISSL
LEEQFQQGKLLACIASRPGQCGRADGYVLEGKELEFYLRKIKARKG
;
II
61 'polypeptide(L)'
;PVARSWVCRKTYVTPRRPFEKSRLDQELKLIGEYGLRNKREVWRVKFTLAKIRKAARELLTLDEKDPRRLFEGNALLRRL
VRIGVLDEGKMKLDYILGLKIEDFLERRLQTQVFKLGLAKSIHHARVLIRQRHIRVRKQVVNIPSFIVRLDSQKHIDFSL
RSPYGGGRPGRVKRKNAKKGQGGAG
;
JJ
62 'polypeptide(L)'
;MLMPKKNRIAIYELLFKEGVMVAKKDVHMPKHPELADKNVPNLHVMKAMQSLKSRGYVKEQFAWRHFYWYLTNEGIQYLR
DYLHLPPEIVPATLRRSR
;
KK
63 'polypeptide(L)'
;ADIQTERAYQKQPTIFQNKKRVLLGETGKEKLPRYYKNIGLGFKTPKEAIEGTYIDKKCPFTGNVSIRGRILSGVVTKMK
MQRTIVIRRDYLHYIRKYNRFEKRHKNMSVHLSPCFRDVQIGDIVTVGECRPLSKTVRFNVLKVTKAAGTKK
;
LL
64 'polypeptide(L)'
;GGVMDVNTALQEVLKTALIHDGLARGIREAAKALDKRQAHLCVLASNCDEPMYVKLVEALCAEHQINLIKVDDNKKLGEW
VGLCKIDREGKPRKVVGCSCVVVKDYGKESQAKDVIEEYFKCKK
;
MM
65 'polypeptide(L)'
;GRMHAPGKGLSQSALPYRRSVPTWLKLTSDDVKEQIYKLAKKGLTPSQIGVILRDSHGVAQVRFVTGNKILRILKSKGLA
PDLPEDLYHLIKKAVAVRKHLERNRKDKDAKFRLILIESRIHRLARYYKTKRVLPPNWKYESSTASALVA
;
NN
66 'polypeptide(L)'
;SLGPQVAEGENVFGVCHIFASFNDTFVHVTDLSGKETICRVTGGMKVKADRDESSPYAAMLAAQDVAQRCKELGITALHI
KLRATGGNRTKTPGPGAQSALRALARSGMKIGRIEDVTPIPSDSTRRKGGRRGRRL
;
OO
67 'polypeptide(L)'
;VEQKKKRTFRKFTYRGVDLDQLLDMSYEQLMQLYSARQRRRLSRGLRRKQHSLLKRLRKAKKEAPPMEKPEVVKTHLRDM
IILPEMVGSMVGVYNGKTFNQVEIKPEMIGHYLGEFSITYKPVKHGR
;
PP
68 'polypeptide(L)'
;PLQSVQVFGRKKTATAVAHCKRGNGLIKVNGRPLEMIEPRTLQYKLLEPVLLLGKERFAGVDIRVRVKGGGHVAQIYAIR
QSISKALVAYYQKYVDEASKKEIKDILIQYDRTLLVADPRRCESKKFGGPGARARYQKSYR
;
QQ
69 'polypeptide(L)'
;MGRVRTKTVKKAARVIIEKYYTRLGNDFHTNKRVCEEIAIIPSKKLRNKIAGYVTHLMKRIQRGPVRGISIKLQEEERER
RDNYVPEVSALDQEIIEVDPDTKEMLKLLDFGSLSNLQVTQPTVGMNFK
;
RR
70 'polypeptide(L)'
;PEKFQHILRVLNTNIDGRRKIAFAITAIKGVGRRYAHVVLRKADIDLTKRAGELTEDEVERVITIMQNPRQYKIPDWFLN
RQKDVKDGKYSQVLANGLDNKLREDLERLKKIRAHRGLRHFWGLRVRGQHTKTTGRR
;
SS
71 'polypeptide(L)'
;VTVKDVNQQEFVRALAAFLKKSGKLKVPEWVDTVKLAKHKELAPYDENWFYTRAASTARHLYLRGGAGVGSMTKIYGGRQ
RNGVMPSHFSRGSKSVARRVLQALEGLKMVEKDQDGGRKLTPQGQRDLDRIAGQVAAAKKK
;
TT
72 'polypeptide(L)'
;AIHRIRITLTSRNVKSLEKVCADLIRGAKEKNLKVKGPVRMPTKTLRITTRKTPCGEGSKTWDRFQMRIHKRLIDLHSPS
EIVKQITSISIEPGVEVEVTIADA
;
UU
73 'polypeptide(L)'
;MQNDAGEFVDLYVPRKCSASNRIIGAKDHASIPMNVAEVDKVTGRFNGQFKTYAICGAIRRMGESDDSILRLAKAHGIVS
QNF
;
VV
74 'polypeptide(L)'
;VRMNVLADALKSINNAEKRGKRQVLIRPCSKVIVRFLTVMMKHGYIGEFEIIDDHRAGKIVVNLTGRLNKCGVISPRFDV
QLKDLEKWQNNLLPSRQFGFIVLTTSAGIMDHEEARRKHTGGKILGFFF
;
WW
75 'polypeptide(L)'
;GKCRGLRTARKLRSHRRDQKWHDKQYKKAHLGTALKANPFGGASHAKGIVLEKVGVEAKQPNSAIRKCVRVQLIKNGKKI
TAFVPNDGCLNFIEENDEVLVAGFGRKGHAVGDIPGVRFKVVKVANVSLLALYKGKKERPR
;
XX
76 'polypeptide(L)'
;DTVTIRTRKFMTNRLLQRKQMVIDVLHPGKATVPKTEIREKLAKMYKTTPDVIFVFGFRTHFGGGKTTGFGMIYDSLDYA
KKNEPKHRLARHGLYEKKKTSRKQRKERKNRMKKVRGTAKANVGAG
;
YY
77 'polypeptide(L)' RDKLNNLVLFDKATYDKLCKEVPNYKLITPAVVSERLKIRGSLARAALQELLSKGLIKLVSKHRAQVIYTRNTKG ZZ
78 'polypeptide(L)'
;TKKRRNNGRAKKGRGHVQPIRCTNCARCVPKDKAIKKFVIRNIVEAAAVRDISEASVFDAYVLPKLYVKLHYCVSCAIHS
KVVRNRSREARKDRTPPP
;
aa
79 'polypeptide(L)'
;PLAKDLLHPSPEEEKRKHKKKRLVQSPNSYFMDVKCPGCYKITTVFSHAQTVVLCVGCSTVLCQPTGGKARLTEGCSFRR
KQH
;
bb
80 'polypeptide(L)' PIKLARVTKVIGKTGSQGQCTQVRVEFMDDTSHSTIRNVKGPVREGDVLTLLESEREARRL cc
81 'polypeptide(L)' QQLYWSHPRKFGQGSRSCRVCSNRHGLIRKYGLNMCRQCFRQYAKDIGFIKLD dd
82 'polypeptide(L)' HGSLARVGKVRGQTLKVAKQEKKKKRTGRAKRRMQYNRRFVNVVPTFGKKKGPNANS ee
83 'polypeptide(L)' KSYTTPKKNKHKRKKVKLAVLKYYKVDENGKISRLRRECPSDECGAGFMASHFDRHYCGKCCLTYCFN ff
84 'polypeptide(L)'
;TEQMTLRGTLKGHNGWVTQIATTPQFPDMILSASRDKTIIMWKLTRDETNYGIPQRALRGHSHFVSDVVISSDGQFALSG
SWDGTLRLWDLTTGTTTRRFVGHTKDVLSVAFSSDNRQIVSGSRDKTIKLWNTLGVCKYTVQDESHSEWVSCVRFSPNSS
NPIIVSCGWDKLVKVWNLANCKLKTNHIGHTGYLNTVTVSPDGSLCASGGKDGQAMLWDLNEGKHLYTLDGGDIINALCF
SPNRYWLCAATGPSIKIWDLEGKIIVDELKQEVISTSSKAEPPQCTSLAWSADGQTLFAGYTDNLVRVWQVTI
;
gg
85 'polyribonucleotide' UCAAAGUUUGAG hh
86 'polypeptide(L)'
;SAADRNVEIWKIKKLIKSLEAARGNGTSMISLIIPPKDQISRVAKMLADEFGTASNIKSRVNRLSVLGAITSVQQRLKLY
NKVPPNGLVVYCGTIVTEEGKEKKVNIDFEPFKPINTSLYLCDNKFHTEALTALLSDDSKFGFIVIDGSGALFGTLQGNT
REVLHKFTVDLPKKHGRAAQSALRFARLRMEKRHNYVRKVAETAVQLFISGDKVNVAGLVLAGSADFKTELSQSDMFDQR
LQSKVLKLVDISYGGENGFNQAIELSTEVLSNVKFIQEKKLIGRYFDEISQDTGKYCFGVEDTLKALEMGAVEILIVYEN
LDIMRYVLHCQGTEEEKILYLTPEQEKDKSHFTDKETGQEHELIESMPLLEWFANNYKKFGATLEIVTDKSQEGSQFVKG
FGGIGGILRYRVDFQG
;
ii
87 'polypeptide(L)'
;KLTRIAIVNHDKCKPKKCRQECKKSCPVVRMGKLCIEVTPQSKIAWISETLCIGCGICIKKCPFGALSIVNLPSNLEKET
THRYCANAFKLHRLPIPRPGEVLGLVGTNGIGKSTALKILAGKQKPNLGKYDDPPDWQEILTYFRGSELQNYFTKILEDD
LKAIIKPQYVDQIPKAAKGTVGSILDRKDETKTQAIVCQQLDLTHLKERNVEDLSGGELQRFACAVVCIQKADIFMFDEP
SSYLDVKQRLKAAITIRSLINPDRYIIVVEHDLSVLDYLSDFICCLYGVPSAYGVVTMPFSVREGINIFLDGYVPTENLR
FRDASLVFKVAETANEEEVKKMCMYKYPGMKKKMGEFELAIVAGEFTDSEIMVMLGENGTGKTTFIRMLAGRLKPDEGGE
VPVLNVSYKPQKISPKSTGSVRQLLHEKIRDAYTHPQFVTDVMKPLQIENIIDQEVQTLSGGELQRVALALCLGKPADVY
LIDEPSAYLDSEQRLMAARVVKRFILHAKKTAFVVEHDFIMATYLADRVIVFDGVPSKNTVANSPQTLLAGMNKFLSQLE
ITFRRDPNNYRPRINKLNSIKDVEQKKSGNYFFL
;
jj
#
# COMPACT_ATOMS: atom_id res chain seq x y z
N GLY A 1 6.46 39.93 -8.32
CA GLY A 1 6.40 40.93 -7.22
C GLY A 1 7.71 41.59 -6.78
N ARG A 2 8.50 40.86 -6.01
CA ARG A 2 9.72 41.44 -5.50
C ARG A 2 10.85 41.40 -6.50
N VAL A 3 11.92 42.08 -6.14
CA VAL A 3 13.16 42.08 -6.86
C VAL A 3 13.94 41.00 -6.19
N ILE A 4 14.54 40.11 -6.96
CA ILE A 4 15.15 38.93 -6.34
C ILE A 4 16.60 39.13 -5.97
N ARG A 5 17.04 38.36 -4.97
CA ARG A 5 18.46 38.29 -4.70
C ARG A 5 19.09 37.93 -6.00
N GLY A 6 19.93 38.83 -6.42
CA GLY A 6 20.55 38.75 -7.72
C GLY A 6 20.43 40.16 -8.16
N GLN A 7 19.20 40.59 -8.24
CA GLN A 7 18.96 41.91 -8.69
C GLN A 7 19.41 42.91 -7.64
N ARG A 8 19.34 42.58 -6.36
CA ARG A 8 19.78 43.56 -5.34
C ARG A 8 21.32 43.64 -5.22
N LYS A 9 21.97 42.50 -5.47
CA LYS A 9 23.42 42.44 -5.57
C LYS A 9 23.98 43.42 -6.57
N GLY A 10 23.19 43.82 -7.56
CA GLY A 10 23.63 44.78 -8.53
C GLY A 10 24.03 46.11 -7.97
N ALA A 11 23.19 46.63 -7.09
CA ALA A 11 23.43 47.96 -6.57
C ALA A 11 24.61 48.05 -5.64
N GLY A 12 25.00 46.89 -5.11
CA GLY A 12 26.09 46.84 -4.17
C GLY A 12 25.51 47.05 -2.80
N SER A 13 25.47 48.32 -2.36
CA SER A 13 24.98 48.66 -1.04
C SER A 13 25.57 47.71 0.01
N VAL A 14 24.92 46.54 0.12
CA VAL A 14 25.21 45.54 1.12
C VAL A 14 26.14 44.46 0.60
N PHE A 15 26.09 44.20 -0.69
CA PHE A 15 26.88 43.14 -1.30
C PHE A 15 28.23 43.62 -1.81
N ARG A 16 28.63 44.84 -1.45
CA ARG A 16 29.96 45.36 -1.77
C ARG A 16 31.07 44.54 -1.11
N ALA A 17 32.24 44.54 -1.74
CA ALA A 17 33.34 43.75 -1.24
C ALA A 17 33.86 44.35 0.02
N HIS A 18 34.25 43.49 0.94
CA HIS A 18 34.82 43.95 2.19
C HIS A 18 36.30 44.03 1.88
N VAL A 19 36.86 45.21 2.07
CA VAL A 19 38.21 45.47 1.60
C VAL A 19 39.14 46.14 2.61
N LYS A 20 38.68 46.43 3.83
CA LYS A 20 39.45 47.32 4.71
C LYS A 20 40.90 46.87 4.78
N HIS A 21 41.08 45.58 5.09
CA HIS A 21 42.41 45.02 5.38
C HIS A 21 43.15 44.38 4.19
N ARG A 22 42.68 44.63 2.99
CA ARG A 22 43.33 44.13 1.79
C ARG A 22 44.59 44.89 1.50
N LYS A 23 45.63 44.14 1.20
CA LYS A 23 46.96 44.70 1.08
C LYS A 23 47.21 45.44 -0.20
N GLY A 24 46.20 45.53 -1.06
CA GLY A 24 46.27 46.42 -2.20
C GLY A 24 45.90 45.69 -3.46
N ALA A 25 46.13 46.36 -4.56
CA ALA A 25 45.99 45.76 -5.85
C ALA A 25 47.17 44.85 -6.09
N ALA A 26 46.97 43.84 -6.93
CA ALA A 26 47.97 42.79 -7.11
C ALA A 26 48.53 42.79 -8.51
N ARG A 27 49.02 43.94 -8.92
CA ARG A 27 49.33 44.13 -10.31
C ARG A 27 50.68 43.55 -10.66
N LEU A 28 51.07 43.73 -11.92
CA LEU A 28 52.44 43.64 -12.35
C LEU A 28 53.05 45.02 -12.29
N ARG A 29 54.35 45.08 -12.58
CA ARG A 29 55.10 46.33 -12.67
C ARG A 29 54.58 47.07 -13.90
N ALA A 30 54.65 48.40 -13.93
CA ALA A 30 54.26 49.11 -15.15
C ALA A 30 55.37 48.99 -16.18
N VAL A 31 55.02 48.98 -17.47
CA VAL A 31 56.04 48.91 -18.53
C VAL A 31 56.79 50.20 -18.67
N ASP A 32 58.02 50.08 -19.16
CA ASP A 32 58.91 51.21 -19.27
C ASP A 32 60.14 50.82 -20.03
N PHE A 33 60.94 51.84 -20.34
CA PHE A 33 62.20 51.65 -21.05
C PHE A 33 62.93 50.37 -20.68
N ALA A 34 63.10 50.16 -19.37
CA ALA A 34 63.91 49.06 -18.87
C ALA A 34 63.30 47.72 -19.17
N GLU A 35 62.04 47.56 -18.78
CA GLU A 35 61.30 46.32 -19.01
C GLU A 35 61.13 46.05 -20.50
N ARG A 36 61.06 47.12 -21.28
CA ARG A 36 60.83 47.01 -22.71
C ARG A 36 62.07 46.43 -23.39
N HIS A 37 63.24 46.97 -23.07
CA HIS A 37 64.46 46.62 -23.79
C HIS A 37 65.40 45.70 -23.02
N GLY A 38 65.71 46.05 -21.76
CA GLY A 38 66.69 45.32 -20.91
C GLY A 38 66.09 44.44 -19.82
N TYR A 39 66.41 44.74 -18.56
CA TYR A 39 65.82 44.04 -17.40
C TYR A 39 66.05 44.81 -16.08
N ILE A 40 64.97 45.29 -15.51
CA ILE A 40 65.00 45.87 -14.18
C ILE A 40 65.05 44.70 -13.22
N LYS A 41 65.76 44.89 -12.10
CA LYS A 41 65.94 43.85 -11.09
C LYS A 41 65.55 44.38 -9.76
N GLY A 42 64.75 43.59 -9.05
CA GLY A 42 64.31 43.93 -7.71
C GLY A 42 64.27 42.74 -6.76
N ILE A 43 64.00 43.04 -5.50
CA ILE A 43 63.96 41.98 -4.53
C ILE A 43 62.64 41.85 -3.84
N VAL A 44 62.35 40.61 -3.46
CA VAL A 44 61.29 40.28 -2.57
C VAL A 44 61.74 40.63 -1.16
N LYS A 45 61.11 41.66 -0.63
CA LYS A 45 61.40 42.16 0.70
C LYS A 45 60.70 41.25 1.65
N ASP A 46 59.43 41.03 1.37
CA ASP A 46 58.66 40.08 2.13
C ASP A 46 57.42 39.58 1.43
N ILE A 47 57.02 38.38 1.85
CA ILE A 47 55.81 37.77 1.41
C ILE A 47 54.84 38.06 2.49
N ILE A 48 53.58 38.10 2.08
CA ILE A 48 52.50 38.61 2.87
C ILE A 48 51.34 37.63 2.85
N HIS A 49 50.23 38.07 3.41
CA HIS A 49 48.95 37.49 3.14
C HIS A 49 47.91 38.59 2.90
N ASP A 50 47.22 38.50 1.77
CA ASP A 50 46.10 39.38 1.46
C ASP A 50 44.85 38.64 1.89
N PRO A 51 44.03 39.29 2.69
CA PRO A 51 42.70 38.80 2.95
C PRO A 51 41.85 38.74 1.71
N GLY A 52 40.99 37.74 1.66
CA GLY A 52 40.15 37.49 0.50
C GLY A 52 40.92 36.93 -0.68
N ARG A 53 41.93 36.10 -0.40
CA ARG A 53 42.88 35.66 -1.42
C ARG A 53 43.76 34.48 -0.99
N GLY A 54 43.49 33.33 -1.64
CA GLY A 54 44.27 32.07 -1.46
C GLY A 54 45.60 31.96 -2.20
N ALA A 55 46.00 33.07 -2.80
CA ALA A 55 47.38 33.34 -3.06
C ALA A 55 47.98 33.95 -1.82
N PRO A 56 49.27 34.18 -1.88
CA PRO A 56 49.89 35.24 -1.16
C PRO A 56 50.32 36.32 -2.13
N LEU A 57 50.50 37.51 -1.62
CA LEU A 57 51.14 38.54 -2.39
C LEU A 57 52.58 38.64 -1.96
N ALA A 58 53.37 39.41 -2.68
CA ALA A 58 54.79 39.59 -2.39
C ALA A 58 55.24 41.04 -2.59
N LYS A 59 55.74 41.67 -1.54
CA LYS A 59 56.19 43.04 -1.66
C LYS A 59 57.50 43.02 -2.33
N VAL A 60 57.53 43.53 -3.54
CA VAL A 60 58.74 43.53 -4.32
C VAL A 60 59.22 44.92 -4.63
N VAL A 61 60.49 45.14 -4.30
CA VAL A 61 61.09 46.44 -4.33
C VAL A 61 62.08 46.51 -5.46
N PHE A 62 61.84 47.46 -6.33
CA PHE A 62 62.76 47.80 -7.38
C PHE A 62 63.38 49.11 -6.99
N ARG A 63 64.25 49.64 -7.84
CA ARG A 63 64.62 51.05 -7.75
C ARG A 63 64.12 51.79 -8.95
N ASP A 64 63.76 53.05 -8.74
CA ASP A 64 63.21 53.85 -9.80
C ASP A 64 64.40 54.33 -10.61
N PRO A 65 64.33 54.20 -11.96
CA PRO A 65 65.48 54.57 -12.76
C PRO A 65 65.53 56.03 -13.20
N TYR A 66 64.62 56.86 -12.71
CA TYR A 66 64.63 58.29 -13.06
C TYR A 66 64.73 59.18 -11.85
N ARG A 67 63.90 58.92 -10.86
CA ARG A 67 64.05 59.53 -9.57
C ARG A 67 64.87 58.62 -8.70
N PHE A 68 65.57 59.22 -7.75
CA PHE A 68 66.24 58.51 -6.68
C PHE A 68 65.16 58.26 -5.64
N LYS A 69 64.73 57.01 -5.56
CA LYS A 69 63.48 56.61 -4.91
C LYS A 69 63.34 55.12 -5.01
N LYS A 70 62.90 54.46 -3.96
CA LYS A 70 62.74 53.03 -4.00
C LYS A 70 61.28 52.64 -4.09
N ARG A 71 60.80 52.51 -5.33
CA ARG A 71 59.41 52.13 -5.62
C ARG A 71 59.21 50.69 -5.21
N THR A 72 57.98 50.37 -4.82
CA THR A 72 57.62 48.99 -4.48
C THR A 72 56.30 48.60 -5.10
N GLU A 73 56.17 47.30 -5.34
CA GLU A 73 55.04 46.72 -6.05
C GLU A 73 54.42 45.70 -5.12
N LEU A 74 53.42 44.98 -5.64
CA LEU A 74 52.87 43.80 -4.96
C LEU A 74 52.55 42.80 -6.00
N PHE A 75 53.38 41.78 -6.10
CA PHE A 75 53.09 40.72 -7.04
C PHE A 75 52.28 39.62 -6.41
N ILE A 76 51.57 38.90 -7.26
CA ILE A 76 51.06 37.62 -6.91
C ILE A 76 52.23 36.66 -6.87
N ALA A 77 52.40 35.96 -5.74
CA ALA A 77 53.59 35.12 -5.49
C ALA A 77 53.59 33.90 -6.36
N ALA A 78 54.73 33.65 -7.00
CA ALA A 78 54.97 32.37 -7.60
C ALA A 78 55.43 31.43 -6.53
N GLU A 79 54.99 30.20 -6.65
CA GLU A 79 55.24 29.24 -5.63
C GLU A 79 56.68 28.80 -5.75
N GLY A 80 57.42 28.99 -4.67
CA GLY A 80 58.86 28.84 -4.69
C GLY A 80 59.56 30.19 -4.73
N ILE A 81 58.91 31.22 -4.20
CA ILE A 81 59.56 32.50 -3.99
C ILE A 81 59.90 32.57 -2.54
N HIS A 82 60.99 33.27 -2.25
CA HIS A 82 61.36 33.50 -0.89
C HIS A 82 61.98 34.85 -0.72
N THR A 83 62.15 35.27 0.51
CA THR A 83 62.55 36.62 0.78
C THR A 83 64.06 36.75 0.72
N GLY A 84 64.53 37.94 0.34
CA GLY A 84 65.91 38.10 -0.08
C GLY A 84 66.16 37.28 -1.33
N GLN A 85 65.24 37.37 -2.27
CA GLN A 85 65.36 36.71 -3.55
C GLN A 85 65.09 37.73 -4.61
N PHE A 86 66.01 37.82 -5.55
CA PHE A 86 65.96 38.81 -6.58
C PHE A 86 64.92 38.38 -7.60
N VAL A 87 64.45 39.36 -8.35
CA VAL A 87 63.30 39.21 -9.21
C VAL A 87 63.60 40.09 -10.38
N TYR A 88 64.16 39.46 -11.39
CA TYR A 88 64.57 40.18 -12.55
C TYR A 88 63.35 40.23 -13.44
N CYS A 89 63.28 41.23 -14.31
CA CYS A 89 62.15 41.37 -15.23
C CYS A 89 62.31 42.39 -16.34
N GLY A 90 61.87 41.99 -17.53
CA GLY A 90 62.14 42.71 -18.77
C GLY A 90 62.36 41.73 -19.90
N LYS A 91 62.43 42.25 -21.11
CA LYS A 91 62.68 41.41 -22.28
C LYS A 91 63.87 40.50 -22.09
N LYS A 92 64.94 41.07 -21.51
CA LYS A 92 66.18 40.33 -21.26
C LYS A 92 66.24 39.70 -19.86
N ALA A 93 65.08 39.40 -19.29
CA ALA A 93 65.01 38.69 -18.04
C ALA A 93 65.19 37.21 -18.29
N GLN A 94 65.98 36.63 -17.42
CA GLN A 94 66.36 35.25 -17.50
C GLN A 94 65.14 34.44 -17.12
N LEU A 95 64.95 33.30 -17.78
CA LEU A 95 63.73 32.50 -17.62
C LEU A 95 63.89 31.59 -16.45
N ASN A 96 63.61 32.14 -15.28
CA ASN A 96 63.55 31.34 -14.07
C ASN A 96 62.33 31.81 -13.35
N ILE A 97 62.01 31.21 -12.21
CA ILE A 97 60.73 31.45 -11.57
C ILE A 97 60.68 32.79 -10.89
N GLY A 98 59.46 33.35 -10.83
CA GLY A 98 59.19 34.61 -10.14
C GLY A 98 59.99 35.67 -10.84
N ASN A 99 59.72 35.76 -12.13
CA ASN A 99 60.55 36.55 -12.98
C ASN A 99 59.76 36.90 -14.20
N VAL A 100 59.48 38.17 -14.35
CA VAL A 100 58.51 38.57 -15.32
C VAL A 100 59.15 39.05 -16.63
N LEU A 101 58.92 38.25 -17.65
CA LEU A 101 59.35 38.51 -19.01
C LEU A 101 58.19 38.41 -19.96
N PRO A 102 58.35 38.98 -21.15
CA PRO A 102 57.31 38.90 -22.13
C PRO A 102 57.17 37.50 -22.67
N VAL A 103 55.92 37.06 -22.73
CA VAL A 103 55.53 35.79 -23.29
C VAL A 103 56.28 35.51 -24.57
N GLY A 104 56.22 36.48 -25.47
CA GLY A 104 56.99 36.40 -26.69
C GLY A 104 58.33 35.70 -26.53
N THR A 105 59.11 36.16 -25.56
CA THR A 105 60.44 35.64 -25.38
C THR A 105 60.43 34.19 -24.99
N MET A 106 59.55 33.84 -24.06
CA MET A 106 59.63 32.53 -23.41
C MET A 106 59.27 31.38 -24.33
N PRO A 107 60.08 30.30 -24.26
CA PRO A 107 59.91 29.19 -25.19
C PRO A 107 58.56 28.62 -24.98
N GLU A 108 58.01 27.97 -25.98
CA GLU A 108 56.77 27.29 -25.75
C GLU A 108 57.08 26.24 -24.67
N GLY A 109 56.06 25.90 -23.90
CA GLY A 109 56.22 25.05 -22.72
C GLY A 109 56.43 25.81 -21.41
N THR A 110 56.56 27.12 -21.50
CA THR A 110 56.75 27.92 -20.32
C THR A 110 55.42 28.06 -19.61
N ILE A 111 55.50 27.91 -18.31
CA ILE A 111 54.39 27.99 -17.42
C ILE A 111 54.40 29.38 -16.85
N VAL A 112 53.23 29.98 -16.70
CA VAL A 112 53.15 31.35 -16.20
C VAL A 112 51.93 31.61 -15.37
N CYS A 113 52.03 32.64 -14.55
CA CYS A 113 50.87 33.24 -13.92
C CYS A 113 50.89 34.74 -14.05
N CYS A 114 49.80 35.36 -13.65
CA CYS A 114 49.68 36.81 -13.71
C CYS A 114 50.00 37.23 -15.13
N LEU A 115 49.27 36.68 -16.08
CA LEU A 115 49.52 36.86 -17.50
C LEU A 115 48.70 37.98 -18.10
N GLU A 116 49.33 39.08 -18.45
CA GLU A 116 48.64 40.20 -19.06
C GLU A 116 47.87 39.78 -20.29
N GLU A 117 46.56 39.99 -20.29
CA GLU A 117 45.73 39.54 -21.39
C GLU A 117 45.90 40.49 -22.56
N LYS A 118 45.94 41.78 -22.26
CA LYS A 118 46.37 42.77 -23.24
C LYS A 118 47.68 43.36 -22.81
N PRO A 119 48.58 43.64 -23.76
CA PRO A 119 49.87 44.18 -23.35
C PRO A 119 49.70 45.54 -22.70
N GLY A 120 50.31 45.70 -21.52
CA GLY A 120 50.17 46.90 -20.73
C GLY A 120 49.30 46.82 -19.49
N ASP A 121 48.30 45.94 -19.48
CA ASP A 121 47.26 46.00 -18.44
C ASP A 121 47.66 45.53 -17.02
N ARG A 122 48.95 45.24 -16.84
CA ARG A 122 49.54 44.88 -15.54
C ARG A 122 49.15 43.51 -14.92
N GLY A 123 48.49 42.60 -15.63
CA GLY A 123 48.50 41.18 -15.23
C GLY A 123 47.17 40.66 -14.73
N LYS A 124 46.57 39.78 -15.53
CA LYS A 124 45.12 39.53 -15.50
C LYS A 124 44.65 38.07 -15.45
N LEU A 125 45.23 37.23 -16.27
CA LEU A 125 44.75 35.87 -16.38
C LEU A 125 45.51 35.04 -15.37
N ALA A 126 44.99 33.86 -15.07
CA ALA A 126 45.69 32.84 -14.28
C ALA A 126 46.51 33.43 -13.18
N ARG A 127 45.85 33.76 -12.07
CA ARG A 127 46.54 34.44 -10.99
C ARG A 127 45.84 34.30 -9.68
N ALA A 128 45.40 33.08 -9.42
CA ALA A 128 44.37 32.82 -8.47
C ALA A 128 44.86 32.10 -7.23
N SER A 129 45.28 30.85 -7.39
CA SER A 129 45.86 30.14 -6.26
C SER A 129 46.75 29.04 -6.70
N GLY A 130 46.20 28.04 -7.39
CA GLY A 130 47.04 26.95 -7.85
C GLY A 130 47.25 27.02 -9.33
N ASN A 131 46.99 28.20 -9.91
CA ASN A 131 46.75 28.30 -11.34
C ASN A 131 47.83 28.93 -12.13
N TYR A 132 47.72 28.74 -13.42
CA TYR A 132 48.76 29.09 -14.35
C TYR A 132 48.28 28.86 -15.77
N ALA A 133 48.78 29.71 -16.65
CA ALA A 133 48.59 29.53 -18.05
C ALA A 133 49.81 28.81 -18.56
N THR A 134 49.71 28.28 -19.77
CA THR A 134 50.85 27.65 -20.46
C THR A 134 50.97 28.26 -21.85
N VAL A 135 52.19 28.54 -22.25
CA VAL A 135 52.41 29.10 -23.55
C VAL A 135 52.49 27.95 -24.54
N ILE A 136 51.73 28.05 -25.61
CA ILE A 136 51.59 26.96 -26.57
C ILE A 136 52.49 27.13 -27.76
N SER A 137 52.43 28.30 -28.40
CA SER A 137 53.16 28.52 -29.64
C SER A 137 53.30 29.98 -29.97
N HIS A 138 54.23 30.27 -30.86
CA HIS A 138 54.46 31.63 -31.27
C HIS A 138 54.21 31.80 -32.75
N ASN A 139 53.90 33.05 -33.10
CA ASN A 139 53.84 33.48 -34.47
C ASN A 139 54.74 34.70 -34.53
N PRO A 140 55.96 34.54 -35.04
CA PRO A 140 56.88 35.67 -35.05
C PRO A 140 56.31 36.89 -35.76
N GLU A 141 55.95 36.75 -37.03
CA GLU A 141 55.15 37.77 -37.70
C GLU A 141 53.76 37.78 -37.08
N THR A 142 53.14 38.95 -37.06
CA THR A 142 51.95 39.27 -36.22
C THR A 142 52.29 39.54 -34.76
N LYS A 143 53.38 38.96 -34.27
CA LYS A 143 53.85 39.18 -32.91
C LYS A 143 52.78 38.70 -31.92
N LYS A 144 52.21 37.52 -32.20
CA LYS A 144 51.09 36.98 -31.45
C LYS A 144 51.30 35.56 -30.96
N THR A 145 51.15 35.38 -29.66
CA THR A 145 51.38 34.12 -29.00
C THR A 145 50.07 33.50 -28.53
N ARG A 146 50.02 32.17 -28.54
CA ARG A 146 48.85 31.42 -28.11
C ARG A 146 49.13 30.73 -26.78
N VAL A 147 48.14 30.78 -25.91
CA VAL A 147 48.33 30.45 -24.51
C VAL A 147 47.14 29.69 -23.97
N LYS A 148 47.40 28.60 -23.28
CA LYS A 148 46.33 27.81 -22.69
C LYS A 148 46.05 28.27 -21.29
N LEU A 149 44.78 28.56 -21.02
CA LEU A 149 44.36 29.13 -19.75
C LEU A 149 43.98 28.04 -18.73
N PRO A 150 43.75 28.42 -17.47
CA PRO A 150 43.38 27.42 -16.48
C PRO A 150 42.01 26.83 -16.64
N SER A 151 41.20 27.41 -17.49
CA SER A 151 39.96 26.77 -17.89
C SER A 151 40.24 25.63 -18.83
N GLY A 152 41.10 25.87 -19.81
CA GLY A 152 41.32 24.98 -20.93
C GLY A 152 41.41 25.74 -22.24
N SER A 153 40.66 26.84 -22.34
CA SER A 153 40.62 27.70 -23.53
C SER A 153 41.99 28.13 -24.01
N LYS A 154 42.13 28.18 -25.34
CA LYS A 154 43.38 28.47 -25.98
C LYS A 154 43.20 29.78 -26.72
N LYS A 155 43.79 30.81 -26.14
CA LYS A 155 43.53 32.21 -26.46
C LYS A 155 44.76 32.79 -27.14
N VAL A 156 44.55 33.64 -28.14
CA VAL A 156 45.64 34.29 -28.82
C VAL A 156 45.94 35.56 -28.09
N ILE A 157 47.18 35.99 -28.11
CA ILE A 157 47.62 37.05 -27.23
C ILE A 157 48.74 37.78 -27.92
N SER A 158 48.97 39.03 -27.56
CA SER A 158 50.11 39.75 -28.10
C SER A 158 51.37 39.21 -27.46
N SER A 159 52.36 38.89 -28.26
CA SER A 159 53.65 38.45 -27.73
C SER A 159 54.14 39.39 -26.65
N ALA A 160 54.00 40.69 -26.92
CA ALA A 160 54.27 41.78 -25.97
C ALA A 160 53.94 41.51 -24.50
N ASN A 161 52.73 41.03 -24.27
CA ASN A 161 52.17 41.04 -22.94
C ASN A 161 52.86 40.06 -21.99
N ARG A 162 53.10 40.51 -20.76
CA ARG A 162 54.07 39.86 -19.88
C ARG A 162 53.34 38.99 -18.90
N ALA A 163 54.13 38.22 -18.17
CA ALA A 163 53.64 37.22 -17.25
C ALA A 163 54.76 36.67 -16.46
N VAL A 164 54.51 36.38 -15.20
CA VAL A 164 55.58 35.89 -14.37
C VAL A 164 55.65 34.38 -14.51
N VAL A 165 56.87 33.87 -14.45
CA VAL A 165 57.14 32.48 -14.73
C VAL A 165 57.03 31.64 -13.47
N GLY A 166 56.44 30.45 -13.65
CA GLY A 166 55.98 29.61 -12.54
C GLY A 166 54.48 29.76 -12.31
N VAL A 167 53.98 28.94 -11.40
CA VAL A 167 52.57 28.93 -10.99
C VAL A 167 52.33 29.83 -9.81
N VAL A 168 51.07 30.05 -9.46
CA VAL A 168 50.71 30.85 -8.29
C VAL A 168 50.82 30.02 -7.04
N ALA A 169 51.08 30.68 -5.92
CA ALA A 169 51.26 29.97 -4.67
C ALA A 169 49.96 29.66 -3.94
N GLY A 170 50.06 28.76 -2.97
CA GLY A 170 48.96 28.39 -2.09
C GLY A 170 48.06 27.43 -2.80
N GLY A 171 48.71 26.48 -3.49
CA GLY A 171 48.02 25.46 -4.25
C GLY A 171 47.36 24.40 -3.37
N GLY A 172 46.44 23.66 -3.98
CA GLY A 172 45.66 22.63 -3.29
C GLY A 172 44.59 23.17 -2.36
N ARG A 173 44.47 24.48 -2.25
CA ARG A 173 43.60 25.11 -1.25
C ARG A 173 42.30 24.35 -1.11
N ILE A 174 41.67 24.15 -2.24
CA ILE A 174 40.39 23.46 -2.33
C ILE A 174 40.32 22.02 -1.89
N ASP A 175 41.42 21.33 -1.71
CA ASP A 175 41.33 19.91 -1.38
C ASP A 175 40.93 19.62 0.08
N LYS A 176 41.13 20.59 0.97
CA LYS A 176 40.70 20.47 2.35
C LYS A 176 39.22 20.82 2.43
N PRO A 177 38.39 19.92 2.99
CA PRO A 177 37.00 20.21 3.27
C PRO A 177 36.86 21.22 4.34
N ILE A 178 35.75 21.92 4.26
CA ILE A 178 35.52 23.02 5.13
C ILE A 178 35.04 22.50 6.47
N LEU A 179 34.13 21.53 6.43
CA LEU A 179 33.46 20.91 7.61
C LEU A 179 32.44 21.80 8.30
N LYS A 180 32.92 22.84 8.95
CA LYS A 180 32.07 23.68 9.73
C LYS A 180 31.42 24.71 8.82
N ALA A 181 30.15 24.97 9.07
CA ALA A 181 29.52 26.17 8.57
C ALA A 181 30.37 27.36 8.94
N GLY A 182 30.67 27.44 10.22
CA GLY A 182 31.62 28.38 10.72
C GLY A 182 32.67 28.64 9.68
N ARG A 183 33.53 27.66 9.42
CA ARG A 183 34.71 27.91 8.61
C ARG A 183 34.39 28.54 7.27
N ALA A 184 33.19 28.26 6.77
CA ALA A 184 32.68 28.94 5.60
C ALA A 184 32.35 30.38 5.90
N TYR A 185 31.50 30.60 6.89
CA TYR A 185 31.16 31.94 7.32
C TYR A 185 32.34 32.85 7.40
N HIS A 186 33.39 32.34 8.03
CA HIS A 186 34.64 33.04 8.05
C HIS A 186 35.23 33.30 6.68
N LYS A 187 35.25 32.28 5.82
CA LYS A 187 35.72 32.51 4.47
C LYS A 187 35.04 33.70 3.83
N TYR A 188 33.71 33.71 3.83
CA TYR A 188 33.01 34.78 3.17
C TYR A 188 32.84 36.05 3.96
N LYS A 189 33.15 36.06 5.25
CA LYS A 189 33.29 37.34 5.94
C LYS A 189 34.46 38.14 5.40
N ALA A 190 35.56 37.44 5.11
CA ALA A 190 36.73 38.05 4.49
C ALA A 190 36.46 38.70 3.11
N LYS A 191 35.41 38.23 2.44
CA LYS A 191 35.19 38.59 1.07
C LYS A 191 34.02 39.54 0.97
N ARG A 192 32.80 39.01 0.98
CA ARG A 192 31.60 39.81 0.67
C ARG A 192 30.32 39.07 0.95
N ASN A 193 29.28 39.82 1.25
CA ASN A 193 28.02 39.24 1.72
C ASN A 193 27.38 38.34 0.70
N CYS A 194 27.94 37.17 0.53
CA CYS A 194 27.44 36.26 -0.46
C CYS A 194 26.69 35.12 0.20
N TRP A 195 26.99 34.83 1.47
CA TRP A 195 26.88 33.45 1.98
C TRP A 195 25.48 33.03 2.45
N PRO A 196 25.37 32.41 3.61
CA PRO A 196 24.48 31.28 3.74
C PRO A 196 23.37 31.39 2.73
N ARG A 197 23.59 30.85 1.54
CA ARG A 197 22.77 31.17 0.38
C ARG A 197 21.50 30.33 0.42
N VAL A 198 20.36 31.02 0.30
CA VAL A 198 19.05 30.37 0.35
C VAL A 198 18.62 29.81 -1.02
N ARG A 199 17.89 28.68 -1.02
CA ARG A 199 17.40 28.12 -2.31
C ARG A 199 16.14 28.85 -2.65
N GLY A 200 16.03 29.19 -3.91
CA GLY A 200 14.88 29.88 -4.43
C GLY A 200 13.64 29.11 -4.11
N VAL A 201 13.73 27.81 -4.34
CA VAL A 201 12.68 26.88 -4.04
C VAL A 201 11.97 27.14 -2.70
N ALA A 202 12.74 27.39 -1.65
CA ALA A 202 12.17 27.66 -0.33
C ALA A 202 11.36 28.93 -0.23
N MET A 203 11.66 29.89 -1.10
CA MET A 203 11.14 31.27 -1.00
C MET A 203 9.68 31.31 -1.45
N ASN A 204 8.93 32.26 -0.93
CA ASN A 204 7.58 32.47 -1.41
C ASN A 204 7.76 32.99 -2.83
N PRO A 205 6.71 32.87 -3.67
CA PRO A 205 6.90 33.06 -5.09
C PRO A 205 6.96 34.53 -5.53
N VAL A 206 7.18 35.47 -4.63
CA VAL A 206 7.51 36.81 -5.07
C VAL A 206 9.00 36.97 -5.15
N GLU A 207 9.74 36.19 -4.37
CA GLU A 207 11.16 36.45 -4.25
C GLU A 207 11.96 35.52 -5.09
N HIS A 208 11.29 34.66 -5.83
CA HIS A 208 11.97 33.85 -6.82
C HIS A 208 11.03 33.33 -7.83
N PRO A 209 11.53 33.14 -9.05
CA PRO A 209 10.76 32.36 -10.02
C PRO A 209 10.62 30.86 -9.71
N PHE A 210 11.36 30.31 -8.76
CA PHE A 210 11.22 28.92 -8.35
C PHE A 210 10.39 28.73 -7.10
N GLY A 211 9.97 29.83 -6.52
CA GLY A 211 9.32 29.81 -5.22
C GLY A 211 7.89 29.33 -5.22
N GLY A 212 7.19 29.70 -4.15
CA GLY A 212 5.87 29.19 -3.90
C GLY A 212 5.82 27.67 -4.02
N GLY A 213 4.61 27.16 -4.25
CA GLY A 213 4.33 25.73 -4.33
C GLY A 213 3.97 25.18 -2.97
N ASN A 214 3.22 24.09 -2.97
CA ASN A 214 2.99 23.37 -1.76
C ASN A 214 4.18 22.48 -1.47
N HIS A 215 4.74 21.90 -2.52
CA HIS A 215 5.92 21.06 -2.42
C HIS A 215 7.10 21.84 -2.93
N GLN A 216 8.16 21.90 -2.15
CA GLN A 216 9.40 22.51 -2.60
C GLN A 216 9.86 21.82 -3.88
N HIS A 217 9.33 22.29 -5.00
CA HIS A 217 9.78 21.87 -6.33
C HIS A 217 10.01 23.11 -7.13
N ILE A 218 10.38 22.95 -8.38
CA ILE A 218 10.63 24.09 -9.22
C ILE A 218 9.46 24.33 -10.13
N GLY A 219 8.93 23.29 -10.73
CA GLY A 219 7.73 23.46 -11.52
C GLY A 219 7.89 24.10 -12.90
N LYS A 220 9.01 24.73 -13.18
CA LYS A 220 9.39 24.99 -14.56
C LYS A 220 10.76 24.39 -14.75
N PRO A 221 11.13 24.13 -15.99
CA PRO A 221 12.49 23.74 -16.29
C PRO A 221 13.53 24.71 -15.77
N SER A 222 14.54 24.20 -15.10
CA SER A 222 15.52 25.06 -14.50
C SER A 222 16.50 25.69 -15.49
N THR A 223 16.46 25.27 -16.76
CA THR A 223 17.26 25.90 -17.83
C THR A 223 16.52 27.10 -18.43
N ILE A 224 17.24 28.04 -19.04
CA ILE A 224 16.60 29.28 -19.47
C ILE A 224 17.41 30.19 -20.43
N ARG A 225 16.72 30.82 -21.39
CA ARG A 225 17.33 31.73 -22.36
C ARG A 225 18.25 32.69 -21.71
N ARG A 226 19.36 33.03 -22.34
CA ARG A 226 20.08 34.21 -21.90
C ARG A 226 19.62 35.49 -22.57
N ASP A 227 18.61 35.37 -23.44
CA ASP A 227 17.74 36.49 -23.84
C ASP A 227 16.57 36.71 -22.85
N ALA A 228 16.69 36.18 -21.64
CA ALA A 228 15.70 36.41 -20.60
C ALA A 228 15.90 37.82 -20.06
N PRO A 229 15.00 38.26 -19.18
CA PRO A 229 15.25 39.48 -18.46
C PRO A 229 15.78 39.10 -17.11
N ALA A 230 16.38 40.09 -16.47
CA ALA A 230 16.86 39.90 -15.12
C ALA A 230 15.64 39.76 -14.26
N GLY A 231 15.45 38.56 -13.75
CA GLY A 231 14.23 38.27 -13.02
C GLY A 231 13.75 36.88 -13.21
N ARG A 232 13.85 36.37 -14.42
CA ARG A 232 13.64 34.95 -14.65
C ARG A 232 14.95 34.19 -14.66
N LYS A 233 16.03 34.87 -15.00
CA LYS A 233 17.30 34.20 -15.23
C LYS A 233 17.76 33.73 -13.87
N VAL A 234 17.62 32.43 -13.70
CA VAL A 234 17.75 31.78 -12.43
C VAL A 234 17.84 30.31 -12.77
N GLY A 235 18.69 29.58 -12.06
CA GLY A 235 18.94 28.16 -12.38
C GLY A 235 20.09 27.99 -13.34
N LEU A 236 19.84 27.37 -14.48
CA LEU A 236 20.90 27.12 -15.44
C LEU A 236 20.73 28.08 -16.59
N ILE A 237 21.75 28.90 -16.79
CA ILE A 237 21.67 30.01 -17.73
C ILE A 237 22.23 29.50 -19.01
N ALA A 238 21.37 29.37 -19.99
CA ALA A 238 21.79 28.98 -21.32
C ALA A 238 22.44 27.60 -21.37
N ALA A 239 21.94 26.69 -20.55
CA ALA A 239 22.55 25.38 -20.40
C ALA A 239 22.60 24.61 -21.71
N ARG A 240 23.81 24.38 -22.20
CA ARG A 240 24.00 23.66 -23.44
C ARG A 240 23.66 22.17 -23.31
N ARG A 241 24.08 21.58 -22.20
CA ARG A 241 23.54 20.29 -21.76
C ARG A 241 22.98 20.55 -20.37
N THR A 242 22.81 19.51 -19.55
CA THR A 242 22.64 19.70 -18.10
C THR A 242 23.13 18.55 -17.17
N GLY A 243 22.89 17.28 -17.50
CA GLY A 243 23.14 16.16 -16.55
C GLY A 243 24.53 15.92 -15.96
N ARG A 244 24.76 14.70 -15.48
CA ARG A 244 26.00 14.30 -14.79
C ARG A 244 27.11 13.86 -15.77
N SER B 1 -29.00 15.83 25.32
CA SER B 1 -28.84 14.35 25.31
C SER B 1 -28.77 13.79 26.72
N HIS B 2 -28.80 12.46 26.83
CA HIS B 2 -28.76 11.83 28.15
C HIS B 2 -27.37 11.87 28.80
N ARG B 3 -27.31 11.36 30.03
CA ARG B 3 -26.06 11.25 30.78
C ARG B 3 -25.43 9.91 30.46
N LYS B 4 -24.23 9.90 29.89
CA LYS B 4 -23.64 8.64 29.42
C LYS B 4 -23.67 7.62 30.50
N PHE B 5 -23.05 7.96 31.61
CA PHE B 5 -22.71 6.99 32.65
C PHE B 5 -23.42 7.32 33.91
N SER B 6 -24.40 6.50 34.27
CA SER B 6 -25.27 6.87 35.37
C SER B 6 -24.52 6.90 36.68
N ALA B 7 -25.14 7.58 37.60
CA ALA B 7 -24.71 7.54 38.95
C ALA B 7 -25.85 8.00 39.81
N PRO B 8 -25.81 7.64 41.09
CA PRO B 8 -26.78 8.20 42.02
C PRO B 8 -26.53 9.67 42.19
N ARG B 9 -27.49 10.37 42.78
CA ARG B 9 -27.36 11.81 43.03
C ARG B 9 -26.60 12.03 44.36
N HIS B 10 -25.91 13.17 44.46
CA HIS B 10 -25.15 13.52 45.66
C HIS B 10 -26.00 14.27 46.66
N GLY B 11 -26.11 13.72 47.86
CA GLY B 11 -26.91 14.31 48.92
C GLY B 11 -28.29 13.73 48.96
N SER B 12 -29.16 14.31 49.76
CA SER B 12 -30.57 13.96 49.77
C SER B 12 -31.37 15.21 49.87
N LEU B 13 -32.34 15.38 48.98
CA LEU B 13 -33.21 16.56 49.06
C LEU B 13 -34.06 16.63 50.30
N GLY B 14 -34.32 15.46 50.87
CA GLY B 14 -35.14 15.36 52.06
C GLY B 14 -34.43 15.77 53.31
N PHE B 15 -33.84 16.95 53.25
CA PHE B 15 -33.19 17.52 54.38
C PHE B 15 -32.97 18.99 54.16
N LEU B 16 -33.77 19.66 53.31
CA LEU B 16 -33.29 20.94 52.87
C LEU B 16 -34.17 22.09 52.67
N PRO B 17 -33.87 23.08 53.47
CA PRO B 17 -33.06 24.21 53.08
C PRO B 17 -31.85 24.04 53.98
N ARG B 18 -30.71 23.66 53.42
CA ARG B 18 -29.50 23.38 54.20
C ARG B 18 -29.05 24.65 54.85
N LYS B 19 -29.78 24.99 55.90
CA LYS B 19 -29.73 26.29 56.48
C LYS B 19 -29.34 26.12 57.91
N ARG B 20 -28.94 27.24 58.47
CA ARG B 20 -28.52 27.30 59.83
C ARG B 20 -29.83 27.17 60.58
N SER B 21 -29.90 26.19 61.47
CA SER B 21 -31.12 25.93 62.24
C SER B 21 -31.66 27.18 62.87
N SER B 22 -32.97 27.24 62.97
CA SER B 22 -33.59 28.34 63.66
C SER B 22 -33.44 28.18 65.16
N ARG B 23 -33.51 26.94 65.61
CA ARG B 23 -33.40 26.65 67.03
C ARG B 23 -31.93 26.31 67.37
N HIS B 24 -31.58 26.34 68.66
CA HIS B 24 -30.34 25.73 69.13
C HIS B 24 -30.72 24.39 69.74
N ARG B 25 -31.64 24.41 70.71
CA ARG B 25 -32.07 23.20 71.39
C ARG B 25 -32.98 22.40 70.48
N GLY B 26 -32.65 21.12 70.31
CA GLY B 26 -33.37 20.24 69.38
C GLY B 26 -34.82 19.95 69.75
N LYS B 27 -35.75 20.41 68.92
CA LYS B 27 -37.18 20.19 69.15
C LYS B 27 -37.55 18.74 68.94
N VAL B 28 -38.34 18.20 69.85
CA VAL B 28 -39.06 16.96 69.60
C VAL B 28 -40.17 17.30 68.64
N LYS B 29 -39.96 16.95 67.39
CA LYS B 29 -40.91 17.25 66.32
C LYS B 29 -42.18 16.40 66.35
N SER B 30 -42.12 15.24 67.02
CA SER B 30 -43.29 14.37 67.18
C SER B 30 -43.10 13.37 68.31
N PHE B 31 -43.91 13.49 69.34
CA PHE B 31 -43.89 12.53 70.43
C PHE B 31 -44.54 11.25 69.95
N PRO B 32 -44.42 10.16 70.73
CA PRO B 32 -45.12 8.94 70.34
C PRO B 32 -46.59 8.99 70.69
N LYS B 33 -47.33 7.96 70.26
CA LYS B 33 -48.77 7.90 70.48
C LYS B 33 -49.07 7.45 71.89
N ASP B 34 -49.83 8.27 72.62
CA ASP B 34 -50.41 7.81 73.87
C ASP B 34 -51.39 6.70 73.60
N ASP B 35 -51.36 5.69 74.45
CA ASP B 35 -52.54 4.91 74.77
C ASP B 35 -52.85 5.06 76.25
N PRO B 36 -54.18 5.27 76.58
CA PRO B 36 -54.69 4.50 77.72
C PRO B 36 -53.70 3.67 78.56
N SER B 37 -53.43 2.44 78.16
CA SER B 37 -53.36 1.35 79.09
C SER B 37 -52.25 1.64 80.10
N LYS B 38 -51.14 2.21 79.62
CA LYS B 38 -49.87 2.09 80.31
C LYS B 38 -49.50 3.39 81.01
N PRO B 39 -49.01 3.27 82.23
CA PRO B 39 -49.07 4.32 83.24
C PRO B 39 -48.49 5.61 82.74
N VAL B 40 -48.85 6.74 83.36
CA VAL B 40 -48.29 8.00 82.88
C VAL B 40 -46.81 8.07 83.13
N HIS B 41 -46.14 8.78 82.23
CA HIS B 41 -44.72 8.88 82.26
C HIS B 41 -44.34 9.90 81.22
N LEU B 42 -43.17 10.49 81.39
CA LEU B 42 -42.66 11.35 80.36
C LEU B 42 -42.13 10.52 79.19
N THR B 43 -42.04 11.18 78.07
CA THR B 43 -41.67 10.60 76.80
C THR B 43 -40.26 10.96 76.35
N ALA B 44 -39.56 11.81 77.13
CA ALA B 44 -38.33 12.45 76.70
C ALA B 44 -37.67 13.23 77.83
N PHE B 45 -36.44 13.61 77.57
CA PHE B 45 -35.61 14.24 78.57
C PHE B 45 -34.57 15.11 77.89
N LEU B 46 -33.69 15.73 78.69
CA LEU B 46 -32.81 16.75 78.18
C LEU B 46 -31.43 16.60 78.77
N GLY B 47 -30.44 16.57 77.89
CA GLY B 47 -29.10 16.17 78.25
C GLY B 47 -28.04 17.10 77.73
N TYR B 48 -26.79 16.78 78.05
CA TYR B 48 -25.66 17.56 77.60
C TYR B 48 -24.48 16.66 77.24
N LYS B 49 -24.20 16.58 75.94
CA LYS B 49 -23.12 15.73 75.47
C LYS B 49 -21.82 16.18 76.11
N ALA B 50 -21.26 15.30 76.94
CA ALA B 50 -19.97 15.53 77.57
C ALA B 50 -18.88 15.06 76.65
N GLY B 51 -18.95 13.79 76.24
CA GLY B 51 -17.94 13.20 75.38
C GLY B 51 -18.15 11.75 75.05
N MET B 52 -17.06 11.04 74.85
CA MET B 52 -17.07 9.69 74.31
C MET B 52 -16.04 8.75 74.95
N THR B 53 -16.16 7.46 74.64
CA THR B 53 -15.20 6.44 75.09
C THR B 53 -15.50 5.03 74.55
N HIS B 54 -14.59 4.10 74.79
CA HIS B 54 -14.87 2.70 74.52
C HIS B 54 -15.63 2.10 75.66
N ILE B 55 -16.12 0.92 75.34
CA ILE B 55 -16.77 0.05 76.23
C ILE B 55 -16.31 -1.27 75.72
N VAL B 56 -16.19 -2.25 76.59
CA VAL B 56 -15.99 -3.62 76.15
C VAL B 56 -17.20 -4.41 76.62
N ARG B 57 -17.62 -5.40 75.86
CA ARG B 57 -18.69 -6.28 76.33
C ARG B 57 -18.73 -7.63 75.61
N GLU B 58 -19.23 -8.65 76.30
CA GLU B 58 -19.70 -9.87 75.64
C GLU B 58 -20.89 -9.49 74.79
N VAL B 59 -21.09 -10.22 73.71
CA VAL B 59 -22.16 -9.92 72.77
C VAL B 59 -22.90 -11.19 72.44
N ASP B 60 -24.20 -11.20 72.72
CA ASP B 60 -24.99 -12.41 72.58
C ASP B 60 -26.07 -12.31 71.50
N ARG B 61 -25.63 -12.19 70.24
CA ARG B 61 -26.49 -12.52 69.09
C ARG B 61 -25.97 -13.83 68.52
N PRO B 62 -26.69 -14.93 68.79
CA PRO B 62 -26.37 -16.19 68.17
C PRO B 62 -26.53 -16.10 66.68
N GLY B 63 -25.62 -16.75 65.97
CA GLY B 63 -25.53 -16.65 64.53
C GLY B 63 -24.32 -15.90 64.06
N SER B 64 -23.86 -14.92 64.84
CA SER B 64 -22.77 -14.06 64.41
C SER B 64 -21.42 -14.75 64.42
N LYS B 65 -20.42 -14.01 64.00
CA LYS B 65 -19.05 -14.40 64.16
C LYS B 65 -18.47 -13.75 65.42
N VAL B 66 -19.32 -13.08 66.21
CA VAL B 66 -18.88 -12.37 67.37
C VAL B 66 -19.63 -12.85 68.60
N ASN B 67 -20.25 -14.02 68.50
CA ASN B 67 -21.17 -14.48 69.51
C ASN B 67 -20.41 -14.94 70.73
N LYS B 68 -20.75 -14.36 71.88
CA LYS B 68 -20.00 -14.52 73.12
C LYS B 68 -18.53 -14.28 72.86
N LYS B 69 -18.25 -13.25 72.08
CA LYS B 69 -16.94 -12.70 71.96
C LYS B 69 -17.06 -11.31 72.53
N GLU B 70 -15.99 -10.83 73.13
CA GLU B 70 -16.01 -9.51 73.68
C GLU B 70 -15.92 -8.64 72.44
N VAL B 71 -16.42 -7.41 72.50
CA VAL B 71 -16.07 -6.41 71.48
C VAL B 71 -15.75 -5.14 72.18
N VAL B 72 -15.11 -4.21 71.46
CA VAL B 72 -15.15 -2.82 71.88
C VAL B 72 -16.12 -2.08 71.03
N GLU B 73 -16.64 -1.02 71.63
CA GLU B 73 -17.81 -0.36 71.16
C GLU B 73 -17.75 1.08 71.61
N ALA B 74 -18.13 1.98 70.73
CA ALA B 74 -18.12 3.40 71.05
C ALA B 74 -19.34 3.76 71.83
N VAL B 75 -19.22 4.78 72.67
CA VAL B 75 -20.37 5.32 73.36
C VAL B 75 -20.25 6.81 73.48
N THR B 76 -21.37 7.51 73.64
CA THR B 76 -21.35 8.86 74.19
C THR B 76 -21.77 8.86 75.64
N ILE B 77 -21.29 9.85 76.39
CA ILE B 77 -21.84 10.17 77.69
C ILE B 77 -22.67 11.39 77.45
N VAL B 78 -23.83 11.42 78.10
CA VAL B 78 -24.73 12.55 78.05
C VAL B 78 -25.07 12.96 79.47
N GLU B 79 -24.50 14.09 79.91
CA GLU B 79 -24.69 14.55 81.27
C GLU B 79 -26.12 15.02 81.34
N THR B 80 -26.87 14.41 82.24
CA THR B 80 -28.31 14.47 82.25
C THR B 80 -28.75 14.57 83.70
N PRO B 81 -28.53 15.74 84.31
CA PRO B 81 -28.99 15.90 85.67
C PRO B 81 -30.49 16.09 85.69
N PRO B 82 -31.13 15.73 86.81
CA PRO B 82 -32.58 15.76 86.95
C PRO B 82 -33.24 17.09 86.60
N MET B 83 -34.39 16.97 85.95
CA MET B 83 -35.19 18.10 85.51
C MET B 83 -36.14 18.52 86.59
N VAL B 84 -36.68 19.72 86.45
CA VAL B 84 -37.70 20.19 87.34
C VAL B 84 -38.87 20.53 86.50
N VAL B 85 -40.02 20.01 86.88
CA VAL B 85 -41.26 20.32 86.21
C VAL B 85 -41.81 21.62 86.79
N VAL B 86 -41.94 22.65 85.95
CA VAL B 86 -42.41 23.96 86.44
C VAL B 86 -43.82 24.27 86.09
N GLY B 87 -44.23 23.84 84.91
CA GLY B 87 -45.54 24.17 84.39
C GLY B 87 -46.15 22.97 83.75
N ILE B 88 -47.44 23.09 83.45
CA ILE B 88 -48.16 22.13 82.62
C ILE B 88 -48.85 22.94 81.54
N VAL B 89 -49.35 22.25 80.53
CA VAL B 89 -49.77 22.89 79.29
C VAL B 89 -50.60 21.94 78.48
N GLY B 90 -51.86 22.30 78.31
CA GLY B 90 -52.83 21.49 77.59
C GLY B 90 -52.98 21.89 76.14
N TYR B 91 -53.24 20.89 75.33
CA TYR B 91 -53.35 21.04 73.91
C TYR B 91 -54.73 20.54 73.56
N VAL B 92 -55.49 21.28 72.76
CA VAL B 92 -56.80 20.81 72.25
C VAL B 92 -56.74 20.45 70.76
N GLU B 93 -57.38 19.34 70.39
CA GLU B 93 -57.40 18.90 69.00
C GLU B 93 -58.34 19.77 68.26
N THR B 94 -58.00 20.09 67.03
CA THR B 94 -58.90 20.85 66.19
C THR B 94 -58.69 20.44 64.76
N PRO B 95 -59.64 20.82 63.89
CA PRO B 95 -59.47 20.59 62.47
C PRO B 95 -58.35 21.38 61.84
N ARG B 96 -57.98 22.49 62.48
CA ARG B 96 -56.80 23.24 62.10
C ARG B 96 -55.57 22.48 62.55
N GLY B 97 -55.56 22.03 63.79
CA GLY B 97 -54.37 21.34 64.27
C GLY B 97 -54.40 20.82 65.68
N LEU B 98 -53.78 21.55 66.61
CA LEU B 98 -53.60 21.02 67.93
C LEU B 98 -53.37 22.17 68.90
N ARG B 99 -54.34 23.07 68.96
CA ARG B 99 -54.16 24.39 69.60
C ARG B 99 -53.77 24.34 71.06
N THR B 100 -52.75 25.10 71.44
CA THR B 100 -52.40 25.15 72.87
C THR B 100 -53.48 25.89 73.61
N PHE B 101 -53.72 25.45 74.85
CA PHE B 101 -54.98 25.73 75.53
C PHE B 101 -54.88 26.45 76.88
N LYS B 102 -54.17 25.86 77.81
CA LYS B 102 -54.19 26.37 79.17
C LYS B 102 -52.91 25.98 79.91
N THR B 103 -52.13 27.01 80.20
CA THR B 103 -50.82 26.84 80.73
C THR B 103 -50.85 27.33 82.17
N VAL B 104 -50.60 26.42 83.10
CA VAL B 104 -50.37 26.75 84.48
C VAL B 104 -48.88 26.69 84.69
N PHE B 105 -48.40 27.55 85.58
CA PHE B 105 -47.07 27.43 86.11
C PHE B 105 -47.10 27.23 87.60
N ALA B 106 -45.98 26.74 88.14
CA ALA B 106 -45.87 26.52 89.57
C ALA B 106 -45.82 27.83 90.35
N GLU B 107 -45.86 27.75 91.68
CA GLU B 107 -45.66 28.94 92.51
C GLU B 107 -44.24 29.40 92.28
N HIS B 108 -43.28 28.63 92.78
CA HIS B 108 -41.91 29.02 92.71
C HIS B 108 -41.31 28.53 91.40
N ILE B 109 -40.45 29.34 90.82
CA ILE B 109 -39.63 28.94 89.69
C ILE B 109 -38.21 29.42 89.96
N SER B 110 -37.23 28.54 89.72
CA SER B 110 -35.82 28.88 89.98
C SER B 110 -35.34 29.99 89.08
N ASP B 111 -34.26 30.62 89.52
CA ASP B 111 -33.62 31.63 88.71
C ASP B 111 -32.98 30.98 87.48
N GLU B 112 -32.28 29.86 87.67
CA GLU B 112 -31.91 28.95 86.56
C GLU B 112 -32.90 29.08 85.42
N CYS B 113 -34.17 28.98 85.79
CA CYS B 113 -35.26 28.92 84.86
C CYS B 113 -35.63 30.31 84.43
N LYS B 114 -35.78 31.21 85.39
CA LYS B 114 -36.23 32.56 85.07
C LYS B 114 -35.25 33.35 84.17
N ARG B 115 -33.94 33.10 84.32
CA ARG B 115 -32.93 33.54 83.34
C ARG B 115 -33.53 33.50 81.94
N ARG B 116 -34.02 32.32 81.54
CA ARG B 116 -34.52 32.10 80.17
C ARG B 116 -35.67 32.99 79.72
N PHE B 117 -36.30 33.67 80.66
CA PHE B 117 -37.30 34.64 80.28
C PHE B 117 -36.68 36.03 80.15
N TYR B 118 -35.36 36.11 80.03
CA TYR B 118 -34.70 37.38 79.74
C TYR B 118 -33.48 37.22 78.85
N LYS B 119 -33.36 38.15 77.90
CA LYS B 119 -32.13 38.29 77.17
C LYS B 119 -30.96 38.68 78.06
N ASN B 120 -31.22 39.49 79.09
CA ASN B 120 -30.14 40.11 79.84
C ASN B 120 -30.43 40.28 81.33
N TRP B 121 -30.06 39.25 82.06
CA TRP B 121 -30.30 39.12 83.49
C TRP B 121 -29.57 40.18 84.29
N HIS B 122 -28.34 40.49 83.89
CA HIS B 122 -27.57 41.57 84.52
C HIS B 122 -28.41 42.84 84.60
N LYS B 123 -29.05 43.19 83.50
CA LYS B 123 -29.80 44.43 83.41
C LYS B 123 -31.21 44.31 84.02
N SER B 124 -31.81 43.12 83.94
CA SER B 124 -33.22 42.94 84.31
C SER B 124 -33.48 43.09 85.80
N LYS B 125 -34.68 43.57 86.12
CA LYS B 125 -35.08 43.73 87.51
C LYS B 125 -35.55 42.39 88.07
N LYS B 126 -35.80 41.43 87.18
CA LYS B 126 -36.13 40.06 87.55
C LYS B 126 -37.56 39.99 88.10
N LYS B 127 -38.49 40.49 87.29
CA LYS B 127 -39.88 40.71 87.67
C LYS B 127 -40.85 39.74 87.05
N ALA B 128 -40.36 38.76 86.30
CA ALA B 128 -41.22 37.79 85.62
C ALA B 128 -41.91 36.89 86.63
N PHE B 129 -43.14 36.49 86.32
CA PHE B 129 -43.96 35.67 87.21
C PHE B 129 -44.23 36.22 88.63
N THR B 130 -43.84 37.46 88.93
CA THR B 130 -44.05 38.03 90.28
C THR B 130 -45.52 38.11 90.56
N LYS B 131 -46.24 38.74 89.63
CA LYS B 131 -47.67 38.97 89.74
C LYS B 131 -48.50 37.74 89.43
N TYR B 132 -47.87 36.70 88.91
CA TYR B 132 -48.56 35.44 88.71
C TYR B 132 -48.60 34.61 89.98
N CYS B 133 -47.45 34.40 90.59
CA CYS B 133 -47.40 33.48 91.73
C CYS B 133 -48.26 33.97 92.90
N LYS B 134 -48.67 35.24 92.90
CA LYS B 134 -49.74 35.72 93.79
C LYS B 134 -50.89 34.71 93.88
N LYS B 135 -51.33 34.21 92.72
CA LYS B 135 -52.45 33.26 92.64
C LYS B 135 -52.34 32.12 93.62
N TRP B 136 -51.14 31.56 93.73
CA TRP B 136 -50.95 30.41 94.59
C TRP B 136 -51.05 30.69 96.10
N GLN B 137 -51.28 31.94 96.53
CA GLN B 137 -51.49 32.20 97.96
C GLN B 137 -52.64 33.19 98.23
N ASP B 138 -53.79 32.87 97.69
CA ASP B 138 -55.07 33.40 98.17
C ASP B 138 -56.18 32.39 97.87
N ASP B 139 -57.40 32.71 98.27
CA ASP B 139 -58.55 31.85 97.97
C ASP B 139 -58.93 31.98 96.50
N ALA B 140 -59.23 33.21 96.08
CA ALA B 140 -59.77 33.49 94.75
C ALA B 140 -58.94 32.82 93.66
N GLY B 141 -57.65 33.11 93.67
CA GLY B 141 -56.73 32.53 92.71
C GLY B 141 -56.79 31.03 92.77
N LYS B 142 -56.54 30.47 93.95
CA LYS B 142 -56.44 29.03 94.14
C LYS B 142 -57.68 28.30 93.63
N ARG B 143 -58.83 28.97 93.70
CA ARG B 143 -60.05 28.47 93.08
C ARG B 143 -59.95 28.54 91.55
N GLN B 144 -59.53 29.68 91.02
CA GLN B 144 -59.36 29.82 89.57
C GLN B 144 -58.36 28.80 89.05
N LEU B 145 -57.27 28.58 89.79
CA LEU B 145 -56.28 27.55 89.44
C LEU B 145 -56.91 26.18 89.27
N ASP B 146 -57.80 25.81 90.18
CA ASP B 146 -58.51 24.53 90.09
C ASP B 146 -59.39 24.49 88.85
N LYS B 147 -60.12 25.58 88.58
CA LYS B 147 -60.97 25.69 87.38
C LYS B 147 -60.15 25.64 86.10
N ASP B 148 -58.97 26.25 86.14
CA ASP B 148 -58.01 26.21 85.03
C ASP B 148 -57.56 24.79 84.75
N PHE B 149 -57.35 24.01 85.81
CA PHE B 149 -57.03 22.59 85.66
C PHE B 149 -58.24 21.79 85.23
N SER B 150 -59.34 21.95 85.94
CA SER B 150 -60.55 21.20 85.67
C SER B 150 -61.16 21.46 84.30
N SER B 151 -60.89 22.63 83.74
CA SER B 151 -61.15 22.89 82.33
C SER B 151 -60.33 21.97 81.43
N MET B 152 -59.03 21.88 81.71
CA MET B 152 -58.15 21.01 80.94
C MET B 152 -58.56 19.56 81.10
N LYS B 153 -59.07 19.24 82.29
CA LYS B 153 -59.56 17.91 82.59
C LYS B 153 -60.74 17.51 81.72
N LYS B 154 -61.58 18.47 81.38
CA LYS B 154 -62.69 18.23 80.44
C LYS B 154 -62.20 18.26 79.00
N TYR B 155 -61.59 19.37 78.60
CA TYR B 155 -61.38 19.65 77.18
C TYR B 155 -60.13 19.02 76.57
N CYS B 156 -58.96 19.49 76.99
CA CYS B 156 -57.69 19.09 76.40
C CYS B 156 -57.51 17.60 76.15
N GLN B 157 -56.85 17.33 75.04
CA GLN B 157 -56.58 15.99 74.55
C GLN B 157 -55.20 15.52 74.96
N VAL B 158 -54.26 16.44 74.86
CA VAL B 158 -52.89 16.18 75.05
C VAL B 158 -52.47 17.10 76.16
N ILE B 159 -51.76 16.52 77.14
CA ILE B 159 -51.12 17.31 78.16
C ILE B 159 -49.67 16.93 78.28
N ARG B 160 -48.84 17.93 77.99
CA ARG B 160 -47.44 17.86 78.29
C ARG B 160 -47.18 18.72 79.51
N VAL B 161 -46.04 18.45 80.08
CA VAL B 161 -45.60 19.07 81.27
C VAL B 161 -44.51 19.96 80.74
N LEU B 162 -44.32 21.10 81.35
CA LEU B 162 -43.11 21.85 81.07
C LEU B 162 -42.11 21.45 82.15
N ALA B 163 -40.85 21.28 81.72
CA ALA B 163 -39.74 21.18 82.64
C ALA B 163 -38.59 22.09 82.23
N HIS B 164 -37.56 22.11 83.08
CA HIS B 164 -36.30 22.79 82.78
C HIS B 164 -35.12 22.04 83.39
N THR B 165 -33.94 22.29 82.84
CA THR B 165 -32.74 21.66 83.34
C THR B 165 -32.32 22.32 84.64
N GLN B 166 -31.31 21.73 85.27
CA GLN B 166 -30.84 22.20 86.55
C GLN B 166 -29.45 22.82 86.36
N MET B 167 -29.37 23.70 85.36
CA MET B 167 -28.10 24.17 84.81
C MET B 167 -27.00 24.33 85.85
N ARG B 168 -27.37 24.85 87.02
CA ARG B 168 -26.54 24.82 88.23
C ARG B 168 -25.52 23.69 88.32
N LEU B 169 -26.00 22.47 88.14
CA LEU B 169 -25.21 21.27 88.42
C LEU B 169 -24.20 20.92 87.36
N LEU B 170 -24.34 21.50 86.17
CA LEU B 170 -23.41 21.24 85.10
C LEU B 170 -22.18 22.13 85.21
N PRO B 171 -21.03 21.60 84.77
CA PRO B 171 -19.83 22.42 84.73
C PRO B 171 -19.94 23.57 83.76
N LEU B 172 -20.75 23.40 82.71
CA LEU B 172 -21.00 24.41 81.68
C LEU B 172 -21.09 25.84 82.18
N ARG B 173 -20.69 26.78 81.33
CA ARG B 173 -20.59 28.19 81.71
C ARG B 173 -21.95 28.87 81.92
N GLN B 174 -22.96 28.49 81.13
CA GLN B 174 -24.25 29.18 81.17
C GLN B 174 -25.08 28.78 82.37
N LYS B 175 -25.88 29.73 82.83
CA LYS B 175 -26.74 29.59 84.00
C LYS B 175 -28.21 29.46 83.62
N LYS B 176 -28.50 29.59 82.32
CA LYS B 176 -29.85 29.67 81.83
C LYS B 176 -30.28 28.28 81.49
N ALA B 177 -31.02 27.68 82.40
CA ALA B 177 -31.58 26.37 82.18
C ALA B 177 -32.46 26.40 80.97
N HIS B 178 -32.30 25.39 80.13
CA HIS B 178 -33.16 25.22 78.99
C HIS B 178 -34.49 24.80 79.57
N LEU B 179 -35.58 25.36 79.04
CA LEU B 179 -36.93 24.92 79.36
C LEU B 179 -37.27 23.95 78.29
N MET B 180 -38.37 23.22 78.49
CA MET B 180 -38.88 22.33 77.48
C MET B 180 -40.29 21.90 77.82
N GLU B 181 -41.10 21.60 76.80
CA GLU B 181 -42.32 20.80 76.99
C GLU B 181 -41.99 19.35 76.75
N ILE B 182 -42.45 18.48 77.65
CA ILE B 182 -42.22 17.06 77.55
C ILE B 182 -43.52 16.36 77.76
N GLN B 183 -43.87 15.44 76.87
CA GLN B 183 -45.23 14.97 76.83
C GLN B 183 -45.46 13.82 77.79
N VAL B 184 -46.62 13.87 78.43
CA VAL B 184 -47.04 12.85 79.36
C VAL B 184 -47.96 11.93 78.58
N ASN B 185 -47.52 10.71 78.33
CA ASN B 185 -48.36 9.71 77.68
C ASN B 185 -48.66 8.66 78.70
N GLY B 186 -49.95 8.48 78.95
CA GLY B 186 -50.39 7.52 79.92
C GLY B 186 -51.89 7.53 79.99
N GLY B 187 -52.43 7.23 81.16
CA GLY B 187 -53.88 7.11 81.36
C GLY B 187 -54.69 8.32 80.99
N THR B 188 -55.97 8.25 81.31
CA THR B 188 -56.92 9.33 81.00
C THR B 188 -56.43 10.73 81.37
N VAL B 189 -57.01 11.71 80.68
CA VAL B 189 -56.55 13.10 80.74
C VAL B 189 -56.57 13.61 82.17
N ALA B 190 -57.59 13.27 82.92
CA ALA B 190 -57.64 13.65 84.34
C ALA B 190 -56.45 13.09 85.11
N GLU B 191 -56.29 11.77 85.02
CA GLU B 191 -55.21 11.03 85.67
C GLU B 191 -53.85 11.58 85.28
N LYS B 192 -53.70 11.79 83.98
CA LYS B 192 -52.55 12.45 83.41
C LYS B 192 -52.28 13.75 84.10
N LEU B 193 -53.28 14.59 84.11
CA LEU B 193 -53.14 15.94 84.60
C LEU B 193 -52.94 15.99 86.12
N ASP B 194 -53.49 15.01 86.83
CA ASP B 194 -53.27 14.87 88.27
C ASP B 194 -51.82 14.50 88.58
N TRP B 195 -51.28 13.61 87.76
CA TRP B 195 -49.89 13.24 87.89
C TRP B 195 -48.97 14.43 87.73
N ALA B 196 -49.28 15.31 86.78
CA ALA B 196 -48.49 16.52 86.56
C ALA B 196 -48.57 17.52 87.69
N ARG B 197 -49.76 17.59 88.29
CA ARG B 197 -50.04 18.48 89.41
C ARG B 197 -49.28 18.07 90.67
N GLU B 198 -49.11 16.76 90.84
CA GLU B 198 -48.25 16.19 91.88
C GLU B 198 -46.74 16.51 91.65
N ARG B 199 -46.32 16.48 90.38
CA ARG B 199 -44.94 16.70 89.96
C ARG B 199 -44.48 18.16 89.92
N LEU B 200 -45.29 19.10 90.35
CA LEU B 200 -45.03 20.52 90.11
C LEU B 200 -43.96 21.03 91.09
N GLU B 201 -43.03 21.85 90.58
CA GLU B 201 -41.80 22.25 91.28
C GLU B 201 -40.87 21.09 91.63
N GLN B 202 -41.11 19.90 91.09
CA GLN B 202 -40.47 18.69 91.57
C GLN B 202 -39.42 18.14 90.62
N GLN B 203 -38.48 17.39 91.18
CA GLN B 203 -37.41 16.76 90.42
C GLN B 203 -37.98 15.63 89.57
N VAL B 204 -37.33 15.37 88.45
CA VAL B 204 -37.63 14.22 87.61
C VAL B 204 -36.31 13.74 87.05
N PRO B 205 -35.75 12.68 87.64
CA PRO B 205 -34.47 12.19 87.16
C PRO B 205 -34.54 11.18 86.03
N VAL B 206 -33.39 10.96 85.41
CA VAL B 206 -33.28 10.31 84.09
C VAL B 206 -33.91 8.93 84.11
N SER B 207 -33.49 8.14 85.09
CA SER B 207 -34.03 6.80 85.32
C SER B 207 -35.55 6.69 85.28
N GLN B 208 -36.25 7.75 85.68
CA GLN B 208 -37.70 7.75 85.69
C GLN B 208 -38.25 7.66 84.27
N VAL B 209 -37.55 8.29 83.33
CA VAL B 209 -37.99 8.42 81.94
C VAL B 209 -37.52 7.25 81.07
N PHE B 210 -36.21 7.06 81.04
CA PHE B 210 -35.59 5.99 80.25
C PHE B 210 -35.10 4.87 81.13
N GLY B 211 -35.01 3.68 80.54
CA GLY B 211 -34.46 2.50 81.21
C GLY B 211 -33.27 2.03 80.41
N GLN B 212 -32.49 1.11 81.00
CA GLN B 212 -31.31 0.60 80.31
C GLN B 212 -31.75 -0.19 79.09
N ASP B 213 -30.77 -0.53 78.24
CA ASP B 213 -30.95 -1.39 77.05
C ASP B 213 -32.17 -1.03 76.22
N GLU B 214 -32.42 0.27 76.15
CA GLU B 214 -33.60 0.83 75.53
C GLU B 214 -33.16 1.68 74.38
N MET B 215 -33.81 1.47 73.24
CA MET B 215 -33.52 2.27 72.07
C MET B 215 -34.22 3.58 72.26
N ILE B 216 -33.49 4.67 72.09
CA ILE B 216 -34.07 5.99 72.15
C ILE B 216 -33.71 6.74 70.88
N ASP B 217 -34.25 7.94 70.77
CA ASP B 217 -33.97 8.83 69.66
C ASP B 217 -33.34 10.12 70.19
N VAL B 218 -32.13 10.38 69.76
CA VAL B 218 -31.47 11.63 70.03
C VAL B 218 -31.88 12.61 68.98
N ILE B 219 -32.06 13.83 69.42
CA ILE B 219 -32.39 14.90 68.57
C ILE B 219 -31.46 15.94 69.05
N GLY B 220 -30.94 16.73 68.14
CA GLY B 220 -30.04 17.80 68.54
C GLY B 220 -29.52 18.44 67.30
N VAL B 221 -28.84 19.56 67.46
CA VAL B 221 -28.40 20.32 66.31
C VAL B 221 -26.97 20.00 66.01
N THR B 222 -26.71 19.84 64.73
CA THR B 222 -25.43 19.42 64.24
C THR B 222 -24.27 20.32 64.63
N LYS B 223 -23.08 19.76 64.56
CA LYS B 223 -21.88 20.51 64.77
C LYS B 223 -21.79 21.41 63.54
N GLY B 224 -21.61 22.71 63.77
CA GLY B 224 -21.70 23.74 62.71
C GLY B 224 -20.41 24.10 62.04
N LYS B 225 -20.42 24.19 60.73
CA LYS B 225 -19.19 24.25 59.96
C LYS B 225 -19.17 25.40 58.97
N GLY B 226 -19.83 26.49 59.36
CA GLY B 226 -19.74 27.77 58.64
C GLY B 226 -20.25 27.69 57.23
N TYR B 227 -19.83 28.65 56.42
CA TYR B 227 -20.10 28.58 55.02
C TYR B 227 -19.21 27.47 54.53
N LYS B 228 -19.65 26.75 53.51
CA LYS B 228 -18.78 25.80 52.81
C LYS B 228 -19.10 25.70 51.36
N GLY B 229 -18.08 25.20 50.66
CA GLY B 229 -18.15 25.01 49.24
C GLY B 229 -18.92 23.74 48.93
N VAL B 230 -19.30 23.64 47.66
CA VAL B 230 -20.14 22.57 47.21
C VAL B 230 -19.49 21.23 47.47
N THR B 231 -18.17 21.20 47.50
CA THR B 231 -17.48 19.97 47.65
C THR B 231 -17.62 19.39 49.05
N SER B 232 -17.26 20.15 50.08
CA SER B 232 -17.43 19.62 51.46
C SER B 232 -18.89 19.54 51.83
N ARG B 233 -19.70 20.49 51.36
CA ARG B 233 -21.12 20.45 51.61
C ARG B 233 -21.81 19.23 50.97
N TRP B 234 -21.82 19.16 49.65
CA TRP B 234 -22.58 18.13 48.96
C TRP B 234 -21.83 16.87 48.56
N HIS B 235 -20.51 16.88 48.76
CA HIS B 235 -19.69 15.75 48.36
C HIS B 235 -19.97 15.48 46.92
N THR B 236 -19.76 16.50 46.12
CA THR B 236 -19.69 16.32 44.70
C THR B 236 -18.21 16.14 44.39
N LYS B 237 -17.94 15.67 43.17
CA LYS B 237 -16.60 15.37 42.76
C LYS B 237 -15.78 16.62 42.62
N LYS B 238 -14.53 16.56 43.05
CA LYS B 238 -13.58 17.63 42.77
C LYS B 238 -13.30 17.58 41.30
N LEU B 239 -13.24 18.73 40.66
CA LEU B 239 -12.81 18.77 39.28
C LEU B 239 -11.31 18.52 39.20
N PRO B 240 -10.81 18.21 38.01
CA PRO B 240 -9.41 17.87 37.79
C PRO B 240 -8.43 19.03 37.66
N ARG B 241 -7.17 18.75 37.98
CA ARG B 241 -6.12 19.76 38.16
C ARG B 241 -6.13 20.97 37.23
N LYS B 242 -6.47 20.77 35.97
CA LYS B 242 -6.25 21.81 34.96
C LYS B 242 -7.28 22.96 34.91
N THR B 243 -8.16 23.07 35.91
CA THR B 243 -9.48 23.67 35.69
C THR B 243 -9.57 25.17 35.92
N HIS B 244 -9.63 25.92 34.82
CA HIS B 244 -9.21 27.33 34.84
C HIS B 244 -9.85 28.23 35.88
N ARG B 245 -11.16 28.09 36.10
CA ARG B 245 -11.76 28.78 37.25
C ARG B 245 -12.30 27.73 38.18
N GLY B 246 -11.54 27.50 39.25
CA GLY B 246 -11.92 26.59 40.32
C GLY B 246 -12.17 25.13 39.97
N LEU B 247 -11.80 24.26 40.91
CA LEU B 247 -12.07 22.86 40.76
C LEU B 247 -12.86 22.26 41.89
N ARG B 248 -13.14 23.03 42.93
CA ARG B 248 -14.04 22.56 43.96
C ARG B 248 -15.36 23.20 43.66
N LYS B 249 -15.91 22.77 42.53
CA LYS B 249 -17.18 23.23 42.03
C LYS B 249 -18.00 22.05 41.41
N VAL B 250 -19.10 22.44 40.78
CA VAL B 250 -19.98 21.55 40.09
C VAL B 250 -19.98 22.17 38.73
N ALA B 251 -19.45 21.44 37.76
CA ALA B 251 -19.14 22.06 36.47
C ALA B 251 -20.38 22.76 35.89
N CYS B 252 -21.38 21.96 35.54
CA CYS B 252 -22.56 22.51 34.95
C CYS B 252 -23.54 22.57 36.06
N ILE B 253 -24.24 23.70 36.17
CA ILE B 253 -25.29 23.81 37.16
C ILE B 253 -26.43 22.99 36.65
N GLY B 254 -27.19 23.59 35.75
CA GLY B 254 -28.28 22.91 35.11
C GLY B 254 -28.01 22.80 33.62
N ALA B 255 -28.89 22.07 32.96
CA ALA B 255 -29.03 22.16 31.50
C ALA B 255 -29.45 23.56 31.07
N TRP B 256 -29.62 23.76 29.77
CA TRP B 256 -30.09 25.02 29.31
C TRP B 256 -31.51 25.24 29.82
N HIS B 257 -32.48 24.48 29.32
CA HIS B 257 -33.78 25.13 29.10
C HIS B 257 -34.82 25.41 30.17
N PRO B 258 -35.06 24.46 31.10
CA PRO B 258 -35.80 24.94 32.28
C PRO B 258 -34.83 25.94 32.90
N ALA B 259 -34.88 27.16 32.39
CA ALA B 259 -33.73 28.05 32.43
C ALA B 259 -33.69 28.91 33.68
N ARG B 260 -33.64 28.23 34.79
CA ARG B 260 -33.55 28.77 36.09
C ARG B 260 -32.54 27.75 36.52
N VAL B 261 -31.99 27.80 37.70
CA VAL B 261 -31.33 26.61 38.17
C VAL B 261 -32.30 26.09 39.17
N ALA B 262 -32.21 24.81 39.44
CA ALA B 262 -33.11 24.18 40.37
C ALA B 262 -32.62 24.10 41.81
N PHE B 263 -33.57 23.95 42.72
CA PHE B 263 -33.26 23.61 44.07
C PHE B 263 -32.49 22.31 44.19
N SER B 264 -32.60 21.42 43.20
CA SER B 264 -31.99 20.12 43.28
C SER B 264 -30.50 20.15 42.91
N VAL B 265 -30.02 21.29 42.43
CA VAL B 265 -28.63 21.40 42.03
C VAL B 265 -27.80 21.84 43.23
N ALA B 266 -26.62 21.24 43.32
CA ALA B 266 -25.75 21.41 44.48
C ALA B 266 -25.07 22.75 44.49
N ARG B 267 -25.43 23.56 45.47
CA ARG B 267 -24.82 24.88 45.56
C ARG B 267 -24.04 24.99 46.86
N ALA B 268 -23.34 26.12 47.07
CA ALA B 268 -22.57 26.33 48.30
C ALA B 268 -23.27 27.25 49.25
N GLY B 269 -23.40 26.77 50.48
CA GLY B 269 -24.05 27.46 51.60
C GLY B 269 -23.69 26.82 52.93
N GLN B 270 -24.44 27.14 53.97
CA GLN B 270 -24.17 26.67 55.34
C GLN B 270 -23.97 25.18 55.41
N LYS B 271 -22.83 24.78 55.95
CA LYS B 271 -22.60 23.41 56.27
C LYS B 271 -22.70 23.27 57.78
N GLY B 272 -23.46 22.26 58.21
CA GLY B 272 -23.67 21.94 59.63
C GLY B 272 -24.75 22.79 60.27
N TYR B 273 -24.82 22.67 61.58
CA TYR B 273 -25.78 23.38 62.43
C TYR B 273 -27.21 23.27 61.94
N HIS B 274 -27.48 22.14 61.31
CA HIS B 274 -28.81 21.85 60.91
C HIS B 274 -29.46 21.23 62.14
N HIS B 275 -30.77 21.12 62.09
CA HIS B 275 -31.52 20.37 63.08
C HIS B 275 -31.60 18.95 62.62
N ARG B 276 -31.35 18.01 63.51
CA ARG B 276 -31.32 16.63 63.10
C ARG B 276 -31.88 15.71 64.16
N THR B 277 -32.57 14.67 63.70
CA THR B 277 -33.27 13.72 64.55
C THR B 277 -32.76 12.30 64.26
N GLU B 278 -31.79 11.88 65.03
CA GLU B 278 -31.22 10.54 64.89
C GLU B 278 -32.17 9.63 65.59
N ILE B 279 -32.14 8.34 65.27
CA ILE B 279 -32.98 7.36 65.98
C ILE B 279 -32.18 6.14 66.42
N ASN B 280 -32.78 5.29 67.23
CA ASN B 280 -32.16 4.01 67.61
C ASN B 280 -30.77 4.08 68.27
N LYS B 281 -30.60 4.94 69.26
CA LYS B 281 -29.36 4.93 70.00
C LYS B 281 -29.69 4.13 71.23
N LYS B 282 -29.09 2.95 71.36
CA LYS B 282 -29.31 2.08 72.52
C LYS B 282 -28.81 2.78 73.78
N ILE B 283 -29.13 2.25 74.95
CA ILE B 283 -28.57 2.78 76.18
C ILE B 283 -27.81 1.68 76.89
N TYR B 284 -26.51 1.71 76.70
CA TYR B 284 -25.65 0.73 77.32
C TYR B 284 -25.56 0.86 78.84
N LYS B 285 -25.88 2.03 79.39
CA LYS B 285 -25.77 2.24 80.82
C LYS B 285 -26.46 3.53 81.22
N ILE B 286 -27.02 3.57 82.42
CA ILE B 286 -27.43 4.83 83.01
C ILE B 286 -26.75 4.93 84.35
N GLY B 287 -25.80 5.86 84.46
CA GLY B 287 -25.02 5.98 85.68
C GLY B 287 -25.71 6.83 86.73
N GLN B 288 -25.60 6.43 87.99
CA GLN B 288 -25.94 7.29 89.12
C GLN B 288 -24.83 8.28 89.27
N GLY B 289 -25.19 9.52 89.62
CA GLY B 289 -24.21 10.56 89.81
C GLY B 289 -23.31 10.36 91.03
N TYR B 290 -22.58 11.41 91.38
CA TYR B 290 -21.87 11.43 92.64
C TYR B 290 -22.87 11.67 93.74
N LEU B 291 -22.49 11.25 94.94
CA LEU B 291 -23.29 11.44 96.13
C LEU B 291 -22.42 11.07 97.31
N ILE B 292 -22.97 11.16 98.51
CA ILE B 292 -22.24 10.81 99.71
C ILE B 292 -23.08 9.89 100.59
N LYS B 293 -22.41 9.17 101.48
CA LYS B 293 -23.03 8.70 102.72
C LYS B 293 -22.19 9.10 103.94
N ASP B 294 -20.87 8.87 103.86
CA ASP B 294 -19.90 9.40 104.82
C ASP B 294 -18.69 9.98 104.08
N GLY B 295 -18.12 9.17 103.18
CA GLY B 295 -17.27 9.64 102.09
C GLY B 295 -18.02 9.54 100.77
N LYS B 296 -17.39 10.02 99.70
CA LYS B 296 -17.97 10.00 98.35
C LYS B 296 -18.25 8.60 97.82
N LEU B 297 -19.16 8.50 96.86
CA LEU B 297 -19.35 7.29 96.08
C LEU B 297 -19.19 7.65 94.62
N ILE B 298 -17.93 7.78 94.26
CA ILE B 298 -17.47 8.07 92.90
C ILE B 298 -17.35 6.73 92.12
N LYS B 299 -16.97 5.67 92.84
CA LYS B 299 -16.76 4.31 92.31
C LYS B 299 -17.84 3.87 91.36
N ASN B 300 -19.06 4.02 91.84
CA ASN B 300 -20.24 3.45 91.21
C ASN B 300 -20.39 3.75 89.71
N ASN B 301 -19.79 4.83 89.21
CA ASN B 301 -19.92 5.18 87.81
C ASN B 301 -19.24 4.17 86.90
N ALA B 302 -18.00 4.40 86.51
CA ALA B 302 -17.37 3.59 85.47
C ALA B 302 -17.09 2.16 85.92
N SER B 303 -17.34 1.85 87.20
CA SER B 303 -17.18 0.49 87.71
C SER B 303 -18.10 -0.48 87.01
N THR B 304 -17.63 -1.72 86.91
CA THR B 304 -18.47 -2.83 86.47
C THR B 304 -18.29 -4.03 87.39
N ASP B 305 -19.15 -5.02 87.17
CA ASP B 305 -19.05 -6.33 87.80
C ASP B 305 -17.78 -7.10 87.43
N TYR B 306 -17.15 -6.75 86.31
CA TYR B 306 -15.88 -7.37 85.90
C TYR B 306 -14.64 -6.48 86.06
N ASP B 307 -14.83 -5.18 86.29
CA ASP B 307 -13.73 -4.30 86.63
C ASP B 307 -13.64 -4.15 88.15
N LEU B 308 -14.76 -3.77 88.77
CA LEU B 308 -14.85 -3.36 90.17
C LEU B 308 -13.63 -2.62 90.68
N SER B 309 -13.36 -1.49 90.03
CA SER B 309 -12.34 -0.55 90.45
C SER B 309 -13.04 0.59 91.22
N ASP B 310 -12.58 1.83 91.08
CA ASP B 310 -13.24 2.98 91.68
C ASP B 310 -13.34 4.12 90.68
N LYS B 311 -13.48 3.80 89.40
CA LYS B 311 -13.40 4.80 88.36
C LYS B 311 -14.72 5.58 88.24
N SER B 312 -14.59 6.85 87.89
CA SER B 312 -15.71 7.65 87.37
C SER B 312 -15.68 7.53 85.85
N ILE B 313 -16.77 7.85 85.17
CA ILE B 313 -16.68 7.95 83.69
C ILE B 313 -15.79 9.10 83.27
N ASN B 314 -15.64 10.08 84.17
CA ASN B 314 -14.73 11.17 83.97
C ASN B 314 -13.35 10.63 83.69
N PRO B 315 -12.86 10.84 82.46
CA PRO B 315 -11.54 10.33 82.18
C PRO B 315 -10.51 11.17 82.86
N LEU B 316 -9.28 10.72 82.78
CA LEU B 316 -8.22 11.49 83.36
C LEU B 316 -8.29 12.89 82.77
N GLY B 317 -7.96 13.86 83.60
CA GLY B 317 -7.88 15.25 83.19
C GLY B 317 -9.16 15.82 82.62
N GLY B 318 -10.29 15.27 83.04
CA GLY B 318 -11.62 15.73 82.60
C GLY B 318 -12.00 15.43 81.18
N PHE B 319 -13.31 15.38 80.94
CA PHE B 319 -13.80 15.41 79.58
C PHE B 319 -13.32 16.69 78.91
N VAL B 320 -12.85 16.56 77.67
CA VAL B 320 -12.19 17.65 76.99
C VAL B 320 -13.20 18.60 76.42
N HIS B 321 -12.95 19.88 76.68
CA HIS B 321 -13.87 20.96 76.35
C HIS B 321 -15.20 20.70 77.01
N TYR B 322 -15.14 20.28 78.28
CA TYR B 322 -16.36 20.06 79.02
C TYR B 322 -16.21 20.24 80.53
N GLY B 323 -15.62 19.26 81.20
CA GLY B 323 -15.55 19.27 82.64
C GLY B 323 -15.81 17.93 83.24
N GLU B 324 -15.90 17.90 84.56
CA GLU B 324 -16.26 16.68 85.25
C GLU B 324 -17.79 16.49 85.20
N VAL B 325 -18.21 15.36 84.64
CA VAL B 325 -19.58 14.91 84.74
C VAL B 325 -19.76 14.33 86.15
N THR B 326 -20.24 15.17 87.08
CA THR B 326 -20.53 14.71 88.45
C THR B 326 -21.91 14.07 88.59
N ASN B 327 -22.87 14.50 87.79
CA ASN B 327 -24.22 13.99 87.84
C ASN B 327 -24.40 12.69 87.10
N ASP B 328 -25.61 12.15 87.24
CA ASP B 328 -26.07 10.98 86.48
C ASP B 328 -26.07 11.21 84.96
N PHE B 329 -25.88 10.12 84.22
CA PHE B 329 -25.63 10.19 82.77
C PHE B 329 -26.14 8.98 82.04
N VAL B 330 -26.44 9.17 80.76
CA VAL B 330 -26.79 8.06 79.88
C VAL B 330 -25.68 7.82 78.87
N MET B 331 -25.45 6.54 78.57
CA MET B 331 -24.31 6.14 77.80
C MET B 331 -24.82 5.47 76.56
N LEU B 332 -25.14 6.28 75.57
CA LEU B 332 -25.67 5.75 74.32
C LEU B 332 -24.55 5.07 73.54
N LYS B 333 -24.90 4.02 72.80
CA LYS B 333 -23.98 3.44 71.87
C LYS B 333 -23.86 4.40 70.73
N GLY B 334 -22.62 4.65 70.35
CA GLY B 334 -22.31 5.45 69.18
C GLY B 334 -22.21 6.92 69.45
N CYS B 335 -22.19 7.65 68.34
CA CYS B 335 -22.18 9.09 68.35
C CYS B 335 -23.57 9.61 68.49
N VAL B 336 -23.64 10.87 68.87
CA VAL B 336 -24.89 11.58 68.84
C VAL B 336 -24.58 12.83 68.11
N VAL B 337 -25.62 13.38 67.50
CA VAL B 337 -25.48 14.64 66.83
C VAL B 337 -24.90 15.69 67.75
N GLY B 338 -24.19 16.62 67.14
CA GLY B 338 -23.83 17.82 67.85
C GLY B 338 -22.64 17.63 68.74
N THR B 339 -22.26 18.74 69.37
CA THR B 339 -20.93 18.91 69.92
C THR B 339 -20.94 18.87 71.44
N LYS B 340 -19.75 18.87 72.01
CA LYS B 340 -19.58 18.92 73.46
C LYS B 340 -20.32 20.14 73.99
N LYS B 341 -20.89 20.00 75.17
CA LYS B 341 -21.70 21.03 75.80
C LYS B 341 -23.04 21.24 75.18
N ARG B 342 -23.40 20.48 74.14
CA ARG B 342 -24.64 20.79 73.43
C ARG B 342 -25.82 20.24 74.19
N VAL B 343 -26.90 21.03 74.26
CA VAL B 343 -28.15 20.54 74.82
C VAL B 343 -28.82 19.55 73.85
N LEU B 344 -28.98 18.33 74.34
CA LEU B 344 -29.26 17.16 73.53
C LEU B 344 -30.54 16.60 74.01
N THR B 345 -31.54 16.57 73.15
CA THR B 345 -32.85 16.10 73.53
C THR B 345 -33.00 14.60 73.27
N LEU B 346 -33.10 13.83 74.35
CA LEU B 346 -33.34 12.41 74.23
C LEU B 346 -34.83 12.26 74.09
N ARG B 347 -35.27 11.16 73.48
CA ARG B 347 -36.71 10.85 73.34
C ARG B 347 -36.96 9.36 73.19
N LYS B 348 -38.08 8.91 73.76
CA LYS B 348 -38.51 7.52 73.60
C LYS B 348 -38.93 7.34 72.18
N SER B 349 -38.87 6.10 71.72
CA SER B 349 -39.01 5.86 70.29
C SER B 349 -40.45 6.00 69.89
N LEU B 350 -40.65 6.27 68.60
CA LEU B 350 -41.97 6.34 68.01
C LEU B 350 -42.46 4.95 67.60
N LEU B 351 -41.60 3.96 67.83
CA LEU B 351 -41.52 2.79 66.99
C LEU B 351 -41.63 1.56 67.85
N VAL B 352 -42.34 0.56 67.36
CA VAL B 352 -42.38 -0.70 68.05
C VAL B 352 -41.03 -1.34 67.80
N GLN B 353 -40.23 -1.46 68.86
CA GLN B 353 -38.90 -2.02 68.75
C GLN B 353 -39.03 -3.51 69.05
N THR B 354 -38.92 -4.33 68.00
CA THR B 354 -38.93 -5.78 68.12
C THR B 354 -37.98 -6.39 67.11
N LYS B 355 -36.70 -6.25 67.42
CA LYS B 355 -35.64 -6.82 66.63
C LYS B 355 -34.65 -7.42 67.59
N ARG B 356 -34.18 -8.62 67.26
CA ARG B 356 -33.04 -9.24 67.92
C ARG B 356 -32.07 -8.18 68.52
N ARG B 357 -31.55 -7.32 67.66
CA ARG B 357 -30.49 -6.36 68.02
C ARG B 357 -30.96 -5.29 68.98
N ALA B 358 -32.20 -4.85 68.81
CA ALA B 358 -32.76 -3.76 69.61
C ALA B 358 -33.39 -4.19 70.94
N LEU B 359 -33.35 -5.48 71.23
CA LEU B 359 -33.75 -5.98 72.53
C LEU B 359 -32.62 -6.60 73.32
N GLU B 360 -31.42 -6.69 72.74
CA GLU B 360 -30.30 -7.32 73.43
C GLU B 360 -30.00 -6.57 74.70
N LYS B 361 -29.83 -7.28 75.80
CA LYS B 361 -29.54 -6.65 77.08
C LYS B 361 -28.04 -6.48 77.16
N ILE B 362 -27.57 -5.40 77.80
CA ILE B 362 -26.15 -5.08 77.83
C ILE B 362 -25.52 -5.37 79.18
N ASP B 363 -24.30 -5.90 79.16
CA ASP B 363 -23.49 -6.15 80.37
C ASP B 363 -22.03 -5.84 80.07
N LEU B 364 -21.59 -4.68 80.53
CA LEU B 364 -20.33 -4.10 80.08
C LEU B 364 -19.20 -4.70 80.90
N LYS B 365 -18.11 -5.05 80.24
CA LYS B 365 -16.97 -5.60 80.94
C LYS B 365 -15.98 -4.55 81.30
N PHE B 366 -16.01 -3.39 80.64
CA PHE B 366 -14.95 -2.42 80.83
C PHE B 366 -15.27 -1.11 80.17
N ILE B 367 -15.11 -0.05 80.92
CA ILE B 367 -15.33 1.25 80.43
C ILE B 367 -13.96 1.93 80.43
N ASP B 368 -13.60 2.49 79.28
CA ASP B 368 -12.30 3.07 79.10
C ASP B 368 -12.30 4.49 79.63
N THR B 369 -11.37 4.74 80.54
CA THR B 369 -11.29 5.97 81.30
C THR B 369 -10.02 6.74 80.99
N THR B 370 -9.33 6.34 79.93
CA THR B 370 -8.00 6.84 79.70
C THR B 370 -8.16 8.25 79.17
N SER B 371 -7.28 9.15 79.57
CA SER B 371 -7.27 10.54 79.10
C SER B 371 -7.68 10.70 77.65
N LYS B 372 -8.35 11.82 77.34
CA LYS B 372 -8.71 12.14 75.96
C LYS B 372 -7.93 13.33 75.43
N PHE B 373 -6.96 13.79 76.19
CA PHE B 373 -6.21 14.97 75.87
C PHE B 373 -4.76 14.57 75.63
N GLY B 374 -4.61 13.65 74.68
CA GLY B 374 -3.33 12.99 74.39
C GLY B 374 -3.57 11.50 74.40
N HIS B 375 -2.69 10.73 73.76
CA HIS B 375 -2.79 9.28 73.79
C HIS B 375 -2.64 8.78 75.22
N GLY B 376 -3.73 8.78 75.96
CA GLY B 376 -3.71 8.34 77.35
C GLY B 376 -3.46 6.85 77.45
N ARG B 377 -2.71 6.45 78.47
CA ARG B 377 -2.36 5.04 78.68
C ARG B 377 -2.58 4.58 80.09
N PHE B 378 -3.23 5.41 80.89
CA PHE B 378 -3.45 5.05 82.25
C PHE B 378 -4.91 5.26 82.49
N GLN B 379 -5.54 4.28 83.12
CA GLN B 379 -6.96 4.35 83.41
C GLN B 379 -7.29 5.38 84.47
N THR B 380 -6.41 5.47 85.44
CA THR B 380 -6.67 6.30 86.58
C THR B 380 -5.40 6.56 87.35
N VAL B 381 -5.45 7.59 88.15
CA VAL B 381 -4.25 8.16 88.70
C VAL B 381 -3.59 7.11 89.55
N GLU B 382 -4.33 6.56 90.51
CA GLU B 382 -3.85 5.45 91.32
C GLU B 382 -2.98 4.43 90.57
N GLU B 383 -3.40 4.05 89.36
CA GLU B 383 -2.67 3.08 88.53
C GLU B 383 -1.38 3.64 87.94
N LYS B 384 -1.49 4.82 87.34
CA LYS B 384 -0.35 5.56 86.82
C LYS B 384 0.73 5.69 87.88
N LYS B 385 0.34 6.19 89.05
CA LYS B 385 1.24 6.43 90.17
C LYS B 385 2.10 5.24 90.55
N ALA B 386 1.46 4.07 90.64
CA ALA B 386 2.15 2.81 90.93
C ALA B 386 3.11 2.43 89.82
N PHE B 387 2.68 2.62 88.57
CA PHE B 387 3.46 2.26 87.39
C PHE B 387 4.74 3.02 87.25
N MET B 388 4.62 4.34 87.40
CA MET B 388 5.76 5.22 87.28
C MET B 388 6.65 5.04 88.52
N GLY B 389 6.02 5.15 89.69
CA GLY B 389 6.74 5.23 90.95
C GLY B 389 6.63 6.65 91.45
N PRO B 390 7.53 7.06 92.34
CA PRO B 390 7.62 8.47 92.71
C PRO B 390 8.44 9.29 91.71
N LEU B 391 8.33 10.61 91.79
CA LEU B 391 8.89 11.54 90.79
C LEU B 391 9.83 12.56 91.43
N LYS B 392 10.24 13.58 90.68
CA LYS B 392 11.06 14.68 91.20
C LYS B 392 10.21 15.71 91.90
N LYS B 393 8.92 15.80 91.59
CA LYS B 393 8.01 16.71 92.33
C LYS B 393 7.48 16.06 93.62
N ASP B 394 8.40 15.84 94.57
CA ASP B 394 8.13 15.19 95.87
C ASP B 394 9.28 15.47 96.85
N ALA C 1 -59.59 107.49 -25.26
CA ALA C 1 -59.41 108.82 -24.60
C ALA C 1 -60.45 109.05 -23.48
N CYS C 2 -60.13 108.62 -22.27
CA CYS C 2 -61.00 108.78 -21.09
C CYS C 2 -60.93 110.20 -20.54
N ALA C 3 -61.69 110.47 -19.48
CA ALA C 3 -61.87 111.84 -18.96
C ALA C 3 -60.66 112.39 -18.18
N ARG C 4 -59.97 113.36 -18.77
CA ARG C 4 -58.87 114.04 -18.11
C ARG C 4 -59.39 115.39 -17.66
N PRO C 5 -59.25 115.70 -16.35
CA PRO C 5 -59.64 116.98 -15.76
C PRO C 5 -58.47 117.93 -15.59
N LEU C 6 -58.75 119.11 -15.05
CA LEU C 6 -57.77 120.17 -14.98
C LEU C 6 -57.28 120.38 -13.55
N ILE C 7 -56.00 120.09 -13.32
CA ILE C 7 -55.42 120.19 -11.99
C ILE C 7 -54.88 121.58 -11.78
N SER C 8 -55.05 122.10 -10.57
CA SER C 8 -54.51 123.40 -10.20
C SER C 8 -53.11 123.27 -9.65
N VAL C 9 -52.20 124.12 -10.10
CA VAL C 9 -50.86 124.21 -9.54
C VAL C 9 -50.93 125.10 -8.30
N TYR C 10 -50.14 124.78 -7.29
CA TYR C 10 -50.19 125.48 -6.02
C TYR C 10 -48.89 126.18 -5.72
N SER C 11 -48.97 127.39 -5.17
CA SER C 11 -47.78 128.22 -4.96
C SER C 11 -47.05 127.93 -3.66
N GLU C 12 -45.81 128.42 -3.57
CA GLU C 12 -44.94 128.20 -2.43
C GLU C 12 -45.48 128.67 -1.06
N LYS C 13 -46.54 129.48 -1.06
CA LYS C 13 -47.24 129.82 0.16
C LYS C 13 -48.60 129.10 0.25
N GLY C 14 -48.69 127.90 -0.34
CA GLY C 14 -49.98 127.22 -0.50
C GLY C 14 -50.81 127.96 -1.54
N GLU C 15 -52.13 127.81 -1.48
CA GLU C 15 -53.10 128.55 -2.32
C GLU C 15 -53.01 128.26 -3.82
N SER C 16 -54.15 128.24 -4.49
CA SER C 16 -54.20 128.01 -5.93
C SER C 16 -53.63 129.20 -6.70
N SER C 17 -52.50 128.97 -7.37
CA SER C 17 -51.98 129.93 -8.34
C SER C 17 -52.93 129.97 -9.54
N GLY C 18 -52.71 130.90 -10.46
CA GLY C 18 -53.49 130.93 -11.70
C GLY C 18 -53.40 129.68 -12.58
N LYS C 19 -52.22 129.05 -12.58
CA LYS C 19 -51.91 127.94 -13.50
C LYS C 19 -52.69 126.65 -13.21
N ASN C 20 -53.35 126.16 -14.26
CA ASN C 20 -54.04 124.89 -14.27
C ASN C 20 -53.47 124.03 -15.36
N VAL C 21 -53.39 122.74 -15.10
CA VAL C 21 -52.73 121.79 -15.99
C VAL C 21 -53.68 120.63 -16.27
N THR C 22 -53.70 120.19 -17.51
CA THR C 22 -54.50 119.04 -17.90
C THR C 22 -53.88 117.77 -17.35
N LEU C 23 -54.64 117.03 -16.57
CA LEU C 23 -54.11 115.84 -15.94
C LEU C 23 -53.41 115.01 -16.98
N PRO C 24 -52.16 114.65 -16.70
CA PRO C 24 -51.45 113.76 -17.58
C PRO C 24 -52.13 112.40 -17.76
N ALA C 25 -51.82 111.78 -18.89
CA ALA C 25 -52.48 110.55 -19.29
C ALA C 25 -52.19 109.44 -18.33
N VAL C 26 -50.92 109.29 -18.03
CA VAL C 26 -50.48 108.19 -17.20
C VAL C 26 -51.47 107.97 -16.07
N PHE C 27 -51.92 109.03 -15.40
CA PHE C 27 -52.80 108.90 -14.21
C PHE C 27 -54.11 108.17 -14.43
N LYS C 28 -54.58 108.19 -15.67
CA LYS C 28 -55.71 107.39 -16.07
C LYS C 28 -55.35 105.95 -16.52
N ALA C 29 -54.06 105.61 -16.54
CA ALA C 29 -53.62 104.28 -16.97
C ALA C 29 -54.15 103.20 -16.05
N PRO C 30 -54.21 101.95 -16.56
CA PRO C 30 -54.77 100.87 -15.75
C PRO C 30 -53.92 100.40 -14.56
N ILE C 31 -54.47 100.61 -13.36
CA ILE C 31 -53.85 100.14 -12.13
C ILE C 31 -53.73 98.66 -12.26
N ARG C 32 -52.65 98.14 -11.73
CA ARG C 32 -52.39 96.74 -11.79
C ARG C 32 -51.33 96.47 -10.77
N PRO C 33 -51.78 96.20 -9.56
CA PRO C 33 -50.85 95.96 -8.49
C PRO C 33 -50.01 94.72 -8.77
N ASP C 34 -50.69 93.63 -9.18
CA ASP C 34 -50.01 92.41 -9.63
C ASP C 34 -48.72 92.69 -10.39
N ILE C 35 -48.78 93.52 -11.42
CA ILE C 35 -47.62 93.81 -12.24
C ILE C 35 -46.63 94.54 -11.38
N VAL C 36 -47.11 95.56 -10.70
CA VAL C 36 -46.26 96.30 -9.83
C VAL C 36 -45.50 95.30 -9.02
N ASN C 37 -46.21 94.45 -8.31
CA ASN C 37 -45.54 93.57 -7.39
C ASN C 37 -44.38 92.84 -8.04
N PHE C 38 -44.69 92.17 -9.13
CA PHE C 38 -43.74 91.35 -9.90
C PHE C 38 -42.49 92.06 -10.34
N VAL C 39 -42.68 93.24 -10.90
CA VAL C 39 -41.58 94.11 -11.17
C VAL C 39 -40.84 94.31 -9.84
N HIS C 40 -41.55 94.80 -8.83
CA HIS C 40 -40.93 95.13 -7.55
C HIS C 40 -40.21 93.97 -6.88
N THR C 41 -40.56 92.74 -7.18
CA THR C 41 -39.76 91.66 -6.63
C THR C 41 -38.57 91.39 -7.49
N ASN C 42 -38.76 91.38 -8.79
CA ASN C 42 -37.63 91.05 -9.63
C ASN C 42 -36.65 92.20 -9.82
N LEU C 43 -37.04 93.43 -9.50
CA LEU C 43 -36.09 94.54 -9.59
C LEU C 43 -35.38 94.70 -8.29
N ARG C 44 -36.12 94.66 -7.20
CA ARG C 44 -35.48 94.81 -5.91
C ARG C 44 -34.37 93.81 -5.70
N LYS C 45 -34.50 92.63 -6.27
CA LYS C 45 -33.43 91.67 -6.20
C LYS C 45 -32.07 92.14 -6.72
N ASN C 46 -32.05 93.02 -7.72
CA ASN C 46 -30.80 93.32 -8.39
C ASN C 46 -29.81 94.16 -7.58
N ASN C 47 -30.28 94.84 -6.55
CA ASN C 47 -29.46 95.84 -5.90
C ASN C 47 -28.38 95.31 -4.95
N ARG C 48 -27.90 94.10 -5.23
CA ARG C 48 -27.60 93.11 -4.17
C ARG C 48 -26.24 92.44 -4.25
N GLN C 49 -25.47 92.51 -3.16
CA GLN C 49 -24.16 91.90 -3.11
C GLN C 49 -24.32 90.43 -2.88
N PRO C 50 -23.45 89.62 -3.44
CA PRO C 50 -23.55 88.21 -3.14
C PRO C 50 -23.00 87.92 -1.77
N TYR C 51 -23.53 86.87 -1.16
CA TYR C 51 -22.98 86.25 0.03
C TYR C 51 -22.77 84.81 -0.23
N ALA C 52 -21.67 84.31 0.30
CA ALA C 52 -21.34 82.91 0.13
C ALA C 52 -20.28 82.52 1.08
N VAL C 53 -20.29 81.26 1.41
CA VAL C 53 -19.30 80.75 2.30
C VAL C 53 -17.98 80.51 1.55
N SER C 54 -16.87 80.45 2.28
CA SER C 54 -15.57 80.16 1.67
C SER C 54 -15.58 78.79 1.10
N GLU C 55 -14.88 78.57 -0.01
CA GLU C 55 -14.83 77.21 -0.54
C GLU C 55 -14.24 76.29 0.53
N LEU C 56 -13.07 76.66 1.03
CA LEU C 56 -12.33 75.80 1.96
C LEU C 56 -13.17 75.27 3.09
N ALA C 57 -13.96 76.14 3.67
CA ALA C 57 -14.66 75.85 4.91
C ALA C 57 -14.92 74.38 5.11
N GLY C 58 -14.23 73.80 6.08
CA GLY C 58 -14.48 72.44 6.47
C GLY C 58 -13.53 71.41 5.93
N HIS C 59 -12.85 71.73 4.83
CA HIS C 59 -11.90 70.83 4.23
C HIS C 59 -10.43 71.09 4.59
N GLN C 60 -10.22 71.79 5.70
CA GLN C 60 -8.88 72.10 6.10
C GLN C 60 -8.39 71.11 7.16
N THR C 61 -8.86 69.85 7.06
CA THR C 61 -8.31 68.71 7.83
C THR C 61 -7.82 67.66 6.90
N SER C 62 -7.23 66.63 7.48
CA SER C 62 -6.89 65.42 6.76
C SER C 62 -7.66 64.24 7.36
N ALA C 63 -8.99 64.35 7.38
CA ALA C 63 -9.82 63.33 8.02
C ALA C 63 -10.00 62.11 7.14
N GLU C 64 -9.41 61.02 7.58
CA GLU C 64 -9.75 59.71 7.07
C GLU C 64 -10.85 59.22 7.99
N SER C 65 -11.87 58.56 7.43
CA SER C 65 -12.84 57.87 8.27
C SER C 65 -12.20 56.61 8.78
N TRP C 66 -12.23 56.40 10.10
CA TRP C 66 -11.82 55.10 10.60
C TRP C 66 -12.83 54.21 10.01
N GLY C 67 -12.41 53.03 9.62
CA GLY C 67 -13.35 52.10 9.07
C GLY C 67 -14.34 51.66 10.13
N THR C 68 -15.26 50.81 9.73
CA THR C 68 -16.05 50.07 10.68
C THR C 68 -15.11 49.14 11.45
N GLY C 69 -15.61 48.59 12.54
CA GLY C 69 -14.85 47.62 13.31
C GLY C 69 -14.21 48.21 14.54
N ARG C 70 -14.10 49.54 14.65
CA ARG C 70 -13.57 50.15 15.86
C ARG C 70 -14.70 50.76 16.68
N ALA C 71 -15.85 50.07 16.68
CA ALA C 71 -17.16 50.60 17.11
C ALA C 71 -17.41 51.92 16.38
N VAL C 72 -17.91 52.95 17.05
CA VAL C 72 -18.00 54.29 16.47
C VAL C 72 -18.70 54.34 15.12
N ALA C 73 -18.47 55.38 14.33
CA ALA C 73 -19.53 55.85 13.47
C ALA C 73 -19.13 56.32 12.08
N ARG C 74 -18.07 55.74 11.53
CA ARG C 74 -17.83 55.86 10.11
C ARG C 74 -17.82 57.28 9.54
N ILE C 75 -17.59 58.30 10.35
CA ILE C 75 -17.36 59.61 9.77
C ILE C 75 -15.88 59.64 9.51
N PRO C 76 -15.46 60.50 8.60
CA PRO C 76 -14.11 60.95 8.57
C PRO C 76 -13.74 61.69 9.84
N ARG C 77 -12.67 61.24 10.49
CA ARG C 77 -12.29 61.68 11.82
C ARG C 77 -10.93 62.32 11.78
N VAL C 78 -10.75 63.33 12.60
CA VAL C 78 -9.55 64.12 12.52
C VAL C 78 -8.34 63.29 12.88
N ARG C 79 -7.53 63.00 11.87
CA ARG C 79 -6.36 62.16 12.03
C ARG C 79 -5.48 62.69 13.16
N GLY C 80 -5.05 61.80 14.02
CA GLY C 80 -3.88 62.00 14.88
C GLY C 80 -3.88 63.05 15.97
N GLY C 81 -3.03 62.78 16.97
CA GLY C 81 -2.62 63.78 17.93
C GLY C 81 -3.06 63.52 19.36
N GLY C 82 -2.65 64.47 20.20
CA GLY C 82 -3.03 64.52 21.59
C GLY C 82 -3.63 65.88 21.83
N THR C 83 -4.38 66.35 20.86
CA THR C 83 -5.19 67.51 21.05
C THR C 83 -6.49 67.00 21.59
N HIS C 84 -7.44 67.89 21.86
CA HIS C 84 -8.82 67.46 21.97
C HIS C 84 -9.30 66.98 20.61
N ARG C 85 -9.02 67.77 19.59
CA ARG C 85 -9.59 67.51 18.28
C ARG C 85 -8.82 66.44 17.61
N SER C 86 -9.25 65.22 17.86
CA SER C 86 -8.41 64.08 17.58
C SER C 86 -9.25 62.83 17.37
N GLY C 87 -9.91 62.84 16.23
CA GLY C 87 -10.91 61.87 15.89
C GLY C 87 -12.31 62.39 16.12
N GLN C 88 -12.53 63.69 15.92
CA GLN C 88 -13.81 64.32 16.27
C GLN C 88 -14.88 64.30 15.19
N GLY C 89 -14.54 63.78 14.02
CA GLY C 89 -15.47 63.80 12.91
C GLY C 89 -15.25 65.07 12.17
N ALA C 90 -15.23 64.96 10.85
CA ALA C 90 -15.05 66.10 9.98
C ALA C 90 -15.75 65.92 8.67
N PHE C 91 -15.83 67.04 7.98
CA PHE C 91 -16.49 67.15 6.69
C PHE C 91 -18.00 67.20 6.79
N GLY C 92 -18.57 66.15 7.35
CA GLY C 92 -20.00 65.96 7.31
C GLY C 92 -20.77 67.13 7.85
N ASN C 93 -21.82 67.52 7.14
CA ASN C 93 -22.63 68.61 7.60
C ASN C 93 -23.20 68.45 9.02
N MET C 94 -23.26 67.24 9.53
CA MET C 94 -23.59 67.06 10.93
C MET C 94 -22.46 67.43 11.87
N CYS C 95 -21.23 67.22 11.44
CA CYS C 95 -20.08 67.39 12.31
C CYS C 95 -19.81 68.84 12.72
N ARG C 96 -19.53 69.06 14.00
CA ARG C 96 -18.91 70.30 14.44
C ARG C 96 -17.54 70.36 13.79
N GLY C 97 -17.10 71.56 13.44
CA GLY C 97 -16.06 71.71 12.45
C GLY C 97 -16.87 71.48 11.22
N GLY C 98 -16.61 70.36 10.54
CA GLY C 98 -17.50 69.90 9.46
C GLY C 98 -17.65 70.92 8.36
N ARG C 99 -18.66 70.74 7.51
CA ARG C 99 -18.81 71.58 6.35
C ARG C 99 -20.27 71.70 6.01
N MET C 100 -20.79 72.93 5.97
CA MET C 100 -22.23 73.18 5.74
C MET C 100 -22.74 72.44 4.55
N PHE C 101 -24.01 72.06 4.61
CA PHE C 101 -24.57 71.28 3.52
C PHE C 101 -24.81 72.16 2.31
N ALA C 102 -24.37 71.67 1.16
CA ALA C 102 -24.55 72.32 -0.12
C ALA C 102 -24.23 73.79 0.06
N PRO C 103 -22.93 74.10 0.22
CA PRO C 103 -22.55 75.44 0.58
C PRO C 103 -22.99 76.47 -0.41
N THR C 104 -23.14 77.66 0.11
CA THR C 104 -23.60 78.77 -0.64
C THR C 104 -22.52 79.17 -1.62
N LYS C 105 -22.93 79.51 -2.83
CA LYS C 105 -22.01 80.04 -3.82
C LYS C 105 -22.33 81.47 -4.17
N THR C 106 -21.30 82.13 -4.67
CA THR C 106 -21.43 83.42 -5.26
C THR C 106 -22.25 83.30 -6.52
N TRP C 107 -21.97 82.30 -7.32
CA TRP C 107 -22.66 82.19 -8.61
C TRP C 107 -24.08 81.70 -8.57
N ARG C 108 -24.70 81.76 -7.41
CA ARG C 108 -26.14 81.72 -7.32
C ARG C 108 -26.69 82.83 -8.16
N ARG C 109 -27.90 82.65 -8.66
CA ARG C 109 -28.50 83.66 -9.49
C ARG C 109 -29.19 84.71 -8.67
N TRP C 110 -28.48 85.78 -8.35
CA TRP C 110 -28.99 86.82 -7.46
C TRP C 110 -29.85 87.78 -8.23
N HIS C 111 -29.30 88.26 -9.34
CA HIS C 111 -29.95 89.28 -10.13
C HIS C 111 -31.02 88.60 -10.94
N ARG C 112 -31.99 89.40 -11.31
CA ARG C 112 -33.12 88.96 -12.04
C ARG C 112 -33.32 90.03 -13.03
N ARG C 113 -34.16 89.80 -13.99
CA ARG C 113 -34.31 90.81 -15.02
C ARG C 113 -35.73 90.83 -15.47
N VAL C 114 -36.15 91.95 -16.03
CA VAL C 114 -37.57 92.18 -16.30
C VAL C 114 -37.71 92.92 -17.60
N ASN C 115 -38.74 92.55 -18.34
CA ASN C 115 -38.95 93.15 -19.63
C ASN C 115 -39.14 94.63 -19.43
N THR C 116 -38.69 95.39 -20.38
CA THR C 116 -38.80 96.83 -20.32
C THR C 116 -40.24 97.28 -20.30
N THR C 117 -41.00 96.73 -21.21
CA THR C 117 -42.38 97.08 -21.37
C THR C 117 -43.20 96.87 -20.12
N GLN C 118 -42.90 95.83 -19.35
CA GLN C 118 -43.60 95.59 -18.08
C GLN C 118 -43.17 96.64 -17.10
N LYS C 119 -41.87 96.79 -16.88
CA LYS C 119 -41.38 97.80 -15.93
C LYS C 119 -42.15 99.08 -16.11
N ARG C 120 -42.29 99.51 -17.35
CA ARG C 120 -43.03 100.73 -17.66
C ARG C 120 -44.47 100.66 -17.22
N TYR C 121 -45.13 99.56 -17.59
CA TYR C 121 -46.50 99.29 -17.14
C TYR C 121 -46.52 99.46 -15.63
N ALA C 122 -45.57 98.84 -14.95
CA ALA C 122 -45.55 98.95 -13.51
C ALA C 122 -45.53 100.38 -13.10
N ILE C 123 -44.57 101.13 -13.63
CA ILE C 123 -44.40 102.51 -13.18
C ILE C 123 -45.66 103.33 -13.49
N CYS C 124 -46.37 102.99 -14.55
CA CYS C 124 -47.65 103.65 -14.83
C CYS C 124 -48.65 103.39 -13.72
N SER C 125 -48.99 102.12 -13.54
CA SER C 125 -49.86 101.71 -12.44
C SER C 125 -49.57 102.54 -11.22
N ALA C 126 -48.29 102.61 -10.86
CA ALA C 126 -47.84 103.29 -9.65
C ALA C 126 -48.18 104.77 -9.68
N LEU C 127 -47.87 105.43 -10.80
CA LEU C 127 -48.19 106.85 -10.94
C LEU C 127 -49.65 107.10 -10.93
N ALA C 128 -50.44 106.15 -11.42
CA ALA C 128 -51.91 106.25 -11.44
C ALA C 128 -52.56 106.15 -10.07
N ALA C 129 -52.01 105.31 -9.25
CA ALA C 129 -52.49 105.21 -7.92
C ALA C 129 -51.67 106.11 -7.01
N SER C 130 -50.95 107.08 -7.54
CA SER C 130 -50.43 108.18 -6.72
C SER C 130 -51.54 109.23 -6.62
N ALA C 131 -52.28 109.36 -7.71
CA ALA C 131 -53.62 109.89 -7.67
C ALA C 131 -54.47 108.83 -6.98
N LEU C 132 -55.76 109.07 -6.87
CA LEU C 132 -56.67 108.14 -6.18
C LEU C 132 -56.34 108.16 -4.70
N PRO C 133 -56.88 109.13 -3.98
CA PRO C 133 -56.45 109.37 -2.60
C PRO C 133 -56.70 108.20 -1.67
N ALA C 134 -57.80 107.49 -1.87
CA ALA C 134 -58.09 106.26 -1.12
C ALA C 134 -56.87 105.36 -0.97
N LEU C 135 -56.27 105.03 -2.11
CA LEU C 135 -55.13 104.15 -2.15
C LEU C 135 -53.99 104.77 -1.39
N VAL C 136 -53.72 106.03 -1.67
CA VAL C 136 -52.63 106.72 -1.02
C VAL C 136 -52.87 106.74 0.49
N MET C 137 -54.10 106.94 0.91
CA MET C 137 -54.42 106.89 2.32
C MET C 137 -54.28 105.48 2.87
N SER C 138 -54.68 104.49 2.08
CA SER C 138 -54.51 103.09 2.46
C SER C 138 -53.07 102.69 2.57
N LYS C 139 -52.20 103.33 1.80
CA LYS C 139 -50.75 103.10 1.92
C LYS C 139 -50.18 103.85 3.12
N GLY C 140 -51.02 104.70 3.71
CA GLY C 140 -50.82 105.22 5.04
C GLY C 140 -50.64 106.70 5.00
N HIS C 141 -50.10 107.20 3.88
CA HIS C 141 -49.62 108.57 3.77
C HIS C 141 -50.65 109.51 4.30
N ARG C 142 -50.34 110.18 5.40
CA ARG C 142 -51.31 111.02 6.07
C ARG C 142 -51.53 112.24 5.19
N ILE C 143 -52.67 112.23 4.52
CA ILE C 143 -52.92 113.10 3.39
C ILE C 143 -54.35 113.61 3.54
N GLU C 144 -54.64 114.15 4.71
CA GLU C 144 -55.99 114.56 5.03
C GLU C 144 -56.29 115.98 4.56
N GLU C 145 -55.40 116.91 4.88
CA GLU C 145 -55.60 118.31 4.54
C GLU C 145 -54.92 118.75 3.24
N VAL C 146 -54.40 117.79 2.48
CA VAL C 146 -53.78 118.09 1.20
C VAL C 146 -54.84 118.57 0.21
N PRO C 147 -54.47 119.47 -0.69
CA PRO C 147 -55.50 120.12 -1.48
C PRO C 147 -56.03 119.43 -2.74
N GLU C 148 -55.18 118.82 -3.57
CA GLU C 148 -55.64 118.25 -4.85
C GLU C 148 -54.63 117.26 -5.33
N LEU C 149 -55.01 115.99 -5.40
CA LEU C 149 -54.08 114.93 -5.07
C LEU C 149 -52.92 114.66 -6.04
N PRO C 150 -53.12 114.75 -7.37
CA PRO C 150 -51.88 115.06 -8.13
C PRO C 150 -51.50 116.50 -7.72
N LEU C 151 -50.55 116.58 -6.78
CA LEU C 151 -50.34 117.76 -5.93
C LEU C 151 -49.18 118.54 -6.48
N VAL C 152 -49.47 119.55 -7.28
CA VAL C 152 -48.40 120.19 -8.03
C VAL C 152 -48.10 121.56 -7.48
N VAL C 153 -46.80 121.87 -7.44
CA VAL C 153 -46.31 123.06 -6.80
C VAL C 153 -45.60 123.90 -7.84
N GLU C 154 -45.71 125.21 -7.70
CA GLU C 154 -44.95 126.17 -8.50
C GLU C 154 -43.48 125.78 -8.53
N ASP C 155 -42.75 126.31 -9.49
CA ASP C 155 -41.39 125.85 -9.76
C ASP C 155 -40.37 126.89 -9.34
N LYS C 156 -40.72 127.60 -8.27
CA LYS C 156 -39.76 128.30 -7.42
C LYS C 156 -39.14 127.28 -6.47
N VAL C 157 -39.83 126.15 -6.31
CA VAL C 157 -39.36 125.03 -5.54
C VAL C 157 -38.18 124.36 -6.21
N GLU C 158 -38.11 124.39 -7.52
CA GLU C 158 -36.93 123.89 -8.20
C GLU C 158 -35.58 124.34 -7.60
N GLY C 159 -35.49 125.59 -7.14
CA GLY C 159 -34.18 126.19 -6.76
C GLY C 159 -34.02 126.66 -5.32
N TYR C 160 -34.89 126.23 -4.41
CA TYR C 160 -34.59 126.40 -3.00
C TYR C 160 -33.20 125.88 -2.79
N LYS C 161 -32.46 126.48 -1.87
CA LYS C 161 -31.16 125.96 -1.48
C LYS C 161 -31.00 125.76 0.03
N LYS C 162 -32.12 125.79 0.77
CA LYS C 162 -32.12 125.64 2.22
C LYS C 162 -33.23 124.73 2.66
N THR C 163 -33.01 123.98 3.74
CA THR C 163 -34.04 123.07 4.24
C THR C 163 -35.24 123.84 4.72
N LYS C 164 -34.99 124.89 5.48
CA LYS C 164 -36.06 125.67 6.06
C LYS C 164 -37.13 125.99 5.02
N GLU C 165 -36.70 126.48 3.86
CA GLU C 165 -37.61 126.78 2.74
C GLU C 165 -38.46 125.57 2.43
N ALA C 166 -37.81 124.40 2.38
CA ALA C 166 -38.47 123.15 2.03
C ALA C 166 -39.48 122.80 3.07
N VAL C 167 -39.05 122.82 4.33
CA VAL C 167 -39.93 122.48 5.44
C VAL C 167 -41.15 123.38 5.48
N LEU C 168 -40.97 124.68 5.29
CA LEU C 168 -42.12 125.57 5.23
C LEU C 168 -43.01 125.30 4.03
N LEU C 169 -42.44 124.90 2.90
CA LEU C 169 -43.25 124.51 1.76
C LEU C 169 -44.17 123.35 2.13
N LEU C 170 -43.60 122.32 2.71
CA LEU C 170 -44.41 121.17 3.15
C LEU C 170 -45.52 121.57 4.13
N LYS C 171 -45.23 122.47 5.05
CA LYS C 171 -46.24 122.87 6.03
C LYS C 171 -47.35 123.64 5.37
N LYS C 172 -47.01 124.44 4.36
CA LYS C 172 -48.03 125.19 3.63
C LYS C 172 -48.89 124.30 2.77
N LEU C 173 -48.29 123.26 2.16
CA LEU C 173 -49.06 122.25 1.41
C LEU C 173 -49.76 121.23 2.31
N LYS C 174 -49.42 121.25 3.60
CA LYS C 174 -49.99 120.37 4.60
C LYS C 174 -49.49 118.93 4.51
N ALA C 175 -48.46 118.71 3.71
CA ALA C 175 -47.76 117.43 3.68
C ALA C 175 -47.04 117.15 4.99
N TRP C 176 -46.60 118.21 5.67
CA TRP C 176 -45.79 118.08 6.90
C TRP C 176 -46.24 117.00 7.89
N ASN C 177 -47.53 116.73 7.97
CA ASN C 177 -47.99 115.63 8.79
C ASN C 177 -47.39 114.28 8.40
N ASP C 178 -47.20 114.02 7.12
CA ASP C 178 -46.48 112.81 6.70
C ASP C 178 -45.09 112.73 7.33
N ILE C 179 -44.37 113.85 7.29
CA ILE C 179 -43.03 113.90 7.83
C ILE C 179 -43.20 113.62 9.31
N LYS C 180 -44.02 114.45 9.93
CA LYS C 180 -44.33 114.32 11.36
C LYS C 180 -44.49 112.86 11.77
N LYS C 181 -45.17 112.11 10.92
CA LYS C 181 -45.35 110.67 11.10
C LYS C 181 -44.07 109.87 10.89
N VAL C 182 -43.30 110.23 9.86
CA VAL C 182 -42.03 109.59 9.62
C VAL C 182 -41.22 109.67 10.88
N TYR C 183 -41.05 110.90 11.37
CA TYR C 183 -40.32 111.12 12.61
C TYR C 183 -40.79 110.13 13.64
N ALA C 184 -42.10 110.10 13.83
CA ALA C 184 -42.69 109.26 14.84
C ALA C 184 -42.34 107.80 14.67
N SER C 185 -42.34 107.32 13.42
CA SER C 185 -42.02 105.92 13.15
C SER C 185 -40.59 105.54 13.52
N GLN C 186 -39.66 106.46 13.30
CA GLN C 186 -38.24 106.23 13.61
C GLN C 186 -38.13 105.41 14.88
N ARG C 187 -37.78 104.13 14.72
CA ARG C 187 -37.56 103.27 15.88
C ARG C 187 -36.63 102.10 15.55
N MET C 188 -36.22 101.34 16.55
CA MET C 188 -35.15 100.41 16.32
C MET C 188 -35.59 99.18 15.60
N ARG C 189 -34.72 98.67 14.77
CA ARG C 189 -34.99 97.46 14.02
C ARG C 189 -34.75 96.29 14.93
N ALA C 190 -35.53 95.24 14.70
CA ALA C 190 -35.49 94.05 15.53
C ALA C 190 -34.69 92.98 14.86
N GLY C 191 -33.58 92.62 15.51
CA GLY C 191 -32.78 91.52 15.04
C GLY C 191 -31.45 91.87 14.43
N LYS C 192 -30.87 90.88 13.77
CA LYS C 192 -29.47 90.91 13.47
C LYS C 192 -29.10 91.99 12.50
N GLY C 193 -30.08 92.51 11.78
CA GLY C 193 -29.87 93.71 11.02
C GLY C 193 -29.12 94.76 11.81
N LYS C 194 -29.55 94.97 13.05
CA LYS C 194 -28.91 95.93 13.92
C LYS C 194 -27.41 95.83 13.84
N MET C 195 -26.89 94.63 13.98
CA MET C 195 -25.45 94.46 13.95
C MET C 195 -24.87 94.46 12.53
N ARG C 196 -25.59 95.08 11.60
CA ARG C 196 -25.21 95.08 10.19
C ARG C 196 -25.60 96.39 9.49
N ASN C 197 -25.47 97.49 10.22
CA ASN C 197 -25.68 98.80 9.64
C ASN C 197 -27.06 98.94 9.02
N ARG C 198 -28.05 98.29 9.62
CA ARG C 198 -29.46 98.51 9.33
C ARG C 198 -30.12 98.60 10.68
N ARG C 199 -29.71 99.60 11.45
CA ARG C 199 -30.01 99.65 12.87
C ARG C 199 -31.23 100.53 13.17
N ARG C 200 -31.38 101.66 12.49
CA ARG C 200 -32.61 102.45 12.63
C ARG C 200 -33.42 102.28 11.38
N ILE C 201 -34.73 102.45 11.52
CA ILE C 201 -35.70 102.28 10.42
C ILE C 201 -36.88 103.22 10.59
N GLN C 202 -37.55 103.56 9.49
CA GLN C 202 -38.65 104.52 9.54
C GLN C 202 -39.59 104.38 8.35
N ARG C 203 -40.60 105.24 8.27
CA ARG C 203 -41.48 105.28 7.10
C ARG C 203 -40.80 105.66 5.81
N ARG C 204 -41.63 105.64 4.79
CA ARG C 204 -41.41 106.41 3.60
C ARG C 204 -42.38 107.56 3.68
N GLY C 205 -41.89 108.76 3.39
CA GLY C 205 -42.70 109.97 3.39
C GLY C 205 -42.98 110.33 1.95
N PRO C 206 -43.43 111.58 1.71
CA PRO C 206 -43.71 112.03 0.37
C PRO C 206 -42.54 111.91 -0.57
N CYS C 207 -42.88 111.57 -1.80
CA CYS C 207 -41.95 111.70 -2.91
C CYS C 207 -42.00 113.17 -3.35
N VAL C 208 -40.95 113.60 -4.06
CA VAL C 208 -40.99 114.87 -4.75
C VAL C 208 -40.41 114.73 -6.14
N ILE C 209 -41.29 114.81 -7.13
CA ILE C 209 -40.90 114.62 -8.49
C ILE C 209 -40.58 115.99 -9.09
N TYR C 210 -39.28 116.20 -9.30
CA TYR C 210 -38.72 117.44 -9.79
C TYR C 210 -38.27 117.24 -11.22
N ASN C 211 -38.34 118.30 -12.02
CA ASN C 211 -38.00 118.19 -13.42
C ASN C 211 -36.53 118.34 -13.60
N GLU C 212 -35.96 119.33 -12.92
CA GLU C 212 -34.50 119.50 -12.88
C GLU C 212 -34.07 120.04 -11.53
N ASP C 213 -32.90 119.62 -11.11
CA ASP C 213 -32.37 120.07 -9.84
C ASP C 213 -31.70 121.38 -10.10
N ASN C 214 -32.31 122.42 -9.54
CA ASN C 214 -31.78 123.76 -9.56
C ASN C 214 -31.31 124.13 -8.16
N GLY C 215 -31.08 123.10 -7.34
CA GLY C 215 -30.85 123.20 -5.89
C GLY C 215 -31.69 122.20 -5.11
N ILE C 216 -33.02 122.36 -5.23
CA ILE C 216 -34.07 121.62 -4.50
C ILE C 216 -33.65 120.37 -3.73
N VAL C 217 -33.01 119.42 -4.39
CA VAL C 217 -32.74 118.15 -3.76
C VAL C 217 -31.80 118.26 -2.58
N LYS C 218 -31.04 119.35 -2.52
CA LYS C 218 -30.29 119.69 -1.33
C LYS C 218 -31.23 120.15 -0.23
N ALA C 219 -32.21 120.94 -0.61
CA ALA C 219 -33.15 121.49 0.35
C ALA C 219 -33.99 120.41 0.99
N PHE C 220 -34.55 119.52 0.18
CA PHE C 220 -35.26 118.38 0.73
C PHE C 220 -34.21 117.32 0.79
N ARG C 221 -33.67 117.04 1.95
CA ARG C 221 -32.62 116.03 1.99
C ARG C 221 -32.60 115.56 3.38
N ASN C 222 -32.32 116.44 4.35
CA ASN C 222 -32.38 116.03 5.75
C ASN C 222 -33.78 115.76 6.20
N ILE C 223 -34.78 116.40 5.57
CA ILE C 223 -36.15 116.15 5.98
C ILE C 223 -36.34 114.66 5.91
N PRO C 224 -36.62 114.03 7.04
CA PRO C 224 -36.66 112.60 6.98
C PRO C 224 -37.96 112.17 6.29
N GLY C 225 -37.92 111.00 5.65
CA GLY C 225 -39.03 110.51 4.87
C GLY C 225 -38.93 110.83 3.38
N ILE C 226 -38.56 112.06 3.04
CA ILE C 226 -38.69 112.51 1.66
C ILE C 226 -37.74 111.78 0.73
N THR C 227 -38.24 111.47 -0.48
CA THR C 227 -37.38 111.17 -1.63
C THR C 227 -37.53 112.22 -2.69
N LEU C 228 -36.57 112.22 -3.60
CA LEU C 228 -36.63 112.98 -4.82
C LEU C 228 -36.42 112.01 -5.98
N LEU C 229 -37.25 112.15 -7.00
CA LEU C 229 -37.07 111.44 -8.23
C LEU C 229 -37.05 112.45 -9.34
N ASN C 230 -36.08 112.36 -10.23
CA ASN C 230 -36.18 113.07 -11.49
C ASN C 230 -37.38 112.47 -12.26
N VAL C 231 -38.08 113.23 -13.09
CA VAL C 231 -39.23 112.63 -13.83
C VAL C 231 -38.71 111.84 -14.98
N THR C 232 -37.80 112.47 -15.72
CA THR C 232 -37.15 111.81 -16.85
C THR C 232 -36.37 110.53 -16.45
N LYS C 233 -36.26 110.24 -15.15
CA LYS C 233 -35.66 109.02 -14.65
C LYS C 233 -36.42 108.42 -13.48
N LEU C 234 -37.70 108.11 -13.68
CA LEU C 234 -38.51 107.58 -12.59
C LEU C 234 -38.04 106.22 -12.08
N ASN C 235 -38.64 105.75 -10.99
CA ASN C 235 -38.24 104.48 -10.40
C ASN C 235 -39.40 103.89 -9.62
N ILE C 236 -39.60 102.58 -9.77
CA ILE C 236 -40.76 101.91 -9.15
C ILE C 236 -40.39 101.74 -7.71
N LEU C 237 -39.24 101.12 -7.48
CA LEU C 237 -38.78 100.85 -6.13
C LEU C 237 -39.08 102.02 -5.20
N LYS C 238 -39.04 103.26 -5.69
CA LYS C 238 -39.36 104.43 -4.87
C LYS C 238 -40.80 104.94 -4.99
N LEU C 239 -41.38 104.82 -6.19
CA LEU C 239 -42.78 105.20 -6.39
C LEU C 239 -43.74 104.25 -5.75
N ALA C 240 -43.34 102.99 -5.63
CA ALA C 240 -44.19 101.97 -5.10
C ALA C 240 -43.35 101.14 -4.17
N PRO C 241 -43.09 101.67 -2.98
CA PRO C 241 -42.21 100.99 -2.06
C PRO C 241 -42.87 99.78 -1.44
N GLY C 242 -42.07 98.76 -1.21
CA GLY C 242 -42.55 97.49 -0.78
C GLY C 242 -43.30 96.80 -1.88
N GLY C 243 -43.31 97.37 -3.08
CA GLY C 243 -44.24 96.93 -4.10
C GLY C 243 -45.68 97.11 -3.69
N HIS C 244 -45.94 98.23 -3.04
CA HIS C 244 -47.27 98.61 -2.63
C HIS C 244 -47.58 99.91 -3.32
N VAL C 245 -48.75 99.93 -3.94
CA VAL C 245 -48.94 100.73 -5.11
C VAL C 245 -49.14 102.21 -4.79
N GLY C 246 -49.89 102.51 -3.74
CA GLY C 246 -50.20 103.90 -3.38
C GLY C 246 -48.95 104.62 -2.92
N ARG C 247 -48.77 105.87 -3.33
CA ARG C 247 -47.73 106.70 -2.71
C ARG C 247 -48.13 108.15 -2.77
N PHE C 248 -47.77 108.89 -1.72
CA PHE C 248 -48.08 110.29 -1.67
C PHE C 248 -46.96 111.03 -2.39
N CYS C 249 -47.37 111.87 -3.32
CA CYS C 249 -46.45 112.53 -4.24
C CYS C 249 -46.70 114.01 -4.36
N ILE C 250 -45.61 114.72 -4.65
CA ILE C 250 -45.64 116.14 -4.82
C ILE C 250 -44.88 116.43 -6.08
N TRP C 251 -45.59 116.91 -7.07
CA TRP C 251 -44.99 117.17 -8.36
C TRP C 251 -44.69 118.66 -8.47
N THR C 252 -43.99 119.03 -9.53
CA THR C 252 -43.50 120.39 -9.74
C THR C 252 -43.85 120.73 -11.16
N GLU C 253 -44.70 121.71 -11.37
CA GLU C 253 -45.31 121.89 -12.67
C GLU C 253 -44.50 121.34 -13.83
N SER C 254 -43.26 121.82 -13.95
CA SER C 254 -42.37 121.42 -15.06
C SER C 254 -42.24 119.90 -15.22
N ALA C 255 -42.15 119.20 -14.11
CA ALA C 255 -42.07 117.76 -14.11
C ALA C 255 -43.36 117.12 -14.51
N PHE C 256 -44.43 117.72 -14.04
CA PHE C 256 -45.76 117.18 -14.17
C PHE C 256 -46.27 117.37 -15.56
N ARG C 257 -45.92 118.49 -16.19
CA ARG C 257 -46.23 118.69 -17.61
C ARG C 257 -45.42 117.78 -18.53
N LYS C 258 -44.24 117.38 -18.08
CA LYS C 258 -43.35 116.49 -18.82
C LYS C 258 -43.81 115.03 -18.82
N LEU C 259 -44.84 114.68 -18.06
CA LEU C 259 -45.31 113.30 -18.00
C LEU C 259 -45.90 112.84 -19.29
N ASP C 260 -46.78 113.64 -19.86
CA ASP C 260 -47.43 113.28 -21.10
C ASP C 260 -46.43 113.09 -22.25
N ASP C 261 -45.39 113.90 -22.26
CA ASP C 261 -44.28 113.70 -23.19
C ASP C 261 -43.56 112.39 -22.91
N LEU C 262 -43.36 112.06 -21.63
CA LEU C 262 -42.58 110.88 -21.23
C LEU C 262 -43.25 109.54 -21.47
N TYR C 263 -44.54 109.48 -21.25
CA TYR C 263 -45.30 108.25 -21.39
C TYR C 263 -46.33 108.33 -22.48
N GLY C 264 -46.54 109.51 -23.07
CA GLY C 264 -47.54 109.66 -24.12
C GLY C 264 -48.95 109.70 -23.59
N THR C 265 -49.83 110.34 -24.33
CA THR C 265 -51.26 110.09 -24.15
C THR C 265 -51.55 108.67 -24.63
N TRP C 266 -52.83 108.33 -24.73
CA TRP C 266 -53.21 107.12 -25.44
C TRP C 266 -53.17 107.27 -26.92
N ARG C 267 -53.46 108.49 -27.40
CA ARG C 267 -53.42 108.79 -28.83
C ARG C 267 -52.18 109.59 -29.26
N LYS C 268 -51.02 109.14 -28.80
CA LYS C 268 -49.75 109.71 -29.17
C LYS C 268 -48.74 108.85 -28.48
N ALA C 269 -47.59 108.68 -29.13
CA ALA C 269 -46.50 107.93 -28.55
C ALA C 269 -45.99 108.67 -27.35
N ALA C 270 -45.05 108.05 -26.68
CA ALA C 270 -44.29 108.75 -25.68
C ALA C 270 -43.67 109.98 -26.29
N SER C 271 -42.89 109.79 -27.36
CA SER C 271 -42.13 110.88 -28.00
C SER C 271 -40.94 111.27 -27.14
N LEU C 272 -40.31 110.24 -26.60
CA LEU C 272 -39.29 110.39 -25.57
C LEU C 272 -38.76 109.01 -25.15
N LYS C 273 -39.66 108.03 -25.11
CA LYS C 273 -39.28 106.63 -25.04
C LYS C 273 -39.46 105.93 -26.37
N SER C 274 -38.89 106.49 -27.43
CA SER C 274 -38.86 105.83 -28.76
C SER C 274 -40.25 105.44 -29.27
N ASN C 275 -40.69 104.27 -28.83
CA ASN C 275 -41.89 103.63 -29.33
C ASN C 275 -42.65 103.09 -28.14
N TYR C 276 -43.59 103.89 -27.64
CA TYR C 276 -44.32 103.53 -26.43
C TYR C 276 -45.61 104.27 -26.27
N ASN C 277 -46.64 103.49 -25.92
CA ASN C 277 -47.93 104.03 -25.54
C ASN C 277 -48.20 103.57 -24.16
N LEU C 278 -49.15 104.21 -23.51
CA LEU C 278 -49.69 103.70 -22.28
C LEU C 278 -50.44 102.43 -22.57
N PRO C 279 -50.59 101.56 -21.57
CA PRO C 279 -51.28 100.32 -21.87
C PRO C 279 -52.76 100.59 -22.10
N MET C 280 -53.47 99.57 -22.60
CA MET C 280 -54.92 99.63 -22.82
C MET C 280 -55.62 99.15 -21.58
N HIS C 281 -56.89 99.50 -21.44
CA HIS C 281 -57.73 98.93 -20.39
C HIS C 281 -58.59 97.78 -20.91
N LYS C 282 -58.75 96.78 -20.06
CA LYS C 282 -59.37 95.54 -20.45
C LYS C 282 -60.87 95.63 -20.21
N MET C 283 -61.28 96.32 -19.15
CA MET C 283 -62.67 96.74 -18.97
C MET C 283 -62.72 98.21 -18.61
N LEU C 284 -63.56 98.95 -19.32
CA LEU C 284 -63.61 100.38 -19.18
C LEU C 284 -64.34 100.79 -17.92
N ASN C 285 -65.66 100.64 -17.88
CA ASN C 285 -66.41 101.06 -16.68
C ASN C 285 -66.10 100.18 -15.49
N THR C 286 -65.02 100.50 -14.79
CA THR C 286 -64.62 99.67 -13.65
C THR C 286 -65.73 99.54 -12.65
N ASP C 287 -66.42 100.65 -12.39
CA ASP C 287 -67.54 100.68 -11.44
C ASP C 287 -68.72 99.89 -11.99
N LEU C 288 -68.84 98.67 -11.50
CA LEU C 288 -69.83 97.73 -11.96
C LEU C 288 -71.15 97.89 -11.21
N SER C 289 -71.17 98.63 -10.12
CA SER C 289 -72.43 98.95 -9.42
C SER C 289 -73.37 99.67 -10.37
N ARG C 290 -72.82 100.65 -11.08
CA ARG C 290 -73.54 101.39 -12.10
C ARG C 290 -74.02 100.49 -13.23
N ILE C 291 -73.14 99.60 -13.69
CA ILE C 291 -73.49 98.63 -14.71
C ILE C 291 -74.66 97.75 -14.27
N LEU C 292 -74.53 97.16 -13.08
CA LEU C 292 -75.49 96.14 -12.64
C LEU C 292 -76.89 96.63 -12.44
N LYS C 293 -77.07 97.80 -11.86
CA LYS C 293 -78.37 98.47 -11.92
C LYS C 293 -78.36 99.54 -13.01
N SER C 294 -78.04 99.09 -14.22
CA SER C 294 -78.35 99.80 -15.44
C SER C 294 -79.76 99.41 -15.86
N PRO C 295 -80.33 100.13 -16.83
CA PRO C 295 -81.55 99.63 -17.46
C PRO C 295 -81.26 98.36 -18.24
N GLU C 296 -80.31 98.44 -19.16
CA GLU C 296 -80.16 97.45 -20.22
C GLU C 296 -79.90 96.03 -19.70
N ILE C 297 -79.22 95.91 -18.57
CA ILE C 297 -78.94 94.60 -17.95
C ILE C 297 -80.14 94.10 -17.14
N GLN C 298 -80.58 94.90 -16.17
CA GLN C 298 -81.67 94.51 -15.30
C GLN C 298 -83.02 94.42 -15.99
N ARG C 299 -83.09 94.83 -17.26
CA ARG C 299 -84.23 94.46 -18.07
C ARG C 299 -84.23 92.94 -18.23
N ALA C 300 -83.09 92.42 -18.69
CA ALA C 300 -82.97 91.01 -19.02
C ALA C 300 -82.22 90.26 -17.93
N LEU C 301 -82.98 89.86 -16.93
CA LEU C 301 -82.54 88.88 -15.95
C LEU C 301 -83.75 88.11 -15.51
N ARG C 302 -83.59 86.83 -15.21
CA ARG C 302 -84.60 86.13 -14.42
C ARG C 302 -84.65 86.81 -13.06
N ALA C 303 -85.82 86.81 -12.44
CA ALA C 303 -85.95 87.44 -11.13
C ALA C 303 -85.26 86.61 -10.05
N PRO C 304 -84.84 87.27 -8.96
CA PRO C 304 -84.02 86.60 -7.97
C PRO C 304 -84.76 85.65 -7.05
N ARG C 305 -84.54 84.36 -7.26
CA ARG C 305 -85.02 83.35 -6.37
C ARG C 305 -84.26 83.47 -5.05
N LYS C 306 -84.90 84.04 -4.02
CA LYS C 306 -84.22 84.33 -2.73
C LYS C 306 -85.00 83.97 -1.46
N LYS C 307 -85.71 82.85 -1.52
CA LYS C 307 -86.63 82.43 -0.46
C LYS C 307 -85.98 81.63 0.65
N ILE C 308 -85.23 80.60 0.26
CA ILE C 308 -84.64 79.59 1.16
C ILE C 308 -85.66 78.52 1.53
N HIS C 309 -85.51 77.38 0.88
CA HIS C 309 -86.14 76.15 1.28
C HIS C 309 -85.07 75.47 2.14
N ARG C 310 -85.33 75.33 3.44
CA ARG C 310 -84.41 74.65 4.34
C ARG C 310 -84.75 73.16 4.40
N ARG C 311 -83.96 72.44 5.19
CA ARG C 311 -84.16 71.02 5.42
C ARG C 311 -85.48 70.81 6.12
N VAL C 312 -86.20 69.82 5.60
CA VAL C 312 -87.58 69.55 6.00
C VAL C 312 -87.60 68.24 6.79
N LEU C 313 -88.22 68.27 7.96
CA LEU C 313 -88.27 67.10 8.78
C LEU C 313 -89.33 66.19 8.20
N LYS C 314 -88.92 64.97 7.84
CA LYS C 314 -89.87 63.93 7.45
C LYS C 314 -90.50 63.36 8.72
N LYS C 315 -91.76 63.71 8.94
CA LYS C 315 -92.55 63.10 9.99
C LYS C 315 -93.23 61.93 9.34
N ASN C 316 -93.35 60.81 10.04
CA ASN C 316 -93.84 59.60 9.39
C ASN C 316 -95.34 59.63 9.27
N PRO C 317 -95.84 59.58 8.03
CA PRO C 317 -97.27 59.57 7.77
C PRO C 317 -98.02 58.49 8.51
N LEU C 318 -97.48 57.28 8.50
CA LEU C 318 -98.17 56.16 9.13
C LEU C 318 -98.58 56.51 10.56
N LYS C 319 -97.68 57.15 11.29
CA LYS C 319 -98.00 57.66 12.60
C LYS C 319 -98.83 58.95 12.51
N ASN C 320 -98.30 59.95 11.80
CA ASN C 320 -98.81 61.33 11.84
C ASN C 320 -99.99 61.57 10.91
N LEU C 321 -101.17 61.53 11.49
CA LEU C 321 -102.41 61.50 10.75
C LEU C 321 -102.44 62.56 9.67
N ARG C 322 -102.13 63.80 10.04
CA ARG C 322 -102.29 64.91 9.13
C ARG C 322 -101.33 64.90 7.98
N ILE C 323 -100.12 64.41 8.26
CA ILE C 323 -99.10 64.24 7.25
C ILE C 323 -99.57 63.24 6.21
N MET C 324 -100.11 62.12 6.68
CA MET C 324 -100.75 61.16 5.80
C MET C 324 -101.73 61.83 4.86
N LEU C 325 -102.54 62.73 5.39
CA LEU C 325 -103.59 63.34 4.61
C LEU C 325 -103.00 64.26 3.57
N LYS C 326 -102.08 65.10 3.98
CA LYS C 326 -101.36 66.00 3.07
C LYS C 326 -100.73 65.28 1.88
N LEU C 327 -100.32 64.03 2.09
CA LEU C 327 -99.85 63.17 1.01
C LEU C 327 -100.95 62.46 0.30
N ASN C 328 -101.84 61.88 1.09
CA ASN C 328 -102.94 61.11 0.57
C ASN C 328 -104.20 61.45 1.30
N PRO C 329 -105.04 62.29 0.71
CA PRO C 329 -106.14 62.86 1.45
C PRO C 329 -107.27 61.88 1.71
N TYR C 330 -107.32 60.82 0.92
CA TYR C 330 -108.38 59.85 0.99
C TYR C 330 -108.29 59.03 2.25
N ALA C 331 -107.13 58.98 2.89
CA ALA C 331 -106.99 58.19 4.11
C ALA C 331 -107.96 58.59 5.22
N LYS C 332 -108.34 59.87 5.26
CA LYS C 332 -109.34 60.34 6.22
C LYS C 332 -110.60 59.52 6.12
N THR C 333 -111.08 59.31 4.90
CA THR C 333 -112.30 58.55 4.70
C THR C 333 -112.07 57.09 5.02
N MET C 334 -111.04 56.48 4.46
CA MET C 334 -110.74 55.09 4.78
C MET C 334 -110.71 54.85 6.28
N ARG C 335 -110.09 55.77 7.03
CA ARG C 335 -109.91 55.59 8.46
C ARG C 335 -111.07 56.17 9.24
N ARG C 336 -112.02 56.82 8.59
CA ARG C 336 -113.32 57.12 9.21
C ARG C 336 -114.06 55.81 9.32
N ASN C 337 -114.12 55.12 8.19
CA ASN C 337 -114.55 53.75 8.14
C ASN C 337 -113.43 52.99 8.79
N THR C 338 -113.64 51.72 9.08
CA THR C 338 -112.72 50.97 9.97
C THR C 338 -112.35 51.72 11.26
N ILE C 339 -113.14 52.70 11.66
CA ILE C 339 -113.48 52.81 13.05
C ILE C 339 -114.94 52.48 13.16
N LEU C 340 -115.73 53.12 12.31
CA LEU C 340 -117.17 52.92 12.29
C LEU C 340 -117.50 51.52 11.90
N ARG C 341 -116.80 50.99 10.89
CA ARG C 341 -116.99 49.60 10.50
C ARG C 341 -116.78 48.65 11.67
N GLN C 342 -115.80 48.95 12.49
CA GLN C 342 -115.49 48.11 13.63
C GLN C 342 -116.48 48.33 14.75
N ALA C 343 -116.90 49.57 14.95
CA ALA C 343 -117.94 49.88 15.93
C ALA C 343 -119.19 49.07 15.63
N ARG C 344 -119.65 49.17 14.39
CA ARG C 344 -120.72 48.34 13.89
C ARG C 344 -120.51 46.91 14.31
N ASN C 345 -119.38 46.33 13.93
CA ASN C 345 -119.16 44.92 14.18
C ASN C 345 -118.96 44.58 15.62
N HIS C 346 -118.53 45.53 16.44
CA HIS C 346 -118.43 45.24 17.85
C HIS C 346 -119.81 45.09 18.45
N LYS C 347 -120.66 46.08 18.18
CA LYS C 347 -122.06 46.00 18.56
C LYS C 347 -122.66 44.65 18.21
N LEU C 348 -122.51 44.24 16.97
CA LEU C 348 -123.22 43.07 16.49
C LEU C 348 -122.82 41.89 17.36
N ARG C 349 -121.55 41.82 17.74
CA ARG C 349 -121.06 40.72 18.57
C ARG C 349 -121.64 40.75 20.00
N VAL C 350 -121.88 41.94 20.53
CA VAL C 350 -122.56 42.05 21.80
C VAL C 350 -123.98 41.49 21.73
N GLU C 351 -124.71 41.87 20.70
CA GLU C 351 -126.09 41.42 20.52
C GLU C 351 -126.17 39.91 20.26
N ARG C 352 -125.17 39.35 19.56
CA ARG C 352 -125.02 37.89 19.45
C ARG C 352 -124.78 37.23 20.83
N ALA C 353 -123.88 37.82 21.61
CA ALA C 353 -123.57 37.33 22.96
C ALA C 353 -124.77 37.42 23.90
N ALA C 354 -125.54 38.48 23.75
CA ALA C 354 -126.81 38.63 24.46
C ALA C 354 -127.81 37.54 24.06
N ALA C 355 -127.91 37.27 22.76
CA ALA C 355 -128.82 36.24 22.24
C ALA C 355 -128.38 34.80 22.56
N ALA C 356 -127.08 34.61 22.84
CA ALA C 356 -126.55 33.32 23.31
C ALA C 356 -126.81 33.11 24.80
N LEU C 357 -126.66 34.18 25.59
CA LEU C 357 -127.00 34.16 27.02
C LEU C 357 -128.50 33.98 27.25
N ALA C 358 -129.32 34.62 26.42
CA ALA C 358 -130.78 34.48 26.48
C ALA C 358 -131.24 33.08 26.11
N ALA C 359 -130.63 32.50 25.07
CA ALA C 359 -130.90 31.12 24.65
C ALA C 359 -130.45 30.09 25.71
N LYS C 360 -129.37 30.40 26.42
CA LYS C 360 -128.89 29.58 27.53
C LYS C 360 -129.84 29.64 28.73
N SER C 361 -130.37 30.83 29.01
CA SER C 361 -131.38 31.02 30.08
C SER C 361 -132.69 30.30 29.77
N PHE D 1 -58.63 -18.07 -45.98
CA PHE D 1 -59.23 -16.88 -45.30
C PHE D 1 -58.18 -15.80 -44.99
N VAL D 2 -58.68 -14.61 -44.63
CA VAL D 2 -57.87 -13.44 -44.29
C VAL D 2 -58.65 -12.54 -43.35
N LYS D 3 -57.99 -11.51 -42.82
CA LYS D 3 -58.69 -10.49 -42.05
C LYS D 3 -59.65 -9.83 -42.99
N VAL D 4 -60.92 -9.77 -42.59
CA VAL D 4 -61.91 -9.13 -43.41
C VAL D 4 -61.53 -7.67 -43.47
N VAL D 5 -61.55 -7.10 -44.66
CA VAL D 5 -61.06 -5.74 -44.85
C VAL D 5 -62.15 -4.77 -44.46
N LYS D 6 -63.31 -4.93 -45.08
CA LYS D 6 -64.39 -3.97 -44.99
C LYS D 6 -65.35 -4.33 -43.87
N ASN D 7 -64.90 -4.11 -42.65
CA ASN D 7 -65.69 -4.37 -41.44
C ASN D 7 -66.66 -3.26 -41.14
N LYS D 8 -67.43 -3.41 -40.06
CA LYS D 8 -68.18 -2.29 -39.51
C LYS D 8 -67.23 -1.13 -39.47
N ALA D 9 -66.13 -1.34 -38.74
CA ALA D 9 -65.09 -0.34 -38.53
C ALA D 9 -64.81 0.47 -39.77
N TYR D 10 -64.44 -0.24 -40.83
CA TYR D 10 -64.17 0.37 -42.12
C TYR D 10 -65.25 1.33 -42.46
N PHE D 11 -66.48 0.85 -42.56
CA PHE D 11 -67.58 1.71 -43.00
C PHE D 11 -67.84 2.84 -42.05
N LYS D 12 -67.62 2.62 -40.78
CA LYS D 12 -67.83 3.67 -39.82
C LYS D 12 -66.96 4.89 -40.12
N ARG D 13 -65.68 4.65 -40.34
CA ARG D 13 -64.73 5.75 -40.44
C ARG D 13 -64.67 6.25 -41.87
N TYR D 14 -65.49 5.69 -42.75
CA TYR D 14 -65.36 5.88 -44.19
C TYR D 14 -66.17 7.04 -44.70
N GLN D 15 -65.50 7.89 -45.46
CA GLN D 15 -66.10 9.10 -45.95
C GLN D 15 -66.32 8.83 -47.39
N VAL D 16 -67.51 9.14 -47.86
CA VAL D 16 -67.79 9.09 -49.29
C VAL D 16 -67.07 10.20 -50.01
N LYS D 17 -66.93 10.03 -51.32
CA LYS D 17 -66.47 11.11 -52.16
C LYS D 17 -67.68 11.88 -52.68
N PHE D 18 -67.44 13.08 -53.15
CA PHE D 18 -68.49 13.89 -53.72
C PHE D 18 -69.28 13.06 -54.72
N ARG D 19 -70.56 13.41 -54.92
CA ARG D 19 -71.44 12.60 -55.74
C ARG D 19 -70.98 12.50 -57.17
N ARG D 20 -70.64 13.63 -57.79
CA ARG D 20 -70.25 13.59 -59.20
C ARG D 20 -68.83 13.00 -59.34
N ARG D 21 -68.01 13.08 -58.30
CA ARG D 21 -66.73 12.34 -58.27
C ARG D 21 -66.98 10.85 -58.20
N ARG D 22 -67.99 10.48 -57.42
CA ARG D 22 -68.41 9.08 -57.33
C ARG D 22 -68.88 8.58 -58.68
N GLU D 23 -69.72 9.36 -59.34
CA GLU D 23 -70.18 9.02 -60.69
C GLU D 23 -69.03 8.88 -61.65
N GLY D 24 -68.01 9.73 -61.48
CA GLY D 24 -66.89 9.79 -62.41
C GLY D 24 -67.28 10.78 -63.48
N LYS D 25 -67.47 12.02 -63.07
CA LYS D 25 -67.89 13.05 -63.97
C LYS D 25 -67.21 14.36 -63.73
N THR D 26 -67.34 14.89 -62.53
CA THR D 26 -66.75 16.18 -62.23
C THR D 26 -65.32 16.00 -61.76
N ASP D 27 -64.39 16.73 -62.37
CA ASP D 27 -63.06 16.91 -61.78
C ASP D 27 -63.05 18.18 -60.93
N TYR D 28 -63.15 17.98 -59.63
CA TYR D 28 -63.26 19.11 -58.70
C TYR D 28 -62.02 19.97 -58.59
N TYR D 29 -60.86 19.43 -58.93
CA TYR D 29 -59.63 20.22 -58.94
C TYR D 29 -59.78 21.37 -59.91
N ALA D 30 -60.15 21.01 -61.14
CA ALA D 30 -60.29 21.99 -62.17
C ALA D 30 -61.49 22.85 -61.88
N ARG D 31 -62.61 22.22 -61.55
CA ARG D 31 -63.88 22.91 -61.37
C ARG D 31 -63.63 24.19 -60.62
N LYS D 32 -62.98 24.05 -59.47
CA LYS D 32 -62.63 25.20 -58.67
C LYS D 32 -61.90 26.23 -59.50
N ARG D 33 -60.77 25.84 -60.10
CA ARG D 33 -59.95 26.81 -60.83
C ARG D 33 -60.78 27.50 -61.93
N LEU D 34 -61.46 26.68 -62.73
CA LEU D 34 -62.32 27.11 -63.83
C LEU D 34 -63.36 28.15 -63.51
N VAL D 35 -64.10 27.88 -62.44
CA VAL D 35 -65.48 28.30 -62.35
C VAL D 35 -65.76 29.46 -61.41
N ILE D 36 -65.07 29.48 -60.27
CA ILE D 36 -65.32 30.49 -59.26
C ILE D 36 -64.61 31.78 -59.62
N GLN D 37 -65.12 32.88 -59.09
CA GLN D 37 -64.67 34.21 -59.48
C GLN D 37 -63.75 34.86 -58.48
N ASP D 38 -63.14 35.96 -58.91
CA ASP D 38 -62.43 36.82 -57.97
C ASP D 38 -63.51 37.51 -57.16
N LYS D 39 -63.21 37.80 -55.91
CA LYS D 39 -64.21 38.43 -55.04
C LYS D 39 -64.41 39.90 -55.35
N ASN D 40 -63.34 40.61 -55.68
CA ASN D 40 -63.45 42.00 -56.10
C ASN D 40 -64.23 42.22 -57.44
N LYS D 41 -64.53 41.14 -58.15
CA LYS D 41 -65.50 41.18 -59.25
C LYS D 41 -66.90 41.12 -58.66
N TYR D 42 -67.00 40.41 -57.53
CA TYR D 42 -68.22 40.24 -56.73
C TYR D 42 -69.15 39.30 -57.43
N ASN D 43 -70.31 39.79 -57.86
CA ASN D 43 -71.35 38.90 -58.30
C ASN D 43 -71.18 38.50 -59.75
N THR D 44 -70.49 39.34 -60.52
CA THR D 44 -70.47 39.19 -61.97
C THR D 44 -70.05 37.79 -62.43
N PRO D 45 -70.76 37.24 -63.41
CA PRO D 45 -70.54 35.94 -63.98
C PRO D 45 -69.13 35.57 -64.37
N LYS D 46 -68.91 34.26 -64.48
CA LYS D 46 -67.76 33.70 -65.18
C LYS D 46 -68.26 32.51 -65.98
N TYR D 47 -68.36 32.71 -67.28
CA TYR D 47 -69.01 31.76 -68.14
C TYR D 47 -68.08 30.66 -68.57
N ARG D 48 -68.69 29.56 -68.96
CA ARG D 48 -67.98 28.42 -69.48
C ARG D 48 -68.52 28.16 -70.84
N MET D 49 -67.75 27.41 -71.60
CA MET D 49 -68.23 26.80 -72.80
C MET D 49 -68.01 25.35 -72.50
N ILE D 50 -69.02 24.73 -71.91
CA ILE D 50 -68.98 23.29 -71.67
C ILE D 50 -69.07 22.62 -73.01
N VAL D 51 -68.28 21.56 -73.17
CA VAL D 51 -68.27 20.78 -74.39
C VAL D 51 -68.11 19.39 -73.91
N ARG D 52 -69.08 18.55 -74.17
CA ARG D 52 -68.96 17.16 -73.83
C ARG D 52 -69.41 16.32 -75.01
N VAL D 53 -68.59 15.33 -75.35
CA VAL D 53 -68.95 14.33 -76.32
C VAL D 53 -69.34 13.07 -75.59
N THR D 54 -70.40 12.46 -76.10
CA THR D 54 -70.98 11.24 -75.60
C THR D 54 -70.93 10.27 -76.77
N ASN D 55 -71.01 8.98 -76.49
CA ASN D 55 -70.90 7.97 -77.54
C ASN D 55 -71.45 8.34 -78.91
N ARG D 56 -72.65 8.93 -78.94
CA ARG D 56 -73.30 9.27 -80.21
C ARG D 56 -73.70 10.75 -80.38
N ASP D 57 -73.31 11.60 -79.42
CA ASP D 57 -73.82 12.95 -79.33
C ASP D 57 -72.66 13.92 -79.06
N ILE D 58 -72.91 15.20 -79.23
CA ILE D 58 -71.99 16.26 -78.82
C ILE D 58 -72.86 17.27 -78.14
N ILE D 59 -72.59 17.52 -76.87
CA ILE D 59 -73.34 18.50 -76.11
C ILE D 59 -72.43 19.66 -75.83
N CYS D 60 -72.95 20.84 -76.09
CA CYS D 60 -72.21 22.06 -75.84
C CYS D 60 -73.14 23.09 -75.21
N GLN D 61 -72.75 23.54 -74.03
CA GLN D 61 -73.56 24.42 -73.22
C GLN D 61 -72.68 25.53 -72.77
N ILE D 62 -73.33 26.58 -72.28
CA ILE D 62 -72.64 27.70 -71.68
C ILE D 62 -73.23 27.87 -70.31
N ALA D 63 -72.36 27.93 -69.30
CA ALA D 63 -72.79 28.02 -67.93
C ALA D 63 -71.86 28.88 -67.09
N TYR D 64 -72.46 29.73 -66.26
CA TYR D 64 -71.77 30.29 -65.09
C TYR D 64 -72.18 29.41 -63.91
N ALA D 65 -71.81 29.77 -62.70
CA ALA D 65 -72.09 28.91 -61.58
C ALA D 65 -72.60 29.62 -60.35
N ARG D 66 -73.91 29.59 -60.12
CA ARG D 66 -74.46 30.05 -58.85
C ARG D 66 -74.28 28.96 -57.80
N ILE D 67 -74.27 29.38 -56.55
CA ILE D 67 -74.23 28.47 -55.38
C ILE D 67 -75.26 27.33 -55.40
N GLU D 68 -76.45 27.57 -55.96
CA GLU D 68 -77.52 26.56 -55.98
C GLU D 68 -77.19 25.47 -56.98
N GLY D 69 -76.80 25.90 -58.18
CA GLY D 69 -76.36 25.00 -59.21
C GLY D 69 -76.06 25.71 -60.51
N ASP D 70 -74.89 25.40 -61.08
CA ASP D 70 -74.45 26.11 -62.27
C ASP D 70 -75.50 26.11 -63.37
N MET D 71 -75.69 27.29 -63.94
CA MET D 71 -76.83 27.56 -64.80
C MET D 71 -76.48 27.62 -66.26
N ILE D 72 -77.30 26.98 -67.06
CA ILE D 72 -77.12 26.92 -68.49
C ILE D 72 -77.90 28.07 -69.09
N VAL D 73 -77.18 29.01 -69.66
CA VAL D 73 -77.82 30.06 -70.42
C VAL D 73 -78.31 29.52 -71.75
N CYS D 74 -77.51 28.68 -72.38
CA CYS D 74 -77.68 28.43 -73.79
C CYS D 74 -76.94 27.18 -74.21
N ALA D 75 -77.63 26.29 -74.90
CA ALA D 75 -77.03 25.04 -75.28
C ALA D 75 -77.59 24.53 -76.59
N ALA D 76 -76.71 23.86 -77.33
CA ALA D 76 -77.05 23.23 -78.58
C ALA D 76 -76.40 21.84 -78.61
N TYR D 77 -77.19 20.85 -79.02
CA TYR D 77 -76.76 19.48 -79.09
C TYR D 77 -76.43 19.13 -80.53
N ALA D 78 -75.82 17.96 -80.73
CA ALA D 78 -75.49 17.51 -82.07
C ALA D 78 -76.75 17.15 -82.79
N HIS D 79 -77.60 16.38 -82.13
CA HIS D 79 -78.83 15.90 -82.73
C HIS D 79 -79.86 16.99 -83.16
N GLU D 80 -79.48 18.25 -83.07
CA GLU D 80 -80.25 19.35 -83.66
C GLU D 80 -79.80 19.60 -85.10
N LEU D 81 -78.53 19.28 -85.39
CA LEU D 81 -77.92 19.49 -86.71
C LEU D 81 -78.59 18.90 -87.96
N PRO D 82 -79.53 17.95 -87.81
CA PRO D 82 -80.34 17.55 -88.95
C PRO D 82 -81.12 18.69 -89.61
N LYS D 83 -81.84 19.47 -88.82
CA LYS D 83 -82.56 20.66 -89.33
C LYS D 83 -81.75 21.46 -90.34
N TYR D 84 -80.44 21.56 -90.09
CA TYR D 84 -79.57 22.48 -90.79
C TYR D 84 -78.93 21.83 -92.02
N GLY D 85 -78.70 20.53 -91.97
CA GLY D 85 -78.09 19.83 -93.09
C GLY D 85 -77.27 18.59 -92.77
N VAL D 86 -76.71 18.53 -91.55
CA VAL D 86 -75.91 17.37 -91.18
C VAL D 86 -76.82 16.22 -90.76
N LYS D 87 -76.74 15.14 -91.52
CA LYS D 87 -77.64 14.01 -91.41
C LYS D 87 -77.02 12.83 -90.66
N VAL D 88 -75.70 12.68 -90.78
CA VAL D 88 -74.96 11.63 -90.09
C VAL D 88 -73.59 12.12 -89.63
N GLY D 89 -72.86 11.26 -88.92
CA GLY D 89 -71.51 11.55 -88.47
C GLY D 89 -71.53 12.79 -87.60
N LEU D 90 -72.43 12.75 -86.62
CA LEU D 90 -72.73 13.91 -85.81
C LEU D 90 -71.88 13.99 -84.57
N THR D 91 -71.27 12.88 -84.19
CA THR D 91 -70.35 12.95 -83.08
C THR D 91 -68.96 13.33 -83.57
N ASN D 92 -68.79 13.52 -84.86
CA ASN D 92 -67.45 13.70 -85.39
C ASN D 92 -67.03 15.17 -85.34
N TYR D 93 -65.74 15.42 -85.56
CA TYR D 93 -65.13 16.74 -85.39
C TYR D 93 -65.89 17.84 -86.07
N ALA D 94 -66.21 17.59 -87.34
CA ALA D 94 -66.91 18.58 -88.18
C ALA D 94 -68.22 19.00 -87.57
N ALA D 95 -68.98 18.03 -87.12
CA ALA D 95 -70.21 18.28 -86.40
C ALA D 95 -69.97 19.07 -85.14
N ALA D 96 -68.86 18.80 -84.46
CA ALA D 96 -68.50 19.54 -83.25
C ALA D 96 -68.41 20.99 -83.54
N TYR D 97 -67.66 21.31 -84.59
CA TYR D 97 -67.63 22.67 -85.12
C TYR D 97 -69.04 23.23 -85.28
N CYS D 98 -69.86 22.48 -86.01
CA CYS D 98 -71.23 22.90 -86.25
C CYS D 98 -71.94 23.21 -84.94
N THR D 99 -71.86 22.26 -84.01
CA THR D 99 -72.50 22.41 -82.69
C THR D 99 -71.98 23.66 -82.05
N GLY D 100 -70.65 23.75 -81.93
CA GLY D 100 -69.98 24.85 -81.24
C GLY D 100 -70.26 26.23 -81.83
N LEU D 101 -70.27 26.27 -83.16
CA LEU D 101 -70.72 27.44 -83.88
C LEU D 101 -72.16 27.75 -83.55
N LEU D 102 -73.00 26.73 -83.70
CA LEU D 102 -74.42 26.87 -83.41
C LEU D 102 -74.61 27.57 -82.07
N LEU D 103 -73.97 27.00 -81.06
CA LEU D 103 -74.01 27.49 -79.70
C LEU D 103 -73.65 28.96 -79.65
N ALA D 104 -72.63 29.34 -80.41
CA ALA D 104 -72.24 30.74 -80.45
C ALA D 104 -73.33 31.66 -80.99
N ARG D 105 -73.88 31.32 -82.16
CA ARG D 105 -74.89 32.17 -82.81
C ARG D 105 -76.13 32.30 -81.97
N ARG D 106 -76.54 31.16 -81.41
CA ARG D 106 -77.69 31.10 -80.56
C ARG D 106 -77.51 32.08 -79.41
N LEU D 107 -76.36 32.02 -78.77
CA LEU D 107 -76.05 32.87 -77.65
C LEU D 107 -75.94 34.32 -78.05
N LEU D 108 -75.39 34.59 -79.23
CA LEU D 108 -75.27 35.97 -79.72
C LEU D 108 -76.55 36.57 -80.28
N ASN D 109 -77.55 35.75 -80.61
CA ASN D 109 -78.86 36.31 -80.91
C ASN D 109 -79.61 36.70 -79.63
N ARG D 110 -79.49 35.92 -78.55
CA ARG D 110 -80.18 36.23 -77.29
C ARG D 110 -79.82 37.60 -76.75
N PHE D 111 -78.53 37.92 -76.74
CA PHE D 111 -78.11 39.23 -76.28
C PHE D 111 -78.27 40.29 -77.36
N GLY D 112 -78.54 39.88 -78.60
CA GLY D 112 -78.74 40.80 -79.69
C GLY D 112 -77.42 41.33 -80.22
N MET D 113 -76.38 40.51 -80.11
CA MET D 113 -75.12 40.79 -80.74
C MET D 113 -75.00 39.84 -81.94
N ASP D 114 -76.09 39.70 -82.70
CA ASP D 114 -76.15 38.76 -83.80
C ASP D 114 -75.49 39.39 -85.02
N LYS D 115 -75.90 40.63 -85.31
CA LYS D 115 -75.46 41.36 -86.51
C LYS D 115 -74.05 41.87 -86.32
N ILE D 116 -73.76 42.30 -85.10
CA ILE D 116 -72.40 42.59 -84.69
C ILE D 116 -71.80 41.24 -84.37
N TYR D 117 -70.48 41.10 -84.52
CA TYR D 117 -69.80 39.85 -84.17
C TYR D 117 -70.26 38.65 -85.01
N GLU D 118 -70.08 38.80 -86.33
CA GLU D 118 -70.21 37.71 -87.26
C GLU D 118 -69.11 36.69 -87.02
N GLY D 119 -67.89 37.21 -86.94
CA GLY D 119 -66.72 36.44 -86.61
C GLY D 119 -65.92 36.13 -87.85
N GLN D 120 -66.01 34.88 -88.29
CA GLN D 120 -65.20 34.35 -89.36
C GLN D 120 -66.13 33.53 -90.24
N VAL D 121 -66.44 34.07 -91.41
CA VAL D 121 -67.42 33.45 -92.30
C VAL D 121 -66.78 32.45 -93.27
N GLU D 122 -65.50 32.65 -93.62
CA GLU D 122 -64.86 31.88 -94.69
C GLU D 122 -64.35 30.49 -94.32
N VAL D 123 -64.15 30.22 -93.02
CA VAL D 123 -63.69 28.92 -92.53
C VAL D 123 -62.29 28.64 -93.09
N THR D 124 -61.37 29.52 -92.74
CA THR D 124 -59.98 29.31 -93.06
C THR D 124 -59.42 28.22 -92.17
N GLY D 125 -59.67 28.37 -90.86
CA GLY D 125 -59.14 27.45 -89.85
C GLY D 125 -58.02 28.07 -89.07
N ASP D 126 -57.62 29.29 -89.44
CA ASP D 126 -56.43 29.94 -88.86
C ASP D 126 -56.68 30.42 -87.45
N GLU D 127 -55.63 30.90 -86.80
CA GLU D 127 -55.76 31.51 -85.48
C GLU D 127 -56.72 32.68 -85.67
N TYR D 128 -57.85 32.63 -84.99
CA TYR D 128 -58.80 33.72 -85.02
C TYR D 128 -59.40 33.94 -83.63
N ASN D 129 -59.74 35.19 -83.34
CA ASN D 129 -60.47 35.58 -82.13
C ASN D 129 -61.08 36.94 -82.32
N VAL D 130 -62.02 37.27 -81.44
CA VAL D 130 -62.93 38.40 -81.64
C VAL D 130 -62.41 39.63 -80.94
N GLU D 131 -62.15 40.68 -81.70
CA GLU D 131 -61.83 41.97 -81.10
C GLU D 131 -63.15 42.65 -80.86
N SER D 132 -63.43 42.95 -79.60
CA SER D 132 -64.64 43.66 -79.22
C SER D 132 -64.66 45.05 -79.85
N ILE D 133 -65.83 45.50 -80.27
CA ILE D 133 -65.97 46.78 -80.97
C ILE D 133 -66.16 47.91 -79.96
N ASP D 134 -65.61 49.08 -80.30
CA ASP D 134 -65.79 50.30 -79.52
C ASP D 134 -66.93 51.14 -80.07
N GLY D 135 -67.73 51.70 -79.17
CA GLY D 135 -69.02 52.29 -79.51
C GLY D 135 -70.08 51.21 -79.71
N GLN D 136 -69.86 50.08 -79.05
CA GLN D 136 -70.68 48.89 -79.23
C GLN D 136 -70.56 48.05 -77.96
N PRO D 137 -71.50 47.10 -77.76
CA PRO D 137 -71.37 46.23 -76.61
C PRO D 137 -70.32 45.17 -76.89
N GLY D 138 -69.53 44.85 -75.88
CA GLY D 138 -68.37 43.96 -76.02
C GLY D 138 -68.68 42.51 -76.31
N ALA D 139 -67.63 41.77 -76.59
CA ALA D 139 -67.77 40.39 -77.03
C ALA D 139 -67.94 39.49 -75.84
N PHE D 140 -68.69 38.41 -76.05
CA PHE D 140 -69.01 37.47 -75.00
C PHE D 140 -67.82 36.56 -74.73
N THR D 141 -67.37 36.52 -73.48
CA THR D 141 -66.16 35.75 -73.17
C THR D 141 -66.44 34.61 -72.19
N CYS D 142 -66.32 33.39 -72.70
CA CYS D 142 -66.32 32.19 -71.89
C CYS D 142 -65.07 31.39 -72.12
N TYR D 143 -64.70 30.68 -71.09
CA TYR D 143 -63.51 29.93 -71.10
C TYR D 143 -63.94 28.51 -71.35
N LEU D 144 -63.12 27.77 -72.07
CA LEU D 144 -63.48 26.40 -72.46
C LEU D 144 -63.49 25.49 -71.23
N ASP D 145 -64.40 24.53 -71.21
CA ASP D 145 -64.50 23.54 -70.13
C ASP D 145 -64.44 22.13 -70.71
N ALA D 146 -63.25 21.52 -70.65
CA ALA D 146 -62.95 20.30 -71.40
C ALA D 146 -63.39 18.98 -70.75
N GLY D 147 -63.75 19.05 -69.46
CA GLY D 147 -64.07 17.87 -68.71
C GLY D 147 -62.87 16.96 -68.50
N LEU D 148 -63.10 15.66 -68.63
CA LEU D 148 -62.09 14.63 -68.40
C LEU D 148 -61.46 14.10 -69.70
N ALA D 149 -61.38 14.97 -70.71
CA ALA D 149 -60.77 14.59 -71.97
C ALA D 149 -59.29 14.78 -71.84
N ARG D 150 -58.53 13.81 -72.32
CA ARG D 150 -57.11 14.02 -72.45
C ARG D 150 -56.98 15.00 -73.60
N THR D 151 -56.56 16.21 -73.26
CA THR D 151 -56.59 17.32 -74.18
C THR D 151 -55.30 17.39 -74.97
N THR D 152 -55.08 16.34 -75.74
CA THR D 152 -54.03 16.30 -76.73
C THR D 152 -54.46 17.20 -77.89
N THR D 153 -53.65 17.25 -78.93
CA THR D 153 -54.08 17.82 -80.18
C THR D 153 -55.13 16.94 -80.81
N GLY D 154 -56.05 17.54 -81.54
CA GLY D 154 -57.08 16.79 -82.25
C GLY D 154 -58.37 16.50 -81.50
N ASN D 155 -58.30 16.53 -80.18
CA ASN D 155 -59.48 16.42 -79.31
C ASN D 155 -60.68 17.28 -79.79
N LYS D 156 -61.70 16.60 -80.32
CA LYS D 156 -62.94 17.23 -80.80
C LYS D 156 -63.36 18.48 -80.05
N VAL D 157 -63.19 18.48 -78.74
CA VAL D 157 -63.48 19.66 -77.94
C VAL D 157 -63.05 20.93 -78.65
N PHE D 158 -61.80 20.94 -79.12
CA PHE D 158 -61.22 22.13 -79.74
C PHE D 158 -61.83 22.45 -81.10
N GLY D 159 -62.49 21.48 -81.69
CA GLY D 159 -63.40 21.72 -82.82
C GLY D 159 -64.58 22.59 -82.46
N ALA D 160 -65.34 22.15 -81.47
CA ALA D 160 -66.48 22.93 -81.00
C ALA D 160 -66.07 24.31 -80.51
N LEU D 161 -64.89 24.39 -79.90
CA LEU D 161 -64.30 25.67 -79.56
C LEU D 161 -64.11 26.53 -80.81
N LYS D 162 -63.42 25.95 -81.79
CA LYS D 162 -63.16 26.64 -83.02
C LYS D 162 -64.47 27.15 -83.52
N GLY D 163 -65.42 26.24 -83.69
CA GLY D 163 -66.75 26.58 -84.17
C GLY D 163 -67.32 27.80 -83.47
N ALA D 164 -67.34 27.75 -82.15
CA ALA D 164 -67.87 28.85 -81.35
C ALA D 164 -67.08 30.13 -81.60
N VAL D 165 -65.76 30.01 -81.59
CA VAL D 165 -64.88 31.15 -81.86
C VAL D 165 -65.19 31.80 -83.21
N ASP D 166 -65.34 30.98 -84.23
CA ASP D 166 -65.67 31.46 -85.54
C ASP D 166 -67.10 31.99 -85.56
N GLY D 167 -67.96 31.39 -84.75
CA GLY D 167 -69.28 31.92 -84.50
C GLY D 167 -69.34 33.26 -83.78
N GLY D 168 -68.31 33.59 -83.01
CA GLY D 168 -68.14 34.94 -82.44
C GLY D 168 -68.04 35.08 -80.94
N LEU D 169 -67.68 34.00 -80.25
CA LEU D 169 -67.34 34.04 -78.83
C LEU D 169 -65.84 34.28 -78.58
N SER D 170 -65.54 35.24 -77.70
CA SER D 170 -64.19 35.51 -77.28
C SER D 170 -63.80 34.48 -76.25
N ILE D 171 -63.32 33.35 -76.75
CA ILE D 171 -62.73 32.32 -75.92
C ILE D 171 -61.23 32.37 -76.15
N PRO D 172 -60.44 32.49 -75.09
CA PRO D 172 -59.02 32.39 -75.30
C PRO D 172 -58.62 30.96 -75.67
N HIS D 173 -57.66 30.86 -76.57
CA HIS D 173 -57.03 29.60 -76.83
C HIS D 173 -55.65 29.80 -77.41
N SER D 174 -54.96 28.68 -77.62
CA SER D 174 -53.91 28.58 -78.63
C SER D 174 -54.30 27.50 -79.63
N THR D 175 -53.62 27.56 -80.77
CA THR D 175 -53.86 26.61 -81.84
C THR D 175 -53.08 25.32 -81.67
N LYS D 176 -52.27 25.24 -80.61
CA LYS D 176 -51.39 24.09 -80.37
C LYS D 176 -52.13 22.76 -80.30
N ARG D 177 -53.46 22.79 -80.15
CA ARG D 177 -54.24 21.57 -80.07
C ARG D 177 -55.29 21.35 -81.16
N PHE D 178 -55.43 22.27 -82.12
CA PHE D 178 -56.28 21.98 -83.28
C PHE D 178 -55.57 20.97 -84.13
N PRO D 179 -56.32 20.10 -84.85
CA PRO D 179 -55.67 19.26 -85.85
C PRO D 179 -54.85 20.11 -86.79
N GLY D 180 -53.67 19.60 -87.12
CA GLY D 180 -52.71 20.31 -87.96
C GLY D 180 -51.42 20.42 -87.20
N TYR D 181 -51.47 21.21 -86.12
CA TYR D 181 -50.29 21.56 -85.34
C TYR D 181 -49.32 20.39 -85.29
N ASP D 182 -48.11 20.60 -85.81
CA ASP D 182 -47.10 19.56 -85.86
C ASP D 182 -46.28 19.59 -84.59
N SER D 183 -46.39 18.52 -83.81
CA SER D 183 -45.71 18.43 -82.53
C SER D 183 -44.20 18.62 -82.71
N GLU D 184 -43.61 17.84 -83.62
CA GLU D 184 -42.16 17.81 -83.81
C GLU D 184 -41.73 18.76 -84.94
N SER D 185 -42.08 20.03 -84.77
CA SER D 185 -41.80 21.11 -85.74
C SER D 185 -42.28 22.46 -85.20
N LYS D 186 -43.51 22.46 -84.68
CA LYS D 186 -44.09 23.56 -83.86
C LYS D 186 -44.57 24.76 -84.68
N GLU D 187 -45.35 24.48 -85.71
CA GLU D 187 -46.04 25.50 -86.50
C GLU D 187 -47.48 25.02 -86.67
N PHE D 188 -48.19 25.53 -87.67
CA PHE D 188 -49.59 25.19 -87.87
C PHE D 188 -50.05 25.35 -89.32
N ASN D 189 -50.48 24.24 -89.92
CA ASN D 189 -50.85 24.23 -91.36
C ASN D 189 -52.14 24.95 -91.68
N ALA D 190 -53.11 24.91 -90.78
CA ALA D 190 -54.39 25.63 -90.93
C ALA D 190 -55.29 25.01 -91.99
N GLU D 191 -54.78 24.83 -93.20
CA GLU D 191 -55.49 24.05 -94.19
C GLU D 191 -55.74 22.66 -93.68
N VAL D 192 -54.80 22.07 -92.95
CA VAL D 192 -55.02 20.73 -92.42
C VAL D 192 -56.24 20.72 -91.53
N HIS D 193 -56.35 21.77 -90.73
CA HIS D 193 -57.49 21.96 -89.86
C HIS D 193 -58.78 22.09 -90.65
N ARG D 194 -58.78 23.00 -91.61
CA ARG D 194 -59.93 23.23 -92.48
C ARG D 194 -60.52 21.92 -92.97
N LYS D 195 -59.64 21.02 -93.42
CA LYS D 195 -60.04 19.72 -93.96
C LYS D 195 -60.80 18.92 -92.93
N HIS D 196 -60.21 18.81 -91.74
CA HIS D 196 -60.89 18.15 -90.64
C HIS D 196 -62.24 18.81 -90.32
N ILE D 197 -62.24 20.15 -90.33
CA ILE D 197 -63.45 20.92 -90.08
C ILE D 197 -64.55 20.53 -91.05
N MET D 198 -64.19 20.30 -92.30
CA MET D 198 -65.17 20.05 -93.37
C MET D 198 -65.55 18.59 -93.60
N GLY D 199 -64.93 17.68 -92.87
CA GLY D 199 -65.06 16.24 -93.07
C GLY D 199 -64.20 15.52 -94.08
N GLN D 200 -63.19 16.16 -94.66
CA GLN D 200 -62.38 15.50 -95.69
C GLN D 200 -61.67 14.28 -95.13
N ASN D 201 -61.13 14.39 -93.93
CA ASN D 201 -60.52 13.25 -93.23
C ASN D 201 -61.46 12.05 -93.06
N VAL D 202 -62.77 12.33 -93.02
CA VAL D 202 -63.78 11.29 -93.11
C VAL D 202 -63.91 10.88 -94.59
N ALA D 203 -64.15 11.85 -95.45
CA ALA D 203 -64.34 11.59 -96.88
C ALA D 203 -63.25 10.70 -97.45
N ASP D 204 -62.01 11.06 -97.14
CA ASP D 204 -60.87 10.29 -97.57
C ASP D 204 -60.95 8.86 -97.06
N TYR D 205 -61.36 8.68 -95.80
CA TYR D 205 -61.54 7.34 -95.27
C TYR D 205 -62.53 6.59 -96.12
N MET D 206 -63.67 7.20 -96.36
CA MET D 206 -64.66 6.55 -97.18
C MET D 206 -64.06 6.07 -98.52
N ARG D 207 -63.37 6.96 -99.22
CA ARG D 207 -62.79 6.64 -100.53
C ARG D 207 -61.78 5.49 -100.43
N TYR D 208 -60.91 5.56 -99.41
CA TYR D 208 -59.91 4.52 -99.19
C TYR D 208 -60.57 3.18 -98.94
N LEU D 209 -61.72 3.16 -98.28
CA LEU D 209 -62.41 1.91 -98.05
C LEU D 209 -63.05 1.33 -99.30
N MET D 210 -63.75 2.15 -100.07
CA MET D 210 -64.42 1.64 -101.25
C MET D 210 -63.39 1.08 -102.22
N GLU D 211 -62.26 1.75 -102.35
CA GLU D 211 -61.15 1.19 -103.13
C GLU D 211 -60.82 -0.20 -102.62
N GLU D 212 -60.49 -0.29 -101.35
CA GLU D 212 -59.93 -1.50 -100.75
C GLU D 212 -60.92 -2.65 -100.77
N ASP D 213 -62.10 -2.41 -100.20
CA ASP D 213 -63.06 -3.49 -99.98
C ASP D 213 -64.49 -2.97 -99.76
N GLU D 214 -65.42 -3.44 -100.59
CA GLU D 214 -66.81 -3.00 -100.52
C GLU D 214 -67.44 -3.34 -99.18
N ASP D 215 -67.36 -4.61 -98.79
CA ASP D 215 -68.02 -5.08 -97.56
C ASP D 215 -67.61 -4.32 -96.30
N ALA D 216 -66.35 -3.89 -96.23
CA ALA D 216 -65.86 -3.10 -95.10
C ALA D 216 -66.43 -1.68 -95.11
N TYR D 217 -66.38 -1.06 -96.28
CA TYR D 217 -66.97 0.27 -96.51
C TYR D 217 -68.46 0.34 -96.23
N LYS D 218 -69.17 -0.74 -96.54
CA LYS D 218 -70.61 -0.81 -96.33
C LYS D 218 -70.93 -0.96 -94.84
N LYS D 219 -70.09 -1.70 -94.13
CA LYS D 219 -70.23 -1.93 -92.70
C LYS D 219 -69.87 -0.68 -91.93
N GLN D 220 -68.78 -0.02 -92.33
CA GLN D 220 -68.30 1.21 -91.68
C GLN D 220 -69.23 2.41 -91.84
N PHE D 221 -69.83 2.56 -93.01
CA PHE D 221 -70.54 3.77 -93.37
C PHE D 221 -71.98 3.54 -93.81
N SER D 222 -72.67 2.63 -93.13
CA SER D 222 -74.03 2.24 -93.53
C SER D 222 -74.95 3.43 -93.64
N GLN D 223 -75.17 4.12 -92.52
CA GLN D 223 -76.05 5.27 -92.50
C GLN D 223 -75.48 6.44 -93.32
N TYR D 224 -74.18 6.44 -93.57
CA TYR D 224 -73.57 7.35 -94.54
C TYR D 224 -73.92 7.00 -95.97
N ILE D 225 -73.92 5.70 -96.32
CA ILE D 225 -74.25 5.24 -97.67
C ILE D 225 -75.75 5.36 -97.89
N LYS D 226 -76.51 4.86 -96.93
CA LYS D 226 -77.91 5.24 -96.77
C LYS D 226 -77.94 6.76 -96.56
N ASN D 227 -79.07 7.41 -96.87
CA ASN D 227 -79.14 8.89 -96.94
C ASN D 227 -78.45 9.50 -98.17
N ASN D 228 -77.74 8.68 -98.96
CA ASN D 228 -77.00 9.13 -100.13
C ASN D 228 -76.07 10.31 -99.84
N VAL D 229 -75.01 10.02 -99.07
CA VAL D 229 -74.03 11.01 -98.71
C VAL D 229 -72.66 10.47 -99.07
N THR D 230 -72.07 11.05 -100.10
CA THR D 230 -70.83 10.58 -100.67
C THR D 230 -69.66 11.43 -100.20
N PRO D 231 -68.42 10.99 -100.48
CA PRO D 231 -67.26 11.81 -100.19
C PRO D 231 -67.26 13.15 -100.90
N ASP D 232 -67.76 13.18 -102.13
CA ASP D 232 -67.76 14.40 -102.93
C ASP D 232 -68.98 15.32 -102.73
N MET D 233 -69.96 14.85 -101.95
CA MET D 233 -71.11 15.65 -101.55
C MET D 233 -70.92 16.27 -100.14
N MET D 234 -69.73 16.11 -99.56
CA MET D 234 -69.52 16.26 -98.11
C MET D 234 -69.18 17.68 -97.70
N GLU D 235 -68.11 18.24 -98.26
CA GLU D 235 -67.64 19.59 -97.91
C GLU D 235 -68.71 20.64 -98.17
N GLU D 236 -69.32 20.55 -99.34
CA GLU D 236 -70.51 21.33 -99.63
C GLU D 236 -71.50 21.22 -98.48
N MET D 237 -71.90 19.99 -98.17
CA MET D 237 -72.95 19.75 -97.16
C MET D 237 -72.68 20.51 -95.87
N TYR D 238 -71.47 20.40 -95.33
CA TYR D 238 -71.13 21.08 -94.10
C TYR D 238 -71.21 22.57 -94.29
N LYS D 239 -70.66 23.08 -95.39
CA LYS D 239 -70.72 24.51 -95.65
C LYS D 239 -72.15 25.04 -95.75
N LYS D 240 -73.05 24.22 -96.27
CA LYS D 240 -74.47 24.56 -96.30
C LYS D 240 -75.01 24.65 -94.87
N ALA D 241 -74.66 23.68 -94.05
CA ALA D 241 -75.11 23.65 -92.66
C ALA D 241 -74.65 24.85 -91.88
N HIS D 242 -73.36 25.18 -91.99
CA HIS D 242 -72.81 26.39 -91.35
C HIS D 242 -73.61 27.61 -91.78
N ALA D 243 -73.95 27.66 -93.07
CA ALA D 243 -74.77 28.75 -93.63
C ALA D 243 -76.17 28.80 -93.06
N ALA D 244 -76.77 27.63 -92.83
CA ALA D 244 -78.07 27.54 -92.17
C ALA D 244 -77.99 27.95 -90.72
N ILE D 245 -77.01 27.38 -90.03
CA ILE D 245 -76.79 27.66 -88.63
C ILE D 245 -76.57 29.16 -88.50
N ARG D 246 -75.57 29.67 -89.20
CA ARG D 246 -75.26 31.09 -89.15
C ARG D 246 -76.51 31.96 -89.35
N GLU D 247 -77.38 31.59 -90.30
CA GLU D 247 -78.50 32.46 -90.68
C GLU D 247 -79.73 32.37 -89.78
N ASN D 248 -79.95 31.23 -89.12
CA ASN D 248 -81.08 31.11 -88.21
C ASN D 248 -80.88 30.02 -87.17
N PRO D 249 -80.32 30.39 -86.00
CA PRO D 249 -79.94 29.44 -84.98
C PRO D 249 -81.02 29.11 -83.96
N VAL D 250 -81.95 30.04 -83.75
CA VAL D 250 -82.84 29.99 -82.60
C VAL D 250 -83.60 28.67 -82.47
N TYR D 251 -83.75 28.22 -81.23
CA TYR D 251 -84.39 26.95 -80.91
C TYR D 251 -85.88 27.14 -80.58
N GLU D 252 -86.67 26.11 -80.84
CA GLU D 252 -88.14 26.17 -80.68
C GLU D 252 -88.80 25.09 -79.79
N LYS D 253 -88.05 24.04 -79.43
CA LYS D 253 -88.57 22.92 -78.63
C LYS D 253 -89.69 22.17 -79.37
N LYS D 254 -90.31 21.21 -78.69
CA LYS D 254 -91.54 20.58 -79.17
C LYS D 254 -92.61 20.70 -78.08
N PRO D 255 -93.86 21.01 -78.46
CA PRO D 255 -94.91 21.24 -77.47
C PRO D 255 -95.43 19.92 -76.89
N LYS D 256 -94.71 19.41 -75.89
CA LYS D 256 -94.95 18.07 -75.37
C LYS D 256 -96.21 18.03 -74.50
N ARG D 257 -97.10 17.09 -74.81
CA ARG D 257 -98.34 16.88 -74.06
C ARG D 257 -98.94 15.50 -74.37
N GLU D 258 -100.12 15.21 -73.81
CA GLU D 258 -100.83 13.94 -73.98
C GLU D 258 -100.06 12.81 -73.29
N VAL D 259 -99.83 13.00 -72.00
CA VAL D 259 -99.04 12.08 -71.20
C VAL D 259 -99.99 11.25 -70.35
N LYS D 260 -99.91 9.94 -70.48
CA LYS D 260 -100.82 9.02 -69.80
C LYS D 260 -100.59 8.99 -68.28
N LYS D 261 -99.32 9.13 -67.88
CA LYS D 261 -98.89 9.12 -66.46
C LYS D 261 -99.11 7.76 -65.81
N LYS D 262 -98.47 6.73 -66.38
CA LYS D 262 -98.38 5.40 -65.77
C LYS D 262 -97.00 5.22 -65.18
N ARG D 263 -96.92 4.45 -64.08
CA ARG D 263 -95.66 4.25 -63.38
C ARG D 263 -94.89 3.12 -64.04
N TRP D 264 -93.90 3.47 -64.84
CA TRP D 264 -92.98 2.49 -65.43
C TRP D 264 -92.18 1.87 -64.33
N ASN D 265 -91.74 2.71 -63.42
CA ASN D 265 -90.87 2.28 -62.35
C ASN D 265 -91.66 1.52 -61.28
N ARG D 266 -90.95 1.05 -60.26
CA ARG D 266 -91.55 0.25 -59.20
C ARG D 266 -91.35 0.98 -57.88
N PRO D 267 -92.44 1.21 -57.14
CA PRO D 267 -92.41 2.02 -55.93
C PRO D 267 -91.84 1.32 -54.72
N LYS D 268 -91.44 2.12 -53.74
CA LYS D 268 -90.77 1.63 -52.54
C LYS D 268 -91.75 0.99 -51.59
N MET D 269 -91.32 -0.09 -50.97
CA MET D 269 -92.21 -0.96 -50.22
C MET D 269 -92.40 -0.45 -48.80
N SER D 270 -93.66 -0.17 -48.44
CA SER D 270 -94.04 0.45 -47.16
C SER D 270 -93.68 -0.38 -45.94
N LEU D 271 -93.35 0.29 -44.83
CA LEU D 271 -92.84 -0.39 -43.64
C LEU D 271 -93.60 -1.67 -43.38
N ALA D 272 -94.90 -1.54 -43.25
CA ALA D 272 -95.73 -2.64 -42.82
C ALA D 272 -95.60 -3.84 -43.74
N GLN D 273 -95.46 -3.58 -45.05
CA GLN D 273 -95.22 -4.66 -46.00
C GLN D 273 -93.95 -5.40 -45.66
N LYS D 274 -92.90 -4.65 -45.38
CA LYS D 274 -91.60 -5.22 -45.06
C LYS D 274 -91.69 -6.00 -43.75
N LYS D 275 -92.37 -5.40 -42.78
CA LYS D 275 -92.63 -6.01 -41.47
C LYS D 275 -93.47 -7.28 -41.60
N ASP D 276 -94.41 -7.27 -42.55
CA ASP D 276 -95.15 -8.47 -42.93
C ASP D 276 -94.21 -9.55 -43.41
N ARG D 277 -93.41 -9.23 -44.43
CA ARG D 277 -92.71 -10.25 -45.16
C ARG D 277 -91.94 -11.18 -44.23
N VAL D 278 -91.32 -10.62 -43.19
CA VAL D 278 -90.50 -11.44 -42.30
C VAL D 278 -91.41 -12.33 -41.46
N ALA D 279 -92.58 -11.82 -41.09
CA ALA D 279 -93.57 -12.63 -40.39
C ALA D 279 -93.87 -13.85 -41.21
N GLN D 280 -94.20 -13.61 -42.46
CA GLN D 280 -94.51 -14.67 -43.36
C GLN D 280 -93.33 -15.61 -43.51
N LYS D 281 -92.15 -15.04 -43.68
CA LYS D 281 -90.94 -15.84 -43.85
C LYS D 281 -90.63 -16.73 -42.66
N LYS D 282 -90.84 -16.21 -41.45
CA LYS D 282 -90.63 -17.01 -40.25
C LYS D 282 -91.68 -18.12 -40.17
N ALA D 283 -92.96 -17.76 -40.32
CA ALA D 283 -94.06 -18.74 -40.33
C ALA D 283 -93.80 -19.84 -41.33
N SER D 284 -93.51 -19.44 -42.56
CA SER D 284 -93.13 -20.36 -43.62
C SER D 284 -91.98 -21.28 -43.22
N PHE D 285 -90.95 -20.72 -42.61
CA PHE D 285 -89.86 -21.55 -42.12
C PHE D 285 -90.39 -22.57 -41.13
N LEU D 286 -91.23 -22.12 -40.21
CA LEU D 286 -91.76 -23.00 -39.18
C LEU D 286 -92.58 -24.16 -39.75
N ARG D 287 -93.51 -23.86 -40.64
CA ARG D 287 -94.38 -24.91 -41.20
C ARG D 287 -93.59 -25.92 -42.02
N ALA D 288 -92.52 -25.47 -42.69
CA ALA D 288 -91.69 -26.35 -43.51
C ALA D 288 -90.90 -27.36 -42.68
N GLN D 289 -90.29 -26.91 -41.59
CA GLN D 289 -89.48 -27.78 -40.74
C GLN D 289 -90.33 -28.71 -39.87
N GLU D 290 -91.64 -28.44 -39.74
CA GLU D 290 -92.57 -29.29 -38.97
C GLU D 290 -93.28 -30.35 -39.84
N ARG D 291 -92.47 -31.11 -40.59
CA ARG D 291 -92.95 -32.25 -41.39
C ARG D 291 -92.02 -33.44 -41.23
N ALA D 292 -90.79 -33.30 -41.72
CA ALA D 292 -89.79 -34.37 -41.69
C ALA D 292 -89.17 -34.50 -40.29
N PRO E 1 -123.77 81.39 18.13
CA PRO E 1 -122.56 80.57 18.26
C PRO E 1 -122.86 79.15 18.74
N HIS E 2 -123.14 78.28 17.77
CA HIS E 2 -123.50 76.89 18.02
C HIS E 2 -122.25 76.09 18.36
N CYS E 3 -122.43 74.96 19.04
CA CYS E 3 -121.34 74.03 19.30
C CYS E 3 -121.01 73.20 18.04
N SER E 4 -120.12 72.24 18.20
CA SER E 4 -119.63 71.46 17.08
C SER E 4 -120.70 70.60 16.48
N ARG E 5 -120.96 70.77 15.21
CA ARG E 5 -122.07 70.05 14.58
C ARG E 5 -121.77 68.59 14.27
N ASN E 6 -120.49 68.20 14.19
CA ASN E 6 -120.17 66.78 14.32
C ASN E 6 -119.44 66.51 15.60
N PRO E 7 -119.58 65.28 16.10
CA PRO E 7 -118.77 64.84 17.21
C PRO E 7 -117.39 64.41 16.75
N VAL E 8 -116.61 63.96 17.72
CA VAL E 8 -115.30 63.39 17.46
C VAL E 8 -115.46 61.89 17.41
N LEU E 9 -114.93 61.32 16.34
CA LEU E 9 -114.76 59.90 16.24
C LEU E 9 -113.50 59.55 17.02
N VAL E 10 -112.37 60.11 16.57
CA VAL E 10 -111.07 60.03 17.25
C VAL E 10 -110.34 61.35 16.99
N ARG E 11 -109.43 61.72 17.90
CA ARG E 11 -108.67 62.98 17.75
C ARG E 11 -108.43 63.29 16.29
N GLY E 12 -109.14 64.31 15.82
CA GLY E 12 -108.88 64.89 14.51
C GLY E 12 -109.73 64.33 13.40
N ILE E 13 -110.13 63.07 13.52
CA ILE E 13 -111.00 62.47 12.53
C ILE E 13 -112.44 62.67 12.94
N GLY E 14 -113.17 63.41 12.11
CA GLY E 14 -114.58 63.65 12.32
C GLY E 14 -115.40 62.42 12.02
N ARG E 15 -116.44 62.22 12.84
CA ARG E 15 -117.44 61.16 12.66
C ARG E 15 -118.15 61.28 11.31
N TYR E 16 -118.38 62.50 10.83
CA TYR E 16 -119.31 62.67 9.71
C TYR E 16 -118.71 62.59 8.30
N SER E 17 -118.25 63.70 7.72
CA SER E 17 -117.72 63.73 6.33
C SER E 17 -117.55 65.19 5.95
N ARG E 18 -117.42 65.47 4.65
CA ARG E 18 -117.57 66.83 4.14
C ARG E 18 -119.04 66.99 3.78
N SER E 19 -119.55 66.06 2.96
CA SER E 19 -120.88 66.21 2.34
C SER E 19 -122.01 65.89 3.29
N ALA E 20 -121.74 65.00 4.24
CA ALA E 20 -122.66 64.78 5.34
C ALA E 20 -122.71 66.00 6.25
N MET E 21 -121.59 66.70 6.36
CA MET E 21 -121.56 67.97 7.06
C MET E 21 -122.35 69.05 6.30
N TYR E 22 -122.09 69.13 4.98
CA TYR E 22 -122.73 70.10 4.08
C TYR E 22 -124.22 70.12 4.27
N SER E 23 -124.80 68.95 4.48
CA SER E 23 -126.22 68.83 4.80
C SER E 23 -126.58 69.44 6.15
N ARG E 24 -125.82 69.05 7.17
CA ARG E 24 -126.10 69.48 8.54
C ARG E 24 -126.01 70.99 8.74
N LYS E 25 -124.84 71.57 8.48
CA LYS E 25 -124.69 73.01 8.60
C LYS E 25 -125.65 73.67 7.65
N ALA E 26 -125.73 73.10 6.46
CA ALA E 26 -126.57 73.60 5.38
C ALA E 26 -125.85 74.69 4.60
N LEU E 27 -124.95 74.25 3.73
CA LEU E 27 -124.28 75.14 2.79
C LEU E 27 -125.19 75.45 1.61
N TYR E 28 -126.19 74.60 1.38
CA TYR E 28 -127.37 75.00 0.64
C TYR E 28 -128.14 75.98 1.52
N LYS E 29 -128.77 76.97 0.89
CA LYS E 29 -129.60 77.97 1.57
C LYS E 29 -128.84 79.03 2.39
N ARG E 30 -127.60 78.75 2.79
CA ARG E 30 -126.75 79.71 3.50
C ARG E 30 -125.69 80.23 2.52
N LYS E 31 -126.17 80.81 1.43
CA LYS E 31 -125.34 81.28 0.32
C LYS E 31 -125.37 82.81 0.39
N TYR E 32 -124.19 83.43 0.40
CA TYR E 32 -124.06 84.87 0.70
C TYR E 32 -123.70 85.71 -0.52
N ALA E 33 -124.70 86.07 -1.32
CA ALA E 33 -124.51 86.89 -2.52
C ALA E 33 -124.04 88.31 -2.18
N ALA E 34 -122.72 88.48 -2.14
CA ALA E 34 -122.08 89.77 -1.84
C ALA E 34 -121.01 90.08 -2.88
N PRO E 35 -121.31 91.04 -3.76
CA PRO E 35 -120.41 91.44 -4.83
C PRO E 35 -119.31 92.36 -4.30
N VAL E 48 -101.08 108.72 4.66
CA VAL E 48 -101.23 109.69 5.74
C VAL E 48 -101.17 111.10 5.14
N LEU E 49 -100.05 111.44 4.51
CA LEU E 49 -99.82 112.73 3.81
C LEU E 49 -100.15 113.96 4.68
N ALA E 50 -101.43 114.34 4.76
CA ALA E 50 -101.88 115.47 5.55
C ALA E 50 -102.65 114.97 6.77
N THR E 51 -103.65 114.13 6.54
CA THR E 51 -104.47 113.54 7.60
C THR E 51 -103.62 112.63 8.50
N VAL E 52 -103.24 113.16 9.66
CA VAL E 52 -102.39 112.43 10.61
C VAL E 52 -103.12 111.19 11.16
N THR E 53 -102.35 110.14 11.45
CA THR E 53 -102.94 108.84 11.81
C THR E 53 -103.24 108.74 13.32
N LYS E 54 -102.21 108.61 14.15
CA LYS E 54 -102.39 108.40 15.60
C LYS E 54 -101.36 109.12 16.49
N PRO E 55 -101.59 110.43 16.76
CA PRO E 55 -101.02 111.24 17.83
C PRO E 55 -102.09 112.07 18.66
N VAL E 56 -101.92 113.39 18.83
CA VAL E 56 -102.95 114.41 19.21
C VAL E 56 -102.87 114.92 20.68
N GLY E 57 -102.95 116.25 20.85
CA GLY E 57 -102.95 116.91 22.17
C GLY E 57 -103.41 118.38 22.14
N GLY E 58 -103.31 119.06 23.29
CA GLY E 58 -103.76 120.47 23.45
C GLY E 58 -102.59 121.44 23.61
N ASP E 59 -102.67 122.35 24.60
CA ASP E 59 -101.58 123.25 25.08
C ASP E 59 -101.70 124.71 24.60
N LYS E 60 -101.07 125.62 25.34
CA LYS E 60 -101.19 127.08 25.17
C LYS E 60 -100.55 127.70 23.89
N ASN E 61 -99.46 128.49 24.01
CA ASN E 61 -99.12 129.50 22.97
C ASN E 61 -98.37 128.94 21.77
N GLY E 62 -98.76 129.44 20.59
CA GLY E 62 -98.45 128.84 19.29
C GLY E 62 -99.62 128.02 18.75
N GLY E 63 -100.48 127.53 19.64
CA GLY E 63 -101.67 126.73 19.27
C GLY E 63 -101.63 125.40 19.97
N THR E 64 -102.32 124.41 19.41
CA THR E 64 -102.28 123.03 19.91
C THR E 64 -101.21 122.21 19.22
N ARG E 65 -100.43 121.48 20.01
CA ARG E 65 -99.41 120.57 19.49
C ARG E 65 -100.02 119.25 19.04
N VAL E 66 -99.21 118.50 18.30
CA VAL E 66 -99.48 117.11 17.97
C VAL E 66 -98.37 116.31 18.60
N VAL E 67 -98.69 115.45 19.56
CA VAL E 67 -97.69 114.58 20.19
C VAL E 67 -97.40 113.41 19.25
N LYS E 68 -96.94 112.28 19.79
CA LYS E 68 -96.94 111.04 19.05
C LYS E 68 -97.02 109.92 20.08
N LEU E 69 -98.12 109.17 20.06
CA LEU E 69 -98.24 108.01 20.94
C LEU E 69 -97.17 107.05 20.49
N ARG E 70 -96.40 106.52 21.45
CA ARG E 70 -95.33 105.57 21.16
C ARG E 70 -94.24 106.23 20.31
N LYS E 71 -93.24 106.80 20.98
CA LYS E 71 -92.17 107.56 20.32
C LYS E 71 -90.93 106.70 20.20
N MET E 72 -90.22 106.86 19.09
CA MET E 72 -89.20 105.88 18.65
C MET E 72 -87.99 105.90 19.59
N PRO E 73 -87.18 104.84 19.54
CA PRO E 73 -86.37 104.53 20.70
C PRO E 73 -85.21 105.48 20.87
N ARG E 74 -84.93 105.83 22.12
CA ARG E 74 -83.85 106.74 22.48
C ARG E 74 -82.45 106.14 22.32
N TYR E 75 -82.36 104.83 22.13
CA TYR E 75 -81.08 104.20 21.90
C TYR E 75 -81.31 102.84 21.27
N TYR E 76 -80.40 102.45 20.41
CA TYR E 76 -80.35 101.10 19.96
C TYR E 76 -79.05 100.52 20.45
N PRO E 77 -78.99 99.20 20.64
CA PRO E 77 -77.75 98.51 20.95
C PRO E 77 -77.04 98.09 19.69
N THR E 78 -75.79 97.64 19.81
CA THR E 78 -74.93 97.50 18.63
C THR E 78 -75.23 96.30 17.75
N GLU E 79 -75.74 95.26 18.35
CA GLU E 79 -76.11 94.06 17.61
C GLU E 79 -77.26 93.44 18.35
N ASP E 80 -78.08 92.68 17.63
CA ASP E 80 -79.24 92.07 18.28
C ASP E 80 -79.74 90.83 17.56
N VAL E 81 -80.39 89.97 18.35
CA VAL E 81 -80.89 88.70 17.84
C VAL E 81 -82.04 88.87 16.88
N PRO E 82 -82.30 87.87 16.04
CA PRO E 82 -83.14 88.17 14.91
C PRO E 82 -84.31 87.18 14.76
N ARG E 83 -85.38 87.41 15.51
CA ARG E 83 -86.65 86.66 15.41
C ARG E 83 -86.50 85.15 15.64
N LYS E 84 -87.58 84.41 15.42
CA LYS E 84 -87.50 82.96 15.38
C LYS E 84 -88.37 82.45 14.23
N LEU E 85 -89.20 81.42 14.42
CA LEU E 85 -89.82 80.73 13.30
C LEU E 85 -91.18 80.00 13.51
N LEU E 86 -91.94 80.42 14.53
CA LEU E 86 -93.40 80.13 14.63
C LEU E 86 -93.81 78.80 15.28
N SER E 87 -93.22 77.69 14.85
CA SER E 87 -93.14 76.48 15.71
C SER E 87 -94.41 75.69 16.10
N HIS E 88 -95.59 76.30 16.08
CA HIS E 88 -96.80 75.57 15.67
C HIS E 88 -97.65 74.83 16.69
N GLY E 89 -97.01 74.40 17.76
CA GLY E 89 -97.61 73.39 18.61
C GLY E 89 -97.83 74.04 19.94
N ARG E 90 -96.78 74.70 20.41
CA ARG E 90 -96.13 74.28 21.61
C ARG E 90 -96.56 75.29 22.64
N LYS E 91 -97.31 74.84 23.63
CA LYS E 91 -98.39 75.65 24.18
C LYS E 91 -98.14 75.89 25.63
N PRO E 92 -98.25 77.13 26.07
CA PRO E 92 -97.77 77.45 27.39
C PRO E 92 -98.54 76.71 28.44
N PHE E 93 -97.86 76.45 29.55
CA PHE E 93 -98.29 75.47 30.53
C PHE E 93 -99.73 75.60 30.90
N SER E 94 -100.13 76.83 31.20
CA SER E 94 -101.52 77.13 31.52
C SER E 94 -102.53 76.39 30.63
N GLN E 95 -102.29 76.46 29.32
CA GLN E 95 -103.21 75.94 28.33
C GLN E 95 -103.10 74.45 28.08
N HIS E 96 -102.03 73.81 28.55
CA HIS E 96 -101.86 72.36 28.39
C HIS E 96 -103.08 71.62 28.86
N VAL E 97 -103.40 70.51 28.21
CA VAL E 97 -104.36 69.57 28.78
C VAL E 97 -103.77 68.92 30.03
N ARG E 98 -104.62 68.58 30.99
CA ARG E 98 -104.16 67.88 32.20
C ARG E 98 -104.51 66.39 32.14
N LYS E 99 -103.94 65.62 33.07
CA LYS E 99 -104.04 64.16 33.08
C LYS E 99 -104.37 63.66 34.48
N LEU E 100 -104.46 62.34 34.64
CA LEU E 100 -104.59 61.71 35.95
C LEU E 100 -104.58 60.20 35.80
N ARG E 101 -103.73 59.51 36.56
CA ARG E 101 -103.74 58.05 36.59
C ARG E 101 -105.09 57.58 37.10
N ALA E 102 -105.74 56.70 36.34
CA ALA E 102 -107.10 56.23 36.65
C ALA E 102 -107.26 55.63 38.06
N SER E 103 -106.18 55.03 38.56
CA SER E 103 -106.08 54.56 39.94
C SER E 103 -106.35 55.66 41.00
N ILE E 104 -106.03 56.92 40.68
CA ILE E 104 -106.39 58.05 41.53
C ILE E 104 -107.79 58.56 41.20
N THR E 105 -108.73 58.26 42.09
CA THR E 105 -110.09 58.80 42.06
C THR E 105 -110.17 59.75 43.25
N PRO E 106 -111.15 60.67 43.25
CA PRO E 106 -111.38 61.48 44.45
C PRO E 106 -111.72 60.59 45.63
N GLY E 107 -111.22 60.97 46.80
CA GLY E 107 -111.32 60.12 47.96
C GLY E 107 -110.75 58.76 47.63
N THR E 108 -109.50 58.76 47.19
CA THR E 108 -108.70 57.57 47.24
C THR E 108 -107.69 57.86 48.33
N ILE E 109 -106.86 56.87 48.63
CA ILE E 109 -105.80 57.03 49.58
C ILE E 109 -104.49 56.85 48.88
N LEU E 110 -103.55 57.71 49.24
CA LEU E 110 -102.23 57.75 48.65
C LEU E 110 -101.12 57.54 49.65
N ILE E 111 -99.94 57.35 49.09
CA ILE E 111 -98.72 57.30 49.85
C ILE E 111 -97.88 58.41 49.23
N ILE E 112 -97.69 59.48 49.97
CA ILE E 112 -96.97 60.64 49.46
C ILE E 112 -95.50 60.37 49.75
N LEU E 113 -94.74 60.20 48.68
CA LEU E 113 -93.41 59.61 48.76
C LEU E 113 -92.30 60.52 49.20
N THR E 114 -92.30 61.74 48.70
CA THR E 114 -91.04 62.41 48.48
C THR E 114 -90.69 63.57 49.44
N GLY E 115 -91.65 64.42 49.78
CA GLY E 115 -91.40 65.59 50.66
C GLY E 115 -91.26 65.22 52.13
N ARG E 116 -91.38 66.20 53.01
CA ARG E 116 -91.26 65.94 54.45
C ARG E 116 -92.44 65.17 55.04
N HIS E 117 -93.47 64.96 54.22
CA HIS E 117 -94.52 64.00 54.51
C HIS E 117 -94.15 62.77 53.68
N ARG E 118 -93.09 62.13 54.14
CA ARG E 118 -92.37 61.12 53.39
C ARG E 118 -92.83 59.76 53.86
N GLY E 119 -93.49 59.02 52.99
CA GLY E 119 -94.11 57.77 53.37
C GLY E 119 -95.43 57.93 54.08
N LYS E 120 -95.90 59.16 54.30
CA LYS E 120 -97.13 59.39 55.06
C LYS E 120 -98.26 58.96 54.19
N ARG E 121 -99.24 58.27 54.78
CA ARG E 121 -100.44 57.94 54.05
C ARG E 121 -101.40 59.10 54.19
N VAL E 122 -102.38 59.21 53.31
CA VAL E 122 -103.06 60.49 53.09
C VAL E 122 -104.30 60.32 52.25
N VAL E 123 -105.23 61.28 52.32
CA VAL E 123 -106.42 61.28 51.45
C VAL E 123 -106.41 62.32 50.33
N PHE E 124 -106.49 61.81 49.10
CA PHE E 124 -106.69 62.62 47.92
C PHE E 124 -108.10 63.19 47.90
N LEU E 125 -108.21 64.44 47.45
CA LEU E 125 -109.47 65.17 47.42
C LEU E 125 -109.84 65.43 45.97
N LYS E 126 -109.07 66.30 45.33
CA LYS E 126 -109.35 66.76 43.98
C LYS E 126 -108.07 67.06 43.21
N GLN E 127 -108.19 66.99 41.90
CA GLN E 127 -107.22 67.55 40.99
C GLN E 127 -107.41 69.08 40.97
N LEU E 128 -106.30 69.79 41.03
CA LEU E 128 -106.31 71.24 40.89
C LEU E 128 -106.24 71.61 39.41
N SER E 129 -106.16 72.90 39.11
CA SER E 129 -106.03 73.38 37.71
C SER E 129 -104.65 73.05 37.19
N SER E 130 -103.63 73.56 37.88
CA SER E 130 -102.25 73.15 37.72
C SER E 130 -102.07 71.79 37.06
N GLY E 131 -102.63 70.77 37.72
CA GLY E 131 -102.31 69.38 37.45
C GLY E 131 -102.08 68.62 38.74
N LEU E 132 -101.58 69.32 39.75
CA LEU E 132 -101.29 68.72 41.04
C LEU E 132 -102.51 68.17 41.72
N LEU E 133 -102.24 67.37 42.75
CA LEU E 133 -103.28 66.83 43.61
C LEU E 133 -103.39 67.65 44.87
N LEU E 134 -104.60 68.11 45.16
CA LEU E 134 -104.97 68.53 46.50
C LEU E 134 -105.15 67.29 47.35
N VAL E 135 -104.63 67.34 48.56
CA VAL E 135 -104.53 66.19 49.40
C VAL E 135 -104.61 66.66 50.84
N THR E 136 -105.01 65.76 51.73
CA THR E 136 -105.08 66.04 53.15
C THR E 136 -105.02 64.72 53.86
N GLY E 137 -104.15 64.62 54.85
CA GLY E 137 -104.14 63.46 55.75
C GLY E 137 -104.71 63.99 57.04
N PRO E 138 -106.04 64.17 57.11
CA PRO E 138 -106.72 65.10 58.02
C PRO E 138 -105.82 65.48 59.18
N LEU E 139 -105.04 66.54 58.96
CA LEU E 139 -104.00 67.05 59.89
C LEU E 139 -104.03 66.51 61.32
N SER E 140 -105.24 66.34 61.82
CA SER E 140 -105.56 65.55 63.02
C SER E 140 -104.84 64.22 63.16
N LEU E 141 -105.08 63.29 62.25
CA LEU E 141 -104.55 61.95 62.38
C LEU E 141 -103.07 61.90 62.09
N ASN E 142 -102.76 62.33 60.89
CA ASN E 142 -101.52 62.01 60.24
C ASN E 142 -100.45 63.03 60.46
N ARG E 143 -100.90 64.28 60.55
CA ARG E 143 -100.09 65.47 60.61
C ARG E 143 -99.76 65.98 59.21
N VAL E 144 -100.71 65.80 58.28
CA VAL E 144 -100.54 66.19 56.90
C VAL E 144 -101.69 67.10 56.48
N PRO E 145 -101.44 68.40 56.44
CA PRO E 145 -102.46 69.43 56.20
C PRO E 145 -102.99 69.50 54.78
N LEU E 146 -103.77 70.53 54.50
CA LEU E 146 -104.23 70.83 53.14
C LEU E 146 -103.06 71.25 52.29
N ARG E 147 -102.65 70.39 51.38
CA ARG E 147 -101.40 70.55 50.68
C ARG E 147 -101.59 70.06 49.29
N ARG E 148 -100.68 70.45 48.43
CA ARG E 148 -100.60 69.89 47.09
C ARG E 148 -99.63 68.69 47.08
N THR E 149 -99.80 67.83 46.08
CA THR E 149 -98.81 66.84 45.70
C THR E 149 -98.89 66.61 44.20
N HIS E 150 -97.80 66.11 43.64
CA HIS E 150 -97.68 65.87 42.21
C HIS E 150 -98.00 64.40 41.98
N GLN E 151 -98.97 64.12 41.13
CA GLN E 151 -99.29 62.75 40.71
C GLN E 151 -98.12 61.82 40.82
N LYS E 152 -96.98 62.29 40.31
CA LYS E 152 -95.84 61.44 40.04
C LYS E 152 -95.18 60.87 41.27
N PHE E 153 -95.23 61.56 42.40
CA PHE E 153 -94.47 61.13 43.56
C PHE E 153 -95.34 60.54 44.68
N VAL E 154 -96.25 59.68 44.26
CA VAL E 154 -97.48 59.39 45.00
C VAL E 154 -97.98 58.03 44.55
N ILE E 155 -97.81 57.02 45.37
CA ILE E 155 -98.41 55.74 45.04
C ILE E 155 -99.88 55.84 45.37
N ALA E 156 -100.71 55.34 44.47
CA ALA E 156 -102.14 55.26 44.72
C ALA E 156 -102.48 53.90 45.24
N THR E 157 -102.98 53.88 46.47
CA THR E 157 -103.45 52.66 47.12
C THR E 157 -104.82 52.29 46.55
N SER E 158 -105.32 51.10 46.90
CA SER E 158 -106.65 50.66 46.47
C SER E 158 -107.68 50.90 47.57
N THR E 159 -107.41 51.86 48.44
CA THR E 159 -108.28 52.12 49.56
C THR E 159 -108.95 53.45 49.29
N LYS E 160 -110.27 53.44 49.36
CA LYS E 160 -111.10 54.58 49.00
C LYS E 160 -112.21 54.78 50.01
N ILE E 161 -112.31 56.02 50.47
CA ILE E 161 -113.35 56.44 51.36
C ILE E 161 -114.35 57.07 50.38
N ASP E 162 -115.64 56.97 50.66
CA ASP E 162 -116.65 57.60 49.79
C ASP E 162 -116.75 59.10 50.07
N ILE E 163 -115.77 59.82 49.57
CA ILE E 163 -115.72 61.24 49.79
C ILE E 163 -116.82 61.95 49.01
N SER E 164 -117.26 61.34 47.91
CA SER E 164 -118.44 61.76 47.13
C SER E 164 -118.96 63.18 47.42
N GLY E 165 -119.67 63.32 48.55
CA GLY E 165 -120.33 64.56 48.93
C GLY E 165 -119.64 65.25 50.08
N VAL E 166 -118.66 66.09 49.75
CA VAL E 166 -118.12 67.09 50.68
C VAL E 166 -117.82 68.36 49.91
N LYS E 167 -118.38 69.47 50.38
CA LYS E 167 -118.13 70.77 49.76
C LYS E 167 -116.71 71.21 50.09
N ILE E 168 -115.76 70.70 49.31
CA ILE E 168 -114.42 71.22 49.31
C ILE E 168 -114.50 72.65 48.77
N PRO E 169 -114.13 73.66 49.59
CA PRO E 169 -114.40 75.03 49.19
C PRO E 169 -113.91 75.38 47.78
N LYS E 170 -114.71 76.20 47.09
CA LYS E 170 -114.37 76.65 45.74
C LYS E 170 -113.13 77.51 45.79
N HIS E 171 -113.07 78.36 46.81
CA HIS E 171 -112.03 79.35 46.91
C HIS E 171 -110.66 78.74 47.13
N LEU E 172 -110.59 77.58 47.77
CA LEU E 172 -109.31 76.89 47.85
C LEU E 172 -108.97 76.26 46.49
N THR E 173 -107.85 76.70 45.95
CA THR E 173 -107.44 76.43 44.59
C THR E 173 -105.96 76.71 44.41
N ASP E 174 -105.44 76.30 43.26
CA ASP E 174 -104.02 76.34 42.95
C ASP E 174 -103.27 77.63 43.31
N ALA E 175 -103.95 78.76 43.16
CA ALA E 175 -103.40 80.07 43.50
C ALA E 175 -103.07 80.23 44.99
N TYR E 176 -103.97 79.80 45.85
CA TYR E 176 -103.81 80.00 47.29
C TYR E 176 -102.83 78.99 47.92
N PHE E 177 -102.68 77.82 47.31
CA PHE E 177 -101.58 76.93 47.66
C PHE E 177 -100.36 77.33 46.84
N LYS E 178 -99.64 78.36 47.26
CA LYS E 178 -98.50 78.87 46.49
C LYS E 178 -97.62 79.73 47.36
N LYS E 179 -96.31 79.51 47.28
CA LYS E 179 -95.37 80.18 48.16
C LYS E 179 -95.24 81.66 47.82
N LYS E 180 -94.77 82.45 48.77
CA LYS E 180 -95.12 83.87 48.83
C LYS E 180 -93.95 84.86 48.73
N GLN E 181 -93.07 84.83 49.73
CA GLN E 181 -92.28 86.01 50.13
C GLN E 181 -91.22 86.56 49.15
N LEU E 182 -90.66 87.71 49.53
CA LEU E 182 -89.44 88.32 48.96
C LEU E 182 -89.64 89.28 47.77
N ARG E 183 -89.23 90.53 47.96
CA ARG E 183 -89.14 91.55 46.89
C ARG E 183 -87.67 91.95 46.68
N LYS E 184 -87.41 93.00 45.89
CA LYS E 184 -86.07 93.23 45.31
C LYS E 184 -85.04 93.94 46.20
N PRO E 185 -85.20 95.27 46.43
CA PRO E 185 -84.04 96.08 46.83
C PRO E 185 -83.72 96.06 48.34
N ARG E 186 -84.32 96.96 49.14
CA ARG E 186 -84.03 97.10 50.59
C ARG E 186 -82.55 97.48 50.86
N HIS E 187 -82.08 97.29 52.10
CA HIS E 187 -80.69 97.58 52.48
C HIS E 187 -79.67 96.68 51.77
N GLN E 188 -80.02 95.41 51.61
CA GLN E 188 -79.25 94.42 50.83
C GLN E 188 -77.88 94.08 51.42
N GLU E 189 -76.88 94.94 51.20
CA GLU E 189 -75.47 94.59 51.47
C GLU E 189 -75.12 94.79 52.94
N GLY E 190 -74.56 93.74 53.55
CA GLY E 190 -74.18 93.75 54.97
C GLY E 190 -74.30 92.36 55.57
N GLU E 191 -75.07 92.25 56.65
CA GLU E 191 -75.39 90.95 57.27
C GLU E 191 -76.89 90.91 57.63
N ILE E 192 -77.72 91.37 56.70
CA ILE E 192 -79.17 91.56 56.92
C ILE E 192 -79.95 91.37 55.61
N PHE E 193 -81.26 91.64 55.64
CA PHE E 193 -82.18 91.58 54.48
C PHE E 193 -82.63 90.15 54.15
N ASP E 194 -83.78 89.77 54.69
CA ASP E 194 -84.52 88.55 54.30
C ASP E 194 -83.81 87.19 54.48
N THR E 195 -82.60 87.19 55.04
CA THR E 195 -82.05 86.01 55.71
C THR E 195 -82.85 85.81 57.00
N GLU E 196 -83.27 86.93 57.60
CA GLU E 196 -84.32 86.95 58.63
C GLU E 196 -85.71 86.91 57.93
N LYS E 197 -86.73 87.61 58.46
CA LYS E 197 -88.15 87.37 58.12
C LYS E 197 -88.56 85.99 58.68
N GLU E 198 -87.79 84.97 58.32
CA GLU E 198 -87.61 83.74 59.08
C GLU E 198 -88.69 82.71 58.77
N LYS E 199 -89.88 82.92 59.31
CA LYS E 199 -90.88 81.88 59.38
C LYS E 199 -91.96 82.04 58.34
N TYR E 200 -92.46 80.90 57.87
CA TYR E 200 -93.80 80.80 57.32
C TYR E 200 -94.79 80.67 58.48
N GLU E 201 -95.64 81.67 58.64
CA GLU E 201 -96.77 81.58 59.57
C GLU E 201 -97.97 80.99 58.84
N ILE E 202 -98.91 80.45 59.60
CA ILE E 202 -99.93 79.54 59.08
C ILE E 202 -101.21 80.23 58.57
N THR E 203 -101.60 81.35 59.19
CA THR E 203 -102.77 82.15 58.79
C THR E 203 -104.09 81.53 59.20
N GLU E 204 -104.94 82.34 59.82
CA GLU E 204 -106.26 81.91 60.30
C GLU E 204 -107.12 81.31 59.19
N GLN E 205 -107.08 81.92 58.01
CA GLN E 205 -107.86 81.45 56.87
C GLN E 205 -107.59 79.99 56.59
N ARG E 206 -106.30 79.64 56.57
CA ARG E 206 -105.89 78.28 56.30
C ARG E 206 -106.37 77.34 57.40
N LYS E 207 -106.27 77.77 58.65
CA LYS E 207 -106.74 76.97 59.78
C LYS E 207 -108.23 76.71 59.74
N VAL E 208 -109.00 77.68 59.25
CA VAL E 208 -110.44 77.53 59.08
C VAL E 208 -110.71 76.51 58.00
N ASP E 209 -110.03 76.66 56.87
CA ASP E 209 -110.27 75.79 55.72
C ASP E 209 -109.98 74.33 56.03
N GLN E 210 -108.84 74.07 56.67
CA GLN E 210 -108.51 72.75 57.17
C GLN E 210 -109.65 72.20 58.03
N LYS E 211 -110.04 72.98 59.05
CA LYS E 211 -111.16 72.62 59.91
C LYS E 211 -112.37 72.20 59.11
N ALA E 212 -112.77 73.07 58.19
CA ALA E 212 -113.96 72.83 57.36
C ALA E 212 -113.90 71.53 56.56
N VAL E 213 -112.74 71.24 55.99
CA VAL E 213 -112.54 70.01 55.23
C VAL E 213 -112.47 68.81 56.15
N ASP E 214 -111.70 68.93 57.24
CA ASP E 214 -111.44 67.79 58.12
C ASP E 214 -112.75 67.30 58.69
N SER E 215 -113.54 68.19 59.25
CA SER E 215 -114.79 67.81 59.87
C SER E 215 -115.63 66.96 58.91
N GLN E 216 -115.66 67.35 57.63
CA GLN E 216 -116.41 66.65 56.59
C GLN E 216 -115.85 65.27 56.25
N ILE E 217 -114.54 65.18 56.03
CA ILE E 217 -113.89 63.88 55.77
C ILE E 217 -113.88 62.98 57.01
N LEU E 218 -113.59 63.57 58.16
CA LEU E 218 -113.03 62.81 59.27
C LEU E 218 -114.03 61.75 59.64
N PRO E 219 -115.36 62.14 59.60
CA PRO E 219 -116.30 61.09 59.99
C PRO E 219 -116.15 59.90 59.05
N LYS E 220 -115.98 60.18 57.77
CA LYS E 220 -116.10 59.12 56.78
C LYS E 220 -115.06 58.05 57.03
N ILE E 221 -113.84 58.47 57.36
CA ILE E 221 -112.80 57.53 57.75
C ILE E 221 -113.12 56.77 59.03
N LYS E 222 -113.65 57.47 60.03
CA LYS E 222 -114.02 56.82 61.29
C LYS E 222 -115.14 55.79 61.10
N ALA E 223 -115.92 55.96 60.02
CA ALA E 223 -116.92 54.96 59.64
C ALA E 223 -116.30 53.66 59.13
N VAL E 224 -115.14 53.77 58.46
CA VAL E 224 -114.40 52.57 58.07
C VAL E 224 -113.64 52.12 59.31
N PRO E 225 -113.66 50.80 59.58
CA PRO E 225 -112.88 50.31 60.70
C PRO E 225 -111.39 50.27 60.38
N GLN E 226 -110.59 50.66 61.37
CA GLN E 226 -109.12 50.67 61.33
C GLN E 226 -108.53 51.86 60.61
N LEU E 227 -109.24 52.36 59.62
CA LEU E 227 -108.64 53.21 58.61
C LEU E 227 -107.93 54.41 59.21
N GLN E 228 -108.46 54.96 60.30
CA GLN E 228 -107.80 56.09 60.93
C GLN E 228 -106.39 55.71 61.38
N GLY E 229 -106.24 54.51 61.94
CA GLY E 229 -104.93 53.98 62.30
C GLY E 229 -104.00 53.76 61.12
N TYR E 230 -104.54 53.17 60.05
CA TYR E 230 -103.82 52.97 58.80
C TYR E 230 -103.25 54.28 58.37
N LEU E 231 -104.12 55.30 58.33
CA LEU E 231 -103.70 56.61 57.91
C LEU E 231 -102.61 57.20 58.79
N ARG E 232 -102.71 57.04 60.10
CA ARG E 232 -101.65 57.53 60.96
C ARG E 232 -100.33 56.92 60.57
N SER E 233 -100.34 55.62 60.31
CA SER E 233 -99.12 54.91 60.01
C SER E 233 -98.43 55.36 58.74
N VAL E 234 -97.12 55.23 58.75
CA VAL E 234 -96.29 55.61 57.65
C VAL E 234 -96.12 54.38 56.79
N PHE E 235 -96.05 54.60 55.48
CA PHE E 235 -95.61 53.56 54.58
C PHE E 235 -94.10 53.44 54.63
N ALA E 236 -93.61 52.22 54.43
CA ALA E 236 -92.19 51.97 54.34
C ALA E 236 -91.92 50.52 53.97
N LEU E 237 -90.97 50.32 53.08
CA LEU E 237 -90.53 48.98 52.74
C LEU E 237 -89.82 48.39 53.94
N THR E 238 -89.60 47.09 53.87
CA THR E 238 -88.75 46.41 54.82
C THR E 238 -88.10 45.18 54.19
N ASN E 239 -87.54 44.30 55.00
CA ASN E 239 -86.92 43.09 54.51
C ASN E 239 -87.92 42.07 54.03
N GLY E 240 -87.61 41.48 52.88
CA GLY E 240 -88.39 40.41 52.29
C GLY E 240 -89.66 40.91 51.64
N VAL E 241 -89.56 42.05 50.98
CA VAL E 241 -90.74 42.69 50.40
C VAL E 241 -90.40 43.69 49.32
N TYR E 242 -91.10 43.55 48.21
CA TYR E 242 -90.70 44.13 46.97
C TYR E 242 -91.86 44.85 46.31
N PRO E 243 -91.67 46.12 45.96
CA PRO E 243 -92.70 46.88 45.27
C PRO E 243 -93.29 46.15 44.11
N HIS E 244 -92.45 45.54 43.27
CA HIS E 244 -92.95 44.88 42.07
C HIS E 244 -93.90 43.74 42.36
N LYS E 245 -93.66 43.05 43.47
CA LYS E 245 -94.39 41.86 43.85
C LYS E 245 -95.70 42.21 44.51
N LEU E 246 -95.62 43.08 45.51
CA LEU E 246 -96.80 43.48 46.28
C LEU E 246 -97.61 44.50 45.49
N VAL E 247 -98.74 44.88 46.07
CA VAL E 247 -99.74 45.70 45.42
C VAL E 247 -100.21 46.74 46.43
N PHE E 248 -100.76 47.84 45.91
CA PHE E 248 -101.34 48.89 46.73
C PHE E 248 -102.79 49.10 46.31
N ASN F 1 -103.80 102.86 -12.09
CA ASN F 1 -102.66 101.97 -11.74
C ASN F 1 -103.00 100.96 -10.66
N PHE F 2 -103.21 101.46 -9.45
CA PHE F 2 -102.95 100.70 -8.23
C PHE F 2 -104.01 99.68 -7.84
N ALA F 3 -105.28 100.10 -7.84
CA ALA F 3 -106.38 99.21 -7.46
C ALA F 3 -106.67 98.14 -8.50
N GLU F 4 -106.48 98.47 -9.78
CA GLU F 4 -106.64 97.49 -10.87
C GLU F 4 -105.64 96.34 -10.77
N LEU F 5 -104.38 96.67 -10.49
CA LEU F 5 -103.33 95.66 -10.32
C LEU F 5 -103.64 94.73 -9.14
N LYS F 6 -104.00 95.32 -7.99
CA LYS F 6 -104.36 94.57 -6.78
C LYS F 6 -105.42 93.51 -7.05
N ILE F 7 -106.50 93.94 -7.69
CA ILE F 7 -107.58 93.05 -8.12
C ILE F 7 -107.00 91.91 -8.98
N LYS F 8 -106.20 92.29 -9.97
CA LYS F 8 -105.56 91.31 -10.85
C LYS F 8 -104.72 90.34 -10.02
N ARG F 9 -103.94 90.88 -9.08
CA ARG F 9 -103.12 90.05 -8.19
C ARG F 9 -103.94 89.15 -7.28
N LEU F 10 -105.10 89.63 -6.85
CA LEU F 10 -106.02 88.78 -6.10
C LEU F 10 -106.63 87.68 -6.96
N ARG F 11 -107.10 88.05 -8.16
CA ARG F 11 -107.71 87.09 -9.08
C ARG F 11 -106.75 85.95 -9.43
N LYS F 12 -105.48 86.29 -9.63
CA LYS F 12 -104.41 85.30 -9.82
C LYS F 12 -104.41 84.36 -8.62
N LYS F 13 -104.28 84.94 -7.44
CA LYS F 13 -104.16 84.20 -6.20
C LYS F 13 -105.33 83.27 -6.01
N PHE F 14 -106.52 83.75 -6.31
CA PHE F 14 -107.69 82.89 -6.22
C PHE F 14 -107.56 81.71 -7.18
N ALA F 15 -107.26 81.99 -8.45
CA ALA F 15 -107.21 80.94 -9.45
C ALA F 15 -106.27 79.82 -9.06
N GLN F 16 -105.12 80.20 -8.52
CA GLN F 16 -104.16 79.24 -7.98
C GLN F 16 -104.77 78.39 -6.89
N LYS F 17 -105.42 79.06 -5.94
CA LYS F 17 -106.06 78.41 -4.82
C LYS F 17 -107.23 77.52 -5.26
N MET F 18 -108.03 77.99 -6.21
CA MET F 18 -109.08 77.17 -6.82
C MET F 18 -108.48 75.97 -7.54
N LEU F 19 -107.36 76.16 -8.24
CA LEU F 19 -106.71 75.04 -8.93
C LEU F 19 -106.25 74.05 -7.88
N ARG F 20 -105.45 74.51 -6.93
CA ARG F 20 -104.90 73.62 -5.93
C ARG F 20 -105.97 72.67 -5.45
N LYS F 21 -107.12 73.20 -5.08
CA LYS F 21 -108.25 72.37 -4.69
C LYS F 21 -108.50 71.30 -5.72
N ALA F 22 -108.59 71.66 -6.99
CA ALA F 22 -108.89 70.66 -8.01
C ALA F 22 -107.93 69.48 -7.98
N ARG F 23 -106.65 69.77 -8.12
CA ARG F 23 -105.63 68.71 -8.03
C ARG F 23 -105.78 67.90 -6.76
N ARG F 24 -105.96 68.60 -5.65
CA ARG F 24 -106.24 67.94 -4.40
C ARG F 24 -107.37 66.93 -4.62
N LYS F 25 -108.50 67.40 -5.12
CA LYS F 25 -109.64 66.54 -5.26
C LYS F 25 -109.37 65.37 -6.22
N LEU F 26 -108.69 65.67 -7.31
CA LEU F 26 -108.29 64.64 -8.27
C LEU F 26 -107.51 63.54 -7.59
N ILE F 27 -106.51 63.95 -6.80
CA ILE F 27 -105.77 62.99 -6.02
C ILE F 27 -106.76 62.18 -5.21
N TYR F 28 -107.62 62.85 -4.44
CA TYR F 28 -108.54 62.14 -3.56
C TYR F 28 -109.30 61.08 -4.30
N GLU F 29 -109.88 61.48 -5.42
CA GLU F 29 -110.64 60.56 -6.20
C GLU F 29 -109.82 59.47 -6.88
N LYS F 30 -108.55 59.73 -7.21
CA LYS F 30 -107.63 58.67 -7.70
C LYS F 30 -107.38 57.60 -6.66
N ALA F 31 -107.21 58.04 -5.44
CA ALA F 31 -106.90 57.12 -4.38
C ALA F 31 -108.07 56.21 -4.22
N LYS F 32 -109.24 56.82 -4.06
CA LYS F 32 -110.48 56.08 -3.91
C LYS F 32 -110.58 54.97 -4.93
N HIS F 33 -110.21 55.29 -6.16
CA HIS F 33 -110.26 54.32 -7.23
C HIS F 33 -109.33 53.16 -7.00
N TYR F 34 -108.06 53.46 -6.73
CA TYR F 34 -107.08 52.40 -6.51
C TYR F 34 -107.43 51.51 -5.32
N HIS F 35 -108.14 52.08 -4.37
CA HIS F 35 -108.74 51.28 -3.33
C HIS F 35 -109.60 50.28 -4.03
N LYS F 36 -110.56 50.75 -4.78
CA LYS F 36 -111.51 49.88 -5.44
C LYS F 36 -110.80 48.89 -6.31
N GLU F 37 -109.77 49.35 -7.01
CA GLU F 37 -109.06 48.49 -7.96
C GLU F 37 -108.18 47.46 -7.32
N TYR F 38 -107.67 47.70 -6.13
CA TYR F 38 -106.97 46.62 -5.40
C TYR F 38 -108.02 45.67 -4.88
N ARG F 39 -108.93 46.22 -4.08
CA ARG F 39 -110.02 45.44 -3.51
C ARG F 39 -110.47 44.40 -4.51
N GLN F 40 -110.76 44.87 -5.70
CA GLN F 40 -111.26 44.01 -6.75
C GLN F 40 -110.23 42.91 -7.12
N MET F 41 -108.96 43.27 -7.27
CA MET F 41 -107.93 42.27 -7.53
C MET F 41 -107.83 41.24 -6.43
N TYR F 42 -108.06 41.62 -5.17
CA TYR F 42 -107.90 40.70 -4.03
C TYR F 42 -108.98 39.67 -4.01
N ARG F 43 -110.19 40.13 -4.22
CA ARG F 43 -111.30 39.25 -4.37
C ARG F 43 -111.09 38.30 -5.53
N THR F 44 -110.87 38.88 -6.69
CA THR F 44 -111.00 38.11 -7.89
C THR F 44 -110.02 36.95 -7.97
N GLU F 45 -108.90 37.02 -7.26
CA GLU F 45 -108.00 35.88 -7.22
C GLU F 45 -108.64 34.74 -6.44
N ILE F 46 -109.44 35.09 -5.44
CA ILE F 46 -110.17 34.11 -4.66
C ILE F 46 -111.33 33.51 -5.46
N ARG F 47 -112.10 34.36 -6.14
CA ARG F 47 -113.12 33.90 -7.10
C ARG F 47 -112.56 32.76 -7.90
N MET F 48 -111.39 32.98 -8.50
CA MET F 48 -110.83 32.03 -9.45
C MET F 48 -110.62 30.71 -8.78
N ALA F 49 -109.89 30.73 -7.67
CA ALA F 49 -109.59 29.50 -6.95
C ALA F 49 -110.86 28.75 -6.67
N ARG F 50 -111.74 29.36 -5.90
CA ARG F 50 -112.97 28.70 -5.52
C ARG F 50 -113.61 28.05 -6.72
N MET F 51 -113.68 28.78 -7.83
CA MET F 51 -114.36 28.28 -9.01
C MET F 51 -113.65 27.03 -9.54
N ALA F 52 -112.34 27.01 -9.48
CA ALA F 52 -111.62 25.77 -9.79
C ALA F 52 -111.91 24.70 -8.74
N ARG F 53 -112.00 25.09 -7.48
CA ARG F 53 -112.27 24.13 -6.43
C ARG F 53 -113.66 23.55 -6.54
N LYS F 54 -114.58 24.28 -7.16
CA LYS F 54 -115.92 23.75 -7.38
C LYS F 54 -115.88 22.55 -8.32
N ALA F 55 -115.12 22.67 -9.40
CA ALA F 55 -114.81 21.51 -10.25
C ALA F 55 -113.60 20.78 -9.67
N GLY F 56 -113.25 19.67 -10.31
CA GLY F 56 -112.02 18.94 -9.94
C GLY F 56 -110.83 19.62 -10.59
N ASN F 57 -110.51 20.80 -10.08
CA ASN F 57 -109.72 21.75 -10.83
C ASN F 57 -108.84 22.60 -9.96
N PHE F 58 -107.81 23.15 -10.58
CA PHE F 58 -106.78 23.90 -9.91
C PHE F 58 -106.61 25.25 -10.53
N TYR F 59 -106.68 26.30 -9.73
CA TYR F 59 -106.41 27.64 -10.24
C TYR F 59 -104.98 27.99 -9.97
N VAL F 60 -104.13 27.70 -10.93
CA VAL F 60 -102.77 28.12 -10.82
C VAL F 60 -102.81 29.61 -11.04
N PRO F 61 -102.41 30.37 -10.03
CA PRO F 61 -102.49 31.81 -10.18
C PRO F 61 -101.28 32.31 -10.93
N ALA F 62 -101.19 33.62 -11.07
CA ALA F 62 -100.09 34.22 -11.82
C ALA F 62 -98.78 34.17 -11.08
N GLU F 63 -97.69 34.03 -11.84
CA GLU F 63 -96.37 34.27 -11.29
C GLU F 63 -96.31 35.75 -10.99
N PRO F 64 -95.54 36.12 -9.97
CA PRO F 64 -95.56 37.50 -9.53
C PRO F 64 -94.86 38.43 -10.49
N LYS F 65 -95.41 39.62 -10.66
CA LYS F 65 -94.80 40.63 -11.52
C LYS F 65 -93.61 41.30 -10.86
N LEU F 66 -93.72 41.51 -9.55
CA LEU F 66 -92.87 42.43 -8.85
C LEU F 66 -92.36 41.80 -7.59
N ALA F 67 -91.07 41.97 -7.33
CA ALA F 67 -90.48 41.53 -6.08
C ALA F 67 -89.58 42.59 -5.51
N PHE F 68 -89.49 42.60 -4.18
CA PHE F 68 -88.61 43.50 -3.42
C PHE F 68 -87.35 42.69 -3.10
N VAL F 69 -86.21 43.35 -3.13
CA VAL F 69 -84.94 42.67 -3.09
C VAL F 69 -84.10 43.37 -2.09
N ILE F 70 -83.47 42.62 -1.20
CA ILE F 70 -82.65 43.20 -0.14
C ILE F 70 -81.25 42.61 -0.10
N ARG F 71 -80.25 43.45 -0.27
CA ARG F 71 -78.90 43.04 0.02
C ARG F 71 -78.83 42.73 1.49
N ILE F 72 -78.55 41.47 1.83
CA ILE F 72 -78.42 41.06 3.23
C ILE F 72 -77.02 40.80 3.66
N ARG F 73 -76.05 40.93 2.76
CA ARG F 73 -74.70 40.78 3.20
C ARG F 73 -73.76 41.78 2.57
N GLY F 74 -72.71 42.04 3.32
CA GLY F 74 -71.95 43.25 3.22
C GLY F 74 -70.93 43.27 2.12
N ILE F 75 -70.08 44.27 2.22
CA ILE F 75 -69.36 44.80 1.07
C ILE F 75 -67.85 44.56 1.14
N ASN F 76 -67.48 43.37 1.57
CA ASN F 76 -66.11 42.91 1.46
C ASN F 76 -66.09 41.63 0.68
N GLY F 77 -64.92 41.31 0.15
CA GLY F 77 -64.66 40.03 -0.50
C GLY F 77 -65.62 39.58 -1.59
N VAL F 78 -66.36 40.52 -2.15
CA VAL F 78 -67.47 40.15 -3.01
C VAL F 78 -66.88 39.85 -4.36
N SER F 79 -67.42 38.84 -5.02
CA SER F 79 -66.94 38.41 -6.33
C SER F 79 -67.20 39.52 -7.35
N PRO F 80 -66.47 39.54 -8.48
CA PRO F 80 -66.62 40.70 -9.33
C PRO F 80 -67.96 40.72 -10.07
N LYS F 81 -68.44 39.57 -10.54
CA LYS F 81 -69.70 39.55 -11.26
C LYS F 81 -70.86 39.84 -10.35
N VAL F 82 -70.83 39.33 -9.13
CA VAL F 82 -71.84 39.67 -8.16
C VAL F 82 -71.96 41.17 -8.06
N ARG F 83 -70.85 41.80 -7.70
CA ARG F 83 -70.84 43.22 -7.36
C ARG F 83 -71.48 44.07 -8.45
N LYS F 84 -71.15 43.80 -9.71
CA LYS F 84 -71.75 44.51 -10.82
C LYS F 84 -73.25 44.47 -10.68
N VAL F 85 -73.79 43.27 -10.63
CA VAL F 85 -75.23 43.08 -10.58
C VAL F 85 -75.83 43.79 -9.41
N LEU F 86 -75.22 43.60 -8.26
CA LEU F 86 -75.70 44.26 -7.07
C LEU F 86 -75.77 45.76 -7.22
N GLN F 87 -74.79 46.37 -7.89
CA GLN F 87 -74.85 47.81 -8.16
C GLN F 87 -75.77 48.18 -9.31
N LEU F 88 -76.11 47.24 -10.19
CA LEU F 88 -77.24 47.45 -11.09
C LEU F 88 -78.55 47.42 -10.35
N LEU F 89 -78.62 46.74 -9.23
CA LEU F 89 -79.83 46.78 -8.43
C LEU F 89 -79.88 47.96 -7.48
N ARG F 90 -78.77 48.69 -7.37
CA ARG F 90 -78.63 49.84 -6.47
C ARG F 90 -78.39 49.49 -5.00
N LEU F 91 -77.81 48.31 -4.80
CA LEU F 91 -77.61 47.72 -3.51
C LEU F 91 -76.14 47.76 -3.22
N ARG F 92 -75.73 48.89 -2.69
CA ARG F 92 -74.33 49.12 -2.50
C ARG F 92 -73.97 49.12 -1.03
N GLN F 93 -74.85 49.65 -0.19
CA GLN F 93 -74.85 49.32 1.24
C GLN F 93 -75.53 47.99 1.45
N ILE F 94 -75.17 47.36 2.57
CA ILE F 94 -75.91 46.24 3.09
C ILE F 94 -77.24 46.72 3.67
N PHE F 95 -78.25 45.86 3.57
CA PHE F 95 -79.63 46.16 3.99
C PHE F 95 -80.42 47.19 3.17
N ASN F 96 -79.92 47.55 1.99
CA ASN F 96 -80.73 48.30 1.08
C ASN F 96 -81.58 47.37 0.32
N GLY F 97 -82.57 47.95 -0.33
CA GLY F 97 -83.55 47.19 -1.04
C GLY F 97 -84.29 48.00 -2.05
N THR F 98 -84.79 47.28 -3.05
CA THR F 98 -85.43 47.84 -4.22
C THR F 98 -86.59 47.00 -4.67
N PHE F 99 -87.43 47.60 -5.49
CA PHE F 99 -88.39 46.85 -6.23
C PHE F 99 -87.79 46.50 -7.55
N VAL F 100 -88.09 45.28 -7.98
CA VAL F 100 -87.52 44.69 -9.16
C VAL F 100 -88.68 44.03 -9.85
N LYS F 101 -88.95 44.46 -11.08
CA LYS F 101 -89.98 43.84 -11.90
C LYS F 101 -89.40 42.57 -12.45
N LEU F 102 -90.03 41.46 -12.15
CA LEU F 102 -89.51 40.19 -12.58
C LEU F 102 -89.72 40.08 -14.06
N ASN F 103 -88.76 39.45 -14.69
CA ASN F 103 -88.91 38.83 -15.96
C ASN F 103 -87.62 38.12 -16.19
N LYS F 104 -87.64 37.13 -17.05
CA LYS F 104 -86.49 36.27 -17.30
C LYS F 104 -85.14 36.97 -17.13
N ALA F 105 -84.99 38.14 -17.75
CA ALA F 105 -83.76 38.93 -17.62
C ALA F 105 -83.44 39.30 -16.17
N SER F 106 -84.38 39.96 -15.51
CA SER F 106 -84.26 40.27 -14.08
C SER F 106 -84.01 39.05 -13.20
N ILE F 107 -84.69 37.95 -13.50
CA ILE F 107 -84.64 36.77 -12.62
C ILE F 107 -83.26 36.17 -12.67
N ASN F 108 -82.70 36.03 -13.87
CA ASN F 108 -81.42 35.38 -13.97
C ASN F 108 -80.35 36.21 -13.31
N MET F 109 -80.53 37.55 -13.27
CA MET F 109 -79.64 38.40 -12.47
C MET F 109 -79.81 38.19 -10.97
N LEU F 110 -81.04 38.09 -10.53
CA LEU F 110 -81.30 37.82 -9.13
C LEU F 110 -80.81 36.43 -8.71
N ARG F 111 -80.70 35.49 -9.63
CA ARG F 111 -80.05 34.24 -9.30
C ARG F 111 -78.58 34.54 -8.99
N ILE F 112 -77.87 35.16 -9.93
CA ILE F 112 -76.42 35.36 -9.81
C ILE F 112 -75.98 36.08 -8.54
N VAL F 113 -76.89 36.80 -7.90
CA VAL F 113 -76.59 37.30 -6.55
C VAL F 113 -77.42 36.63 -5.44
N GLU F 114 -77.81 35.36 -5.62
CA GLU F 114 -78.60 34.65 -4.60
C GLU F 114 -78.04 34.81 -3.21
N PRO F 115 -76.76 34.43 -2.99
CA PRO F 115 -76.14 34.49 -1.63
C PRO F 115 -76.05 35.84 -0.96
N TYR F 116 -76.14 36.91 -1.73
CA TYR F 116 -76.07 38.25 -1.22
C TYR F 116 -77.42 38.86 -0.93
N ILE F 117 -78.45 38.46 -1.67
CA ILE F 117 -79.74 39.07 -1.45
C ILE F 117 -80.71 38.13 -0.81
N ALA F 118 -81.69 38.71 -0.15
CA ALA F 118 -82.91 38.04 0.21
C ALA F 118 -83.92 38.74 -0.60
N TRP F 119 -84.90 38.02 -1.10
CA TRP F 119 -85.90 38.69 -1.88
C TRP F 119 -87.18 37.94 -2.01
N GLY F 120 -88.24 38.68 -2.28
CA GLY F 120 -89.51 38.07 -2.55
C GLY F 120 -90.61 39.00 -2.96
N TYR F 121 -91.80 38.43 -3.02
CA TYR F 121 -92.94 39.11 -3.59
C TYR F 121 -93.69 39.82 -2.49
N PRO F 122 -93.68 41.16 -2.52
CA PRO F 122 -94.24 41.87 -1.42
C PRO F 122 -95.74 41.89 -1.39
N ASN F 123 -96.22 42.28 -0.24
CA ASN F 123 -97.62 42.54 0.02
C ASN F 123 -97.96 43.85 -0.66
N LEU F 124 -99.22 44.27 -0.59
CA LEU F 124 -99.52 45.68 -0.78
C LEU F 124 -98.94 46.46 0.39
N LYS F 125 -99.33 46.06 1.60
CA LYS F 125 -98.88 46.75 2.82
C LYS F 125 -97.41 47.04 2.80
N SER F 126 -96.64 46.05 2.40
CA SER F 126 -95.20 46.22 2.32
C SER F 126 -94.84 47.35 1.41
N VAL F 127 -95.49 47.46 0.26
CA VAL F 127 -95.25 48.60 -0.57
C VAL F 127 -95.51 49.91 0.17
N ASN F 128 -96.67 50.04 0.81
CA ASN F 128 -97.00 51.30 1.51
C ASN F 128 -96.04 51.62 2.59
N GLU F 129 -95.77 50.62 3.42
CA GLU F 129 -94.88 50.80 4.56
C GLU F 129 -93.48 51.18 4.15
N LEU F 130 -93.02 50.64 3.03
CA LEU F 130 -91.79 51.13 2.45
C LEU F 130 -91.95 52.54 1.91
N ILE F 131 -92.95 52.78 1.07
CA ILE F 131 -92.98 54.03 0.31
C ILE F 131 -93.31 55.21 1.16
N TYR F 132 -94.21 55.09 2.12
CA TYR F 132 -94.46 56.23 3.00
C TYR F 132 -93.31 56.42 3.96
N LYS F 133 -92.91 55.35 4.62
CA LYS F 133 -91.96 55.53 5.70
C LYS F 133 -90.55 55.80 5.21
N ARG F 134 -90.10 55.10 4.19
CA ARG F 134 -88.71 55.17 3.78
C ARG F 134 -88.53 55.67 2.35
N GLY F 135 -89.58 56.21 1.76
CA GLY F 135 -89.57 56.56 0.37
C GLY F 135 -89.06 57.96 0.21
N TYR F 136 -87.94 58.07 -0.51
CA TYR F 136 -87.33 59.34 -0.85
C TYR F 136 -87.16 59.39 -2.37
N GLY F 137 -87.48 60.53 -2.96
CA GLY F 137 -87.29 60.72 -4.37
C GLY F 137 -85.82 60.90 -4.70
N LYS F 138 -85.50 60.77 -5.98
CA LYS F 138 -84.18 61.06 -6.50
C LYS F 138 -84.34 62.24 -7.42
N ILE F 139 -84.10 63.43 -6.89
CA ILE F 139 -84.52 64.65 -7.52
C ILE F 139 -83.33 65.61 -7.71
N ASN F 140 -82.94 65.76 -8.97
CA ASN F 140 -81.67 66.38 -9.36
C ASN F 140 -80.53 65.61 -8.74
N LYS F 141 -80.67 64.29 -8.75
CA LYS F 141 -79.73 63.38 -8.13
C LYS F 141 -79.57 63.51 -6.62
N LYS F 142 -80.22 64.48 -5.97
CA LYS F 142 -80.18 64.52 -4.53
C LYS F 142 -81.27 63.61 -4.00
N ARG F 143 -80.92 62.74 -3.06
CA ARG F 143 -81.91 62.00 -2.30
C ARG F 143 -82.76 63.03 -1.57
N ILE F 144 -84.08 62.87 -1.67
CA ILE F 144 -85.03 63.77 -1.04
C ILE F 144 -86.25 63.05 -0.49
N ALA F 145 -86.55 63.30 0.78
CA ALA F 145 -87.72 62.75 1.44
C ALA F 145 -88.98 63.22 0.73
N LEU F 146 -89.83 62.27 0.33
CA LEU F 146 -91.15 62.52 -0.31
C LEU F 146 -92.14 63.00 0.73
N THR F 147 -91.98 64.27 1.09
CA THR F 147 -92.72 64.84 2.18
C THR F 147 -94.07 65.25 1.69
N ASP F 148 -94.06 65.84 0.49
CA ASP F 148 -95.25 66.33 -0.17
C ASP F 148 -95.32 65.83 -1.61
N ASN F 149 -96.56 65.69 -2.09
CA ASN F 149 -96.85 65.22 -3.44
C ASN F 149 -96.19 66.06 -4.55
N ALA F 150 -96.14 67.37 -4.35
CA ALA F 150 -95.54 68.27 -5.31
C ALA F 150 -94.06 68.00 -5.62
N LEU F 151 -93.47 67.01 -4.95
CA LEU F 151 -92.15 66.47 -5.32
C LEU F 151 -92.24 65.29 -6.25
N ILE F 152 -93.23 64.44 -6.04
CA ILE F 152 -93.43 63.31 -6.91
C ILE F 152 -93.90 63.84 -8.23
N ALA F 153 -94.92 64.67 -8.20
CA ALA F 153 -95.47 65.21 -9.42
C ALA F 153 -94.39 65.88 -10.28
N ARG F 154 -93.67 66.81 -9.67
CA ARG F 154 -92.67 67.59 -10.37
C ARG F 154 -91.82 66.75 -11.29
N SER F 155 -91.48 65.54 -10.85
CA SER F 155 -90.60 64.68 -11.63
C SER F 155 -91.27 63.50 -12.38
N LEU F 156 -92.47 63.08 -11.98
CA LEU F 156 -93.20 62.01 -12.69
C LEU F 156 -94.53 62.49 -13.25
N GLY F 157 -94.76 63.79 -13.24
CA GLY F 157 -96.02 64.34 -13.74
C GLY F 157 -96.25 64.05 -15.21
N LYS F 158 -95.17 64.07 -15.97
CA LYS F 158 -95.21 63.61 -17.34
C LYS F 158 -95.77 62.21 -17.50
N TYR F 159 -95.79 61.44 -16.43
CA TYR F 159 -96.30 60.09 -16.49
C TYR F 159 -97.66 59.91 -15.84
N GLY F 160 -98.35 61.00 -15.50
CA GLY F 160 -99.63 60.91 -14.80
C GLY F 160 -99.49 60.44 -13.35
N ILE F 161 -98.29 60.60 -12.79
CA ILE F 161 -98.04 60.20 -11.42
C ILE F 161 -97.82 61.50 -10.74
N ILE F 162 -98.73 61.81 -9.82
CA ILE F 162 -98.81 63.15 -9.25
C ILE F 162 -98.87 63.21 -7.75
N CYS F 163 -98.96 62.06 -7.08
CA CYS F 163 -99.04 62.02 -5.64
C CYS F 163 -98.48 60.70 -5.14
N MET F 164 -98.19 60.65 -3.85
CA MET F 164 -97.71 59.43 -3.19
C MET F 164 -98.45 58.18 -3.61
N GLU F 165 -99.77 58.32 -3.66
CA GLU F 165 -100.65 57.21 -3.93
C GLU F 165 -100.44 56.61 -5.30
N ASP F 166 -100.22 57.48 -6.28
CA ASP F 166 -100.01 57.06 -7.66
C ASP F 166 -98.73 56.25 -7.84
N LEU F 167 -97.73 56.61 -7.06
CA LEU F 167 -96.42 56.01 -7.12
C LEU F 167 -96.53 54.56 -6.67
N ILE F 168 -97.14 54.35 -5.50
CA ILE F 168 -97.42 53.02 -4.97
C ILE F 168 -98.15 52.19 -6.02
N HIS F 169 -99.25 52.74 -6.50
CA HIS F 169 -100.04 52.08 -7.52
C HIS F 169 -99.15 51.49 -8.58
N GLU F 170 -98.33 52.34 -9.17
CA GLU F 170 -97.47 51.95 -10.26
C GLU F 170 -96.42 50.92 -9.87
N ILE F 171 -95.85 51.06 -8.68
CA ILE F 171 -94.89 50.10 -8.18
C ILE F 171 -95.54 48.74 -7.97
N TYR F 172 -96.73 48.78 -7.40
CA TYR F 172 -97.39 47.57 -6.93
C TYR F 172 -97.98 46.72 -8.04
N THR F 173 -98.61 47.41 -8.99
CA THR F 173 -99.20 46.76 -10.12
C THR F 173 -98.20 46.57 -11.25
N VAL F 174 -97.12 47.35 -11.23
CA VAL F 174 -96.14 47.39 -12.31
C VAL F 174 -96.86 47.85 -13.55
N GLY F 175 -97.21 49.13 -13.53
CA GLY F 175 -97.80 49.78 -14.68
C GLY F 175 -96.78 50.09 -15.74
N LYS F 176 -97.22 50.70 -16.83
CA LYS F 176 -96.32 51.09 -17.89
C LYS F 176 -95.09 51.74 -17.34
N ARG F 177 -95.29 52.76 -16.53
CA ARG F 177 -94.20 53.66 -16.15
C ARG F 177 -93.33 53.19 -14.97
N PHE F 178 -93.59 51.99 -14.44
CA PHE F 178 -92.83 51.41 -13.32
C PHE F 178 -91.37 51.73 -13.37
N LYS F 179 -90.75 51.58 -14.55
CA LYS F 179 -89.33 51.84 -14.63
C LYS F 179 -88.99 53.18 -14.00
N GLU F 180 -89.69 54.22 -14.46
CA GLU F 180 -89.33 55.59 -14.11
C GLU F 180 -89.83 56.05 -12.76
N ALA F 181 -90.95 55.49 -12.34
CA ALA F 181 -91.40 55.69 -10.98
C ALA F 181 -90.44 55.04 -10.01
N ASN F 182 -90.11 53.78 -10.27
CA ASN F 182 -89.23 53.08 -9.38
C ASN F 182 -87.87 53.69 -9.38
N ASN F 183 -87.26 53.84 -10.55
CA ASN F 183 -85.97 54.53 -10.65
C ASN F 183 -85.88 55.74 -9.74
N PHE F 184 -86.87 56.61 -9.90
CA PHE F 184 -87.05 57.83 -9.10
C PHE F 184 -87.10 57.64 -7.60
N LEU F 185 -87.59 56.50 -7.12
CA LEU F 185 -87.37 56.15 -5.73
C LEU F 185 -85.92 55.80 -5.44
N TRP F 186 -85.45 56.27 -4.31
CA TRP F 186 -84.10 56.02 -3.91
C TRP F 186 -84.06 54.70 -3.16
N PRO F 187 -83.03 53.89 -3.40
CA PRO F 187 -82.89 52.56 -2.76
C PRO F 187 -83.14 52.54 -1.26
N PHE F 188 -84.05 51.67 -0.85
CA PHE F 188 -84.68 51.79 0.45
C PHE F 188 -83.75 51.48 1.59
N LYS F 189 -83.28 52.52 2.25
CA LYS F 189 -82.37 52.33 3.37
C LYS F 189 -83.10 51.74 4.56
N LEU F 190 -83.19 50.40 4.59
CA LEU F 190 -83.85 49.69 5.69
C LEU F 190 -82.93 49.61 6.87
N SER F 191 -83.48 49.43 8.08
CA SER F 191 -82.65 49.05 9.24
C SER F 191 -82.16 47.62 9.20
N SER F 192 -81.32 47.27 10.16
CA SER F 192 -81.05 45.88 10.43
C SER F 192 -82.32 45.26 10.94
N PRO F 193 -82.54 43.97 10.67
CA PRO F 193 -83.77 43.33 11.06
C PRO F 193 -83.83 43.12 12.55
N ARG F 194 -84.83 43.70 13.16
CA ARG F 194 -85.17 43.44 14.53
C ARG F 194 -85.57 41.99 14.64
N GLY F 195 -85.15 41.37 15.73
CA GLY F 195 -85.22 39.93 15.87
C GLY F 195 -84.17 39.21 15.04
N GLY F 196 -83.28 39.94 14.37
CA GLY F 196 -82.20 39.32 13.62
C GLY F 196 -82.60 38.42 12.47
N MET F 197 -81.69 37.50 12.15
CA MET F 197 -81.80 36.60 11.00
C MET F 197 -81.48 35.16 11.44
N LYS F 198 -82.10 34.20 10.77
CA LYS F 198 -81.88 32.77 11.02
C LYS F 198 -80.43 32.39 10.75
N LYS F 199 -79.96 32.76 9.56
CA LYS F 199 -78.54 32.67 9.22
C LYS F 199 -78.31 33.50 7.99
N LYS F 200 -77.38 34.43 8.08
CA LYS F 200 -77.10 35.33 6.97
C LYS F 200 -76.55 34.58 5.78
N THR F 201 -75.86 33.47 6.03
CA THR F 201 -75.13 32.87 4.96
C THR F 201 -76.03 32.14 4.04
N THR F 202 -76.74 31.14 4.56
CA THR F 202 -77.37 30.16 3.69
C THR F 202 -78.71 30.56 3.10
N HIS F 203 -79.12 29.81 2.11
CA HIS F 203 -80.40 29.99 1.48
C HIS F 203 -81.53 29.78 2.45
N PHE F 204 -82.64 30.43 2.18
CA PHE F 204 -83.85 30.34 3.00
C PHE F 204 -84.32 28.91 3.22
N VAL F 205 -84.60 28.25 2.12
CA VAL F 205 -84.85 26.83 2.05
C VAL F 205 -83.96 25.91 2.93
N GLU F 206 -82.67 26.21 3.06
CA GLU F 206 -81.82 25.42 3.97
C GLU F 206 -81.53 26.15 5.29
N GLY F 207 -82.53 26.87 5.78
CA GLY F 207 -82.53 27.43 7.12
C GLY F 207 -81.88 28.80 7.30
N GLU F 208 -81.54 29.44 6.18
CA GLU F 208 -80.87 30.73 6.19
C GLU F 208 -81.81 31.88 5.91
N ASP F 209 -81.24 32.94 5.34
CA ASP F 209 -81.98 34.11 4.91
C ASP F 209 -81.85 34.45 3.46
N ALA F 210 -80.89 33.86 2.79
CA ALA F 210 -80.60 34.25 1.44
C ALA F 210 -81.57 33.61 0.50
N GLY F 211 -81.70 34.20 -0.69
CA GLY F 211 -82.49 33.63 -1.77
C GLY F 211 -83.91 34.09 -1.75
N ASN F 212 -84.72 33.44 -2.58
CA ASN F 212 -86.14 33.74 -2.73
C ASN F 212 -86.99 33.06 -1.64
N ARG F 213 -87.71 33.87 -0.85
CA ARG F 213 -88.69 33.35 0.13
C ARG F 213 -90.07 33.89 -0.16
N GLU F 214 -90.29 34.21 -1.42
CA GLU F 214 -91.57 34.57 -2.02
C GLU F 214 -92.56 35.38 -1.18
N ASP F 215 -93.25 34.71 -0.27
CA ASP F 215 -94.30 35.32 0.51
C ASP F 215 -93.69 35.95 1.71
N GLN F 216 -92.80 35.20 2.31
CA GLN F 216 -92.36 35.52 3.63
C GLN F 216 -91.68 36.90 3.63
N ILE F 217 -91.07 37.30 2.52
CA ILE F 217 -90.32 38.55 2.46
C ILE F 217 -91.01 39.72 3.14
N ASN F 218 -92.33 39.71 3.23
CA ASN F 218 -93.02 40.75 3.99
C ASN F 218 -92.66 40.75 5.47
N ARG F 219 -92.64 39.56 6.07
CA ARG F 219 -92.27 39.41 7.49
C ARG F 219 -90.96 40.11 7.75
N LEU F 220 -90.00 39.89 6.85
CA LEU F 220 -88.70 40.56 6.89
C LEU F 220 -88.85 42.06 6.69
N ILE F 221 -89.65 42.48 5.73
CA ILE F 221 -89.88 43.91 5.55
C ILE F 221 -90.46 44.52 6.81
N ARG F 222 -91.28 43.82 7.56
CA ARG F 222 -91.83 44.45 8.77
C ARG F 222 -90.76 44.75 9.78
N ARG F 223 -89.95 43.74 10.08
CA ARG F 223 -88.95 43.89 11.12
C ARG F 223 -87.82 44.91 10.70
N MET F 224 -87.64 45.17 9.41
CA MET F 224 -86.53 46.01 8.91
C MET F 224 -86.89 47.40 8.44
N ASN F 225 -88.15 47.61 8.08
CA ASN F 225 -88.68 48.96 7.94
C ASN F 225 -88.91 49.49 9.37
N LYS G 1 104.42 72.51 -11.08
CA LYS G 1 103.29 71.99 -11.91
C LYS G 1 101.97 72.67 -11.54
N VAL G 2 101.02 72.59 -12.48
CA VAL G 2 99.63 72.96 -12.22
C VAL G 2 99.00 72.07 -11.17
N VAL G 3 99.26 70.76 -11.26
CA VAL G 3 98.18 69.78 -11.29
C VAL G 3 98.08 69.05 -9.95
N ASN G 4 96.90 69.11 -9.34
CA ASN G 4 96.57 68.19 -8.26
C ASN G 4 96.32 66.79 -8.77
N PRO G 5 96.72 65.75 -7.94
CA PRO G 5 96.26 64.43 -8.39
C PRO G 5 94.92 64.00 -7.82
N LEU G 6 94.32 64.81 -6.95
CA LEU G 6 93.03 64.47 -6.38
C LEU G 6 91.96 64.38 -7.46
N PHE G 7 92.01 65.31 -8.39
CA PHE G 7 90.92 65.46 -9.37
C PHE G 7 90.84 64.21 -10.22
N GLU G 8 89.72 63.51 -10.08
CA GLU G 8 89.52 62.22 -10.70
C GLU G 8 88.66 62.45 -11.94
N LYS G 9 87.96 61.41 -12.41
CA LYS G 9 86.93 61.56 -13.43
C LYS G 9 85.56 61.37 -12.81
N ARG G 10 85.30 60.18 -12.28
CA ARG G 10 83.99 59.81 -11.69
C ARG G 10 82.84 59.87 -12.70
N PRO G 11 82.96 59.13 -13.84
CA PRO G 11 81.99 59.26 -14.93
C PRO G 11 80.78 58.36 -14.73
N LYS G 12 79.59 58.90 -14.96
CA LYS G 12 78.34 58.19 -14.66
C LYS G 12 77.97 57.32 -15.83
N ASN G 13 77.46 56.13 -15.53
CA ASN G 13 76.85 55.29 -16.55
C ASN G 13 75.35 55.41 -16.54
N PHE G 14 74.80 55.88 -17.65
CA PHE G 14 73.37 55.87 -17.89
C PHE G 14 73.14 54.69 -18.79
N GLY G 15 73.11 53.54 -18.13
CA GLY G 15 72.76 52.32 -18.78
C GLY G 15 71.31 51.98 -18.56
N ILE G 16 71.09 50.69 -18.27
CA ILE G 16 69.84 50.23 -17.71
C ILE G 16 70.19 49.50 -16.44
N GLY G 17 69.42 49.78 -15.40
CA GLY G 17 69.70 49.25 -14.05
C GLY G 17 71.01 49.74 -13.49
N GLN G 18 71.43 50.90 -13.98
CA GLN G 18 72.73 51.44 -13.72
C GLN G 18 72.42 52.80 -13.21
N ASP G 19 73.44 53.53 -12.80
CA ASP G 19 73.28 54.87 -12.25
C ASP G 19 72.27 55.76 -13.01
N ILE G 20 71.00 55.62 -12.65
CA ILE G 20 69.87 56.54 -12.90
C ILE G 20 69.96 57.69 -13.94
N GLN G 21 69.02 57.68 -14.89
CA GLN G 21 69.06 58.55 -16.09
C GLN G 21 69.10 60.03 -15.79
N PRO G 22 69.77 60.78 -16.65
CA PRO G 22 69.84 62.19 -16.46
C PRO G 22 68.61 62.82 -17.06
N LYS G 23 68.28 64.00 -16.57
CA LYS G 23 67.03 64.66 -16.89
C LYS G 23 67.11 65.17 -18.30
N ARG G 24 66.80 64.27 -19.24
CA ARG G 24 66.88 64.59 -20.65
C ARG G 24 65.64 65.35 -21.04
N ASP G 25 65.75 66.10 -22.13
CA ASP G 25 64.62 66.87 -22.65
C ASP G 25 63.49 65.93 -22.89
N LEU G 26 62.27 66.36 -22.59
CA LEU G 26 61.12 65.53 -22.78
C LEU G 26 59.96 66.14 -23.52
N THR G 27 60.15 67.29 -24.17
CA THR G 27 59.04 67.93 -24.86
C THR G 27 58.20 66.93 -25.61
N ARG G 28 58.82 65.95 -26.24
CA ARG G 28 58.09 65.01 -27.09
C ARG G 28 56.97 64.31 -26.34
N PHE G 29 57.24 63.93 -25.11
CA PHE G 29 56.35 63.09 -24.34
C PHE G 29 55.64 63.85 -23.25
N VAL G 30 55.71 65.16 -23.24
CA VAL G 30 54.99 65.93 -22.26
C VAL G 30 53.53 65.71 -22.45
N LYS G 31 52.82 65.53 -21.35
CA LYS G 31 51.36 65.55 -21.38
C LYS G 31 50.92 66.99 -21.37
N TRP G 32 50.62 67.53 -22.55
CA TRP G 32 50.20 68.92 -22.59
C TRP G 32 48.74 68.97 -22.19
N PRO G 33 48.28 70.14 -21.74
CA PRO G 33 46.92 70.51 -21.47
C PRO G 33 46.04 70.29 -22.65
N ARG G 34 44.74 70.31 -22.44
CA ARG G 34 43.84 70.03 -23.53
C ARG G 34 43.91 71.07 -24.63
N TYR G 35 44.00 72.35 -24.30
CA TYR G 35 43.99 73.40 -25.34
C TYR G 35 45.16 73.33 -26.31
N ILE G 36 46.31 72.89 -25.82
CA ILE G 36 47.47 72.72 -26.69
C ILE G 36 47.26 71.47 -27.50
N ARG G 37 47.07 70.37 -26.81
CA ARG G 37 47.03 69.09 -27.46
C ARG G 37 46.04 69.14 -28.59
N LEU G 38 44.89 69.75 -28.37
CA LEU G 38 43.92 69.91 -29.44
C LEU G 38 44.48 70.70 -30.61
N GLN G 39 45.01 71.89 -30.32
CA GLN G 39 45.40 72.78 -31.38
C GLN G 39 46.48 72.19 -32.24
N ARG G 40 47.31 71.32 -31.67
CA ARG G 40 48.20 70.55 -32.51
C ARG G 40 47.36 69.62 -33.36
N GLN G 41 46.67 68.67 -32.75
CA GLN G 41 46.04 67.62 -33.55
C GLN G 41 44.81 68.05 -34.33
N ARG G 42 44.68 69.35 -34.54
CA ARG G 42 43.98 69.89 -35.67
C ARG G 42 44.92 69.84 -36.84
N ALA G 43 46.09 70.44 -36.68
CA ALA G 43 47.05 70.60 -37.78
C ALA G 43 47.32 69.27 -38.44
N ILE G 44 47.37 68.25 -37.62
CA ILE G 44 47.43 66.93 -38.15
C ILE G 44 46.22 66.67 -39.02
N LEU G 45 45.01 66.81 -38.49
CA LEU G 45 43.83 66.54 -39.32
C LEU G 45 43.88 67.27 -40.65
N TYR G 46 44.23 68.56 -40.64
CA TYR G 46 44.40 69.26 -41.87
C TYR G 46 45.38 68.52 -42.77
N LYS G 47 46.55 68.18 -42.25
CA LYS G 47 47.51 67.41 -43.05
C LYS G 47 46.99 66.03 -43.43
N ARG G 48 46.36 65.34 -42.48
CA ARG G 48 46.01 63.94 -42.62
C ARG G 48 44.78 63.73 -43.51
N LEU G 49 43.72 64.49 -43.23
CA LEU G 49 42.48 64.42 -44.01
C LEU G 49 42.70 64.92 -45.39
N LYS G 50 41.73 64.60 -46.26
CA LYS G 50 41.73 65.09 -47.63
C LYS G 50 41.13 66.51 -47.58
N VAL G 51 41.95 67.53 -47.84
CA VAL G 51 41.46 68.90 -47.84
C VAL G 51 41.08 69.24 -49.26
N PRO G 52 39.90 69.84 -49.45
CA PRO G 52 39.42 70.20 -50.74
C PRO G 52 40.04 71.50 -51.21
N PRO G 53 40.26 71.61 -52.53
CA PRO G 53 41.21 72.49 -53.21
C PRO G 53 41.05 73.96 -52.86
N ALA G 54 39.83 74.29 -52.52
CA ALA G 54 39.44 75.64 -52.27
C ALA G 54 39.59 76.00 -50.80
N ILE G 55 40.09 75.06 -50.02
CA ILE G 55 40.67 75.37 -48.75
C ILE G 55 42.20 75.22 -48.84
N ASN G 56 42.69 74.46 -49.81
CA ASN G 56 44.13 74.32 -50.01
C ASN G 56 44.76 75.50 -50.64
N GLN G 57 44.03 76.17 -51.54
CA GLN G 57 44.61 77.27 -52.30
C GLN G 57 45.22 78.38 -51.48
N PHE G 58 44.95 78.35 -50.18
CA PHE G 58 45.51 79.28 -49.24
C PHE G 58 46.85 78.81 -48.67
N THR G 59 47.31 77.63 -49.08
CA THR G 59 48.63 77.14 -48.71
C THR G 59 49.66 77.79 -49.61
N GLN G 60 49.42 77.73 -50.92
CA GLN G 60 50.19 78.50 -51.89
C GLN G 60 50.07 79.94 -51.46
N VAL G 61 51.03 80.36 -50.64
CA VAL G 61 51.10 81.72 -50.19
C VAL G 61 52.27 82.39 -50.87
N LEU G 62 52.26 83.70 -50.80
CA LEU G 62 53.20 84.54 -51.53
C LEU G 62 54.60 84.31 -50.98
N ASP G 63 55.60 84.29 -51.85
CA ASP G 63 56.99 83.99 -51.45
C ASP G 63 57.78 85.25 -51.10
N ARG G 64 58.69 85.08 -50.14
CA ARG G 64 59.23 86.17 -49.33
C ARG G 64 59.56 87.45 -50.06
N GLN G 65 60.41 87.34 -51.09
CA GLN G 65 60.85 88.49 -51.85
C GLN G 65 59.61 89.30 -52.27
N THR G 66 58.65 88.60 -52.85
CA THR G 66 57.45 89.22 -53.40
C THR G 66 56.58 89.90 -52.35
N ALA G 67 56.31 89.20 -51.25
CA ALA G 67 55.45 89.76 -50.20
C ALA G 67 56.08 91.01 -49.60
N THR G 68 57.37 90.95 -49.29
CA THR G 68 58.05 92.14 -48.81
C THR G 68 57.92 93.26 -49.83
N GLN G 69 58.16 92.96 -51.11
CA GLN G 69 57.95 93.94 -52.20
C GLN G 69 56.56 94.53 -52.15
N LEU G 70 55.58 93.67 -51.93
CA LEU G 70 54.19 94.08 -51.81
C LEU G 70 53.97 95.00 -50.63
N LEU G 71 54.51 94.61 -49.48
CA LEU G 71 54.34 95.41 -48.29
C LEU G 71 55.14 96.71 -48.32
N LYS G 72 56.26 96.72 -49.04
CA LYS G 72 57.00 97.94 -49.31
C LYS G 72 56.15 98.95 -50.08
N LEU G 73 55.37 98.44 -51.03
CA LEU G 73 54.44 99.26 -51.80
C LEU G 73 53.29 99.76 -50.96
N ALA G 74 52.69 98.87 -50.17
CA ALA G 74 51.53 99.24 -49.36
C ALA G 74 51.86 100.38 -48.45
N HIS G 75 52.98 100.23 -47.75
CA HIS G 75 53.41 101.18 -46.75
C HIS G 75 53.19 102.63 -47.16
N LYS G 76 53.28 102.91 -48.46
CA LYS G 76 52.87 104.19 -49.00
C LYS G 76 51.42 104.52 -48.63
N TYR G 77 50.52 103.63 -48.99
CA TYR G 77 49.07 103.88 -48.89
C TYR G 77 48.39 103.29 -47.66
N ARG G 78 49.13 103.15 -46.56
CA ARG G 78 48.54 102.79 -45.26
C ARG G 78 47.59 103.91 -44.91
N PRO G 79 46.38 103.56 -44.50
CA PRO G 79 45.35 104.56 -44.40
C PRO G 79 45.61 105.50 -43.24
N GLU G 80 45.13 106.73 -43.38
CA GLU G 80 45.29 107.76 -42.37
C GLU G 80 44.94 107.24 -40.98
N THR G 81 45.89 107.41 -40.07
CA THR G 81 45.77 106.92 -38.70
C THR G 81 44.96 107.90 -37.87
N LYS G 82 44.80 107.59 -36.59
CA LYS G 82 44.27 108.58 -35.63
C LYS G 82 45.31 109.68 -35.39
N GLN G 83 44.84 110.82 -34.90
CA GLN G 83 45.60 112.07 -34.80
C GLN G 83 45.65 112.72 -36.17
N GLU G 84 46.31 112.06 -37.12
CA GLU G 84 46.41 112.53 -38.51
C GLU G 84 45.06 113.04 -39.04
N LYS G 85 44.02 112.27 -38.75
CA LYS G 85 42.65 112.63 -39.10
C LYS G 85 42.25 113.99 -38.50
N LYS G 86 42.49 114.15 -37.19
CA LYS G 86 42.24 115.43 -36.50
C LYS G 86 43.04 116.57 -37.10
N GLN G 87 44.31 116.32 -37.38
CA GLN G 87 45.19 117.32 -37.99
C GLN G 87 44.66 117.80 -39.34
N ARG G 88 44.09 116.88 -40.11
CA ARG G 88 43.50 117.24 -41.40
C ARG G 88 42.23 118.10 -41.25
N LEU G 89 41.44 117.83 -40.21
CA LEU G 89 40.27 118.65 -39.90
C LEU G 89 40.65 120.04 -39.40
N LEU G 90 41.53 120.07 -38.41
CA LEU G 90 41.93 121.31 -37.74
C LEU G 90 42.49 122.35 -38.70
N ALA G 91 43.32 121.90 -39.64
CA ALA G 91 43.89 122.78 -40.67
C ALA G 91 42.83 123.34 -41.62
N ARG G 92 41.77 122.56 -41.88
CA ARG G 92 40.64 123.01 -42.72
C ARG G 92 39.75 124.04 -42.02
N ALA G 93 39.54 123.86 -40.72
CA ALA G 93 38.74 124.80 -39.92
C ALA G 93 39.39 126.18 -39.81
N GLU G 94 40.72 126.20 -39.62
CA GLU G 94 41.50 127.43 -39.59
C GLU G 94 41.42 128.18 -40.92
N LYS G 95 41.59 127.44 -42.01
CA LYS G 95 41.68 128.02 -43.36
C LYS G 95 40.34 128.56 -43.91
N LYS G 96 39.21 128.16 -43.31
CA LYS G 96 37.89 128.60 -43.77
C LYS G 96 37.68 130.11 -43.58
N ALA G 97 38.02 130.60 -42.39
CA ALA G 97 37.93 132.03 -42.08
C ALA G 97 39.30 132.57 -41.66
N ALA G 98 40.18 132.74 -42.65
CA ALA G 98 41.53 133.26 -42.44
C ALA G 98 42.18 133.74 -43.75
N GLY G 99 42.31 132.82 -44.69
CA GLY G 99 42.93 133.11 -46.00
C GLY G 99 42.42 132.20 -47.10
N LYS G 100 41.13 132.36 -47.41
CA LYS G 100 40.44 131.64 -48.51
C LYS G 100 40.30 130.12 -48.25
N GLY G 101 39.07 129.70 -47.96
CA GLY G 101 38.74 128.29 -47.77
C GLY G 101 38.02 127.72 -48.98
N ASP G 102 38.71 126.86 -49.73
CA ASP G 102 38.14 126.22 -50.93
C ASP G 102 37.13 125.13 -50.54
N VAL G 103 37.55 124.26 -49.62
CA VAL G 103 36.76 123.16 -48.99
C VAL G 103 37.27 121.75 -49.39
N PRO G 104 37.04 121.33 -50.66
CA PRO G 104 37.32 119.93 -51.00
C PRO G 104 38.79 119.57 -51.21
N THR G 105 39.65 120.55 -51.49
CA THR G 105 41.05 120.37 -51.91
C THR G 105 41.19 119.17 -52.89
N LYS G 106 42.12 118.25 -52.66
CA LYS G 106 42.20 116.99 -53.43
C LYS G 106 42.60 115.85 -52.51
N ARG G 107 41.65 114.96 -52.22
CA ARG G 107 41.89 113.83 -51.31
C ARG G 107 42.72 112.73 -51.98
N PRO G 108 43.80 112.27 -51.30
CA PRO G 108 44.63 111.24 -51.90
C PRO G 108 44.02 109.83 -51.79
N PRO G 109 44.65 108.83 -52.45
CA PRO G 109 44.17 107.46 -52.48
C PRO G 109 44.84 106.57 -51.45
N VAL G 110 44.11 105.52 -51.04
CA VAL G 110 44.48 104.68 -49.89
C VAL G 110 44.17 103.22 -50.10
N LEU G 111 44.63 102.42 -49.15
CA LEU G 111 44.27 101.02 -49.09
C LEU G 111 42.81 100.84 -48.68
N ARG G 112 42.24 99.72 -49.11
CA ARG G 112 40.90 99.31 -48.75
C ARG G 112 40.98 98.03 -47.97
N ALA G 113 40.08 97.88 -47.01
CA ALA G 113 40.30 96.98 -45.89
C ALA G 113 39.47 95.69 -45.82
N GLY G 114 38.25 95.74 -45.29
CA GLY G 114 37.52 94.50 -44.91
C GLY G 114 36.96 93.74 -46.09
N VAL G 115 36.63 92.46 -45.93
CA VAL G 115 36.15 91.73 -47.10
C VAL G 115 35.03 92.45 -47.77
N ASN G 116 34.09 92.97 -47.00
CA ASN G 116 32.90 93.54 -47.61
C ASN G 116 33.18 94.74 -48.52
N THR G 117 34.18 95.55 -48.16
CA THR G 117 34.61 96.64 -49.02
C THR G 117 35.26 96.10 -50.22
N VAL G 118 36.22 95.23 -50.02
CA VAL G 118 36.83 94.59 -51.13
C VAL G 118 35.75 93.98 -52.05
N THR G 119 34.87 93.17 -51.52
CA THR G 119 33.98 92.40 -52.38
C THR G 119 32.96 93.20 -53.12
N THR G 120 32.67 94.42 -52.72
CA THR G 120 32.01 95.29 -53.67
C THR G 120 33.03 95.62 -54.75
N LEU G 121 34.24 96.02 -54.37
CA LEU G 121 35.19 96.43 -55.38
C LEU G 121 35.98 95.31 -56.01
N VAL G 122 35.47 94.09 -55.93
CA VAL G 122 35.83 93.04 -56.91
C VAL G 122 34.67 92.74 -57.87
N GLU G 123 33.42 92.83 -57.44
CA GLU G 123 32.32 92.89 -58.40
C GLU G 123 32.43 94.13 -59.30
N ASN G 124 32.79 95.27 -58.73
CA ASN G 124 32.86 96.54 -59.49
C ASN G 124 34.00 96.55 -60.52
N LYS G 125 35.09 95.85 -60.20
CA LYS G 125 36.42 96.10 -60.76
C LYS G 125 36.82 97.53 -60.44
N LYS G 126 36.83 97.83 -59.16
CA LYS G 126 37.46 99.05 -58.71
C LYS G 126 38.92 98.74 -58.43
N ALA G 127 39.22 97.54 -57.90
CA ALA G 127 40.59 97.19 -57.52
C ALA G 127 41.44 96.67 -58.67
N GLN G 128 42.74 96.95 -58.57
CA GLN G 128 43.76 96.51 -59.52
C GLN G 128 44.65 95.37 -58.93
N LEU G 129 44.72 95.26 -57.60
CA LEU G 129 45.30 94.08 -56.94
C LEU G 129 44.66 93.89 -55.57
N VAL G 130 44.20 92.67 -55.29
CA VAL G 130 43.64 92.28 -54.00
C VAL G 130 44.64 91.42 -53.25
N VAL G 131 44.77 91.62 -51.94
CA VAL G 131 45.59 90.74 -51.11
C VAL G 131 44.73 90.12 -50.05
N ILE G 132 44.70 88.80 -50.05
CA ILE G 132 43.94 87.99 -49.10
C ILE G 132 44.91 87.42 -48.07
N ALA G 133 44.43 87.19 -46.84
CA ALA G 133 45.21 86.44 -45.85
C ALA G 133 44.91 84.97 -45.96
N HIS G 134 45.93 84.16 -45.71
CA HIS G 134 45.79 82.71 -45.80
C HIS G 134 45.12 82.11 -44.57
N ASP G 135 45.29 82.75 -43.41
CA ASP G 135 44.94 82.14 -42.12
C ASP G 135 43.76 82.84 -41.45
N VAL G 136 42.81 83.31 -42.25
CA VAL G 136 41.55 83.80 -41.72
C VAL G 136 40.83 82.64 -41.01
N ASP G 137 40.23 82.99 -39.88
CA ASP G 137 40.02 82.01 -38.82
C ASP G 137 38.81 81.13 -39.10
N PRO G 138 37.64 81.74 -39.36
CA PRO G 138 36.55 80.99 -39.94
C PRO G 138 36.57 81.18 -41.46
N ILE G 139 37.04 80.17 -42.17
CA ILE G 139 37.45 80.33 -43.57
C ILE G 139 36.34 80.90 -44.42
N GLU G 140 35.10 80.47 -44.19
CA GLU G 140 33.95 80.84 -45.05
C GLU G 140 33.92 82.31 -45.44
N LEU G 141 34.39 83.18 -44.56
CA LEU G 141 34.66 84.58 -44.87
C LEU G 141 35.33 84.85 -46.19
N VAL G 142 36.33 84.04 -46.52
CA VAL G 142 37.25 84.28 -47.60
C VAL G 142 37.53 83.00 -48.34
N VAL G 143 36.56 82.52 -49.11
CA VAL G 143 36.74 81.25 -49.82
C VAL G 143 36.45 81.51 -51.27
N PHE G 144 35.27 82.05 -51.51
CA PHE G 144 34.89 82.59 -52.80
C PHE G 144 35.87 83.64 -53.35
N LEU G 145 36.49 84.44 -52.46
CA LEU G 145 37.16 85.65 -52.93
C LEU G 145 38.12 85.41 -54.10
N PRO G 146 39.01 84.41 -53.99
CA PRO G 146 39.87 84.08 -55.12
C PRO G 146 39.14 83.66 -56.35
N ALA G 147 38.08 82.90 -56.20
CA ALA G 147 37.28 82.54 -57.34
C ALA G 147 36.49 83.68 -57.92
N LEU G 148 36.21 84.66 -57.06
CA LEU G 148 35.51 85.86 -57.46
C LEU G 148 36.48 86.79 -58.17
N CYS G 149 37.63 87.03 -57.54
CA CYS G 149 38.71 87.78 -58.15
C CYS G 149 38.93 87.31 -59.56
N ARG G 150 39.27 86.05 -59.71
CA ARG G 150 39.72 85.56 -61.00
C ARG G 150 38.66 85.78 -62.10
N LYS G 151 37.39 85.65 -61.73
CA LYS G 151 36.31 85.96 -62.68
C LYS G 151 36.33 87.38 -63.16
N MET G 152 36.45 88.32 -62.23
CA MET G 152 36.43 89.75 -62.54
C MET G 152 37.73 90.31 -63.07
N GLY G 153 38.74 89.43 -63.23
CA GLY G 153 40.01 89.78 -63.85
C GLY G 153 40.76 90.66 -62.90
N VAL G 154 40.79 90.25 -61.64
CA VAL G 154 41.42 91.03 -60.63
C VAL G 154 42.59 90.23 -60.16
N PRO G 155 43.78 90.77 -60.33
CA PRO G 155 44.91 90.10 -59.76
C PRO G 155 44.68 89.94 -58.30
N TYR G 156 44.87 88.72 -57.83
CA TYR G 156 44.70 88.43 -56.44
C TYR G 156 45.87 87.58 -55.95
N CYS G 157 46.23 87.77 -54.70
CA CYS G 157 47.26 86.98 -54.07
C CYS G 157 46.98 86.80 -52.59
N ILE G 158 47.69 85.84 -52.02
CA ILE G 158 47.45 85.38 -50.68
C ILE G 158 48.71 85.63 -49.93
N LEU G 159 48.69 86.68 -49.10
CA LEU G 159 49.74 86.97 -48.14
C LEU G 159 49.69 85.96 -47.02
N LYS G 160 50.84 85.70 -46.43
CA LYS G 160 50.88 85.05 -45.16
C LYS G 160 50.58 86.12 -44.13
N GLY G 161 49.64 85.86 -43.23
CA GLY G 161 49.52 86.65 -42.01
C GLY G 161 48.41 87.65 -42.05
N LYS G 162 47.25 87.25 -41.58
CA LYS G 162 46.14 88.19 -41.40
C LYS G 162 46.49 89.30 -40.42
N ALA G 163 47.43 89.04 -39.53
CA ALA G 163 47.95 90.07 -38.66
C ALA G 163 48.73 91.11 -39.46
N ARG G 164 49.79 90.67 -40.13
CA ARG G 164 50.70 91.60 -40.81
C ARG G 164 50.08 92.23 -42.06
N LEU G 165 48.96 91.65 -42.50
CA LEU G 165 48.05 92.32 -43.40
C LEU G 165 47.38 93.44 -42.61
N GLY G 166 46.87 93.07 -41.44
CA GLY G 166 46.23 94.03 -40.54
C GLY G 166 47.08 95.12 -39.93
N ARG G 167 48.39 95.01 -40.00
CA ARG G 167 49.28 96.06 -39.56
C ARG G 167 49.54 97.10 -40.65
N LEU G 168 49.09 96.85 -41.87
CA LEU G 168 49.05 97.90 -42.90
C LEU G 168 48.08 98.93 -42.40
N VAL G 169 46.83 98.51 -42.27
CA VAL G 169 45.82 99.32 -41.62
C VAL G 169 46.11 99.19 -40.15
N HIS G 170 45.49 100.00 -39.30
CA HIS G 170 45.96 100.03 -37.92
C HIS G 170 45.03 99.28 -36.95
N ARG G 171 44.92 97.97 -37.18
CA ARG G 171 44.06 97.10 -36.38
C ARG G 171 44.71 95.73 -36.21
N LYS G 172 44.13 94.89 -35.36
CA LYS G 172 44.75 93.61 -34.98
C LYS G 172 44.96 92.71 -36.18
N THR G 173 43.89 92.54 -36.93
CA THR G 173 43.93 91.72 -38.14
C THR G 173 43.21 92.42 -39.26
N CYS G 174 43.34 91.83 -40.44
CA CYS G 174 42.44 92.10 -41.52
C CYS G 174 42.56 90.97 -42.48
N THR G 175 41.43 90.52 -42.99
CA THR G 175 41.39 89.40 -43.92
C THR G 175 41.88 89.80 -45.30
N THR G 176 41.57 91.04 -45.67
CA THR G 176 41.70 91.53 -47.04
C THR G 176 42.33 92.90 -47.12
N VAL G 177 42.80 93.25 -48.30
CA VAL G 177 43.50 94.51 -48.50
C VAL G 177 43.48 94.74 -50.00
N ALA G 178 43.03 95.91 -50.45
CA ALA G 178 42.84 96.13 -51.89
C ALA G 178 43.25 97.53 -52.35
N PHE G 179 44.01 97.59 -53.44
CA PHE G 179 44.44 98.87 -54.00
C PHE G 179 43.46 99.24 -55.09
N THR G 180 42.85 100.40 -54.98
CA THR G 180 42.02 100.95 -56.07
C THR G 180 42.86 101.86 -56.94
N GLN G 181 43.68 102.69 -56.29
CA GLN G 181 44.48 103.67 -56.97
C GLN G 181 45.83 103.78 -56.31
N VAL G 182 46.75 104.35 -57.07
CA VAL G 182 48.13 104.54 -56.68
C VAL G 182 48.62 105.77 -57.41
N ASN G 183 49.62 106.44 -56.84
CA ASN G 183 50.15 107.66 -57.44
C ASN G 183 51.08 107.33 -58.60
N SER G 184 50.98 108.15 -59.65
CA SER G 184 51.77 108.01 -60.88
C SER G 184 53.24 107.65 -60.64
N GLU G 185 53.85 108.28 -59.64
CA GLU G 185 55.22 107.95 -59.22
C GLU G 185 55.39 106.48 -58.80
N ASP G 186 54.40 105.92 -58.12
CA ASP G 186 54.40 104.51 -57.68
C ASP G 186 53.52 103.60 -58.57
N LYS G 187 53.32 104.01 -59.82
CA LYS G 187 52.44 103.30 -60.74
C LYS G 187 53.12 102.06 -61.25
N GLY G 188 54.29 102.26 -61.85
CA GLY G 188 55.02 101.18 -62.51
C GLY G 188 55.28 100.01 -61.59
N ALA G 189 55.68 100.34 -60.36
CA ALA G 189 55.93 99.36 -59.33
C ALA G 189 54.75 98.42 -59.22
N LEU G 190 53.59 99.00 -58.97
CA LEU G 190 52.38 98.22 -58.76
C LEU G 190 52.20 97.24 -59.89
N ALA G 191 52.40 97.73 -61.11
CA ALA G 191 52.21 96.93 -62.33
C ALA G 191 53.23 95.80 -62.47
N LYS G 192 54.47 96.06 -62.06
CA LYS G 192 55.51 95.02 -62.02
C LYS G 192 55.20 93.91 -61.02
N LEU G 193 54.46 94.26 -59.97
CA LEU G 193 54.03 93.32 -58.96
C LEU G 193 52.81 92.54 -59.45
N VAL G 194 51.79 93.28 -59.88
CA VAL G 194 50.55 92.67 -60.41
C VAL G 194 50.84 91.55 -61.40
N GLU G 195 51.67 91.85 -62.38
CA GLU G 195 51.90 90.90 -63.48
C GLU G 195 52.51 89.59 -62.95
N ALA G 196 53.45 89.72 -62.02
CA ALA G 196 54.10 88.56 -61.41
C ALA G 196 53.15 87.77 -60.49
N ILE G 197 52.15 88.44 -59.95
CA ILE G 197 51.09 87.76 -59.18
C ILE G 197 50.20 86.97 -60.11
N ARG G 198 49.70 87.57 -61.18
CA ARG G 198 48.74 86.87 -62.03
C ARG G 198 49.36 85.69 -62.75
N THR G 199 50.66 85.74 -63.03
CA THR G 199 51.39 84.55 -63.48
C THR G 199 51.28 83.41 -62.46
N ASN G 200 51.35 83.79 -61.19
CA ASN G 200 51.33 82.89 -60.06
C ASN G 200 49.93 82.42 -59.58
N TYR G 201 48.91 83.28 -59.66
CA TYR G 201 47.55 82.92 -59.17
C TYR G 201 46.48 82.79 -60.25
N ASN G 202 46.02 83.91 -60.79
CA ASN G 202 44.91 83.91 -61.77
C ASN G 202 45.16 82.97 -62.94
N ASP G 203 46.30 83.14 -63.58
CA ASP G 203 46.55 82.53 -64.88
C ASP G 203 46.63 81.01 -64.83
N ARG G 204 46.88 80.44 -63.65
CA ARG G 204 46.84 78.99 -63.45
C ARG G 204 45.70 78.52 -62.53
N TYR G 205 44.58 79.25 -62.56
CA TYR G 205 43.48 78.99 -61.62
C TYR G 205 42.81 77.64 -61.84
N ASP G 206 42.89 77.11 -63.05
CA ASP G 206 42.41 75.77 -63.32
C ASP G 206 43.18 74.75 -62.51
N GLU G 207 44.51 74.75 -62.62
CA GLU G 207 45.37 73.85 -61.83
C GLU G 207 45.07 73.91 -60.32
N ILE G 208 44.88 75.13 -59.82
CA ILE G 208 44.58 75.36 -58.41
C ILE G 208 43.24 74.79 -58.02
N ARG G 209 42.22 75.01 -58.85
CA ARG G 209 40.90 74.42 -58.63
C ARG G 209 40.90 72.91 -58.62
N ARG G 210 41.73 72.29 -59.44
CA ARG G 210 41.83 70.85 -59.45
C ARG G 210 42.52 70.39 -58.18
N HIS G 211 43.64 71.02 -57.86
CA HIS G 211 44.60 70.52 -56.87
C HIS G 211 44.09 70.53 -55.42
N TRP G 212 43.77 69.33 -54.93
CA TRP G 212 43.47 69.10 -53.52
C TRP G 212 44.76 69.17 -52.70
N GLY G 213 44.73 68.84 -51.41
CA GLY G 213 45.98 68.73 -50.68
C GLY G 213 45.99 68.44 -49.19
N GLY G 214 45.54 67.25 -48.82
CA GLY G 214 45.99 66.63 -47.60
C GLY G 214 46.45 65.24 -47.96
N ASN G 215 45.84 64.24 -47.33
CA ASN G 215 46.09 62.82 -47.60
C ASN G 215 47.57 62.43 -47.54
N VAL G 216 48.23 62.81 -46.46
CA VAL G 216 49.61 62.42 -46.19
C VAL G 216 49.63 61.95 -44.77
N LEU G 217 50.24 60.81 -44.56
CA LEU G 217 50.07 60.10 -43.30
C LEU G 217 51.05 60.59 -42.28
N GLY G 218 50.97 60.01 -41.10
CA GLY G 218 52.03 60.13 -40.14
C GLY G 218 53.32 59.63 -40.77
N PRO G 219 54.42 60.42 -40.68
CA PRO G 219 55.64 59.83 -41.17
C PRO G 219 55.86 58.50 -40.51
N LYS G 220 55.44 58.36 -39.25
CA LYS G 220 55.49 57.09 -38.54
C LYS G 220 54.85 55.95 -39.32
N SER G 221 53.74 56.24 -40.00
CA SER G 221 53.16 55.30 -40.98
C SER G 221 54.02 55.18 -42.22
N VAL G 222 54.30 56.32 -42.86
CA VAL G 222 54.99 56.32 -44.14
C VAL G 222 56.24 55.46 -44.05
N ALA G 223 57.08 55.76 -43.05
CA ALA G 223 58.37 55.10 -42.86
C ALA G 223 58.24 53.60 -42.58
N ARG G 224 57.09 53.16 -42.08
CA ARG G 224 56.82 51.75 -42.04
C ARG G 224 56.48 51.21 -43.42
N ILE G 225 55.63 51.93 -44.15
CA ILE G 225 55.23 51.51 -45.48
C ILE G 225 56.41 51.44 -46.46
N ALA G 226 57.27 52.45 -46.45
CA ALA G 226 58.46 52.42 -47.31
C ALA G 226 59.39 51.26 -46.97
N LYS G 227 59.49 50.91 -45.68
CA LYS G 227 60.29 49.78 -45.25
C LYS G 227 59.75 48.49 -45.85
N LEU G 228 58.44 48.30 -45.79
CA LEU G 228 57.81 47.14 -46.44
C LEU G 228 58.08 47.09 -47.94
N GLU G 229 58.10 48.25 -48.59
CA GLU G 229 58.40 48.32 -50.01
C GLU G 229 59.87 47.97 -50.30
N LYS G 230 60.78 48.46 -49.47
CA LYS G 230 62.20 48.04 -49.56
C LYS G 230 62.39 46.55 -49.28
N ALA G 231 61.50 45.96 -48.49
CA ALA G 231 61.44 44.51 -48.35
C ALA G 231 60.88 43.86 -49.62
N LYS G 232 59.81 44.42 -50.17
CA LYS G 232 59.21 43.93 -51.42
C LYS G 232 60.09 44.12 -52.66
N ALA G 233 60.94 45.15 -52.65
CA ALA G 233 61.90 45.39 -53.72
C ALA G 233 63.04 44.37 -53.67
N LYS G 234 63.59 44.15 -52.48
CA LYS G 234 64.69 43.17 -52.30
C LYS G 234 64.25 41.72 -52.52
N GLU G 235 62.95 41.45 -52.37
CA GLU G 235 62.37 40.15 -52.75
C GLU G 235 62.41 39.91 -54.26
N LEU G 236 62.13 40.94 -55.05
CA LEU G 236 62.10 40.84 -56.52
C LEU G 236 62.81 42.02 -57.22
N ALA G 237 64.14 42.06 -57.09
CA ALA G 237 64.99 43.01 -57.83
C ALA G 237 66.44 42.54 -57.89
N THR G 238 67.04 42.33 -56.72
CA THR G 238 68.41 41.79 -56.62
C THR G 238 68.51 40.30 -57.01
N LYS G 239 67.39 39.58 -56.96
CA LYS G 239 67.35 38.16 -57.33
C LYS G 239 67.50 37.98 -58.84
N LEU G 240 66.65 38.66 -59.60
CA LEU G 240 66.66 38.59 -61.07
C LEU G 240 67.75 39.47 -61.66
N GLY G 241 67.65 40.77 -61.39
CA GLY G 241 68.59 41.77 -61.93
C GLY G 241 69.94 41.76 -61.25
N MET H 1 -84.45 0.27 25.14
CA MET H 1 -85.13 1.53 25.55
C MET H 1 -85.61 1.38 26.99
N LYS H 2 -86.36 2.36 27.47
CA LYS H 2 -87.00 2.24 28.79
C LYS H 2 -88.16 1.25 28.73
N THR H 3 -88.37 0.56 29.85
CA THR H 3 -89.35 -0.50 29.91
C THR H 3 -90.31 -0.19 31.03
N ILE H 4 -91.59 -0.12 30.71
CA ILE H 4 -92.57 0.53 31.58
C ILE H 4 -92.75 -0.10 32.94
N LEU H 5 -92.44 -1.39 33.06
CA LEU H 5 -92.36 -2.06 34.35
C LEU H 5 -91.83 -3.47 34.22
N SER H 6 -90.87 -3.80 35.06
CA SER H 6 -90.50 -5.18 35.33
C SER H 6 -90.57 -5.39 36.81
N ASN H 7 -90.79 -6.63 37.21
CA ASN H 7 -90.98 -6.94 38.61
C ASN H 7 -90.86 -8.43 38.89
N GLN H 8 -90.75 -8.78 40.15
CA GLN H 8 -90.54 -10.16 40.49
C GLN H 8 -90.90 -10.47 41.92
N THR H 9 -91.26 -11.73 42.15
CA THR H 9 -91.71 -12.22 43.43
C THR H 9 -90.62 -13.01 44.10
N VAL H 10 -90.81 -13.19 45.39
CA VAL H 10 -90.01 -14.08 46.20
C VAL H 10 -91.00 -14.66 47.20
N ASP H 11 -91.24 -15.95 47.13
CA ASP H 11 -92.03 -16.60 48.15
C ASP H 11 -91.17 -16.75 49.39
N ILE H 12 -91.47 -15.96 50.43
CA ILE H 12 -90.87 -16.19 51.73
C ILE H 12 -91.71 -17.33 52.31
N PRO H 13 -91.09 -18.32 52.94
CA PRO H 13 -91.87 -19.40 53.51
C PRO H 13 -92.35 -19.06 54.93
N GLU H 14 -93.28 -19.86 55.46
CA GLU H 14 -93.91 -19.60 56.77
C GLU H 14 -92.95 -19.71 57.96
N ASN H 15 -91.92 -20.54 57.80
CA ASN H 15 -90.83 -20.68 58.78
C ASN H 15 -90.12 -19.35 59.09
N VAL H 16 -89.86 -18.58 58.03
CA VAL H 16 -89.22 -17.28 58.11
C VAL H 16 -90.24 -16.17 58.35
N ASP H 17 -89.76 -15.09 58.97
CA ASP H 17 -90.43 -13.79 58.94
C ASP H 17 -89.49 -12.85 58.24
N ILE H 18 -90.03 -12.04 57.32
CA ILE H 18 -89.26 -10.94 56.79
C ILE H 18 -90.00 -9.64 56.99
N SER H 19 -89.20 -8.60 57.23
CA SER H 19 -89.66 -7.22 57.30
C SER H 19 -88.96 -6.45 56.20
N LEU H 20 -89.27 -5.17 56.12
CA LEU H 20 -88.38 -4.27 55.42
C LEU H 20 -88.60 -2.84 55.82
N LYS H 21 -87.51 -2.26 56.33
CA LYS H 21 -87.44 -0.87 56.66
C LYS H 21 -86.97 -0.19 55.39
N GLY H 22 -87.94 0.32 54.63
CA GLY H 22 -87.67 1.14 53.45
C GLY H 22 -87.19 0.35 52.25
N ARG H 23 -85.89 0.07 52.23
CA ARG H 23 -85.29 -0.61 51.11
C ARG H 23 -84.14 -1.42 51.65
N THR H 24 -84.45 -2.12 52.73
CA THR H 24 -83.46 -2.71 53.61
C THR H 24 -84.08 -3.96 54.15
N VAL H 25 -84.04 -5.02 53.36
CA VAL H 25 -84.76 -6.24 53.73
C VAL H 25 -84.15 -6.77 55.00
N ILE H 26 -84.99 -7.18 55.93
CA ILE H 26 -84.48 -7.86 57.09
C ILE H 26 -85.21 -9.19 57.14
N VAL H 27 -84.42 -10.23 57.39
CA VAL H 27 -84.86 -11.60 57.33
C VAL H 27 -84.46 -12.18 58.66
N LYS H 28 -85.41 -12.75 59.39
CA LYS H 28 -85.08 -13.52 60.57
C LYS H 28 -85.88 -14.79 60.56
N GLY H 29 -85.41 -15.77 61.32
CA GLY H 29 -86.12 -17.05 61.41
C GLY H 29 -85.36 -17.96 62.34
N PRO H 30 -85.20 -19.23 61.94
CA PRO H 30 -84.48 -20.18 62.78
C PRO H 30 -83.12 -19.70 63.25
N ARG H 31 -82.20 -19.51 62.32
CA ARG H 31 -80.79 -19.37 62.67
C ARG H 31 -80.41 -17.94 63.12
N GLY H 32 -81.30 -16.99 62.88
CA GLY H 32 -81.13 -15.61 63.33
C GLY H 32 -81.44 -14.63 62.23
N THR H 33 -81.16 -13.36 62.49
CA THR H 33 -81.42 -12.29 61.55
C THR H 33 -80.38 -12.26 60.45
N LEU H 34 -80.77 -11.67 59.33
CA LEU H 34 -79.88 -11.34 58.25
C LEU H 34 -80.47 -10.14 57.54
N ARG H 35 -79.81 -9.01 57.68
CA ARG H 35 -80.26 -7.77 57.09
C ARG H 35 -79.52 -7.63 55.78
N ARG H 36 -79.99 -6.73 54.93
CA ARG H 36 -79.23 -6.31 53.76
C ARG H 36 -79.82 -5.02 53.20
N ASP H 37 -79.00 -3.98 53.15
CA ASP H 37 -79.44 -2.69 52.62
C ASP H 37 -79.34 -2.70 51.10
N PHE H 38 -80.39 -2.23 50.44
CA PHE H 38 -80.41 -2.11 48.99
C PHE H 38 -80.54 -0.65 48.57
N ASN H 39 -80.12 0.24 49.45
CA ASN H 39 -79.87 1.59 49.04
C ASN H 39 -78.63 1.52 48.18
N HIS H 40 -78.82 1.82 46.90
CA HIS H 40 -77.91 1.56 45.77
C HIS H 40 -78.59 0.74 44.67
N ILE H 41 -79.90 0.50 44.76
CA ILE H 41 -80.51 -0.30 43.72
C ILE H 41 -81.84 0.22 43.14
N ASN H 42 -82.48 1.19 43.82
CA ASN H 42 -83.49 2.06 43.19
C ASN H 42 -84.77 1.28 42.79
N VAL H 43 -85.30 0.52 43.74
CA VAL H 43 -86.46 -0.33 43.50
C VAL H 43 -87.50 -0.19 44.60
N GLU H 44 -88.69 -0.71 44.33
CA GLU H 44 -89.82 -0.64 45.23
C GLU H 44 -90.07 -2.01 45.80
N LEU H 45 -89.49 -2.25 46.98
CA LEU H 45 -89.67 -3.50 47.67
C LEU H 45 -91.00 -3.50 48.36
N SER H 46 -91.99 -3.96 47.61
CA SER H 46 -93.30 -4.25 48.16
C SER H 46 -93.30 -5.62 48.77
N LEU H 47 -93.36 -5.64 50.09
CA LEU H 47 -93.64 -6.84 50.82
C LEU H 47 -95.14 -6.93 50.84
N LEU H 48 -95.71 -8.05 50.44
CA LEU H 48 -97.17 -8.14 50.45
C LEU H 48 -97.74 -9.51 50.81
N GLY H 49 -99.00 -9.46 51.25
CA GLY H 49 -99.76 -10.63 51.73
C GLY H 49 -100.03 -10.56 53.23
N LYS H 50 -101.16 -11.14 53.64
CA LYS H 50 -101.38 -11.49 55.05
C LYS H 50 -100.78 -12.87 55.24
N LYS H 51 -100.16 -13.04 56.40
CA LYS H 51 -99.09 -14.03 56.63
C LYS H 51 -97.75 -13.55 56.02
N LYS H 52 -97.73 -12.34 55.44
CA LYS H 52 -96.55 -11.73 54.83
C LYS H 52 -95.81 -12.67 53.88
N LYS H 53 -96.56 -13.28 52.97
CA LYS H 53 -96.08 -14.47 52.26
C LYS H 53 -95.08 -14.22 51.13
N ARG H 54 -94.95 -12.99 50.64
CA ARG H 54 -94.00 -12.75 49.56
C ARG H 54 -93.47 -11.33 49.46
N LEU H 55 -92.21 -11.25 49.04
CA LEU H 55 -91.56 -10.01 48.70
C LEU H 55 -91.69 -9.81 47.20
N ARG H 56 -91.82 -8.56 46.81
CA ARG H 56 -92.02 -8.24 45.41
C ARG H 56 -91.23 -6.99 45.10
N VAL H 57 -90.48 -7.03 44.00
CA VAL H 57 -89.50 -6.01 43.69
C VAL H 57 -89.86 -5.40 42.34
N ASP H 58 -90.39 -4.19 42.36
CA ASP H 58 -90.74 -3.44 41.15
C ASP H 58 -89.53 -2.77 40.53
N LYS H 59 -89.70 -2.26 39.31
CA LYS H 59 -88.70 -1.41 38.67
C LYS H 59 -89.32 -0.73 37.49
N TRP H 60 -89.73 0.50 37.71
CA TRP H 60 -90.45 1.23 36.70
C TRP H 60 -89.45 1.92 35.77
N TRP H 61 -89.75 1.98 34.48
CA TRP H 61 -88.94 2.73 33.55
C TRP H 61 -87.49 2.37 33.63
N GLY H 62 -87.19 1.07 33.55
CA GLY H 62 -85.82 0.58 33.59
C GLY H 62 -85.27 0.47 32.20
N ASN H 63 -84.03 0.92 32.03
CA ASN H 63 -83.28 0.57 30.84
C ASN H 63 -82.46 -0.63 31.21
N ARG H 64 -81.88 -1.26 30.19
CA ARG H 64 -81.39 -2.62 30.31
C ARG H 64 -80.60 -2.90 31.58
N LYS H 65 -79.59 -2.09 31.86
CA LYS H 65 -78.76 -2.32 33.03
C LYS H 65 -79.49 -2.06 34.35
N GLU H 66 -80.51 -1.20 34.33
CA GLU H 66 -81.34 -0.95 35.51
C GLU H 66 -82.19 -2.14 35.89
N LEU H 67 -82.85 -2.72 34.88
CA LEU H 67 -83.71 -3.89 35.08
C LEU H 67 -82.96 -5.07 35.67
N ALA H 68 -81.73 -5.25 35.21
CA ALA H 68 -81.00 -6.43 35.58
C ALA H 68 -80.72 -6.53 37.08
N THR H 69 -80.83 -5.44 37.83
CA THR H 69 -80.73 -5.54 39.29
C THR H 69 -81.90 -6.25 39.91
N VAL H 70 -83.07 -6.01 39.33
CA VAL H 70 -84.34 -6.49 39.87
C VAL H 70 -84.26 -7.94 40.30
N ARG H 71 -83.83 -8.77 39.37
CA ARG H 71 -83.61 -10.13 39.70
C ARG H 71 -82.55 -10.22 40.80
N THR H 72 -81.37 -9.64 40.58
CA THR H 72 -80.26 -9.84 41.51
C THR H 72 -80.63 -9.51 42.97
N ILE H 73 -81.46 -8.49 43.18
CA ILE H 73 -81.96 -8.19 44.52
C ILE H 73 -82.70 -9.40 45.02
N CYS H 74 -83.66 -9.84 44.21
CA CYS H 74 -84.51 -10.97 44.57
C CYS H 74 -83.65 -12.19 44.94
N SER H 75 -82.64 -12.43 44.13
CA SER H 75 -81.75 -13.56 44.35
C SER H 75 -81.01 -13.42 45.67
N HIS H 76 -80.54 -12.22 45.99
CA HIS H 76 -79.89 -11.99 47.28
C HIS H 76 -80.84 -12.24 48.44
N VAL H 77 -82.14 -12.01 48.23
CA VAL H 77 -83.14 -12.23 49.26
C VAL H 77 -83.45 -13.70 49.48
N GLN H 78 -83.52 -14.48 48.42
CA GLN H 78 -83.60 -15.91 48.63
C GLN H 78 -82.45 -16.36 49.51
N ASN H 79 -81.22 -16.10 49.04
CA ASN H 79 -80.01 -16.53 49.79
C ASN H 79 -79.94 -16.06 51.24
N MET H 80 -80.58 -14.95 51.52
CA MET H 80 -80.75 -14.50 52.89
C MET H 80 -81.63 -15.49 53.62
N ILE H 81 -82.79 -15.75 53.03
CA ILE H 81 -83.77 -16.69 53.58
C ILE H 81 -83.16 -18.06 53.81
N LYS H 82 -82.46 -18.55 52.81
CA LYS H 82 -81.76 -19.83 52.87
C LYS H 82 -80.88 -19.98 54.10
N GLY H 83 -80.03 -18.98 54.33
CA GLY H 83 -79.12 -19.00 55.47
C GLY H 83 -79.80 -18.95 56.83
N VAL H 84 -80.89 -18.19 56.87
CA VAL H 84 -81.72 -18.09 58.06
C VAL H 84 -82.34 -19.45 58.36
N THR H 85 -82.85 -20.11 57.32
CA THR H 85 -83.51 -21.39 57.48
C THR H 85 -82.55 -22.54 57.63
N LEU H 86 -81.64 -22.65 56.66
CA LEU H 86 -80.77 -23.82 56.47
C LEU H 86 -79.33 -23.60 56.88
N GLY H 87 -78.73 -22.54 56.36
CA GLY H 87 -77.32 -22.23 56.57
C GLY H 87 -76.52 -22.60 55.34
N PHE H 88 -75.26 -22.14 55.31
CA PHE H 88 -74.33 -22.45 54.26
C PHE H 88 -73.11 -23.17 54.79
N ARG H 89 -72.72 -24.22 54.07
CA ARG H 89 -71.67 -25.14 54.48
C ARG H 89 -70.83 -25.35 53.25
N TYR H 90 -69.72 -24.63 53.17
CA TYR H 90 -68.79 -24.74 52.05
C TYR H 90 -67.66 -25.66 52.43
N LYS H 91 -67.65 -26.82 51.79
CA LYS H 91 -66.68 -27.85 52.07
C LYS H 91 -65.47 -27.61 51.19
N MET H 92 -64.28 -27.84 51.72
CA MET H 92 -63.09 -27.66 50.94
C MET H 92 -62.05 -28.66 51.31
N ARG H 93 -61.73 -29.52 50.35
CA ARG H 93 -60.75 -30.56 50.53
C ARG H 93 -59.37 -29.97 50.33
N SER H 94 -58.40 -30.60 50.94
CA SER H 94 -57.03 -30.23 50.77
C SER H 94 -56.49 -31.20 49.75
N VAL H 95 -55.66 -30.68 48.86
CA VAL H 95 -55.12 -31.46 47.77
C VAL H 95 -53.62 -31.22 47.70
N TYR H 96 -52.86 -32.31 47.83
CA TYR H 96 -51.43 -32.22 47.81
C TYR H 96 -50.82 -33.47 47.26
N ALA H 97 -49.67 -33.32 46.61
CA ALA H 97 -48.94 -34.43 45.98
C ALA H 97 -47.88 -35.03 46.90
N HIS H 98 -47.32 -34.18 47.75
CA HIS H 98 -46.35 -34.62 48.70
C HIS H 98 -46.67 -34.05 50.08
N PHE H 99 -46.44 -32.76 50.30
CA PHE H 99 -46.51 -32.25 51.66
C PHE H 99 -47.95 -32.20 52.09
N PRO H 100 -48.28 -32.93 53.13
CA PRO H 100 -49.65 -32.83 53.58
C PRO H 100 -49.92 -31.44 54.18
N ILE H 101 -51.12 -30.92 53.95
CA ILE H 101 -51.49 -29.57 54.39
C ILE H 101 -52.14 -29.59 55.79
N ASN H 102 -51.30 -29.38 56.80
CA ASN H 102 -51.71 -29.42 58.19
C ASN H 102 -52.55 -28.19 58.53
N VAL H 103 -53.83 -28.40 58.80
CA VAL H 103 -54.74 -27.32 59.19
C VAL H 103 -55.09 -27.45 60.66
N VAL H 104 -55.35 -26.31 61.28
CA VAL H 104 -55.69 -26.26 62.68
C VAL H 104 -56.36 -24.94 62.99
N ILE H 105 -57.67 -24.99 63.16
CA ILE H 105 -58.41 -23.85 63.68
C ILE H 105 -57.94 -23.50 65.10
N GLN H 106 -58.26 -22.30 65.55
CA GLN H 106 -57.64 -21.76 66.75
C GLN H 106 -58.69 -21.22 67.70
N GLU H 107 -59.26 -20.06 67.40
CA GLU H 107 -60.10 -19.35 68.37
C GLU H 107 -61.43 -20.05 68.50
N ASN H 108 -62.09 -20.23 67.37
CA ASN H 108 -63.24 -21.12 67.26
C ASN H 108 -63.28 -21.58 65.81
N GLY H 109 -64.00 -20.85 64.95
CA GLY H 109 -63.86 -20.99 63.51
C GLY H 109 -63.15 -19.81 62.89
N SER H 110 -62.78 -18.82 63.72
CA SER H 110 -62.06 -17.63 63.28
C SER H 110 -60.72 -17.89 62.59
N LEU H 111 -59.69 -18.26 63.35
CA LEU H 111 -58.35 -18.38 62.78
C LEU H 111 -58.23 -19.70 62.03
N VAL H 112 -57.34 -19.75 61.04
CA VAL H 112 -56.96 -21.00 60.38
C VAL H 112 -55.47 -21.01 60.06
N GLU H 113 -54.67 -21.69 60.87
CA GLU H 113 -53.26 -21.88 60.53
C GLU H 113 -53.17 -22.96 59.48
N ILE H 114 -52.19 -22.86 58.59
CA ILE H 114 -52.01 -23.85 57.52
C ILE H 114 -50.53 -24.12 57.32
N ARG H 115 -50.01 -25.05 58.12
CA ARG H 115 -48.59 -25.32 58.12
C ARG H 115 -48.26 -26.26 56.98
N ASN H 116 -46.96 -26.53 56.84
CA ASN H 116 -46.39 -27.48 55.88
C ASN H 116 -47.09 -27.59 54.52
N PHE H 117 -47.42 -26.46 53.96
CA PHE H 117 -47.88 -26.39 52.59
C PHE H 117 -46.62 -26.34 51.75
N LEU H 118 -46.47 -27.21 50.77
CA LEU H 118 -45.23 -27.25 49.97
C LEU H 118 -43.89 -27.38 50.76
N GLY H 119 -43.96 -27.79 52.03
CA GLY H 119 -42.79 -27.78 52.89
C GLY H 119 -42.38 -26.41 53.40
N GLU H 120 -43.24 -25.42 53.23
CA GLU H 120 -42.91 -24.05 53.58
C GLU H 120 -42.87 -23.90 55.08
N LYS H 121 -41.78 -23.34 55.59
CA LYS H 121 -41.73 -22.93 57.00
C LYS H 121 -42.86 -21.94 57.39
N TYR H 122 -43.30 -21.12 56.43
CA TYR H 122 -44.30 -20.08 56.72
C TYR H 122 -45.67 -20.68 56.91
N ILE H 123 -46.31 -20.28 58.00
CA ILE H 123 -47.65 -20.76 58.35
C ILE H 123 -48.61 -19.65 57.99
N ARG H 124 -49.69 -20.03 57.32
CA ARG H 124 -50.67 -19.08 56.82
C ARG H 124 -51.80 -18.92 57.79
N ARG H 125 -51.69 -17.92 58.66
CA ARG H 125 -52.79 -17.61 59.56
C ARG H 125 -53.85 -16.82 58.78
N VAL H 126 -55.08 -17.37 58.78
CA VAL H 126 -56.23 -16.83 58.06
C VAL H 126 -57.46 -16.67 58.94
N ARG H 127 -57.74 -15.42 59.31
CA ARG H 127 -58.97 -15.08 60.01
C ARG H 127 -60.14 -15.27 59.06
N MET H 128 -61.33 -15.33 59.64
CA MET H 128 -62.55 -15.49 58.88
C MET H 128 -63.25 -14.16 58.79
N ARG H 129 -64.23 -14.09 57.89
CA ARG H 129 -65.14 -12.97 57.86
C ARG H 129 -66.11 -13.20 59.01
N PRO H 130 -66.30 -12.18 59.89
CA PRO H 130 -67.00 -12.49 61.13
C PRO H 130 -68.47 -12.76 60.89
N GLY H 131 -68.97 -13.81 61.54
CA GLY H 131 -70.28 -14.41 61.24
C GLY H 131 -70.13 -15.86 60.75
N VAL H 132 -68.95 -16.18 60.21
CA VAL H 132 -68.62 -17.51 59.75
C VAL H 132 -67.87 -18.20 60.85
N ALA H 133 -67.82 -19.52 60.73
CA ALA H 133 -66.96 -20.32 61.54
C ALA H 133 -66.51 -21.56 60.79
N CYS H 134 -65.21 -21.67 60.57
CA CYS H 134 -64.62 -22.90 60.08
C CYS H 134 -64.60 -23.99 61.12
N SER H 135 -64.45 -25.21 60.64
CA SER H 135 -64.01 -26.31 61.47
C SER H 135 -63.33 -27.36 60.62
N VAL H 136 -62.67 -28.28 61.29
CA VAL H 136 -62.11 -29.43 60.63
C VAL H 136 -63.23 -30.46 60.58
N SER H 137 -63.13 -31.35 59.61
CA SER H 137 -64.06 -32.43 59.46
C SER H 137 -63.55 -33.70 60.12
N GLN H 138 -64.50 -34.48 60.63
CA GLN H 138 -64.31 -35.90 60.88
C GLN H 138 -65.10 -36.63 59.80
N ALA H 139 -64.82 -37.93 59.66
CA ALA H 139 -65.40 -38.80 58.62
C ALA H 139 -64.65 -38.73 57.29
N GLN H 140 -64.58 -37.53 56.70
CA GLN H 140 -63.74 -37.29 55.52
C GLN H 140 -62.42 -36.64 55.91
N LYS H 141 -61.32 -37.13 55.34
CA LYS H 141 -60.00 -36.85 55.88
C LYS H 141 -59.53 -35.41 55.63
N ASP H 142 -59.02 -35.14 54.43
CA ASP H 142 -58.45 -33.82 54.12
C ASP H 142 -59.59 -32.94 53.66
N GLU H 143 -60.15 -32.15 54.58
CA GLU H 143 -61.47 -31.54 54.37
C GLU H 143 -61.88 -30.57 55.47
N LEU H 144 -62.17 -29.33 55.09
CA LEU H 144 -62.73 -28.34 56.03
C LEU H 144 -64.21 -28.24 55.81
N VAL H 145 -64.89 -27.56 56.73
CA VAL H 145 -66.30 -27.19 56.58
C VAL H 145 -66.52 -25.76 57.07
N LEU H 146 -66.96 -24.88 56.18
CA LEU H 146 -67.22 -23.49 56.55
C LEU H 146 -68.70 -23.28 56.63
N GLU H 147 -69.21 -23.36 57.85
CA GLU H 147 -70.63 -23.17 58.12
C GLU H 147 -70.87 -21.71 58.38
N GLY H 148 -72.01 -21.22 57.91
CA GLY H 148 -72.39 -19.85 58.18
C GLY H 148 -73.70 -19.48 57.53
N ASN H 149 -74.31 -18.41 58.03
CA ASN H 149 -75.59 -17.96 57.53
C ASN H 149 -75.46 -17.08 56.32
N ASP H 150 -74.51 -16.14 56.36
CA ASP H 150 -74.34 -15.22 55.25
C ASP H 150 -73.50 -15.87 54.18
N ILE H 151 -74.14 -16.20 53.05
CA ILE H 151 -73.43 -16.80 51.91
C ILE H 151 -72.17 -16.07 51.56
N GLU H 152 -72.28 -14.75 51.52
CA GLU H 152 -71.20 -13.92 51.09
C GLU H 152 -70.05 -14.17 51.99
N LEU H 153 -70.29 -14.03 53.29
CA LEU H 153 -69.24 -14.11 54.29
C LEU H 153 -68.59 -15.46 54.32
N VAL H 154 -69.39 -16.49 54.12
CA VAL H 154 -68.86 -17.82 54.04
C VAL H 154 -67.95 -17.94 52.85
N SER H 155 -68.52 -17.73 51.67
CA SER H 155 -67.80 -17.95 50.44
C SER H 155 -66.49 -17.16 50.47
N ASN H 156 -66.58 -15.87 50.80
CA ASN H 156 -65.40 -15.03 50.94
C ASN H 156 -64.37 -15.75 51.82
N SER H 157 -64.80 -16.15 53.00
CA SER H 157 -63.88 -16.79 53.94
C SER H 157 -63.31 -18.09 53.41
N ALA H 158 -64.10 -18.79 52.59
CA ALA H 158 -63.59 -19.94 51.86
C ALA H 158 -62.46 -19.49 50.97
N ALA H 159 -62.78 -18.59 50.04
CA ALA H 159 -61.82 -18.11 49.07
C ALA H 159 -60.53 -17.75 49.77
N LEU H 160 -60.65 -16.96 50.82
CA LEU H 160 -59.50 -16.55 51.57
C LEU H 160 -58.54 -17.70 51.78
N ILE H 161 -59.05 -18.82 52.27
CA ILE H 161 -58.19 -19.99 52.55
C ILE H 161 -57.90 -20.80 51.29
N GLN H 162 -58.66 -20.55 50.21
CA GLN H 162 -58.32 -21.07 48.87
C GLN H 162 -57.15 -20.36 48.27
N GLN H 163 -57.09 -19.06 48.53
CA GLN H 163 -56.15 -18.19 47.89
C GLN H 163 -54.81 -18.19 48.64
N ALA H 164 -54.88 -18.21 49.97
CA ALA H 164 -53.71 -18.39 50.83
C ALA H 164 -52.80 -19.49 50.31
N THR H 165 -53.40 -20.61 49.94
CA THR H 165 -52.66 -21.75 49.41
C THR H 165 -52.51 -21.66 47.91
N THR H 166 -51.57 -20.83 47.49
CA THR H 166 -51.12 -20.77 46.10
C THR H 166 -49.65 -21.02 46.07
N VAL H 167 -49.15 -21.30 44.87
CA VAL H 167 -47.74 -21.53 44.66
C VAL H 167 -47.18 -20.40 43.81
N LYS H 168 -45.98 -19.94 44.18
CA LYS H 168 -45.32 -18.85 43.51
C LYS H 168 -44.17 -19.40 42.69
N ASN H 169 -44.03 -18.92 41.46
CA ASN H 169 -42.88 -19.24 40.63
C ASN H 169 -42.84 -20.66 40.06
N LYS H 170 -43.92 -21.42 40.19
CA LYS H 170 -43.95 -22.79 39.67
C LYS H 170 -45.13 -22.94 38.75
N ASP H 171 -45.13 -24.08 38.06
CA ASP H 171 -46.14 -24.39 37.08
C ASP H 171 -47.37 -24.98 37.75
N ILE H 172 -48.44 -24.21 37.80
CA ILE H 172 -49.65 -24.68 38.47
C ILE H 172 -50.44 -25.72 37.71
N ARG H 173 -50.10 -26.00 36.46
CA ARG H 173 -50.65 -27.20 35.84
C ARG H 173 -50.20 -28.43 36.64
N LYS H 174 -48.90 -28.45 36.91
CA LYS H 174 -48.26 -29.52 37.64
C LYS H 174 -48.58 -29.41 39.13
N PHE H 175 -48.16 -28.31 39.75
CA PHE H 175 -48.18 -28.15 41.22
C PHE H 175 -49.61 -27.86 41.71
N LEU H 176 -50.42 -28.91 41.74
CA LEU H 176 -51.83 -28.83 42.16
C LEU H 176 -51.93 -29.04 43.65
N ASP H 177 -51.67 -27.96 44.37
CA ASP H 177 -51.59 -28.03 45.81
C ASP H 177 -52.49 -27.00 46.40
N GLY H 178 -53.11 -27.37 47.51
CA GLY H 178 -53.85 -26.43 48.32
C GLY H 178 -55.18 -26.92 48.80
N ILE H 179 -55.88 -25.99 49.43
CA ILE H 179 -57.25 -26.15 49.81
C ILE H 179 -58.02 -25.56 48.64
N TYR H 180 -59.07 -26.23 48.20
CA TYR H 180 -59.95 -25.71 47.17
C TYR H 180 -61.34 -26.11 47.54
N VAL H 181 -62.32 -25.33 47.12
CA VAL H 181 -63.71 -25.53 47.55
C VAL H 181 -64.47 -26.59 46.74
N SER H 182 -64.72 -27.70 47.41
CA SER H 182 -65.23 -28.89 46.77
C SER H 182 -66.72 -28.85 46.57
N GLU H 183 -67.45 -28.27 47.50
CA GLU H 183 -68.90 -28.34 47.49
C GLU H 183 -69.53 -27.20 48.26
N LYS H 184 -70.57 -26.61 47.67
CA LYS H 184 -71.32 -25.54 48.28
C LYS H 184 -72.61 -26.19 48.73
N GLY H 185 -72.95 -26.07 50.01
CA GLY H 185 -74.10 -26.76 50.58
C GLY H 185 -74.83 -25.98 51.64
N THR H 186 -75.53 -26.72 52.51
CA THR H 186 -76.26 -26.14 53.63
C THR H 186 -76.03 -26.91 54.91
N VAL H 187 -76.39 -26.31 56.02
CA VAL H 187 -76.20 -26.92 57.32
C VAL H 187 -77.27 -27.99 57.62
N GLN H 188 -78.45 -27.84 57.03
CA GLN H 188 -79.53 -28.83 57.17
C GLN H 188 -80.48 -28.70 55.98
N GLN H 189 -80.85 -29.84 55.41
CA GLN H 189 -81.41 -29.86 54.07
C GLN H 189 -82.90 -29.50 54.04
N ALA H 190 -83.72 -30.36 54.65
CA ALA H 190 -85.18 -30.26 54.58
C ALA H 190 -85.69 -30.36 53.13
N GLY I 1 -36.74 -2.38 -0.35
CA GLY I 1 -37.06 -2.74 -1.77
C GLY I 1 -38.13 -1.86 -2.40
N ARG I 2 -39.22 -1.63 -1.66
CA ARG I 2 -40.29 -0.79 -2.15
C ARG I 2 -41.01 0.00 -1.07
N ARG I 3 -41.49 1.17 -1.48
CA ARG I 3 -42.12 2.14 -0.61
C ARG I 3 -43.42 1.64 -0.05
N PRO I 4 -43.85 2.20 1.08
CA PRO I 4 -45.06 1.74 1.72
C PRO I 4 -46.29 2.36 1.09
N ALA I 5 -47.38 1.61 1.10
CA ALA I 5 -48.51 1.91 0.24
C ALA I 5 -49.37 3.05 0.72
N ARG I 6 -49.09 3.54 1.91
CA ARG I 6 -49.53 4.86 2.30
C ARG I 6 -49.34 5.87 1.17
N CYS I 7 -48.13 5.89 0.63
CA CYS I 7 -47.68 7.02 -0.17
C CYS I 7 -48.19 7.06 -1.59
N TYR I 8 -48.71 5.95 -2.07
CA TYR I 8 -49.21 5.92 -3.42
C TYR I 8 -50.65 5.45 -3.37
N ARG I 9 -51.38 5.92 -2.36
CA ARG I 9 -52.76 5.51 -2.19
C ARG I 9 -53.68 6.34 -3.01
N TYR I 10 -53.57 7.62 -2.79
CA TYR I 10 -54.55 8.49 -3.32
C TYR I 10 -54.31 8.81 -4.80
N CYS I 11 -55.42 9.02 -5.49
CA CYS I 11 -55.43 9.42 -6.88
C CYS I 11 -55.11 10.89 -6.98
N LYS I 12 -53.82 11.17 -6.93
CA LYS I 12 -53.32 12.53 -6.85
C LYS I 12 -53.01 13.10 -8.23
N ASN I 13 -52.56 12.24 -9.14
CA ASN I 13 -52.17 12.65 -10.48
C ASN I 13 -53.04 12.16 -11.60
N LYS I 14 -52.77 12.66 -12.81
CA LYS I 14 -53.37 12.12 -14.02
C LYS I 14 -52.77 10.77 -14.26
N PRO I 15 -53.50 9.90 -14.94
CA PRO I 15 -53.00 8.54 -15.13
C PRO I 15 -51.81 8.47 -16.06
N TYR I 16 -50.84 7.63 -15.74
CA TYR I 16 -49.53 7.75 -16.37
C TYR I 16 -49.03 6.39 -16.90
N PRO I 17 -49.69 5.86 -17.93
CA PRO I 17 -49.57 4.45 -18.28
C PRO I 17 -48.37 4.07 -19.15
N LYS I 18 -48.10 2.77 -19.23
CA LYS I 18 -46.88 2.29 -19.84
C LYS I 18 -46.88 2.49 -21.33
N SER I 19 -46.51 3.69 -21.74
CA SER I 19 -46.65 4.14 -23.12
C SER I 19 -45.31 4.31 -23.80
N ARG I 20 -45.34 4.92 -24.99
CA ARG I 20 -44.16 5.55 -25.57
C ARG I 20 -43.36 6.29 -24.52
N PHE I 21 -44.08 7.10 -23.75
CA PHE I 21 -43.50 8.11 -22.91
C PHE I 21 -43.00 7.45 -21.66
N CYS I 22 -43.91 7.00 -20.81
CA CYS I 22 -43.50 6.29 -19.61
C CYS I 22 -43.01 4.90 -19.98
N ARG I 23 -41.70 4.78 -20.15
CA ARG I 23 -41.10 3.50 -20.47
C ARG I 23 -39.96 3.21 -19.54
N GLY I 24 -39.61 1.93 -19.46
CA GLY I 24 -38.75 1.39 -18.40
C GLY I 24 -39.54 0.97 -17.18
N VAL I 25 -40.85 0.78 -17.38
CA VAL I 25 -41.73 0.52 -16.28
C VAL I 25 -41.47 -0.91 -15.93
N PRO I 26 -41.12 -1.17 -14.67
CA PRO I 26 -40.95 -2.55 -14.26
C PRO I 26 -42.30 -3.22 -14.19
N ASP I 27 -42.31 -4.52 -14.46
CA ASP I 27 -43.55 -5.22 -14.67
C ASP I 27 -44.40 -5.26 -13.41
N ALA I 28 -45.70 -5.48 -13.61
CA ALA I 28 -46.63 -5.64 -12.51
C ALA I 28 -46.41 -6.98 -11.82
N LYS I 29 -46.84 -7.05 -10.56
CA LYS I 29 -46.87 -8.29 -9.81
C LYS I 29 -47.94 -9.15 -10.43
N ILE I 30 -49.16 -8.62 -10.49
CA ILE I 30 -50.31 -9.36 -10.98
C ILE I 30 -50.33 -9.53 -12.49
N ARG I 31 -50.33 -10.79 -12.91
CA ARG I 31 -50.42 -11.16 -14.31
C ARG I 31 -51.70 -11.95 -14.62
N ILE I 32 -52.15 -12.79 -13.68
CA ILE I 32 -53.16 -13.81 -13.95
C ILE I 32 -54.50 -13.42 -13.36
N PHE I 33 -55.35 -12.82 -14.18
CA PHE I 33 -56.55 -12.20 -13.64
C PHE I 33 -57.74 -13.11 -13.37
N ASP I 34 -57.71 -14.34 -13.87
CA ASP I 34 -58.84 -15.24 -13.66
C ASP I 34 -58.44 -16.69 -13.55
N LEU I 35 -59.03 -17.33 -12.55
CA LEU I 35 -58.57 -18.60 -12.04
C LEU I 35 -59.68 -19.27 -11.26
N GLY I 36 -59.62 -20.60 -11.25
CA GLY I 36 -60.76 -21.45 -10.95
C GLY I 36 -60.95 -22.31 -12.17
N ARG I 37 -62.20 -22.58 -12.51
CA ARG I 37 -62.56 -23.30 -13.72
C ARG I 37 -63.09 -22.26 -14.71
N LYS I 38 -62.17 -21.48 -15.28
CA LYS I 38 -62.53 -20.50 -16.31
C LYS I 38 -63.00 -21.13 -17.63
N LYS I 39 -62.90 -22.45 -17.73
CA LYS I 39 -63.43 -23.21 -18.86
C LYS I 39 -64.86 -23.72 -18.59
N ALA I 40 -65.58 -23.07 -17.68
CA ALA I 40 -66.92 -23.51 -17.28
C ALA I 40 -67.95 -22.75 -18.04
N LYS I 41 -69.07 -23.41 -18.34
CA LYS I 41 -70.15 -22.81 -19.12
C LYS I 41 -71.00 -21.97 -18.20
N VAL I 42 -71.80 -21.07 -18.77
CA VAL I 42 -72.63 -20.18 -17.96
C VAL I 42 -73.59 -20.87 -17.00
N ASP I 43 -74.09 -22.04 -17.37
CA ASP I 43 -75.10 -22.74 -16.55
C ASP I 43 -74.56 -23.35 -15.25
N GLU I 44 -73.27 -23.70 -15.25
CA GLU I 44 -72.66 -24.47 -14.16
C GLU I 44 -71.81 -23.59 -13.22
N PHE I 45 -72.34 -22.42 -12.88
CA PHE I 45 -71.76 -21.43 -11.96
C PHE I 45 -72.61 -20.18 -12.14
N PRO I 46 -73.71 -20.03 -11.36
CA PRO I 46 -74.38 -18.74 -11.31
C PRO I 46 -74.47 -18.19 -9.90
N LEU I 47 -73.57 -17.30 -9.54
CA LEU I 47 -73.69 -16.57 -8.29
C LEU I 47 -72.47 -15.69 -8.04
N CYS I 48 -72.36 -14.60 -8.78
CA CYS I 48 -71.27 -13.67 -8.57
C CYS I 48 -71.39 -13.05 -7.19
N GLY I 49 -70.27 -12.86 -6.51
CA GLY I 49 -70.16 -11.82 -5.50
C GLY I 49 -69.03 -10.86 -5.79
N HIS I 50 -69.31 -9.56 -5.72
CA HIS I 50 -68.40 -8.58 -6.29
C HIS I 50 -67.81 -7.66 -5.22
N MET I 51 -66.60 -7.93 -4.76
CA MET I 51 -65.99 -7.02 -3.81
C MET I 51 -65.94 -5.74 -4.58
N VAL I 52 -66.54 -4.70 -4.01
CA VAL I 52 -66.74 -3.46 -4.72
C VAL I 52 -66.30 -2.29 -3.88
N SER I 53 -65.47 -1.43 -4.44
CA SER I 53 -64.79 -0.42 -3.65
C SER I 53 -65.73 0.67 -3.21
N ASP I 54 -65.22 1.47 -2.28
CA ASP I 54 -65.93 2.64 -1.78
C ASP I 54 -65.05 3.88 -1.49
N GLU I 55 -63.84 3.86 -2.02
CA GLU I 55 -62.96 5.01 -2.02
C GLU I 55 -62.75 5.42 -3.43
N TYR I 56 -62.03 6.51 -3.59
CA TYR I 56 -61.44 6.84 -4.85
C TYR I 56 -59.93 6.77 -4.69
N GLU I 57 -59.42 5.55 -4.81
CA GLU I 57 -58.05 5.25 -4.46
C GLU I 57 -57.36 4.38 -5.51
N GLN I 58 -56.06 4.19 -5.32
CA GLN I 58 -55.23 3.33 -6.14
C GLN I 58 -54.89 2.10 -5.32
N LEU I 59 -55.07 0.92 -5.89
CA LEU I 59 -54.67 -0.30 -5.22
C LEU I 59 -53.45 -0.82 -5.91
N SER I 60 -52.44 -1.22 -5.16
CA SER I 60 -51.21 -1.72 -5.77
C SER I 60 -51.44 -3.02 -6.53
N SER I 61 -50.66 -3.23 -7.59
CA SER I 61 -50.63 -4.52 -8.27
C SER I 61 -50.29 -5.62 -7.29
N GLU I 62 -49.32 -5.35 -6.41
CA GLU I 62 -48.92 -6.32 -5.37
C GLU I 62 -50.06 -6.70 -4.46
N ALA I 63 -50.95 -5.76 -4.17
CA ALA I 63 -52.15 -6.02 -3.37
C ALA I 63 -53.12 -6.93 -4.05
N LEU I 64 -53.47 -6.59 -5.28
CA LEU I 64 -54.38 -7.40 -6.05
C LEU I 64 -53.98 -8.85 -6.01
N GLU I 65 -52.70 -9.10 -6.25
CA GLU I 65 -52.18 -10.45 -6.30
C GLU I 65 -52.48 -11.19 -5.03
N ALA I 66 -52.15 -10.56 -3.90
CA ALA I 66 -52.36 -11.14 -2.58
C ALA I 66 -53.81 -11.43 -2.32
N ALA I 67 -54.67 -10.50 -2.72
CA ALA I 67 -56.10 -10.63 -2.52
C ALA I 67 -56.62 -11.79 -3.30
N ARG I 68 -56.34 -11.77 -4.59
CA ARG I 68 -56.72 -12.86 -5.47
C ARG I 68 -56.28 -14.19 -4.87
N ILE I 69 -55.01 -14.27 -4.48
CA ILE I 69 -54.49 -15.49 -3.87
C ILE I 69 -55.29 -15.88 -2.65
N CYS I 70 -55.40 -14.95 -1.72
CA CYS I 70 -56.17 -15.18 -0.50
C CYS I 70 -57.61 -15.61 -0.75
N ALA I 71 -58.21 -15.16 -1.84
CA ALA I 71 -59.54 -15.59 -2.20
C ALA I 71 -59.53 -16.97 -2.83
N ASN I 72 -58.61 -17.21 -3.75
CA ASN I 72 -58.55 -18.51 -4.42
C ASN I 72 -58.35 -19.60 -3.39
N LYS I 73 -57.28 -19.45 -2.60
CA LYS I 73 -56.88 -20.40 -1.56
C LYS I 73 -58.02 -20.77 -0.67
N TYR I 74 -58.80 -19.77 -0.23
CA TYR I 74 -59.98 -20.05 0.60
C TYR I 74 -61.09 -20.73 -0.18
N MET I 75 -61.29 -20.36 -1.44
CA MET I 75 -62.27 -21.05 -2.27
C MET I 75 -61.93 -22.52 -2.47
N VAL I 76 -60.67 -22.84 -2.72
CA VAL I 76 -60.26 -24.23 -2.88
C VAL I 76 -60.51 -24.97 -1.58
N LYS I 77 -59.78 -24.58 -0.53
CA LYS I 77 -59.87 -25.23 0.77
C LYS I 77 -61.31 -25.42 1.20
N SER I 78 -62.16 -24.43 0.89
CA SER I 78 -63.58 -24.56 1.16
C SER I 78 -64.28 -25.51 0.19
N CYS I 79 -64.54 -25.04 -1.02
CA CYS I 79 -65.52 -25.69 -1.89
C CYS I 79 -64.95 -26.77 -2.82
N GLY I 80 -63.76 -26.53 -3.38
CA GLY I 80 -63.13 -27.51 -4.27
C GLY I 80 -62.12 -26.87 -5.19
N LYS I 81 -61.24 -27.68 -5.76
CA LYS I 81 -60.20 -27.20 -6.68
C LYS I 81 -60.79 -26.47 -7.88
N ASP I 82 -61.93 -26.96 -8.35
CA ASP I 82 -62.56 -26.51 -9.60
C ASP I 82 -64.03 -26.17 -9.39
N GLY I 83 -64.37 -25.76 -8.17
CA GLY I 83 -65.75 -25.47 -7.84
C GLY I 83 -66.18 -24.02 -8.05
N PHE I 84 -65.39 -23.21 -8.75
CA PHE I 84 -65.72 -21.79 -8.92
C PHE I 84 -64.94 -21.19 -10.10
N HIS I 85 -65.13 -19.89 -10.32
CA HIS I 85 -64.32 -19.11 -11.24
C HIS I 85 -64.22 -17.74 -10.66
N ILE I 86 -63.01 -17.19 -10.63
CA ILE I 86 -62.79 -15.80 -10.22
C ILE I 86 -62.33 -14.96 -11.37
N ARG I 87 -62.51 -13.66 -11.22
CA ARG I 87 -62.13 -12.70 -12.24
C ARG I 87 -61.73 -11.44 -11.52
N VAL I 88 -60.44 -11.16 -11.51
CA VAL I 88 -59.94 -9.91 -10.98
C VAL I 88 -60.37 -8.88 -11.99
N ARG I 89 -60.68 -7.67 -11.54
CA ARG I 89 -61.27 -6.68 -12.44
C ARG I 89 -60.72 -5.27 -12.26
N LEU I 90 -59.42 -5.18 -12.10
CA LEU I 90 -58.77 -3.91 -12.05
C LEU I 90 -57.38 -4.14 -12.52
N HIS I 91 -57.08 -3.87 -13.78
CA HIS I 91 -55.72 -4.11 -14.22
C HIS I 91 -54.96 -2.87 -13.89
N PRO I 92 -53.75 -3.03 -13.38
CA PRO I 92 -52.96 -1.85 -13.10
C PRO I 92 -52.36 -1.29 -14.37
N PHE I 93 -52.58 0.01 -14.56
CA PHE I 93 -52.21 0.74 -15.77
C PHE I 93 -51.46 2.03 -15.44
N HIS I 94 -52.01 2.84 -14.56
CA HIS I 94 -51.27 3.91 -13.87
C HIS I 94 -49.90 3.43 -13.39
N VAL I 95 -48.86 4.13 -13.82
CA VAL I 95 -47.51 3.90 -13.39
C VAL I 95 -47.18 4.94 -12.38
N ILE I 96 -46.42 4.57 -11.39
CA ILE I 96 -46.35 5.31 -10.19
C ILE I 96 -44.89 5.65 -9.86
N ARG I 97 -44.56 6.93 -9.96
CA ARG I 97 -43.15 7.36 -10.00
C ARG I 97 -42.47 7.39 -8.60
N ILE I 98 -41.17 7.65 -8.56
CA ILE I 98 -40.42 7.56 -7.32
C ILE I 98 -39.07 8.25 -7.49
N ASN I 99 -38.96 9.44 -6.95
CA ASN I 99 -37.72 10.20 -7.03
C ASN I 99 -36.88 9.69 -5.87
N LYS I 100 -35.83 8.94 -6.17
CA LYS I 100 -35.02 8.29 -5.13
C LYS I 100 -33.92 9.22 -4.63
N MET I 101 -33.54 9.02 -3.35
CA MET I 101 -32.49 9.80 -2.71
C MET I 101 -31.32 8.94 -2.22
N LEU I 102 -30.32 8.77 -3.10
CA LEU I 102 -29.00 8.20 -2.80
C LEU I 102 -28.95 7.18 -1.67
N THR I 112 -28.46 15.99 -4.30
CA THR I 112 -28.83 17.15 -5.12
C THR I 112 -29.90 17.97 -4.40
N GLY I 113 -30.99 17.27 -4.10
CA GLY I 113 -32.20 17.85 -3.50
C GLY I 113 -33.40 17.70 -4.44
N MET I 114 -34.27 18.70 -4.39
CA MET I 114 -35.50 18.68 -5.15
C MET I 114 -35.31 19.08 -6.61
N ARG I 115 -34.06 19.11 -7.07
CA ARG I 115 -33.71 19.77 -8.32
C ARG I 115 -33.92 18.78 -9.46
N GLY I 116 -34.86 19.10 -10.34
CA GLY I 116 -35.22 18.22 -11.45
C GLY I 116 -35.80 16.89 -11.02
N ALA I 117 -36.57 16.87 -9.94
CA ALA I 117 -37.05 15.63 -9.39
C ALA I 117 -38.38 15.21 -10.00
N PHE I 118 -38.32 14.53 -11.11
CA PHE I 118 -39.46 13.84 -11.65
C PHE I 118 -39.04 12.39 -11.65
N GLY I 119 -39.86 11.52 -11.10
CA GLY I 119 -39.42 10.15 -10.78
C GLY I 119 -39.09 9.21 -11.92
N LYS I 120 -38.44 8.10 -11.56
CA LYS I 120 -38.42 6.93 -12.40
C LYS I 120 -39.70 6.22 -12.04
N PRO I 121 -40.12 5.25 -12.85
CA PRO I 121 -41.31 4.49 -12.53
C PRO I 121 -41.03 3.47 -11.44
N GLN I 122 -41.83 3.47 -10.38
CA GLN I 122 -41.64 2.47 -9.33
C GLN I 122 -42.30 1.17 -9.70
N GLY I 123 -43.57 1.27 -10.06
CA GLY I 123 -44.37 0.11 -10.35
C GLY I 123 -45.69 0.53 -10.95
N THR I 124 -46.58 -0.44 -11.06
CA THR I 124 -47.91 -0.19 -11.58
C THR I 124 -48.92 -0.25 -10.45
N VAL I 125 -50.13 0.18 -10.79
CA VAL I 125 -51.17 0.35 -9.80
C VAL I 125 -52.49 0.51 -10.52
N ALA I 126 -53.58 0.20 -9.83
CA ALA I 126 -54.94 0.39 -10.35
C ALA I 126 -55.46 1.80 -10.03
N ARG I 127 -56.64 2.12 -10.56
CA ARG I 127 -57.45 3.26 -10.08
C ARG I 127 -58.89 2.83 -9.96
N VAL I 128 -59.43 2.92 -8.76
CA VAL I 128 -60.73 2.37 -8.48
C VAL I 128 -61.64 3.50 -8.11
N HIS I 129 -62.76 3.58 -8.80
CA HIS I 129 -63.80 4.54 -8.45
C HIS I 129 -64.69 4.00 -7.36
N ILE I 130 -65.46 4.91 -6.78
CA ILE I 130 -66.39 4.55 -5.73
C ILE I 130 -67.49 3.78 -6.40
N GLY I 131 -67.49 2.48 -6.16
CA GLY I 131 -68.50 1.57 -6.72
C GLY I 131 -68.03 0.75 -7.90
N GLN I 132 -66.74 0.82 -8.21
CA GLN I 132 -66.15 -0.05 -9.21
C GLN I 132 -65.95 -1.41 -8.55
N VAL I 133 -66.12 -2.48 -9.31
CA VAL I 133 -65.86 -3.83 -8.80
C VAL I 133 -64.36 -4.07 -8.77
N ILE I 134 -63.89 -4.83 -7.80
CA ILE I 134 -62.49 -5.22 -7.76
C ILE I 134 -62.44 -6.66 -8.23
N MET I 135 -62.95 -7.55 -7.40
CA MET I 135 -62.88 -8.97 -7.67
C MET I 135 -64.27 -9.50 -7.66
N SER I 136 -64.60 -10.34 -8.63
CA SER I 136 -65.89 -10.99 -8.63
C SER I 136 -65.73 -12.47 -8.85
N ILE I 137 -66.42 -13.26 -8.03
CA ILE I 137 -66.39 -14.70 -8.16
C ILE I 137 -67.73 -15.24 -8.64
N ARG I 138 -67.70 -16.32 -9.40
CA ARG I 138 -68.92 -17.06 -9.73
C ARG I 138 -68.77 -18.50 -9.36
N THR I 139 -69.84 -19.04 -8.79
CA THR I 139 -69.91 -20.46 -8.45
C THR I 139 -71.38 -20.84 -8.22
N LYS I 140 -71.62 -21.88 -7.43
CA LYS I 140 -72.94 -22.50 -7.34
C LYS I 140 -73.75 -21.89 -6.21
N LEU I 141 -75.07 -22.08 -6.28
CA LEU I 141 -75.97 -21.59 -5.24
C LEU I 141 -75.81 -22.27 -3.89
N GLN I 142 -75.23 -23.47 -3.89
CA GLN I 142 -74.70 -24.05 -2.66
C GLN I 142 -73.72 -23.09 -1.99
N ASN I 143 -72.86 -22.49 -2.81
CA ASN I 143 -71.56 -22.07 -2.37
C ASN I 143 -71.49 -20.70 -1.72
N LYS I 144 -72.57 -19.96 -1.68
CA LYS I 144 -72.47 -18.52 -1.57
C LYS I 144 -71.70 -18.12 -0.31
N GLU I 145 -71.92 -18.82 0.79
CA GLU I 145 -71.30 -18.52 2.08
C GLU I 145 -69.80 -18.69 2.07
N HIS I 146 -69.31 -19.63 1.27
CA HIS I 146 -67.89 -19.74 1.03
C HIS I 146 -67.46 -18.48 0.28
N VAL I 147 -68.11 -18.23 -0.86
CA VAL I 147 -67.80 -17.06 -1.71
C VAL I 147 -67.60 -15.80 -0.90
N VAL I 148 -68.58 -15.45 -0.08
CA VAL I 148 -68.42 -14.27 0.73
C VAL I 148 -67.14 -14.39 1.51
N GLU I 149 -66.96 -15.44 2.31
CA GLU I 149 -65.76 -15.48 3.15
C GLU I 149 -64.49 -15.39 2.29
N ALA I 150 -64.48 -16.03 1.13
CA ALA I 150 -63.38 -15.79 0.18
C ALA I 150 -63.12 -14.31 0.03
N LEU I 151 -64.15 -13.56 -0.29
CA LEU I 151 -63.99 -12.13 -0.51
C LEU I 151 -63.69 -11.38 0.76
N ARG I 152 -64.39 -11.70 1.85
CA ARG I 152 -64.06 -11.14 3.15
C ARG I 152 -62.57 -11.14 3.36
N ARG I 153 -61.98 -12.32 3.27
CA ARG I 153 -60.59 -12.45 3.59
C ARG I 153 -59.71 -11.69 2.64
N ALA I 154 -60.07 -11.67 1.36
CA ALA I 154 -59.34 -10.88 0.40
C ALA I 154 -59.28 -9.43 0.82
N LYS I 155 -60.42 -8.88 1.25
CA LYS I 155 -60.50 -7.44 1.62
C LYS I 155 -59.35 -6.92 2.44
N PHE I 156 -58.77 -7.77 3.29
CA PHE I 156 -57.75 -7.35 4.23
C PHE I 156 -56.47 -7.03 3.49
N LYS I 157 -56.32 -7.59 2.30
CA LYS I 157 -55.18 -7.32 1.47
C LYS I 157 -55.29 -6.01 0.68
N PHE I 158 -56.33 -5.21 0.91
CA PHE I 158 -56.46 -3.88 0.29
C PHE I 158 -56.58 -2.75 1.31
N PRO I 159 -56.12 -1.55 0.95
CA PRO I 159 -56.42 -0.40 1.76
C PRO I 159 -57.87 0.03 1.56
N GLY I 160 -58.25 1.13 2.20
CA GLY I 160 -59.55 1.76 2.00
C GLY I 160 -60.68 0.87 2.45
N ARG I 161 -61.83 1.00 1.79
CA ARG I 161 -62.96 0.16 2.13
C ARG I 161 -63.69 -0.41 0.95
N GLN I 162 -64.07 -1.68 1.10
CA GLN I 162 -64.72 -2.46 0.09
C GLN I 162 -65.87 -3.23 0.72
N LYS I 163 -66.92 -3.40 -0.06
CA LYS I 163 -68.16 -3.98 0.40
C LYS I 163 -68.49 -5.14 -0.51
N ILE I 164 -68.60 -6.32 0.10
CA ILE I 164 -68.84 -7.57 -0.61
C ILE I 164 -70.31 -7.73 -0.82
N HIS I 165 -70.69 -8.00 -2.05
CA HIS I 165 -72.06 -7.88 -2.50
C HIS I 165 -72.34 -8.95 -3.53
N ILE I 166 -73.53 -9.53 -3.48
CA ILE I 166 -73.74 -10.86 -4.03
C ILE I 166 -74.97 -10.94 -4.92
N SER I 167 -74.76 -10.84 -6.24
CA SER I 167 -75.28 -9.73 -7.02
C SER I 167 -75.99 -10.19 -8.27
N LYS I 168 -77.02 -9.45 -8.67
CA LYS I 168 -78.27 -10.04 -9.12
C LYS I 168 -78.06 -10.87 -10.37
N LYS I 169 -77.20 -10.39 -11.26
CA LYS I 169 -76.96 -11.05 -12.54
C LYS I 169 -76.83 -12.56 -12.40
N TRP I 170 -77.10 -13.28 -13.47
CA TRP I 170 -76.63 -14.63 -13.64
C TRP I 170 -75.15 -14.58 -13.86
N GLY I 171 -74.40 -15.45 -13.21
CA GLY I 171 -73.04 -15.73 -13.64
C GLY I 171 -72.19 -14.49 -13.57
N PHE I 172 -71.34 -14.29 -14.58
CA PHE I 172 -70.67 -13.01 -14.75
C PHE I 172 -71.43 -12.10 -15.70
N THR I 173 -72.49 -12.63 -16.28
CA THR I 173 -73.13 -11.99 -17.44
C THR I 173 -73.71 -10.64 -17.09
N LYS I 174 -74.13 -9.92 -18.13
CA LYS I 174 -74.82 -8.64 -17.99
C LYS I 174 -76.34 -8.79 -17.94
N PHE I 175 -76.82 -9.94 -17.48
CA PHE I 175 -78.23 -10.22 -17.52
C PHE I 175 -78.75 -10.65 -16.17
N ASN I 176 -79.97 -10.21 -15.89
CA ASN I 176 -80.60 -10.41 -14.61
C ASN I 176 -81.02 -11.87 -14.43
N ALA I 177 -80.55 -12.47 -13.34
CA ALA I 177 -80.67 -13.93 -13.12
C ALA I 177 -82.07 -14.51 -13.08
N ASP I 178 -83.06 -13.71 -12.68
CA ASP I 178 -84.46 -14.16 -12.71
C ASP I 178 -84.95 -14.41 -14.14
N GLU I 179 -84.41 -13.64 -15.07
CA GLU I 179 -84.80 -13.69 -16.47
C GLU I 179 -83.93 -14.64 -17.28
N PHE I 180 -82.76 -14.96 -16.75
CA PHE I 180 -81.77 -15.73 -17.49
C PHE I 180 -82.24 -17.12 -17.81
N GLU I 181 -82.88 -17.78 -16.86
CA GLU I 181 -83.34 -19.13 -17.12
C GLU I 181 -84.35 -19.07 -18.24
N ASP I 182 -85.23 -18.08 -18.18
CA ASP I 182 -86.27 -17.91 -19.19
C ASP I 182 -85.72 -17.59 -20.56
N MET I 183 -84.73 -16.71 -20.62
CA MET I 183 -84.30 -16.20 -21.91
C MET I 183 -83.73 -17.33 -22.76
N VAL I 184 -82.98 -18.23 -22.13
CA VAL I 184 -82.12 -19.12 -22.89
C VAL I 184 -82.97 -19.98 -23.80
N ALA I 185 -84.09 -20.47 -23.28
CA ALA I 185 -85.04 -21.27 -24.07
C ALA I 185 -85.63 -20.45 -25.20
N GLU I 186 -85.96 -19.20 -24.90
CA GLU I 186 -86.42 -18.26 -25.91
C GLU I 186 -85.36 -17.97 -26.96
N LYS I 187 -84.10 -18.07 -26.56
CA LYS I 187 -83.00 -18.01 -27.52
C LYS I 187 -82.63 -16.58 -27.89
N ARG I 188 -83.10 -15.62 -27.11
CA ARG I 188 -82.49 -14.31 -27.06
C ARG I 188 -81.04 -14.34 -26.55
N LEU I 189 -80.77 -15.17 -25.56
CA LEU I 189 -79.42 -15.43 -25.11
C LEU I 189 -79.00 -16.81 -25.64
N ILE I 190 -77.70 -16.96 -25.87
CA ILE I 190 -77.13 -18.20 -26.40
C ILE I 190 -75.77 -18.48 -25.73
N PRO I 191 -75.60 -19.67 -25.17
CA PRO I 191 -74.33 -20.10 -24.57
C PRO I 191 -73.08 -19.83 -25.41
N ASP I 192 -71.98 -19.48 -24.74
CA ASP I 192 -70.75 -19.08 -25.41
C ASP I 192 -69.58 -18.99 -24.43
N GLY I 193 -69.12 -20.15 -23.98
CA GLY I 193 -68.03 -20.21 -23.01
C GLY I 193 -68.45 -19.67 -21.66
N CYS I 194 -67.55 -18.95 -21.01
CA CYS I 194 -67.83 -18.36 -19.70
C CYS I 194 -68.91 -17.29 -19.77
N GLY I 195 -69.15 -16.75 -20.97
CA GLY I 195 -70.22 -15.80 -21.23
C GLY I 195 -71.38 -16.32 -22.07
N VAL I 196 -72.18 -15.39 -22.57
CA VAL I 196 -73.42 -15.68 -23.28
C VAL I 196 -73.68 -14.58 -24.34
N LYS I 197 -73.98 -14.98 -25.57
CA LYS I 197 -74.25 -14.02 -26.65
C LYS I 197 -75.74 -13.74 -26.81
N TYR I 198 -76.04 -12.47 -27.05
CA TYR I 198 -77.40 -11.97 -27.05
C TYR I 198 -77.84 -11.74 -28.47
N ILE I 199 -78.74 -12.59 -28.96
CA ILE I 199 -79.08 -12.58 -30.37
C ILE I 199 -80.39 -11.82 -30.59
N PRO I 200 -80.28 -10.66 -31.34
CA PRO I 200 -81.45 -9.78 -31.25
C PRO I 200 -82.06 -9.56 -32.63
N ASN I 201 -83.33 -9.19 -32.69
CA ASN I 201 -84.01 -9.13 -33.97
C ASN I 201 -83.70 -7.82 -34.68
N ARG I 202 -82.44 -7.64 -35.04
CA ARG I 202 -82.07 -6.83 -36.20
C ARG I 202 -81.76 -7.67 -37.43
N GLY I 203 -81.88 -8.98 -37.28
CA GLY I 203 -80.97 -9.90 -37.92
C GLY I 203 -81.19 -9.95 -39.41
N PRO I 204 -80.11 -10.33 -40.19
CA PRO I 204 -80.51 -11.04 -41.41
C PRO I 204 -81.13 -12.40 -41.09
N LEU I 205 -82.17 -12.79 -41.81
CA LEU I 205 -83.02 -13.90 -41.37
C LEU I 205 -82.36 -15.25 -41.48
N ASP I 206 -81.29 -15.34 -42.26
CA ASP I 206 -80.49 -16.56 -42.33
C ASP I 206 -79.93 -16.88 -40.96
N LYS I 207 -79.51 -15.84 -40.23
CA LYS I 207 -79.07 -16.00 -38.84
C LYS I 207 -80.19 -16.56 -37.96
N TRP I 208 -81.39 -16.01 -38.09
CA TRP I 208 -82.57 -16.52 -37.40
C TRP I 208 -82.80 -18.00 -37.74
N ARG I 209 -82.64 -18.36 -39.00
CA ARG I 209 -82.85 -19.74 -39.45
C ARG I 209 -81.78 -20.75 -39.03
N ALA I 210 -80.66 -20.29 -38.46
CA ALA I 210 -79.71 -21.20 -37.84
C ALA I 210 -80.33 -21.73 -36.55
N LEU I 211 -80.86 -20.80 -35.75
CA LEU I 211 -81.66 -21.17 -34.59
C LEU I 211 -82.99 -21.67 -35.09
N HIS I 212 -83.86 -22.10 -34.18
CA HIS I 212 -85.19 -22.59 -34.52
C HIS I 212 -85.14 -23.79 -35.48
N SER I 213 -84.04 -24.54 -35.46
CA SER I 213 -83.78 -25.57 -36.45
C SER I 213 -82.67 -26.52 -36.01
N GLU J 1 -78.17 -19.86 -74.50
CA GLU J 1 -78.64 -18.71 -75.34
C GLU J 1 -78.35 -17.34 -74.70
N ASN J 2 -77.09 -17.16 -74.28
CA ASN J 2 -76.62 -15.87 -73.76
C ASN J 2 -76.34 -14.89 -74.89
N PRO J 3 -76.27 -13.57 -74.59
CA PRO J 3 -75.98 -12.61 -75.66
C PRO J 3 -74.49 -12.31 -75.80
N MET J 4 -73.94 -11.60 -74.81
CA MET J 4 -72.56 -11.18 -74.76
C MET J 4 -72.02 -11.35 -73.35
N ARG J 5 -71.99 -12.60 -72.92
CA ARG J 5 -71.21 -13.00 -71.78
C ARG J 5 -70.20 -13.95 -72.37
N GLU J 6 -69.57 -13.54 -73.46
CA GLU J 6 -68.79 -14.42 -74.32
C GLU J 6 -67.32 -14.43 -73.91
N LEU J 7 -67.10 -14.98 -72.72
CA LEU J 7 -65.79 -15.22 -72.17
C LEU J 7 -64.74 -15.29 -73.28
N ARG J 8 -63.99 -14.21 -73.44
CA ARG J 8 -62.89 -14.15 -74.40
C ARG J 8 -61.55 -13.97 -73.68
N ILE J 9 -60.49 -13.78 -74.45
CA ILE J 9 -59.17 -13.47 -73.92
C ILE J 9 -58.98 -11.95 -74.00
N ARG J 10 -58.74 -11.30 -72.87
CA ARG J 10 -58.38 -9.88 -72.87
C ARG J 10 -56.92 -9.67 -73.24
N LYS J 11 -56.03 -10.33 -72.53
CA LYS J 11 -54.60 -10.25 -72.85
C LYS J 11 -53.78 -11.47 -72.41
N LEU J 12 -52.75 -11.73 -73.19
CA LEU J 12 -51.79 -12.76 -72.92
C LEU J 12 -50.52 -12.03 -72.53
N CYS J 13 -50.13 -12.17 -71.28
CA CYS J 13 -48.94 -11.51 -70.79
C CYS J 13 -47.80 -12.50 -70.72
N LEU J 14 -46.68 -12.11 -71.33
CA LEU J 14 -45.49 -12.95 -71.42
C LEU J 14 -44.42 -12.25 -70.63
N ASN J 15 -43.59 -12.99 -69.90
CA ASN J 15 -42.37 -12.38 -69.40
C ASN J 15 -41.22 -13.33 -69.08
N ILE J 16 -40.02 -12.76 -69.13
CA ILE J 16 -38.78 -13.48 -69.02
C ILE J 16 -37.94 -12.78 -67.98
N CYS J 17 -37.91 -13.32 -66.78
CA CYS J 17 -37.25 -12.60 -65.72
C CYS J 17 -35.86 -13.14 -65.48
N VAL J 18 -34.91 -12.68 -66.27
CA VAL J 18 -33.57 -13.25 -66.22
C VAL J 18 -32.95 -12.92 -64.87
N GLY J 19 -33.12 -11.69 -64.41
CA GLY J 19 -32.57 -11.27 -63.14
C GLY J 19 -31.06 -11.24 -63.15
N GLU J 20 -30.54 -10.50 -64.10
CA GLU J 20 -29.11 -10.38 -64.29
C GLU J 20 -28.81 -8.98 -64.77
N SER J 21 -29.44 -8.60 -65.88
CA SER J 21 -29.24 -7.35 -66.57
C SER J 21 -28.12 -7.50 -67.56
N GLY J 22 -28.02 -6.53 -68.45
CA GLY J 22 -27.02 -6.52 -69.48
C GLY J 22 -27.44 -7.42 -70.63
N ASP J 23 -26.53 -8.29 -71.02
CA ASP J 23 -26.68 -9.02 -72.27
C ASP J 23 -27.87 -9.93 -72.23
N ARG J 24 -27.85 -10.89 -71.32
CA ARG J 24 -28.91 -11.90 -71.20
C ARG J 24 -30.30 -11.30 -71.28
N LEU J 25 -30.44 -10.10 -70.74
CA LEU J 25 -31.71 -9.37 -70.78
C LEU J 25 -32.04 -8.93 -72.19
N THR J 26 -31.14 -8.18 -72.81
CA THR J 26 -31.39 -7.69 -74.17
C THR J 26 -31.42 -8.86 -75.16
N ARG J 27 -30.76 -9.95 -74.80
CA ARG J 27 -30.79 -11.20 -75.56
C ARG J 27 -32.14 -11.90 -75.41
N ALA J 28 -32.76 -11.80 -74.24
CA ALA J 28 -34.10 -12.32 -74.01
C ALA J 28 -35.18 -11.51 -74.71
N ALA J 29 -35.08 -10.20 -74.63
CA ALA J 29 -36.03 -9.36 -75.33
C ALA J 29 -36.18 -9.75 -76.78
N LYS J 30 -35.11 -10.23 -77.41
CA LYS J 30 -35.17 -10.71 -78.79
C LYS J 30 -36.11 -11.90 -78.96
N VAL J 31 -36.24 -12.71 -77.91
CA VAL J 31 -37.14 -13.84 -77.93
C VAL J 31 -38.60 -13.44 -77.94
N LEU J 32 -38.97 -12.50 -77.07
CA LEU J 32 -40.35 -11.96 -77.05
C LEU J 32 -40.69 -11.17 -78.31
N GLU J 33 -39.76 -10.34 -78.77
CA GLU J 33 -39.93 -9.58 -80.01
C GLU J 33 -40.16 -10.51 -81.22
N GLN J 34 -39.30 -11.52 -81.37
CA GLN J 34 -39.50 -12.57 -82.37
C GLN J 34 -40.88 -13.18 -82.27
N LEU J 35 -41.18 -13.68 -81.07
CA LEU J 35 -42.43 -14.38 -80.80
C LEU J 35 -43.66 -13.52 -81.10
N THR J 36 -43.73 -12.36 -80.45
CA THR J 36 -44.95 -11.57 -80.40
C THR J 36 -45.13 -10.63 -81.55
N GLY J 37 -44.04 -10.26 -82.20
CA GLY J 37 -44.07 -9.22 -83.21
C GLY J 37 -44.40 -7.86 -82.64
N GLN J 38 -43.73 -7.51 -81.54
CA GLN J 38 -43.84 -6.18 -80.93
C GLN J 38 -42.78 -5.98 -79.86
N THR J 39 -42.14 -4.81 -79.86
CA THR J 39 -41.05 -4.54 -78.93
C THR J 39 -41.55 -4.68 -77.54
N PRO J 40 -40.89 -5.53 -76.74
CA PRO J 40 -41.30 -5.67 -75.36
C PRO J 40 -40.71 -4.54 -74.52
N VAL J 41 -41.01 -4.59 -73.23
CA VAL J 41 -40.65 -3.54 -72.28
C VAL J 41 -39.93 -4.16 -71.13
N PHE J 42 -38.82 -3.56 -70.75
CA PHE J 42 -38.08 -4.07 -69.61
C PHE J 42 -38.79 -3.66 -68.34
N SER J 43 -38.60 -4.45 -67.29
CA SER J 43 -39.06 -4.10 -65.95
C SER J 43 -37.87 -4.09 -65.00
N LYS J 44 -37.59 -2.93 -64.42
CA LYS J 44 -36.50 -2.78 -63.46
C LYS J 44 -36.92 -3.32 -62.11
N ALA J 45 -35.92 -3.51 -61.24
CA ALA J 45 -36.12 -4.08 -59.91
C ALA J 45 -36.87 -3.15 -58.99
N ARG J 46 -37.60 -3.73 -58.06
CA ARG J 46 -38.21 -2.96 -56.99
C ARG J 46 -37.10 -2.51 -56.06
N TYR J 47 -36.39 -3.48 -55.48
CA TYR J 47 -35.28 -3.19 -54.57
C TYR J 47 -34.21 -4.26 -54.51
N THR J 48 -33.07 -3.83 -53.99
CA THR J 48 -31.83 -4.60 -54.00
C THR J 48 -31.96 -5.88 -53.22
N VAL J 49 -31.52 -7.00 -53.80
CA VAL J 49 -31.47 -8.25 -53.05
C VAL J 49 -30.13 -8.94 -53.26
N ARG J 50 -29.36 -9.08 -52.18
CA ARG J 50 -28.03 -9.68 -52.25
C ARG J 50 -28.16 -11.17 -52.52
N SER J 51 -29.15 -11.79 -51.88
CA SER J 51 -29.49 -13.19 -52.06
C SER J 51 -29.71 -13.60 -53.52
N PHE J 52 -30.39 -12.74 -54.29
CA PHE J 52 -30.57 -12.98 -55.73
C PHE J 52 -29.52 -12.33 -56.60
N GLY J 53 -28.89 -11.28 -56.09
CA GLY J 53 -27.90 -10.55 -56.86
C GLY J 53 -28.59 -9.65 -57.88
N ILE J 54 -29.41 -8.74 -57.36
CA ILE J 54 -30.09 -7.75 -58.18
C ILE J 54 -30.16 -6.44 -57.43
N ARG J 55 -29.76 -5.37 -58.10
CA ARG J 55 -29.80 -4.04 -57.50
C ARG J 55 -31.09 -3.33 -57.85
N ARG J 56 -31.43 -2.36 -57.01
CA ARG J 56 -32.61 -1.54 -57.22
C ARG J 56 -32.46 -0.80 -58.51
N ASN J 57 -33.54 -0.74 -59.27
CA ASN J 57 -33.54 -0.14 -60.57
C ASN J 57 -32.61 -0.78 -61.60
N GLU J 58 -32.21 -2.02 -61.35
CA GLU J 58 -31.43 -2.78 -62.31
C GLU J 58 -32.46 -3.50 -63.16
N LYS J 59 -32.34 -3.38 -64.49
CA LYS J 59 -33.25 -4.06 -65.42
C LYS J 59 -33.09 -5.57 -65.31
N ILE J 60 -34.12 -6.20 -64.77
CA ILE J 60 -34.09 -7.59 -64.37
C ILE J 60 -34.81 -8.49 -65.34
N ALA J 61 -35.89 -7.98 -65.94
CA ALA J 61 -36.81 -8.78 -66.70
C ALA J 61 -37.34 -8.03 -67.91
N VAL J 62 -37.94 -8.78 -68.82
CA VAL J 62 -38.54 -8.23 -70.03
C VAL J 62 -39.85 -8.94 -70.30
N HIS J 63 -40.83 -8.14 -70.70
CA HIS J 63 -42.21 -8.60 -70.79
C HIS J 63 -43.04 -7.92 -71.86
N CYS J 64 -44.25 -8.44 -72.04
CA CYS J 64 -45.04 -8.12 -73.20
C CYS J 64 -46.51 -8.62 -73.14
N THR J 65 -47.43 -7.65 -73.11
CA THR J 65 -48.85 -7.89 -73.31
C THR J 65 -49.14 -7.94 -74.79
N VAL J 66 -49.93 -8.93 -75.16
CA VAL J 66 -50.37 -9.11 -76.52
C VAL J 66 -51.86 -9.31 -76.43
N ARG J 67 -52.58 -8.66 -77.32
CA ARG J 67 -54.03 -8.75 -77.38
C ARG J 67 -54.43 -9.17 -78.76
N GLY J 68 -55.68 -9.55 -78.88
CA GLY J 68 -56.26 -9.95 -80.15
C GLY J 68 -55.68 -11.24 -80.69
N ALA J 69 -55.75 -11.36 -82.02
CA ALA J 69 -55.40 -12.56 -82.74
C ALA J 69 -54.02 -13.09 -82.37
N LYS J 70 -53.03 -12.21 -82.40
CA LYS J 70 -51.66 -12.62 -82.17
C LYS J 70 -51.50 -13.19 -80.77
N ALA J 71 -52.28 -12.68 -79.81
CA ALA J 71 -52.28 -13.24 -78.47
C ALA J 71 -52.89 -14.66 -78.46
N GLU J 72 -54.01 -14.82 -79.16
CA GLU J 72 -54.68 -16.11 -79.29
C GLU J 72 -53.74 -17.19 -79.80
N GLU J 73 -53.08 -16.89 -80.93
CA GLU J 73 -52.18 -17.82 -81.60
C GLU J 73 -50.99 -18.21 -80.73
N ILE J 74 -50.42 -17.25 -80.04
CA ILE J 74 -49.31 -17.50 -79.14
C ILE J 74 -49.80 -18.32 -77.93
N LEU J 75 -51.04 -18.11 -77.51
CA LEU J 75 -51.66 -18.96 -76.48
C LEU J 75 -51.79 -20.38 -76.99
N GLU J 76 -52.25 -20.50 -78.22
CA GLU J 76 -52.35 -21.80 -78.88
C GLU J 76 -51.01 -22.56 -78.80
N LYS J 77 -49.96 -21.97 -79.39
CA LYS J 77 -48.60 -22.53 -79.32
C LYS J 77 -48.25 -23.04 -77.93
N GLY J 78 -48.20 -22.13 -76.95
CA GLY J 78 -47.86 -22.47 -75.58
C GLY J 78 -48.59 -23.69 -75.06
N LEU J 79 -49.87 -23.80 -75.39
CA LEU J 79 -50.65 -24.94 -74.95
C LEU J 79 -50.26 -26.23 -75.65
N LYS J 80 -49.93 -26.13 -76.93
CA LYS J 80 -49.38 -27.26 -77.66
C LYS J 80 -48.14 -27.78 -76.93
N VAL J 81 -47.25 -26.88 -76.54
CA VAL J 81 -46.03 -27.24 -75.81
C VAL J 81 -46.37 -27.97 -74.53
N ARG J 82 -47.30 -27.41 -73.75
CA ARG J 82 -47.82 -28.06 -72.54
C ARG J 82 -48.89 -29.10 -72.88
N GLU J 83 -48.83 -29.68 -74.08
CA GLU J 83 -49.79 -30.66 -74.58
C GLU J 83 -51.23 -30.58 -74.02
N TYR J 84 -51.75 -29.35 -73.93
CA TYR J 84 -53.13 -29.10 -73.51
C TYR J 84 -53.52 -29.68 -72.14
N GLU J 85 -52.55 -29.74 -71.24
CA GLU J 85 -52.82 -30.08 -69.84
C GLU J 85 -52.53 -28.84 -69.04
N LEU J 86 -53.45 -28.49 -68.15
CA LEU J 86 -53.17 -27.51 -67.10
C LEU J 86 -53.64 -28.12 -65.79
N ARG J 87 -53.47 -27.40 -64.70
CA ARG J 87 -53.89 -27.87 -63.38
C ARG J 87 -54.97 -26.96 -62.83
N LYS J 88 -55.66 -27.41 -61.81
CA LYS J 88 -56.65 -26.57 -61.12
C LYS J 88 -55.99 -25.34 -60.50
N ASN J 89 -54.84 -25.54 -59.86
CA ASN J 89 -54.11 -24.44 -59.24
C ASN J 89 -53.61 -23.39 -60.22
N ASN J 90 -53.38 -23.77 -61.48
CA ASN J 90 -53.00 -22.82 -62.52
C ASN J 90 -54.12 -21.83 -62.87
N PHE J 91 -55.36 -22.12 -62.48
CA PHE J 91 -56.49 -21.18 -62.62
C PHE J 91 -56.77 -20.39 -61.35
N SER J 92 -56.60 -19.08 -61.44
CA SER J 92 -56.81 -18.20 -60.30
C SER J 92 -58.29 -18.03 -60.01
N ASP J 93 -58.56 -17.60 -58.79
CA ASP J 93 -59.91 -17.37 -58.30
C ASP J 93 -60.62 -16.33 -59.15
N THR J 94 -59.89 -15.33 -59.60
CA THR J 94 -60.44 -14.22 -60.39
C THR J 94 -60.86 -14.56 -61.83
N GLY J 95 -60.51 -15.76 -62.31
CA GLY J 95 -60.97 -16.27 -63.61
C GLY J 95 -59.91 -16.37 -64.69
N ASN J 96 -58.66 -16.16 -64.34
CA ASN J 96 -57.57 -16.10 -65.28
C ASN J 96 -56.76 -17.36 -65.11
N PHE J 97 -55.67 -17.47 -65.86
CA PHE J 97 -54.75 -18.57 -65.66
C PHE J 97 -53.44 -18.33 -66.36
N GLY J 98 -52.48 -19.21 -66.05
CA GLY J 98 -51.17 -19.18 -66.67
C GLY J 98 -50.48 -20.52 -66.62
N PHE J 99 -49.24 -20.49 -67.10
CA PHE J 99 -48.36 -21.64 -67.14
C PHE J 99 -47.02 -21.18 -67.64
N GLY J 100 -46.02 -22.02 -67.46
CA GLY J 100 -44.70 -21.74 -67.97
C GLY J 100 -44.28 -22.78 -68.97
N ILE J 101 -43.57 -22.34 -70.00
CA ILE J 101 -42.86 -23.25 -70.88
C ILE J 101 -41.41 -23.19 -70.47
N GLN J 102 -40.77 -24.35 -70.47
CA GLN J 102 -39.45 -24.48 -69.89
C GLN J 102 -38.39 -24.03 -70.86
N GLU J 103 -38.72 -23.98 -72.15
CA GLU J 103 -37.81 -23.47 -73.16
C GLU J 103 -38.50 -23.08 -74.46
N HIS J 104 -38.09 -21.92 -75.01
CA HIS J 104 -38.82 -21.26 -76.11
C HIS J 104 -38.66 -21.86 -77.50
N ILE J 105 -37.68 -22.73 -77.70
CA ILE J 105 -37.55 -23.39 -78.99
C ILE J 105 -38.75 -24.32 -79.25
N ASP J 106 -39.33 -24.86 -78.18
CA ASP J 106 -40.54 -25.72 -78.27
C ASP J 106 -41.75 -25.01 -78.89
N LEU J 107 -41.78 -23.68 -78.77
CA LEU J 107 -42.78 -22.88 -79.46
C LEU J 107 -42.59 -22.95 -80.97
N GLY J 108 -41.55 -22.31 -81.48
CA GLY J 108 -41.36 -22.19 -82.93
C GLY J 108 -40.35 -21.13 -83.32
N ILE J 109 -39.12 -21.32 -82.84
CA ILE J 109 -38.03 -20.38 -83.01
C ILE J 109 -36.74 -21.22 -83.10
N LYS J 110 -35.69 -20.68 -83.73
CA LYS J 110 -34.40 -21.38 -83.86
C LYS J 110 -33.36 -20.87 -82.86
N TYR J 111 -32.68 -21.81 -82.20
CA TYR J 111 -31.62 -21.53 -81.22
C TYR J 111 -30.44 -20.88 -81.94
N ASP J 112 -29.65 -20.16 -81.16
CA ASP J 112 -28.35 -19.64 -81.56
C ASP J 112 -27.45 -19.77 -80.32
N PRO J 113 -26.21 -20.27 -80.47
CA PRO J 113 -25.28 -20.31 -79.31
C PRO J 113 -25.12 -18.97 -78.57
N SER J 114 -25.36 -17.84 -79.25
CA SER J 114 -25.57 -16.55 -78.60
C SER J 114 -26.97 -16.51 -77.96
N ILE J 115 -28.01 -16.32 -78.77
CA ILE J 115 -29.40 -16.20 -78.29
C ILE J 115 -29.91 -17.57 -77.85
N GLY J 116 -29.54 -17.96 -76.63
CA GLY J 116 -29.59 -19.37 -76.20
C GLY J 116 -30.96 -20.01 -76.17
N ILE J 117 -31.47 -20.25 -74.97
CA ILE J 117 -32.84 -20.68 -74.78
C ILE J 117 -33.40 -19.98 -73.57
N TYR J 118 -34.24 -18.98 -73.82
CA TYR J 118 -35.03 -18.40 -72.76
C TYR J 118 -36.28 -19.18 -72.48
N GLY J 119 -36.40 -19.62 -71.24
CA GLY J 119 -37.66 -20.06 -70.69
C GLY J 119 -38.48 -18.81 -70.49
N LEU J 120 -39.80 -18.95 -70.61
CA LEU J 120 -40.71 -17.85 -70.42
C LEU J 120 -42.00 -18.35 -69.80
N ASP J 121 -42.99 -17.48 -69.72
CA ASP J 121 -44.10 -17.70 -68.84
C ASP J 121 -45.34 -16.94 -69.30
N PHE J 122 -46.35 -17.69 -69.72
CA PHE J 122 -47.57 -17.10 -70.25
C PHE J 122 -48.53 -16.85 -69.12
N TYR J 123 -49.32 -15.80 -69.25
CA TYR J 123 -50.45 -15.63 -68.39
C TYR J 123 -51.62 -15.05 -69.17
N VAL J 124 -52.73 -15.77 -69.16
CA VAL J 124 -53.91 -15.41 -69.92
C VAL J 124 -54.86 -14.67 -69.01
N VAL J 125 -55.33 -13.53 -69.48
CA VAL J 125 -56.30 -12.75 -68.76
C VAL J 125 -57.63 -12.81 -69.50
N LEU J 126 -58.55 -13.64 -69.00
CA LEU J 126 -59.87 -13.79 -69.60
C LEU J 126 -60.75 -12.61 -69.26
N GLY J 127 -61.64 -12.25 -70.19
CA GLY J 127 -62.56 -11.14 -70.00
C GLY J 127 -63.98 -11.43 -70.44
N ARG J 128 -64.74 -10.37 -70.60
CA ARG J 128 -66.11 -10.45 -71.09
C ARG J 128 -66.41 -9.10 -71.72
N PRO J 129 -67.28 -9.05 -72.73
CA PRO J 129 -67.62 -7.74 -73.29
C PRO J 129 -68.23 -6.81 -72.27
N GLY J 130 -67.67 -5.62 -72.14
CA GLY J 130 -68.00 -4.69 -71.05
C GLY J 130 -67.15 -4.87 -69.81
N PHE J 131 -65.87 -5.14 -69.99
CA PHE J 131 -64.93 -5.22 -68.89
C PHE J 131 -64.03 -3.99 -68.91
N SER J 132 -64.36 -3.00 -69.74
CA SER J 132 -63.52 -1.81 -69.86
C SER J 132 -63.87 -0.74 -68.85
N ILE J 133 -65.07 -0.82 -68.27
CA ILE J 133 -65.55 0.17 -67.33
C ILE J 133 -64.62 0.31 -66.12
N ALA J 134 -63.94 -0.78 -65.77
CA ALA J 134 -62.84 -0.73 -64.82
C ALA J 134 -61.90 0.43 -65.13
N ASP J 135 -61.38 0.41 -66.35
CA ASP J 135 -60.15 1.14 -66.68
C ASP J 135 -60.29 2.35 -67.59
N LYS J 136 -61.50 2.65 -68.04
CA LYS J 136 -61.75 3.93 -68.71
C LYS J 136 -61.62 5.13 -67.76
N LYS J 137 -61.63 6.35 -68.31
CA LYS J 137 -61.30 7.56 -67.53
C LYS J 137 -62.51 8.23 -66.91
N ARG J 138 -63.56 8.44 -67.71
CA ARG J 138 -64.71 9.20 -67.23
C ARG J 138 -65.66 8.39 -66.33
N ARG J 139 -66.63 7.66 -66.83
CA ARG J 139 -67.63 7.13 -65.91
C ARG J 139 -67.26 5.75 -65.44
N THR J 140 -66.21 5.66 -64.64
CA THR J 140 -65.70 4.37 -64.19
C THR J 140 -66.64 3.65 -63.29
N GLY J 141 -66.41 2.35 -63.15
CA GLY J 141 -67.15 1.56 -62.19
C GLY J 141 -66.54 0.19 -62.06
N CYS J 142 -67.20 -0.67 -61.30
CA CYS J 142 -66.86 -2.08 -61.25
C CYS J 142 -67.47 -2.76 -62.48
N ILE J 143 -67.56 -4.07 -62.41
CA ILE J 143 -68.20 -4.84 -63.42
C ILE J 143 -69.12 -5.80 -62.73
N GLY J 144 -70.13 -5.20 -62.09
CA GLY J 144 -71.26 -5.95 -61.53
C GLY J 144 -70.89 -7.07 -60.60
N ALA J 145 -71.67 -8.13 -60.66
CA ALA J 145 -71.30 -9.39 -60.05
C ALA J 145 -71.40 -10.42 -61.14
N LYS J 146 -72.62 -10.85 -61.43
CA LYS J 146 -72.84 -11.88 -62.43
C LYS J 146 -72.34 -11.35 -63.78
N HIS J 147 -71.03 -11.50 -63.95
CA HIS J 147 -70.25 -10.91 -65.03
C HIS J 147 -68.78 -11.22 -64.81
N ARG J 148 -68.36 -11.10 -63.56
CA ARG J 148 -67.12 -11.68 -63.11
C ARG J 148 -67.01 -13.17 -63.45
N ILE J 149 -65.81 -13.55 -63.88
CA ILE J 149 -65.50 -14.90 -64.35
C ILE J 149 -65.01 -15.75 -63.19
N SER J 150 -65.74 -16.81 -62.90
CA SER J 150 -65.37 -17.68 -61.78
C SER J 150 -64.24 -18.64 -62.16
N LYS J 151 -63.46 -19.04 -61.16
CA LYS J 151 -62.44 -20.07 -61.34
C LYS J 151 -63.02 -21.26 -62.05
N GLU J 152 -64.16 -21.72 -61.57
CA GLU J 152 -64.86 -22.79 -62.24
C GLU J 152 -65.07 -22.45 -63.70
N GLU J 153 -65.68 -21.29 -63.93
CA GLU J 153 -66.11 -20.91 -65.27
C GLU J 153 -65.01 -20.88 -66.31
N ALA J 154 -63.83 -20.43 -65.91
CA ALA J 154 -62.68 -20.40 -66.82
C ALA J 154 -62.26 -21.82 -67.15
N MET J 155 -62.07 -22.63 -66.12
CA MET J 155 -61.60 -23.98 -66.31
C MET J 155 -62.43 -24.69 -67.35
N ARG J 156 -63.75 -24.63 -67.22
CA ARG J 156 -64.62 -25.26 -68.22
C ARG J 156 -64.45 -24.60 -69.60
N TRP J 157 -64.25 -23.29 -69.65
CA TRP J 157 -63.96 -22.61 -70.92
C TRP J 157 -62.73 -23.22 -71.59
N PHE J 158 -61.63 -23.28 -70.85
CA PHE J 158 -60.40 -23.85 -71.36
C PHE J 158 -60.63 -25.29 -71.80
N GLN J 159 -61.25 -26.06 -70.92
CA GLN J 159 -61.67 -27.44 -71.22
C GLN J 159 -62.45 -27.52 -72.54
N GLN J 160 -63.33 -26.56 -72.76
CA GLN J 160 -64.18 -26.52 -73.94
C GLN J 160 -63.40 -26.07 -75.19
N LYS J 161 -62.84 -24.86 -75.13
CA LYS J 161 -62.26 -24.18 -76.29
C LYS J 161 -61.05 -24.89 -76.88
N TYR J 162 -60.16 -25.37 -76.00
CA TYR J 162 -58.90 -25.99 -76.42
C TYR J 162 -58.86 -27.51 -76.20
N ASP J 163 -59.98 -28.09 -75.77
CA ASP J 163 -60.11 -29.53 -75.45
C ASP J 163 -59.28 -29.98 -74.25
N GLY J 164 -58.87 -29.05 -73.41
CA GLY J 164 -57.90 -29.31 -72.36
C GLY J 164 -58.42 -30.26 -71.31
N ILE J 165 -57.53 -30.76 -70.47
CA ILE J 165 -57.88 -31.82 -69.53
C ILE J 165 -58.11 -31.31 -68.10
N ILE J 166 -57.22 -30.44 -67.61
CA ILE J 166 -57.24 -29.96 -66.22
C ILE J 166 -57.13 -31.13 -65.23
N LEU J 167 -55.94 -31.68 -65.15
CA LEU J 167 -55.66 -32.79 -64.24
C LEU J 167 -55.79 -32.36 -62.78
N PRO J 168 -56.17 -33.28 -61.89
CA PRO J 168 -56.32 -32.95 -60.48
C PRO J 168 -54.97 -32.89 -59.77
N GLY J 169 -55.00 -32.74 -58.45
CA GLY J 169 -53.77 -32.74 -57.66
C GLY J 169 -53.10 -31.38 -57.76
N ALA K 1 -30.96 58.27 -15.36
CA ALA K 1 -31.65 57.65 -16.54
C ALA K 1 -32.58 58.61 -17.26
N PRO K 2 -32.78 58.35 -18.56
CA PRO K 2 -33.82 59.05 -19.30
C PRO K 2 -35.17 58.53 -18.84
N SER K 3 -36.22 59.30 -19.09
CA SER K 3 -37.57 58.89 -18.71
C SER K 3 -38.58 59.49 -19.66
N ARG K 4 -38.95 58.70 -20.65
CA ARG K 4 -40.06 58.98 -21.56
C ARG K 4 -40.14 60.38 -22.22
N ASN K 5 -39.45 60.52 -23.34
CA ASN K 5 -39.61 61.63 -24.26
C ASN K 5 -39.06 62.95 -23.75
N GLY K 6 -37.96 63.40 -24.35
CA GLY K 6 -37.33 64.69 -24.05
C GLY K 6 -35.87 64.65 -24.46
N MET K 7 -35.36 65.78 -24.94
CA MET K 7 -34.04 65.85 -25.59
C MET K 7 -33.01 65.05 -24.86
N ILE K 8 -32.39 64.12 -25.59
CA ILE K 8 -31.13 63.56 -25.17
C ILE K 8 -30.29 64.81 -25.18
N LEU K 9 -29.40 64.93 -24.21
CA LEU K 9 -28.65 66.16 -24.11
C LEU K 9 -27.37 65.91 -23.40
N LYS K 10 -26.34 66.52 -23.95
CA LYS K 10 -25.01 66.28 -23.51
C LYS K 10 -24.68 67.63 -22.96
N PRO K 11 -24.57 67.74 -21.63
CA PRO K 11 -24.10 68.96 -21.04
C PRO K 11 -22.70 68.77 -20.55
N HIS K 12 -21.95 69.83 -20.70
CA HIS K 12 -20.54 69.80 -20.54
C HIS K 12 -20.27 70.28 -19.12
N PHE K 13 -20.42 69.36 -18.19
CA PHE K 13 -19.98 69.54 -16.82
C PHE K 13 -19.31 68.27 -16.37
N HIS K 14 -18.18 68.03 -16.98
CA HIS K 14 -17.40 66.85 -16.69
C HIS K 14 -16.00 67.19 -16.18
N LYS K 15 -15.46 68.31 -16.65
CA LYS K 15 -14.22 68.84 -16.14
C LYS K 15 -14.57 69.68 -14.91
N ASP K 16 -13.56 70.30 -14.29
CA ASP K 16 -13.75 71.02 -13.03
C ASP K 16 -14.21 72.47 -13.23
N TRP K 17 -15.40 72.62 -13.75
CA TRP K 17 -15.95 73.93 -14.09
C TRP K 17 -15.99 74.85 -12.92
N GLN K 18 -16.34 74.31 -11.76
CA GLN K 18 -16.48 75.15 -10.59
C GLN K 18 -15.20 75.88 -10.22
N ARG K 19 -14.05 75.29 -10.53
CA ARG K 19 -12.76 75.94 -10.34
C ARG K 19 -12.62 77.20 -11.21
N ARG K 20 -13.27 77.20 -12.37
CA ARG K 20 -13.10 78.24 -13.37
C ARG K 20 -14.38 78.97 -13.77
N VAL K 21 -15.35 79.08 -12.86
CA VAL K 21 -16.56 79.89 -13.15
C VAL K 21 -16.16 81.36 -13.10
N ALA K 22 -16.73 82.15 -14.00
CA ALA K 22 -16.42 83.56 -14.11
C ALA K 22 -17.63 84.36 -13.80
N THR K 23 -17.56 85.13 -12.72
CA THR K 23 -18.71 85.90 -12.25
C THR K 23 -18.57 87.36 -12.59
N TRP K 24 -19.72 87.95 -12.88
CA TRP K 24 -19.82 89.27 -13.46
C TRP K 24 -20.31 90.28 -12.43
N PHE K 25 -19.80 90.17 -11.23
CA PHE K 25 -20.11 91.16 -10.24
C PHE K 25 -19.25 92.40 -10.49
N ASN K 26 -18.11 92.23 -11.12
CA ASN K 26 -17.40 93.37 -11.71
C ASN K 26 -18.32 94.28 -12.46
N GLN K 27 -19.04 93.73 -13.44
CA GLN K 27 -19.45 94.50 -14.63
C GLN K 27 -19.74 95.99 -14.38
N PRO K 28 -20.69 96.33 -13.50
CA PRO K 28 -20.96 97.73 -13.23
C PRO K 28 -19.74 98.57 -12.98
N ALA K 29 -18.89 98.13 -12.05
CA ALA K 29 -17.60 98.79 -11.85
C ALA K 29 -16.92 99.02 -13.17
N ARG K 30 -16.85 97.97 -13.96
CA ARG K 30 -16.13 98.04 -15.20
C ARG K 30 -16.75 98.92 -16.22
N LYS K 31 -18.07 99.04 -16.22
CA LYS K 31 -18.71 100.06 -17.03
C LYS K 31 -18.28 101.44 -16.56
N ILE K 32 -18.15 101.62 -15.25
CA ILE K 32 -17.74 102.89 -14.72
C ILE K 32 -16.31 103.18 -15.05
N ARG K 33 -15.41 102.28 -14.71
CA ARG K 33 -14.02 102.49 -14.97
C ARG K 33 -13.82 102.84 -16.42
N ARG K 34 -14.24 101.98 -17.32
CA ARG K 34 -13.99 102.29 -18.70
C ARG K 34 -14.47 103.68 -19.05
N ARG K 35 -15.68 104.00 -18.65
CA ARG K 35 -16.21 105.31 -18.93
C ARG K 35 -15.31 106.43 -18.40
N LYS K 36 -14.85 106.33 -17.16
CA LYS K 36 -13.96 107.36 -16.62
C LYS K 36 -12.79 107.54 -17.53
N ALA K 37 -12.08 106.45 -17.76
CA ALA K 37 -10.93 106.51 -18.63
C ALA K 37 -11.31 107.11 -19.98
N ARG K 38 -12.49 106.77 -20.48
CA ARG K 38 -12.98 107.37 -21.71
C ARG K 38 -13.06 108.89 -21.56
N GLN K 39 -13.78 109.36 -20.55
CA GLN K 39 -13.89 110.78 -20.34
C GLN K 39 -12.52 111.42 -20.23
N ALA K 40 -11.58 110.77 -19.55
CA ALA K 40 -10.22 111.32 -19.42
C ALA K 40 -9.43 111.34 -20.71
N ARG K 41 -9.67 110.39 -21.60
CA ARG K 41 -9.04 110.48 -22.92
C ARG K 41 -9.52 111.69 -23.69
N ALA K 42 -10.80 111.97 -23.63
CA ALA K 42 -11.34 113.16 -24.28
C ALA K 42 -10.68 114.44 -23.77
N ARG K 43 -10.73 114.64 -22.46
CA ARG K 43 -10.14 115.82 -21.81
C ARG K 43 -8.65 115.94 -22.06
N ARG K 44 -7.99 114.83 -22.37
CA ARG K 44 -6.61 114.88 -22.78
C ARG K 44 -6.49 115.50 -24.17
N ILE K 45 -7.22 114.95 -25.13
CA ILE K 45 -7.06 115.31 -26.55
C ILE K 45 -7.99 116.46 -26.96
N ALA K 46 -7.77 117.57 -26.29
CA ALA K 46 -8.83 118.55 -26.05
C ALA K 46 -9.85 118.78 -27.17
N PRO K 47 -9.42 119.29 -28.32
CA PRO K 47 -10.39 119.53 -29.37
C PRO K 47 -10.47 118.41 -30.39
N ARG K 48 -9.65 117.38 -30.29
CA ARG K 48 -9.63 116.33 -31.29
C ARG K 48 -10.84 115.49 -31.04
N PRO K 49 -11.40 114.87 -32.08
CA PRO K 49 -12.59 114.08 -31.81
C PRO K 49 -12.31 112.94 -30.86
N ALA K 50 -13.16 112.85 -29.85
CA ALA K 50 -13.06 111.84 -28.82
C ALA K 50 -13.07 110.46 -29.43
N SER K 51 -14.07 110.23 -30.28
CA SER K 51 -14.15 109.07 -31.18
C SER K 51 -12.80 108.48 -31.55
N GLY K 52 -11.96 109.37 -32.04
CA GLY K 52 -10.64 109.03 -32.46
C GLY K 52 -10.47 109.48 -33.88
N PRO K 53 -9.88 108.64 -34.70
CA PRO K 53 -9.47 109.12 -35.98
C PRO K 53 -10.51 108.78 -36.99
N LEU K 54 -10.54 109.56 -38.06
CA LEU K 54 -11.48 109.33 -39.11
C LEU K 54 -11.25 108.00 -39.76
N ARG K 55 -12.28 107.19 -39.89
CA ARG K 55 -12.13 105.83 -40.44
C ARG K 55 -12.96 105.66 -41.69
N PRO K 56 -12.54 104.79 -42.60
CA PRO K 56 -13.14 104.79 -43.92
C PRO K 56 -14.29 103.82 -44.08
N ILE K 57 -15.11 104.11 -45.07
CA ILE K 57 -16.18 103.24 -45.48
C ILE K 57 -15.62 102.02 -46.11
N VAL K 58 -16.30 100.92 -45.85
CA VAL K 58 -15.88 99.60 -46.22
C VAL K 58 -17.08 98.66 -46.23
N ARG K 59 -17.15 97.83 -47.26
CA ARG K 59 -18.15 96.78 -47.30
C ARG K 59 -17.69 95.65 -46.46
N CYS K 60 -18.62 94.93 -45.88
CA CYS K 60 -18.26 93.70 -45.22
C CYS K 60 -18.06 92.64 -46.28
N PRO K 61 -17.38 91.56 -45.92
CA PRO K 61 -17.24 90.40 -46.78
C PRO K 61 -18.37 89.40 -46.65
N THR K 62 -18.40 88.47 -47.60
CA THR K 62 -19.28 87.30 -47.63
C THR K 62 -20.72 87.58 -47.96
N VAL K 63 -21.13 87.03 -49.10
CA VAL K 63 -22.51 86.98 -49.58
C VAL K 63 -23.61 87.30 -48.55
N ARG K 64 -23.43 86.91 -47.30
CA ARG K 64 -24.23 87.47 -46.20
C ARG K 64 -24.16 89.01 -46.05
N TYR K 65 -23.04 89.53 -45.55
CA TYR K 65 -22.97 90.93 -45.11
C TYR K 65 -22.56 91.96 -46.18
N HIS K 66 -21.85 91.50 -47.20
CA HIS K 66 -22.12 91.88 -48.58
C HIS K 66 -22.72 93.25 -48.82
N THR K 67 -23.97 93.41 -48.41
CA THR K 67 -24.78 94.58 -48.71
C THR K 67 -24.61 95.68 -47.68
N LYS K 68 -24.26 95.28 -46.45
CA LYS K 68 -24.01 96.23 -45.39
C LYS K 68 -22.65 96.82 -45.55
N VAL K 69 -22.48 97.97 -44.91
CA VAL K 69 -21.25 98.75 -44.96
C VAL K 69 -20.83 99.09 -43.54
N ARG K 70 -19.54 99.09 -43.30
CA ARG K 70 -18.98 99.32 -41.96
C ARG K 70 -17.96 100.40 -42.03
N ALA K 71 -17.35 100.63 -40.88
CA ALA K 71 -16.08 101.29 -40.81
C ALA K 71 -14.94 100.30 -41.03
N GLY K 72 -13.86 100.87 -41.57
CA GLY K 72 -12.65 100.15 -41.89
C GLY K 72 -11.65 100.28 -40.77
N ARG K 73 -10.48 99.72 -41.01
CA ARG K 73 -9.42 99.79 -40.04
C ARG K 73 -8.76 101.12 -40.21
N GLY K 74 -8.50 101.47 -41.48
CA GLY K 74 -7.92 102.77 -41.89
C GLY K 74 -7.94 102.89 -43.40
N PHE K 75 -7.67 104.10 -43.91
CA PHE K 75 -7.77 104.40 -45.33
C PHE K 75 -6.54 103.84 -46.01
N SER K 76 -6.73 103.25 -47.18
CA SER K 76 -5.63 102.62 -47.90
C SER K 76 -4.83 103.61 -48.70
N LEU K 77 -3.68 103.16 -49.14
CA LEU K 77 -2.68 104.05 -49.63
C LEU K 77 -3.10 104.74 -50.93
N GLU K 78 -3.72 104.00 -51.85
CA GLU K 78 -4.36 104.57 -53.05
C GLU K 78 -5.27 105.71 -52.70
N GLU K 79 -5.98 105.57 -51.59
CA GLU K 79 -7.04 106.52 -51.21
C GLU K 79 -6.44 107.82 -50.68
N LEU K 80 -5.32 107.71 -49.99
CA LEU K 80 -4.56 108.88 -49.53
C LEU K 80 -3.90 109.58 -50.70
N ARG K 81 -3.18 108.80 -51.47
CA ARG K 81 -2.48 109.23 -52.67
C ARG K 81 -3.35 110.12 -53.54
N VAL K 82 -4.58 109.66 -53.76
CA VAL K 82 -5.51 110.33 -54.66
C VAL K 82 -6.10 111.60 -54.04
N ALA K 83 -6.51 111.49 -52.78
CA ALA K 83 -6.95 112.65 -52.00
C ALA K 83 -5.85 113.66 -51.74
N GLY K 84 -4.60 113.23 -51.92
CA GLY K 84 -3.46 114.11 -51.90
C GLY K 84 -3.01 114.30 -50.47
N ILE K 85 -2.72 113.20 -49.80
CA ILE K 85 -2.27 113.23 -48.44
C ILE K 85 -1.03 112.37 -48.33
N HIS K 86 -0.02 112.87 -47.64
CA HIS K 86 1.19 112.08 -47.41
C HIS K 86 0.88 111.08 -46.32
N LYS K 87 1.31 109.83 -46.49
CA LYS K 87 0.84 108.77 -45.59
C LYS K 87 1.28 108.97 -44.15
N LYS K 88 2.49 109.47 -43.93
CA LYS K 88 2.92 109.75 -42.58
C LYS K 88 2.30 110.97 -41.95
N VAL K 89 1.68 111.84 -42.74
CA VAL K 89 0.96 113.00 -42.19
C VAL K 89 -0.45 112.64 -41.77
N ALA K 90 -1.11 111.76 -42.52
CA ALA K 90 -2.48 111.34 -42.23
C ALA K 90 -2.71 110.89 -40.80
N ARG K 91 -1.74 110.17 -40.27
CA ARG K 91 -1.76 109.80 -38.86
C ARG K 91 -1.83 111.00 -37.92
N THR K 92 -1.32 112.14 -38.37
CA THR K 92 -1.22 113.34 -37.58
C THR K 92 -2.36 114.33 -37.73
N ILE K 93 -3.33 114.07 -38.58
CA ILE K 93 -4.49 114.95 -38.64
C ILE K 93 -5.78 114.23 -38.29
N GLY K 94 -5.64 113.03 -37.73
CA GLY K 94 -6.77 112.22 -37.29
C GLY K 94 -7.34 111.32 -38.39
N ILE K 95 -6.46 110.75 -39.21
CA ILE K 95 -6.88 109.89 -40.30
C ILE K 95 -6.25 108.51 -40.15
N SER K 96 -7.08 107.53 -39.82
CA SER K 96 -6.71 106.13 -39.72
C SER K 96 -6.20 105.63 -41.03
N VAL K 97 -5.04 105.01 -41.02
CA VAL K 97 -4.45 104.45 -42.23
C VAL K 97 -4.10 103.03 -41.91
N ASP K 98 -4.68 102.10 -42.66
CA ASP K 98 -4.12 100.78 -42.75
C ASP K 98 -3.47 100.78 -44.09
N PRO K 99 -2.40 100.05 -44.22
CA PRO K 99 -1.86 99.96 -45.54
C PRO K 99 -2.13 98.64 -46.20
N ARG K 100 -2.54 97.62 -45.45
CA ARG K 100 -2.73 96.31 -46.05
C ARG K 100 -3.93 96.21 -47.00
N ARG K 101 -4.77 97.26 -47.08
CA ARG K 101 -5.97 97.18 -47.91
C ARG K 101 -5.68 97.32 -49.38
N ARG K 102 -5.92 96.24 -50.10
CA ARG K 102 -6.01 96.28 -51.54
C ARG K 102 -7.19 97.19 -51.86
N ASN K 103 -7.19 97.66 -53.09
CA ASN K 103 -8.30 98.43 -53.62
C ASN K 103 -8.61 97.90 -55.03
N LYS K 104 -9.69 97.13 -55.13
CA LYS K 104 -10.04 96.46 -56.38
C LYS K 104 -10.95 97.31 -57.25
N SER K 105 -12.02 97.75 -56.61
CA SER K 105 -13.10 98.41 -57.27
C SER K 105 -12.86 99.89 -57.26
N THR K 106 -13.16 100.52 -58.38
CA THR K 106 -12.96 101.95 -58.51
C THR K 106 -13.98 102.72 -57.68
N GLU K 107 -15.13 102.12 -57.42
CA GLU K 107 -16.22 102.80 -56.74
C GLU K 107 -15.85 103.13 -55.30
N SER K 108 -15.51 102.08 -54.54
CA SER K 108 -15.07 102.24 -53.16
C SER K 108 -13.90 103.21 -53.06
N LEU K 109 -12.96 103.08 -53.99
CA LEU K 109 -11.81 103.96 -54.04
C LEU K 109 -12.25 105.41 -54.02
N GLN K 110 -13.15 105.77 -54.94
CA GLN K 110 -13.63 107.16 -55.01
C GLN K 110 -14.50 107.56 -53.85
N ALA K 111 -15.19 106.60 -53.23
CA ALA K 111 -15.96 106.89 -52.02
C ALA K 111 -15.07 107.36 -50.90
N ASN K 112 -14.09 106.54 -50.58
CA ASN K 112 -13.15 106.87 -49.53
C ASN K 112 -12.42 108.18 -49.83
N VAL K 113 -12.02 108.35 -51.07
CA VAL K 113 -11.42 109.61 -51.46
C VAL K 113 -12.36 110.72 -51.07
N GLN K 114 -13.61 110.64 -51.52
CA GLN K 114 -14.60 111.66 -51.15
C GLN K 114 -14.76 111.85 -49.66
N ARG K 115 -14.50 110.83 -48.87
CA ARG K 115 -14.42 111.06 -47.45
C ARG K 115 -13.27 111.97 -47.16
N LEU K 116 -12.07 111.55 -47.50
CA LEU K 116 -10.91 112.34 -47.11
C LEU K 116 -10.99 113.79 -47.59
N LYS K 117 -11.50 113.98 -48.80
CA LYS K 117 -11.77 115.31 -49.34
C LYS K 117 -12.71 116.03 -48.38
N GLU K 118 -13.83 115.39 -48.06
CA GLU K 118 -14.78 115.94 -47.10
C GLU K 118 -14.12 116.30 -45.76
N TYR K 119 -13.33 115.36 -45.25
CA TYR K 119 -12.71 115.50 -43.94
C TYR K 119 -11.80 116.72 -43.90
N ARG K 120 -10.72 116.70 -44.68
CA ARG K 120 -9.80 117.82 -44.70
C ARG K 120 -10.54 119.17 -44.73
N SER K 121 -11.66 119.22 -45.46
CA SER K 121 -12.48 120.42 -45.52
C SER K 121 -12.91 120.79 -44.11
N LYS K 122 -13.71 119.92 -43.52
CA LYS K 122 -14.33 120.22 -42.22
C LYS K 122 -13.37 119.90 -41.06
N LEU K 123 -12.09 120.24 -41.22
CA LEU K 123 -11.12 120.04 -40.20
C LEU K 123 -10.59 121.39 -39.82
N VAL K 124 -10.21 121.53 -38.56
CA VAL K 124 -9.80 122.80 -37.99
C VAL K 124 -8.43 122.61 -37.41
N LEU K 125 -7.48 122.56 -38.33
CA LEU K 125 -6.11 122.25 -37.99
C LEU K 125 -5.54 123.41 -37.21
N PHE K 126 -5.13 123.18 -35.97
CA PHE K 126 -4.50 124.24 -35.22
C PHE K 126 -3.07 124.41 -35.71
N PRO K 127 -2.43 125.55 -35.40
CA PRO K 127 -1.04 125.80 -35.77
C PRO K 127 -0.09 125.26 -34.71
N ARG K 128 1.21 125.32 -35.01
CA ARG K 128 2.23 124.78 -34.12
C ARG K 128 2.47 125.69 -32.92
N LYS K 129 2.83 126.94 -33.19
CA LYS K 129 2.82 127.97 -32.16
C LYS K 129 1.46 128.64 -32.24
N PRO K 130 1.13 129.47 -31.25
CA PRO K 130 0.06 130.47 -31.44
C PRO K 130 0.33 131.44 -32.61
N SER K 131 1.61 131.71 -32.89
CA SER K 131 2.02 132.48 -34.07
C SER K 131 1.76 131.69 -35.36
N ALA K 132 0.77 132.15 -36.13
CA ALA K 132 0.20 131.38 -37.23
C ALA K 132 1.10 131.38 -38.49
N PRO K 133 1.39 130.18 -39.04
CA PRO K 133 1.96 130.02 -40.37
C PRO K 133 0.88 129.57 -41.38
N LYS K 134 1.29 129.04 -42.53
CA LYS K 134 0.36 128.43 -43.50
C LYS K 134 -0.31 127.18 -42.93
N LYS K 135 -1.31 126.67 -43.65
CA LYS K 135 -2.06 125.43 -43.29
C LYS K 135 -2.99 125.57 -42.08
N GLY K 136 -2.41 125.77 -40.89
CA GLY K 136 -3.16 126.01 -39.67
C GLY K 136 -4.26 127.04 -39.89
N ASP K 137 -5.48 126.72 -39.45
CA ASP K 137 -6.68 127.46 -39.85
C ASP K 137 -6.84 128.78 -39.11
N SER K 138 -7.72 129.62 -39.66
CA SER K 138 -7.90 131.00 -39.22
C SER K 138 -8.38 131.15 -37.78
N SER K 139 -8.05 132.29 -37.17
CA SER K 139 -8.45 132.61 -35.81
C SER K 139 -9.96 132.65 -35.64
N ALA K 140 -10.67 132.90 -36.73
CA ALA K 140 -12.11 132.71 -36.76
C ALA K 140 -12.45 131.27 -36.36
N GLU K 141 -12.12 130.31 -37.22
CA GLU K 141 -12.40 128.89 -36.95
C GLU K 141 -11.36 128.35 -35.96
N GLU K 142 -11.57 128.69 -34.70
CA GLU K 142 -10.61 128.42 -33.63
C GLU K 142 -11.16 128.99 -32.33
N LEU K 143 -11.56 130.25 -32.39
CA LEU K 143 -12.29 130.92 -31.32
C LEU K 143 -13.71 130.38 -31.31
N LYS K 144 -14.38 130.45 -32.46
CA LYS K 144 -15.76 129.93 -32.59
C LYS K 144 -15.85 128.45 -32.25
N LEU K 145 -14.75 127.72 -32.42
CA LEU K 145 -14.67 126.35 -31.96
C LEU K 145 -13.25 125.90 -31.69
N ALA K 146 -13.01 125.53 -30.43
CA ALA K 146 -11.98 124.56 -30.08
C ALA K 146 -12.75 123.32 -29.67
N THR K 147 -13.76 123.00 -30.47
CA THR K 147 -14.86 122.16 -30.04
C THR K 147 -14.66 120.73 -30.53
N GLN K 148 -14.97 119.76 -29.67
CA GLN K 148 -14.85 118.35 -30.04
C GLN K 148 -15.97 117.92 -30.93
N LEU K 149 -15.81 116.74 -31.50
CA LEU K 149 -16.92 115.98 -32.06
C LEU K 149 -17.11 114.70 -31.28
N THR K 150 -18.18 114.70 -30.49
CA THR K 150 -18.65 113.53 -29.80
C THR K 150 -19.30 112.61 -30.82
N GLY K 151 -18.94 111.32 -30.77
CA GLY K 151 -19.47 110.32 -31.69
C GLY K 151 -18.53 110.15 -32.88
N PRO K 152 -18.51 108.95 -33.48
CA PRO K 152 -17.62 108.68 -34.60
C PRO K 152 -17.73 109.71 -35.71
N VAL K 153 -16.56 110.15 -36.18
CA VAL K 153 -16.47 111.27 -37.11
C VAL K 153 -16.92 110.86 -38.50
N MET K 154 -17.84 111.65 -39.05
CA MET K 154 -18.50 111.32 -40.32
C MET K 154 -19.05 109.89 -40.25
N PRO K 155 -20.17 109.71 -39.54
CA PRO K 155 -20.65 108.37 -39.22
C PRO K 155 -21.09 107.62 -40.45
N ILE K 156 -20.80 106.32 -40.47
CA ILE K 156 -20.95 105.53 -41.67
C ILE K 156 -22.36 104.98 -41.76
N ARG K 157 -23.18 105.68 -42.53
CA ARG K 157 -24.57 105.32 -42.74
C ARG K 157 -24.66 104.49 -43.99
N ASN K 158 -25.37 103.37 -43.87
CA ASN K 158 -25.54 102.39 -44.93
C ASN K 158 -26.83 102.71 -45.64
N VAL K 159 -26.72 103.15 -46.90
CA VAL K 159 -27.77 103.93 -47.54
C VAL K 159 -28.37 103.27 -48.76
N PHE K 160 -29.63 103.62 -49.05
CA PHE K 160 -30.35 103.09 -50.19
C PHE K 160 -30.78 104.19 -51.15
N LYS K 161 -30.87 103.82 -52.43
CA LYS K 161 -31.41 104.71 -53.47
C LYS K 161 -32.77 104.16 -53.86
N LYS K 162 -33.78 105.02 -53.85
CA LYS K 162 -35.17 104.61 -54.07
C LYS K 162 -35.41 104.47 -55.57
N GLU K 163 -35.95 103.33 -55.99
CA GLU K 163 -36.30 103.09 -57.38
C GLU K 163 -37.77 103.44 -57.60
N LYS K 164 -38.03 104.51 -58.35
CA LYS K 164 -39.41 104.99 -58.57
C LYS K 164 -40.30 103.96 -59.28
N ALA K 165 -41.61 104.18 -59.20
CA ALA K 165 -42.58 103.26 -59.80
C ALA K 165 -42.56 103.35 -61.32
N ARG K 166 -42.12 102.28 -61.98
CA ARG K 166 -41.77 102.32 -63.40
C ARG K 166 -43.00 102.15 -64.28
N VAL K 167 -42.92 101.36 -65.36
CA VAL K 167 -44.10 100.88 -66.10
C VAL K 167 -44.13 99.36 -66.35
N ILE K 168 -42.96 98.74 -66.40
CA ILE K 168 -42.78 97.36 -66.81
C ILE K 168 -43.07 97.21 -68.29
N THR K 169 -42.01 97.29 -69.09
CA THR K 169 -42.11 97.06 -70.52
C THR K 169 -42.45 95.61 -70.79
N GLU K 170 -43.09 95.37 -71.92
CA GLU K 170 -43.48 94.03 -72.28
C GLU K 170 -42.23 93.17 -72.42
N GLU K 171 -41.18 93.77 -72.94
CA GLU K 171 -39.86 93.13 -72.95
C GLU K 171 -39.27 92.87 -71.57
N GLU K 172 -39.46 93.80 -70.64
CA GLU K 172 -39.14 93.53 -69.24
C GLU K 172 -40.00 92.42 -68.64
N LYS K 173 -41.27 92.39 -69.03
CA LYS K 173 -42.20 91.42 -68.48
C LYS K 173 -41.72 90.03 -68.87
N ASN K 174 -41.26 89.89 -70.10
CA ASN K 174 -41.18 88.59 -70.76
C ASN K 174 -40.22 87.64 -70.05
N PHE K 175 -39.09 88.19 -69.62
CA PHE K 175 -38.09 87.44 -68.86
C PHE K 175 -38.63 86.18 -68.20
N LYS K 176 -37.77 85.16 -68.05
CA LYS K 176 -38.16 83.91 -67.35
C LYS K 176 -37.13 83.58 -66.29
N ALA K 177 -37.19 84.32 -65.19
CA ALA K 177 -36.15 84.28 -64.15
C ALA K 177 -35.83 82.91 -63.62
N PHE K 178 -36.87 82.15 -63.31
CA PHE K 178 -36.69 80.87 -62.70
C PHE K 178 -35.89 79.96 -63.59
N ALA K 179 -36.26 79.92 -64.86
CA ALA K 179 -35.47 79.12 -65.78
C ALA K 179 -34.06 79.67 -65.92
N SER K 180 -33.96 80.94 -66.29
CA SER K 180 -32.65 81.52 -66.55
C SER K 180 -31.66 81.13 -65.49
N LEU K 181 -32.07 81.20 -64.24
CA LEU K 181 -31.20 80.73 -63.17
C LEU K 181 -30.80 79.28 -63.37
N ARG K 182 -31.79 78.40 -63.43
CA ARG K 182 -31.56 76.95 -63.51
C ARG K 182 -30.62 76.59 -64.65
N MET K 183 -30.73 77.33 -65.75
CA MET K 183 -29.83 77.19 -66.87
C MET K 183 -28.47 77.65 -66.47
N ALA K 184 -28.41 78.86 -65.91
CA ALA K 184 -27.15 79.46 -65.53
C ALA K 184 -26.36 78.54 -64.64
N ARG K 185 -26.99 78.10 -63.56
CA ARG K 185 -26.38 77.15 -62.64
C ARG K 185 -25.84 75.92 -63.33
N ALA K 186 -26.62 75.42 -64.27
CA ALA K 186 -26.23 74.27 -65.04
C ALA K 186 -25.04 74.63 -65.91
N ASN K 187 -25.12 75.77 -66.58
CA ASN K 187 -24.08 76.12 -67.50
C ASN K 187 -22.75 76.32 -66.85
N ALA K 188 -22.73 76.76 -65.59
CA ALA K 188 -21.52 76.69 -64.77
C ALA K 188 -21.05 75.27 -64.53
N ARG K 189 -21.93 74.44 -63.98
CA ARG K 189 -21.65 73.01 -63.74
C ARG K 189 -20.97 72.37 -64.93
N LEU K 190 -21.55 72.55 -66.10
CA LEU K 190 -21.13 71.83 -67.27
C LEU K 190 -20.02 72.47 -68.09
N PHE K 191 -19.75 73.75 -67.86
CA PHE K 191 -18.75 74.51 -68.64
C PHE K 191 -17.43 73.78 -68.89
N GLY K 192 -16.92 73.14 -67.86
CA GLY K 192 -15.69 72.40 -67.97
C GLY K 192 -15.83 71.15 -68.82
N ILE K 193 -16.91 70.39 -68.63
CA ILE K 193 -17.05 69.12 -69.32
C ILE K 193 -17.16 69.37 -70.80
N ARG K 194 -18.18 70.09 -71.21
CA ARG K 194 -18.36 70.42 -72.62
C ARG K 194 -17.03 70.69 -73.33
N ALA K 195 -16.26 71.62 -72.78
CA ALA K 195 -15.01 72.08 -73.41
C ALA K 195 -13.92 71.03 -73.43
N LYS K 196 -14.10 69.95 -72.69
CA LYS K 196 -13.33 68.74 -72.92
C LYS K 196 -13.87 67.97 -74.12
N ARG K 197 -15.18 67.81 -74.23
CA ARG K 197 -15.76 67.18 -75.43
C ARG K 197 -15.46 67.95 -76.73
N ALA K 198 -15.46 69.28 -76.67
CA ALA K 198 -15.08 70.10 -77.81
C ALA K 198 -13.61 69.91 -78.20
N LYS K 199 -12.74 69.86 -77.19
CA LYS K 199 -11.32 69.62 -77.39
C LYS K 199 -11.08 68.24 -77.99
N GLU K 200 -11.91 67.27 -77.63
CA GLU K 200 -11.87 65.96 -78.24
C GLU K 200 -12.35 66.00 -79.70
N ALA K 201 -13.42 66.75 -79.96
CA ALA K 201 -13.96 66.89 -81.33
C ALA K 201 -12.96 67.54 -82.29
N ALA K 202 -12.28 68.59 -81.84
CA ALA K 202 -11.24 69.28 -82.63
C ALA K 202 -10.03 68.40 -82.90
N GLU K 203 -9.70 67.53 -81.95
CA GLU K 203 -8.65 66.52 -82.13
C GLU K 203 -9.04 65.46 -83.17
N GLN K 204 -10.31 65.03 -83.13
CA GLN K 204 -10.84 64.06 -84.10
C GLN K 204 -10.87 64.60 -85.55
N ASP K 205 -11.16 65.89 -85.69
CA ASP K 205 -11.15 66.56 -87.01
C ASP K 205 -9.74 66.71 -87.57
N VAL K 206 -8.79 67.06 -86.71
CA VAL K 206 -7.37 67.15 -87.08
C VAL K 206 -6.79 65.76 -87.39
N GLU K 207 -7.18 64.76 -86.59
CA GLU K 207 -6.78 63.35 -86.81
C GLU K 207 -7.30 62.78 -88.13
N LYS K 208 -8.46 63.25 -88.58
CA LYS K 208 -9.04 62.85 -89.87
C LYS K 208 -8.18 63.28 -91.07
N LYS K 209 -7.52 64.43 -90.96
CA LYS K 209 -6.66 64.96 -92.03
C LYS K 209 -5.38 64.14 -92.21
N LYS K 210 -4.69 63.86 -91.12
CA LYS K 210 -3.44 63.08 -91.14
C LYS K 210 -3.70 61.60 -91.41
N VAL L 1 -92.19 3.61 46.88
CA VAL L 1 -93.39 2.98 47.57
C VAL L 1 -94.69 3.66 47.16
N PHE L 2 -94.96 3.58 45.88
CA PHE L 2 -95.73 4.60 45.20
C PHE L 2 -97.21 4.55 45.46
N ARG L 3 -97.84 5.72 45.29
CA ARG L 3 -99.24 5.94 45.63
C ARG L 3 -100.05 6.56 44.51
N ARG L 4 -99.66 7.74 44.05
CA ARG L 4 -100.33 8.32 42.89
C ARG L 4 -99.71 7.72 41.64
N PHE L 5 -100.53 7.24 40.71
CA PHE L 5 -100.04 6.61 39.49
C PHE L 5 -100.66 7.24 38.29
N VAL L 6 -99.90 7.35 37.21
CA VAL L 6 -100.47 7.75 35.92
C VAL L 6 -101.37 6.63 35.45
N GLU L 7 -102.66 6.85 35.61
CA GLU L 7 -103.65 5.95 35.11
C GLU L 7 -104.41 6.73 34.10
N VAL L 8 -105.08 6.00 33.23
CA VAL L 8 -106.29 6.48 32.61
C VAL L 8 -107.25 7.02 33.66
N GLY L 9 -107.77 8.20 33.41
CA GLY L 9 -108.75 8.80 34.27
C GLY L 9 -108.24 9.27 35.61
N ARG L 10 -106.92 9.42 35.77
CA ARG L 10 -106.42 10.07 36.97
C ARG L 10 -106.48 11.56 36.78
N VAL L 11 -106.87 12.25 37.83
CA VAL L 11 -106.95 13.69 37.79
C VAL L 11 -105.60 14.27 38.16
N ALA L 12 -105.23 15.33 37.43
CA ALA L 12 -103.94 15.97 37.52
C ALA L 12 -104.13 17.44 37.65
N TYR L 13 -103.48 18.01 38.66
CA TYR L 13 -103.34 19.44 38.77
C TYR L 13 -102.22 19.82 37.88
N VAL L 14 -102.36 20.93 37.16
CA VAL L 14 -101.33 21.34 36.22
C VAL L 14 -100.50 22.42 36.87
N SER L 15 -99.27 22.05 37.27
CA SER L 15 -98.44 22.92 38.05
C SER L 15 -98.21 24.22 37.31
N PHE L 16 -97.86 24.07 36.04
CA PHE L 16 -97.50 25.21 35.22
C PHE L 16 -97.73 24.90 33.77
N GLY L 17 -97.58 25.94 32.98
CA GLY L 17 -97.79 25.85 31.57
C GLY L 17 -98.85 26.85 31.27
N PRO L 18 -99.61 26.62 30.20
CA PRO L 18 -100.71 27.50 29.90
C PRO L 18 -101.83 27.34 30.90
N HIS L 19 -102.17 26.10 31.21
CA HIS L 19 -103.36 25.81 31.97
C HIS L 19 -103.05 25.59 33.42
N ALA L 20 -102.15 26.39 33.97
CA ALA L 20 -101.73 26.16 35.33
C ALA L 20 -102.86 26.51 36.25
N GLY L 21 -102.90 25.83 37.39
CA GLY L 21 -103.99 26.02 38.34
C GLY L 21 -105.27 25.32 37.96
N LYS L 22 -105.25 24.47 36.90
CA LYS L 22 -106.45 23.78 36.44
C LYS L 22 -106.29 22.32 36.60
N LEU L 23 -107.41 21.67 36.89
CA LEU L 23 -107.46 20.23 36.93
C LEU L 23 -107.69 19.71 35.54
N VAL L 24 -107.43 18.42 35.40
CA VAL L 24 -107.42 17.78 34.12
C VAL L 24 -107.33 16.30 34.40
N ALA L 25 -108.21 15.51 33.76
CA ALA L 25 -108.21 14.06 33.93
C ALA L 25 -107.57 13.42 32.72
N ILE L 26 -106.46 12.73 32.96
CA ILE L 26 -105.76 12.06 31.90
C ILE L 26 -106.74 11.13 31.25
N VAL L 27 -106.87 11.23 29.95
CA VAL L 27 -107.58 10.24 29.19
C VAL L 27 -106.64 9.11 29.00
N ASP L 28 -105.52 9.39 28.36
CA ASP L 28 -104.72 8.35 27.81
C ASP L 28 -103.24 8.75 27.68
N VAL L 29 -102.36 7.79 27.91
CA VAL L 29 -100.94 8.02 27.79
C VAL L 29 -100.53 7.71 26.36
N ILE L 30 -100.00 8.73 25.71
CA ILE L 30 -99.44 8.58 24.37
C ILE L 30 -98.12 7.86 24.50
N ASP L 31 -97.23 8.43 25.33
CA ASP L 31 -95.79 8.19 25.23
C ASP L 31 -95.15 8.03 26.60
N GLN L 32 -93.87 7.69 26.59
CA GLN L 32 -93.07 7.61 27.80
C GLN L 32 -93.30 8.82 28.67
N ASN L 33 -93.24 9.99 28.05
CA ASN L 33 -93.26 11.27 28.79
C ASN L 33 -94.36 12.26 28.35
N ARG L 34 -95.44 11.74 27.76
CA ARG L 34 -96.50 12.60 27.27
C ARG L 34 -97.86 11.91 27.31
N ALA L 35 -98.87 12.62 27.81
CA ALA L 35 -100.21 12.07 28.03
C ALA L 35 -101.21 12.88 27.26
N LEU L 36 -102.26 12.22 26.79
CA LEU L 36 -103.39 12.88 26.13
C LEU L 36 -104.46 13.11 27.18
N VAL L 37 -104.81 14.37 27.34
CA VAL L 37 -105.41 14.85 28.54
C VAL L 37 -106.65 15.64 28.26
N ASP L 38 -107.49 15.75 29.29
CA ASP L 38 -108.75 16.41 29.15
C ASP L 38 -109.14 17.08 30.44
N GLY L 39 -109.86 18.18 30.30
CA GLY L 39 -110.37 18.92 31.45
C GLY L 39 -111.75 19.48 31.17
N PRO L 40 -112.72 18.60 30.87
CA PRO L 40 -114.06 18.99 30.36
C PRO L 40 -114.76 20.08 31.16
N CYS L 41 -114.83 19.86 32.47
CA CYS L 41 -115.45 20.79 33.40
C CYS L 41 -114.54 21.95 33.74
N THR L 42 -113.25 21.64 33.78
CA THR L 42 -112.27 22.56 34.29
C THR L 42 -111.84 23.67 33.33
N ARG L 43 -112.40 23.69 32.11
CA ARG L 43 -112.05 24.62 31.03
C ARG L 43 -110.71 24.27 30.41
N VAL L 44 -110.48 22.99 30.13
CA VAL L 44 -109.28 22.60 29.39
C VAL L 44 -109.60 21.59 28.31
N ARG L 45 -109.11 21.91 27.12
CA ARG L 45 -109.47 21.24 25.88
C ARG L 45 -108.83 19.88 25.79
N ARG L 46 -109.43 18.98 25.03
CA ARG L 46 -108.77 17.70 24.74
C ARG L 46 -107.48 18.03 24.03
N GLN L 47 -106.39 17.68 24.68
CA GLN L 47 -105.11 18.05 24.17
C GLN L 47 -104.04 17.21 24.80
N ALA L 48 -102.95 17.05 24.09
CA ALA L 48 -101.81 16.41 24.67
C ALA L 48 -101.18 17.39 25.65
N MET L 49 -100.64 16.83 26.73
CA MET L 49 -99.97 17.57 27.77
C MET L 49 -98.92 16.65 28.38
N PRO L 50 -97.68 17.14 28.51
CA PRO L 50 -96.62 16.33 29.04
C PRO L 50 -96.70 16.22 30.55
N PHE L 51 -96.02 15.23 31.11
CA PHE L 51 -96.11 14.94 32.53
C PHE L 51 -95.33 15.92 33.35
N LYS L 52 -94.16 16.28 32.83
CA LYS L 52 -93.39 17.41 33.31
C LYS L 52 -94.20 18.41 34.13
N CYS L 53 -95.30 18.88 33.56
CA CYS L 53 -96.10 19.93 34.17
C CYS L 53 -97.18 19.48 35.16
N MET L 54 -97.75 18.29 34.94
CA MET L 54 -98.98 17.83 35.67
C MET L 54 -98.71 16.97 36.89
N GLN L 55 -98.60 17.63 38.02
CA GLN L 55 -98.52 16.92 39.27
C GLN L 55 -99.91 16.43 39.63
N LEU L 56 -99.99 15.21 40.16
CA LEU L 56 -101.23 14.46 40.12
C LEU L 56 -101.81 14.06 41.44
N THR L 57 -103.13 14.07 41.45
CA THR L 57 -103.94 14.10 42.64
C THR L 57 -104.25 12.71 43.12
N ASP L 58 -104.83 12.64 44.29
CA ASP L 58 -105.36 11.40 44.83
C ASP L 58 -106.66 10.87 44.13
N PHE L 59 -107.35 11.70 43.35
CA PHE L 59 -108.57 11.26 42.66
C PHE L 59 -108.30 10.44 41.43
N ILE L 60 -109.19 9.51 41.11
CA ILE L 60 -109.18 8.81 39.82
C ILE L 60 -110.59 8.45 39.41
N LEU L 61 -111.21 9.31 38.61
CA LEU L 61 -112.53 8.99 38.06
C LEU L 61 -112.41 7.90 36.99
N LYS L 62 -113.53 7.23 36.73
CA LYS L 62 -113.54 5.95 35.99
C LYS L 62 -114.37 6.01 34.72
N PHE L 63 -113.65 6.01 33.60
CA PHE L 63 -114.22 5.98 32.26
C PHE L 63 -113.26 5.14 31.41
N PRO L 64 -113.52 4.99 30.11
CA PRO L 64 -112.69 4.10 29.32
C PRO L 64 -111.50 4.78 28.67
N HIS L 65 -110.46 4.01 28.39
CA HIS L 65 -109.14 4.57 28.11
C HIS L 65 -109.06 5.49 26.92
N SER L 66 -110.03 5.41 26.03
CA SER L 66 -110.12 6.40 24.98
C SER L 66 -111.58 6.88 24.94
N ALA L 67 -111.85 7.92 25.71
CA ALA L 67 -113.21 8.45 25.86
C ALA L 67 -113.44 9.51 24.85
N ARG L 68 -114.69 9.94 24.79
CA ARG L 68 -115.15 10.92 23.83
C ARG L 68 -115.74 12.15 24.51
N GLN L 69 -115.05 12.67 25.53
CA GLN L 69 -115.26 14.02 26.05
C GLN L 69 -116.57 14.17 26.84
N LYS L 70 -117.70 13.89 26.19
CA LYS L 70 -118.99 13.71 26.87
C LYS L 70 -118.90 12.78 28.06
N TYR L 71 -118.20 11.68 27.87
CA TYR L 71 -118.22 10.59 28.84
C TYR L 71 -117.30 10.81 30.01
N VAL L 72 -116.13 11.39 29.75
CA VAL L 72 -115.28 11.86 30.83
C VAL L 72 -115.87 13.09 31.56
N ARG L 73 -116.62 13.91 30.83
CA ARG L 73 -117.41 14.99 31.45
C ARG L 73 -118.40 14.39 32.43
N LYS L 74 -119.14 13.39 31.99
CA LYS L 74 -120.13 12.74 32.84
C LYS L 74 -119.47 12.16 34.06
N ALA L 75 -118.35 11.49 33.87
CA ALA L 75 -117.63 10.93 34.99
C ALA L 75 -117.27 11.99 36.00
N TRP L 76 -116.80 13.12 35.51
CA TRP L 76 -116.39 14.21 36.36
C TRP L 76 -117.58 14.69 37.21
N GLU L 77 -118.66 15.02 36.55
CA GLU L 77 -119.79 15.64 37.23
C GLU L 77 -120.48 14.68 38.20
N LYS L 78 -120.36 13.40 37.95
CA LYS L 78 -120.89 12.39 38.85
C LYS L 78 -120.13 12.44 40.18
N ALA L 79 -118.82 12.28 40.11
CA ALA L 79 -117.98 12.21 41.32
C ALA L 79 -117.83 13.54 42.04
N ASP L 80 -118.34 14.62 41.43
CA ASP L 80 -118.35 15.96 42.03
C ASP L 80 -116.92 16.43 42.31
N ILE L 81 -116.02 16.01 41.44
CA ILE L 81 -114.59 16.23 41.62
C ILE L 81 -114.37 17.67 42.02
N ASN L 82 -114.95 18.60 41.27
CA ASN L 82 -114.75 20.01 41.54
C ASN L 82 -115.11 20.46 42.95
N THR L 83 -116.11 19.84 43.57
CA THR L 83 -116.35 20.08 44.98
C THR L 83 -115.19 19.50 45.77
N LYS L 84 -114.94 18.20 45.57
CA LYS L 84 -113.96 17.46 46.38
C LYS L 84 -112.58 18.07 46.36
N TRP L 85 -112.14 18.46 45.17
CA TRP L 85 -110.92 19.24 45.04
C TRP L 85 -110.97 20.41 46.00
N ALA L 86 -112.00 21.23 45.87
CA ALA L 86 -112.03 22.49 46.61
C ALA L 86 -112.09 22.33 48.13
N ALA L 87 -112.50 21.16 48.62
CA ALA L 87 -112.43 20.87 50.06
C ALA L 87 -111.13 20.15 50.46
N THR L 88 -110.23 19.95 49.52
CA THR L 88 -108.94 19.37 49.83
C THR L 88 -108.09 20.42 50.50
N ARG L 89 -107.12 19.95 51.30
CA ARG L 89 -106.18 20.84 51.97
C ARG L 89 -105.40 21.57 50.92
N TRP L 90 -104.88 20.80 49.97
CA TRP L 90 -104.13 21.31 48.81
C TRP L 90 -104.84 22.53 48.20
N ALA L 91 -106.00 22.34 47.61
CA ALA L 91 -106.68 23.44 46.96
C ALA L 91 -106.99 24.60 47.92
N LYS L 92 -107.19 24.31 49.22
CA LYS L 92 -107.37 25.36 50.22
C LYS L 92 -106.09 26.17 50.41
N LYS L 93 -104.96 25.47 50.53
CA LYS L 93 -103.69 26.17 50.64
C LYS L 93 -103.19 26.75 49.31
N ILE L 94 -103.82 26.44 48.20
CA ILE L 94 -103.65 27.26 47.00
C ILE L 94 -104.39 28.57 47.22
N GLU L 95 -105.68 28.47 47.54
CA GLU L 95 -106.49 29.66 47.78
C GLU L 95 -105.83 30.54 48.84
N ALA L 96 -105.31 29.94 49.90
CA ALA L 96 -104.60 30.71 50.94
C ALA L 96 -103.48 31.53 50.34
N ARG L 97 -102.65 30.86 49.55
CA ARG L 97 -101.56 31.50 48.85
C ARG L 97 -102.01 32.50 47.80
N GLU L 98 -103.23 32.34 47.29
CA GLU L 98 -103.83 33.36 46.46
C GLU L 98 -104.23 34.57 47.27
N ARG L 99 -104.86 34.34 48.41
CA ARG L 99 -105.41 35.44 49.21
C ARG L 99 -104.37 36.32 49.91
N LYS L 100 -103.23 35.76 50.30
CA LYS L 100 -102.11 36.59 50.75
C LYS L 100 -101.59 37.44 49.61
N ALA L 101 -101.52 36.88 48.42
CA ALA L 101 -101.05 37.64 47.29
C ALA L 101 -102.00 38.79 46.92
N LYS L 102 -103.30 38.56 46.97
CA LYS L 102 -104.27 39.64 46.70
C LYS L 102 -104.24 40.80 47.69
N MET L 103 -103.78 40.54 48.91
CA MET L 103 -103.81 41.48 50.03
C MET L 103 -103.48 42.91 49.66
N THR L 104 -104.43 43.80 49.91
CA THR L 104 -104.26 45.23 49.75
C THR L 104 -103.38 45.76 50.87
N ASP L 105 -102.65 46.84 50.59
CA ASP L 105 -101.77 47.46 51.59
C ASP L 105 -102.48 47.90 52.88
N PHE L 106 -103.77 48.21 52.77
CA PHE L 106 -104.61 48.42 53.94
C PHE L 106 -104.84 47.11 54.71
N ASP L 107 -105.23 46.08 53.99
CA ASP L 107 -105.46 44.76 54.60
C ASP L 107 -104.20 44.30 55.27
N ARG L 108 -103.09 44.41 54.55
CA ARG L 108 -101.78 44.07 55.08
C ARG L 108 -101.57 44.63 56.49
N TYR L 109 -101.84 45.92 56.62
CA TYR L 109 -101.77 46.64 57.91
C TYR L 109 -102.70 46.06 58.91
N LYS L 110 -103.95 45.85 58.50
CA LYS L 110 -104.94 45.24 59.36
C LYS L 110 -104.40 43.92 59.91
N VAL L 111 -103.99 43.05 59.01
CA VAL L 111 -103.45 41.78 59.38
C VAL L 111 -102.33 41.99 60.37
N MET L 112 -101.38 42.83 59.99
CA MET L 112 -100.22 43.05 60.84
C MET L 112 -100.66 43.35 62.26
N LYS L 113 -101.61 44.28 62.40
CA LYS L 113 -102.13 44.60 63.71
C LYS L 113 -102.67 43.34 64.38
N ALA L 114 -103.54 42.62 63.67
CA ALA L 114 -104.17 41.42 64.22
C ALA L 114 -103.12 40.45 64.72
N LYS L 115 -102.19 40.05 63.87
CA LYS L 115 -101.24 39.07 64.32
C LYS L 115 -100.42 39.64 65.49
N LYS L 116 -100.07 40.92 65.43
CA LYS L 116 -99.28 41.52 66.50
C LYS L 116 -99.93 41.10 67.80
N MET L 117 -101.26 41.24 67.87
CA MET L 117 -102.02 40.93 69.06
C MET L 117 -102.21 39.43 69.28
N ARG L 118 -102.63 38.75 68.22
CA ARG L 118 -102.85 37.31 68.25
C ARG L 118 -101.62 36.51 68.67
N ASN L 119 -100.43 37.00 68.36
CA ASN L 119 -99.22 36.36 68.87
C ASN L 119 -99.02 36.62 70.36
N ARG L 120 -99.32 37.84 70.79
CA ARG L 120 -99.20 38.22 72.20
C ARG L 120 -100.08 37.37 73.12
N ILE L 121 -101.30 37.10 72.70
CA ILE L 121 -102.21 36.30 73.52
C ILE L 121 -101.81 34.84 73.62
N ILE L 122 -101.04 34.36 72.64
CA ILE L 122 -100.45 33.03 72.70
C ILE L 122 -99.22 33.03 73.57
N LYS L 123 -98.29 33.94 73.27
CA LYS L 123 -97.00 33.95 73.95
C LYS L 123 -97.12 33.98 75.47
N ASN L 124 -98.12 34.70 75.97
CA ASN L 124 -98.42 34.71 77.41
C ASN L 124 -98.93 33.36 77.87
N GLU L 125 -99.82 32.76 77.08
CA GLU L 125 -100.37 31.45 77.39
C GLU L 125 -99.29 30.39 77.35
N VAL L 126 -98.36 30.52 76.42
CA VAL L 126 -97.22 29.61 76.38
C VAL L 126 -96.37 29.80 77.64
N LYS L 127 -96.06 31.05 77.97
CA LYS L 127 -95.33 31.35 79.20
C LYS L 127 -95.94 30.62 80.38
N LYS L 128 -97.25 30.80 80.57
CA LYS L 128 -98.00 30.12 81.64
C LYS L 128 -97.81 28.61 81.61
N LEU L 129 -98.06 28.01 80.46
CA LEU L 129 -97.90 26.56 80.31
C LEU L 129 -96.51 26.10 80.68
N GLN L 130 -95.52 26.93 80.40
CA GLN L 130 -94.15 26.63 80.77
C GLN L 130 -93.99 26.72 82.29
N ARG L 131 -94.53 27.78 82.88
CA ARG L 131 -94.50 28.01 84.33
C ARG L 131 -95.20 26.86 85.08
N ALA L 132 -96.31 26.40 84.53
CA ALA L 132 -97.08 25.29 85.13
C ALA L 132 -96.39 23.93 84.98
N ALA L 133 -95.67 23.71 83.89
CA ALA L 133 -94.90 22.48 83.69
C ALA L 133 -93.67 22.41 84.61
N LEU L 134 -93.12 23.58 84.95
CA LEU L 134 -92.03 23.71 85.92
C LEU L 134 -92.50 23.39 87.34
N LEU L 135 -93.73 23.79 87.66
CA LEU L 135 -94.35 23.50 88.96
C LEU L 135 -94.64 22.01 89.15
N LYS L 136 -95.11 21.36 88.08
CA LYS L 136 -95.29 19.89 88.07
C LYS L 136 -93.98 19.14 88.28
N ALA L 137 -92.93 19.60 87.61
CA ALA L 137 -91.58 19.01 87.73
C ALA L 137 -91.00 19.17 89.15
N SER L 138 -91.30 20.30 89.79
CA SER L 138 -90.86 20.56 91.17
C SER L 138 -91.64 19.71 92.17
N GLY M 1 28.36 92.51 -51.66
CA GLY M 1 28.79 92.38 -50.22
C GLY M 1 29.11 90.93 -49.90
N ALA M 2 30.11 90.73 -49.05
CA ALA M 2 30.62 89.39 -48.81
C ALA M 2 29.68 88.52 -48.01
N TYR M 3 28.86 89.13 -47.19
CA TYR M 3 27.98 88.33 -46.39
C TYR M 3 27.02 87.51 -47.23
N LYS M 4 26.39 88.15 -48.21
CA LYS M 4 25.57 87.42 -49.20
C LYS M 4 26.25 86.16 -49.74
N TYR M 5 27.49 86.30 -50.20
CA TYR M 5 28.26 85.15 -50.63
C TYR M 5 28.24 84.12 -49.51
N ILE M 6 28.78 84.52 -48.36
CA ILE M 6 28.95 83.60 -47.25
C ILE M 6 27.68 82.79 -47.01
N GLN M 7 26.55 83.48 -46.92
CA GLN M 7 25.22 82.87 -46.74
C GLN M 7 24.83 81.86 -47.79
N GLU M 8 25.23 82.06 -49.04
CA GLU M 8 24.93 81.07 -50.09
C GLU M 8 25.77 79.83 -49.93
N LEU M 9 27.04 80.01 -49.55
CA LEU M 9 27.93 78.90 -49.29
C LEU M 9 27.39 78.04 -48.17
N TRP M 10 27.06 78.66 -47.05
CA TRP M 10 26.47 77.96 -45.91
C TRP M 10 25.11 77.34 -46.17
N ARG M 11 24.57 77.53 -47.36
CA ARG M 11 23.41 76.79 -47.77
C ARG M 11 23.77 75.52 -48.54
N LYS M 12 25.03 75.36 -48.99
CA LYS M 12 25.50 74.12 -49.67
C LYS M 12 26.30 73.26 -48.69
N LYS M 13 25.66 72.81 -47.63
CA LYS M 13 26.35 71.99 -46.62
C LYS M 13 26.78 70.61 -47.14
N GLN M 14 26.06 70.13 -48.14
CA GLN M 14 26.36 68.85 -48.77
C GLN M 14 27.57 68.89 -49.69
N SER M 15 27.99 70.08 -50.14
CA SER M 15 29.16 70.22 -51.03
C SER M 15 30.46 69.74 -50.41
N ASP M 16 31.52 69.81 -51.19
CA ASP M 16 32.81 69.32 -50.74
C ASP M 16 33.52 70.28 -49.80
N VAL M 17 33.37 71.58 -50.04
CA VAL M 17 34.05 72.58 -49.23
C VAL M 17 33.52 72.55 -47.83
N MET M 18 32.20 72.72 -47.74
CA MET M 18 31.54 72.92 -46.47
C MET M 18 31.54 71.67 -45.63
N ARG M 19 31.36 70.53 -46.27
CA ARG M 19 31.30 69.29 -45.53
C ARG M 19 32.54 69.12 -44.69
N PHE M 20 33.69 69.25 -45.33
CA PHE M 20 34.97 69.15 -44.66
C PHE M 20 35.00 70.12 -43.49
N LEU M 21 34.69 71.39 -43.76
CA LEU M 21 34.69 72.37 -42.71
C LEU M 21 33.88 71.88 -41.56
N LEU M 22 32.61 71.63 -41.80
CA LEU M 22 31.71 71.16 -40.76
C LEU M 22 32.27 69.97 -39.99
N ARG M 23 32.87 69.02 -40.71
CA ARG M 23 33.45 67.82 -40.08
C ARG M 23 34.61 68.16 -39.18
N VAL M 24 35.55 68.95 -39.64
CA VAL M 24 36.63 69.36 -38.76
C VAL M 24 36.06 70.17 -37.61
N ARG M 25 35.37 71.26 -37.90
CA ARG M 25 34.74 72.03 -36.83
C ARG M 25 34.15 71.13 -35.77
N CYS M 26 33.27 70.23 -36.20
CA CYS M 26 32.49 69.41 -35.27
C CYS M 26 33.37 68.48 -34.43
N TRP M 27 34.45 67.98 -35.00
CA TRP M 27 35.45 67.29 -34.20
C TRP M 27 36.03 68.20 -33.10
N GLN M 28 36.35 69.44 -33.44
CA GLN M 28 36.97 70.37 -32.50
C GLN M 28 36.05 70.68 -31.35
N TYR M 29 34.76 70.84 -31.66
CA TYR M 29 33.77 71.12 -30.61
C TYR M 29 33.53 69.91 -29.71
N ARG M 30 33.53 68.72 -30.30
CA ARG M 30 33.32 67.50 -29.52
C ARG M 30 34.46 67.30 -28.55
N GLN M 31 35.67 67.70 -28.92
CA GLN M 31 36.79 67.62 -28.02
C GLN M 31 36.66 68.53 -26.83
N LEU M 32 36.20 69.76 -27.05
CA LEU M 32 35.99 70.71 -25.96
C LEU M 32 34.92 70.29 -24.97
N SER M 33 34.80 71.05 -23.88
CA SER M 33 33.77 70.85 -22.87
C SER M 33 32.39 71.19 -23.44
N ALA M 34 31.37 71.09 -22.61
CA ALA M 34 30.01 71.17 -23.10
C ALA M 34 29.35 72.55 -22.92
N LEU M 35 30.15 73.56 -22.62
CA LEU M 35 29.69 74.95 -22.54
C LEU M 35 30.89 75.89 -22.52
N HIS M 36 31.43 76.19 -23.69
CA HIS M 36 32.51 77.14 -23.75
C HIS M 36 31.98 78.37 -24.45
N ARG M 37 32.53 79.47 -24.00
CA ARG M 37 32.36 80.74 -24.63
C ARG M 37 33.23 80.70 -25.88
N ALA M 38 32.62 81.03 -27.02
CA ALA M 38 33.38 81.26 -28.24
C ALA M 38 33.98 82.64 -28.14
N PRO M 39 35.15 82.79 -28.71
CA PRO M 39 35.80 84.09 -28.79
C PRO M 39 35.18 85.05 -29.83
N ARG M 40 34.49 84.50 -30.83
CA ARG M 40 33.80 85.25 -31.87
C ARG M 40 32.89 84.29 -32.60
N PRO M 41 31.97 84.81 -33.42
CA PRO M 41 30.95 83.94 -34.03
C PRO M 41 31.43 83.13 -35.19
N THR M 42 31.29 81.81 -35.05
CA THR M 42 31.69 80.87 -36.06
C THR M 42 30.93 81.08 -37.35
N ARG M 43 29.70 81.56 -37.20
CA ARG M 43 28.95 82.11 -38.30
C ARG M 43 28.72 83.57 -38.00
N PRO M 44 29.53 84.47 -38.58
CA PRO M 44 29.29 85.87 -38.34
C PRO M 44 27.97 86.26 -38.94
N ASP M 45 27.74 85.91 -40.21
CA ASP M 45 26.50 86.23 -40.90
C ASP M 45 25.25 85.82 -40.12
N LYS M 46 25.15 84.56 -39.72
CA LYS M 46 23.96 84.08 -39.01
C LYS M 46 23.74 84.96 -37.81
N ALA M 47 24.75 85.03 -36.95
CA ALA M 47 24.66 85.89 -35.80
C ALA M 47 24.15 87.29 -36.16
N ARG M 48 24.64 87.87 -37.26
CA ARG M 48 24.22 89.21 -37.72
C ARG M 48 22.74 89.30 -37.99
N ARG M 49 22.20 88.26 -38.55
CA ARG M 49 20.78 88.23 -38.83
C ARG M 49 19.99 88.15 -37.58
N LEU M 50 20.42 87.30 -36.67
CA LEU M 50 19.63 87.09 -35.46
C LEU M 50 19.76 88.22 -34.45
N GLY M 51 20.69 89.15 -34.69
CA GLY M 51 20.81 90.39 -33.94
C GLY M 51 22.10 90.58 -33.17
N TYR M 52 23.08 89.70 -33.34
CA TYR M 52 24.42 89.96 -32.84
C TYR M 52 24.95 91.19 -33.50
N LYS M 53 25.83 91.87 -32.80
CA LYS M 53 26.42 93.06 -33.33
C LYS M 53 27.79 93.13 -32.73
N ALA M 54 28.77 93.48 -33.53
CA ALA M 54 30.14 93.44 -33.09
C ALA M 54 30.41 94.67 -32.28
N LYS M 55 29.89 94.66 -31.07
CA LYS M 55 30.17 95.73 -30.12
C LYS M 55 30.27 95.12 -28.78
N GLN M 56 30.76 95.90 -27.85
CA GLN M 56 31.00 95.36 -26.55
C GLN M 56 29.67 94.95 -25.91
N GLY M 57 29.75 93.92 -25.08
CA GLY M 57 28.60 93.40 -24.39
C GLY M 57 28.01 92.11 -24.94
N TYR M 58 28.18 91.85 -26.23
CA TYR M 58 27.60 90.66 -26.84
C TYR M 58 28.58 89.53 -26.74
N VAL M 59 28.06 88.32 -26.70
CA VAL M 59 28.84 87.18 -26.36
C VAL M 59 28.27 86.04 -27.09
N ILE M 60 29.06 84.99 -27.31
CA ILE M 60 28.52 83.79 -27.97
C ILE M 60 29.07 82.54 -27.38
N TYR M 61 28.20 81.90 -26.61
CA TYR M 61 28.45 80.59 -26.04
C TYR M 61 28.15 79.53 -27.07
N ARG M 62 29.13 78.69 -27.35
CA ARG M 62 28.92 77.52 -28.17
C ARG M 62 28.62 76.43 -27.18
N ILE M 63 27.55 75.68 -27.44
CA ILE M 63 26.98 74.82 -26.44
C ILE M 63 26.37 73.57 -27.01
N ARG M 64 26.86 72.45 -26.45
CA ARG M 64 26.58 71.09 -26.89
C ARG M 64 25.31 70.54 -26.28
N VAL M 65 24.54 69.91 -27.12
CA VAL M 65 23.30 69.38 -26.73
C VAL M 65 23.26 67.98 -27.23
N ARG M 66 22.94 67.05 -26.34
CA ARG M 66 22.97 65.65 -26.67
C ARG M 66 21.70 65.30 -27.36
N ARG M 67 21.85 64.44 -28.32
CA ARG M 67 20.94 64.41 -29.43
C ARG M 67 19.88 63.37 -29.13
N GLY M 68 18.98 63.16 -30.07
CA GLY M 68 17.99 62.10 -29.92
C GLY M 68 16.83 62.47 -29.00
N GLY M 69 15.98 61.49 -28.73
CA GLY M 69 14.71 61.69 -28.02
C GLY M 69 14.79 61.62 -26.51
N ARG M 70 13.64 61.85 -25.87
CA ARG M 70 13.47 61.81 -24.41
C ARG M 70 12.76 60.54 -24.04
N LYS M 71 13.48 59.59 -23.45
CA LYS M 71 12.78 58.50 -22.81
C LYS M 71 12.15 59.04 -21.55
N ARG M 72 11.14 58.33 -21.12
CA ARG M 72 10.36 58.72 -19.98
C ARG M 72 11.06 58.16 -18.78
N PRO M 73 11.41 59.02 -17.84
CA PRO M 73 12.29 58.63 -16.81
C PRO M 73 11.48 58.08 -15.65
N VAL M 74 11.48 56.76 -15.54
CA VAL M 74 10.68 56.03 -14.57
C VAL M 74 11.41 54.72 -14.32
N PRO M 75 11.31 54.19 -13.10
CA PRO M 75 12.18 53.08 -12.63
C PRO M 75 11.87 51.70 -13.22
N LYS M 76 12.83 51.14 -13.94
CA LYS M 76 12.55 50.12 -14.95
C LYS M 76 11.55 50.72 -15.98
N GLY M 77 10.65 49.95 -16.57
CA GLY M 77 9.67 50.56 -17.43
C GLY M 77 8.74 51.28 -16.48
N ALA M 78 7.76 50.54 -16.00
CA ALA M 78 7.02 50.86 -14.77
C ALA M 78 6.23 52.16 -14.77
N THR M 79 5.78 52.57 -15.93
CA THR M 79 4.81 53.63 -16.01
C THR M 79 3.52 53.02 -15.49
N TYR M 80 3.35 52.99 -14.17
CA TYR M 80 2.14 52.41 -13.60
C TYR M 80 0.97 53.15 -14.16
N GLY M 81 -0.11 52.44 -14.43
CA GLY M 81 -1.35 53.05 -14.91
C GLY M 81 -1.89 52.37 -16.12
N LYS M 82 -2.87 53.02 -16.72
CA LYS M 82 -3.55 52.45 -17.88
C LYS M 82 -2.56 52.21 -19.01
N PRO M 83 -2.89 51.30 -19.92
CA PRO M 83 -1.94 50.95 -20.94
C PRO M 83 -1.69 51.99 -22.02
N VAL M 84 -2.23 53.19 -21.94
CA VAL M 84 -1.84 54.18 -22.90
C VAL M 84 -0.52 54.77 -22.54
N HIS M 85 -0.36 55.27 -21.34
CA HIS M 85 0.84 56.05 -21.03
C HIS M 85 2.08 55.19 -20.86
N HIS M 86 1.84 53.89 -20.77
CA HIS M 86 2.82 52.82 -20.94
C HIS M 86 4.03 53.02 -21.83
N GLY M 87 3.98 53.97 -22.75
CA GLY M 87 5.14 54.28 -23.53
C GLY M 87 6.25 54.78 -22.63
N VAL M 88 7.45 54.26 -22.85
CA VAL M 88 8.62 54.92 -22.31
C VAL M 88 9.68 55.16 -23.34
N ASN M 89 9.67 54.48 -24.47
CA ASN M 89 10.72 54.76 -25.42
C ASN M 89 10.39 55.79 -26.47
N GLN M 90 9.68 55.41 -27.52
CA GLN M 90 9.67 56.25 -28.70
C GLN M 90 8.94 57.58 -28.53
N LEU M 91 9.28 58.42 -27.54
CA LEU M 91 8.47 59.60 -27.29
C LEU M 91 9.30 60.82 -27.08
N LYS M 92 8.77 61.96 -27.49
CA LYS M 92 9.60 63.08 -27.86
C LYS M 92 9.31 64.38 -27.14
N PHE M 93 10.38 65.05 -26.73
CA PHE M 93 10.29 66.21 -25.85
C PHE M 93 9.65 67.39 -26.59
N ALA M 94 9.00 68.30 -25.86
CA ALA M 94 8.26 69.42 -26.47
C ALA M 94 9.13 70.48 -27.12
N ARG M 95 9.98 71.14 -26.32
CA ARG M 95 10.90 72.12 -26.87
C ARG M 95 11.90 71.35 -27.79
N SER M 96 12.65 72.08 -28.61
CA SER M 96 13.67 71.46 -29.49
C SER M 96 15.05 71.44 -28.83
N LEU M 97 16.01 70.82 -29.50
CA LEU M 97 17.37 70.80 -29.00
C LEU M 97 18.02 72.16 -28.98
N GLN M 98 17.73 72.98 -29.98
CA GLN M 98 18.25 74.34 -29.99
C GLN M 98 17.71 75.11 -28.80
N SER M 99 16.46 74.87 -28.49
CA SER M 99 15.84 75.52 -27.35
C SER M 99 16.23 74.92 -26.00
N VAL M 100 16.92 73.78 -25.99
CA VAL M 100 17.60 73.33 -24.78
C VAL M 100 18.94 74.05 -24.64
N ALA M 101 19.65 74.22 -25.74
CA ALA M 101 20.91 74.95 -25.68
C ALA M 101 20.69 76.35 -25.12
N GLU M 102 19.83 77.10 -25.79
CA GLU M 102 19.53 78.46 -25.39
C GLU M 102 19.13 78.63 -23.94
N GLU M 103 18.64 77.57 -23.35
CA GLU M 103 18.22 77.56 -21.96
C GLU M 103 19.41 77.36 -21.05
N ARG M 104 20.17 76.32 -21.35
CA ARG M 104 21.36 75.96 -20.61
C ARG M 104 22.44 77.02 -20.62
N ALA M 105 22.55 77.74 -21.72
CA ALA M 105 23.44 78.88 -21.80
C ALA M 105 22.93 79.98 -20.88
N GLY M 106 21.69 80.38 -21.09
CA GLY M 106 21.05 81.34 -20.22
C GLY M 106 21.20 80.96 -18.76
N ARG M 107 20.71 79.78 -18.40
CA ARG M 107 20.81 79.24 -17.04
C ARG M 107 22.16 79.37 -16.34
N HIS M 108 23.24 79.26 -17.13
CA HIS M 108 24.61 79.34 -16.64
C HIS M 108 25.03 80.76 -16.50
N CYS M 109 24.60 81.60 -17.43
CA CYS M 109 25.01 82.99 -17.49
C CYS M 109 23.85 83.90 -17.12
N GLY M 110 23.30 83.67 -15.92
CA GLY M 110 22.11 84.37 -15.42
C GLY M 110 22.12 85.90 -15.46
N ALA M 111 23.31 86.52 -15.36
CA ALA M 111 23.45 87.96 -15.58
C ALA M 111 23.16 88.31 -17.03
N LEU M 112 23.75 87.54 -17.95
CA LEU M 112 23.51 87.70 -19.38
C LEU M 112 22.06 87.49 -19.73
N ARG M 113 21.72 87.85 -20.95
CA ARG M 113 20.36 87.78 -21.40
C ARG M 113 20.28 87.27 -22.83
N VAL M 114 19.58 86.14 -23.07
CA VAL M 114 19.64 85.49 -24.39
C VAL M 114 18.81 86.19 -25.43
N LEU M 115 19.49 86.56 -26.51
CA LEU M 115 18.90 87.23 -27.64
C LEU M 115 18.38 86.18 -28.60
N ASN M 116 19.30 85.34 -29.06
CA ASN M 116 19.01 84.26 -30.00
C ASN M 116 20.15 83.27 -30.22
N SER M 117 19.88 82.17 -30.91
CA SER M 117 20.96 81.22 -31.19
C SER M 117 21.00 80.67 -32.60
N TYR M 118 22.05 79.93 -32.91
CA TYR M 118 22.19 79.29 -34.20
C TYR M 118 23.00 77.98 -34.18
N TRP M 119 22.58 77.06 -35.05
CA TRP M 119 23.21 75.77 -35.34
C TRP M 119 24.56 75.91 -35.94
N VAL M 120 25.54 75.19 -35.39
CA VAL M 120 26.89 75.18 -35.98
C VAL M 120 27.34 73.85 -36.47
N GLY M 121 26.60 72.80 -36.17
CA GLY M 121 27.04 71.48 -36.56
C GLY M 121 26.22 70.41 -35.92
N GLU M 122 26.52 69.17 -36.25
CA GLU M 122 25.99 68.09 -35.49
C GLU M 122 26.66 66.79 -35.87
N ASP M 123 27.05 66.04 -34.85
CA ASP M 123 27.58 64.70 -34.92
C ASP M 123 26.32 63.77 -34.90
N SER M 124 26.51 62.47 -34.67
CA SER M 124 25.45 61.55 -34.23
C SER M 124 24.88 61.95 -32.89
N THR M 125 25.75 61.91 -31.89
CA THR M 125 25.30 61.99 -30.54
C THR M 125 25.18 63.42 -30.10
N TYR M 126 25.65 64.38 -30.90
CA TYR M 126 25.56 65.77 -30.47
C TYR M 126 25.04 66.71 -31.50
N LYS M 127 24.34 67.75 -31.04
CA LYS M 127 24.21 68.98 -31.80
C LYS M 127 24.95 70.09 -31.08
N PHE M 128 25.22 71.15 -31.80
CA PHE M 128 26.06 72.22 -31.31
C PHE M 128 25.41 73.50 -31.72
N PHE M 129 25.49 74.50 -30.86
CA PHE M 129 24.77 75.76 -31.05
C PHE M 129 25.58 76.91 -30.53
N GLU M 130 25.33 78.08 -31.05
CA GLU M 130 26.02 79.27 -30.59
C GLU M 130 24.94 80.24 -30.17
N VAL M 131 24.81 80.44 -28.88
CA VAL M 131 23.76 81.29 -28.38
C VAL M 131 24.34 82.64 -28.17
N ILE M 132 23.64 83.66 -28.63
CA ILE M 132 24.11 85.03 -28.55
C ILE M 132 23.55 85.80 -27.35
N LEU M 133 24.38 86.01 -26.35
CA LEU M 133 23.94 86.59 -25.11
C LEU M 133 24.49 87.99 -24.97
N ILE M 134 23.78 88.78 -24.19
CA ILE M 134 24.04 90.21 -24.00
C ILE M 134 24.17 90.54 -22.51
N ASP M 135 25.09 91.43 -22.17
CA ASP M 135 25.26 91.91 -20.81
C ASP M 135 24.38 93.12 -20.59
N PRO M 136 23.26 92.99 -19.87
CA PRO M 136 22.32 94.09 -20.04
C PRO M 136 22.62 95.36 -19.27
N PHE M 137 23.85 95.51 -18.81
CA PHE M 137 24.24 96.63 -17.97
C PHE M 137 25.68 96.96 -18.35
N HIS M 138 25.93 96.93 -19.66
CA HIS M 138 27.18 97.37 -20.23
C HIS M 138 26.79 98.53 -21.11
N LYS M 139 27.38 99.67 -20.84
CA LYS M 139 26.83 100.92 -21.31
C LYS M 139 26.51 100.90 -22.80
N ALA M 140 27.37 100.27 -23.59
CA ALA M 140 27.16 100.14 -25.02
C ALA M 140 25.88 99.41 -25.46
N ILE M 141 25.28 98.65 -24.56
CA ILE M 141 23.94 98.13 -24.78
C ILE M 141 23.02 99.15 -24.16
N ARG M 142 23.10 99.32 -22.85
CA ARG M 142 22.27 100.26 -22.10
C ARG M 142 21.90 101.53 -22.84
N ARG M 143 22.94 102.20 -23.35
CA ARG M 143 22.83 103.56 -23.86
C ARG M 143 22.22 103.64 -25.24
N ASN M 144 22.65 102.75 -26.13
CA ASN M 144 22.03 102.61 -27.45
C ASN M 144 20.56 102.28 -27.36
N PRO M 145 19.70 103.14 -27.86
CA PRO M 145 18.28 102.93 -27.67
C PRO M 145 17.73 101.70 -28.34
N ASP M 146 18.22 101.41 -29.54
CA ASP M 146 17.82 100.20 -30.24
C ASP M 146 17.93 98.91 -29.43
N THR M 147 18.91 98.83 -28.53
CA THR M 147 19.11 97.63 -27.72
C THR M 147 18.31 97.65 -26.47
N GLN M 148 18.20 98.80 -25.83
CA GLN M 148 18.00 98.81 -24.38
C GLN M 148 16.80 98.05 -23.87
N TRP M 149 15.84 97.81 -24.76
CA TRP M 149 14.74 96.91 -24.44
C TRP M 149 15.17 95.63 -23.73
N ILE M 150 16.34 95.09 -24.01
CA ILE M 150 16.73 93.82 -23.41
C ILE M 150 16.98 94.06 -21.93
N THR M 151 17.59 95.19 -21.63
CA THR M 151 17.90 95.53 -20.24
C THR M 151 16.66 95.36 -19.37
N LYS M 152 15.55 95.95 -19.83
CA LYS M 152 14.28 96.02 -19.06
C LYS M 152 13.91 94.68 -18.50
N PRO M 153 13.35 94.68 -17.29
CA PRO M 153 13.32 93.50 -16.48
C PRO M 153 12.31 92.46 -16.90
N VAL M 154 11.45 92.78 -17.85
CA VAL M 154 10.56 91.79 -18.40
C VAL M 154 11.39 90.71 -19.08
N HIS M 155 12.35 91.14 -19.89
CA HIS M 155 13.10 90.23 -20.73
C HIS M 155 14.17 89.51 -19.96
N LYS M 156 14.22 89.68 -18.64
CA LYS M 156 14.74 88.65 -17.76
C LYS M 156 14.38 87.23 -18.28
N HIS M 157 15.41 86.43 -18.56
CA HIS M 157 15.22 85.07 -18.97
C HIS M 157 14.16 84.85 -20.03
N ARG M 158 14.43 85.21 -21.27
CA ARG M 158 13.48 84.94 -22.35
C ARG M 158 13.45 83.45 -22.64
N GLU M 159 14.62 82.85 -22.75
CA GLU M 159 14.77 81.42 -22.99
C GLU M 159 14.06 80.53 -22.00
N MET M 160 13.81 81.00 -20.79
CA MET M 160 13.11 80.16 -19.82
C MET M 160 11.61 80.19 -20.04
N ARG M 161 11.09 81.35 -20.40
CA ARG M 161 9.67 81.53 -20.67
C ARG M 161 9.27 81.16 -22.08
N GLY M 162 10.20 80.87 -22.96
CA GLY M 162 9.85 80.46 -24.31
C GLY M 162 9.61 81.63 -25.21
N LEU M 163 10.64 82.47 -25.34
CA LEU M 163 10.54 83.71 -26.11
C LEU M 163 11.73 84.05 -26.99
N THR M 164 12.76 83.22 -26.97
CA THR M 164 13.76 83.21 -28.03
C THR M 164 13.04 82.77 -29.32
N SER M 165 13.66 82.91 -30.49
CA SER M 165 13.01 82.38 -31.72
C SER M 165 12.87 80.87 -31.66
N ALA M 166 13.91 80.19 -31.19
CA ALA M 166 13.87 78.75 -31.10
C ALA M 166 12.88 78.29 -30.03
N GLY M 167 12.82 79.03 -28.94
CA GLY M 167 11.83 78.75 -27.93
C GLY M 167 10.44 78.87 -28.52
N ARG M 168 10.13 80.04 -29.08
CA ARG M 168 8.79 80.40 -29.54
C ARG M 168 8.08 79.33 -30.34
N LYS M 169 8.83 78.63 -31.19
CA LYS M 169 8.28 77.64 -32.12
C LYS M 169 7.35 76.70 -31.38
N SER M 170 7.89 76.05 -30.38
CA SER M 170 7.22 75.00 -29.63
C SER M 170 5.88 75.36 -29.00
N ARG M 171 5.69 76.63 -28.72
CA ARG M 171 4.44 77.11 -28.15
C ARG M 171 3.39 76.90 -29.21
N GLY M 172 3.78 77.18 -30.45
CA GLY M 172 3.02 76.75 -31.60
C GLY M 172 1.96 77.77 -31.85
N LEU M 173 2.43 78.94 -32.22
CA LEU M 173 1.58 80.08 -32.43
C LEU M 173 1.98 80.76 -33.73
N GLY M 174 0.98 81.09 -34.51
CA GLY M 174 1.13 81.91 -35.69
C GLY M 174 -0.22 82.53 -35.87
N LYS M 175 -0.51 83.01 -37.09
CA LYS M 175 -1.85 83.48 -37.43
C LYS M 175 -2.52 82.44 -38.29
N GLY M 176 -3.82 82.53 -38.43
CA GLY M 176 -4.51 81.73 -39.42
C GLY M 176 -4.86 80.29 -39.05
N HIS M 177 -5.58 79.63 -39.95
CA HIS M 177 -6.39 78.48 -39.57
C HIS M 177 -5.62 77.38 -38.89
N LYS M 178 -4.36 77.23 -39.25
CA LYS M 178 -3.57 76.13 -38.74
C LYS M 178 -3.09 76.40 -37.30
N PHE M 179 -3.91 77.07 -36.49
CA PHE M 179 -3.49 77.40 -35.12
C PHE M 179 -4.61 77.34 -34.11
N HIS M 180 -5.49 78.33 -34.03
CA HIS M 180 -6.70 78.22 -33.16
C HIS M 180 -6.42 77.88 -31.70
N HIS M 181 -5.84 76.73 -31.38
CA HIS M 181 -5.13 76.71 -30.11
C HIS M 181 -4.13 77.85 -30.19
N THR M 182 -3.80 78.38 -29.02
CA THR M 182 -2.91 79.55 -28.84
C THR M 182 -3.55 80.89 -29.14
N ILE M 183 -4.84 80.88 -29.45
CA ILE M 183 -5.53 82.06 -29.92
C ILE M 183 -5.93 83.03 -28.83
N GLY M 184 -5.40 82.85 -27.62
CA GLY M 184 -5.27 83.93 -26.63
C GLY M 184 -3.87 84.45 -26.83
N GLY M 185 -3.09 84.48 -25.78
CA GLY M 185 -1.65 84.50 -25.97
C GLY M 185 -1.17 83.19 -26.55
N SER M 186 -1.62 82.14 -25.90
CA SER M 186 -0.89 80.91 -25.86
C SER M 186 -1.77 79.75 -25.46
N ARG M 187 -1.26 78.56 -25.73
CA ARG M 187 -2.03 77.34 -25.62
C ARG M 187 -2.83 77.26 -24.34
N ARG M 188 -2.29 77.75 -23.24
CA ARG M 188 -3.00 77.69 -21.94
C ARG M 188 -4.16 78.64 -21.93
N ALA M 189 -3.92 79.85 -22.39
CA ALA M 189 -4.95 80.87 -22.35
C ALA M 189 -6.16 80.48 -23.18
N ALA M 190 -5.94 79.97 -24.39
CA ALA M 190 -7.06 79.59 -25.23
C ALA M 190 -7.91 78.61 -24.48
N TRP M 191 -7.27 77.57 -23.96
CA TRP M 191 -7.96 76.57 -23.16
C TRP M 191 -8.65 77.13 -21.92
N ARG M 192 -8.04 78.12 -21.31
CA ARG M 192 -8.64 78.81 -20.17
C ARG M 192 -9.94 79.49 -20.57
N ARG M 193 -9.86 80.33 -21.60
CA ARG M 193 -11.01 81.09 -22.12
C ARG M 193 -12.12 80.21 -22.61
N ARG M 194 -11.75 79.02 -23.08
CA ARG M 194 -12.72 78.04 -23.58
C ARG M 194 -13.41 77.22 -22.54
N ASN M 195 -12.81 77.06 -21.37
CA ASN M 195 -13.46 76.37 -20.26
C ASN M 195 -13.64 77.20 -19.00
N THR M 196 -13.65 78.52 -19.15
CA THR M 196 -14.38 79.31 -18.20
C THR M 196 -15.82 79.23 -18.61
N LEU M 197 -16.65 78.86 -17.66
CA LEU M 197 -18.04 79.23 -17.73
C LEU M 197 -18.09 80.74 -17.48
N GLN M 198 -18.63 81.46 -18.44
CA GLN M 198 -19.02 82.82 -18.18
C GLN M 198 -20.46 82.72 -17.65
N LEU M 199 -20.66 83.03 -16.37
CA LEU M 199 -21.98 83.09 -15.76
C LEU M 199 -22.29 84.52 -15.47
N HIS M 200 -23.07 85.11 -16.36
CA HIS M 200 -23.35 86.55 -16.31
C HIS M 200 -24.24 87.02 -15.16
N ARG M 201 -24.22 88.33 -14.91
CA ARG M 201 -24.97 88.88 -13.82
C ARG M 201 -26.43 88.50 -14.00
N TYR M 202 -26.98 88.69 -15.20
CA TYR M 202 -28.43 88.56 -15.42
C TYR M 202 -28.89 87.27 -16.00
N ARG M 203 -28.03 86.58 -16.74
CA ARG M 203 -28.35 85.25 -17.28
C ARG M 203 -29.63 85.23 -18.14
N GLN N 1 -77.64 39.65 56.83
CA GLN N 1 -76.88 40.07 55.60
C GLN N 1 -75.94 39.00 54.99
N VAL N 2 -75.82 37.84 55.65
CA VAL N 2 -74.80 36.86 55.35
C VAL N 2 -75.41 35.57 54.83
N LEU N 3 -74.84 35.00 53.77
CA LEU N 3 -75.28 33.69 53.26
C LEU N 3 -74.49 32.63 53.91
N VAL N 4 -75.17 31.72 54.58
CA VAL N 4 -74.53 30.57 55.11
C VAL N 4 -75.13 29.39 54.39
N LEU N 5 -74.35 28.70 53.58
CA LEU N 5 -74.81 27.53 52.83
C LEU N 5 -74.15 26.31 53.44
N ASP N 6 -74.91 25.25 53.66
CA ASP N 6 -74.35 23.97 54.07
C ASP N 6 -73.84 23.33 52.81
N GLY N 7 -72.52 23.37 52.67
CA GLY N 7 -71.85 22.71 51.59
C GLY N 7 -72.27 21.28 51.33
N ARG N 8 -72.75 20.59 52.37
CA ARG N 8 -73.12 19.20 52.21
C ARG N 8 -74.05 19.03 51.01
N GLY N 9 -73.86 17.91 50.33
CA GLY N 9 -74.70 17.46 49.24
C GLY N 9 -74.77 18.42 48.09
N HIS N 10 -73.69 19.13 47.83
CA HIS N 10 -73.62 19.92 46.65
C HIS N 10 -72.57 19.37 45.72
N LEU N 11 -72.60 19.89 44.51
CA LEU N 11 -71.65 19.51 43.53
C LEU N 11 -70.63 20.64 43.43
N LEU N 12 -69.37 20.20 43.52
CA LEU N 12 -68.22 21.02 43.87
C LEU N 12 -68.24 22.26 43.07
N GLY N 13 -68.14 22.09 41.77
CA GLY N 13 -68.10 23.21 40.84
C GLY N 13 -69.42 23.85 40.54
N ARG N 14 -70.49 23.25 41.03
CA ARG N 14 -71.80 23.76 40.79
C ARG N 14 -72.10 24.84 41.81
N LEU N 15 -71.87 24.53 43.07
CA LEU N 15 -72.06 25.48 44.14
C LEU N 15 -71.10 26.64 44.02
N ALA N 16 -69.86 26.30 43.65
CA ALA N 16 -68.78 27.29 43.48
C ALA N 16 -69.23 28.41 42.57
N ALA N 17 -69.79 28.02 41.44
CA ALA N 17 -70.35 28.96 40.49
C ALA N 17 -71.26 29.98 41.14
N ILE N 18 -72.30 29.51 41.81
CA ILE N 18 -73.26 30.41 42.45
C ILE N 18 -72.53 31.33 43.42
N VAL N 19 -71.67 30.73 44.25
CA VAL N 19 -70.93 31.45 45.29
C VAL N 19 -70.09 32.55 44.67
N ALA N 20 -69.34 32.20 43.65
CA ALA N 20 -68.51 33.17 42.93
C ALA N 20 -69.31 34.40 42.60
N LYS N 21 -70.39 34.19 41.85
CA LYS N 21 -71.18 35.29 41.35
C LYS N 21 -71.79 36.12 42.47
N GLN N 22 -72.22 35.45 43.54
CA GLN N 22 -72.67 36.14 44.73
C GLN N 22 -71.57 36.99 45.33
N VAL N 23 -70.46 36.34 45.61
CA VAL N 23 -69.35 36.99 46.22
C VAL N 23 -68.94 38.27 45.47
N LEU N 24 -69.03 38.26 44.13
CA LEU N 24 -68.74 39.43 43.27
C LEU N 24 -69.78 40.53 43.27
N LEU N 25 -71.01 40.18 43.62
CA LEU N 25 -72.07 41.16 43.83
C LEU N 25 -72.01 41.79 45.22
N GLY N 26 -71.14 41.28 46.08
CA GLY N 26 -70.89 41.87 47.38
C GLY N 26 -71.65 41.21 48.52
N ARG N 27 -72.15 40.00 48.29
CA ARG N 27 -72.76 39.21 49.35
C ARG N 27 -71.67 38.50 50.12
N LYS N 28 -71.57 38.77 51.42
CA LYS N 28 -70.68 38.02 52.28
C LYS N 28 -71.21 36.61 52.40
N VAL N 29 -70.49 35.63 51.85
CA VAL N 29 -70.95 34.24 51.85
C VAL N 29 -70.06 33.41 52.74
N VAL N 30 -70.67 32.48 53.45
CA VAL N 30 -69.99 31.49 54.27
C VAL N 30 -70.48 30.14 53.78
N VAL N 31 -69.58 29.30 53.36
CA VAL N 31 -69.93 27.93 53.06
C VAL N 31 -69.42 27.19 54.26
N VAL N 32 -69.87 25.98 54.44
CA VAL N 32 -69.67 25.33 55.68
C VAL N 32 -69.91 23.83 55.44
N ARG N 33 -69.30 23.00 56.28
CA ARG N 33 -69.29 21.55 56.08
C ARG N 33 -69.02 21.24 54.61
N CYS N 34 -67.87 21.73 54.14
CA CYS N 34 -67.45 21.44 52.79
C CYS N 34 -67.22 19.98 52.61
N GLU N 35 -66.54 19.33 53.56
CA GLU N 35 -66.22 17.90 53.38
C GLU N 35 -67.41 17.03 53.04
N GLY N 36 -68.61 17.53 53.31
CA GLY N 36 -69.84 16.95 52.76
C GLY N 36 -70.01 17.06 51.25
N ILE N 37 -69.50 18.15 50.68
CA ILE N 37 -69.58 18.42 49.24
C ILE N 37 -69.10 17.23 48.50
N ASN N 38 -69.77 16.97 47.39
CA ASN N 38 -69.50 15.79 46.62
C ASN N 38 -69.45 16.10 45.17
N ILE N 39 -68.45 15.52 44.53
CA ILE N 39 -68.09 15.86 43.20
C ILE N 39 -68.62 14.78 42.35
N SER N 40 -69.15 15.17 41.20
CA SER N 40 -69.74 14.22 40.28
C SER N 40 -68.68 13.36 39.69
N GLY N 41 -69.10 12.19 39.22
CA GLY N 41 -68.17 11.19 38.71
C GLY N 41 -67.55 10.38 39.82
N ASN N 42 -67.14 9.16 39.47
CA ASN N 42 -66.78 8.22 40.49
C ASN N 42 -65.48 8.60 41.17
N PHE N 43 -65.18 7.89 42.26
CA PHE N 43 -64.14 8.32 43.17
C PHE N 43 -62.79 8.19 42.52
N TYR N 44 -62.43 6.97 42.22
CA TYR N 44 -61.13 6.66 41.62
C TYR N 44 -60.75 7.65 40.54
N ARG N 45 -61.71 7.90 39.67
CA ARG N 45 -61.69 8.94 38.68
C ARG N 45 -61.09 10.21 39.29
N ASN N 46 -61.75 10.75 40.30
CA ASN N 46 -61.41 12.06 40.85
C ASN N 46 -60.13 12.11 41.64
N LYS N 47 -59.86 11.04 42.37
CA LYS N 47 -58.60 10.88 43.05
C LYS N 47 -57.51 11.00 42.02
N LEU N 48 -57.65 10.29 40.90
CA LEU N 48 -56.70 10.40 39.80
C LEU N 48 -56.57 11.82 39.33
N LYS N 49 -57.71 12.49 39.20
CA LYS N 49 -57.73 13.89 38.82
C LYS N 49 -57.12 14.85 39.80
N TYR N 50 -57.19 14.56 41.09
CA TYR N 50 -56.43 15.32 42.06
C TYR N 50 -54.95 14.97 41.93
N LEU N 51 -54.67 13.71 41.71
CA LEU N 51 -53.30 13.31 41.59
C LEU N 51 -52.59 13.89 40.38
N ALA N 52 -53.32 14.33 39.37
CA ALA N 52 -52.71 15.09 38.30
C ALA N 52 -52.24 16.37 38.86
N PHE N 53 -53.15 17.02 39.53
CA PHE N 53 -52.93 18.33 40.05
C PHE N 53 -51.76 18.40 41.02
N LEU N 54 -51.51 17.33 41.75
CA LEU N 54 -50.29 17.21 42.55
C LEU N 54 -49.03 16.94 41.80
N ARG N 55 -49.17 16.34 40.63
CA ARG N 55 -48.03 16.16 39.71
C ARG N 55 -47.53 17.49 39.17
N LYS N 56 -48.44 18.40 38.93
CA LYS N 56 -48.08 19.74 38.52
C LYS N 56 -47.20 20.36 39.59
N ARG N 57 -46.02 20.86 39.20
CA ARG N 57 -45.23 21.78 40.03
C ARG N 57 -44.03 22.33 39.29
N MET N 58 -43.66 23.57 39.57
CA MET N 58 -42.47 24.17 38.95
C MET N 58 -41.25 23.35 39.23
N ASN N 59 -40.61 22.91 38.15
CA ASN N 59 -39.51 21.97 38.24
C ASN N 59 -38.44 22.56 39.13
N THR N 60 -37.92 23.67 38.71
CA THR N 60 -36.73 24.18 39.30
C THR N 60 -36.88 24.47 40.78
N ASN N 61 -38.04 25.01 41.14
CA ASN N 61 -38.27 25.38 42.50
C ASN N 61 -39.72 25.13 42.87
N PRO N 62 -40.02 23.88 43.25
CA PRO N 62 -41.37 23.47 43.62
C PRO N 62 -42.03 24.45 44.59
N SER N 63 -41.23 24.94 45.51
CA SER N 63 -41.62 25.90 46.52
C SER N 63 -42.42 27.09 46.03
N ARG N 64 -42.16 27.52 44.81
CA ARG N 64 -42.93 28.58 44.17
C ARG N 64 -44.30 28.17 43.65
N GLY N 65 -44.55 26.87 43.68
CA GLY N 65 -45.43 26.23 42.71
C GLY N 65 -46.91 26.32 42.97
N PRO N 66 -47.72 25.67 42.10
CA PRO N 66 -49.15 25.64 42.32
C PRO N 66 -49.35 25.02 43.67
N TYR N 67 -50.06 25.73 44.53
CA TYR N 67 -50.12 25.35 45.91
C TYR N 67 -51.27 24.42 46.12
N HIS N 68 -50.99 23.13 46.12
CA HIS N 68 -52.06 22.15 46.18
C HIS N 68 -52.56 22.05 47.59
N PHE N 69 -53.64 22.74 47.93
CA PHE N 69 -54.16 22.57 49.27
C PHE N 69 -54.83 21.25 49.36
N ARG N 70 -54.70 20.60 50.50
CA ARG N 70 -55.31 19.31 50.72
C ARG N 70 -56.63 19.38 51.45
N ALA N 71 -56.86 20.46 52.17
CA ALA N 71 -58.05 20.54 52.99
C ALA N 71 -59.31 20.85 52.17
N PRO N 72 -60.38 20.05 52.33
CA PRO N 72 -61.56 20.13 51.45
C PRO N 72 -62.20 21.50 51.45
N SER N 73 -62.04 22.25 52.54
CA SER N 73 -62.39 23.67 52.55
C SER N 73 -61.60 24.42 51.51
N ARG N 74 -60.29 24.28 51.57
CA ARG N 74 -59.41 25.01 50.68
C ARG N 74 -59.73 24.58 49.30
N ILE N 75 -59.85 23.27 49.11
CA ILE N 75 -60.14 22.75 47.81
C ILE N 75 -61.38 23.39 47.18
N PHE N 76 -62.41 23.65 47.98
CA PHE N 76 -63.56 24.36 47.45
C PHE N 76 -63.14 25.78 47.17
N TRP N 77 -62.48 26.41 48.11
CA TRP N 77 -62.10 27.80 47.91
C TRP N 77 -61.17 27.96 46.71
N ARG N 78 -60.37 26.96 46.41
CA ARG N 78 -59.53 27.04 45.21
C ARG N 78 -60.48 27.07 44.02
N THR N 79 -61.48 26.19 43.97
CA THR N 79 -62.36 26.14 42.79
C THR N 79 -63.34 27.30 42.65
N VAL N 80 -63.51 28.11 43.69
CA VAL N 80 -64.23 29.35 43.51
C VAL N 80 -63.29 30.33 42.85
N ARG N 81 -62.06 30.31 43.33
CA ARG N 81 -61.07 31.29 42.90
C ARG N 81 -60.72 31.07 41.44
N GLY N 82 -60.87 29.85 40.96
CA GLY N 82 -60.85 29.58 39.55
C GLY N 82 -62.03 30.16 38.77
N MET N 83 -63.19 30.33 39.42
CA MET N 83 -64.31 31.07 38.82
C MET N 83 -64.38 32.53 39.28
N LEU N 84 -63.24 33.17 39.56
CA LEU N 84 -63.20 34.61 39.84
C LEU N 84 -62.10 35.25 39.00
N PRO N 85 -62.00 36.58 39.02
CA PRO N 85 -60.87 37.29 38.36
C PRO N 85 -59.72 37.65 39.29
N HIS N 86 -59.24 36.67 40.04
CA HIS N 86 -58.47 36.93 41.25
C HIS N 86 -57.16 37.70 41.16
N LYS N 87 -56.66 38.00 39.97
CA LYS N 87 -55.48 38.83 39.88
C LYS N 87 -55.83 40.27 40.15
N THR N 88 -56.99 40.71 39.66
CA THR N 88 -57.48 42.10 39.90
C THR N 88 -57.69 42.39 41.36
N LYS N 89 -57.97 43.65 41.66
CA LYS N 89 -58.34 44.04 42.98
C LYS N 89 -59.75 43.58 43.27
N ARG N 90 -60.67 43.77 42.33
CA ARG N 90 -62.09 43.41 42.57
C ARG N 90 -62.35 41.92 42.80
N GLY N 91 -61.54 41.08 42.17
CA GLY N 91 -61.58 39.63 42.36
C GLY N 91 -61.04 39.21 43.72
N GLN N 92 -59.94 39.84 44.14
CA GLN N 92 -59.39 39.61 45.47
C GLN N 92 -60.28 40.18 46.54
N ALA N 93 -60.89 41.31 46.26
CA ALA N 93 -61.89 41.87 47.17
C ALA N 93 -63.07 40.95 47.35
N ALA N 94 -63.54 40.39 46.25
CA ALA N 94 -64.59 39.42 46.32
C ALA N 94 -64.13 38.26 47.16
N LEU N 95 -63.05 37.58 46.76
CA LEU N 95 -62.58 36.43 47.53
C LEU N 95 -62.43 36.61 49.04
N ASP N 96 -62.23 37.84 49.49
CA ASP N 96 -62.19 38.11 50.92
C ASP N 96 -63.56 38.09 51.61
N ARG N 97 -64.64 38.00 50.84
CA ARG N 97 -65.99 37.82 51.37
C ARG N 97 -66.34 36.35 51.58
N LEU N 98 -65.89 35.48 50.68
CA LEU N 98 -66.02 34.05 50.88
C LEU N 98 -65.25 33.60 52.12
N LYS N 99 -65.93 32.80 52.92
CA LYS N 99 -65.38 32.21 54.13
C LYS N 99 -65.79 30.76 54.08
N VAL N 100 -64.84 29.87 54.31
CA VAL N 100 -65.09 28.45 54.12
C VAL N 100 -64.64 27.73 55.36
N PHE N 101 -65.16 26.51 55.57
CA PHE N 101 -64.84 25.77 56.77
C PHE N 101 -64.80 24.25 56.59
N ASP N 102 -63.84 23.63 57.29
CA ASP N 102 -63.69 22.17 57.35
C ASP N 102 -64.58 21.69 58.48
N GLY N 103 -65.79 21.30 58.10
CA GLY N 103 -66.84 21.04 59.06
C GLY N 103 -67.51 22.34 59.30
N ILE N 104 -68.14 22.48 60.46
CA ILE N 104 -68.95 23.64 60.71
C ILE N 104 -68.76 24.10 62.15
N PRO N 105 -68.01 25.20 62.34
CA PRO N 105 -67.54 25.69 63.62
C PRO N 105 -68.40 26.84 64.19
N PRO N 106 -68.10 27.30 65.42
CA PRO N 106 -68.97 28.03 66.32
C PRO N 106 -69.79 29.23 65.89
N PRO N 107 -69.30 29.99 64.94
CA PRO N 107 -70.17 31.12 64.59
C PRO N 107 -71.40 30.72 63.74
N TYR N 108 -71.33 29.59 63.07
CA TYR N 108 -72.34 29.12 62.12
C TYR N 108 -72.91 27.76 62.44
N ASP N 109 -72.47 27.14 63.53
CA ASP N 109 -73.13 25.93 64.01
C ASP N 109 -74.53 26.26 64.50
N LYS N 110 -74.69 27.48 65.02
CA LYS N 110 -75.96 27.96 65.48
C LYS N 110 -76.42 29.08 64.55
N LYS N 111 -76.72 28.68 63.31
CA LYS N 111 -77.28 29.55 62.25
C LYS N 111 -78.08 28.67 61.31
N LYS N 112 -79.28 29.12 60.94
CA LYS N 112 -80.02 28.47 59.88
C LYS N 112 -79.21 28.58 58.63
N ARG N 113 -78.75 27.44 58.14
CA ARG N 113 -77.79 27.40 57.06
C ARG N 113 -78.44 26.84 55.79
N MET N 114 -78.36 27.64 54.73
CA MET N 114 -79.13 27.43 53.53
C MET N 114 -78.62 26.26 52.73
N VAL N 115 -79.35 26.01 51.66
CA VAL N 115 -78.97 25.10 50.63
C VAL N 115 -79.29 25.76 49.30
N VAL N 116 -78.36 25.58 48.36
CA VAL N 116 -78.60 25.85 46.95
C VAL N 116 -79.03 24.57 46.21
N PRO N 117 -80.27 24.53 45.70
CA PRO N 117 -80.68 23.27 45.09
C PRO N 117 -80.10 23.08 43.72
N ALA N 118 -79.75 24.17 43.05
CA ALA N 118 -79.13 24.06 41.75
C ALA N 118 -77.76 23.42 41.80
N ALA N 119 -77.16 23.35 42.98
CA ALA N 119 -75.86 22.71 43.12
C ALA N 119 -76.00 21.30 43.71
N LEU N 120 -77.23 20.86 43.92
CA LEU N 120 -77.50 19.77 44.84
C LEU N 120 -77.35 18.46 44.09
N LYS N 121 -76.73 17.45 44.70
CA LYS N 121 -76.48 16.21 43.98
C LYS N 121 -77.79 15.58 43.54
N VAL N 122 -78.67 15.35 44.52
CA VAL N 122 -80.06 14.85 44.32
C VAL N 122 -80.96 15.55 43.29
N VAL N 123 -80.47 16.64 42.74
CA VAL N 123 -81.13 17.35 41.68
C VAL N 123 -80.38 17.33 40.37
N ARG N 124 -79.06 17.31 40.42
CA ARG N 124 -78.30 17.51 39.22
C ARG N 124 -77.67 16.27 38.67
N LEU N 125 -77.37 15.29 39.51
CA LEU N 125 -76.94 14.00 39.01
C LEU N 125 -78.12 13.13 38.76
N LYS N 126 -78.01 12.23 37.78
CA LYS N 126 -78.93 11.12 37.68
C LYS N 126 -78.53 10.17 38.81
N PRO N 127 -79.49 9.44 39.37
CA PRO N 127 -79.33 8.61 40.55
C PRO N 127 -78.62 7.25 40.32
N THR N 128 -78.11 7.08 39.12
CA THR N 128 -77.47 5.87 38.70
C THR N 128 -76.01 6.14 38.37
N ARG N 129 -75.52 7.29 38.87
CA ARG N 129 -74.17 7.79 38.65
C ARG N 129 -73.39 7.81 39.95
N LYS N 130 -72.08 7.72 39.81
CA LYS N 130 -71.20 7.70 40.93
C LYS N 130 -70.64 9.09 41.16
N PHE N 131 -70.09 9.29 42.34
CA PHE N 131 -69.67 10.61 42.79
C PHE N 131 -68.77 10.43 43.99
N ALA N 132 -67.73 11.24 44.08
CA ALA N 132 -66.84 11.18 45.22
C ALA N 132 -67.43 12.03 46.28
N TYR N 133 -67.15 11.68 47.52
CA TYR N 133 -67.26 12.65 48.57
C TYR N 133 -65.93 13.32 48.60
N LEU N 134 -65.96 14.63 48.74
CA LEU N 134 -64.75 15.39 48.80
C LEU N 134 -63.93 14.97 50.01
N GLY N 135 -64.60 14.77 51.16
CA GLY N 135 -63.98 14.34 52.41
C GLY N 135 -63.00 13.21 52.23
N ARG N 136 -63.46 12.15 51.57
CA ARG N 136 -62.63 11.01 51.14
C ARG N 136 -61.49 11.38 50.25
N LEU N 137 -61.80 12.25 49.32
CA LEU N 137 -60.87 12.62 48.29
C LEU N 137 -59.74 13.41 48.90
N ALA N 138 -60.07 14.41 49.72
CA ALA N 138 -59.06 15.10 50.52
C ALA N 138 -58.25 14.07 51.28
N HIS N 139 -58.94 13.26 52.07
CA HIS N 139 -58.29 12.32 52.95
C HIS N 139 -57.19 11.60 52.24
N GLU N 140 -57.53 10.86 51.20
CA GLU N 140 -56.55 10.06 50.47
C GLU N 140 -55.45 10.85 49.79
N VAL N 141 -55.66 12.14 49.62
CA VAL N 141 -54.73 12.97 48.92
C VAL N 141 -53.82 13.75 49.87
N GLY N 142 -54.09 13.67 51.17
CA GLY N 142 -53.16 14.18 52.19
C GLY N 142 -53.72 14.97 53.34
N TRP N 143 -55.02 15.18 53.37
CA TRP N 143 -55.65 15.93 54.45
C TRP N 143 -55.53 15.14 55.72
N LYS N 144 -55.22 15.86 56.79
CA LYS N 144 -55.00 15.24 58.08
C LYS N 144 -56.34 15.10 58.76
N TYR N 145 -57.02 16.22 58.92
CA TYR N 145 -57.86 16.39 60.06
C TYR N 145 -59.24 15.90 59.76
N GLN N 146 -59.34 14.70 59.21
CA GLN N 146 -60.65 14.13 58.94
C GLN N 146 -61.25 13.69 60.26
N ALA N 147 -60.62 12.73 60.91
CA ALA N 147 -61.15 12.20 62.14
C ALA N 147 -61.48 13.31 63.13
N VAL N 148 -60.62 14.31 63.25
CA VAL N 148 -60.85 15.38 64.21
C VAL N 148 -62.09 16.12 63.84
N THR N 149 -62.23 16.47 62.57
CA THR N 149 -63.45 17.12 62.10
C THR N 149 -64.67 16.25 62.39
N ALA N 150 -64.59 14.96 62.06
CA ALA N 150 -65.72 14.05 62.33
C ALA N 150 -66.13 14.04 63.80
N THR N 151 -65.15 13.81 64.65
CA THR N 151 -65.39 13.64 66.06
C THR N 151 -65.74 14.92 66.79
N LEU N 152 -65.46 16.08 66.21
CA LEU N 152 -66.05 17.28 66.73
C LEU N 152 -67.47 17.32 66.28
N GLU N 153 -67.72 16.89 65.04
CA GLU N 153 -69.08 17.01 64.52
C GLU N 153 -70.11 16.06 65.11
N GLU N 154 -69.71 14.88 65.55
CA GLU N 154 -70.59 14.11 66.43
C GLU N 154 -71.02 14.94 67.62
N LYS N 155 -70.06 15.52 68.33
CA LYS N 155 -70.37 16.42 69.43
C LYS N 155 -71.21 17.61 69.04
N ARG N 156 -71.14 18.05 67.79
CA ARG N 156 -72.04 19.10 67.34
C ARG N 156 -73.44 18.57 67.19
N LYS N 157 -73.58 17.43 66.55
CA LYS N 157 -74.92 16.88 66.26
C LYS N 157 -75.68 16.46 67.52
N GLU N 158 -74.96 15.95 68.50
CA GLU N 158 -75.55 15.64 69.80
C GLU N 158 -76.09 16.89 70.43
N LYS N 159 -75.30 17.95 70.41
CA LYS N 159 -75.74 19.21 71.00
C LYS N 159 -76.94 19.76 70.26
N ALA N 160 -76.97 19.56 68.95
CA ALA N 160 -78.08 20.05 68.14
C ALA N 160 -79.37 19.30 68.35
N LYS N 161 -79.27 17.99 68.50
CA LYS N 161 -80.42 17.16 68.89
C LYS N 161 -81.16 17.78 70.04
N ILE N 162 -80.40 18.13 71.08
CA ILE N 162 -80.97 18.71 72.24
C ILE N 162 -81.69 20.00 71.89
N HIS N 163 -81.05 20.88 71.13
CA HIS N 163 -81.70 22.13 70.74
C HIS N 163 -83.01 21.87 70.04
N TYR N 164 -82.99 20.97 69.08
CA TYR N 164 -84.18 20.60 68.30
C TYR N 164 -85.31 20.04 69.15
N ARG N 165 -84.96 19.13 70.03
CA ARG N 165 -85.91 18.56 70.97
C ARG N 165 -86.64 19.68 71.69
N LYS N 166 -85.88 20.57 72.32
CA LYS N 166 -86.44 21.70 73.05
C LYS N 166 -87.26 22.64 72.18
N LYS N 167 -86.88 22.81 70.91
CA LYS N 167 -87.71 23.55 69.95
C LYS N 167 -89.04 22.85 69.80
N LYS N 168 -89.00 21.54 69.55
CA LYS N 168 -90.21 20.73 69.38
C LYS N 168 -91.16 20.89 70.56
N GLN N 169 -90.59 20.96 71.75
CA GLN N 169 -91.38 21.12 72.95
C GLN N 169 -92.09 22.47 72.94
N LEU N 170 -91.40 23.55 72.57
CA LEU N 170 -92.05 24.89 72.50
C LEU N 170 -93.16 24.95 71.45
N MET N 171 -92.97 24.22 70.35
CA MET N 171 -93.94 24.17 69.26
C MET N 171 -95.20 23.46 69.69
N ARG N 172 -95.01 22.43 70.49
CA ARG N 172 -96.11 21.69 71.06
C ARG N 172 -96.86 22.53 72.07
N LEU N 173 -96.13 23.34 72.85
CA LEU N 173 -96.76 24.27 73.79
C LEU N 173 -97.58 25.29 73.04
N ARG N 174 -97.03 25.87 71.98
CA ARG N 174 -97.77 26.85 71.17
C ARG N 174 -99.08 26.28 70.64
N LYS N 175 -98.99 25.10 70.03
CA LYS N 175 -100.18 24.42 69.52
C LYS N 175 -101.21 24.22 70.60
N GLN N 176 -100.75 23.81 71.78
CA GLN N 176 -101.65 23.61 72.89
C GLN N 176 -102.21 24.95 73.31
N ALA N 177 -101.35 25.97 73.39
CA ALA N 177 -101.78 27.28 73.87
C ALA N 177 -102.82 27.91 72.97
N GLU N 178 -102.67 27.77 71.65
CA GLU N 178 -103.70 28.22 70.72
C GLU N 178 -105.05 27.51 70.93
N LYS N 179 -105.00 26.21 71.23
CA LYS N 179 -106.20 25.43 71.52
C LYS N 179 -106.85 25.80 72.86
N ASN N 180 -106.01 26.10 73.87
CA ASN N 180 -106.50 26.71 75.11
C ASN N 180 -107.21 28.00 74.84
N VAL N 181 -106.55 28.85 74.06
CA VAL N 181 -106.92 30.25 73.95
C VAL N 181 -107.99 30.53 72.90
N GLU N 182 -108.11 29.65 71.90
CA GLU N 182 -108.74 30.00 70.61
C GLU N 182 -109.90 30.97 70.65
N LYS N 183 -110.81 30.77 71.61
CA LYS N 183 -112.01 31.58 71.70
C LYS N 183 -111.78 33.07 71.96
N LYS N 184 -110.67 33.42 72.61
CA LYS N 184 -110.37 34.83 72.89
C LYS N 184 -109.49 35.47 71.84
N ILE N 185 -109.00 34.65 70.90
CA ILE N 185 -108.27 35.14 69.72
C ILE N 185 -109.03 34.90 68.42
N ASP N 186 -110.30 34.54 68.50
CA ASP N 186 -111.05 34.12 67.31
C ASP N 186 -111.13 35.24 66.29
N ARG N 187 -111.45 36.44 66.77
CA ARG N 187 -111.56 37.59 65.88
C ARG N 187 -110.23 38.35 65.73
N PHE N 188 -109.12 37.62 65.80
CA PHE N 188 -107.92 37.94 65.05
C PHE N 188 -107.75 36.82 64.04
N THR N 189 -107.45 35.63 64.56
CA THR N 189 -107.09 34.48 63.78
C THR N 189 -107.96 34.33 62.56
N GLU N 190 -109.24 34.63 62.71
CA GLU N 190 -110.14 34.69 61.56
C GLU N 190 -109.61 35.59 60.44
N VAL N 191 -109.17 36.80 60.78
CA VAL N 191 -108.73 37.77 59.78
C VAL N 191 -107.46 37.33 59.07
N LEU N 192 -106.57 36.66 59.80
CA LEU N 192 -105.37 36.10 59.21
C LEU N 192 -105.67 34.96 58.25
N LYS N 193 -106.83 34.31 58.37
CA LYS N 193 -107.28 33.29 57.38
C LYS N 193 -108.29 33.80 56.33
N THR N 194 -108.72 35.04 56.44
CA THR N 194 -109.36 35.77 55.34
C THR N 194 -108.36 36.47 54.44
N HIS N 195 -107.19 36.79 54.98
CA HIS N 195 -106.08 37.29 54.19
C HIS N 195 -104.97 36.25 54.12
N GLY N 196 -105.39 35.02 53.92
CA GLY N 196 -104.55 34.05 53.28
C GLY N 196 -103.46 33.36 54.07
N PHE N 197 -103.52 33.37 55.40
CA PHE N 197 -102.60 32.53 56.21
C PHE N 197 -103.35 31.31 56.74
N LEU N 198 -102.71 30.59 57.65
CA LEU N 198 -103.41 29.63 58.52
C LEU N 198 -104.10 28.43 57.84
N VAL N 199 -103.92 28.29 56.55
CA VAL N 199 -104.76 27.38 55.80
C VAL N 199 -103.88 26.53 54.90
N VAL O 1 -26.23 84.14 51.50
CA VAL O 1 -26.90 83.75 50.21
C VAL O 1 -28.33 83.34 50.47
N ARG O 2 -28.99 82.87 49.42
CA ARG O 2 -30.21 82.11 49.58
C ARG O 2 -29.86 80.69 49.99
N TYR O 3 -30.26 80.31 51.18
CA TYR O 3 -30.32 78.90 51.55
C TYR O 3 -31.56 78.31 50.93
N SER O 4 -31.57 77.01 50.73
CA SER O 4 -32.82 76.31 50.45
C SER O 4 -33.53 76.32 51.77
N LEU O 5 -34.81 76.70 51.73
CA LEU O 5 -35.69 76.58 52.87
C LEU O 5 -35.37 77.63 53.94
N ASP O 6 -36.20 78.67 54.04
CA ASP O 6 -36.02 79.68 55.09
C ASP O 6 -36.58 79.17 56.42
N PRO O 7 -35.94 79.55 57.55
CA PRO O 7 -36.48 79.17 58.86
C PRO O 7 -37.70 79.99 59.20
N GLU O 8 -38.58 79.41 60.02
CA GLU O 8 -39.89 80.01 60.31
C GLU O 8 -39.83 81.27 61.18
N ASN O 9 -38.74 81.41 61.94
CA ASN O 9 -38.56 82.55 62.83
C ASN O 9 -37.07 82.94 62.89
N PRO O 10 -36.56 83.52 61.77
CA PRO O 10 -35.14 83.85 61.56
C PRO O 10 -34.53 84.48 62.78
N THR O 11 -35.29 85.37 63.39
CA THR O 11 -35.03 85.89 64.70
C THR O 11 -34.17 85.00 65.57
N LYS O 12 -34.60 83.75 65.73
CA LYS O 12 -34.02 82.85 66.70
C LYS O 12 -33.71 81.51 66.05
N SER O 13 -32.91 81.60 64.98
CA SER O 13 -32.41 80.45 64.23
C SER O 13 -31.06 80.81 63.63
N CYS O 14 -30.17 79.83 63.53
CA CYS O 14 -28.82 80.09 63.07
C CYS O 14 -28.44 79.20 61.88
N LYS O 15 -27.46 79.67 61.11
CA LYS O 15 -27.10 79.13 59.80
C LYS O 15 -25.65 78.79 59.71
N SER O 16 -25.31 77.82 58.86
CA SER O 16 -23.91 77.49 58.54
C SER O 16 -23.81 76.59 57.31
N ARG O 17 -22.88 76.92 56.42
CA ARG O 17 -22.68 76.17 55.19
C ARG O 17 -21.21 76.07 54.89
N GLY O 18 -20.90 75.35 53.83
CA GLY O 18 -19.54 75.18 53.40
C GLY O 18 -19.52 74.57 52.03
N SER O 19 -19.11 75.36 51.05
CA SER O 19 -19.28 74.97 49.66
C SER O 19 -18.04 74.31 49.15
N ASN O 20 -18.23 73.14 48.54
CA ASN O 20 -17.23 72.53 47.69
C ASN O 20 -16.14 71.89 48.56
N LEU O 21 -16.58 71.04 49.47
CA LEU O 21 -15.71 70.43 50.45
C LEU O 21 -15.37 69.07 49.96
N ARG O 22 -14.12 68.65 50.11
CA ARG O 22 -13.69 67.38 49.53
C ARG O 22 -14.02 66.17 50.42
N VAL O 23 -15.32 65.92 50.66
CA VAL O 23 -15.77 64.73 51.36
C VAL O 23 -16.69 63.95 50.48
N HIS O 24 -16.68 62.64 50.65
CA HIS O 24 -17.61 61.77 49.95
C HIS O 24 -19.06 62.20 50.13
N PHE O 25 -19.65 62.68 49.04
CA PHE O 25 -21.02 63.13 49.06
C PHE O 25 -21.94 62.09 49.65
N LYS O 26 -21.77 60.85 49.20
CA LYS O 26 -22.68 59.78 49.60
C LYS O 26 -22.53 59.44 51.08
N ASN O 27 -21.31 59.35 51.58
CA ASN O 27 -21.17 59.12 52.98
C ASN O 27 -21.74 60.28 53.73
N THR O 28 -21.39 61.48 53.29
CA THR O 28 -21.75 62.71 53.98
C THR O 28 -23.26 62.91 54.04
N ARG O 29 -23.89 62.69 52.91
CA ARG O 29 -25.32 62.76 52.81
C ARG O 29 -25.98 61.96 53.91
N GLU O 30 -25.65 60.69 53.94
CA GLU O 30 -26.35 59.78 54.80
C GLU O 30 -26.18 60.19 56.26
N THR O 31 -24.95 60.42 56.71
CA THR O 31 -24.74 60.84 58.09
C THR O 31 -25.42 62.14 58.41
N ALA O 32 -25.57 62.99 57.40
CA ALA O 32 -26.30 64.23 57.55
C ALA O 32 -27.78 64.01 57.73
N GLN O 33 -28.33 62.97 57.11
CA GLN O 33 -29.69 62.59 57.42
C GLN O 33 -29.78 62.00 58.80
N ALA O 34 -28.86 61.14 59.18
CA ALA O 34 -28.88 60.56 60.52
C ALA O 34 -29.02 61.65 61.58
N ILE O 35 -28.10 62.61 61.48
CA ILE O 35 -28.02 63.81 62.35
C ILE O 35 -29.29 64.62 62.47
N LYS O 36 -30.08 64.64 61.40
CA LYS O 36 -31.24 65.51 61.28
C LYS O 36 -32.20 65.42 62.45
N GLY O 37 -32.71 66.58 62.87
CA GLY O 37 -33.70 66.67 63.94
C GLY O 37 -33.21 66.64 65.37
N MET O 38 -31.95 66.25 65.59
CA MET O 38 -31.42 66.10 66.95
C MET O 38 -31.24 67.45 67.60
N HIS O 39 -31.10 67.41 68.92
CA HIS O 39 -30.60 68.53 69.67
C HIS O 39 -29.10 68.61 69.44
N ILE O 40 -28.56 69.81 69.24
CA ILE O 40 -27.15 69.95 68.88
C ILE O 40 -26.21 69.22 69.83
N ARG O 41 -26.51 69.24 71.12
CA ARG O 41 -25.65 68.57 72.10
C ARG O 41 -25.74 67.06 72.00
N LYS O 42 -26.80 66.55 71.37
CA LYS O 42 -26.89 65.13 71.02
C LYS O 42 -26.04 64.82 69.80
N ALA O 43 -26.20 65.63 68.77
CA ALA O 43 -25.54 65.40 67.50
C ALA O 43 -24.04 65.46 67.60
N THR O 44 -23.51 66.36 68.40
CA THR O 44 -22.07 66.38 68.63
C THR O 44 -21.60 65.10 69.30
N LYS O 45 -22.45 64.52 70.15
CA LYS O 45 -22.15 63.26 70.83
C LYS O 45 -22.23 62.09 69.88
N TYR O 46 -23.29 62.06 69.09
CA TYR O 46 -23.42 61.08 68.01
C TYR O 46 -22.19 61.02 67.12
N LEU O 47 -21.92 62.11 66.42
CA LEU O 47 -20.78 62.16 65.52
C LEU O 47 -19.47 61.80 66.17
N LYS O 48 -19.32 62.10 67.45
CA LYS O 48 -18.16 61.61 68.16
C LYS O 48 -18.16 60.08 68.21
N ASP O 49 -19.29 59.49 68.57
CA ASP O 49 -19.43 58.03 68.60
C ASP O 49 -19.15 57.42 67.24
N VAL O 50 -19.62 58.04 66.17
CA VAL O 50 -19.38 57.51 64.83
C VAL O 50 -17.89 57.48 64.56
N THR O 51 -17.23 58.58 64.84
CA THR O 51 -15.82 58.65 64.62
C THR O 51 -15.09 57.53 65.34
N LEU O 52 -15.59 57.15 66.52
CA LEU O 52 -15.01 56.05 67.31
C LEU O 52 -15.61 54.64 67.05
N GLN O 53 -16.62 54.56 66.20
CA GLN O 53 -17.41 53.35 65.95
C GLN O 53 -18.25 52.85 67.11
N LYS O 54 -18.69 53.75 67.98
CA LYS O 54 -19.59 53.41 69.07
C LYS O 54 -21.06 53.60 68.68
N GLN O 55 -21.31 54.30 67.57
CA GLN O 55 -22.64 54.34 66.92
C GLN O 55 -22.48 54.46 65.43
N CYS O 56 -23.31 53.76 64.68
CA CYS O 56 -23.17 53.76 63.23
C CYS O 56 -23.93 54.91 62.60
N VAL O 57 -23.95 54.90 61.28
CA VAL O 57 -24.86 55.68 60.48
C VAL O 57 -25.55 54.68 59.58
N PRO O 58 -26.87 54.68 59.57
CA PRO O 58 -27.58 53.85 58.62
C PRO O 58 -27.46 54.38 57.23
N PHE O 59 -26.95 53.54 56.33
CA PHE O 59 -26.87 53.83 54.90
C PHE O 59 -28.10 53.25 54.32
N ARG O 60 -28.94 54.12 53.81
CA ARG O 60 -30.21 53.68 53.38
C ARG O 60 -30.33 53.71 51.90
N ARG O 61 -29.95 54.84 51.31
CA ARG O 61 -30.12 55.03 49.87
C ARG O 61 -28.92 54.51 49.11
N TYR O 62 -27.78 55.00 49.51
CA TYR O 62 -26.54 54.65 48.90
C TYR O 62 -25.95 53.48 49.69
N ASN O 63 -26.58 52.32 49.58
CA ASN O 63 -26.32 51.24 50.52
C ASN O 63 -25.78 49.96 49.90
N GLY O 64 -25.51 50.05 48.60
CA GLY O 64 -25.12 48.89 47.81
C GLY O 64 -23.69 48.46 48.09
N GLY O 65 -23.55 47.17 48.41
CA GLY O 65 -22.30 46.60 48.86
C GLY O 65 -22.01 46.95 50.30
N VAL O 66 -22.86 47.78 50.90
CA VAL O 66 -22.55 48.30 52.19
C VAL O 66 -23.03 47.25 53.14
N GLY O 67 -22.17 46.91 54.08
CA GLY O 67 -22.34 45.69 54.83
C GLY O 67 -23.38 45.82 55.90
N ARG O 68 -23.50 44.77 56.71
CA ARG O 68 -24.33 44.83 57.89
C ARG O 68 -23.50 45.13 59.13
N CYS O 69 -24.18 45.72 60.10
CA CYS O 69 -23.61 45.97 61.42
C CYS O 69 -24.78 45.84 62.39
N ALA O 70 -24.51 45.36 63.59
CA ALA O 70 -25.53 45.36 64.61
C ALA O 70 -25.94 46.80 64.80
N GLN O 71 -24.97 47.68 65.04
CA GLN O 71 -25.24 49.05 65.49
C GLN O 71 -26.34 49.76 64.72
N ALA O 72 -26.49 49.40 63.45
CA ALA O 72 -27.60 49.88 62.64
C ALA O 72 -29.00 49.46 63.11
N LYS O 73 -29.09 48.41 63.92
CA LYS O 73 -30.38 47.95 64.46
C LYS O 73 -31.13 49.06 65.15
N GLN O 74 -30.42 49.79 66.00
CA GLN O 74 -30.96 50.96 66.66
C GLN O 74 -31.84 51.70 65.67
N TRP O 75 -31.24 52.02 64.54
CA TRP O 75 -31.90 52.83 63.55
C TRP O 75 -33.01 52.07 62.90
N GLY O 76 -32.85 50.77 62.79
CA GLY O 76 -33.88 49.94 62.21
C GLY O 76 -33.57 49.79 60.74
N TRP O 77 -32.37 49.25 60.51
CA TRP O 77 -31.82 49.14 59.21
C TRP O 77 -30.64 48.20 59.35
N THR O 78 -30.31 47.51 58.29
CA THR O 78 -29.29 46.49 58.39
C THR O 78 -27.93 46.97 57.98
N GLN O 79 -27.89 47.81 56.97
CA GLN O 79 -26.66 48.48 56.58
C GLN O 79 -26.23 49.51 57.57
N GLY O 80 -24.93 49.67 57.73
CA GLY O 80 -24.44 50.82 58.47
C GLY O 80 -22.94 50.95 58.47
N ARG O 81 -22.47 52.19 58.62
CA ARG O 81 -21.04 52.45 58.55
C ARG O 81 -20.60 53.53 59.47
N TRP O 82 -19.32 53.85 59.43
CA TRP O 82 -18.79 54.83 60.32
C TRP O 82 -18.01 55.88 59.59
N PRO O 83 -18.70 56.62 58.72
CA PRO O 83 -18.02 57.59 57.86
C PRO O 83 -17.29 58.71 58.63
N LYS O 84 -16.04 58.42 59.00
CA LYS O 84 -15.22 59.26 59.87
C LYS O 84 -14.95 60.67 59.34
N LYS O 85 -14.72 60.81 58.02
CA LYS O 85 -14.53 62.14 57.39
C LYS O 85 -15.79 62.97 57.54
N SER O 86 -16.87 62.42 57.04
CA SER O 86 -18.16 63.08 57.08
C SER O 86 -18.44 63.62 58.47
N ALA O 87 -18.44 62.71 59.45
CA ALA O 87 -18.60 63.12 60.83
C ALA O 87 -17.71 64.33 61.12
N GLU O 88 -16.42 64.17 60.93
CA GLU O 88 -15.49 65.24 61.24
C GLU O 88 -15.80 66.51 60.48
N PHE O 89 -16.32 66.39 59.27
CA PHE O 89 -16.72 67.60 58.53
C PHE O 89 -17.96 68.26 59.06
N LEU O 90 -18.98 67.52 59.47
CA LEU O 90 -20.13 68.19 60.02
C LEU O 90 -20.09 68.28 61.53
N LEU O 91 -18.99 67.89 62.12
CA LEU O 91 -18.75 68.24 63.48
C LEU O 91 -18.27 69.68 63.46
N HIS O 92 -17.54 70.08 62.41
CA HIS O 92 -17.18 71.51 62.20
C HIS O 92 -18.41 72.37 61.90
N MET O 93 -19.30 71.87 61.03
CA MET O 93 -20.45 72.64 60.61
C MET O 93 -21.39 72.89 61.77
N LEU O 94 -21.51 71.93 62.68
CA LEU O 94 -22.23 72.19 63.94
C LEU O 94 -21.54 73.23 64.83
N LYS O 95 -20.20 73.19 64.86
CA LYS O 95 -19.38 74.12 65.64
C LYS O 95 -19.50 75.57 65.17
N ASN O 96 -19.51 75.74 63.86
CA ASN O 96 -19.67 77.07 63.30
C ASN O 96 -21.06 77.61 63.56
N ALA O 97 -22.06 76.74 63.41
CA ALA O 97 -23.44 77.10 63.72
C ALA O 97 -23.61 77.49 65.20
N GLU O 98 -23.30 76.56 66.09
CA GLU O 98 -23.24 76.82 67.53
C GLU O 98 -22.61 78.18 67.77
N SER O 99 -21.49 78.47 67.10
CA SER O 99 -20.87 79.80 67.15
C SER O 99 -21.82 80.89 66.72
N ASN O 100 -22.41 80.70 65.57
CA ASN O 100 -23.33 81.68 65.03
C ASN O 100 -24.54 81.91 65.90
N ALA O 101 -25.00 80.87 66.58
CA ALA O 101 -26.02 81.06 67.58
C ALA O 101 -25.48 81.90 68.74
N GLU O 102 -24.26 81.59 69.17
CA GLU O 102 -23.66 82.27 70.31
C GLU O 102 -23.43 83.77 70.05
N LEU O 103 -23.08 84.13 68.82
CA LEU O 103 -22.93 85.54 68.42
C LEU O 103 -24.26 86.29 68.26
N LYS O 104 -25.29 85.56 67.85
CA LYS O 104 -26.64 86.11 67.72
C LYS O 104 -27.34 86.20 69.06
N GLY O 105 -26.90 85.42 70.04
CA GLY O 105 -27.48 85.40 71.38
C GLY O 105 -28.65 84.45 71.47
N LEU O 106 -28.39 83.18 71.12
CA LEU O 106 -29.35 82.10 71.32
C LEU O 106 -28.79 81.12 72.34
N ASP O 107 -29.70 80.57 73.15
CA ASP O 107 -29.36 79.50 74.10
C ASP O 107 -28.87 78.28 73.32
N VAL O 108 -27.56 78.26 73.08
CA VAL O 108 -26.92 77.19 72.33
C VAL O 108 -27.54 75.86 72.68
N ASP O 109 -27.50 75.53 73.96
CA ASP O 109 -28.05 74.26 74.44
C ASP O 109 -29.58 74.25 74.47
N SER O 110 -30.20 74.89 73.48
CA SER O 110 -31.58 74.64 73.12
C SER O 110 -31.75 74.46 71.60
N LEU O 111 -30.65 74.29 70.87
CA LEU O 111 -30.70 74.23 69.41
C LEU O 111 -31.15 72.87 68.93
N VAL O 112 -31.86 72.85 67.80
CA VAL O 112 -32.28 71.64 67.16
C VAL O 112 -32.11 71.77 65.68
N ILE O 113 -31.50 70.75 65.08
CA ILE O 113 -31.02 70.85 63.71
C ILE O 113 -32.15 70.58 62.74
N GLU O 114 -32.71 71.69 62.27
CA GLU O 114 -34.03 71.73 61.65
C GLU O 114 -34.02 71.42 60.17
N HIS O 115 -32.88 71.67 59.54
CA HIS O 115 -32.72 71.46 58.12
C HIS O 115 -31.24 71.23 57.87
N ILE O 116 -30.89 70.12 57.23
CA ILE O 116 -29.51 69.87 56.86
C ILE O 116 -29.46 69.17 55.52
N GLN O 117 -28.78 69.81 54.57
CA GLN O 117 -28.84 69.45 53.17
C GLN O 117 -27.43 69.30 52.60
N VAL O 118 -27.18 68.15 52.00
CA VAL O 118 -25.95 67.88 51.32
C VAL O 118 -26.30 68.01 49.87
N ASN O 119 -25.29 68.10 49.03
CA ASN O 119 -25.53 68.48 47.68
C ASN O 119 -24.30 68.18 46.90
N LYS O 120 -24.44 67.88 45.62
CA LYS O 120 -23.27 67.57 44.84
C LYS O 120 -22.62 68.85 44.37
N ALA O 121 -21.33 68.96 44.64
CA ALA O 121 -20.53 70.10 44.23
C ALA O 121 -19.76 69.70 42.99
N PRO O 122 -19.18 70.68 42.28
CA PRO O 122 -18.54 70.38 41.01
C PRO O 122 -17.31 69.54 41.23
N LYS O 123 -17.19 68.47 40.44
CA LYS O 123 -16.20 67.45 40.71
C LYS O 123 -14.79 67.91 40.42
N MET O 124 -13.84 67.42 41.22
CA MET O 124 -12.43 67.57 40.91
C MET O 124 -12.23 66.54 39.82
N ARG O 125 -11.08 66.52 39.15
CA ARG O 125 -10.72 65.32 38.38
C ARG O 125 -9.25 65.01 38.28
N ARG O 126 -8.97 63.72 38.21
CA ARG O 126 -7.65 63.21 37.92
C ARG O 126 -7.86 61.84 37.30
N ARG O 127 -6.78 61.14 36.96
CA ARG O 127 -6.89 59.90 36.19
C ARG O 127 -6.27 58.67 36.81
N THR O 128 -6.59 57.54 36.19
CA THR O 128 -5.97 56.28 36.50
C THR O 128 -5.57 55.51 35.24
N TYR O 129 -4.48 54.78 35.36
CA TYR O 129 -3.90 54.07 34.26
C TYR O 129 -4.39 52.65 34.31
N ARG O 130 -4.75 52.14 33.14
CA ARG O 130 -5.32 50.82 33.02
C ARG O 130 -4.61 49.94 32.00
N ALA O 131 -5.13 48.71 31.87
CA ALA O 131 -4.54 47.71 31.03
C ALA O 131 -4.88 47.99 29.60
N HIS O 132 -3.86 47.76 28.78
CA HIS O 132 -3.89 48.06 27.37
C HIS O 132 -3.98 49.56 27.13
N GLY O 133 -3.05 50.27 27.78
CA GLY O 133 -2.79 51.70 27.54
C GLY O 133 -4.01 52.60 27.48
N ARG O 134 -4.95 52.32 28.37
CA ARG O 134 -6.16 53.08 28.46
C ARG O 134 -6.00 53.96 29.65
N ILE O 135 -6.76 55.03 29.65
CA ILE O 135 -6.69 55.96 30.71
C ILE O 135 -8.08 56.29 31.09
N ASN O 136 -8.40 56.17 32.36
CA ASN O 136 -9.73 56.41 32.84
C ASN O 136 -9.75 57.50 33.85
N PRO O 137 -10.93 58.08 34.09
CA PRO O 137 -11.08 59.15 35.06
C PRO O 137 -11.16 58.65 36.48
N TYR O 138 -10.74 59.51 37.39
CA TYR O 138 -10.59 59.18 38.79
C TYR O 138 -11.00 60.46 39.51
N MET O 139 -12.27 60.50 39.87
CA MET O 139 -12.94 61.75 40.15
C MET O 139 -13.28 61.86 41.62
N SER O 140 -12.90 62.96 42.23
CA SER O 140 -13.43 63.27 43.54
C SER O 140 -14.83 63.82 43.35
N SER O 141 -15.72 63.52 44.30
CA SER O 141 -17.15 63.85 44.20
C SER O 141 -17.60 64.62 45.43
N PRO O 142 -17.06 65.82 45.61
CA PRO O 142 -17.26 66.61 46.80
C PRO O 142 -18.65 67.14 46.88
N CYS O 143 -18.98 67.75 48.01
CA CYS O 143 -20.35 68.16 48.31
C CYS O 143 -20.51 69.51 48.99
N HIS O 144 -21.43 70.33 48.50
CA HIS O 144 -21.85 71.51 49.23
C HIS O 144 -22.68 70.97 50.38
N ILE O 145 -22.53 71.52 51.57
CA ILE O 145 -23.40 71.18 52.68
C ILE O 145 -23.99 72.47 53.15
N GLU O 146 -25.15 72.40 53.81
CA GLU O 146 -25.74 73.56 54.48
C GLU O 146 -26.74 73.14 55.53
N MET O 147 -26.95 73.99 56.53
CA MET O 147 -27.83 73.64 57.63
C MET O 147 -28.24 74.78 58.54
N ILE O 148 -29.40 74.59 59.15
CA ILE O 148 -30.14 75.63 59.87
C ILE O 148 -30.59 75.11 61.21
N LEU O 149 -30.01 75.64 62.28
CA LEU O 149 -30.39 75.25 63.61
C LEU O 149 -31.46 76.18 64.16
N THR O 150 -32.04 75.80 65.30
CA THR O 150 -33.19 76.50 65.85
C THR O 150 -33.40 76.24 67.36
N GLU O 151 -33.65 77.31 68.12
CA GLU O 151 -34.01 77.21 69.54
C GLU O 151 -35.37 76.54 69.69
N LYS O 152 -35.43 75.38 70.35
CA LYS O 152 -36.69 74.65 70.59
C LYS O 152 -36.67 73.80 71.87
N GLU O 153 -36.90 74.45 73.02
CA GLU O 153 -37.02 73.74 74.32
C GLU O 153 -38.13 74.36 75.17
N GLY P 1 -70.96 50.19 5.17
CA GLY P 1 -70.16 50.16 3.92
C GLY P 1 -70.97 50.52 2.69
N VAL P 2 -70.28 50.98 1.66
CA VAL P 2 -70.92 51.38 0.42
C VAL P 2 -69.90 51.22 -0.68
N ASP P 3 -70.19 50.43 -1.71
CA ASP P 3 -69.22 50.32 -2.82
C ASP P 3 -69.38 51.46 -3.78
N ILE P 4 -68.50 52.43 -3.66
CA ILE P 4 -68.26 53.35 -4.73
C ILE P 4 -66.77 53.58 -4.74
N ARG P 5 -66.21 53.72 -5.94
CA ARG P 5 -64.90 54.33 -6.08
C ARG P 5 -65.08 55.81 -5.80
N HIS P 6 -64.29 56.35 -4.88
CA HIS P 6 -64.15 57.80 -4.77
C HIS P 6 -63.02 58.32 -5.66
N ASN P 7 -62.53 57.48 -6.55
CA ASN P 7 -61.45 57.82 -7.42
C ASN P 7 -61.76 59.08 -8.17
N LYS P 8 -62.87 59.05 -8.90
CA LYS P 8 -63.24 60.14 -9.79
C LYS P 8 -64.50 60.81 -9.33
N ASP P 9 -64.52 61.24 -8.08
CA ASP P 9 -65.70 61.89 -7.52
C ASP P 9 -65.56 63.41 -7.29
N ARG P 10 -64.34 63.92 -7.32
CA ARG P 10 -64.10 65.37 -7.45
C ARG P 10 -63.92 65.71 -8.93
N LYS P 11 -64.50 66.82 -9.37
CA LYS P 11 -64.31 67.33 -10.73
C LYS P 11 -63.23 68.41 -10.75
N VAL P 12 -62.50 68.53 -11.86
CA VAL P 12 -61.25 69.31 -11.86
C VAL P 12 -61.21 70.63 -12.61
N ARG P 13 -62.23 70.93 -13.39
CA ARG P 13 -62.41 72.31 -13.90
C ARG P 13 -62.12 73.48 -12.95
N ARG P 14 -61.85 74.65 -13.53
CA ARG P 14 -61.70 75.88 -12.78
C ARG P 14 -63.04 76.49 -12.42
N LYS P 15 -63.09 77.09 -11.23
CA LYS P 15 -64.23 77.91 -10.83
C LYS P 15 -63.89 79.35 -11.15
N GLU P 16 -62.79 79.83 -10.58
CA GLU P 16 -62.38 81.23 -10.67
C GLU P 16 -61.13 81.24 -11.49
N PRO P 17 -60.66 82.42 -11.89
CA PRO P 17 -59.42 82.46 -12.61
C PRO P 17 -58.29 82.42 -11.62
N LYS P 18 -57.14 81.88 -12.04
CA LYS P 18 -55.96 81.75 -11.18
C LYS P 18 -55.16 83.04 -11.17
N SER P 19 -55.44 83.89 -12.14
CA SER P 19 -54.82 85.17 -12.23
C SER P 19 -55.36 86.11 -11.16
N GLN P 20 -54.53 87.10 -10.85
CA GLN P 20 -54.82 88.07 -9.82
C GLN P 20 -54.82 89.50 -10.38
N ASP P 21 -55.01 89.61 -11.70
CA ASP P 21 -55.21 90.91 -12.34
C ASP P 21 -56.63 91.38 -12.10
N ILE P 22 -56.74 92.43 -11.30
CA ILE P 22 -58.02 92.86 -10.79
C ILE P 22 -59.08 93.08 -11.85
N TYR P 23 -58.66 93.55 -13.03
CA TYR P 23 -59.63 93.85 -14.08
C TYR P 23 -60.26 92.61 -14.70
N LEU P 24 -59.53 91.50 -14.73
CA LEU P 24 -60.14 90.24 -15.12
C LEU P 24 -61.12 89.74 -14.07
N ARG P 25 -60.76 89.86 -12.80
CA ARG P 25 -61.67 89.44 -11.74
C ARG P 25 -62.93 90.25 -11.72
N LEU P 26 -62.82 91.56 -11.96
CA LEU P 26 -64.01 92.39 -12.10
C LEU P 26 -64.90 91.87 -13.21
N LEU P 27 -64.36 91.64 -14.40
CA LEU P 27 -65.16 91.10 -15.48
C LEU P 27 -65.91 89.86 -15.06
N VAL P 28 -65.17 88.96 -14.45
CA VAL P 28 -65.75 87.73 -13.94
C VAL P 28 -66.90 88.00 -12.95
N LYS P 29 -66.73 88.98 -12.06
CA LYS P 29 -67.81 89.35 -11.14
C LYS P 29 -69.11 89.66 -11.87
N LEU P 30 -68.96 90.38 -12.98
CA LEU P 30 -70.04 90.76 -13.87
C LEU P 30 -70.64 89.57 -14.59
N TYR P 31 -69.80 88.78 -15.25
CA TYR P 31 -70.30 87.63 -15.96
C TYR P 31 -70.75 86.47 -15.09
N ARG P 32 -70.22 86.35 -13.88
CA ARG P 32 -70.72 85.33 -12.93
C ARG P 32 -72.18 85.52 -12.65
N PHE P 33 -72.48 86.79 -12.37
CA PHE P 33 -73.83 87.28 -12.13
C PHE P 33 -74.72 87.10 -13.38
N LEU P 34 -74.31 87.69 -14.49
CA LEU P 34 -75.03 87.53 -15.73
C LEU P 34 -75.28 86.09 -16.08
N ALA P 35 -74.29 85.23 -15.86
CA ALA P 35 -74.42 83.81 -16.19
C ALA P 35 -75.25 83.01 -15.18
N ARG P 36 -75.62 83.64 -14.06
CA ARG P 36 -76.63 83.04 -13.18
C ARG P 36 -78.01 83.65 -13.42
N ARG P 37 -78.15 84.95 -13.32
CA ARG P 37 -79.48 85.56 -13.36
C ARG P 37 -80.16 85.48 -14.71
N THR P 38 -79.39 85.39 -15.79
CA THR P 38 -79.94 85.16 -17.13
C THR P 38 -80.02 83.65 -17.47
N ASN P 39 -80.49 83.38 -18.67
CA ASN P 39 -80.45 82.06 -19.25
C ASN P 39 -79.34 81.91 -20.26
N SER P 40 -78.75 83.06 -20.64
CA SER P 40 -77.89 83.13 -21.80
C SER P 40 -76.68 82.25 -21.61
N THR P 41 -76.79 81.06 -22.19
CA THR P 41 -75.70 80.13 -22.21
C THR P 41 -74.40 80.84 -22.61
N PHE P 42 -74.48 81.67 -23.64
CA PHE P 42 -73.38 82.59 -23.97
C PHE P 42 -72.65 83.10 -22.75
N ASN P 43 -73.39 83.73 -21.85
CA ASN P 43 -72.78 84.22 -20.63
C ASN P 43 -72.10 83.08 -19.88
N GLN P 44 -72.77 81.95 -19.74
CA GLN P 44 -72.11 80.77 -19.16
C GLN P 44 -70.78 80.44 -19.80
N VAL P 45 -70.73 80.50 -21.13
CA VAL P 45 -69.52 80.17 -21.85
C VAL P 45 -68.50 81.26 -21.72
N VAL P 46 -68.89 82.48 -22.03
CA VAL P 46 -68.01 83.61 -21.87
C VAL P 46 -67.35 83.56 -20.52
N LEU P 47 -68.17 83.43 -19.48
CA LEU P 47 -67.68 83.28 -18.13
C LEU P 47 -66.70 82.12 -17.97
N LYS P 48 -67.06 80.94 -18.45
CA LYS P 48 -66.16 79.80 -18.41
C LYS P 48 -64.83 80.07 -19.11
N ARG P 49 -64.86 80.76 -20.24
CA ARG P 49 -63.63 81.14 -20.93
C ARG P 49 -62.77 82.15 -20.19
N LEU P 50 -63.38 82.98 -19.35
CA LEU P 50 -62.61 83.91 -18.55
C LEU P 50 -61.83 83.27 -17.41
N PHE P 51 -62.08 82.00 -17.08
CA PHE P 51 -61.26 81.30 -16.07
C PHE P 51 -60.05 80.46 -16.59
N MET P 52 -59.75 80.51 -17.88
CA MET P 52 -58.85 79.52 -18.46
C MET P 52 -57.43 80.05 -18.45
N SER P 53 -56.50 79.21 -18.92
CA SER P 53 -55.08 79.61 -19.03
C SER P 53 -54.87 80.36 -20.32
N ARG P 54 -53.88 81.22 -20.31
CA ARG P 54 -53.40 81.89 -21.51
C ARG P 54 -53.19 80.94 -22.70
N THR P 55 -52.67 79.75 -22.43
CA THR P 55 -52.59 78.70 -23.46
C THR P 55 -53.94 78.37 -24.05
N ASN P 56 -54.92 78.26 -23.15
CA ASN P 56 -56.24 77.75 -23.44
C ASN P 56 -57.21 78.75 -23.99
N ARG P 57 -56.80 80.01 -24.09
CA ARG P 57 -57.59 81.03 -24.77
C ARG P 57 -56.69 81.78 -25.77
N PRO P 58 -56.40 81.12 -26.89
CA PRO P 58 -55.39 81.54 -27.81
C PRO P 58 -55.79 82.63 -28.78
N PRO P 59 -54.78 83.29 -29.40
CA PRO P 59 -55.00 84.51 -30.12
C PRO P 59 -55.60 84.30 -31.47
N LEU P 60 -56.69 85.00 -31.69
CA LEU P 60 -57.44 84.93 -32.93
C LEU P 60 -56.81 85.94 -33.88
N SER P 61 -56.47 85.50 -35.08
CA SER P 61 -55.91 86.40 -36.09
C SER P 61 -56.98 87.24 -36.71
N LEU P 62 -56.65 88.47 -37.04
CA LEU P 62 -57.60 89.27 -37.77
C LEU P 62 -58.07 88.48 -38.98
N SER P 63 -57.17 87.83 -39.71
CA SER P 63 -57.55 87.16 -40.94
C SER P 63 -58.54 86.04 -40.73
N ARG P 64 -58.34 85.25 -39.67
CA ARG P 64 -59.29 84.19 -39.37
C ARG P 64 -60.64 84.77 -39.02
N MET P 65 -60.62 85.85 -38.25
CA MET P 65 -61.85 86.50 -37.85
C MET P 65 -62.61 87.13 -39.01
N ILE P 66 -61.87 87.76 -39.91
CA ILE P 66 -62.44 88.25 -41.14
C ILE P 66 -63.18 87.11 -41.80
N ARG P 67 -62.51 85.97 -41.97
CA ARG P 67 -63.11 84.87 -42.74
C ARG P 67 -64.25 84.20 -42.00
N LYS P 68 -64.32 84.34 -40.69
CA LYS P 68 -65.42 83.76 -39.96
C LYS P 68 -66.68 84.61 -39.94
N MET P 69 -66.57 85.91 -40.20
CA MET P 69 -67.78 86.76 -40.30
C MET P 69 -68.30 86.90 -41.72
N LYS P 70 -67.41 86.84 -42.72
CA LYS P 70 -67.80 86.78 -44.14
C LYS P 70 -68.91 85.79 -44.29
N LEU P 71 -68.71 84.62 -43.69
CA LEU P 71 -69.66 83.53 -43.71
C LEU P 71 -71.12 83.94 -43.78
N PRO P 72 -71.88 83.24 -44.61
CA PRO P 72 -73.20 83.71 -45.01
C PRO P 72 -74.23 83.53 -43.92
N GLY P 73 -74.57 84.65 -43.27
CA GLY P 73 -75.54 84.64 -42.17
C GLY P 73 -75.26 85.70 -41.13
N ARG P 74 -73.98 85.94 -40.84
CA ARG P 74 -73.59 86.75 -39.70
C ARG P 74 -73.03 88.10 -40.14
N GLU P 75 -73.81 88.74 -41.00
CA GLU P 75 -73.53 90.07 -41.49
C GLU P 75 -74.39 91.03 -40.68
N GLY P 76 -73.77 92.06 -40.11
CA GLY P 76 -74.41 92.87 -39.07
C GLY P 76 -74.50 91.97 -37.84
N LYS P 77 -73.36 91.81 -37.18
CA LYS P 77 -73.19 90.86 -36.07
C LYS P 77 -71.89 91.22 -35.34
N THR P 78 -71.76 90.85 -34.05
CA THR P 78 -70.51 91.13 -33.32
C THR P 78 -69.68 89.87 -33.07
N ALA P 79 -68.40 89.99 -33.39
CA ALA P 79 -67.39 89.02 -32.99
C ALA P 79 -67.17 89.10 -31.50
N VAL P 80 -66.76 87.99 -30.92
CA VAL P 80 -66.39 87.93 -29.52
C VAL P 80 -65.31 86.89 -29.36
N VAL P 81 -64.32 87.20 -28.55
CA VAL P 81 -63.14 86.37 -28.42
C VAL P 81 -62.55 86.63 -27.07
N VAL P 82 -62.49 85.60 -26.25
CA VAL P 82 -62.14 85.81 -24.84
C VAL P 82 -60.61 85.83 -24.63
N GLY P 83 -59.84 85.68 -25.72
CA GLY P 83 -58.40 86.04 -25.77
C GLY P 83 -58.11 87.32 -26.55
N THR P 84 -57.14 87.27 -27.47
CA THR P 84 -56.71 88.47 -28.22
C THR P 84 -56.73 88.33 -29.73
N ILE P 85 -56.93 89.48 -30.34
CA ILE P 85 -56.95 89.65 -31.74
C ILE P 85 -55.54 90.02 -32.09
N THR P 86 -55.04 89.52 -33.21
CA THR P 86 -53.73 89.96 -33.73
C THR P 86 -53.88 90.43 -35.14
N ASP P 87 -52.84 91.09 -35.63
CA ASP P 87 -52.85 91.53 -37.02
C ASP P 87 -52.74 90.35 -37.96
N ASP P 88 -53.07 90.59 -39.22
CA ASP P 88 -52.54 89.74 -40.28
C ASP P 88 -52.00 90.53 -41.38
N VAL P 89 -50.69 90.48 -41.48
CA VAL P 89 -50.01 91.19 -42.50
C VAL P 89 -50.24 90.46 -43.82
N ARG P 90 -50.50 89.16 -43.77
CA ARG P 90 -50.88 88.48 -44.99
C ARG P 90 -52.38 88.52 -45.30
N VAL P 91 -53.05 89.59 -44.88
CA VAL P 91 -54.36 89.97 -45.43
C VAL P 91 -54.35 91.46 -45.66
N GLN P 92 -55.12 91.91 -46.65
CA GLN P 92 -55.02 93.28 -47.12
C GLN P 92 -56.32 94.05 -46.93
N GLU P 93 -57.36 93.61 -47.62
CA GLU P 93 -58.68 94.25 -47.50
C GLU P 93 -59.31 93.83 -46.20
N VAL P 94 -59.54 94.80 -45.31
CA VAL P 94 -60.04 94.52 -43.97
C VAL P 94 -61.43 95.14 -43.81
N PRO P 95 -62.47 94.28 -43.77
CA PRO P 95 -63.84 94.76 -43.60
C PRO P 95 -64.04 95.50 -42.31
N LYS P 96 -65.15 96.22 -42.22
CA LYS P 96 -65.52 96.89 -40.98
C LYS P 96 -66.30 95.91 -40.11
N LEU P 97 -65.90 95.84 -38.86
CA LEU P 97 -66.31 94.81 -37.94
C LEU P 97 -66.99 95.39 -36.71
N LYS P 98 -67.21 94.52 -35.73
CA LYS P 98 -67.53 94.95 -34.39
C LYS P 98 -67.03 93.83 -33.50
N VAL P 99 -66.06 94.12 -32.64
CA VAL P 99 -65.34 93.07 -31.96
C VAL P 99 -65.37 93.29 -30.46
N CYS P 100 -65.27 92.18 -29.73
CA CYS P 100 -64.89 92.18 -28.34
C CYS P 100 -63.76 91.23 -28.14
N ALA P 101 -62.70 91.70 -27.54
CA ALA P 101 -61.74 90.80 -26.92
C ALA P 101 -61.06 91.50 -25.79
N LEU P 102 -60.42 90.69 -24.97
CA LEU P 102 -59.70 91.23 -23.86
C LEU P 102 -58.64 92.20 -24.36
N ARG P 103 -57.92 91.79 -25.41
CA ARG P 103 -56.95 92.66 -26.08
C ARG P 103 -57.05 92.59 -27.60
N VAL P 104 -56.72 93.70 -28.22
CA VAL P 104 -56.56 93.76 -29.64
C VAL P 104 -55.19 94.43 -29.85
N SER P 105 -54.22 93.66 -30.31
CA SER P 105 -52.87 94.17 -30.43
C SER P 105 -52.88 95.42 -31.29
N SER P 106 -51.97 96.33 -30.97
CA SER P 106 -51.95 97.70 -31.52
C SER P 106 -52.12 97.83 -33.03
N ARG P 107 -51.37 97.01 -33.75
CA ARG P 107 -51.47 96.96 -35.17
C ARG P 107 -52.86 96.60 -35.61
N ALA P 108 -53.36 95.47 -35.12
CA ALA P 108 -54.72 94.99 -35.45
C ALA P 108 -55.83 95.97 -35.04
N ARG P 109 -55.60 96.71 -33.98
CA ARG P 109 -56.53 97.73 -33.53
C ARG P 109 -56.65 98.82 -34.60
N SER P 110 -55.51 99.39 -34.96
CA SER P 110 -55.45 100.41 -36.00
C SER P 110 -56.20 100.01 -37.23
N ARG P 111 -55.91 98.80 -37.71
CA ARG P 111 -56.53 98.23 -38.89
C ARG P 111 -58.04 98.22 -38.79
N ILE P 112 -58.55 97.74 -37.65
CA ILE P 112 -59.99 97.64 -37.45
C ILE P 112 -60.67 98.98 -37.44
N LEU P 113 -60.15 99.91 -36.66
CA LEU P 113 -60.77 101.22 -36.52
C LEU P 113 -60.59 102.09 -37.78
N LYS P 114 -59.43 102.02 -38.43
CA LYS P 114 -59.19 102.70 -39.71
C LYS P 114 -60.21 102.32 -40.74
N ALA P 115 -60.52 101.03 -40.79
CA ALA P 115 -61.53 100.52 -41.70
C ALA P 115 -62.98 100.89 -41.29
N GLY P 116 -63.12 101.61 -40.18
CA GLY P 116 -64.44 102.01 -39.69
C GLY P 116 -65.08 100.93 -38.83
N GLY P 117 -64.27 100.12 -38.17
CA GLY P 117 -64.78 99.09 -37.29
C GLY P 117 -65.24 99.64 -35.96
N LYS P 118 -65.31 98.75 -34.98
CA LYS P 118 -65.65 99.11 -33.61
C LYS P 118 -65.04 98.09 -32.69
N ILE P 119 -64.52 98.57 -31.57
CA ILE P 119 -63.90 97.71 -30.59
C ILE P 119 -64.52 97.93 -29.24
N LEU P 120 -64.93 96.83 -28.62
CA LEU P 120 -65.59 96.84 -27.32
C LEU P 120 -64.85 96.02 -26.28
N THR P 121 -64.92 96.50 -25.05
CA THR P 121 -64.47 95.77 -23.89
C THR P 121 -65.58 94.85 -23.48
N PHE P 122 -65.34 93.99 -22.48
CA PHE P 122 -66.42 93.07 -22.07
C PHE P 122 -67.53 93.79 -21.29
N ASP P 123 -67.16 94.59 -20.31
CA ASP P 123 -68.15 95.37 -19.59
C ASP P 123 -69.01 96.21 -20.54
N GLN P 124 -68.44 96.64 -21.66
CA GLN P 124 -69.23 97.27 -22.72
C GLN P 124 -70.12 96.24 -23.40
N LEU P 125 -69.57 95.06 -23.67
CA LEU P 125 -70.34 94.01 -24.32
C LEU P 125 -71.53 93.61 -23.50
N ALA P 126 -71.36 93.57 -22.17
CA ALA P 126 -72.46 93.25 -21.24
C ALA P 126 -73.58 94.29 -21.26
N LEU P 127 -73.22 95.56 -21.23
CA LEU P 127 -74.22 96.60 -21.34
C LEU P 127 -74.99 96.50 -22.63
N ASP P 128 -74.27 96.47 -23.75
CA ASP P 128 -74.91 96.35 -25.08
C ASP P 128 -75.92 95.22 -25.09
N SER P 129 -75.43 94.04 -24.74
CA SER P 129 -76.15 92.83 -24.98
C SER P 129 -75.83 91.91 -23.83
N PRO P 130 -76.64 91.99 -22.77
CA PRO P 130 -76.38 91.21 -21.59
C PRO P 130 -76.71 89.74 -21.74
N LYS P 131 -77.38 89.38 -22.82
CA LYS P 131 -77.70 87.98 -23.06
C LYS P 131 -76.83 87.37 -24.17
N GLY P 132 -75.83 88.12 -24.63
CA GLY P 132 -75.07 87.74 -25.81
C GLY P 132 -75.98 87.53 -27.01
N CYS P 133 -77.06 88.29 -27.09
CA CYS P 133 -77.93 88.21 -28.24
C CYS P 133 -77.19 88.98 -29.33
N GLY P 134 -77.05 88.36 -30.50
CA GLY P 134 -76.55 89.04 -31.69
C GLY P 134 -75.04 89.01 -31.76
N THR P 135 -74.49 87.80 -31.62
CA THR P 135 -73.05 87.59 -31.47
C THR P 135 -72.56 86.40 -32.28
N VAL P 136 -71.26 86.36 -32.55
CA VAL P 136 -70.58 85.16 -33.09
C VAL P 136 -69.40 84.88 -32.19
N LEU P 137 -69.59 84.03 -31.19
CA LEU P 137 -68.51 83.82 -30.25
C LEU P 137 -67.50 82.90 -30.93
N LEU P 138 -66.30 83.40 -31.19
CA LEU P 138 -65.27 82.68 -31.90
C LEU P 138 -64.23 82.18 -30.97
N SER P 139 -63.19 81.58 -31.54
CA SER P 139 -62.00 81.23 -30.81
C SER P 139 -60.79 81.07 -31.69
N GLY P 140 -59.64 81.27 -31.05
CA GLY P 140 -58.38 80.98 -31.67
C GLY P 140 -58.22 79.50 -31.73
N PRO P 141 -57.40 79.03 -32.64
CA PRO P 141 -57.10 77.62 -32.74
C PRO P 141 -56.36 77.11 -31.54
N ARG P 142 -56.97 76.19 -30.83
CA ARG P 142 -56.39 75.64 -29.63
C ARG P 142 -55.12 74.85 -29.89
N LYS P 143 -54.97 74.30 -31.10
CA LYS P 143 -53.94 73.33 -31.35
C LYS P 143 -52.70 73.95 -32.00
N GLY P 144 -52.67 75.27 -32.10
CA GLY P 144 -51.55 75.97 -32.73
C GLY P 144 -50.19 75.91 -32.05
N ARG P 145 -50.16 75.71 -30.75
CA ARG P 145 -48.90 75.69 -30.05
C ARG P 145 -48.01 74.59 -30.61
N GLU P 146 -46.74 74.92 -30.85
CA GLU P 146 -45.80 73.93 -31.36
C GLU P 146 -45.85 72.69 -30.50
N VAL P 147 -45.93 72.88 -29.19
CA VAL P 147 -46.16 71.80 -28.23
C VAL P 147 -46.85 70.54 -28.76
N TYR P 148 -47.95 70.72 -29.46
CA TYR P 148 -48.77 69.59 -29.88
C TYR P 148 -48.10 68.68 -30.88
N ARG P 149 -47.29 69.25 -31.75
CA ARG P 149 -46.50 68.43 -32.67
C ARG P 149 -45.65 67.37 -31.97
N HIS P 150 -45.27 67.62 -30.72
CA HIS P 150 -44.55 66.61 -29.96
C HIS P 150 -45.46 65.57 -29.29
N PHE P 151 -46.70 65.90 -29.00
CA PHE P 151 -47.59 64.92 -28.43
C PHE P 151 -48.10 63.99 -29.50
N GLY P 152 -48.69 62.91 -29.03
CA GLY P 152 -49.33 61.93 -29.88
C GLY P 152 -48.77 60.57 -29.54
N LYS P 153 -48.77 59.70 -30.53
CA LYS P 153 -48.07 58.44 -30.41
C LYS P 153 -46.60 58.76 -30.54
N ALA P 154 -45.78 58.14 -29.71
CA ALA P 154 -44.37 58.49 -29.70
C ALA P 154 -43.75 58.22 -31.05
N PRO P 155 -42.71 58.98 -31.43
CA PRO P 155 -42.05 58.73 -32.70
C PRO P 155 -41.43 57.38 -32.71
N GLY P 156 -41.05 56.92 -33.89
CA GLY P 156 -40.36 55.64 -34.04
C GLY P 156 -41.25 54.49 -33.62
N THR P 157 -42.52 54.71 -33.88
CA THR P 157 -43.56 53.82 -33.47
C THR P 157 -44.52 53.92 -34.65
N PRO P 158 -44.67 52.82 -35.37
CA PRO P 158 -45.10 52.87 -36.74
C PRO P 158 -46.28 53.78 -36.95
N HIS P 159 -46.19 54.62 -37.97
CA HIS P 159 -47.24 55.58 -38.34
C HIS P 159 -47.45 56.66 -37.28
N SER P 160 -46.36 57.06 -36.64
CA SER P 160 -46.34 58.22 -35.74
C SER P 160 -45.63 59.34 -36.44
N HIS P 161 -46.37 60.41 -36.70
CA HIS P 161 -45.82 61.60 -37.29
C HIS P 161 -45.76 62.57 -36.14
N THR P 162 -44.69 62.40 -35.38
CA THR P 162 -44.57 63.00 -34.09
C THR P 162 -43.19 63.63 -33.99
N LYS P 163 -43.14 64.96 -33.98
CA LYS P 163 -41.88 65.66 -33.92
C LYS P 163 -41.21 65.26 -32.62
N PRO P 164 -40.01 64.71 -32.69
CA PRO P 164 -39.33 64.39 -31.49
C PRO P 164 -38.61 65.62 -30.94
N TYR P 165 -38.33 65.58 -29.65
CA TYR P 165 -37.54 66.62 -29.03
C TYR P 165 -36.08 66.38 -29.38
N VAL P 166 -35.50 67.31 -30.13
CA VAL P 166 -34.07 67.25 -30.43
C VAL P 166 -33.47 68.62 -30.25
N ARG P 167 -32.24 68.63 -29.74
CA ARG P 167 -31.51 69.87 -29.56
C ARG P 167 -31.47 70.73 -30.82
N SER P 168 -31.28 70.13 -32.00
CA SER P 168 -30.88 70.90 -33.19
C SER P 168 -30.95 70.09 -34.45
N LYS P 169 -31.94 70.33 -35.31
CA LYS P 169 -32.13 69.45 -36.48
C LYS P 169 -31.02 69.60 -37.48
N GLY P 170 -30.80 68.53 -38.24
CA GLY P 170 -29.72 68.50 -39.19
C GLY P 170 -29.10 67.13 -39.30
N ARG P 171 -28.33 66.95 -40.37
CA ARG P 171 -27.81 65.64 -40.81
C ARG P 171 -27.67 64.64 -39.72
N LYS P 172 -27.07 65.03 -38.61
CA LYS P 172 -26.59 64.07 -37.66
C LYS P 172 -27.28 64.11 -36.28
N PHE P 173 -28.56 64.48 -36.26
CA PHE P 173 -29.33 64.52 -35.02
C PHE P 173 -30.64 63.80 -35.27
N GLU P 174 -30.63 62.54 -34.87
CA GLU P 174 -31.58 61.54 -35.31
C GLU P 174 -31.41 61.34 -36.83
N ARG P 175 -32.44 60.92 -37.54
CA ARG P 175 -32.35 60.52 -38.96
C ARG P 175 -31.27 59.48 -39.41
N ALA P 176 -30.94 58.55 -38.50
CA ALA P 176 -30.18 57.31 -38.79
C ALA P 176 -30.93 56.08 -38.26
N ARG P 177 -30.23 55.03 -37.85
CA ARG P 177 -30.87 53.80 -37.35
C ARG P 177 -32.23 53.94 -36.68
N GLY P 178 -33.27 53.69 -37.47
CA GLY P 178 -34.62 53.89 -37.05
C GLY P 178 -35.42 54.75 -38.01
N ARG P 179 -34.77 55.29 -39.04
CA ARG P 179 -35.49 56.04 -40.07
C ARG P 179 -35.02 55.68 -41.47
N ARG P 180 -33.72 55.75 -41.69
CA ARG P 180 -33.11 55.16 -42.87
C ARG P 180 -33.30 53.64 -42.77
N ALA P 181 -34.12 53.06 -43.63
CA ALA P 181 -34.23 51.60 -43.68
C ALA P 181 -32.88 50.93 -43.91
N SER P 182 -32.06 51.55 -44.76
CA SER P 182 -30.67 51.18 -44.94
C SER P 182 -29.93 50.95 -43.61
N ARG P 183 -30.10 51.87 -42.67
CA ARG P 183 -29.50 51.76 -41.35
C ARG P 183 -30.45 51.19 -40.33
N GLY P 184 -30.30 49.91 -40.03
CA GLY P 184 -31.16 49.23 -39.08
C GLY P 184 -32.52 48.93 -39.67
N TYR P 185 -33.41 49.93 -39.65
CA TYR P 185 -34.84 49.71 -39.91
C TYR P 185 -35.59 51.02 -39.96
N LYS P 186 -36.92 51.00 -40.13
CA LYS P 186 -37.73 52.22 -39.99
C LYS P 186 -39.22 52.14 -39.61
N ASN P 187 -39.68 53.23 -38.99
CA ASN P 187 -41.09 53.49 -38.62
C ASN P 187 -41.56 54.90 -39.07
N SER Q 1 12.96 68.61 64.87
CA SER Q 1 11.93 69.14 63.92
C SER Q 1 12.01 68.49 62.53
N MET Q 2 13.24 68.42 62.01
CA MET Q 2 13.55 67.82 60.71
C MET Q 2 15.05 68.00 60.54
N LEU Q 3 15.78 66.94 60.26
CA LEU Q 3 17.23 66.99 60.36
C LEU Q 3 18.02 66.37 59.23
N ARG Q 4 17.39 65.95 58.14
CA ARG Q 4 18.13 65.12 57.22
C ARG Q 4 19.39 65.83 56.70
N LEU Q 5 19.29 67.13 56.51
CA LEU Q 5 20.45 67.97 56.15
C LEU Q 5 21.59 67.66 57.12
N GLN Q 6 21.30 67.78 58.40
CA GLN Q 6 22.31 67.63 59.43
C GLN Q 6 22.80 66.21 59.56
N LYS Q 7 22.04 65.22 59.11
CA LYS Q 7 22.59 63.87 59.08
C LYS Q 7 23.49 63.64 57.88
N ARG Q 8 23.12 64.18 56.72
CA ARG Q 8 24.03 64.20 55.58
C ARG Q 8 25.34 64.84 56.02
N LEU Q 9 25.27 66.14 56.30
CA LEU Q 9 26.49 66.90 56.48
C LEU Q 9 27.40 66.19 57.42
N ALA Q 10 26.86 65.77 58.56
CA ALA Q 10 27.61 64.96 59.50
C ALA Q 10 28.37 63.87 58.77
N SER Q 11 27.64 63.05 58.03
CA SER Q 11 28.23 61.91 57.33
C SER Q 11 29.43 62.26 56.49
N SER Q 12 29.26 63.25 55.64
CA SER Q 12 30.32 63.68 54.73
C SER Q 12 31.46 64.37 55.51
N VAL Q 13 31.14 64.96 56.66
CA VAL Q 13 32.17 65.53 57.53
C VAL Q 13 32.95 64.47 58.26
N LEU Q 14 32.28 63.48 58.85
CA LEU Q 14 33.00 62.36 59.44
C LEU Q 14 33.68 61.52 58.37
N ARG Q 15 33.09 61.50 57.18
CA ARG Q 15 33.49 60.61 56.09
C ARG Q 15 33.17 59.20 56.52
N CYS Q 16 31.90 59.00 56.85
CA CYS Q 16 31.36 57.74 57.30
C CYS Q 16 30.07 57.49 56.51
N GLY Q 17 29.19 56.63 57.00
CA GLY Q 17 27.96 56.32 56.30
C GLY Q 17 26.88 57.38 56.38
N LYS Q 18 26.31 57.48 57.57
CA LYS Q 18 25.04 58.15 57.89
C LYS Q 18 24.22 57.16 58.69
N LYS Q 19 24.35 55.88 58.36
CA LYS Q 19 24.14 54.85 59.35
C LYS Q 19 24.98 55.21 60.58
N LYS Q 20 26.28 55.33 60.37
CA LYS Q 20 27.21 55.62 61.44
C LYS Q 20 27.01 56.93 62.16
N VAL Q 21 26.39 57.90 61.51
CA VAL Q 21 26.07 59.14 62.16
C VAL Q 21 25.09 58.82 63.25
N TRP Q 22 25.28 59.45 64.40
CA TRP Q 22 24.33 59.42 65.51
C TRP Q 22 24.16 60.83 65.95
N LEU Q 23 22.94 61.28 66.15
CA LEU Q 23 22.69 62.63 66.63
C LEU Q 23 22.18 62.50 68.02
N ASP Q 24 22.70 63.29 68.96
CA ASP Q 24 22.17 63.30 70.32
C ASP Q 24 20.71 63.77 70.28
N PRO Q 25 19.76 62.84 70.47
CA PRO Q 25 18.36 63.19 70.27
C PRO Q 25 17.81 64.18 71.30
N ASN Q 26 18.44 64.27 72.47
CA ASN Q 26 18.13 65.33 73.41
C ASN Q 26 18.46 66.71 72.88
N GLU Q 27 19.72 66.90 72.47
CA GLU Q 27 20.23 68.20 72.07
C GLU Q 27 19.95 68.41 70.60
N THR Q 28 18.67 68.55 70.28
CA THR Q 28 18.20 68.60 68.90
C THR Q 28 18.20 70.02 68.38
N ASN Q 29 17.60 70.91 69.15
CA ASN Q 29 17.54 72.33 68.78
C ASN Q 29 18.92 72.85 68.38
N GLU Q 30 19.93 72.51 69.18
CA GLU Q 30 21.30 72.92 68.91
C GLU Q 30 21.77 72.37 67.58
N ILE Q 31 21.39 71.13 67.29
CA ILE Q 31 21.68 70.52 66.00
C ILE Q 31 20.92 71.21 64.86
N ALA Q 32 19.65 71.53 65.06
CA ALA Q 32 18.86 72.14 63.99
C ALA Q 32 19.26 73.55 63.59
N ASN Q 33 20.15 74.16 64.36
CA ASN Q 33 20.86 75.34 63.89
C ASN Q 33 22.31 74.99 63.53
N ALA Q 34 22.44 74.01 62.64
CA ALA Q 34 23.69 73.66 61.96
C ALA Q 34 23.43 73.58 60.46
N ASN Q 35 22.81 74.64 59.96
CA ASN Q 35 22.58 74.87 58.54
C ASN Q 35 23.81 74.84 57.61
N SER Q 36 25.01 74.85 58.18
CA SER Q 36 26.24 74.59 57.43
C SER Q 36 26.95 73.36 58.00
N ARG Q 37 28.08 73.02 57.38
CA ARG Q 37 29.08 72.22 58.05
C ARG Q 37 30.03 73.24 58.63
N GLN Q 38 31.07 72.80 59.31
CA GLN Q 38 31.90 73.67 60.15
C GLN Q 38 31.12 74.04 61.39
N GLN Q 39 29.87 74.44 61.22
CA GLN Q 39 28.93 74.43 62.31
C GLN Q 39 28.86 73.03 62.91
N ILE Q 40 28.71 72.03 62.05
CA ILE Q 40 28.67 70.65 62.51
C ILE Q 40 29.98 70.26 63.14
N ARG Q 41 31.07 70.62 62.50
CA ARG Q 41 32.37 70.27 63.04
C ARG Q 41 32.46 70.67 64.53
N LYS Q 42 31.99 71.87 64.84
CA LYS Q 42 31.82 72.33 66.22
C LYS Q 42 31.07 71.32 67.05
N LEU Q 43 29.93 70.88 66.54
CA LEU Q 43 29.04 69.94 67.23
C LEU Q 43 29.66 68.59 67.44
N ILE Q 44 30.53 68.18 66.52
CA ILE Q 44 31.29 66.94 66.68
C ILE Q 44 32.32 67.06 67.81
N LYS Q 45 33.01 68.19 67.90
CA LYS Q 45 34.01 68.40 68.95
C LYS Q 45 33.35 68.55 70.33
N ASP Q 46 32.11 69.06 70.33
CA ASP Q 46 31.32 69.22 71.56
C ASP Q 46 30.54 67.98 71.98
N GLY Q 47 30.40 67.02 71.06
CA GLY Q 47 29.91 65.67 71.40
C GLY Q 47 28.42 65.46 71.27
N LEU Q 48 27.77 66.26 70.44
CA LEU Q 48 26.36 66.09 70.16
C LEU Q 48 26.21 65.10 69.03
N ILE Q 49 26.77 65.39 67.85
CA ILE Q 49 26.71 64.41 66.80
C ILE Q 49 27.96 63.59 67.00
N ILE Q 50 27.89 62.29 66.66
CA ILE Q 50 28.98 61.36 66.89
C ILE Q 50 28.98 60.23 65.90
N ARG Q 51 30.17 59.78 65.51
CA ARG Q 51 30.32 58.60 64.69
C ARG Q 51 30.14 57.37 65.54
N LYS Q 52 29.18 56.54 65.19
CA LYS Q 52 29.01 55.24 65.86
C LYS Q 52 30.15 54.31 65.50
N PRO Q 53 30.25 53.20 66.23
CA PRO Q 53 31.22 52.18 65.83
C PRO Q 53 30.68 51.27 64.76
N VAL Q 54 31.57 50.46 64.20
CA VAL Q 54 31.19 49.44 63.25
C VAL Q 54 30.49 48.34 63.99
N THR Q 55 29.44 47.83 63.34
CA THR Q 55 28.66 46.70 63.80
C THR Q 55 29.57 45.51 63.71
N VAL Q 56 29.77 44.80 64.82
CA VAL Q 56 30.86 43.84 64.80
C VAL Q 56 30.53 42.67 63.95
N HIS Q 57 31.56 42.04 63.44
CA HIS Q 57 31.40 40.87 62.60
C HIS Q 57 32.65 40.08 62.83
N SER Q 58 32.62 39.37 63.94
CA SER Q 58 33.77 38.65 64.37
C SER Q 58 34.07 37.43 63.52
N ARG Q 59 35.33 37.07 63.58
CA ARG Q 59 35.95 36.06 62.78
C ARG Q 59 36.31 34.90 63.70
N ALA Q 60 35.94 35.02 64.98
CA ALA Q 60 36.45 34.17 66.04
C ALA Q 60 36.06 32.75 65.78
N ARG Q 61 34.78 32.62 65.45
CA ARG Q 61 34.21 31.39 65.00
C ARG Q 61 35.03 30.80 63.86
N CYS Q 62 35.17 31.58 62.80
CA CYS Q 62 35.82 31.05 61.64
C CYS Q 62 37.22 30.63 61.98
N ARG Q 63 37.96 31.50 62.64
CA ARG Q 63 39.33 31.15 63.00
C ARG Q 63 39.41 29.79 63.67
N LYS Q 64 38.47 29.51 64.57
CA LYS Q 64 38.46 28.23 65.28
C LYS Q 64 38.31 27.06 64.34
N ASN Q 65 37.41 27.18 63.39
CA ASN Q 65 37.17 26.10 62.45
C ASN Q 65 38.38 25.82 61.57
N THR Q 66 39.04 26.86 61.10
CA THR Q 66 40.23 26.69 60.28
C THR Q 66 41.37 26.08 61.04
N LEU Q 67 41.40 26.28 62.36
CA LEU Q 67 42.37 25.60 63.20
C LEU Q 67 42.00 24.15 63.40
N ALA Q 68 40.81 23.74 62.95
CA ALA Q 68 40.42 22.33 62.89
C ALA Q 68 40.79 21.66 61.57
N ARG Q 69 40.56 22.37 60.46
CA ARG Q 69 40.94 21.82 59.16
C ARG Q 69 42.45 21.59 59.05
N ARG Q 70 43.24 22.27 59.87
CA ARG Q 70 44.66 21.93 59.99
C ARG Q 70 44.82 20.64 60.74
N LYS Q 71 44.10 20.47 61.85
CA LYS Q 71 44.13 19.18 62.56
C LYS Q 71 43.70 18.01 61.67
N GLY Q 72 42.80 18.28 60.72
CA GLY Q 72 42.36 17.31 59.71
C GLY Q 72 40.93 16.94 60.02
N ARG Q 73 40.04 17.91 59.89
CA ARG Q 73 38.68 17.80 60.41
C ARG Q 73 37.74 18.52 59.48
N HIS Q 74 36.47 18.10 59.46
CA HIS Q 74 35.44 18.66 58.55
C HIS Q 74 35.80 18.50 57.06
N MET Q 75 36.62 17.50 56.78
CA MET Q 75 37.28 17.41 55.53
C MET Q 75 37.04 16.06 54.88
N GLY Q 76 36.13 15.27 55.44
CA GLY Q 76 35.95 13.91 55.00
C GLY Q 76 35.15 13.85 53.72
N ILE Q 77 35.00 12.64 53.20
CA ILE Q 77 34.35 12.39 51.92
C ILE Q 77 33.09 13.24 51.80
N GLY Q 78 32.32 13.29 52.88
CA GLY Q 78 31.08 14.00 52.91
C GLY Q 78 31.11 15.45 53.30
N LYS Q 79 32.20 16.12 53.07
CA LYS Q 79 32.18 17.55 53.14
C LYS Q 79 33.01 18.04 51.98
N ARG Q 80 32.70 17.51 50.81
CA ARG Q 80 33.50 17.70 49.62
C ARG Q 80 32.57 17.82 48.44
N LYS Q 81 32.33 19.03 47.97
CA LYS Q 81 31.46 19.17 46.85
C LYS Q 81 32.21 19.12 45.56
N GLY Q 82 33.46 19.54 45.56
CA GLY Q 82 34.24 19.65 44.33
C GLY Q 82 34.93 18.36 44.03
N THR Q 83 34.98 18.01 42.77
CA THR Q 83 35.91 17.00 42.32
C THR Q 83 37.26 17.25 42.88
N ALA Q 84 38.05 16.20 43.00
CA ALA Q 84 39.43 16.36 43.48
C ALA Q 84 40.18 17.41 42.66
N ASN Q 85 40.12 17.27 41.34
CA ASN Q 85 40.89 18.12 40.47
C ASN Q 85 40.40 19.57 40.40
N ALA Q 86 39.32 19.89 41.08
CA ALA Q 86 38.96 21.29 41.42
C ALA Q 86 39.44 21.73 42.79
N ARG Q 87 39.45 20.79 43.73
CA ARG Q 87 39.84 21.04 45.10
C ARG Q 87 41.32 21.21 45.27
N MET Q 88 42.10 20.37 44.60
CA MET Q 88 43.52 20.66 44.39
C MET Q 88 43.89 20.12 43.03
N PRO Q 89 44.19 21.00 42.09
CA PRO Q 89 44.32 20.55 40.73
C PRO Q 89 45.62 19.83 40.47
N GLU Q 90 45.56 18.86 39.57
CA GLU Q 90 46.68 17.97 39.27
C GLU Q 90 47.82 18.78 38.73
N LYS Q 91 47.61 19.41 37.59
CA LYS Q 91 48.69 20.15 36.96
C LYS Q 91 49.52 20.93 37.96
N VAL Q 92 48.87 21.48 38.98
CA VAL Q 92 49.59 22.14 40.03
C VAL Q 92 50.44 21.16 40.76
N THR Q 93 49.82 20.12 41.30
CA THR Q 93 50.61 19.10 41.98
C THR Q 93 51.87 18.75 41.18
N TRP Q 94 51.68 18.29 39.95
CA TRP Q 94 52.77 18.05 39.03
C TRP Q 94 53.78 19.18 39.02
N MET Q 95 53.35 20.39 38.70
CA MET Q 95 54.30 21.48 38.66
C MET Q 95 55.16 21.45 39.90
N ARG Q 96 54.52 21.49 41.06
CA ARG Q 96 55.25 21.50 42.32
C ARG Q 96 56.36 20.46 42.25
N ARG Q 97 55.96 19.25 41.88
CA ARG Q 97 56.85 18.11 41.88
C ARG Q 97 58.06 18.24 40.96
N MET Q 98 57.87 18.75 39.74
CA MET Q 98 59.02 18.97 38.85
C MET Q 98 59.94 20.00 39.46
N ARG Q 99 59.36 21.10 39.86
CA ARG Q 99 60.16 22.18 40.38
C ARG Q 99 60.78 21.81 41.72
N ILE Q 100 60.35 20.72 42.33
CA ILE Q 100 61.08 20.16 43.45
C ILE Q 100 62.26 19.31 43.00
N LEU Q 101 62.00 18.31 42.15
CA LEU Q 101 63.04 17.38 41.73
C LEU Q 101 64.07 18.02 40.84
N ARG Q 102 63.65 18.94 39.98
CA ARG Q 102 64.61 19.64 39.18
C ARG Q 102 65.53 20.46 40.06
N ARG Q 103 64.94 21.27 40.92
CA ARG Q 103 65.70 22.03 41.89
C ARG Q 103 66.62 21.09 42.67
N LEU Q 104 66.07 20.00 43.20
CA LEU Q 104 66.87 18.98 43.90
C LEU Q 104 68.06 18.57 43.04
N LEU Q 105 67.81 17.95 41.90
CA LEU Q 105 68.87 17.54 40.99
C LEU Q 105 69.89 18.62 40.85
N ARG Q 106 69.51 19.75 40.28
CA ARG Q 106 70.52 20.71 39.92
C ARG Q 106 71.29 21.22 41.16
N ARG Q 107 70.71 21.12 42.35
CA ARG Q 107 71.50 21.32 43.56
C ARG Q 107 72.61 20.28 43.63
N TYR Q 108 72.24 18.99 43.50
CA TYR Q 108 73.21 17.87 43.56
C TYR Q 108 74.35 17.96 42.54
N ARG Q 109 74.03 18.39 41.33
CA ARG Q 109 75.05 18.66 40.36
C ARG Q 109 75.99 19.73 40.87
N GLU Q 110 75.44 20.89 41.26
CA GLU Q 110 76.26 22.01 41.71
C GLU Q 110 76.86 21.87 43.12
N SER Q 111 76.64 20.71 43.74
CA SER Q 111 77.47 20.21 44.83
C SER Q 111 78.54 19.24 44.34
N LYS Q 112 78.74 19.16 43.04
CA LYS Q 112 79.60 18.16 42.43
C LYS Q 112 79.28 16.72 42.86
N LYS Q 113 78.06 16.52 43.38
CA LYS Q 113 77.69 15.24 43.93
C LYS Q 113 77.47 14.29 42.76
N ILE Q 114 76.41 14.50 41.98
CA ILE Q 114 76.21 13.73 40.74
C ILE Q 114 76.82 14.50 39.58
N ASP Q 115 77.01 13.80 38.47
CA ASP Q 115 77.73 14.33 37.31
C ASP Q 115 76.81 14.84 36.20
N ARG Q 116 77.41 15.45 35.19
CA ARG Q 116 76.72 15.96 33.99
C ARG Q 116 75.82 14.87 33.45
N HIS Q 117 76.41 13.72 33.17
CA HIS Q 117 75.75 12.69 32.41
C HIS Q 117 74.60 12.09 33.24
N MET Q 118 74.88 11.78 34.50
CA MET Q 118 73.87 11.12 35.35
C MET Q 118 72.70 12.03 35.66
N TYR Q 119 72.99 13.32 35.83
CA TYR Q 119 71.96 14.35 35.98
C TYR Q 119 70.97 14.24 34.87
N HIS Q 120 71.47 14.22 33.64
CA HIS Q 120 70.61 14.35 32.50
C HIS Q 120 69.63 13.20 32.42
N SER Q 121 70.09 11.99 32.68
CA SER Q 121 69.16 10.87 32.74
C SER Q 121 68.07 11.15 33.76
N LEU Q 122 68.44 11.15 35.04
CA LEU Q 122 67.48 11.37 36.11
C LEU Q 122 66.50 12.43 35.72
N TYR Q 123 67.01 13.51 35.15
CA TYR Q 123 66.14 14.57 34.71
C TYR Q 123 65.00 14.02 33.87
N LEU Q 124 65.32 13.31 32.81
CA LEU Q 124 64.27 12.84 31.93
C LEU Q 124 63.42 11.79 32.59
N LYS Q 125 63.99 11.00 33.49
CA LYS Q 125 63.19 10.03 34.26
C LYS Q 125 62.24 10.75 35.17
N VAL Q 126 62.71 11.82 35.78
CA VAL Q 126 61.86 12.71 36.55
C VAL Q 126 60.71 13.28 35.72
N LYS Q 127 61.00 13.79 34.54
CA LYS Q 127 59.94 14.21 33.60
C LYS Q 127 58.96 13.11 33.17
N GLY Q 128 59.40 11.87 33.20
CA GLY Q 128 58.52 10.76 32.97
C GLY Q 128 58.22 10.05 34.26
N ASN Q 129 57.69 10.82 35.20
CA ASN Q 129 57.33 10.33 36.53
C ASN Q 129 57.85 8.95 36.98
N VAL Q 130 59.12 8.86 37.25
CA VAL Q 130 59.64 7.70 37.94
C VAL Q 130 59.58 7.96 39.44
N PHE Q 131 60.07 9.11 39.85
CA PHE Q 131 60.33 9.35 41.25
C PHE Q 131 59.24 10.20 41.81
N LYS Q 132 58.39 9.55 42.58
CA LYS Q 132 57.17 10.16 43.07
C LYS Q 132 57.35 11.34 44.03
N ASN Q 133 58.55 11.59 44.54
CA ASN Q 133 58.78 12.69 45.46
C ASN Q 133 60.27 12.88 45.68
N LYS Q 134 60.67 13.74 46.61
CA LYS Q 134 62.07 14.06 46.83
C LYS Q 134 62.81 12.93 47.48
N ARG Q 135 62.29 12.47 48.60
CA ARG Q 135 62.94 11.42 49.36
C ARG Q 135 63.31 10.26 48.49
N ILE Q 136 62.38 9.84 47.66
CA ILE Q 136 62.60 8.63 46.91
C ILE Q 136 63.57 8.79 45.71
N LEU Q 137 63.80 10.02 45.28
CA LEU Q 137 64.85 10.30 44.31
C LEU Q 137 66.17 10.29 45.04
N MET Q 138 66.26 10.99 46.16
CA MET Q 138 67.48 10.94 46.97
C MET Q 138 68.00 9.51 47.01
N GLU Q 139 67.16 8.61 47.48
CA GLU Q 139 67.55 7.22 47.62
C GLU Q 139 68.07 6.72 46.31
N HIS Q 140 67.24 6.79 45.29
CA HIS Q 140 67.69 6.27 44.02
C HIS Q 140 69.04 6.84 43.58
N ILE Q 141 69.33 8.09 43.89
CA ILE Q 141 70.61 8.62 43.55
C ILE Q 141 71.60 7.86 44.37
N HIS Q 142 71.42 7.80 45.68
CA HIS Q 142 72.47 7.20 46.52
C HIS Q 142 72.96 5.87 45.96
N LYS Q 143 71.99 5.03 45.63
CA LYS Q 143 72.27 3.71 45.10
C LYS Q 143 73.15 3.81 43.88
N LEU Q 144 72.72 4.54 42.87
CA LEU Q 144 73.55 4.73 41.69
C LEU Q 144 74.96 5.21 42.01
N LYS Q 145 75.07 6.15 42.95
CA LYS Q 145 76.38 6.58 43.38
C LYS Q 145 77.16 5.42 43.96
N ALA Q 146 76.53 4.61 44.80
CA ALA Q 146 77.20 3.43 45.38
C ALA Q 146 77.59 2.37 44.35
N ASP Q 147 76.72 2.13 43.38
CA ASP Q 147 77.03 1.23 42.28
C ASP Q 147 78.24 1.72 41.52
N LYS Q 148 78.20 2.98 41.09
CA LYS Q 148 79.36 3.58 40.44
C LYS Q 148 80.65 3.26 41.19
N ALA Q 149 80.66 3.59 42.49
CA ALA Q 149 81.84 3.38 43.34
C ALA Q 149 82.36 1.95 43.27
N ARG Q 150 81.46 0.97 43.33
CA ARG Q 150 81.85 -0.44 43.19
C ARG Q 150 82.49 -0.69 41.84
N LYS Q 151 81.89 -0.15 40.78
CA LYS Q 151 82.41 -0.37 39.44
C LYS Q 151 83.70 0.39 39.17
N LYS Q 152 83.77 1.65 39.57
CA LYS Q 152 84.97 2.46 39.35
C LYS Q 152 86.19 1.88 40.07
N LEU Q 153 85.97 1.36 41.27
CA LEU Q 153 87.00 0.61 42.00
C LEU Q 153 87.53 -0.52 41.14
N LEU Q 154 86.61 -1.39 40.71
CA LEU Q 154 86.95 -2.57 39.92
C LEU Q 154 87.72 -2.22 38.66
N ALA Q 155 87.32 -1.15 38.00
CA ALA Q 155 88.03 -0.68 36.81
C ALA Q 155 89.47 -0.28 37.16
N ASP Q 156 89.60 0.56 38.19
CA ASP Q 156 90.92 1.07 38.58
C ASP Q 156 91.81 0.00 39.17
N GLN Q 157 91.24 -1.10 39.67
CA GLN Q 157 92.02 -2.29 39.99
C GLN Q 157 92.57 -2.95 38.72
N ALA Q 158 91.75 -3.04 37.69
CA ALA Q 158 92.18 -3.64 36.41
C ALA Q 158 93.28 -2.83 35.76
N GLU Q 159 93.06 -1.53 35.62
CA GLU Q 159 94.03 -0.64 34.99
C GLU Q 159 95.39 -0.70 35.68
N ALA Q 160 95.38 -0.72 37.02
CA ALA Q 160 96.60 -0.90 37.80
C ALA Q 160 97.23 -2.27 37.57
N ARG Q 161 96.39 -3.31 37.48
CA ARG Q 161 96.87 -4.64 37.12
C ARG Q 161 97.51 -4.67 35.73
N ARG Q 162 96.87 -3.99 34.80
CA ARG Q 162 97.36 -3.92 33.42
C ARG Q 162 98.68 -3.17 33.35
N SER Q 163 98.69 -1.97 33.93
CA SER Q 163 99.89 -1.15 34.06
C SER Q 163 101.11 -1.95 34.54
N LYS Q 164 100.91 -2.73 35.61
CA LYS Q 164 101.97 -3.57 36.17
C LYS Q 164 102.43 -4.65 35.22
N THR Q 165 101.48 -5.30 34.53
CA THR Q 165 101.81 -6.35 33.58
C THR Q 165 102.50 -5.81 32.33
N LYS Q 166 102.05 -4.64 31.89
CA LYS Q 166 102.60 -4.01 30.69
C LYS Q 166 104.01 -3.45 30.90
N GLU Q 167 104.21 -2.73 31.99
CA GLU Q 167 105.53 -2.21 32.37
C GLU Q 167 106.54 -3.32 32.67
N ALA Q 168 106.09 -4.37 33.36
CA ALA Q 168 106.94 -5.52 33.65
C ALA Q 168 107.43 -6.22 32.39
N ARG Q 169 106.59 -6.26 31.37
CA ARG Q 169 106.96 -6.82 30.08
C ARG Q 169 107.90 -5.87 29.33
N LYS Q 170 107.64 -4.57 29.43
CA LYS Q 170 108.46 -3.58 28.75
C LYS Q 170 109.89 -3.62 29.29
N ARG Q 171 110.01 -3.72 30.61
CA ARG Q 171 111.32 -3.75 31.25
C ARG Q 171 112.11 -4.98 30.84
N ARG Q 172 111.43 -6.11 30.78
CA ARG Q 172 112.03 -7.37 30.32
C ARG Q 172 112.59 -7.24 28.90
N GLU Q 173 111.83 -6.59 28.01
CA GLU Q 173 112.26 -6.34 26.63
C GLU Q 173 113.49 -5.42 26.54
N GLU Q 174 113.57 -4.45 27.45
CA GLU Q 174 114.73 -3.55 27.54
C GLU Q 174 115.99 -4.30 28.02
N ARG Q 175 115.81 -5.23 28.95
CA ARG Q 175 116.91 -6.08 29.43
C ARG Q 175 117.47 -7.02 28.35
N LEU Q 176 116.58 -7.52 27.48
CA LEU Q 176 116.97 -8.41 26.37
C LEU Q 176 117.74 -7.65 25.29
N GLN Q 177 117.28 -6.44 24.97
CA GLN Q 177 118.00 -5.56 24.03
C GLN Q 177 119.41 -5.17 24.49
N ALA Q 178 119.57 -4.97 25.80
CA ALA Q 178 120.88 -4.66 26.38
C ALA Q 178 121.85 -5.86 26.32
N LYS Q 179 121.33 -7.05 26.57
CA LYS Q 179 122.12 -8.29 26.48
C LYS Q 179 122.61 -8.61 25.05
N LYS Q 180 121.74 -8.35 24.07
CA LYS Q 180 122.01 -8.69 22.66
C LYS Q 180 122.28 -10.18 22.44
N LYS R 1 -82.62 20.93 3.57
CA LYS R 1 -83.64 21.24 4.61
C LYS R 1 -83.09 21.38 6.02
N ALA R 2 -83.92 21.96 6.88
CA ALA R 2 -83.67 22.00 8.32
C ALA R 2 -84.97 21.53 8.98
N SER R 3 -85.38 22.14 10.10
CA SER R 3 -86.64 21.78 10.76
C SER R 3 -87.20 22.92 11.67
N GLY R 4 -88.15 22.53 12.51
CA GLY R 4 -88.67 23.32 13.63
C GLY R 4 -89.76 22.47 14.27
N THR R 5 -90.95 22.56 13.67
CA THR R 5 -91.90 21.44 13.62
C THR R 5 -92.51 21.46 12.23
N LEU R 6 -92.53 20.29 11.59
CA LEU R 6 -92.98 20.22 10.21
C LEU R 6 -94.49 20.29 10.19
N ARG R 7 -95.00 20.52 8.99
CA ARG R 7 -96.39 20.28 8.67
C ARG R 7 -96.40 19.20 7.61
N GLU R 8 -97.59 18.91 7.09
CA GLU R 8 -97.75 18.17 5.84
C GLU R 8 -98.12 19.18 4.78
N TYR R 9 -97.65 18.95 3.57
CA TYR R 9 -98.03 19.74 2.44
C TYR R 9 -98.39 18.84 1.28
N LYS R 10 -99.50 19.14 0.61
CA LYS R 10 -99.87 18.47 -0.62
C LYS R 10 -99.42 19.36 -1.73
N VAL R 11 -98.30 19.00 -2.35
CA VAL R 11 -97.82 19.70 -3.53
C VAL R 11 -98.26 18.89 -4.71
N VAL R 12 -98.72 19.56 -5.76
CA VAL R 12 -98.94 18.90 -7.05
C VAL R 12 -98.41 19.75 -8.16
N GLY R 13 -97.90 19.10 -9.20
CA GLY R 13 -97.16 19.81 -10.24
C GLY R 13 -97.00 19.02 -11.52
N ARG R 14 -96.74 19.75 -12.60
CA ARG R 14 -96.69 19.16 -13.93
C ARG R 14 -95.60 19.79 -14.73
N CYS R 15 -94.95 18.99 -15.57
CA CYS R 15 -94.06 19.58 -16.56
C CYS R 15 -95.00 20.43 -17.38
N LEU R 16 -94.66 21.69 -17.60
CA LEU R 16 -95.59 22.61 -18.25
C LEU R 16 -95.67 22.27 -19.73
N PRO R 17 -96.80 22.57 -20.35
CA PRO R 17 -97.10 21.94 -21.61
C PRO R 17 -96.40 22.54 -22.82
N THR R 18 -96.10 21.67 -23.79
CA THR R 18 -95.43 22.02 -25.04
C THR R 18 -96.42 21.79 -26.20
N PRO R 19 -95.95 21.96 -27.44
CA PRO R 19 -96.64 21.39 -28.60
C PRO R 19 -96.78 19.86 -28.57
N LYS R 20 -95.76 19.16 -28.06
CA LYS R 20 -95.75 17.69 -28.08
C LYS R 20 -96.39 17.00 -26.85
N CYS R 21 -96.78 17.78 -25.84
CA CYS R 21 -97.53 17.25 -24.69
C CYS R 21 -98.54 18.28 -24.22
N ARG R 22 -99.71 18.27 -24.84
CA ARG R 22 -100.69 19.32 -24.65
C ARG R 22 -101.41 19.31 -23.31
N THR R 23 -101.45 18.15 -22.64
CA THR R 23 -102.08 18.02 -21.32
C THR R 23 -101.26 17.04 -20.46
N PRO R 24 -100.10 17.52 -19.97
CA PRO R 24 -99.18 16.64 -19.24
C PRO R 24 -99.74 16.16 -17.92
N PRO R 25 -99.19 15.05 -17.41
CA PRO R 25 -99.72 14.42 -16.21
C PRO R 25 -99.24 15.12 -14.94
N LEU R 26 -100.20 15.46 -14.10
CA LEU R 26 -99.90 16.02 -12.79
C LEU R 26 -99.32 14.94 -11.91
N TYR R 27 -98.49 15.37 -10.98
CA TYR R 27 -97.99 14.49 -9.94
C TYR R 27 -98.21 15.14 -8.60
N ARG R 28 -98.31 14.31 -7.57
CA ARG R 28 -98.64 14.73 -6.21
C ARG R 28 -97.62 14.14 -5.25
N MET R 29 -97.30 14.87 -4.18
CA MET R 29 -96.33 14.39 -3.19
C MET R 29 -96.65 14.88 -1.78
N ARG R 30 -96.66 13.93 -0.84
CA ARG R 30 -96.71 14.26 0.57
C ARG R 30 -95.35 14.82 0.92
N ILE R 31 -95.25 16.13 1.00
CA ILE R 31 -94.06 16.75 1.53
C ILE R 31 -94.31 16.99 2.99
N PHE R 32 -93.25 16.88 3.77
CA PHE R 32 -93.29 17.25 5.16
C PHE R 32 -92.26 18.34 5.35
N ALA R 33 -92.69 19.52 5.75
CA ALA R 33 -91.76 20.61 5.73
C ALA R 33 -92.22 21.81 6.49
N PRO R 34 -91.26 22.56 7.07
CA PRO R 34 -91.58 23.63 7.98
C PRO R 34 -92.30 24.77 7.34
N ASN R 35 -92.27 24.88 6.03
CA ASN R 35 -93.14 25.85 5.38
C ASN R 35 -93.23 25.68 3.89
N HIS R 36 -94.28 26.29 3.34
CA HIS R 36 -94.65 26.10 1.95
C HIS R 36 -93.58 26.47 0.96
N VAL R 37 -92.74 27.42 1.31
CA VAL R 37 -91.70 27.85 0.42
C VAL R 37 -90.68 26.76 0.26
N VAL R 38 -90.35 26.09 1.35
CA VAL R 38 -89.37 25.03 1.27
C VAL R 38 -90.04 23.75 0.80
N ALA R 39 -91.30 23.56 1.17
CA ALA R 39 -92.07 22.40 0.75
C ALA R 39 -91.96 22.24 -0.72
N LYS R 40 -92.18 23.34 -1.41
CA LYS R 40 -92.14 23.34 -2.83
C LYS R 40 -90.78 23.04 -3.38
N SER R 41 -89.74 23.59 -2.78
CA SER R 41 -88.40 23.18 -3.16
C SER R 41 -88.28 21.67 -2.99
N ARG R 42 -88.57 21.21 -1.78
CA ARG R 42 -88.48 19.79 -1.50
C ARG R 42 -89.24 18.93 -2.50
N PHE R 43 -90.42 19.40 -2.86
CA PHE R 43 -91.19 18.71 -3.85
C PHE R 43 -90.34 18.49 -5.08
N TRP R 44 -89.78 19.57 -5.63
CA TRP R 44 -89.06 19.47 -6.87
C TRP R 44 -87.94 18.43 -6.75
N TYR R 45 -87.00 18.67 -5.83
CA TYR R 45 -85.94 17.68 -5.52
C TYR R 45 -86.35 16.21 -5.69
N PHE R 46 -87.50 15.85 -5.12
CA PHE R 46 -88.01 14.50 -5.26
C PHE R 46 -88.52 14.19 -6.65
N VAL R 47 -89.32 15.08 -7.19
CA VAL R 47 -89.83 14.86 -8.50
C VAL R 47 -88.65 14.60 -9.43
N SER R 48 -87.70 15.52 -9.47
CA SER R 48 -86.62 15.41 -10.42
C SER R 48 -85.83 14.12 -10.28
N GLN R 49 -85.63 13.62 -9.07
CA GLN R 49 -85.00 12.30 -8.89
C GLN R 49 -85.79 11.19 -9.58
N LEU R 50 -87.12 11.34 -9.61
CA LEU R 50 -88.01 10.36 -10.23
C LEU R 50 -88.18 10.62 -11.71
N LYS R 51 -88.88 11.69 -12.05
CA LYS R 51 -89.19 11.98 -13.42
C LYS R 51 -88.13 12.90 -13.94
N LYS R 52 -88.00 12.96 -15.26
CA LYS R 52 -87.33 14.07 -15.91
C LYS R 52 -88.24 15.30 -15.82
N MET R 53 -88.08 16.12 -14.80
CA MET R 53 -88.92 17.29 -14.63
C MET R 53 -88.28 18.25 -13.63
N LYS R 54 -87.75 19.36 -14.14
CA LYS R 54 -87.07 20.37 -13.32
C LYS R 54 -88.03 21.49 -13.05
N LYS R 55 -87.74 22.30 -12.05
CA LYS R 55 -88.61 23.44 -11.73
C LYS R 55 -88.88 24.33 -12.94
N SER R 56 -87.84 24.61 -13.70
CA SER R 56 -87.96 25.49 -14.87
C SER R 56 -88.77 24.88 -16.00
N SER R 57 -88.71 23.56 -16.11
CA SER R 57 -89.55 22.82 -17.05
C SER R 57 -91.02 22.76 -16.62
N GLY R 58 -91.31 23.04 -15.36
CA GLY R 58 -92.62 22.75 -14.78
C GLY R 58 -93.34 23.92 -14.15
N GLU R 59 -94.29 23.56 -13.31
CA GLU R 59 -94.93 24.49 -12.42
C GLU R 59 -95.52 23.70 -11.27
N ILE R 60 -95.73 24.39 -10.16
CA ILE R 60 -96.46 23.84 -9.05
C ILE R 60 -97.84 24.43 -9.14
N VAL R 61 -98.78 23.53 -9.20
CA VAL R 61 -100.16 23.78 -9.50
C VAL R 61 -100.89 24.16 -8.22
N TYR R 62 -100.75 23.29 -7.22
CA TYR R 62 -101.38 23.45 -5.92
C TYR R 62 -100.50 22.88 -4.81
N CYS R 63 -100.01 23.80 -3.99
CA CYS R 63 -99.29 23.49 -2.77
C CYS R 63 -100.15 24.02 -1.67
N GLY R 64 -100.41 23.17 -0.68
CA GLY R 64 -101.29 23.53 0.42
C GLY R 64 -101.19 22.60 1.60
N GLN R 65 -101.56 23.12 2.77
CA GLN R 65 -101.38 22.40 4.02
C GLN R 65 -102.34 21.25 4.11
N VAL R 66 -101.95 20.24 4.84
CA VAL R 66 -102.80 19.11 5.06
C VAL R 66 -102.90 18.86 6.54
N PHE R 67 -104.13 18.93 7.05
CA PHE R 67 -104.39 18.88 8.48
C PHE R 67 -104.76 17.47 8.89
N GLU R 68 -104.46 17.15 10.14
CA GLU R 68 -104.72 15.84 10.65
C GLU R 68 -106.18 15.74 11.00
N LYS R 69 -106.88 14.86 10.29
CA LYS R 69 -108.32 14.64 10.47
C LYS R 69 -108.62 13.88 11.74
N SER R 70 -107.60 13.27 12.34
CA SER R 70 -107.71 12.64 13.66
C SER R 70 -106.71 13.22 14.68
N PRO R 71 -106.80 14.53 14.97
CA PRO R 71 -105.86 15.13 15.92
C PRO R 71 -105.96 14.55 17.30
N LEU R 72 -107.19 14.39 17.78
CA LEU R 72 -107.39 14.10 19.19
C LEU R 72 -107.29 12.62 19.52
N ARG R 73 -107.24 11.79 18.49
CA ARG R 73 -106.82 10.41 18.64
C ARG R 73 -105.33 10.36 18.80
N VAL R 74 -104.86 9.23 19.32
CA VAL R 74 -103.44 8.96 19.39
C VAL R 74 -103.25 7.73 18.56
N LYS R 75 -102.20 7.74 17.77
CA LYS R 75 -102.01 6.77 16.70
C LYS R 75 -100.61 6.32 16.66
N ASN R 76 -100.45 5.15 16.08
CA ASN R 76 -99.17 4.59 15.96
C ASN R 76 -98.85 4.77 14.51
N PHE R 77 -97.77 5.50 14.20
CA PHE R 77 -97.27 5.56 12.84
C PHE R 77 -96.10 4.63 12.70
N GLY R 78 -96.18 3.81 11.68
CA GLY R 78 -95.01 3.29 11.02
C GLY R 78 -94.57 4.39 10.10
N ILE R 79 -93.31 4.35 9.68
CA ILE R 79 -92.75 5.45 8.90
C ILE R 79 -91.52 4.89 8.24
N TRP R 80 -91.43 4.97 6.92
CA TRP R 80 -90.33 4.33 6.23
C TRP R 80 -89.39 5.39 5.78
N LEU R 81 -88.11 5.04 5.73
CA LEU R 81 -87.06 6.01 5.60
C LEU R 81 -86.07 5.62 4.54
N ARG R 82 -85.18 6.56 4.28
CA ARG R 82 -84.03 6.29 3.47
C ARG R 82 -83.06 7.41 3.83
N TYR R 83 -82.27 7.17 4.87
CA TYR R 83 -81.28 8.15 5.29
C TYR R 83 -79.97 7.88 4.65
N ASP R 84 -78.98 8.67 5.03
CA ASP R 84 -77.60 8.44 4.64
C ASP R 84 -76.72 8.22 5.86
N SER R 85 -75.65 7.47 5.66
CA SER R 85 -74.70 7.20 6.72
C SER R 85 -73.47 8.04 6.47
N ARG R 86 -72.54 7.99 7.42
CA ARG R 86 -71.15 8.36 7.18
C ARG R 86 -70.56 7.40 6.15
N SER R 87 -71.11 6.20 6.12
CA SER R 87 -70.92 5.26 5.01
C SER R 87 -72.00 5.47 3.95
N GLY R 88 -72.50 4.38 3.35
CA GLY R 88 -73.57 4.44 2.34
C GLY R 88 -74.99 4.54 2.89
N THR R 89 -75.95 4.80 1.99
CA THR R 89 -77.35 4.96 2.38
C THR R 89 -77.93 3.68 2.89
N HIS R 90 -78.94 3.82 3.72
CA HIS R 90 -79.69 2.69 4.25
C HIS R 90 -81.18 2.99 4.06
N ASN R 91 -82.01 1.99 4.34
CA ASN R 91 -83.44 2.19 4.53
C ASN R 91 -83.74 1.76 5.92
N MET R 92 -84.85 2.21 6.44
CA MET R 92 -85.27 1.84 7.77
C MET R 92 -86.77 1.69 7.75
N TYR R 93 -87.29 1.35 8.92
CA TYR R 93 -88.69 1.50 9.22
C TYR R 93 -88.81 1.68 10.70
N ARG R 94 -89.30 2.83 11.10
CA ARG R 94 -89.36 3.16 12.49
C ARG R 94 -90.83 3.29 12.81
N GLU R 95 -91.14 3.33 14.11
CA GLU R 95 -92.51 3.53 14.56
C GLU R 95 -92.51 4.59 15.60
N TYR R 96 -93.51 5.46 15.52
CA TYR R 96 -93.71 6.50 16.51
C TYR R 96 -95.16 6.50 16.87
N ARG R 97 -95.46 7.19 17.95
CA ARG R 97 -96.79 7.18 18.50
C ARG R 97 -97.15 8.61 18.85
N ASP R 98 -98.06 9.19 18.07
CA ASP R 98 -98.31 10.62 18.10
C ASP R 98 -99.73 10.96 17.71
N LEU R 99 -100.08 12.21 17.89
CA LEU R 99 -101.38 12.70 17.55
C LEU R 99 -101.50 13.16 16.11
N THR R 100 -100.39 13.39 15.41
CA THR R 100 -100.40 13.89 14.01
C THR R 100 -99.25 13.42 13.16
N THR R 101 -99.55 13.10 11.91
CA THR R 101 -98.56 12.63 10.98
C THR R 101 -97.35 13.52 11.00
N ALA R 102 -97.61 14.83 11.00
CA ALA R 102 -96.52 15.78 11.10
C ALA R 102 -95.74 15.46 12.37
N GLY R 103 -96.45 15.44 13.49
CA GLY R 103 -95.86 15.17 14.81
C GLY R 103 -94.92 13.98 14.80
N ALA R 104 -95.38 12.91 14.18
CA ALA R 104 -94.60 11.71 14.10
C ALA R 104 -93.42 11.87 13.15
N VAL R 105 -93.58 12.65 12.09
CA VAL R 105 -92.47 12.88 11.18
C VAL R 105 -91.39 13.68 11.87
N THR R 106 -91.80 14.77 12.50
CA THR R 106 -90.87 15.56 13.25
C THR R 106 -90.18 14.67 14.29
N GLN R 107 -91.01 13.97 15.06
CA GLN R 107 -90.56 13.03 16.09
C GLN R 107 -89.61 11.92 15.56
N CYS R 108 -89.74 11.60 14.28
CA CYS R 108 -88.74 10.81 13.57
C CYS R 108 -87.45 11.60 13.41
N TYR R 109 -87.46 12.64 12.56
CA TYR R 109 -86.26 13.43 12.33
C TYR R 109 -85.39 13.56 13.59
N ARG R 110 -86.02 13.98 14.68
CA ARG R 110 -85.31 14.20 15.92
C ARG R 110 -84.59 12.96 16.32
N ASP R 111 -85.33 11.87 16.40
CA ASP R 111 -84.75 10.57 16.74
C ASP R 111 -83.53 10.27 15.88
N MET R 112 -83.65 10.46 14.57
CA MET R 112 -82.55 10.15 13.66
C MET R 112 -81.32 10.98 13.94
N GLY R 113 -81.58 12.21 14.34
CA GLY R 113 -80.55 13.07 14.85
C GLY R 113 -79.85 12.44 16.02
N ALA R 114 -80.64 11.98 16.97
CA ALA R 114 -80.06 11.41 18.16
C ALA R 114 -79.44 10.04 17.95
N ARG R 115 -80.18 9.13 17.33
CA ARG R 115 -79.77 7.74 17.26
C ARG R 115 -78.75 7.46 16.18
N HIS R 116 -78.65 8.35 15.20
CA HIS R 116 -77.72 8.15 14.11
C HIS R 116 -76.95 9.36 13.64
N ARG R 117 -77.14 10.51 14.30
CA ARG R 117 -76.55 11.74 13.86
C ARG R 117 -76.73 11.84 12.37
N ALA R 118 -78.00 11.88 12.00
CA ALA R 118 -78.38 12.01 10.62
C ALA R 118 -79.03 13.37 10.49
N ARG R 119 -78.46 14.17 9.60
CA ARG R 119 -78.95 15.54 9.42
C ARG R 119 -80.10 15.43 8.43
N ALA R 120 -80.87 16.49 8.30
CA ALA R 120 -82.13 16.44 7.54
C ALA R 120 -81.94 16.19 6.06
N HIS R 121 -80.95 16.91 5.51
CA HIS R 121 -80.61 16.78 4.12
C HIS R 121 -80.20 15.38 3.77
N SER R 122 -79.67 14.66 4.76
CA SER R 122 -79.41 13.21 4.63
C SER R 122 -80.66 12.31 4.48
N ILE R 123 -81.85 12.78 4.93
CA ILE R 123 -83.05 11.93 5.07
C ILE R 123 -84.16 12.11 4.00
N GLN R 124 -84.73 10.98 3.57
CA GLN R 124 -85.88 10.96 2.69
C GLN R 124 -86.94 10.13 3.39
N ILE R 125 -88.11 10.74 3.60
CA ILE R 125 -89.29 10.03 4.08
C ILE R 125 -90.02 9.47 2.88
N MET R 126 -90.21 8.16 2.87
CA MET R 126 -90.83 7.49 1.70
C MET R 126 -92.31 7.20 1.89
N LYS R 127 -92.72 6.85 3.10
CA LYS R 127 -94.14 6.86 3.43
C LYS R 127 -94.35 6.94 4.92
N VAL R 128 -95.47 7.52 5.30
CA VAL R 128 -95.89 7.52 6.68
C VAL R 128 -97.30 6.99 6.65
N GLU R 129 -97.53 5.98 7.48
CA GLU R 129 -98.75 5.20 7.46
C GLU R 129 -99.22 4.99 8.86
N GLU R 130 -100.37 5.57 9.20
CA GLU R 130 -100.99 5.23 10.46
C GLU R 130 -101.41 3.77 10.39
N ILE R 131 -101.34 3.14 11.54
CA ILE R 131 -101.26 1.70 11.68
C ILE R 131 -102.21 1.34 12.83
N ALA R 132 -102.54 0.05 12.96
CA ALA R 132 -103.29 -0.44 14.12
C ALA R 132 -102.38 -0.61 15.33
N ALA R 133 -102.97 -1.01 16.45
CA ALA R 133 -102.19 -1.42 17.60
C ALA R 133 -101.32 -2.61 17.20
N SER R 134 -101.96 -3.60 16.59
CA SER R 134 -101.26 -4.70 15.94
C SER R 134 -100.52 -4.17 14.70
N LYS R 135 -99.74 -5.04 14.06
CA LYS R 135 -98.83 -4.68 12.97
C LYS R 135 -97.61 -3.92 13.46
N CYS R 136 -97.67 -3.39 14.69
CA CYS R 136 -96.57 -2.62 15.22
C CYS R 136 -95.54 -3.62 15.65
N ARG R 137 -94.31 -3.40 15.19
CA ARG R 137 -93.20 -4.29 15.44
C ARG R 137 -92.41 -3.90 16.67
N ARG R 138 -92.25 -2.60 16.88
CA ARG R 138 -91.32 -2.09 17.85
C ARG R 138 -91.92 -2.16 19.25
N PRO R 139 -91.27 -2.90 20.15
CA PRO R 139 -91.79 -3.05 21.51
C PRO R 139 -91.65 -1.77 22.34
N ALA R 140 -90.86 -0.81 21.86
CA ALA R 140 -90.92 0.55 22.37
C ALA R 140 -92.34 1.10 22.31
N VAL R 141 -92.97 0.90 21.17
CA VAL R 141 -94.33 1.36 20.99
C VAL R 141 -95.31 0.40 21.63
N LYS R 142 -95.05 -0.89 21.51
CA LYS R 142 -96.02 -1.86 21.96
C LYS R 142 -96.20 -1.94 23.46
N GLN R 143 -95.28 -1.40 24.26
CA GLN R 143 -95.49 -1.34 25.71
C GLN R 143 -96.60 -0.33 26.05
N PHE R 144 -96.89 0.57 25.13
CA PHE R 144 -98.10 1.34 25.18
C PHE R 144 -99.06 0.72 24.22
N HIS R 145 -99.51 -0.47 24.58
CA HIS R 145 -100.74 -1.01 24.07
C HIS R 145 -101.34 -1.74 25.25
N ASP R 146 -102.06 -0.98 26.04
CA ASP R 146 -102.66 -1.48 27.25
C ASP R 146 -103.83 -0.60 27.68
N SER R 147 -104.83 -1.25 28.26
CA SER R 147 -106.04 -0.60 28.68
C SER R 147 -105.98 -0.23 30.14
N LYS R 148 -105.39 -1.09 30.96
CA LYS R 148 -105.19 -0.76 32.35
C LYS R 148 -103.75 -0.31 32.55
N ILE R 149 -103.30 0.59 31.68
CA ILE R 149 -101.94 1.08 31.74
C ILE R 149 -101.79 2.04 32.87
N LYS R 150 -100.72 1.83 33.60
CA LYS R 150 -100.54 2.40 34.89
C LYS R 150 -99.08 2.65 34.95
N PHE R 151 -98.67 3.77 35.52
CA PHE R 151 -97.32 3.86 36.03
C PHE R 151 -97.16 4.98 37.02
N PRO R 152 -96.27 4.79 37.99
CA PRO R 152 -95.93 5.85 38.91
C PRO R 152 -95.10 6.94 38.25
N LEU R 153 -94.87 8.01 38.99
CA LEU R 153 -93.91 9.00 38.59
C LEU R 153 -92.88 9.01 39.72
N PRO R 154 -91.62 8.60 39.42
CA PRO R 154 -90.78 8.08 40.50
C PRO R 154 -89.77 9.04 41.19
N HIS R 155 -88.58 9.26 40.63
CA HIS R 155 -87.61 10.24 41.15
C HIS R 155 -87.91 11.50 40.36
N ARG R 156 -88.78 12.33 40.90
CA ARG R 156 -89.36 13.42 40.16
C ARG R 156 -88.55 14.66 40.43
N VAL R 157 -87.44 14.76 39.72
CA VAL R 157 -86.44 15.82 39.91
C VAL R 157 -87.04 17.22 39.75
N LEU R 158 -86.69 18.09 40.68
CA LEU R 158 -87.31 19.39 40.71
C LEU R 158 -86.71 20.23 39.63
N ARG R 159 -87.57 21.03 39.03
CA ARG R 159 -87.17 22.15 38.24
C ARG R 159 -87.58 23.32 39.11
N ARG R 160 -87.56 24.53 38.55
CA ARG R 160 -87.60 25.74 39.35
C ARG R 160 -86.42 25.70 40.33
N GLN R 161 -85.24 25.34 39.82
CA GLN R 161 -84.07 25.19 40.66
C GLN R 161 -83.51 26.51 41.13
N HIS R 162 -83.89 27.60 40.48
CA HIS R 162 -83.40 28.91 40.85
C HIS R 162 -84.41 29.81 41.50
N LYS R 163 -85.69 29.54 41.32
CA LYS R 163 -86.68 29.98 42.29
C LYS R 163 -86.36 29.29 43.59
N PRO R 164 -86.29 30.08 44.66
CA PRO R 164 -85.30 29.97 45.70
C PRO R 164 -83.96 29.48 45.18
N ARG R 165 -83.04 30.41 44.93
CA ARG R 165 -81.68 29.99 44.61
C ARG R 165 -81.02 29.45 45.84
N PHE R 166 -81.29 30.11 46.95
CA PHE R 166 -80.86 29.63 48.23
C PHE R 166 -82.11 29.45 49.05
N THR R 167 -82.07 28.51 49.98
CA THR R 167 -83.22 28.28 50.83
C THR R 167 -82.90 27.38 51.99
N THR R 168 -83.83 27.39 52.93
CA THR R 168 -83.84 26.50 54.06
C THR R 168 -83.95 25.07 53.68
N LYS R 169 -84.92 24.78 52.83
CA LYS R 169 -85.34 23.43 52.65
C LYS R 169 -84.51 22.77 51.60
N ARG R 170 -83.85 21.66 51.97
CA ARG R 170 -83.46 20.66 50.98
C ARG R 170 -84.77 20.24 50.35
N PRO R 171 -84.78 19.95 49.05
CA PRO R 171 -86.02 19.74 48.34
C PRO R 171 -86.68 18.40 48.72
N ASN R 172 -87.55 17.86 47.87
CA ASN R 172 -88.15 16.54 48.04
C ASN R 172 -88.70 16.03 46.74
N THR R 173 -88.31 14.82 46.37
CA THR R 173 -88.56 14.31 45.03
C THR R 173 -89.57 13.16 44.97
N PHE R 174 -90.20 12.85 46.09
CA PHE R 174 -91.16 11.75 46.15
C PHE R 174 -92.55 12.30 45.99
N PHE R 175 -93.18 11.91 44.89
CA PHE R 175 -94.58 12.26 44.66
C PHE R 175 -95.29 11.10 43.99
N THR S 1 -41.03 27.81 -20.13
CA THR S 1 -41.92 28.70 -20.93
C THR S 1 -42.21 28.12 -22.32
N ASN S 2 -43.25 28.64 -22.93
CA ASN S 2 -43.79 28.09 -24.16
C ASN S 2 -43.15 28.66 -25.40
N THR S 3 -43.50 28.04 -26.53
CA THR S 3 -43.05 28.47 -27.84
C THR S 3 -44.04 29.43 -28.43
N LYS S 4 -43.53 30.46 -29.07
CA LYS S 4 -44.39 31.45 -29.66
C LYS S 4 -44.66 31.15 -31.12
N GLY S 5 -44.42 29.91 -31.58
CA GLY S 5 -44.73 29.54 -32.96
C GLY S 5 -46.16 29.82 -33.38
N LYS S 6 -46.37 30.02 -34.67
CA LYS S 6 -47.65 30.48 -35.11
C LYS S 6 -48.77 29.50 -34.85
N ARG S 7 -48.60 28.23 -35.16
CA ARG S 7 -49.75 27.32 -35.11
C ARG S 7 -49.96 26.62 -33.79
N ARG S 8 -49.20 27.04 -32.78
CA ARG S 8 -49.05 26.22 -31.60
C ARG S 8 -50.38 26.01 -30.91
N GLY S 9 -50.68 24.75 -30.68
CA GLY S 9 -51.93 24.35 -30.09
C GLY S 9 -53.09 24.63 -30.99
N THR S 10 -53.07 24.04 -32.16
CA THR S 10 -54.24 24.02 -33.04
C THR S 10 -54.34 22.62 -33.60
N ARG S 11 -54.25 21.66 -32.69
CA ARG S 11 -54.32 20.27 -33.05
C ARG S 11 -55.77 19.92 -33.35
N TYR S 12 -56.68 20.42 -32.52
CA TYR S 12 -58.09 20.26 -32.76
C TYR S 12 -58.75 21.53 -33.27
N MET S 13 -58.01 22.63 -33.33
CA MET S 13 -58.60 23.81 -33.90
C MET S 13 -58.66 23.67 -35.43
N PHE S 14 -57.53 23.80 -36.13
CA PHE S 14 -57.52 23.60 -37.59
C PHE S 14 -57.41 22.12 -37.79
N SER S 15 -58.57 21.49 -37.83
CA SER S 15 -58.68 20.08 -38.00
C SER S 15 -60.04 19.78 -38.60
N ARG S 16 -60.02 19.31 -39.84
CA ARG S 16 -61.26 19.04 -40.54
C ARG S 16 -61.96 17.92 -39.82
N PRO S 17 -63.23 18.16 -39.47
CA PRO S 17 -63.97 17.32 -38.55
C PRO S 17 -64.26 15.97 -39.15
N PHE S 18 -64.72 15.06 -38.31
CA PHE S 18 -64.79 13.65 -38.67
C PHE S 18 -65.65 13.37 -39.89
N ARG S 19 -65.04 12.76 -40.92
CA ARG S 19 -65.68 12.55 -42.23
C ARG S 19 -66.08 13.83 -42.98
N LYS S 20 -65.27 14.88 -42.86
CA LYS S 20 -65.39 16.09 -43.67
C LYS S 20 -64.04 16.52 -44.24
N HIS S 21 -63.10 15.59 -44.34
CA HIS S 21 -61.80 15.88 -44.94
C HIS S 21 -61.97 15.99 -46.42
N GLY S 22 -60.92 16.42 -47.08
CA GLY S 22 -60.92 16.51 -48.53
C GLY S 22 -61.56 17.79 -49.03
N VAL S 23 -62.09 17.71 -50.24
CA VAL S 23 -62.22 18.85 -51.12
C VAL S 23 -63.13 19.89 -50.58
N VAL S 24 -62.67 21.13 -50.75
CA VAL S 24 -63.38 22.28 -50.23
C VAL S 24 -64.55 22.47 -51.17
N PRO S 25 -65.76 22.31 -50.64
CA PRO S 25 -66.96 22.29 -51.43
C PRO S 25 -67.25 23.67 -52.00
N LEU S 26 -67.54 23.76 -53.30
CA LEU S 26 -67.35 25.04 -53.98
C LEU S 26 -68.16 26.21 -53.49
N ALA S 27 -69.42 26.01 -53.17
CA ALA S 27 -70.23 27.08 -52.62
C ALA S 27 -69.36 28.05 -51.86
N THR S 28 -68.67 27.49 -50.87
CA THR S 28 -67.73 28.19 -50.02
C THR S 28 -67.08 29.37 -50.70
N TYR S 29 -66.59 29.14 -51.90
CA TYR S 29 -65.90 30.15 -52.66
C TYR S 29 -66.92 31.06 -53.32
N MET S 30 -67.88 30.47 -54.02
CA MET S 30 -68.79 31.25 -54.88
C MET S 30 -69.93 31.92 -54.12
N ARG S 31 -69.56 32.73 -53.14
CA ARG S 31 -70.53 33.46 -52.33
C ARG S 31 -69.84 34.66 -51.79
N ILE S 32 -70.56 35.78 -51.75
CA ILE S 32 -69.90 37.03 -51.95
C ILE S 32 -69.91 37.98 -50.79
N TYR S 33 -68.72 38.51 -50.53
CA TYR S 33 -68.48 39.34 -49.38
C TYR S 33 -68.17 40.72 -49.86
N LYS S 34 -68.98 41.66 -49.37
CA LYS S 34 -68.87 43.07 -49.65
C LYS S 34 -68.29 43.77 -48.46
N LYS S 35 -68.05 45.06 -48.62
CA LYS S 35 -67.67 45.90 -47.52
C LYS S 35 -68.87 46.14 -46.64
N GLY S 36 -68.67 45.99 -45.33
CA GLY S 36 -69.73 46.13 -44.34
C GLY S 36 -70.39 44.82 -43.94
N ASP S 37 -69.97 43.73 -44.58
CA ASP S 37 -70.55 42.43 -44.29
C ASP S 37 -69.87 41.85 -43.09
N ILE S 38 -70.66 41.24 -42.23
CA ILE S 38 -70.15 40.76 -40.96
C ILE S 38 -69.89 39.29 -41.11
N VAL S 39 -68.78 38.85 -40.53
CA VAL S 39 -68.24 37.55 -40.82
C VAL S 39 -67.65 36.94 -39.58
N ASP S 40 -67.94 35.67 -39.36
CA ASP S 40 -67.25 34.93 -38.30
C ASP S 40 -66.12 34.07 -38.87
N ILE S 41 -64.90 34.40 -38.45
CA ILE S 41 -63.72 33.72 -38.90
C ILE S 41 -63.66 32.36 -38.24
N LYS S 42 -63.12 31.39 -38.98
CA LYS S 42 -62.97 30.04 -38.49
C LYS S 42 -62.02 29.30 -39.39
N GLY S 43 -60.75 29.24 -38.97
CA GLY S 43 -59.73 28.42 -39.62
C GLY S 43 -60.14 27.05 -40.15
N MET S 44 -59.36 26.55 -41.10
CA MET S 44 -59.66 25.31 -41.79
C MET S 44 -58.31 24.74 -42.23
N GLY S 45 -58.07 23.47 -41.93
CA GLY S 45 -56.75 22.88 -42.13
C GLY S 45 -56.30 22.86 -43.58
N THR S 46 -57.21 22.42 -44.43
CA THR S 46 -56.89 22.14 -45.82
C THR S 46 -56.30 23.33 -46.52
N VAL S 47 -57.05 24.42 -46.57
CA VAL S 47 -56.51 25.61 -47.19
C VAL S 47 -55.61 26.27 -46.18
N GLN S 48 -54.32 26.33 -46.50
CA GLN S 48 -53.32 26.95 -45.65
C GLN S 48 -53.01 28.39 -46.07
N LYS S 49 -52.86 28.60 -47.37
CA LYS S 49 -52.68 29.96 -47.86
C LYS S 49 -53.74 30.88 -47.29
N GLY S 50 -53.31 31.94 -46.63
CA GLY S 50 -54.23 32.91 -46.06
C GLY S 50 -54.94 32.42 -44.82
N MET S 51 -54.31 31.52 -44.05
CA MET S 51 -54.90 31.05 -42.78
C MET S 51 -54.78 32.09 -41.72
N PRO S 52 -55.87 32.32 -41.01
CA PRO S 52 -55.88 33.34 -40.01
C PRO S 52 -55.23 32.80 -38.75
N HIS S 53 -54.74 33.70 -37.90
CA HIS S 53 -54.04 33.30 -36.68
C HIS S 53 -55.04 32.82 -35.65
N LYS S 54 -54.54 31.94 -34.79
CA LYS S 54 -55.38 31.22 -33.84
C LYS S 54 -56.20 32.04 -32.86
N CYS S 55 -55.73 33.24 -32.53
CA CYS S 55 -56.47 34.17 -31.67
C CYS S 55 -57.81 34.59 -32.26
N TYR S 56 -57.85 34.72 -33.60
CA TYR S 56 -59.04 35.17 -34.32
C TYR S 56 -60.00 34.06 -34.73
N HIS S 57 -59.75 32.81 -34.35
CA HIS S 57 -60.71 31.72 -34.58
C HIS S 57 -61.91 31.89 -33.69
N GLY S 58 -63.10 31.95 -34.28
CA GLY S 58 -64.35 32.10 -33.52
C GLY S 58 -64.80 33.53 -33.36
N LYS S 59 -63.80 34.36 -33.09
CA LYS S 59 -63.91 35.78 -33.26
C LYS S 59 -64.51 36.18 -34.59
N THR S 60 -65.21 37.30 -34.56
CA THR S 60 -66.17 37.68 -35.57
C THR S 60 -66.00 39.15 -35.83
N GLY S 61 -66.10 39.54 -37.10
CA GLY S 61 -65.74 40.90 -37.52
C GLY S 61 -66.34 41.38 -38.83
N ARG S 62 -65.93 42.59 -39.25
CA ARG S 62 -66.47 43.26 -40.45
C ARG S 62 -65.42 43.42 -41.51
N VAL S 63 -65.89 43.40 -42.75
CA VAL S 63 -65.07 43.26 -43.94
C VAL S 63 -64.75 44.62 -44.58
N TYR S 64 -63.48 45.01 -44.55
CA TYR S 64 -63.07 46.35 -44.99
C TYR S 64 -62.31 46.35 -46.31
N ASN S 65 -62.09 45.18 -46.90
CA ASN S 65 -61.35 45.10 -48.15
C ASN S 65 -61.72 43.83 -48.87
N VAL S 66 -61.56 43.79 -50.18
CA VAL S 66 -61.89 42.58 -50.91
C VAL S 66 -60.96 42.41 -52.08
N THR S 67 -59.98 41.56 -51.91
CA THR S 67 -59.05 41.27 -52.98
C THR S 67 -59.48 40.01 -53.67
N GLN S 68 -58.82 39.70 -54.77
CA GLN S 68 -59.23 38.63 -55.68
C GLN S 68 -59.73 37.38 -55.01
N HIS S 69 -59.05 36.93 -53.96
CA HIS S 69 -59.58 35.84 -53.20
C HIS S 69 -59.20 35.92 -51.77
N ALA S 70 -59.52 37.07 -51.22
CA ALA S 70 -59.34 37.33 -49.81
C ALA S 70 -60.15 38.54 -49.38
N VAL S 71 -60.20 38.71 -48.06
CA VAL S 71 -60.92 39.78 -47.44
C VAL S 71 -60.13 40.26 -46.25
N GLY S 72 -59.97 41.57 -46.20
CA GLY S 72 -59.50 42.29 -45.01
C GLY S 72 -60.67 42.54 -44.09
N ILE S 73 -60.51 42.20 -42.83
CA ILE S 73 -61.66 41.94 -41.98
C ILE S 73 -61.35 42.34 -40.55
N VAL S 74 -61.73 43.56 -40.23
CA VAL S 74 -61.56 44.14 -38.90
C VAL S 74 -62.19 43.28 -37.83
N VAL S 75 -61.38 42.98 -36.81
CA VAL S 75 -61.82 42.22 -35.64
C VAL S 75 -61.31 42.90 -34.39
N ASN S 76 -61.94 42.53 -33.29
CA ASN S 76 -61.46 42.96 -31.99
C ASN S 76 -60.62 41.88 -31.34
N LYS S 77 -59.68 42.33 -30.53
CA LYS S 77 -58.74 41.45 -29.86
C LYS S 77 -58.34 42.11 -28.55
N GLN S 78 -58.85 41.58 -27.43
CA GLN S 78 -58.48 42.05 -26.11
C GLN S 78 -57.02 41.70 -25.87
N VAL S 79 -56.21 42.73 -25.68
CA VAL S 79 -54.84 42.55 -25.29
C VAL S 79 -54.71 43.13 -23.90
N LYS S 80 -54.61 42.20 -22.94
CA LYS S 80 -54.52 42.48 -21.53
C LYS S 80 -55.67 43.38 -21.11
N GLY S 81 -55.50 44.69 -21.21
CA GLY S 81 -56.50 45.62 -20.71
C GLY S 81 -56.83 46.74 -21.68
N LYS S 82 -56.89 46.43 -22.97
CA LYS S 82 -57.07 47.46 -24.00
C LYS S 82 -57.42 46.87 -25.34
N ILE S 83 -58.69 46.65 -25.60
CA ILE S 83 -59.07 45.95 -26.80
C ILE S 83 -58.60 46.72 -28.02
N LEU S 84 -57.98 46.01 -28.95
CA LEU S 84 -57.57 46.56 -30.23
C LEU S 84 -58.51 46.10 -31.29
N ALA S 85 -59.14 47.05 -31.95
CA ALA S 85 -59.72 46.79 -33.24
C ALA S 85 -58.53 46.64 -34.16
N LYS S 86 -58.54 45.59 -34.96
CA LYS S 86 -57.43 45.33 -35.85
C LYS S 86 -57.79 44.44 -37.01
N ARG S 87 -56.98 44.55 -38.05
CA ARG S 87 -57.40 44.22 -39.41
C ARG S 87 -56.50 43.19 -40.03
N ILE S 88 -57.13 42.10 -40.45
CA ILE S 88 -56.44 40.88 -40.77
C ILE S 88 -56.95 40.48 -42.11
N ASN S 89 -56.04 40.08 -43.00
CA ASN S 89 -56.44 39.60 -44.32
C ASN S 89 -56.64 38.11 -44.24
N VAL S 90 -57.83 37.65 -44.63
CA VAL S 90 -58.15 36.24 -44.53
C VAL S 90 -58.63 35.78 -45.86
N ARG S 91 -58.17 34.62 -46.28
CA ARG S 91 -58.70 34.02 -47.49
C ARG S 91 -60.12 33.56 -47.23
N ILE S 92 -60.97 33.61 -48.26
CA ILE S 92 -62.40 33.25 -48.11
C ILE S 92 -62.61 31.97 -47.30
N GLU S 93 -61.82 30.93 -47.57
CA GLU S 93 -62.10 29.61 -46.98
C GLU S 93 -62.27 29.59 -45.48
N HIS S 94 -61.57 30.49 -44.79
CA HIS S 94 -61.60 30.55 -43.33
C HIS S 94 -62.54 31.62 -42.84
N ILE S 95 -63.73 31.69 -43.42
CA ILE S 95 -64.60 32.81 -43.22
C ILE S 95 -66.02 32.43 -43.60
N LYS S 96 -66.98 32.87 -42.80
CA LYS S 96 -68.39 32.63 -43.09
C LYS S 96 -69.17 33.89 -42.78
N HIS S 97 -70.23 34.13 -43.54
CA HIS S 97 -71.21 35.14 -43.14
C HIS S 97 -71.72 34.86 -41.75
N SER S 98 -71.74 35.86 -40.88
CA SER S 98 -72.36 35.68 -39.57
C SER S 98 -73.86 35.86 -39.77
N LYS S 99 -74.64 35.07 -39.05
CA LYS S 99 -76.07 35.18 -39.04
C LYS S 99 -76.61 36.04 -37.91
N SER S 100 -75.75 36.35 -36.94
CA SER S 100 -76.05 37.29 -35.86
C SER S 100 -76.85 38.50 -36.29
N ARG S 101 -76.44 39.08 -37.41
CA ARG S 101 -77.05 40.27 -37.97
C ARG S 101 -78.38 39.98 -38.67
N ASP S 102 -78.45 38.88 -39.41
CA ASP S 102 -79.64 38.54 -40.23
C ASP S 102 -80.94 38.63 -39.45
N SER S 103 -80.94 38.05 -38.26
CA SER S 103 -82.09 38.07 -37.37
C SER S 103 -82.50 39.48 -36.88
N PHE S 104 -81.54 40.39 -36.76
CA PHE S 104 -81.84 41.79 -36.46
C PHE S 104 -82.54 42.40 -37.65
N LEU S 105 -81.96 42.22 -38.82
CA LEU S 105 -82.52 42.78 -40.04
C LEU S 105 -83.94 42.29 -40.26
N LYS S 106 -84.12 40.98 -40.25
CA LYS S 106 -85.46 40.36 -40.27
C LYS S 106 -86.47 41.08 -39.39
N ARG S 107 -86.03 41.45 -38.19
CA ARG S 107 -86.85 42.18 -37.25
C ARG S 107 -87.03 43.65 -37.62
N VAL S 108 -86.02 44.27 -38.22
CA VAL S 108 -86.18 45.63 -38.73
C VAL S 108 -87.23 45.66 -39.82
N LYS S 109 -87.07 44.80 -40.81
CA LYS S 109 -88.02 44.65 -41.92
C LYS S 109 -89.45 44.43 -41.43
N GLU S 110 -89.60 43.67 -40.36
CA GLU S 110 -90.91 43.39 -39.76
C GLU S 110 -91.50 44.63 -39.10
N ASN S 111 -90.65 45.43 -38.46
CA ASN S 111 -91.07 46.69 -37.86
C ASN S 111 -91.53 47.71 -38.91
N ASP S 112 -90.75 47.84 -39.99
CA ASP S 112 -91.07 48.78 -41.06
C ASP S 112 -92.34 48.37 -41.82
N GLN S 113 -92.62 47.08 -41.88
CA GLN S 113 -93.90 46.56 -42.37
C GLN S 113 -95.00 46.95 -41.41
N LYS S 114 -94.81 46.62 -40.14
CA LYS S 114 -95.81 46.93 -39.13
C LYS S 114 -95.92 48.41 -38.77
N LYS S 115 -94.99 49.23 -39.24
CA LYS S 115 -95.10 50.67 -39.11
C LYS S 115 -95.94 51.27 -40.23
N LYS S 116 -95.66 50.87 -41.48
CA LYS S 116 -96.46 51.30 -42.64
C LYS S 116 -97.91 50.91 -42.45
N GLU S 117 -98.13 49.63 -42.18
CA GLU S 117 -99.44 49.15 -41.73
C GLU S 117 -99.59 49.57 -40.28
N ALA S 118 -100.83 49.64 -39.81
CA ALA S 118 -101.14 50.16 -38.46
C ALA S 118 -100.78 51.64 -38.26
N LYS S 119 -100.65 52.39 -39.36
CA LYS S 119 -100.55 53.84 -39.33
C LYS S 119 -101.88 54.40 -39.82
N GLU S 120 -102.31 53.93 -41.01
CA GLU S 120 -103.65 54.18 -41.52
C GLU S 120 -104.77 53.71 -40.58
N LYS S 121 -104.53 52.62 -39.85
CA LYS S 121 -105.51 52.09 -38.89
C LYS S 121 -105.66 53.00 -37.68
N GLY S 122 -104.54 53.45 -37.11
CA GLY S 122 -104.52 54.30 -35.92
C GLY S 122 -103.91 53.62 -34.70
N THR S 123 -104.09 52.31 -34.60
CA THR S 123 -103.57 51.53 -33.47
C THR S 123 -102.05 51.40 -33.55
N TRP S 124 -101.36 51.90 -32.53
CA TRP S 124 -99.91 51.74 -32.43
C TRP S 124 -99.57 50.40 -31.77
N VAL S 125 -98.77 49.61 -32.48
CA VAL S 125 -98.46 48.25 -32.08
C VAL S 125 -97.12 48.22 -31.36
N GLN S 126 -96.95 47.25 -30.47
CA GLN S 126 -95.71 47.07 -29.70
C GLN S 126 -94.59 46.52 -30.60
N LEU S 127 -93.69 47.41 -31.02
CA LEU S 127 -92.60 47.09 -31.96
C LEU S 127 -91.39 46.55 -31.24
N LYS S 128 -91.01 47.27 -30.18
CA LYS S 128 -89.95 46.88 -29.26
C LYS S 128 -90.02 45.41 -28.95
N ARG S 129 -88.88 44.84 -28.61
CA ARG S 129 -88.87 43.53 -27.98
C ARG S 129 -89.21 43.71 -26.52
N GLN S 130 -89.72 42.65 -25.90
CA GLN S 130 -90.05 42.68 -24.48
C GLN S 130 -89.63 41.36 -23.85
N PRO S 131 -89.02 41.42 -22.66
CA PRO S 131 -88.45 40.19 -22.12
C PRO S 131 -89.48 39.13 -21.79
N ALA S 132 -89.01 37.91 -21.69
CA ALA S 132 -89.86 36.78 -21.42
C ALA S 132 -90.56 37.04 -20.07
N PRO S 133 -91.89 37.24 -20.10
CA PRO S 133 -92.59 37.73 -18.91
C PRO S 133 -92.93 36.63 -17.89
N PRO S 134 -93.55 37.02 -16.76
CA PRO S 134 -94.11 36.08 -15.80
C PRO S 134 -95.29 35.32 -16.38
N ARG S 135 -95.39 34.03 -16.08
CA ARG S 135 -96.14 33.11 -16.92
C ARG S 135 -97.66 33.06 -16.71
N GLU S 136 -98.27 34.20 -16.37
CA GLU S 136 -99.74 34.35 -16.42
C GLU S 136 -100.51 33.47 -15.45
N ALA S 137 -101.74 33.87 -15.17
CA ALA S 137 -102.65 33.03 -14.40
C ALA S 137 -103.38 32.13 -15.37
N HIS S 138 -103.77 30.96 -14.89
CA HIS S 138 -104.47 29.98 -15.71
C HIS S 138 -105.00 28.86 -14.86
N PHE S 139 -105.93 28.10 -15.40
CA PHE S 139 -106.44 26.94 -14.69
C PHE S 139 -105.72 25.70 -15.17
N VAL S 140 -105.60 24.74 -14.28
CA VAL S 140 -105.23 23.39 -14.65
C VAL S 140 -106.43 22.57 -14.30
N ARG S 141 -107.01 21.97 -15.33
CA ARG S 141 -108.07 21.01 -15.16
C ARG S 141 -107.47 19.62 -15.03
N THR S 142 -107.79 18.96 -13.92
CA THR S 142 -107.53 17.53 -13.78
C THR S 142 -108.88 16.88 -13.99
N ASN S 143 -109.15 16.66 -15.27
CA ASN S 143 -110.34 15.90 -15.67
C ASN S 143 -110.33 14.52 -15.03
N GLY S 144 -111.31 14.30 -14.16
CA GLY S 144 -111.59 13.00 -13.59
C GLY S 144 -110.49 12.44 -12.72
N LYS S 145 -109.52 11.81 -13.37
CA LYS S 145 -108.42 11.16 -12.68
C LYS S 145 -107.72 12.15 -11.76
N GLU S 146 -107.52 11.76 -10.50
CA GLU S 146 -106.79 12.60 -9.55
C GLU S 146 -105.29 12.51 -9.84
N PRO S 147 -104.50 13.50 -9.38
CA PRO S 147 -103.07 13.51 -9.69
C PRO S 147 -102.36 12.32 -9.09
N GLU S 148 -101.33 11.82 -9.77
CA GLU S 148 -100.65 10.59 -9.36
C GLU S 148 -99.69 10.84 -8.21
N LEU S 149 -99.69 9.97 -7.20
CA LEU S 149 -98.74 10.09 -6.10
C LEU S 149 -97.38 9.63 -6.56
N LEU S 150 -96.34 10.18 -5.96
CA LEU S 150 -94.98 9.78 -6.25
C LEU S 150 -94.22 9.52 -4.96
N GLU S 151 -94.10 8.25 -4.62
CA GLU S 151 -93.33 7.85 -3.47
C GLU S 151 -91.87 7.97 -3.87
N PRO S 152 -91.02 8.53 -3.00
CA PRO S 152 -89.59 8.32 -3.16
C PRO S 152 -89.24 6.88 -2.96
N ILE S 153 -88.23 6.41 -3.69
CA ILE S 153 -88.01 4.97 -3.77
C ILE S 153 -86.82 4.49 -2.98
N PRO S 154 -86.93 3.29 -2.40
CA PRO S 154 -85.85 2.82 -1.56
C PRO S 154 -84.52 2.71 -2.29
N TYR S 155 -83.47 2.97 -1.53
CA TYR S 155 -82.13 2.57 -1.87
C TYR S 155 -81.94 1.06 -1.94
N GLU S 156 -81.24 0.64 -2.99
CA GLU S 156 -80.54 -0.63 -2.98
C GLU S 156 -79.25 -0.50 -3.80
N PHE S 157 -78.18 -1.09 -3.29
CA PHE S 157 -76.86 -1.03 -3.92
C PHE S 157 -76.88 -1.89 -5.17
N MET S 158 -76.67 -1.25 -6.32
CA MET S 158 -76.81 -1.90 -7.61
C MET S 158 -75.67 -2.85 -7.94
N ALA S 159 -74.45 -2.33 -8.00
CA ALA S 159 -73.31 -3.03 -8.60
C ALA S 159 -72.94 -4.33 -7.87
N GLN T 1 66.16 42.03 78.38
CA GLN T 1 65.27 43.24 78.34
C GLN T 1 64.45 43.39 79.62
N VAL T 2 63.96 44.62 79.83
CA VAL T 2 63.23 44.99 81.03
C VAL T 2 62.02 45.83 80.65
N LEU T 3 60.85 45.19 80.59
CA LEU T 3 59.60 45.88 80.27
C LEU T 3 58.93 46.30 81.57
N LYS T 4 58.47 47.54 81.62
CA LYS T 4 57.98 48.14 82.86
C LYS T 4 56.69 48.91 82.60
N PHE T 5 55.58 48.43 83.15
CA PHE T 5 54.27 49.05 82.93
C PHE T 5 53.67 49.54 84.22
N THR T 6 53.50 50.87 84.33
CA THR T 6 52.77 51.47 85.47
C THR T 6 51.28 51.38 85.20
N LEU T 7 50.48 51.65 86.22
CA LEU T 7 49.07 51.33 86.12
C LEU T 7 48.21 52.15 87.07
N ASP T 8 48.48 53.45 87.13
CA ASP T 8 48.13 54.25 88.30
C ASP T 8 46.65 54.54 88.50
N CYS T 9 46.13 53.93 89.56
CA CYS T 9 44.81 54.19 90.09
C CYS T 9 44.97 55.31 91.12
N THR T 10 45.27 56.49 90.62
CA THR T 10 45.57 57.63 91.47
C THR T 10 44.32 58.12 92.17
N HIS T 11 43.50 58.87 91.45
CA HIS T 11 42.32 59.51 92.06
C HIS T 11 41.02 58.67 92.08
N PRO T 12 41.07 57.36 91.73
CA PRO T 12 40.04 56.49 92.31
C PRO T 12 40.29 56.16 93.78
N VAL T 13 41.53 55.78 94.10
CA VAL T 13 41.91 55.39 95.46
C VAL T 13 41.86 56.59 96.41
N GLU T 14 42.16 57.79 95.90
CA GLU T 14 42.08 59.02 96.70
C GLU T 14 40.65 59.51 96.95
N ASP T 15 39.71 59.13 96.09
CA ASP T 15 38.29 59.44 96.32
C ASP T 15 37.53 58.31 97.02
N GLY T 16 38.23 57.27 97.47
CA GLY T 16 37.63 56.22 98.27
C GLY T 16 36.63 55.43 97.46
N ILE T 17 37.15 54.71 96.46
CA ILE T 17 36.33 53.92 95.55
C ILE T 17 36.82 52.45 95.41
N MET T 18 38.13 52.26 95.30
CA MET T 18 38.75 50.94 95.18
C MET T 18 39.95 50.85 96.15
N ASP T 19 40.60 49.68 96.17
CA ASP T 19 41.75 49.43 97.06
C ASP T 19 42.91 48.82 96.28
N ALA T 20 44.08 49.45 96.41
CA ALA T 20 45.20 49.16 95.54
C ALA T 20 45.76 47.77 95.79
N ALA T 21 46.08 47.48 97.04
CA ALA T 21 46.68 46.19 97.41
C ALA T 21 45.81 45.00 97.01
N ASN T 22 44.50 45.20 96.97
CA ASN T 22 43.59 44.18 96.47
C ASN T 22 43.79 43.92 94.97
N PHE T 23 43.92 45.01 94.21
CA PHE T 23 44.13 44.91 92.75
C PHE T 23 45.51 44.34 92.43
N GLU T 24 46.54 44.73 93.18
CA GLU T 24 47.82 44.05 93.16
C GLU T 24 47.60 42.54 93.28
N GLN T 25 46.81 42.14 94.27
CA GLN T 25 46.51 40.73 94.53
C GLN T 25 45.77 40.09 93.38
N PHE T 26 44.85 40.83 92.76
CA PHE T 26 44.15 40.35 91.56
C PHE T 26 45.09 40.07 90.37
N LEU T 27 46.07 40.94 90.15
CA LEU T 27 47.02 40.80 89.03
C LEU T 27 48.00 39.65 89.24
N GLN T 28 48.50 39.49 90.47
CA GLN T 28 49.30 38.31 90.85
C GLN T 28 48.53 37.01 90.70
N GLU T 29 47.23 37.07 90.94
CA GLU T 29 46.34 35.94 90.72
C GLU T 29 46.22 35.59 89.22
N ARG T 30 46.02 36.62 88.39
CA ARG T 30 45.56 36.46 87.00
C ARG T 30 46.63 36.52 85.92
N ILE T 31 47.48 37.54 85.97
CA ILE T 31 48.43 37.78 84.88
C ILE T 31 49.07 36.44 84.55
N LYS T 32 48.64 35.90 83.43
CA LYS T 32 49.05 34.59 82.99
C LYS T 32 50.42 34.67 82.33
N VAL T 33 51.15 33.57 82.34
CA VAL T 33 52.40 33.47 81.60
C VAL T 33 52.47 32.12 80.96
N ASN T 34 52.57 32.12 79.64
CA ASN T 34 52.64 30.91 78.85
C ASN T 34 51.51 29.90 79.17
N GLY T 35 50.30 30.43 79.31
CA GLY T 35 49.14 29.62 79.60
C GLY T 35 49.06 29.09 81.02
N LYS T 36 49.78 29.72 81.96
CA LYS T 36 49.77 29.31 83.36
C LYS T 36 49.39 30.49 84.23
N ALA T 37 48.37 30.31 85.05
CA ALA T 37 47.67 31.44 85.66
C ALA T 37 48.38 32.02 86.87
N GLY T 38 48.62 31.19 87.87
CA GLY T 38 49.23 31.64 89.12
C GLY T 38 50.74 31.76 89.03
N ASN T 39 51.33 32.26 90.12
CA ASN T 39 52.79 32.28 90.34
C ASN T 39 53.56 33.29 89.49
N LEU T 40 52.87 34.02 88.60
CA LEU T 40 53.50 34.85 87.59
C LEU T 40 54.53 34.10 86.74
N GLY T 41 54.27 32.81 86.50
CA GLY T 41 55.19 31.91 85.80
C GLY T 41 56.51 31.69 86.53
N GLY T 42 56.44 31.66 87.87
CA GLY T 42 57.64 31.71 88.71
C GLY T 42 58.17 33.12 88.79
N GLY T 43 59.45 33.24 89.15
CA GLY T 43 60.12 34.53 89.18
C GLY T 43 60.35 35.04 87.76
N VAL T 44 59.34 35.72 87.22
CA VAL T 44 59.41 36.31 85.88
C VAL T 44 58.97 37.75 85.90
N VAL T 45 57.71 37.99 86.27
CA VAL T 45 57.22 39.36 86.37
C VAL T 45 57.03 39.74 87.83
N THR T 46 56.90 41.05 88.06
CA THR T 46 56.97 41.62 89.41
C THR T 46 55.93 42.71 89.55
N ILE T 47 55.22 42.71 90.69
CA ILE T 47 54.17 43.70 90.97
C ILE T 47 54.57 44.55 92.18
N GLU T 48 54.81 45.84 91.94
CA GLU T 48 55.20 46.77 93.00
C GLU T 48 54.04 47.66 93.44
N ARG T 49 54.07 48.02 94.71
CA ARG T 49 53.00 48.72 95.38
C ARG T 49 53.55 50.08 95.78
N SER T 50 52.91 51.15 95.28
CA SER T 50 53.32 52.52 95.56
C SER T 50 52.10 53.40 95.80
N LYS T 51 51.33 53.04 96.83
CA LYS T 51 50.06 53.69 97.20
C LYS T 51 48.95 53.52 96.15
N SER T 52 49.10 54.20 95.01
CA SER T 52 48.14 54.10 93.90
C SER T 52 48.76 53.45 92.65
N LYS T 53 49.92 53.93 92.26
CA LYS T 53 50.62 53.42 91.09
C LYS T 53 50.99 51.96 91.28
N ILE T 54 50.48 51.09 90.41
CA ILE T 54 51.03 49.73 90.29
C ILE T 54 52.19 49.81 89.31
N THR T 55 53.11 48.84 89.41
CA THR T 55 54.17 48.64 88.43
C THR T 55 54.37 47.15 88.14
N VAL T 56 53.99 46.73 86.94
CA VAL T 56 54.25 45.38 86.47
C VAL T 56 55.55 45.34 85.69
N THR T 57 56.59 44.78 86.30
CA THR T 57 57.88 44.66 85.65
C THR T 57 57.99 43.25 85.12
N SER T 58 58.38 43.10 83.85
CA SER T 58 58.58 41.78 83.24
C SER T 58 59.93 41.67 82.58
N GLU T 59 60.56 40.51 82.74
CA GLU T 59 61.84 40.23 82.10
C GLU T 59 61.59 39.72 80.70
N VAL T 60 60.61 38.81 80.56
CA VAL T 60 60.22 38.27 79.26
C VAL T 60 59.38 39.28 78.46
N PRO T 61 59.11 38.98 77.16
CA PRO T 61 58.17 39.78 76.37
C PRO T 61 56.76 39.68 76.91
N PHE T 62 56.06 40.81 76.95
CA PHE T 62 54.85 40.94 77.75
C PHE T 62 54.02 42.15 77.36
N SER T 63 52.77 41.93 76.94
CA SER T 63 51.98 43.02 76.40
C SER T 63 51.59 44.03 77.45
N LYS T 64 51.29 45.21 76.94
CA LYS T 64 50.89 46.33 77.74
C LYS T 64 49.40 46.30 77.90
N ARG T 65 48.71 45.98 76.81
CA ARG T 65 47.26 46.02 76.79
C ARG T 65 46.56 44.84 77.43
N TYR T 66 47.34 43.83 77.77
CA TYR T 66 46.88 42.76 78.63
C TYR T 66 46.61 43.27 80.04
N LEU T 67 47.44 44.20 80.50
CA LEU T 67 47.14 44.91 81.75
C LEU T 67 45.82 45.63 81.68
N LYS T 68 45.58 46.28 80.53
CA LYS T 68 44.32 46.96 80.33
C LYS T 68 43.18 46.00 80.39
N TYR T 69 43.41 44.85 79.78
CA TYR T 69 42.44 43.77 79.81
C TYR T 69 42.03 43.38 81.21
N LEU T 70 43.03 43.10 82.03
CA LEU T 70 42.79 42.62 83.37
C LEU T 70 42.31 43.73 84.26
N THR T 71 42.81 44.96 84.08
CA THR T 71 42.25 46.06 84.85
C THR T 71 40.80 46.28 84.47
N LYS T 72 40.46 46.26 83.20
CA LYS T 72 39.06 46.37 82.82
C LYS T 72 38.28 45.28 83.51
N LYS T 73 38.76 44.05 83.34
CA LYS T 73 38.15 42.85 83.96
C LYS T 73 37.94 42.97 85.47
N TYR T 74 38.93 43.54 86.16
CA TYR T 74 38.83 43.87 87.59
C TYR T 74 37.80 44.96 87.82
N LEU T 75 37.86 46.01 87.02
CA LEU T 75 36.93 47.12 87.11
C LEU T 75 35.51 46.68 86.83
N LYS T 76 35.34 45.58 86.11
CA LYS T 76 34.02 45.02 85.89
C LYS T 76 33.50 44.27 87.11
N LYS T 77 34.36 43.45 87.69
CA LYS T 77 33.98 42.58 88.82
C LYS T 77 33.54 43.37 90.03
N ASN T 78 34.13 44.54 90.23
CA ASN T 78 33.78 45.43 91.32
C ASN T 78 32.75 46.49 90.92
N ASN T 79 32.11 46.32 89.77
CA ASN T 79 31.07 47.23 89.27
C ASN T 79 31.52 48.68 89.09
N LEU T 80 32.75 48.82 88.61
CA LEU T 80 33.39 50.10 88.41
C LEU T 80 33.36 50.51 86.96
N ARG T 81 33.45 49.55 86.01
CA ARG T 81 33.37 49.87 84.57
C ARG T 81 32.02 50.48 84.22
N ASP T 82 31.91 51.78 84.48
CA ASP T 82 30.74 52.60 84.19
C ASP T 82 31.08 54.05 84.53
N TRP T 83 31.61 54.25 85.73
CA TRP T 83 32.34 55.48 86.05
C TRP T 83 33.78 55.17 86.46
N LEU T 84 34.44 54.42 85.60
CA LEU T 84 35.88 54.23 85.68
C LEU T 84 36.39 53.73 84.32
N ARG T 85 37.39 54.43 83.80
CA ARG T 85 37.80 54.39 82.41
C ARG T 85 39.29 54.17 82.46
N VAL T 86 39.81 53.28 81.64
CA VAL T 86 41.26 53.12 81.59
C VAL T 86 41.78 53.87 80.37
N VAL T 87 42.97 54.42 80.48
CA VAL T 87 43.58 55.18 79.41
C VAL T 87 45.08 55.08 79.49
N ALA T 88 45.74 55.07 78.34
CA ALA T 88 47.18 55.22 78.31
C ALA T 88 47.55 56.69 78.57
N ASN T 89 48.04 56.94 79.78
CA ASN T 89 48.65 58.21 80.15
C ASN T 89 49.84 58.49 79.23
N SER T 90 50.83 57.60 79.28
CA SER T 90 51.96 57.59 78.36
C SER T 90 52.19 56.14 77.98
N LYS T 91 53.12 55.89 77.07
CA LYS T 91 53.58 54.52 76.89
C LYS T 91 54.22 54.10 78.21
N GLU T 92 54.33 52.79 78.41
CA GLU T 92 54.74 52.20 79.68
C GLU T 92 53.75 52.42 80.83
N SER T 93 52.52 52.84 80.53
CA SER T 93 51.60 53.37 81.56
C SER T 93 50.12 53.39 81.20
N TYR T 94 49.27 53.13 82.20
CA TYR T 94 47.83 53.40 82.13
C TYR T 94 47.46 54.39 83.21
N GLU T 95 46.18 54.71 83.29
CA GLU T 95 45.67 55.74 84.19
C GLU T 95 44.15 55.65 84.24
N LEU T 96 43.63 55.21 85.37
CA LEU T 96 42.19 55.10 85.55
C LEU T 96 41.67 56.51 85.67
N ARG T 97 40.50 56.77 85.11
CA ARG T 97 39.88 58.11 85.14
C ARG T 97 38.38 57.98 85.22
N TYR T 98 37.71 59.03 85.66
CA TYR T 98 36.25 59.06 85.73
C TYR T 98 35.71 59.56 84.39
N PHE T 99 34.42 59.89 84.33
CA PHE T 99 33.82 60.53 83.16
C PHE T 99 33.25 61.91 83.48
N SER U 1 -21.98 -19.93 58.30
CA SER U 1 -23.14 -19.32 59.03
C SER U 1 -22.82 -17.89 59.49
N GLY U 2 -21.72 -17.76 60.21
CA GLY U 2 -21.22 -16.45 60.65
C GLY U 2 -20.64 -15.69 59.47
N ALA U 3 -21.24 -14.55 59.15
CA ALA U 3 -20.85 -13.77 57.98
C ALA U 3 -19.65 -12.87 58.26
N LYS U 4 -19.12 -12.26 57.20
CA LYS U 4 -17.76 -11.75 57.19
C LYS U 4 -17.44 -10.47 57.98
N PHE U 5 -18.33 -9.48 57.99
CA PHE U 5 -18.02 -8.11 58.45
C PHE U 5 -17.13 -7.38 57.46
N ARG U 6 -17.25 -6.06 57.39
CA ARG U 6 -16.40 -5.29 56.49
C ARG U 6 -15.13 -4.86 57.17
N ILE U 7 -14.05 -4.94 56.39
CA ILE U 7 -12.73 -4.51 56.81
C ILE U 7 -12.26 -3.47 55.79
N SER U 8 -11.43 -2.55 56.26
CA SER U 8 -10.77 -1.60 55.39
C SER U 8 -9.97 -2.37 54.36
N LEU U 9 -9.94 -1.85 53.16
CA LEU U 9 -9.47 -2.61 52.00
C LEU U 9 -8.58 -1.79 51.08
N GLY U 10 -7.28 -2.08 51.19
CA GLY U 10 -6.26 -1.33 50.52
C GLY U 10 -5.64 -2.11 49.40
N LEU U 11 -6.41 -2.96 48.76
CA LEU U 11 -6.00 -3.48 47.48
C LEU U 11 -7.04 -3.10 46.51
N PRO U 12 -6.89 -1.91 45.92
CA PRO U 12 -7.67 -1.57 44.76
C PRO U 12 -7.26 -2.48 43.65
N VAL U 13 -7.82 -2.24 42.49
CA VAL U 13 -7.39 -2.94 41.33
C VAL U 13 -6.11 -2.35 40.80
N GLY U 14 -5.25 -3.24 40.32
CA GLY U 14 -3.98 -2.86 39.75
C GLY U 14 -2.85 -2.89 40.75
N ALA U 15 -3.14 -3.22 42.01
CA ALA U 15 -2.07 -3.50 42.96
C ALA U 15 -1.43 -4.82 42.58
N VAL U 16 -0.25 -5.09 43.10
CA VAL U 16 0.48 -6.30 42.69
C VAL U 16 0.87 -7.18 43.87
N ILE U 17 -0.15 -7.65 44.58
CA ILE U 17 0.08 -8.33 45.86
C ILE U 17 0.96 -9.52 45.68
N ASN U 18 1.83 -9.81 46.65
CA ASN U 18 2.81 -10.83 46.40
C ASN U 18 2.24 -12.20 46.70
N CYS U 19 2.49 -13.12 45.78
CA CYS U 19 1.92 -14.44 45.85
C CYS U 19 2.70 -15.19 46.92
N ALA U 20 1.94 -15.89 47.76
CA ALA U 20 2.44 -16.48 49.00
C ALA U 20 2.30 -17.98 48.97
N ASP U 21 2.55 -18.57 47.82
CA ASP U 21 2.39 -19.99 47.70
C ASP U 21 3.40 -20.61 46.74
N ASN U 22 3.40 -21.95 46.69
CA ASN U 22 4.41 -22.73 45.97
C ASN U 22 4.01 -23.10 44.53
N THR U 23 3.13 -22.29 43.96
CA THR U 23 2.68 -22.45 42.58
C THR U 23 3.72 -22.00 41.55
N GLY U 24 4.75 -21.29 41.97
CA GLY U 24 5.72 -20.72 41.07
C GLY U 24 5.13 -19.50 40.41
N ALA U 25 4.42 -18.70 41.21
CA ALA U 25 4.03 -17.34 40.85
C ALA U 25 4.72 -16.44 41.84
N LYS U 26 5.22 -15.30 41.37
CA LYS U 26 5.84 -14.31 42.22
C LYS U 26 4.87 -13.23 42.67
N ASN U 27 4.05 -12.77 41.72
CA ASN U 27 3.14 -11.68 41.91
C ASN U 27 1.72 -12.02 41.58
N LEU U 28 0.84 -11.09 41.94
CA LEU U 28 -0.55 -11.13 41.55
C LEU U 28 -1.05 -9.71 41.31
N TYR U 29 -1.09 -9.38 40.03
CA TYR U 29 -1.61 -8.13 39.57
C TYR U 29 -3.08 -8.29 39.68
N ILE U 30 -3.74 -7.55 40.55
CA ILE U 30 -5.20 -7.65 40.68
C ILE U 30 -5.82 -6.92 39.50
N ILE U 31 -6.78 -7.58 38.84
CA ILE U 31 -7.53 -6.96 37.75
C ILE U 31 -8.94 -6.65 38.09
N SER U 32 -9.45 -7.29 39.14
CA SER U 32 -10.83 -7.11 39.53
C SER U 32 -11.17 -7.88 40.77
N VAL U 33 -11.95 -7.23 41.61
CA VAL U 33 -12.34 -7.83 42.84
C VAL U 33 -13.70 -8.39 42.52
N LYS U 34 -14.09 -9.39 43.30
CA LYS U 34 -15.24 -10.22 43.05
C LYS U 34 -16.37 -9.86 43.97
N GLY U 35 -17.55 -9.68 43.38
CA GLY U 35 -18.74 -9.33 44.12
C GLY U 35 -18.96 -7.84 44.26
N ILE U 36 -18.50 -7.09 43.26
CA ILE U 36 -18.52 -5.66 43.32
C ILE U 36 -19.58 -5.16 42.37
N LYS U 37 -20.52 -4.40 42.90
CA LYS U 37 -21.43 -3.68 42.06
C LYS U 37 -20.61 -2.54 41.52
N GLY U 38 -20.34 -1.57 42.40
CA GLY U 38 -19.59 -0.37 42.05
C GLY U 38 -20.45 0.86 41.81
N ARG U 39 -19.78 2.00 41.89
CA ARG U 39 -20.36 3.30 41.74
C ARG U 39 -19.75 3.84 40.49
N LEU U 40 -19.93 5.12 40.21
CA LEU U 40 -19.11 5.76 39.21
C LEU U 40 -17.69 5.98 39.71
N ASN U 41 -16.73 5.73 38.83
CA ASN U 41 -15.32 6.06 39.07
C ASN U 41 -14.64 5.28 40.17
N ARG U 42 -15.40 4.59 41.01
CA ARG U 42 -14.86 4.06 42.24
C ARG U 42 -14.21 2.75 41.91
N LEU U 43 -12.92 2.64 42.22
CA LEU U 43 -12.23 1.39 41.91
C LEU U 43 -12.78 0.18 42.74
N PRO U 44 -12.66 -1.04 42.22
CA PRO U 44 -13.06 -2.17 43.03
C PRO U 44 -11.96 -2.50 43.99
N ALA U 45 -12.31 -3.02 45.16
CA ALA U 45 -11.33 -3.16 46.23
C ALA U 45 -11.39 -4.41 47.04
N ALA U 46 -10.24 -5.07 47.10
CA ALA U 46 -10.05 -6.23 47.95
C ALA U 46 -9.26 -5.85 49.19
N GLY U 47 -9.73 -6.37 50.32
CA GLY U 47 -8.91 -6.50 51.49
C GLY U 47 -8.65 -7.97 51.71
N VAL U 48 -8.21 -8.23 52.92
CA VAL U 48 -8.00 -9.57 53.39
C VAL U 48 -9.31 -10.34 53.25
N GLY U 49 -9.19 -11.62 52.95
CA GLY U 49 -10.35 -12.49 52.85
C GLY U 49 -11.12 -12.41 51.55
N ASP U 50 -10.77 -11.46 50.67
CA ASP U 50 -11.57 -11.24 49.47
C ASP U 50 -11.27 -12.25 48.39
N MET U 51 -12.09 -12.25 47.36
CA MET U 51 -11.76 -12.93 46.13
C MET U 51 -11.44 -11.91 45.11
N VAL U 52 -10.71 -12.30 44.08
CA VAL U 52 -10.09 -11.35 43.20
C VAL U 52 -9.68 -12.09 41.94
N MET U 53 -9.91 -11.49 40.78
CA MET U 53 -9.32 -11.98 39.53
C MET U 53 -8.02 -11.22 39.28
N ALA U 54 -7.01 -11.96 38.88
CA ALA U 54 -5.69 -11.40 38.87
C ALA U 54 -4.83 -12.15 37.90
N THR U 55 -3.65 -11.62 37.67
CA THR U 55 -2.80 -12.05 36.60
C THR U 55 -1.42 -12.23 37.18
N VAL U 56 -0.75 -13.31 36.78
CA VAL U 56 0.61 -13.54 37.21
C VAL U 56 1.54 -12.64 36.42
N LYS U 57 1.88 -11.52 37.02
CA LYS U 57 2.73 -10.55 36.37
C LYS U 57 4.17 -11.08 36.28
N LYS U 58 4.53 -12.04 37.14
CA LYS U 58 5.77 -12.78 36.97
C LYS U 58 5.81 -14.09 37.74
N GLY U 59 6.57 -15.04 37.21
CA GLY U 59 6.67 -16.38 37.77
C GLY U 59 7.08 -17.38 36.69
N LYS U 60 6.61 -18.61 36.80
CA LYS U 60 6.79 -19.59 35.74
C LYS U 60 5.90 -19.19 34.58
N PRO U 61 6.38 -19.34 33.35
CA PRO U 61 5.56 -19.00 32.18
C PRO U 61 4.29 -19.83 31.92
N GLU U 62 4.03 -20.87 32.69
CA GLU U 62 2.73 -21.56 32.64
C GLU U 62 1.59 -20.74 33.21
N LEU U 63 1.89 -19.82 34.11
CA LEU U 63 0.89 -18.98 34.78
C LEU U 63 0.75 -17.58 34.17
N ARG U 64 1.80 -17.13 33.49
CA ARG U 64 1.81 -15.82 32.87
C ARG U 64 0.74 -15.70 31.80
N LYS U 65 0.29 -14.46 31.60
CA LYS U 65 -0.58 -14.08 30.49
C LYS U 65 -1.93 -14.81 30.47
N LYS U 66 -2.48 -15.02 31.65
CA LYS U 66 -3.85 -15.52 31.77
C LYS U 66 -4.40 -15.15 33.12
N VAL U 67 -5.70 -15.29 33.26
CA VAL U 67 -6.37 -14.89 34.47
C VAL U 67 -6.35 -16.01 35.48
N HIS U 68 -6.40 -15.63 36.75
CA HIS U 68 -6.65 -16.55 37.83
C HIS U 68 -7.65 -15.92 38.81
N PRO U 69 -8.32 -16.77 39.62
CA PRO U 69 -9.04 -16.32 40.81
C PRO U 69 -8.19 -16.49 42.04
N ALA U 70 -8.17 -15.48 42.90
CA ALA U 70 -7.28 -15.50 44.06
C ALA U 70 -7.92 -14.95 45.31
N VAL U 71 -7.32 -15.32 46.42
CA VAL U 71 -7.76 -14.90 47.71
C VAL U 71 -6.62 -14.13 48.29
N VAL U 72 -6.93 -12.96 48.84
CA VAL U 72 -5.95 -12.18 49.54
C VAL U 72 -5.86 -12.70 50.96
N ILE U 73 -4.69 -12.55 51.55
CA ILE U 73 -4.35 -13.32 52.72
C ILE U 73 -3.70 -12.49 53.80
N ARG U 74 -2.82 -11.59 53.41
CA ARG U 74 -2.26 -10.55 54.24
C ARG U 74 -2.51 -9.25 53.50
N GLN U 75 -2.66 -8.16 54.22
CA GLN U 75 -2.65 -6.85 53.59
C GLN U 75 -2.16 -5.77 54.50
N ARG U 76 -1.57 -4.76 53.89
CA ARG U 76 -0.83 -3.78 54.64
C ARG U 76 -1.75 -2.68 55.22
N LYS U 77 -2.87 -2.41 54.55
CA LYS U 77 -3.80 -1.40 55.03
C LYS U 77 -4.34 -1.87 56.33
N SER U 78 -4.13 -1.10 57.38
CA SER U 78 -4.49 -1.53 58.72
C SER U 78 -6.00 -1.61 58.91
N TYR U 79 -6.52 -2.85 58.96
CA TYR U 79 -7.96 -3.08 59.13
C TYR U 79 -8.31 -3.25 60.58
N ARG U 80 -9.61 -3.20 60.86
CA ARG U 80 -10.12 -3.19 62.23
C ARG U 80 -11.04 -4.37 62.60
N ARG U 81 -10.55 -5.23 63.47
CA ARG U 81 -11.36 -6.34 64.00
C ARG U 81 -12.39 -5.80 65.01
N LYS U 82 -13.39 -6.61 65.34
CA LYS U 82 -14.49 -6.18 66.23
C LYS U 82 -14.09 -6.14 67.68
N ASP U 83 -13.20 -7.05 68.06
CA ASP U 83 -12.55 -6.99 69.36
C ASP U 83 -11.61 -5.79 69.58
N GLY U 84 -11.53 -4.90 68.60
CA GLY U 84 -10.99 -3.57 68.81
C GLY U 84 -9.50 -3.59 68.83
N VAL U 85 -8.95 -4.34 67.90
CA VAL U 85 -7.56 -4.20 67.54
C VAL U 85 -7.55 -3.53 66.19
N PHE U 86 -6.35 -3.18 65.75
CA PHE U 86 -6.10 -2.89 64.38
C PHE U 86 -4.90 -3.65 63.94
N LEU U 87 -5.00 -4.29 62.79
CA LEU U 87 -4.05 -5.27 62.39
C LEU U 87 -3.59 -4.99 60.99
N TYR U 88 -2.29 -4.80 60.83
CA TYR U 88 -1.70 -4.73 59.50
C TYR U 88 -0.52 -5.67 59.44
N PHE U 89 -0.06 -5.95 58.22
CA PHE U 89 0.54 -7.23 57.91
C PHE U 89 1.92 -7.25 57.23
N GLU U 90 2.67 -6.15 57.30
CA GLU U 90 4.00 -6.05 56.68
C GLU U 90 3.99 -6.06 55.17
N ASP U 91 3.20 -6.96 54.58
CA ASP U 91 3.02 -7.01 53.14
C ASP U 91 1.60 -7.29 52.70
N ASN U 92 1.37 -7.15 51.39
CA ASN U 92 0.13 -7.60 50.77
C ASN U 92 0.43 -8.91 50.07
N ALA U 93 -0.49 -9.84 50.20
CA ALA U 93 -0.26 -11.16 49.68
C ALA U 93 -1.52 -11.93 49.42
N GLY U 94 -1.48 -12.77 48.40
CA GLY U 94 -2.61 -13.63 48.10
C GLY U 94 -2.18 -15.04 47.83
N VAL U 95 -3.11 -15.86 47.35
CA VAL U 95 -2.82 -17.19 46.83
C VAL U 95 -3.76 -17.52 45.70
N ILE U 96 -3.25 -18.21 44.72
CA ILE U 96 -4.02 -18.51 43.55
C ILE U 96 -4.93 -19.69 43.88
N VAL U 97 -6.15 -19.59 43.41
CA VAL U 97 -7.26 -20.34 43.95
C VAL U 97 -8.28 -20.65 42.86
N ASN U 98 -8.76 -21.89 42.81
CA ASN U 98 -9.84 -22.22 41.88
C ASN U 98 -11.21 -21.86 42.41
N ASN U 99 -12.09 -21.47 41.50
CA ASN U 99 -13.39 -20.90 41.85
C ASN U 99 -14.00 -21.41 43.14
N LYS U 100 -13.98 -22.73 43.32
CA LYS U 100 -14.70 -23.37 44.42
C LYS U 100 -14.11 -23.12 45.80
N GLY U 101 -12.82 -22.79 45.86
CA GLY U 101 -12.13 -22.52 47.12
C GLY U 101 -10.71 -23.04 47.10
N GLU U 102 -10.53 -24.21 46.52
CA GLU U 102 -9.29 -24.96 46.65
C GLU U 102 -8.04 -24.23 46.14
N MET U 103 -6.99 -24.34 46.95
CA MET U 103 -5.69 -23.84 46.62
C MET U 103 -5.18 -24.63 45.45
N LYS U 104 -4.69 -23.91 44.45
CA LYS U 104 -4.01 -24.55 43.34
C LYS U 104 -2.60 -24.89 43.81
N GLY U 105 -2.09 -24.09 44.75
CA GLY U 105 -0.89 -24.43 45.51
C GLY U 105 -1.13 -25.47 46.58
N SER U 106 -0.04 -25.83 47.26
CA SER U 106 -0.02 -26.84 48.32
C SER U 106 0.31 -26.28 49.68
N ALA U 107 1.09 -25.21 49.71
CA ALA U 107 1.43 -24.54 50.95
C ALA U 107 1.43 -23.04 50.75
N ILE U 108 1.08 -22.37 51.83
CA ILE U 108 1.13 -20.94 51.93
C ILE U 108 2.32 -20.63 52.82
N THR U 109 3.25 -19.88 52.27
CA THR U 109 4.28 -19.27 53.06
C THR U 109 3.68 -18.07 53.79
N GLY U 110 4.16 -17.83 55.00
CA GLY U 110 3.75 -16.65 55.78
C GLY U 110 2.35 -16.75 56.37
N PRO U 111 2.05 -15.83 57.30
CA PRO U 111 0.82 -15.90 58.03
C PRO U 111 -0.36 -15.55 57.18
N VAL U 112 -1.52 -16.02 57.60
CA VAL U 112 -2.79 -15.77 56.95
C VAL U 112 -3.69 -15.08 57.91
N ALA U 113 -4.25 -13.97 57.46
CA ALA U 113 -5.06 -13.12 58.30
C ALA U 113 -6.43 -13.75 58.55
N LYS U 114 -6.78 -13.92 59.81
CA LYS U 114 -7.82 -14.85 60.17
C LYS U 114 -9.19 -14.48 59.68
N GLU U 115 -9.36 -13.31 59.05
CA GLU U 115 -10.65 -13.01 58.44
C GLU U 115 -10.79 -13.90 57.21
N CYS U 116 -9.67 -14.13 56.55
CA CYS U 116 -9.60 -15.06 55.43
C CYS U 116 -9.77 -16.51 55.90
N ALA U 117 -8.98 -16.92 56.88
CA ALA U 117 -8.99 -18.30 57.39
C ALA U 117 -10.37 -18.77 57.77
N ASP U 118 -11.13 -17.87 58.38
CA ASP U 118 -12.51 -18.15 58.78
C ASP U 118 -13.52 -17.99 57.64
N LEU U 119 -13.02 -18.05 56.40
CA LEU U 119 -13.81 -17.84 55.19
C LEU U 119 -13.47 -18.79 54.02
N TRP U 120 -12.21 -19.22 53.94
CA TRP U 120 -11.75 -20.23 52.98
C TRP U 120 -10.95 -21.26 53.78
N PRO U 121 -11.58 -22.38 54.14
CA PRO U 121 -10.90 -23.32 55.03
C PRO U 121 -9.74 -24.08 54.39
N ARG U 122 -9.75 -24.21 53.07
CA ARG U 122 -8.71 -24.98 52.38
C ARG U 122 -7.42 -24.20 52.45
N ILE U 123 -7.52 -22.88 52.31
CA ILE U 123 -6.42 -21.97 52.63
C ILE U 123 -6.00 -22.14 54.08
N ALA U 124 -6.96 -22.03 54.98
CA ALA U 124 -6.69 -22.14 56.41
C ALA U 124 -5.95 -23.40 56.79
N SER U 125 -6.29 -24.52 56.16
CA SER U 125 -5.61 -25.78 56.43
C SER U 125 -4.14 -25.73 56.00
N ASN U 126 -3.88 -25.14 54.83
CA ASN U 126 -2.50 -24.98 54.36
C ASN U 126 -1.76 -23.82 54.98
N ALA U 127 -2.45 -22.96 55.71
CA ALA U 127 -1.79 -21.97 56.52
C ALA U 127 -1.17 -22.65 57.71
N GLY U 128 0.03 -22.18 58.07
CA GLY U 128 0.71 -22.64 59.30
C GLY U 128 0.48 -21.66 60.44
N SER U 129 0.78 -20.41 60.14
CA SER U 129 0.50 -19.31 61.04
C SER U 129 -0.88 -18.79 60.71
N ILE U 130 -1.53 -18.20 61.71
CA ILE U 130 -2.76 -17.45 61.50
C ILE U 130 -2.68 -16.19 62.33
N ALA U 131 -3.03 -15.06 61.72
CA ALA U 131 -3.04 -13.72 62.36
C ALA U 131 -1.70 -13.29 62.95
N MET V 1 -10.47 -9.85 78.63
CA MET V 1 -9.74 -8.80 77.84
C MET V 1 -8.31 -8.67 78.36
N LYS V 2 -7.44 -9.52 77.81
CA LYS V 2 -6.04 -9.52 78.21
C LYS V 2 -5.39 -8.23 77.74
N VAL V 3 -5.13 -7.32 78.68
CA VAL V 3 -4.25 -6.19 78.39
C VAL V 3 -2.89 -6.77 77.98
N GLU V 4 -2.37 -6.26 76.88
CA GLU V 4 -1.17 -6.81 76.27
C GLU V 4 -0.05 -5.82 76.46
N LEU V 5 1.18 -6.25 76.23
CA LEU V 5 2.31 -5.37 76.38
C LEU V 5 2.88 -4.95 75.05
N CYS V 6 3.09 -3.65 74.91
CA CYS V 6 3.72 -3.05 73.72
C CYS V 6 5.10 -3.62 73.52
N SER V 7 5.36 -4.08 72.31
CA SER V 7 6.64 -4.67 71.97
C SER V 7 7.85 -3.76 72.17
N PHE V 8 7.61 -2.46 72.28
CA PHE V 8 8.68 -1.50 72.33
C PHE V 8 8.77 -0.74 73.64
N SER V 9 7.70 -0.07 74.01
CA SER V 9 7.68 0.69 75.23
C SER V 9 7.70 -0.28 76.38
N GLY V 10 6.73 -1.19 76.38
CA GLY V 10 6.44 -2.07 77.51
C GLY V 10 5.25 -1.60 78.37
N TYR V 11 4.53 -0.59 77.89
CA TYR V 11 3.35 -0.10 78.58
C TYR V 11 2.16 -1.01 78.34
N LYS V 12 1.26 -1.08 79.33
CA LYS V 12 0.01 -1.82 79.18
C LYS V 12 -0.82 -1.19 78.12
N ILE V 13 -1.41 -2.04 77.27
CA ILE V 13 -2.23 -1.60 76.14
C ILE V 13 -3.68 -1.97 76.39
N TYR V 14 -4.43 -1.02 76.93
CA TYR V 14 -5.84 -1.24 77.20
C TYR V 14 -6.65 -1.46 75.91
N PRO V 15 -7.63 -2.37 75.95
CA PRO V 15 -8.35 -2.94 74.83
C PRO V 15 -8.55 -2.04 73.64
N GLY V 16 -9.06 -0.85 73.88
CA GLY V 16 -9.47 0.05 72.80
C GLY V 16 -8.35 0.43 71.84
N HIS V 17 -7.16 0.65 72.40
CA HIS V 17 -6.11 1.38 71.72
C HIS V 17 -5.20 0.52 70.89
N GLY V 18 -4.19 1.18 70.36
CA GLY V 18 -2.99 0.51 69.91
C GLY V 18 -3.14 -0.13 68.55
N ARG V 19 -2.11 -0.85 68.16
CA ARG V 19 -2.03 -1.42 66.84
C ARG V 19 -1.21 -2.70 66.86
N ARG V 20 -1.26 -3.42 65.76
CA ARG V 20 -0.74 -4.75 65.70
C ARG V 20 -0.14 -5.01 64.35
N TYR V 21 1.07 -5.53 64.37
CA TYR V 21 1.88 -5.72 63.19
C TYR V 21 2.17 -7.20 63.13
N ALA V 22 2.03 -7.78 61.95
CA ALA V 22 2.19 -9.22 61.76
C ALA V 22 3.31 -9.45 60.75
N ARG V 23 4.53 -9.39 61.26
CA ARG V 23 5.70 -9.51 60.40
C ARG V 23 5.63 -10.82 59.68
N THR V 24 5.97 -10.83 58.40
CA THR V 24 5.75 -12.01 57.57
C THR V 24 6.58 -13.22 57.92
N ASP V 25 7.62 -13.03 58.74
CA ASP V 25 8.27 -14.16 59.39
C ASP V 25 7.30 -15.02 60.23
N GLY V 26 6.11 -14.49 60.51
CA GLY V 26 5.12 -15.17 61.31
C GLY V 26 5.37 -14.85 62.76
N LYS V 27 5.45 -13.55 63.08
CA LYS V 27 5.44 -13.09 64.46
C LYS V 27 4.91 -11.69 64.53
N VAL V 28 4.42 -11.35 65.71
CA VAL V 28 3.48 -10.26 65.89
C VAL V 28 3.99 -9.32 66.96
N PHE V 29 3.62 -8.06 66.83
CA PHE V 29 4.01 -7.04 67.79
C PHE V 29 2.80 -6.17 68.03
N GLN V 30 2.57 -5.82 69.29
CA GLN V 30 1.54 -4.87 69.59
C GLN V 30 2.28 -3.60 69.78
N PHE V 31 1.61 -2.49 69.52
CA PHE V 31 2.14 -1.17 69.85
C PHE V 31 1.14 -0.35 70.60
N LEU V 32 1.65 0.31 71.63
CA LEU V 32 0.86 1.21 72.42
C LEU V 32 0.32 2.36 71.61
N ASN V 33 1.12 2.86 70.68
CA ASN V 33 0.74 4.01 69.86
C ASN V 33 1.71 4.14 68.68
N ALA V 34 1.75 5.27 67.98
CA ALA V 34 2.66 5.43 66.83
C ALA V 34 4.11 5.63 67.24
N LYS V 35 4.34 6.61 68.10
CA LYS V 35 5.67 6.86 68.66
C LYS V 35 6.47 5.56 68.83
N CYS V 36 5.85 4.58 69.48
CA CYS V 36 6.41 3.24 69.69
C CYS V 36 6.50 2.41 68.42
N GLU V 37 5.50 2.54 67.56
CA GLU V 37 5.54 1.88 66.27
C GLU V 37 6.67 2.40 65.41
N SER V 38 6.83 3.71 65.37
CA SER V 38 7.79 4.34 64.45
C SER V 38 9.23 4.08 64.86
N ALA V 39 9.48 4.14 66.17
CA ALA V 39 10.77 3.76 66.70
C ALA V 39 11.12 2.28 66.46
N PHE V 40 10.12 1.42 66.52
CA PHE V 40 10.30 0.01 66.25
C PHE V 40 10.66 -0.26 64.81
N LEU V 41 10.05 0.49 63.90
CA LEU V 41 10.24 0.27 62.46
C LEU V 41 11.56 0.88 61.96
N SER V 42 11.93 2.06 62.49
CA SER V 42 13.26 2.66 62.25
C SER V 42 14.40 1.84 62.82
N LYS V 43 14.06 0.89 63.68
CA LYS V 43 14.93 -0.18 64.14
C LYS V 43 15.60 0.19 65.44
N ARG V 44 15.11 1.22 66.13
CA ARG V 44 15.74 1.67 67.36
C ARG V 44 15.60 0.60 68.40
N ASN V 45 16.71 0.22 68.99
CA ASN V 45 16.65 -0.68 70.09
C ASN V 45 16.16 0.11 71.29
N PRO V 46 15.07 -0.34 71.91
CA PRO V 46 14.39 0.45 72.91
C PRO V 46 15.19 0.62 74.19
N ARG V 47 16.00 -0.37 74.54
CA ARG V 47 16.92 -0.27 75.69
C ARG V 47 17.82 0.97 75.65
N GLN V 48 18.02 1.55 74.45
CA GLN V 48 18.71 2.82 74.28
C GLN V 48 17.86 4.09 74.53
N ILE V 49 16.56 3.93 74.73
CA ILE V 49 15.66 5.05 74.77
C ILE V 49 15.07 5.20 76.15
N ASN V 50 15.24 6.37 76.74
CA ASN V 50 15.15 6.51 78.20
C ASN V 50 13.77 6.37 78.82
N TRP V 51 12.73 6.48 77.99
CA TRP V 51 11.34 6.39 78.45
C TRP V 51 10.76 5.03 78.30
N THR V 52 11.40 4.17 77.53
CA THR V 52 10.89 2.82 77.40
C THR V 52 11.10 2.08 78.67
N VAL V 53 10.46 0.92 78.78
CA VAL V 53 10.58 0.13 79.97
C VAL V 53 11.90 -0.56 80.01
N LEU V 54 12.30 -1.11 78.86
CA LEU V 54 13.48 -1.94 78.85
C LEU V 54 14.74 -1.14 79.20
N TYR V 55 14.74 0.17 78.90
CA TYR V 55 15.75 1.09 79.41
C TYR V 55 15.68 1.13 80.92
N ARG V 56 14.51 1.46 81.45
CA ARG V 56 14.38 1.68 82.89
C ARG V 56 14.63 0.39 83.71
N ARG V 57 14.54 -0.77 83.07
CA ARG V 57 15.14 -1.98 83.63
C ARG V 57 16.67 -1.87 83.59
N LYS V 58 17.22 -1.85 82.38
CA LYS V 58 18.67 -1.96 82.15
C LYS V 58 19.54 -0.99 82.93
N HIS V 59 19.00 0.15 83.30
CA HIS V 59 19.69 1.11 84.13
C HIS V 59 19.24 1.07 85.60
N LYS V 60 18.48 0.05 85.98
CA LYS V 60 18.10 -0.18 87.36
C LYS V 60 17.32 0.99 87.95
N LYS V 61 16.62 1.73 87.11
CA LYS V 61 15.98 2.97 87.55
C LYS V 61 14.72 2.66 88.35
N GLY V 62 14.56 3.38 89.46
CA GLY V 62 13.57 3.03 90.50
C GLY V 62 14.22 2.13 91.52
N GLN V 63 13.43 1.69 92.50
CA GLN V 63 13.85 0.70 93.50
C GLN V 63 14.96 1.22 94.41
N LYS W 1 65.08 77.87 -26.88
CA LYS W 1 66.11 76.97 -26.24
C LYS W 1 66.00 76.98 -24.70
N LYS W 2 64.88 76.46 -24.21
CA LYS W 2 64.74 76.08 -22.80
C LYS W 2 63.93 74.79 -22.77
N ILE W 3 64.57 73.72 -22.31
CA ILE W 3 64.01 72.36 -22.42
C ILE W 3 62.93 72.07 -21.41
N ARG W 4 62.20 70.98 -21.64
CA ARG W 4 61.18 70.52 -20.72
C ARG W 4 61.68 69.23 -20.07
N THR W 5 62.00 69.34 -18.79
CA THR W 5 62.68 68.30 -18.05
C THR W 5 61.77 67.13 -17.78
N SER W 6 60.67 67.42 -17.10
CA SER W 6 59.74 66.43 -16.59
C SER W 6 58.51 66.45 -17.47
N PRO W 7 57.87 65.29 -17.65
CA PRO W 7 56.79 65.11 -18.61
C PRO W 7 55.48 65.80 -18.28
N THR W 8 55.31 66.23 -17.05
CA THR W 8 54.13 66.98 -16.63
C THR W 8 54.12 68.39 -17.18
N PHE W 9 52.95 69.01 -17.16
CA PHE W 9 52.86 70.45 -17.43
C PHE W 9 51.97 71.15 -16.42
N ARG W 10 52.61 71.56 -15.32
CA ARG W 10 51.96 72.36 -14.32
C ARG W 10 51.61 73.78 -14.77
N ARG W 11 50.53 74.30 -14.20
CA ARG W 11 50.03 75.65 -14.47
C ARG W 11 51.14 76.63 -14.21
N PRO W 12 51.41 77.51 -15.17
CA PRO W 12 52.46 78.50 -14.98
C PRO W 12 52.08 79.58 -13.99
N LYS W 13 52.94 79.77 -13.00
CA LYS W 13 52.71 80.70 -11.94
C LYS W 13 52.81 82.10 -12.52
N THR W 14 51.73 82.85 -12.36
CA THR W 14 51.56 84.16 -12.95
C THR W 14 51.90 85.25 -11.92
N LEU W 15 51.61 86.48 -12.28
CA LEU W 15 51.55 87.58 -11.32
C LEU W 15 50.14 87.62 -10.84
N ARG W 16 49.95 88.01 -9.58
CA ARG W 16 48.62 88.41 -9.12
C ARG W 16 48.67 89.50 -8.09
N LEU W 17 47.81 90.49 -8.29
CA LEU W 17 47.91 91.79 -7.62
C LEU W 17 47.18 91.85 -6.30
N ARG W 18 47.53 92.87 -5.52
CA ARG W 18 46.78 93.27 -4.35
C ARG W 18 45.62 94.10 -4.84
N ARG W 19 44.58 94.17 -4.03
CA ARG W 19 43.46 95.07 -4.30
C ARG W 19 43.91 96.51 -4.17
N GLN W 20 43.54 97.36 -5.13
CA GLN W 20 43.77 98.81 -5.06
C GLN W 20 42.45 99.52 -5.30
N PRO W 21 41.46 99.22 -4.45
CA PRO W 21 40.06 99.52 -4.72
C PRO W 21 39.83 100.98 -4.96
N LYS W 22 38.92 101.27 -5.89
CA LYS W 22 38.63 102.63 -6.28
C LYS W 22 37.73 103.36 -5.28
N TYR W 23 37.15 102.60 -4.36
CA TYR W 23 36.41 103.16 -3.24
C TYR W 23 36.21 102.13 -2.15
N PRO W 24 36.11 102.56 -0.90
CA PRO W 24 35.84 101.64 0.18
C PRO W 24 34.36 101.33 0.26
N ARG W 25 34.01 100.07 0.58
CA ARG W 25 32.65 99.59 0.43
C ARG W 25 31.70 100.13 1.48
N LYS W 26 32.00 99.87 2.75
CA LYS W 26 31.28 100.52 3.83
C LYS W 26 32.11 101.76 4.21
N SER W 27 31.44 102.90 4.33
CA SER W 27 32.07 104.23 4.32
C SER W 27 33.04 104.37 5.47
N ALA W 28 32.51 104.35 6.68
CA ALA W 28 33.33 104.31 7.87
C ALA W 28 33.42 102.87 8.35
N PRO W 29 34.51 102.53 9.06
CA PRO W 29 34.53 101.25 9.72
C PRO W 29 33.64 101.33 10.95
N ARG W 30 33.20 100.16 11.38
CA ARG W 30 32.27 100.03 12.48
C ARG W 30 32.95 100.37 13.81
N ARG W 31 32.17 100.92 14.74
CA ARG W 31 32.64 101.11 16.13
C ARG W 31 32.29 99.86 16.90
N ASN W 32 33.22 99.41 17.73
CA ASN W 32 33.01 98.19 18.49
C ASN W 32 31.96 98.42 19.55
N LYS W 33 31.18 97.39 19.81
CA LYS W 33 30.09 97.48 20.78
C LYS W 33 30.33 96.46 21.89
N LEU W 34 31.57 96.38 22.32
CA LEU W 34 31.96 95.42 23.33
C LEU W 34 33.15 96.03 24.02
N ASP W 35 32.85 97.10 24.73
CA ASP W 35 33.84 97.97 25.32
C ASP W 35 34.05 97.60 26.75
N HIS W 36 35.14 98.12 27.30
CA HIS W 36 35.44 98.05 28.72
C HIS W 36 34.17 98.03 29.55
N TYR W 37 33.18 98.85 29.16
CA TYR W 37 31.88 98.87 29.84
C TYR W 37 31.09 97.63 29.53
N ALA W 38 30.49 97.58 28.34
CA ALA W 38 29.43 96.61 28.11
C ALA W 38 29.89 95.15 27.99
N ILE W 39 31.19 94.92 27.96
CA ILE W 39 31.70 93.60 28.27
C ILE W 39 31.34 93.16 29.69
N ILE W 40 31.46 94.04 30.68
CA ILE W 40 31.18 93.70 32.06
C ILE W 40 29.88 94.35 32.44
N LYS W 41 28.86 93.55 32.74
CA LYS W 41 27.53 94.10 33.03
C LYS W 41 27.47 94.62 34.44
N PHE W 42 27.66 93.73 35.40
CA PHE W 42 27.56 94.12 36.80
C PHE W 42 28.07 93.03 37.71
N PRO W 43 28.36 93.38 38.96
CA PRO W 43 28.88 92.41 39.89
C PRO W 43 27.81 91.50 40.49
N LEU W 44 28.28 90.36 41.03
CA LEU W 44 27.48 89.52 41.90
C LEU W 44 27.70 89.89 43.35
N THR W 45 26.60 89.99 44.07
CA THR W 45 26.58 90.29 45.50
C THR W 45 25.99 89.13 46.28
N THR W 46 25.96 87.99 45.62
CA THR W 46 25.37 86.80 46.12
C THR W 46 26.24 86.24 47.22
N GLU W 47 25.63 85.64 48.23
CA GLU W 47 26.39 85.09 49.36
C GLU W 47 27.62 84.36 48.88
N SER W 48 27.45 83.53 47.87
CA SER W 48 28.60 82.92 47.21
C SER W 48 29.70 83.93 46.94
N ALA W 49 29.42 84.91 46.10
CA ALA W 49 30.45 85.83 45.65
C ALA W 49 31.02 86.66 46.79
N MET W 50 30.19 87.06 47.74
CA MET W 50 30.68 87.83 48.87
C MET W 50 31.61 87.00 49.73
N LYS W 51 31.39 85.70 49.80
CA LYS W 51 32.35 84.80 50.42
C LYS W 51 33.62 84.70 49.59
N LYS W 52 33.45 84.61 48.28
CA LYS W 52 34.55 84.55 47.30
C LYS W 52 35.39 85.82 47.26
N ILE W 53 34.76 86.96 47.55
CA ILE W 53 35.48 88.19 47.65
C ILE W 53 36.40 88.13 48.84
N GLU W 54 35.83 88.13 50.04
CA GLU W 54 36.63 88.21 51.27
C GLU W 54 37.75 87.18 51.27
N ASP W 55 37.41 85.96 50.88
CA ASP W 55 38.26 84.81 51.09
C ASP W 55 39.34 84.68 50.01
N ASN W 56 38.89 84.56 48.76
CA ASN W 56 39.76 84.25 47.63
C ASN W 56 40.35 85.44 46.92
N ASN W 57 40.11 86.65 47.42
CA ASN W 57 40.72 87.83 46.83
C ASN W 57 40.23 88.03 45.41
N THR W 58 38.97 87.72 45.19
CA THR W 58 38.37 87.88 43.88
C THR W 58 37.32 88.95 43.85
N LEU W 59 36.78 89.14 42.66
CA LEU W 59 35.49 89.69 42.50
C LEU W 59 34.77 88.60 41.80
N VAL W 60 33.50 88.84 41.51
CA VAL W 60 32.74 87.98 40.63
C VAL W 60 31.85 88.87 39.81
N PHE W 61 31.68 88.53 38.55
CA PHE W 61 30.93 89.36 37.64
C PHE W 61 30.07 88.56 36.70
N ILE W 62 29.09 89.27 36.16
CA ILE W 62 28.33 88.83 35.02
C ILE W 62 28.75 89.69 33.84
N VAL W 63 29.01 89.01 32.75
CA VAL W 63 29.82 89.50 31.68
C VAL W 63 29.02 89.24 30.42
N ASP W 64 29.36 89.94 29.34
CA ASP W 64 28.80 89.60 28.03
C ASP W 64 29.42 88.29 27.55
N VAL W 65 28.54 87.35 27.23
CA VAL W 65 28.94 86.00 26.84
C VAL W 65 29.85 85.95 25.60
N LYS W 66 29.93 87.03 24.84
CA LYS W 66 30.93 87.11 23.78
C LYS W 66 32.38 87.27 24.28
N ALA W 67 32.59 87.50 25.57
CA ALA W 67 33.93 87.78 26.10
C ALA W 67 34.89 86.59 26.22
N ASN W 68 36.15 86.86 25.95
CA ASN W 68 37.24 85.94 26.24
C ASN W 68 37.60 86.17 27.67
N LYS W 69 38.55 85.42 28.18
CA LYS W 69 39.17 85.84 29.44
C LYS W 69 40.08 87.05 29.20
N HIS W 70 40.68 87.13 28.02
CA HIS W 70 41.54 88.25 27.71
C HIS W 70 40.80 89.54 27.70
N GLN W 71 39.55 89.51 27.29
CA GLN W 71 38.81 90.75 27.19
C GLN W 71 38.38 91.25 28.54
N ILE W 72 38.12 90.31 29.45
CA ILE W 72 37.63 90.65 30.77
C ILE W 72 38.76 91.16 31.65
N LYS W 73 39.88 90.48 31.57
CA LYS W 73 41.07 90.90 32.26
C LYS W 73 41.47 92.31 31.86
N GLN W 74 41.30 92.69 30.59
CA GLN W 74 41.61 94.06 30.13
C GLN W 74 40.45 95.03 30.18
N ALA W 75 39.26 94.51 30.39
CA ALA W 75 38.13 95.36 30.69
C ALA W 75 38.13 95.76 32.15
N VAL W 76 38.18 94.76 33.00
CA VAL W 76 38.26 94.98 34.43
C VAL W 76 39.38 95.99 34.68
N LYS W 77 40.59 95.59 34.30
CA LYS W 77 41.79 96.37 34.50
C LYS W 77 41.65 97.83 34.16
N LYS W 78 40.98 98.13 33.06
CA LYS W 78 40.77 99.51 32.64
C LYS W 78 39.85 100.26 33.59
N LEU W 79 38.72 99.64 33.93
CA LEU W 79 37.68 100.32 34.69
C LEU W 79 38.03 100.57 36.11
N TYR W 80 38.69 99.62 36.74
CA TYR W 80 38.89 99.71 38.17
C TYR W 80 40.34 99.97 38.60
N ASP W 81 41.16 100.47 37.67
CA ASP W 81 42.59 100.76 37.91
C ASP W 81 43.25 99.66 38.75
N ILE W 82 42.96 98.44 38.30
CA ILE W 82 43.19 97.23 39.06
C ILE W 82 43.95 96.27 38.15
N ASP W 83 44.68 95.34 38.75
CA ASP W 83 45.48 94.37 38.01
C ASP W 83 45.07 92.99 38.48
N VAL W 84 44.78 92.16 37.50
CA VAL W 84 44.14 90.88 37.73
C VAL W 84 45.25 89.87 37.69
N ALA W 85 45.07 88.81 38.46
CA ALA W 85 45.92 87.65 38.34
C ALA W 85 45.34 86.81 37.25
N LYS W 86 44.10 86.34 37.44
CA LYS W 86 43.51 85.32 36.55
C LYS W 86 41.99 85.32 36.43
N VAL W 87 41.50 85.44 35.23
CA VAL W 87 40.07 85.40 35.01
C VAL W 87 39.76 83.94 34.83
N ASN W 88 38.49 83.59 34.97
CA ASN W 88 38.05 82.22 35.11
C ASN W 88 36.57 82.06 34.82
N THR W 89 36.19 81.93 33.56
CA THR W 89 34.77 81.99 33.19
C THR W 89 33.98 80.76 33.53
N LEU W 90 32.68 80.95 33.63
CA LEU W 90 31.73 79.92 33.31
C LEU W 90 30.49 80.51 32.75
N ILE W 91 29.66 79.67 32.13
CA ILE W 91 28.36 80.10 31.65
C ILE W 91 27.27 79.55 32.55
N ARG W 92 26.45 80.46 33.08
CA ARG W 92 25.30 80.09 33.91
C ARG W 92 24.27 79.39 33.05
N PRO W 93 23.42 78.60 33.67
CA PRO W 93 22.36 77.92 32.97
C PRO W 93 21.21 78.86 32.69
N ASP W 94 21.45 79.86 31.88
CA ASP W 94 20.66 81.09 31.94
C ASP W 94 20.94 82.04 30.80
N GLY W 95 22.20 82.09 30.38
CA GLY W 95 22.69 83.01 29.37
C GLY W 95 23.74 83.96 29.90
N GLU W 96 24.19 83.74 31.12
CA GLU W 96 25.13 84.65 31.69
C GLU W 96 26.46 83.97 31.82
N LYS W 97 27.46 84.63 31.24
CA LYS W 97 28.84 84.28 31.45
C LYS W 97 29.29 84.94 32.73
N LYS W 98 29.45 84.15 33.77
CA LYS W 98 29.92 84.65 35.06
C LYS W 98 31.42 84.46 35.11
N ALA W 99 32.18 85.55 35.16
CA ALA W 99 33.64 85.47 35.35
C ALA W 99 34.02 85.59 36.83
N TYR W 100 34.85 84.67 37.30
CA TYR W 100 35.50 84.84 38.59
C TYR W 100 36.85 85.48 38.34
N VAL W 101 37.16 86.58 39.04
CA VAL W 101 38.35 87.40 38.76
C VAL W 101 39.22 87.55 40.00
N ARG W 102 40.25 86.72 40.08
CA ARG W 102 41.31 86.78 41.09
C ARG W 102 42.08 88.06 40.90
N LEU W 103 42.33 88.80 41.98
CA LEU W 103 43.13 90.01 41.87
C LEU W 103 44.51 89.73 42.39
N ALA W 104 45.49 90.37 41.76
CA ALA W 104 46.88 90.14 42.10
C ALA W 104 47.17 90.59 43.54
N PRO W 105 47.94 89.78 44.30
CA PRO W 105 48.03 89.92 45.76
C PRO W 105 48.13 91.35 46.29
N ASP W 106 48.91 92.19 45.62
CA ASP W 106 49.16 93.54 46.11
C ASP W 106 47.86 94.35 46.31
N TYR W 107 46.82 94.04 45.56
CA TYR W 107 45.54 94.69 45.77
C TYR W 107 44.64 93.80 46.56
N ASP W 108 43.79 94.42 47.38
CA ASP W 108 42.79 93.68 48.14
C ASP W 108 41.57 93.50 47.26
N ALA W 109 40.68 92.63 47.73
CA ALA W 109 39.41 92.35 47.07
C ALA W 109 38.22 92.95 47.79
N LEU W 110 38.29 92.96 49.11
CA LEU W 110 37.28 93.61 49.92
C LEU W 110 37.29 95.12 49.71
N ASP W 111 38.49 95.69 49.61
CA ASP W 111 38.68 97.13 49.45
C ASP W 111 38.04 97.60 48.15
N VAL W 112 38.47 96.99 47.06
CA VAL W 112 37.92 97.30 45.76
C VAL W 112 36.40 97.14 45.73
N ALA W 113 35.88 96.12 46.39
CA ALA W 113 34.45 95.89 46.41
C ALA W 113 33.73 97.15 46.89
N ASN W 114 34.11 97.63 48.07
CA ASN W 114 33.50 98.85 48.59
C ASN W 114 33.64 100.02 47.62
N LYS W 115 34.78 100.11 46.95
CA LYS W 115 35.03 101.14 45.94
C LYS W 115 33.97 101.11 44.83
N ILE W 116 33.64 99.92 44.34
CA ILE W 116 32.71 99.80 43.19
C ILE W 116 31.23 99.94 43.53
N GLY W 117 30.83 99.52 44.74
CA GLY W 117 29.46 99.72 45.22
C GLY W 117 28.82 98.56 45.96
N ILE W 118 29.29 97.36 45.68
CA ILE W 118 28.78 96.17 46.35
C ILE W 118 29.37 96.06 47.73
N ILE W 119 28.74 95.21 48.55
CA ILE W 119 29.32 94.71 49.81
C ILE W 119 28.19 94.05 50.60
N MET X 1 -27.24 112.52 5.92
CA MET X 1 -26.41 111.39 5.40
C MET X 1 -24.96 111.75 5.32
N LYS X 2 -24.11 110.77 5.03
CA LYS X 2 -22.75 111.06 4.59
C LYS X 2 -22.68 110.64 3.16
N PHE X 3 -21.62 111.04 2.50
CA PHE X 3 -21.50 110.94 1.05
C PHE X 3 -20.08 110.59 0.60
N ASN X 4 -19.12 111.28 1.21
CA ASN X 4 -17.73 110.86 1.22
C ASN X 4 -17.63 109.34 1.31
N PRO X 5 -16.98 108.71 0.31
CA PRO X 5 -16.86 107.26 0.23
C PRO X 5 -15.56 106.68 0.83
N PHE X 6 -14.91 107.46 1.69
CA PHE X 6 -13.76 106.98 2.44
C PHE X 6 -13.99 107.12 3.95
N VAL X 7 -15.27 107.04 4.33
CA VAL X 7 -15.69 107.08 5.71
C VAL X 7 -16.72 106.01 5.89
N THR X 8 -17.08 105.76 7.13
CA THR X 8 -17.47 104.44 7.45
C THR X 8 -18.94 104.31 7.60
N SER X 9 -19.50 104.65 8.76
CA SER X 9 -20.83 104.18 9.15
C SER X 9 -20.81 102.68 9.12
N ASP X 10 -20.37 102.08 10.23
CA ASP X 10 -20.05 100.68 10.20
C ASP X 10 -19.76 100.23 11.60
N ARG X 11 -20.80 100.10 12.41
CA ARG X 11 -20.67 99.85 13.86
C ARG X 11 -19.27 99.45 14.28
N SER X 12 -18.87 98.30 13.77
CA SER X 12 -17.64 97.67 14.16
C SER X 12 -16.44 98.54 13.83
N LYS X 13 -16.36 99.04 12.61
CA LYS X 13 -15.21 99.84 12.25
C LYS X 13 -15.12 101.10 13.03
N ASN X 14 -16.24 101.73 13.33
CA ASN X 14 -16.16 102.90 14.20
C ASN X 14 -15.68 102.48 15.56
N ARG X 15 -16.31 101.47 16.11
CA ARG X 15 -15.97 101.10 17.47
C ARG X 15 -14.51 100.73 17.59
N LYS X 16 -13.97 99.96 16.66
CA LYS X 16 -12.56 99.66 16.76
C LYS X 16 -11.79 100.95 16.75
N ARG X 17 -12.11 101.82 15.79
CA ARG X 17 -11.44 103.11 15.66
C ARG X 17 -11.51 104.01 16.91
N HIS X 18 -12.55 103.82 17.73
CA HIS X 18 -12.69 104.51 19.00
C HIS X 18 -11.95 103.80 20.09
N PHE X 19 -12.17 102.51 20.22
CA PHE X 19 -11.58 101.78 21.32
C PHE X 19 -10.10 101.57 21.13
N ASN X 20 -9.65 101.43 19.90
CA ASN X 20 -8.23 101.33 19.63
C ASN X 20 -7.62 102.63 19.13
N ALA X 21 -8.23 103.74 19.54
CA ALA X 21 -7.72 105.04 19.18
C ALA X 21 -6.53 105.33 20.07
N PRO X 22 -5.57 106.05 19.53
CA PRO X 22 -4.39 106.42 20.30
C PRO X 22 -4.57 107.78 20.97
N SER X 23 -3.68 108.03 21.94
CA SER X 23 -3.82 109.12 22.90
C SER X 23 -4.04 110.49 22.30
N HIS X 24 -3.29 110.83 21.26
CA HIS X 24 -3.44 112.15 20.66
C HIS X 24 -4.76 112.28 19.92
N ILE X 25 -5.33 111.15 19.52
CA ILE X 25 -6.68 111.17 18.99
C ILE X 25 -7.71 111.20 20.09
N ARG X 26 -7.47 110.48 21.17
CA ARG X 26 -8.30 110.57 22.35
C ARG X 26 -8.31 111.93 23.00
N ARG X 27 -7.30 112.77 22.74
CA ARG X 27 -7.42 114.15 23.14
C ARG X 27 -8.67 114.71 22.49
N LYS X 28 -8.80 114.56 21.17
CA LYS X 28 -9.97 115.09 20.47
C LYS X 28 -11.29 114.48 20.91
N ILE X 29 -11.28 113.19 21.25
CA ILE X 29 -12.49 112.48 21.64
C ILE X 29 -12.98 112.87 23.01
N MET X 30 -12.06 112.99 23.95
CA MET X 30 -12.40 113.42 25.28
C MET X 30 -12.38 114.91 25.28
N SER X 31 -13.21 115.51 24.42
CA SER X 31 -13.45 116.92 24.48
C SER X 31 -14.75 117.11 25.23
N SER X 32 -14.90 118.31 25.77
CA SER X 32 -16.06 118.69 26.55
C SER X 32 -16.43 120.10 26.18
N PRO X 33 -17.68 120.48 26.44
CA PRO X 33 -18.12 121.78 26.03
C PRO X 33 -17.78 122.85 27.04
N LEU X 34 -17.83 124.10 26.56
CA LEU X 34 -17.60 125.29 27.36
C LEU X 34 -18.94 125.81 27.82
N SER X 35 -19.02 126.19 29.09
CA SER X 35 -20.23 126.80 29.65
C SER X 35 -20.56 128.09 28.89
N LYS X 36 -21.84 128.47 28.90
CA LYS X 36 -22.33 129.54 28.03
C LYS X 36 -21.67 130.90 28.22
N GLU X 37 -21.12 131.16 29.41
CA GLU X 37 -20.32 132.36 29.64
C GLU X 37 -19.09 132.40 28.74
N LEU X 38 -18.36 131.29 28.67
CA LEU X 38 -17.17 131.18 27.82
C LEU X 38 -17.53 131.14 26.35
N ARG X 39 -18.49 130.26 26.04
CA ARG X 39 -19.01 130.12 24.70
C ARG X 39 -19.28 131.46 24.04
N GLN X 40 -19.86 132.38 24.79
CA GLN X 40 -20.06 133.73 24.31
C GLN X 40 -18.71 134.35 24.01
N LYS X 41 -17.84 134.38 25.02
CA LYS X 41 -16.61 135.16 24.96
C LYS X 41 -15.65 134.70 23.87
N TYR X 42 -15.28 133.43 23.90
CA TYR X 42 -14.30 132.88 22.96
C TYR X 42 -14.83 132.53 21.59
N ASN X 43 -16.16 132.47 21.47
CA ASN X 43 -16.85 131.99 20.28
C ASN X 43 -16.34 130.62 19.87
N VAL X 44 -16.49 129.67 20.79
CA VAL X 44 -16.03 128.28 20.68
C VAL X 44 -17.04 127.39 21.33
N ARG X 45 -17.37 126.26 20.74
CA ARG X 45 -18.30 125.33 21.38
C ARG X 45 -17.65 124.54 22.49
N SER X 46 -16.46 124.04 22.18
CA SER X 46 -15.89 122.89 22.87
C SER X 46 -14.36 122.82 22.83
N MET X 47 -13.81 122.20 23.86
CA MET X 47 -12.39 122.13 23.99
C MET X 47 -11.98 120.83 24.59
N PRO X 48 -10.96 120.20 23.99
CA PRO X 48 -10.32 119.05 24.58
C PRO X 48 -9.92 119.35 26.00
N ILE X 49 -10.51 118.64 26.96
CA ILE X 49 -10.31 118.91 28.39
C ILE X 49 -8.94 118.50 28.89
N ARG X 50 -8.50 119.11 29.99
CA ARG X 50 -7.14 119.02 30.40
C ARG X 50 -6.94 119.09 31.89
N LYS X 51 -5.85 118.47 32.34
CA LYS X 51 -5.43 118.32 33.75
C LYS X 51 -5.97 119.25 34.81
N ASP X 52 -6.12 120.53 34.52
CA ASP X 52 -6.60 121.44 35.54
C ASP X 52 -7.43 122.57 34.95
N ASP X 53 -8.48 122.15 34.26
CA ASP X 53 -9.58 123.01 33.87
C ASP X 53 -10.68 122.77 34.89
N GLU X 54 -11.20 123.84 35.47
CA GLU X 54 -12.30 123.72 36.41
C GLU X 54 -13.55 123.31 35.64
N VAL X 55 -14.45 122.62 36.31
CA VAL X 55 -15.48 121.84 35.64
C VAL X 55 -16.73 121.59 36.48
N GLN X 56 -17.91 121.71 35.87
CA GLN X 56 -19.15 121.30 36.52
C GLN X 56 -19.58 120.01 35.92
N VAL X 57 -19.96 119.05 36.76
CA VAL X 57 -20.54 117.79 36.30
C VAL X 57 -21.99 118.11 36.01
N VAL X 58 -22.52 117.52 34.96
CA VAL X 58 -23.90 117.80 34.55
C VAL X 58 -24.82 116.63 34.66
N ARG X 59 -24.33 115.45 34.35
CA ARG X 59 -25.15 114.26 34.40
C ARG X 59 -24.50 113.24 35.31
N GLY X 60 -25.33 112.38 35.88
CA GLY X 60 -24.90 111.34 36.78
C GLY X 60 -25.37 111.65 38.18
N HIS X 61 -24.80 110.93 39.13
CA HIS X 61 -25.12 111.10 40.53
C HIS X 61 -24.50 112.38 41.06
N TYR X 62 -23.32 112.70 40.56
CA TYR X 62 -22.51 113.80 41.07
C TYR X 62 -22.89 115.14 40.44
N LYS X 63 -23.62 115.07 39.33
CA LYS X 63 -24.45 116.15 38.85
C LYS X 63 -24.63 117.21 39.90
N GLY X 64 -24.08 118.39 39.63
CA GLY X 64 -24.27 119.55 40.51
C GLY X 64 -23.86 120.87 39.90
N GLN X 65 -23.68 121.87 40.77
CA GLN X 65 -23.20 123.18 40.39
C GLN X 65 -21.78 123.46 40.92
N GLN X 66 -21.14 122.45 41.49
CA GLN X 66 -19.94 122.63 42.30
C GLN X 66 -18.69 122.57 41.43
N ILE X 67 -18.15 123.74 41.15
CA ILE X 67 -17.11 123.87 40.13
C ILE X 67 -15.79 123.29 40.64
N GLY X 68 -15.56 122.01 40.35
CA GLY X 68 -14.31 121.35 40.69
C GLY X 68 -13.21 121.54 39.65
N LYS X 69 -11.97 121.52 40.11
CA LYS X 69 -10.81 121.44 39.24
C LYS X 69 -10.60 120.01 38.79
N VAL X 70 -10.42 119.77 37.49
CA VAL X 70 -10.06 118.42 37.03
C VAL X 70 -8.76 118.08 37.70
N VAL X 71 -8.63 116.84 38.11
CA VAL X 71 -7.43 116.40 38.75
C VAL X 71 -6.64 115.73 37.70
N GLN X 72 -7.20 114.67 37.13
CA GLN X 72 -6.48 113.95 36.10
C GLN X 72 -7.34 113.14 35.11
N VAL X 73 -6.81 113.12 33.89
CA VAL X 73 -7.42 112.57 32.72
C VAL X 73 -6.70 111.27 32.51
N TYR X 74 -7.49 110.24 32.21
CA TYR X 74 -7.03 108.86 32.14
C TYR X 74 -7.39 108.39 30.78
N ARG X 75 -6.61 108.80 29.81
CA ARG X 75 -7.02 108.65 28.43
C ARG X 75 -7.14 107.18 27.96
N LYS X 76 -6.41 106.31 28.64
CA LYS X 76 -6.64 104.87 28.58
C LYS X 76 -8.11 104.49 28.77
N LYS X 77 -8.72 105.10 29.78
CA LYS X 77 -10.04 104.72 30.25
C LYS X 77 -11.15 105.66 29.78
N TYR X 78 -10.83 106.60 28.87
CA TYR X 78 -11.75 107.69 28.50
C TYR X 78 -12.48 108.18 29.71
N VAL X 79 -11.79 108.90 30.57
CA VAL X 79 -12.45 109.39 31.74
C VAL X 79 -11.61 110.39 32.52
N ILE X 80 -12.27 111.37 33.13
CA ILE X 80 -11.57 112.35 33.94
C ILE X 80 -11.98 112.24 35.37
N TYR X 81 -11.07 112.59 36.26
CA TYR X 81 -11.28 112.56 37.69
C TYR X 81 -11.37 114.00 38.14
N ILE X 82 -12.26 114.31 39.06
CA ILE X 82 -12.50 115.72 39.35
C ILE X 82 -12.45 116.01 40.84
N GLU X 83 -11.77 117.11 41.17
CA GLU X 83 -11.48 117.53 42.54
C GLU X 83 -12.23 116.85 43.67
N ARG X 84 -13.55 116.98 43.68
CA ARG X 84 -14.36 116.46 44.77
C ARG X 84 -15.34 115.36 44.36
N VAL X 85 -15.34 114.97 43.08
CA VAL X 85 -16.17 113.87 42.58
C VAL X 85 -15.53 112.56 43.00
N GLN X 86 -15.87 112.07 44.18
CA GLN X 86 -15.20 110.90 44.72
C GLN X 86 -16.08 110.14 45.67
N ARG X 87 -15.73 108.86 45.89
CA ARG X 87 -16.49 107.99 46.78
C ARG X 87 -15.56 107.13 47.62
N GLU X 88 -15.98 106.92 48.86
CA GLU X 88 -15.22 106.16 49.81
C GLU X 88 -15.28 104.70 49.41
N LYS X 89 -14.18 103.98 49.61
CA LYS X 89 -14.14 102.53 49.41
C LYS X 89 -14.72 101.89 50.68
N ALA X 90 -14.56 100.58 50.86
CA ALA X 90 -14.99 99.95 52.12
C ALA X 90 -14.05 100.25 53.27
N ASN X 91 -12.77 100.32 52.96
CA ASN X 91 -11.72 100.61 53.93
C ASN X 91 -11.46 102.10 54.18
N GLY X 92 -12.34 102.98 53.70
CA GLY X 92 -12.26 104.40 54.05
C GLY X 92 -11.55 105.27 53.03
N THR X 93 -10.57 104.70 52.32
CA THR X 93 -9.76 105.46 51.40
C THR X 93 -10.63 105.98 50.28
N THR X 94 -10.45 107.26 49.94
CA THR X 94 -11.29 107.87 48.90
C THR X 94 -10.80 107.43 47.56
N VAL X 95 -11.67 107.58 46.57
CA VAL X 95 -11.38 107.22 45.20
C VAL X 95 -12.10 108.16 44.28
N HIS X 96 -11.41 108.65 43.27
CA HIS X 96 -12.05 109.50 42.27
C HIS X 96 -12.91 108.65 41.36
N VAL X 97 -14.16 109.06 41.23
CA VAL X 97 -15.08 108.42 40.34
C VAL X 97 -14.81 108.95 38.96
N GLY X 98 -14.57 108.05 38.02
CA GLY X 98 -14.42 108.46 36.64
C GLY X 98 -15.67 109.11 36.06
N ILE X 99 -15.52 110.34 35.59
CA ILE X 99 -16.55 111.04 34.83
C ILE X 99 -16.13 111.19 33.38
N HIS X 100 -17.08 111.08 32.46
CA HIS X 100 -16.77 111.14 31.04
C HIS X 100 -16.91 112.55 30.50
N PRO X 101 -15.82 113.07 29.94
CA PRO X 101 -15.74 114.46 29.56
C PRO X 101 -17.01 115.03 28.96
N SER X 102 -17.64 114.33 28.04
CA SER X 102 -18.87 114.83 27.46
C SER X 102 -20.07 115.15 28.42
N LYS X 103 -20.03 114.66 29.67
CA LYS X 103 -21.10 114.96 30.65
C LYS X 103 -20.68 115.98 31.68
N VAL X 104 -19.79 116.85 31.24
CA VAL X 104 -19.12 117.76 32.08
C VAL X 104 -19.25 119.07 31.34
N VAL X 105 -18.81 120.14 31.96
CA VAL X 105 -18.68 121.37 31.23
C VAL X 105 -17.57 122.19 31.84
N ILE X 106 -16.79 122.77 30.95
CA ILE X 106 -15.68 123.61 31.30
C ILE X 106 -16.22 124.95 31.71
N THR X 107 -15.77 125.39 32.88
CA THR X 107 -16.15 126.68 33.46
C THR X 107 -14.96 127.63 33.58
N ARG X 108 -13.76 127.09 33.76
CA ARG X 108 -12.54 127.87 33.64
C ARG X 108 -11.47 127.05 32.96
N LEU X 109 -11.04 127.51 31.79
CA LEU X 109 -9.93 126.89 31.06
C LEU X 109 -8.61 127.15 31.74
N LYS X 110 -7.61 126.35 31.39
CA LYS X 110 -6.25 126.54 31.86
C LYS X 110 -5.46 127.01 30.65
N LEU X 111 -5.53 128.32 30.43
CA LEU X 111 -4.96 128.93 29.24
C LEU X 111 -3.45 128.97 29.32
N ASP X 112 -2.81 128.42 28.29
CA ASP X 112 -1.41 128.68 28.00
C ASP X 112 -1.33 129.15 26.56
N LYS X 113 -0.10 129.40 26.08
CA LYS X 113 0.09 129.87 24.72
C LYS X 113 -0.62 128.98 23.69
N ASP X 114 -0.44 127.68 23.80
CA ASP X 114 -1.00 126.73 22.83
C ASP X 114 -2.52 126.69 22.85
N ARG X 115 -3.09 126.64 24.04
CA ARG X 115 -4.54 126.54 24.15
C ARG X 115 -5.17 127.82 23.61
N LYS X 116 -4.64 128.97 24.04
CA LYS X 116 -5.10 130.27 23.53
C LYS X 116 -5.13 130.29 22.02
N LYS X 117 -4.08 129.78 21.39
CA LYS X 117 -4.02 129.78 19.93
C LYS X 117 -5.11 128.89 19.35
N ILE X 118 -5.38 127.75 19.97
CA ILE X 118 -6.43 126.85 19.49
C ILE X 118 -7.78 127.55 19.47
N LEU X 119 -8.14 128.13 20.60
CA LEU X 119 -9.40 128.88 20.68
C LEU X 119 -9.43 130.02 19.66
N GLU X 120 -8.27 130.62 19.38
CA GLU X 120 -8.16 131.60 18.28
C GLU X 120 -8.39 130.97 16.91
N ARG X 121 -8.01 129.71 16.73
CA ARG X 121 -8.28 129.01 15.47
C ARG X 121 -9.76 128.74 15.31
N LYS X 122 -10.38 128.23 16.37
CA LYS X 122 -11.80 127.83 16.31
C LYS X 122 -12.73 128.97 16.10
N ALA X 123 -12.47 130.08 16.76
CA ALA X 123 -13.18 131.33 16.51
C ALA X 123 -13.05 131.73 15.06
N LYS X 124 -11.81 131.72 14.57
CA LYS X 124 -11.55 132.19 13.23
C LYS X 124 -12.36 131.39 12.24
N SER X 125 -12.25 130.07 12.31
CA SER X 125 -12.91 129.20 11.33
C SER X 125 -14.43 129.17 11.50
N ARG X 126 -14.90 129.55 12.68
CA ARG X 126 -16.32 129.76 12.89
C ARG X 126 -16.76 130.98 12.10
N GLN X 127 -16.12 132.11 12.34
CA GLN X 127 -16.55 133.38 11.74
C GLN X 127 -16.48 133.34 10.20
N VAL X 128 -15.53 132.57 9.65
CA VAL X 128 -15.46 132.32 8.20
C VAL X 128 -16.68 131.55 7.71
N GLY X 129 -17.14 130.60 8.51
CA GLY X 129 -18.42 129.93 8.27
C GLY X 129 -19.60 130.89 8.28
N LYS X 130 -19.63 131.80 9.25
CA LYS X 130 -20.69 132.80 9.35
C LYS X 130 -20.66 133.79 8.17
N GLU X 131 -19.46 134.22 7.78
CA GLU X 131 -19.29 135.11 6.62
C GLU X 131 -19.66 134.44 5.29
N LYS X 132 -19.43 133.13 5.19
CA LYS X 132 -19.80 132.36 4.00
C LYS X 132 -21.32 132.20 3.92
N GLY X 133 -21.96 131.90 5.05
CA GLY X 133 -23.42 131.78 5.14
C GLY X 133 -24.17 133.08 4.86
N LYS X 134 -23.57 134.21 5.24
CA LYS X 134 -24.14 135.53 4.98
C LYS X 134 -24.04 135.87 3.49
N GLY Y 1 99.67 32.44 4.45
CA GLY Y 1 99.73 32.15 5.91
C GLY Y 1 99.09 33.24 6.76
N LYS Y 2 99.72 33.54 7.90
CA LYS Y 2 99.27 34.62 8.76
C LYS Y 2 99.39 35.89 7.96
N PHE Y 3 98.31 36.67 7.90
CA PHE Y 3 98.17 37.69 6.86
C PHE Y 3 97.71 39.05 7.37
N MET Y 4 98.06 39.34 8.61
CA MET Y 4 97.44 40.41 9.35
C MET Y 4 98.50 41.37 9.86
N LYS Y 5 99.36 41.79 8.94
CA LYS Y 5 100.60 42.49 9.26
C LYS Y 5 100.48 44.00 9.20
N PRO Y 6 101.46 44.71 9.75
CA PRO Y 6 101.21 46.13 10.03
C PRO Y 6 101.10 47.12 8.85
N GLY Y 7 101.04 46.65 7.62
CA GLY Y 7 100.67 47.50 6.49
C GLY Y 7 99.19 47.43 6.12
N LYS Y 8 98.53 46.38 6.58
CA LYS Y 8 97.20 45.98 6.09
C LYS Y 8 96.14 47.01 6.31
N VAL Y 9 95.41 47.30 5.24
CA VAL Y 9 94.21 48.09 5.31
C VAL Y 9 93.19 47.19 5.92
N VAL Y 10 92.26 47.77 6.65
CA VAL Y 10 91.31 47.01 7.42
C VAL Y 10 90.02 47.79 7.54
N LEU Y 11 88.90 47.11 7.44
CA LEU Y 11 87.63 47.72 7.76
C LEU Y 11 87.33 47.43 9.20
N VAL Y 12 86.98 48.47 9.95
CA VAL Y 12 86.51 48.28 11.29
C VAL Y 12 85.04 47.90 11.15
N LEU Y 13 84.66 46.94 11.95
CA LEU Y 13 83.45 46.22 11.74
C LEU Y 13 82.53 46.32 12.93
N ALA Y 14 82.84 47.17 13.91
CA ALA Y 14 81.98 47.32 15.10
C ALA Y 14 82.28 48.59 15.89
N GLY Y 15 81.33 48.96 16.76
CA GLY Y 15 81.54 50.10 17.64
C GLY Y 15 81.68 51.38 16.88
N ARG Y 16 81.65 52.47 17.63
CA ARG Y 16 81.56 53.82 17.07
C ARG Y 16 82.08 53.93 15.63
N TYR Y 17 83.23 53.30 15.35
CA TYR Y 17 83.91 53.45 14.07
C TYR Y 17 83.59 52.36 13.03
N SER Y 18 82.36 51.84 13.05
CA SER Y 18 81.92 50.84 12.07
C SER Y 18 82.00 51.41 10.66
N GLY Y 19 82.53 50.60 9.76
CA GLY Y 19 82.67 50.98 8.37
C GLY Y 19 83.89 51.84 8.08
N ARG Y 20 84.70 52.15 9.09
CA ARG Y 20 85.86 53.00 8.86
C ARG Y 20 87.07 52.14 8.48
N LYS Y 21 87.86 52.67 7.55
CA LYS Y 21 89.03 51.99 7.05
C LYS Y 21 90.19 52.34 7.96
N ALA Y 22 90.86 51.30 8.45
CA ALA Y 22 92.05 51.45 9.26
C ALA Y 22 93.24 50.65 8.74
N VAL Y 23 94.41 51.15 9.09
CA VAL Y 23 95.63 50.50 8.80
C VAL Y 23 96.04 49.93 10.10
N ILE Y 24 96.58 48.72 10.07
CA ILE Y 24 97.13 48.16 11.28
C ILE Y 24 98.50 48.81 11.49
N VAL Y 25 98.82 49.11 12.75
CA VAL Y 25 100.18 49.49 13.12
C VAL Y 25 100.88 48.36 13.89
N LYS Y 26 100.10 47.52 14.56
CA LYS Y 26 100.65 46.44 15.34
C LYS Y 26 99.63 45.34 15.36
N ASN Y 27 100.09 44.11 15.21
CA ASN Y 27 99.22 42.92 15.35
C ASN Y 27 99.77 42.05 16.44
N ILE Y 28 98.90 41.58 17.31
CA ILE Y 28 99.34 40.86 18.50
C ILE Y 28 99.07 39.36 18.41
N ASP Y 29 98.03 38.96 17.68
CA ASP Y 29 97.81 37.56 17.23
C ASP Y 29 98.05 36.47 18.27
N ASP Y 30 97.78 36.79 19.52
CA ASP Y 30 98.19 35.91 20.60
C ASP Y 30 97.37 36.20 21.83
N GLY Y 31 97.59 37.38 22.41
CA GLY Y 31 96.98 37.79 23.66
C GLY Y 31 98.07 38.36 24.54
N THR Y 32 97.71 38.60 25.78
CA THR Y 32 98.62 39.19 26.75
C THR Y 32 98.29 38.64 28.14
N SER Y 33 97.09 38.97 28.61
CA SER Y 33 96.65 38.83 30.01
C SER Y 33 95.64 39.94 30.22
N ASP Y 34 96.09 41.15 29.96
CA ASP Y 34 95.25 42.35 30.02
C ASP Y 34 94.14 42.31 28.94
N ARG Y 35 94.49 41.77 27.77
CA ARG Y 35 93.61 41.76 26.60
C ARG Y 35 93.81 40.45 25.84
N PRO Y 36 93.27 39.35 26.39
CA PRO Y 36 93.73 37.99 26.14
C PRO Y 36 93.28 37.33 24.84
N TYR Y 37 92.15 37.72 24.27
CA TYR Y 37 91.90 37.41 22.86
C TYR Y 37 93.00 38.04 22.01
N SER Y 38 93.00 37.78 20.72
CA SER Y 38 94.01 38.33 19.82
C SER Y 38 93.57 39.65 19.18
N HIS Y 39 94.48 40.62 19.19
CA HIS Y 39 94.15 41.99 18.86
C HIS Y 39 95.19 42.73 18.04
N ALA Y 40 94.73 43.84 17.47
CA ALA Y 40 95.50 44.66 16.55
C ALA Y 40 95.27 46.13 16.82
N LEU Y 41 96.30 46.82 17.30
CA LEU Y 41 96.25 48.26 17.38
C LEU Y 41 96.25 48.73 15.93
N VAL Y 42 95.31 49.62 15.60
CA VAL Y 42 95.19 50.17 14.26
C VAL Y 42 95.08 51.65 14.34
N ALA Y 43 95.29 52.35 13.23
CA ALA Y 43 94.94 53.77 13.17
C ALA Y 43 94.24 54.03 11.88
N GLY Y 44 92.94 54.26 11.94
CA GLY Y 44 92.15 54.53 10.76
C GLY Y 44 91.76 55.98 10.67
N ILE Y 45 90.60 56.21 10.04
CA ILE Y 45 90.04 57.55 9.90
C ILE Y 45 88.59 57.57 10.32
N ASP Y 46 88.26 58.44 11.25
CA ASP Y 46 86.87 58.70 11.55
C ASP Y 46 86.28 59.39 10.33
N ARG Y 47 86.85 60.53 9.98
CA ARG Y 47 86.28 61.43 8.98
C ARG Y 47 87.17 61.46 7.75
N TYR Y 48 86.56 61.16 6.60
CA TYR Y 48 87.29 61.06 5.36
C TYR Y 48 87.38 62.47 4.79
N PRO Y 49 88.40 62.74 3.95
CA PRO Y 49 88.43 64.01 3.28
C PRO Y 49 87.32 64.08 2.25
N ARG Y 50 86.65 65.22 2.13
CA ARG Y 50 85.62 65.38 1.11
C ARG Y 50 86.15 65.47 -0.33
N LYS Y 51 85.26 65.17 -1.29
CA LYS Y 51 85.49 65.32 -2.75
C LYS Y 51 85.82 66.78 -3.07
N VAL Y 52 86.54 67.00 -4.17
CA VAL Y 52 87.34 68.21 -4.32
C VAL Y 52 87.29 68.98 -5.66
N THR Y 53 87.04 68.31 -6.78
CA THR Y 53 86.41 68.96 -7.97
C THR Y 53 87.14 70.01 -8.83
N ALA Y 54 88.40 70.29 -8.58
CA ALA Y 54 89.15 71.23 -9.42
C ALA Y 54 88.61 72.65 -9.34
N ALA Y 55 87.52 72.93 -10.06
CA ALA Y 55 86.89 74.25 -10.06
C ALA Y 55 86.25 74.52 -8.70
N MET Y 56 87.10 74.81 -7.73
CA MET Y 56 86.70 74.79 -6.35
C MET Y 56 87.39 75.92 -5.62
N GLY Y 57 88.73 75.88 -5.56
CA GLY Y 57 89.51 76.88 -4.84
C GLY Y 57 90.83 76.31 -4.39
N LYS Y 58 91.61 77.12 -3.68
CA LYS Y 58 92.83 76.67 -3.03
C LYS Y 58 92.53 76.57 -1.55
N LYS Y 59 92.03 77.68 -1.01
CA LYS Y 59 91.57 77.77 0.38
C LYS Y 59 90.46 76.76 0.64
N LYS Y 60 89.57 76.59 -0.34
CA LYS Y 60 88.47 75.64 -0.18
C LYS Y 60 88.96 74.20 -0.13
N ILE Y 61 89.79 73.83 -1.08
CA ILE Y 61 90.24 72.46 -1.20
C ILE Y 61 91.03 72.08 0.03
N ALA Y 62 91.95 72.93 0.45
CA ALA Y 62 92.68 72.67 1.69
C ALA Y 62 91.71 72.31 2.81
N LYS Y 63 90.73 73.18 3.02
CA LYS Y 63 89.70 73.00 4.05
C LYS Y 63 89.04 71.62 3.95
N ARG Y 64 88.63 71.28 2.74
CA ARG Y 64 87.93 70.01 2.47
C ARG Y 64 88.82 68.81 2.66
N SER Y 65 90.01 68.86 2.09
CA SER Y 65 90.98 67.78 2.22
C SER Y 65 91.67 67.89 3.58
N LYS Y 66 90.94 67.47 4.59
CA LYS Y 66 91.38 67.45 5.96
C LYS Y 66 91.03 66.05 6.38
N ILE Y 67 91.47 65.61 7.55
CA ILE Y 67 91.11 64.28 8.03
C ILE Y 67 91.00 64.28 9.52
N LYS Y 68 90.01 63.56 10.05
CA LYS Y 68 89.96 63.22 11.48
C LYS Y 68 90.32 61.77 11.66
N SER Y 69 91.51 61.56 12.18
CA SER Y 69 92.08 60.24 12.27
C SER Y 69 91.58 59.60 13.53
N PHE Y 70 91.84 58.32 13.71
CA PHE Y 70 91.59 57.65 14.98
C PHE Y 70 92.45 56.43 15.15
N VAL Y 71 92.58 56.01 16.39
CA VAL Y 71 93.56 55.02 16.78
C VAL Y 71 92.98 54.20 17.93
N LYS Y 72 93.10 52.89 17.78
CA LYS Y 72 92.29 51.93 18.51
C LYS Y 72 92.98 50.61 18.60
N VAL Y 73 92.80 49.89 19.70
CA VAL Y 73 93.00 48.45 19.66
C VAL Y 73 91.68 47.85 19.19
N TYR Y 74 91.72 46.71 18.49
CA TYR Y 74 90.51 46.04 18.09
C TYR Y 74 90.64 44.58 18.35
N ASN Y 75 89.52 43.89 18.46
CA ASN Y 75 89.48 42.44 18.25
C ASN Y 75 89.71 42.27 16.79
N TYR Y 76 90.56 41.33 16.42
CA TYR Y 76 90.68 40.93 15.02
C TYR Y 76 89.35 40.65 14.34
N ASN Y 77 88.39 40.21 15.14
CA ASN Y 77 87.07 39.85 14.68
C ASN Y 77 86.04 40.99 14.75
N HIS Y 78 86.50 42.22 14.95
CA HIS Y 78 85.77 43.37 14.44
C HIS Y 78 86.57 44.11 13.37
N LEU Y 79 87.65 43.53 12.90
CA LEU Y 79 88.30 44.03 11.75
C LEU Y 79 87.97 43.12 10.64
N MET Y 80 87.91 43.68 9.45
CA MET Y 80 87.67 42.93 8.26
C MET Y 80 88.88 43.24 7.38
N PRO Y 81 89.83 42.29 7.28
CA PRO Y 81 91.06 42.50 6.52
C PRO Y 81 90.81 42.43 5.03
N THR Y 82 91.73 43.02 4.27
CA THR Y 82 91.43 43.33 2.89
C THR Y 82 92.66 43.62 2.06
N ARG Y 83 92.74 42.94 0.92
CA ARG Y 83 93.72 43.16 -0.14
C ARG Y 83 94.77 44.24 0.07
N TYR Y 84 94.27 45.46 0.25
CA TYR Y 84 95.04 46.66 0.06
C TYR Y 84 96.01 46.88 1.20
N SER Y 85 97.08 47.64 0.94
CA SER Y 85 98.04 47.99 2.00
C SER Y 85 98.43 49.45 1.91
N VAL Y 86 98.97 49.97 3.03
CA VAL Y 86 99.48 51.33 3.10
C VAL Y 86 100.86 51.32 3.75
N ASP Y 87 101.77 52.13 3.19
CA ASP Y 87 103.21 52.10 3.49
C ASP Y 87 103.59 53.14 4.54
N ILE Y 88 102.57 53.71 5.19
CA ILE Y 88 102.67 55.00 5.84
C ILE Y 88 103.64 54.91 7.01
N PRO Y 89 104.50 55.93 7.21
CA PRO Y 89 105.61 55.74 8.16
C PRO Y 89 105.20 55.44 9.61
N LEU Y 90 104.32 56.27 10.17
CA LEU Y 90 103.82 56.15 11.56
C LEU Y 90 104.85 55.68 12.60
N ASP Y 91 105.45 56.62 13.32
CA ASP Y 91 106.41 56.24 14.35
C ASP Y 91 105.77 55.35 15.43
N LYS Y 92 106.59 54.45 15.98
CA LYS Y 92 106.16 53.52 17.02
C LYS Y 92 106.36 54.12 18.40
N THR Y 93 107.04 55.27 18.43
CA THR Y 93 107.22 56.04 19.65
C THR Y 93 105.91 56.67 20.12
N VAL Y 94 105.20 57.30 19.19
CA VAL Y 94 103.98 58.07 19.51
C VAL Y 94 102.69 57.30 19.27
N VAL Y 95 102.70 56.25 18.45
CA VAL Y 95 101.48 55.45 18.21
C VAL Y 95 101.65 54.02 18.73
N ASN Y 96 101.99 53.96 20.01
CA ASN Y 96 102.25 52.72 20.71
C ASN Y 96 100.99 52.37 21.44
N LYS Y 97 100.98 51.24 22.13
CA LYS Y 97 99.84 50.84 22.94
C LYS Y 97 99.85 51.46 24.33
N ASP Y 98 100.94 52.15 24.68
CA ASP Y 98 101.00 52.97 25.90
C ASP Y 98 100.01 54.12 25.88
N VAL Y 99 99.73 54.65 24.68
CA VAL Y 99 98.80 55.77 24.48
C VAL Y 99 97.56 55.73 25.36
N PHE Y 100 96.96 54.56 25.46
CA PHE Y 100 95.56 54.48 25.85
C PHE Y 100 95.30 54.81 27.32
N ARG Y 101 96.34 54.81 28.15
CA ARG Y 101 96.23 55.25 29.54
C ARG Y 101 96.21 56.77 29.67
N ASP Y 102 97.04 57.46 28.87
CA ASP Y 102 97.23 58.91 29.01
C ASP Y 102 96.54 59.67 27.86
N PRO Y 103 95.67 60.64 28.19
CA PRO Y 103 94.88 61.32 27.16
C PRO Y 103 95.68 62.29 26.26
N ALA Y 104 96.66 62.99 26.80
CA ALA Y 104 97.51 63.86 25.99
C ALA Y 104 98.37 63.05 25.02
N LEU Y 105 98.92 61.93 25.50
CA LEU Y 105 99.65 60.98 24.65
C LEU Y 105 98.80 60.50 23.48
N LYS Y 106 97.51 60.29 23.74
CA LYS Y 106 96.57 59.89 22.71
C LYS Y 106 96.30 61.00 21.73
N ARG Y 107 96.04 62.18 22.28
CA ARG Y 107 95.84 63.38 21.49
C ARG Y 107 97.00 63.54 20.52
N LYS Y 108 98.22 63.50 21.07
CA LYS Y 108 99.45 63.57 20.29
C LYS Y 108 99.47 62.49 19.21
N ALA Y 109 99.06 61.28 19.57
CA ALA Y 109 99.10 60.12 18.69
C ALA Y 109 98.09 60.16 17.57
N ARG Y 110 96.87 60.53 17.90
CA ARG Y 110 95.88 60.73 16.88
C ARG Y 110 96.34 61.87 15.93
N ARG Y 111 96.84 62.99 16.48
CA ARG Y 111 97.40 64.11 15.67
C ARG Y 111 98.48 63.59 14.72
N GLU Y 112 99.37 62.77 15.27
CA GLU Y 112 100.41 62.09 14.49
C GLU Y 112 99.82 61.39 13.25
N ALA Y 113 98.76 60.63 13.44
CA ALA Y 113 98.16 59.92 12.32
C ALA Y 113 97.60 60.86 11.29
N LYS Y 114 96.85 61.85 11.76
CA LYS Y 114 96.26 62.85 10.88
C LYS Y 114 97.31 63.44 9.94
N VAL Y 115 98.42 63.92 10.53
CA VAL Y 115 99.54 64.48 9.79
C VAL Y 115 99.90 63.62 8.61
N LYS Y 116 100.22 62.36 8.92
CA LYS Y 116 100.78 61.43 7.94
C LYS Y 116 99.75 61.09 6.88
N PHE Y 117 98.50 60.88 7.30
CA PHE Y 117 97.42 60.69 6.37
C PHE Y 117 97.30 61.89 5.45
N GLU Y 118 97.04 63.07 5.99
CA GLU Y 118 96.86 64.26 5.14
C GLU Y 118 98.00 64.52 4.17
N GLU Y 119 99.24 64.28 4.61
CA GLU Y 119 100.40 64.46 3.72
C GLU Y 119 100.50 63.34 2.68
N ARG Y 120 99.92 62.18 2.99
CA ARG Y 120 99.82 61.08 2.01
C ARG Y 120 98.42 60.87 1.40
N TYR Y 121 97.50 61.80 1.62
CA TYR Y 121 96.23 61.76 0.91
C TYR Y 121 96.39 62.62 -0.30
N LYS Y 122 96.99 63.80 -0.15
CA LYS Y 122 97.42 64.55 -1.32
C LYS Y 122 98.53 63.71 -1.90
N THR Y 123 98.65 63.76 -3.21
CA THR Y 123 99.35 62.77 -4.05
C THR Y 123 98.38 61.84 -4.78
N GLY Y 124 97.22 61.57 -4.19
CA GLY Y 124 96.28 60.59 -4.73
C GLY Y 124 96.87 59.19 -4.79
N LYS Y 125 97.76 58.89 -3.84
CA LYS Y 125 98.42 57.59 -3.74
C LYS Y 125 97.72 56.83 -2.64
N ASN Y 126 97.35 55.57 -2.93
CA ASN Y 126 96.48 54.75 -2.08
C ASN Y 126 95.14 55.46 -1.86
N LYS Y 127 94.54 55.93 -2.94
CA LYS Y 127 93.33 56.74 -2.85
C LYS Y 127 92.06 55.92 -2.67
N TRP Y 128 92.15 54.60 -2.70
CA TRP Y 128 91.05 53.73 -2.23
C TRP Y 128 90.85 53.88 -0.75
N PHE Y 129 91.95 53.86 -0.03
CA PHE Y 129 91.95 53.93 1.40
C PHE Y 129 91.22 55.17 1.88
N PHE Y 130 91.27 56.26 1.13
CA PHE Y 130 90.62 57.52 1.52
C PHE Y 130 89.24 57.85 0.92
N GLN Y 131 88.64 56.95 0.16
CA GLN Y 131 87.25 57.16 -0.25
C GLN Y 131 86.39 56.41 0.74
N LYS Y 132 85.27 57.00 1.15
CA LYS Y 132 84.39 56.34 2.13
C LYS Y 132 83.77 55.11 1.57
N LEU Y 133 83.59 54.12 2.44
CA LEU Y 133 82.95 52.88 2.09
C LEU Y 133 81.47 53.13 2.02
N ARG Y 134 80.87 52.94 0.86
CA ARG Y 134 79.45 53.07 0.79
C ARG Y 134 78.89 51.73 1.17
N PHE Y 135 78.18 51.70 2.28
CA PHE Y 135 77.53 50.48 2.76
C PHE Y 135 76.18 50.86 3.34
N PRO Z 1 -38.06 80.58 -4.62
CA PRO Z 1 -38.78 80.37 -3.36
C PRO Z 1 -38.76 78.92 -2.86
N SER Z 2 -37.80 78.63 -1.99
CA SER Z 2 -37.86 77.49 -1.09
C SER Z 2 -39.21 77.44 -0.44
N ARG Z 3 -39.61 78.56 0.11
CA ARG Z 3 -40.94 78.73 0.64
C ARG Z 3 -41.98 77.81 0.02
N LEU Z 4 -42.10 77.84 -1.30
CA LEU Z 4 -43.19 77.15 -2.02
C LEU Z 4 -42.90 75.73 -2.47
N ARG Z 5 -41.65 75.28 -2.28
CA ARG Z 5 -41.19 74.03 -2.85
C ARG Z 5 -41.62 72.84 -2.03
N LYS Z 6 -41.55 71.70 -2.71
CA LYS Z 6 -42.02 70.43 -2.19
C LYS Z 6 -41.31 70.02 -0.91
N THR Z 7 -39.99 70.22 -0.84
CA THR Z 7 -39.23 69.75 0.33
C THR Z 7 -39.79 70.23 1.67
N ARG Z 8 -40.53 71.33 1.65
CA ARG Z 8 -41.15 71.83 2.87
C ARG Z 8 -42.31 70.98 3.36
N LYS Z 9 -43.00 70.35 2.42
CA LYS Z 9 -44.10 69.48 2.78
C LYS Z 9 -43.66 68.07 3.10
N LEU Z 10 -42.53 67.63 2.58
CA LEU Z 10 -42.04 66.30 2.93
C LEU Z 10 -41.56 66.14 4.36
N ARG Z 11 -41.22 67.25 5.03
CA ARG Z 11 -40.64 67.14 6.35
C ARG Z 11 -41.47 66.27 7.23
N GLY Z 12 -40.81 65.39 7.97
CA GLY Z 12 -41.48 64.35 8.73
C GLY Z 12 -41.50 63.01 8.03
N HIS Z 13 -41.82 63.00 6.74
CA HIS Z 13 -41.98 61.74 6.07
C HIS Z 13 -40.62 61.35 5.66
N VAL Z 14 -40.41 60.06 5.69
CA VAL Z 14 -39.12 59.51 6.01
C VAL Z 14 -38.17 59.37 4.84
N SER Z 15 -38.75 58.79 3.82
CA SER Z 15 -38.09 58.53 2.60
C SER Z 15 -37.99 59.83 1.79
N HIS Z 16 -38.72 60.87 2.19
CA HIS Z 16 -38.69 62.14 1.52
C HIS Z 16 -39.25 61.92 0.15
N GLY Z 17 -40.36 61.21 0.09
CA GLY Z 17 -41.02 60.99 -1.18
C GLY Z 17 -40.16 60.42 -2.30
N HIS Z 18 -39.30 59.47 -1.96
CA HIS Z 18 -38.56 58.72 -2.96
C HIS Z 18 -38.81 57.25 -2.82
N GLY Z 19 -39.88 56.93 -2.11
CA GLY Z 19 -40.21 55.55 -1.81
C GLY Z 19 -39.27 54.99 -0.78
N ARG Z 20 -39.60 53.81 -0.26
CA ARG Z 20 -38.73 53.23 0.73
C ARG Z 20 -38.24 51.82 0.45
N ILE Z 21 -38.72 51.22 -0.61
CA ILE Z 21 -38.22 49.92 -0.94
C ILE Z 21 -36.97 50.24 -1.71
N GLY Z 22 -37.15 50.64 -2.97
CA GLY Z 22 -36.08 51.26 -3.72
C GLY Z 22 -36.00 52.66 -3.17
N LYS Z 23 -34.78 53.18 -3.12
CA LYS Z 23 -34.47 54.33 -2.32
C LYS Z 23 -33.98 55.44 -3.25
N HIS Z 24 -33.51 56.58 -2.74
CA HIS Z 24 -32.86 57.50 -3.66
C HIS Z 24 -31.39 57.23 -3.71
N ARG Z 25 -31.03 56.13 -4.35
CA ARG Z 25 -29.63 55.76 -4.53
C ARG Z 25 -28.96 56.67 -5.58
N LYS Z 26 -27.66 56.47 -5.77
CA LYS Z 26 -26.84 57.46 -6.40
C LYS Z 26 -27.07 57.52 -7.87
N HIS Z 27 -26.77 56.44 -8.56
CA HIS Z 27 -26.84 56.40 -10.01
C HIS Z 27 -27.12 54.96 -10.42
N PRO Z 28 -28.37 54.57 -10.36
CA PRO Z 28 -28.73 53.21 -10.64
C PRO Z 28 -28.90 52.86 -12.11
N GLY Z 29 -29.23 53.82 -12.97
CA GLY Z 29 -29.26 53.52 -14.41
C GLY Z 29 -27.86 53.29 -14.93
N GLY Z 30 -26.97 54.12 -14.41
CA GLY Z 30 -25.75 54.49 -15.04
C GLY Z 30 -25.84 55.98 -15.29
N ARG Z 31 -24.69 56.64 -15.29
CA ARG Z 31 -24.66 58.07 -15.46
C ARG Z 31 -24.99 58.44 -16.87
N GLY Z 32 -25.79 59.49 -17.00
CA GLY Z 32 -26.16 60.09 -18.28
C GLY Z 32 -26.81 59.16 -19.28
N ASN Z 33 -26.46 59.37 -20.54
CA ASN Z 33 -27.09 58.66 -21.63
C ASN Z 33 -26.48 57.30 -21.83
N ALA Z 34 -26.04 56.68 -20.73
CA ALA Z 34 -25.52 55.33 -20.80
C ALA Z 34 -26.67 54.42 -21.15
N GLY Z 35 -26.34 53.32 -21.79
CA GLY Z 35 -27.33 52.30 -22.03
C GLY Z 35 -28.27 52.53 -23.19
N GLY Z 36 -28.01 53.53 -24.03
CA GLY Z 36 -28.80 53.66 -25.24
C GLY Z 36 -28.84 52.38 -26.10
N MET Z 37 -27.77 51.60 -26.08
CA MET Z 37 -27.79 50.33 -26.73
C MET Z 37 -28.39 49.33 -25.82
N HIS Z 38 -27.85 49.17 -24.63
CA HIS Z 38 -28.24 48.05 -23.81
C HIS Z 38 -28.77 48.53 -22.51
N HIS Z 39 -30.07 48.30 -22.33
CA HIS Z 39 -30.76 48.43 -21.04
C HIS Z 39 -31.55 49.75 -20.90
N HIS Z 40 -31.13 50.80 -21.59
CA HIS Z 40 -31.97 51.98 -21.82
C HIS Z 40 -32.48 52.08 -23.24
N ARG Z 41 -32.21 51.02 -24.01
CA ARG Z 41 -32.55 50.95 -25.42
C ARG Z 41 -33.92 51.54 -25.75
N ILE Z 42 -34.92 50.98 -25.08
CA ILE Z 42 -36.29 51.15 -25.52
C ILE Z 42 -36.61 52.60 -25.60
N ASN Z 43 -36.18 53.32 -24.57
CA ASN Z 43 -36.44 54.72 -24.54
C ASN Z 43 -35.89 55.35 -25.80
N PHE Z 44 -34.60 55.15 -26.05
CA PHE Z 44 -33.92 55.88 -27.14
C PHE Z 44 -34.52 55.54 -28.48
N ASP Z 45 -35.13 54.35 -28.57
CA ASP Z 45 -35.71 53.89 -29.81
C ASP Z 45 -37.24 53.89 -29.89
N LYS Z 46 -37.91 54.53 -28.93
CA LYS Z 46 -39.26 55.05 -29.19
C LYS Z 46 -39.40 56.55 -28.89
N TYR Z 47 -38.30 57.24 -28.60
CA TYR Z 47 -38.33 58.67 -28.36
C TYR Z 47 -37.20 59.45 -28.95
N HIS Z 48 -36.25 58.77 -29.57
CA HIS Z 48 -35.20 59.42 -30.33
C HIS Z 48 -34.83 58.54 -31.50
N PRO Z 49 -35.82 58.10 -32.26
CA PRO Z 49 -35.50 57.19 -33.31
C PRO Z 49 -34.56 57.84 -34.28
N GLY Z 50 -33.43 57.17 -34.49
CA GLY Z 50 -32.41 57.62 -35.37
C GLY Z 50 -31.18 58.11 -34.67
N TYR Z 51 -31.19 58.12 -33.34
CA TYR Z 51 -30.02 58.57 -32.58
C TYR Z 51 -28.78 57.87 -33.10
N PHE Z 52 -28.75 56.54 -33.00
CA PHE Z 52 -27.53 55.82 -33.35
C PHE Z 52 -27.37 55.61 -34.83
N GLY Z 53 -26.11 55.64 -35.29
CA GLY Z 53 -25.74 55.48 -36.69
C GLY Z 53 -25.17 56.73 -37.35
N LYS Z 54 -24.44 56.51 -38.44
CA LYS Z 54 -23.88 57.58 -39.22
C LYS Z 54 -24.89 57.77 -40.31
N VAL Z 55 -24.92 58.96 -40.88
CA VAL Z 55 -25.66 59.18 -42.11
C VAL Z 55 -25.25 60.45 -42.86
N GLY Z 56 -24.99 60.28 -44.15
CA GLY Z 56 -24.66 61.37 -45.04
C GLY Z 56 -23.18 61.70 -45.21
N MET Z 57 -22.93 62.92 -45.70
CA MET Z 57 -21.61 63.38 -46.09
C MET Z 57 -20.97 64.39 -45.15
N ARG Z 58 -19.75 64.08 -44.69
CA ARG Z 58 -18.92 65.02 -43.95
C ARG Z 58 -18.77 66.31 -44.70
N HIS Z 59 -18.44 67.40 -44.00
CA HIS Z 59 -18.09 68.66 -44.66
C HIS Z 59 -17.14 69.52 -43.87
N TYR Z 60 -15.87 69.38 -44.14
CA TYR Z 60 -14.90 69.67 -43.13
C TYR Z 60 -14.81 71.05 -42.51
N HIS Z 61 -14.88 72.09 -43.30
CA HIS Z 61 -14.78 73.41 -42.72
C HIS Z 61 -15.94 74.09 -43.30
N LEU Z 62 -17.06 73.80 -42.68
CA LEU Z 62 -18.29 74.44 -43.05
C LEU Z 62 -18.17 75.88 -42.65
N LYS Z 63 -18.79 76.74 -43.43
CA LYS Z 63 -18.91 78.16 -43.11
C LYS Z 63 -20.31 78.53 -43.49
N ARG Z 64 -21.10 78.97 -42.51
CA ARG Z 64 -22.53 79.16 -42.73
C ARG Z 64 -22.86 80.33 -43.62
N ASN Z 65 -21.95 81.30 -43.68
CA ASN Z 65 -22.20 82.50 -44.44
C ASN Z 65 -22.23 82.29 -45.94
N GLN Z 66 -21.86 81.11 -46.42
CA GLN Z 66 -22.00 80.80 -47.82
C GLN Z 66 -23.41 80.40 -48.16
N SER Z 67 -24.10 79.77 -47.23
CA SER Z 67 -25.44 79.24 -47.51
C SER Z 67 -26.50 80.15 -46.92
N PHE Z 68 -26.38 81.43 -47.20
CA PHE Z 68 -27.22 82.39 -46.56
C PHE Z 68 -28.21 82.94 -47.55
N CYS Z 69 -29.31 82.21 -47.70
CA CYS Z 69 -30.38 82.61 -48.59
C CYS Z 69 -31.65 82.61 -47.76
N PRO Z 70 -31.83 83.69 -46.98
CA PRO Z 70 -33.08 83.89 -46.27
C PRO Z 70 -34.21 84.23 -47.23
N THR Z 71 -35.43 83.81 -46.90
CA THR Z 71 -36.53 83.80 -47.85
C THR Z 71 -37.73 84.58 -47.38
N VAL Z 72 -38.55 84.97 -48.32
CA VAL Z 72 -39.78 85.66 -48.02
C VAL Z 72 -40.83 85.08 -48.95
N ASN Z 73 -42.03 84.84 -48.44
CA ASN Z 73 -43.12 84.42 -49.30
C ASN Z 73 -43.82 85.61 -49.91
N LEU Z 74 -44.53 85.34 -50.99
CA LEU Z 74 -45.32 86.37 -51.66
C LEU Z 74 -46.44 86.85 -50.78
N ASP Z 75 -47.14 85.87 -50.20
CA ASP Z 75 -48.13 86.05 -49.14
C ASP Z 75 -47.96 87.44 -48.58
N LYS Z 76 -46.78 87.69 -48.06
CA LYS Z 76 -46.43 88.98 -47.54
C LYS Z 76 -45.13 89.41 -48.16
N LEU Z 77 -45.28 89.91 -49.38
CA LEU Z 77 -44.25 90.67 -50.09
C LEU Z 77 -44.47 92.16 -49.91
N TRP Z 78 -45.74 92.53 -49.90
CA TRP Z 78 -46.17 93.91 -49.71
C TRP Z 78 -46.01 94.45 -48.30
N THR Z 79 -45.62 93.56 -47.41
CA THR Z 79 -45.20 93.97 -46.09
C THR Z 79 -43.87 94.66 -46.09
N LEU Z 80 -43.04 94.38 -47.07
CA LEU Z 80 -41.74 95.01 -47.16
C LEU Z 80 -41.88 96.49 -47.37
N VAL Z 81 -42.97 96.92 -47.99
CA VAL Z 81 -43.09 98.27 -48.48
C VAL Z 81 -44.14 99.03 -47.67
N SER Z 82 -43.93 100.34 -47.54
CA SER Z 82 -44.90 101.27 -46.91
C SER Z 82 -46.27 101.25 -47.55
N GLU Z 83 -47.29 100.90 -46.77
CA GLU Z 83 -48.68 100.84 -47.25
C GLU Z 83 -49.06 101.82 -48.37
N GLN Z 84 -48.56 103.06 -48.33
CA GLN Z 84 -48.95 104.06 -49.31
C GLN Z 84 -48.34 103.83 -50.70
N THR Z 85 -47.33 102.96 -50.82
CA THR Z 85 -46.93 102.45 -52.15
C THR Z 85 -48.00 101.53 -52.68
N ARG Z 86 -48.47 100.60 -51.85
CA ARG Z 86 -49.54 99.68 -52.24
C ARG Z 86 -50.87 100.38 -52.39
N VAL Z 87 -51.02 101.58 -51.82
CA VAL Z 87 -52.20 102.39 -52.04
C VAL Z 87 -52.03 103.18 -53.32
N ASN Z 88 -51.00 103.99 -53.41
CA ASN Z 88 -50.73 104.75 -54.62
C ASN Z 88 -50.20 103.80 -55.67
N ALA Z 89 -51.14 103.14 -56.35
CA ALA Z 89 -50.98 101.90 -57.11
C ALA Z 89 -52.20 101.10 -56.66
N ALA Z 90 -53.01 100.66 -57.61
CA ALA Z 90 -54.46 100.56 -57.44
C ALA Z 90 -55.01 101.99 -57.38
N LYS Z 91 -54.35 102.85 -58.16
CA LYS Z 91 -54.60 104.27 -58.27
C LYS Z 91 -53.60 104.70 -59.35
N ASN Z 92 -53.26 105.99 -59.44
CA ASN Z 92 -52.23 106.49 -60.37
C ASN Z 92 -52.68 106.50 -61.84
N LYS Z 93 -53.23 105.37 -62.31
CA LYS Z 93 -53.82 105.23 -63.65
C LYS Z 93 -52.78 105.04 -64.77
N THR Z 94 -51.50 105.15 -64.41
CA THR Z 94 -50.41 105.06 -65.36
C THR Z 94 -50.10 103.63 -65.71
N GLY Z 95 -50.42 102.70 -64.82
CA GLY Z 95 -49.93 101.34 -64.90
C GLY Z 95 -48.44 101.37 -64.58
N ALA Z 96 -48.10 102.04 -63.49
CA ALA Z 96 -46.71 102.29 -63.14
C ALA Z 96 -46.07 101.09 -62.44
N ALA Z 97 -46.69 100.68 -61.33
CA ALA Z 97 -46.23 99.57 -60.49
C ALA Z 97 -44.91 99.91 -59.79
N PRO Z 98 -44.80 99.55 -58.50
CA PRO Z 98 -43.58 99.83 -57.79
C PRO Z 98 -42.58 98.71 -57.92
N ILE Z 99 -41.44 98.93 -57.28
CA ILE Z 99 -40.44 97.94 -57.09
C ILE Z 99 -40.44 97.60 -55.62
N ILE Z 100 -40.21 96.33 -55.37
CA ILE Z 100 -40.03 95.83 -54.04
C ILE Z 100 -38.66 95.19 -54.10
N ASP Z 101 -37.68 95.81 -53.46
CA ASP Z 101 -36.38 95.18 -53.36
C ASP Z 101 -36.38 94.33 -52.14
N VAL Z 102 -36.24 93.04 -52.35
CA VAL Z 102 -36.26 92.09 -51.28
C VAL Z 102 -34.87 92.03 -50.65
N VAL Z 103 -33.82 92.11 -51.46
CA VAL Z 103 -32.46 92.08 -50.95
C VAL Z 103 -32.16 93.34 -50.10
N ARG Z 104 -32.94 94.40 -50.28
CA ARG Z 104 -32.95 95.48 -49.33
C ARG Z 104 -33.42 94.95 -47.99
N SER Z 105 -34.66 94.50 -47.95
CA SER Z 105 -35.34 94.26 -46.68
C SER Z 105 -34.91 93.00 -45.94
N GLY Z 106 -33.98 92.26 -46.51
CA GLY Z 106 -33.29 91.22 -45.73
C GLY Z 106 -33.42 89.79 -46.20
N TYR Z 107 -34.07 89.57 -47.35
CA TYR Z 107 -34.20 88.23 -47.90
C TYR Z 107 -33.54 88.18 -49.24
N TYR Z 108 -33.20 86.97 -49.61
CA TYR Z 108 -32.54 86.70 -50.85
C TYR Z 108 -33.41 85.90 -51.82
N LYS Z 109 -34.55 85.37 -51.37
CA LYS Z 109 -35.32 84.42 -52.17
C LYS Z 109 -36.78 84.56 -51.95
N VAL Z 110 -37.49 84.89 -53.01
CA VAL Z 110 -38.90 85.06 -52.92
C VAL Z 110 -39.53 83.71 -53.15
N LEU Z 111 -39.95 83.04 -52.11
CA LEU Z 111 -40.65 81.78 -52.26
C LEU Z 111 -42.12 82.04 -52.49
N GLY Z 112 -42.84 80.98 -52.84
CA GLY Z 112 -44.08 81.09 -53.59
C GLY Z 112 -45.40 81.07 -52.86
N LYS Z 113 -45.41 80.88 -51.54
CA LYS Z 113 -46.67 80.78 -50.77
C LYS Z 113 -47.50 82.02 -50.85
N GLY Z 114 -48.80 81.80 -50.75
CA GLY Z 114 -49.75 82.86 -50.61
C GLY Z 114 -50.38 83.32 -51.91
N LYS Z 115 -51.60 83.84 -51.76
CA LYS Z 115 -52.26 84.60 -52.79
C LYS Z 115 -51.62 85.99 -52.83
N LEU Z 116 -51.26 86.44 -54.03
CA LEU Z 116 -50.65 87.75 -54.23
C LEU Z 116 -51.72 88.66 -54.86
N PRO Z 117 -51.83 89.92 -54.41
CA PRO Z 117 -53.02 90.71 -54.73
C PRO Z 117 -52.94 91.29 -56.12
N LYS Z 118 -54.09 91.41 -56.78
CA LYS Z 118 -54.18 91.91 -58.17
C LYS Z 118 -53.69 93.35 -58.25
N GLN Z 119 -52.38 93.47 -58.39
CA GLN Z 119 -51.69 94.72 -58.23
C GLN Z 119 -50.28 94.51 -58.77
N PRO Z 120 -50.01 94.98 -60.00
CA PRO Z 120 -48.72 94.87 -60.67
C PRO Z 120 -47.55 95.24 -59.82
N VAL Z 121 -46.42 94.61 -60.04
CA VAL Z 121 -45.23 94.91 -59.29
C VAL Z 121 -43.98 94.59 -60.05
N ILE Z 122 -42.86 94.97 -59.46
CA ILE Z 122 -41.58 94.45 -59.83
C ILE Z 122 -41.04 93.90 -58.52
N VAL Z 123 -40.14 92.93 -58.60
CA VAL Z 123 -39.59 92.32 -57.39
C VAL Z 123 -38.15 91.98 -57.59
N LYS Z 124 -37.26 92.71 -56.95
CA LYS Z 124 -35.86 92.41 -57.11
C LYS Z 124 -35.45 91.35 -56.10
N ALA Z 125 -34.83 90.28 -56.58
CA ALA Z 125 -34.45 89.22 -55.70
C ALA Z 125 -33.29 88.40 -56.24
N LYS Z 126 -32.49 87.84 -55.34
CA LYS Z 126 -31.30 87.08 -55.71
C LYS Z 126 -31.74 85.78 -56.32
N PHE Z 127 -32.91 85.29 -55.87
CA PHE Z 127 -33.54 84.07 -56.37
C PHE Z 127 -35.05 84.10 -56.33
N PHE Z 128 -35.65 83.13 -57.01
CA PHE Z 128 -37.13 82.96 -57.12
C PHE Z 128 -37.50 81.49 -57.20
N SER Z 129 -38.61 81.12 -56.60
CA SER Z 129 -39.11 79.78 -56.80
C SER Z 129 -39.94 79.87 -58.02
N ARG Z 130 -40.09 78.76 -58.74
CA ARG Z 130 -40.86 78.78 -59.98
C ARG Z 130 -42.23 79.32 -59.73
N ARG Z 131 -42.90 78.83 -58.70
CA ARG Z 131 -44.25 79.27 -58.48
C ARG Z 131 -44.31 80.73 -58.08
N ALA Z 132 -43.30 81.22 -57.36
CA ALA Z 132 -43.27 82.63 -56.98
C ALA Z 132 -43.16 83.59 -58.16
N GLU Z 133 -42.45 83.17 -59.21
CA GLU Z 133 -42.42 83.93 -60.44
C GLU Z 133 -43.79 83.90 -61.11
N GLU Z 134 -44.35 82.71 -61.26
CA GLU Z 134 -45.65 82.53 -61.90
C GLU Z 134 -46.80 83.27 -61.23
N LYS Z 135 -46.71 83.47 -59.93
CA LYS Z 135 -47.69 84.29 -59.24
C LYS Z 135 -47.51 85.77 -59.53
N ILE Z 136 -46.26 86.24 -59.58
CA ILE Z 136 -45.98 87.65 -59.92
C ILE Z 136 -46.40 87.97 -61.36
N LYS Z 137 -46.01 87.10 -62.27
CA LYS Z 137 -46.35 87.26 -63.69
C LYS Z 137 -47.84 87.27 -63.87
N GLY Z 138 -48.52 86.37 -63.16
CA GLY Z 138 -49.98 86.30 -63.17
C GLY Z 138 -50.67 87.56 -62.64
N VAL Z 139 -50.02 88.19 -61.69
CA VAL Z 139 -50.43 89.50 -61.23
C VAL Z 139 -50.25 90.55 -62.31
N GLY Z 140 -49.09 90.51 -62.95
CA GLY Z 140 -48.73 91.48 -63.99
C GLY Z 140 -47.45 92.17 -63.59
N GLY Z 141 -46.41 91.36 -63.40
CA GLY Z 141 -45.19 91.83 -62.78
C GLY Z 141 -43.91 91.18 -63.23
N ALA Z 142 -42.84 91.91 -62.96
CA ALA Z 142 -41.55 91.60 -63.46
C ALA Z 142 -40.74 91.03 -62.32
N CYS Z 143 -40.19 89.83 -62.51
CA CYS Z 143 -39.16 89.32 -61.62
C CYS Z 143 -37.85 89.81 -62.17
N VAL Z 144 -37.08 90.47 -61.32
CA VAL Z 144 -35.84 91.09 -61.75
C VAL Z 144 -34.76 90.55 -60.84
N LEU Z 145 -33.76 89.89 -61.41
CA LEU Z 145 -32.69 89.36 -60.59
C LEU Z 145 -31.78 90.49 -60.19
N VAL Z 146 -30.94 90.21 -59.21
CA VAL Z 146 -29.93 91.15 -58.79
C VAL Z 146 -28.82 90.39 -58.05
N ALA Z 147 -27.59 90.52 -58.54
CA ALA Z 147 -26.46 89.73 -58.05
C ALA Z 147 -25.93 90.20 -56.68
N ALA AA 1 -30.62 32.40 -5.04
CA ALA AA 1 -32.00 32.84 -4.59
C ALA AA 1 -32.96 32.84 -5.74
N LYS AA 2 -33.77 31.78 -5.81
CA LYS AA 2 -34.78 31.67 -6.83
C LYS AA 2 -35.91 32.56 -6.47
N SER AA 3 -36.75 32.80 -7.45
CA SER AA 3 -37.72 33.87 -7.42
C SER AA 3 -38.95 33.45 -8.18
N LYS AA 4 -40.04 34.19 -8.01
CA LYS AA 4 -41.24 33.92 -8.80
C LYS AA 4 -40.99 34.15 -10.28
N ASN AA 5 -41.47 33.22 -11.09
CA ASN AA 5 -41.18 33.20 -12.50
C ASN AA 5 -42.14 34.00 -13.36
N HIS AA 6 -43.39 34.17 -12.93
CA HIS AA 6 -44.40 34.82 -13.75
C HIS AA 6 -45.74 34.59 -13.16
N THR AA 7 -46.65 35.50 -13.45
CA THR AA 7 -48.02 35.25 -13.10
C THR AA 7 -48.93 36.29 -13.73
N THR AA 8 -50.21 36.16 -13.42
CA THR AA 8 -51.25 37.03 -13.93
C THR AA 8 -52.22 37.46 -12.83
N HIS AA 9 -51.75 37.47 -11.58
CA HIS AA 9 -52.67 37.48 -10.46
C HIS AA 9 -53.50 38.76 -10.28
N ASN AA 10 -52.82 39.87 -10.05
CA ASN AA 10 -53.51 41.12 -9.89
C ASN AA 10 -53.88 41.74 -11.23
N GLN AA 11 -53.50 41.08 -12.33
CA GLN AA 11 -53.52 41.72 -13.63
C GLN AA 11 -54.89 42.11 -14.12
N SER AA 12 -55.83 41.19 -14.00
CA SER AA 12 -57.21 41.49 -14.35
C SER AA 12 -57.61 42.79 -13.69
N ARG AA 13 -57.52 42.79 -12.37
CA ARG AA 13 -58.05 43.86 -11.56
C ARG AA 13 -57.51 45.22 -11.97
N LYS AA 14 -56.24 45.29 -12.37
CA LYS AA 14 -55.67 46.56 -12.88
C LYS AA 14 -56.37 46.96 -14.15
N TRP AA 15 -56.50 46.00 -15.04
CA TRP AA 15 -57.07 46.27 -16.35
C TRP AA 15 -58.39 46.97 -16.22
N HIS AA 16 -59.20 46.43 -15.30
CA HIS AA 16 -60.55 46.90 -15.11
C HIS AA 16 -60.69 48.20 -14.33
N ARG AA 17 -59.65 48.63 -13.61
CA ARG AA 17 -59.71 49.90 -12.92
C ARG AA 17 -60.19 50.97 -13.87
N ASN AA 18 -59.46 51.15 -14.96
CA ASN AA 18 -59.76 52.24 -15.86
C ASN AA 18 -60.67 51.92 -17.03
N GLY AA 19 -60.86 50.63 -17.35
CA GLY AA 19 -62.03 50.24 -18.17
C GLY AA 19 -62.09 48.92 -18.94
N ILE AA 20 -61.07 48.63 -19.73
CA ILE AA 20 -61.19 47.73 -20.89
C ILE AA 20 -62.21 48.37 -21.82
N LYS AA 21 -61.75 49.40 -22.51
CA LYS AA 21 -62.61 50.18 -23.37
C LYS AA 21 -62.70 49.44 -24.69
N LYS AA 22 -63.92 49.25 -25.19
CA LYS AA 22 -64.11 48.71 -26.53
C LYS AA 22 -63.76 49.83 -27.48
N PRO AA 23 -62.86 49.54 -28.42
CA PRO AA 23 -62.06 50.56 -29.10
C PRO AA 23 -62.93 51.50 -29.90
N ARG AA 24 -62.53 52.77 -29.92
CA ARG AA 24 -63.46 53.84 -30.25
C ARG AA 24 -63.91 53.80 -31.70
N SER AA 25 -65.23 53.77 -31.87
CA SER AA 25 -65.86 53.68 -33.18
C SER AA 25 -66.01 55.05 -33.79
N GLN AA 26 -66.03 55.07 -35.12
CA GLN AA 26 -66.28 56.28 -35.87
C GLN AA 26 -66.98 55.93 -37.18
N ARG AA 27 -67.84 56.83 -37.65
CA ARG AA 27 -68.27 56.82 -39.05
C ARG AA 27 -67.12 57.41 -39.82
N TYR AA 28 -67.01 57.06 -41.09
CA TYR AA 28 -65.95 57.57 -41.95
C TYR AA 28 -64.59 57.11 -41.43
N GLU AA 29 -64.32 55.81 -41.54
CA GLU AA 29 -63.02 55.24 -41.15
C GLU AA 29 -62.07 55.36 -42.32
N SER AA 30 -60.80 55.10 -42.08
CA SER AA 30 -59.80 55.34 -43.10
C SER AA 30 -59.85 54.33 -44.24
N LEU AA 31 -59.23 54.73 -45.35
CA LEU AA 31 -58.98 53.86 -46.51
C LEU AA 31 -57.53 53.36 -46.56
N LYS AA 32 -56.93 53.20 -45.38
CA LYS AA 32 -55.58 52.71 -45.26
C LYS AA 32 -55.61 51.21 -45.46
N GLY AA 33 -54.86 50.73 -46.45
CA GLY AA 33 -54.72 49.30 -46.71
C GLY AA 33 -55.88 48.74 -47.52
N VAL AA 34 -56.14 49.39 -48.65
CA VAL AA 34 -57.26 49.06 -49.51
C VAL AA 34 -56.74 48.87 -50.92
N ASP AA 35 -56.84 47.63 -51.41
CA ASP AA 35 -56.34 47.21 -52.74
C ASP AA 35 -56.17 48.33 -53.76
N PRO AA 36 -54.93 48.79 -53.94
CA PRO AA 36 -54.67 50.04 -54.61
C PRO AA 36 -55.53 50.33 -55.84
N LYS AA 37 -55.65 49.34 -56.73
CA LYS AA 37 -56.39 49.56 -57.97
C LYS AA 37 -57.75 50.15 -57.65
N PHE AA 38 -58.45 49.50 -56.74
CA PHE AA 38 -59.72 49.98 -56.18
C PHE AA 38 -59.61 51.45 -55.88
N LEU AA 39 -58.70 51.79 -54.99
CA LEU AA 39 -58.60 53.14 -54.51
C LEU AA 39 -58.41 54.10 -55.65
N ARG AA 40 -57.36 53.90 -56.43
CA ARG AA 40 -57.11 54.73 -57.60
C ARG AA 40 -58.44 55.05 -58.21
N ASN AA 41 -59.11 54.01 -58.69
CA ASN AA 41 -60.32 54.19 -59.46
C ASN AA 41 -61.28 55.12 -58.75
N MET AA 42 -61.58 54.83 -57.49
CA MET AA 42 -62.52 55.69 -56.75
C MET AA 42 -61.95 57.10 -56.67
N ARG AA 43 -60.68 57.24 -56.35
CA ARG AA 43 -60.13 58.58 -56.31
C ARG AA 43 -60.49 59.24 -57.61
N PHE AA 44 -60.38 58.51 -58.72
CA PHE AA 44 -60.73 59.08 -60.02
C PHE AA 44 -62.21 59.39 -60.16
N ALA AA 45 -63.06 58.45 -59.81
CA ALA AA 45 -64.47 58.77 -59.72
C ALA AA 45 -64.74 60.02 -58.91
N LYS AA 46 -64.06 60.14 -57.78
CA LYS AA 46 -64.15 61.36 -57.02
C LYS AA 46 -63.68 62.55 -57.84
N LYS AA 47 -62.56 62.40 -58.52
CA LYS AA 47 -61.96 63.49 -59.29
C LYS AA 47 -62.91 64.14 -60.28
N HIS AA 48 -63.66 63.31 -60.98
CA HIS AA 48 -64.55 63.79 -62.04
C HIS AA 48 -66.03 63.83 -61.65
N ASN AA 49 -66.34 63.90 -60.36
CA ASN AA 49 -67.71 64.14 -59.94
C ASN AA 49 -68.21 65.53 -60.26
N LYS AA 50 -67.34 66.54 -60.15
CA LYS AA 50 -67.73 67.92 -60.42
C LYS AA 50 -68.14 68.07 -61.89
N LYS AA 51 -67.51 67.31 -62.77
CA LYS AA 51 -68.02 67.12 -64.12
C LYS AA 51 -69.24 66.23 -63.96
N GLY AA 52 -70.31 66.55 -64.65
CA GLY AA 52 -71.60 65.93 -64.36
C GLY AA 52 -72.16 66.51 -63.08
N LEU AA 53 -72.19 67.84 -63.03
CA LEU AA 53 -72.83 68.60 -61.95
C LEU AA 53 -74.09 69.27 -62.48
N LYS AA 54 -73.94 70.08 -63.53
CA LYS AA 54 -75.05 70.79 -64.16
C LYS AA 54 -76.21 69.88 -64.50
N LYS AA 55 -75.90 68.66 -64.93
CA LYS AA 55 -76.91 67.64 -65.21
C LYS AA 55 -77.65 67.22 -63.94
N MET AA 56 -76.88 67.03 -62.87
CA MET AA 56 -77.39 66.56 -61.59
C MET AA 56 -78.24 67.61 -60.87
N GLN AA 57 -77.73 68.83 -60.83
CA GLN AA 57 -78.47 70.00 -60.36
C GLN AA 57 -79.84 70.09 -61.01
N ALA AA 58 -79.83 70.02 -62.34
CA ALA AA 58 -81.06 70.08 -63.16
C ALA AA 58 -82.02 68.95 -62.84
N ASN AA 59 -81.48 67.75 -62.71
CA ASN AA 59 -82.27 66.59 -62.33
C ASN AA 59 -82.92 66.75 -60.96
N ASN AA 60 -82.17 67.27 -60.00
CA ASN AA 60 -82.70 67.53 -58.66
C ASN AA 60 -83.77 68.64 -58.62
N ALA AA 61 -83.63 69.64 -59.50
CA ALA AA 61 -84.65 70.69 -59.65
C ALA AA 61 -85.97 70.12 -60.18
N LYS AA 62 -85.88 69.22 -61.15
CA LYS AA 62 -87.07 68.52 -61.69
C LYS AA 62 -87.72 67.61 -60.67
N ALA AA 63 -86.91 66.96 -59.83
CA ALA AA 63 -87.42 66.12 -58.74
C ALA AA 63 -88.13 66.96 -57.68
N MET AA 64 -87.51 68.08 -57.30
CA MET AA 64 -88.13 69.03 -56.37
C MET AA 64 -89.45 69.59 -56.91
N ALA AA 65 -89.49 69.90 -58.21
CA ALA AA 65 -90.71 70.39 -58.86
C ALA AA 65 -91.81 69.32 -58.89
N ALA AA 66 -91.43 68.06 -59.08
CA ALA AA 66 -92.36 66.92 -59.03
C ALA AA 66 -92.91 66.66 -57.63
N ARG AA 67 -92.08 66.90 -56.61
CA ARG AA 67 -92.52 66.82 -55.20
C ARG AA 67 -93.56 67.89 -54.88
N ALA AA 68 -93.31 69.12 -55.34
CA ALA AA 68 -94.21 70.25 -55.15
C ALA AA 68 -95.55 70.07 -55.87
N GLU AA 69 -95.51 69.47 -57.07
CA GLU AA 69 -96.73 69.11 -57.80
C GLU AA 69 -97.51 68.00 -57.09
N ALA AA 70 -96.78 67.04 -56.52
CA ALA AA 70 -97.39 65.94 -55.74
C ALA AA 70 -98.01 66.43 -54.42
N ILE AA 71 -97.37 67.40 -53.77
CA ILE AA 71 -97.88 67.97 -52.52
C ILE AA 71 -99.09 68.89 -52.77
N LYS AA 72 -99.12 69.53 -53.94
CA LYS AA 72 -100.26 70.38 -54.34
C LYS AA 72 -101.49 69.53 -54.69
N ALA AA 73 -101.26 68.40 -55.38
CA ALA AA 73 -102.33 67.45 -55.70
C ALA AA 73 -102.91 66.77 -54.46
N LEU AA 74 -102.06 66.54 -53.46
CA LEU AA 74 -102.51 65.99 -52.16
C LEU AA 74 -103.37 67.00 -51.42
N VAL AA 75 -102.89 68.24 -51.32
CA VAL AA 75 -103.63 69.34 -50.68
C VAL AA 75 -104.67 69.87 -51.67
N SER BA 1 86.10 9.50 -3.22
CA SER BA 1 85.16 10.59 -2.80
C SER BA 1 85.78 11.52 -1.78
N ILE BA 2 85.17 12.69 -1.60
CA ILE BA 2 85.56 13.57 -0.51
C ILE BA 2 85.22 12.81 0.75
N ASN BA 3 83.99 12.30 0.80
CA ASN BA 3 83.48 11.63 2.00
C ASN BA 3 84.48 10.72 2.71
N SER BA 4 85.01 9.77 1.96
CA SER BA 4 86.02 8.88 2.51
C SER BA 4 87.14 9.68 3.11
N ARG BA 5 87.75 10.54 2.29
CA ARG BA 5 88.95 11.27 2.68
C ARG BA 5 88.69 12.09 3.94
N LEU BA 6 87.51 12.69 4.03
CA LEU BA 6 87.10 13.46 5.22
C LEU BA 6 87.03 12.65 6.48
N GLN BA 7 86.39 11.49 6.36
CA GLN BA 7 86.23 10.57 7.47
C GLN BA 7 87.56 10.29 8.17
N LEU BA 8 88.58 10.03 7.36
CA LEU BA 8 89.92 9.76 7.83
C LEU BA 8 90.50 10.94 8.58
N VAL BA 9 90.27 12.13 8.03
CA VAL BA 9 90.74 13.37 8.62
C VAL BA 9 90.17 13.60 10.01
N MET BA 10 88.88 13.34 10.18
CA MET BA 10 88.25 13.41 11.52
C MET BA 10 88.91 12.46 12.49
N LYS BA 11 89.11 11.22 12.03
CA LYS BA 11 89.67 10.16 12.87
C LYS BA 11 91.08 10.49 13.34
N SER BA 12 91.91 10.92 12.41
CA SER BA 12 93.33 11.10 12.68
C SER BA 12 93.71 12.57 12.84
N GLY BA 13 93.40 13.40 11.83
CA GLY BA 13 93.93 14.76 11.68
C GLY BA 13 93.20 15.91 12.35
N LYS BA 14 93.94 16.93 12.72
CA LYS BA 14 93.40 18.05 13.48
C LYS BA 14 92.55 18.94 12.59
N TYR BA 15 91.34 19.22 13.08
CA TYR BA 15 90.33 19.91 12.31
C TYR BA 15 89.49 20.76 13.23
N VAL BA 16 88.61 21.53 12.62
CA VAL BA 16 87.83 22.54 13.30
C VAL BA 16 86.48 22.59 12.62
N LEU BA 17 85.38 22.60 13.38
CA LEU BA 17 84.05 22.70 12.78
C LEU BA 17 83.36 23.98 13.15
N GLY BA 18 82.82 24.68 12.16
CA GLY BA 18 82.01 25.88 12.39
C GLY BA 18 82.67 27.18 11.98
N TYR BA 19 81.83 28.15 11.61
CA TYR BA 19 82.28 29.37 10.96
C TYR BA 19 83.16 30.25 11.80
N LYS BA 20 82.83 30.40 13.06
CA LYS BA 20 83.64 31.23 13.93
C LYS BA 20 85.02 30.60 14.05
N GLN BA 21 85.06 29.33 14.44
CA GLN BA 21 86.31 28.73 14.84
C GLN BA 21 87.19 28.53 13.64
N THR BA 22 86.62 28.12 12.53
CA THR BA 22 87.36 28.03 11.28
C THR BA 22 87.98 29.38 10.87
N LEU BA 23 87.24 30.47 10.98
CA LEU BA 23 87.73 31.73 10.50
C LEU BA 23 88.92 32.14 11.37
N LYS BA 24 88.89 31.77 12.65
CA LYS BA 24 90.02 31.97 13.57
C LYS BA 24 91.23 31.08 13.28
N MET BA 25 91.05 30.00 12.54
CA MET BA 25 92.17 29.21 12.04
C MET BA 25 92.79 29.83 10.81
N ILE BA 26 91.97 30.25 9.85
CA ILE BA 26 92.50 30.95 8.67
C ILE BA 26 93.31 32.13 9.12
N ARG BA 27 92.70 32.96 9.95
CA ARG BA 27 93.38 34.14 10.42
C ARG BA 27 94.71 33.82 11.12
N GLN BA 28 94.75 32.74 11.89
CA GLN BA 28 95.98 32.22 12.49
C GLN BA 28 96.90 31.53 11.48
N GLY BA 29 96.38 31.27 10.29
CA GLY BA 29 97.18 30.80 9.17
C GLY BA 29 97.53 29.33 9.28
N LYS BA 30 96.74 28.60 10.06
CA LYS BA 30 96.94 27.18 10.27
C LYS BA 30 96.21 26.35 9.24
N ALA BA 31 95.08 26.87 8.76
CA ALA BA 31 94.08 26.09 8.03
C ALA BA 31 94.55 25.80 6.63
N LYS BA 32 94.65 24.52 6.30
CA LYS BA 32 95.13 24.09 5.01
C LYS BA 32 94.01 23.75 4.05
N LEU BA 33 92.80 23.62 4.56
CA LEU BA 33 91.65 23.39 3.70
C LEU BA 33 90.33 23.73 4.39
N VAL BA 34 89.64 24.74 3.88
CA VAL BA 34 88.30 25.04 4.36
C VAL BA 34 87.27 24.38 3.44
N ILE BA 35 86.15 23.98 4.03
CA ILE BA 35 85.04 23.35 3.34
C ILE BA 35 83.75 24.11 3.69
N LEU BA 36 82.91 24.37 2.70
CA LEU BA 36 81.67 25.10 2.92
C LEU BA 36 80.53 24.30 2.40
N ALA BA 37 79.52 24.13 3.24
CA ALA BA 37 78.31 23.43 2.84
C ALA BA 37 77.54 24.21 1.82
N ASN BA 38 76.84 23.51 0.94
CA ASN BA 38 76.22 24.15 -0.21
C ASN BA 38 75.16 25.19 0.17
N ASN BA 39 74.49 24.97 1.29
CA ASN BA 39 73.46 25.88 1.72
C ASN BA 39 73.92 27.01 2.66
N CYS BA 40 75.24 27.22 2.78
CA CYS BA 40 75.76 28.28 3.64
C CYS BA 40 75.44 29.65 3.08
N PRO BA 41 75.14 30.61 3.95
CA PRO BA 41 74.67 31.90 3.48
C PRO BA 41 75.69 32.54 2.57
N ALA BA 42 75.21 33.22 1.55
CA ALA BA 42 76.08 33.72 0.50
C ALA BA 42 77.12 34.67 1.06
N LEU BA 43 76.65 35.71 1.71
CA LEU BA 43 77.52 36.70 2.29
C LEU BA 43 78.62 35.99 3.09
N ARG BA 44 78.25 34.98 3.86
CA ARG BA 44 79.22 34.17 4.59
C ARG BA 44 80.22 33.46 3.73
N LYS BA 45 79.78 32.92 2.61
CA LYS BA 45 80.67 32.22 1.71
C LYS BA 45 81.72 33.16 1.17
N SER BA 46 81.29 34.26 0.58
CA SER BA 46 82.23 35.20 -0.01
C SER BA 46 83.29 35.60 1.00
N GLU BA 47 82.80 35.98 2.18
CA GLU BA 47 83.65 36.31 3.33
C GLU BA 47 84.73 35.27 3.55
N ILE BA 48 84.34 34.00 3.59
CA ILE BA 48 85.29 32.92 3.80
C ILE BA 48 86.29 32.81 2.67
N GLU BA 49 85.80 32.80 1.44
CA GLU BA 49 86.70 32.81 0.32
C GLU BA 49 87.72 33.92 0.47
N TYR BA 50 87.26 35.15 0.64
CA TYR BA 50 88.16 36.31 0.68
C TYR BA 50 89.21 36.17 1.76
N TYR BA 51 88.78 35.63 2.90
CA TYR BA 51 89.71 35.26 3.96
C TYR BA 51 90.73 34.27 3.43
N ALA BA 52 90.26 33.19 2.83
CA ALA BA 52 91.17 32.22 2.24
C ALA BA 52 92.18 32.87 1.28
N MET BA 53 91.68 33.53 0.24
CA MET BA 53 92.50 34.32 -0.66
C MET BA 53 93.63 35.05 0.06
N LEU BA 54 93.27 35.79 1.11
CA LEU BA 54 94.25 36.59 1.84
C LEU BA 54 95.20 35.75 2.68
N ALA BA 55 94.82 34.52 3.00
CA ALA BA 55 95.71 33.56 3.65
C ALA BA 55 96.22 32.46 2.75
N LYS BA 56 96.06 32.62 1.44
CA LYS BA 56 96.50 31.65 0.45
C LYS BA 56 96.19 30.22 0.89
N THR BA 57 94.92 30.00 1.20
CA THR BA 57 94.40 28.73 1.67
C THR BA 57 93.38 28.25 0.65
N GLY BA 58 93.19 26.93 0.61
CA GLY BA 58 92.19 26.33 -0.27
C GLY BA 58 90.79 26.40 0.30
N VAL BA 59 89.84 26.68 -0.57
CA VAL BA 59 88.44 26.43 -0.27
C VAL BA 59 87.98 25.30 -1.15
N HIS BA 60 87.01 24.55 -0.65
CA HIS BA 60 86.35 23.52 -1.40
C HIS BA 60 84.89 23.48 -1.07
N HIS BA 61 84.06 23.71 -2.08
CA HIS BA 61 82.62 23.67 -1.91
C HIS BA 61 82.14 22.22 -1.93
N TYR BA 62 81.73 21.72 -0.77
CA TYR BA 62 81.19 20.36 -0.60
C TYR BA 62 79.83 20.23 -1.21
N SER BA 63 79.59 19.11 -1.89
CA SER BA 63 78.38 18.96 -2.72
C SER BA 63 77.07 18.94 -1.93
N GLY BA 64 77.07 18.29 -0.79
CA GLY BA 64 75.94 18.32 0.11
C GLY BA 64 75.78 19.63 0.86
N ASN BA 65 74.69 19.73 1.61
CA ASN BA 65 74.33 20.90 2.41
C ASN BA 65 74.83 20.74 3.83
N ASN BA 66 74.54 21.72 4.69
CA ASN BA 66 75.14 21.79 6.04
C ASN BA 66 74.74 20.72 7.03
N ILE BA 67 73.61 20.08 6.80
CA ILE BA 67 73.28 18.83 7.47
C ILE BA 67 74.17 17.72 6.94
N GLU BA 68 74.20 17.58 5.64
CA GLU BA 68 74.95 16.51 5.03
C GLU BA 68 76.43 16.62 5.35
N LEU BA 69 76.99 17.83 5.29
CA LEU BA 69 78.39 18.06 5.65
C LEU BA 69 78.68 17.72 7.09
N GLY BA 70 77.69 17.94 7.94
CA GLY BA 70 77.75 17.55 9.34
C GLY BA 70 77.71 16.07 9.56
N THR BA 71 76.81 15.40 8.86
CA THR BA 71 76.85 13.97 8.89
C THR BA 71 78.12 13.48 8.21
N ALA BA 72 78.68 14.23 7.28
CA ALA BA 72 79.97 13.90 6.68
C ALA BA 72 81.23 14.11 7.52
N CYS BA 73 81.13 14.89 8.58
CA CYS BA 73 82.17 14.93 9.61
C CYS BA 73 81.75 14.06 10.77
N GLY BA 74 80.61 13.41 10.63
CA GLY BA 74 80.29 12.25 11.42
C GLY BA 74 79.79 12.63 12.77
N LYS BA 75 79.12 13.76 12.84
CA LYS BA 75 78.65 14.27 14.09
C LYS BA 75 77.15 13.97 14.07
N TYR BA 76 76.39 14.60 14.93
CA TYR BA 76 74.94 14.74 14.69
C TYR BA 76 74.50 16.20 14.76
N TYR BA 77 75.44 17.11 14.64
CA TYR BA 77 75.12 18.51 14.47
C TYR BA 77 75.52 18.92 13.08
N ARG BA 78 74.87 19.95 12.62
CA ARG BA 78 75.00 20.35 11.23
C ARG BA 78 75.97 21.50 11.06
N VAL BA 79 76.98 21.25 10.23
CA VAL BA 79 78.10 22.15 10.07
C VAL BA 79 77.97 22.75 8.69
N CYS BA 80 77.92 24.06 8.67
CA CYS BA 80 77.92 24.82 7.45
C CYS BA 80 79.34 25.18 6.96
N THR BA 81 80.32 25.13 7.87
CA THR BA 81 81.73 25.43 7.57
C THR BA 81 82.73 24.63 8.41
N LEU BA 82 83.83 24.20 7.80
CA LEU BA 82 84.89 23.51 8.54
C LEU BA 82 86.33 23.69 7.97
N ALA BA 83 87.29 23.74 8.86
CA ALA BA 83 88.69 23.79 8.50
C ALA BA 83 89.36 22.43 8.79
N ILE BA 84 90.29 22.04 7.92
CA ILE BA 84 91.27 21.04 8.24
C ILE BA 84 92.56 21.81 8.49
N ILE BA 85 93.07 21.68 9.70
CA ILE BA 85 94.32 22.30 10.07
C ILE BA 85 95.45 21.41 9.60
N ASP BA 86 95.39 20.16 10.02
CA ASP BA 86 96.34 19.14 9.64
C ASP BA 86 95.54 17.95 9.15
N PRO BA 87 95.73 17.53 7.89
CA PRO BA 87 95.13 16.26 7.51
C PRO BA 87 95.82 15.16 8.29
N GLY BA 88 95.09 14.07 8.54
CA GLY BA 88 95.60 13.03 9.42
C GLY BA 88 96.61 12.19 8.71
N ASP BA 89 96.10 11.38 7.80
CA ASP BA 89 96.92 10.65 6.87
C ASP BA 89 96.16 10.46 5.58
N SER BA 90 95.34 11.45 5.26
CA SER BA 90 94.55 11.45 4.06
C SER BA 90 95.29 12.18 2.96
N ASP BA 91 94.74 12.09 1.76
CA ASP BA 91 95.16 12.94 0.66
C ASP BA 91 93.99 13.88 0.40
N ILE BA 92 93.42 14.42 1.47
CA ILE BA 92 92.33 15.38 1.35
C ILE BA 92 92.85 16.63 0.64
N ILE BA 93 94.06 17.06 1.00
CA ILE BA 93 94.81 18.05 0.25
C ILE BA 93 95.75 17.19 -0.59
N ARG BA 94 95.70 17.37 -1.91
CA ARG BA 94 96.27 16.39 -2.85
C ARG BA 94 97.80 16.52 -2.90
N ASN CA 1 -4.01 56.18 96.28
CA ASN CA 1 -5.32 55.60 95.80
C ASN CA 1 -5.23 55.14 94.35
N GLU CA 2 -4.75 56.04 93.50
CA GLU CA 2 -4.71 55.83 92.05
C GLU CA 2 -3.44 56.36 91.40
N VAL CA 3 -2.33 56.24 92.13
CA VAL CA 3 -1.00 56.40 91.56
C VAL CA 3 -0.27 55.19 92.06
N VAL CA 4 -0.64 54.08 91.45
CA VAL CA 4 -0.28 52.80 91.94
C VAL CA 4 0.62 52.10 90.96
N THR CA 5 1.45 51.23 91.50
CA THR CA 5 2.28 50.37 90.70
C THR CA 5 2.10 48.94 91.20
N ARG CA 6 2.20 48.01 90.26
CA ARG CA 6 2.12 46.59 90.56
C ARG CA 6 2.79 45.76 89.47
N GLU CA 7 3.38 44.63 89.87
CA GLU CA 7 3.83 43.64 88.90
C GLU CA 7 2.61 42.93 88.42
N TYR CA 8 2.82 42.18 87.36
CA TYR CA 8 1.83 41.29 86.78
C TYR CA 8 2.71 40.36 86.04
N THR CA 9 2.23 39.19 85.66
CA THR CA 9 2.89 38.52 84.55
C THR CA 9 1.87 38.41 83.49
N ILE CA 10 2.10 39.10 82.41
CA ILE CA 10 1.31 38.90 81.25
C ILE CA 10 1.94 37.67 80.65
N ASN CA 11 1.10 36.65 80.52
CA ASN CA 11 1.36 35.49 79.66
C ASN CA 11 0.93 35.84 78.23
N ILE CA 12 1.94 36.21 77.44
CA ILE CA 12 1.78 36.52 76.04
C ILE CA 12 1.39 35.30 75.27
N HIS CA 13 1.98 34.16 75.61
CA HIS CA 13 1.83 32.96 74.81
C HIS CA 13 0.42 32.61 74.39
N LYS CA 14 -0.52 32.72 75.30
CA LYS CA 14 -1.91 32.41 75.01
C LYS CA 14 -2.68 33.57 74.45
N ARG CA 15 -2.16 34.76 74.62
CA ARG CA 15 -2.73 35.95 74.00
C ARG CA 15 -2.36 36.04 72.54
N ILE CA 16 -1.07 35.87 72.27
CA ILE CA 16 -0.55 35.93 70.92
C ILE CA 16 -0.97 34.73 70.08
N HIS CA 17 -1.33 33.64 70.76
CA HIS CA 17 -1.66 32.35 70.14
C HIS CA 17 -2.44 32.41 68.86
N GLY CA 18 -1.98 31.63 67.91
CA GLY CA 18 -2.66 31.51 66.65
C GLY CA 18 -2.59 32.76 65.82
N VAL CA 19 -1.45 33.43 65.80
CA VAL CA 19 -1.21 34.50 64.83
C VAL CA 19 0.05 34.16 64.06
N GLY CA 20 0.09 34.67 62.85
CA GLY CA 20 1.11 34.30 61.87
C GLY CA 20 2.47 34.93 62.07
N PHE CA 21 3.45 34.24 61.51
CA PHE CA 21 4.84 34.44 61.84
C PHE CA 21 5.39 35.86 61.79
N LYS CA 22 4.86 36.69 60.89
CA LYS CA 22 5.32 38.08 60.76
C LYS CA 22 4.48 39.09 61.50
N LYS CA 23 3.39 38.66 62.10
CA LYS CA 23 2.62 39.52 62.97
C LYS CA 23 2.52 38.85 64.31
N ARG CA 24 3.61 38.85 65.05
CA ARG CA 24 3.60 38.27 66.37
C ARG CA 24 4.19 39.22 67.34
N ALA CA 25 5.43 39.62 67.12
CA ALA CA 25 6.00 40.62 67.93
C ALA CA 25 5.04 41.75 68.17
N PRO CA 26 4.42 42.27 67.12
CA PRO CA 26 3.54 43.42 67.32
C PRO CA 26 2.24 43.06 68.02
N ARG CA 27 1.54 42.04 67.54
CA ARG CA 27 0.37 41.55 68.29
C ARG CA 27 0.63 41.45 69.80
N ALA CA 28 1.80 40.92 70.15
CA ALA CA 28 2.23 40.81 71.55
C ALA CA 28 2.33 42.16 72.28
N LEU CA 29 2.74 43.21 71.58
CA LEU CA 29 2.65 44.54 72.15
C LEU CA 29 1.21 44.97 72.27
N LYS CA 30 0.46 44.84 71.19
CA LYS CA 30 -0.95 45.22 71.24
C LYS CA 30 -1.66 44.64 72.46
N GLU CA 31 -1.37 43.38 72.77
CA GLU CA 31 -2.01 42.70 73.90
C GLU CA 31 -1.52 43.23 75.23
N ILE CA 32 -0.23 43.41 75.38
CA ILE CA 32 0.28 44.04 76.59
C ILE CA 32 -0.43 45.35 76.79
N ARG CA 33 -0.50 46.17 75.74
CA ARG CA 33 -1.16 47.47 75.86
C ARG CA 33 -2.60 47.33 76.28
N LYS CA 34 -3.35 46.48 75.62
CA LYS CA 34 -4.71 46.22 76.05
C LYS CA 34 -4.73 45.85 77.52
N PHE CA 35 -3.89 44.90 77.89
CA PHE CA 35 -3.84 44.39 79.26
C PHE CA 35 -3.57 45.47 80.32
N ALA CA 36 -2.76 46.46 79.97
CA ALA CA 36 -2.60 47.62 80.84
C ALA CA 36 -3.87 48.46 80.91
N MET CA 37 -4.59 48.59 79.79
CA MET CA 37 -5.86 49.36 79.75
C MET CA 37 -6.95 48.74 80.60
N LYS CA 38 -7.00 47.42 80.58
CA LYS CA 38 -7.96 46.71 81.40
C LYS CA 38 -7.59 46.95 82.86
N GLU CA 39 -6.36 46.59 83.24
CA GLU CA 39 -5.97 46.53 84.66
C GLU CA 39 -6.00 47.87 85.36
N MET CA 40 -5.41 48.89 84.76
CA MET CA 40 -5.55 50.23 85.27
C MET CA 40 -6.66 50.88 84.47
N GLY CA 41 -7.47 51.69 85.12
CA GLY CA 41 -8.53 52.42 84.44
C GLY CA 41 -7.98 53.53 83.58
N THR CA 42 -7.45 53.14 82.42
CA THR CA 42 -6.89 54.08 81.47
C THR CA 42 -7.03 53.53 80.06
N PRO CA 43 -6.97 54.43 79.07
CA PRO CA 43 -6.54 54.10 77.73
C PRO CA 43 -5.14 54.63 77.36
N ASP CA 44 -4.70 55.74 77.96
CA ASP CA 44 -3.35 56.25 77.71
C ASP CA 44 -2.34 55.31 78.34
N VAL CA 45 -1.66 54.51 77.51
CA VAL CA 45 -0.72 53.50 77.97
C VAL CA 45 0.63 53.73 77.32
N ARG CA 46 1.63 54.05 78.14
CA ARG CA 46 2.91 54.51 77.63
C ARG CA 46 3.91 53.43 77.92
N ILE CA 47 3.96 52.48 76.98
CA ILE CA 47 4.80 51.28 77.10
C ILE CA 47 6.27 51.56 76.89
N ASP CA 48 7.05 51.27 77.93
CA ASP CA 48 8.49 51.55 77.97
C ASP CA 48 9.19 50.93 76.78
N THR CA 49 10.25 51.60 76.36
CA THR CA 49 11.09 51.15 75.28
C THR CA 49 11.78 49.85 75.64
N ARG CA 50 12.26 49.75 76.87
CA ARG CA 50 12.92 48.53 77.33
C ARG CA 50 12.05 47.30 77.27
N LEU CA 51 10.74 47.49 77.44
CA LEU CA 51 9.82 46.38 77.32
C LEU CA 51 9.75 45.90 75.88
N ASN CA 52 9.39 46.80 74.98
CA ASN CA 52 9.38 46.57 73.54
C ASN CA 52 10.55 45.69 73.12
N LYS CA 53 11.74 46.18 73.41
CA LYS CA 53 12.98 45.45 73.21
C LYS CA 53 12.90 44.00 73.67
N ALA CA 54 12.41 43.79 74.90
CA ALA CA 54 12.29 42.45 75.49
C ALA CA 54 11.30 41.54 74.78
N VAL CA 55 10.29 42.13 74.14
CA VAL CA 55 9.33 41.39 73.31
C VAL CA 55 9.97 41.02 71.99
N TRP CA 56 10.55 42.01 71.34
CA TRP CA 56 11.23 41.77 70.09
C TRP CA 56 12.57 41.03 70.23
N ALA CA 57 13.07 40.88 71.45
CA ALA CA 57 14.31 40.14 71.73
C ALA CA 57 14.55 38.93 70.86
N LYS CA 58 13.55 38.09 70.68
CA LYS CA 58 13.75 36.85 69.98
C LYS CA 58 13.06 36.91 68.66
N GLY CA 59 13.40 37.94 67.91
CA GLY CA 59 12.85 38.12 66.58
C GLY CA 59 11.40 38.54 66.58
N ILE CA 60 10.83 38.48 65.39
CA ILE CA 60 9.45 38.79 65.19
C ILE CA 60 8.63 37.55 65.44
N ARG CA 61 9.12 36.39 65.01
CA ARG CA 61 8.37 35.15 65.12
C ARG CA 61 8.16 34.80 66.57
N ASN CA 62 9.25 34.42 67.23
CA ASN CA 62 9.22 33.54 68.41
C ASN CA 62 9.25 34.36 69.69
N VAL CA 63 8.11 34.98 69.95
CA VAL CA 63 7.95 35.96 70.99
C VAL CA 63 7.91 35.22 72.31
N PRO CA 64 8.63 35.73 73.33
CA PRO CA 64 8.78 34.94 74.54
C PRO CA 64 7.48 34.87 75.31
N TYR CA 65 7.30 33.75 76.00
CA TYR CA 65 5.97 33.37 76.51
C TYR CA 65 5.44 34.29 77.59
N ARG CA 66 6.10 34.27 78.74
CA ARG CA 66 5.73 35.16 79.80
C ARG CA 66 6.57 36.40 79.64
N ILE CA 67 6.19 37.41 80.38
CA ILE CA 67 6.94 38.62 80.45
C ILE CA 67 6.47 39.20 81.75
N ARG CA 68 7.40 39.63 82.58
CA ARG CA 68 7.03 40.21 83.84
C ARG CA 68 7.06 41.70 83.61
N VAL CA 69 6.16 42.40 84.25
CA VAL CA 69 5.79 43.71 83.82
C VAL CA 69 5.43 44.50 85.02
N ARG CA 70 6.16 45.57 85.34
CA ARG CA 70 5.69 46.47 86.38
C ARG CA 70 4.70 47.35 85.68
N LEU CA 71 3.67 47.77 86.40
CA LEU CA 71 2.57 48.49 85.78
C LEU CA 71 2.13 49.64 86.66
N SER CA 72 2.50 50.83 86.22
CA SER CA 72 2.51 52.04 87.05
C SER CA 72 1.53 53.05 86.51
N ARG CA 73 0.81 53.72 87.40
CA ARG CA 73 -0.20 54.69 87.00
C ARG CA 73 0.23 56.09 87.43
N LYS CA 74 -0.04 57.07 86.58
CA LYS CA 74 0.54 58.39 86.73
C LYS CA 74 -0.53 59.47 86.76
N ARG CA 75 -0.08 60.66 87.14
CA ARG CA 75 -0.93 61.83 87.27
C ARG CA 75 -1.10 62.57 85.94
N ASN CA 76 -0.16 62.37 85.01
CA ASN CA 76 -0.10 63.09 83.73
C ASN CA 76 0.27 64.57 83.93
N GLU CA 77 1.33 64.77 84.73
CA GLU CA 77 1.90 66.08 85.12
C GLU CA 77 1.17 67.37 84.70
N ASP CA 78 1.67 68.11 83.70
CA ASP CA 78 1.19 69.45 83.37
C ASP CA 78 0.24 69.48 82.18
N GLU CA 79 -0.04 68.32 81.60
CA GLU CA 79 -0.85 68.23 80.38
C GLU CA 79 -2.29 68.63 80.67
N ASP CA 80 -2.93 69.20 79.65
CA ASP CA 80 -4.34 69.57 79.70
C ASP CA 80 -5.10 68.64 78.76
N SER CA 81 -4.91 67.34 78.98
CA SER CA 81 -5.44 66.28 78.13
C SER CA 81 -6.69 65.69 78.76
N PRO CA 82 -7.60 65.12 77.93
CA PRO CA 82 -8.76 64.37 78.41
C PRO CA 82 -8.43 63.30 79.46
N ASN CA 83 -7.37 62.53 79.21
CA ASN CA 83 -6.91 61.52 80.15
C ASN CA 83 -6.27 62.18 81.38
N LYS CA 84 -6.93 62.03 82.53
CA LYS CA 84 -6.36 62.48 83.80
C LYS CA 84 -5.10 61.71 84.13
N LEU CA 85 -5.18 60.39 84.08
CA LEU CA 85 -4.11 59.51 84.49
C LEU CA 85 -3.62 58.68 83.32
N TYR CA 86 -2.31 58.46 83.24
CA TYR CA 86 -1.78 57.51 82.27
C TYR CA 86 -1.22 56.31 82.97
N THR CA 87 -0.86 55.30 82.18
CA THR CA 87 -0.24 54.06 82.67
C THR CA 87 1.10 53.79 82.00
N LEU CA 88 2.15 53.61 82.80
CA LEU CA 88 3.46 53.28 82.26
C LEU CA 88 3.76 51.79 82.41
N VAL CA 89 3.80 51.08 81.29
CA VAL CA 89 4.12 49.66 81.30
C VAL CA 89 5.61 49.58 81.22
N THR CA 90 6.18 48.68 82.00
CA THR CA 90 7.61 48.64 82.24
C THR CA 90 8.05 47.19 82.30
N TYR CA 91 9.35 46.95 82.17
CA TYR CA 91 9.91 45.59 82.15
C TYR CA 91 10.61 45.22 83.44
N VAL CA 92 10.30 44.01 83.93
CA VAL CA 92 10.94 43.41 85.08
C VAL CA 92 11.61 42.16 84.57
N PRO CA 93 12.92 42.14 84.56
CA PRO CA 93 13.59 40.94 84.11
C PRO CA 93 13.60 39.88 85.19
N VAL CA 94 13.33 38.64 84.78
CA VAL CA 94 13.18 37.54 85.72
C VAL CA 94 13.85 36.27 85.20
N THR CA 95 14.46 35.55 86.14
CA THR CA 95 15.08 34.24 85.88
C THR CA 95 14.06 33.21 85.49
N THR CA 96 13.04 33.08 86.34
CA THR CA 96 12.00 32.09 86.17
C THR CA 96 10.67 32.61 86.65
N PHE CA 97 9.63 32.36 85.87
CA PHE CA 97 8.28 32.73 86.26
C PHE CA 97 7.60 31.68 87.15
N LYS CA 98 8.30 30.62 87.56
CA LYS CA 98 7.75 29.66 88.53
C LYS CA 98 7.15 30.36 89.74
N ASN CA 99 5.88 30.08 89.99
CA ASN CA 99 5.09 30.61 91.13
C ASN CA 99 5.18 32.13 91.52
N LEU CA 100 5.41 32.97 90.51
CA LEU CA 100 5.26 34.43 90.63
C LEU CA 100 3.78 34.76 90.79
N GLN CA 101 3.50 35.87 91.46
CA GLN CA 101 2.14 36.33 91.70
C GLN CA 101 1.97 37.69 91.09
N THR CA 102 0.77 38.22 91.19
CA THR CA 102 0.59 39.64 91.02
C THR CA 102 0.96 40.23 92.35
N VAL CA 103 2.05 41.00 92.35
CA VAL CA 103 2.45 41.74 93.51
C VAL CA 103 1.79 43.10 93.41
N ASN CA 104 1.66 43.74 94.56
CA ASN CA 104 1.47 45.16 94.64
C ASN CA 104 2.72 45.70 95.31
N VAL CA 105 3.59 46.30 94.51
CA VAL CA 105 4.79 46.94 95.05
C VAL CA 105 4.42 48.30 95.64
N ASP CA 106 4.80 48.52 96.90
CA ASP CA 106 4.36 49.70 97.65
C ASP CA 106 5.31 50.89 97.46
N GLU CA 107 4.81 52.06 97.85
CA GLU CA 107 5.48 53.34 97.61
C GLU CA 107 5.42 54.22 98.84
N ALA DA 1 -72.10 92.09 38.17
CA ALA DA 1 -72.73 92.58 36.90
C ALA DA 1 -71.70 92.86 35.79
N ALA DA 2 -70.97 91.80 35.40
CA ALA DA 2 -70.02 91.86 34.28
C ALA DA 2 -70.79 91.81 32.96
N LEU DA 3 -70.19 92.40 31.93
CA LEU DA 3 -70.86 92.62 30.65
C LEU DA 3 -71.35 91.32 30.03
N ARG DA 4 -72.66 91.23 29.85
CA ARG DA 4 -73.26 90.10 29.17
C ARG DA 4 -72.89 90.17 27.69
N PRO DA 5 -72.55 89.01 27.11
CA PRO DA 5 -72.51 88.94 25.66
C PRO DA 5 -73.92 88.93 25.06
N LEU DA 6 -73.98 89.10 23.75
CA LEU DA 6 -75.24 89.17 23.02
C LEU DA 6 -76.07 87.91 23.13
N VAL DA 7 -75.37 86.78 23.19
CA VAL DA 7 -76.01 85.51 23.21
C VAL DA 7 -75.06 84.49 23.83
N LYS DA 8 -75.64 83.58 24.61
CA LYS DA 8 -74.90 82.56 25.29
C LYS DA 8 -75.52 81.25 24.85
N PRO DA 9 -74.78 80.45 24.05
CA PRO DA 9 -75.25 79.15 23.67
C PRO DA 9 -74.63 78.12 24.58
N LYS DA 10 -75.01 76.87 24.36
CA LYS DA 10 -74.32 75.77 24.96
C LYS DA 10 -73.08 75.52 24.12
N ILE DA 11 -71.93 75.99 24.62
CA ILE DA 11 -70.64 75.63 24.03
C ILE DA 11 -70.45 74.19 24.44
N VAL DA 12 -70.23 73.34 23.46
CA VAL DA 12 -70.07 71.92 23.71
C VAL DA 12 -68.82 71.48 22.96
N LYS DA 13 -68.06 70.59 23.57
CA LYS DA 13 -66.74 70.27 23.07
C LYS DA 13 -66.62 68.79 22.88
N LYS DA 14 -66.14 68.41 21.71
CA LYS DA 14 -66.09 67.01 21.32
C LYS DA 14 -64.99 66.30 22.06
N ARG DA 15 -63.91 67.01 22.31
CA ARG DA 15 -62.89 66.50 23.16
C ARG DA 15 -62.62 67.58 24.16
N THR DA 16 -61.87 67.21 25.19
CA THR DA 16 -61.23 68.18 26.08
C THR DA 16 -59.76 67.82 26.24
N LYS DA 17 -59.52 66.56 26.62
CA LYS DA 17 -58.19 65.99 26.68
C LYS DA 17 -57.32 66.34 25.48
N LYS DA 18 -56.09 66.78 25.77
CA LYS DA 18 -55.14 67.16 24.73
C LYS DA 18 -54.68 65.97 23.93
N PHE DA 19 -54.49 66.22 22.64
CA PHE DA 19 -53.93 65.19 21.78
C PHE DA 19 -52.42 65.14 22.01
N ILE DA 20 -51.91 64.16 22.75
CA ILE DA 20 -50.46 64.14 22.99
C ILE DA 20 -49.75 63.17 22.07
N ARG DA 21 -48.43 63.28 22.05
CA ARG DA 21 -47.58 62.57 21.13
C ARG DA 21 -47.25 61.20 21.61
N HIS DA 22 -47.09 60.30 20.64
CA HIS DA 22 -46.84 58.90 20.91
C HIS DA 22 -45.53 58.69 21.61
N GLN DA 23 -45.60 58.11 22.80
CA GLN DA 23 -44.43 57.94 23.66
C GLN DA 23 -43.83 59.29 24.04
N SER DA 24 -44.67 60.27 24.38
CA SER DA 24 -44.16 61.52 24.95
C SER DA 24 -43.79 61.27 26.41
N ASP DA 25 -44.59 60.42 27.04
CA ASP DA 25 -44.35 59.91 28.40
C ASP DA 25 -43.07 59.12 28.61
N ARG DA 26 -42.70 58.32 27.62
CA ARG DA 26 -41.53 57.48 27.75
C ARG DA 26 -40.21 58.25 27.62
N TYR DA 27 -40.26 59.49 27.17
CA TYR DA 27 -39.05 60.25 26.93
C TYR DA 27 -39.29 61.70 27.26
N VAL DA 28 -38.26 62.33 27.80
CA VAL DA 28 -38.31 63.74 28.02
C VAL DA 28 -38.01 64.43 26.72
N LYS DA 29 -37.03 63.92 25.99
CA LYS DA 29 -36.66 64.47 24.68
C LYS DA 29 -37.81 64.54 23.70
N ILE DA 30 -38.86 63.75 23.94
CA ILE DA 30 -40.10 63.87 23.20
C ILE DA 30 -41.07 64.80 23.91
N LYS DA 31 -41.74 65.66 23.13
CA LYS DA 31 -42.77 66.59 23.63
C LYS DA 31 -44.20 66.11 23.42
N ARG DA 32 -45.13 66.71 24.18
CA ARG DA 32 -46.57 66.57 23.97
C ARG DA 32 -47.00 66.96 22.55
N ASN DA 33 -46.40 68.03 22.03
CA ASN DA 33 -46.62 68.53 20.66
C ASN DA 33 -46.94 67.44 19.68
N TRP DA 34 -48.18 67.40 19.25
CA TRP DA 34 -48.64 66.32 18.42
C TRP DA 34 -47.78 66.18 17.17
N ARG DA 35 -47.53 64.93 16.80
CA ARG DA 35 -46.93 64.58 15.53
C ARG DA 35 -47.56 63.31 15.09
N LYS DA 36 -48.08 63.31 13.87
CA LYS DA 36 -48.62 62.09 13.31
C LYS DA 36 -47.52 61.06 13.21
N PRO DA 37 -47.78 59.84 13.72
CA PRO DA 37 -46.75 58.82 13.59
C PRO DA 37 -46.73 58.28 12.18
N ARG DA 38 -45.54 58.04 11.67
CA ARG DA 38 -45.39 57.58 10.31
C ARG DA 38 -44.67 56.27 10.24
N GLY DA 39 -44.29 55.71 11.39
CA GLY DA 39 -43.54 54.45 11.41
C GLY DA 39 -44.36 53.33 10.81
N ILE DA 40 -43.69 52.38 10.20
CA ILE DA 40 -44.43 51.33 9.52
C ILE DA 40 -45.28 50.58 10.53
N ASP DA 41 -44.70 50.25 11.67
CA ASP DA 41 -45.27 49.27 12.55
C ASP DA 41 -46.05 49.92 13.71
N ASN DA 42 -46.61 51.10 13.49
CA ASN DA 42 -47.00 51.92 14.63
C ASN DA 42 -48.46 51.81 15.09
N ARG DA 43 -48.66 51.01 16.16
CA ARG DA 43 -49.86 51.03 17.04
C ARG DA 43 -50.83 52.13 16.72
N VAL DA 44 -50.40 53.36 17.00
CA VAL DA 44 -51.26 54.50 16.98
C VAL DA 44 -51.67 54.81 15.58
N ARG DA 45 -50.70 54.89 14.69
CA ARG DA 45 -50.93 55.46 13.37
C ARG DA 45 -51.82 54.55 12.57
N ARG DA 46 -51.83 53.28 12.94
CA ARG DA 46 -52.77 52.37 12.33
C ARG DA 46 -54.02 52.12 13.18
N ARG DA 47 -54.34 53.07 14.06
CA ARG DA 47 -55.64 53.16 14.73
C ARG DA 47 -56.04 52.03 15.66
N PHE DA 48 -55.07 51.30 16.19
CA PHE DA 48 -55.37 50.18 17.08
C PHE DA 48 -56.29 50.54 18.22
N LYS DA 49 -56.74 49.50 18.90
CA LYS DA 49 -57.50 49.65 20.14
C LYS DA 49 -56.59 50.13 21.27
N GLY DA 50 -57.11 51.05 22.05
CA GLY DA 50 -56.47 51.39 23.32
C GLY DA 50 -55.16 52.14 23.27
N GLN DA 51 -54.93 52.88 22.20
CA GLN DA 51 -53.78 53.73 22.12
C GLN DA 51 -54.20 55.15 22.09
N ILE DA 52 -53.20 56.02 22.17
CA ILE DA 52 -53.44 57.45 22.09
C ILE DA 52 -54.15 57.69 20.81
N LEU DA 53 -54.79 58.83 20.75
CA LEU DA 53 -55.67 59.07 19.65
C LEU DA 53 -54.98 60.04 18.73
N MET DA 54 -55.52 60.10 17.53
CA MET DA 54 -54.99 60.94 16.51
C MET DA 54 -56.04 61.98 16.26
N PRO DA 55 -55.64 63.26 16.19
CA PRO DA 55 -56.60 64.28 15.87
C PRO DA 55 -57.11 64.11 14.46
N ASN DA 56 -58.38 64.46 14.30
CA ASN DA 56 -59.06 64.49 13.03
C ASN DA 56 -59.77 65.79 12.86
N ILE DA 57 -60.16 66.03 11.62
CA ILE DA 57 -61.12 67.05 11.35
C ILE DA 57 -62.53 66.69 11.82
N GLY DA 58 -62.78 65.43 12.16
CA GLY DA 58 -64.00 65.04 12.86
C GLY DA 58 -64.20 65.64 14.22
N TYR DA 59 -63.15 65.66 15.03
CA TYR DA 59 -63.23 66.24 16.35
C TYR DA 59 -63.61 67.71 16.33
N GLY DA 60 -63.66 68.32 15.13
CA GLY DA 60 -63.88 69.75 14.92
C GLY DA 60 -65.05 70.40 15.63
N SER DA 61 -64.83 71.62 16.11
CA SER DA 61 -65.80 72.28 16.96
C SER DA 61 -66.89 72.91 16.12
N ASN DA 62 -68.14 72.81 16.59
CA ASN DA 62 -69.29 73.42 15.89
C ASN DA 62 -69.13 74.91 15.57
N LYS DA 63 -69.30 75.27 14.30
CA LYS DA 63 -68.99 76.63 13.85
C LYS DA 63 -69.51 77.74 14.72
N LYS DA 64 -70.66 77.55 15.34
CA LYS DA 64 -71.23 78.61 16.17
C LYS DA 64 -70.39 78.92 17.40
N THR DA 65 -69.90 77.89 18.04
CA THR DA 65 -69.15 78.05 19.26
C THR DA 65 -67.64 78.06 19.03
N LYS DA 66 -67.19 78.07 17.77
CA LYS DA 66 -65.76 77.88 17.51
C LYS DA 66 -65.01 79.12 17.95
N HIS DA 67 -63.92 78.90 18.68
CA HIS DA 67 -63.12 79.97 19.29
C HIS DA 67 -63.80 80.76 20.40
N MET DA 68 -64.99 80.36 20.83
CA MET DA 68 -65.73 81.10 21.81
C MET DA 68 -65.28 80.70 23.19
N LEU DA 69 -64.99 81.71 24.01
CA LEU DA 69 -64.49 81.49 25.37
C LEU DA 69 -65.67 81.08 26.19
N PRO DA 70 -65.43 80.58 27.39
CA PRO DA 70 -66.52 80.26 28.30
C PRO DA 70 -67.53 81.39 28.56
N SER DA 71 -67.04 82.62 28.64
CA SER DA 71 -67.90 83.80 28.79
C SER DA 71 -68.99 83.95 27.72
N GLY DA 72 -68.67 83.54 26.50
CA GLY DA 72 -69.55 83.75 25.38
C GLY DA 72 -68.91 84.59 24.29
N PHE DA 73 -67.83 85.31 24.62
CA PHE DA 73 -67.13 86.14 23.63
C PHE DA 73 -65.98 85.39 22.98
N ARG DA 74 -65.40 85.99 21.94
CA ARG DA 74 -64.14 85.55 21.40
C ARG DA 74 -63.16 86.63 21.78
N LYS DA 75 -61.89 86.27 21.91
CA LYS DA 75 -60.89 87.27 22.24
C LYS DA 75 -60.62 88.17 21.06
N PHE DA 76 -59.89 89.23 21.33
CA PHE DA 76 -59.23 90.01 20.30
C PHE DA 76 -58.09 90.79 20.93
N LEU DA 77 -56.88 90.44 20.57
CA LEU DA 77 -55.72 90.88 21.31
C LEU DA 77 -55.43 92.35 21.02
N VAL DA 78 -55.96 93.23 21.86
CA VAL DA 78 -55.77 94.66 21.70
C VAL DA 78 -54.46 95.10 22.31
N HIS DA 79 -53.75 95.92 21.56
CA HIS DA 79 -52.36 96.22 21.83
C HIS DA 79 -52.20 97.63 22.39
N ASN DA 80 -53.00 98.59 21.92
CA ASN DA 80 -53.11 99.92 22.52
C ASN DA 80 -54.53 100.44 22.33
N VAL DA 81 -54.83 101.62 22.86
CA VAL DA 81 -56.23 102.07 22.96
C VAL DA 81 -56.89 102.27 21.63
N LYS DA 82 -56.19 102.93 20.72
CA LYS DA 82 -56.70 103.12 19.36
C LYS DA 82 -57.23 101.82 18.73
N GLU DA 83 -56.63 100.69 19.09
CA GLU DA 83 -57.06 99.37 18.63
C GLU DA 83 -58.34 98.85 19.33
N LEU DA 84 -58.84 99.56 20.34
CA LEU DA 84 -60.07 99.18 21.03
C LEU DA 84 -61.33 99.71 20.38
N GLU DA 85 -61.25 100.92 19.83
CA GLU DA 85 -62.37 101.53 19.10
C GLU DA 85 -62.70 100.80 17.80
N VAL DA 86 -61.97 99.71 17.54
CA VAL DA 86 -62.39 98.66 16.63
C VAL DA 86 -63.62 97.99 17.20
N LEU DA 87 -63.48 97.49 18.41
CA LEU DA 87 -64.55 96.76 19.05
C LEU DA 87 -65.76 97.59 19.50
N LEU DA 88 -65.75 98.90 19.30
CA LEU DA 88 -66.92 99.74 19.63
C LEU DA 88 -68.24 99.24 19.04
N MET DA 89 -68.21 98.73 17.81
CA MET DA 89 -69.41 98.16 17.18
C MET DA 89 -69.52 96.62 17.17
N CYS DA 90 -68.89 95.99 18.15
CA CYS DA 90 -69.00 94.55 18.38
C CYS DA 90 -69.37 94.29 19.81
N ASN DA 91 -68.45 94.66 20.71
CA ASN DA 91 -68.53 94.46 22.17
C ASN DA 91 -69.43 93.37 22.72
N LYS DA 92 -70.67 93.31 22.26
CA LYS DA 92 -71.52 92.18 22.52
C LYS DA 92 -71.03 90.84 22.00
N SER DA 93 -70.15 90.84 21.00
CA SER DA 93 -69.67 89.58 20.40
C SER DA 93 -68.24 89.24 20.74
N TYR DA 94 -67.40 90.25 20.87
CA TYR DA 94 -66.00 90.04 21.10
C TYR DA 94 -65.51 90.83 22.27
N CYS DA 95 -64.48 90.32 22.92
CA CYS DA 95 -63.92 90.98 24.06
C CYS DA 95 -62.47 91.28 23.76
N ALA DA 96 -62.01 92.45 24.20
CA ALA DA 96 -60.62 92.82 24.06
C ALA DA 96 -59.79 92.04 25.07
N GLU DA 97 -58.60 91.66 24.66
CA GLU DA 97 -57.62 91.11 25.54
C GLU DA 97 -56.45 92.04 25.40
N ILE DA 98 -55.78 92.32 26.50
CA ILE DA 98 -54.60 93.16 26.44
C ILE DA 98 -53.36 92.27 26.36
N ALA DA 99 -52.33 92.72 25.67
CA ALA DA 99 -51.13 91.91 25.47
C ALA DA 99 -50.21 91.89 26.69
N HIS DA 100 -49.32 90.91 26.72
CA HIS DA 100 -48.43 90.71 27.84
C HIS DA 100 -47.41 91.81 27.80
N ASN DA 101 -46.90 92.12 26.62
CA ASN DA 101 -45.86 93.12 26.54
C ASN DA 101 -46.24 94.61 26.88
N VAL DA 102 -47.53 94.96 26.94
CA VAL DA 102 -47.97 96.36 27.13
C VAL DA 102 -47.86 96.83 28.56
N SER DA 103 -47.38 98.06 28.77
CA SER DA 103 -47.00 98.54 30.13
C SER DA 103 -48.08 99.04 31.03
N SER DA 104 -47.79 98.87 32.32
CA SER DA 104 -48.67 99.22 33.42
C SER DA 104 -49.43 100.50 33.24
N LYS DA 105 -48.75 101.54 32.79
CA LYS DA 105 -49.39 102.83 32.61
C LYS DA 105 -50.39 102.79 31.45
N ASN DA 106 -49.99 102.21 30.33
CA ASN DA 106 -50.88 102.17 29.16
C ASN DA 106 -52.00 101.19 29.39
N ARG DA 107 -51.71 100.13 30.13
CA ARG DA 107 -52.71 99.14 30.52
C ARG DA 107 -53.83 99.80 31.27
N LYS DA 108 -53.46 100.78 32.10
CA LYS DA 108 -54.41 101.52 32.90
C LYS DA 108 -55.35 102.39 32.06
N ALA DA 109 -54.82 103.02 31.02
CA ALA DA 109 -55.65 103.82 30.11
C ALA DA 109 -56.57 103.01 29.21
N ILE DA 110 -56.05 101.90 28.67
CA ILE DA 110 -56.85 100.98 27.88
C ILE DA 110 -58.07 100.57 28.65
N VAL DA 111 -57.86 99.94 29.79
CA VAL DA 111 -58.95 99.36 30.55
C VAL DA 111 -60.07 100.38 30.82
N GLU DA 112 -59.71 101.61 31.17
CA GLU DA 112 -60.73 102.61 31.40
C GLU DA 112 -61.48 102.96 30.11
N ARG DA 113 -60.78 102.97 28.98
CA ARG DA 113 -61.47 103.22 27.72
C ARG DA 113 -62.46 102.12 27.39
N ALA DA 114 -62.06 100.87 27.55
CA ALA DA 114 -62.97 99.75 27.32
C ALA DA 114 -64.22 99.90 28.14
N ALA DA 115 -64.04 100.28 29.41
CA ALA DA 115 -65.16 100.50 30.32
C ALA DA 115 -66.12 101.57 29.84
N GLN DA 116 -65.58 102.71 29.40
CA GLN DA 116 -66.41 103.74 28.80
C GLN DA 116 -67.25 103.14 27.68
N LEU DA 117 -66.56 102.55 26.71
CA LEU DA 117 -67.21 102.04 25.50
C LEU DA 117 -68.09 100.83 25.75
N ALA DA 118 -67.81 100.12 26.85
CA ALA DA 118 -68.53 98.93 27.33
C ALA DA 118 -68.17 97.68 26.54
N ILE DA 119 -66.88 97.45 26.47
CA ILE DA 119 -66.28 96.29 25.88
C ILE DA 119 -65.79 95.49 27.04
N ARG DA 120 -65.93 94.17 26.96
CA ARG DA 120 -65.38 93.31 27.97
C ARG DA 120 -63.89 93.13 27.73
N VAL DA 121 -63.12 93.25 28.80
CA VAL DA 121 -61.69 93.02 28.77
C VAL DA 121 -61.48 91.68 29.43
N THR DA 122 -60.37 91.00 29.14
CA THR DA 122 -60.09 89.69 29.75
C THR DA 122 -58.90 89.62 30.67
N ASN DA 123 -58.13 90.68 30.78
CA ASN DA 123 -57.08 90.73 31.79
C ASN DA 123 -56.98 92.13 32.42
N PRO DA 124 -58.13 92.66 32.86
CA PRO DA 124 -58.13 94.04 33.27
C PRO DA 124 -57.44 94.16 34.62
N ASN DA 125 -58.01 93.59 35.67
CA ASN DA 125 -57.24 93.37 36.86
C ASN DA 125 -56.06 92.49 36.47
N ALA DA 126 -54.86 93.08 36.43
CA ALA DA 126 -53.62 92.29 36.41
C ALA DA 126 -52.35 93.03 36.84
N ARG DA 127 -51.98 94.10 36.15
CA ARG DA 127 -50.64 94.68 36.35
C ARG DA 127 -50.61 95.54 37.60
N LEU DA 128 -51.44 96.58 37.63
CA LEU DA 128 -51.61 97.44 38.81
C LEU DA 128 -50.30 98.09 39.30
N SER EA 1 -90.77 57.17 58.05
CA SER EA 1 -89.90 56.71 59.17
C SER EA 1 -89.18 55.39 58.88
N GLY EA 2 -89.29 54.86 57.64
CA GLY EA 2 -88.57 53.65 57.23
C GLY EA 2 -87.91 53.82 55.88
N ARG EA 3 -87.58 52.71 55.24
CA ARG EA 3 -86.94 52.75 53.92
C ARG EA 3 -87.92 52.99 52.81
N LEU EA 4 -87.55 53.87 51.88
CA LEU EA 4 -88.36 54.13 50.70
C LEU EA 4 -87.53 54.01 49.45
N TRP EA 5 -86.82 52.91 49.34
CA TRP EA 5 -86.13 52.61 48.12
C TRP EA 5 -85.88 51.12 48.10
N CYS EA 6 -86.25 50.50 46.99
CA CYS EA 6 -86.01 49.08 46.76
C CYS EA 6 -84.52 48.95 46.52
N LYS EA 7 -83.93 47.94 47.14
CA LYS EA 7 -82.48 47.81 47.11
C LYS EA 7 -82.04 47.36 45.73
N ALA EA 8 -80.85 47.79 45.30
CA ALA EA 8 -80.24 47.23 44.10
C ALA EA 8 -78.72 47.38 44.10
N ILE EA 9 -78.09 46.43 43.44
CA ILE EA 9 -76.64 46.40 43.33
C ILE EA 9 -76.33 47.08 42.02
N PHE EA 10 -75.07 47.52 41.88
CA PHE EA 10 -74.55 47.98 40.63
C PHE EA 10 -73.51 46.96 40.19
N ALA EA 11 -73.92 46.14 39.24
CA ALA EA 11 -73.18 44.95 38.87
C ALA EA 11 -72.05 45.24 37.96
N GLY EA 12 -72.10 46.39 37.31
CA GLY EA 12 -71.09 46.74 36.34
C GLY EA 12 -71.66 47.55 35.23
N TYR EA 13 -70.78 47.98 34.34
CA TYR EA 13 -71.21 48.75 33.22
C TYR EA 13 -71.65 47.79 32.14
N LYS EA 14 -72.49 48.31 31.25
CA LYS EA 14 -72.85 47.64 30.02
C LYS EA 14 -71.60 47.38 29.23
N ARG EA 15 -71.51 46.22 28.62
CA ARG EA 15 -70.29 45.86 27.96
C ARG EA 15 -70.46 44.67 27.15
N GLY EA 16 -69.68 44.61 26.08
CA GLY EA 16 -69.33 43.36 25.45
C GLY EA 16 -68.11 42.83 26.13
N LEU EA 17 -67.81 41.56 25.95
CA LEU EA 17 -66.72 40.94 26.68
C LEU EA 17 -65.51 41.84 26.70
N ARG EA 18 -64.92 42.10 25.54
CA ARG EA 18 -63.65 42.83 25.46
C ARG EA 18 -63.79 44.32 25.16
N ASN EA 19 -65.00 44.88 25.29
CA ASN EA 19 -65.20 46.32 25.16
C ASN EA 19 -66.20 46.81 26.12
N GLN EA 20 -65.77 47.63 27.06
CA GLN EA 20 -66.65 48.19 28.09
C GLN EA 20 -67.29 49.45 27.59
N ARG EA 21 -68.45 49.77 28.14
CA ARG EA 21 -69.11 50.99 27.82
C ARG EA 21 -69.65 51.56 29.10
N GLU EA 22 -69.04 52.64 29.56
CA GLU EA 22 -69.19 53.03 30.94
C GLU EA 22 -70.49 53.73 31.24
N HIS EA 23 -71.21 54.16 30.22
CA HIS EA 23 -72.25 55.19 30.36
C HIS EA 23 -73.60 54.57 30.51
N THR EA 24 -73.69 53.46 31.22
CA THR EA 24 -74.86 52.62 31.14
C THR EA 24 -74.69 51.45 32.11
N ALA EA 25 -75.18 51.58 33.32
CA ALA EA 25 -74.89 50.56 34.31
C ALA EA 25 -75.82 49.38 34.17
N LEU EA 26 -75.46 48.29 34.84
CA LEU EA 26 -76.34 47.11 35.04
C LEU EA 26 -76.66 46.89 36.50
N LEU EA 27 -77.89 47.18 36.87
CA LEU EA 27 -78.29 47.12 38.25
C LEU EA 27 -78.93 45.81 38.43
N LYS EA 28 -78.45 45.00 39.37
CA LYS EA 28 -79.23 43.86 39.79
C LYS EA 28 -80.11 44.37 40.90
N ILE EA 29 -81.42 44.28 40.70
CA ILE EA 29 -82.38 44.77 41.68
C ILE EA 29 -82.72 43.60 42.62
N GLU EA 30 -82.77 43.87 43.93
CA GLU EA 30 -82.99 42.80 44.89
C GLU EA 30 -84.34 42.20 44.67
N GLY EA 31 -84.35 40.88 44.63
CA GLY EA 31 -85.58 40.13 44.55
C GLY EA 31 -86.30 40.06 43.22
N VAL EA 32 -85.75 40.65 42.16
CA VAL EA 32 -86.43 40.61 40.85
C VAL EA 32 -85.50 39.86 39.93
N TYR EA 33 -86.02 38.82 39.30
CA TYR EA 33 -85.20 37.91 38.53
C TYR EA 33 -85.85 37.44 37.25
N ALA EA 34 -86.61 38.30 36.58
CA ALA EA 34 -87.18 37.96 35.29
C ALA EA 34 -87.53 39.21 34.47
N ARG EA 35 -87.23 39.17 33.17
CA ARG EA 35 -87.54 40.29 32.29
C ARG EA 35 -89.04 40.30 32.05
N ASP EA 36 -89.76 40.51 33.14
CA ASP EA 36 -91.19 40.16 33.30
C ASP EA 36 -91.63 40.91 34.53
N GLU EA 37 -90.90 40.66 35.61
CA GLU EA 37 -91.05 41.31 36.86
C GLU EA 37 -90.12 42.51 36.89
N THR EA 38 -89.94 43.20 35.76
CA THR EA 38 -89.08 44.37 35.71
C THR EA 38 -89.65 45.51 34.89
N GLU EA 39 -90.96 45.53 34.69
CA GLU EA 39 -91.58 46.66 34.02
C GLU EA 39 -91.60 47.80 35.00
N PHE EA 40 -92.20 47.52 36.15
CA PHE EA 40 -92.23 48.41 37.30
C PHE EA 40 -91.08 49.40 37.43
N TYR EA 41 -89.88 48.86 37.35
CA TYR EA 41 -88.69 49.62 37.64
C TYR EA 41 -88.29 50.52 36.48
N LEU EA 42 -88.73 50.19 35.28
CA LEU EA 42 -88.45 51.07 34.16
C LEU EA 42 -89.02 52.42 34.47
N GLY EA 43 -88.25 53.45 34.13
CA GLY EA 43 -88.65 54.83 34.38
C GLY EA 43 -88.27 55.41 35.73
N LYS EA 44 -87.74 54.58 36.62
CA LYS EA 44 -87.53 55.00 37.99
C LYS EA 44 -86.22 55.72 38.19
N ARG EA 45 -86.17 56.45 39.29
CA ARG EA 45 -85.06 57.30 39.65
C ARG EA 45 -84.18 56.46 40.55
N CYS EA 46 -82.88 56.48 40.32
CA CYS EA 46 -81.95 55.69 41.13
C CYS EA 46 -80.70 56.46 41.45
N ALA EA 47 -80.07 56.11 42.56
CA ALA EA 47 -79.02 56.93 43.09
C ALA EA 47 -77.90 56.06 43.62
N TYR EA 48 -76.69 56.25 43.12
CA TYR EA 48 -75.50 55.74 43.77
C TYR EA 48 -75.34 56.73 44.86
N VAL EA 49 -75.16 56.27 46.08
CA VAL EA 49 -74.97 57.18 47.22
C VAL EA 49 -73.71 56.83 47.96
N TYR EA 50 -73.02 57.84 48.45
CA TYR EA 50 -71.73 57.64 49.09
C TYR EA 50 -71.32 58.91 49.79
N LYS EA 51 -70.21 58.85 50.50
CA LYS EA 51 -69.76 60.01 51.23
C LYS EA 51 -68.28 60.29 51.03
N ALA EA 52 -67.87 61.53 51.32
CA ALA EA 52 -66.50 61.99 51.11
C ALA EA 52 -66.05 63.05 52.10
N LYS EA 53 -64.74 63.22 52.16
CA LYS EA 53 -64.04 64.05 53.16
C LYS EA 53 -64.60 65.46 53.28
N ASN EA 54 -64.50 66.23 52.22
CA ASN EA 54 -65.01 67.59 52.23
C ASN EA 54 -66.51 67.54 52.34
N ASN EA 55 -67.11 68.48 53.07
CA ASN EA 55 -68.57 68.58 53.13
C ASN EA 55 -69.11 68.96 51.77
N THR EA 56 -70.41 68.84 51.63
CA THR EA 56 -71.14 69.40 50.49
C THR EA 56 -72.31 70.16 51.04
N VAL EA 57 -73.17 70.70 50.18
CA VAL EA 57 -74.47 71.17 50.65
C VAL EA 57 -75.39 69.97 50.75
N THR EA 58 -76.66 70.27 51.06
CA THR EA 58 -77.69 69.26 51.06
C THR EA 58 -79.04 69.97 50.90
N PRO EA 59 -79.87 69.51 49.96
CA PRO EA 59 -81.21 70.07 49.87
C PRO EA 59 -82.03 69.73 51.09
N GLY EA 60 -82.61 70.76 51.71
CA GLY EA 60 -83.37 70.60 52.93
C GLY EA 60 -82.49 70.14 54.07
N GLY EA 61 -81.42 70.88 54.30
CA GLY EA 61 -80.48 70.49 55.33
C GLY EA 61 -79.25 71.37 55.41
N LYS EA 62 -78.53 71.19 56.51
CA LYS EA 62 -77.21 71.75 56.67
C LYS EA 62 -76.23 70.89 55.87
N PRO EA 63 -75.08 71.45 55.49
CA PRO EA 63 -73.98 70.78 54.82
C PRO EA 63 -73.61 69.42 55.37
N ASN EA 64 -73.21 68.49 54.49
CA ASN EA 64 -73.01 67.11 54.89
C ASN EA 64 -72.15 66.26 53.96
N LYS EA 65 -71.38 65.35 54.58
CA LYS EA 65 -70.39 64.50 53.90
C LYS EA 65 -70.89 63.62 52.76
N THR EA 66 -72.18 63.33 52.75
CA THR EA 66 -72.79 62.47 51.72
C THR EA 66 -73.14 63.19 50.40
N ARG EA 67 -72.88 62.46 49.30
CA ARG EA 67 -73.13 62.88 47.90
C ARG EA 67 -73.71 61.75 47.13
N VAL EA 68 -74.44 62.09 46.08
CA VAL EA 68 -74.91 61.05 45.17
C VAL EA 68 -74.83 61.47 43.75
N ILE EA 69 -74.77 60.44 42.93
CA ILE EA 69 -74.92 60.54 41.54
C ILE EA 69 -76.30 59.99 41.34
N TRP EA 70 -77.19 60.85 40.85
CA TRP EA 70 -78.51 60.43 40.44
C TRP EA 70 -78.45 59.67 39.14
N GLY EA 71 -79.54 58.98 38.85
CA GLY EA 71 -79.67 58.26 37.60
C GLY EA 71 -81.10 58.08 37.14
N LYS EA 72 -81.32 56.95 36.47
CA LYS EA 72 -82.62 56.59 35.94
C LYS EA 72 -82.59 55.21 35.35
N VAL EA 73 -83.41 54.31 35.84
CA VAL EA 73 -83.48 52.99 35.27
C VAL EA 73 -84.14 53.14 33.94
N THR EA 74 -83.39 52.85 32.90
CA THR EA 74 -83.77 53.14 31.53
C THR EA 74 -84.53 52.02 30.86
N ARG EA 75 -84.03 50.81 31.02
CA ARG EA 75 -84.63 49.63 30.42
C ARG EA 75 -84.13 48.36 31.01
N ALA EA 76 -84.65 47.27 30.47
CA ALA EA 76 -84.57 45.97 31.09
C ALA EA 76 -83.56 45.06 30.43
N HIS EA 77 -82.58 44.63 31.22
CA HIS EA 77 -81.41 43.93 30.71
C HIS EA 77 -81.65 42.41 30.76
N GLY EA 78 -81.28 41.76 29.65
CA GLY EA 78 -81.25 40.32 29.49
C GLY EA 78 -81.89 39.40 30.48
N ASN EA 79 -83.06 38.87 30.14
CA ASN EA 79 -83.70 37.75 30.83
C ASN EA 79 -83.88 37.71 32.34
N SER EA 80 -82.78 37.64 33.07
CA SER EA 80 -82.81 37.41 34.48
C SER EA 80 -82.98 38.70 35.24
N GLY EA 81 -84.08 39.41 34.98
CA GLY EA 81 -84.47 40.63 35.72
C GLY EA 81 -83.38 41.63 36.10
N MET EA 82 -82.33 41.61 35.32
CA MET EA 82 -81.28 42.54 35.49
C MET EA 82 -81.85 43.75 34.75
N VAL EA 83 -81.30 44.92 35.03
CA VAL EA 83 -81.81 46.14 34.46
C VAL EA 83 -80.66 47.03 34.04
N ARG EA 84 -80.99 48.05 33.24
CA ARG EA 84 -80.05 49.09 32.83
C ARG EA 84 -80.45 50.41 33.38
N ALA EA 85 -79.44 51.16 33.79
CA ALA EA 85 -79.65 52.51 34.20
C ALA EA 85 -78.72 53.41 33.43
N LYS EA 86 -78.95 54.70 33.60
CA LYS EA 86 -78.16 55.68 32.93
C LYS EA 86 -78.10 56.86 33.86
N PHE EA 87 -76.90 57.15 34.34
CA PHE EA 87 -76.69 58.13 35.38
C PHE EA 87 -76.17 59.40 34.79
N ARG EA 88 -76.19 60.45 35.61
CA ARG EA 88 -75.93 61.79 35.12
C ARG EA 88 -74.46 62.09 34.97
N SER EA 89 -73.66 61.48 35.83
CA SER EA 89 -72.28 61.18 35.50
C SER EA 89 -72.26 59.68 35.42
N ASN EA 90 -71.21 59.14 34.84
CA ASN EA 90 -71.04 57.71 34.80
C ASN EA 90 -70.59 57.30 36.17
N LEU EA 91 -70.96 56.11 36.58
CA LEU EA 91 -70.59 55.65 37.91
C LEU EA 91 -69.10 55.34 38.00
N PRO EA 92 -68.56 55.38 39.22
CA PRO EA 92 -67.11 55.44 39.37
C PRO EA 92 -66.31 54.15 39.45
N ALA EA 93 -66.95 53.00 39.30
CA ALA EA 93 -66.25 51.72 39.34
C ALA EA 93 -65.78 51.27 40.74
N LYS EA 94 -65.44 52.22 41.59
CA LYS EA 94 -65.38 51.98 43.02
C LYS EA 94 -66.69 51.37 43.48
N ALA EA 95 -67.78 51.90 42.93
CA ALA EA 95 -69.13 51.42 43.14
C ALA EA 95 -69.41 49.93 42.82
N ILE EA 96 -68.77 49.40 41.78
CA ILE EA 96 -69.01 48.04 41.29
C ILE EA 96 -69.24 47.11 42.47
N GLY EA 97 -70.46 46.63 42.60
CA GLY EA 97 -70.79 45.76 43.70
C GLY EA 97 -70.94 46.53 44.99
N HIS EA 98 -71.80 47.54 44.95
CA HIS EA 98 -72.25 48.21 46.14
C HIS EA 98 -73.76 48.40 46.03
N ARG EA 99 -74.30 49.33 46.81
CA ARG EA 99 -75.72 49.65 46.81
C ARG EA 99 -75.97 50.80 45.89
N ILE EA 100 -77.03 50.74 45.09
CA ILE EA 100 -77.60 51.99 44.56
C ILE EA 100 -79.10 51.98 44.80
N ARG EA 101 -79.54 52.98 45.53
CA ARG EA 101 -80.91 53.02 46.01
C ARG EA 101 -81.71 53.29 44.76
N VAL EA 102 -82.69 52.42 44.47
CA VAL EA 102 -83.68 52.68 43.43
C VAL EA 102 -84.94 53.13 44.13
N MET EA 103 -85.49 54.24 43.68
CA MET EA 103 -86.58 54.87 44.35
C MET EA 103 -87.85 54.21 43.88
N LEU EA 104 -88.99 54.75 44.32
CA LEU EA 104 -90.29 54.42 43.74
C LEU EA 104 -90.85 55.58 42.94
N TYR EA 105 -90.16 56.72 42.95
CA TYR EA 105 -90.86 57.98 42.87
C TYR EA 105 -91.05 58.66 41.53
N PRO EA 106 -90.79 57.97 40.44
CA PRO EA 106 -91.40 58.49 39.20
C PRO EA 106 -92.64 57.70 38.80
N SER EA 107 -93.51 57.43 39.77
CA SER EA 107 -94.47 56.32 39.68
C SER EA 107 -95.50 56.38 38.55
N ARG EA 108 -95.84 55.18 38.08
CA ARG EA 108 -96.88 54.94 37.07
C ARG EA 108 -97.92 54.04 37.72
N ILE EA 109 -98.05 54.15 39.03
CA ILE EA 109 -98.88 53.23 39.81
C ILE EA 109 -100.11 54.01 40.25
N VAL FA 1 35.29 46.90 52.08
CA VAL FA 1 36.60 47.33 51.46
C VAL FA 1 36.39 48.49 50.50
N GLN FA 2 37.28 49.47 50.58
CA GLN FA 2 37.21 50.63 49.72
C GLN FA 2 37.16 50.16 48.27
N ARG FA 3 36.02 50.33 47.62
CA ARG FA 3 35.95 50.16 46.16
C ARG FA 3 36.44 51.45 45.49
N LEU FA 4 36.06 51.77 44.24
CA LEU FA 4 36.48 53.05 43.61
C LEU FA 4 35.77 53.42 42.35
N THR FA 5 36.04 54.63 41.86
CA THR FA 5 35.41 55.18 40.66
C THR FA 5 36.40 55.70 39.63
N TYR FA 6 35.88 55.89 38.41
CA TYR FA 6 36.67 56.53 37.36
C TYR FA 6 36.73 58.02 37.57
N ARG FA 7 37.95 58.54 37.53
CA ARG FA 7 38.20 59.94 37.77
C ARG FA 7 37.81 60.82 36.61
N ARG FA 8 37.62 60.21 35.45
CA ARG FA 8 37.20 60.94 34.27
C ARG FA 8 35.89 60.36 33.72
N ARG FA 9 35.21 61.16 32.90
CA ARG FA 9 33.92 60.78 32.31
C ARG FA 9 33.92 59.55 31.39
N LEU FA 10 35.07 59.11 30.94
CA LEU FA 10 35.15 57.88 30.14
C LEU FA 10 34.84 56.68 31.04
N SER FA 11 33.62 56.22 30.92
CA SER FA 11 33.10 55.16 31.76
C SER FA 11 33.54 53.77 31.35
N TYR FA 12 33.88 53.62 30.08
CA TYR FA 12 34.17 52.33 29.51
C TYR FA 12 35.61 51.99 29.73
N ASN FA 13 35.87 50.72 29.96
CA ASN FA 13 37.24 50.24 29.91
C ASN FA 13 37.56 50.21 28.44
N THR FA 14 38.74 50.70 28.12
CA THR FA 14 39.15 50.92 26.75
C THR FA 14 40.66 51.11 26.85
N ALA FA 15 41.34 51.11 25.72
CA ALA FA 15 42.79 51.33 25.71
C ALA FA 15 43.17 52.64 26.32
N SER FA 16 42.35 53.64 26.05
CA SER FA 16 42.51 54.89 26.70
C SER FA 16 42.53 54.72 28.22
N ASN FA 17 41.42 54.20 28.72
CA ASN FA 17 41.00 54.40 30.07
C ASN FA 17 41.64 53.45 31.06
N LYS FA 18 42.95 53.27 30.95
CA LYS FA 18 43.61 52.25 31.71
C LYS FA 18 44.24 52.87 32.90
N THR FA 19 44.33 52.06 33.96
CA THR FA 19 44.51 52.57 35.31
C THR FA 19 45.49 51.76 36.14
N ARG FA 20 45.77 52.31 37.32
CA ARG FA 20 46.47 51.60 38.38
C ARG FA 20 46.05 52.18 39.69
N LEU FA 21 46.27 51.43 40.75
CA LEU FA 21 45.97 51.93 42.08
C LEU FA 21 47.19 52.66 42.60
N SER FA 22 46.91 53.77 43.29
CA SER FA 22 47.88 54.41 44.14
C SER FA 22 47.20 54.55 45.46
N ARG FA 23 47.95 54.30 46.53
CA ARG FA 23 47.60 54.82 47.84
C ARG FA 23 47.99 56.29 47.85
N THR FA 24 47.51 57.05 48.82
CA THR FA 24 48.02 58.40 48.94
C THR FA 24 48.34 58.74 50.34
N PRO FA 25 49.08 59.82 50.55
CA PRO FA 25 49.21 60.49 51.81
C PRO FA 25 47.96 60.50 52.63
N GLY FA 26 46.88 60.99 52.02
CA GLY FA 26 45.57 61.04 52.67
C GLY FA 26 44.98 59.69 53.03
N ASN FA 27 45.54 58.62 52.47
CA ASN FA 27 45.26 57.26 52.83
C ASN FA 27 43.89 56.93 52.28
N ARG FA 28 43.85 56.84 50.96
CA ARG FA 28 42.70 56.32 50.26
C ARG FA 28 43.17 55.83 48.92
N ILE FA 29 42.87 54.58 48.61
CA ILE FA 29 43.29 54.01 47.34
C ILE FA 29 42.55 54.76 46.25
N VAL FA 30 43.33 55.48 45.46
CA VAL FA 30 42.80 56.21 44.33
C VAL FA 30 43.34 55.56 43.05
N TYR FA 31 42.57 55.75 41.98
CA TYR FA 31 42.94 55.31 40.66
C TYR FA 31 43.80 56.36 40.01
N LEU FA 32 44.88 55.94 39.36
CA LEU FA 32 45.61 56.81 38.43
C LEU FA 32 45.54 56.24 37.05
N TYR FA 33 45.40 57.12 36.06
CA TYR FA 33 45.40 56.68 34.69
C TYR FA 33 46.81 56.59 34.23
N THR FA 34 47.14 55.50 33.54
CA THR FA 34 48.52 55.26 33.10
C THR FA 34 48.77 55.80 31.72
N LYS FA 35 50.03 55.77 31.31
CA LYS FA 35 50.40 56.01 29.93
C LYS FA 35 50.49 54.68 29.22
N LYS FA 36 50.38 54.71 27.90
CA LYS FA 36 50.52 53.49 27.10
C LYS FA 36 51.98 53.09 27.04
N VAL FA 37 52.21 51.79 26.94
CA VAL FA 37 53.57 51.30 26.90
C VAL FA 37 54.06 51.37 25.48
N GLY FA 38 54.96 52.31 25.24
CA GLY FA 38 55.61 52.46 23.95
C GLY FA 38 56.72 51.46 23.76
N LYS FA 39 56.98 51.12 22.52
CA LYS FA 39 57.95 50.11 22.19
C LYS FA 39 59.25 50.72 21.71
N ALA FA 40 60.33 49.96 21.84
CA ALA FA 40 61.62 50.35 21.30
C ALA FA 40 61.57 50.15 19.79
N PRO FA 41 62.35 50.93 19.05
CA PRO FA 41 62.30 50.86 17.60
C PRO FA 41 62.78 49.53 17.06
N LYS FA 42 62.18 49.08 15.97
CA LYS FA 42 62.62 47.83 15.35
C LYS FA 42 63.69 48.13 14.31
N SER FA 43 64.46 47.12 13.90
CA SER FA 43 65.55 47.35 12.93
C SER FA 43 65.04 47.69 11.54
N ALA FA 44 65.76 48.55 10.85
CA ALA FA 44 65.46 48.80 9.44
C ALA FA 44 65.74 47.57 8.58
N CYS FA 45 66.66 46.73 8.99
CA CYS FA 45 67.07 45.55 8.20
C CYS FA 45 65.95 44.58 7.90
N GLY FA 46 64.88 44.62 8.68
CA GLY FA 46 63.68 43.86 8.39
C GLY FA 46 63.74 42.46 8.98
N VAL FA 47 64.82 41.74 8.70
CA VAL FA 47 64.89 40.34 9.11
C VAL FA 47 64.85 40.16 10.62
N CYS FA 48 65.51 41.06 11.36
CA CYS FA 48 65.70 40.86 12.80
C CYS FA 48 64.43 41.14 13.60
N PRO FA 49 64.00 40.16 14.44
CA PRO FA 49 62.80 40.30 15.26
C PRO FA 49 62.99 41.13 16.55
N GLY FA 50 64.26 41.33 16.97
CA GLY FA 50 64.56 42.08 18.17
C GLY FA 50 64.42 43.58 17.99
N ARG FA 51 64.02 44.26 19.05
CA ARG FA 51 63.97 45.71 19.06
C ARG FA 51 65.26 46.23 19.63
N LEU FA 52 65.62 47.45 19.21
CA LEU FA 52 66.96 47.96 19.40
C LEU FA 52 67.32 48.31 20.83
N ARG FA 53 68.62 48.49 21.05
CA ARG FA 53 69.17 48.74 22.37
C ARG FA 53 69.66 50.16 22.56
N GLY FA 54 69.66 50.58 23.83
CA GLY FA 54 70.14 51.90 24.18
C GLY FA 54 69.17 52.99 23.77
N VAL FA 55 67.95 52.61 23.41
CA VAL FA 55 66.96 53.54 22.91
C VAL FA 55 65.75 53.56 23.83
N ARG FA 56 65.48 54.69 24.47
CA ARG FA 56 64.40 54.76 25.45
C ARG FA 56 63.06 54.44 24.83
N ALA FA 57 62.52 53.29 25.18
CA ALA FA 57 61.27 52.81 24.61
C ALA FA 57 60.13 53.58 25.22
N VAL FA 58 59.51 54.39 24.39
CA VAL FA 58 58.55 55.32 24.89
C VAL FA 58 57.70 55.83 23.77
N ARG FA 59 56.46 56.16 24.10
CA ARG FA 59 55.50 56.57 23.11
C ARG FA 59 56.09 57.68 22.24
N PRO FA 60 55.79 57.68 20.94
CA PRO FA 60 56.60 58.39 19.95
C PRO FA 60 56.76 59.89 20.16
N LYS FA 61 55.65 60.54 20.50
CA LYS FA 61 55.61 61.96 20.70
C LYS FA 61 56.29 62.35 22.03
N VAL FA 62 56.88 61.38 22.72
CA VAL FA 62 57.86 61.67 23.76
C VAL FA 62 59.25 61.97 23.21
N LEU FA 63 59.64 61.28 22.16
CA LEU FA 63 60.94 61.53 21.58
C LEU FA 63 61.20 63.02 21.29
N MET FA 64 60.16 63.78 21.02
CA MET FA 64 60.19 65.24 21.08
C MET FA 64 61.01 65.73 22.28
N ARG FA 65 60.65 65.27 23.47
CA ARG FA 65 61.34 65.64 24.72
C ARG FA 65 62.78 65.17 24.70
N LEU FA 66 62.94 63.85 24.81
CA LEU FA 66 64.22 63.23 25.03
C LEU FA 66 65.43 63.82 24.35
N SER FA 67 66.57 63.66 25.02
CA SER FA 67 67.87 64.01 24.46
C SER FA 67 68.42 62.97 23.50
N LYS FA 68 68.53 63.38 22.24
CA LYS FA 68 69.28 62.70 21.18
C LYS FA 68 69.92 61.39 21.62
N THR FA 69 70.87 61.49 22.53
CA THR FA 69 71.58 60.32 23.04
C THR FA 69 70.63 59.17 23.32
N LYS FA 70 69.56 59.46 24.06
CA LYS FA 70 68.53 58.47 24.37
C LYS FA 70 68.06 57.80 23.09
N LYS FA 71 67.66 58.63 22.13
CA LYS FA 71 66.93 58.16 20.98
C LYS FA 71 67.74 57.37 19.97
N HIS FA 72 69.06 57.51 19.98
CA HIS FA 72 69.91 56.80 19.01
C HIS FA 72 71.02 56.04 19.70
N VAL FA 73 71.98 55.58 18.93
CA VAL FA 73 73.13 54.94 19.52
C VAL FA 73 74.33 55.33 18.69
N SER FA 74 75.47 55.46 19.37
CA SER FA 74 76.71 55.95 18.78
C SER FA 74 77.35 54.87 17.95
N ARG FA 75 76.94 54.85 16.70
CA ARG FA 75 77.53 53.99 15.73
C ARG FA 75 77.09 54.53 14.38
N ALA FA 76 77.60 53.95 13.31
CA ALA FA 76 76.92 54.11 12.04
C ALA FA 76 75.52 53.53 12.15
N TYR FA 77 74.61 54.10 11.37
CA TYR FA 77 73.24 53.60 11.26
C TYR FA 77 72.48 53.51 12.59
N GLY FA 78 73.06 54.04 13.66
CA GLY FA 78 72.60 53.71 15.00
C GLY FA 78 71.17 54.12 15.23
N GLY FA 79 70.41 53.28 15.93
CA GLY FA 79 69.05 53.62 16.34
C GLY FA 79 68.00 53.38 15.29
N SER FA 80 68.44 53.15 14.06
CA SER FA 80 67.61 52.66 12.97
C SER FA 80 67.72 51.16 12.86
N MET FA 81 68.96 50.69 12.80
CA MET FA 81 69.27 49.32 12.46
C MET FA 81 70.13 48.67 13.53
N CYS FA 82 70.06 47.35 13.59
CA CYS FA 82 70.86 46.60 14.53
C CYS FA 82 72.32 46.58 14.12
N ALA FA 83 73.18 46.31 15.08
CA ALA FA 83 74.61 46.19 14.83
C ALA FA 83 74.92 44.97 13.96
N LYS FA 84 74.19 43.88 14.16
CA LYS FA 84 74.41 42.65 13.40
C LYS FA 84 74.27 42.88 11.93
N CYS FA 85 73.21 43.58 11.56
CA CYS FA 85 72.95 43.85 10.16
C CYS FA 85 73.81 44.96 9.59
N VAL FA 86 74.32 45.85 10.45
CA VAL FA 86 75.37 46.77 10.03
C VAL FA 86 76.62 45.99 9.65
N ARG FA 87 77.16 45.22 10.59
CA ARG FA 87 78.40 44.52 10.32
C ARG FA 87 78.32 43.49 9.18
N ASP FA 88 77.11 43.28 8.62
CA ASP FA 88 76.95 42.48 7.41
C ASP FA 88 76.65 43.29 6.17
N ARG FA 89 76.14 44.51 6.30
CA ARG FA 89 76.24 45.46 5.18
C ARG FA 89 77.70 45.68 4.90
N ILE FA 90 78.39 46.15 5.92
CA ILE FA 90 79.73 46.62 5.75
C ILE FA 90 80.50 45.62 4.94
N LYS FA 91 80.62 44.41 5.47
CA LYS FA 91 81.44 43.40 4.84
C LYS FA 91 80.81 42.87 3.55
N ARG FA 92 79.49 42.95 3.40
CA ARG FA 92 78.86 42.63 2.11
C ARG FA 92 79.29 43.62 1.03
N ALA FA 93 79.01 44.89 1.27
CA ALA FA 93 79.34 45.93 0.32
C ALA FA 93 80.81 45.85 -0.07
N PHE FA 94 81.69 45.74 0.90
CA PHE FA 94 83.09 45.55 0.59
C PHE FA 94 83.34 44.32 -0.27
N LEU FA 95 82.67 43.22 0.05
CA LEU FA 95 82.80 41.99 -0.73
C LEU FA 95 82.16 42.04 -2.10
N ILE FA 96 81.11 42.83 -2.25
CA ILE FA 96 80.55 43.10 -3.57
C ILE FA 96 81.53 43.88 -4.41
N GLU FA 97 81.81 45.11 -4.01
CA GLU FA 97 82.63 45.98 -4.80
C GLU FA 97 83.88 45.23 -5.19
N GLU FA 98 84.46 44.47 -4.27
CA GLU FA 98 85.65 43.73 -4.60
C GLU FA 98 85.52 42.84 -5.82
N GLN FA 99 84.37 42.20 -5.98
CA GLN FA 99 84.15 41.38 -7.17
C GLN FA 99 83.99 42.24 -8.41
N LYS FA 100 83.23 43.32 -8.33
CA LYS FA 100 83.14 44.26 -9.45
C LYS FA 100 84.52 44.62 -9.97
N ILE FA 101 85.44 44.95 -9.05
CA ILE FA 101 86.82 45.27 -9.41
C ILE FA 101 87.47 44.10 -10.10
N VAL FA 102 87.31 42.91 -9.53
CA VAL FA 102 87.84 41.70 -10.14
C VAL FA 102 87.29 41.50 -11.56
N VAL FA 103 85.98 41.61 -11.72
CA VAL FA 103 85.36 41.44 -13.03
C VAL FA 103 85.83 42.52 -14.02
N LYS FA 104 85.97 43.75 -13.55
CA LYS FA 104 86.51 44.84 -14.37
C LYS FA 104 87.90 44.49 -14.90
N VAL FA 105 88.71 43.82 -14.07
CA VAL FA 105 90.05 43.36 -14.46
C VAL FA 105 90.00 42.24 -15.51
N LEU FA 106 89.08 41.28 -15.33
CA LEU FA 106 88.88 40.23 -16.34
C LEU FA 106 88.33 40.74 -17.67
N LYS FA 107 87.52 41.80 -17.61
CA LYS FA 107 87.04 42.47 -18.81
C LYS FA 107 88.20 43.13 -19.54
N ALA FA 108 88.97 43.96 -18.82
CA ALA FA 108 90.14 44.66 -19.37
C ALA FA 108 91.19 43.74 -19.98
N GLN FA 109 91.42 42.58 -19.35
CA GLN FA 109 92.30 41.54 -19.91
C GLN FA 109 91.72 40.93 -21.18
N ALA FA 110 90.39 40.72 -21.20
CA ALA FA 110 89.70 40.22 -22.39
C ALA FA 110 89.71 41.21 -23.57
N GLN FA 111 89.72 42.52 -23.28
CA GLN FA 111 89.84 43.56 -24.31
C GLN FA 111 91.25 43.57 -24.91
N SER FA 112 92.26 43.53 -24.03
CA SER FA 112 93.66 43.50 -24.45
C SER FA 112 94.04 42.24 -25.22
N GLN FA 113 93.41 41.12 -24.89
CA GLN FA 113 93.62 39.84 -25.60
C GLN FA 113 93.07 39.92 -27.02
N LYS FA 114 91.85 40.45 -27.16
CA LYS FA 114 91.18 40.53 -28.46
C LYS FA 114 91.67 41.77 -29.21
N ALA GA 1 19.94 118.70 34.06
CA ALA GA 1 19.94 117.20 34.08
C ALA GA 1 19.77 116.60 32.69
N LYS GA 2 18.79 117.11 31.94
CA LYS GA 2 18.42 116.55 30.64
C LYS GA 2 19.46 116.81 29.58
N ILE GA 3 19.77 115.78 28.80
CA ILE GA 3 20.50 115.92 27.55
C ILE GA 3 19.48 115.98 26.42
N LYS GA 4 19.68 116.93 25.51
CA LYS GA 4 18.77 117.17 24.41
C LYS GA 4 19.59 117.29 23.14
N ALA GA 5 19.24 116.51 22.11
CA ALA GA 5 19.98 116.53 20.85
C ALA GA 5 20.32 117.95 20.46
N ARG GA 6 19.30 118.80 20.38
CA ARG GA 6 19.45 120.24 20.22
C ARG GA 6 20.88 120.75 20.33
N ASP GA 7 21.42 120.67 21.54
CA ASP GA 7 22.68 121.36 21.86
C ASP GA 7 23.92 120.59 21.37
N LEU GA 8 23.82 119.26 21.43
CA LEU GA 8 24.95 118.39 21.11
C LEU GA 8 25.49 118.64 19.72
N ARG GA 9 24.59 118.74 18.75
CA ARG GA 9 24.95 118.90 17.33
C ARG GA 9 26.19 119.73 17.07
N GLY GA 10 26.22 120.92 17.65
CA GLY GA 10 27.32 121.84 17.46
C GLY GA 10 28.64 121.42 18.09
N LYS GA 11 28.55 120.74 19.24
CA LYS GA 11 29.73 120.51 20.07
C LYS GA 11 30.81 119.70 19.37
N LYS GA 12 32.03 119.87 19.88
CA LYS GA 12 33.23 119.27 19.31
C LYS GA 12 33.20 117.77 19.56
N LYS GA 13 33.89 117.02 18.72
CA LYS GA 13 33.76 115.56 18.76
C LYS GA 13 34.27 114.95 20.06
N GLU GA 14 35.47 115.37 20.46
CA GLU GA 14 36.06 114.89 21.73
C GLU GA 14 35.17 115.15 22.94
N GLU GA 15 34.47 116.28 22.97
CA GLU GA 15 33.54 116.62 24.05
C GLU GA 15 32.45 115.56 24.14
N LEU GA 16 31.74 115.37 23.04
CA LEU GA 16 30.66 114.37 22.96
C LEU GA 16 31.08 113.02 23.53
N LEU GA 17 32.25 112.55 23.12
CA LEU GA 17 32.77 111.29 23.58
C LEU GA 17 32.90 111.26 25.09
N LYS GA 18 33.44 112.33 25.66
CA LYS GA 18 33.56 112.39 27.10
C LYS GA 18 32.19 112.26 27.70
N GLN GA 19 31.23 113.00 27.17
CA GLN GA 19 29.89 112.97 27.73
C GLN GA 19 29.27 111.59 27.70
N LEU GA 20 29.57 110.83 26.67
CA LEU GA 20 29.09 109.48 26.56
C LEU GA 20 29.71 108.59 27.62
N ASP GA 21 31.03 108.59 27.69
CA ASP GA 21 31.74 107.81 28.70
C ASP GA 21 31.19 108.11 30.09
N ASP GA 22 30.98 109.40 30.38
CA ASP GA 22 30.44 109.83 31.67
C ASP GA 22 29.11 109.13 31.97
N LEU GA 23 28.25 109.04 30.96
CA LEU GA 23 26.99 108.31 31.07
C LEU GA 23 27.24 106.83 31.22
N LYS GA 24 27.97 106.25 30.28
CA LYS GA 24 28.26 104.82 30.33
C LYS GA 24 28.64 104.44 31.75
N VAL GA 25 29.59 105.19 32.31
CA VAL GA 25 30.06 105.01 33.67
C VAL GA 25 28.92 105.02 34.67
N GLU GA 26 28.09 106.05 34.63
CA GLU GA 26 26.94 106.14 35.52
C GLU GA 26 26.09 104.89 35.42
N LEU GA 27 25.89 104.42 34.19
CA LEU GA 27 25.03 103.29 33.95
C LEU GA 27 25.51 102.04 34.64
N SER GA 28 26.82 101.86 34.76
CA SER GA 28 27.38 100.75 35.53
C SER GA 28 27.10 100.95 37.02
N GLN GA 29 27.30 102.17 37.51
CA GLN GA 29 27.01 102.49 38.91
C GLN GA 29 25.58 102.13 39.27
N LEU GA 30 24.64 102.39 38.35
CA LEU GA 30 23.22 102.06 38.58
C LEU GA 30 23.03 100.58 38.62
N ARG GA 31 23.41 99.90 37.54
CA ARG GA 31 23.21 98.46 37.44
C ARG GA 31 23.80 97.70 38.61
N VAL GA 32 24.85 98.23 39.24
CA VAL GA 32 25.33 97.70 40.50
C VAL GA 32 24.34 97.98 41.61
N ALA GA 33 23.86 99.21 41.63
CA ALA GA 33 22.86 99.63 42.59
C ALA GA 33 21.52 98.92 42.43
N LYS GA 34 21.17 98.54 41.21
CA LYS GA 34 20.00 97.69 41.01
C LYS GA 34 20.15 96.38 41.74
N VAL GA 35 21.34 95.81 41.67
CA VAL GA 35 21.62 94.53 42.33
C VAL GA 35 21.55 94.66 43.83
N THR GA 36 22.09 95.73 44.37
CA THR GA 36 22.21 95.87 45.81
C THR GA 36 20.99 96.54 46.48
N GLY GA 37 19.85 96.59 45.80
CA GLY GA 37 18.67 97.29 46.31
C GLY GA 37 18.70 98.76 45.92
N GLY GA 38 19.71 99.48 46.42
CA GLY GA 38 20.01 100.84 46.00
C GLY GA 38 18.91 101.81 46.37
N ALA GA 39 17.85 101.83 45.56
CA ALA GA 39 16.63 102.63 45.78
C ALA GA 39 15.86 102.74 44.47
N ALA GA 40 14.54 102.94 44.59
CA ALA GA 40 13.68 103.12 43.43
C ALA GA 40 14.09 104.31 42.61
N SER GA 41 14.33 105.42 43.29
CA SER GA 41 14.82 106.64 42.66
C SER GA 41 15.97 106.42 41.68
N LYS GA 42 16.85 105.46 41.97
CA LYS GA 42 17.92 105.13 41.04
C LYS GA 42 17.44 104.34 39.83
N LEU GA 43 16.52 103.41 40.05
CA LEU GA 43 16.07 102.56 38.94
C LEU GA 43 15.10 103.23 37.96
N SER GA 44 14.75 104.49 38.19
CA SER GA 44 14.31 105.29 37.08
C SER GA 44 15.57 105.59 36.26
N LYS GA 45 16.58 106.21 36.90
CA LYS GA 45 17.71 106.76 36.15
C LYS GA 45 18.18 105.84 35.07
N ILE GA 46 18.26 104.55 35.42
CA ILE GA 46 18.73 103.51 34.50
C ILE GA 46 18.14 103.57 33.10
N ARG GA 47 16.86 103.93 32.99
CA ARG GA 47 16.21 104.13 31.70
C ARG GA 47 16.70 105.41 31.05
N VAL GA 48 16.69 106.47 31.84
CA VAL GA 48 17.09 107.77 31.39
C VAL GA 48 18.52 107.82 30.90
N VAL GA 49 19.42 107.21 31.66
CA VAL GA 49 20.81 107.14 31.24
C VAL GA 49 20.94 106.41 29.89
N ARG GA 50 20.19 105.33 29.70
CA ARG GA 50 20.21 104.63 28.42
C ARG GA 50 19.92 105.53 27.23
N LYS GA 51 18.74 106.12 27.19
CA LYS GA 51 18.41 106.97 26.06
C LYS GA 51 19.38 108.12 25.96
N SER GA 52 19.75 108.73 27.09
CA SER GA 52 20.72 109.81 27.05
C SER GA 52 22.00 109.36 26.34
N ILE GA 53 22.36 108.09 26.54
CA ILE GA 53 23.47 107.47 25.84
C ILE GA 53 23.18 107.33 24.37
N ALA GA 54 22.11 106.62 24.07
CA ALA GA 54 21.66 106.44 22.69
C ALA GA 54 21.57 107.74 21.89
N ARG GA 55 21.14 108.80 22.57
CA ARG GA 55 21.06 110.12 21.98
C ARG GA 55 22.40 110.68 21.55
N VAL GA 56 23.35 110.66 22.48
CA VAL GA 56 24.71 111.07 22.19
C VAL GA 56 25.16 110.21 21.03
N LEU GA 57 25.19 108.90 21.26
CA LEU GA 57 25.56 107.93 20.24
C LEU GA 57 25.05 108.29 18.86
N THR GA 58 23.72 108.38 18.69
CA THR GA 58 23.10 108.79 17.41
C THR GA 58 23.71 110.06 16.86
N VAL GA 59 23.70 111.10 17.66
CA VAL GA 59 24.16 112.38 17.17
C VAL GA 59 25.58 112.31 16.70
N ILE GA 60 26.39 111.55 17.41
CA ILE GA 60 27.71 111.32 16.93
C ILE GA 60 27.61 110.76 15.52
N ASN GA 61 26.93 109.62 15.38
CA ASN GA 61 26.90 108.90 14.09
C ASN GA 61 26.38 109.75 12.97
N GLN GA 62 25.38 110.56 13.28
CA GLN GA 62 24.83 111.49 12.32
C GLN GA 62 25.92 112.42 11.82
N THR GA 63 26.54 113.18 12.73
CA THR GA 63 27.55 114.15 12.33
C THR GA 63 28.56 113.49 11.43
N GLN GA 64 29.10 112.37 11.91
CA GLN GA 64 30.07 111.57 11.18
C GLN GA 64 29.56 111.23 9.79
N LYS GA 65 28.32 110.77 9.68
CA LYS GA 65 27.79 110.41 8.36
C LYS GA 65 27.53 111.59 7.45
N GLU GA 66 27.11 112.73 8.01
CA GLU GA 66 26.99 113.92 7.20
C GLU GA 66 28.33 114.21 6.58
N ASN GA 67 29.35 114.33 7.43
CA ASN GA 67 30.70 114.61 6.99
C ASN GA 67 31.27 113.62 6.00
N LEU GA 68 30.77 112.39 6.00
CA LEU GA 68 31.16 111.46 4.97
C LEU GA 68 30.59 111.85 3.64
N ARG GA 69 29.29 111.96 3.58
CA ARG GA 69 28.68 112.29 2.29
C ARG GA 69 28.76 113.80 1.93
N LYS GA 70 29.40 114.61 2.75
CA LYS GA 70 29.88 115.90 2.29
C LYS GA 70 31.11 115.65 1.45
N PHE GA 71 31.98 114.78 1.95
CA PHE GA 71 33.21 114.39 1.29
C PHE GA 71 32.93 113.73 -0.05
N TYR GA 72 32.21 112.63 -0.02
CA TYR GA 72 31.95 111.88 -1.25
C TYR GA 72 31.02 112.57 -2.27
N LYS GA 73 30.35 113.66 -1.90
CA LYS GA 73 29.46 114.38 -2.82
C LYS GA 73 30.26 114.89 -3.99
N GLY GA 74 29.94 114.36 -5.17
CA GLY GA 74 30.67 114.64 -6.40
C GLY GA 74 31.41 113.42 -6.93
N LYS GA 75 32.00 112.66 -6.00
CA LYS GA 75 32.79 111.48 -6.36
C LYS GA 75 31.91 110.44 -7.02
N LYS GA 76 32.49 109.78 -8.02
CA LYS GA 76 31.76 108.89 -8.91
C LYS GA 76 31.50 107.57 -8.22
N TYR GA 77 32.57 106.96 -7.74
CA TYR GA 77 32.46 105.76 -6.95
C TYR GA 77 32.40 106.13 -5.48
N LYS GA 78 31.22 106.01 -4.87
CA LYS GA 78 31.05 106.25 -3.43
C LYS GA 78 30.69 104.96 -2.75
N PRO GA 79 30.94 104.85 -1.44
CA PRO GA 79 30.70 103.58 -0.76
C PRO GA 79 29.24 103.19 -0.84
N LEU GA 80 28.93 101.96 -0.45
CA LEU GA 80 27.56 101.46 -0.55
C LEU GA 80 26.61 102.01 0.53
N ASP GA 81 27.14 102.24 1.73
CA ASP GA 81 26.42 102.98 2.78
C ASP GA 81 25.81 104.23 2.24
N LEU GA 82 26.65 105.05 1.62
CA LEU GA 82 26.24 106.37 1.19
C LEU GA 82 25.53 106.38 -0.14
N ARG GA 83 25.55 105.22 -0.81
CA ARG GA 83 24.75 105.04 -2.02
C ARG GA 83 23.28 104.95 -1.69
N PRO GA 84 22.43 105.34 -2.64
CA PRO GA 84 21.03 105.45 -2.35
C PRO GA 84 20.35 104.13 -2.50
N LYS GA 85 19.53 103.79 -1.51
CA LYS GA 85 18.87 102.50 -1.44
C LYS GA 85 17.38 102.72 -1.66
N LYS GA 86 16.96 102.57 -2.90
CA LYS GA 86 15.55 102.72 -3.19
C LYS GA 86 14.96 101.33 -3.05
N THR GA 87 15.32 100.44 -3.97
CA THR GA 87 14.91 99.03 -3.92
C THR GA 87 15.67 98.30 -5.00
N ARG GA 88 16.11 97.09 -4.68
CA ARG GA 88 16.81 96.26 -5.64
C ARG GA 88 16.49 96.58 -7.09
N ALA GA 89 15.25 96.37 -7.49
CA ALA GA 89 14.86 96.62 -8.87
C ALA GA 89 15.07 98.06 -9.22
N MET GA 90 14.58 98.94 -8.37
CA MET GA 90 14.59 100.36 -8.62
C MET GA 90 15.98 101.00 -8.75
N ARG GA 91 17.05 100.25 -8.46
CA ARG GA 91 18.41 100.68 -8.81
C ARG GA 91 18.92 100.08 -10.10
N ARG GA 92 18.16 99.16 -10.67
CA ARG GA 92 18.45 98.67 -11.99
C ARG GA 92 17.52 99.22 -13.05
N ARG GA 93 16.77 100.25 -12.72
CA ARG GA 93 16.06 100.97 -13.73
C ARG GA 93 17.08 101.61 -14.65
N LEU GA 94 16.59 102.11 -15.78
CA LEU GA 94 17.39 102.90 -16.70
C LEU GA 94 17.59 104.32 -16.20
N ASN GA 95 18.66 104.89 -16.72
CA ASN GA 95 19.45 105.85 -16.02
C ASN GA 95 18.98 107.30 -16.11
N LYS GA 96 17.66 107.51 -16.11
CA LYS GA 96 17.04 108.85 -16.29
C LYS GA 96 17.39 109.51 -17.62
N HIS GA 97 18.67 109.64 -17.99
CA HIS GA 97 19.00 110.06 -19.33
C HIS GA 97 18.68 108.95 -20.33
N GLU GA 98 19.13 107.74 -20.01
CA GLU GA 98 19.13 106.66 -20.99
C GLU GA 98 17.77 106.32 -21.55
N GLU GA 99 16.74 106.28 -20.72
CA GLU GA 99 15.42 105.89 -21.22
C GLU GA 99 14.78 106.97 -22.12
N SER GA 100 15.23 108.22 -22.03
CA SER GA 100 14.77 109.23 -23.00
C SER GA 100 15.84 109.62 -24.05
N LEU GA 101 16.78 108.70 -24.32
CA LEU GA 101 17.57 108.75 -25.54
C LEU GA 101 16.69 108.24 -26.65
N LYS GA 102 16.66 108.98 -27.74
CA LYS GA 102 15.93 108.59 -28.93
C LYS GA 102 17.01 108.07 -29.84
N THR GA 103 16.61 107.39 -30.92
CA THR GA 103 17.55 107.13 -32.01
C THR GA 103 17.48 108.30 -32.96
N LYS GA 104 18.61 108.62 -33.59
CA LYS GA 104 18.64 109.67 -34.59
C LYS GA 104 17.37 109.56 -35.43
N LYS GA 105 17.10 108.34 -35.91
CA LYS GA 105 15.91 108.05 -36.71
C LYS GA 105 14.64 108.61 -36.09
N GLN GA 106 14.41 108.27 -34.82
CA GLN GA 106 13.18 108.64 -34.13
C GLN GA 106 13.05 110.12 -33.97
N GLN GA 107 14.16 110.84 -33.92
CA GLN GA 107 14.10 112.28 -33.88
C GLN GA 107 13.62 112.80 -35.22
N ARG GA 108 14.22 112.29 -36.29
CA ARG GA 108 13.88 112.72 -37.64
C ARG GA 108 12.39 112.64 -37.90
N LYS GA 109 11.74 111.62 -37.37
CA LYS GA 109 10.28 111.51 -37.43
C LYS GA 109 9.56 112.51 -36.56
N GLU GA 110 10.09 112.75 -35.37
CA GLU GA 110 9.54 113.76 -34.48
C GLU GA 110 9.67 115.19 -35.01
N ARG GA 111 10.66 115.44 -35.86
CA ARG GA 111 10.77 116.73 -36.54
C ARG GA 111 9.72 116.82 -37.65
N LEU GA 112 9.72 115.83 -38.53
CA LEU GA 112 8.94 115.91 -39.76
C LEU GA 112 7.45 115.68 -39.58
N TYR GA 113 7.07 114.70 -38.78
CA TYR GA 113 5.66 114.29 -38.74
C TYR GA 113 5.09 114.35 -37.33
N PRO GA 114 5.05 115.54 -36.73
CA PRO GA 114 4.55 115.72 -35.36
C PRO GA 114 3.04 115.71 -35.25
N LEU GA 115 2.54 115.39 -34.07
CA LEU GA 115 1.11 115.42 -33.82
C LEU GA 115 0.62 116.83 -33.88
N ARG GA 116 -0.34 117.07 -34.76
CA ARG GA 116 -0.97 118.37 -34.81
C ARG GA 116 -2.19 118.32 -33.90
N LYS GA 117 -2.49 119.45 -33.29
CA LYS GA 117 -3.75 119.68 -32.59
C LYS GA 117 -4.79 119.97 -33.65
N TYR GA 118 -5.96 119.37 -33.56
CA TYR GA 118 -6.98 119.53 -34.60
C TYR GA 118 -8.38 119.36 -34.05
N ALA GA 119 -9.36 119.83 -34.79
CA ALA GA 119 -10.76 119.60 -34.42
C ALA GA 119 -11.50 119.20 -35.65
N VAL GA 120 -12.80 118.93 -35.52
CA VAL GA 120 -13.62 118.74 -36.70
C VAL GA 120 -14.98 119.42 -36.65
N LYS GA 121 -15.48 119.76 -37.85
CA LYS GA 121 -16.79 120.36 -38.12
C LYS GA 121 -16.77 121.91 -38.23
N ALA GA 122 -15.93 122.39 -39.12
CA ALA GA 122 -15.94 123.79 -39.58
C ALA GA 122 -14.98 123.96 -40.77
N ALA HA 1 -30.84 89.89 -75.09
CA ALA HA 1 -32.23 90.36 -74.81
C ALA HA 1 -32.54 90.32 -73.32
N LEU HA 2 -32.28 91.44 -72.63
CA LEU HA 2 -32.39 91.52 -71.17
C LEU HA 2 -31.45 90.55 -70.47
N ARG HA 3 -30.31 91.08 -70.05
CA ARG HA 3 -29.27 90.28 -69.44
C ARG HA 3 -29.08 90.76 -68.01
N TYR HA 4 -29.94 90.31 -67.11
CA TYR HA 4 -29.78 90.64 -65.70
C TYR HA 4 -28.53 89.98 -65.14
N PRO HA 5 -27.78 90.68 -64.28
CA PRO HA 5 -26.70 90.05 -63.57
C PRO HA 5 -27.24 89.16 -62.48
N MET HA 6 -26.74 87.94 -62.43
CA MET HA 6 -27.21 86.96 -61.46
C MET HA 6 -26.18 86.70 -60.40
N ALA HA 7 -26.69 86.17 -59.31
CA ALA HA 7 -25.89 85.86 -58.16
C ALA HA 7 -25.21 84.48 -58.27
N VAL HA 8 -25.19 83.90 -59.47
CA VAL HA 8 -24.94 82.49 -59.56
C VAL HA 8 -24.80 82.09 -61.04
N GLY HA 9 -23.76 81.31 -61.34
CA GLY HA 9 -23.51 80.87 -62.70
C GLY HA 9 -22.50 81.71 -63.48
N LEU HA 10 -21.24 81.29 -63.41
CA LEU HA 10 -20.17 81.70 -64.35
C LEU HA 10 -19.77 83.15 -64.30
N ASN HA 11 -20.58 83.99 -64.90
CA ASN HA 11 -20.27 85.40 -65.04
C ASN HA 11 -21.23 86.12 -64.09
N LYS HA 12 -21.00 85.84 -62.82
CA LYS HA 12 -21.90 86.22 -61.75
C LYS HA 12 -21.35 87.42 -61.02
N GLY HA 13 -21.97 87.71 -59.88
CA GLY HA 13 -21.44 88.66 -58.93
C GLY HA 13 -21.93 90.04 -59.23
N HIS HA 14 -21.58 90.97 -58.37
CA HIS HA 14 -21.97 92.34 -58.59
C HIS HA 14 -21.04 92.93 -59.62
N LYS HA 15 -21.60 93.54 -60.66
CA LYS HA 15 -20.79 94.10 -61.74
C LYS HA 15 -20.22 95.42 -61.27
N VAL HA 16 -18.90 95.46 -61.09
CA VAL HA 16 -18.18 96.57 -60.47
C VAL HA 16 -16.96 96.95 -61.27
N THR HA 17 -16.79 98.23 -61.57
CA THR HA 17 -15.72 98.66 -62.48
C THR HA 17 -14.35 98.63 -61.79
N LYS HA 18 -13.38 97.98 -62.42
CA LYS HA 18 -12.12 97.64 -61.77
C LYS HA 18 -11.05 98.72 -61.98
N ASN HA 19 -10.10 98.81 -61.04
CA ASN HA 19 -8.83 99.57 -61.24
C ASN HA 19 -7.62 98.63 -61.30
N VAL HA 20 -6.62 99.03 -62.08
CA VAL HA 20 -5.43 98.20 -62.35
C VAL HA 20 -4.25 98.90 -61.72
N SER HA 21 -4.24 98.91 -60.40
CA SER HA 21 -3.20 99.61 -59.65
C SER HA 21 -1.85 98.89 -59.76
N LYS HA 22 -0.81 99.65 -59.43
CA LYS HA 22 0.56 99.15 -59.31
C LYS HA 22 0.57 98.01 -58.28
N PRO HA 23 0.97 96.79 -58.69
CA PRO HA 23 0.88 95.63 -57.80
C PRO HA 23 1.93 95.68 -56.70
N ARG HA 24 1.53 95.38 -55.45
CA ARG HA 24 2.35 95.57 -54.25
C ARG HA 24 3.77 95.07 -54.38
N HIS HA 25 4.71 95.84 -53.85
CA HIS HA 25 6.11 95.49 -54.00
C HIS HA 25 6.48 94.24 -53.20
N SER HA 26 5.64 93.85 -52.25
CA SER HA 26 5.76 92.55 -51.57
C SER HA 26 5.73 91.36 -52.53
N ARG HA 27 4.96 91.48 -53.59
CA ARG HA 27 4.77 90.35 -54.48
C ARG HA 27 6.02 89.97 -55.28
N ARG HA 28 6.98 90.87 -55.44
CA ARG HA 28 8.18 90.56 -56.24
C ARG HA 28 9.29 89.83 -55.49
N ARG HA 29 8.96 89.12 -54.42
CA ARG HA 29 9.98 88.40 -53.69
C ARG HA 29 10.23 87.08 -54.35
N GLY HA 30 11.50 86.73 -54.40
CA GLY HA 30 11.96 85.62 -55.19
C GLY HA 30 12.07 85.91 -56.69
N ARG HA 31 12.04 87.18 -57.08
CA ARG HA 31 12.46 87.53 -58.41
C ARG HA 31 13.98 87.49 -58.39
N LEU HA 32 14.52 86.62 -59.22
CA LEU HA 32 15.95 86.39 -59.28
C LEU HA 32 16.65 87.59 -59.88
N THR HA 33 17.17 88.44 -59.00
CA THR HA 33 17.91 89.62 -59.40
C THR HA 33 19.22 89.21 -60.07
N LYS HA 34 19.68 90.05 -60.99
CA LYS HA 34 20.93 89.78 -61.69
C LYS HA 34 22.05 89.53 -60.70
N HIS HA 35 22.26 90.46 -59.78
CA HIS HA 35 23.36 90.34 -58.84
C HIS HA 35 23.28 89.06 -58.01
N THR HA 36 22.08 88.68 -57.57
CA THR HA 36 21.90 87.42 -56.78
C THR HA 36 21.99 86.17 -57.62
N LYS HA 37 21.85 86.31 -58.93
CA LYS HA 37 22.18 85.24 -59.87
C LYS HA 37 23.67 85.05 -59.90
N PHE HA 38 24.37 86.16 -59.99
CA PHE HA 38 25.80 86.12 -60.10
C PHE HA 38 26.41 85.47 -58.88
N VAL HA 39 25.99 85.91 -57.71
CA VAL HA 39 26.52 85.36 -56.46
C VAL HA 39 26.36 83.85 -56.44
N ARG HA 40 25.18 83.40 -56.79
CA ARG HA 40 24.79 82.01 -56.65
C ARG HA 40 25.68 81.12 -57.49
N ASP HA 41 25.74 81.37 -58.78
CA ASP HA 41 26.59 80.55 -59.67
C ASP HA 41 28.10 80.78 -59.50
N MET HA 42 28.49 81.92 -58.93
CA MET HA 42 29.87 82.12 -58.49
C MET HA 42 30.25 81.07 -57.48
N ILE HA 43 29.29 80.73 -56.65
CA ILE HA 43 29.45 79.71 -55.63
C ILE HA 43 29.38 78.30 -56.16
N ARG HA 44 28.48 78.03 -57.10
CA ARG HA 44 28.34 76.69 -57.68
C ARG HA 44 29.67 76.08 -58.05
N GLU HA 45 30.58 76.91 -58.56
CA GLU HA 45 31.90 76.46 -58.94
C GLU HA 45 32.89 76.34 -57.76
N VAL HA 46 32.73 77.15 -56.73
CA VAL HA 46 33.50 76.98 -55.47
C VAL HA 46 33.09 75.67 -54.80
N CYS HA 47 31.80 75.58 -54.50
CA CYS HA 47 31.22 74.45 -53.81
C CYS HA 47 31.23 73.17 -54.63
N GLY HA 48 30.66 73.26 -55.83
CA GLY HA 48 30.38 72.10 -56.65
C GLY HA 48 28.96 71.64 -56.39
N PHE HA 49 28.71 70.35 -56.63
CA PHE HA 49 27.37 69.77 -56.54
C PHE HA 49 27.19 68.95 -55.31
N ALA HA 50 25.93 68.66 -55.00
CA ALA HA 50 25.64 67.80 -53.89
C ALA HA 50 25.78 66.37 -54.35
N PRO HA 51 26.02 65.44 -53.41
CA PRO HA 51 26.06 64.02 -53.69
C PRO HA 51 24.82 63.47 -54.36
N TYR HA 52 23.64 63.89 -53.92
CA TYR HA 52 22.43 63.40 -54.56
C TYR HA 52 22.25 64.00 -55.95
N GLU HA 53 22.72 65.21 -56.14
CA GLU HA 53 22.72 65.81 -57.46
C GLU HA 53 23.65 65.04 -58.40
N ARG HA 54 24.89 64.82 -57.97
CA ARG HA 54 25.84 63.99 -58.73
C ARG HA 54 25.23 62.67 -59.17
N ARG HA 55 24.49 62.03 -58.28
CA ARG HA 55 23.88 60.74 -58.61
C ARG HA 55 22.72 60.85 -59.58
N ALA HA 56 21.98 61.95 -59.52
CA ALA HA 56 20.94 62.22 -60.50
C ALA HA 56 21.54 62.54 -61.86
N MET HA 57 22.53 63.42 -61.87
CA MET HA 57 23.22 63.79 -63.10
C MET HA 57 23.63 62.57 -63.88
N GLU HA 58 24.19 61.59 -63.18
CA GLU HA 58 24.68 60.37 -63.81
C GLU HA 58 23.60 59.44 -64.34
N LEU HA 59 22.35 59.65 -63.92
CA LEU HA 59 21.18 59.02 -64.54
C LEU HA 59 20.66 59.77 -65.76
N LEU HA 60 20.81 61.09 -65.73
CA LEU HA 60 20.36 61.95 -66.81
C LEU HA 60 21.26 61.87 -68.05
N LYS HA 61 22.55 61.62 -67.83
CA LYS HA 61 23.47 61.35 -68.94
C LYS HA 61 23.02 60.13 -69.73
N VAL HA 62 22.56 59.11 -69.01
CA VAL HA 62 22.15 57.85 -69.60
C VAL HA 62 20.84 57.97 -70.36
N SER HA 63 20.06 59.02 -70.06
CA SER HA 63 18.71 59.22 -70.59
C SER HA 63 17.74 58.21 -69.98
N LYS HA 64 17.90 58.02 -68.68
CA LYS HA 64 17.07 57.15 -67.88
C LYS HA 64 16.33 58.13 -66.97
N ASP HA 65 15.56 59.01 -67.59
CA ASP HA 65 15.12 60.24 -66.93
C ASP HA 65 14.03 60.08 -65.88
N LYS HA 66 13.22 59.03 -66.00
CA LYS HA 66 12.12 58.82 -65.07
C LYS HA 66 12.65 58.28 -63.76
N ARG HA 67 13.61 57.37 -63.84
CA ARG HA 67 14.31 56.95 -62.65
C ARG HA 67 15.00 58.09 -61.99
N ALA HA 68 15.56 59.02 -62.75
CA ALA HA 68 16.18 60.18 -62.15
C ALA HA 68 15.19 61.02 -61.37
N LEU HA 69 14.02 61.25 -61.95
CA LEU HA 69 13.04 62.08 -61.27
C LEU HA 69 12.59 61.44 -59.99
N LYS HA 70 12.14 60.20 -60.06
CA LYS HA 70 11.73 59.44 -58.88
C LYS HA 70 12.76 59.47 -57.78
N PHE HA 71 14.03 59.41 -58.15
CA PHE HA 71 15.13 59.57 -57.22
C PHE HA 71 15.05 60.95 -56.58
N ILE HA 72 15.02 61.98 -57.40
CA ILE HA 72 15.01 63.36 -56.93
C ILE HA 72 13.77 63.66 -56.07
N LYS HA 73 12.63 63.18 -56.52
CA LYS HA 73 11.40 63.26 -55.77
C LYS HA 73 11.64 62.75 -54.38
N LYS HA 74 12.04 61.48 -54.30
CA LYS HA 74 12.29 60.80 -53.03
C LYS HA 74 13.33 61.52 -52.18
N ARG HA 75 14.29 62.13 -52.85
CA ARG HA 75 15.36 62.85 -52.19
C ARG HA 75 15.04 64.31 -51.78
N VAL HA 76 14.23 65.00 -52.58
CA VAL HA 76 13.95 66.41 -52.34
C VAL HA 76 12.57 66.66 -51.72
N GLY HA 77 11.63 65.77 -52.01
CA GLY HA 77 10.43 65.65 -51.20
C GLY HA 77 9.13 65.66 -51.96
N THR HA 78 8.94 66.64 -52.82
CA THR HA 78 7.69 66.77 -53.54
C THR HA 78 7.87 66.20 -54.93
N HIS HA 79 6.84 66.37 -55.75
CA HIS HA 79 6.97 66.15 -57.19
C HIS HA 79 7.50 67.37 -57.86
N ILE HA 80 7.08 68.52 -57.36
CA ILE HA 80 7.30 69.76 -58.05
C ILE HA 80 8.71 70.19 -57.85
N ARG HA 81 9.17 70.14 -56.62
CA ARG HA 81 10.54 70.49 -56.37
C ARG HA 81 11.45 69.61 -57.15
N ALA HA 82 11.03 68.36 -57.27
CA ALA HA 82 11.79 67.36 -57.98
C ALA HA 82 11.84 67.61 -59.47
N LYS HA 83 10.70 67.89 -60.05
CA LYS HA 83 10.64 68.22 -61.44
C LYS HA 83 11.44 69.48 -61.75
N ARG HA 84 11.36 70.49 -60.90
CA ARG HA 84 12.17 71.69 -61.03
C ARG HA 84 13.68 71.44 -60.89
N LYS HA 85 14.07 70.52 -60.01
CA LYS HA 85 15.47 70.12 -59.91
C LYS HA 85 15.94 69.44 -61.19
N ARG HA 86 15.17 68.49 -61.67
CA ARG HA 86 15.54 67.77 -62.89
C ARG HA 86 15.93 68.73 -63.99
N GLU HA 87 15.06 69.68 -64.29
CA GLU HA 87 15.30 70.58 -65.40
C GLU HA 87 16.32 71.68 -65.12
N GLU HA 88 16.79 71.79 -63.87
CA GLU HA 88 18.02 72.49 -63.59
C GLU HA 88 19.17 71.62 -64.02
N LEU HA 89 19.18 70.40 -63.52
CA LEU HA 89 20.28 69.52 -63.77
C LEU HA 89 20.45 69.37 -65.26
N SER HA 90 19.40 68.96 -65.96
CA SER HA 90 19.52 68.77 -67.41
C SER HA 90 20.12 70.00 -68.12
N SER HA 91 19.83 71.20 -67.63
CA SER HA 91 20.46 72.41 -68.15
C SER HA 91 21.93 72.51 -67.78
N VAL HA 92 22.30 71.97 -66.62
CA VAL HA 92 23.71 71.81 -66.28
C VAL HA 92 24.36 70.86 -67.24
N LEU HA 93 23.70 69.73 -67.44
CA LEU HA 93 24.26 68.66 -68.23
C LEU HA 93 24.58 69.10 -69.67
N ALA HA 94 23.58 69.67 -70.34
CA ALA HA 94 23.81 70.25 -71.66
C ALA HA 94 25.01 71.18 -71.62
N ALA HA 95 24.97 72.16 -70.72
CA ALA HA 95 26.01 73.18 -70.62
C ALA HA 95 27.42 72.62 -70.55
N MET HA 96 27.58 71.42 -69.99
CA MET HA 96 28.87 70.70 -70.05
C MET HA 96 29.19 70.21 -71.46
N ARG HA 97 28.17 69.70 -72.14
CA ARG HA 97 28.31 69.20 -73.51
C ARG HA 97 28.73 70.29 -74.51
N LYS HA 98 28.10 71.45 -74.39
CA LYS HA 98 28.45 72.62 -75.20
C LYS HA 98 29.91 73.03 -74.98
N ALA HA 99 30.32 73.06 -73.71
CA ALA HA 99 31.71 73.42 -73.34
C ALA HA 99 32.75 72.42 -73.84
N ALA HA 100 32.38 71.14 -73.87
CA ALA HA 100 33.24 70.09 -74.41
C ALA HA 100 33.40 70.18 -75.93
N ALA HA 101 32.29 70.49 -76.63
CA ALA HA 101 32.29 70.63 -78.09
C ALA HA 101 32.85 71.99 -78.52
N LYS HA 102 34.17 72.05 -78.65
CA LYS HA 102 34.86 73.28 -79.08
C LYS HA 102 36.21 72.93 -79.70
N THR IA 1 7.27 42.76 22.49
CA THR IA 1 8.68 43.16 22.19
C THR IA 1 8.85 43.99 20.95
N LYS IA 2 7.96 43.81 19.99
CA LYS IA 2 7.71 44.86 19.02
C LYS IA 2 7.29 46.14 19.73
N GLY IA 3 6.42 46.03 20.74
CA GLY IA 3 5.86 47.19 21.41
C GLY IA 3 6.67 47.66 22.59
N THR IA 4 6.00 47.73 23.75
CA THR IA 4 6.46 48.51 24.91
C THR IA 4 7.89 48.25 25.33
N SER IA 5 8.27 46.98 25.38
CA SER IA 5 9.63 46.66 25.70
C SER IA 5 10.59 47.50 24.91
N SER IA 6 10.31 47.67 23.63
CA SER IA 6 11.30 48.22 22.74
C SER IA 6 11.40 49.74 22.74
N PHE IA 7 10.29 50.40 22.98
CA PHE IA 7 10.34 51.81 23.34
C PHE IA 7 11.33 52.09 24.45
N GLY IA 8 11.81 51.05 25.10
CA GLY IA 8 12.96 51.16 25.93
C GLY IA 8 14.10 51.79 25.21
N LYS IA 9 14.63 51.12 24.20
CA LYS IA 9 15.90 51.56 23.65
C LYS IA 9 15.77 52.67 22.62
N ARG IA 10 15.08 53.73 23.00
CA ARG IA 10 15.07 55.00 22.29
C ARG IA 10 16.04 55.94 23.00
N ARG IA 11 17.31 55.56 22.89
CA ARG IA 11 18.44 56.22 23.54
C ARG IA 11 18.83 57.38 22.69
N ASN IA 12 18.97 57.16 21.40
CA ASN IA 12 19.60 58.13 20.52
C ASN IA 12 18.68 58.62 19.40
N LYS IA 13 19.07 59.71 18.75
CA LYS IA 13 18.17 60.56 17.96
C LYS IA 13 18.48 60.52 16.47
N THR IA 14 17.49 60.79 15.62
CA THR IA 14 17.77 61.14 14.23
C THR IA 14 18.07 62.60 14.22
N HIS IA 15 16.99 63.38 14.34
CA HIS IA 15 16.99 64.74 13.88
C HIS IA 15 17.58 65.71 14.89
N THR IA 16 17.78 66.94 14.46
CA THR IA 16 18.00 68.02 15.38
C THR IA 16 17.47 69.31 14.80
N LEU IA 17 17.82 70.42 15.45
CA LEU IA 17 17.43 71.73 15.00
C LEU IA 17 18.12 72.10 13.72
N CYS IA 18 17.34 72.56 12.74
CA CYS IA 18 17.93 73.16 11.54
C CYS IA 18 18.41 74.54 11.93
N ARG IA 19 19.24 75.11 11.07
CA ARG IA 19 19.81 76.44 11.28
C ARG IA 19 19.11 77.51 10.45
N ARG IA 20 18.40 77.06 9.43
CA ARG IA 20 17.72 77.95 8.52
C ARG IA 20 16.28 78.20 8.91
N CYS IA 21 15.64 77.19 9.48
CA CYS IA 21 14.20 77.21 9.70
C CYS IA 21 13.76 76.83 11.10
N GLY IA 22 14.70 76.68 12.01
CA GLY IA 22 14.36 76.49 13.41
C GLY IA 22 13.66 75.22 13.83
N SER IA 23 13.32 74.38 12.86
CA SER IA 23 12.56 73.16 13.16
C SER IA 23 13.53 72.12 13.65
N LYS IA 24 13.00 71.17 14.41
CA LYS IA 24 13.78 70.06 14.91
C LYS IA 24 13.52 69.00 13.90
N ALA IA 25 14.27 69.05 12.83
CA ALA IA 25 14.03 68.17 11.71
C ALA IA 25 15.20 67.98 10.78
N TYR IA 26 16.39 68.33 11.24
CA TYR IA 26 17.56 68.31 10.40
C TYR IA 26 18.16 66.97 10.68
N HIS IA 27 18.25 66.15 9.65
CA HIS IA 27 18.58 64.77 9.81
C HIS IA 27 20.08 64.60 9.88
N LEU IA 28 20.59 63.95 10.92
CA LEU IA 28 22.00 64.05 11.17
C LEU IA 28 22.80 63.13 10.28
N GLN IA 29 22.32 61.92 10.04
CA GLN IA 29 22.99 61.06 9.07
C GLN IA 29 22.85 61.75 7.68
N LYS IA 30 21.64 62.06 7.24
CA LYS IA 30 21.49 62.66 5.90
C LYS IA 30 22.08 64.04 5.71
N SER IA 31 22.27 64.79 6.80
CA SER IA 31 22.78 66.16 6.76
C SER IA 31 21.92 67.11 5.95
N THR IA 32 20.62 66.90 6.00
CA THR IA 32 19.68 67.82 5.42
C THR IA 32 18.63 68.11 6.44
N CYS IA 33 17.62 68.87 6.02
CA CYS IA 33 16.45 69.03 6.83
C CYS IA 33 15.38 67.98 6.46
N GLY IA 34 14.44 68.35 5.62
CA GLY IA 34 13.13 67.73 5.62
C GLY IA 34 12.29 68.72 6.37
N LYS IA 35 12.08 69.87 5.75
CA LYS IA 35 11.29 70.98 6.28
C LYS IA 35 11.60 72.23 5.50
N CYS IA 36 12.90 72.51 5.34
CA CYS IA 36 13.40 73.50 4.40
C CYS IA 36 14.41 72.94 3.37
N GLY IA 37 14.92 71.72 3.58
CA GLY IA 37 16.02 71.17 2.77
C GLY IA 37 17.40 71.78 3.02
N TYR IA 38 17.66 72.18 4.26
CA TYR IA 38 18.67 73.20 4.58
C TYR IA 38 19.77 73.35 3.58
N PRO IA 39 20.69 72.41 3.54
CA PRO IA 39 21.86 72.68 2.74
C PRO IA 39 21.48 72.96 1.29
N ALA IA 40 20.34 72.43 0.84
CA ALA IA 40 19.81 72.77 -0.45
C ALA IA 40 19.43 74.23 -0.53
N LYS IA 41 19.91 74.91 -1.56
CA LYS IA 41 19.71 76.33 -1.67
C LYS IA 41 18.27 76.65 -1.51
N ARG IA 42 17.45 76.12 -2.40
CA ARG IA 42 16.09 76.61 -2.47
C ARG IA 42 15.27 75.98 -1.37
N LYS IA 43 14.52 76.85 -0.69
CA LYS IA 43 13.58 76.47 0.35
C LYS IA 43 12.62 75.46 -0.19
N ARG IA 44 12.51 74.36 0.53
CA ARG IA 44 11.52 73.37 0.24
C ARG IA 44 10.16 73.93 0.48
N LYS IA 45 9.31 73.88 -0.50
CA LYS IA 45 7.91 73.91 -0.22
C LYS IA 45 7.27 72.95 -1.20
N TYR IA 46 5.98 72.75 -0.99
CA TYR IA 46 5.23 71.76 -1.72
C TYR IA 46 3.81 72.23 -1.78
N ASN IA 47 3.25 72.19 -2.98
CA ASN IA 47 1.90 72.66 -3.20
C ASN IA 47 0.82 71.65 -2.86
N TRP IA 48 1.19 70.50 -2.32
CA TRP IA 48 0.20 69.62 -1.74
C TRP IA 48 -0.28 70.19 -0.40
N SER IA 49 0.62 70.37 0.54
CA SER IA 49 0.22 70.82 1.88
C SER IA 49 0.15 72.31 1.88
N ALA IA 50 -1.05 72.82 1.68
CA ALA IA 50 -1.27 74.25 1.73
C ALA IA 50 -1.08 74.71 3.15
N LYS IA 51 -1.63 73.94 4.09
CA LYS IA 51 -1.50 74.24 5.50
C LYS IA 51 -0.05 74.54 5.86
N ALA IA 52 0.84 73.62 5.52
CA ALA IA 52 2.26 73.83 5.70
C ALA IA 52 2.68 75.14 5.11
N LYS IA 53 2.34 75.34 3.85
CA LYS IA 53 2.77 76.56 3.18
C LYS IA 53 2.46 77.79 4.00
N ARG IA 54 1.23 77.89 4.50
CA ARG IA 54 0.78 79.07 5.22
C ARG IA 54 1.48 79.26 6.56
N ARG IA 55 1.85 78.17 7.20
CA ARG IA 55 2.58 78.25 8.45
C ARG IA 55 3.91 78.99 8.34
N ASN IA 56 4.44 79.24 7.14
CA ASN IA 56 5.54 80.19 7.00
C ASN IA 56 5.70 80.81 5.63
N THR IA 57 4.93 81.85 5.42
CA THR IA 57 5.02 82.72 4.28
C THR IA 57 5.52 84.04 4.77
N THR IA 58 5.75 84.95 3.83
CA THR IA 58 6.21 86.27 4.16
C THR IA 58 5.60 86.88 5.38
N GLY IA 59 4.29 86.78 5.51
CA GLY IA 59 3.57 87.47 6.58
C GLY IA 59 3.74 86.89 7.98
N THR IA 60 4.14 85.64 8.03
CA THR IA 60 4.25 84.91 9.26
C THR IA 60 5.17 85.49 10.32
N GLY IA 61 6.33 86.00 9.89
CA GLY IA 61 7.42 86.42 10.80
C GLY IA 61 7.50 87.91 11.11
N ARG IA 62 8.70 88.39 11.44
CA ARG IA 62 8.88 89.79 11.83
C ARG IA 62 8.70 90.78 10.70
N MET IA 63 9.17 90.41 9.51
CA MET IA 63 9.08 91.25 8.30
C MET IA 63 9.87 92.53 8.40
N ARG IA 64 10.99 92.43 9.09
CA ARG IA 64 11.65 93.63 9.55
C ARG IA 64 12.32 94.47 8.46
N HIS IA 65 12.43 93.94 7.25
CA HIS IA 65 12.64 94.82 6.10
C HIS IA 65 11.38 95.07 5.37
N LEU IA 66 10.67 94.00 5.09
CA LEU IA 66 9.58 94.05 4.16
C LEU IA 66 8.42 94.96 4.58
N LYS IA 67 8.13 95.03 5.89
CA LYS IA 67 7.07 95.90 6.36
C LYS IA 67 7.46 97.37 6.13
N ILE IA 68 8.68 97.74 6.52
CA ILE IA 68 9.12 99.14 6.46
C ILE IA 68 9.37 99.59 5.04
N VAL IA 69 9.47 98.63 4.12
CA VAL IA 69 9.42 98.92 2.71
C VAL IA 69 8.03 99.45 2.43
N TYR IA 70 7.00 98.67 2.79
CA TYR IA 70 5.63 99.08 2.46
C TYR IA 70 5.32 100.49 2.92
N ARG IA 71 5.78 100.88 4.11
CA ARG IA 71 5.67 102.27 4.55
C ARG IA 71 6.34 103.22 3.59
N ARG IA 72 7.58 102.91 3.26
CA ARG IA 72 8.44 103.78 2.48
C ARG IA 72 7.82 104.01 1.13
N PHE IA 73 7.40 102.93 0.51
CA PHE IA 73 6.71 103.00 -0.76
C PHE IA 73 5.55 103.96 -0.69
N ARG IA 74 4.69 103.72 0.27
CA ARG IA 74 3.42 104.40 0.37
C ARG IA 74 3.60 105.89 0.13
N HIS IA 75 4.51 106.49 0.89
CA HIS IA 75 4.72 107.93 0.91
C HIS IA 75 5.50 108.39 -0.35
N GLY IA 76 6.36 107.52 -0.90
CA GLY IA 76 7.06 107.78 -2.18
C GLY IA 76 8.41 107.13 -2.52
N PHE IA 77 9.06 106.48 -1.53
CA PHE IA 77 10.48 106.02 -1.58
C PHE IA 77 11.51 107.14 -1.48
N ARG IA 78 11.14 108.25 -0.83
CA ARG IA 78 12.02 109.38 -0.78
C ARG IA 78 13.30 109.01 -0.05
N GLU IA 79 14.39 109.66 -0.47
CA GLU IA 79 15.70 109.42 0.10
C GLU IA 79 16.30 110.72 0.51
N GLY IA 80 17.24 110.63 1.44
CA GLY IA 80 18.22 111.67 1.68
C GLY IA 80 17.70 113.08 1.72
N THR IA 81 16.62 113.26 2.45
CA THR IA 81 16.01 114.54 2.60
C THR IA 81 15.40 114.51 3.98
N THR IA 82 14.89 115.64 4.45
CA THR IA 82 14.20 115.71 5.72
C THR IA 82 12.99 116.58 5.56
N PRO IA 83 12.13 116.59 6.57
CA PRO IA 83 11.10 117.61 6.60
C PRO IA 83 11.69 118.95 7.05
N LYS IA 84 10.96 120.02 6.73
CA LYS IA 84 11.43 121.36 7.02
C LYS IA 84 11.50 121.60 8.52
N PRO IA 85 12.70 121.85 9.07
CA PRO IA 85 12.86 122.02 10.51
C PRO IA 85 12.30 123.33 11.06
N LYS IA 86 12.23 123.45 12.38
CA LYS IA 86 11.47 124.51 13.06
C LYS IA 86 12.26 125.81 13.15
N PRO JA 1 60.88 68.19 42.82
CA PRO JA 1 61.92 68.42 43.81
C PRO JA 1 63.28 67.81 43.49
N ARG JA 2 64.26 68.24 44.27
CA ARG JA 2 65.64 67.94 44.01
C ARG JA 2 66.44 67.94 45.27
N LYS JA 3 67.27 66.93 45.43
CA LYS JA 3 68.22 66.92 46.51
C LYS JA 3 69.51 67.61 46.10
N ILE JA 4 70.09 68.34 47.05
CA ILE JA 4 71.43 68.87 46.91
C ILE JA 4 72.28 68.09 47.90
N GLU JA 5 73.55 67.89 47.57
CA GLU JA 5 74.48 67.19 48.46
C GLU JA 5 75.49 68.12 49.14
N GLU JA 6 75.95 69.12 48.41
CA GLU JA 6 77.08 69.92 48.84
C GLU JA 6 76.55 71.21 49.42
N ILE JA 7 76.77 71.40 50.71
CA ILE JA 7 76.43 72.64 51.38
C ILE JA 7 76.85 73.88 50.56
N LYS JA 8 78.01 73.81 49.90
CA LYS JA 8 78.45 74.84 48.98
C LYS JA 8 77.43 75.08 47.88
N ASP JA 9 77.10 73.99 47.18
CA ASP JA 9 76.25 74.03 46.00
C ASP JA 9 74.87 74.62 46.33
N PHE JA 10 74.31 74.17 47.45
CA PHE JA 10 73.08 74.74 47.97
C PHE JA 10 73.24 76.24 48.19
N LEU JA 11 74.33 76.64 48.85
CA LEU JA 11 74.59 78.05 49.08
C LEU JA 11 74.63 78.84 47.76
N LEU JA 12 75.14 78.23 46.70
CA LEU JA 12 75.09 78.85 45.35
C LEU JA 12 73.71 78.85 44.73
N THR JA 13 72.93 77.81 45.01
CA THR JA 13 71.53 77.78 44.60
C THR JA 13 70.73 78.89 45.27
N ALA JA 14 70.90 79.07 46.58
CA ALA JA 14 70.20 80.11 47.33
C ALA JA 14 70.59 81.52 46.88
N ARG JA 15 71.81 81.67 46.38
CA ARG JA 15 72.32 82.96 45.94
C ARG JA 15 71.68 83.48 44.63
N ARG JA 16 70.91 82.65 43.94
CA ARG JA 16 70.28 83.04 42.67
C ARG JA 16 69.24 84.15 42.77
N LYS JA 17 68.90 84.70 41.60
CA LYS JA 17 67.91 85.77 41.47
C LYS JA 17 66.49 85.19 41.46
N ASP JA 18 66.34 84.01 40.85
CA ASP JA 18 65.04 83.32 40.80
C ASP JA 18 64.48 82.93 42.17
N ALA JA 19 65.38 82.70 43.12
CA ALA JA 19 65.06 82.04 44.36
C ALA JA 19 64.22 82.89 45.27
N LYS JA 20 63.74 82.26 46.33
CA LYS JA 20 63.05 82.97 47.40
C LYS JA 20 63.13 82.15 48.69
N SER JA 21 62.02 82.02 49.42
CA SER JA 21 61.91 81.19 50.62
C SER JA 21 62.96 80.08 50.77
N VAL JA 22 63.74 80.17 51.84
CA VAL JA 22 64.68 79.10 52.16
C VAL JA 22 64.32 78.61 53.53
N LYS JA 23 63.16 77.97 53.55
CA LYS JA 23 62.60 77.40 54.78
C LYS JA 23 63.40 76.23 55.36
N ILE JA 24 63.43 76.17 56.71
CA ILE JA 24 64.33 75.32 57.49
C ILE JA 24 63.54 74.44 58.42
N LYS JA 25 63.28 73.21 58.02
CA LYS JA 25 62.66 72.27 58.93
C LYS JA 25 63.73 71.74 59.86
N LYS JA 26 63.39 71.59 61.13
CA LYS JA 26 64.28 70.99 62.11
C LYS JA 26 63.62 69.72 62.59
N ASN JA 27 63.77 68.66 61.80
CA ASN JA 27 63.16 67.35 62.08
C ASN JA 27 63.53 66.66 63.37
N LYS JA 28 64.71 66.99 63.89
CA LYS JA 28 65.54 66.09 64.67
C LYS JA 28 66.22 65.11 63.70
N ASP JA 29 67.49 64.83 63.97
CA ASP JA 29 68.34 63.91 63.19
C ASP JA 29 68.41 64.21 61.68
N ASN JA 30 68.12 65.44 61.28
CA ASN JA 30 67.98 65.76 59.87
C ASN JA 30 68.27 67.21 59.54
N VAL JA 31 67.50 68.12 60.10
CA VAL JA 31 67.62 69.54 59.81
C VAL JA 31 67.69 69.82 58.31
N LYS JA 32 66.53 69.88 57.68
CA LYS JA 32 66.48 70.16 56.26
C LYS JA 32 66.59 71.66 55.99
N PHE JA 33 66.78 71.99 54.72
CA PHE JA 33 66.90 73.35 54.23
C PHE JA 33 66.37 73.39 52.83
N LYS JA 34 65.18 73.93 52.65
CA LYS JA 34 64.47 73.74 51.40
C LYS JA 34 64.33 75.01 50.58
N VAL JA 35 65.36 75.36 49.81
CA VAL JA 35 65.30 76.63 49.08
C VAL JA 35 64.48 76.49 47.83
N ARG JA 36 63.32 77.11 47.87
CA ARG JA 36 62.46 77.18 46.72
C ARG JA 36 63.15 77.98 45.62
N CYS JA 37 62.87 77.60 44.38
CA CYS JA 37 63.18 78.41 43.22
C CYS JA 37 62.02 78.36 42.25
N SER JA 38 62.12 79.19 41.21
CA SER JA 38 61.05 79.32 40.20
C SER JA 38 60.59 77.97 39.72
N ARG JA 39 61.52 77.16 39.24
CA ARG JA 39 61.16 75.88 38.73
C ARG JA 39 61.00 74.82 39.82
N TYR JA 40 61.90 74.80 40.79
CA TYR JA 40 62.04 73.64 41.71
C TYR JA 40 62.00 73.96 43.18
N LEU JA 41 61.95 72.91 43.99
CA LEU JA 41 62.27 73.02 45.41
C LEU JA 41 63.55 72.21 45.66
N TYR JA 42 64.64 72.91 45.94
CA TYR JA 42 65.87 72.26 46.27
C TYR JA 42 65.92 71.99 47.76
N THR JA 43 66.42 70.82 48.16
CA THR JA 43 66.61 70.47 49.58
C THR JA 43 67.99 69.93 49.89
N LEU JA 44 68.40 70.17 51.14
CA LEU JA 44 69.74 69.90 51.64
C LEU JA 44 69.58 69.41 53.06
N VAL JA 45 70.10 68.22 53.33
CA VAL JA 45 69.67 67.47 54.50
C VAL JA 45 70.79 67.37 55.55
N ILE JA 46 71.05 68.49 56.19
CA ILE JA 46 72.26 68.70 56.98
C ILE JA 46 72.17 67.96 58.31
N THR JA 47 72.77 66.78 58.37
CA THR JA 47 72.61 65.90 59.53
C THR JA 47 73.49 66.25 60.76
N ASP JA 48 74.32 67.30 60.68
CA ASP JA 48 75.04 67.86 61.84
C ASP JA 48 74.36 69.15 62.32
N LYS JA 49 74.14 69.26 63.63
CA LYS JA 49 73.29 70.32 64.17
C LYS JA 49 74.02 71.65 64.28
N GLU JA 50 75.23 71.63 64.83
CA GLU JA 50 76.08 72.83 64.91
C GLU JA 50 76.44 73.37 63.51
N LYS JA 51 76.60 72.44 62.56
CA LYS JA 51 76.87 72.80 61.17
C LYS JA 51 75.69 73.52 60.55
N ALA JA 52 74.48 73.09 60.91
CA ALA JA 52 73.26 73.74 60.49
C ALA JA 52 73.14 75.13 61.09
N GLU JA 53 73.33 75.26 62.41
CA GLU JA 53 73.24 76.57 63.06
C GLU JA 53 74.30 77.55 62.53
N LYS JA 54 75.46 77.02 62.13
CA LYS JA 54 76.46 77.79 61.40
C LYS JA 54 75.94 78.19 60.01
N LEU JA 55 75.31 77.23 59.32
CA LEU JA 55 74.68 77.52 58.02
C LEU JA 55 73.59 78.58 58.15
N LYS JA 56 72.76 78.48 59.18
CA LYS JA 56 71.68 79.45 59.45
C LYS JA 56 72.15 80.91 59.30
N GLN JA 57 73.34 81.22 59.83
CA GLN JA 57 73.96 82.53 59.65
C GLN JA 57 74.32 82.76 58.18
N SER JA 58 74.87 81.72 57.56
CA SER JA 58 75.45 81.78 56.23
C SER JA 58 74.55 82.08 55.01
N LEU JA 59 73.23 82.26 55.20
CA LEU JA 59 72.37 82.71 54.09
C LEU JA 59 72.52 84.21 53.90
N PRO JA 60 72.35 84.68 52.65
CA PRO JA 60 73.09 85.88 52.25
C PRO JA 60 72.47 87.29 52.54
N PRO JA 61 71.68 87.86 51.62
CA PRO JA 61 71.50 89.30 51.75
C PRO JA 61 70.37 89.73 52.69
N GLY JA 62 69.52 88.77 53.09
CA GLY JA 62 68.15 89.06 53.45
C GLY JA 62 67.21 88.31 52.51
N LEU JA 63 67.23 86.98 52.65
CA LEU JA 63 66.22 86.12 52.05
C LEU JA 63 65.18 85.88 53.15
N ALA JA 64 64.20 85.01 52.91
CA ALA JA 64 63.15 84.75 53.90
C ALA JA 64 63.68 84.03 55.16
N VAL JA 65 64.34 82.89 54.94
CA VAL JA 65 64.93 82.07 56.03
C VAL JA 65 63.89 81.73 57.09
N LYS JA 66 62.71 81.37 56.61
CA LYS JA 66 61.54 81.22 57.45
C LYS JA 66 61.59 79.86 58.13
N GLU JA 67 62.01 79.83 59.39
CA GLU JA 67 62.10 78.57 60.13
C GLU JA 67 60.71 77.97 60.30
N LEU JA 68 60.65 76.66 60.14
CA LEU JA 68 59.39 75.95 60.01
C LEU JA 68 58.99 75.38 61.37
N LYS JA 69 57.88 75.90 61.90
CA LYS JA 69 57.26 75.33 63.10
C LYS JA 69 55.81 75.81 63.23
N SER KA 1 22.55 66.14 29.70
CA SER KA 1 23.43 65.16 29.06
C SER KA 1 24.86 65.39 29.52
N SER KA 2 25.21 66.62 29.90
CA SER KA 2 26.49 66.87 30.55
C SER KA 2 27.60 66.72 29.52
N HIS KA 3 27.23 66.83 28.25
CA HIS KA 3 28.17 67.02 27.13
C HIS KA 3 27.38 67.86 26.13
N LYS KA 4 26.95 69.01 26.62
CA LYS KA 4 26.07 69.84 25.85
C LYS KA 4 26.88 70.58 24.80
N THR KA 5 26.16 71.10 23.85
CA THR KA 5 26.74 71.94 22.87
C THR KA 5 26.28 73.27 23.35
N PHE KA 6 26.94 74.30 22.88
CA PHE KA 6 26.54 75.62 23.25
C PHE KA 6 25.16 75.93 22.75
N ARG KA 7 24.89 75.57 21.49
CA ARG KA 7 23.57 75.79 20.91
C ARG KA 7 22.45 75.24 21.78
N ILE KA 8 22.57 73.98 22.19
CA ILE KA 8 21.58 73.35 23.07
C ILE KA 8 21.45 74.08 24.36
N LYS KA 9 22.57 74.28 25.04
CA LYS KA 9 22.57 74.94 26.33
C LYS KA 9 21.87 76.30 26.29
N ARG KA 10 22.07 77.04 25.20
CA ARG KA 10 21.43 78.33 25.05
C ARG KA 10 19.94 78.14 24.96
N PHE KA 11 19.51 77.28 24.05
CA PHE KA 11 18.11 76.87 23.91
C PHE KA 11 17.43 76.36 25.19
N LEU KA 12 18.14 75.58 26.00
CA LEU KA 12 17.60 75.16 27.28
C LEU KA 12 17.40 76.35 28.20
N ALA KA 13 18.36 77.25 28.18
CA ALA KA 13 18.39 78.39 29.09
C ALA KA 13 17.42 79.50 28.76
N LYS KA 14 16.93 79.52 27.54
CA LYS KA 14 15.81 80.36 27.25
C LYS KA 14 14.61 79.72 27.85
N LYS KA 15 14.43 78.42 27.62
CA LYS KA 15 13.24 77.69 28.11
C LYS KA 15 12.96 77.78 29.59
N GLN KA 16 14.03 77.71 30.37
CA GLN KA 16 13.97 77.87 31.80
C GLN KA 16 13.60 79.30 32.23
N LYS KA 17 14.03 80.32 31.48
CA LYS KA 17 13.61 81.69 31.74
C LYS KA 17 12.15 81.93 31.41
N GLN KA 18 11.63 81.27 30.38
CA GLN KA 18 10.22 81.40 29.99
C GLN KA 18 9.23 80.68 30.89
N ASN KA 19 9.74 79.78 31.74
CA ASN KA 19 8.88 78.96 32.57
C ASN KA 19 8.25 79.72 33.73
N ARG KA 20 8.90 80.79 34.20
CA ARG KA 20 8.46 81.45 35.42
C ARG KA 20 7.03 81.98 35.34
N PRO KA 21 6.31 81.97 36.47
CA PRO KA 21 4.92 82.31 36.44
C PRO KA 21 4.69 83.81 36.18
N ILE KA 22 3.42 84.21 36.15
CA ILE KA 22 3.06 85.59 35.87
C ILE KA 22 3.36 86.49 37.06
N PRO KA 23 3.81 87.73 36.82
CA PRO KA 23 3.92 88.67 37.92
C PRO KA 23 2.55 89.20 38.33
N GLN KA 24 2.21 89.11 39.61
CA GLN KA 24 0.87 89.47 40.08
C GLN KA 24 0.41 90.88 39.72
N TRP KA 25 1.34 91.82 39.65
CA TRP KA 25 1.00 93.18 39.25
C TRP KA 25 0.52 93.32 37.81
N ILE KA 26 0.62 92.27 37.00
CA ILE KA 26 -0.07 92.21 35.72
C ILE KA 26 -1.57 92.32 35.93
N ARG KA 27 -2.10 91.54 36.87
CA ARG KA 27 -3.55 91.33 36.91
C ARG KA 27 -4.38 92.58 37.27
N MET KA 28 -3.74 93.58 37.87
CA MET KA 28 -4.40 94.86 38.10
C MET KA 28 -4.46 95.73 36.85
N LYS KA 29 -3.63 95.44 35.85
CA LYS KA 29 -3.60 96.23 34.61
C LYS KA 29 -4.98 96.42 34.03
N THR KA 30 -5.17 97.53 33.34
CA THR KA 30 -6.49 97.97 32.91
C THR KA 30 -7.21 96.99 31.99
N GLY KA 31 -6.57 96.62 30.89
CA GLY KA 31 -7.20 95.70 29.90
C GLY KA 31 -6.83 94.23 30.04
N ASN KA 32 -6.71 93.78 31.29
CA ASN KA 32 -6.15 92.47 31.58
C ASN KA 32 -7.09 91.34 31.20
N LYS KA 33 -6.54 90.24 30.69
CA LYS KA 33 -7.31 89.04 30.39
C LYS KA 33 -6.63 87.73 30.83
N ILE KA 34 -5.52 87.84 31.54
CA ILE KA 34 -4.59 86.76 31.71
C ILE KA 34 -4.47 86.51 33.19
N ARG KA 35 -4.91 85.34 33.63
CA ARG KA 35 -4.89 85.02 35.05
C ARG KA 35 -3.62 84.24 35.37
N TYR KA 36 -3.25 83.28 34.52
CA TYR KA 36 -2.13 82.41 34.77
C TYR KA 36 -1.41 82.08 33.48
N ASN KA 37 -0.17 81.61 33.58
CA ASN KA 37 0.71 81.61 32.41
C ASN KA 37 0.41 80.56 31.35
N SER KA 38 -0.26 79.47 31.68
CA SER KA 38 -0.71 78.49 30.67
C SER KA 38 0.41 77.79 29.92
N LYS KA 39 1.28 78.57 29.27
CA LYS KA 39 2.42 78.04 28.57
C LYS KA 39 3.54 77.50 29.49
N ARG KA 40 3.27 77.36 30.78
CA ARG KA 40 4.23 76.71 31.67
C ARG KA 40 4.43 75.25 31.34
N ARG KA 41 5.59 74.75 31.76
CA ARG KA 41 6.09 73.43 31.40
C ARG KA 41 6.59 72.75 32.65
N HIS KA 42 6.61 71.43 32.63
CA HIS KA 42 7.18 70.71 33.75
C HIS KA 42 7.91 69.48 33.29
N TRP KA 43 9.22 69.56 33.41
CA TRP KA 43 10.13 68.53 32.98
C TRP KA 43 9.69 67.11 33.15
N ARG KA 44 8.90 66.80 34.15
CA ARG KA 44 8.48 65.43 34.32
C ARG KA 44 7.39 65.02 33.35
N ARG KA 45 6.52 65.96 32.97
CA ARG KA 45 5.50 65.70 31.96
C ARG KA 45 5.43 66.82 30.94
N THR KA 46 5.60 66.45 29.67
CA THR KA 46 5.94 67.35 28.55
C THR KA 46 7.45 67.48 28.48
N LYS KA 47 8.00 67.31 27.29
CA LYS KA 47 9.41 67.13 27.17
C LYS KA 47 10.02 67.92 26.02
N LEU KA 48 9.96 69.25 26.14
CA LEU KA 48 10.71 70.16 25.28
C LEU KA 48 10.38 70.07 23.80
N GLY KA 49 10.92 71.01 23.03
CA GLY KA 49 10.95 70.93 21.57
C GLY KA 49 12.11 70.08 21.02
N LEU KA 50 12.57 69.12 21.83
CA LEU KA 50 13.59 68.16 21.45
C LEU KA 50 13.00 66.86 21.91
N ILE LA 1 -49.84 -41.22 44.71
CA ILE LA 1 -49.30 -39.84 44.44
C ILE LA 1 -50.32 -38.73 44.72
N ILE LA 2 -51.47 -38.79 44.07
CA ILE LA 2 -52.55 -37.81 44.26
C ILE LA 2 -53.88 -38.35 43.73
N GLU LA 3 -54.89 -38.24 44.58
CA GLU LA 3 -56.15 -38.96 44.44
C GLU LA 3 -56.96 -38.35 43.27
N PRO LA 4 -57.45 -39.18 42.33
CA PRO LA 4 -57.96 -38.72 41.02
C PRO LA 4 -59.17 -37.78 41.02
N SER LA 5 -60.09 -37.94 41.95
CA SER LA 5 -61.19 -36.99 42.06
C SER LA 5 -60.68 -35.64 42.56
N LEU LA 6 -59.94 -35.68 43.66
CA LEU LA 6 -59.29 -34.47 44.17
C LEU LA 6 -58.43 -33.75 43.16
N ARG LA 7 -57.70 -34.51 42.35
CA ARG LA 7 -56.90 -33.91 41.30
C ARG LA 7 -57.76 -33.07 40.41
N GLN LA 8 -58.86 -33.66 39.97
CA GLN LA 8 -59.74 -33.02 38.99
C GLN LA 8 -60.48 -31.81 39.59
N LEU LA 9 -60.72 -31.87 40.89
CA LEU LA 9 -61.14 -30.71 41.65
C LEU LA 9 -60.11 -29.62 41.48
N ALA LA 10 -58.85 -29.91 41.84
CA ALA LA 10 -57.77 -28.92 41.75
C ALA LA 10 -57.43 -28.50 40.31
N GLN LA 11 -57.68 -29.39 39.34
CA GLN LA 11 -57.54 -29.06 37.91
C GLN LA 11 -58.51 -28.00 37.47
N LYS LA 12 -59.78 -28.21 37.82
CA LYS LA 12 -60.84 -27.25 37.56
C LYS LA 12 -60.37 -25.83 37.89
N TYR LA 13 -59.77 -25.68 39.05
CA TYR LA 13 -59.37 -24.38 39.54
C TYR LA 13 -58.10 -23.81 38.93
N ASN LA 14 -57.26 -24.66 38.35
CA ASN LA 14 -56.01 -24.18 37.76
C ASN LA 14 -55.85 -24.36 36.25
N CYS LA 15 -56.12 -25.56 35.76
CA CYS LA 15 -55.74 -25.93 34.40
C CYS LA 15 -56.85 -25.78 33.37
N ASP LA 16 -58.10 -25.82 33.80
CA ASP LA 16 -59.24 -25.95 32.88
C ASP LA 16 -59.91 -24.60 32.68
N LYS LA 17 -59.28 -23.79 31.84
CA LYS LA 17 -59.64 -22.39 31.64
C LYS LA 17 -59.45 -21.98 30.19
N MET LA 18 -59.93 -20.78 29.85
CA MET LA 18 -59.65 -20.16 28.56
C MET LA 18 -58.82 -18.92 28.75
N ILE LA 19 -57.89 -18.71 27.84
CA ILE LA 19 -56.94 -17.65 27.93
C ILE LA 19 -57.03 -16.71 26.73
N CYS LA 20 -57.17 -15.41 27.02
CA CYS LA 20 -57.31 -14.40 25.99
C CYS LA 20 -56.02 -14.20 25.23
N ARG LA 21 -56.16 -14.15 23.93
CA ARG LA 21 -55.03 -14.15 23.01
C ARG LA 21 -54.35 -12.82 23.07
N LYS LA 22 -55.12 -11.76 23.25
CA LYS LA 22 -54.56 -10.44 23.47
C LYS LA 22 -53.80 -10.43 24.82
N CYS LA 23 -54.53 -10.33 25.92
CA CYS LA 23 -53.95 -9.93 27.19
C CYS LA 23 -53.59 -11.10 28.14
N TYR LA 24 -53.52 -12.32 27.61
CA TYR LA 24 -53.26 -13.50 28.42
C TYR LA 24 -54.06 -13.52 29.70
N ALA LA 25 -55.28 -13.03 29.65
CA ALA LA 25 -56.13 -13.07 30.81
C ALA LA 25 -56.68 -14.50 30.97
N ARG LA 26 -56.77 -14.95 32.22
CA ARG LA 26 -57.28 -16.28 32.50
C ARG LA 26 -58.74 -16.10 32.72
N LEU LA 27 -59.51 -16.93 32.02
CA LEU LA 27 -60.96 -16.80 31.96
C LEU LA 27 -61.62 -18.14 32.13
N HIS LA 28 -62.77 -18.14 32.76
CA HIS LA 28 -63.61 -19.35 32.88
C HIS LA 28 -63.84 -20.06 31.57
N PRO LA 29 -63.79 -21.39 31.60
CA PRO LA 29 -63.76 -22.16 30.36
C PRO LA 29 -64.96 -21.95 29.42
N ARG LA 30 -66.09 -21.55 29.99
CA ARG LA 30 -67.26 -21.22 29.18
C ARG LA 30 -67.06 -19.98 28.30
N ALA LA 31 -66.17 -19.08 28.74
CA ALA LA 31 -65.92 -17.80 28.08
C ALA LA 31 -65.91 -17.80 26.56
N VAL LA 32 -66.60 -16.85 25.97
CA VAL LA 32 -66.38 -16.47 24.58
C VAL LA 32 -65.62 -15.17 24.44
N ASN LA 33 -65.73 -14.29 25.42
CA ASN LA 33 -65.06 -12.99 25.36
C ASN LA 33 -64.23 -12.76 26.58
N CYS LA 34 -63.17 -12.01 26.41
CA CYS LA 34 -62.34 -11.65 27.55
C CYS LA 34 -63.12 -10.79 28.54
N ARG LA 35 -62.58 -10.73 29.75
CA ARG LA 35 -63.03 -9.78 30.75
C ARG LA 35 -62.48 -8.47 30.37
N LYS LA 36 -61.20 -8.49 30.05
CA LYS LA 36 -60.36 -7.36 30.28
C LYS LA 36 -60.61 -6.26 29.27
N LYS LA 37 -60.75 -5.04 29.80
CA LYS LA 37 -61.02 -3.85 29.01
C LYS LA 37 -59.80 -3.48 28.22
N LYS LA 38 -58.63 -3.74 28.78
CA LYS LA 38 -57.38 -3.48 28.10
C LYS LA 38 -57.28 -4.17 26.75
N CYS LA 39 -57.89 -5.34 26.62
CA CYS LA 39 -57.93 -6.01 25.34
C CYS LA 39 -59.19 -5.67 24.53
N GLY LA 40 -60.20 -5.08 25.19
CA GLY LA 40 -61.41 -4.62 24.50
C GLY LA 40 -62.30 -5.79 24.15
N HIS LA 41 -62.35 -6.75 25.06
CA HIS LA 41 -63.25 -7.87 24.98
C HIS LA 41 -63.00 -8.71 23.74
N THR LA 42 -61.76 -9.17 23.66
CA THR LA 42 -61.12 -9.66 22.44
C THR LA 42 -61.88 -10.67 21.61
N ASN LA 43 -62.37 -11.69 22.29
CA ASN LA 43 -62.92 -12.89 21.69
C ASN LA 43 -61.90 -13.87 21.05
N ASN LA 44 -60.74 -13.39 20.61
CA ASN LA 44 -59.64 -14.30 20.38
C ASN LA 44 -59.30 -14.91 21.70
N LEU LA 45 -59.85 -16.07 21.97
CA LEU LA 45 -59.48 -16.80 23.19
C LEU LA 45 -58.82 -18.08 22.77
N ARG LA 46 -58.32 -18.82 23.74
CA ARG LA 46 -57.86 -20.16 23.47
C ARG LA 46 -57.91 -20.94 24.76
N PRO LA 47 -57.79 -22.26 24.66
CA PRO LA 47 -57.72 -23.05 25.88
C PRO LA 47 -56.31 -23.07 26.45
N LYS LA 48 -56.18 -22.86 27.76
CA LYS LA 48 -54.91 -22.97 28.43
C LYS LA 48 -54.27 -24.29 28.04
N LYS LA 49 -52.99 -24.25 27.72
CA LYS LA 49 -52.30 -25.47 27.34
C LYS LA 49 -52.27 -26.44 28.53
N LYS LA 50 -52.32 -27.74 28.22
CA LYS LA 50 -52.29 -28.78 29.24
C LYS LA 50 -50.86 -29.19 29.49
N VAL LA 51 -50.55 -29.57 30.72
CA VAL LA 51 -49.31 -30.30 30.98
C VAL LA 51 -49.47 -31.74 30.46
N LYS LA 52 -48.42 -32.27 29.84
CA LYS LA 52 -48.44 -33.63 29.29
C LYS LA 52 -48.06 -34.64 30.38
N ARG MA 1 28.09 -24.85 -12.78
CA ARG MA 1 29.59 -24.62 -12.85
C ARG MA 1 30.23 -24.72 -11.46
N ALA MA 2 31.39 -24.12 -11.26
CA ALA MA 2 31.91 -23.88 -9.93
C ALA MA 2 32.06 -22.41 -9.66
N LYS MA 3 32.72 -21.73 -10.58
CA LYS MA 3 32.81 -20.29 -10.57
C LYS MA 3 31.48 -19.63 -10.34
N TRP MA 4 30.48 -20.03 -11.10
CA TRP MA 4 29.18 -19.45 -10.92
C TRP MA 4 28.52 -19.88 -9.64
N ARG MA 5 28.80 -21.07 -9.12
CA ARG MA 5 28.27 -21.45 -7.82
C ARG MA 5 28.86 -20.59 -6.73
N LYS MA 6 30.15 -20.31 -6.84
CA LYS MA 6 30.79 -19.38 -5.92
C LYS MA 6 30.10 -18.04 -5.96
N LYS MA 7 29.78 -17.54 -7.15
CA LYS MA 7 29.09 -16.25 -7.31
C LYS MA 7 27.78 -16.30 -6.58
N ARG MA 8 26.98 -17.31 -6.88
CA ARG MA 8 25.75 -17.55 -6.17
C ARG MA 8 25.92 -17.35 -4.67
N MET MA 9 26.86 -18.08 -4.08
CA MET MA 9 27.09 -18.01 -2.63
C MET MA 9 27.42 -16.63 -2.15
N ARG MA 10 28.23 -15.92 -2.92
CA ARG MA 10 28.68 -14.59 -2.51
C ARG MA 10 27.59 -13.54 -2.57
N ARG MA 11 26.65 -13.71 -3.50
CA ARG MA 11 25.43 -12.90 -3.53
C ARG MA 11 24.49 -13.30 -2.40
N LEU MA 12 24.36 -14.59 -2.19
CA LEU MA 12 23.44 -15.12 -1.19
C LEU MA 12 23.87 -14.76 0.24
N LYS MA 13 25.18 -14.82 0.52
CA LYS MA 13 25.75 -14.22 1.74
C LYS MA 13 25.37 -12.75 1.80
N ARG MA 14 25.59 -12.03 0.71
CA ARG MA 14 25.33 -10.58 0.63
C ARG MA 14 23.93 -10.20 1.02
N LYS MA 15 22.99 -11.12 0.87
CA LYS MA 15 21.66 -10.93 1.41
C LYS MA 15 21.66 -11.19 2.92
N ARG MA 16 22.16 -12.34 3.34
CA ARG MA 16 22.25 -12.67 4.76
C ARG MA 16 23.02 -11.66 5.60
N ARG MA 17 24.02 -10.99 5.03
CA ARG MA 17 24.65 -9.84 5.70
C ARG MA 17 23.56 -8.80 5.94
N LYS MA 18 22.81 -8.51 4.89
CA LYS MA 18 21.88 -7.40 4.87
C LYS MA 18 20.67 -7.59 5.76
N MET MA 19 20.22 -8.82 5.90
CA MET MA 19 19.10 -9.14 6.81
C MET MA 19 19.48 -9.12 8.27
N ARG MA 20 20.70 -9.52 8.56
CA ARG MA 20 21.19 -9.56 9.91
C ARG MA 20 21.67 -8.18 10.35
N GLN MA 21 22.01 -7.31 9.40
CA GLN MA 21 22.29 -5.91 9.72
C GLN MA 21 21.02 -5.13 10.07
N ARG MA 22 19.84 -5.67 9.73
CA ARG MA 22 18.58 -5.11 10.21
C ARG MA 22 18.41 -5.24 11.72
N SER MA 23 19.05 -6.24 12.31
CA SER MA 23 19.06 -6.45 13.78
C SER MA 23 20.45 -6.17 14.41
N VAL NA 1 -25.44 22.45 -51.74
CA VAL NA 1 -26.56 22.63 -52.72
C VAL NA 1 -25.94 22.73 -54.11
N ASN NA 2 -26.81 22.89 -55.09
CA ASN NA 2 -26.42 22.86 -56.48
C ASN NA 2 -27.29 23.86 -57.18
N VAL NA 3 -26.70 24.85 -57.85
CA VAL NA 3 -27.46 25.70 -58.77
C VAL NA 3 -26.90 25.37 -60.12
N PRO NA 4 -27.31 26.11 -61.15
CA PRO NA 4 -26.67 26.06 -62.46
C PRO NA 4 -26.02 27.38 -62.84
N LYS NA 5 -25.11 27.32 -63.80
CA LYS NA 5 -24.25 28.46 -64.11
C LYS NA 5 -24.93 29.53 -64.95
N THR NA 6 -26.01 29.16 -65.64
CA THR NA 6 -26.90 30.12 -66.29
C THR NA 6 -28.18 30.26 -65.49
N ARG NA 7 -28.95 31.27 -65.83
CA ARG NA 7 -30.12 31.66 -65.04
C ARG NA 7 -30.85 32.71 -65.84
N ARG NA 8 -32.01 32.38 -66.38
CA ARG NA 8 -32.72 33.37 -67.18
C ARG NA 8 -33.62 34.15 -66.27
N THR NA 9 -33.17 35.31 -65.83
CA THR NA 9 -33.85 36.09 -64.80
C THR NA 9 -33.94 37.56 -65.17
N PHE NA 10 -34.37 38.40 -64.23
CA PHE NA 10 -34.52 39.82 -64.51
C PHE NA 10 -33.18 40.54 -64.54
N CYS NA 11 -32.95 41.35 -65.58
CA CYS NA 11 -31.77 42.22 -65.67
C CYS NA 11 -32.29 43.62 -65.55
N LYS NA 12 -32.14 44.20 -64.36
CA LYS NA 12 -32.61 45.54 -64.12
C LYS NA 12 -32.34 46.48 -65.31
N LYS NA 13 -31.07 46.58 -65.71
CA LYS NA 13 -30.65 47.58 -66.67
C LYS NA 13 -31.38 47.40 -67.99
N CYS NA 14 -31.40 46.17 -68.45
CA CYS NA 14 -32.12 45.82 -69.66
C CYS NA 14 -33.63 45.99 -69.48
N GLY NA 15 -34.14 45.65 -68.30
CA GLY NA 15 -35.57 45.85 -67.97
C GLY NA 15 -36.49 44.73 -68.43
N LYS NA 16 -35.89 43.61 -68.84
CA LYS NA 16 -36.61 42.42 -69.22
C LYS NA 16 -36.09 41.30 -68.38
N HIS NA 17 -36.49 40.09 -68.76
CA HIS NA 17 -35.74 38.92 -68.43
C HIS NA 17 -34.63 38.74 -69.42
N GLN NA 18 -33.60 38.02 -68.96
CA GLN NA 18 -32.43 37.71 -69.76
C GLN NA 18 -31.59 36.64 -69.10
N PRO NA 19 -30.80 35.92 -69.91
CA PRO NA 19 -29.82 34.97 -69.37
C PRO NA 19 -28.66 35.62 -68.62
N HIS NA 20 -28.26 34.95 -67.57
CA HIS NA 20 -27.21 35.41 -66.71
C HIS NA 20 -26.22 34.32 -66.47
N LYS NA 21 -24.97 34.67 -66.71
CA LYS NA 21 -23.84 33.89 -66.30
C LYS NA 21 -23.76 34.13 -64.79
N VAL NA 22 -24.08 33.10 -64.01
CA VAL NA 22 -23.89 33.10 -62.56
C VAL NA 22 -22.50 32.64 -62.23
N THR NA 23 -21.98 33.16 -61.14
CA THR NA 23 -20.75 32.66 -60.58
C THR NA 23 -20.61 33.20 -59.19
N GLN NA 24 -20.16 32.38 -58.25
CA GLN NA 24 -20.28 32.78 -56.86
C GLN NA 24 -19.27 33.88 -56.46
N TYR NA 25 -19.55 34.48 -55.30
CA TYR NA 25 -19.01 35.77 -54.92
C TYR NA 25 -17.84 35.57 -53.96
N LYS NA 26 -16.99 36.59 -53.89
CA LYS NA 26 -15.88 36.66 -52.93
C LYS NA 26 -15.66 38.09 -52.49
N LYS NA 27 -15.17 38.30 -51.28
CA LYS NA 27 -14.74 39.63 -50.86
C LYS NA 27 -13.59 40.10 -51.71
N GLY NA 28 -13.44 41.41 -51.85
CA GLY NA 28 -12.19 41.99 -52.34
C GLY NA 28 -11.17 42.13 -51.22
N LYS NA 29 -9.93 42.46 -51.58
CA LYS NA 29 -8.95 42.91 -50.58
C LYS NA 29 -9.35 44.30 -50.11
N ASP NA 30 -8.83 44.72 -48.96
CA ASP NA 30 -9.52 45.74 -48.16
C ASP NA 30 -8.97 47.17 -48.23
N SER NA 31 -8.86 47.69 -49.45
CA SER NA 31 -8.57 49.11 -49.71
C SER NA 31 -7.33 49.75 -49.08
N LEU NA 32 -7.26 49.75 -47.76
CA LEU NA 32 -6.16 50.36 -47.03
C LEU NA 32 -6.32 51.86 -46.95
N TYR NA 33 -6.85 52.49 -48.00
CA TYR NA 33 -7.25 53.88 -47.95
C TYR NA 33 -8.75 54.09 -47.87
N ALA NA 34 -9.48 53.05 -47.51
CA ALA NA 34 -10.88 53.22 -47.15
C ALA NA 34 -10.96 53.92 -45.81
N GLN NA 35 -11.92 54.82 -45.68
CA GLN NA 35 -12.06 55.64 -44.48
C GLN NA 35 -11.70 54.85 -43.28
N GLY NA 36 -12.44 53.78 -43.10
CA GLY NA 36 -12.30 52.92 -41.95
C GLY NA 36 -10.87 52.58 -41.64
N LYS NA 37 -10.24 51.82 -42.53
CA LYS NA 37 -8.87 51.37 -42.29
C LYS NA 37 -7.93 52.51 -41.99
N ARG NA 38 -8.12 53.67 -42.63
CA ARG NA 38 -7.32 54.88 -42.33
C ARG NA 38 -7.50 55.29 -40.90
N ARG NA 39 -8.77 55.31 -40.49
CA ARG NA 39 -9.11 55.73 -39.17
C ARG NA 39 -8.45 54.76 -38.25
N TYR NA 40 -8.73 53.48 -38.43
CA TYR NA 40 -8.13 52.45 -37.58
C TYR NA 40 -6.65 52.67 -37.37
N ASP NA 41 -5.93 52.82 -38.47
CA ASP NA 41 -4.49 52.94 -38.40
C ASP NA 41 -4.03 54.25 -37.77
N ARG NA 42 -4.84 55.29 -37.74
CA ARG NA 42 -4.44 56.49 -37.03
C ARG NA 42 -4.93 56.53 -35.60
N LYS NA 43 -5.77 55.56 -35.23
CA LYS NA 43 -6.11 55.36 -33.84
C LYS NA 43 -5.13 54.37 -33.27
N GLN NA 44 -5.15 53.17 -33.83
CA GLN NA 44 -4.33 52.08 -33.36
C GLN NA 44 -2.91 52.48 -32.96
N SER NA 45 -2.28 53.28 -33.82
CA SER NA 45 -0.87 53.69 -33.66
C SER NA 45 -0.58 54.53 -32.41
N GLY NA 46 0.71 54.50 -32.06
CA GLY NA 46 1.22 54.98 -30.79
C GLY NA 46 1.26 53.87 -29.75
N TYR NA 47 0.96 54.27 -28.53
CA TYR NA 47 0.72 53.36 -27.43
C TYR NA 47 -0.80 53.26 -27.15
N GLY NA 48 -1.15 52.47 -26.13
CA GLY NA 48 -2.53 52.09 -25.85
C GLY NA 48 -2.82 50.61 -26.10
N GLY NA 49 -2.04 49.98 -26.97
CA GLY NA 49 -2.32 48.61 -27.38
C GLY NA 49 -3.51 48.64 -28.30
N GLN NA 50 -4.34 47.61 -28.23
CA GLN NA 50 -5.48 47.49 -29.13
C GLN NA 50 -6.60 48.45 -28.79
N THR NA 51 -7.30 48.94 -29.81
CA THR NA 51 -8.26 50.02 -29.64
C THR NA 51 -9.66 49.79 -30.12
N LYS NA 52 -9.85 48.73 -30.88
CA LYS NA 52 -11.17 48.24 -31.18
C LYS NA 52 -11.23 46.77 -30.72
N PRO NA 53 -12.43 46.19 -30.68
CA PRO NA 53 -12.57 44.81 -30.27
C PRO NA 53 -12.13 43.85 -31.35
N ILE NA 54 -11.80 42.64 -30.93
CA ILE NA 54 -11.57 41.55 -31.83
C ILE NA 54 -12.54 40.48 -31.49
N PHE NA 55 -13.23 39.99 -32.50
CA PHE NA 55 -14.25 38.99 -32.35
C PHE NA 55 -13.61 37.65 -32.07
N ARG NA 56 -13.97 37.03 -30.95
CA ARG NA 56 -13.34 35.77 -30.54
C ARG NA 56 -14.42 34.83 -30.05
N LYS NA 57 -15.37 34.50 -30.91
CA LYS NA 57 -16.56 33.77 -30.46
C LYS NA 57 -17.41 33.20 -31.61
N LYS NA 58 -16.72 32.62 -32.59
CA LYS NA 58 -17.37 32.11 -33.79
C LYS NA 58 -18.47 31.15 -33.44
N ALA NA 59 -19.69 31.54 -33.78
CA ALA NA 59 -20.85 30.75 -33.45
C ALA NA 59 -21.34 29.86 -34.59
N LYS NA 60 -21.22 30.30 -35.85
CA LYS NA 60 -21.80 29.53 -36.97
C LYS NA 60 -20.89 29.12 -38.08
N THR NA 61 -21.40 28.11 -38.78
CA THR NA 61 -20.64 27.13 -39.53
C THR NA 61 -20.87 27.20 -41.04
N THR NA 62 -21.22 28.39 -41.50
CA THR NA 62 -21.59 28.64 -42.89
C THR NA 62 -21.83 30.12 -43.13
N LYS NA 63 -21.46 30.55 -44.33
CA LYS NA 63 -21.82 31.86 -44.80
C LYS NA 63 -23.06 31.68 -45.66
N LYS NA 64 -23.80 32.75 -45.87
CA LYS NA 64 -24.80 32.75 -46.90
C LYS NA 64 -24.05 32.88 -48.20
N ILE NA 65 -24.37 32.03 -49.17
CA ILE NA 65 -23.72 32.08 -50.48
C ILE NA 65 -24.35 33.15 -51.31
N VAL NA 66 -23.57 33.75 -52.18
CA VAL NA 66 -24.02 34.92 -52.92
C VAL NA 66 -23.55 34.86 -54.35
N LEU NA 67 -24.50 34.95 -55.26
CA LEU NA 67 -24.24 34.75 -56.65
C LEU NA 67 -23.99 36.09 -57.27
N ARG NA 68 -23.01 36.14 -58.17
CA ARG NA 68 -22.75 37.32 -58.98
C ARG NA 68 -23.35 37.00 -60.35
N LEU NA 69 -24.53 37.53 -60.60
CA LEU NA 69 -25.23 37.28 -61.84
C LEU NA 69 -24.81 38.28 -62.87
N GLU NA 70 -23.85 37.91 -63.71
CA GLU NA 70 -23.46 38.77 -64.82
C GLU NA 70 -24.44 38.52 -65.92
N CYS NA 71 -25.17 39.55 -66.34
CA CYS NA 71 -26.03 39.42 -67.50
C CYS NA 71 -25.17 39.17 -68.73
N VAL NA 72 -25.74 38.45 -69.70
CA VAL NA 72 -25.01 37.97 -70.86
C VAL NA 72 -25.07 38.92 -72.03
N GLU NA 73 -26.21 39.57 -72.23
CA GLU NA 73 -26.35 40.53 -73.32
C GLU NA 73 -25.25 41.58 -73.23
N PRO NA 74 -24.42 41.72 -74.28
CA PRO NA 74 -23.40 42.76 -74.30
C PRO NA 74 -24.06 44.07 -74.68
N ASN NA 75 -23.34 45.16 -74.47
CA ASN NA 75 -23.96 46.49 -74.33
C ASN NA 75 -24.88 46.48 -73.08
N CYS NA 76 -24.41 45.79 -72.05
CA CYS NA 76 -25.09 45.70 -70.76
C CYS NA 76 -24.13 45.08 -69.76
N ARG NA 77 -24.05 43.75 -69.71
CA ARG NA 77 -23.11 43.06 -68.84
C ARG NA 77 -23.24 43.47 -67.37
N SER NA 78 -24.47 43.78 -66.97
CA SER NA 78 -24.75 44.31 -65.65
C SER NA 78 -24.67 43.23 -64.59
N LYS NA 79 -23.68 43.35 -63.72
CA LYS NA 79 -23.53 42.39 -62.65
C LYS NA 79 -24.49 42.72 -61.53
N ARG NA 80 -24.72 41.74 -60.66
CA ARG NA 80 -25.73 41.85 -59.60
C ARG NA 80 -25.64 40.74 -58.55
N MET NA 81 -25.69 41.11 -57.28
CA MET NA 81 -25.59 40.12 -56.20
C MET NA 81 -26.92 39.49 -55.90
N LEU NA 82 -26.92 38.19 -55.73
CA LEU NA 82 -28.14 37.47 -55.43
C LEU NA 82 -27.83 36.41 -54.39
N ALA NA 83 -28.44 36.54 -53.22
CA ALA NA 83 -28.13 35.66 -52.08
C ALA NA 83 -29.08 34.49 -51.97
N ILE NA 84 -28.67 33.52 -51.17
CA ILE NA 84 -29.34 32.23 -51.06
C ILE NA 84 -29.10 31.72 -49.67
N LYS NA 85 -30.05 30.93 -49.15
CA LYS NA 85 -29.98 30.36 -47.80
C LYS NA 85 -28.72 29.56 -47.53
N ARG NA 86 -28.46 29.33 -46.27
CA ARG NA 86 -27.19 28.77 -45.86
C ARG NA 86 -27.05 27.32 -46.28
N CYS NA 87 -25.82 26.85 -46.22
CA CYS NA 87 -25.48 25.47 -46.55
C CYS NA 87 -23.99 25.24 -46.37
N LYS NA 88 -23.62 24.07 -45.82
CA LYS NA 88 -22.21 23.68 -45.71
C LYS NA 88 -21.77 22.73 -46.85
N HIS NA 89 -22.16 23.10 -48.06
CA HIS NA 89 -21.73 22.46 -49.31
C HIS NA 89 -22.41 23.23 -50.44
N PHE NA 90 -21.69 23.53 -51.51
CA PHE NA 90 -22.27 24.30 -52.62
C PHE NA 90 -21.42 24.16 -53.88
N GLU NA 91 -22.07 24.22 -55.03
CA GLU NA 91 -21.35 24.28 -56.31
C GLU NA 91 -22.23 24.87 -57.41
N LEU NA 92 -21.75 24.84 -58.64
CA LEU NA 92 -22.54 25.23 -59.79
C LEU NA 92 -22.33 24.24 -60.94
N GLY NA 93 -23.42 23.62 -61.36
CA GLY NA 93 -23.43 22.71 -62.50
C GLY NA 93 -22.98 21.29 -62.17
N GLY NA 94 -23.06 20.92 -60.90
CA GLY NA 94 -22.61 19.60 -60.46
C GLY NA 94 -23.56 18.47 -60.85
N ASP NA 95 -23.65 18.20 -62.15
CA ASP NA 95 -24.51 17.16 -62.73
C ASP NA 95 -25.99 17.37 -62.43
N LYS NA 96 -26.83 16.57 -63.07
CA LYS NA 96 -28.27 16.70 -62.94
C LYS NA 96 -28.91 15.55 -62.15
N LYS NA 97 -28.10 14.82 -61.40
CA LYS NA 97 -28.57 13.77 -60.47
C LYS NA 97 -29.27 12.52 -61.06
N ARG NA 98 -30.32 12.70 -61.86
CA ARG NA 98 -31.02 11.60 -62.59
C ARG NA 98 -31.74 10.59 -61.71
N LYS NA 99 -33.06 10.53 -61.86
CA LYS NA 99 -33.89 9.51 -61.19
C LYS NA 99 -33.80 8.19 -61.94
N GLY NA 100 -34.45 7.17 -61.39
CA GLY NA 100 -34.68 5.88 -62.09
C GLY NA 100 -33.43 5.17 -62.59
N GLN NA 101 -32.39 5.21 -61.76
CA GLN NA 101 -31.04 4.74 -62.10
C GLN NA 101 -30.49 3.86 -60.98
N VAL NA 102 -29.38 3.18 -61.28
CA VAL NA 102 -28.77 2.23 -60.35
C VAL NA 102 -27.64 2.86 -59.54
N ILE NA 103 -27.58 2.49 -58.25
CA ILE NA 103 -26.54 2.98 -57.34
C ILE NA 103 -25.57 1.82 -57.08
N GLN NA 104 -24.27 2.11 -57.08
CA GLN NA 104 -23.21 1.09 -57.02
C GLN NA 104 -22.06 1.45 -56.07
N ALA OA 1 49.86 4.07 18.50
CA ALA OA 1 48.47 3.93 19.05
C ALA OA 1 48.46 3.87 20.59
N LYS OA 2 48.89 4.96 21.21
CA LYS OA 2 48.88 5.11 22.68
C LYS OA 2 47.47 5.43 23.18
N ARG OA 3 46.88 6.50 22.61
CA ARG OA 3 45.60 7.07 23.06
C ARG OA 3 44.46 6.57 22.22
N THR OA 4 44.55 6.78 20.92
CA THR OA 4 43.50 6.43 19.97
C THR OA 4 43.98 5.45 18.94
N LYS OA 5 43.03 4.77 18.30
CA LYS OA 5 43.34 3.84 17.24
C LYS OA 5 43.57 4.54 15.92
N LYS OA 6 42.57 5.24 15.40
CA LYS OA 6 42.65 5.72 14.03
C LYS OA 6 41.89 6.99 13.72
N VAL OA 7 41.87 7.91 14.67
CA VAL OA 7 41.44 9.27 14.38
C VAL OA 7 42.65 10.13 14.35
N GLY OA 8 43.50 9.96 15.35
CA GLY OA 8 44.62 10.82 15.51
C GLY OA 8 44.20 12.26 15.66
N ILE OA 9 45.11 13.12 15.25
CA ILE OA 9 44.92 14.54 15.18
C ILE OA 9 43.49 15.02 15.04
N VAL OA 10 42.67 14.33 14.24
CA VAL OA 10 41.28 14.79 14.00
C VAL OA 10 40.17 14.18 14.88
N GLY OA 11 40.54 13.70 16.07
CA GLY OA 11 39.62 13.44 17.15
C GLY OA 11 39.31 14.70 17.91
N LYS OA 12 40.01 15.79 17.57
CA LYS OA 12 39.56 17.16 17.89
C LYS OA 12 38.14 17.49 17.42
N TYR OA 13 37.86 17.05 16.21
CA TYR OA 13 36.61 17.31 15.60
C TYR OA 13 35.52 16.45 16.20
N GLY OA 14 35.87 15.23 16.61
CA GLY OA 14 34.95 14.33 17.32
C GLY OA 14 34.14 13.46 16.39
N THR OA 15 32.96 13.04 16.84
CA THR OA 15 31.98 12.37 15.96
C THR OA 15 31.70 13.11 14.64
N ARG OA 16 31.57 14.42 14.76
CA ARG OA 16 31.14 15.29 13.69
C ARG OA 16 31.76 15.10 12.29
N TYR OA 17 30.98 15.44 11.29
CA TYR OA 17 31.39 15.77 9.90
C TYR OA 17 31.36 14.55 9.01
N GLY OA 18 31.77 13.40 9.55
CA GLY OA 18 31.78 12.16 8.82
C GLY OA 18 32.95 11.36 9.30
N ALA OA 19 33.07 10.15 8.80
CA ALA OA 19 34.33 9.39 8.89
C ALA OA 19 35.19 9.93 7.75
N SER OA 20 34.61 9.91 6.56
CA SER OA 20 35.30 10.29 5.36
C SER OA 20 35.96 11.60 5.54
N LEU OA 21 35.16 12.62 5.85
CA LEU OA 21 35.70 13.94 5.84
C LEU OA 21 36.72 14.16 6.90
N ARG OA 22 36.53 13.58 8.08
CA ARG OA 22 37.61 13.58 9.06
C ARG OA 22 38.86 12.90 8.49
N LYS OA 23 38.69 11.66 8.04
CA LYS OA 23 39.78 10.89 7.45
C LYS OA 23 40.51 11.64 6.32
N MET OA 24 39.76 12.40 5.53
CA MET OA 24 40.29 13.21 4.44
C MET OA 24 41.02 14.44 4.95
N VAL OA 25 40.51 15.01 6.02
CA VAL OA 25 41.16 16.12 6.63
C VAL OA 25 42.44 15.67 7.26
N LYS OA 26 42.42 14.58 8.03
CA LYS OA 26 43.60 14.15 8.77
C LYS OA 26 44.91 14.34 8.02
N LYS OA 27 44.94 13.88 6.77
CA LYS OA 27 46.10 14.03 5.89
C LYS OA 27 46.61 15.47 5.87
N ILE OA 28 45.71 16.42 5.64
CA ILE OA 28 46.04 17.85 5.60
C ILE OA 28 46.32 18.39 7.00
N GLU OA 29 45.38 18.16 7.90
CA GLU OA 29 45.49 18.54 9.31
C GLU OA 29 46.85 18.19 9.87
N ILE OA 30 47.46 17.12 9.34
CA ILE OA 30 48.86 16.86 9.58
C ILE OA 30 49.73 17.86 8.84
N SER OA 31 49.95 17.59 7.55
CA SER OA 31 50.93 18.33 6.77
C SER OA 31 51.03 19.80 7.16
N GLN OA 32 49.87 20.45 7.28
CA GLN OA 32 49.79 21.89 7.45
C GLN OA 32 50.38 22.43 8.74
N HIS OA 33 50.50 21.57 9.73
CA HIS OA 33 51.08 21.97 10.98
C HIS OA 33 52.53 21.48 11.13
N ALA OA 34 53.02 20.77 10.13
CA ALA OA 34 54.19 19.93 10.30
C ALA OA 34 55.45 20.66 9.93
N LYS OA 35 56.41 20.58 10.84
CA LYS OA 35 57.56 21.43 10.76
C LYS OA 35 58.44 20.81 9.72
N TYR OA 36 58.74 21.57 8.68
CA TYR OA 36 59.64 21.12 7.64
C TYR OA 36 61.05 21.66 7.89
N THR OA 37 61.99 21.44 6.95
CA THR OA 37 63.35 21.91 7.15
C THR OA 37 63.72 23.02 6.21
N CYS OA 38 64.32 24.04 6.80
CA CYS OA 38 64.59 25.32 6.14
C CYS OA 38 65.76 25.13 5.21
N SER OA 39 65.43 24.72 4.00
CA SER OA 39 66.34 24.66 2.88
C SER OA 39 67.22 25.91 2.75
N PHE OA 40 67.96 26.25 3.80
CA PHE OA 40 68.54 27.58 3.93
C PHE OA 40 69.52 27.53 5.08
N CYS OA 41 69.02 27.12 6.24
CA CYS OA 41 69.85 26.88 7.42
C CYS OA 41 70.02 25.40 7.70
N GLY OA 42 68.93 24.65 7.53
CA GLY OA 42 68.92 23.24 7.87
C GLY OA 42 68.38 22.96 9.24
N LYS OA 43 67.77 23.95 9.91
CA LYS OA 43 66.99 23.65 11.11
C LYS OA 43 65.63 23.19 10.70
N THR OA 44 64.97 22.49 11.60
CA THR OA 44 63.65 21.93 11.35
C THR OA 44 62.57 22.91 11.86
N LYS OA 45 62.52 24.05 11.20
CA LYS OA 45 61.75 25.17 11.68
C LYS OA 45 60.89 25.81 10.63
N MET OA 46 60.86 25.28 9.41
CA MET OA 46 59.90 25.73 8.44
C MET OA 46 58.53 25.40 8.96
N LYS OA 47 57.59 26.33 8.80
CA LYS OA 47 56.30 26.24 9.46
C LYS OA 47 55.31 27.22 8.85
N ARG OA 48 54.11 26.74 8.63
CA ARG OA 48 53.11 27.50 7.93
C ARG OA 48 52.62 28.66 8.78
N ARG OA 49 52.73 29.88 8.25
CA ARG OA 49 52.17 31.08 8.87
C ARG OA 49 50.72 31.28 8.43
N ALA OA 50 50.54 31.30 7.11
CA ALA OA 50 49.22 31.34 6.49
C ALA OA 50 49.22 30.64 5.12
N VAL OA 51 48.05 30.58 4.48
CA VAL OA 51 47.91 29.81 3.22
C VAL OA 51 49.05 30.17 2.33
N GLY OA 52 49.87 29.18 2.00
CA GLY OA 52 50.93 29.34 1.02
C GLY OA 52 52.02 30.30 1.42
N ILE OA 53 52.21 30.49 2.73
CA ILE OA 53 53.31 31.27 3.23
C ILE OA 53 53.85 30.61 4.46
N TRP OA 54 55.16 30.46 4.44
CA TRP OA 54 55.93 29.61 5.33
C TRP OA 54 57.10 30.41 5.86
N HIS OA 55 57.56 30.09 7.06
CA HIS OA 55 58.60 30.84 7.70
C HIS OA 55 59.57 29.89 8.40
N CYS OA 56 60.80 30.33 8.58
CA CYS OA 56 61.76 29.59 9.38
C CYS OA 56 62.12 30.52 10.51
N GLY OA 57 61.88 30.10 11.74
CA GLY OA 57 62.23 30.92 12.87
C GLY OA 57 63.66 31.41 12.81
N SER OA 58 64.56 30.48 12.57
CA SER OA 58 65.99 30.75 12.58
C SER OA 58 66.44 31.57 11.35
N CYS OA 59 66.38 30.95 10.18
CA CYS OA 59 66.64 31.62 8.91
C CYS OA 59 65.93 32.96 8.85
N MET OA 60 64.69 33.02 9.34
CA MET OA 60 63.86 34.21 9.21
C MET OA 60 63.36 34.48 7.79
N LYS OA 61 63.59 33.54 6.88
CA LYS OA 61 63.04 33.63 5.55
C LYS OA 61 61.57 33.36 5.66
N THR OA 62 60.79 34.13 4.94
CA THR OA 62 59.45 33.74 4.61
C THR OA 62 59.61 33.13 3.27
N VAL OA 63 58.70 32.24 2.94
CA VAL OA 63 58.75 31.51 1.70
C VAL OA 63 57.34 31.34 1.24
N ALA OA 64 57.07 31.56 -0.04
CA ALA OA 64 55.74 31.22 -0.56
C ALA OA 64 55.73 29.75 -0.91
N GLY OA 65 54.54 29.18 -0.86
CA GLY OA 65 54.41 27.75 -0.99
C GLY OA 65 52.98 27.32 -1.09
N GLY OA 66 52.74 26.05 -0.80
CA GLY OA 66 51.45 25.47 -1.01
C GLY OA 66 50.55 25.75 0.14
N ALA OA 67 49.28 25.41 0.00
CA ALA OA 67 48.27 25.74 0.99
C ALA OA 67 48.29 24.87 2.24
N TRP OA 68 48.75 23.64 2.07
CA TRP OA 68 48.84 22.70 3.17
C TRP OA 68 50.20 22.04 3.24
N THR OA 69 51.16 22.61 2.51
CA THR OA 69 52.45 22.02 2.33
C THR OA 69 53.46 23.04 1.80
N TYR OA 70 54.73 22.79 2.09
CA TYR OA 70 55.79 23.67 1.66
C TYR OA 70 55.85 23.68 0.13
N ASN OA 71 55.88 22.48 -0.43
CA ASN OA 71 55.86 22.30 -1.86
C ASN OA 71 54.53 21.76 -2.33
N THR OA 72 54.01 22.31 -3.43
CA THR OA 72 53.02 21.62 -4.23
C THR OA 72 53.73 20.81 -5.28
N THR OA 73 53.26 19.62 -5.54
CA THR OA 73 53.88 18.78 -6.53
C THR OA 73 54.07 19.51 -7.85
N SER OA 74 52.99 20.14 -8.32
CA SER OA 74 53.06 20.94 -9.53
C SER OA 74 54.22 21.94 -9.52
N ALA OA 75 54.36 22.70 -8.44
CA ALA OA 75 55.47 23.66 -8.31
C ALA OA 75 56.81 23.02 -8.59
N VAL OA 76 57.00 21.84 -8.01
CA VAL OA 76 58.25 21.13 -8.13
C VAL OA 76 58.52 20.69 -9.56
N THR OA 77 57.53 20.17 -10.25
CA THR OA 77 57.75 19.77 -11.62
C THR OA 77 57.95 20.96 -12.55
N VAL OA 78 57.09 21.97 -12.42
CA VAL OA 78 57.17 23.19 -13.25
C VAL OA 78 58.55 23.80 -13.09
N LYS OA 79 58.94 24.04 -11.84
CA LYS OA 79 60.27 24.48 -11.54
C LYS OA 79 61.26 23.68 -12.35
N SER OA 80 61.19 22.35 -12.24
CA SER OA 80 62.10 21.49 -12.98
C SER OA 80 62.00 21.73 -14.47
N ALA OA 81 60.77 21.75 -15.00
CA ALA OA 81 60.56 21.96 -16.43
C ALA OA 81 61.11 23.29 -16.91
N ILE OA 82 60.92 24.32 -16.11
CA ILE OA 82 61.50 25.60 -16.44
C ILE OA 82 63.03 25.47 -16.48
N ARG OA 83 63.63 24.78 -15.50
CA ARG OA 83 65.08 24.58 -15.47
C ARG OA 83 65.61 23.79 -16.65
N ARG OA 84 64.78 22.93 -17.19
CA ARG OA 84 65.13 22.21 -18.40
C ARG OA 84 64.95 23.08 -19.64
N LEU OA 85 64.01 24.01 -19.61
CA LEU OA 85 63.80 24.96 -20.70
C LEU OA 85 64.87 26.04 -20.74
N LYS OA 86 65.17 26.60 -19.58
CA LYS OA 86 66.24 27.58 -19.42
C LYS OA 86 67.60 27.10 -19.96
N GLU OA 87 67.95 25.83 -19.73
CA GLU OA 87 69.20 25.25 -20.26
C GLU OA 87 69.14 25.09 -21.77
N LEU OA 88 67.95 24.78 -22.28
CA LEU OA 88 67.72 24.64 -23.72
C LEU OA 88 67.92 25.95 -24.50
N LYS OA 89 67.54 27.08 -23.90
CA LYS OA 89 67.61 28.39 -24.58
C LYS OA 89 69.05 28.90 -24.71
N ASP OA 90 69.77 28.98 -23.60
CA ASP OA 90 71.08 29.62 -23.55
C ASP OA 90 72.21 28.80 -24.17
N GLN OA 91 72.28 27.52 -23.78
CA GLN OA 91 73.36 26.59 -24.17
C GLN OA 91 74.73 27.02 -23.62
N SER PA 1 -62.10 103.74 -9.90
CA SER PA 1 -63.50 103.69 -9.33
C SER PA 1 -63.59 102.77 -8.11
N ALA PA 2 -64.81 102.61 -7.60
CA ALA PA 2 -65.02 102.02 -6.29
C ALA PA 2 -64.72 100.57 -6.26
N HIS PA 3 -65.37 99.84 -7.13
CA HIS PA 3 -65.14 98.43 -7.15
C HIS PA 3 -63.75 98.07 -7.55
N LEU PA 4 -63.05 98.97 -8.23
CA LEU PA 4 -61.67 98.74 -8.59
C LEU PA 4 -60.71 98.93 -7.41
N GLN PA 5 -60.75 100.10 -6.79
CA GLN PA 5 -59.81 100.37 -5.73
C GLN PA 5 -60.09 99.58 -4.49
N TRP PA 6 -61.30 99.07 -4.34
CA TRP PA 6 -61.51 98.04 -3.36
C TRP PA 6 -60.52 96.91 -3.63
N MET PA 7 -60.58 96.35 -4.82
CA MET PA 7 -59.80 95.17 -5.16
C MET PA 7 -58.33 95.41 -5.00
N VAL PA 8 -57.91 96.67 -5.15
CA VAL PA 8 -56.51 97.04 -4.90
C VAL PA 8 -56.22 96.99 -3.41
N VAL PA 9 -57.17 97.51 -2.64
CA VAL PA 9 -57.07 97.63 -1.19
C VAL PA 9 -57.35 96.34 -0.44
N ARG PA 10 -58.59 95.86 -0.58
CA ARG PA 10 -59.16 94.73 0.18
C ARG PA 10 -58.28 93.90 1.09
N ASN PA 11 -57.06 93.58 0.68
CA ASN PA 11 -56.17 92.77 1.48
C ASN PA 11 -55.04 93.52 2.12
N CYS PA 12 -54.56 94.59 1.48
CA CYS PA 12 -53.39 95.30 1.97
C CYS PA 12 -53.55 96.80 2.01
N SER PA 13 -54.41 97.21 2.93
CA SER PA 13 -54.43 98.56 3.41
C SER PA 13 -53.60 98.65 4.68
N SER PA 14 -53.04 99.84 4.88
CA SER PA 14 -52.54 100.24 6.19
C SER PA 14 -53.62 100.19 7.25
N PHE PA 15 -54.83 100.55 6.87
CA PHE PA 15 -55.93 100.58 7.82
C PHE PA 15 -56.39 99.21 8.30
N LEU PA 16 -56.09 98.19 7.51
CA LEU PA 16 -56.54 96.86 7.80
C LEU PA 16 -55.77 96.29 8.93
N ILE PA 17 -56.49 95.52 9.73
CA ILE PA 17 -55.93 94.82 10.87
C ILE PA 17 -56.62 93.46 10.99
N LYS PA 18 -55.79 92.44 10.93
CA LYS PA 18 -56.21 91.08 11.04
C LYS PA 18 -55.86 90.68 12.45
N ARG PA 19 -55.67 89.38 12.68
CA ARG PA 19 -55.30 88.82 13.98
C ARG PA 19 -56.50 88.24 14.69
N ASN PA 20 -56.20 87.21 15.47
CA ASN PA 20 -57.12 86.61 16.39
C ASN PA 20 -58.40 86.04 15.77
N LYS PA 21 -58.33 85.77 14.45
CA LYS PA 21 -59.43 85.24 13.64
C LYS PA 21 -60.46 86.24 13.12
N GLN PA 22 -60.47 87.47 13.63
CA GLN PA 22 -61.30 88.51 13.03
C GLN PA 22 -60.48 89.24 12.02
N THR PA 23 -61.18 90.08 11.27
CA THR PA 23 -60.58 91.06 10.39
C THR PA 23 -61.31 92.37 10.65
N TYR PA 24 -60.55 93.41 10.94
CA TYR PA 24 -61.11 94.70 11.24
C TYR PA 24 -60.46 95.67 10.32
N SER PA 25 -61.00 96.88 10.24
CA SER PA 25 -60.36 97.95 9.49
C SER PA 25 -60.50 99.17 10.34
N THR PA 26 -59.60 100.11 10.14
CA THR PA 26 -59.53 101.24 11.00
C THR PA 26 -59.63 102.51 10.20
N GLU PA 27 -60.13 102.43 8.98
CA GLU PA 27 -60.04 103.60 8.10
C GLU PA 27 -61.09 104.57 8.57
N PRO PA 28 -60.83 105.86 8.36
CA PRO PA 28 -61.76 106.86 8.82
C PRO PA 28 -63.06 106.81 8.04
N ASN PA 29 -64.15 107.03 8.76
CA ASN PA 29 -65.49 106.92 8.22
C ASN PA 29 -65.81 105.52 7.72
N ASN PA 30 -65.44 104.50 8.49
CA ASN PA 30 -66.05 103.20 8.35
C ASN PA 30 -66.68 102.99 9.67
N LEU PA 31 -67.92 103.42 9.77
CA LEU PA 31 -68.78 103.03 10.87
C LEU PA 31 -68.86 101.50 10.84
N LYS PA 32 -68.63 100.86 11.99
CA LYS PA 32 -68.71 99.42 12.09
C LYS PA 32 -67.37 98.69 11.85
N ALA PA 33 -66.35 99.42 11.42
CA ALA PA 33 -64.97 98.93 11.52
C ALA PA 33 -64.64 97.69 10.71
N ARG PA 34 -65.44 97.45 9.68
CA ARG PA 34 -65.35 96.22 8.91
C ARG PA 34 -64.40 96.36 7.74
N ASN PA 35 -63.69 95.29 7.42
CA ASN PA 35 -63.07 95.27 6.13
C ASN PA 35 -64.09 94.69 5.24
N SER PA 36 -64.87 95.58 4.68
CA SER PA 36 -65.95 95.19 3.80
C SER PA 36 -66.01 96.20 2.68
N PHE PA 37 -66.56 95.79 1.54
CA PHE PA 37 -66.69 96.72 0.45
C PHE PA 37 -67.77 97.71 0.74
N ARG PA 38 -68.73 97.33 1.54
CA ARG PA 38 -69.78 98.27 1.90
C ARG PA 38 -69.27 99.34 2.84
N TYR PA 39 -68.68 98.89 3.92
CA TYR PA 39 -68.36 99.76 5.00
C TYR PA 39 -66.91 100.11 4.86
N ASN PA 40 -66.61 101.02 3.95
CA ASN PA 40 -65.25 101.50 3.78
C ASN PA 40 -65.27 102.94 3.35
N GLY PA 41 -64.47 103.75 4.02
CA GLY PA 41 -64.66 105.19 4.00
C GLY PA 41 -64.07 105.87 2.79
N LEU PA 42 -62.97 105.32 2.34
CA LEU PA 42 -62.16 106.05 1.43
C LEU PA 42 -62.59 105.77 0.02
N ILE PA 43 -63.13 104.60 -0.24
CA ILE PA 43 -63.30 104.18 -1.60
C ILE PA 43 -64.42 104.91 -2.31
N HIS PA 44 -65.49 105.22 -1.59
CA HIS PA 44 -66.77 105.50 -2.24
C HIS PA 44 -66.96 106.91 -2.66
N ARG PA 45 -67.90 107.11 -3.57
CA ARG PA 45 -68.36 108.43 -3.95
C ARG PA 45 -69.01 109.13 -2.77
N LYS PA 46 -69.81 108.37 -2.05
CA LYS PA 46 -70.53 108.88 -0.89
C LYS PA 46 -70.30 108.00 0.32
N THR PA 47 -69.88 108.63 1.39
CA THR PA 47 -69.34 107.98 2.56
C THR PA 47 -69.93 108.67 3.77
N VAL PA 48 -70.29 107.91 4.79
CA VAL PA 48 -70.80 108.49 6.03
C VAL PA 48 -69.76 108.26 7.06
N GLY PA 49 -69.76 109.07 8.11
CA GLY PA 49 -68.99 108.79 9.32
C GLY PA 49 -69.66 109.35 10.57
N VAL PA 50 -69.53 108.65 11.70
CA VAL PA 50 -70.07 109.10 12.98
C VAL PA 50 -69.00 108.96 14.04
N GLU PA 51 -68.27 110.05 14.25
CA GLU PA 51 -67.21 110.08 15.23
C GLU PA 51 -67.84 110.79 16.42
N PRO PA 52 -67.15 110.81 17.57
CA PRO PA 52 -67.62 111.68 18.65
C PRO PA 52 -67.26 113.12 18.36
N ALA PA 53 -67.78 114.04 19.16
CA ALA PA 53 -67.36 115.43 19.04
C ALA PA 53 -65.99 115.66 19.69
N ALA PA 54 -65.45 116.84 19.47
CA ALA PA 54 -64.21 117.26 20.09
C ALA PA 54 -64.37 117.45 21.60
N ASP PA 55 -65.48 118.09 21.98
CA ASP PA 55 -65.73 118.54 23.36
C ASP PA 55 -65.77 117.44 24.42
N GLY PA 56 -66.12 116.22 24.01
CA GLY PA 56 -66.44 115.14 24.93
C GLY PA 56 -67.93 115.04 25.17
N LYS PA 57 -68.75 115.72 24.35
CA LYS PA 57 -70.20 115.59 24.39
C LYS PA 57 -70.74 115.49 22.98
N GLY PA 58 -71.76 114.67 22.78
CA GLY PA 58 -72.40 114.50 21.48
C GLY PA 58 -71.55 113.88 20.37
N VAL PA 59 -72.11 113.86 19.17
CA VAL PA 59 -71.56 113.17 18.02
C VAL PA 59 -71.27 114.12 16.85
N VAL PA 60 -70.26 113.82 16.02
CA VAL PA 60 -70.13 114.46 14.69
C VAL PA 60 -70.36 113.50 13.54
N VAL PA 61 -71.30 113.89 12.71
CA VAL PA 61 -71.63 113.15 11.53
C VAL PA 61 -70.67 113.68 10.48
N VAL PA 62 -70.29 112.84 9.53
CA VAL PA 62 -69.38 113.24 8.46
C VAL PA 62 -69.90 112.71 7.16
N MET PA 63 -69.87 113.54 6.14
CA MET PA 63 -70.43 113.22 4.84
C MET PA 63 -69.47 113.65 3.74
N LYS PA 64 -69.28 112.81 2.73
CA LYS PA 64 -68.49 113.16 1.57
C LYS PA 64 -69.31 114.12 0.72
N ARG PA 65 -68.67 114.95 -0.07
CA ARG PA 65 -69.41 115.91 -0.89
C ARG PA 65 -69.86 115.26 -2.17
N ARG PA 66 -68.90 114.82 -2.97
CA ARG PA 66 -69.04 114.45 -4.40
C ARG PA 66 -68.63 115.63 -5.26
N SER PA 67 -69.01 116.84 -4.86
CA SER PA 67 -68.47 118.06 -5.44
C SER PA 67 -67.12 117.79 -6.14
N GLY PA 68 -66.16 117.25 -5.41
CA GLY PA 68 -64.91 116.84 -6.03
C GLY PA 68 -64.02 116.11 -5.07
N GLN PA 69 -63.95 114.80 -5.23
CA GLN PA 69 -62.93 114.00 -4.58
C GLN PA 69 -61.80 113.89 -5.57
N ARG PA 70 -60.57 113.96 -5.07
CA ARG PA 70 -59.42 114.57 -5.75
C ARG PA 70 -58.85 115.52 -4.73
N LYS PA 71 -59.76 116.21 -4.02
CA LYS PA 71 -59.42 117.25 -3.08
C LYS PA 71 -59.75 116.84 -1.67
N PRO PA 72 -58.86 116.06 -1.03
CA PRO PA 72 -59.11 115.60 0.33
C PRO PA 72 -59.27 116.68 1.40
N ALA PA 73 -58.80 117.90 1.13
CA ALA PA 73 -59.02 119.02 2.04
C ALA PA 73 -60.49 119.31 2.24
N THR PA 74 -61.18 119.30 1.12
CA THR PA 74 -62.54 119.77 1.03
C THR PA 74 -63.59 118.67 1.12
N SER PA 75 -63.19 117.46 0.78
CA SER PA 75 -64.15 116.43 0.38
C SER PA 75 -65.10 116.00 1.45
N TYR PA 76 -64.76 116.21 2.71
CA TYR PA 76 -65.66 115.87 3.79
C TYR PA 76 -66.24 117.12 4.39
N VAL PA 77 -67.38 116.95 5.06
CA VAL PA 77 -68.04 118.04 5.77
C VAL PA 77 -68.66 117.51 7.08
N ARG PA 78 -68.21 118.10 8.19
CA ARG PA 78 -68.50 117.59 9.51
C ARG PA 78 -69.60 118.44 10.07
N THR PA 79 -70.38 117.86 10.98
CA THR PA 79 -71.42 118.59 11.71
C THR PA 79 -71.62 117.95 13.08
N THR PA 80 -71.31 118.71 14.12
CA THR PA 80 -71.53 118.26 15.48
C THR PA 80 -73.01 118.30 15.77
N ILE PA 81 -73.45 117.30 16.53
CA ILE PA 81 -74.83 117.21 16.97
C ILE PA 81 -74.76 116.85 18.43
N ASN PA 82 -75.18 117.79 19.27
CA ASN PA 82 -74.99 117.69 20.72
C ASN PA 82 -76.33 117.61 21.47
N LYS PA 83 -77.25 116.82 20.92
CA LYS PA 83 -78.65 116.85 21.30
C LYS PA 83 -79.06 115.64 22.13
N ASN PA 84 -80.29 115.72 22.65
CA ASN PA 84 -80.96 114.64 23.42
C ASN PA 84 -81.21 113.32 22.69
N ALA PA 85 -80.15 112.53 22.56
CA ALA PA 85 -80.19 111.11 22.15
C ALA PA 85 -81.15 110.75 21.04
N ARG PA 86 -82.43 110.85 21.35
CA ARG PA 86 -83.48 110.53 20.41
C ARG PA 86 -83.38 111.38 19.14
N ALA PA 87 -83.35 112.70 19.33
CA ALA PA 87 -83.31 113.64 18.21
C ALA PA 87 -81.98 113.65 17.48
N THR PA 88 -80.88 113.44 18.22
CA THR PA 88 -79.55 113.17 17.66
C THR PA 88 -79.60 112.07 16.64
N LEU PA 89 -80.31 111.01 17.01
CA LEU PA 89 -80.50 109.86 16.15
C LEU PA 89 -81.37 110.26 14.97
N SER PA 90 -82.57 110.72 15.26
CA SER PA 90 -83.48 111.05 14.17
C SER PA 90 -82.95 112.13 13.21
N SER PA 91 -82.10 113.03 13.67
CA SER PA 91 -81.38 113.89 12.73
C SER PA 91 -80.52 113.04 11.81
N ILE PA 92 -79.70 112.19 12.39
CA ILE PA 92 -78.91 111.30 11.59
C ILE PA 92 -79.77 110.57 10.56
N ARG PA 93 -80.88 109.99 11.02
CA ARG PA 93 -81.84 109.26 10.15
C ARG PA 93 -82.27 110.03 8.92
N HIS PA 94 -82.61 111.29 9.14
CA HIS PA 94 -83.02 112.16 8.08
C HIS PA 94 -81.87 112.49 7.16
N MET PA 95 -80.73 112.87 7.74
CA MET PA 95 -79.58 113.14 6.93
C MET PA 95 -79.50 112.08 5.89
N ILE PA 96 -79.52 110.83 6.34
CA ILE PA 96 -79.25 109.68 5.48
C ILE PA 96 -80.41 109.34 4.57
N ARG PA 97 -81.58 109.09 5.16
CA ARG PA 97 -82.73 108.62 4.41
C ARG PA 97 -83.35 109.72 3.53
N LYS PA 98 -83.58 110.90 4.11
CA LYS PA 98 -84.30 111.96 3.40
C LYS PA 98 -83.44 112.76 2.43
N ASN PA 99 -82.16 112.42 2.29
CA ASN PA 99 -81.33 112.93 1.19
C ASN PA 99 -81.00 111.89 0.15
N LYS PA 100 -81.34 110.63 0.43
CA LYS PA 100 -80.92 109.50 -0.37
C LYS PA 100 -79.39 109.37 -0.43
N TYR PA 101 -78.73 109.61 0.70
CA TYR PA 101 -77.31 109.41 0.77
C TYR PA 101 -77.03 108.06 1.41
N HIS PA 102 -76.57 107.11 0.61
CA HIS PA 102 -75.89 105.94 1.13
C HIS PA 102 -76.70 105.24 2.22
N PRO PA 103 -78.02 104.93 1.92
CA PRO PA 103 -78.79 104.37 3.04
C PRO PA 103 -78.21 103.07 3.57
N ASP PA 104 -77.76 102.18 2.68
CA ASP PA 104 -76.99 101.01 3.13
C ASP PA 104 -76.62 101.19 4.61
N LEU PA 105 -75.89 102.26 4.90
CA LEU PA 105 -75.36 102.52 6.22
C LEU PA 105 -76.44 102.82 7.22
N ARG PA 106 -77.26 103.79 6.87
CA ARG PA 106 -78.30 104.34 7.72
C ARG PA 106 -78.34 103.82 9.13
N MET PA 107 -78.72 102.57 9.27
CA MET PA 107 -78.96 102.02 10.59
C MET PA 107 -77.65 101.90 11.35
N ALA PA 108 -76.65 101.33 10.70
CA ALA PA 108 -75.34 101.20 11.28
C ALA PA 108 -74.88 102.54 11.84
N ALA PA 109 -75.14 103.62 11.10
CA ALA PA 109 -74.75 104.96 11.51
C ALA PA 109 -75.50 105.39 12.76
N ILE PA 110 -76.81 105.11 12.75
CA ILE PA 110 -77.68 105.35 13.89
C ILE PA 110 -77.17 104.62 15.09
N ARG PA 111 -77.04 103.31 14.97
CA ARG PA 111 -76.52 102.50 16.06
C ARG PA 111 -75.22 103.08 16.60
N ARG PA 112 -74.27 103.33 15.69
CA ARG PA 112 -72.96 103.82 16.05
C ARG PA 112 -73.04 105.11 16.87
N ALA PA 113 -73.83 106.06 16.37
CA ALA PA 113 -74.15 107.29 17.12
C ALA PA 113 -74.69 106.94 18.49
N SER PA 114 -75.54 105.91 18.53
CA SER PA 114 -76.16 105.49 19.76
C SER PA 114 -75.18 104.87 20.75
N ALA PA 115 -74.19 104.15 20.28
CA ALA PA 115 -73.15 103.67 21.18
C ALA PA 115 -72.00 104.68 21.41
N ILE PA 116 -71.87 105.71 20.59
CA ILE PA 116 -71.00 106.81 20.98
C ILE PA 116 -71.62 107.47 22.19
N LEU PA 117 -72.87 107.90 22.03
CA LEU PA 117 -73.58 108.59 23.10
C LEU PA 117 -73.50 107.84 24.42
N ARG PA 118 -73.68 106.52 24.37
CA ARG PA 118 -73.52 105.70 25.56
C ARG PA 118 -72.14 105.88 26.19
N SER PA 119 -71.10 105.87 25.36
CA SER PA 119 -69.74 106.02 25.85
C SER PA 119 -69.64 107.22 26.76
N GLN PA 120 -70.21 108.34 26.31
CA GLN PA 120 -70.17 109.58 27.06
C GLN PA 120 -71.43 109.83 27.91
N LYS PA 121 -71.28 109.47 29.18
CA LYS PA 121 -72.16 109.85 30.27
C LYS PA 121 -71.54 109.36 31.59
N PRO PA 122 -72.10 109.75 32.75
CA PRO PA 122 -71.68 109.16 34.02
C PRO PA 122 -71.57 107.64 33.94
N VAL PA 123 -70.40 107.12 34.31
CA VAL PA 123 -70.03 105.75 33.93
C VAL PA 123 -70.81 104.63 34.65
N MET PA 124 -70.74 104.56 35.98
CA MET PA 124 -71.24 103.40 36.74
C MET PA 124 -71.17 103.68 38.26
N VAL PA 125 -71.36 102.63 39.07
CA VAL PA 125 -71.15 102.71 40.52
C VAL PA 125 -69.70 103.03 40.87
N ASP QA 1 -86.42 -30.51 4.32
CA ASP QA 1 -86.23 -31.60 5.31
C ASP QA 1 -86.76 -31.18 6.70
N ARG QA 2 -87.13 -32.17 7.50
CA ARG QA 2 -87.72 -31.98 8.85
C ARG QA 2 -89.15 -31.39 8.87
N ALA QA 3 -89.73 -31.15 7.70
CA ALA QA 3 -91.17 -31.01 7.53
C ALA QA 3 -91.70 -32.24 6.77
N THR QA 4 -91.02 -32.57 5.68
CA THR QA 4 -91.26 -33.80 4.94
C THR QA 4 -90.91 -35.03 5.77
N TRP QA 5 -89.83 -34.98 6.55
CA TRP QA 5 -89.46 -36.09 7.44
C TRP QA 5 -90.45 -36.26 8.60
N LYS QA 6 -90.91 -35.15 9.18
CA LYS QA 6 -91.92 -35.20 10.24
C LYS QA 6 -93.25 -35.79 9.77
N SER QA 7 -93.70 -35.36 8.58
CA SER QA 7 -94.91 -35.92 7.96
C SER QA 7 -94.74 -37.38 7.52
N ASN QA 8 -93.53 -37.76 7.11
CA ASN QA 8 -93.21 -39.14 6.73
C ASN QA 8 -93.22 -40.10 7.94
N TYR QA 9 -92.74 -39.64 9.09
CA TYR QA 9 -92.84 -40.42 10.33
C TYR QA 9 -94.28 -40.55 10.80
N PHE QA 10 -95.09 -39.50 10.64
CA PHE QA 10 -96.52 -39.61 10.90
C PHE QA 10 -97.12 -40.77 10.09
N LEU QA 11 -96.69 -40.90 8.84
CA LEU QA 11 -97.15 -41.98 7.96
C LEU QA 11 -96.60 -43.37 8.34
N LYS QA 12 -95.42 -43.42 8.96
CA LYS QA 12 -94.88 -44.68 9.50
C LYS QA 12 -95.68 -45.16 10.72
N ILE QA 13 -95.78 -44.32 11.75
CA ILE QA 13 -96.51 -44.67 12.99
C ILE QA 13 -97.97 -45.00 12.75
N ILE QA 14 -98.64 -44.23 11.87
CA ILE QA 14 -100.03 -44.52 11.54
C ILE QA 14 -100.20 -45.85 10.80
N GLN QA 15 -99.24 -46.19 9.93
CA GLN QA 15 -99.22 -47.48 9.22
C GLN QA 15 -98.97 -48.64 10.19
N LEU QA 16 -98.02 -48.45 11.11
CA LEU QA 16 -97.75 -49.45 12.16
C LEU QA 16 -98.88 -49.60 13.17
N LEU QA 17 -99.75 -48.59 13.28
CA LEU QA 17 -100.98 -48.70 14.05
C LEU QA 17 -102.09 -49.43 13.28
N ASP QA 18 -102.15 -49.22 11.96
CA ASP QA 18 -103.11 -49.93 11.09
C ASP QA 18 -102.78 -51.42 10.91
N ASP QA 19 -101.50 -51.72 10.72
CA ASP QA 19 -101.03 -53.10 10.52
C ASP QA 19 -101.28 -53.96 11.77
N TYR QA 20 -100.77 -53.50 12.91
CA TYR QA 20 -100.82 -54.27 14.16
C TYR QA 20 -101.81 -53.67 15.15
N PRO QA 21 -102.73 -54.50 15.66
CA PRO QA 21 -103.61 -54.09 16.75
C PRO QA 21 -102.99 -54.32 18.13
N LYS QA 22 -101.77 -54.86 18.17
CA LYS QA 22 -101.10 -55.19 19.43
C LYS QA 22 -99.72 -54.56 19.47
N CYS QA 23 -99.42 -53.88 20.58
CA CYS QA 23 -98.15 -53.17 20.77
C CYS QA 23 -97.61 -53.41 22.16
N PHE QA 24 -96.31 -53.12 22.33
CA PHE QA 24 -95.63 -53.28 23.61
C PHE QA 24 -94.73 -52.09 23.93
N ILE QA 25 -95.10 -51.35 24.99
CA ILE QA 25 -94.41 -50.11 25.36
C ILE QA 25 -93.23 -50.46 26.27
N VAL QA 26 -92.02 -50.22 25.76
CA VAL QA 26 -90.78 -50.51 26.51
C VAL QA 26 -89.97 -49.24 26.73
N GLY QA 27 -89.42 -49.12 27.94
CA GLY QA 27 -88.49 -48.03 28.26
C GLY QA 27 -87.15 -48.31 27.60
N ALA QA 28 -86.55 -47.28 27.01
CA ALA QA 28 -85.25 -47.41 26.36
C ALA QA 28 -84.14 -47.49 27.41
N ASP QA 29 -84.15 -46.55 28.36
CA ASP QA 29 -83.18 -46.48 29.47
C ASP QA 29 -81.73 -46.28 28.98
N ASN QA 30 -80.75 -46.40 29.87
CA ASN QA 30 -79.32 -46.41 29.51
C ASN QA 30 -79.03 -47.56 28.55
N VAL QA 31 -79.25 -47.32 27.26
CA VAL QA 31 -79.20 -48.35 26.23
C VAL QA 31 -78.30 -47.93 25.07
N GLY QA 32 -77.55 -48.89 24.53
CA GLY QA 32 -76.65 -48.65 23.40
C GLY QA 32 -77.38 -48.65 22.08
N SER QA 33 -76.67 -48.29 20.99
CA SER QA 33 -77.13 -48.54 19.63
C SER QA 33 -76.88 -50.02 19.27
N LYS QA 34 -75.77 -50.55 19.77
CA LYS QA 34 -75.44 -51.98 19.64
C LYS QA 34 -76.52 -52.87 20.26
N GLN QA 35 -76.98 -52.53 21.46
CA GLN QA 35 -78.14 -53.20 22.08
C GLN QA 35 -79.37 -53.14 21.17
N MET QA 36 -79.65 -51.96 20.61
CA MET QA 36 -80.79 -51.76 19.69
C MET QA 36 -80.63 -52.53 18.39
N GLN QA 37 -79.39 -52.69 17.94
CA GLN QA 37 -79.10 -53.54 16.78
C GLN QA 37 -79.31 -55.02 17.10
N GLN QA 38 -78.87 -55.46 18.28
CA GLN QA 38 -79.11 -56.85 18.75
C GLN QA 38 -80.60 -57.18 18.86
N ILE QA 39 -81.37 -56.28 19.45
CA ILE QA 39 -82.83 -56.46 19.62
C ILE QA 39 -83.58 -56.38 18.28
N ARG QA 40 -83.02 -55.65 17.31
CA ARG QA 40 -83.55 -55.64 15.94
C ARG QA 40 -83.34 -57.00 15.25
N MET QA 41 -82.15 -57.59 15.46
CA MET QA 41 -81.81 -58.89 14.85
C MET QA 41 -82.63 -60.07 15.40
N SER QA 42 -82.77 -60.13 16.73
CA SER QA 42 -83.53 -61.21 17.37
C SER QA 42 -85.02 -61.13 17.04
N LEU QA 43 -85.61 -59.97 17.27
CA LEU QA 43 -87.02 -59.71 16.98
C LEU QA 43 -87.17 -59.03 15.61
N ARG QA 44 -86.66 -59.71 14.59
CA ARG QA 44 -86.59 -59.16 13.23
C ARG QA 44 -87.86 -59.46 12.45
N GLY QA 45 -88.19 -60.75 12.32
CA GLY QA 45 -89.27 -61.21 11.46
C GLY QA 45 -90.66 -60.81 11.91
N LYS QA 46 -91.00 -61.18 13.14
CA LYS QA 46 -92.34 -60.96 13.69
C LYS QA 46 -92.60 -59.49 14.03
N ALA QA 47 -91.86 -58.99 15.00
CA ALA QA 47 -92.10 -57.67 15.58
C ALA QA 47 -91.39 -56.55 14.81
N VAL QA 48 -91.89 -55.32 15.00
CA VAL QA 48 -91.28 -54.10 14.47
C VAL QA 48 -91.10 -53.09 15.61
N VAL QA 49 -89.84 -52.80 15.93
CA VAL QA 49 -89.51 -51.88 17.00
C VAL QA 49 -89.49 -50.46 16.43
N LEU QA 50 -89.95 -49.52 17.26
CA LEU QA 50 -90.00 -48.10 16.90
C LEU QA 50 -89.65 -47.24 18.12
N MET QA 51 -89.10 -46.05 17.86
CA MET QA 51 -88.69 -45.12 18.92
C MET QA 51 -89.07 -43.68 18.56
N GLY QA 52 -90.15 -43.20 19.18
CA GLY QA 52 -90.67 -41.84 18.96
C GLY QA 52 -90.48 -40.95 20.17
N LYS QA 53 -91.36 -39.96 20.31
CA LYS QA 53 -91.09 -38.77 21.13
C LYS QA 53 -92.37 -38.11 21.71
N ASN QA 54 -92.72 -36.91 21.23
CA ASN QA 54 -94.05 -36.32 21.34
C ASN QA 54 -94.68 -36.01 19.96
N THR QA 55 -94.20 -36.71 18.92
CA THR QA 55 -94.98 -36.98 17.71
C THR QA 55 -95.62 -38.36 17.87
N MET QA 56 -95.25 -39.09 18.93
CA MET QA 56 -96.09 -40.17 19.46
C MET QA 56 -97.36 -39.56 20.06
N MET QA 57 -97.22 -38.39 20.68
CA MET QA 57 -98.36 -37.57 21.08
C MET QA 57 -99.03 -37.08 19.79
N ARG QA 58 -99.85 -37.97 19.25
CA ARG QA 58 -100.38 -37.92 17.89
C ARG QA 58 -101.23 -39.17 17.58
N LYS QA 59 -101.05 -40.24 18.35
CA LYS QA 59 -102.11 -41.25 18.56
C LYS QA 59 -103.53 -40.68 18.66
N ALA QA 60 -103.65 -39.45 19.17
CA ALA QA 60 -104.88 -38.66 19.06
C ALA QA 60 -105.43 -38.57 17.63
N ILE QA 61 -104.56 -38.28 16.67
CA ILE QA 61 -104.93 -38.11 15.25
C ILE QA 61 -105.38 -39.44 14.60
N ARG QA 62 -104.76 -40.56 15.00
CA ARG QA 62 -105.21 -41.89 14.57
C ARG QA 62 -106.61 -42.21 15.12
N GLY QA 63 -106.84 -41.87 16.39
CA GLY QA 63 -108.17 -42.00 17.00
C GLY QA 63 -109.21 -41.09 16.37
N HIS QA 64 -108.77 -39.91 15.94
CA HIS QA 64 -109.62 -38.98 15.18
C HIS QA 64 -110.03 -39.56 13.82
N LEU QA 65 -109.09 -40.25 13.16
CA LEU QA 65 -109.27 -40.77 11.79
C LEU QA 65 -110.42 -41.77 11.64
N GLU QA 66 -111.64 -41.25 11.62
CA GLU QA 66 -112.90 -41.98 11.38
C GLU QA 66 -112.94 -43.46 11.80
N ASN QA 67 -112.40 -43.78 12.98
CA ASN QA 67 -112.37 -45.17 13.47
C ASN QA 67 -112.17 -45.33 14.98
N ASN QA 68 -110.93 -45.18 15.45
CA ASN QA 68 -110.53 -45.75 16.75
C ASN QA 68 -110.83 -44.89 18.00
N PRO QA 69 -111.37 -45.53 19.05
CA PRO QA 69 -111.20 -45.11 20.43
C PRO QA 69 -110.12 -45.99 21.06
N ALA QA 70 -110.07 -46.10 22.39
CA ALA QA 70 -109.16 -47.02 23.10
C ALA QA 70 -107.69 -46.59 23.10
N LEU QA 71 -107.21 -46.06 21.97
CA LEU QA 71 -105.90 -45.41 21.88
C LEU QA 71 -105.80 -44.14 22.74
N GLU QA 72 -106.95 -43.57 23.12
CA GLU QA 72 -107.02 -42.50 24.13
C GLU QA 72 -106.44 -42.91 25.50
N LYS QA 73 -106.55 -44.19 25.83
CA LYS QA 73 -106.02 -44.74 27.09
C LYS QA 73 -104.47 -44.79 27.12
N LEU QA 74 -103.83 -44.79 25.95
CA LEU QA 74 -102.38 -44.99 25.83
C LEU QA 74 -101.52 -43.71 25.95
N LEU QA 75 -102.15 -42.55 25.87
CA LEU QA 75 -101.43 -41.26 25.82
C LEU QA 75 -100.63 -40.91 27.08
N PRO QA 76 -101.17 -41.18 28.28
CA PRO QA 76 -100.42 -40.88 29.51
C PRO QA 76 -99.16 -41.72 29.74
N HIS QA 77 -99.09 -42.92 29.13
CA HIS QA 77 -97.95 -43.82 29.30
C HIS QA 77 -96.81 -43.62 28.27
N ILE QA 78 -96.92 -42.58 27.44
CA ILE QA 78 -95.82 -42.18 26.54
C ILE QA 78 -95.02 -41.06 27.22
N ARG QA 79 -94.48 -41.38 28.40
CA ARG QA 79 -93.63 -40.48 29.17
C ARG QA 79 -92.47 -41.25 29.74
N GLY QA 80 -91.38 -40.54 30.00
CA GLY QA 80 -90.06 -41.15 30.16
C GLY QA 80 -89.46 -41.39 28.78
N ASN QA 81 -88.36 -42.12 28.74
CA ASN QA 81 -87.69 -42.46 27.48
C ASN QA 81 -88.38 -43.67 26.83
N VAL QA 82 -89.37 -43.41 25.99
CA VAL QA 82 -90.30 -44.43 25.50
C VAL QA 82 -90.00 -44.88 24.08
N GLY QA 83 -90.19 -46.17 23.83
CA GLY QA 83 -90.11 -46.78 22.49
C GLY QA 83 -91.09 -47.94 22.36
N PHE QA 84 -91.78 -48.00 21.22
CA PHE QA 84 -92.82 -49.02 21.00
C PHE QA 84 -92.28 -50.29 20.35
N VAL QA 85 -93.04 -51.36 20.53
CA VAL QA 85 -92.80 -52.65 19.88
C VAL QA 85 -94.12 -53.12 19.27
N PHE QA 86 -94.26 -52.92 17.95
CA PHE QA 86 -95.44 -53.34 17.21
C PHE QA 86 -95.30 -54.76 16.71
N THR QA 87 -96.35 -55.57 16.85
CA THR QA 87 -96.27 -57.02 16.60
C THR QA 87 -97.64 -57.70 16.53
N LYS QA 88 -97.67 -58.95 16.06
CA LYS QA 88 -98.91 -59.72 15.85
C LYS QA 88 -98.95 -61.14 16.45
N GLU QA 89 -97.89 -61.57 17.15
CA GLU QA 89 -97.81 -62.94 17.68
C GLU QA 89 -98.72 -63.13 18.91
N ASP QA 90 -98.25 -62.67 20.07
CA ASP QA 90 -98.95 -62.88 21.34
C ASP QA 90 -98.48 -61.82 22.35
N LEU QA 91 -98.88 -61.95 23.61
CA LEU QA 91 -98.56 -60.95 24.65
C LEU QA 91 -97.60 -61.49 25.72
N THR QA 92 -98.00 -62.55 26.42
CA THR QA 92 -97.19 -63.13 27.50
C THR QA 92 -95.89 -63.78 27.00
N GLU QA 93 -95.93 -64.32 25.77
CA GLU QA 93 -94.74 -64.89 25.13
C GLU QA 93 -93.72 -63.82 24.78
N ILE QA 94 -94.18 -62.72 24.19
CA ILE QA 94 -93.30 -61.59 23.82
C ILE QA 94 -92.71 -60.92 25.07
N ARG QA 95 -93.50 -60.80 26.12
CA ARG QA 95 -93.03 -60.33 27.44
C ARG QA 95 -91.84 -61.15 27.95
N ASP QA 96 -91.95 -62.48 27.83
CA ASP QA 96 -90.85 -63.38 28.20
C ASP QA 96 -89.63 -63.26 27.28
N MET QA 97 -89.86 -63.04 25.99
CA MET QA 97 -88.76 -62.82 25.03
C MET QA 97 -88.01 -61.51 25.28
N LEU QA 98 -88.74 -60.47 25.68
CA LEU QA 98 -88.15 -59.19 26.07
C LEU QA 98 -87.33 -59.31 27.35
N LEU QA 99 -87.89 -59.99 28.35
CA LEU QA 99 -87.20 -60.25 29.62
C LEU QA 99 -85.94 -61.10 29.43
N ALA QA 100 -86.01 -62.07 28.52
CA ALA QA 100 -84.92 -63.02 28.28
C ALA QA 100 -83.71 -62.42 27.53
N ASN QA 101 -83.95 -61.42 26.68
CA ASN QA 101 -82.88 -60.87 25.83
C ASN QA 101 -81.81 -60.12 26.65
N LYS QA 102 -82.12 -58.89 27.10
CA LYS QA 102 -81.26 -58.07 27.98
C LYS QA 102 -79.76 -57.93 27.59
N VAL QA 103 -78.99 -57.22 28.41
CA VAL QA 103 -77.54 -57.08 28.24
C VAL QA 103 -76.88 -56.76 29.60
N PRO QA 104 -75.59 -57.08 29.78
CA PRO QA 104 -74.92 -56.80 31.06
C PRO QA 104 -74.84 -55.30 31.42
N ALA QA 105 -73.99 -54.54 30.72
CA ALA QA 105 -73.72 -53.11 30.99
C ALA QA 105 -73.16 -52.84 32.40
N ALA QA 106 -71.96 -52.29 32.47
CA ALA QA 106 -71.21 -52.15 33.73
C ALA QA 106 -71.84 -51.15 34.71
N ALA QA 107 -71.26 -51.08 35.92
CA ALA QA 107 -71.82 -50.30 37.04
C ALA QA 107 -72.00 -48.80 36.77
N ARG QA 108 -73.14 -48.26 37.20
CA ARG QA 108 -73.41 -46.82 37.18
C ARG QA 108 -73.09 -46.26 38.56
N ALA QA 109 -72.13 -45.34 38.61
CA ALA QA 109 -71.72 -44.71 39.88
C ALA QA 109 -72.74 -43.64 40.27
N GLY QA 110 -73.44 -43.88 41.40
CA GLY QA 110 -74.44 -42.94 41.92
C GLY QA 110 -75.86 -43.50 41.95
N ALA QA 111 -76.22 -44.27 40.91
CA ALA QA 111 -77.57 -44.84 40.80
C ALA QA 111 -77.83 -45.97 41.79
N ILE QA 112 -79.11 -46.32 41.93
CA ILE QA 112 -79.55 -47.36 42.88
C ILE QA 112 -79.09 -48.76 42.48
N ALA QA 113 -79.08 -49.66 43.48
CA ALA QA 113 -78.71 -51.06 43.29
C ALA QA 113 -79.96 -51.93 43.30
N PRO QA 114 -80.21 -52.68 42.20
CA PRO QA 114 -81.42 -53.52 42.13
C PRO QA 114 -81.35 -54.81 42.94
N CYS QA 115 -80.19 -55.47 42.94
CA CYS QA 115 -79.99 -56.74 43.67
C CYS QA 115 -78.77 -56.68 44.58
N GLU QA 116 -78.65 -57.66 45.48
CA GLU QA 116 -77.53 -57.75 46.41
C GLU QA 116 -76.25 -58.20 45.69
N VAL QA 117 -75.39 -57.23 45.36
CA VAL QA 117 -74.16 -57.49 44.61
C VAL QA 117 -73.07 -58.05 45.54
N THR QA 118 -72.33 -59.04 45.05
CA THR QA 118 -71.29 -59.72 45.80
C THR QA 118 -69.94 -59.63 45.10
N VAL QA 119 -68.89 -60.00 45.83
CA VAL QA 119 -67.52 -60.08 45.30
C VAL QA 119 -66.95 -61.46 45.68
N PRO QA 120 -67.07 -62.45 44.77
CA PRO QA 120 -66.53 -63.80 45.03
C PRO QA 120 -65.00 -63.84 45.23
N ALA QA 121 -64.54 -64.83 46.01
CA ALA QA 121 -63.12 -64.98 46.32
C ALA QA 121 -62.37 -65.53 45.10
N GLN QA 122 -61.63 -64.64 44.43
CA GLN QA 122 -60.92 -65.00 43.19
C GLN QA 122 -59.84 -63.96 42.86
N ASN QA 123 -58.83 -64.38 42.08
CA ASN QA 123 -57.80 -63.48 41.56
C ASN QA 123 -58.36 -62.40 40.63
N THR QA 124 -57.72 -61.23 40.62
CA THR QA 124 -58.10 -60.13 39.74
C THR QA 124 -57.69 -60.39 38.29
N GLY QA 125 -56.47 -60.89 38.11
CA GLY QA 125 -55.88 -61.09 36.78
C GLY QA 125 -54.92 -59.96 36.44
N LEU QA 126 -53.98 -59.70 37.35
CA LEU QA 126 -53.02 -58.60 37.24
C LEU QA 126 -51.69 -59.00 37.89
N GLY QA 127 -50.70 -58.12 37.79
CA GLY QA 127 -49.42 -58.28 38.50
C GLY QA 127 -49.47 -57.67 39.90
N PRO QA 128 -48.30 -57.35 40.49
CA PRO QA 128 -48.27 -56.58 41.74
C PRO QA 128 -48.80 -55.14 41.57
N GLU QA 129 -50.12 -55.02 41.61
CA GLU QA 129 -50.83 -53.74 41.42
C GLU QA 129 -51.40 -53.21 42.75
N LYS QA 130 -52.05 -52.05 42.69
CA LYS QA 130 -52.63 -51.40 43.87
C LYS QA 130 -53.71 -52.24 44.56
N THR QA 131 -53.37 -52.79 45.72
CA THR QA 131 -54.34 -53.42 46.62
C THR QA 131 -55.08 -52.39 47.48
N SER QA 132 -54.55 -51.17 47.56
CA SER QA 132 -55.15 -50.09 48.37
C SER QA 132 -56.55 -49.64 47.91
N PHE QA 133 -56.81 -49.74 46.60
CA PHE QA 133 -58.15 -49.43 46.06
C PHE QA 133 -59.22 -50.37 46.59
N PHE QA 134 -58.89 -51.65 46.72
CA PHE QA 134 -59.81 -52.67 47.23
C PHE QA 134 -59.95 -52.57 48.75
N GLN QA 135 -58.83 -52.40 49.45
CA GLN QA 135 -58.81 -52.34 50.92
C GLN QA 135 -59.25 -51.00 51.55
N ALA QA 136 -59.48 -49.97 50.73
CA ALA QA 136 -59.90 -48.65 51.22
C ALA QA 136 -61.26 -48.68 51.94
N LEU QA 137 -62.23 -49.38 51.35
CA LEU QA 137 -63.58 -49.44 51.90
C LEU QA 137 -63.65 -50.49 53.03
N GLY QA 138 -63.35 -51.74 52.69
CA GLY QA 138 -63.39 -52.84 53.65
C GLY QA 138 -63.48 -54.21 52.99
N ILE QA 139 -62.44 -54.57 52.25
CA ILE QA 139 -62.36 -55.85 51.55
C ILE QA 139 -61.03 -56.53 51.90
N THR QA 140 -61.09 -57.83 52.17
CA THR QA 140 -59.91 -58.63 52.50
C THR QA 140 -59.25 -59.14 51.21
N THR QA 141 -58.14 -58.50 50.81
CA THR QA 141 -57.42 -58.85 49.59
C THR QA 141 -55.92 -59.02 49.87
N LYS QA 142 -55.36 -60.15 49.42
CA LYS QA 142 -53.93 -60.44 49.56
C LYS QA 142 -53.25 -60.55 48.19
N ILE QA 143 -51.93 -60.40 48.19
CA ILE QA 143 -51.10 -60.59 47.00
C ILE QA 143 -50.48 -61.99 47.09
N SER QA 144 -51.31 -63.00 46.84
CA SER QA 144 -50.87 -64.41 46.88
C SER QA 144 -50.10 -64.75 45.60
N ARG QA 145 -48.80 -64.45 45.61
CA ARG QA 145 -47.89 -64.65 44.47
C ARG QA 145 -48.36 -63.91 43.21
N GLY QA 146 -48.03 -62.63 43.14
CA GLY QA 146 -48.32 -61.79 41.97
C GLY QA 146 -49.74 -61.28 41.91
N THR QA 147 -50.69 -62.18 41.66
CA THR QA 147 -52.09 -61.82 41.46
C THR QA 147 -52.77 -61.37 42.76
N ILE QA 148 -53.58 -60.31 42.67
CA ILE QA 148 -54.33 -59.79 43.81
C ILE QA 148 -55.59 -60.66 43.98
N GLU QA 149 -55.57 -61.53 44.99
CA GLU QA 149 -56.68 -62.43 45.27
C GLU QA 149 -57.55 -61.89 46.40
N ILE QA 150 -58.86 -61.92 46.21
CA ILE QA 150 -59.83 -61.58 47.24
C ILE QA 150 -60.07 -62.85 48.07
N LEU QA 151 -59.97 -62.73 49.39
CA LEU QA 151 -59.92 -63.89 50.29
C LEU QA 151 -61.26 -64.30 50.94
N SER QA 152 -62.36 -63.64 50.57
CA SER QA 152 -63.68 -63.97 51.11
C SER QA 152 -64.83 -63.48 50.24
N ASP QA 153 -65.94 -64.22 50.27
CA ASP QA 153 -67.18 -63.84 49.56
C ASP QA 153 -67.93 -62.81 50.41
N VAL QA 154 -67.89 -61.55 49.99
CA VAL QA 154 -68.44 -60.43 50.75
C VAL QA 154 -69.43 -59.63 49.90
N GLN QA 155 -70.50 -59.16 50.54
CA GLN QA 155 -71.51 -58.30 49.89
C GLN QA 155 -71.14 -56.84 50.07
N LEU QA 156 -70.82 -56.15 48.97
CA LEU QA 156 -70.50 -54.72 49.02
C LEU QA 156 -71.77 -53.88 49.09
N ILE QA 157 -72.65 -54.07 48.10
CA ILE QA 157 -73.82 -53.21 47.88
C ILE QA 157 -75.10 -54.03 48.02
N LYS QA 158 -76.04 -53.55 48.85
CA LYS QA 158 -77.31 -54.22 49.12
C LYS QA 158 -78.44 -53.63 48.26
N THR QA 159 -79.65 -54.19 48.36
CA THR QA 159 -80.82 -53.73 47.61
C THR QA 159 -81.26 -52.32 48.04
N GLY QA 160 -81.48 -51.46 47.05
CA GLY QA 160 -81.87 -50.07 47.30
C GLY QA 160 -80.78 -49.20 47.90
N ASP QA 161 -79.51 -49.54 47.61
CA ASP QA 161 -78.35 -48.81 48.11
C ASP QA 161 -77.68 -48.03 46.98
N LYS QA 162 -77.12 -46.88 47.31
CA LYS QA 162 -76.42 -46.04 46.34
C LYS QA 162 -75.02 -46.60 46.09
N VAL QA 163 -74.66 -46.75 44.81
CA VAL QA 163 -73.37 -47.33 44.43
C VAL QA 163 -72.31 -46.22 44.43
N GLY QA 164 -71.29 -46.39 45.28
CA GLY QA 164 -70.14 -45.47 45.32
C GLY QA 164 -69.25 -45.54 44.09
N ALA QA 165 -68.43 -44.52 43.91
CA ALA QA 165 -67.59 -44.37 42.72
C ALA QA 165 -66.41 -45.34 42.69
N SER QA 166 -65.67 -45.41 43.79
CA SER QA 166 -64.49 -46.27 43.90
C SER QA 166 -64.83 -47.77 43.83
N GLU QA 167 -65.92 -48.16 44.49
CA GLU QA 167 -66.40 -49.55 44.42
C GLU QA 167 -66.97 -49.92 43.04
N ALA QA 168 -67.53 -48.94 42.33
CA ALA QA 168 -68.00 -49.15 40.95
C ALA QA 168 -66.83 -49.39 39.98
N THR QA 169 -65.76 -48.60 40.13
CA THR QA 169 -64.56 -48.74 39.30
C THR QA 169 -63.84 -50.07 39.52
N LEU QA 170 -63.82 -50.55 40.76
CA LEU QA 170 -63.21 -51.86 41.09
C LEU QA 170 -64.01 -53.01 40.46
N LEU QA 171 -65.35 -52.91 40.51
CA LEU QA 171 -66.24 -53.87 39.86
C LEU QA 171 -66.06 -53.89 38.33
N ASN QA 172 -65.84 -52.71 37.75
CA ASN QA 172 -65.54 -52.60 36.31
C ASN QA 172 -64.20 -53.22 35.91
N MET QA 173 -63.18 -53.07 36.78
CA MET QA 173 -61.88 -53.71 36.56
C MET QA 173 -61.96 -55.24 36.70
N LEU QA 174 -62.74 -55.72 37.66
CA LEU QA 174 -62.98 -57.16 37.85
C LEU QA 174 -63.89 -57.81 36.79
N ASN QA 175 -64.60 -56.98 36.01
CA ASN QA 175 -65.60 -57.44 35.02
C ASN QA 175 -66.81 -58.09 35.69
N ILE QA 176 -67.37 -57.37 36.67
CA ILE QA 176 -68.56 -57.79 37.40
C ILE QA 176 -69.66 -56.79 37.03
N SER QA 177 -70.70 -57.28 36.35
CA SER QA 177 -71.74 -56.41 35.77
C SER QA 177 -73.16 -56.87 36.11
N PRO QA 178 -73.59 -56.68 37.38
CA PRO QA 178 -74.97 -56.91 37.78
C PRO QA 178 -75.91 -55.71 37.56
N PHE QA 179 -75.35 -54.50 37.56
CA PHE QA 179 -76.14 -53.27 37.45
C PHE QA 179 -76.64 -53.04 36.02
N SER QA 180 -77.51 -52.04 35.87
CA SER QA 180 -78.27 -51.78 34.63
C SER QA 180 -79.28 -52.92 34.41
N PHE QA 181 -79.84 -53.02 33.21
CA PHE QA 181 -80.84 -54.06 32.91
C PHE QA 181 -80.87 -54.37 31.41
N GLY QA 182 -81.21 -53.37 30.59
CA GLY QA 182 -81.32 -53.53 29.14
C GLY QA 182 -82.50 -52.73 28.63
N LEU QA 183 -83.70 -53.24 28.91
CA LEU QA 183 -84.93 -52.47 28.75
C LEU QA 183 -86.08 -53.06 29.57
N ILE QA 184 -86.97 -52.19 30.03
CA ILE QA 184 -88.06 -52.55 30.94
C ILE QA 184 -89.38 -52.34 30.19
N ILE QA 185 -90.41 -53.06 30.63
CA ILE QA 185 -91.78 -52.92 30.10
C ILE QA 185 -92.61 -52.13 31.13
N GLN QA 186 -93.32 -51.10 30.67
CA GLN QA 186 -94.17 -50.27 31.52
C GLN QA 186 -95.65 -50.64 31.39
N GLN QA 187 -96.14 -50.65 30.15
CA GLN QA 187 -97.54 -50.98 29.87
C GLN QA 187 -97.66 -51.78 28.57
N VAL QA 188 -98.84 -52.36 28.35
CA VAL QA 188 -99.12 -53.22 27.19
C VAL QA 188 -100.40 -52.74 26.51
N PHE QA 189 -100.48 -53.00 25.21
CA PHE QA 189 -101.68 -52.72 24.41
C PHE QA 189 -102.04 -53.96 23.59
N ASP QA 190 -103.20 -54.57 23.87
CA ASP QA 190 -103.63 -55.82 23.23
C ASP QA 190 -105.04 -55.72 22.64
N ASN QA 191 -105.13 -55.29 21.38
CA ASN QA 191 -106.40 -55.23 20.63
C ASN QA 191 -107.50 -54.41 21.34
N GLY QA 192 -107.11 -53.29 21.94
CA GLY QA 192 -108.02 -52.42 22.70
C GLY QA 192 -107.80 -52.50 24.20
N SER QA 193 -107.62 -53.71 24.72
CA SER QA 193 -107.39 -53.93 26.15
C SER QA 193 -105.96 -53.57 26.55
N ILE QA 194 -105.82 -53.08 27.78
CA ILE QA 194 -104.53 -52.69 28.35
C ILE QA 194 -104.16 -53.69 29.44
N TYR QA 195 -102.86 -54.00 29.55
CA TYR QA 195 -102.32 -54.81 30.64
C TYR QA 195 -101.07 -54.16 31.22
N ASN QA 196 -100.77 -54.51 32.47
CA ASN QA 196 -99.60 -54.04 33.20
C ASN QA 196 -98.82 -55.26 33.67
N PRO QA 197 -97.62 -55.53 33.09
CA PRO QA 197 -96.89 -56.81 33.12
C PRO QA 197 -97.48 -57.96 33.97
N GLU QA 198 -98.66 -58.43 33.57
CA GLU QA 198 -99.37 -59.53 34.24
C GLU QA 198 -100.04 -60.42 33.20
N MET RA 1 -50.74 -71.25 27.16
CA MET RA 1 -50.40 -69.83 26.85
C MET RA 1 -50.49 -68.78 27.97
N PRO RA 2 -51.29 -69.03 29.05
CA PRO RA 2 -51.22 -68.06 30.17
C PRO RA 2 -49.94 -68.10 31.05
N PRO RA 3 -49.63 -69.26 31.69
CA PRO RA 3 -48.57 -69.23 32.71
C PRO RA 3 -47.13 -69.25 32.19
N LYS RA 4 -46.84 -70.05 31.16
CA LYS RA 4 -45.46 -70.22 30.67
C LYS RA 4 -45.37 -70.60 29.18
N PHE RA 5 -45.89 -71.76 28.81
CA PHE RA 5 -45.72 -72.36 27.47
C PHE RA 5 -46.49 -73.68 27.39
N ASP RA 6 -47.78 -73.58 27.08
CA ASP RA 6 -48.69 -74.75 27.06
C ASP RA 6 -49.76 -74.61 25.96
N PRO RA 7 -49.72 -75.49 24.93
CA PRO RA 7 -50.82 -75.57 23.96
C PRO RA 7 -51.83 -76.65 24.34
N ASN RA 8 -52.95 -76.24 24.93
CA ASN RA 8 -54.04 -77.16 25.27
C ASN RA 8 -54.79 -77.59 24.01
N GLU RA 9 -55.16 -76.60 23.19
CA GLU RA 9 -55.71 -76.84 21.85
C GLU RA 9 -55.14 -75.85 20.82
N ILE RA 10 -55.21 -74.56 21.12
CA ILE RA 10 -54.71 -73.48 20.27
C ILE RA 10 -55.40 -73.47 18.89
N LYS RA 11 -56.55 -72.82 18.84
CA LYS RA 11 -57.22 -72.47 17.58
C LYS RA 11 -57.41 -70.95 17.60
N VAL RA 12 -56.31 -70.23 17.79
CA VAL RA 12 -56.34 -68.80 18.06
C VAL RA 12 -56.42 -68.03 16.75
N VAL RA 13 -57.29 -67.01 16.72
CA VAL RA 13 -57.55 -66.22 15.52
C VAL RA 13 -57.23 -64.75 15.77
N TYR RA 14 -56.57 -64.12 14.79
CA TYR RA 14 -56.42 -62.66 14.77
C TYR RA 14 -56.40 -62.15 13.34
N LEU RA 15 -56.90 -60.92 13.16
CA LEU RA 15 -57.28 -60.39 11.86
C LEU RA 15 -56.27 -59.39 11.30
N ARG RA 16 -55.37 -59.87 10.44
CA ARG RA 16 -54.48 -59.02 9.65
C ARG RA 16 -55.22 -58.60 8.39
N CYS RA 17 -54.89 -57.41 7.87
CA CYS RA 17 -55.36 -56.99 6.56
C CYS RA 17 -54.19 -56.77 5.60
N THR RA 18 -54.54 -56.64 4.32
CA THR RA 18 -53.61 -56.42 3.20
C THR RA 18 -52.76 -57.66 2.89
N GLY RA 19 -52.43 -57.81 1.62
CA GLY RA 19 -51.67 -58.94 1.15
C GLY RA 19 -51.91 -59.27 -0.31
N GLY RA 20 -51.36 -58.45 -1.19
CA GLY RA 20 -51.23 -58.81 -2.60
C GLY RA 20 -50.11 -59.83 -2.73
N GLU RA 21 -48.91 -59.42 -2.33
CA GLU RA 21 -47.72 -60.28 -2.29
C GLU RA 21 -46.88 -59.99 -1.04
N VAL RA 22 -45.87 -60.82 -0.81
CA VAL RA 22 -45.02 -60.81 0.40
C VAL RA 22 -44.99 -59.51 1.23
N GLY RA 23 -44.66 -58.39 0.59
CA GLY RA 23 -44.44 -57.13 1.28
C GLY RA 23 -43.12 -57.13 2.04
N ALA RA 24 -42.18 -56.29 1.61
CA ALA RA 24 -40.91 -56.11 2.32
C ALA RA 24 -41.17 -55.46 3.67
N THR RA 25 -41.96 -54.39 3.67
CA THR RA 25 -42.34 -53.69 4.89
C THR RA 25 -43.29 -54.51 5.78
N SER RA 26 -43.90 -55.56 5.21
CA SER RA 26 -44.51 -56.64 5.99
C SER RA 26 -45.41 -56.19 7.16
N ALA RA 27 -44.81 -56.05 8.35
CA ALA RA 27 -45.52 -55.93 9.64
C ALA RA 27 -46.47 -57.10 9.93
N LEU RA 28 -46.10 -58.28 9.45
CA LEU RA 28 -46.95 -59.45 9.48
C LEU RA 28 -46.98 -60.04 10.88
N ALA RA 29 -45.83 -60.56 11.31
CA ALA RA 29 -45.74 -61.29 12.58
C ALA RA 29 -45.62 -60.32 13.76
N PRO RA 30 -44.39 -60.03 14.23
CA PRO RA 30 -44.04 -59.61 15.60
C PRO RA 30 -45.13 -59.76 16.67
N LYS RA 31 -45.04 -59.01 17.76
CA LYS RA 31 -46.08 -58.94 18.80
C LYS RA 31 -46.90 -60.23 19.04
N ILE RA 32 -47.78 -60.55 18.09
CA ILE RA 32 -48.69 -61.71 18.17
C ILE RA 32 -48.02 -63.00 17.67
N GLY RA 33 -47.23 -62.89 16.60
CA GLY RA 33 -46.59 -64.03 15.95
C GLY RA 33 -45.77 -64.95 16.84
N PRO RA 34 -44.54 -64.52 17.23
CA PRO RA 34 -43.53 -65.41 17.82
C PRO RA 34 -43.96 -66.09 19.13
N LEU RA 35 -44.56 -65.33 20.04
CA LEU RA 35 -45.17 -65.92 21.25
C LEU RA 35 -46.51 -66.51 20.82
N GLY RA 36 -46.59 -67.84 20.89
CA GLY RA 36 -47.64 -68.61 20.21
C GLY RA 36 -47.10 -69.49 19.09
N LEU RA 37 -45.77 -69.55 18.95
CA LEU RA 37 -45.05 -70.51 18.08
C LEU RA 37 -45.11 -70.29 16.55
N SER RA 38 -45.98 -69.39 16.08
CA SER RA 38 -46.00 -69.03 14.66
C SER RA 38 -44.79 -68.16 14.35
N PRO RA 39 -44.03 -68.49 13.27
CA PRO RA 39 -42.76 -67.82 13.05
C PRO RA 39 -42.92 -66.44 12.33
N LYS RA 40 -42.29 -66.24 11.16
CA LYS RA 40 -42.19 -64.91 10.54
C LYS RA 40 -42.08 -64.98 9.02
N LYS RA 41 -41.01 -65.62 8.52
CA LYS RA 41 -40.76 -65.79 7.09
C LYS RA 41 -41.61 -66.93 6.50
N VAL RA 42 -41.74 -68.03 7.25
CA VAL RA 42 -42.58 -69.18 6.83
C VAL RA 42 -44.06 -68.76 6.82
N GLY RA 43 -44.50 -68.07 7.87
CA GLY RA 43 -45.86 -67.54 7.96
C GLY RA 43 -46.20 -66.51 6.89
N ASP RA 44 -45.18 -65.75 6.47
CA ASP RA 44 -45.31 -64.80 5.35
C ASP RA 44 -45.47 -65.54 4.02
N ASP RA 45 -44.65 -66.57 3.81
CA ASP RA 45 -44.71 -67.38 2.58
C ASP RA 45 -46.03 -68.16 2.46
N ILE RA 46 -46.55 -68.63 3.59
CA ILE RA 46 -47.87 -69.26 3.64
C ILE RA 46 -48.97 -68.24 3.34
N ALA RA 47 -48.81 -67.02 3.88
CA ALA RA 47 -49.74 -65.92 3.59
C ALA RA 47 -49.72 -65.50 2.12
N LYS RA 48 -48.54 -65.56 1.49
CA LYS RA 48 -48.43 -65.30 0.06
C LYS RA 48 -49.14 -66.37 -0.77
N ALA RA 49 -48.89 -67.64 -0.44
CA ALA RA 49 -49.46 -68.78 -1.17
C ALA RA 49 -51.00 -68.82 -1.16
N THR RA 50 -51.60 -68.41 -0.04
CA THR RA 50 -53.05 -68.35 0.10
C THR RA 50 -53.65 -67.18 -0.68
N GLY RA 51 -53.10 -65.98 -0.47
CA GLY RA 51 -53.52 -64.77 -1.19
C GLY RA 51 -52.62 -64.47 -2.37
N ASP RA 52 -52.43 -65.48 -3.21
CA ASP RA 52 -51.54 -65.39 -4.38
C ASP RA 52 -52.41 -64.91 -5.57
N TRP RA 53 -52.27 -65.53 -6.74
CA TRP RA 53 -53.26 -65.43 -7.85
C TRP RA 53 -54.69 -65.14 -7.39
N LYS RA 54 -55.03 -63.84 -7.36
CA LYS RA 54 -56.32 -63.31 -6.89
C LYS RA 54 -56.65 -63.66 -5.42
N GLY RA 55 -56.67 -62.69 -4.50
CA GLY RA 55 -56.49 -61.25 -4.77
C GLY RA 55 -55.04 -60.83 -4.81
N LEU RA 56 -54.68 -60.02 -5.82
CA LEU RA 56 -53.39 -59.30 -5.85
C LEU RA 56 -53.55 -57.77 -5.71
N ARG RA 57 -54.79 -57.29 -5.67
CA ARG RA 57 -55.10 -55.87 -5.45
C ARG RA 57 -55.75 -55.72 -4.07
N ILE RA 58 -54.96 -55.99 -3.03
CA ILE RA 58 -55.37 -55.92 -1.61
C ILE RA 58 -56.43 -56.98 -1.24
N THR RA 59 -56.30 -57.50 -0.03
CA THR RA 59 -57.15 -58.59 0.48
C THR RA 59 -57.37 -58.38 1.98
N VAL RA 60 -57.87 -59.40 2.67
CA VAL RA 60 -57.87 -59.47 4.15
C VAL RA 60 -57.41 -60.86 4.56
N LYS RA 61 -56.86 -61.00 5.77
CA LYS RA 61 -56.23 -62.23 6.21
C LYS RA 61 -56.57 -62.59 7.66
N LEU RA 62 -57.62 -63.38 7.86
CA LEU RA 62 -57.85 -63.95 9.18
C LEU RA 62 -56.92 -65.16 9.32
N THR RA 63 -56.14 -65.19 10.40
CA THR RA 63 -55.08 -66.18 10.59
C THR RA 63 -55.44 -67.09 11.76
N ILE RA 64 -55.98 -68.27 11.46
CA ILE RA 64 -56.32 -69.26 12.48
C ILE RA 64 -55.11 -70.15 12.77
N GLN RA 65 -54.45 -69.93 13.89
CA GLN RA 65 -53.25 -70.69 14.26
C GLN RA 65 -53.64 -72.01 14.93
N ASN RA 66 -53.42 -73.12 14.22
CA ASN RA 66 -53.53 -74.46 14.80
C ASN RA 66 -52.16 -74.83 15.40
N ARG RA 67 -51.92 -74.37 16.62
CA ARG RA 67 -50.63 -74.47 17.30
C ARG RA 67 -49.49 -73.82 16.48
N GLN RA 68 -49.01 -74.53 15.46
CA GLN RA 68 -47.94 -74.05 14.58
C GLN RA 68 -48.37 -73.86 13.11
N ALA RA 69 -49.51 -74.44 12.71
CA ALA RA 69 -50.01 -74.33 11.34
C ALA RA 69 -51.04 -73.19 11.24
N GLN RA 70 -50.69 -72.14 10.51
CA GLN RA 70 -51.59 -70.99 10.30
C GLN RA 70 -52.48 -71.21 9.08
N ILE RA 71 -53.77 -70.95 9.25
CA ILE RA 71 -54.77 -71.09 8.19
C ILE RA 71 -55.23 -69.70 7.74
N GLU RA 72 -54.66 -69.25 6.62
CA GLU RA 72 -55.02 -67.96 6.02
C GLU RA 72 -56.21 -68.11 5.08
N VAL RA 73 -57.19 -67.22 5.23
CA VAL RA 73 -58.43 -67.20 4.46
C VAL RA 73 -58.63 -65.80 3.90
N VAL RA 74 -59.38 -65.70 2.81
CA VAL RA 74 -59.70 -64.43 2.16
C VAL RA 74 -61.18 -64.07 2.38
N PRO RA 75 -61.52 -63.48 3.55
CA PRO RA 75 -62.89 -62.99 3.76
C PRO RA 75 -63.14 -61.72 2.96
N SER RA 76 -64.24 -61.71 2.22
CA SER RA 76 -64.48 -60.70 1.21
C SER RA 76 -64.91 -59.36 1.81
N ALA RA 77 -64.24 -58.29 1.36
CA ALA RA 77 -64.73 -56.92 1.53
C ALA RA 77 -65.30 -56.47 0.19
N SER RA 78 -66.46 -55.81 0.25
CA SER RA 78 -67.21 -55.44 -0.93
C SER RA 78 -66.35 -54.75 -1.98
N ALA RA 79 -65.61 -53.73 -1.53
CA ALA RA 79 -64.73 -52.98 -2.40
C ALA RA 79 -63.63 -53.85 -3.02
N LEU RA 80 -63.09 -54.78 -2.24
CA LEU RA 80 -62.04 -55.66 -2.71
C LEU RA 80 -62.49 -56.60 -3.83
N ILE RA 81 -63.68 -57.18 -3.68
CA ILE RA 81 -64.23 -58.08 -4.71
C ILE RA 81 -64.64 -57.33 -6.00
N ILE RA 82 -65.10 -56.09 -5.85
CA ILE RA 82 -65.36 -55.22 -6.99
C ILE RA 82 -64.07 -54.91 -7.78
N LYS RA 83 -63.00 -54.63 -7.07
CA LYS RA 83 -61.69 -54.41 -7.70
C LYS RA 83 -61.09 -55.70 -8.30
N ALA RA 84 -61.43 -56.85 -7.73
CA ALA RA 84 -61.08 -58.17 -8.31
C ALA RA 84 -61.81 -58.44 -9.63
N LEU RA 85 -63.04 -57.95 -9.74
CA LEU RA 85 -63.87 -58.11 -10.92
C LEU RA 85 -63.90 -56.81 -11.73
N LYS RA 86 -62.70 -56.31 -12.04
CA LYS RA 86 -62.51 -55.04 -12.72
C LYS RA 86 -61.93 -55.37 -14.11
N GLU RA 87 -60.86 -54.71 -14.56
CA GLU RA 87 -60.17 -55.06 -15.79
C GLU RA 87 -58.74 -55.52 -15.44
N PRO RA 88 -58.59 -56.81 -15.04
CA PRO RA 88 -57.28 -57.28 -14.60
C PRO RA 88 -56.41 -57.75 -15.78
N PRO RA 89 -55.12 -58.06 -15.55
CA PRO RA 89 -54.38 -57.78 -14.32
C PRO RA 89 -53.05 -57.09 -14.61
N ARG RA 90 -52.99 -55.79 -14.39
CA ARG RA 90 -51.74 -55.03 -14.38
C ARG RA 90 -51.39 -54.78 -12.92
N ASP RA 91 -50.65 -55.72 -12.34
CA ASP RA 91 -50.52 -55.84 -10.87
C ASP RA 91 -49.80 -54.66 -10.20
N ARG RA 92 -48.50 -54.55 -10.42
CA ARG RA 92 -47.66 -53.58 -9.71
C ARG RA 92 -46.56 -53.03 -10.61
N LYS RA 93 -46.08 -51.82 -10.29
CA LYS RA 93 -45.08 -51.10 -11.08
C LYS RA 93 -45.62 -50.81 -12.48
N LYS RA 94 -46.39 -49.72 -12.58
CA LYS RA 94 -47.12 -49.33 -13.79
C LYS RA 94 -48.16 -50.37 -14.27
N GLN RA 95 -49.39 -50.42 -13.74
CA GLN RA 95 -49.91 -49.67 -12.58
C GLN RA 95 -49.84 -48.12 -12.77
N LYS RA 96 -49.63 -47.36 -11.69
CA LYS RA 96 -49.11 -45.97 -11.73
C LYS RA 96 -50.12 -44.86 -12.07
N ASN RA 97 -51.08 -45.11 -12.95
CA ASN RA 97 -52.01 -44.06 -13.40
C ASN RA 97 -53.49 -44.52 -13.60
N ILE RA 98 -54.21 -44.93 -12.56
CA ILE RA 98 -53.69 -45.35 -11.25
C ILE RA 98 -54.30 -46.75 -11.02
N LYS RA 99 -55.50 -46.81 -10.44
CA LYS RA 99 -56.27 -48.04 -10.33
C LYS RA 99 -57.78 -47.76 -10.43
N HIS RA 100 -58.16 -46.68 -11.13
CA HIS RA 100 -59.51 -46.12 -11.04
C HIS RA 100 -60.20 -45.94 -12.41
N SER RA 101 -60.05 -46.93 -13.29
CA SER RA 101 -60.69 -46.88 -14.62
C SER RA 101 -62.21 -46.88 -14.44
N GLY RA 102 -62.72 -47.92 -13.79
CA GLY RA 102 -64.08 -47.95 -13.27
C GLY RA 102 -65.20 -47.85 -14.29
N ASN RA 103 -65.16 -48.71 -15.31
CA ASN RA 103 -66.24 -48.86 -16.29
C ASN RA 103 -66.36 -50.32 -16.72
N ILE RA 104 -66.77 -51.18 -15.78
CA ILE RA 104 -66.72 -52.63 -15.96
C ILE RA 104 -68.08 -53.30 -15.65
N THR RA 105 -69.16 -52.59 -15.91
CA THR RA 105 -70.53 -53.16 -15.93
C THR RA 105 -71.03 -53.79 -14.61
N PHE RA 106 -70.61 -55.04 -14.34
CA PHE RA 106 -71.17 -55.93 -13.28
C PHE RA 106 -72.65 -55.70 -12.89
N ASP RA 107 -73.54 -56.48 -13.51
CA ASP RA 107 -74.99 -56.39 -13.26
C ASP RA 107 -75.49 -57.57 -12.43
N GLU RA 108 -75.30 -58.78 -12.97
CA GLU RA 108 -75.63 -60.02 -12.26
C GLU RA 108 -74.46 -60.54 -11.43
N ILE RA 109 -73.27 -59.97 -11.62
CA ILE RA 109 -72.10 -60.36 -10.85
C ILE RA 109 -72.24 -59.86 -9.41
N VAL RA 110 -72.89 -58.71 -9.23
CA VAL RA 110 -73.07 -58.11 -7.91
C VAL RA 110 -74.11 -58.92 -7.11
N ASN RA 111 -75.06 -59.57 -7.80
CA ASN RA 111 -75.94 -60.57 -7.17
C ASN RA 111 -75.17 -61.61 -6.36
N ILE RA 112 -74.02 -62.02 -6.88
CA ILE RA 112 -73.14 -62.96 -6.18
C ILE RA 112 -72.49 -62.26 -4.98
N ALA RA 113 -72.09 -61.00 -5.15
CA ALA RA 113 -71.52 -60.19 -4.06
C ALA RA 113 -72.49 -60.03 -2.88
N ARG RA 114 -73.74 -59.67 -3.15
CA ARG RA 114 -74.76 -59.57 -2.08
C ARG RA 114 -75.14 -60.91 -1.45
N GLN RA 115 -75.11 -61.99 -2.24
CA GLN RA 115 -75.36 -63.34 -1.72
C GLN RA 115 -74.28 -63.77 -0.74
N MET RA 116 -73.01 -63.56 -1.11
CA MET RA 116 -71.88 -63.97 -0.26
C MET RA 116 -71.68 -63.10 1.00
N ARG RA 117 -72.44 -62.00 1.12
CA ARG RA 117 -72.43 -61.19 2.36
C ARG RA 117 -72.80 -62.08 3.55
N HIS RA 118 -71.90 -62.13 4.54
CA HIS RA 118 -72.08 -62.95 5.75
C HIS RA 118 -73.30 -62.53 6.57
N ARG RA 119 -74.48 -62.80 6.00
CA ARG RA 119 -75.74 -62.22 6.45
C ARG RA 119 -75.58 -60.69 6.55
N SER RA 120 -75.18 -60.16 7.71
CA SER RA 120 -74.84 -58.74 7.91
C SER RA 120 -75.95 -57.73 7.56
N LEU RA 121 -75.66 -56.44 7.77
CA LEU RA 121 -76.47 -55.33 7.25
C LEU RA 121 -77.81 -55.04 7.95
N ALA RA 122 -78.31 -55.99 8.74
CA ALA RA 122 -79.67 -55.94 9.29
C ALA RA 122 -80.71 -55.64 8.20
N ARG RA 123 -80.55 -56.29 7.05
CA ARG RA 123 -81.30 -55.97 5.85
C ARG RA 123 -82.75 -56.46 5.89
N GLU RA 124 -83.57 -55.90 5.00
CA GLU RA 124 -84.85 -56.52 4.61
C GLU RA 124 -84.64 -57.14 3.23
N LEU RA 125 -83.79 -58.18 3.22
CA LEU RA 125 -83.38 -58.91 2.01
C LEU RA 125 -82.70 -58.08 0.91
N SER RA 126 -82.24 -58.78 -0.13
CA SER RA 126 -81.48 -58.22 -1.26
C SER RA 126 -81.89 -56.85 -1.80
N GLY RA 127 -83.19 -56.58 -1.88
CA GLY RA 127 -83.72 -55.30 -2.38
C GLY RA 127 -83.01 -54.07 -1.84
N THR RA 128 -82.59 -54.12 -0.58
CA THR RA 128 -81.77 -53.08 0.05
C THR RA 128 -80.25 -53.33 -0.07
N ILE RA 129 -79.85 -54.60 -0.11
CA ILE RA 129 -78.43 -54.98 -0.24
C ILE RA 129 -77.88 -54.55 -1.59
N LYS RA 130 -78.73 -54.64 -2.61
CA LYS RA 130 -78.43 -54.14 -3.96
C LYS RA 130 -78.03 -52.67 -3.96
N GLU RA 131 -78.77 -51.88 -3.17
CA GLU RA 131 -78.49 -50.46 -3.01
C GLU RA 131 -77.15 -50.29 -2.31
N ILE RA 132 -76.92 -51.09 -1.26
CA ILE RA 132 -75.69 -51.02 -0.43
C ILE RA 132 -74.44 -51.22 -1.28
N LEU RA 133 -74.32 -52.38 -1.91
CA LEU RA 133 -73.15 -52.70 -2.72
C LEU RA 133 -73.14 -51.90 -4.01
N GLY RA 134 -74.32 -51.61 -4.55
CA GLY RA 134 -74.48 -50.75 -5.73
C GLY RA 134 -73.95 -49.34 -5.57
N THR RA 135 -73.70 -48.93 -4.32
CA THR RA 135 -73.01 -47.68 -4.00
C THR RA 135 -71.56 -47.89 -3.55
N ALA RA 136 -71.30 -48.94 -2.77
CA ALA RA 136 -69.97 -49.25 -2.24
C ALA RA 136 -68.86 -49.08 -3.27
N GLN RA 137 -69.18 -49.51 -4.49
CA GLN RA 137 -68.43 -49.14 -5.71
C GLN RA 137 -68.09 -47.65 -5.77
N SER RA 138 -66.94 -47.32 -5.21
CA SER RA 138 -66.35 -46.01 -5.39
C SER RA 138 -65.82 -45.87 -6.82
N VAL RA 139 -65.28 -46.97 -7.35
CA VAL RA 139 -64.59 -46.97 -8.65
C VAL RA 139 -65.55 -47.32 -9.81
N GLY RA 140 -66.23 -48.46 -9.69
CA GLY RA 140 -66.92 -49.12 -10.81
C GLY RA 140 -67.88 -48.38 -11.73
N CYS RA 141 -68.57 -47.37 -11.20
CA CYS RA 141 -69.60 -46.59 -11.93
C CYS RA 141 -70.77 -47.41 -12.50
N ASN RA 142 -71.13 -48.50 -11.82
CA ASN RA 142 -72.35 -49.27 -12.12
C ASN RA 142 -72.35 -49.86 -13.56
N VAL RA 143 -73.50 -49.90 -14.24
CA VAL RA 143 -73.64 -50.63 -15.51
C VAL RA 143 -73.12 -49.79 -16.67
N ASP RA 144 -72.53 -50.46 -17.65
CA ASP RA 144 -71.98 -49.88 -18.89
C ASP RA 144 -71.46 -48.43 -18.79
N GLY RA 145 -72.36 -47.46 -18.74
CA GLY RA 145 -72.02 -46.05 -18.58
C GLY RA 145 -73.07 -45.30 -17.77
N ARG RA 146 -73.43 -45.88 -16.63
CA ARG RA 146 -74.46 -45.33 -15.74
C ARG RA 146 -73.85 -44.60 -14.55
N HIS RA 147 -74.72 -43.96 -13.77
CA HIS RA 147 -74.36 -43.42 -12.46
C HIS RA 147 -74.85 -44.40 -11.39
N PRO RA 148 -74.38 -44.24 -10.14
CA PRO RA 148 -74.94 -45.05 -9.05
C PRO RA 148 -76.24 -44.46 -8.46
N HIS RA 149 -76.16 -43.22 -7.97
CA HIS RA 149 -77.21 -42.56 -7.15
C HIS RA 149 -78.65 -43.09 -7.22
N ASP RA 150 -79.44 -42.63 -8.19
CA ASP RA 150 -80.91 -42.79 -8.18
C ASP RA 150 -81.48 -43.88 -9.11
N ILE RA 151 -80.64 -44.48 -9.93
CA ILE RA 151 -81.03 -45.62 -10.78
C ILE RA 151 -81.34 -46.83 -9.89
N ILE RA 152 -80.62 -46.90 -8.76
CA ILE RA 152 -80.83 -47.86 -7.69
C ILE RA 152 -82.31 -47.96 -7.23
N ASP RA 153 -83.01 -46.83 -7.12
CA ASP RA 153 -84.40 -46.82 -6.63
C ASP RA 153 -85.39 -47.60 -7.50
N ASP RA 154 -85.11 -47.72 -8.79
CA ASP RA 154 -85.94 -48.50 -9.70
C ASP RA 154 -85.25 -49.81 -10.09
N ILE RA 155 -85.05 -50.67 -9.09
CA ILE RA 155 -84.57 -52.04 -9.28
C ILE RA 155 -85.77 -52.93 -9.61
N ASN RA 156 -85.57 -53.83 -10.56
CA ASN RA 156 -86.61 -54.75 -11.02
C ASN RA 156 -86.04 -56.17 -11.16
N SER RA 157 -85.40 -56.66 -10.09
CA SER RA 157 -84.68 -57.95 -10.14
C SER RA 157 -84.32 -58.57 -8.79
N GLY RA 158 -84.06 -59.87 -8.83
CA GLY RA 158 -83.44 -60.65 -7.74
C GLY RA 158 -83.89 -60.43 -6.31
N ALA RA 159 -85.20 -60.21 -6.12
CA ALA RA 159 -85.76 -60.03 -4.78
C ALA RA 159 -85.85 -61.34 -4.01
N VAL RA 160 -86.27 -62.41 -4.71
CA VAL RA 160 -86.54 -63.72 -4.10
C VAL RA 160 -85.43 -64.76 -4.36
N GLU RA 161 -84.42 -64.41 -5.18
CA GLU RA 161 -83.35 -65.34 -5.55
C GLU RA 161 -82.19 -65.41 -4.54
N CYS RA 162 -81.92 -64.31 -3.84
CA CYS RA 162 -80.74 -64.20 -2.97
C CYS RA 162 -80.77 -64.96 -1.63
N PRO RA 163 -81.96 -65.25 -1.05
CA PRO RA 163 -81.98 -66.06 0.18
C PRO RA 163 -81.44 -67.48 0.00
N GLY SA 1 -10.05 51.88 23.85
CA GLY SA 1 -11.19 50.93 24.08
C GLY SA 1 -10.74 49.54 24.51
N MET SA 2 -11.55 48.86 25.30
CA MET SA 2 -11.12 47.66 26.03
C MET SA 2 -10.65 46.56 25.08
N TRP SA 3 -9.79 45.66 25.56
CA TRP SA 3 -9.05 44.75 24.66
C TRP SA 3 -9.90 43.65 23.99
N ARG SA 4 -10.70 42.95 24.78
CA ARG SA 4 -11.55 41.84 24.30
C ARG SA 4 -10.80 40.61 23.74
N PHE SA 5 -10.11 40.75 22.61
CA PHE SA 5 -9.47 39.59 21.98
C PHE SA 5 -8.36 39.91 20.98
N TYR SA 6 -7.48 38.92 20.79
CA TYR SA 6 -6.40 39.00 19.80
C TYR SA 6 -6.98 38.91 18.41
N THR SA 7 -6.36 39.57 17.46
CA THR SA 7 -6.96 39.72 16.12
C THR SA 7 -7.03 38.41 15.33
N GLU SA 8 -6.33 37.38 15.82
CA GLU SA 8 -6.47 36.03 15.28
C GLU SA 8 -7.46 35.16 16.07
N ASP SA 9 -8.13 35.76 17.07
CA ASP SA 9 -9.09 35.05 17.92
C ASP SA 9 -10.47 35.09 17.28
N SER SA 10 -10.84 36.27 16.77
CA SER SA 10 -12.03 36.48 15.90
C SER SA 10 -13.30 35.81 16.50
N PRO SA 11 -13.51 36.02 17.81
CA PRO SA 11 -14.24 35.19 18.75
C PRO SA 11 -15.00 34.00 18.17
N GLY SA 12 -16.17 34.25 17.62
CA GLY SA 12 -17.18 33.21 17.45
C GLY SA 12 -16.96 32.48 16.16
N LEU SA 13 -15.87 31.72 16.09
CA LEU SA 13 -15.45 31.10 14.84
C LEU SA 13 -16.26 29.86 14.55
N LYS SA 14 -16.80 29.81 13.34
CA LYS SA 14 -17.77 28.81 12.91
C LYS SA 14 -17.48 28.77 11.45
N VAL SA 15 -16.44 28.05 11.08
CA VAL SA 15 -16.00 28.05 9.70
C VAL SA 15 -17.04 27.27 8.96
N SER ZA 1 94.88 -60.88 -27.05
CA SER ZA 1 95.79 -60.38 -28.15
C SER ZA 1 97.20 -60.82 -27.91
N GLY ZA 2 97.71 -60.50 -26.72
CA GLY ZA 2 99.05 -60.89 -26.29
C GLY ZA 2 100.05 -60.49 -27.35
N ALA ZA 3 99.92 -59.27 -27.87
CA ALA ZA 3 100.83 -58.75 -28.90
C ALA ZA 3 102.21 -58.53 -28.26
N LEU ZA 4 102.82 -59.66 -27.94
CA LEU ZA 4 104.03 -59.77 -27.14
C LEU ZA 4 105.23 -60.08 -28.03
N ASP ZA 5 104.99 -60.78 -29.15
CA ASP ZA 5 106.05 -61.19 -30.07
C ASP ZA 5 105.52 -61.73 -31.40
N VAL ZA 6 104.64 -62.74 -31.33
CA VAL ZA 6 104.31 -63.57 -32.48
C VAL ZA 6 103.23 -62.90 -33.30
N LEU ZA 7 102.07 -62.74 -32.69
CA LEU ZA 7 100.88 -62.29 -33.39
C LEU ZA 7 100.68 -60.80 -33.10
N GLN ZA 8 101.65 -60.02 -33.56
CA GLN ZA 8 101.80 -58.64 -33.13
C GLN ZA 8 101.16 -57.64 -34.11
N MET ZA 9 101.80 -57.37 -35.24
CA MET ZA 9 101.32 -56.31 -36.14
C MET ZA 9 101.89 -56.39 -37.56
N LYS ZA 10 103.20 -56.16 -37.71
CA LYS ZA 10 103.92 -56.21 -38.99
C LYS ZA 10 103.63 -55.02 -39.88
N GLU ZA 11 104.68 -54.47 -40.49
CA GLU ZA 11 104.53 -53.25 -41.29
C GLU ZA 11 103.52 -53.36 -42.42
N GLU ZA 12 103.41 -54.55 -43.02
CA GLU ZA 12 102.51 -54.75 -44.15
C GLU ZA 12 101.02 -54.60 -43.81
N ASP ZA 13 100.63 -54.99 -42.60
CA ASP ZA 13 99.23 -54.93 -42.17
C ASP ZA 13 98.78 -53.50 -41.86
N VAL ZA 14 99.61 -52.77 -41.14
CA VAL ZA 14 99.37 -51.33 -40.90
C VAL ZA 14 99.27 -50.54 -42.21
N LEU ZA 15 100.12 -50.87 -43.17
CA LEU ZA 15 100.03 -50.28 -44.52
C LEU ZA 15 98.66 -50.58 -45.15
N LYS ZA 16 98.13 -51.78 -44.95
CA LYS ZA 16 96.76 -52.13 -45.37
C LYS ZA 16 95.71 -51.23 -44.74
N PHE ZA 17 95.57 -51.33 -43.42
CA PHE ZA 17 94.63 -50.52 -42.67
C PHE ZA 17 94.69 -49.08 -43.14
N LEU ZA 18 95.88 -48.48 -43.10
CA LEU ZA 18 96.06 -47.10 -43.52
C LEU ZA 18 95.45 -46.83 -44.88
N ALA ZA 19 95.70 -47.73 -45.83
CA ALA ZA 19 95.16 -47.56 -47.18
C ALA ZA 19 93.63 -47.58 -47.18
N ALA ZA 20 93.07 -48.60 -46.52
CA ALA ZA 20 91.62 -48.77 -46.45
C ALA ZA 20 90.92 -47.71 -45.59
N GLY ZA 21 91.69 -47.06 -44.71
CA GLY ZA 21 91.18 -45.95 -43.91
C GLY ZA 21 90.19 -46.45 -42.87
N THR ZA 22 90.60 -47.46 -42.11
CA THR ZA 22 89.75 -47.99 -41.03
C THR ZA 22 90.00 -47.12 -39.81
N HIS ZA 23 91.23 -46.65 -39.68
CA HIS ZA 23 91.58 -45.68 -38.66
C HIS ZA 23 90.73 -44.40 -38.68
N LEU ZA 24 90.37 -43.95 -39.88
CA LEU ZA 24 89.67 -42.69 -40.02
C LEU ZA 24 88.21 -42.90 -39.70
N GLY ZA 25 87.87 -42.73 -38.42
CA GLY ZA 25 86.55 -43.06 -37.91
C GLY ZA 25 85.48 -42.04 -38.26
N GLY ZA 26 84.84 -41.48 -37.22
CA GLY ZA 26 83.71 -40.57 -37.40
C GLY ZA 26 83.85 -39.29 -36.59
N THR ZA 27 82.84 -38.43 -36.72
CA THR ZA 27 82.82 -37.11 -36.08
C THR ZA 27 82.16 -37.13 -34.70
N ASN ZA 28 81.20 -38.05 -34.52
CA ASN ZA 28 80.40 -38.13 -33.30
C ASN ZA 28 80.86 -39.27 -32.42
N LEU ZA 29 81.80 -38.97 -31.54
CA LEU ZA 29 82.34 -39.96 -30.63
C LEU ZA 29 81.36 -40.27 -29.50
N ASP ZA 30 81.01 -41.55 -29.41
CA ASP ZA 30 80.26 -42.06 -28.27
C ASP ZA 30 81.19 -42.33 -27.09
N PHE ZA 31 80.71 -41.96 -25.91
CA PHE ZA 31 81.52 -42.02 -24.69
C PHE ZA 31 82.06 -43.39 -24.34
N GLN ZA 32 81.35 -44.43 -24.74
CA GLN ZA 32 81.84 -45.78 -24.57
C GLN ZA 32 83.17 -45.99 -25.31
N MET ZA 33 83.29 -45.37 -26.47
CA MET ZA 33 84.42 -45.57 -27.38
C MET ZA 33 85.64 -44.70 -27.10
N GLU ZA 34 85.47 -43.54 -26.46
CA GLU ZA 34 86.61 -42.65 -26.11
C GLU ZA 34 87.94 -43.39 -25.96
N GLN ZA 35 87.87 -44.48 -25.19
CA GLN ZA 35 88.94 -45.48 -24.99
C GLN ZA 35 89.83 -45.85 -26.21
N TYR ZA 36 89.25 -45.93 -27.41
CA TYR ZA 36 89.99 -46.42 -28.57
C TYR ZA 36 90.36 -45.34 -29.56
N ILE ZA 37 91.04 -44.29 -29.10
CA ILE ZA 37 91.30 -43.17 -29.98
C ILE ZA 37 92.66 -42.53 -29.69
N TYR ZA 38 93.38 -42.15 -30.75
CA TYR ZA 38 94.52 -41.26 -30.57
C TYR ZA 38 93.97 -39.86 -30.35
N LYS ZA 39 93.36 -39.29 -31.38
CA LYS ZA 39 93.06 -37.86 -31.40
C LYS ZA 39 91.92 -37.54 -32.32
N ARG ZA 40 91.28 -36.42 -32.05
CA ARG ZA 40 90.55 -35.69 -33.06
C ARG ZA 40 91.59 -34.92 -33.84
N LYS ZA 41 91.31 -34.65 -35.11
CA LYS ZA 41 92.17 -33.78 -35.92
C LYS ZA 41 91.71 -32.34 -35.80
N SER ZA 42 92.20 -31.52 -36.73
CA SER ZA 42 91.40 -30.42 -37.25
C SER ZA 42 90.11 -31.06 -37.81
N ASP ZA 43 89.49 -30.43 -38.80
CA ASP ZA 43 88.21 -30.88 -39.38
C ASP ZA 43 87.20 -31.45 -38.36
N GLY ZA 44 87.30 -32.76 -38.08
CA GLY ZA 44 86.41 -33.39 -37.12
C GLY ZA 44 86.29 -34.87 -37.34
N ILE ZA 45 87.40 -35.57 -37.16
CA ILE ZA 45 87.40 -37.00 -37.29
C ILE ZA 45 88.32 -37.57 -36.24
N TYR ZA 46 87.77 -38.50 -35.48
CA TYR ZA 46 88.51 -39.21 -34.46
C TYR ZA 46 89.29 -40.34 -35.10
N ILE ZA 47 90.61 -40.30 -34.92
CA ILE ZA 47 91.49 -41.30 -35.48
C ILE ZA 47 91.68 -42.36 -34.42
N ILE ZA 48 91.51 -43.60 -34.83
CA ILE ZA 48 91.42 -44.73 -33.93
C ILE ZA 48 92.77 -45.37 -33.65
N ASN ZA 49 93.15 -45.50 -32.37
CA ASN ZA 49 94.38 -46.20 -32.06
C ASN ZA 49 94.31 -47.58 -32.69
N LEU ZA 50 95.26 -47.88 -33.55
CA LEU ZA 50 95.16 -49.08 -34.39
C LEU ZA 50 95.75 -50.27 -33.69
N LYS ZA 51 96.81 -50.06 -32.91
CA LYS ZA 51 97.26 -51.10 -31.99
C LYS ZA 51 96.07 -51.50 -31.17
N ARG ZA 52 95.42 -50.51 -30.58
CA ARG ZA 52 94.19 -50.73 -29.85
C ARG ZA 52 93.19 -51.57 -30.67
N THR ZA 53 92.97 -51.20 -31.94
CA THR ZA 53 92.05 -51.93 -32.82
C THR ZA 53 92.38 -53.39 -32.94
N TRP ZA 54 93.65 -53.67 -33.16
CA TRP ZA 54 94.11 -55.02 -33.34
C TRP ZA 54 93.79 -55.76 -32.07
N GLU ZA 55 94.17 -55.19 -30.94
CA GLU ZA 55 94.09 -55.92 -29.69
C GLU ZA 55 92.72 -56.56 -29.50
N LYS ZA 56 91.64 -55.82 -29.74
CA LYS ZA 56 90.29 -56.41 -29.69
C LYS ZA 56 90.11 -57.47 -30.77
N LEU ZA 57 90.54 -57.15 -31.98
CA LEU ZA 57 90.37 -58.03 -33.15
C LEU ZA 57 90.87 -59.42 -32.85
N LEU ZA 58 92.07 -59.49 -32.30
CA LEU ZA 58 92.63 -60.76 -31.86
C LEU ZA 58 91.80 -61.42 -30.79
N LEU ZA 59 91.36 -60.62 -29.83
CA LEU ZA 59 90.47 -61.14 -28.79
C LEU ZA 59 89.27 -61.83 -29.44
N ALA ZA 60 88.57 -61.10 -30.30
CA ALA ZA 60 87.44 -61.63 -31.05
C ALA ZA 60 87.83 -62.93 -31.69
N ALA ZA 61 88.98 -62.92 -32.36
CA ALA ZA 61 89.49 -64.13 -32.94
C ALA ZA 61 89.50 -65.23 -31.88
N ARG ZA 62 90.16 -64.98 -30.75
CA ARG ZA 62 90.26 -65.98 -29.66
C ARG ZA 62 88.90 -66.39 -29.14
N ALA ZA 63 87.94 -65.48 -29.21
CA ALA ZA 63 86.56 -65.77 -28.81
C ALA ZA 63 85.84 -66.69 -29.79
N ILE ZA 64 86.06 -66.44 -31.08
CA ILE ZA 64 85.46 -67.26 -32.12
C ILE ZA 64 86.11 -68.64 -32.17
N VAL ZA 65 87.40 -68.70 -31.89
CA VAL ZA 65 88.12 -69.97 -31.83
C VAL ZA 65 87.48 -70.85 -30.77
N ALA ZA 66 87.16 -70.24 -29.63
CA ALA ZA 66 86.59 -70.95 -28.48
C ALA ZA 66 85.33 -71.73 -28.80
N ILE ZA 67 84.59 -71.24 -29.78
CA ILE ZA 67 83.43 -71.94 -30.28
C ILE ZA 67 83.89 -73.19 -30.98
N GLU ZA 68 83.45 -74.32 -30.48
CA GLU ZA 68 84.00 -75.62 -30.86
C GLU ZA 68 83.48 -76.06 -32.22
N ASN ZA 69 82.15 -76.02 -32.37
CA ASN ZA 69 81.48 -76.22 -33.65
C ASN ZA 69 81.30 -74.84 -34.31
N PRO ZA 70 82.18 -74.49 -35.28
CA PRO ZA 70 82.22 -73.09 -35.70
C PRO ZA 70 80.93 -72.59 -36.29
N ALA ZA 71 80.17 -73.48 -36.93
CA ALA ZA 71 78.82 -73.18 -37.43
C ALA ZA 71 78.06 -72.15 -36.61
N ASP ZA 72 77.92 -72.42 -35.32
CA ASP ZA 72 77.11 -71.58 -34.46
C ASP ZA 72 77.84 -70.34 -33.94
N VAL ZA 73 78.90 -69.95 -34.65
CA VAL ZA 73 79.24 -68.55 -34.75
C VAL ZA 73 78.34 -68.09 -35.85
N SER ZA 74 77.45 -67.15 -35.54
CA SER ZA 74 76.53 -66.60 -36.55
C SER ZA 74 76.88 -65.16 -36.79
N VAL ZA 75 76.99 -64.83 -38.07
CA VAL ZA 75 77.57 -63.59 -38.50
C VAL ZA 75 76.49 -62.88 -39.27
N ILE ZA 76 76.45 -61.55 -39.18
CA ILE ZA 76 75.42 -60.79 -39.82
C ILE ZA 76 75.98 -59.50 -40.37
N SER ZA 77 75.53 -59.17 -41.58
CA SER ZA 77 75.46 -57.79 -42.01
C SER ZA 77 73.99 -57.46 -42.30
N SER ZA 78 73.63 -56.24 -42.00
CA SER ZA 78 72.40 -55.64 -42.49
C SER ZA 78 72.71 -54.81 -43.73
N ARG ZA 79 73.80 -54.06 -43.64
CA ARG ZA 79 74.16 -53.11 -44.67
C ARG ZA 79 74.80 -53.79 -45.88
N ASN ZA 80 74.51 -53.23 -47.04
CA ASN ZA 80 75.22 -53.58 -48.29
C ASN ZA 80 76.64 -53.03 -48.30
N THR ZA 81 77.42 -53.45 -47.32
CA THR ZA 81 78.86 -53.23 -47.28
C THR ZA 81 79.45 -54.51 -46.73
N GLY ZA 82 79.09 -54.84 -45.50
CA GLY ZA 82 79.40 -56.14 -44.93
C GLY ZA 82 78.77 -57.27 -45.72
N GLN ZA 83 77.55 -57.04 -46.21
CA GLN ZA 83 76.75 -58.05 -46.93
C GLN ZA 83 77.54 -59.22 -47.50
N ARG ZA 84 78.52 -58.91 -48.36
CA ARG ZA 84 79.29 -59.95 -49.06
C ARG ZA 84 80.41 -60.38 -48.14
N ALA ZA 85 81.11 -59.40 -47.56
CA ALA ZA 85 82.17 -59.66 -46.61
C ALA ZA 85 81.80 -60.77 -45.62
N VAL ZA 86 80.66 -60.60 -44.95
CA VAL ZA 86 80.22 -61.56 -43.93
C VAL ZA 86 79.82 -62.91 -44.45
N LEU ZA 87 79.49 -62.95 -45.73
CA LEU ZA 87 79.24 -64.20 -46.40
C LEU ZA 87 80.57 -64.90 -46.68
N LYS ZA 88 81.51 -64.12 -47.17
CA LYS ZA 88 82.86 -64.59 -47.45
C LYS ZA 88 83.50 -65.14 -46.18
N PHE ZA 89 83.36 -64.37 -45.10
CA PHE ZA 89 83.93 -64.72 -43.80
C PHE ZA 89 83.48 -66.10 -43.34
N ALA ZA 90 82.16 -66.27 -43.26
CA ALA ZA 90 81.55 -67.53 -42.86
C ALA ZA 90 81.98 -68.69 -43.72
N ALA ZA 91 82.16 -68.44 -45.02
CA ALA ZA 91 82.62 -69.47 -45.93
C ALA ZA 91 84.01 -69.97 -45.53
N ALA ZA 92 84.97 -69.05 -45.50
CA ALA ZA 92 86.36 -69.39 -45.20
C ALA ZA 92 86.48 -69.97 -43.80
N THR ZA 93 85.77 -69.37 -42.85
CA THR ZA 93 85.82 -69.78 -41.45
C THR ZA 93 85.13 -71.10 -41.20
N GLY ZA 94 83.86 -71.16 -41.57
CA GLY ZA 94 82.97 -72.23 -41.12
C GLY ZA 94 81.88 -71.77 -40.15
N ALA ZA 95 81.64 -70.47 -40.09
CA ALA ZA 95 80.53 -69.87 -39.35
C ALA ZA 95 79.30 -69.85 -40.24
N THR ZA 96 78.21 -69.30 -39.71
CA THR ZA 96 76.94 -69.15 -40.44
C THR ZA 96 76.63 -67.67 -40.65
N PRO ZA 97 76.09 -67.31 -41.83
CA PRO ZA 97 75.82 -65.93 -42.07
C PRO ZA 97 74.33 -65.62 -42.18
N ILE ZA 98 74.02 -64.34 -42.13
CA ILE ZA 98 72.68 -63.81 -42.39
C ILE ZA 98 72.93 -62.51 -43.11
N ALA ZA 99 72.73 -62.50 -44.42
CA ALA ZA 99 72.97 -61.30 -45.20
C ALA ZA 99 71.67 -60.54 -45.32
N GLY ZA 100 71.59 -59.42 -44.59
CA GLY ZA 100 70.47 -58.51 -44.70
C GLY ZA 100 69.11 -59.05 -44.29
N ARG ZA 101 68.27 -58.14 -43.83
CA ARG ZA 101 66.91 -58.42 -43.37
C ARG ZA 101 66.87 -59.58 -42.41
N PHE ZA 102 67.34 -59.29 -41.21
CA PHE ZA 102 67.20 -60.19 -40.09
C PHE ZA 102 65.74 -60.29 -39.69
N THR ZA 103 65.29 -61.51 -39.47
CA THR ZA 103 63.87 -61.81 -39.35
C THR ZA 103 63.43 -61.95 -37.89
N PRO ZA 104 62.81 -60.90 -37.32
CA PRO ZA 104 62.70 -60.74 -35.86
C PRO ZA 104 62.28 -62.02 -35.16
N GLY ZA 105 63.19 -62.56 -34.35
CA GLY ZA 105 63.02 -63.87 -33.71
C GLY ZA 105 63.53 -65.03 -34.55
N THR ZA 106 64.73 -64.88 -35.06
CA THR ZA 106 65.50 -66.05 -35.50
C THR ZA 106 66.27 -66.59 -34.28
N PHE ZA 107 66.63 -65.73 -33.33
CA PHE ZA 107 67.30 -66.17 -32.11
C PHE ZA 107 66.29 -66.50 -31.02
N THR ZA 108 65.19 -65.74 -31.00
CA THR ZA 108 63.99 -66.17 -30.30
C THR ZA 108 63.11 -67.02 -31.20
N ASN ZA 109 61.95 -67.48 -30.70
CA ASN ZA 109 61.04 -68.37 -31.44
C ASN ZA 109 61.59 -69.78 -31.64
N GLN ZA 110 60.90 -70.77 -31.07
CA GLN ZA 110 61.20 -72.16 -31.35
C GLN ZA 110 60.51 -72.45 -32.67
N ILE ZA 111 59.20 -72.26 -32.67
CA ILE ZA 111 58.30 -72.64 -33.75
C ILE ZA 111 58.85 -72.33 -35.14
N GLN ZA 112 59.29 -71.09 -35.31
CA GLN ZA 112 59.58 -70.53 -36.61
C GLN ZA 112 60.73 -71.26 -37.32
N ALA ZA 113 60.75 -71.18 -38.65
CA ALA ZA 113 61.64 -71.97 -39.50
C ALA ZA 113 63.09 -71.62 -39.31
N ALA ZA 114 63.40 -70.34 -39.41
CA ALA ZA 114 64.80 -69.86 -39.38
C ALA ZA 114 65.41 -69.83 -37.97
N PHE ZA 115 64.86 -70.63 -37.04
CA PHE ZA 115 65.31 -70.59 -35.67
C PHE ZA 115 66.75 -71.10 -35.55
N ARG ZA 116 67.67 -70.15 -35.57
CA ARG ZA 116 69.07 -70.41 -35.35
C ARG ZA 116 69.36 -70.05 -33.92
N GLU ZA 117 70.09 -70.92 -33.23
CA GLU ZA 117 70.35 -70.77 -31.82
C GLU ZA 117 71.86 -70.81 -31.62
N PRO ZA 118 72.56 -69.70 -31.91
CA PRO ZA 118 74.01 -69.77 -31.96
C PRO ZA 118 74.67 -69.66 -30.60
N ARG ZA 119 76.00 -69.60 -30.60
CA ARG ZA 119 76.74 -69.32 -29.38
C ARG ZA 119 77.48 -68.00 -29.42
N LEU ZA 120 77.52 -67.31 -30.56
CA LEU ZA 120 78.26 -66.06 -30.64
C LEU ZA 120 77.83 -65.32 -31.89
N LEU ZA 121 77.43 -64.05 -31.77
CA LEU ZA 121 77.20 -63.23 -32.95
C LEU ZA 121 78.38 -62.37 -33.31
N VAL ZA 122 78.47 -62.06 -34.58
CA VAL ZA 122 79.39 -61.08 -35.06
C VAL ZA 122 78.53 -60.24 -35.97
N VAL ZA 123 78.46 -58.96 -35.68
CA VAL ZA 123 77.55 -58.06 -36.40
C VAL ZA 123 78.48 -57.14 -37.17
N THR ZA 124 77.98 -56.34 -38.09
CA THR ZA 124 78.79 -55.22 -38.55
C THR ZA 124 78.54 -54.05 -37.62
N ASP ZA 125 77.57 -53.20 -37.95
CA ASP ZA 125 77.32 -51.95 -37.22
C ASP ZA 125 76.25 -52.23 -36.18
N PRO ZA 126 76.61 -52.18 -34.89
CA PRO ZA 126 75.58 -52.47 -33.91
C PRO ZA 126 74.38 -51.52 -34.03
N ARG ZA 127 74.64 -50.30 -34.48
CA ARG ZA 127 73.60 -49.35 -34.85
C ARG ZA 127 72.54 -49.99 -35.74
N ALA ZA 128 73.02 -50.61 -36.82
CA ALA ZA 128 72.19 -51.07 -37.92
C ALA ZA 128 71.78 -52.51 -37.77
N ASP ZA 129 72.77 -53.36 -37.53
CA ASP ZA 129 72.54 -54.78 -37.38
C ASP ZA 129 72.06 -54.93 -35.94
N HIS ZA 130 70.89 -54.38 -35.66
CA HIS ZA 130 70.55 -54.02 -34.31
C HIS ZA 130 69.56 -55.01 -33.73
N GLN ZA 131 68.49 -55.28 -34.47
CA GLN ZA 131 67.52 -56.28 -34.07
C GLN ZA 131 68.17 -57.54 -33.53
N PRO ZA 132 69.10 -58.14 -34.29
CA PRO ZA 132 69.77 -59.29 -33.73
C PRO ZA 132 70.41 -58.99 -32.35
N LEU ZA 133 71.13 -57.89 -32.26
CA LEU ZA 133 71.77 -57.49 -30.99
C LEU ZA 133 70.82 -57.40 -29.79
N THR ZA 134 69.57 -57.03 -30.02
CA THR ZA 134 68.57 -57.02 -28.94
C THR ZA 134 68.12 -58.44 -28.65
N GLU ZA 135 67.95 -59.21 -29.71
CA GLU ZA 135 67.62 -60.64 -29.56
C GLU ZA 135 68.72 -61.39 -28.80
N ALA ZA 136 69.97 -61.01 -29.05
CA ALA ZA 136 71.10 -61.51 -28.29
C ALA ZA 136 71.03 -61.02 -26.84
N SER ZA 137 69.97 -61.42 -26.16
CA SER ZA 137 69.75 -61.12 -24.73
C SER ZA 137 68.44 -61.70 -24.19
N TYR ZA 138 67.54 -62.11 -25.07
CA TYR ZA 138 66.45 -63.02 -24.72
C TYR ZA 138 67.01 -64.43 -24.70
N VAL ZA 139 68.01 -64.65 -25.55
CA VAL ZA 139 68.81 -65.85 -25.53
C VAL ZA 139 70.23 -65.37 -25.45
N ASN ZA 140 71.04 -66.10 -24.69
CA ASN ZA 140 72.17 -65.53 -24.01
C ASN ZA 140 73.33 -65.60 -24.97
N LEU ZA 141 73.53 -64.50 -25.66
CA LEU ZA 141 74.46 -64.47 -26.75
C LEU ZA 141 75.49 -63.41 -26.46
N PRO ZA 142 76.76 -63.82 -26.37
CA PRO ZA 142 77.79 -62.82 -26.45
C PRO ZA 142 77.83 -62.31 -27.86
N THR ZA 143 78.71 -61.37 -28.10
CA THR ZA 143 78.63 -60.66 -29.34
C THR ZA 143 79.94 -60.02 -29.69
N ILE ZA 144 80.17 -59.91 -30.99
CA ILE ZA 144 81.26 -59.15 -31.52
C ILE ZA 144 80.61 -58.06 -32.36
N ALA ZA 145 81.27 -56.92 -32.49
CA ALA ZA 145 80.76 -55.83 -33.32
C ALA ZA 145 81.85 -54.95 -33.93
N LEU ZA 146 81.57 -54.44 -35.13
CA LEU ZA 146 82.44 -53.52 -35.82
C LEU ZA 146 81.85 -52.17 -35.55
N CYS ZA 147 82.39 -51.51 -34.55
CA CYS ZA 147 81.84 -50.25 -34.10
C CYS ZA 147 82.72 -49.15 -34.62
N ASN ZA 148 82.12 -47.99 -34.83
CA ASN ZA 148 82.87 -46.79 -35.14
C ASN ZA 148 82.92 -46.00 -33.85
N THR ZA 149 83.34 -44.76 -33.96
CA THR ZA 149 83.12 -43.77 -32.94
C THR ZA 149 81.63 -43.60 -32.66
N ASP ZA 150 80.86 -43.46 -33.73
CA ASP ZA 150 79.39 -43.34 -33.66
C ASP ZA 150 78.67 -44.39 -32.81
N SER ZA 151 79.17 -45.62 -32.81
CA SER ZA 151 78.45 -46.78 -32.28
C SER ZA 151 78.11 -46.68 -30.80
N PRO ZA 152 76.99 -47.31 -30.41
CA PRO ZA 152 76.68 -47.65 -29.04
C PRO ZA 152 77.02 -49.11 -28.76
N LEU ZA 153 77.66 -49.31 -27.62
CA LEU ZA 153 78.21 -50.59 -27.26
C LEU ZA 153 77.28 -51.29 -26.29
N ARG ZA 154 76.02 -50.83 -26.23
CA ARG ZA 154 74.89 -51.61 -25.70
C ARG ZA 154 75.00 -53.03 -26.19
N TYR ZA 155 75.02 -53.98 -25.27
CA TYR ZA 155 75.04 -55.39 -25.62
C TYR ZA 155 76.28 -55.96 -26.34
N VAL ZA 156 77.05 -55.15 -27.05
CA VAL ZA 156 78.25 -55.67 -27.68
C VAL ZA 156 79.15 -56.02 -26.51
N ASP ZA 157 79.63 -57.26 -26.53
CA ASP ZA 157 80.45 -57.78 -25.44
C ASP ZA 157 81.96 -57.75 -25.83
N ILE ZA 158 82.24 -57.62 -27.13
CA ILE ZA 158 83.59 -57.34 -27.55
C ILE ZA 158 83.56 -56.50 -28.83
N ALA ZA 159 83.60 -55.18 -28.61
CA ALA ZA 159 83.73 -54.17 -29.67
C ALA ZA 159 85.04 -54.27 -30.47
N ILE ZA 160 85.00 -53.68 -31.66
CA ILE ZA 160 86.18 -53.47 -32.48
C ILE ZA 160 86.04 -52.07 -33.06
N PRO ZA 161 87.04 -51.21 -32.84
CA PRO ZA 161 87.00 -49.86 -33.35
C PRO ZA 161 87.47 -49.77 -34.79
N CYS ZA 162 86.55 -49.45 -35.67
CA CYS ZA 162 86.73 -49.66 -37.11
C CYS ZA 162 86.39 -48.39 -37.86
N ASN ZA 163 86.28 -48.49 -39.18
CA ASN ZA 163 85.46 -47.54 -39.91
C ASN ZA 163 84.37 -48.33 -40.57
N ASN ZA 164 83.50 -48.90 -39.73
CA ASN ZA 164 82.34 -49.66 -40.19
C ASN ZA 164 81.51 -48.97 -41.29
N LYS ZA 165 81.72 -47.67 -41.46
CA LYS ZA 165 81.22 -46.93 -42.62
C LYS ZA 165 81.82 -47.47 -43.92
N GLY ZA 166 83.14 -47.28 -44.08
CA GLY ZA 166 83.80 -47.41 -45.38
C GLY ZA 166 83.83 -48.83 -45.88
N ALA ZA 167 83.35 -49.06 -47.09
CA ALA ZA 167 83.20 -50.41 -47.62
C ALA ZA 167 84.53 -51.13 -47.69
N HIS ZA 168 85.55 -50.43 -48.18
CA HIS ZA 168 86.93 -50.92 -48.21
C HIS ZA 168 87.37 -51.48 -46.87
N SER ZA 169 87.41 -50.62 -45.87
CA SER ZA 169 87.87 -50.97 -44.53
C SER ZA 169 87.03 -52.05 -43.85
N VAL ZA 170 85.77 -52.15 -44.21
CA VAL ZA 170 84.92 -53.19 -43.64
C VAL ZA 170 85.40 -54.56 -44.09
N GLY ZA 171 85.37 -54.78 -45.41
CA GLY ZA 171 85.87 -56.02 -45.96
C GLY ZA 171 87.20 -56.35 -45.31
N LEU ZA 172 88.09 -55.36 -45.30
CA LEU ZA 172 89.41 -55.49 -44.71
C LEU ZA 172 89.30 -56.04 -43.30
N MET ZA 173 88.42 -55.45 -42.49
CA MET ZA 173 88.20 -55.93 -41.10
C MET ZA 173 87.62 -57.32 -40.97
N TRP ZA 174 86.81 -57.72 -41.94
CA TRP ZA 174 86.29 -59.07 -41.97
C TRP ZA 174 87.34 -60.06 -42.46
N TRP ZA 175 88.05 -59.65 -43.50
CA TRP ZA 175 89.20 -60.40 -44.01
C TRP ZA 175 90.24 -60.59 -42.91
N MET ZA 176 90.48 -59.53 -42.13
CA MET ZA 176 91.40 -59.59 -41.03
C MET ZA 176 90.97 -60.58 -39.97
N LEU ZA 177 89.70 -60.53 -39.60
CA LEU ZA 177 89.19 -61.48 -38.62
C LEU ZA 177 89.32 -62.90 -39.15
N ALA ZA 178 89.02 -63.06 -40.44
CA ALA ZA 178 89.08 -64.35 -41.11
C ALA ZA 178 90.46 -64.98 -40.98
N ARG ZA 179 91.48 -64.23 -41.39
CA ARG ZA 179 92.87 -64.65 -41.15
C ARG ZA 179 93.04 -65.14 -39.74
N GLU ZA 180 92.69 -64.28 -38.79
CA GLU ZA 180 93.14 -64.50 -37.44
C GLU ZA 180 92.50 -65.66 -36.74
N VAL ZA 181 91.26 -65.99 -37.08
CA VAL ZA 181 90.72 -67.28 -36.62
C VAL ZA 181 91.45 -68.40 -37.30
N LEU ZA 182 91.62 -68.28 -38.61
CA LEU ZA 182 92.18 -69.37 -39.38
C LEU ZA 182 93.62 -69.64 -38.94
N ARG ZA 183 94.38 -68.56 -38.72
CA ARG ZA 183 95.71 -68.67 -38.14
C ARG ZA 183 95.59 -69.38 -36.80
N MET ZA 184 94.68 -68.92 -35.93
CA MET ZA 184 94.48 -69.55 -34.62
C MET ZA 184 93.73 -70.87 -34.72
N ARG ZA 185 94.26 -71.80 -35.51
CA ARG ZA 185 93.85 -73.21 -35.45
C ARG ZA 185 94.51 -74.05 -36.55
N GLY ZA 186 94.26 -73.66 -37.80
CA GLY ZA 186 94.50 -74.52 -38.96
C GLY ZA 186 95.16 -73.82 -40.12
N THR ZA 187 94.42 -73.69 -41.22
CA THR ZA 187 95.02 -73.55 -42.55
C THR ZA 187 95.73 -72.23 -42.92
N ILE ZA 188 96.44 -71.63 -41.98
CA ILE ZA 188 97.38 -70.59 -42.30
C ILE ZA 188 98.64 -70.81 -41.46
N SER ZA 189 99.79 -70.57 -42.08
CA SER ZA 189 101.08 -70.74 -41.42
C SER ZA 189 101.36 -69.57 -40.48
N ARG ZA 190 101.23 -68.35 -41.02
CA ARG ZA 190 101.69 -67.08 -40.43
C ARG ZA 190 103.06 -66.67 -40.97
N GLU ZA 191 103.89 -67.63 -41.34
CA GLU ZA 191 105.18 -67.33 -41.95
C GLU ZA 191 104.96 -66.88 -43.38
N HIS ZA 192 104.17 -67.66 -44.12
CA HIS ZA 192 103.67 -67.23 -45.43
C HIS ZA 192 102.40 -66.43 -45.24
N PRO ZA 193 102.16 -65.42 -46.10
CA PRO ZA 193 100.91 -64.66 -46.06
C PRO ZA 193 99.76 -65.47 -46.60
N TRP ZA 194 98.55 -64.93 -46.49
CA TRP ZA 194 97.35 -65.68 -46.85
C TRP ZA 194 97.07 -65.57 -48.34
N GLU ZA 195 96.73 -66.70 -48.96
CA GLU ZA 195 96.44 -66.74 -50.41
C GLU ZA 195 95.23 -65.89 -50.83
N VAL ZA 196 94.28 -65.68 -49.92
CA VAL ZA 196 93.07 -64.88 -50.22
C VAL ZA 196 93.41 -63.39 -50.29
N MET ZA 197 92.65 -62.67 -51.11
CA MET ZA 197 92.78 -61.23 -51.23
C MET ZA 197 91.85 -60.55 -50.23
N PRO ZA 198 92.24 -59.38 -49.70
CA PRO ZA 198 91.22 -58.58 -49.04
C PRO ZA 198 90.14 -58.14 -50.00
N ASP ZA 199 90.53 -57.72 -51.21
CA ASP ZA 199 89.56 -57.31 -52.24
C ASP ZA 199 88.37 -58.26 -52.52
N LEU ZA 200 88.55 -59.55 -52.23
CA LEU ZA 200 87.45 -60.52 -52.30
C LEU ZA 200 86.32 -60.27 -51.31
N TYR ZA 201 86.63 -59.59 -50.22
CA TYR ZA 201 85.66 -59.29 -49.17
C TYR ZA 201 84.97 -57.93 -49.37
N PHE ZA 202 85.35 -57.16 -50.38
CA PHE ZA 202 84.81 -55.82 -50.51
C PHE ZA 202 83.45 -55.90 -51.17
N TYR ZA 203 82.59 -54.94 -50.83
CA TYR ZA 203 81.36 -54.68 -51.55
C TYR ZA 203 81.65 -53.84 -52.79
N ARG ZA 204 80.98 -54.20 -53.88
CA ARG ZA 204 81.14 -53.48 -55.14
C ARG ZA 204 79.96 -52.54 -55.37
N ASP ZA 205 80.27 -51.26 -55.52
CA ASP ZA 205 79.33 -50.30 -56.12
C ASP ZA 205 79.19 -50.71 -57.58
N PRO ZA 206 77.94 -50.87 -58.09
CA PRO ZA 206 77.71 -51.23 -59.49
C PRO ZA 206 78.61 -50.48 -60.48
N GLU ZA 207 79.71 -51.12 -60.86
CA GLU ZA 207 80.80 -50.46 -61.57
C GLU ZA 207 80.85 -50.81 -63.05
N GLU ZA 208 81.08 -52.08 -63.35
CA GLU ZA 208 81.25 -52.52 -64.74
C GLU ZA 208 79.89 -52.89 -65.35
N VAL AB 1 25.39 18.95 -65.02
CA VAL AB 1 25.69 20.37 -65.42
C VAL AB 1 27.07 20.80 -64.93
N VAL AB 2 27.68 21.72 -65.67
CA VAL AB 2 29.05 22.22 -65.44
C VAL AB 2 30.06 21.07 -65.57
N ASP AB 3 30.70 21.00 -66.74
CA ASP AB 3 31.68 19.95 -67.02
C ASP AB 3 32.88 20.13 -66.09
N PRO AB 4 33.32 19.05 -65.41
CA PRO AB 4 34.22 19.23 -64.26
C PRO AB 4 35.69 19.48 -64.60
N PHE AB 5 36.24 18.71 -65.52
CA PHE AB 5 37.66 18.80 -65.83
C PHE AB 5 37.95 19.92 -66.81
N SER AB 6 36.91 20.39 -67.51
CA SER AB 6 37.04 21.45 -68.49
C SER AB 6 37.88 22.63 -68.03
N LYS AB 7 37.94 22.86 -66.72
CA LYS AB 7 38.65 24.01 -66.17
C LYS AB 7 39.94 23.62 -65.42
N LYS AB 8 40.44 22.40 -65.65
CA LYS AB 8 41.57 21.89 -64.88
C LYS AB 8 42.84 21.90 -65.68
N ASP AB 9 43.35 23.10 -65.94
CA ASP AB 9 44.62 23.25 -66.65
C ASP AB 9 45.76 22.52 -65.95
N TRP AB 10 46.76 22.15 -66.74
CA TRP AB 10 47.79 21.24 -66.28
C TRP AB 10 49.06 22.04 -66.01
N TYR AB 11 49.99 21.39 -65.32
CA TYR AB 11 51.29 21.98 -65.05
C TYR AB 11 52.36 20.91 -65.04
N ASP AB 12 53.51 21.23 -65.63
CA ASP AB 12 54.69 20.41 -65.49
C ASP AB 12 55.23 20.54 -64.07
N VAL AB 13 56.00 19.55 -63.65
CA VAL AB 13 56.67 19.57 -62.36
C VAL AB 13 58.16 19.46 -62.63
N LYS AB 14 58.96 20.11 -61.80
CA LYS AB 14 60.41 20.06 -61.96
C LYS AB 14 61.08 19.71 -60.64
N ALA AB 15 61.90 18.66 -60.68
CA ALA AB 15 62.78 18.33 -59.58
C ALA AB 15 63.95 19.29 -59.60
N PRO AB 16 64.64 19.48 -58.45
CA PRO AB 16 65.79 20.38 -58.44
C PRO AB 16 67.04 19.79 -59.11
N ALA AB 17 68.07 20.61 -59.26
CA ALA AB 17 69.31 20.18 -59.91
C ALA AB 17 70.39 19.64 -58.94
N MET AB 18 69.92 18.96 -57.89
CA MET AB 18 70.71 17.92 -57.23
C MET AB 18 70.20 16.55 -57.69
N PHE AB 19 69.72 16.50 -58.93
CA PHE AB 19 69.30 15.28 -59.56
C PHE AB 19 69.80 15.25 -61.00
N ASN AB 20 69.54 14.13 -61.67
CA ASN AB 20 69.87 13.96 -63.08
C ASN AB 20 68.70 14.25 -64.00
N ILE AB 21 67.50 13.86 -63.59
CA ILE AB 21 66.31 14.09 -64.39
C ILE AB 21 65.38 15.13 -63.74
N ARG AB 22 65.45 16.37 -64.24
CA ARG AB 22 64.67 17.46 -63.69
C ARG AB 22 63.31 17.60 -64.36
N ASN AB 23 62.63 16.48 -64.59
CA ASN AB 23 61.19 16.52 -64.79
C ASN AB 23 60.52 15.21 -64.33
N ILE AB 24 59.58 15.38 -63.41
CA ILE AB 24 59.01 14.31 -62.62
C ILE AB 24 57.79 13.77 -63.33
N GLY AB 25 56.89 14.67 -63.68
CA GLY AB 25 55.59 14.31 -64.23
C GLY AB 25 54.68 15.52 -64.27
N LYS AB 26 53.38 15.31 -64.08
CA LYS AB 26 52.38 16.33 -64.35
C LYS AB 26 51.22 16.37 -63.34
N THR AB 27 51.11 17.51 -62.65
CA THR AB 27 49.98 17.77 -61.77
C THR AB 27 48.87 18.34 -62.62
N LEU AB 28 47.67 18.35 -62.08
CA LEU AB 28 46.63 19.21 -62.60
C LEU AB 28 45.93 19.97 -61.48
N VAL AB 29 45.31 21.09 -61.88
CA VAL AB 29 44.74 22.11 -60.98
C VAL AB 29 43.58 22.81 -61.65
N THR AB 30 42.58 23.25 -60.89
CA THR AB 30 41.49 24.12 -61.43
C THR AB 30 41.99 25.53 -61.77
N ARG AB 31 41.47 26.14 -62.83
CA ARG AB 31 41.90 27.50 -63.18
C ARG AB 31 41.50 28.47 -62.09
N THR AB 32 42.19 29.60 -62.06
CA THR AB 32 41.90 30.68 -61.14
C THR AB 32 40.50 31.18 -61.41
N GLN AB 33 39.76 31.50 -60.35
CA GLN AB 33 38.53 32.24 -60.51
C GLN AB 33 38.12 32.90 -59.21
N GLY AB 34 37.86 34.21 -59.33
CA GLY AB 34 37.43 35.01 -58.21
C GLY AB 34 38.57 35.39 -57.31
N THR AB 35 38.68 34.66 -56.21
CA THR AB 35 39.77 34.76 -55.27
C THR AB 35 40.53 33.47 -55.51
N LYS AB 36 41.00 32.79 -54.46
CA LYS AB 36 41.42 31.40 -54.53
C LYS AB 36 42.78 31.22 -55.22
N ILE AB 37 42.82 31.42 -56.54
CA ILE AB 37 43.98 31.20 -57.42
C ILE AB 37 44.59 29.80 -57.42
N ALA AB 38 44.96 29.36 -58.62
CA ALA AB 38 45.54 28.04 -58.81
C ALA AB 38 46.95 28.01 -58.22
N SER AB 39 47.77 28.99 -58.59
CA SER AB 39 49.17 29.04 -58.15
C SER AB 39 49.36 28.83 -56.65
N ASP AB 40 48.33 29.12 -55.85
CA ASP AB 40 48.29 28.75 -54.45
C ASP AB 40 47.95 27.29 -54.24
N GLY AB 41 46.87 26.84 -54.86
CA GLY AB 41 46.44 25.44 -54.76
C GLY AB 41 47.46 24.45 -55.28
N LEU AB 42 48.10 24.82 -56.38
CA LEU AB 42 49.20 24.06 -56.95
C LEU AB 42 50.39 23.96 -55.99
N LYS AB 43 50.69 25.08 -55.34
CA LYS AB 43 51.79 25.23 -54.40
C LYS AB 43 51.46 24.50 -53.10
N GLY AB 44 52.33 23.58 -52.69
CA GLY AB 44 52.10 22.79 -51.49
C GLY AB 44 51.46 21.44 -51.79
N ARG AB 45 52.11 20.68 -52.65
CA ARG AB 45 51.82 19.25 -52.87
C ARG AB 45 53.13 18.54 -52.80
N VAL AB 46 53.07 17.22 -52.82
CA VAL AB 46 54.24 16.37 -52.72
C VAL AB 46 54.21 15.35 -53.84
N PHE AB 47 55.37 14.82 -54.22
CA PHE AB 47 55.45 13.84 -55.29
C PHE AB 47 56.38 12.72 -54.88
N GLU AB 48 55.80 11.74 -54.21
CA GLU AB 48 56.56 10.68 -53.58
C GLU AB 48 57.20 9.79 -54.65
N VAL AB 49 58.46 10.09 -54.97
CA VAL AB 49 59.07 9.60 -56.21
C VAL AB 49 60.27 8.75 -55.89
N SER AB 50 60.45 7.69 -56.67
CA SER AB 50 61.58 6.78 -56.51
C SER AB 50 62.79 7.28 -57.26
N LEU AB 51 63.95 7.15 -56.63
CA LEU AB 51 65.19 7.58 -57.26
C LEU AB 51 65.30 7.01 -58.66
N ALA AB 52 65.19 5.69 -58.77
CA ALA AB 52 65.37 5.02 -60.05
C ALA AB 52 64.70 5.75 -61.20
N ASP AB 53 63.56 6.40 -60.95
CA ASP AB 53 62.93 7.23 -61.97
C ASP AB 53 63.23 8.74 -61.80
N LEU AB 54 64.48 9.08 -61.49
CA LEU AB 54 64.85 10.45 -61.17
C LEU AB 54 66.33 10.69 -61.35
N GLN AB 55 67.13 9.99 -60.56
CA GLN AB 55 68.58 10.15 -60.56
C GLN AB 55 69.27 9.37 -61.69
N ASN AB 56 68.57 8.39 -62.27
CA ASN AB 56 69.09 7.53 -63.33
C ASN AB 56 70.12 6.56 -62.79
N ASP AB 57 70.05 5.31 -63.25
CA ASP AB 57 70.92 4.20 -62.80
C ASP AB 57 70.92 3.86 -61.30
N GLU AB 58 70.22 4.67 -60.49
CA GLU AB 58 70.24 4.51 -59.03
C GLU AB 58 69.08 3.60 -58.66
N VAL AB 59 69.16 3.00 -57.46
CA VAL AB 59 68.22 1.96 -57.07
C VAL AB 59 66.80 2.49 -56.92
N ALA AB 60 65.84 1.60 -57.08
CA ALA AB 60 64.43 1.98 -57.00
C ALA AB 60 63.88 1.96 -55.58
N PHE AB 61 64.60 1.41 -54.60
CA PHE AB 61 64.03 1.29 -53.26
C PHE AB 61 64.08 2.55 -52.39
N ARG AB 62 64.80 3.56 -52.85
CA ARG AB 62 64.86 4.87 -52.19
C ARG AB 62 63.81 5.76 -52.81
N LYS AB 63 62.88 6.29 -52.01
CA LYS AB 63 61.97 7.32 -52.47
C LYS AB 63 62.49 8.69 -52.08
N PHE AB 64 61.80 9.72 -52.55
CA PHE AB 64 62.00 11.12 -52.14
C PHE AB 64 60.65 11.82 -52.06
N LYS AB 65 60.64 13.09 -51.64
CA LYS AB 65 59.39 13.83 -51.45
C LYS AB 65 59.12 14.88 -52.52
N LEU AB 66 59.99 15.88 -52.64
CA LEU AB 66 59.81 16.99 -53.59
C LEU AB 66 58.51 17.78 -53.41
N ILE AB 67 58.60 19.07 -53.04
CA ILE AB 67 57.39 19.88 -52.80
C ILE AB 67 57.33 21.22 -53.53
N THR AB 68 56.17 21.49 -54.13
CA THR AB 68 55.95 22.66 -54.99
C THR AB 68 56.08 23.94 -54.20
N GLU AB 69 57.33 24.36 -54.01
CA GLU AB 69 57.62 25.49 -53.15
C GLU AB 69 57.32 26.82 -53.88
N ASP AB 70 57.49 26.85 -55.20
CA ASP AB 70 57.17 28.03 -56.01
C ASP AB 70 56.79 27.63 -57.43
N VAL AB 71 55.88 28.38 -58.04
CA VAL AB 71 55.39 28.07 -59.39
C VAL AB 71 55.62 29.25 -60.35
N GLN AB 72 56.38 28.98 -61.41
CA GLN AB 72 56.67 29.94 -62.48
C GLN AB 72 56.13 29.41 -63.81
N GLY AB 73 54.88 29.78 -64.09
CA GLY AB 73 54.25 29.62 -65.41
C GLY AB 73 54.33 28.24 -66.06
N LYS AB 74 53.33 27.40 -65.77
CA LYS AB 74 53.27 26.02 -66.29
C LYS AB 74 54.39 25.09 -65.79
N ASN AB 75 55.09 25.48 -64.72
CA ASN AB 75 56.12 24.66 -64.10
C ASN AB 75 56.01 24.78 -62.57
N CYS AB 76 56.06 23.63 -61.89
CA CYS AB 76 56.14 23.58 -60.44
C CYS AB 76 57.59 23.37 -60.10
N LEU AB 77 58.07 24.03 -59.06
CA LEU AB 77 59.45 23.86 -58.65
C LEU AB 77 59.47 23.37 -57.21
N THR AB 78 60.35 22.41 -56.94
CA THR AB 78 60.27 21.59 -55.74
C THR AB 78 61.55 21.50 -54.92
N ASN AB 79 61.42 21.59 -53.59
CA ASN AB 79 62.55 21.34 -52.70
C ASN AB 79 62.57 19.92 -52.26
N PHE AB 80 63.76 19.41 -51.95
CA PHE AB 80 63.87 18.19 -51.15
C PHE AB 80 63.02 18.37 -49.91
N HIS AB 81 62.28 17.33 -49.58
CA HIS AB 81 61.38 17.41 -48.46
C HIS AB 81 61.38 16.18 -47.57
N GLY AB 82 62.16 15.15 -47.91
CA GLY AB 82 62.18 13.91 -47.14
C GLY AB 82 62.45 12.65 -47.95
N MET AB 83 63.22 11.77 -47.36
CA MET AB 83 63.76 10.61 -48.03
C MET AB 83 63.22 9.39 -47.33
N ASP AB 84 62.98 8.34 -48.10
CA ASP AB 84 62.24 7.18 -47.62
C ASP AB 84 62.77 5.89 -48.23
N LEU AB 85 62.23 4.77 -47.75
CA LEU AB 85 62.76 3.46 -48.06
C LEU AB 85 61.60 2.54 -48.38
N THR AB 86 61.12 2.65 -49.63
CA THR AB 86 59.92 1.92 -50.15
C THR AB 86 58.80 1.85 -49.09
N ARG AB 87 58.08 0.73 -49.09
CA ARG AB 87 57.50 0.14 -47.88
C ARG AB 87 57.81 -1.36 -47.87
N ASP AB 88 59.01 -1.71 -48.32
CA ASP AB 88 59.32 -3.09 -48.71
C ASP AB 88 60.77 -3.49 -48.44
N LYS AB 89 61.70 -2.82 -49.12
CA LYS AB 89 63.12 -3.06 -48.90
C LYS AB 89 63.35 -3.04 -47.43
N MET AB 90 62.74 -2.08 -46.73
CA MET AB 90 62.80 -2.11 -45.30
C MET AB 90 62.28 -3.45 -44.79
N CYS AB 91 61.05 -3.80 -45.13
CA CYS AB 91 60.48 -5.07 -44.65
C CYS AB 91 61.25 -6.33 -45.08
N SER AB 92 61.97 -6.26 -46.20
CA SER AB 92 62.84 -7.37 -46.57
C SER AB 92 63.93 -7.47 -45.56
N MET AB 93 64.63 -6.36 -45.33
CA MET AB 93 65.78 -6.37 -44.45
C MET AB 93 65.47 -7.01 -43.11
N VAL AB 94 64.31 -6.67 -42.54
CA VAL AB 94 64.00 -7.07 -41.16
C VAL AB 94 63.78 -8.56 -41.05
N LYS AB 95 64.90 -9.26 -40.98
CA LYS AB 95 64.90 -10.69 -40.94
C LYS AB 95 65.27 -11.11 -39.53
N LYS AB 96 64.92 -12.34 -39.21
CA LYS AB 96 65.03 -12.85 -37.87
C LYS AB 96 66.45 -13.37 -37.61
N TRP AB 97 66.75 -13.58 -36.31
CA TRP AB 97 68.04 -14.08 -35.78
C TRP AB 97 69.12 -13.08 -36.09
N GLN AB 98 68.90 -11.87 -35.61
CA GLN AB 98 69.88 -10.83 -35.75
C GLN AB 98 69.29 -9.66 -35.04
N THR AB 99 70.05 -8.57 -34.97
CA THR AB 99 69.62 -7.38 -34.26
C THR AB 99 69.26 -6.27 -35.26
N MET AB 100 68.35 -5.39 -34.84
CA MET AB 100 68.10 -4.13 -35.53
C MET AB 100 68.72 -3.06 -34.69
N ILE AB 101 69.83 -2.55 -35.15
CA ILE AB 101 70.42 -1.48 -34.44
C ILE AB 101 69.92 -0.24 -35.12
N GLU AB 102 68.77 0.21 -34.66
CA GLU AB 102 68.11 1.39 -35.19
C GLU AB 102 68.57 2.63 -34.47
N ALA AB 103 68.46 3.76 -35.16
CA ALA AB 103 68.87 5.04 -34.62
C ALA AB 103 68.07 6.20 -35.20
N HIS AB 104 68.18 7.36 -34.56
CA HIS AB 104 67.74 8.61 -35.17
C HIS AB 104 68.45 9.80 -34.57
N VAL AB 105 68.44 10.91 -35.32
CA VAL AB 105 69.07 12.16 -34.90
C VAL AB 105 68.28 13.33 -35.48
N ASP AB 106 68.00 14.33 -34.65
CA ASP AB 106 67.36 15.55 -35.11
C ASP AB 106 68.49 16.54 -35.36
N VAL AB 107 68.64 17.00 -36.60
CA VAL AB 107 69.78 17.83 -36.92
C VAL AB 107 69.54 18.87 -38.03
N LYS AB 108 70.12 20.05 -37.83
CA LYS AB 108 70.01 21.17 -38.76
C LYS AB 108 71.18 21.20 -39.73
N THR AB 109 70.93 21.77 -40.90
CA THR AB 109 71.96 22.00 -41.89
C THR AB 109 72.68 23.31 -41.61
N THR AB 110 73.63 23.68 -42.47
CA THR AB 110 74.30 24.96 -42.38
C THR AB 110 73.31 26.06 -42.71
N ASP AB 111 72.64 25.88 -43.85
CA ASP AB 111 71.43 26.66 -44.15
C ASP AB 111 70.28 26.20 -43.25
N GLY AB 112 69.16 26.91 -43.33
CA GLY AB 112 68.15 26.82 -42.27
C GLY AB 112 67.19 25.64 -42.25
N TYR AB 113 67.59 24.49 -42.78
CA TYR AB 113 66.67 23.36 -42.88
C TYR AB 113 66.96 22.44 -41.74
N LEU AB 114 65.90 21.95 -41.09
CA LEU AB 114 66.03 21.04 -39.97
C LEU AB 114 65.58 19.65 -40.36
N LEU AB 115 66.52 18.73 -40.44
CA LEU AB 115 66.21 17.35 -40.81
C LEU AB 115 66.06 16.53 -39.56
N ARG AB 116 65.44 15.37 -39.71
CA ARG AB 116 65.57 14.28 -38.79
C ARG AB 116 66.18 13.19 -39.65
N LEU AB 117 66.86 12.23 -39.06
CA LEU AB 117 67.62 11.26 -39.85
C LEU AB 117 67.70 9.91 -39.16
N PHE AB 118 66.99 8.91 -39.70
CA PHE AB 118 66.78 7.63 -39.02
C PHE AB 118 67.61 6.59 -39.68
N CYS AB 119 68.60 6.07 -38.96
CA CYS AB 119 69.43 5.05 -39.55
C CYS AB 119 68.72 3.74 -39.43
N VAL AB 120 69.45 2.68 -39.71
CA VAL AB 120 69.04 1.36 -39.31
C VAL AB 120 70.10 0.31 -39.68
N GLY AB 121 71.02 0.11 -38.73
CA GLY AB 121 72.02 -0.94 -38.84
C GLY AB 121 71.42 -2.30 -38.57
N PHE AB 122 72.06 -3.31 -39.12
CA PHE AB 122 71.51 -4.65 -39.14
C PHE AB 122 72.64 -5.65 -39.01
N THR AB 123 72.68 -6.41 -37.91
CA THR AB 123 73.81 -7.30 -37.64
C THR AB 123 74.00 -8.43 -38.65
N LYS AB 124 75.25 -8.65 -39.05
CA LYS AB 124 75.60 -9.53 -40.16
C LYS AB 124 76.13 -10.86 -39.68
N LYS AB 125 75.45 -11.93 -40.06
CA LYS AB 125 75.94 -13.28 -39.81
C LYS AB 125 77.16 -13.52 -40.69
N ARG AB 126 78.26 -13.87 -40.06
CA ARG AB 126 79.54 -13.96 -40.74
C ARG AB 126 79.65 -15.24 -41.57
N ASN AB 127 80.72 -15.32 -42.37
CA ASN AB 127 80.84 -16.33 -43.44
C ASN AB 127 80.91 -17.79 -42.98
N ASN AB 128 82.01 -18.14 -42.30
CA ASN AB 128 82.17 -19.48 -41.70
C ASN AB 128 81.37 -19.69 -40.41
N GLN AB 129 80.72 -18.63 -39.92
CA GLN AB 129 79.81 -18.73 -38.77
C GLN AB 129 78.84 -19.85 -39.00
N ILE AB 130 78.58 -20.54 -37.90
CA ILE AB 130 77.93 -21.82 -37.91
C ILE AB 130 76.65 -21.82 -37.07
N ARG AB 131 76.39 -20.73 -36.36
CA ARG AB 131 75.71 -20.78 -35.08
C ARG AB 131 74.41 -19.96 -35.01
N LYS AB 132 73.91 -19.53 -36.16
CA LYS AB 132 72.55 -18.97 -36.31
C LYS AB 132 72.34 -17.51 -35.87
N THR AB 133 72.32 -17.31 -34.55
CA THR AB 133 71.71 -16.14 -33.95
C THR AB 133 72.33 -14.84 -34.35
N SER AB 134 73.61 -14.65 -34.03
CA SER AB 134 74.35 -13.46 -34.39
C SER AB 134 73.73 -12.14 -33.90
N TYR AB 135 73.18 -12.13 -32.67
CA TYR AB 135 72.69 -10.86 -32.10
C TYR AB 135 73.90 -10.12 -31.57
N ALA AB 136 73.65 -8.93 -31.00
CA ALA AB 136 74.70 -8.13 -30.39
C ALA AB 136 74.50 -7.98 -28.88
N GLN AB 137 75.60 -8.06 -28.12
CA GLN AB 137 75.61 -7.65 -26.71
C GLN AB 137 75.03 -6.26 -26.58
N HIS AB 138 74.13 -6.05 -25.63
CA HIS AB 138 73.44 -4.77 -25.51
C HIS AB 138 74.39 -3.58 -25.51
N GLN AB 139 75.53 -3.70 -24.81
CA GLN AB 139 76.54 -2.62 -24.85
C GLN AB 139 77.14 -2.33 -26.22
N GLN AB 140 77.16 -3.34 -27.09
CA GLN AB 140 77.63 -3.16 -28.46
C GLN AB 140 76.61 -2.40 -29.24
N VAL AB 141 75.35 -2.71 -29.00
CA VAL AB 141 74.31 -2.05 -29.72
C VAL AB 141 74.30 -0.57 -29.36
N ARG AB 142 74.47 -0.23 -28.09
CA ARG AB 142 74.61 1.20 -27.70
C ARG AB 142 75.82 1.85 -28.38
N GLN AB 143 76.92 1.12 -28.42
CA GLN AB 143 78.13 1.58 -29.08
C GLN AB 143 77.86 1.87 -30.55
N ILE AB 144 77.28 0.92 -31.26
CA ILE AB 144 76.94 1.12 -32.67
C ILE AB 144 76.04 2.32 -32.84
N ARG AB 145 74.98 2.40 -32.07
CA ARG AB 145 74.14 3.58 -32.11
C ARG AB 145 74.98 4.83 -31.99
N LYS AB 146 75.80 4.91 -30.95
CA LYS AB 146 76.54 6.13 -30.72
C LYS AB 146 77.37 6.52 -31.94
N LYS AB 147 77.91 5.53 -32.65
CA LYS AB 147 78.64 5.77 -33.90
C LYS AB 147 77.70 6.22 -35.03
N MET AB 148 76.51 5.64 -35.04
CA MET AB 148 75.42 5.99 -35.98
C MET AB 148 74.96 7.43 -35.89
N MET AB 149 74.96 7.98 -34.69
CA MET AB 149 74.72 9.40 -34.50
C MET AB 149 75.89 10.19 -35.01
N GLU AB 150 77.06 9.92 -34.42
CA GLU AB 150 78.29 10.68 -34.68
C GLU AB 150 78.50 10.98 -36.15
N ILE AB 151 78.27 9.98 -37.00
CA ILE AB 151 78.46 10.12 -38.44
C ILE AB 151 77.35 10.92 -39.08
N MET AB 152 76.13 10.69 -38.65
CA MET AB 152 74.97 11.39 -39.19
C MET AB 152 75.06 12.89 -38.92
N THR AB 153 75.28 13.25 -37.67
CA THR AB 153 75.48 14.64 -37.34
C THR AB 153 76.70 15.22 -38.05
N ARG AB 154 77.84 14.55 -38.00
CA ARG AB 154 79.04 15.04 -38.71
C ARG AB 154 78.77 15.34 -40.21
N GLU AB 155 77.98 14.50 -40.87
CA GLU AB 155 77.68 14.69 -42.28
C GLU AB 155 76.66 15.77 -42.57
N VAL AB 156 75.90 16.22 -41.57
CA VAL AB 156 74.82 17.16 -41.82
C VAL AB 156 75.02 18.46 -41.06
N GLN AB 157 75.33 18.38 -39.77
CA GLN AB 157 75.68 19.55 -38.94
C GLN AB 157 76.51 20.54 -39.74
N THR AB 158 77.50 20.02 -40.46
CA THR AB 158 78.25 20.76 -41.48
C THR AB 158 77.66 20.52 -42.85
N ASN AB 159 78.03 21.37 -43.81
CA ASN AB 159 77.50 21.37 -45.20
C ASN AB 159 75.96 21.44 -45.39
N ASP AB 160 75.58 22.01 -46.52
CA ASP AB 160 74.27 22.62 -46.71
C ASP AB 160 73.17 21.61 -47.01
N LEU AB 161 72.03 22.08 -47.51
CA LEU AB 161 70.91 21.21 -47.86
C LEU AB 161 71.15 20.44 -49.16
N LYS AB 162 71.52 21.16 -50.22
CA LYS AB 162 71.74 20.57 -51.54
C LYS AB 162 72.77 19.43 -51.50
N GLU AB 163 73.92 19.70 -50.88
CA GLU AB 163 75.01 18.72 -50.75
C GLU AB 163 74.62 17.52 -49.89
N VAL AB 164 73.78 17.76 -48.90
CA VAL AB 164 73.24 16.71 -48.04
C VAL AB 164 72.36 15.75 -48.80
N VAL AB 165 71.50 16.29 -49.64
CA VAL AB 165 70.66 15.44 -50.46
C VAL AB 165 71.54 14.68 -51.42
N ASN AB 166 72.53 15.37 -51.99
CA ASN AB 166 73.52 14.74 -52.85
C ASN AB 166 74.26 13.56 -52.17
N LYS AB 167 74.55 13.69 -50.86
CA LYS AB 167 75.10 12.60 -50.01
C LYS AB 167 74.12 11.45 -49.84
N LEU AB 168 72.85 11.79 -49.65
CA LEU AB 168 71.77 10.80 -49.50
C LEU AB 168 71.45 10.01 -50.76
N ILE AB 169 71.88 10.52 -51.91
CA ILE AB 169 71.49 9.93 -53.19
C ILE AB 169 72.18 8.56 -53.46
N PRO AB 170 73.46 8.42 -53.06
CA PRO AB 170 74.05 7.10 -52.83
C PRO AB 170 74.47 7.06 -51.36
N ASP AB 171 73.74 6.31 -50.54
CA ASP AB 171 73.77 6.49 -49.07
C ASP AB 171 75.19 6.42 -48.48
N SER AB 172 75.89 7.53 -48.62
CA SER AB 172 77.26 7.67 -48.16
C SER AB 172 77.30 7.65 -46.65
N ILE AB 173 76.25 8.21 -46.04
CA ILE AB 173 76.11 8.22 -44.59
C ILE AB 173 75.99 6.78 -44.10
N GLY AB 174 75.17 5.98 -44.75
CA GLY AB 174 75.08 4.56 -44.46
C GLY AB 174 76.40 3.82 -44.66
N LYS AB 175 77.07 4.07 -45.78
CA LYS AB 175 78.36 3.47 -46.09
C LYS AB 175 79.40 3.81 -45.03
N ASP AB 176 79.44 5.09 -44.66
CA ASP AB 176 80.31 5.59 -43.60
C ASP AB 176 80.04 4.85 -42.28
N ILE AB 177 78.77 4.65 -41.93
CA ILE AB 177 78.39 3.95 -40.69
C ILE AB 177 78.86 2.49 -40.69
N GLU AB 178 78.61 1.79 -41.79
CA GLU AB 178 79.03 0.41 -41.92
C GLU AB 178 80.54 0.32 -41.71
N LYS AB 179 81.28 1.13 -42.47
CA LYS AB 179 82.73 1.18 -42.37
C LYS AB 179 83.20 1.36 -40.92
N ALA AB 180 82.57 2.31 -40.22
CA ALA AB 180 82.98 2.65 -38.85
C ALA AB 180 82.65 1.57 -37.84
N CYS AB 181 81.46 0.99 -37.95
CA CYS AB 181 80.96 0.03 -36.96
C CYS AB 181 81.49 -1.40 -37.10
N GLN AB 182 82.24 -1.67 -38.16
CA GLN AB 182 82.80 -3.00 -38.37
C GLN AB 182 83.54 -3.51 -37.14
N SER AB 183 84.29 -2.62 -36.49
CA SER AB 183 85.10 -2.97 -35.30
C SER AB 183 84.33 -3.19 -33.99
N ILE AB 184 83.01 -3.10 -34.04
CA ILE AB 184 82.19 -3.21 -32.85
C ILE AB 184 81.32 -4.45 -32.95
N TYR AB 185 80.54 -4.52 -34.02
CA TYR AB 185 79.83 -5.73 -34.41
C TYR AB 185 79.36 -5.58 -35.85
N PRO AB 186 79.93 -6.35 -36.78
CA PRO AB 186 79.82 -6.19 -38.22
C PRO AB 186 78.75 -5.27 -38.85
N LEU AB 187 77.46 -5.57 -38.72
CA LEU AB 187 76.39 -4.85 -39.45
C LEU AB 187 76.47 -5.06 -40.95
N HIS AB 188 75.35 -4.85 -41.65
CA HIS AB 188 75.37 -4.95 -43.12
C HIS AB 188 74.32 -4.23 -43.98
N ASP AB 189 73.07 -4.04 -43.56
CA ASP AB 189 72.11 -3.43 -44.48
C ASP AB 189 71.85 -2.00 -44.09
N VAL AB 190 72.94 -1.27 -43.85
CA VAL AB 190 72.88 -0.05 -43.09
C VAL AB 190 72.52 1.13 -43.98
N PHE AB 191 71.34 1.67 -43.72
CA PHE AB 191 70.78 2.79 -44.43
C PHE AB 191 70.33 3.88 -43.49
N VAL AB 192 70.17 5.08 -44.02
CA VAL AB 192 69.15 5.99 -43.49
C VAL AB 192 67.89 5.60 -44.22
N ARG AB 193 67.02 4.92 -43.49
CA ARG AB 193 65.73 4.52 -44.02
C ARG AB 193 64.77 5.66 -44.10
N LYS AB 194 65.12 6.81 -43.55
CA LYS AB 194 64.21 7.94 -43.51
C LYS AB 194 64.92 9.23 -43.19
N VAL AB 195 64.44 10.28 -43.82
CA VAL AB 195 64.83 11.60 -43.47
C VAL AB 195 63.46 12.26 -43.40
N LYS AB 196 63.38 13.42 -42.76
CA LYS AB 196 62.09 14.04 -42.50
C LYS AB 196 62.28 15.52 -42.26
N MET AB 197 61.60 16.35 -43.03
CA MET AB 197 61.71 17.78 -42.83
C MET AB 197 60.95 18.13 -41.58
N LEU AB 198 61.43 19.17 -40.91
CA LEU AB 198 60.80 19.69 -39.71
C LEU AB 198 60.61 21.17 -39.90
N LYS AB 199 61.71 21.90 -39.92
CA LYS AB 199 61.70 23.34 -39.83
C LYS AB 199 62.53 23.88 -40.97
N LYS AB 200 61.85 24.19 -42.07
CA LYS AB 200 62.49 24.94 -43.15
C LYS AB 200 62.59 26.39 -42.71
N PRO AB 201 63.54 27.14 -43.30
CA PRO AB 201 63.62 28.56 -43.02
C PRO AB 201 62.52 29.33 -43.74
N LYS AB 202 62.53 30.65 -43.58
CA LYS AB 202 61.68 31.48 -44.41
C LYS AB 202 62.16 31.33 -45.84
N PHE AB 203 61.21 31.31 -46.75
CA PHE AB 203 61.49 31.04 -48.16
C PHE AB 203 62.34 32.16 -48.74
N GLU AB 204 63.31 31.76 -49.59
CA GLU AB 204 64.08 32.72 -50.41
C GLU AB 204 64.21 32.20 -51.84
N LEU AB 205 63.50 32.84 -52.77
CA LEU AB 205 63.44 32.43 -54.17
C LEU AB 205 64.81 32.30 -54.84
N GLY AB 206 65.75 33.14 -54.40
CA GLY AB 206 67.13 33.05 -54.88
C GLY AB 206 67.77 31.70 -54.66
N LYS AB 207 67.57 31.13 -53.49
CA LYS AB 207 68.11 29.80 -53.18
C LYS AB 207 67.43 28.72 -54.02
N LEU AB 208 66.12 28.81 -54.19
CA LEU AB 208 65.39 27.84 -55.00
C LEU AB 208 65.85 27.88 -56.44
N MET AB 209 65.93 29.09 -57.00
CA MET AB 209 66.46 29.26 -58.36
C MET AB 209 67.89 28.79 -58.49
N GLU AB 210 68.69 29.00 -57.44
CA GLU AB 210 70.04 28.45 -57.38
C GLU AB 210 69.96 26.93 -57.54
N LEU AB 211 69.05 26.31 -56.79
CA LEU AB 211 68.82 24.86 -56.85
C LEU AB 211 68.40 24.33 -58.22
N HIS AB 212 67.69 25.15 -58.99
CA HIS AB 212 67.27 24.76 -60.33
C HIS AB 212 68.24 25.40 -61.34
N GLY AB 213 67.98 26.64 -61.74
CA GLY AB 213 68.72 27.32 -62.80
C GLY AB 213 67.94 28.46 -63.42
N GLU BB 1 54.44 -88.49 -28.50
CA GLU BB 1 55.93 -88.32 -28.47
C GLU BB 1 56.31 -86.84 -28.40
N TRP BB 2 57.45 -86.57 -27.79
CA TRP BB 2 58.04 -85.24 -27.76
C TRP BB 2 59.16 -85.19 -28.81
N LEU BB 3 59.13 -84.14 -29.64
CA LEU BB 3 60.27 -83.79 -30.50
C LEU BB 3 60.78 -82.42 -30.11
N PRO BB 4 62.02 -82.35 -29.59
CA PRO BB 4 62.52 -81.06 -29.13
C PRO BB 4 62.79 -80.06 -30.27
N VAL BB 5 62.03 -78.97 -30.26
CA VAL BB 5 62.24 -77.81 -31.10
C VAL BB 5 63.48 -76.98 -30.77
N THR BB 6 64.03 -77.14 -29.56
CA THR BB 6 65.25 -76.40 -29.14
C THR BB 6 66.50 -77.25 -29.19
N LYS BB 7 67.64 -76.56 -29.07
CA LYS BB 7 68.94 -77.17 -28.85
C LYS BB 7 68.95 -77.84 -27.47
N LEU BB 8 68.70 -77.04 -26.43
CA LEU BB 8 68.67 -77.50 -25.04
C LEU BB 8 67.74 -78.67 -24.85
N GLY BB 9 66.56 -78.58 -25.45
CA GLY BB 9 65.58 -79.65 -25.42
C GLY BB 9 66.14 -80.97 -25.91
N ARG BB 10 66.82 -80.94 -27.03
CA ARG BB 10 67.37 -82.15 -27.60
C ARG BB 10 68.40 -82.74 -26.65
N LEU BB 11 69.21 -81.90 -26.02
CA LEU BB 11 70.13 -82.37 -25.00
C LEU BB 11 69.40 -83.08 -23.89
N VAL BB 12 68.34 -82.47 -23.39
CA VAL BB 12 67.60 -83.00 -22.23
C VAL BB 12 66.94 -84.34 -22.53
N LYS BB 13 66.34 -84.42 -23.72
CA LYS BB 13 65.76 -85.66 -24.24
C LYS BB 13 66.77 -86.82 -24.30
N ASP BB 14 68.00 -86.53 -24.65
CA ASP BB 14 69.04 -87.54 -24.80
C ASP BB 14 69.69 -87.93 -23.46
N VAL BB 15 69.14 -87.46 -22.33
CA VAL BB 15 69.72 -87.68 -20.99
C VAL BB 15 71.18 -87.22 -20.93
N LYS BB 16 71.36 -85.98 -21.32
CA LYS BB 16 72.67 -85.37 -21.39
C LYS BB 16 72.82 -84.45 -20.17
N ILE BB 17 71.84 -83.58 -19.96
CA ILE BB 17 71.79 -82.73 -18.78
C ILE BB 17 71.13 -83.50 -17.65
N LYS BB 18 71.77 -83.52 -16.49
CA LYS BB 18 71.40 -84.41 -15.40
C LYS BB 18 70.23 -83.89 -14.58
N SER BB 19 70.25 -82.59 -14.26
CA SER BB 19 69.15 -81.94 -13.53
C SER BB 19 68.93 -80.55 -14.07
N LEU BB 20 67.75 -80.00 -13.81
CA LEU BB 20 67.47 -78.62 -14.22
C LEU BB 20 68.28 -77.52 -13.49
N GLU BB 21 68.97 -77.90 -12.41
CA GLU BB 21 69.96 -77.03 -11.80
C GLU BB 21 71.16 -76.78 -12.68
N GLU BB 22 71.42 -77.68 -13.63
CA GLU BB 22 72.46 -77.43 -14.63
C GLU BB 22 72.04 -76.36 -15.62
N ILE BB 23 70.74 -76.30 -15.89
CA ILE BB 23 70.17 -75.20 -16.67
C ILE BB 23 70.17 -73.88 -15.90
N TYR BB 24 69.55 -73.86 -14.73
CA TYR BB 24 69.47 -72.65 -13.89
C TYR BB 24 70.79 -71.98 -13.58
N LEU BB 25 71.86 -72.77 -13.54
CA LEU BB 25 73.19 -72.20 -13.37
C LEU BB 25 73.47 -71.24 -14.53
N PHE BB 26 73.30 -71.74 -15.74
CA PHE BB 26 73.71 -71.00 -16.93
C PHE BB 26 72.63 -70.09 -17.45
N SER BB 27 71.46 -70.16 -16.81
CA SER BB 27 70.40 -69.19 -16.99
C SER BB 27 69.86 -69.25 -18.40
N LEU BB 28 69.69 -70.47 -18.88
CA LEU BB 28 69.24 -70.71 -20.21
C LEU BB 28 67.73 -70.60 -20.22
N PRO BB 29 67.15 -70.08 -21.31
CA PRO BB 29 65.70 -70.02 -21.39
C PRO BB 29 65.14 -71.37 -21.79
N ILE BB 30 64.28 -71.90 -20.95
CA ILE BB 30 63.56 -73.13 -21.20
C ILE BB 30 62.35 -72.76 -22.05
N LYS BB 31 62.26 -73.33 -23.23
CA LYS BB 31 61.15 -73.04 -24.12
C LYS BB 31 60.25 -74.24 -24.36
N GLU BB 32 60.78 -75.46 -24.13
CA GLU BB 32 60.00 -76.68 -24.28
C GLU BB 32 59.33 -76.90 -22.94
N SER BB 33 58.02 -77.13 -22.96
CA SER BB 33 57.28 -77.43 -21.74
C SER BB 33 57.49 -78.85 -21.23
N GLU BB 34 58.20 -79.66 -22.00
CA GLU BB 34 58.42 -81.05 -21.65
C GLU BB 34 59.70 -81.20 -20.84
N ILE BB 35 60.66 -80.29 -21.01
CA ILE BB 35 61.89 -80.36 -20.25
C ILE BB 35 61.53 -80.40 -18.79
N ILE BB 36 60.96 -79.33 -18.29
CA ILE BB 36 60.56 -79.27 -16.90
C ILE BB 36 59.76 -80.48 -16.42
N ASP BB 37 58.87 -80.98 -17.26
CA ASP BB 37 58.05 -82.12 -16.90
C ASP BB 37 58.87 -83.42 -16.86
N PHE BB 38 59.96 -83.47 -17.62
CA PHE BB 38 60.86 -84.62 -17.57
C PHE BB 38 61.71 -84.61 -16.29
N PHE BB 39 62.27 -83.46 -15.95
CA PHE BB 39 63.05 -83.33 -14.72
C PHE BB 39 62.17 -83.42 -13.48
N LEU BB 40 61.13 -82.58 -13.42
CA LEU BB 40 60.14 -82.58 -12.33
C LEU BB 40 58.82 -83.19 -12.80
N GLY BB 41 58.89 -84.42 -13.29
CA GLY BB 41 57.68 -85.20 -13.59
C GLY BB 41 57.12 -85.75 -12.30
N ALA BB 42 55.80 -85.70 -12.16
CA ALA BB 42 55.15 -85.90 -10.88
C ALA BB 42 55.67 -84.81 -9.92
N ALA BB 43 55.46 -84.98 -8.61
CA ALA BB 43 55.92 -84.02 -7.59
C ALA BB 43 55.40 -82.62 -7.90
N LEU BB 44 55.94 -82.03 -8.96
CA LEU BB 44 55.36 -80.86 -9.63
C LEU BB 44 53.83 -81.00 -9.72
N LYS BB 45 53.14 -80.04 -9.12
CA LYS BB 45 51.68 -80.05 -8.98
C LYS BB 45 51.12 -78.68 -9.28
N ASP BB 46 49.92 -78.65 -9.84
CA ASP BB 46 49.31 -77.42 -10.34
C ASP BB 46 48.02 -77.10 -9.62
N GLU BB 47 47.78 -75.81 -9.42
CA GLU BB 47 46.50 -75.35 -8.90
C GLU BB 47 46.09 -74.00 -9.44
N VAL BB 48 44.86 -73.97 -9.94
CA VAL BB 48 44.26 -72.77 -10.51
C VAL BB 48 43.99 -71.80 -9.37
N LEU BB 49 44.64 -70.65 -9.42
CA LEU BB 49 44.50 -69.65 -8.40
C LEU BB 49 43.15 -68.95 -8.50
N LYS BB 50 42.74 -68.65 -9.73
CA LYS BB 50 41.44 -68.01 -10.02
C LYS BB 50 41.20 -67.94 -11.53
N ILE BB 51 39.95 -68.00 -11.93
CA ILE BB 51 39.59 -67.72 -13.33
C ILE BB 51 38.95 -66.34 -13.48
N MET BB 52 39.71 -65.34 -13.91
CA MET BB 52 39.15 -64.00 -14.05
C MET BB 52 38.77 -63.74 -15.51
N PRO BB 53 37.52 -63.26 -15.76
CA PRO BB 53 36.99 -63.03 -17.09
C PRO BB 53 37.06 -61.59 -17.54
N VAL BB 54 37.88 -61.36 -18.55
CA VAL BB 54 38.27 -60.03 -18.94
C VAL BB 54 37.77 -59.80 -20.36
N GLN BB 55 37.19 -58.63 -20.63
CA GLN BB 55 36.29 -58.50 -21.79
C GLN BB 55 36.27 -57.21 -22.58
N LYS BB 56 36.65 -57.30 -23.85
CA LYS BB 56 36.88 -56.12 -24.65
C LYS BB 56 35.66 -55.77 -25.48
N GLN BB 57 35.26 -54.50 -25.41
CA GLN BB 57 34.02 -54.04 -26.02
C GLN BB 57 34.18 -53.94 -27.52
N THR BB 58 33.30 -54.62 -28.23
CA THR BB 58 33.30 -54.61 -29.67
C THR BB 58 32.11 -53.79 -30.11
N ARG BB 59 31.97 -53.61 -31.42
CA ARG BB 59 30.84 -52.90 -31.96
C ARG BB 59 29.52 -53.65 -31.77
N ALA BB 60 29.59 -54.96 -31.55
CA ALA BB 60 28.40 -55.80 -31.45
C ALA BB 60 28.44 -56.62 -30.19
N ALA BB 61 28.40 -55.92 -29.07
CA ALA BB 61 28.57 -56.54 -27.75
C ALA BB 61 30.04 -56.65 -27.42
N GLN BB 62 30.41 -57.67 -26.65
CA GLN BB 62 31.79 -57.78 -26.20
C GLN BB 62 32.39 -59.17 -26.23
N ARG BB 63 33.66 -59.18 -26.58
CA ARG BB 63 34.51 -60.34 -26.58
C ARG BB 63 34.84 -60.61 -25.14
N THR BB 64 33.97 -61.36 -24.46
CA THR BB 64 34.28 -61.83 -23.12
C THR BB 64 35.21 -63.02 -23.25
N ARG BB 65 36.34 -62.97 -22.55
CA ARG BB 65 37.31 -64.05 -22.60
C ARG BB 65 37.94 -64.25 -21.25
N PHE BB 66 38.67 -65.36 -21.11
CA PHE BB 66 39.13 -65.83 -19.82
C PHE BB 66 40.62 -65.80 -19.63
N LYS BB 67 40.98 -65.85 -18.37
CA LYS BB 67 42.32 -65.66 -17.92
C LYS BB 67 42.41 -66.53 -16.69
N ALA BB 68 43.10 -67.65 -16.83
CA ALA BB 68 43.26 -68.62 -15.73
C ALA BB 68 44.62 -68.40 -15.14
N PHE BB 69 44.65 -68.09 -13.85
CA PHE BB 69 45.91 -68.01 -13.15
C PHE BB 69 46.21 -69.38 -12.61
N VAL BB 70 47.43 -69.83 -12.81
CA VAL BB 70 47.88 -71.07 -12.24
C VAL BB 70 49.22 -70.88 -11.57
N ALA BB 71 49.35 -71.48 -10.40
CA ALA BB 71 50.63 -71.69 -9.76
C ALA BB 71 50.95 -73.17 -9.87
N ILE BB 72 52.22 -73.48 -9.75
CA ILE BB 72 52.67 -74.85 -9.84
C ILE BB 72 53.91 -74.99 -8.99
N GLY BB 73 54.09 -76.16 -8.40
CA GLY BB 73 55.28 -76.41 -7.63
C GLY BB 73 55.35 -77.83 -7.11
N ASP BB 74 56.55 -78.23 -6.74
CA ASP BB 74 56.85 -79.59 -6.31
C ASP BB 74 57.08 -79.63 -4.81
N TYR BB 75 56.48 -78.69 -4.09
CA TYR BB 75 56.64 -78.55 -2.67
C TYR BB 75 58.10 -78.74 -2.21
N ASN BB 76 59.02 -78.29 -3.04
CA ASN BB 76 60.43 -78.42 -2.75
C ASN BB 76 61.24 -77.62 -3.77
N GLY BB 77 61.72 -76.44 -3.37
CA GLY BB 77 62.53 -75.60 -4.23
C GLY BB 77 61.72 -74.83 -5.26
N HIS BB 78 61.04 -75.56 -6.16
CA HIS BB 78 60.60 -74.99 -7.42
C HIS BB 78 59.15 -74.55 -7.46
N VAL BB 79 58.90 -73.42 -8.14
CA VAL BB 79 57.55 -72.93 -8.42
C VAL BB 79 57.52 -72.08 -9.65
N GLY BB 80 56.33 -71.99 -10.23
CA GLY BB 80 56.05 -71.14 -11.38
C GLY BB 80 54.69 -70.52 -11.21
N LEU BB 81 54.45 -69.48 -11.99
CA LEU BB 81 53.19 -68.76 -11.93
C LEU BB 81 52.76 -68.53 -13.36
N GLY BB 82 51.81 -69.34 -13.80
CA GLY BB 82 51.30 -69.27 -15.16
C GLY BB 82 50.04 -68.46 -15.25
N VAL BB 83 49.97 -67.61 -16.27
CA VAL BB 83 48.76 -66.89 -16.62
C VAL BB 83 48.54 -67.02 -18.11
N LYS BB 84 47.35 -67.47 -18.50
CA LYS BB 84 47.00 -67.55 -19.91
C LYS BB 84 45.59 -67.07 -20.10
N CYS BB 85 45.41 -66.21 -21.09
CA CYS BB 85 44.16 -65.56 -21.34
C CYS BB 85 43.61 -66.04 -22.66
N SER BB 86 42.54 -66.83 -22.61
CA SER BB 86 41.97 -67.48 -23.79
C SER BB 86 40.45 -67.46 -23.77
N LYS BB 87 39.83 -68.00 -24.81
CA LYS BB 87 38.37 -68.00 -24.91
C LYS BB 87 37.71 -68.97 -23.93
N GLU BB 88 37.69 -70.26 -24.25
CA GLU BB 88 37.06 -71.23 -23.34
C GLU BB 88 38.03 -71.62 -22.23
N VAL BB 89 37.50 -71.68 -21.01
CA VAL BB 89 38.32 -71.71 -19.78
C VAL BB 89 39.37 -72.80 -19.73
N ALA BB 90 38.98 -73.97 -20.22
CA ALA BB 90 39.86 -75.11 -20.23
C ALA BB 90 41.09 -74.78 -21.03
N THR BB 91 40.86 -74.24 -22.22
CA THR BB 91 41.93 -73.83 -23.10
C THR BB 91 42.79 -72.71 -22.53
N ALA BB 92 42.17 -71.82 -21.75
CA ALA BB 92 42.94 -70.86 -20.97
C ALA BB 92 43.83 -71.57 -19.96
N ILE BB 93 43.21 -72.41 -19.15
CA ILE BB 93 43.91 -73.09 -18.09
C ILE BB 93 45.10 -73.83 -18.64
N ARG BB 94 44.83 -74.73 -19.57
CA ARG BB 94 45.83 -75.62 -20.09
C ARG BB 94 47.10 -74.86 -20.44
N GLY BB 95 46.94 -73.73 -21.12
CA GLY BB 95 48.07 -72.90 -21.51
C GLY BB 95 48.82 -72.29 -20.34
N ALA BB 96 48.07 -71.89 -19.32
CA ALA BB 96 48.65 -71.29 -18.13
C ALA BB 96 49.56 -72.27 -17.43
N ILE BB 97 49.06 -73.48 -17.25
CA ILE BB 97 49.88 -74.56 -16.68
C ILE BB 97 51.24 -74.70 -17.36
N ILE BB 98 51.23 -74.69 -18.68
CA ILE BB 98 52.45 -74.72 -19.45
C ILE BB 98 53.29 -73.49 -19.17
N LEU BB 99 52.66 -72.34 -19.28
CA LEU BB 99 53.33 -71.07 -18.99
C LEU BB 99 53.97 -71.01 -17.60
N ALA BB 100 53.35 -71.69 -16.63
CA ALA BB 100 53.92 -71.82 -15.30
C ALA BB 100 55.13 -72.72 -15.36
N LYS BB 101 54.94 -73.89 -15.95
CA LYS BB 101 56.01 -74.86 -16.05
C LYS BB 101 57.26 -74.28 -16.72
N LEU BB 102 57.06 -73.47 -17.74
CA LEU BB 102 58.16 -72.69 -18.35
C LEU BB 102 58.77 -71.66 -17.43
N SER BB 103 57.93 -71.04 -16.62
CA SER BB 103 58.40 -70.06 -15.65
C SER BB 103 59.28 -70.64 -14.56
N ILE BB 104 59.08 -71.90 -14.18
CA ILE BB 104 59.43 -72.26 -12.82
C ILE BB 104 60.85 -71.88 -12.46
N VAL BB 105 61.02 -71.59 -11.18
CA VAL BB 105 62.22 -70.99 -10.67
C VAL BB 105 62.58 -71.67 -9.39
N PRO BB 106 63.87 -71.66 -9.04
CA PRO BB 106 64.27 -72.26 -7.78
C PRO BB 106 64.08 -71.25 -6.69
N VAL BB 107 63.80 -71.74 -5.48
CA VAL BB 107 63.89 -70.89 -4.31
C VAL BB 107 65.06 -71.36 -3.45
N ARG BB 108 65.86 -70.38 -3.05
CA ARG BB 108 66.86 -70.53 -2.02
C ARG BB 108 66.01 -70.39 -0.78
N ARG BB 109 65.76 -71.50 -0.08
CA ARG BB 109 65.09 -71.44 1.23
C ARG BB 109 66.14 -71.61 2.27
N GLY BB 110 65.97 -70.93 3.39
CA GLY BB 110 66.96 -70.91 4.43
C GLY BB 110 66.47 -71.19 5.83
N TYR BB 111 67.28 -70.70 6.78
CA TYR BB 111 67.09 -70.94 8.19
C TYR BB 111 66.83 -69.64 8.87
N TRP BB 112 66.21 -69.73 10.03
CA TRP BB 112 65.81 -68.56 10.76
C TRP BB 112 66.97 -68.02 11.55
N GLY BB 113 67.55 -68.90 12.38
CA GLY BB 113 68.56 -68.51 13.34
C GLY BB 113 69.53 -69.64 13.54
N ASN BB 114 69.31 -70.43 14.59
CA ASN BB 114 70.10 -71.64 14.83
C ASN BB 114 70.01 -72.51 13.58
N LYS BB 115 71.17 -72.82 13.02
CA LYS BB 115 71.27 -73.18 11.61
C LYS BB 115 71.00 -74.64 11.32
N ILE BB 116 70.56 -75.38 12.33
CA ILE BB 116 70.57 -76.83 12.28
C ILE BB 116 69.34 -77.42 11.58
N GLY BB 117 69.51 -78.65 11.10
CA GLY BB 117 68.47 -79.36 10.38
C GLY BB 117 68.55 -79.07 8.88
N LYS BB 118 67.38 -79.10 8.25
CA LYS BB 118 67.23 -78.85 6.83
C LYS BB 118 66.51 -77.52 6.64
N PRO BB 119 66.92 -76.72 5.64
CA PRO BB 119 66.32 -75.41 5.51
C PRO BB 119 64.80 -75.45 5.51
N HIS BB 120 64.21 -74.44 6.13
CA HIS BB 120 62.76 -74.34 6.32
C HIS BB 120 62.14 -73.00 5.93
N THR BB 121 62.75 -71.88 6.28
CA THR BB 121 62.19 -70.57 5.96
C THR BB 121 62.88 -69.92 4.77
N VAL BB 122 62.52 -68.67 4.50
CA VAL BB 122 63.16 -67.87 3.46
C VAL BB 122 64.49 -67.39 4.06
N PRO BB 123 65.53 -67.24 3.25
CA PRO BB 123 66.83 -66.88 3.80
C PRO BB 123 66.88 -65.52 4.42
N CYS BB 124 66.70 -64.50 3.60
CA CYS BB 124 66.78 -63.14 4.07
C CYS BB 124 65.41 -62.60 3.79
N LYS BB 125 65.06 -61.50 4.45
CA LYS BB 125 63.82 -60.89 4.12
C LYS BB 125 63.95 -60.20 2.78
N VAL BB 126 63.22 -60.77 1.82
CA VAL BB 126 63.07 -60.25 0.48
C VAL BB 126 61.67 -59.78 0.25
N THR BB 127 61.55 -59.04 -0.83
CA THR BB 127 60.26 -58.66 -1.34
C THR BB 127 60.20 -58.89 -2.81
N GLY BB 128 58.97 -59.04 -3.28
CA GLY BB 128 58.64 -58.93 -4.68
C GLY BB 128 57.47 -58.00 -4.73
N ARG BB 129 57.51 -57.07 -5.69
CA ARG BB 129 56.40 -56.15 -5.91
C ARG BB 129 56.00 -56.11 -7.37
N CYS BB 130 54.78 -55.61 -7.58
CA CYS BB 130 54.12 -55.70 -8.85
C CYS BB 130 52.89 -54.79 -8.88
N GLY BB 131 52.88 -53.88 -9.85
CA GLY BB 131 51.75 -52.99 -10.12
C GLY BB 131 50.94 -52.49 -8.92
N SER BB 132 51.63 -51.83 -7.97
CA SER BB 132 51.07 -51.30 -6.71
C SER BB 132 51.16 -52.28 -5.56
N VAL BB 133 50.98 -53.57 -5.86
CA VAL BB 133 51.13 -54.58 -4.84
C VAL BB 133 52.59 -54.73 -4.49
N LEU BB 134 52.86 -54.87 -3.20
CA LEU BB 134 54.21 -55.12 -2.70
C LEU BB 134 54.08 -56.22 -1.70
N VAL BB 135 54.86 -57.29 -1.84
CA VAL BB 135 54.81 -58.39 -0.90
C VAL BB 135 56.17 -58.52 -0.27
N ARG BB 136 56.20 -58.59 1.06
CA ARG BB 136 57.42 -58.87 1.81
C ARG BB 136 57.34 -60.26 2.40
N LEU BB 137 58.34 -61.06 2.12
CA LEU BB 137 58.54 -62.28 2.84
C LEU BB 137 59.60 -62.04 3.89
N ILE BB 138 59.43 -62.66 5.05
CA ILE BB 138 60.38 -62.52 6.13
C ILE BB 138 60.69 -63.90 6.66
N PRO BB 139 61.97 -64.17 6.95
CA PRO BB 139 62.30 -65.39 7.67
C PRO BB 139 61.59 -65.47 9.01
N ALA BB 140 61.09 -66.65 9.29
CA ALA BB 140 60.30 -66.88 10.48
C ALA BB 140 60.74 -68.19 11.10
N PRO BB 141 60.63 -68.31 12.42
CA PRO BB 141 61.19 -69.47 13.05
C PRO BB 141 60.31 -70.68 12.82
N ARG BB 142 60.89 -71.86 13.01
CA ARG BB 142 60.18 -73.11 12.77
C ARG BB 142 58.86 -73.16 13.50
N GLY BB 143 57.90 -73.81 12.85
CA GLY BB 143 56.57 -74.02 13.40
C GLY BB 143 55.59 -72.99 12.89
N THR BB 144 55.93 -71.74 13.12
CA THR BB 144 55.10 -70.60 12.73
C THR BB 144 54.20 -70.93 11.57
N GLY BB 145 54.79 -71.48 10.50
CA GLY BB 145 54.07 -71.77 9.26
C GLY BB 145 54.09 -70.52 8.41
N ILE BB 146 53.15 -70.42 7.48
CA ILE BB 146 53.07 -69.21 6.69
C ILE BB 146 52.01 -68.33 7.31
N VAL BB 147 52.48 -67.24 7.90
CA VAL BB 147 51.62 -66.22 8.43
C VAL BB 147 51.50 -65.30 7.27
N SER BB 148 50.43 -65.48 6.52
CA SER BB 148 50.26 -64.75 5.28
C SER BB 148 48.83 -64.81 4.80
N ALA BB 149 48.56 -63.96 3.83
CA ALA BB 149 47.33 -64.05 3.06
C ALA BB 149 47.31 -65.38 2.26
N PRO BB 150 46.11 -65.87 1.90
CA PRO BB 150 45.89 -67.03 1.04
C PRO BB 150 46.71 -67.16 -0.24
N VAL BB 151 46.70 -66.16 -1.10
CA VAL BB 151 47.39 -66.32 -2.39
C VAL BB 151 48.89 -66.48 -2.24
N PRO BB 152 49.54 -65.63 -1.44
CA PRO BB 152 50.95 -65.90 -1.15
C PRO BB 152 51.19 -67.23 -0.44
N LYS BB 153 50.36 -67.57 0.55
CA LYS BB 153 50.43 -68.86 1.23
C LYS BB 153 50.46 -70.01 0.24
N LYS BB 154 49.59 -69.92 -0.76
CA LYS BB 154 49.45 -70.94 -1.79
C LYS BB 154 50.73 -71.20 -2.58
N LEU BB 155 51.37 -70.15 -3.04
CA LEU BB 155 52.61 -70.29 -3.77
C LEU BB 155 53.68 -70.71 -2.79
N LEU BB 156 53.80 -69.97 -1.68
CA LEU BB 156 54.90 -70.20 -0.72
C LEU BB 156 54.97 -71.63 -0.23
N LEU BB 157 53.82 -72.28 -0.11
CA LEU BB 157 53.78 -73.71 0.17
C LEU BB 157 54.39 -74.44 -1.01
N MET BB 158 53.83 -74.20 -2.19
CA MET BB 158 54.28 -74.84 -3.42
C MET BB 158 55.76 -74.67 -3.73
N ALA BB 159 56.34 -73.55 -3.29
CA ALA BB 159 57.78 -73.36 -3.46
C ALA BB 159 58.56 -74.35 -2.64
N GLY BB 160 58.09 -74.62 -1.43
CA GLY BB 160 58.85 -75.32 -0.40
C GLY BB 160 59.39 -74.39 0.67
N ILE BB 161 58.69 -73.28 0.86
CA ILE BB 161 58.96 -72.33 1.92
C ILE BB 161 57.98 -72.69 3.02
N ASP BB 162 58.48 -73.49 3.96
CA ASP BB 162 57.68 -74.05 5.04
C ASP BB 162 57.14 -72.96 5.97
N ASP BB 163 57.99 -72.00 6.32
CA ASP BB 163 57.69 -71.03 7.37
C ASP BB 163 58.06 -69.66 6.90
N CYS BB 164 57.18 -68.69 7.10
CA CYS BB 164 57.43 -67.34 6.63
C CYS BB 164 56.42 -66.32 7.12
N TYR BB 165 56.91 -65.28 7.77
CA TYR BB 165 56.06 -64.14 8.09
C TYR BB 165 55.96 -63.37 6.80
N THR BB 166 54.77 -62.89 6.45
CA THR BB 166 54.65 -61.94 5.34
C THR BB 166 53.82 -60.75 5.67
N SER BB 167 54.13 -59.67 4.98
CA SER BB 167 53.34 -58.47 4.97
C SER BB 167 53.08 -58.14 3.49
N ALA BB 168 52.13 -57.22 3.26
CA ALA BB 168 51.75 -56.86 1.91
C ALA BB 168 51.00 -55.55 1.92
N TRP BB 169 51.21 -54.76 0.87
CA TRP BB 169 50.38 -53.59 0.67
C TRP BB 169 50.35 -53.14 -0.79
N GLY BB 170 49.37 -52.31 -1.10
CA GLY BB 170 48.83 -52.09 -2.44
C GLY BB 170 47.46 -52.70 -2.48
N CYS BB 171 46.97 -52.97 -3.67
CA CYS BB 171 45.65 -53.52 -3.83
C CYS BB 171 45.74 -55.03 -3.97
N THR BB 172 46.12 -55.67 -2.87
CA THR BB 172 46.36 -57.13 -2.85
C THR BB 172 45.22 -57.89 -3.48
N ALA BB 173 44.01 -57.37 -3.31
CA ALA BB 173 42.82 -57.82 -4.00
C ALA BB 173 43.05 -58.26 -5.45
N THR BB 174 43.80 -57.48 -6.21
CA THR BB 174 44.11 -57.82 -7.60
C THR BB 174 44.93 -59.08 -7.69
N LEU BB 175 44.21 -60.21 -7.72
CA LEU BB 175 44.79 -61.50 -7.48
C LEU BB 175 46.02 -61.72 -8.32
N GLY BB 176 45.85 -61.80 -9.62
CA GLY BB 176 46.98 -61.98 -10.51
C GLY BB 176 48.20 -61.19 -10.10
N ASN BB 177 47.99 -59.90 -9.87
CA ASN BB 177 49.05 -58.99 -9.48
C ASN BB 177 49.75 -59.45 -8.18
N PHE BB 178 48.92 -59.82 -7.21
CA PHE BB 178 49.37 -60.20 -5.87
C PHE BB 178 50.10 -61.51 -5.88
N ALA BB 179 49.65 -62.44 -6.70
CA ALA BB 179 50.42 -63.68 -6.93
C ALA BB 179 51.72 -63.34 -7.68
N LYS BB 180 51.59 -62.56 -8.75
CA LYS BB 180 52.74 -62.14 -9.51
C LYS BB 180 53.81 -61.54 -8.60
N ALA BB 181 53.40 -60.74 -7.61
CA ALA BB 181 54.33 -60.11 -6.70
C ALA BB 181 55.01 -61.14 -5.82
N THR BB 182 54.22 -61.97 -5.15
CA THR BB 182 54.80 -62.94 -4.25
C THR BB 182 55.62 -63.98 -4.99
N PHE BB 183 55.31 -64.18 -6.27
CA PHE BB 183 56.15 -65.01 -7.08
C PHE BB 183 57.51 -64.39 -7.29
N ASP BB 184 57.52 -63.10 -7.64
CA ASP BB 184 58.76 -62.33 -7.86
C ASP BB 184 59.56 -62.13 -6.59
N ALA BB 185 58.90 -62.24 -5.46
CA ALA BB 185 59.61 -62.33 -4.22
C ALA BB 185 60.45 -63.61 -4.18
N ILE BB 186 59.83 -64.77 -4.29
CA ILE BB 186 60.59 -66.01 -4.10
C ILE BB 186 61.46 -66.36 -5.28
N SER BB 187 61.21 -65.75 -6.43
CA SER BB 187 62.20 -65.71 -7.50
C SER BB 187 63.47 -64.95 -7.11
N LYS BB 188 63.31 -63.90 -6.30
CA LYS BB 188 64.41 -63.07 -5.83
C LYS BB 188 65.06 -63.57 -4.54
N THR BB 189 64.81 -64.81 -4.16
CA THR BB 189 65.57 -65.40 -3.07
C THR BB 189 66.96 -65.75 -3.56
N TYR BB 190 67.01 -66.34 -4.74
CA TYR BB 190 68.28 -66.71 -5.34
C TYR BB 190 69.02 -65.54 -5.98
N SER BB 191 68.47 -64.33 -5.89
CA SER BB 191 69.09 -63.16 -6.45
C SER BB 191 69.82 -62.32 -5.39
N TYR BB 192 69.65 -62.67 -4.12
CA TYR BB 192 70.19 -61.85 -3.05
C TYR BB 192 71.57 -62.35 -2.70
N LEU BB 193 72.53 -61.45 -2.68
CA LEU BB 193 73.92 -61.83 -2.48
C LEU BB 193 74.28 -61.79 -1.01
N THR BB 194 73.98 -62.88 -0.32
CA THR BB 194 74.40 -63.03 1.06
C THR BB 194 75.94 -63.19 1.07
N PRO BB 195 76.57 -63.09 2.26
CA PRO BB 195 77.96 -63.50 2.40
C PRO BB 195 78.18 -65.01 2.32
N ASP BB 196 77.12 -65.77 2.51
CA ASP BB 196 77.12 -67.20 2.38
C ASP BB 196 77.56 -67.66 0.98
N LEU BB 197 77.18 -66.89 -0.04
CA LEU BB 197 77.75 -67.04 -1.38
C LEU BB 197 79.23 -66.57 -1.38
N TRP BB 198 79.55 -65.40 -1.94
CA TRP BB 198 80.89 -64.74 -1.82
C TRP BB 198 82.14 -65.44 -2.34
N LYS BB 199 82.30 -66.75 -2.14
CA LYS BB 199 83.41 -67.48 -2.74
C LYS BB 199 83.42 -67.31 -4.25
N GLU BB 200 84.54 -66.84 -4.80
CA GLU BB 200 84.71 -66.67 -6.25
C GLU BB 200 84.20 -67.88 -7.02
N THR BB 201 83.46 -67.63 -8.10
CA THR BB 201 82.86 -68.71 -8.88
C THR BB 201 83.91 -69.47 -9.65
N VAL BB 202 83.63 -70.75 -9.88
CA VAL BB 202 84.56 -71.63 -10.58
C VAL BB 202 84.35 -71.49 -12.09
N PHE BB 203 83.10 -71.66 -12.52
CA PHE BB 203 82.70 -71.76 -13.93
C PHE BB 203 82.89 -73.17 -14.46
N THR BB 204 81.82 -73.70 -15.04
CA THR BB 204 81.83 -75.02 -15.66
C THR BB 204 81.61 -74.80 -17.15
N LYS BB 205 81.90 -75.81 -17.97
CA LYS BB 205 81.83 -75.68 -19.43
C LYS BB 205 80.52 -75.14 -20.03
N SER BB 206 79.37 -75.42 -19.41
CA SER BB 206 78.01 -75.15 -19.98
C SER BB 206 77.58 -76.34 -20.82
N PRO BB 207 76.27 -76.68 -20.83
CA PRO BB 207 75.82 -77.81 -21.62
C PRO BB 207 76.13 -77.70 -23.12
N TYR BB 208 75.90 -76.52 -23.70
CA TYR BB 208 76.12 -76.33 -25.14
C TYR BB 208 77.59 -76.50 -25.55
N GLN BB 209 78.51 -76.19 -24.64
CA GLN BB 209 79.93 -76.44 -24.86
C GLN BB 209 80.28 -77.87 -24.51
N GLU BB 210 79.81 -78.31 -23.34
CA GLU BB 210 80.13 -79.65 -22.86
C GLU BB 210 79.71 -80.68 -23.89
N PHE BB 211 78.54 -80.50 -24.48
CA PHE BB 211 78.00 -81.47 -25.42
C PHE BB 211 78.03 -80.95 -26.84
N THR BB 212 79.17 -80.37 -27.23
CA THR BB 212 79.27 -79.74 -28.53
C THR BB 212 79.23 -80.75 -29.67
N ASP BB 213 79.98 -81.84 -29.54
CA ASP BB 213 80.10 -82.81 -30.62
C ASP BB 213 78.83 -83.64 -30.69
N HIS BB 214 78.11 -83.71 -29.57
CA HIS BB 214 76.80 -84.37 -29.54
C HIS BB 214 75.75 -83.58 -30.32
N LEU BB 215 75.68 -82.27 -30.08
CA LEU BB 215 74.61 -81.46 -30.66
C LEU BB 215 74.61 -81.54 -32.17
N VAL BB 216 75.78 -81.34 -32.77
CA VAL BB 216 75.98 -81.75 -34.15
C VAL BB 216 75.84 -83.28 -34.19
N LYS BB 217 74.58 -83.73 -34.25
CA LYS BB 217 74.23 -85.15 -34.08
C LYS BB 217 74.77 -86.06 -35.18
N THR BB 218 75.67 -86.96 -34.80
CA THR BB 218 76.35 -87.85 -35.74
C THR BB 218 75.45 -89.02 -36.13
N MET CB 1 -1.89 -98.82 -63.70
CA MET CB 1 -1.58 -100.05 -64.49
C MET CB 1 -0.78 -99.71 -65.75
N ALA CB 2 -1.31 -98.78 -66.54
CA ALA CB 2 -0.63 -98.25 -67.74
C ALA CB 2 -0.74 -96.72 -67.76
N VAL CB 3 -0.46 -96.11 -66.61
CA VAL CB 3 -0.54 -94.64 -66.46
C VAL CB 3 0.55 -93.92 -67.25
N GLN CB 4 1.81 -94.25 -66.96
CA GLN CB 4 2.98 -93.49 -67.42
C GLN CB 4 2.82 -91.99 -67.16
N ILE CB 5 3.11 -91.56 -65.93
CA ILE CB 5 3.04 -90.13 -65.58
C ILE CB 5 4.17 -89.31 -66.17
N SER CB 6 4.07 -87.99 -66.10
CA SER CB 6 4.97 -87.08 -66.82
C SER CB 6 6.41 -87.13 -66.31
N LYS CB 7 7.37 -86.97 -67.22
CA LYS CB 7 8.78 -86.93 -66.84
C LYS CB 7 9.05 -85.79 -65.85
N LYS CB 8 8.43 -84.64 -66.08
CA LYS CB 8 8.46 -83.55 -65.12
C LYS CB 8 7.93 -84.00 -63.77
N ARG CB 9 6.83 -84.75 -63.79
CA ARG CB 9 6.20 -85.28 -62.56
C ARG CB 9 6.97 -86.41 -61.89
N LYS CB 10 7.50 -87.32 -62.71
CA LYS CB 10 8.06 -88.58 -62.27
C LYS CB 10 9.29 -88.35 -61.41
N PHE CB 11 10.21 -87.54 -61.95
CA PHE CB 11 11.46 -87.23 -61.27
C PHE CB 11 11.24 -86.48 -59.96
N VAL CB 12 10.28 -85.57 -59.96
CA VAL CB 12 9.87 -84.88 -58.74
C VAL CB 12 9.40 -85.91 -57.72
N ALA CB 13 8.40 -86.68 -58.12
CA ALA CB 13 7.80 -87.68 -57.24
C ALA CB 13 8.82 -88.63 -56.61
N ASP CB 14 9.76 -89.07 -57.41
CA ASP CB 14 10.75 -90.06 -56.96
C ASP CB 14 11.69 -89.48 -55.89
N GLY CB 15 12.09 -88.23 -56.10
CA GLY CB 15 12.88 -87.51 -55.12
C GLY CB 15 12.13 -87.36 -53.82
N ILE CB 16 10.84 -87.04 -53.92
CA ILE CB 16 9.96 -86.97 -52.76
C ILE CB 16 9.98 -88.27 -51.98
N PHE CB 17 9.84 -89.36 -52.70
CA PHE CB 17 9.87 -90.68 -52.09
C PHE CB 17 11.18 -90.92 -51.36
N LYS CB 18 12.29 -90.71 -52.06
CA LYS CB 18 13.63 -90.89 -51.48
C LYS CB 18 13.84 -90.01 -50.25
N ALA CB 19 13.30 -88.80 -50.30
CA ALA CB 19 13.34 -87.88 -49.17
C ALA CB 19 12.52 -88.38 -48.00
N GLU CB 20 11.23 -88.66 -48.25
CA GLU CB 20 10.29 -89.15 -47.21
C GLU CB 20 10.77 -90.42 -46.53
N LEU CB 21 11.49 -91.24 -47.31
CA LEU CB 21 12.12 -92.43 -46.79
C LEU CB 21 13.21 -92.04 -45.82
N ASN CB 22 14.17 -91.24 -46.29
CA ASN CB 22 15.32 -90.87 -45.46
C ASN CB 22 14.85 -90.46 -44.09
N GLU CB 23 13.89 -89.54 -44.06
CA GLU CB 23 13.24 -89.10 -42.81
C GLU CB 23 12.82 -90.25 -41.91
N PHE CB 24 12.03 -91.14 -42.48
CA PHE CB 24 11.55 -92.29 -41.76
C PHE CB 24 12.73 -93.08 -41.20
N LEU CB 25 13.74 -93.31 -42.04
CA LEU CB 25 14.95 -94.01 -41.62
C LEU CB 25 15.77 -93.22 -40.59
N THR CB 26 15.76 -91.89 -40.67
CA THR CB 26 16.41 -91.04 -39.69
C THR CB 26 15.70 -91.09 -38.36
N ARG CB 27 14.38 -91.06 -38.38
CA ARG CB 27 13.62 -91.23 -37.15
C ARG CB 27 13.82 -92.61 -36.53
N GLU CB 28 13.89 -93.64 -37.36
CA GLU CB 28 13.97 -95.02 -36.88
C GLU CB 28 15.36 -95.37 -36.37
N LEU CB 29 16.34 -95.24 -37.27
CA LEU CB 29 17.67 -95.81 -37.05
C LEU CB 29 18.74 -94.84 -36.55
N ALA CB 30 18.37 -93.66 -36.08
CA ALA CB 30 19.35 -92.67 -35.60
C ALA CB 30 20.20 -93.26 -34.48
N GLU CB 31 19.56 -93.59 -33.36
CA GLU CB 31 20.23 -94.25 -32.24
C GLU CB 31 20.95 -95.52 -32.68
N ASP CB 32 20.40 -96.16 -33.72
CA ASP CB 32 20.92 -97.40 -34.28
C ASP CB 32 22.01 -97.19 -35.38
N GLY CB 33 22.73 -96.08 -35.34
CA GLY CB 33 23.94 -95.90 -36.16
C GLY CB 33 23.75 -95.47 -37.60
N TYR CB 34 22.61 -94.85 -37.90
CA TYR CB 34 22.25 -94.48 -39.27
C TYR CB 34 23.11 -93.36 -39.81
N SER CB 35 23.34 -93.43 -41.12
CA SER CB 35 24.12 -92.44 -41.84
C SER CB 35 23.57 -92.08 -43.24
N GLY CB 36 22.49 -92.71 -43.69
CA GLY CB 36 21.89 -92.37 -44.99
C GLY CB 36 21.19 -93.54 -45.68
N VAL CB 37 20.48 -93.25 -46.78
CA VAL CB 37 19.92 -94.30 -47.68
C VAL CB 37 20.32 -94.04 -49.12
N GLU CB 38 20.51 -95.12 -49.87
CA GLU CB 38 20.81 -95.02 -51.28
C GLU CB 38 19.90 -95.99 -52.01
N VAL CB 39 18.90 -95.44 -52.68
CA VAL CB 39 17.98 -96.26 -53.47
C VAL CB 39 18.51 -96.46 -54.90
N ARG CB 40 18.28 -97.66 -55.45
CA ARG CB 40 18.48 -97.91 -56.88
C ARG CB 40 17.49 -98.94 -57.43
N VAL CB 41 16.53 -98.43 -58.20
CA VAL CB 41 15.59 -99.26 -58.92
C VAL CB 41 16.32 -100.06 -60.00
N THR CB 42 15.80 -101.27 -60.26
CA THR CB 42 16.37 -102.19 -61.24
C THR CB 42 15.19 -102.86 -61.97
N PRO CB 43 15.48 -103.74 -62.94
CA PRO CB 43 14.40 -104.55 -63.52
C PRO CB 43 13.73 -105.47 -62.49
N THR CB 44 12.42 -105.26 -62.26
CA THR CB 44 11.59 -106.06 -61.34
C THR CB 44 12.13 -106.17 -59.91
N ARG CB 45 12.80 -105.11 -59.44
CA ARG CB 45 13.42 -105.09 -58.12
C ARG CB 45 13.77 -103.65 -57.78
N THR CB 46 13.75 -103.32 -56.49
CA THR CB 46 14.12 -101.99 -56.02
C THR CB 46 15.02 -102.12 -54.80
N GLU CB 47 16.29 -102.43 -55.07
CA GLU CB 47 17.31 -102.57 -54.04
C GLU CB 47 17.56 -101.20 -53.42
N ILE CB 48 17.30 -101.09 -52.12
CA ILE CB 48 17.50 -99.86 -51.38
C ILE CB 48 18.53 -100.11 -50.27
N ILE CB 49 19.62 -99.35 -50.33
CA ILE CB 49 20.79 -99.58 -49.48
C ILE CB 49 20.81 -98.57 -48.35
N ILE CB 50 20.67 -99.06 -47.12
CA ILE CB 50 20.82 -98.23 -45.94
C ILE CB 50 22.30 -98.02 -45.73
N LEU CB 51 22.66 -96.95 -45.05
CA LEU CB 51 24.02 -96.75 -44.59
C LEU CB 51 23.97 -96.76 -43.08
N ALA CB 52 24.95 -97.38 -42.44
CA ALA CB 52 25.08 -97.24 -40.99
C ALA CB 52 26.45 -97.65 -40.45
N THR CB 53 26.65 -97.36 -39.17
CA THR CB 53 27.82 -97.78 -38.42
C THR CB 53 27.51 -99.11 -37.75
N ARG CB 54 26.53 -99.09 -36.84
CA ARG CB 54 26.07 -100.30 -36.15
C ARG CB 54 25.12 -101.06 -37.07
N THR CB 55 25.70 -101.82 -38.00
CA THR CB 55 24.93 -102.57 -38.99
C THR CB 55 24.16 -103.71 -38.32
N GLN CB 56 24.85 -104.45 -37.46
CA GLN CB 56 24.26 -105.58 -36.75
C GLN CB 56 23.02 -105.19 -35.95
N ASN CB 57 23.03 -103.98 -35.42
CA ASN CB 57 21.89 -103.44 -34.70
C ASN CB 57 20.67 -103.28 -35.59
N VAL CB 58 20.84 -102.71 -36.78
CA VAL CB 58 19.68 -102.43 -37.66
C VAL CB 58 19.14 -103.72 -38.29
N LEU CB 59 20.01 -104.69 -38.51
CA LEU CB 59 19.61 -106.02 -39.00
C LEU CB 59 18.85 -106.82 -37.92
N GLY CB 60 19.29 -106.75 -36.67
CA GLY CB 60 18.52 -107.24 -35.50
C GLY CB 60 18.76 -108.67 -35.08
N GLU CB 61 17.75 -109.29 -34.46
CA GLU CB 61 17.85 -110.67 -33.95
C GLU CB 61 17.79 -111.69 -35.09
N LYS CB 62 18.94 -112.32 -35.38
CA LYS CB 62 19.08 -113.33 -36.45
C LYS CB 62 18.59 -112.80 -37.81
N GLY CB 63 18.66 -111.48 -37.99
CA GLY CB 63 17.93 -110.81 -39.04
C GLY CB 63 16.48 -110.70 -38.62
N ARG CB 64 16.01 -109.48 -38.35
CA ARG CB 64 14.60 -109.27 -38.00
C ARG CB 64 14.12 -107.86 -38.33
N ARG CB 65 14.79 -106.83 -37.81
CA ARG CB 65 14.37 -105.45 -38.07
C ARG CB 65 14.39 -105.08 -39.56
N ILE CB 66 15.38 -105.57 -40.30
CA ILE CB 66 15.41 -105.34 -41.75
C ILE CB 66 14.21 -105.99 -42.43
N ARG CB 67 13.77 -107.13 -41.90
CA ARG CB 67 12.54 -107.78 -42.38
C ARG CB 67 11.30 -106.95 -42.03
N GLU CB 68 11.30 -106.33 -40.84
CA GLU CB 68 10.19 -105.46 -40.43
C GLU CB 68 10.10 -104.24 -41.30
N LEU CB 69 11.24 -103.57 -41.51
CA LEU CB 69 11.26 -102.34 -42.31
C LEU CB 69 10.87 -102.59 -43.75
N THR CB 70 11.43 -103.63 -44.34
CA THR CB 70 11.11 -103.98 -45.72
C THR CB 70 9.60 -104.09 -45.87
N ALA CB 71 9.00 -104.85 -44.97
CA ALA CB 71 7.55 -105.03 -44.94
C ALA CB 71 6.81 -103.70 -44.87
N VAL CB 72 7.31 -102.80 -44.02
CA VAL CB 72 6.67 -101.52 -43.85
C VAL CB 72 6.82 -100.64 -45.09
N VAL CB 73 8.01 -100.68 -45.71
CA VAL CB 73 8.26 -99.94 -46.95
C VAL CB 73 7.33 -100.46 -48.03
N GLN CB 74 7.28 -101.78 -48.12
CA GLN CB 74 6.34 -102.49 -48.99
C GLN CB 74 4.91 -102.02 -48.76
N LYS CB 75 4.50 -102.01 -47.49
CA LYS CB 75 3.16 -101.61 -47.08
C LYS CB 75 2.85 -100.16 -47.39
N ARG CB 76 3.81 -99.29 -47.11
CA ARG CB 76 3.56 -97.85 -47.07
C ARG CB 76 3.62 -97.22 -48.44
N PHE CB 77 4.74 -97.40 -49.11
CA PHE CB 77 4.97 -96.71 -50.38
C PHE CB 77 4.30 -97.37 -51.58
N GLY CB 78 3.59 -98.48 -51.36
CA GLY CB 78 2.83 -99.14 -52.43
C GLY CB 78 3.76 -99.90 -53.33
N PHE CB 79 4.38 -100.92 -52.75
CA PHE CB 79 5.33 -101.75 -53.45
C PHE CB 79 4.74 -103.15 -53.44
N PRO CB 80 4.70 -103.82 -54.61
CA PRO CB 80 4.35 -105.24 -54.64
C PRO CB 80 5.31 -106.13 -53.84
N GLU CB 81 4.84 -107.32 -53.46
CA GLU CB 81 5.64 -108.24 -52.67
C GLU CB 81 6.87 -108.65 -53.45
N GLY CB 82 8.01 -108.71 -52.77
CA GLY CB 82 9.29 -109.09 -53.39
C GLY CB 82 9.73 -108.18 -54.52
N SER CB 83 9.43 -106.89 -54.39
CA SER CB 83 9.90 -105.87 -55.32
C SER CB 83 10.69 -104.80 -54.56
N VAL CB 84 11.35 -105.22 -53.47
CA VAL CB 84 12.04 -104.29 -52.58
C VAL CB 84 12.92 -105.06 -51.58
N GLU CB 85 14.03 -104.44 -51.17
CA GLU CB 85 14.93 -105.04 -50.19
C GLU CB 85 15.81 -104.00 -49.52
N LEU CB 86 16.01 -104.13 -48.22
CA LEU CB 86 16.81 -103.19 -47.45
C LEU CB 86 18.17 -103.79 -47.10
N TYR CB 87 19.19 -103.36 -47.83
CA TYR CB 87 20.55 -103.80 -47.61
C TYR CB 87 21.19 -102.82 -46.66
N ALA CB 88 21.76 -103.33 -45.57
CA ALA CB 88 22.51 -102.50 -44.63
C ALA CB 88 24.02 -102.63 -44.89
N GLU CB 89 24.63 -101.52 -45.30
CA GLU CB 89 26.07 -101.44 -45.54
C GLU CB 89 26.76 -100.74 -44.40
N LYS CB 90 27.94 -101.24 -44.04
CA LYS CB 90 28.77 -100.62 -43.02
C LYS CB 90 29.44 -99.41 -43.64
N VAL CB 91 29.34 -98.25 -42.98
CA VAL CB 91 29.89 -97.01 -43.51
C VAL CB 91 31.40 -97.01 -43.31
N ALA CB 92 32.12 -96.65 -44.36
CA ALA CB 92 33.57 -96.48 -44.29
C ALA CB 92 33.89 -95.19 -43.54
N THR CB 93 34.77 -95.29 -42.54
CA THR CB 93 35.18 -94.20 -41.63
C THR CB 93 34.02 -93.31 -41.16
N ARG CB 94 33.29 -93.81 -40.18
CA ARG CB 94 32.11 -93.09 -39.63
C ARG CB 94 32.34 -91.64 -39.22
N GLY CB 95 33.55 -91.34 -38.77
CA GLY CB 95 33.96 -89.99 -38.42
C GLY CB 95 33.62 -88.98 -39.48
N LEU CB 96 34.00 -89.27 -40.72
CA LEU CB 96 33.82 -88.29 -41.79
C LEU CB 96 32.40 -88.24 -42.38
N CYS CB 97 31.40 -88.78 -41.66
CA CYS CB 97 30.02 -88.35 -41.85
C CYS CB 97 29.65 -87.32 -40.80
N ALA CB 98 28.86 -86.34 -41.22
CA ALA CB 98 28.38 -85.30 -40.32
C ALA CB 98 27.19 -85.76 -39.51
N ILE CB 99 26.21 -86.40 -40.17
CA ILE CB 99 24.96 -86.73 -39.47
C ILE CB 99 25.15 -87.84 -38.46
N ALA CB 100 26.09 -88.73 -38.75
CA ALA CB 100 26.49 -89.79 -37.85
C ALA CB 100 27.00 -89.21 -36.52
N GLN CB 101 27.86 -88.21 -36.64
CA GLN CB 101 28.47 -87.56 -35.49
C GLN CB 101 27.47 -86.65 -34.82
N ALA CB 102 26.66 -85.96 -35.62
CA ALA CB 102 25.59 -85.14 -35.11
C ALA CB 102 24.65 -85.96 -34.25
N GLU CB 103 24.36 -87.18 -34.70
CA GLU CB 103 23.64 -88.17 -33.89
C GLU CB 103 24.41 -88.56 -32.62
N SER CB 104 25.68 -88.91 -32.79
CA SER CB 104 26.53 -89.29 -31.67
C SER CB 104 26.51 -88.23 -30.58
N LEU CB 105 26.72 -86.99 -30.98
CA LEU CB 105 26.68 -85.84 -30.08
C LEU CB 105 25.32 -85.68 -29.41
N ARG CB 106 24.26 -85.84 -30.20
CA ARG CB 106 22.89 -85.82 -29.69
C ARG CB 106 22.67 -86.90 -28.62
N TYR CB 107 23.14 -88.11 -28.88
CA TYR CB 107 23.06 -89.21 -27.93
C TYR CB 107 23.72 -88.78 -26.63
N LYS CB 108 24.99 -88.37 -26.74
CA LYS CB 108 25.81 -87.98 -25.58
C LYS CB 108 25.18 -86.89 -24.73
N LEU CB 109 24.54 -85.92 -25.38
CA LEU CB 109 23.83 -84.83 -24.67
C LEU CB 109 22.66 -85.37 -23.85
N LEU CB 110 21.98 -86.36 -24.42
CA LEU CB 110 20.82 -86.98 -23.81
C LEU CB 110 21.18 -87.88 -22.64
N GLY CB 111 22.31 -88.57 -22.77
CA GLY CB 111 22.86 -89.38 -21.68
C GLY CB 111 23.28 -88.56 -20.47
N GLY CB 112 23.76 -87.34 -20.73
CA GLY CB 112 24.13 -86.40 -19.67
C GLY CB 112 25.62 -86.15 -19.47
N LEU CB 113 26.43 -86.42 -20.49
CA LEU CB 113 27.79 -85.90 -20.53
C LEU CB 113 27.61 -84.42 -20.84
N ALA CB 114 28.32 -83.55 -20.12
CA ALA CB 114 28.21 -82.10 -20.26
C ALA CB 114 28.37 -81.62 -21.70
N VAL CB 115 27.78 -80.46 -22.00
CA VAL CB 115 27.76 -79.92 -23.35
C VAL CB 115 29.17 -79.79 -23.87
N ARG CB 116 30.06 -79.20 -23.07
CA ARG CB 116 31.42 -78.88 -23.52
C ARG CB 116 32.20 -80.13 -23.85
N ARG CB 117 32.29 -81.04 -22.87
CA ARG CB 117 33.19 -82.18 -22.96
C ARG CB 117 32.78 -83.21 -24.00
N ALA CB 118 31.48 -83.37 -24.23
CA ALA CB 118 30.99 -84.26 -25.30
C ALA CB 118 31.34 -83.70 -26.67
N CYS CB 119 30.92 -82.46 -26.89
CA CYS CB 119 31.18 -81.77 -28.13
C CYS CB 119 32.65 -81.82 -28.46
N TYR CB 120 33.47 -81.20 -27.63
CA TYR CB 120 34.93 -81.21 -27.75
C TYR CB 120 35.34 -82.60 -28.24
N GLY CB 121 34.81 -83.63 -27.57
CA GLY CB 121 35.07 -85.02 -27.90
C GLY CB 121 34.76 -85.38 -29.34
N VAL CB 122 33.53 -85.10 -29.76
CA VAL CB 122 33.08 -85.40 -31.12
C VAL CB 122 33.99 -84.74 -32.17
N LEU CB 123 34.35 -83.49 -31.91
CA LEU CB 123 35.22 -82.76 -32.80
C LEU CB 123 36.58 -83.44 -32.87
N ARG CB 124 37.16 -83.76 -31.71
CA ARG CB 124 38.47 -84.44 -31.66
C ARG CB 124 38.41 -85.76 -32.45
N PHE CB 125 37.26 -86.44 -32.38
CA PHE CB 125 37.05 -87.73 -33.07
C PHE CB 125 37.09 -87.61 -34.58
N ILE CB 126 36.34 -86.67 -35.12
CA ILE CB 126 36.30 -86.48 -36.57
C ILE CB 126 37.58 -85.88 -37.10
N MET CB 127 38.33 -85.23 -36.22
CA MET CB 127 39.63 -84.73 -36.58
C MET CB 127 40.62 -85.90 -36.74
N GLU CB 128 40.68 -86.76 -35.73
CA GLU CB 128 41.49 -87.98 -35.77
C GLU CB 128 41.12 -88.85 -36.98
N SER CB 129 39.82 -88.89 -37.30
CA SER CB 129 39.30 -89.68 -38.42
C SER CB 129 39.69 -89.11 -39.80
N GLY CB 130 40.27 -87.91 -39.82
CA GLY CB 130 40.98 -87.38 -40.99
C GLY CB 130 40.21 -86.35 -41.79
N ALA CB 131 39.45 -85.51 -41.09
CA ALA CB 131 38.67 -84.45 -41.73
C ALA CB 131 39.59 -83.30 -42.10
N LYS CB 132 39.22 -82.55 -43.12
CA LYS CB 132 39.96 -81.34 -43.48
C LYS CB 132 39.93 -80.44 -42.26
N GLY CB 133 38.71 -80.16 -41.80
CA GLY CB 133 38.46 -79.34 -40.61
C GLY CB 133 37.03 -79.50 -40.18
N CYS CB 134 36.62 -78.76 -39.15
CA CYS CB 134 35.24 -78.90 -38.64
C CYS CB 134 34.64 -77.77 -37.78
N GLU CB 135 33.31 -77.73 -37.77
CA GLU CB 135 32.51 -76.78 -37.04
C GLU CB 135 31.40 -77.55 -36.30
N VAL CB 136 31.38 -77.47 -34.98
CA VAL CB 136 30.30 -78.06 -34.17
C VAL CB 136 29.69 -76.94 -33.35
N VAL CB 137 28.40 -76.75 -33.53
CA VAL CB 137 27.68 -75.64 -32.95
C VAL CB 137 26.54 -76.24 -32.19
N VAL CB 138 26.43 -75.88 -30.92
CA VAL CB 138 25.31 -76.31 -30.14
C VAL CB 138 24.65 -75.06 -29.65
N SER CB 139 23.35 -74.98 -29.85
CA SER CB 139 22.57 -73.82 -29.50
C SER CB 139 21.50 -74.17 -28.49
N GLY CB 140 20.89 -73.15 -27.93
CA GLY CB 140 19.83 -73.33 -26.97
C GLY CB 140 20.31 -72.94 -25.60
N LYS CB 141 19.75 -73.60 -24.59
CA LYS CB 141 19.86 -73.13 -23.23
C LYS CB 141 20.88 -73.95 -22.44
N LEU CB 142 22.15 -73.61 -22.67
CA LEU CB 142 23.28 -74.24 -22.00
C LEU CB 142 23.52 -73.53 -20.68
N ARG CB 143 23.09 -74.17 -19.60
CA ARG CB 143 23.15 -73.64 -18.24
C ARG CB 143 22.33 -72.35 -18.07
N GLY CB 144 21.33 -72.45 -17.19
CA GLY CB 144 20.36 -71.38 -16.98
C GLY CB 144 19.13 -71.59 -17.84
N GLN CB 145 18.43 -70.49 -18.06
CA GLN CB 145 17.25 -70.46 -18.93
C GLN CB 145 17.23 -69.15 -19.72
N ARG CB 146 18.37 -68.83 -20.31
CA ARG CB 146 18.46 -67.82 -21.36
C ARG CB 146 19.28 -68.48 -22.45
N ALA CB 147 18.98 -68.17 -23.70
CA ALA CB 147 19.60 -68.87 -24.83
C ALA CB 147 21.05 -68.50 -25.00
N LYS CB 148 21.81 -69.40 -25.61
CA LYS CB 148 23.20 -69.13 -25.92
C LYS CB 148 23.66 -70.17 -26.91
N SER CB 149 24.90 -70.02 -27.38
CA SER CB 149 25.52 -71.03 -28.21
C SER CB 149 27.01 -71.19 -27.96
N MET CB 150 27.45 -72.42 -28.15
CA MET CB 150 28.84 -72.75 -28.21
C MET CB 150 29.12 -72.78 -29.69
N LYS CB 151 30.38 -73.00 -30.04
CA LYS CB 151 30.79 -73.13 -31.44
C LYS CB 151 32.19 -73.69 -31.44
N PHE CB 152 32.27 -74.98 -31.26
CA PHE CB 152 33.55 -75.64 -31.15
C PHE CB 152 34.02 -75.89 -32.55
N VAL CB 153 35.24 -75.46 -32.85
CA VAL CB 153 35.69 -75.38 -34.21
C VAL CB 153 37.17 -75.72 -34.26
N ASP CB 154 37.59 -76.30 -35.38
CA ASP CB 154 39.00 -76.41 -35.70
C ASP CB 154 39.26 -76.57 -37.19
N GLY CB 155 40.47 -76.16 -37.59
CA GLY CB 155 41.01 -76.49 -38.89
C GLY CB 155 40.33 -75.83 -40.08
N LEU CB 156 40.68 -76.38 -41.24
CA LEU CB 156 40.39 -75.80 -42.54
C LEU CB 156 38.91 -75.89 -42.82
N MET CB 157 38.29 -74.74 -43.15
CA MET CB 157 36.84 -74.66 -43.41
C MET CB 157 36.61 -73.95 -44.72
N ILE CB 158 35.39 -74.03 -45.22
CA ILE CB 158 34.85 -73.05 -46.18
C ILE CB 158 33.39 -72.76 -45.92
N HIS CB 159 32.89 -71.69 -46.53
CA HIS CB 159 31.47 -71.37 -46.44
C HIS CB 159 30.92 -70.95 -47.77
N SER CB 160 31.56 -69.98 -48.38
CA SER CB 160 31.15 -69.43 -49.63
C SER CB 160 31.41 -70.39 -50.76
N GLY CB 161 30.99 -70.00 -51.95
CA GLY CB 161 31.34 -70.71 -53.15
C GLY CB 161 30.49 -71.94 -53.39
N ASP CB 162 30.65 -72.46 -54.61
CA ASP CB 162 30.14 -73.76 -54.99
C ASP CB 162 30.88 -74.89 -54.29
N PRO CB 163 32.23 -74.84 -54.20
CA PRO CB 163 32.94 -75.97 -53.59
C PRO CB 163 32.19 -76.62 -52.46
N VAL CB 164 31.73 -75.77 -51.54
CA VAL CB 164 31.01 -76.18 -50.34
C VAL CB 164 29.83 -77.12 -50.59
N ASN CB 165 29.17 -76.98 -51.72
CA ASN CB 165 28.10 -77.89 -52.08
C ASN CB 165 28.57 -79.33 -51.99
N TYR CB 166 29.85 -79.56 -52.31
CA TYR CB 166 30.43 -80.90 -52.24
C TYR CB 166 31.54 -81.11 -51.20
N TYR CB 167 32.34 -80.08 -50.91
CA TYR CB 167 33.51 -80.25 -50.03
C TYR CB 167 33.18 -80.37 -48.55
N VAL CB 168 32.06 -79.79 -48.11
CA VAL CB 168 31.62 -79.97 -46.73
C VAL CB 168 30.39 -80.83 -46.66
N ASP CB 169 30.31 -81.64 -45.61
CA ASP CB 169 29.11 -82.39 -45.27
C ASP CB 169 28.58 -81.82 -43.99
N THR CB 170 27.28 -81.52 -44.01
CA THR CB 170 26.66 -80.71 -42.98
C THR CB 170 25.40 -81.40 -42.49
N ALA CB 171 25.15 -81.24 -41.20
CA ALA CB 171 24.15 -82.02 -40.53
C ALA CB 171 23.60 -81.23 -39.36
N VAL CB 172 22.29 -81.00 -39.37
CA VAL CB 172 21.62 -80.28 -38.28
C VAL CB 172 20.73 -81.28 -37.56
N ARG CB 173 20.71 -81.20 -36.24
CA ARG CB 173 19.85 -82.07 -35.45
C ARG CB 173 19.36 -81.42 -34.17
N HIS CB 174 18.16 -81.79 -33.78
CA HIS CB 174 17.51 -81.33 -32.56
C HIS CB 174 17.81 -82.30 -31.47
N VAL CB 175 17.68 -81.84 -30.23
CA VAL CB 175 17.81 -82.71 -29.10
C VAL CB 175 17.06 -82.12 -27.92
N LEU CB 176 16.37 -82.98 -27.18
CA LEU CB 176 15.39 -82.58 -26.16
C LEU CB 176 15.87 -82.84 -24.74
N LEU CB 177 16.61 -81.89 -24.21
CA LEU CB 177 16.94 -81.91 -22.81
C LEU CB 177 15.67 -81.49 -22.08
N ARG CB 178 15.45 -82.08 -20.91
CA ARG CB 178 14.29 -81.79 -20.04
C ARG CB 178 13.78 -80.36 -20.07
N GLN CB 179 14.71 -79.42 -20.15
CA GLN CB 179 14.39 -78.02 -19.97
C GLN CB 179 13.87 -77.28 -21.22
N GLY CB 180 14.13 -77.80 -22.43
CA GLY CB 180 13.83 -77.03 -23.65
C GLY CB 180 14.10 -77.77 -24.94
N VAL CB 181 14.82 -77.13 -25.86
CA VAL CB 181 15.46 -77.82 -26.99
C VAL CB 181 16.88 -77.33 -27.15
N LEU CB 182 17.74 -78.22 -27.62
CA LEU CB 182 19.07 -77.88 -27.98
C LEU CB 182 19.26 -78.14 -29.44
N GLY CB 183 20.24 -77.43 -29.99
CA GLY CB 183 20.60 -77.48 -31.39
C GLY CB 183 21.88 -78.25 -31.55
N ILE CB 184 22.03 -78.81 -32.73
CA ILE CB 184 23.26 -79.41 -33.16
C ILE CB 184 23.41 -78.95 -34.59
N LYS CB 185 24.60 -78.54 -34.94
CA LYS CB 185 25.01 -78.58 -36.32
C LYS CB 185 26.38 -79.18 -36.27
N VAL CB 186 26.65 -80.11 -37.17
CA VAL CB 186 28.00 -80.61 -37.33
C VAL CB 186 28.32 -80.44 -38.79
N LYS CB 187 29.50 -79.89 -39.03
CA LYS CB 187 29.94 -79.51 -40.35
C LYS CB 187 31.33 -80.08 -40.48
N ILE CB 188 31.52 -80.95 -41.47
CA ILE CB 188 32.79 -81.64 -41.67
C ILE CB 188 33.29 -81.34 -43.07
N MET CB 189 34.36 -80.56 -43.15
CA MET CB 189 35.00 -80.35 -44.42
C MET CB 189 35.86 -81.57 -44.76
N LEU CB 190 35.61 -82.15 -45.93
CA LEU CB 190 36.26 -83.39 -46.38
C LEU CB 190 37.55 -83.12 -47.14
N PRO CB 191 38.36 -84.17 -47.38
CA PRO CB 191 39.75 -83.89 -47.73
C PRO CB 191 40.27 -84.24 -49.13
N TRP CB 192 39.63 -85.15 -49.85
CA TRP CB 192 40.27 -85.88 -50.96
C TRP CB 192 40.63 -84.98 -52.15
N ASP CB 193 41.62 -84.10 -51.93
CA ASP CB 193 41.84 -82.98 -52.85
C ASP CB 193 42.67 -83.36 -54.09
N PRO CB 194 43.96 -83.71 -53.90
CA PRO CB 194 44.69 -84.16 -55.08
C PRO CB 194 44.20 -85.52 -55.57
N SER CB 195 43.76 -86.37 -54.65
CA SER CB 195 43.15 -87.65 -54.98
C SER CB 195 42.23 -88.16 -53.87
N GLY CB 196 41.46 -89.18 -54.21
CA GLY CB 196 40.58 -89.85 -53.28
C GLY CB 196 40.02 -91.05 -53.97
N LYS CB 197 38.73 -91.31 -53.76
CA LYS CB 197 38.03 -92.34 -54.51
C LYS CB 197 38.10 -91.95 -55.98
N ILE CB 198 37.43 -90.85 -56.31
CA ILE CB 198 37.77 -90.03 -57.47
C ILE CB 198 37.52 -88.58 -57.00
N GLY CB 199 38.11 -88.28 -55.84
CA GLY CB 199 37.79 -87.14 -54.95
C GLY CB 199 36.64 -86.19 -55.25
N PRO CB 200 35.94 -85.70 -54.20
CA PRO CB 200 34.84 -84.75 -54.42
C PRO CB 200 35.24 -83.58 -55.36
N LYS CB 201 34.82 -83.65 -56.63
CA LYS CB 201 35.36 -82.85 -57.76
C LYS CB 201 36.81 -82.50 -57.52
N LYS CB 202 37.60 -83.57 -57.51
CA LYS CB 202 38.79 -83.69 -56.68
C LYS CB 202 39.24 -82.39 -56.02
N PRO CB 203 39.93 -81.52 -56.77
CA PRO CB 203 40.63 -80.44 -56.10
C PRO CB 203 39.74 -79.32 -55.60
N LEU CB 204 40.38 -78.37 -54.92
CA LEU CB 204 39.78 -77.10 -54.54
C LEU CB 204 40.11 -76.15 -55.66
N PRO CB 205 39.16 -75.28 -56.04
CA PRO CB 205 39.43 -74.43 -57.20
C PRO CB 205 40.38 -73.25 -57.04
N ASP CB 206 41.27 -73.32 -56.06
CA ASP CB 206 42.48 -72.48 -56.04
C ASP CB 206 43.74 -73.34 -56.09
N HIS CB 207 43.66 -74.59 -55.64
CA HIS CB 207 44.83 -75.37 -55.31
C HIS CB 207 45.58 -75.80 -56.57
N VAL CB 208 46.50 -74.94 -56.97
CA VAL CB 208 47.45 -75.23 -58.03
C VAL CB 208 48.51 -76.16 -57.44
N SER CB 209 48.64 -77.34 -58.04
CA SER CB 209 49.64 -78.33 -57.63
C SER CB 209 50.67 -78.53 -58.75
N ILE CB 210 51.84 -77.89 -58.60
CA ILE CB 210 52.91 -77.98 -59.58
C ILE CB 210 53.67 -79.29 -59.34
N VAL CB 211 54.32 -79.80 -60.40
CA VAL CB 211 55.22 -80.96 -60.27
C VAL CB 211 56.68 -80.53 -60.42
N GLU CB 212 57.58 -81.26 -59.80
CA GLU CB 212 58.99 -80.91 -59.82
C GLU CB 212 59.55 -81.31 -61.20
N PRO CB 213 60.64 -80.67 -61.63
CA PRO CB 213 61.21 -81.01 -62.95
C PRO CB 213 61.88 -82.39 -63.04
N LYS CB 214 62.40 -82.88 -61.91
CA LYS CB 214 63.02 -84.22 -61.78
C LYS CB 214 64.50 -84.23 -62.19
N ASP CB 215 64.77 -84.11 -63.50
CA ASP CB 215 66.14 -84.21 -64.03
C ASP CB 215 66.72 -82.82 -64.36
N GLU CB 216 66.49 -82.34 -65.58
CA GLU CB 216 67.13 -81.12 -66.10
C GLU CB 216 68.68 -81.23 -66.10
N ILE CB 217 69.16 -82.37 -66.61
CA ILE CB 217 70.58 -82.73 -66.58
C ILE CB 217 71.09 -82.96 -68.01
N LEU CB 218 72.40 -82.83 -68.20
CA LEU CB 218 73.11 -83.29 -69.40
C LEU CB 218 72.93 -82.40 -70.64
N PRO CB 219 73.78 -81.36 -70.76
CA PRO CB 219 73.99 -80.67 -72.04
C PRO CB 219 75.15 -81.30 -72.85
N THR CB 220 76.38 -81.19 -72.32
CA THR CB 220 77.57 -81.92 -72.82
C THR CB 220 77.97 -81.62 -74.27
N THR CB 221 78.96 -82.35 -74.79
CA THR CB 221 79.33 -82.34 -76.23
C THR CB 221 78.15 -82.75 -77.12
N PRO CB 222 78.22 -82.43 -78.44
CA PRO CB 222 77.14 -82.77 -79.38
C PRO CB 222 76.60 -84.20 -79.22
N ILE CB 223 77.47 -85.20 -79.33
CA ILE CB 223 77.13 -86.61 -79.02
C ILE CB 223 75.90 -87.13 -79.77
N SER CB 224 76.14 -87.93 -80.80
CA SER CB 224 75.06 -88.61 -81.52
C SER CB 224 74.67 -89.88 -80.74
N GLU CB 225 73.95 -90.79 -81.40
CA GLU CB 225 73.68 -92.15 -80.89
C GLU CB 225 73.20 -93.02 -82.05
N GLN CB 226 73.08 -94.32 -81.85
CA GLN CB 226 72.46 -95.20 -82.87
C GLN CB 226 71.95 -96.52 -82.26
N LYS CB 227 70.91 -97.08 -82.87
CA LYS CB 227 70.33 -98.37 -82.46
C LYS CB 227 69.97 -99.21 -83.69
N ALA DB 1 41.72 -41.21 56.04
CA ALA DB 1 41.98 -41.57 57.48
C ALA DB 1 41.77 -40.36 58.39
N ARG DB 2 40.77 -40.45 59.25
CA ARG DB 2 40.51 -39.39 60.22
C ARG DB 2 41.52 -39.44 61.34
N GLY DB 3 41.81 -40.64 61.82
CA GLY DB 3 42.85 -40.86 62.82
C GLY DB 3 43.68 -42.08 62.49
N PRO DB 4 44.30 -42.69 63.49
CA PRO DB 4 45.11 -43.86 63.16
C PRO DB 4 44.31 -44.97 62.55
N LYS DB 5 45.02 -45.77 61.76
CA LYS DB 5 44.48 -46.94 61.10
C LYS DB 5 44.67 -48.12 62.01
N LYS DB 6 43.70 -49.01 62.04
CA LYS DB 6 43.73 -50.09 63.01
C LYS DB 6 43.70 -51.49 62.40
N HIS DB 7 43.23 -51.62 61.16
CA HIS DB 7 43.16 -52.92 60.50
C HIS DB 7 44.35 -53.13 59.61
N LEU DB 8 44.51 -54.37 59.16
CA LEU DB 8 45.47 -54.69 58.13
C LEU DB 8 44.86 -55.67 57.18
N LYS DB 9 44.86 -55.33 55.90
CA LYS DB 9 44.34 -56.24 54.90
C LYS DB 9 45.38 -57.32 54.64
N ARG DB 10 44.88 -58.54 54.47
CA ARG DB 10 45.64 -59.63 53.88
C ARG DB 10 45.94 -59.14 52.48
N VAL DB 11 47.19 -59.26 52.04
CA VAL DB 11 47.67 -58.68 50.79
C VAL DB 11 48.39 -57.36 51.05
N ALA DB 12 47.77 -56.43 51.77
CA ALA DB 12 48.50 -55.24 52.21
C ALA DB 12 49.60 -55.68 53.16
N ALA DB 13 49.35 -56.82 53.82
CA ALA DB 13 50.32 -57.54 54.64
C ALA DB 13 51.64 -57.75 53.94
N PRO DB 14 52.73 -57.78 54.70
CA PRO DB 14 54.02 -58.01 54.07
C PRO DB 14 54.19 -59.45 53.59
N LYS DB 15 55.09 -59.62 52.64
CA LYS DB 15 55.29 -60.89 51.96
C LYS DB 15 55.99 -61.88 52.88
N HIS DB 16 57.00 -61.39 53.59
CA HIS DB 16 57.79 -62.22 54.51
C HIS DB 16 56.99 -62.83 55.69
N TRP DB 17 55.68 -62.64 55.68
CA TRP DB 17 54.78 -63.34 56.56
C TRP DB 17 54.13 -64.55 55.94
N MET DB 18 54.38 -64.83 54.67
CA MET DB 18 53.92 -66.09 54.13
C MET DB 18 52.41 -66.31 54.40
N LEU DB 19 51.67 -65.22 54.46
CA LEU DB 19 50.25 -65.27 54.73
C LEU DB 19 49.55 -65.47 53.39
N ASP DB 20 48.64 -66.44 53.34
CA ASP DB 20 47.97 -66.80 52.07
C ASP DB 20 46.75 -65.96 51.73
N LYS DB 21 46.29 -66.11 50.50
CA LYS DB 21 45.17 -65.33 49.96
C LYS DB 21 43.86 -65.71 50.64
N LEU DB 22 43.34 -66.89 50.32
CA LEU DB 22 41.95 -67.26 50.66
C LEU DB 22 41.83 -67.88 52.05
N THR DB 23 41.40 -67.10 53.01
CA THR DB 23 41.54 -67.46 54.44
C THR DB 23 40.91 -66.36 55.28
N GLY DB 24 41.19 -65.12 54.88
CA GLY DB 24 40.41 -63.96 55.29
C GLY DB 24 40.59 -62.73 54.40
N VAL DB 25 39.82 -61.70 54.71
CA VAL DB 25 40.13 -60.37 54.25
C VAL DB 25 41.43 -59.94 54.87
N PHE DB 26 41.50 -60.12 56.17
CA PHE DB 26 42.47 -59.44 56.97
C PHE DB 26 43.73 -60.22 57.22
N ALA DB 27 44.75 -59.50 57.63
CA ALA DB 27 45.92 -60.07 58.23
C ALA DB 27 45.86 -59.51 59.62
N PRO DB 28 46.73 -59.98 60.51
CA PRO DB 28 46.63 -59.52 61.88
C PRO DB 28 46.78 -58.02 62.04
N ARG DB 29 47.93 -57.49 61.64
CA ARG DB 29 48.38 -56.14 61.93
C ARG DB 29 49.06 -56.22 63.24
N PRO DB 30 50.35 -55.94 63.26
CA PRO DB 30 50.99 -55.98 64.53
C PRO DB 30 50.50 -54.89 65.43
N SER DB 31 51.00 -54.95 66.64
CA SER DB 31 50.79 -53.91 67.58
C SER DB 31 51.94 -52.95 67.32
N THR DB 32 51.70 -51.71 67.70
CA THR DB 32 52.77 -50.80 68.00
C THR DB 32 53.73 -51.54 68.93
N GLY DB 33 55.02 -51.49 68.61
CA GLY DB 33 55.97 -52.28 69.37
C GLY DB 33 57.41 -51.89 69.15
N PRO DB 34 58.31 -52.80 69.45
CA PRO DB 34 59.74 -52.58 69.24
C PRO DB 34 60.21 -52.84 67.82
N HIS DB 35 59.29 -53.13 66.90
CA HIS DB 35 59.65 -53.27 65.50
C HIS DB 35 58.64 -52.63 64.58
N LYS DB 36 59.12 -52.21 63.41
CA LYS DB 36 58.29 -51.60 62.39
C LYS DB 36 57.41 -52.66 61.77
N LEU DB 37 56.09 -52.49 61.82
CA LEU DB 37 55.15 -53.47 61.28
C LEU DB 37 55.69 -54.22 60.07
N ARG DB 38 56.21 -53.47 59.12
CA ARG DB 38 56.68 -54.04 57.88
C ARG DB 38 57.80 -55.10 58.07
N GLU DB 39 58.40 -55.17 59.26
CA GLU DB 39 59.65 -55.88 59.52
C GLU DB 39 59.51 -56.79 60.75
N CYS DB 40 58.29 -57.28 61.00
CA CYS DB 40 57.98 -58.06 62.21
C CYS DB 40 57.53 -59.46 61.89
N LEU DB 41 57.24 -60.19 62.93
CA LEU DB 41 56.52 -61.42 62.80
C LEU DB 41 55.60 -61.43 64.00
N PRO DB 42 54.36 -60.98 63.79
CA PRO DB 42 53.32 -61.01 64.84
C PRO DB 42 53.14 -62.39 65.42
N LEU DB 43 53.40 -62.48 66.72
CA LEU DB 43 53.50 -63.74 67.45
C LEU DB 43 52.45 -64.77 67.07
N ILE DB 44 51.25 -64.28 66.77
CA ILE DB 44 50.23 -65.12 66.16
C ILE DB 44 50.79 -65.91 64.97
N ILE DB 45 51.32 -65.23 63.96
CA ILE DB 45 51.77 -65.92 62.76
C ILE DB 45 52.84 -66.92 63.16
N PHE DB 46 53.81 -66.43 63.94
CA PHE DB 46 54.91 -67.26 64.43
C PHE DB 46 54.43 -68.57 65.03
N LEU DB 47 53.36 -68.50 65.81
CA LEU DB 47 52.83 -69.68 66.49
C LEU DB 47 52.02 -70.62 65.59
N ARG DB 48 50.89 -70.14 65.05
CA ARG DB 48 49.96 -71.00 64.30
C ARG DB 48 50.15 -71.03 62.80
N ASN DB 49 51.20 -70.43 62.28
CA ASN DB 49 51.66 -70.91 60.98
C ASN DB 49 53.04 -71.55 60.96
N LYS DB 50 54.07 -70.82 61.38
CA LYS DB 50 55.40 -71.39 61.41
C LYS DB 50 55.63 -72.53 62.41
N LEU DB 51 55.12 -72.39 63.62
CA LEU DB 51 55.23 -73.45 64.62
C LEU DB 51 53.99 -74.32 64.71
N LYS DB 52 53.00 -74.01 63.88
CA LYS DB 52 51.81 -74.85 63.76
C LYS DB 52 51.19 -75.37 65.07
N TYR DB 53 51.58 -74.76 66.19
CA TYR DB 53 51.17 -75.22 67.54
C TYR DB 53 49.68 -75.06 67.69
N ALA DB 54 49.20 -73.87 67.33
CA ALA DB 54 47.78 -73.57 67.30
C ALA DB 54 47.22 -73.80 65.90
N LEU DB 55 45.90 -73.79 65.81
CA LEU DB 55 45.21 -73.88 64.54
C LEU DB 55 44.58 -72.57 64.10
N THR DB 56 44.01 -71.80 65.03
CA THR DB 56 43.33 -70.54 64.69
C THR DB 56 44.01 -69.39 65.43
N GLY DB 57 43.32 -68.26 65.54
CA GLY DB 57 43.75 -67.20 66.44
C GLY DB 57 43.40 -67.51 67.88
N ASP DB 58 42.30 -68.26 68.08
CA ASP DB 58 41.84 -68.68 69.42
C ASP DB 58 42.81 -69.58 70.12
N GLU DB 59 43.31 -70.55 69.36
CA GLU DB 59 44.26 -71.48 69.90
C GLU DB 59 45.56 -70.73 70.22
N VAL DB 60 45.91 -69.76 69.38
CA VAL DB 60 47.00 -68.84 69.68
C VAL DB 60 46.74 -68.05 70.96
N LYS DB 61 45.54 -67.49 71.05
CA LYS DB 61 45.10 -66.76 72.25
C LYS DB 61 45.27 -67.60 73.52
N LYS DB 62 44.81 -68.85 73.47
CA LYS DB 62 44.90 -69.76 74.62
C LYS DB 62 46.33 -70.12 75.03
N ILE DB 63 47.19 -70.35 74.05
CA ILE DB 63 48.59 -70.62 74.32
C ILE DB 63 49.18 -69.41 75.00
N CYS DB 64 49.05 -68.25 74.37
CA CYS DB 64 49.58 -67.00 74.90
C CYS DB 64 49.23 -66.69 76.35
N MET DB 65 48.05 -67.12 76.79
CA MET DB 65 47.48 -66.79 78.11
C MET DB 65 47.34 -67.95 79.11
N GLN DB 66 48.23 -68.92 78.96
CA GLN DB 66 48.77 -69.65 80.10
C GLN DB 66 50.10 -68.99 80.49
N ARG DB 67 50.44 -67.92 79.79
CA ARG DB 67 51.59 -67.08 80.05
C ARG DB 67 52.87 -67.89 79.84
N PHE DB 68 52.85 -68.68 78.78
CA PHE DB 68 53.97 -69.50 78.38
C PHE DB 68 54.98 -68.65 77.63
N ILE DB 69 54.50 -67.97 76.60
CA ILE DB 69 55.37 -67.42 75.58
C ILE DB 69 56.11 -66.24 76.18
N LYS DB 70 57.35 -66.06 75.75
CA LYS DB 70 58.28 -65.21 76.45
C LYS DB 70 59.22 -64.56 75.44
N ILE DB 71 58.79 -63.44 74.87
CA ILE DB 71 59.57 -62.78 73.83
C ILE DB 71 60.64 -61.94 74.51
N ASP DB 72 61.86 -62.02 73.98
CA ASP DB 72 63.09 -61.67 74.72
C ASP DB 72 62.89 -61.87 76.22
N GLY DB 73 62.42 -63.08 76.55
CA GLY DB 73 62.24 -63.53 77.92
C GLY DB 73 61.65 -62.53 78.87
N LYS DB 74 60.39 -62.16 78.65
CA LYS DB 74 59.70 -61.32 79.63
C LYS DB 74 58.18 -61.50 79.75
N VAL DB 75 57.63 -62.49 79.06
CA VAL DB 75 56.20 -62.87 79.10
C VAL DB 75 55.26 -61.84 78.47
N ARG DB 76 54.76 -62.20 77.30
CA ARG DB 76 53.90 -61.35 76.53
C ARG DB 76 52.57 -62.05 76.31
N ALA DB 77 51.49 -61.29 76.46
CA ALA DB 77 50.12 -61.79 76.30
C ALA DB 77 49.45 -61.24 75.04
N ASP DB 78 50.23 -60.65 74.13
CA ASP DB 78 49.69 -60.23 72.86
C ASP DB 78 50.17 -61.12 71.74
N ILE DB 79 49.21 -61.43 70.88
CA ILE DB 79 49.43 -62.21 69.69
C ILE DB 79 50.09 -61.30 68.65
N THR DB 80 49.67 -60.02 68.64
CA THR DB 80 50.16 -59.03 67.71
C THR DB 80 51.39 -58.26 68.19
N TYR DB 81 51.92 -58.62 69.35
CA TYR DB 81 53.22 -58.11 69.75
C TYR DB 81 54.18 -58.49 68.65
N PRO DB 82 54.82 -57.50 68.06
CA PRO DB 82 55.72 -57.80 66.96
C PRO DB 82 57.05 -58.30 67.49
N ALA DB 83 57.22 -59.61 67.44
CA ALA DB 83 58.51 -60.24 67.70
C ALA DB 83 59.28 -60.20 66.40
N GLY DB 84 60.44 -59.56 66.43
CA GLY DB 84 61.20 -59.28 65.22
C GLY DB 84 62.63 -59.68 65.38
N PHE DB 85 63.50 -59.02 64.62
CA PHE DB 85 64.84 -59.55 64.39
C PHE DB 85 65.72 -59.50 65.62
N MET DB 86 66.23 -60.68 65.97
CA MET DB 86 67.09 -60.90 67.13
C MET DB 86 66.37 -60.61 68.43
N ASP DB 87 65.08 -60.95 68.46
CA ASP DB 87 64.36 -61.10 69.72
C ASP DB 87 64.67 -62.57 70.08
N VAL DB 88 63.81 -63.26 70.83
CA VAL DB 88 64.09 -64.63 71.26
C VAL DB 88 62.92 -65.54 70.96
N ILE DB 89 61.84 -65.33 71.69
CA ILE DB 89 60.74 -66.27 71.78
C ILE DB 89 61.21 -67.53 72.48
N SER DB 90 61.32 -67.40 73.80
CA SER DB 90 61.39 -68.52 74.70
C SER DB 90 59.95 -68.94 74.89
N ILE DB 91 59.65 -70.14 74.42
CA ILE DB 91 58.34 -70.69 74.56
C ILE DB 91 58.22 -71.51 75.84
N ASP DB 92 59.37 -71.81 76.48
CA ASP DB 92 59.44 -72.32 77.85
C ASP DB 92 58.95 -73.76 78.07
N LYS DB 93 57.64 -73.98 78.00
CA LYS DB 93 57.03 -75.28 78.33
C LYS DB 93 57.00 -76.17 77.09
N THR DB 94 58.15 -76.78 76.83
CA THR DB 94 58.56 -77.37 75.53
C THR DB 94 60.06 -77.08 75.44
N GLY DB 95 60.37 -75.81 75.69
CA GLY DB 95 61.73 -75.40 76.01
C GLY DB 95 62.56 -75.32 74.75
N GLU DB 96 61.95 -74.80 73.70
CA GLU DB 96 62.63 -74.71 72.44
C GLU DB 96 63.50 -73.48 72.45
N ASN DB 97 62.89 -72.31 72.56
CA ASN DB 97 63.58 -71.03 72.54
C ASN DB 97 64.27 -70.76 71.21
N PHE DB 98 63.81 -69.70 70.54
CA PHE DB 98 64.22 -69.42 69.17
C PHE DB 98 65.04 -68.12 69.11
N ARG DB 99 65.19 -67.55 67.91
CA ARG DB 99 65.67 -66.20 67.81
C ARG DB 99 64.97 -65.32 66.79
N LEU DB 100 64.33 -65.91 65.77
CA LEU DB 100 63.98 -65.21 64.54
C LEU DB 100 65.21 -64.58 63.92
N ILE DB 101 65.69 -65.23 62.88
CA ILE DB 101 66.79 -64.70 62.11
C ILE DB 101 66.45 -64.87 60.65
N TYR DB 102 66.71 -63.83 59.87
CA TYR DB 102 66.40 -63.83 58.45
C TYR DB 102 67.09 -64.96 57.72
N ASP DB 103 66.29 -65.84 57.12
CA ASP DB 103 66.77 -66.86 56.22
C ASP DB 103 67.24 -66.17 54.96
N THR DB 104 68.16 -66.79 54.23
CA THR DB 104 68.59 -66.28 52.91
C THR DB 104 67.48 -65.72 51.99
N LYS DB 105 66.30 -66.35 51.99
CA LYS DB 105 65.15 -65.81 51.25
C LYS DB 105 64.53 -64.62 51.95
N GLY DB 106 64.56 -64.64 53.29
CA GLY DB 106 64.29 -63.46 54.11
C GLY DB 106 62.89 -63.44 54.67
N ARG DB 107 62.66 -64.33 55.64
CA ARG DB 107 61.30 -64.62 56.10
C ARG DB 107 61.15 -64.88 57.59
N PHE DB 108 62.17 -64.55 58.38
CA PHE DB 108 62.28 -64.96 59.78
C PHE DB 108 62.16 -66.48 59.90
N ALA DB 109 63.32 -67.15 59.79
CA ALA DB 109 63.41 -68.60 59.95
C ALA DB 109 63.00 -69.04 61.34
N VAL DB 110 62.48 -70.25 61.44
CA VAL DB 110 62.35 -70.90 62.73
C VAL DB 110 63.72 -71.46 63.08
N HIS DB 111 64.27 -71.01 64.20
CA HIS DB 111 65.68 -71.23 64.50
C HIS DB 111 65.82 -71.51 65.98
N ARG DB 112 65.86 -72.79 66.33
CA ARG DB 112 65.94 -73.18 67.73
C ARG DB 112 67.33 -72.97 68.26
N ILE DB 113 67.44 -72.58 69.53
CA ILE DB 113 68.72 -72.45 70.20
C ILE DB 113 68.71 -73.01 71.62
N THR DB 114 69.92 -73.23 72.13
CA THR DB 114 70.13 -73.73 73.47
C THR DB 114 69.85 -72.63 74.48
N PRO DB 115 69.25 -73.00 75.63
CA PRO DB 115 68.97 -72.03 76.69
C PRO DB 115 70.18 -71.14 77.04
N GLU DB 116 71.35 -71.75 77.25
CA GLU DB 116 72.59 -70.98 77.27
C GLU DB 116 72.85 -70.60 75.81
N GLU DB 117 72.84 -69.29 75.55
CA GLU DB 117 72.79 -68.65 74.20
C GLU DB 117 71.47 -67.89 74.06
N ALA DB 118 70.38 -68.56 74.44
CA ALA DB 118 69.10 -67.88 74.62
C ALA DB 118 69.06 -67.03 75.89
N LYS DB 119 70.14 -67.05 76.68
CA LYS DB 119 70.41 -65.98 77.62
C LYS DB 119 70.56 -64.65 76.88
N TYR DB 120 71.50 -64.56 75.95
CA TYR DB 120 71.87 -63.28 75.32
C TYR DB 120 71.24 -63.02 73.94
N LYS DB 121 71.19 -61.75 73.56
CA LYS DB 121 70.75 -61.32 72.23
C LYS DB 121 71.81 -60.45 71.56
N LEU DB 122 71.48 -59.77 70.47
CA LEU DB 122 72.42 -58.87 69.78
C LEU DB 122 71.66 -57.70 69.15
N CYS DB 123 72.08 -56.46 69.45
CA CYS DB 123 71.35 -55.23 69.09
C CYS DB 123 72.17 -54.15 68.41
N LYS DB 124 71.66 -53.64 67.28
CA LYS DB 124 72.29 -52.55 66.55
C LYS DB 124 71.97 -51.27 67.26
N VAL DB 125 72.95 -50.41 67.44
CA VAL DB 125 72.66 -49.13 68.08
C VAL DB 125 72.19 -48.14 67.04
N ARG DB 126 71.14 -47.42 67.40
CA ARG DB 126 70.59 -46.36 66.56
C ARG DB 126 71.09 -45.01 66.97
N LYS DB 127 71.36 -44.81 68.25
CA LYS DB 127 72.04 -43.59 68.64
C LYS DB 127 72.62 -43.54 70.03
N ILE DB 128 73.57 -42.62 70.14
CA ILE DB 128 74.18 -42.17 71.37
C ILE DB 128 73.52 -40.81 71.63
N PHE DB 129 73.51 -40.40 72.88
CA PHE DB 129 72.56 -39.42 73.35
C PHE DB 129 73.20 -38.26 74.12
N VAL DB 130 73.74 -38.59 75.28
CA VAL DB 130 73.97 -37.65 76.37
C VAL DB 130 72.69 -36.93 76.75
N GLY DB 131 72.01 -37.47 77.75
CA GLY DB 131 70.84 -36.84 78.35
C GLY DB 131 71.28 -35.92 79.46
N THR DB 132 70.31 -35.47 80.25
CA THR DB 132 70.58 -34.49 81.31
C THR DB 132 71.58 -35.02 82.34
N LYS DB 133 72.24 -34.09 83.02
CA LYS DB 133 73.32 -34.38 83.98
C LYS DB 133 74.42 -35.27 83.41
N GLY DB 134 74.64 -35.13 82.10
CA GLY DB 134 75.73 -35.81 81.44
C GLY DB 134 75.73 -37.31 81.49
N ILE DB 135 74.55 -37.93 81.61
CA ILE DB 135 74.45 -39.36 81.44
C ILE DB 135 74.35 -39.61 79.95
N PRO DB 136 75.18 -40.51 79.44
CA PRO DB 136 75.03 -40.93 78.06
C PRO DB 136 74.11 -42.13 77.95
N HIS DB 137 73.38 -42.21 76.85
CA HIS DB 137 72.51 -43.35 76.56
C HIS DB 137 72.88 -44.01 75.25
N LEU DB 138 72.33 -45.19 75.04
CA LEU DB 138 72.27 -45.82 73.74
C LEU DB 138 70.83 -45.83 73.43
N VAL DB 139 70.53 -46.31 72.23
CA VAL DB 139 69.20 -46.79 71.87
C VAL DB 139 69.39 -47.95 70.91
N THR DB 140 68.93 -49.13 71.30
CA THR DB 140 68.93 -50.25 70.37
C THR DB 140 67.94 -49.96 69.27
N HIS DB 141 68.06 -50.71 68.18
CA HIS DB 141 67.05 -50.71 67.12
C HIS DB 141 65.67 -50.98 67.68
N ASP DB 142 65.60 -51.89 68.67
CA ASP DB 142 64.34 -52.38 69.23
C ASP DB 142 63.95 -51.68 70.55
N ALA DB 143 64.39 -50.43 70.70
CA ALA DB 143 63.86 -49.47 71.67
C ALA DB 143 64.64 -49.31 72.97
N ARG DB 144 65.46 -50.31 73.32
CA ARG DB 144 66.11 -50.31 74.63
C ARG DB 144 67.11 -49.20 74.79
N THR DB 145 66.60 -48.12 75.34
CA THR DB 145 67.45 -47.12 75.88
C THR DB 145 68.21 -47.83 77.00
N ILE DB 146 69.47 -48.12 76.72
CA ILE DB 146 70.43 -48.46 77.75
C ILE DB 146 70.89 -47.09 78.22
N ARG DB 147 71.41 -47.02 79.43
CA ARG DB 147 72.04 -45.80 79.91
C ARG DB 147 73.37 -46.13 80.54
N TYR DB 148 74.31 -45.21 80.45
CA TYR DB 148 75.71 -45.47 80.81
C TYR DB 148 76.30 -46.65 80.01
N PRO DB 149 76.54 -46.45 78.72
CA PRO DB 149 77.32 -47.39 77.90
C PRO DB 149 78.85 -47.19 78.00
N ASP DB 150 79.64 -47.97 77.25
CA ASP DB 150 81.10 -47.74 77.15
C ASP DB 150 81.24 -46.60 76.15
N PRO DB 151 82.00 -45.54 76.50
CA PRO DB 151 82.14 -44.42 75.56
C PRO DB 151 83.08 -44.84 74.42
N LEU DB 152 82.49 -45.59 73.50
CA LEU DB 152 83.21 -46.45 72.56
C LEU DB 152 82.24 -47.02 71.55
N ILE DB 153 81.13 -47.55 72.07
CA ILE DB 153 80.00 -47.92 71.25
C ILE DB 153 79.48 -46.67 70.61
N LYS DB 154 79.79 -46.54 69.32
CA LYS DB 154 79.32 -45.44 68.50
C LYS DB 154 78.23 -46.01 67.63
N MET DB 155 77.78 -45.24 66.64
CA MET DB 155 76.63 -45.57 65.82
C MET DB 155 76.88 -46.78 64.93
N ASN DB 156 75.83 -47.55 64.67
CA ASN DB 156 75.91 -48.71 63.74
C ASN DB 156 76.68 -49.91 64.26
N ASP DB 157 77.19 -49.79 65.49
CA ASP DB 157 77.94 -50.84 66.14
C ASP DB 157 76.88 -51.69 66.77
N THR DB 158 77.27 -52.83 67.36
CA THR DB 158 76.28 -53.71 68.04
C THR DB 158 76.62 -54.03 69.46
N ILE DB 159 75.61 -54.53 70.16
CA ILE DB 159 75.74 -54.87 71.54
C ILE DB 159 75.09 -56.21 71.85
N GLN DB 160 75.80 -57.04 72.61
CA GLN DB 160 75.25 -58.29 73.14
C GLN DB 160 74.64 -57.98 74.48
N ILE DB 161 73.33 -58.16 74.58
CA ILE DB 161 72.61 -57.77 75.79
C ILE DB 161 72.25 -58.99 76.64
N ASP DB 162 72.34 -58.84 77.97
CA ASP DB 162 72.18 -59.95 78.91
C ASP DB 162 70.75 -60.49 79.05
N LEU DB 163 69.75 -59.64 78.77
CA LEU DB 163 68.30 -59.94 78.88
C LEU DB 163 67.78 -59.79 80.30
N GLU DB 164 68.29 -60.63 81.19
CA GLU DB 164 67.87 -60.66 82.60
C GLU DB 164 68.12 -59.29 83.25
N THR DB 165 69.37 -58.86 83.20
CA THR DB 165 69.81 -57.59 83.76
C THR DB 165 69.48 -56.43 82.82
N GLY DB 166 69.41 -56.72 81.53
CA GLY DB 166 69.54 -55.71 80.49
C GLY DB 166 71.04 -55.53 80.38
N LYS DB 167 71.49 -54.28 80.35
CA LYS DB 167 72.91 -53.92 80.43
C LYS DB 167 73.80 -54.53 79.34
N ILE DB 168 74.56 -53.67 78.69
CA ILE DB 168 75.43 -54.08 77.62
C ILE DB 168 76.42 -55.07 78.20
N THR DB 169 76.57 -56.20 77.54
CA THR DB 169 77.61 -57.15 77.88
C THR DB 169 78.38 -57.39 76.61
N ASP DB 170 79.51 -56.72 76.49
CA ASP DB 170 80.40 -56.88 75.34
C ASP DB 170 79.80 -56.52 73.98
N PHE DB 171 80.65 -55.90 73.17
CA PHE DB 171 80.20 -55.14 72.03
C PHE DB 171 81.21 -55.12 70.87
N ILE DB 172 80.68 -54.90 69.67
CA ILE DB 172 81.43 -55.05 68.43
C ILE DB 172 81.25 -53.81 67.59
N LYS DB 173 82.37 -53.24 67.20
CA LYS DB 173 82.40 -51.98 66.50
C LYS DB 173 82.34 -52.27 64.99
N PHE DB 174 81.38 -51.64 64.31
CA PHE DB 174 81.26 -51.72 62.86
C PHE DB 174 82.53 -51.23 62.22
N ASP DB 175 83.23 -52.11 61.51
CA ASP DB 175 84.37 -51.73 60.69
C ASP DB 175 84.38 -52.55 59.41
N THR DB 176 85.39 -52.34 58.57
CA THR DB 176 85.70 -53.32 57.54
C THR DB 176 86.18 -54.59 58.22
N GLY DB 177 85.90 -55.73 57.61
CA GLY DB 177 86.32 -57.01 58.16
C GLY DB 177 85.61 -57.28 59.47
N ASN DB 178 84.33 -57.58 59.36
CA ASN DB 178 83.43 -57.74 60.49
C ASN DB 178 82.21 -58.40 59.94
N LEU DB 179 81.70 -59.41 60.62
CA LEU DB 179 80.61 -60.19 60.09
C LEU DB 179 79.36 -59.34 60.16
N CYS DB 180 78.41 -59.62 59.29
CA CYS DB 180 77.13 -58.94 59.33
C CYS DB 180 76.05 -59.73 58.62
N MET DB 181 74.82 -59.43 58.98
CA MET DB 181 73.66 -59.85 58.21
C MET DB 181 72.90 -58.61 57.79
N VAL DB 182 72.42 -58.63 56.56
CA VAL DB 182 71.68 -57.51 56.02
C VAL DB 182 70.23 -57.71 56.38
N THR DB 183 69.60 -56.64 56.88
CA THR DB 183 68.23 -56.66 57.38
C THR DB 183 67.28 -55.91 56.47
N GLY DB 184 67.55 -55.89 55.16
CA GLY DB 184 66.70 -55.15 54.23
C GLY DB 184 66.98 -55.21 52.75
N GLY DB 185 65.91 -55.04 51.99
CA GLY DB 185 65.97 -54.99 50.54
C GLY DB 185 66.06 -56.36 49.93
N ALA DB 186 66.98 -56.52 48.98
CA ALA DB 186 67.15 -57.76 48.23
C ALA DB 186 68.13 -58.69 48.91
N ASN DB 187 69.20 -58.13 49.45
CA ASN DB 187 70.22 -58.93 50.08
C ASN DB 187 69.91 -59.19 51.55
N LEU DB 188 68.64 -59.05 51.91
CA LEU DB 188 68.11 -59.53 53.18
C LEU DB 188 68.41 -60.98 53.38
N GLY DB 189 68.96 -61.31 54.53
CA GLY DB 189 69.32 -62.68 54.87
C GLY DB 189 70.76 -63.05 54.56
N ARG DB 190 71.30 -62.50 53.48
CA ARG DB 190 72.69 -62.73 53.17
C ARG DB 190 73.60 -62.22 54.24
N ILE DB 191 74.80 -62.80 54.24
CA ILE DB 191 75.81 -62.58 55.24
C ILE DB 191 77.19 -62.51 54.59
N GLY DB 192 78.06 -61.68 55.17
CA GLY DB 192 79.47 -61.63 54.79
C GLY DB 192 80.27 -60.70 55.69
N VAL DB 193 81.56 -60.59 55.41
CA VAL DB 193 82.34 -59.51 55.99
C VAL DB 193 82.12 -58.28 55.14
N ILE DB 194 82.58 -57.14 55.61
CA ILE DB 194 82.19 -55.89 55.01
C ILE DB 194 83.03 -55.54 53.77
N THR DB 195 84.31 -55.24 53.95
CA THR DB 195 85.24 -54.90 52.85
C THR DB 195 85.31 -53.41 52.63
N ASN DB 196 84.15 -52.80 52.39
CA ASN DB 196 84.09 -51.40 52.07
C ASN DB 196 82.83 -50.75 52.61
N ARG DB 197 83.01 -49.54 53.12
CA ARG DB 197 81.91 -48.64 53.43
C ARG DB 197 82.21 -47.34 52.68
N GLU DB 198 81.26 -46.87 51.89
CA GLU DB 198 81.37 -45.54 51.26
C GLU DB 198 80.56 -44.54 52.06
N ARG DB 199 81.22 -43.49 52.54
CA ARG DB 199 80.49 -42.33 53.07
C ARG DB 199 80.11 -41.48 51.88
N HIS DB 200 78.83 -41.14 51.78
CA HIS DB 200 78.38 -40.06 50.93
C HIS DB 200 77.70 -39.10 51.86
N PRO DB 201 78.13 -37.83 51.86
CA PRO DB 201 77.47 -36.93 52.77
C PRO DB 201 75.99 -36.76 52.43
N GLY DB 202 75.17 -36.83 53.47
CA GLY DB 202 73.74 -36.65 53.36
C GLY DB 202 73.11 -37.90 52.78
N SER DB 203 73.04 -37.94 51.44
CA SER DB 203 72.63 -39.13 50.69
C SER DB 203 73.24 -40.35 51.36
N PHE DB 204 72.42 -41.30 51.80
CA PHE DB 204 72.92 -42.28 52.76
C PHE DB 204 73.72 -43.41 52.15
N ASP DB 205 74.43 -44.08 53.03
CA ASP DB 205 75.77 -44.58 52.76
C ASP DB 205 75.72 -46.04 52.35
N VAL DB 206 76.46 -46.39 51.29
CA VAL DB 206 76.52 -47.76 50.85
C VAL DB 206 77.50 -48.51 51.70
N VAL DB 207 77.33 -49.82 51.71
CA VAL DB 207 78.30 -50.75 52.27
C VAL DB 207 78.25 -52.05 51.49
N HIS DB 208 79.39 -52.38 50.90
CA HIS DB 208 79.55 -53.63 50.20
C HIS DB 208 79.77 -54.70 51.22
N VAL DB 209 79.40 -55.92 50.86
CA VAL DB 209 79.56 -57.06 51.73
C VAL DB 209 80.10 -58.19 50.88
N LYS DB 210 81.31 -58.65 51.22
CA LYS DB 210 81.85 -59.84 50.60
C LYS DB 210 81.40 -61.07 51.36
N ASP DB 211 80.63 -61.93 50.69
CA ASP DB 211 80.22 -63.21 51.26
C ASP DB 211 81.44 -64.11 51.39
N ALA DB 212 81.34 -65.10 52.28
CA ALA DB 212 82.33 -66.18 52.41
C ALA DB 212 82.67 -66.83 51.06
N ASN DB 213 81.64 -67.32 50.35
CA ASN DB 213 81.81 -68.00 49.06
C ASN DB 213 81.89 -67.03 47.89
N GLY DB 214 82.91 -66.17 47.91
CA GLY DB 214 83.13 -65.18 46.85
C GLY DB 214 82.17 -63.99 46.82
N ASN DB 215 80.94 -64.25 46.39
CA ASN DB 215 79.94 -63.21 46.06
C ASN DB 215 80.04 -61.93 46.86
N SER DB 216 80.69 -60.94 46.26
CA SER DB 216 80.57 -59.57 46.73
C SER DB 216 79.18 -59.06 46.34
N PHE DB 217 78.56 -58.31 47.24
CA PHE DB 217 77.31 -57.61 46.96
C PHE DB 217 77.18 -56.40 47.85
N ALA DB 218 76.21 -55.54 47.56
CA ALA DB 218 76.11 -54.27 48.27
C ALA DB 218 74.73 -53.99 48.84
N THR DB 219 74.65 -52.91 49.60
CA THR DB 219 73.44 -52.51 50.28
C THR DB 219 73.64 -51.10 50.84
N ARG DB 220 72.60 -50.47 51.37
CA ARG DB 220 72.78 -49.25 52.16
C ARG DB 220 72.89 -49.56 53.65
N LEU DB 221 73.77 -48.79 54.33
CA LEU DB 221 74.27 -49.07 55.69
C LEU DB 221 73.15 -49.46 56.61
N SER DB 222 72.15 -48.59 56.67
CA SER DB 222 70.86 -48.84 57.30
C SER DB 222 70.53 -50.30 57.57
N ASN DB 223 70.66 -51.13 56.53
CA ASN DB 223 70.29 -52.53 56.63
C ASN DB 223 71.37 -53.46 57.18
N ILE DB 224 72.62 -53.03 57.21
CA ILE DB 224 73.70 -53.85 57.77
C ILE DB 224 73.69 -53.84 59.30
N PHE DB 225 73.53 -55.03 59.87
CA PHE DB 225 73.55 -55.24 61.30
C PHE DB 225 74.63 -56.30 61.59
N VAL DB 226 75.61 -55.95 62.42
CA VAL DB 226 76.81 -56.77 62.52
C VAL DB 226 76.58 -57.87 63.51
N ILE DB 227 77.29 -58.98 63.33
CA ILE DB 227 77.18 -60.13 64.21
C ILE DB 227 78.52 -60.84 64.42
N GLY DB 228 79.64 -60.13 64.37
CA GLY DB 228 80.94 -60.76 64.56
C GLY DB 228 82.17 -59.88 64.42
N LYS DB 229 83.32 -60.44 64.79
CA LYS DB 229 84.61 -59.75 64.68
C LYS DB 229 85.41 -60.19 63.44
N GLY DB 230 84.71 -60.40 62.32
CA GLY DB 230 85.32 -60.84 61.07
C GLY DB 230 85.26 -62.36 61.05
N ASN DB 231 84.50 -62.92 60.13
CA ASN DB 231 84.29 -64.37 60.00
C ASN DB 231 83.56 -65.07 61.15
N LYS DB 232 84.07 -64.94 62.37
CA LYS DB 232 83.47 -65.59 63.54
C LYS DB 232 82.23 -64.82 64.01
N PRO DB 233 81.03 -65.48 64.04
CA PRO DB 233 79.79 -64.84 64.50
C PRO DB 233 79.44 -65.03 65.96
N TRP DB 234 78.85 -63.99 66.54
CA TRP DB 234 78.48 -63.95 67.96
C TRP DB 234 77.13 -64.60 68.25
N ILE DB 235 76.56 -65.32 67.27
CA ILE DB 235 75.34 -66.08 67.50
C ILE DB 235 75.38 -67.34 66.66
N SER DB 236 74.34 -68.14 66.84
CA SER DB 236 73.98 -69.16 65.89
C SER DB 236 73.47 -68.48 64.64
N LEU DB 237 73.76 -69.07 63.49
CA LEU DB 237 73.15 -68.69 62.22
C LEU DB 237 72.31 -69.88 61.84
N PRO DB 238 71.24 -69.67 61.09
CA PRO DB 238 70.47 -70.78 60.57
C PRO DB 238 71.17 -71.39 59.36
N ARG DB 239 70.97 -72.69 59.16
CA ARG DB 239 71.59 -73.38 58.03
C ARG DB 239 71.06 -72.80 56.74
N GLY DB 240 71.93 -72.78 55.73
CA GLY DB 240 71.85 -71.85 54.62
C GLY DB 240 72.94 -70.81 54.83
N LYS DB 241 73.14 -70.46 56.09
CA LYS DB 241 74.35 -69.81 56.57
C LYS DB 241 74.48 -68.35 56.13
N GLY DB 242 73.40 -67.79 55.58
CA GLY DB 242 73.45 -66.46 54.95
C GLY DB 242 74.38 -66.47 53.75
N ILE DB 243 74.14 -67.41 52.84
CA ILE DB 243 74.96 -67.60 51.66
C ILE DB 243 74.24 -67.06 50.45
N ARG DB 244 73.07 -67.62 50.16
CA ARG DB 244 72.23 -67.29 48.98
C ARG DB 244 72.76 -67.92 47.69
N LEU DB 245 71.96 -68.86 47.17
CA LEU DB 245 72.32 -69.64 46.00
C LEU DB 245 71.60 -69.09 44.78
N THR DB 246 72.26 -69.20 43.62
CA THR DB 246 71.60 -68.91 42.35
C THR DB 246 70.51 -69.93 42.15
N ILE DB 247 69.36 -69.49 41.64
CA ILE DB 247 68.23 -70.38 41.33
C ILE DB 247 68.58 -71.74 40.71
N ALA DB 248 69.63 -71.76 39.90
CA ALA DB 248 70.11 -72.99 39.29
C ALA DB 248 70.92 -73.81 40.28
N GLU DB 249 71.85 -73.16 41.00
CA GLU DB 249 72.60 -73.84 42.05
C GLU DB 249 71.66 -74.42 43.10
N GLU DB 250 70.60 -73.69 43.40
CA GLU DB 250 69.56 -74.15 44.31
C GLU DB 250 68.85 -75.38 43.75
N ARG DB 251 68.48 -75.32 42.49
CA ARG DB 251 67.80 -76.42 41.81
C ARG DB 251 68.64 -77.69 41.84
N ASP DB 252 69.93 -77.56 41.55
CA ASP DB 252 70.87 -78.67 41.70
C ASP DB 252 70.77 -79.26 43.10
N LYS DB 253 71.06 -78.43 44.11
CA LYS DB 253 71.12 -78.87 45.51
C LYS DB 253 69.86 -79.58 45.98
N ARG DB 254 68.72 -79.21 45.43
CA ARG DB 254 67.49 -79.96 45.64
C ARG DB 254 67.55 -81.31 44.92
N LEU DB 255 67.98 -81.28 43.66
CA LEU DB 255 68.06 -82.49 42.84
C LEU DB 255 69.04 -83.53 43.37
N ALA DB 256 70.15 -83.09 43.97
CA ALA DB 256 71.10 -83.99 44.64
C ALA DB 256 70.51 -84.59 45.91
N ALA DB 257 69.84 -83.74 46.70
CA ALA DB 257 69.17 -84.16 47.94
C ALA DB 257 68.08 -85.19 47.67
N LYS DB 258 67.36 -85.02 46.57
CA LYS DB 258 66.38 -86.00 46.12
C LYS DB 258 67.10 -87.15 45.44
N GLN DB 259 66.45 -88.32 45.38
CA GLN DB 259 66.95 -89.54 44.73
C GLN DB 259 68.07 -90.22 45.56
N SER DB 260 69.22 -89.57 45.66
CA SER DB 260 70.40 -90.15 46.31
C SER DB 260 70.24 -90.33 47.82
N SER DB 261 70.01 -89.24 48.53
CA SER DB 261 69.85 -89.28 49.99
C SER DB 261 68.46 -89.78 50.37
N GLY DB 262 68.41 -90.75 51.28
CA GLY DB 262 67.14 -91.33 51.72
C GLY DB 262 67.33 -92.54 52.62
N THR EB 1 23.01 -42.49 -105.15
CA THR EB 1 22.84 -43.33 -103.93
C THR EB 1 24.10 -44.12 -103.45
N PRO EB 2 24.92 -44.69 -104.38
CA PRO EB 2 26.10 -45.41 -103.85
C PRO EB 2 27.23 -44.49 -103.41
N ASP EB 3 27.51 -43.44 -104.18
CA ASP EB 3 28.62 -42.52 -103.90
C ASP EB 3 28.21 -41.55 -102.79
N ILE EB 4 26.99 -40.96 -102.90
CA ILE EB 4 26.44 -40.06 -101.88
C ILE EB 4 25.07 -40.52 -101.33
N LYS EB 5 24.98 -40.63 -100.00
CA LYS EB 5 23.72 -40.96 -99.33
C LYS EB 5 22.96 -39.68 -99.06
N LEU EB 6 21.67 -39.72 -99.38
CA LEU EB 6 20.74 -38.70 -98.96
C LEU EB 6 20.03 -39.23 -97.72
N PHE EB 7 19.08 -38.48 -97.19
CA PHE EB 7 18.38 -38.82 -95.93
C PHE EB 7 16.97 -39.37 -96.22
N GLY EB 8 16.86 -40.20 -97.25
CA GLY EB 8 15.60 -40.42 -97.95
C GLY EB 8 15.56 -39.42 -99.10
N LYS EB 9 15.41 -38.15 -98.73
CA LYS EB 9 15.44 -37.01 -99.66
C LYS EB 9 16.67 -36.13 -99.52
N TRP EB 10 16.91 -35.63 -98.31
CA TRP EB 10 17.61 -34.36 -98.12
C TRP EB 10 19.10 -34.42 -98.33
N SER EB 11 19.67 -33.28 -98.71
CA SER EB 11 21.09 -33.18 -99.01
C SER EB 11 21.88 -33.13 -97.71
N THR EB 12 22.87 -34.00 -97.60
CA THR EB 12 23.76 -34.04 -96.46
C THR EB 12 24.86 -33.02 -96.68
N ASP EB 13 25.49 -33.10 -97.85
CA ASP EB 13 26.47 -32.11 -98.24
C ASP EB 13 25.82 -30.74 -98.40
N ASP EB 14 26.65 -29.70 -98.27
CA ASP EB 14 26.23 -28.30 -98.25
C ASP EB 14 25.33 -27.97 -97.04
N VAL EB 15 25.71 -28.54 -95.90
CA VAL EB 15 25.19 -28.18 -94.58
C VAL EB 15 26.37 -27.61 -93.79
N GLN EB 16 26.49 -26.28 -93.79
CA GLN EB 16 27.59 -25.61 -93.13
C GLN EB 16 27.28 -25.26 -91.68
N ILE EB 17 28.06 -25.79 -90.77
CA ILE EB 17 28.07 -25.35 -89.37
C ILE EB 17 28.93 -24.07 -89.35
N ASN EB 18 28.59 -23.17 -88.43
CA ASN EB 18 29.31 -21.91 -88.27
C ASN EB 18 30.18 -21.87 -87.02
N ASP EB 19 29.61 -22.23 -85.87
CA ASP EB 19 30.34 -22.17 -84.61
C ASP EB 19 31.36 -23.32 -84.50
N ILE EB 20 32.64 -22.97 -84.63
CA ILE EB 20 33.75 -23.92 -84.44
C ILE EB 20 33.85 -24.38 -82.97
N SER EB 21 32.86 -25.15 -82.54
CA SER EB 21 32.80 -25.67 -81.18
C SER EB 21 31.70 -26.71 -81.08
N LEU EB 22 30.49 -26.36 -81.54
CA LEU EB 22 29.51 -27.37 -81.86
C LEU EB 22 30.05 -28.28 -82.94
N GLN EB 23 30.71 -27.67 -83.93
CA GLN EB 23 31.62 -28.36 -84.82
C GLN EB 23 32.31 -29.49 -84.04
N ASP EB 24 32.17 -30.71 -84.56
CA ASP EB 24 32.73 -31.94 -83.98
C ASP EB 24 31.75 -32.66 -83.05
N TYR EB 25 30.90 -31.93 -82.33
CA TYR EB 25 29.78 -32.55 -81.56
C TYR EB 25 28.38 -32.45 -82.22
N ILE EB 26 28.25 -31.63 -83.25
CA ILE EB 26 27.16 -31.79 -84.20
C ILE EB 26 27.66 -32.81 -85.21
N ALA EB 27 26.96 -33.94 -85.28
CA ALA EB 27 27.29 -34.99 -86.24
C ALA EB 27 26.26 -35.00 -87.34
N VAL EB 28 26.51 -34.19 -88.37
CA VAL EB 28 25.64 -34.14 -89.55
C VAL EB 28 26.36 -34.52 -90.86
N LYS EB 29 27.67 -34.31 -90.89
CA LYS EB 29 28.55 -35.01 -91.81
C LYS EB 29 29.96 -34.98 -91.20
N GLU EB 30 30.55 -36.15 -90.96
CA GLU EB 30 32.00 -36.27 -90.93
C GLU EB 30 32.25 -36.38 -92.44
N LYS EB 31 32.23 -37.60 -92.95
CA LYS EB 31 31.46 -37.93 -94.13
C LYS EB 31 30.17 -38.63 -93.64
N TYR EB 32 30.31 -39.44 -92.59
CA TYR EB 32 29.31 -40.42 -92.17
C TYR EB 32 28.02 -39.80 -91.66
N ALA EB 33 27.08 -39.64 -92.60
CA ALA EB 33 25.70 -39.30 -92.33
C ALA EB 33 24.82 -40.30 -93.04
N LYS EB 34 23.78 -40.77 -92.37
CA LYS EB 34 23.09 -41.99 -92.77
C LYS EB 34 21.73 -41.73 -93.40
N TYR EB 35 21.14 -42.80 -93.94
CA TYR EB 35 19.80 -42.74 -94.50
C TYR EB 35 18.77 -42.42 -93.46
N LEU EB 36 18.69 -43.29 -92.44
CA LEU EB 36 17.61 -43.23 -91.45
C LEU EB 36 18.11 -42.74 -90.14
N PRO EB 37 17.24 -42.04 -89.41
CA PRO EB 37 17.61 -41.63 -88.07
C PRO EB 37 17.25 -42.66 -87.00
N HIS EB 38 16.81 -43.85 -87.40
CA HIS EB 38 16.88 -45.04 -86.57
C HIS EB 38 18.27 -45.66 -86.71
N SER EB 39 18.62 -46.53 -85.78
CA SER EB 39 19.87 -47.33 -85.80
C SER EB 39 20.02 -47.90 -84.40
N ALA EB 40 20.21 -49.22 -84.31
CA ALA EB 40 20.40 -49.90 -83.01
C ALA EB 40 21.43 -49.17 -82.18
N GLY EB 41 22.54 -48.79 -82.83
CA GLY EB 41 23.49 -47.80 -82.30
C GLY EB 41 23.66 -47.72 -80.80
N ARG EB 42 24.59 -48.51 -80.27
CA ARG EB 42 24.93 -48.45 -78.86
C ARG EB 42 26.01 -47.40 -78.68
N TYR EB 43 25.52 -46.16 -78.54
CA TYR EB 43 26.33 -45.00 -78.23
C TYR EB 43 26.25 -44.66 -76.74
N ALA EB 44 25.79 -45.61 -75.92
CA ALA EB 44 25.82 -45.47 -74.45
C ALA EB 44 26.74 -46.54 -73.86
N ALA EB 45 27.90 -46.69 -74.50
CA ALA EB 45 28.93 -47.57 -74.01
C ALA EB 45 29.82 -46.72 -73.15
N LYS EB 46 30.51 -45.80 -73.79
CA LYS EB 46 31.58 -45.07 -73.17
C LYS EB 46 31.11 -43.64 -73.08
N ARG EB 47 31.95 -42.77 -72.56
CA ARG EB 47 31.52 -41.45 -72.13
C ARG EB 47 31.05 -40.57 -73.29
N PHE EB 48 31.91 -40.39 -74.28
CA PHE EB 48 31.65 -39.48 -75.39
C PHE EB 48 31.08 -40.15 -76.63
N ARG EB 49 30.90 -41.47 -76.60
CA ARG EB 49 30.44 -42.22 -77.77
C ARG EB 49 29.25 -41.50 -78.39
N LYS EB 50 28.27 -41.17 -77.55
CA LYS EB 50 27.13 -40.30 -77.85
C LYS EB 50 27.33 -39.23 -78.91
N ALA EB 51 28.48 -38.55 -78.89
CA ALA EB 51 28.77 -37.42 -79.78
C ALA EB 51 28.92 -37.79 -81.25
N GLN EB 52 29.41 -39.00 -81.52
CA GLN EB 52 29.55 -39.53 -82.88
C GLN EB 52 28.23 -40.10 -83.45
N CYS EB 53 27.19 -40.22 -82.61
CA CYS EB 53 25.82 -40.46 -83.08
C CYS EB 53 25.35 -39.29 -83.93
N PRO EB 54 24.59 -39.56 -85.00
CA PRO EB 54 24.06 -38.47 -85.84
C PRO EB 54 23.03 -37.58 -85.13
N ILE EB 55 23.11 -36.27 -85.34
CA ILE EB 55 22.21 -35.33 -84.63
C ILE EB 55 20.75 -35.52 -84.89
N VAL EB 56 20.38 -36.02 -86.06
CA VAL EB 56 18.97 -36.22 -86.34
C VAL EB 56 18.43 -37.35 -85.47
N GLU EB 57 19.18 -38.46 -85.42
CA GLU EB 57 18.86 -39.59 -84.55
C GLU EB 57 18.86 -39.23 -83.07
N ARG EB 58 19.82 -38.41 -82.67
CA ARG EB 58 19.78 -37.83 -81.33
C ARG EB 58 18.45 -37.10 -81.06
N LEU EB 59 18.03 -36.27 -82.01
CA LEU EB 59 16.79 -35.53 -81.88
C LEU EB 59 15.59 -36.46 -81.83
N THR EB 60 15.65 -37.44 -82.72
CA THR EB 60 14.62 -38.45 -82.86
C THR EB 60 14.41 -39.08 -81.50
N ASN EB 61 15.47 -39.62 -80.93
CA ASN EB 61 15.40 -40.28 -79.63
C ASN EB 61 14.79 -39.39 -78.54
N SER EB 62 15.18 -38.12 -78.52
CA SER EB 62 14.72 -37.17 -77.51
C SER EB 62 13.22 -36.94 -77.62
N MET EB 63 12.76 -36.69 -78.84
CA MET EB 63 11.33 -36.55 -79.20
C MET EB 63 10.49 -37.59 -78.51
N MET EB 64 10.90 -38.83 -78.69
CA MET EB 64 10.33 -39.98 -78.04
C MET EB 64 10.44 -39.76 -76.55
N MET EB 65 9.46 -39.04 -75.99
CA MET EB 65 9.48 -38.70 -74.56
C MET EB 65 8.14 -38.48 -73.89
N HIS EB 66 8.20 -38.62 -72.56
CA HIS EB 66 7.08 -38.79 -71.63
C HIS EB 66 6.45 -40.15 -71.76
N GLY EB 67 5.93 -40.65 -70.65
CA GLY EB 67 5.39 -42.01 -70.55
C GLY EB 67 5.03 -42.74 -71.84
N ARG EB 68 3.88 -42.40 -72.40
CA ARG EB 68 3.39 -43.03 -73.65
C ARG EB 68 4.45 -43.21 -74.73
N ASN EB 69 5.22 -42.17 -75.01
CA ASN EB 69 6.20 -42.19 -76.10
C ASN EB 69 7.56 -42.62 -75.57
N ASN EB 70 7.60 -43.84 -75.02
CA ASN EB 70 8.81 -44.41 -74.48
C ASN EB 70 9.07 -45.62 -75.33
N GLY EB 71 10.22 -45.60 -75.98
CA GLY EB 71 10.56 -46.65 -76.90
C GLY EB 71 9.67 -46.71 -78.12
N LYS EB 72 8.96 -45.62 -78.41
CA LYS EB 72 8.14 -45.53 -79.60
C LYS EB 72 8.97 -44.79 -80.61
N LYS EB 73 9.96 -45.46 -81.21
CA LYS EB 73 10.90 -44.72 -82.05
C LYS EB 73 10.36 -44.45 -83.42
N LEU EB 74 9.67 -45.43 -84.03
CA LEU EB 74 9.12 -45.20 -85.37
C LEU EB 74 8.19 -44.01 -85.29
N MET EB 75 7.24 -44.13 -84.37
CA MET EB 75 6.32 -43.08 -83.99
C MET EB 75 6.97 -41.72 -84.02
N THR EB 76 8.19 -41.64 -83.52
CA THR EB 76 8.93 -40.42 -83.46
C THR EB 76 9.73 -40.19 -84.75
N VAL EB 77 10.25 -41.23 -85.38
CA VAL EB 77 10.95 -41.04 -86.64
C VAL EB 77 10.00 -40.38 -87.62
N ARG EB 78 8.81 -40.97 -87.78
CA ARG EB 78 7.77 -40.43 -88.67
C ARG EB 78 7.58 -38.93 -88.48
N ILE EB 79 7.57 -38.53 -87.21
CA ILE EB 79 7.52 -37.13 -86.83
C ILE EB 79 8.68 -36.38 -87.43
N VAL EB 80 9.89 -36.82 -87.12
CA VAL EB 80 11.05 -36.06 -87.55
C VAL EB 80 10.99 -35.85 -89.07
N LYS EB 81 10.57 -36.86 -89.81
CA LYS EB 81 10.48 -36.74 -91.28
C LYS EB 81 9.43 -35.75 -91.72
N HIS EB 82 8.32 -35.71 -91.02
CA HIS EB 82 7.27 -34.77 -91.36
C HIS EB 82 7.64 -33.35 -91.04
N ALA EB 83 8.24 -33.13 -89.88
CA ALA EB 83 8.73 -31.80 -89.54
C ALA EB 83 9.67 -31.30 -90.63
N PHE EB 84 10.59 -32.16 -91.04
CA PHE EB 84 11.56 -31.87 -92.10
C PHE EB 84 10.84 -31.53 -93.39
N GLU EB 85 9.87 -32.36 -93.77
CA GLU EB 85 9.03 -32.09 -94.94
C GLU EB 85 8.30 -30.75 -94.90
N ILE EB 86 7.89 -30.37 -93.70
CA ILE EB 86 7.28 -29.07 -93.47
C ILE EB 86 8.29 -27.94 -93.54
N ILE EB 87 9.46 -28.16 -92.98
CA ILE EB 87 10.52 -27.16 -93.04
C ILE EB 87 10.88 -26.83 -94.50
N HIS EB 88 11.05 -27.87 -95.33
CA HIS EB 88 11.43 -27.63 -96.72
C HIS EB 88 10.40 -26.84 -97.48
N LEU EB 89 9.12 -27.08 -97.17
CA LEU EB 89 8.03 -26.27 -97.74
C LEU EB 89 8.12 -24.86 -97.24
N LEU EB 90 8.11 -24.70 -95.92
CA LEU EB 90 8.04 -23.39 -95.34
C LEU EB 90 9.29 -22.58 -95.66
N THR EB 91 10.39 -23.00 -95.10
CA THR EB 91 11.62 -22.24 -95.19
C THR EB 91 12.36 -22.46 -96.51
N GLY EB 92 12.31 -23.68 -97.05
CA GLY EB 92 13.21 -24.05 -98.12
C GLY EB 92 14.58 -24.29 -97.52
N GLU EB 93 15.55 -24.52 -98.40
CA GLU EB 93 16.87 -25.02 -98.01
C GLU EB 93 16.77 -26.40 -97.34
N ASN EB 94 17.92 -26.98 -97.02
CA ASN EB 94 17.94 -28.28 -96.38
C ASN EB 94 17.37 -28.17 -94.99
N PRO EB 95 16.39 -29.01 -94.65
CA PRO EB 95 15.91 -29.00 -93.27
C PRO EB 95 16.98 -29.43 -92.25
N LEU EB 96 17.98 -30.21 -92.70
CA LEU EB 96 19.14 -30.56 -91.87
C LEU EB 96 19.94 -29.33 -91.50
N GLN EB 97 20.16 -28.45 -92.47
CA GLN EB 97 20.85 -27.18 -92.21
C GLN EB 97 20.09 -26.36 -91.19
N VAL EB 98 18.77 -26.28 -91.34
CA VAL EB 98 17.92 -25.57 -90.36
C VAL EB 98 17.98 -26.22 -88.98
N LEU EB 99 17.85 -27.55 -88.93
CA LEU EB 99 17.96 -28.23 -87.65
C LEU EB 99 19.28 -27.90 -86.98
N VAL EB 100 20.37 -28.08 -87.71
CA VAL EB 100 21.69 -27.70 -87.26
C VAL EB 100 21.72 -26.27 -86.73
N ASN EB 101 21.23 -25.33 -87.51
CA ASN EB 101 21.28 -23.95 -87.08
C ASN EB 101 20.57 -23.74 -85.75
N ALA EB 102 19.48 -24.46 -85.53
CA ALA EB 102 18.79 -24.41 -84.24
C ALA EB 102 19.75 -24.79 -83.12
N ILE EB 103 20.30 -26.00 -83.23
CA ILE EB 103 21.21 -26.58 -82.26
C ILE EB 103 22.29 -25.57 -81.89
N ILE EB 104 22.82 -24.89 -82.90
CA ILE EB 104 23.88 -23.90 -82.72
C ILE EB 104 23.38 -22.76 -81.86
N ASN EB 105 22.36 -22.06 -82.34
CA ASN EB 105 21.79 -20.99 -81.56
C ASN EB 105 20.49 -21.48 -80.96
N SER EB 106 20.64 -22.25 -79.89
CA SER EB 106 19.53 -22.60 -79.01
C SER EB 106 19.96 -23.08 -77.64
N GLY EB 107 21.01 -23.90 -77.57
CA GLY EB 107 21.56 -24.32 -76.29
C GLY EB 107 22.39 -23.19 -75.71
N PRO EB 108 22.51 -23.10 -74.37
CA PRO EB 108 23.20 -21.95 -73.76
C PRO EB 108 24.68 -21.91 -74.08
N ARG EB 109 25.30 -20.77 -73.89
CA ARG EB 109 26.75 -20.65 -73.99
C ARG EB 109 27.39 -20.60 -72.60
N GLU EB 110 26.64 -20.12 -71.60
CA GLU EB 110 27.08 -20.19 -70.20
C GLU EB 110 25.93 -20.57 -69.30
N ASP EB 111 26.25 -21.10 -68.12
CA ASP EB 111 25.24 -21.59 -67.19
C ASP EB 111 25.70 -21.50 -65.75
N SER EB 112 24.73 -21.56 -64.85
CA SER EB 112 24.95 -21.38 -63.43
C SER EB 112 24.93 -22.72 -62.71
N THR EB 113 26.10 -23.15 -62.24
CA THR EB 113 26.19 -24.38 -61.45
C THR EB 113 25.79 -24.06 -60.01
N ARG EB 114 25.07 -24.99 -59.40
CA ARG EB 114 24.74 -24.88 -57.97
C ARG EB 114 25.95 -25.33 -57.15
N ILE EB 115 26.71 -24.34 -56.69
CA ILE EB 115 27.70 -24.56 -55.66
C ILE EB 115 26.96 -24.38 -54.34
N GLY EB 116 27.51 -24.95 -53.26
CA GLY EB 116 26.91 -24.86 -51.93
C GLY EB 116 26.92 -23.43 -51.41
N ARG EB 117 28.13 -22.89 -51.20
CA ARG EB 117 28.34 -21.52 -50.71
C ARG EB 117 27.70 -21.36 -49.32
N ALA EB 118 28.44 -21.79 -48.30
CA ALA EB 118 27.99 -21.77 -46.89
C ALA EB 118 26.81 -22.71 -46.59
N GLY EB 119 25.62 -22.37 -47.08
CA GLY EB 119 24.41 -23.16 -46.80
C GLY EB 119 23.19 -22.69 -47.58
N THR EB 120 22.91 -21.39 -47.47
CA THR EB 120 21.88 -20.73 -48.27
C THR EB 120 22.41 -20.62 -49.71
N VAL EB 121 21.63 -21.13 -50.67
CA VAL EB 121 22.17 -21.50 -52.00
C VAL EB 121 22.41 -20.29 -52.93
N ARG EB 122 23.69 -19.97 -53.15
CA ARG EB 122 24.11 -18.91 -54.06
C ARG EB 122 25.14 -19.45 -55.05
N ARG EB 123 24.78 -19.41 -56.33
CA ARG EB 123 25.58 -20.03 -57.38
C ARG EB 123 26.70 -19.16 -57.86
N GLN EB 124 27.58 -19.79 -58.62
CA GLN EB 124 28.53 -19.09 -59.47
C GLN EB 124 28.29 -19.59 -60.88
N ALA EB 125 28.55 -18.73 -61.85
CA ALA EB 125 28.28 -19.05 -63.24
C ALA EB 125 29.52 -19.54 -63.92
N VAL EB 126 29.35 -20.50 -64.82
CA VAL EB 126 30.46 -21.15 -65.52
C VAL EB 126 30.18 -21.26 -67.00
N ASP EB 127 31.17 -21.73 -67.76
CA ASP EB 127 30.98 -22.02 -69.17
C ASP EB 127 30.28 -23.34 -69.23
N VAL EB 128 29.88 -23.72 -70.44
CA VAL EB 128 29.35 -25.05 -70.71
C VAL EB 128 30.09 -25.77 -71.84
N SER EB 129 30.21 -27.08 -71.66
CA SER EB 129 30.85 -27.98 -72.60
C SER EB 129 30.13 -27.92 -73.90
N PRO EB 130 30.85 -28.09 -75.00
CA PRO EB 130 30.17 -28.06 -76.29
C PRO EB 130 29.10 -29.14 -76.43
N LEU EB 131 29.38 -30.33 -75.90
CA LEU EB 131 28.43 -31.44 -75.87
C LEU EB 131 27.20 -31.13 -75.02
N ARG EB 132 27.43 -30.47 -73.89
CA ARG EB 132 26.36 -29.96 -73.03
C ARG EB 132 25.45 -28.97 -73.72
N ARG EB 133 26.03 -28.13 -74.57
CA ARG EB 133 25.25 -27.16 -75.32
C ARG EB 133 24.39 -27.83 -76.39
N VAL EB 134 24.88 -28.92 -76.95
CA VAL EB 134 24.12 -29.66 -77.94
C VAL EB 134 23.05 -30.50 -77.30
N ASN EB 135 23.40 -31.15 -76.19
CA ASN EB 135 22.41 -31.89 -75.40
C ASN EB 135 21.24 -30.99 -75.07
N GLN EB 136 21.54 -29.85 -74.43
CA GLN EB 136 20.53 -28.86 -74.10
C GLN EB 136 19.72 -28.54 -75.33
N ALA EB 137 20.39 -27.94 -76.31
CA ALA EB 137 19.70 -27.51 -77.51
C ALA EB 137 18.76 -28.60 -77.97
N ILE EB 138 19.27 -29.82 -78.09
CA ILE EB 138 18.45 -30.92 -78.59
C ILE EB 138 17.22 -31.08 -77.74
N TRP EB 139 17.37 -31.20 -76.43
CA TRP EB 139 16.23 -31.53 -75.61
C TRP EB 139 15.34 -30.31 -75.42
N LEU EB 140 15.93 -29.15 -75.15
CA LEU EB 140 15.17 -27.91 -75.00
C LEU EB 140 14.14 -27.83 -76.07
N LEU EB 141 14.61 -27.78 -77.30
CA LEU EB 141 13.74 -27.45 -78.40
C LEU EB 141 12.78 -28.56 -78.69
N CYS EB 142 13.25 -29.78 -78.62
CA CYS EB 142 12.39 -30.93 -78.75
C CYS EB 142 11.25 -30.90 -77.72
N THR EB 143 11.59 -30.51 -76.49
CA THR EB 143 10.61 -30.35 -75.42
C THR EB 143 9.69 -29.19 -75.73
N GLY EB 144 10.28 -28.07 -76.13
CA GLY EB 144 9.51 -26.93 -76.54
C GLY EB 144 8.37 -27.32 -77.45
N ALA EB 145 8.71 -27.99 -78.55
CA ALA EB 145 7.70 -28.42 -79.50
C ALA EB 145 6.61 -29.19 -78.80
N ARG EB 146 7.00 -30.26 -78.13
CA ARG EB 146 6.09 -31.18 -77.46
C ARG EB 146 5.15 -30.47 -76.49
N GLU EB 147 5.70 -29.50 -75.76
CA GLU EB 147 4.92 -28.77 -74.78
C GLU EB 147 3.87 -27.89 -75.47
N ALA EB 148 4.21 -27.38 -76.65
CA ALA EB 148 3.26 -26.62 -77.48
C ALA EB 148 2.12 -27.50 -78.01
N ALA EB 149 2.48 -28.71 -78.42
CA ALA EB 149 1.57 -29.55 -79.16
C ALA EB 149 0.54 -30.34 -78.35
N PHE EB 150 0.40 -30.10 -77.03
CA PHE EB 150 -0.61 -30.84 -76.23
C PHE EB 150 -2.06 -30.56 -76.66
N ARG EB 151 -2.72 -29.61 -76.02
CA ARG EB 151 -4.13 -29.35 -76.30
C ARG EB 151 -4.11 -28.22 -77.28
N ASN EB 152 -3.73 -28.54 -78.51
CA ASN EB 152 -3.97 -27.71 -79.67
C ASN EB 152 -4.00 -28.58 -80.90
N ILE EB 153 -4.85 -28.21 -81.85
CA ILE EB 153 -4.98 -28.97 -83.07
C ILE EB 153 -3.77 -28.58 -83.89
N LYS EB 154 -2.69 -29.29 -83.65
CA LYS EB 154 -1.48 -29.12 -84.41
C LYS EB 154 -0.71 -30.42 -84.29
N THR EB 155 -0.09 -30.82 -85.39
CA THR EB 155 0.69 -32.04 -85.42
C THR EB 155 1.96 -31.81 -84.61
N ILE EB 156 2.46 -32.86 -83.96
CA ILE EB 156 3.75 -32.76 -83.31
C ILE EB 156 4.67 -32.21 -84.37
N ALA EB 157 4.77 -32.98 -85.46
CA ALA EB 157 5.69 -32.68 -86.58
C ALA EB 157 5.72 -31.21 -86.96
N GLU EB 158 4.52 -30.64 -87.06
CA GLU EB 158 4.34 -29.27 -87.46
C GLU EB 158 4.94 -28.30 -86.46
N CYS EB 159 4.62 -28.49 -85.20
CA CYS EB 159 5.22 -27.69 -84.13
C CYS EB 159 6.72 -27.91 -84.01
N LEU EB 160 7.14 -29.17 -84.16
CA LEU EB 160 8.55 -29.51 -84.17
C LEU EB 160 9.25 -28.73 -85.28
N ALA EB 161 8.62 -28.66 -86.45
CA ALA EB 161 9.13 -27.86 -87.58
C ALA EB 161 9.19 -26.39 -87.28
N ASP EB 162 8.13 -25.88 -86.67
CA ASP EB 162 8.05 -24.46 -86.34
C ASP EB 162 9.06 -24.02 -85.28
N GLU EB 163 9.31 -24.91 -84.32
CA GLU EB 163 10.34 -24.70 -83.30
C GLU EB 163 11.74 -24.68 -83.90
N LEU EB 164 12.03 -25.68 -84.71
CA LEU EB 164 13.31 -25.78 -85.38
C LEU EB 164 13.59 -24.56 -86.26
N ILE EB 165 12.53 -23.97 -86.82
CA ILE EB 165 12.66 -22.78 -87.65
C ILE EB 165 12.88 -21.53 -86.81
N ASN EB 166 12.05 -21.36 -85.79
CA ASN EB 166 12.16 -20.22 -84.91
C ASN EB 166 13.32 -20.34 -83.92
N ALA EB 167 13.97 -21.49 -83.86
CA ALA EB 167 15.22 -21.65 -83.14
C ALA EB 167 16.38 -21.37 -84.07
N ALA EB 168 16.32 -21.92 -85.28
CA ALA EB 168 17.34 -21.67 -86.30
C ALA EB 168 17.47 -20.16 -86.49
N LYS EB 169 16.32 -19.49 -86.59
CA LYS EB 169 16.27 -18.04 -86.57
C LYS EB 169 16.30 -17.61 -85.12
N GLY EB 170 17.04 -16.53 -84.83
CA GLY EB 170 17.07 -16.00 -83.46
C GLY EB 170 15.77 -15.29 -83.15
N SER EB 171 14.72 -16.07 -82.86
CA SER EB 171 13.34 -15.55 -82.92
C SER EB 171 12.82 -14.88 -81.66
N SER EB 172 13.28 -15.34 -80.49
CA SER EB 172 12.62 -15.02 -79.21
C SER EB 172 11.14 -15.43 -79.25
N ASN EB 173 10.92 -16.64 -79.74
CA ASN EB 173 9.59 -17.15 -80.03
C ASN EB 173 9.51 -18.68 -79.91
N SER EB 174 10.60 -19.36 -80.27
CA SER EB 174 10.88 -20.71 -79.77
C SER EB 174 10.94 -20.74 -78.25
N TYR EB 175 10.35 -21.78 -77.67
CA TYR EB 175 10.49 -22.08 -76.23
C TYR EB 175 11.94 -22.23 -75.86
N ALA EB 176 12.71 -22.91 -76.70
CA ALA EB 176 14.12 -23.12 -76.46
C ALA EB 176 14.91 -21.82 -76.50
N ILE EB 177 14.88 -21.12 -77.63
CA ILE EB 177 15.71 -19.93 -77.81
C ILE EB 177 15.42 -18.89 -76.74
N LYS EB 178 14.17 -18.82 -76.31
CA LYS EB 178 13.81 -18.01 -75.18
C LYS EB 178 14.45 -18.54 -73.89
N LYS EB 179 14.31 -19.85 -73.67
CA LYS EB 179 14.88 -20.52 -72.50
C LYS EB 179 16.39 -20.35 -72.42
N LYS EB 180 17.06 -20.43 -73.57
CA LYS EB 180 18.49 -20.18 -73.69
C LYS EB 180 18.88 -18.82 -73.17
N ASP EB 181 18.21 -17.79 -73.65
CA ASP EB 181 18.57 -16.44 -73.27
C ASP EB 181 18.28 -16.17 -71.78
N GLU EB 182 17.28 -16.84 -71.22
CA GLU EB 182 17.03 -16.76 -69.79
C GLU EB 182 18.28 -17.20 -69.06
N LEU EB 183 18.66 -18.45 -69.29
CA LEU EB 183 19.79 -19.07 -68.59
C LEU EB 183 21.00 -18.17 -68.59
N GLU EB 184 21.41 -17.77 -69.79
CA GLU EB 184 22.61 -16.96 -69.97
C GLU EB 184 22.51 -15.70 -69.13
N ARG EB 185 21.34 -15.07 -69.18
CA ARG EB 185 21.07 -13.83 -68.46
C ARG EB 185 21.12 -14.01 -66.96
N VAL EB 186 20.54 -15.10 -66.46
CA VAL EB 186 20.73 -15.43 -65.06
C VAL EB 186 22.19 -15.65 -64.86
N ALA EB 187 22.83 -16.33 -65.81
CA ALA EB 187 24.19 -16.79 -65.63
C ALA EB 187 25.04 -15.56 -65.46
N LYS EB 188 24.74 -14.53 -66.24
CA LYS EB 188 25.38 -13.23 -66.10
C LYS EB 188 25.10 -12.63 -64.73
N SER EB 189 23.87 -12.78 -64.26
CA SER EB 189 23.45 -12.18 -62.99
C SER EB 189 24.05 -12.81 -61.75
N ASN EB 190 24.81 -13.89 -61.89
CA ASN EB 190 25.77 -14.25 -60.86
C ASN EB 190 27.06 -14.74 -61.49
N ARG EB 191 27.61 -13.89 -62.35
CA ARG EB 191 29.00 -13.99 -62.79
C ARG EB 191 29.82 -13.01 -61.96
N MET FB 1 -2.28 -23.92 90.93
CA MET FB 1 -0.93 -24.47 90.57
C MET FB 1 -0.57 -25.63 91.49
N LYS FB 2 0.07 -26.63 90.93
CA LYS FB 2 0.44 -27.83 91.64
C LYS FB 2 1.71 -27.55 92.46
N LEU FB 3 1.58 -27.34 93.77
CA LEU FB 3 2.74 -27.11 94.63
C LEU FB 3 3.34 -28.41 95.14
N ASN FB 4 4.64 -28.58 94.90
CA ASN FB 4 5.39 -29.79 95.21
C ASN FB 4 6.34 -29.50 96.38
N ILE FB 5 5.77 -29.55 97.58
CA ILE FB 5 6.42 -29.03 98.78
C ILE FB 5 7.14 -30.14 99.52
N SER FB 6 8.38 -29.86 99.92
CA SER FB 6 9.25 -30.85 100.55
C SER FB 6 9.91 -30.28 101.79
N PHE FB 7 9.52 -30.80 102.95
CA PHE FB 7 10.22 -30.54 104.20
C PHE FB 7 11.34 -31.58 104.29
N PRO FB 8 12.57 -31.17 103.95
CA PRO FB 8 13.61 -32.16 103.75
C PRO FB 8 14.24 -32.71 105.03
N ALA FB 9 13.99 -32.06 106.17
CA ALA FB 9 14.65 -32.46 107.41
C ALA FB 9 14.06 -33.77 107.93
N THR FB 10 12.75 -33.92 107.78
CA THR FB 10 12.06 -35.16 108.13
C THR FB 10 12.41 -36.24 107.14
N GLY FB 11 12.48 -35.84 105.89
CA GLY FB 11 12.64 -36.76 104.79
C GLY FB 11 11.26 -37.06 104.29
N CYS FB 12 10.61 -36.03 103.76
CA CYS FB 12 9.35 -36.23 103.06
C CYS FB 12 8.99 -35.06 102.16
N GLN FB 13 8.00 -35.31 101.33
CA GLN FB 13 7.51 -34.34 100.37
C GLN FB 13 6.10 -34.70 99.93
N LYS FB 14 5.32 -33.67 99.61
CA LYS FB 14 3.95 -33.83 99.18
C LYS FB 14 3.62 -32.85 98.07
N LEU FB 15 2.77 -33.31 97.15
CA LEU FB 15 2.18 -32.47 96.12
C LEU FB 15 0.86 -31.97 96.66
N ILE FB 16 0.78 -30.67 96.86
CA ILE FB 16 -0.41 -29.99 97.32
C ILE FB 16 -0.93 -29.23 96.13
N GLU FB 17 -2.14 -29.58 95.69
CA GLU FB 17 -2.85 -28.80 94.69
C GLU FB 17 -3.29 -27.51 95.37
N VAL FB 18 -3.19 -26.41 94.63
CA VAL FB 18 -3.63 -25.11 95.10
C VAL FB 18 -4.45 -24.49 93.99
N ASP FB 19 -5.38 -23.62 94.39
CA ASP FB 19 -6.15 -22.78 93.48
C ASP FB 19 -6.45 -21.45 94.19
N ASP FB 20 -7.02 -20.50 93.44
CA ASP FB 20 -7.22 -19.12 93.90
C ASP FB 20 -5.90 -18.35 93.75
N GLU FB 21 -5.93 -17.29 92.94
CA GLU FB 21 -4.72 -16.52 92.61
C GLU FB 21 -4.10 -15.81 93.81
N ARG FB 22 -4.93 -15.23 94.68
CA ARG FB 22 -4.43 -14.58 95.91
C ARG FB 22 -3.80 -15.55 96.92
N LYS FB 23 -4.10 -16.83 96.77
CA LYS FB 23 -3.42 -17.89 97.54
C LYS FB 23 -1.96 -18.09 97.07
N LEU FB 24 -1.72 -17.92 95.76
CA LEU FB 24 -0.39 -18.06 95.15
C LEU FB 24 0.29 -16.73 94.84
N ARG FB 25 -0.37 -15.61 95.16
CA ARG FB 25 0.11 -14.27 94.78
C ARG FB 25 1.38 -13.90 95.54
N THR FB 26 1.63 -14.58 96.66
CA THR FB 26 2.90 -14.47 97.38
C THR FB 26 4.10 -14.85 96.51
N PHE FB 27 3.93 -15.87 95.67
CA PHE FB 27 5.00 -16.43 94.84
C PHE FB 27 5.24 -15.74 93.49
N TYR FB 28 4.25 -15.02 92.95
CA TYR FB 28 4.40 -14.43 91.61
C TYR FB 28 5.44 -13.34 91.58
N GLU FB 29 6.04 -13.17 90.40
CA GLU FB 29 7.28 -12.40 90.19
C GLU FB 29 8.25 -12.50 91.35
N LYS FB 30 8.54 -13.75 91.70
CA LYS FB 30 9.65 -14.09 92.60
C LYS FB 30 10.63 -14.95 91.83
N ARG FB 31 11.91 -14.69 92.11
CA ARG FB 31 12.99 -15.42 91.51
C ARG FB 31 13.02 -16.82 92.14
N MET FB 32 13.80 -17.69 91.54
CA MET FB 32 14.02 -19.02 92.10
C MET FB 32 14.96 -18.89 93.31
N ALA FB 33 14.94 -19.93 94.14
CA ALA FB 33 15.87 -20.08 95.25
C ALA FB 33 15.75 -18.98 96.32
N THR FB 34 14.56 -18.40 96.44
CA THR FB 34 14.24 -17.42 97.46
C THR FB 34 13.40 -18.08 98.54
N GLU FB 35 13.71 -17.75 99.79
CA GLU FB 35 12.97 -18.26 100.94
C GLU FB 35 11.77 -17.36 101.14
N VAL FB 36 10.59 -17.82 100.71
CA VAL FB 36 9.37 -17.02 100.77
C VAL FB 36 8.54 -17.45 101.97
N ALA FB 37 7.82 -16.50 102.57
CA ALA FB 37 6.91 -16.78 103.67
C ALA FB 37 5.62 -17.44 103.15
N ALA FB 38 5.41 -18.69 103.51
CA ALA FB 38 4.21 -19.42 103.08
C ALA FB 38 3.01 -19.23 104.02
N ASP FB 39 3.03 -18.18 104.84
CA ASP FB 39 1.96 -17.91 105.80
C ASP FB 39 0.64 -17.59 105.11
N ALA FB 40 0.71 -16.80 104.03
CA ALA FB 40 -0.48 -16.43 103.25
C ALA FB 40 -1.18 -17.62 102.56
N LEU FB 41 -0.43 -18.70 102.35
CA LEU FB 41 -0.96 -19.91 101.73
C LEU FB 41 -2.14 -20.48 102.52
N GLY FB 42 -1.98 -20.57 103.83
CA GLY FB 42 -3.06 -21.04 104.71
C GLY FB 42 -2.73 -21.01 106.19
N GLU FB 43 -3.76 -21.14 107.02
CA GLU FB 43 -3.62 -21.30 108.48
C GLU FB 43 -2.71 -22.48 108.82
N GLU FB 44 -2.88 -23.54 108.05
CA GLU FB 44 -1.95 -24.68 108.06
C GLU FB 44 -0.49 -24.24 108.17
N TRP FB 45 -0.03 -23.47 107.19
CA TRP FB 45 1.37 -23.05 107.14
C TRP FB 45 1.48 -21.74 107.91
N LYS FB 46 1.35 -21.80 109.22
CA LYS FB 46 1.43 -20.59 110.03
C LYS FB 46 2.88 -20.38 110.43
N GLY FB 47 3.49 -19.31 109.93
CA GLY FB 47 4.89 -18.97 110.22
C GLY FB 47 5.92 -19.87 109.53
N TYR FB 48 5.56 -20.43 108.39
CA TYR FB 48 6.46 -21.25 107.58
C TYR FB 48 7.20 -20.38 106.56
N VAL FB 49 8.51 -20.60 106.46
CA VAL FB 49 9.32 -20.06 105.39
C VAL FB 49 9.65 -21.22 104.44
N VAL FB 50 9.37 -21.00 103.17
CA VAL FB 50 9.49 -21.99 102.12
C VAL FB 50 10.40 -21.48 100.98
N ARG FB 51 11.47 -22.23 100.69
CA ARG FB 51 12.30 -21.96 99.52
C ARG FB 51 11.52 -22.36 98.28
N ILE FB 52 11.83 -21.73 97.16
CA ILE FB 52 11.14 -22.00 95.90
C ILE FB 52 12.12 -22.49 94.84
N SER FB 53 12.28 -23.82 94.79
CA SER FB 53 13.25 -24.47 93.89
C SER FB 53 12.65 -24.88 92.54
N GLY FB 54 11.96 -23.94 91.90
CA GLY FB 54 11.78 -23.93 90.46
C GLY FB 54 11.21 -25.18 89.87
N GLY FB 55 9.89 -25.22 89.83
CA GLY FB 55 9.16 -26.38 89.35
C GLY FB 55 9.23 -26.68 87.87
N ASN FB 56 8.13 -26.42 87.17
CA ASN FB 56 8.00 -26.82 85.79
C ASN FB 56 7.03 -25.91 85.06
N ASP FB 57 7.44 -25.43 83.90
CA ASP FB 57 6.52 -24.74 82.99
C ASP FB 57 5.44 -25.70 82.53
N LYS FB 58 4.26 -25.14 82.28
CA LYS FB 58 3.22 -25.85 81.59
C LYS FB 58 3.70 -26.05 80.18
N GLN FB 59 3.48 -27.25 79.65
CA GLN FB 59 4.19 -27.82 78.50
C GLN FB 59 5.44 -28.61 78.92
N GLY FB 60 5.77 -28.61 80.22
CA GLY FB 60 6.74 -29.53 80.81
C GLY FB 60 8.21 -29.15 80.75
N PHE FB 61 8.50 -27.86 80.61
CA PHE FB 61 9.86 -27.41 80.32
C PHE FB 61 10.50 -26.69 81.51
N PRO FB 62 11.52 -27.31 82.13
CA PRO FB 62 11.96 -26.95 83.47
C PRO FB 62 12.33 -25.50 83.69
N MET FB 63 12.07 -25.03 84.89
CA MET FB 63 12.70 -23.82 85.33
C MET FB 63 14.17 -24.11 85.48
N LYS FB 64 14.98 -23.13 85.06
CA LYS FB 64 16.43 -23.18 85.16
C LYS FB 64 16.92 -21.82 85.61
N GLN FB 65 17.73 -21.80 86.67
CA GLN FB 65 18.11 -20.54 87.27
C GLN FB 65 19.13 -19.85 86.42
N GLY FB 66 19.01 -18.53 86.35
CA GLY FB 66 19.83 -17.72 85.47
C GLY FB 66 19.02 -17.01 84.45
N VAL FB 67 18.15 -17.76 83.77
CA VAL FB 67 17.61 -17.24 82.53
C VAL FB 67 16.59 -16.14 82.76
N LEU FB 68 16.27 -15.81 84.02
CA LEU FB 68 15.47 -14.63 84.34
C LEU FB 68 14.19 -14.71 83.51
N THR FB 69 13.53 -13.60 83.22
CA THR FB 69 12.38 -13.59 82.29
C THR FB 69 11.26 -14.52 82.73
N HIS FB 70 10.03 -14.13 82.48
CA HIS FB 70 8.92 -15.02 82.80
C HIS FB 70 8.46 -15.73 81.52
N GLY FB 71 9.41 -16.30 80.79
CA GLY FB 71 9.14 -17.01 79.55
C GLY FB 71 10.09 -18.17 79.29
N ARG FB 72 10.05 -18.70 78.08
CA ARG FB 72 10.94 -19.77 77.65
C ARG FB 72 12.18 -19.19 76.99
N VAL FB 73 13.29 -19.91 77.16
CA VAL FB 73 14.53 -19.63 76.43
C VAL FB 73 15.02 -20.97 75.96
N ARG FB 74 15.75 -21.00 74.85
CA ARG FB 74 16.34 -22.26 74.38
C ARG FB 74 17.86 -22.17 74.27
N LEU FB 75 18.52 -22.91 75.16
CA LEU FB 75 19.92 -22.74 75.43
C LEU FB 75 20.74 -23.91 74.92
N LEU FB 76 22.02 -23.64 74.69
CA LEU FB 76 22.98 -24.65 74.26
C LEU FB 76 23.67 -25.23 75.50
N LEU FB 77 23.18 -26.38 75.95
CA LEU FB 77 23.56 -26.95 77.23
C LEU FB 77 24.65 -27.98 77.12
N SER FB 78 25.34 -28.22 78.22
CA SER FB 78 26.56 -29.02 78.23
C SER FB 78 26.65 -29.93 79.43
N LYS FB 79 27.71 -30.73 79.44
CA LYS FB 79 28.08 -31.51 80.61
C LYS FB 79 28.56 -30.53 81.68
N GLY FB 80 27.64 -30.14 82.54
CA GLY FB 80 27.84 -29.03 83.50
C GLY FB 80 26.75 -27.98 83.37
N HIS FB 81 25.52 -28.42 83.58
CA HIS FB 81 24.31 -27.63 83.38
C HIS FB 81 23.13 -28.46 83.82
N SER FB 82 22.02 -27.80 84.13
CA SER FB 82 20.76 -28.51 84.33
C SER FB 82 20.03 -28.74 83.01
N CYS FB 83 18.89 -29.42 83.12
CA CYS FB 83 17.88 -29.58 82.04
C CYS FB 83 18.31 -30.52 80.90
N TYR FB 84 19.48 -31.13 81.06
CA TYR FB 84 20.16 -31.78 79.98
C TYR FB 84 21.06 -32.84 80.54
N ARG FB 85 20.97 -34.02 79.93
CA ARG FB 85 21.92 -35.07 80.14
C ARG FB 85 22.57 -35.30 78.80
N PRO FB 86 23.88 -35.10 78.72
CA PRO FB 86 24.58 -35.47 77.50
C PRO FB 86 24.71 -36.96 77.33
N ARG FB 87 24.43 -37.43 76.11
CA ARG FB 87 24.54 -38.83 75.77
C ARG FB 87 25.96 -39.14 75.39
N ARG FB 88 26.48 -38.44 74.38
CA ARG FB 88 27.88 -38.55 74.00
C ARG FB 88 28.75 -37.78 74.99
N THR FB 89 29.94 -38.27 75.25
CA THR FB 89 30.92 -37.50 75.98
C THR FB 89 31.38 -36.34 75.12
N GLY FB 90 31.32 -35.15 75.69
CA GLY FB 90 31.66 -33.94 74.97
C GLY FB 90 30.58 -33.54 74.00
N GLU FB 91 29.35 -34.03 74.24
CA GLU FB 91 28.20 -33.53 73.54
C GLU FB 91 27.84 -32.21 74.17
N ARG FB 92 27.06 -31.45 73.43
CA ARG FB 92 26.46 -30.27 73.94
C ARG FB 92 25.21 -30.13 73.07
N LYS FB 93 24.08 -29.77 73.68
CA LYS FB 93 22.79 -29.78 72.98
C LYS FB 93 21.92 -28.57 73.26
N ARG FB 94 21.08 -28.22 72.28
CA ARG FB 94 20.22 -27.05 72.36
C ARG FB 94 18.84 -27.45 72.78
N LYS FB 95 18.52 -27.24 74.06
CA LYS FB 95 17.22 -27.59 74.59
C LYS FB 95 16.55 -26.34 75.04
N SER FB 96 15.26 -26.46 75.32
CA SER FB 96 14.47 -25.35 75.79
C SER FB 96 14.23 -25.46 77.29
N VAL FB 97 14.43 -24.36 77.99
CA VAL FB 97 14.25 -24.25 79.41
C VAL FB 97 13.23 -23.12 79.65
N ARG FB 98 13.05 -22.72 80.91
CA ARG FB 98 12.12 -21.66 81.27
C ARG FB 98 12.60 -20.92 82.50
N GLY FB 99 12.21 -19.66 82.60
CA GLY FB 99 12.61 -18.77 83.68
C GLY FB 99 12.81 -19.33 85.07
N CYS FB 100 13.82 -18.81 85.78
CA CYS FB 100 13.88 -18.88 87.24
C CYS FB 100 12.61 -18.24 87.82
N ILE FB 101 12.14 -17.19 87.12
CA ILE FB 101 11.00 -16.36 87.53
C ILE FB 101 9.69 -17.14 87.57
N VAL FB 102 8.94 -16.91 88.66
CA VAL FB 102 7.66 -17.54 88.87
C VAL FB 102 6.59 -16.66 88.27
N ASP FB 103 5.71 -17.27 87.50
CA ASP FB 103 4.46 -16.64 87.12
C ASP FB 103 3.46 -17.71 86.73
N ALA FB 104 2.19 -17.43 87.02
CA ALA FB 104 1.11 -18.42 86.90
C ALA FB 104 1.20 -19.32 85.66
N ASN FB 105 1.73 -18.77 84.57
CA ASN FB 105 2.19 -19.52 83.41
C ASN FB 105 3.12 -20.66 83.85
N LEU FB 106 2.55 -21.70 84.45
CA LEU FB 106 3.32 -22.81 84.99
C LEU FB 106 2.36 -23.96 85.17
N SER FB 107 2.92 -25.17 85.24
CA SER FB 107 2.17 -26.34 85.73
C SER FB 107 2.37 -26.52 87.22
N VAL FB 108 3.58 -26.20 87.72
CA VAL FB 108 4.05 -26.65 89.05
C VAL FB 108 4.86 -25.57 89.78
N LEU FB 109 5.07 -25.77 91.07
CA LEU FB 109 6.23 -25.23 91.79
C LEU FB 109 6.92 -26.33 92.60
N ASN FB 110 8.22 -26.16 92.81
CA ASN FB 110 9.01 -27.08 93.60
C ASN FB 110 9.47 -26.32 94.82
N LEU FB 111 8.68 -26.40 95.88
CA LEU FB 111 8.93 -25.64 97.09
C LEU FB 111 9.62 -26.49 98.13
N VAL FB 112 10.66 -25.94 98.76
CA VAL FB 112 11.42 -26.67 99.76
C VAL FB 112 11.41 -25.91 101.05
N ILE FB 113 10.94 -26.53 102.12
CA ILE FB 113 10.67 -25.79 103.33
C ILE FB 113 11.92 -25.60 104.18
N VAL FB 114 12.18 -24.34 104.53
CA VAL FB 114 13.29 -24.01 105.42
C VAL FB 114 12.80 -24.14 106.85
N LYS FB 115 11.90 -23.24 107.26
CA LYS FB 115 11.43 -23.20 108.65
C LYS FB 115 9.99 -23.65 108.73
N LYS FB 116 9.69 -24.44 109.77
CA LYS FB 116 8.32 -24.81 110.13
C LYS FB 116 7.97 -24.02 111.38
N GLY FB 117 6.99 -23.12 111.26
CA GLY FB 117 6.62 -22.22 112.34
C GLY FB 117 6.07 -22.88 113.59
N GLU FB 118 4.76 -23.10 113.62
CA GLU FB 118 4.06 -23.60 114.81
C GLU FB 118 3.20 -24.87 114.62
N LYS FB 119 2.50 -24.94 113.49
CA LYS FB 119 1.57 -26.02 113.22
C LYS FB 119 2.30 -27.27 112.75
N ASP FB 120 1.56 -28.38 112.66
CA ASP FB 120 2.06 -29.63 112.11
C ASP FB 120 1.11 -30.12 111.05
N ILE FB 121 1.66 -30.58 109.93
CA ILE FB 121 0.88 -31.06 108.79
C ILE FB 121 1.00 -32.59 108.70
N PRO FB 122 -0.01 -33.27 108.10
CA PRO FB 122 -0.13 -34.72 108.30
C PRO FB 122 0.86 -35.59 107.52
N GLY FB 123 1.00 -35.35 106.21
CA GLY FB 123 1.84 -36.18 105.34
C GLY FB 123 3.20 -35.60 105.02
N LEU FB 124 3.71 -34.72 105.89
CA LEU FB 124 4.94 -33.95 105.60
C LEU FB 124 5.84 -33.77 106.81
N THR FB 125 5.29 -33.22 107.89
CA THR FB 125 6.04 -32.98 109.13
C THR FB 125 5.79 -34.01 110.24
N ASP FB 126 4.91 -34.99 110.00
CA ASP FB 126 4.85 -36.19 110.83
C ASP FB 126 5.85 -37.22 110.34
N THR FB 127 5.70 -37.59 109.07
CA THR FB 127 6.40 -38.74 108.49
C THR FB 127 7.90 -38.50 108.35
N THR FB 128 8.67 -39.17 109.21
CA THR FB 128 10.11 -39.01 109.27
C THR FB 128 10.75 -40.24 108.63
N VAL FB 129 10.96 -40.17 107.31
CA VAL FB 129 11.56 -41.30 106.58
C VAL FB 129 13.06 -41.18 106.79
N PRO FB 130 13.73 -42.30 107.15
CA PRO FB 130 15.14 -42.16 107.52
C PRO FB 130 16.05 -42.05 106.30
N ARG FB 131 17.17 -41.37 106.48
CA ARG FB 131 18.24 -41.38 105.49
C ARG FB 131 18.50 -42.85 105.13
N ARG FB 132 18.57 -43.09 103.84
CA ARG FB 132 18.34 -44.43 103.30
C ARG FB 132 19.55 -45.34 103.56
N LEU FB 133 20.77 -44.81 103.40
CA LEU FB 133 21.99 -45.52 103.81
C LEU FB 133 22.90 -44.69 104.71
N GLY FB 134 23.65 -45.39 105.56
CA GLY FB 134 24.58 -44.76 106.51
C GLY FB 134 25.88 -44.43 105.83
N PRO FB 135 26.84 -43.87 106.57
CA PRO FB 135 28.09 -43.49 105.92
C PRO FB 135 28.92 -44.67 105.41
N LYS FB 136 29.61 -44.41 104.31
CA LYS FB 136 30.41 -45.41 103.59
C LYS FB 136 31.91 -45.17 103.80
N ARG FB 137 32.34 -43.92 103.71
CA ARG FB 137 33.74 -43.57 103.92
C ARG FB 137 33.99 -43.35 105.41
N ALA FB 138 35.13 -43.88 105.85
CA ALA FB 138 35.48 -43.89 107.25
C ALA FB 138 35.45 -42.49 107.83
N SER FB 139 36.08 -41.54 107.14
CA SER FB 139 36.07 -40.17 107.62
C SER FB 139 34.67 -39.59 107.82
N ARG FB 140 33.68 -40.07 107.04
CA ARG FB 140 32.27 -39.74 107.34
C ARG FB 140 31.65 -40.55 108.46
N ILE FB 141 32.05 -41.81 108.61
CA ILE FB 141 31.64 -42.55 109.79
C ILE FB 141 32.10 -41.79 111.02
N ARG FB 142 33.39 -41.52 111.11
CA ARG FB 142 33.95 -40.83 112.27
C ARG FB 142 33.20 -39.53 112.63
N LYS FB 143 32.81 -38.78 111.61
CA LYS FB 143 32.08 -37.51 111.83
C LYS FB 143 30.64 -37.74 112.30
N LEU FB 144 30.12 -38.95 112.05
CA LEU FB 144 28.83 -39.39 112.59
C LEU FB 144 28.92 -39.73 114.07
N PHE FB 145 29.80 -40.66 114.40
CA PHE FB 145 29.90 -41.22 115.75
C PHE FB 145 30.97 -40.60 116.65
N ASN FB 146 31.70 -39.59 116.17
CA ASN FB 146 32.73 -38.92 116.95
C ASN FB 146 33.71 -39.91 117.57
N LEU FB 147 34.76 -40.22 116.83
CA LEU FB 147 35.72 -41.25 117.18
C LEU FB 147 37.09 -40.66 117.51
N SER FB 148 37.73 -40.10 116.48
CA SER FB 148 39.18 -39.86 116.41
C SER FB 148 39.85 -41.10 115.84
N LYS FB 149 40.96 -40.91 115.13
CA LYS FB 149 41.70 -42.01 114.50
C LYS FB 149 41.91 -43.22 115.43
N GLU FB 150 42.19 -42.95 116.70
CA GLU FB 150 42.36 -44.00 117.72
C GLU FB 150 41.01 -44.44 118.28
N ASP FB 151 40.25 -45.21 117.49
CA ASP FB 151 38.93 -45.70 117.95
C ASP FB 151 38.29 -46.96 117.28
N ASP FB 152 38.91 -47.49 116.21
CA ASP FB 152 38.40 -48.65 115.45
C ASP FB 152 37.02 -48.47 114.81
N VAL FB 153 37.02 -48.19 113.51
CA VAL FB 153 35.80 -47.82 112.79
C VAL FB 153 34.97 -49.03 112.40
N ARG FB 154 35.61 -50.17 112.24
CA ARG FB 154 34.90 -51.43 111.94
C ARG FB 154 33.65 -51.66 112.79
N GLN FB 155 33.73 -51.34 114.07
CA GLN FB 155 32.70 -51.72 115.05
C GLN FB 155 31.55 -50.71 115.10
N TYR FB 156 31.86 -49.43 114.95
CA TYR FB 156 30.85 -48.37 115.02
C TYR FB 156 30.33 -48.01 113.63
N VAL FB 157 29.95 -49.01 112.84
CA VAL FB 157 29.49 -48.81 111.45
C VAL FB 157 27.97 -48.94 111.38
N VAL FB 158 27.37 -48.31 110.38
CA VAL FB 158 25.94 -48.49 110.09
C VAL FB 158 25.75 -49.79 109.32
N ARG FB 159 24.70 -50.51 109.67
CA ARG FB 159 24.51 -51.90 109.24
C ARG FB 159 23.03 -52.20 109.17
N LYS FB 160 22.52 -52.40 107.96
CA LYS FB 160 21.09 -52.59 107.73
C LYS FB 160 20.70 -54.08 107.72
N PRO FB 161 19.60 -54.44 108.39
CA PRO FB 161 19.14 -55.83 108.35
C PRO FB 161 18.07 -56.02 107.28
N LEU FB 162 18.44 -56.66 106.18
CA LEU FB 162 17.50 -56.93 105.09
C LEU FB 162 16.65 -58.17 105.42
N ASN FB 163 15.55 -57.93 106.12
CA ASN FB 163 14.54 -58.95 106.38
C ASN FB 163 13.66 -59.20 105.16
N LYS FB 164 12.98 -60.35 105.17
CA LYS FB 164 12.31 -60.91 104.00
C LYS FB 164 13.29 -61.10 102.84
N GLU FB 165 14.42 -61.75 103.15
CA GLU FB 165 15.33 -62.28 102.14
C GLU FB 165 14.77 -63.62 101.66
N GLY FB 166 14.30 -64.43 102.61
CA GLY FB 166 13.65 -65.70 102.31
C GLY FB 166 13.87 -66.68 103.45
N LYS FB 167 15.15 -66.94 103.73
CA LYS FB 167 15.56 -67.87 104.79
C LYS FB 167 15.75 -67.13 106.10
N LYS FB 168 16.61 -66.12 106.08
CA LYS FB 168 16.88 -65.29 107.27
C LYS FB 168 17.55 -63.98 106.86
N PRO FB 169 17.48 -62.96 107.73
CA PRO FB 169 18.13 -61.68 107.43
C PRO FB 169 19.65 -61.71 107.61
N ARG FB 170 20.36 -61.04 106.71
CA ARG FB 170 21.79 -60.78 106.87
C ARG FB 170 21.93 -59.52 107.73
N THR FB 171 22.89 -59.53 108.66
CA THR FB 171 23.26 -58.33 109.41
C THR FB 171 24.18 -57.50 108.53
N LYS FB 172 23.61 -56.99 107.44
CA LYS FB 172 24.37 -56.53 106.29
C LYS FB 172 24.91 -55.12 106.52
N ALA FB 173 26.03 -54.83 105.88
CA ALA FB 173 26.64 -53.52 105.92
C ALA FB 173 27.60 -53.41 104.76
N PRO FB 174 28.05 -52.19 104.45
CA PRO FB 174 28.88 -52.04 103.27
C PRO FB 174 30.33 -52.41 103.50
N LYS FB 175 31.11 -52.38 102.43
CA LYS FB 175 32.55 -52.21 102.52
C LYS FB 175 32.80 -50.75 102.95
N ILE FB 176 33.82 -50.51 103.77
CA ILE FB 176 34.26 -49.14 104.00
C ILE FB 176 35.41 -48.91 103.05
N GLN FB 177 35.27 -47.92 102.16
CA GLN FB 177 36.40 -47.47 101.35
C GLN FB 177 36.98 -46.21 102.03
N ARG FB 178 38.31 -46.12 101.99
CA ARG FB 178 39.14 -45.11 102.67
C ARG FB 178 39.44 -45.45 104.14
N LEU FB 179 39.26 -46.73 104.47
CA LEU FB 179 39.71 -47.30 105.73
C LEU FB 179 41.18 -47.66 105.61
N VAL FB 180 41.94 -47.47 106.69
CA VAL FB 180 43.35 -47.90 106.74
C VAL FB 180 43.43 -49.34 107.21
N THR FB 181 44.39 -50.08 106.66
CA THR FB 181 44.51 -51.52 106.88
C THR FB 181 45.96 -51.97 106.70
N PRO FB 182 46.27 -53.25 107.03
CA PRO FB 182 47.53 -53.88 106.63
C PRO FB 182 47.90 -53.66 105.17
N ARG FB 183 46.97 -53.96 104.26
CA ARG FB 183 47.23 -53.89 102.82
C ARG FB 183 47.73 -52.52 102.37
N VAL FB 184 46.96 -51.50 102.71
CA VAL FB 184 47.33 -50.14 102.39
C VAL FB 184 48.76 -49.89 102.82
N LEU FB 185 49.01 -50.08 104.11
CA LEU FB 185 50.33 -49.80 104.70
C LEU FB 185 51.47 -50.61 104.08
N GLN FB 186 51.16 -51.81 103.60
CA GLN FB 186 52.12 -52.58 102.83
C GLN FB 186 52.51 -51.85 101.57
N HIS FB 187 51.53 -51.30 100.86
CA HIS FB 187 51.82 -50.60 99.61
C HIS FB 187 52.63 -49.34 99.84
N LYS FB 188 52.35 -48.64 100.94
CA LYS FB 188 53.16 -47.48 101.27
C LYS FB 188 54.62 -47.90 101.51
N ARG FB 189 54.85 -49.02 102.18
CA ARG FB 189 56.21 -49.55 102.29
C ARG FB 189 56.75 -49.84 100.92
N ARG FB 190 56.03 -50.69 100.18
CA ARG FB 190 56.49 -51.20 98.89
C ARG FB 190 57.02 -50.09 97.99
N ARG FB 191 56.22 -49.05 97.82
CA ARG FB 191 56.55 -47.98 96.90
C ARG FB 191 57.78 -47.16 97.36
N ILE FB 192 57.99 -47.01 98.67
CA ILE FB 192 59.18 -46.35 99.16
C ILE FB 192 60.37 -47.29 99.08
N ALA FB 193 60.09 -48.59 99.20
CA ALA FB 193 61.11 -49.61 99.01
C ALA FB 193 61.64 -49.67 97.58
N LEU FB 194 60.76 -49.36 96.62
CA LEU FB 194 61.21 -49.11 95.25
C LEU FB 194 62.11 -47.90 95.16
N LYS FB 195 61.63 -46.77 95.68
CA LYS FB 195 62.40 -45.54 95.61
C LYS FB 195 63.79 -45.75 96.20
N LYS FB 196 63.85 -46.30 97.41
CA LYS FB 196 65.12 -46.66 98.03
C LYS FB 196 65.96 -47.51 97.05
N GLN FB 197 65.31 -48.51 96.46
CA GLN FB 197 65.95 -49.38 95.48
C GLN FB 197 66.42 -48.63 94.23
N ARG FB 198 65.61 -47.68 93.75
CA ARG FB 198 65.95 -46.92 92.55
C ARG FB 198 67.12 -45.93 92.73
N THR FB 199 67.21 -45.29 93.88
CA THR FB 199 68.38 -44.48 94.19
C THR FB 199 69.63 -45.33 94.25
N LYS FB 200 69.50 -46.52 94.83
CA LYS FB 200 70.62 -47.46 94.97
C LYS FB 200 71.25 -47.85 93.63
N LYS FB 201 70.45 -47.96 92.59
CA LYS FB 201 70.96 -48.39 91.28
C LYS FB 201 71.74 -47.26 90.64
N ASN FB 202 71.17 -46.07 90.61
CA ASN FB 202 71.85 -44.89 90.06
C ASN FB 202 73.22 -44.69 90.67
N LYS FB 203 73.24 -44.65 92.00
CA LYS FB 203 74.48 -44.52 92.78
C LYS FB 203 75.51 -45.55 92.31
N GLU FB 204 75.07 -46.80 92.23
CA GLU FB 204 75.95 -47.89 91.77
C GLU FB 204 76.34 -47.75 90.30
N GLU FB 205 75.37 -47.43 89.45
CA GLU FB 205 75.59 -47.33 88.01
C GLU FB 205 76.60 -46.22 87.74
N ALA FB 206 76.36 -45.07 88.36
CA ALA FB 206 77.28 -43.95 88.29
C ALA FB 206 78.70 -44.35 88.65
N ALA FB 207 78.86 -44.97 89.82
CA ALA FB 207 80.16 -45.42 90.28
C ALA FB 207 80.81 -46.37 89.29
N GLU FB 208 80.01 -47.28 88.73
CA GLU FB 208 80.55 -48.23 87.77
C GLU FB 208 81.01 -47.49 86.53
N TYR FB 209 80.16 -46.63 85.99
CA TYR FB 209 80.52 -45.89 84.80
C TYR FB 209 81.76 -45.01 85.02
N ALA FB 210 81.88 -44.38 86.18
CA ALA FB 210 83.08 -43.58 86.47
C ALA FB 210 84.35 -44.44 86.53
N LYS FB 211 84.24 -45.65 87.08
CA LYS FB 211 85.36 -46.62 87.08
C LYS FB 211 85.76 -46.99 85.66
N LEU FB 212 84.75 -47.31 84.86
CA LEU FB 212 84.93 -47.61 83.44
C LEU FB 212 85.51 -46.43 82.67
N LEU FB 213 84.98 -45.24 82.94
CA LEU FB 213 85.47 -44.01 82.34
C LEU FB 213 86.92 -43.77 82.74
N ALA FB 214 87.20 -43.92 84.03
CA ALA FB 214 88.56 -43.84 84.56
C ALA FB 214 89.50 -44.84 83.90
N LYS FB 215 89.05 -46.07 83.65
CA LYS FB 215 89.90 -47.06 82.96
C LYS FB 215 89.81 -47.00 81.43
N ARG FB 216 89.30 -45.89 80.88
CA ARG FB 216 89.65 -45.43 79.55
C ARG FB 216 90.68 -44.28 79.67
N MET FB 217 91.35 -44.15 80.83
CA MET FB 217 92.13 -42.95 81.16
C MET FB 217 93.32 -43.22 82.12
N LYS FB 218 93.06 -43.94 83.23
CA LYS FB 218 94.10 -44.33 84.22
C LYS FB 218 94.81 -45.62 83.84
N GLU FB 219 94.03 -46.64 83.48
CA GLU FB 219 94.57 -47.82 82.78
C GLU FB 219 95.00 -47.44 81.36
N ALA FB 220 94.40 -46.36 80.83
CA ALA FB 220 94.89 -45.70 79.63
C ALA FB 220 95.83 -44.50 79.91
N LYS FB 221 96.44 -44.45 81.10
CA LYS FB 221 97.54 -43.51 81.40
C LYS FB 221 98.89 -44.13 81.01
N GLU FB 222 98.91 -45.46 80.89
CA GLU FB 222 99.93 -46.15 80.09
C GLU FB 222 99.77 -45.78 78.62
N LYS FB 223 98.52 -45.78 78.14
CA LYS FB 223 98.17 -45.32 76.79
C LYS FB 223 98.35 -43.81 76.60
N ARG FB 224 98.24 -43.04 77.68
CA ARG FB 224 98.44 -41.58 77.64
C ARG FB 224 99.95 -41.30 77.46
N GLN FB 225 100.79 -42.10 78.10
CA GLN FB 225 102.24 -42.09 77.85
C GLN FB 225 102.57 -42.51 76.41
N GLU FB 226 101.83 -43.48 75.86
CA GLU FB 226 101.91 -43.82 74.44
C GLU FB 226 101.40 -42.68 73.54
N GLN FB 227 100.35 -41.99 73.98
CA GLN FB 227 99.83 -40.80 73.28
C GLN FB 227 100.87 -39.68 73.25
N ILE FB 228 101.56 -39.48 74.38
CA ILE FB 228 102.67 -38.52 74.46
C ILE FB 228 103.83 -38.93 73.53
N ALA FB 229 104.13 -40.24 73.50
CA ALA FB 229 105.15 -40.78 72.60
C ALA FB 229 104.79 -40.61 71.12
N LYS FB 230 103.50 -40.77 70.80
CA LYS FB 230 102.99 -40.50 69.44
C LYS FB 230 103.13 -39.01 69.08
N ARG FB 231 102.79 -38.13 70.02
CA ARG FB 231 102.95 -36.68 69.82
C ARG FB 231 104.42 -36.28 69.62
N ARG FB 232 105.33 -36.93 70.35
CA ARG FB 232 106.77 -36.72 70.14
C ARG FB 232 107.22 -37.17 68.74
N ARG FB 233 106.71 -38.31 68.28
CA ARG FB 233 107.01 -38.81 66.93
C ARG FB 233 106.17 -38.18 65.80
N LEU FB 234 105.35 -37.17 66.13
CA LEU FB 234 104.73 -36.29 65.14
C LEU FB 234 105.42 -34.91 65.12
N SER FB 235 105.59 -34.33 66.31
CA SER FB 235 106.27 -33.03 66.45
C SER FB 235 107.78 -33.14 66.21
N SER FB 236 108.45 -33.97 67.00
CA SER FB 236 109.89 -34.20 66.87
C SER FB 236 110.20 -35.43 66.01
N LEU FB 237 109.87 -35.32 64.72
CA LEU FB 237 110.11 -36.40 63.75
C LEU FB 237 110.06 -35.85 62.32
N SER GB 1 134.16 -28.26 24.12
CA SER GB 1 134.84 -29.58 24.29
C SER GB 1 133.83 -30.73 24.24
N ALA GB 2 132.83 -30.68 25.12
CA ALA GB 2 131.81 -31.73 25.24
C ALA GB 2 130.44 -31.18 25.62
N LYS GB 3 130.35 -30.55 26.80
CA LYS GB 3 129.09 -30.01 27.33
C LYS GB 3 128.96 -28.52 26.96
N ILE GB 4 129.03 -28.24 25.66
CA ILE GB 4 129.15 -26.87 25.15
C ILE GB 4 127.91 -26.38 24.37
N VAL GB 5 127.35 -27.22 23.50
CA VAL GB 5 126.16 -26.87 22.68
C VAL GB 5 125.07 -27.97 22.65
N LYS GB 6 124.76 -28.54 23.82
CA LYS GB 6 123.80 -29.66 23.94
C LYS GB 6 123.08 -29.76 25.29
N PRO GB 7 122.47 -28.64 25.77
CA PRO GB 7 121.95 -28.58 27.13
C PRO GB 7 120.44 -28.84 27.27
N ASN GB 8 120.08 -29.79 28.13
CA ASN GB 8 118.68 -30.01 28.55
C ASN GB 8 118.55 -30.75 29.89
N GLY GB 9 119.50 -30.52 30.80
CA GLY GB 9 119.62 -31.29 32.04
C GLY GB 9 120.05 -32.72 31.77
N GLU GB 10 121.02 -32.88 30.87
CA GLU GB 10 121.40 -34.19 30.31
C GLU GB 10 122.92 -34.29 30.18
N LYS GB 11 123.53 -35.17 30.98
CA LYS GB 11 124.97 -35.43 30.94
C LYS GB 11 125.47 -36.33 29.78
N PRO GB 12 124.92 -37.57 29.63
CA PRO GB 12 125.46 -38.67 28.81
C PRO GB 12 126.35 -38.30 27.62
N ASP GB 13 127.58 -38.78 27.65
CA ASP GB 13 128.62 -38.41 26.69
C ASP GB 13 128.38 -39.08 25.33
N GLU GB 14 128.73 -40.36 25.25
CA GLU GB 14 128.79 -41.15 24.01
C GLU GB 14 128.81 -40.34 22.68
N PHE GB 15 127.65 -40.17 22.03
CA PHE GB 15 127.57 -39.56 20.69
C PHE GB 15 127.29 -38.07 20.76
N GLU GB 16 126.47 -37.66 21.72
CA GLU GB 16 126.08 -36.26 21.88
C GLU GB 16 127.31 -35.38 22.02
N SER GB 17 128.21 -35.78 22.91
CA SER GB 17 129.45 -35.05 23.13
C SER GB 17 130.34 -35.02 21.89
N GLY GB 18 130.38 -36.14 21.18
CA GLY GB 18 131.08 -36.21 19.89
C GLY GB 18 130.50 -35.24 18.88
N ILE GB 19 129.17 -35.13 18.87
CA ILE GB 19 128.48 -34.19 18.00
C ILE GB 19 128.86 -32.76 18.34
N SER GB 20 128.67 -32.37 19.60
CA SER GB 20 129.00 -31.02 20.05
C SER GB 20 130.47 -30.64 19.80
N GLN GB 21 131.38 -31.60 19.97
CA GLN GB 21 132.79 -31.42 19.66
C GLN GB 21 133.02 -31.16 18.16
N ALA GB 22 132.28 -31.88 17.32
CA ALA GB 22 132.30 -31.67 15.86
C ALA GB 22 131.70 -30.31 15.48
N LEU GB 23 130.64 -29.91 16.19
CA LEU GB 23 130.04 -28.58 16.00
C LEU GB 23 131.04 -27.45 16.29
N LEU GB 24 131.69 -27.53 17.45
CA LEU GB 24 132.69 -26.53 17.83
C LEU GB 24 133.86 -26.48 16.82
N GLU GB 25 134.20 -27.64 16.24
CA GLU GB 25 135.21 -27.72 15.19
C GLU GB 25 134.78 -26.93 13.95
N LEU GB 26 133.52 -27.06 13.57
CA LEU GB 26 132.96 -26.31 12.44
C LEU GB 26 132.97 -24.81 12.69
N GLU GB 27 132.68 -24.42 13.94
CA GLU GB 27 132.75 -23.02 14.34
C GLU GB 27 134.17 -22.48 14.20
N MET GB 28 135.17 -23.24 14.68
CA MET GB 28 136.59 -22.87 14.47
C MET GB 28 136.98 -23.01 13.00
N ASN GB 29 136.51 -22.07 12.19
CA ASN GB 29 136.62 -22.10 10.74
C ASN GB 29 136.06 -20.80 10.15
N SER GB 30 136.41 -20.51 8.90
CA SER GB 30 135.89 -19.34 8.17
C SER GB 30 134.41 -19.52 7.80
N ASP GB 31 133.71 -18.40 7.65
CA ASP GB 31 132.30 -18.34 7.21
C ASP GB 31 131.23 -19.09 8.03
N LEU GB 32 131.41 -20.39 8.27
CA LEU GB 32 130.45 -21.20 9.04
C LEU GB 32 130.69 -20.94 10.53
N LYS GB 33 130.19 -19.79 10.99
CA LYS GB 33 130.49 -19.26 12.33
C LYS GB 33 129.57 -18.07 12.57
N ALA GB 34 129.42 -17.66 13.83
CA ALA GB 34 128.60 -16.51 14.26
C ALA GB 34 127.12 -16.88 14.24
N GLN GB 35 126.61 -17.26 13.07
CA GLN GB 35 125.27 -17.88 12.96
C GLN GB 35 125.14 -19.28 13.56
N LEU GB 36 126.26 -19.89 13.95
CA LEU GB 36 126.26 -21.13 14.76
C LEU GB 36 126.61 -20.91 16.24
N ARG GB 37 127.39 -19.87 16.55
CA ARG GB 37 127.65 -19.49 17.96
C ARG GB 37 126.35 -19.45 18.77
N GLU GB 38 125.35 -18.78 18.22
CA GLU GB 38 124.05 -18.62 18.87
C GLU GB 38 123.24 -19.93 18.91
N LEU GB 39 123.40 -20.77 17.90
CA LEU GB 39 122.69 -22.07 17.81
C LEU GB 39 123.09 -23.11 18.88
N ASN GB 40 122.33 -24.19 18.92
CA ASN GB 40 122.37 -25.13 20.03
C ASN GB 40 121.54 -26.38 19.76
N ILE GB 41 122.13 -27.58 19.85
CA ILE GB 41 121.32 -28.81 19.75
C ILE GB 41 120.69 -29.11 21.11
N THR GB 42 119.90 -30.19 21.17
CA THR GB 42 119.34 -30.66 22.44
C THR GB 42 119.49 -32.16 22.68
N ALA GB 43 119.39 -32.99 21.63
CA ALA GB 43 119.60 -34.43 21.78
C ALA GB 43 120.02 -35.07 20.48
N ALA GB 44 120.45 -36.33 20.59
CA ALA GB 44 120.97 -37.06 19.45
C ALA GB 44 120.96 -38.56 19.69
N LYS GB 45 120.56 -39.33 18.69
CA LYS GB 45 120.62 -40.80 18.70
C LYS GB 45 121.14 -41.32 17.39
N GLU GB 46 122.04 -42.29 17.45
CA GLU GB 46 122.36 -43.12 16.30
C GLU GB 46 121.29 -44.20 16.27
N ILE GB 47 120.59 -44.34 15.16
CA ILE GB 47 119.52 -45.34 15.02
C ILE GB 47 119.65 -46.15 13.75
N GLU GB 48 119.22 -47.41 13.87
CA GLU GB 48 119.46 -48.42 12.86
C GLU GB 48 118.24 -48.49 11.97
N VAL GB 49 118.47 -48.30 10.68
CA VAL GB 49 117.41 -48.40 9.67
C VAL GB 49 117.37 -49.83 9.13
N GLY GB 50 116.62 -50.07 8.05
CA GLY GB 50 116.45 -51.41 7.48
C GLY GB 50 117.70 -52.02 6.86
N GLY GB 51 118.16 -51.43 5.76
CA GLY GB 51 119.26 -51.99 4.96
C GLY GB 51 120.65 -51.54 5.39
N GLY GB 52 121.05 -51.90 6.61
CA GLY GB 52 122.40 -51.65 7.11
C GLY GB 52 122.67 -50.24 7.60
N ARG GB 53 122.75 -49.29 6.68
CA ARG GB 53 123.27 -47.94 6.95
C ARG GB 53 122.47 -47.12 7.96
N LYS GB 54 122.76 -47.38 9.24
CA LYS GB 54 122.25 -46.60 10.36
C LYS GB 54 122.52 -45.10 10.28
N ALA GB 55 121.60 -44.31 10.85
CA ALA GB 55 121.56 -42.84 10.68
C ALA GB 55 121.41 -42.10 11.99
N ILE GB 56 122.15 -41.01 12.13
CA ILE GB 56 122.04 -40.15 13.30
C ILE GB 56 120.85 -39.22 13.13
N ILE GB 57 120.17 -38.94 14.24
CA ILE GB 57 119.04 -38.01 14.24
C ILE GB 57 119.23 -37.06 15.42
N ILE GB 58 119.23 -35.77 15.11
CA ILE GB 58 119.59 -34.73 16.05
C ILE GB 58 118.37 -33.87 16.29
N PHE GB 59 118.15 -33.51 17.54
CA PHE GB 59 116.95 -32.75 17.95
C PHE GB 59 117.33 -31.30 18.16
N VAL GB 60 116.36 -30.40 18.00
CA VAL GB 60 116.65 -28.99 18.05
C VAL GB 60 115.55 -28.24 18.81
N PRO GB 61 115.93 -27.30 19.70
CA PRO GB 61 115.03 -26.54 20.54
C PRO GB 61 113.59 -26.39 20.03
N VAL GB 62 113.42 -25.73 18.89
CA VAL GB 62 112.11 -25.35 18.25
C VAL GB 62 112.15 -23.88 17.87
N PRO GB 63 112.43 -23.00 18.83
CA PRO GB 63 112.66 -21.63 18.42
C PRO GB 63 113.90 -21.53 17.52
N GLN GB 64 114.94 -22.29 17.88
CA GLN GB 64 116.18 -22.36 17.11
C GLN GB 64 116.09 -23.14 15.79
N LEU GB 65 115.01 -23.91 15.61
CA LEU GB 65 114.79 -24.69 14.40
C LEU GB 65 115.04 -23.86 13.15
N LYS GB 66 114.36 -22.71 13.05
CA LYS GB 66 114.47 -21.83 11.89
C LYS GB 66 115.92 -21.40 11.60
N SER GB 67 116.70 -21.16 12.64
CA SER GB 67 118.12 -20.88 12.49
C SER GB 67 118.84 -22.11 11.98
N PHE GB 68 118.55 -23.28 12.55
CA PHE GB 68 119.11 -24.55 12.06
C PHE GB 68 118.75 -24.84 10.61
N GLN GB 69 117.55 -24.42 10.21
CA GLN GB 69 117.11 -24.58 8.84
C GLN GB 69 118.00 -23.75 7.90
N LYS GB 70 118.29 -22.51 8.29
CA LYS GB 70 119.18 -21.64 7.49
C LYS GB 70 120.57 -22.22 7.23
N ILE GB 71 121.17 -22.83 8.25
CA ILE GB 71 122.52 -23.40 8.13
C ILE GB 71 122.50 -24.91 7.80
N GLN GB 72 121.35 -25.42 7.35
CA GLN GB 72 121.13 -26.89 7.33
C GLN GB 72 122.03 -27.69 6.40
N VAL GB 73 121.95 -27.40 5.10
CA VAL GB 73 122.57 -28.24 4.08
C VAL GB 73 124.10 -28.16 4.18
N ARG GB 74 124.63 -26.93 4.31
CA ARG GB 74 126.06 -26.73 4.56
C ARG GB 74 126.55 -27.52 5.78
N LEU GB 75 125.78 -27.44 6.86
CA LEU GB 75 126.08 -28.17 8.11
C LEU GB 75 126.09 -29.69 7.94
N VAL GB 76 125.14 -30.19 7.14
CA VAL GB 76 125.07 -31.62 6.86
C VAL GB 76 126.29 -32.04 6.04
N ARG GB 77 126.52 -31.40 4.89
CA ARG GB 77 127.73 -31.64 4.09
C ARG GB 77 128.99 -31.73 4.93
N GLU GB 78 129.18 -30.74 5.81
CA GLU GB 78 130.36 -30.66 6.66
C GLU GB 78 130.45 -31.82 7.64
N LEU GB 79 129.35 -32.14 8.33
CA LEU GB 79 129.40 -33.13 9.40
C LEU GB 79 128.99 -34.55 8.97
N GLU GB 80 128.23 -34.67 7.89
CA GLU GB 80 128.04 -35.98 7.24
C GLU GB 80 129.36 -36.46 6.66
N LYS GB 81 130.21 -35.52 6.26
CA LYS GB 81 131.59 -35.85 5.87
C LYS GB 81 132.39 -36.31 7.08
N LYS GB 82 132.31 -35.55 8.18
CA LYS GB 82 133.03 -35.89 9.41
C LYS GB 82 132.54 -37.23 9.97
N PHE GB 83 131.25 -37.31 10.27
CA PHE GB 83 130.61 -38.61 10.55
C PHE GB 83 130.40 -39.32 9.22
N SER GB 84 131.49 -39.86 8.68
CA SER GB 84 131.50 -40.39 7.33
C SER GB 84 130.61 -41.62 7.21
N GLY GB 85 129.87 -41.68 6.11
CA GLY GB 85 128.99 -42.82 5.80
C GLY GB 85 127.56 -42.60 6.24
N LYS GB 86 127.38 -42.27 7.52
CA LYS GB 86 126.05 -42.19 8.14
C LYS GB 86 125.20 -41.03 7.61
N HIS GB 87 123.92 -41.07 7.96
CA HIS GB 87 122.95 -40.04 7.58
C HIS GB 87 122.54 -39.12 8.74
N VAL GB 88 122.54 -37.82 8.43
CA VAL GB 88 122.25 -36.77 9.37
C VAL GB 88 120.91 -36.14 8.98
N VAL GB 89 120.05 -35.96 9.98
CA VAL GB 89 118.76 -35.29 9.81
C VAL GB 89 118.44 -34.56 11.13
N PHE GB 90 117.78 -33.42 11.01
CA PHE GB 90 117.43 -32.59 12.17
C PHE GB 90 115.93 -32.53 12.37
N ILE GB 91 115.55 -32.36 13.62
CA ILE GB 91 114.18 -32.50 14.06
C ILE GB 91 113.96 -31.64 15.28
N ALA GB 92 112.70 -31.27 15.52
CA ALA GB 92 112.39 -30.42 16.64
C ALA GB 92 111.99 -31.23 17.86
N GLN GB 93 112.42 -30.73 19.02
CA GLN GB 93 112.10 -31.30 20.31
C GLN GB 93 110.71 -30.82 20.67
N ARG GB 94 109.71 -31.54 20.15
CA ARG GB 94 108.32 -31.17 20.38
C ARG GB 94 107.76 -31.89 21.59
N ARG GB 95 107.09 -31.13 22.43
CA ARG GB 95 106.58 -31.60 23.71
C ARG GB 95 105.55 -32.71 23.61
N ILE GB 96 104.44 -32.47 22.92
CA ILE GB 96 103.28 -33.38 22.91
C ILE GB 96 102.68 -33.50 24.30
N LEU GB 97 101.69 -32.67 24.59
CA LEU GB 97 100.91 -32.82 25.80
C LEU GB 97 99.92 -33.94 25.56
N PRO GB 98 99.40 -34.53 26.64
CA PRO GB 98 98.42 -35.59 26.45
C PRO GB 98 97.01 -35.06 26.26
N LYS GB 99 96.10 -35.94 25.85
CA LYS GB 99 94.71 -35.53 25.73
C LYS GB 99 94.16 -35.34 27.13
N PRO GB 100 93.55 -34.18 27.38
CA PRO GB 100 92.97 -33.91 28.68
C PRO GB 100 91.64 -34.61 28.83
N THR GB 101 91.62 -35.63 29.68
CA THR GB 101 90.43 -36.46 29.87
C THR GB 101 89.73 -36.02 31.14
N ARG GB 102 88.82 -36.86 31.64
CA ARG GB 102 88.26 -36.69 32.97
C ARG GB 102 89.21 -37.37 33.98
N LYS GB 103 89.60 -38.60 33.64
CA LYS GB 103 90.60 -39.38 34.39
C LYS GB 103 91.84 -38.52 34.72
N SER GB 104 92.61 -38.15 33.70
CA SER GB 104 93.70 -37.18 33.87
C SER GB 104 93.05 -35.80 33.98
N ARG GB 105 92.66 -35.45 35.19
CA ARG GB 105 91.80 -34.30 35.45
C ARG GB 105 92.52 -32.96 35.24
N THR GB 106 91.77 -31.88 35.45
CA THR GB 106 92.36 -30.55 35.57
C THR GB 106 93.23 -30.42 36.82
N LYS GB 107 94.43 -29.87 36.64
CA LYS GB 107 95.33 -29.49 37.72
C LYS GB 107 94.78 -28.15 38.21
N ASN GB 108 95.37 -27.02 37.81
CA ASN GB 108 94.60 -25.78 37.57
C ASN GB 108 94.49 -25.61 36.06
N LYS GB 109 95.63 -25.76 35.39
CA LYS GB 109 95.74 -26.10 33.96
C LYS GB 109 95.19 -25.12 32.94
N GLN GB 110 95.81 -25.16 31.78
CA GLN GB 110 95.55 -24.23 30.71
C GLN GB 110 94.95 -24.98 29.54
N LYS GB 111 94.71 -24.25 28.44
CA LYS GB 111 93.95 -24.75 27.29
C LYS GB 111 94.53 -25.96 26.58
N ARG GB 112 95.86 -26.09 26.59
CA ARG GB 112 96.56 -27.16 25.89
C ARG GB 112 96.48 -26.87 24.41
N PRO GB 113 97.47 -26.14 23.87
CA PRO GB 113 97.36 -25.60 22.53
C PRO GB 113 97.82 -26.57 21.46
N ARG GB 114 97.24 -26.46 20.28
CA ARG GB 114 97.29 -27.53 19.28
C ARG GB 114 98.67 -27.86 18.83
N SER GB 115 99.50 -26.84 18.66
CA SER GB 115 100.94 -27.05 18.48
C SER GB 115 101.40 -28.27 19.31
N ARG GB 116 101.00 -28.27 20.59
CA ARG GB 116 101.28 -29.35 21.54
C ARG GB 116 100.17 -30.40 21.59
N THR GB 117 99.76 -30.88 20.43
CA THR GB 117 98.86 -32.01 20.36
C THR GB 117 99.44 -33.03 19.41
N LEU GB 118 99.25 -34.31 19.71
CA LEU GB 118 99.95 -35.37 19.01
C LEU GB 118 100.04 -35.10 17.53
N THR GB 119 98.87 -34.94 16.93
CA THR GB 119 98.79 -35.02 15.49
C THR GB 119 99.67 -33.96 14.89
N ALA GB 120 99.43 -32.71 15.26
CA ALA GB 120 100.23 -31.59 14.78
C ALA GB 120 101.73 -31.86 14.94
N VAL GB 121 102.10 -32.41 16.09
CA VAL GB 121 103.48 -32.71 16.39
C VAL GB 121 104.03 -33.65 15.36
N HIS GB 122 103.31 -34.75 15.13
CA HIS GB 122 103.74 -35.72 14.12
C HIS GB 122 103.89 -35.18 12.72
N ASP GB 123 103.08 -34.18 12.37
CA ASP GB 123 103.22 -33.54 11.08
C ASP GB 123 104.43 -32.65 11.03
N ALA GB 124 104.63 -31.86 12.08
CA ALA GB 124 105.84 -31.02 12.16
C ALA GB 124 107.11 -31.87 12.13
N ILE GB 125 107.09 -32.99 12.86
CA ILE GB 125 108.15 -33.99 12.73
C ILE GB 125 108.29 -34.40 11.29
N LEU GB 126 107.18 -34.69 10.64
CA LEU GB 126 107.23 -35.07 9.25
C LEU GB 126 107.73 -33.97 8.34
N GLU GB 127 107.42 -32.71 8.66
CA GLU GB 127 107.99 -31.56 7.95
C GLU GB 127 109.49 -31.44 8.18
N ASP GB 128 109.92 -31.63 9.42
CA ASP GB 128 111.32 -31.47 9.78
C ASP GB 128 112.23 -32.57 9.22
N LEU GB 129 111.65 -33.72 8.89
CA LEU GB 129 112.44 -34.85 8.41
C LEU GB 129 113.18 -34.70 7.13
N VAL GB 130 112.66 -33.90 6.22
CA VAL GB 130 113.11 -33.99 4.86
C VAL GB 130 113.46 -32.61 4.37
N PHE GB 131 114.23 -31.87 5.17
CA PHE GB 131 114.33 -30.40 5.06
C PHE GB 131 114.12 -29.83 3.66
N PRO GB 132 114.93 -30.30 2.68
CA PRO GB 132 114.86 -29.63 1.39
C PRO GB 132 113.57 -29.89 0.60
N SER GB 133 112.89 -31.01 0.88
CA SER GB 133 111.70 -31.45 0.15
C SER GB 133 110.67 -30.36 -0.09
N GLU GB 134 110.01 -29.93 0.99
CA GLU GB 134 108.74 -29.19 0.91
C GLU GB 134 107.64 -30.20 0.54
N ILE GB 135 107.08 -30.84 1.57
CA ILE GB 135 106.09 -31.90 1.42
C ILE GB 135 104.88 -31.39 0.69
N VAL GB 136 104.62 -31.97 -0.47
CA VAL GB 136 103.54 -31.48 -1.30
C VAL GB 136 102.20 -32.01 -0.84
N GLY GB 137 102.16 -33.23 -0.33
CA GLY GB 137 100.90 -33.72 0.23
C GLY GB 137 100.82 -35.19 0.50
N LYS GB 138 99.99 -35.55 1.47
CA LYS GB 138 99.94 -36.94 1.90
C LYS GB 138 98.83 -37.66 1.19
N ARG GB 139 98.82 -38.96 1.45
CA ARG GB 139 97.70 -39.87 1.22
C ARG GB 139 97.80 -40.85 2.37
N ILE GB 140 96.73 -41.57 2.69
CA ILE GB 140 96.79 -42.56 3.79
C ILE GB 140 96.04 -43.86 3.50
N ARG GB 141 96.82 -44.88 3.20
CA ARG GB 141 96.29 -46.16 2.79
C ARG GB 141 95.93 -46.95 4.01
N VAL GB 142 94.65 -47.27 4.12
CA VAL GB 142 94.19 -48.27 5.04
C VAL GB 142 94.23 -49.55 4.24
N LYS GB 143 95.19 -50.40 4.57
CA LYS GB 143 95.21 -51.76 4.04
C LYS GB 143 94.10 -52.54 4.75
N LEU GB 144 93.73 -53.66 4.15
CA LEU GB 144 92.54 -54.41 4.57
C LEU GB 144 92.60 -54.93 6.02
N ASP GB 145 93.80 -55.21 6.49
CA ASP GB 145 94.04 -55.56 7.89
C ASP GB 145 93.41 -54.53 8.81
N GLY GB 146 93.94 -53.31 8.78
CA GLY GB 146 93.58 -52.27 9.74
C GLY GB 146 94.58 -51.15 9.82
N SER GB 147 95.88 -51.49 9.84
CA SER GB 147 96.95 -50.52 10.00
C SER GB 147 97.04 -49.64 8.78
N ARG GB 148 97.22 -48.35 9.03
CA ARG GB 148 97.30 -47.35 7.98
C ARG GB 148 98.73 -47.27 7.48
N LEU GB 149 98.90 -46.59 6.36
CA LEU GB 149 100.19 -46.48 5.69
C LEU GB 149 100.28 -45.12 4.99
N ILE GB 150 100.95 -44.18 5.65
CA ILE GB 150 101.08 -42.84 5.13
C ILE GB 150 102.02 -42.83 3.95
N LYS GB 151 101.64 -42.14 2.89
CA LYS GB 151 102.49 -41.88 1.75
C LYS GB 151 102.65 -40.37 1.69
N VAL GB 152 103.88 -39.89 1.60
CA VAL GB 152 104.13 -38.46 1.53
C VAL GB 152 104.58 -38.13 0.12
N HIS GB 153 104.12 -37.00 -0.39
CA HIS GB 153 104.48 -36.53 -1.74
C HIS GB 153 105.45 -35.39 -1.64
N LEU GB 154 106.73 -35.70 -1.86
CA LEU GB 154 107.77 -34.69 -1.81
C LEU GB 154 107.80 -33.97 -3.14
N ASP GB 155 108.59 -32.90 -3.19
CA ASP GB 155 108.57 -32.02 -4.34
C ASP GB 155 109.38 -32.59 -5.52
N LYS GB 156 110.43 -31.92 -5.99
CA LYS GB 156 111.08 -32.29 -7.24
C LYS GB 156 112.36 -31.48 -7.41
N ALA GB 157 112.23 -30.17 -7.38
CA ALA GB 157 113.37 -29.30 -7.11
C ALA GB 157 113.78 -29.60 -5.67
N GLN GB 158 115.02 -30.03 -5.51
CA GLN GB 158 115.50 -30.74 -4.31
C GLN GB 158 114.79 -32.11 -4.13
N GLN GB 159 114.85 -32.93 -5.17
CA GLN GB 159 114.63 -34.37 -5.06
C GLN GB 159 115.97 -35.09 -5.01
N ASN GB 160 116.92 -34.67 -5.85
CA ASN GB 160 118.29 -35.22 -5.86
C ASN GB 160 118.96 -35.15 -4.48
N ASN GB 161 118.69 -34.07 -3.76
CA ASN GB 161 119.26 -33.82 -2.43
C ASN GB 161 118.65 -34.68 -1.31
N VAL GB 162 117.48 -35.26 -1.59
CA VAL GB 162 116.68 -35.91 -0.56
C VAL GB 162 116.11 -37.30 -0.98
N GLU GB 163 116.51 -37.82 -2.15
CA GLU GB 163 115.94 -39.07 -2.67
C GLU GB 163 116.66 -40.29 -2.14
N HIS GB 164 117.98 -40.18 -2.01
CA HIS GB 164 118.79 -41.30 -1.51
C HIS GB 164 118.55 -41.66 -0.03
N LYS GB 165 117.91 -40.76 0.74
CA LYS GB 165 117.67 -41.01 2.16
C LYS GB 165 116.38 -41.75 2.50
N VAL GB 166 115.51 -42.01 1.52
CA VAL GB 166 114.09 -42.31 1.83
C VAL GB 166 113.86 -43.43 2.85
N GLU GB 167 114.61 -44.51 2.73
CA GLU GB 167 114.49 -45.64 3.66
C GLU GB 167 114.94 -45.19 5.05
N THR GB 168 115.97 -44.35 5.08
CA THR GB 168 116.43 -43.71 6.31
C THR GB 168 115.35 -42.80 6.93
N PHE GB 169 114.60 -42.08 6.11
CA PHE GB 169 113.51 -41.23 6.64
C PHE GB 169 112.46 -42.03 7.32
N SER GB 170 111.98 -43.10 6.69
CA SER GB 170 110.87 -43.85 7.28
C SER GB 170 111.24 -44.57 8.59
N GLY GB 171 112.44 -45.14 8.63
CA GLY GB 171 113.00 -45.71 9.85
C GLY GB 171 113.31 -44.68 10.93
N VAL GB 172 113.55 -43.43 10.53
CA VAL GB 172 113.60 -42.32 11.48
C VAL GB 172 112.21 -42.06 12.02
N TYR GB 173 111.24 -41.95 11.12
CA TYR GB 173 109.87 -41.59 11.49
C TYR GB 173 109.16 -42.70 12.23
N LYS GB 174 109.58 -43.94 12.01
CA LYS GB 174 109.07 -45.05 12.80
C LYS GB 174 109.53 -44.97 14.25
N LYS GB 175 110.82 -44.71 14.45
CA LYS GB 175 111.39 -44.57 15.78
C LYS GB 175 110.69 -43.46 16.55
N LEU GB 176 110.51 -42.33 15.89
CA LEU GB 176 109.94 -41.14 16.51
C LEU GB 176 108.48 -41.35 16.86
N THR GB 177 107.70 -41.73 15.86
CA THR GB 177 106.23 -41.70 15.93
C THR GB 177 105.63 -43.08 16.05
N GLY GB 178 105.89 -43.91 15.04
CA GLY GB 178 105.43 -45.30 14.96
C GLY GB 178 104.39 -45.50 13.89
N LYS GB 179 104.70 -45.05 12.68
CA LYS GB 179 103.77 -45.15 11.54
C LYS GB 179 104.56 -45.60 10.33
N ASP GB 180 103.92 -46.38 9.46
CA ASP GB 180 104.61 -46.89 8.28
C ASP GB 180 104.49 -45.91 7.14
N VAL GB 181 105.63 -45.40 6.68
CA VAL GB 181 105.64 -44.31 5.73
C VAL GB 181 106.46 -44.62 4.50
N ASN GB 182 105.89 -44.31 3.34
CA ASN GB 182 106.63 -44.26 2.09
C ASN GB 182 106.77 -42.83 1.66
N PHE GB 183 107.59 -42.61 0.65
CA PHE GB 183 107.76 -41.30 0.04
C PHE GB 183 107.66 -41.40 -1.49
N GLU GB 184 107.09 -40.36 -2.07
CA GLU GB 184 106.62 -40.37 -3.45
C GLU GB 184 107.26 -39.21 -4.19
N PHE GB 185 107.41 -39.35 -5.50
CA PHE GB 185 108.03 -38.33 -6.30
C PHE GB 185 107.30 -38.24 -7.64
N PRO GB 186 106.14 -37.55 -7.67
CA PRO GB 186 105.28 -37.58 -8.86
C PRO GB 186 105.63 -36.53 -9.93
N GLU GB 187 105.33 -35.27 -9.66
CA GLU GB 187 105.37 -34.18 -10.66
C GLU GB 187 104.86 -32.87 -10.05
N PHE GB 188 104.95 -31.79 -10.82
CA PHE GB 188 104.34 -30.51 -10.46
C PHE GB 188 102.83 -30.55 -10.74
N GLN GB 189 102.08 -29.72 -10.00
CA GLN GB 189 100.62 -29.72 -10.03
C GLN GB 189 100.09 -28.68 -11.00
N GLY HB 1 37.93 -22.63 60.77
CA GLY HB 1 37.11 -21.38 60.79
C GLY HB 1 37.99 -20.29 60.24
N ILE HB 2 38.54 -19.48 61.13
CA ILE HB 2 39.66 -18.59 60.76
C ILE HB 2 40.93 -19.43 60.46
N SER HB 3 41.09 -19.81 59.19
CA SER HB 3 42.06 -20.84 58.77
C SER HB 3 43.42 -20.32 58.30
N ARG HB 4 44.46 -21.14 58.49
CA ARG HB 4 45.77 -20.94 57.91
C ARG HB 4 46.00 -22.06 56.94
N ASP HB 5 46.09 -21.77 55.64
CA ASP HB 5 46.48 -22.82 54.69
C ASP HB 5 46.73 -22.32 53.28
N ASN HB 6 47.64 -23.00 52.57
CA ASN HB 6 48.04 -22.54 51.25
C ASN HB 6 46.95 -22.67 50.17
N TRP HB 7 46.26 -23.80 50.19
CA TRP HB 7 45.21 -24.14 49.22
C TRP HB 7 44.25 -23.05 48.79
N HIS HB 8 44.08 -21.99 49.57
CA HIS HB 8 42.99 -21.03 49.31
C HIS HB 8 43.43 -19.77 48.60
N LYS HB 9 44.70 -19.71 48.23
CA LYS HB 9 45.23 -18.59 47.45
C LYS HB 9 45.84 -19.09 46.17
N ARG HB 10 46.14 -18.14 45.30
CA ARG HB 10 46.60 -18.42 43.96
C ARG HB 10 47.97 -19.07 43.96
N ARG HB 11 48.45 -19.44 42.78
CA ARG HB 11 49.76 -20.05 42.64
C ARG HB 11 50.86 -19.06 42.27
N LYS HB 12 52.08 -19.58 42.06
CA LYS HB 12 53.18 -18.81 41.50
C LYS HB 12 52.77 -18.03 40.26
N THR HB 13 52.06 -18.68 39.34
CA THR HB 13 51.60 -18.06 38.10
C THR HB 13 50.49 -17.06 38.26
N GLY HB 14 49.66 -17.23 39.27
CA GLY HB 14 48.49 -16.40 39.44
C GLY HB 14 47.28 -17.01 38.79
N GLY HB 15 47.13 -18.33 38.90
CA GLY HB 15 45.87 -19.03 38.59
C GLY HB 15 45.02 -19.16 39.84
N LYS HB 16 43.80 -19.64 39.71
CA LYS HB 16 42.95 -19.89 40.86
C LYS HB 16 42.99 -21.34 41.29
N ARG HB 17 43.40 -21.60 42.54
CA ARG HB 17 43.42 -22.96 43.05
C ARG HB 17 42.01 -23.37 43.39
N LYS HB 18 41.67 -24.58 42.95
CA LYS HB 18 40.42 -25.24 43.31
C LYS HB 18 40.68 -25.94 44.62
N PRO HB 19 39.67 -26.01 45.49
CA PRO HB 19 39.74 -26.77 46.72
C PRO HB 19 39.25 -28.18 46.51
N TYR HB 20 40.03 -29.16 46.96
CA TYR HB 20 39.62 -30.55 46.81
C TYR HB 20 38.96 -31.10 48.08
N HIS HB 21 39.33 -30.54 49.24
CA HIS HB 21 38.69 -30.88 50.52
C HIS HB 21 37.95 -29.68 51.11
N LYS HB 22 37.65 -29.73 52.41
CA LYS HB 22 37.11 -28.59 53.15
C LYS HB 22 38.08 -28.23 54.26
N LYS HB 23 37.72 -27.26 55.11
CA LYS HB 23 38.60 -26.87 56.22
C LYS HB 23 38.86 -28.02 57.14
N ARG HB 24 40.04 -28.00 57.73
CA ARG HB 24 40.55 -29.09 58.54
C ARG HB 24 41.09 -28.56 59.84
N LYS HB 25 40.61 -29.13 60.94
CA LYS HB 25 41.02 -28.65 62.23
C LYS HB 25 42.48 -29.00 62.37
N TYR HB 26 43.30 -28.08 61.90
CA TYR HB 26 44.76 -28.11 62.00
C TYR HB 26 45.28 -27.12 60.96
N GLU HB 27 44.58 -27.06 59.82
CA GLU HB 27 44.62 -25.92 58.90
C GLU HB 27 43.71 -24.87 59.50
N LEU HB 28 44.23 -24.17 60.49
CA LEU HB 28 43.41 -23.56 61.53
C LEU HB 28 44.14 -22.39 62.22
N GLY HB 29 43.38 -21.37 62.59
CA GLY HB 29 43.91 -20.25 63.33
C GLY HB 29 42.97 -19.93 64.44
N ARG HB 30 43.39 -19.04 65.31
CA ARG HB 30 42.54 -18.57 66.38
C ARG HB 30 42.73 -17.10 66.49
N PRO HB 31 41.72 -16.41 67.03
CA PRO HB 31 41.77 -14.97 67.07
C PRO HB 31 42.82 -14.52 68.06
N ALA HB 32 43.41 -13.36 67.80
CA ALA HB 32 44.66 -12.98 68.43
C ALA HB 32 44.55 -12.60 69.89
N ALA HB 33 45.69 -12.74 70.55
CA ALA HB 33 45.84 -12.28 71.90
C ALA HB 33 45.73 -10.78 71.96
N ASN HB 34 46.63 -10.11 71.25
CA ASN HB 34 46.93 -8.69 71.46
C ASN HB 34 46.72 -8.28 72.91
N THR HB 35 47.45 -8.99 73.77
CA THR HB 35 47.56 -8.66 75.17
C THR HB 35 47.95 -7.19 75.46
N LYS HB 36 47.12 -6.49 76.23
CA LYS HB 36 47.42 -5.12 76.64
C LYS HB 36 48.21 -5.16 77.93
N ILE HB 37 48.69 -4.00 78.34
CA ILE HB 37 49.30 -3.82 79.64
C ILE HB 37 48.17 -3.72 80.64
N GLY HB 38 48.43 -4.16 81.86
CA GLY HB 38 47.44 -4.13 82.93
C GLY HB 38 47.68 -5.24 83.93
N PRO HB 39 46.71 -5.50 84.82
CA PRO HB 39 46.88 -6.54 85.83
C PRO HB 39 46.73 -7.94 85.26
N ARG HB 40 47.61 -8.86 85.67
CA ARG HB 40 47.71 -10.25 85.14
C ARG HB 40 46.38 -10.84 84.65
N ARG HB 41 46.38 -11.37 83.42
CA ARG HB 41 45.23 -12.10 82.88
C ARG HB 41 45.63 -13.02 81.77
N ILE HB 42 45.59 -14.33 82.06
CA ILE HB 42 45.94 -15.36 81.07
C ILE HB 42 44.89 -16.46 80.99
N HIS HB 43 44.49 -16.77 79.76
CA HIS HB 43 43.59 -17.88 79.47
C HIS HB 43 44.39 -18.87 78.68
N THR HB 44 44.42 -20.11 79.19
CA THR HB 44 45.08 -21.19 78.47
C THR HB 44 44.14 -21.84 77.48
N VAL HB 45 44.75 -22.27 76.40
CA VAL HB 45 44.06 -22.81 75.25
C VAL HB 45 44.54 -24.23 75.16
N ARG HB 46 43.67 -25.13 74.74
CA ARG HB 46 44.12 -26.44 74.28
C ARG HB 46 44.48 -26.32 72.82
N VAL HB 47 45.57 -26.97 72.44
CA VAL HB 47 46.03 -26.95 71.06
C VAL HB 47 46.11 -28.37 70.57
N ARG HB 48 46.76 -28.59 69.43
CA ARG HB 48 46.95 -29.96 68.93
C ARG HB 48 47.74 -30.82 69.90
N GLY HB 49 47.35 -32.10 69.95
CA GLY HB 49 48.01 -33.06 70.80
C GLY HB 49 47.80 -32.81 72.27
N GLY HB 50 46.69 -32.17 72.60
CA GLY HB 50 46.51 -31.63 73.93
C GLY HB 50 47.47 -30.48 74.07
N ASN HB 51 48.26 -30.50 75.15
CA ASN HB 51 49.19 -29.42 75.48
C ASN HB 51 48.47 -28.08 75.67
N LYS HB 52 49.25 -27.03 75.94
CA LYS HB 52 48.68 -25.74 76.26
C LYS HB 52 49.36 -24.57 75.58
N LYS HB 53 48.56 -23.55 75.33
CA LYS HB 53 49.03 -22.28 74.85
C LYS HB 53 48.41 -21.25 75.77
N TYR HB 54 49.25 -20.52 76.49
CA TYR HB 54 48.77 -19.60 77.49
C TYR HB 54 48.71 -18.22 76.88
N ARG HB 55 47.53 -17.88 76.39
CA ARG HB 55 47.29 -16.61 75.77
C ARG HB 55 47.24 -15.59 76.87
N ALA HB 56 48.20 -14.68 76.85
CA ALA HB 56 48.16 -13.53 77.73
C ALA HB 56 47.04 -12.63 77.30
N LEU HB 57 46.55 -11.80 78.21
CA LEU HB 57 45.60 -10.77 77.82
C LEU HB 57 45.81 -9.37 78.43
N ARG HB 58 46.17 -9.35 79.70
CA ARG HB 58 46.74 -8.18 80.32
C ARG HB 58 48.12 -8.64 80.74
N LEU HB 59 48.96 -7.72 81.17
CA LEU HB 59 50.26 -8.09 81.70
C LEU HB 59 50.97 -6.90 82.30
N ASP HB 60 51.90 -7.19 83.20
CA ASP HB 60 52.60 -6.16 83.96
C ASP HB 60 54.02 -6.56 84.27
N VAL HB 61 54.21 -7.73 84.83
CA VAL HB 61 55.53 -8.14 85.19
C VAL HB 61 56.16 -8.77 83.98
N GLY HB 62 57.47 -8.60 83.88
CA GLY HB 62 58.24 -9.20 82.84
C GLY HB 62 59.65 -9.44 83.32
N ASN HB 63 60.23 -10.53 82.87
CA ASN HB 63 61.49 -11.00 83.36
C ASN HB 63 62.63 -10.52 82.44
N PHE HB 64 62.91 -9.23 82.54
CA PHE HB 64 63.88 -8.56 81.66
C PHE HB 64 65.29 -8.65 82.22
N SER HB 65 66.26 -8.60 81.32
CA SER HB 65 67.64 -8.85 81.66
C SER HB 65 68.55 -7.74 81.20
N TRP HB 66 69.29 -7.17 82.15
CA TRP HB 66 70.36 -6.24 81.81
C TRP HB 66 71.55 -7.09 81.35
N GLY HB 67 71.75 -7.10 80.04
CA GLY HB 67 72.63 -8.06 79.38
C GLY HB 67 74.06 -7.99 79.82
N SER HB 68 74.67 -6.82 79.58
CA SER HB 68 76.02 -6.54 80.02
C SER HB 68 76.21 -6.97 81.46
N GLU HB 69 75.39 -6.43 82.35
CA GLU HB 69 75.54 -6.63 83.79
C GLU HB 69 75.17 -8.03 84.28
N CYS HB 70 74.40 -8.77 83.48
CA CYS HB 70 74.03 -10.16 83.79
C CYS HB 70 73.07 -10.31 85.00
N CYS HB 71 72.40 -9.22 85.38
CA CYS HB 71 71.27 -9.25 86.32
C CYS HB 71 70.01 -9.37 85.50
N THR HB 72 68.98 -9.92 86.13
CA THR HB 72 67.70 -10.08 85.46
C THR HB 72 66.60 -10.26 86.48
N ARG HB 73 66.21 -9.14 87.05
CA ARG HB 73 65.06 -9.06 87.92
C ARG HB 73 63.78 -9.00 87.10
N LYS HB 74 62.68 -9.37 87.76
CA LYS HB 74 61.32 -9.29 87.19
C LYS HB 74 60.62 -8.01 87.64
N THR HB 75 60.09 -7.29 86.68
CA THR HB 75 59.81 -5.88 86.85
C THR HB 75 58.56 -5.43 86.16
N ARG HB 76 57.97 -4.35 86.69
CA ARG HB 76 56.82 -3.72 86.09
C ARG HB 76 57.05 -3.42 84.61
N ILE HB 77 56.05 -3.71 83.78
CA ILE HB 77 56.00 -3.33 82.36
C ILE HB 77 55.18 -2.05 82.33
N ILE HB 78 55.89 -0.96 82.20
CA ILE HB 78 55.37 0.30 82.68
C ILE HB 78 54.63 0.95 81.52
N ASP HB 79 55.22 0.95 80.33
CA ASP HB 79 54.50 1.27 79.09
C ASP HB 79 55.18 0.76 77.82
N VAL HB 80 54.37 0.53 76.79
CA VAL HB 80 54.86 0.29 75.46
C VAL HB 80 55.16 1.62 74.78
N VAL HB 81 56.34 1.70 74.17
CA VAL HB 81 56.87 2.95 73.66
C VAL HB 81 56.98 3.00 72.14
N TYR HB 82 57.37 1.87 71.55
CA TYR HB 82 57.62 1.76 70.13
C TYR HB 82 57.40 0.33 69.67
N ASN HB 83 56.99 0.19 68.42
CA ASN HB 83 56.84 -1.10 67.81
C ASN HB 83 57.01 -0.98 66.31
N ALA HB 84 57.90 -1.82 65.81
CA ALA HB 84 58.39 -1.76 64.47
C ALA HB 84 57.32 -2.15 63.46
N SER HB 85 56.51 -3.15 63.78
CA SER HB 85 55.49 -3.62 62.84
C SER HB 85 54.65 -2.45 62.45
N ASN HB 86 53.98 -1.88 63.44
CA ASN HB 86 52.81 -1.07 63.22
C ASN HB 86 52.55 -0.11 64.37
N ASN HB 87 52.43 1.18 64.05
CA ASN HB 87 52.32 2.24 65.08
C ASN HB 87 51.09 2.07 65.96
N GLU HB 88 50.07 1.41 65.43
CA GLU HB 88 48.80 1.23 66.15
C GLU HB 88 48.94 0.37 67.39
N LEU HB 89 49.77 -0.67 67.33
CA LEU HB 89 50.01 -1.50 68.52
C LEU HB 89 50.59 -0.68 69.67
N VAL HB 90 51.42 0.31 69.33
CA VAL HB 90 52.02 1.20 70.31
C VAL HB 90 50.98 2.12 70.91
N ARG HB 91 50.07 2.57 70.06
CA ARG HB 91 48.96 3.44 70.44
C ARG HB 91 47.91 2.77 71.28
N THR HB 92 47.63 1.52 70.97
CA THR HB 92 46.78 0.70 71.81
C THR HB 92 47.50 0.18 73.06
N LYS HB 93 48.81 0.05 72.95
CA LYS HB 93 49.69 -0.39 74.03
C LYS HB 93 49.44 -1.83 74.17
N THR HB 94 50.07 -2.56 73.26
CA THR HB 94 49.87 -3.97 73.10
C THR HB 94 51.24 -4.64 73.09
N LEU HB 95 51.41 -5.61 73.98
CA LEU HB 95 52.67 -6.29 74.17
C LEU HB 95 52.75 -7.45 73.21
N VAL HB 96 53.73 -7.41 72.33
CA VAL HB 96 54.09 -8.55 71.50
C VAL HB 96 55.60 -8.59 71.33
N LYS HB 97 56.08 -9.63 70.68
CA LYS HB 97 57.51 -9.83 70.50
C LYS HB 97 58.10 -8.65 69.72
N ASN HB 98 59.38 -8.35 70.02
CA ASN HB 98 60.12 -7.23 69.43
C ASN HB 98 59.53 -5.82 69.60
N CYS HB 99 58.62 -5.66 70.56
CA CYS HB 99 58.18 -4.35 71.02
C CYS HB 99 59.35 -3.64 71.70
N ILE HB 100 59.18 -2.36 71.93
CA ILE HB 100 60.08 -1.66 72.81
C ILE HB 100 59.19 -1.10 73.89
N VAL HB 101 59.26 -1.75 75.04
CA VAL HB 101 58.55 -1.29 76.21
C VAL HB 101 59.46 -0.51 77.10
N LEU HB 102 58.87 -0.04 78.19
CA LEU HB 102 59.59 0.53 79.31
C LEU HB 102 59.32 -0.36 80.51
N ILE HB 103 60.32 -0.51 81.35
CA ILE HB 103 60.22 -1.34 82.53
C ILE HB 103 60.83 -0.57 83.68
N ASP HB 104 60.29 -0.76 84.89
CA ASP HB 104 60.82 -0.06 86.05
C ASP HB 104 62.31 -0.33 86.12
N SER HB 105 63.06 0.73 86.34
CA SER HB 105 64.50 0.60 86.52
C SER HB 105 64.84 -0.07 87.85
N THR HB 106 63.96 0.09 88.81
CA THR HB 106 64.31 0.01 90.21
C THR HB 106 65.09 -1.21 90.64
N PRO HB 107 64.74 -2.39 90.13
CA PRO HB 107 65.45 -3.57 90.60
C PRO HB 107 66.89 -3.70 90.08
N TYR HB 108 67.15 -3.08 88.93
CA TYR HB 108 68.49 -3.04 88.38
C TYR HB 108 69.32 -2.07 89.19
N ARG HB 109 68.74 -0.89 89.41
CA ARG HB 109 69.33 0.15 90.24
C ARG HB 109 69.84 -0.46 91.53
N GLN HB 110 68.93 -1.04 92.29
CA GLN HB 110 69.22 -1.62 93.59
C GLN HB 110 70.41 -2.54 93.55
N TRP HB 111 70.40 -3.42 92.56
CA TRP HB 111 71.45 -4.40 92.35
C TRP HB 111 72.82 -3.78 91.98
N TYR HB 112 72.80 -2.77 91.13
CA TYR HB 112 74.02 -2.03 90.83
C TYR HB 112 74.60 -1.52 92.13
N GLU HB 113 73.75 -0.91 92.95
CA GLU HB 113 74.18 -0.31 94.20
C GLU HB 113 74.62 -1.36 95.22
N SER HB 114 74.03 -2.55 95.23
CA SER HB 114 74.51 -3.64 96.11
C SER HB 114 75.73 -4.39 95.59
N HIS HB 115 75.89 -4.43 94.27
CA HIS HB 115 77.03 -5.10 93.64
C HIS HB 115 78.23 -4.15 93.57
N TYR HB 116 78.07 -3.09 92.80
CA TYR HB 116 79.18 -2.20 92.47
C TYR HB 116 79.46 -1.20 93.55
N ALA HB 117 78.56 -1.06 94.52
CA ALA HB 117 78.81 -0.22 95.66
C ALA HB 117 78.94 1.27 95.34
N LEU HB 118 78.38 1.69 94.20
CA LEU HB 118 78.33 3.09 93.84
C LEU HB 118 76.85 3.43 93.82
N PRO HB 119 76.51 4.68 93.49
CA PRO HB 119 75.11 4.99 93.24
C PRO HB 119 74.79 5.03 91.75
N LEU HB 120 73.50 5.11 91.47
CA LEU HB 120 72.96 5.21 90.11
C LEU HB 120 71.74 6.12 90.14
N GLY HB 121 71.65 7.08 89.22
CA GLY HB 121 70.61 8.10 89.27
C GLY HB 121 70.94 9.21 90.25
N ARG HB 122 71.46 10.32 89.73
CA ARG HB 122 72.07 11.39 90.54
C ARG HB 122 71.06 12.19 91.36
N LYS HB 123 71.49 12.56 92.57
CA LYS HB 123 70.65 13.27 93.55
C LYS HB 123 71.52 14.05 94.54
N LYS HB 124 70.94 15.04 95.21
CA LYS HB 124 71.69 15.94 96.08
C LYS HB 124 72.23 15.25 97.33
N GLY HB 125 71.35 14.85 98.25
CA GLY HB 125 71.77 14.21 99.50
C GLY HB 125 70.65 13.71 100.39
N ALA HB 126 69.73 12.95 99.79
CA ALA HB 126 68.66 12.25 100.50
C ALA HB 126 68.85 10.73 100.48
N LYS HB 127 69.25 10.21 99.31
CA LYS HB 127 69.64 8.81 99.13
C LYS HB 127 71.04 8.54 99.66
N LEU HB 128 71.97 9.48 99.42
CA LEU HB 128 73.39 9.30 99.77
C LEU HB 128 73.66 9.23 101.29
N THR HB 129 72.97 10.04 102.07
CA THR HB 129 73.26 10.20 103.50
C THR HB 129 72.92 8.97 104.35
N PRO HB 130 71.66 8.47 104.30
CA PRO HB 130 71.25 7.36 105.17
C PRO HB 130 71.63 5.95 104.68
N GLU HB 131 71.24 5.60 103.45
CA GLU HB 131 71.24 4.21 102.99
C GLU HB 131 72.60 3.75 102.46
N GLU HB 132 73.18 4.51 101.53
CA GLU HB 132 74.47 4.14 100.91
C GLU HB 132 75.64 4.08 101.90
N GLU HB 133 75.64 4.97 102.88
CA GLU HB 133 76.65 4.95 103.95
C GLU HB 133 76.49 3.65 104.76
N GLU HB 134 75.25 3.28 105.06
CA GLU HB 134 74.93 2.01 105.74
C GLU HB 134 75.29 0.78 104.89
N ILE HB 135 75.07 0.89 103.59
CA ILE HB 135 75.54 -0.14 102.63
C ILE HB 135 77.06 -0.23 102.65
N LEU HB 136 77.72 0.93 102.71
CA LEU HB 136 79.19 0.99 102.83
C LEU HB 136 79.58 0.67 104.29
N ASN HB 137 79.87 1.69 105.11
CA ASN HB 137 80.41 1.52 106.48
C ASN HB 137 81.21 0.22 106.72
N LYS HB 138 82.48 0.25 106.33
CA LYS HB 138 83.31 -0.96 106.30
C LYS HB 138 83.89 -1.26 107.68
N LYS HB 139 83.12 -2.02 108.46
CA LYS HB 139 83.60 -2.53 109.76
C LYS HB 139 84.64 -3.64 109.61
N ARG HB 140 84.64 -4.34 108.47
CA ARG HB 140 85.63 -5.38 108.20
C ARG HB 140 86.97 -4.77 107.81
N SER HB 141 86.93 -3.91 106.79
CA SER HB 141 88.13 -3.41 106.09
C SER HB 141 88.84 -4.53 105.34
N LYS HB 142 89.98 -4.19 104.72
CA LYS HB 142 90.88 -5.15 104.07
C LYS HB 142 90.25 -5.91 102.88
N LYS HB 143 89.42 -6.93 103.16
CA LYS HB 143 88.90 -7.80 102.09
C LYS HB 143 87.81 -7.15 101.23
N ILE HB 144 86.74 -6.71 101.88
CA ILE HB 144 85.57 -6.16 101.15
C ILE HB 144 85.92 -4.93 100.33
N GLN HB 145 86.72 -4.03 100.89
CA GLN HB 145 87.17 -2.84 100.16
C GLN HB 145 88.07 -3.23 98.99
N LYS HB 146 88.94 -4.21 99.19
CA LYS HB 146 89.79 -4.72 98.11
C LYS HB 146 88.94 -5.30 96.97
N LYS HB 147 87.85 -6.00 97.30
CA LYS HB 147 86.91 -6.50 96.28
C LYS HB 147 86.22 -5.38 95.51
N TYR HB 148 85.75 -4.38 96.24
CA TYR HB 148 85.03 -3.25 95.64
C TYR HB 148 85.96 -2.25 94.92
N ASP HB 149 87.23 -2.24 95.30
CA ASP HB 149 88.27 -1.53 94.54
C ASP HB 149 88.66 -2.34 93.29
N GLU HB 150 88.60 -3.66 93.37
CA GLU HB 150 88.74 -4.53 92.19
C GLU HB 150 87.56 -4.36 91.22
N ARG HB 151 86.38 -3.99 91.74
CA ARG HB 151 85.29 -3.47 90.91
C ARG HB 151 85.62 -2.02 90.51
N LYS HB 152 86.54 -1.94 89.55
CA LYS HB 152 87.39 -0.77 89.33
C LYS HB 152 86.68 0.15 88.34
N LYS HB 153 87.45 0.84 87.48
CA LYS HB 153 86.94 1.36 86.21
C LYS HB 153 86.39 0.14 85.46
N ASN HB 154 85.13 -0.14 85.72
CA ASN HB 154 84.54 -1.46 85.48
C ASN HB 154 83.03 -1.41 85.73
N ALA HB 155 82.66 -0.81 86.86
CA ALA HB 155 81.31 -0.34 87.08
C ALA HB 155 80.88 0.54 85.93
N LYS HB 156 81.70 1.54 85.60
CA LYS HB 156 81.55 2.40 84.41
C LYS HB 156 80.45 1.93 83.45
N ILE HB 157 79.22 2.20 83.86
CA ILE HB 157 78.02 2.01 83.05
C ILE HB 157 77.95 3.06 81.92
N SER HB 158 77.23 2.76 80.85
CA SER HB 158 76.98 3.72 79.74
C SER HB 158 76.39 5.07 80.17
N SER HB 159 76.43 6.01 79.24
CA SER HB 159 75.91 7.36 79.43
C SER HB 159 74.39 7.38 79.26
N LEU HB 160 73.89 6.64 78.28
CA LEU HB 160 72.45 6.58 77.99
C LEU HB 160 71.71 5.86 79.07
N LEU HB 161 72.34 4.81 79.60
CA LEU HB 161 71.72 4.03 80.64
C LEU HB 161 71.73 4.82 81.93
N GLU HB 162 72.89 5.31 82.35
CA GLU HB 162 72.98 6.17 83.53
C GLU HB 162 71.93 7.27 83.48
N GLU HB 163 71.69 7.82 82.29
CA GLU HB 163 70.63 8.79 82.08
C GLU HB 163 69.26 8.17 82.33
N GLN HB 164 69.03 7.00 81.74
CA GLN HB 164 67.74 6.31 81.90
C GLN HB 164 67.40 6.08 83.35
N PHE HB 165 68.32 5.51 84.11
CA PHE HB 165 68.10 5.27 85.53
C PHE HB 165 67.75 6.56 86.26
N GLN HB 166 68.49 7.63 85.97
CA GLN HB 166 68.28 8.90 86.68
C GLN HB 166 66.92 9.50 86.35
N GLN HB 167 66.40 9.20 85.16
CA GLN HB 167 64.94 9.21 84.92
C GLN HB 167 64.40 8.08 85.80
N GLY HB 168 64.41 6.85 85.31
CA GLY HB 168 64.08 5.66 86.11
C GLY HB 168 63.16 4.59 85.53
N LYS HB 169 63.06 4.52 84.21
CA LYS HB 169 62.56 3.34 83.53
C LYS HB 169 63.65 2.97 82.57
N LEU HB 170 63.56 1.76 82.03
CA LEU HB 170 64.48 1.32 81.00
C LEU HB 170 63.71 1.09 79.72
N LEU HB 171 64.30 1.50 78.60
CA LEU HB 171 63.89 0.96 77.33
C LEU HB 171 64.19 -0.52 77.31
N ALA HB 172 63.19 -1.31 76.95
CA ALA HB 172 63.32 -2.75 76.95
C ALA HB 172 62.55 -3.36 75.79
N CYS HB 173 63.10 -4.45 75.25
CA CYS HB 173 62.50 -5.18 74.13
C CYS HB 173 62.06 -6.55 74.55
N ILE HB 174 60.91 -6.98 74.01
CA ILE HB 174 60.28 -8.20 74.42
C ILE HB 174 60.75 -9.32 73.54
N ALA HB 175 61.16 -10.41 74.18
CA ALA HB 175 61.75 -11.57 73.49
C ALA HB 175 60.83 -12.80 73.42
N SER HB 176 59.90 -12.85 74.37
CA SER HB 176 58.87 -13.86 74.43
C SER HB 176 57.76 -13.50 73.47
N ARG HB 177 56.82 -14.42 73.31
CA ARG HB 177 55.71 -14.26 72.39
C ARG HB 177 54.46 -14.39 73.22
N PRO HB 178 54.12 -13.32 73.93
CA PRO HB 178 53.13 -13.34 74.99
C PRO HB 178 51.92 -14.20 74.72
N GLY HB 179 51.37 -14.07 73.52
CA GLY HB 179 50.17 -14.78 73.16
C GLY HB 179 50.22 -16.28 73.18
N GLN HB 180 51.42 -16.86 73.13
CA GLN HB 180 51.57 -18.31 73.19
C GLN HB 180 52.13 -18.71 74.56
N CYS HB 181 53.24 -18.08 74.97
CA CYS HB 181 53.91 -18.42 76.21
C CYS HB 181 53.03 -18.08 77.41
N GLY HB 182 52.69 -16.81 77.54
CA GLY HB 182 51.96 -16.27 78.72
C GLY HB 182 52.72 -15.13 79.36
N ARG HB 183 54.03 -15.20 79.20
CA ARG HB 183 54.94 -14.28 79.84
C ARG HB 183 55.18 -13.08 78.96
N ALA HB 184 55.96 -12.14 79.47
CA ALA HB 184 56.52 -11.11 78.62
C ALA HB 184 57.91 -10.81 79.15
N ASP HB 185 58.84 -11.65 78.75
CA ASP HB 185 60.22 -11.51 79.15
C ASP HB 185 60.95 -10.83 78.04
N GLY HB 186 62.05 -10.17 78.38
CA GLY HB 186 62.84 -9.46 77.39
C GLY HB 186 64.25 -9.12 77.78
N TYR HB 187 64.76 -8.03 77.19
CA TYR HB 187 66.06 -7.54 77.53
C TYR HB 187 66.10 -6.03 77.48
N VAL HB 188 67.08 -5.48 78.19
CA VAL HB 188 67.22 -4.05 78.33
C VAL HB 188 68.01 -3.54 77.16
N LEU HB 189 67.44 -2.56 76.47
CA LEU HB 189 68.12 -1.98 75.34
C LEU HB 189 69.44 -1.41 75.84
N GLU HB 190 70.51 -1.76 75.15
CA GLU HB 190 71.82 -1.29 75.52
C GLU HB 190 72.59 -0.80 74.28
N GLY HB 191 73.46 0.18 74.50
CA GLY HB 191 74.48 0.56 73.54
C GLY HB 191 73.99 0.95 72.16
N LYS HB 192 74.33 0.14 71.16
CA LYS HB 192 74.12 0.48 69.75
C LYS HB 192 72.64 0.43 69.39
N GLU HB 193 71.96 -0.55 69.93
CA GLU HB 193 70.52 -0.71 69.75
C GLU HB 193 69.79 0.39 70.43
N LEU HB 194 70.04 0.54 71.72
CA LEU HB 194 69.37 1.54 72.48
C LEU HB 194 69.48 2.86 71.75
N GLU HB 195 70.69 3.23 71.36
CA GLU HB 195 70.96 4.44 70.61
C GLU HB 195 70.09 4.51 69.35
N PHE HB 196 69.90 3.38 68.67
CA PHE HB 196 69.04 3.32 67.48
C PHE HB 196 67.55 3.54 67.78
N TYR HB 197 67.02 2.89 68.81
CA TYR HB 197 65.61 3.08 69.16
C TYR HB 197 65.29 4.42 69.79
N LEU HB 198 66.25 5.02 70.47
CA LEU HB 198 66.11 6.40 70.93
C LEU HB 198 66.03 7.36 69.77
N ARG HB 199 66.81 7.09 68.73
CA ARG HB 199 66.80 7.90 67.53
C ARG HB 199 65.50 7.70 66.77
N LYS HB 200 64.95 6.49 66.82
CA LYS HB 200 63.64 6.23 66.21
C LYS HB 200 62.51 6.94 66.91
N ILE HB 201 62.53 6.93 68.23
CA ILE HB 201 61.47 7.54 69.00
C ILE HB 201 61.52 9.06 68.84
N LYS HB 202 62.67 9.68 69.07
CA LYS HB 202 62.82 11.13 68.88
C LYS HB 202 62.21 11.60 67.55
N ALA HB 203 62.51 10.87 66.48
CA ALA HB 203 61.99 11.20 65.14
C ALA HB 203 60.47 11.17 65.09
N ARG HB 204 59.88 10.14 65.69
CA ARG HB 204 58.42 9.98 65.78
C ARG HB 204 57.74 11.13 66.54
N LYS HB 205 58.42 11.64 67.57
CA LYS HB 205 57.90 12.79 68.34
C LYS HB 205 57.97 14.08 67.50
N GLY HB 206 59.05 14.23 66.72
CA GLY HB 206 59.19 15.36 65.80
C GLY HB 206 59.44 16.68 66.51
N PRO IB 1 35.70 -55.76 50.25
CA PRO IB 1 36.65 -56.82 50.50
C PRO IB 1 35.97 -58.15 50.68
N VAL IB 2 36.72 -59.20 50.40
CA VAL IB 2 36.20 -60.56 50.44
C VAL IB 2 37.37 -61.52 50.67
N ALA IB 3 37.19 -62.79 50.34
CA ALA IB 3 38.33 -63.63 50.04
C ALA IB 3 38.43 -63.65 48.51
N ARG IB 4 38.20 -64.81 47.89
CA ARG IB 4 37.85 -64.92 46.47
C ARG IB 4 38.93 -64.47 45.50
N SER IB 5 39.28 -65.39 44.60
CA SER IB 5 40.46 -65.26 43.78
C SER IB 5 40.26 -64.29 42.63
N TRP IB 6 39.28 -64.61 41.78
CA TRP IB 6 39.05 -63.96 40.47
C TRP IB 6 40.06 -64.38 39.38
N VAL IB 7 41.15 -65.02 39.76
CA VAL IB 7 42.25 -65.29 38.84
C VAL IB 7 41.79 -66.41 37.95
N CYS IB 8 41.72 -66.15 36.65
CA CYS IB 8 41.27 -67.18 35.70
C CYS IB 8 41.46 -66.74 34.27
N ARG IB 9 41.75 -67.70 33.40
CA ARG IB 9 41.98 -67.39 31.99
C ARG IB 9 41.13 -68.24 31.12
N LYS IB 10 41.19 -67.99 29.83
CA LYS IB 10 40.66 -68.93 28.87
C LYS IB 10 41.66 -70.05 28.71
N THR IB 11 41.28 -71.03 27.90
CA THR IB 11 42.16 -72.11 27.54
C THR IB 11 42.47 -72.16 26.07
N TYR IB 12 41.86 -71.33 25.24
CA TYR IB 12 42.00 -71.49 23.80
C TYR IB 12 41.92 -70.21 23.06
N VAL IB 13 42.13 -70.28 21.75
CA VAL IB 13 41.87 -69.14 20.90
C VAL IB 13 41.12 -69.61 19.65
N THR IB 14 40.05 -68.89 19.32
CA THR IB 14 39.27 -69.12 18.11
C THR IB 14 39.91 -68.47 16.91
N PRO IB 15 39.97 -69.20 15.79
CA PRO IB 15 40.74 -68.80 14.61
C PRO IB 15 40.12 -67.64 13.85
N ARG IB 16 40.95 -66.71 13.40
CA ARG IB 16 40.45 -65.46 12.83
C ARG IB 16 39.72 -65.69 11.50
N ARG IB 17 40.39 -66.27 10.53
CA ARG IB 17 39.79 -66.55 9.23
C ARG IB 17 38.94 -67.81 9.45
N PRO IB 18 37.63 -67.62 9.69
CA PRO IB 18 36.78 -68.62 10.36
C PRO IB 18 36.14 -69.73 9.51
N PHE IB 19 36.44 -69.77 8.21
CA PHE IB 19 36.07 -70.89 7.33
C PHE IB 19 37.16 -71.24 6.31
N GLU IB 20 38.42 -71.23 6.78
CA GLU IB 20 39.57 -71.49 5.92
C GLU IB 20 39.46 -72.81 5.14
N LYS IB 21 38.61 -73.74 5.59
CA LYS IB 21 38.21 -74.93 4.85
C LYS IB 21 39.26 -76.00 4.97
N SER IB 22 40.46 -75.71 4.48
CA SER IB 22 41.61 -76.53 4.73
C SER IB 22 41.84 -76.68 6.23
N ARG IB 23 41.65 -75.57 6.95
CA ARG IB 23 41.68 -75.56 8.41
C ARG IB 23 40.65 -76.52 8.99
N LEU IB 24 39.42 -76.42 8.49
CA LEU IB 24 38.32 -77.27 8.95
C LEU IB 24 38.62 -78.75 8.75
N ASP IB 25 39.08 -79.09 7.57
CA ASP IB 25 39.48 -80.45 7.21
C ASP IB 25 40.47 -81.03 8.22
N GLN IB 26 41.60 -80.33 8.39
CA GLN IB 26 42.66 -80.75 9.30
C GLN IB 26 42.13 -80.86 10.73
N GLU IB 27 41.29 -79.90 11.14
CA GLU IB 27 40.71 -79.91 12.48
C GLU IB 27 39.75 -81.05 12.77
N LEU IB 28 39.01 -81.48 11.77
CA LEU IB 28 38.08 -82.59 11.93
C LEU IB 28 38.84 -83.91 11.89
N LYS IB 29 39.77 -84.02 10.94
CA LYS IB 29 40.72 -85.13 10.90
C LYS IB 29 41.35 -85.38 12.27
N LEU IB 30 41.61 -84.30 13.01
CA LEU IB 30 42.12 -84.37 14.37
C LEU IB 30 41.07 -84.86 15.34
N ILE IB 31 39.85 -84.35 15.19
CA ILE IB 31 38.73 -84.84 15.98
C ILE IB 31 38.45 -86.32 15.72
N GLY IB 32 38.63 -86.77 14.48
CA GLY IB 32 38.49 -88.19 14.16
C GLY IB 32 39.61 -89.08 14.71
N GLU IB 33 40.85 -88.67 14.49
CA GLU IB 33 41.99 -89.43 14.98
C GLU IB 33 41.83 -89.64 16.45
N TYR IB 34 41.74 -88.55 17.20
CA TYR IB 34 41.87 -88.63 18.64
C TYR IB 34 40.55 -88.45 19.37
N GLY IB 35 39.48 -88.98 18.78
CA GLY IB 35 38.13 -88.96 19.35
C GLY IB 35 37.63 -87.74 20.11
N LEU IB 36 38.12 -86.55 19.73
CA LEU IB 36 37.77 -85.32 20.45
C LEU IB 36 36.30 -84.99 20.34
N ARG IB 37 35.87 -84.07 21.17
CA ARG IB 37 34.45 -83.87 21.44
C ARG IB 37 33.87 -82.76 20.62
N ASN IB 38 34.74 -81.95 20.05
CA ASN IB 38 34.44 -80.56 19.84
C ASN IB 38 35.58 -79.81 19.12
N LYS IB 39 35.28 -78.68 18.49
CA LYS IB 39 36.32 -77.89 17.84
C LYS IB 39 37.27 -77.22 18.84
N ARG IB 40 36.73 -76.90 20.01
CA ARG IB 40 37.45 -76.27 21.12
C ARG IB 40 38.62 -77.12 21.60
N GLU IB 41 38.33 -78.39 21.87
CA GLU IB 41 39.32 -79.29 22.40
C GLU IB 41 40.59 -79.30 21.57
N VAL IB 42 40.44 -79.20 20.25
CA VAL IB 42 41.61 -79.03 19.38
C VAL IB 42 42.24 -77.68 19.64
N TRP IB 43 41.40 -76.67 19.66
CA TRP IB 43 41.86 -75.33 19.85
C TRP IB 43 42.56 -75.07 21.15
N ARG IB 44 42.12 -75.73 22.22
CA ARG IB 44 42.76 -75.50 23.53
C ARG IB 44 44.16 -76.12 23.63
N VAL IB 45 44.37 -77.19 22.87
CA VAL IB 45 45.65 -77.79 22.76
C VAL IB 45 46.51 -76.83 21.96
N LYS IB 46 46.00 -76.46 20.79
CA LYS IB 46 46.65 -75.53 19.86
C LYS IB 46 47.06 -74.25 20.56
N PHE IB 47 46.32 -73.87 21.60
CA PHE IB 47 46.69 -72.77 22.46
C PHE IB 47 47.76 -73.13 23.48
N THR IB 48 47.75 -74.34 24.03
CA THR IB 48 48.86 -74.74 24.89
C THR IB 48 50.13 -74.76 24.10
N LEU IB 49 50.12 -75.51 23.00
CA LEU IB 49 51.30 -75.63 22.16
C LEU IB 49 51.92 -74.25 21.94
N ALA IB 50 51.13 -73.34 21.41
CA ALA IB 50 51.62 -72.01 21.06
C ALA IB 50 52.41 -71.42 22.19
N LYS IB 51 51.79 -71.38 23.37
CA LYS IB 51 52.44 -70.82 24.55
C LYS IB 51 53.86 -71.33 24.78
N ILE IB 52 54.04 -72.64 24.58
CA ILE IB 52 55.34 -73.26 24.68
C ILE IB 52 56.24 -72.78 23.58
N ARG IB 53 55.70 -72.78 22.37
CA ARG IB 53 56.46 -72.27 21.24
C ARG IB 53 56.84 -70.79 21.40
N LYS IB 54 55.95 -70.00 21.97
CA LYS IB 54 56.28 -68.60 22.24
C LYS IB 54 57.47 -68.54 23.18
N ALA IB 55 57.31 -69.12 24.38
CA ALA IB 55 58.37 -69.09 25.39
C ALA IB 55 59.72 -69.48 24.79
N ALA IB 56 59.73 -70.62 24.09
CA ALA IB 56 60.94 -71.10 23.45
C ALA IB 56 61.53 -70.09 22.46
N ARG IB 57 60.68 -69.41 21.71
CA ARG IB 57 61.17 -68.27 20.92
C ARG IB 57 61.91 -67.30 21.84
N GLU IB 58 61.22 -66.82 22.87
CA GLU IB 58 61.74 -65.76 23.73
C GLU IB 58 63.09 -66.14 24.33
N LEU IB 59 63.28 -67.41 24.64
CA LEU IB 59 64.53 -67.87 25.18
C LEU IB 59 65.66 -67.86 24.14
N LEU IB 60 65.32 -68.19 22.90
CA LEU IB 60 66.29 -68.16 21.81
C LEU IB 60 66.82 -66.76 21.47
N THR IB 61 66.03 -65.71 21.73
CA THR IB 61 66.48 -64.33 21.48
C THR IB 61 67.53 -63.85 22.48
N LEU IB 62 67.49 -64.42 23.69
CA LEU IB 62 68.52 -64.19 24.72
C LEU IB 62 69.86 -64.72 24.26
N ASP IB 63 70.90 -64.30 24.95
CA ASP IB 63 72.22 -64.87 24.73
C ASP IB 63 72.28 -66.25 25.40
N GLU IB 64 73.12 -67.13 24.86
CA GLU IB 64 73.46 -68.37 25.55
C GLU IB 64 74.31 -68.04 26.77
N LYS IB 65 74.42 -69.00 27.69
CA LYS IB 65 75.13 -68.84 28.97
C LYS IB 65 74.46 -67.87 29.94
N ASP IB 66 73.38 -67.19 29.52
CA ASP IB 66 72.71 -66.19 30.32
C ASP IB 66 71.74 -66.96 31.23
N PRO IB 67 71.86 -66.76 32.55
CA PRO IB 67 71.22 -67.65 33.51
C PRO IB 67 69.74 -67.85 33.32
N ARG IB 68 69.08 -66.87 32.72
CA ARG IB 68 67.65 -66.93 32.55
C ARG IB 68 67.28 -68.09 31.61
N ARG IB 69 67.87 -68.12 30.42
CA ARG IB 69 67.62 -69.17 29.40
C ARG IB 69 68.01 -70.56 29.87
N LEU IB 70 69.21 -70.66 30.43
CA LEU IB 70 69.75 -71.93 30.91
C LEU IB 70 68.83 -72.54 31.93
N PHE IB 71 68.32 -71.71 32.83
CA PHE IB 71 67.40 -72.15 33.86
C PHE IB 71 66.03 -72.53 33.31
N GLU IB 72 65.35 -71.56 32.69
CA GLU IB 72 63.98 -71.79 32.21
C GLU IB 72 63.99 -72.90 31.20
N GLY IB 73 64.85 -72.77 30.20
CA GLY IB 73 64.93 -73.72 29.10
C GLY IB 73 64.95 -75.12 29.62
N ASN IB 74 65.92 -75.40 30.48
CA ASN IB 74 66.02 -76.69 31.13
C ASN IB 74 64.69 -77.11 31.71
N ALA IB 75 64.09 -76.25 32.51
CA ALA IB 75 62.81 -76.58 33.13
C ALA IB 75 61.78 -76.86 32.07
N LEU IB 76 61.61 -75.94 31.13
CA LEU IB 76 60.63 -76.09 30.05
C LEU IB 76 60.82 -77.39 29.28
N LEU IB 77 62.05 -77.81 29.12
CA LEU IB 77 62.30 -79.08 28.50
C LEU IB 77 61.95 -80.20 29.47
N ARG IB 78 62.48 -80.13 30.68
CA ARG IB 78 62.19 -81.13 31.73
C ARG IB 78 60.69 -81.34 31.90
N ARG IB 79 59.92 -80.26 31.75
CA ARG IB 79 58.45 -80.36 31.74
C ARG IB 79 57.97 -81.17 30.56
N LEU IB 80 58.50 -80.87 29.38
CA LEU IB 80 58.03 -81.49 28.15
C LEU IB 80 58.45 -82.93 28.02
N VAL IB 81 59.57 -83.28 28.64
CA VAL IB 81 59.97 -84.66 28.71
C VAL IB 81 59.01 -85.41 29.60
N ARG IB 82 58.70 -84.84 30.77
CA ARG IB 82 57.84 -85.51 31.75
C ARG IB 82 56.49 -85.91 31.16
N ILE IB 83 55.95 -85.14 30.22
CA ILE IB 83 54.68 -85.52 29.56
C ILE IB 83 54.83 -86.44 28.36
N GLY IB 84 56.07 -86.83 28.04
CA GLY IB 84 56.33 -87.75 26.93
C GLY IB 84 56.06 -87.15 25.56
N VAL IB 85 56.48 -85.90 25.39
CA VAL IB 85 56.35 -85.20 24.12
C VAL IB 85 57.73 -85.03 23.51
N LEU IB 86 58.63 -84.42 24.28
CA LEU IB 86 60.01 -84.23 23.85
C LEU IB 86 60.87 -85.38 24.40
N ASP IB 87 61.88 -85.79 23.65
CA ASP IB 87 62.72 -86.91 24.04
C ASP IB 87 64.02 -86.44 24.68
N GLU IB 88 64.43 -87.13 25.75
CA GLU IB 88 65.77 -86.96 26.29
C GLU IB 88 66.79 -87.16 25.17
N GLY IB 89 67.77 -86.26 25.09
CA GLY IB 89 68.69 -86.18 23.94
C GLY IB 89 68.23 -85.13 22.95
N LYS IB 90 66.92 -85.11 22.69
CA LYS IB 90 66.29 -84.03 21.91
C LYS IB 90 66.03 -82.77 22.76
N MET IB 91 66.30 -82.85 24.06
CA MET IB 91 66.30 -81.67 24.93
C MET IB 91 67.37 -80.69 24.52
N LYS IB 92 67.04 -79.77 23.61
CA LYS IB 92 67.79 -78.51 23.53
C LYS IB 92 67.04 -77.40 22.78
N LEU IB 93 65.81 -77.19 23.21
CA LEU IB 93 65.10 -75.92 23.09
C LEU IB 93 64.66 -75.52 21.68
N ASP IB 94 65.61 -75.35 20.78
CA ASP IB 94 65.30 -75.17 19.36
C ASP IB 94 64.40 -76.29 18.82
N TYR IB 95 64.57 -77.49 19.37
CA TYR IB 95 63.81 -78.66 18.95
C TYR IB 95 62.36 -78.59 19.39
N ILE IB 96 62.03 -77.69 20.31
CA ILE IB 96 60.66 -77.55 20.76
C ILE IB 96 59.86 -76.95 19.62
N LEU IB 97 60.31 -75.82 19.09
CA LEU IB 97 59.56 -75.11 18.03
C LEU IB 97 59.14 -76.04 16.90
N GLY IB 98 59.99 -77.00 16.59
CA GLY IB 98 59.62 -78.15 15.77
C GLY IB 98 58.83 -79.12 16.62
N LEU IB 99 57.53 -78.88 16.71
CA LEU IB 99 56.62 -79.68 17.54
C LEU IB 99 55.21 -79.36 17.11
N LYS IB 100 54.24 -80.18 17.52
CA LYS IB 100 52.91 -80.07 16.94
C LYS IB 100 51.77 -80.54 17.83
N ILE IB 101 50.56 -80.22 17.38
CA ILE IB 101 49.31 -80.66 18.01
C ILE IB 101 49.29 -82.14 18.28
N GLU IB 102 49.52 -82.90 17.22
CA GLU IB 102 49.32 -84.33 17.20
C GLU IB 102 50.06 -85.02 18.36
N ASP IB 103 51.29 -84.58 18.60
CA ASP IB 103 52.12 -85.09 19.71
C ASP IB 103 51.53 -84.80 21.09
N PHE IB 104 50.89 -83.64 21.24
CA PHE IB 104 50.23 -83.27 22.51
C PHE IB 104 48.86 -83.92 22.74
N LEU IB 105 48.26 -84.49 21.68
CA LEU IB 105 47.07 -85.32 21.82
C LEU IB 105 47.48 -86.74 22.15
N GLU IB 106 48.52 -87.22 21.47
CA GLU IB 106 49.09 -88.56 21.70
C GLU IB 106 49.24 -88.94 23.17
N ARG IB 107 49.57 -87.96 24.03
CA ARG IB 107 49.69 -88.19 25.47
C ARG IB 107 48.50 -87.68 26.25
N ARG IB 108 47.29 -87.90 25.70
CA ARG IB 108 46.05 -87.86 26.48
C ARG IB 108 45.83 -89.19 27.19
N LEU IB 109 44.85 -89.21 28.09
CA LEU IB 109 44.51 -90.43 28.79
C LEU IB 109 43.83 -91.32 27.80
N GLN IB 110 42.79 -90.78 27.19
CA GLN IB 110 41.98 -91.46 26.19
C GLN IB 110 42.84 -92.10 25.12
N THR IB 111 43.77 -91.33 24.58
CA THR IB 111 44.69 -91.86 23.59
C THR IB 111 45.57 -92.96 24.12
N GLN IB 112 46.01 -92.84 25.37
CA GLN IB 112 46.78 -93.91 26.02
C GLN IB 112 45.90 -94.99 26.61
N VAL IB 113 44.59 -94.76 26.74
CA VAL IB 113 43.67 -95.85 27.14
C VAL IB 113 43.33 -96.66 25.92
N PHE IB 114 43.12 -96.02 24.79
CA PHE IB 114 42.98 -96.78 23.56
C PHE IB 114 44.25 -97.57 23.20
N LYS IB 115 45.38 -96.88 23.17
CA LYS IB 115 46.67 -97.49 22.78
C LYS IB 115 46.97 -98.68 23.66
N LEU IB 116 46.91 -98.48 24.97
CA LEU IB 116 47.18 -99.56 25.92
C LEU IB 116 45.97 -100.47 25.98
N GLY IB 117 45.76 -101.19 24.88
CA GLY IB 117 44.60 -102.05 24.67
C GLY IB 117 43.36 -101.58 25.40
N LEU IB 118 43.19 -102.12 26.61
CA LEU IB 118 42.15 -101.74 27.58
C LEU IB 118 40.78 -101.46 26.97
N ALA IB 119 40.73 -100.41 26.15
CA ALA IB 119 39.51 -99.92 25.57
C ALA IB 119 38.91 -100.86 24.52
N LYS IB 120 39.29 -100.67 23.24
CA LYS IB 120 38.57 -101.19 22.04
C LYS IB 120 37.92 -100.03 21.31
N SER IB 121 38.76 -99.24 20.62
CA SER IB 121 38.38 -98.03 19.86
C SER IB 121 38.39 -96.75 20.69
N ILE IB 122 38.82 -95.66 20.05
CA ILE IB 122 39.12 -94.40 20.75
C ILE IB 122 37.88 -93.85 21.40
N HIS IB 123 36.74 -94.06 20.77
CA HIS IB 123 35.48 -93.67 21.36
C HIS IB 123 35.20 -94.43 22.64
N HIS IB 124 35.26 -95.75 22.56
CA HIS IB 124 35.05 -96.55 23.72
C HIS IB 124 35.92 -96.07 24.86
N ALA IB 125 37.21 -95.92 24.57
CA ALA IB 125 38.16 -95.45 25.57
C ALA IB 125 37.61 -94.22 26.28
N ARG IB 126 37.21 -93.24 25.48
CA ARG IB 126 36.77 -91.97 26.04
C ARG IB 126 35.59 -92.15 26.97
N VAL IB 127 34.65 -93.02 26.61
CA VAL IB 127 33.49 -93.25 27.47
C VAL IB 127 33.95 -93.79 28.82
N LEU IB 128 34.71 -94.87 28.77
CA LEU IB 128 35.17 -95.55 29.98
C LEU IB 128 35.76 -94.55 30.96
N ILE IB 129 36.78 -93.81 30.50
CA ILE IB 129 37.47 -92.83 31.34
C ILE IB 129 36.45 -92.05 32.14
N ARG IB 130 35.45 -91.51 31.44
CA ARG IB 130 34.44 -90.70 32.07
C ARG IB 130 33.70 -91.57 33.07
N GLN IB 131 33.20 -92.72 32.65
CA GLN IB 131 32.25 -93.48 33.47
C GLN IB 131 32.71 -93.88 34.87
N ARG IB 132 33.98 -93.63 35.19
CA ARG IB 132 34.62 -93.99 36.46
C ARG IB 132 34.93 -95.49 36.37
N HIS IB 133 35.71 -95.81 35.34
CA HIS IB 133 36.12 -97.16 35.08
C HIS IB 133 37.60 -97.36 35.06
N ILE IB 134 38.37 -96.34 34.72
CA ILE IB 134 39.79 -96.50 34.66
C ILE IB 134 40.43 -95.63 35.73
N ARG IB 135 41.58 -96.07 36.20
CA ARG IB 135 42.33 -95.41 37.23
C ARG IB 135 43.75 -95.26 36.73
N VAL IB 136 44.38 -94.15 37.10
CA VAL IB 136 45.78 -93.98 36.85
C VAL IB 136 46.43 -94.02 38.22
N ARG IB 137 47.54 -94.77 38.31
CA ARG IB 137 48.32 -94.95 39.52
C ARG IB 137 47.47 -95.54 40.65
N LYS IB 138 46.56 -94.73 41.21
CA LYS IB 138 45.56 -95.21 42.17
C LYS IB 138 44.19 -94.51 42.05
N GLN IB 139 44.21 -93.18 41.83
CA GLN IB 139 42.98 -92.38 41.69
C GLN IB 139 42.25 -92.79 40.45
N VAL IB 140 40.93 -92.70 40.53
CA VAL IB 140 40.11 -92.91 39.37
C VAL IB 140 40.11 -91.59 38.61
N VAL IB 141 40.69 -91.58 37.42
CA VAL IB 141 40.63 -90.42 36.55
C VAL IB 141 39.27 -90.47 35.82
N ASN IB 142 38.57 -89.35 35.88
CA ASN IB 142 37.25 -89.18 35.27
C ASN IB 142 37.35 -88.43 33.95
N ILE IB 143 38.50 -87.83 33.71
CA ILE IB 143 38.61 -86.77 32.76
C ILE IB 143 39.47 -87.21 31.61
N PRO IB 144 38.87 -87.39 30.43
CA PRO IB 144 39.59 -87.70 29.22
C PRO IB 144 40.91 -86.98 29.05
N SER IB 145 40.87 -85.66 29.19
CA SER IB 145 41.99 -84.83 28.84
C SER IB 145 43.25 -85.03 29.70
N PHE IB 146 43.07 -85.50 30.94
CA PHE IB 146 44.19 -85.91 31.80
C PHE IB 146 45.44 -86.23 30.96
N ILE IB 147 46.39 -85.31 30.89
CA ILE IB 147 47.63 -85.60 30.20
C ILE IB 147 48.45 -86.46 31.13
N VAL IB 148 48.91 -87.59 30.61
CA VAL IB 148 49.53 -88.65 31.37
C VAL IB 148 51.05 -88.55 31.27
N ARG IB 149 51.73 -88.32 32.39
CA ARG IB 149 53.17 -88.22 32.34
C ARG IB 149 53.78 -89.51 31.80
N LEU IB 150 54.97 -89.39 31.22
CA LEU IB 150 55.77 -90.52 30.77
C LEU IB 150 56.08 -91.49 31.91
N ASP IB 151 56.38 -90.92 33.08
CA ASP IB 151 56.43 -91.65 34.35
C ASP IB 151 55.22 -92.55 34.57
N SER IB 152 54.04 -91.95 34.46
CA SER IB 152 52.80 -92.59 34.91
C SER IB 152 52.29 -93.74 34.04
N GLN IB 153 52.67 -93.74 32.77
CA GLN IB 153 51.96 -94.47 31.73
C GLN IB 153 51.79 -95.95 32.02
N LYS IB 154 52.84 -96.59 32.52
CA LYS IB 154 52.79 -98.02 32.80
C LYS IB 154 51.87 -98.44 33.96
N HIS IB 155 51.37 -97.46 34.72
CA HIS IB 155 50.47 -97.72 35.85
C HIS IB 155 48.97 -97.48 35.55
N ILE IB 156 48.64 -97.24 34.27
CA ILE IB 156 47.25 -96.99 33.84
C ILE IB 156 46.55 -98.33 33.71
N ASP IB 157 45.35 -98.43 34.25
CA ASP IB 157 44.50 -99.61 34.05
C ASP IB 157 43.11 -99.35 34.63
N PHE IB 158 42.30 -100.41 34.77
CA PHE IB 158 40.96 -100.28 35.34
C PHE IB 158 41.00 -100.05 36.84
N SER IB 159 39.91 -99.52 37.37
CA SER IB 159 39.76 -99.32 38.81
C SER IB 159 39.41 -100.62 39.48
N LEU IB 160 39.76 -100.70 40.76
CA LEU IB 160 39.68 -101.95 41.51
C LEU IB 160 38.24 -102.31 41.93
N ARG IB 161 37.29 -101.41 41.68
CA ARG IB 161 35.91 -101.57 42.12
C ARG IB 161 34.96 -101.32 40.92
N SER IB 162 35.32 -101.88 39.76
CA SER IB 162 34.63 -101.54 38.50
C SER IB 162 34.66 -102.66 37.45
N PRO IB 163 33.48 -103.12 37.00
CA PRO IB 163 33.31 -104.36 36.22
C PRO IB 163 34.52 -104.86 35.43
N TYR IB 164 35.02 -104.03 34.53
CA TYR IB 164 36.04 -104.48 33.58
C TYR IB 164 37.32 -104.95 34.31
N GLY IB 165 37.66 -104.29 35.40
CA GLY IB 165 38.91 -104.54 36.15
C GLY IB 165 38.76 -105.38 37.41
N GLY IB 166 37.85 -106.34 37.38
CA GLY IB 166 37.59 -107.19 38.54
C GLY IB 166 36.84 -106.41 39.59
N GLY IB 167 35.52 -106.39 39.45
CA GLY IB 167 34.65 -105.73 40.40
C GLY IB 167 33.24 -106.24 40.32
N ARG IB 168 32.45 -105.85 41.33
CA ARG IB 168 31.01 -106.07 41.36
C ARG IB 168 30.40 -105.66 40.02
N PRO IB 169 29.62 -106.55 39.39
CA PRO IB 169 29.11 -106.27 38.05
C PRO IB 169 28.02 -105.21 38.09
N GLY IB 170 27.96 -104.39 37.04
CA GLY IB 170 27.07 -103.23 36.98
C GLY IB 170 25.59 -103.58 37.01
N ARG IB 171 24.76 -102.56 37.13
CA ARG IB 171 23.34 -102.76 37.44
C ARG IB 171 22.55 -103.43 36.34
N VAL IB 172 23.00 -103.31 35.10
CA VAL IB 172 22.34 -104.01 34.00
C VAL IB 172 22.50 -105.53 34.14
N LYS IB 173 23.73 -106.02 34.23
CA LYS IB 173 23.95 -107.47 34.45
C LYS IB 173 23.29 -107.91 35.74
N ARG IB 174 23.44 -107.10 36.80
CA ARG IB 174 22.80 -107.35 38.10
C ARG IB 174 21.27 -107.52 38.01
N LYS IB 175 20.62 -106.74 37.16
CA LYS IB 175 19.18 -106.91 36.93
C LYS IB 175 18.84 -108.21 36.22
N ASN IB 176 19.59 -108.53 35.17
CA ASN IB 176 19.32 -109.72 34.37
C ASN IB 176 19.58 -111.02 35.10
N ALA IB 177 20.51 -111.00 36.07
CA ALA IB 177 20.71 -112.12 36.99
C ALA IB 177 19.52 -112.29 37.93
N LYS IB 178 18.94 -111.19 38.39
CA LYS IB 178 17.69 -111.22 39.16
C LYS IB 178 16.51 -111.72 38.32
N LYS IB 179 16.51 -111.38 37.04
CA LYS IB 179 15.50 -111.85 36.10
C LYS IB 179 15.61 -113.35 35.84
N GLY IB 180 16.84 -113.84 35.67
CA GLY IB 180 17.09 -115.27 35.50
C GLY IB 180 16.84 -116.10 36.75
N GLN IB 181 17.07 -115.51 37.93
CA GLN IB 181 16.91 -116.22 39.21
C GLN IB 181 15.43 -116.34 39.57
N GLY IB 182 14.77 -115.19 39.71
CA GLY IB 182 13.37 -115.13 40.15
C GLY IB 182 12.36 -115.34 39.02
N GLY IB 183 12.56 -114.64 37.90
CA GLY IB 183 11.64 -114.68 36.78
C GLY IB 183 11.66 -115.97 35.98
N ALA IB 184 12.83 -116.28 35.40
CA ALA IB 184 12.98 -117.46 34.56
C ALA IB 184 13.07 -118.74 35.38
N GLY IB 185 14.01 -118.78 36.33
CA GLY IB 185 14.23 -119.94 37.18
C GLY IB 185 13.17 -120.07 38.27
N MET JB 1 -10.15 -106.45 -26.92
CA MET JB 1 -11.45 -106.57 -26.21
C MET JB 1 -12.15 -105.21 -26.13
N LEU JB 2 -12.71 -104.77 -27.27
CA LEU JB 2 -13.22 -103.39 -27.41
C LEU JB 2 -14.06 -103.22 -28.69
N MET JB 3 -15.13 -102.43 -28.64
CA MET JB 3 -15.82 -101.94 -29.85
C MET JB 3 -16.37 -103.08 -30.76
N PRO JB 4 -16.62 -102.83 -32.07
CA PRO JB 4 -16.95 -103.96 -32.95
C PRO JB 4 -15.89 -105.07 -33.03
N LYS JB 5 -16.32 -106.31 -32.81
CA LYS JB 5 -15.42 -107.46 -32.69
C LYS JB 5 -14.80 -107.81 -34.03
N LYS JB 6 -15.66 -108.03 -35.02
CA LYS JB 6 -15.25 -108.44 -36.37
C LYS JB 6 -14.17 -107.54 -36.96
N ASN JB 7 -14.32 -106.23 -36.75
CA ASN JB 7 -13.34 -105.26 -37.22
C ASN JB 7 -12.06 -105.41 -36.44
N ARG JB 8 -12.16 -105.31 -35.12
CA ARG JB 8 -11.00 -105.42 -34.24
C ARG JB 8 -10.23 -106.71 -34.50
N ILE JB 9 -10.93 -107.83 -34.47
CA ILE JB 9 -10.30 -109.13 -34.60
C ILE JB 9 -9.65 -109.35 -35.99
N ALA JB 10 -10.16 -108.65 -37.00
CA ALA JB 10 -9.53 -108.61 -38.33
C ALA JB 10 -8.26 -107.75 -38.36
N ILE JB 11 -8.25 -106.68 -37.55
CA ILE JB 11 -7.03 -105.90 -37.33
C ILE JB 11 -5.98 -106.82 -36.74
N TYR JB 12 -6.31 -107.36 -35.58
CA TYR JB 12 -5.37 -108.17 -34.81
C TYR JB 12 -4.75 -109.28 -35.66
N GLU JB 13 -5.55 -109.89 -36.53
CA GLU JB 13 -5.04 -110.92 -37.43
C GLU JB 13 -4.06 -110.30 -38.43
N LEU JB 14 -4.40 -109.12 -38.97
CA LEU JB 14 -3.50 -108.42 -39.90
C LEU JB 14 -2.18 -108.04 -39.23
N LEU JB 15 -2.26 -107.65 -37.96
CA LEU JB 15 -1.06 -107.35 -37.17
C LEU JB 15 -0.20 -108.58 -36.89
N PHE JB 16 -0.81 -109.77 -36.91
CA PHE JB 16 -0.04 -110.99 -36.75
C PHE JB 16 0.62 -111.44 -38.07
N LYS JB 17 -0.15 -111.42 -39.16
CA LYS JB 17 0.31 -111.91 -40.47
C LYS JB 17 1.58 -111.18 -40.95
N GLU JB 18 1.49 -109.86 -41.03
CA GLU JB 18 2.68 -109.03 -41.14
C GLU JB 18 3.11 -108.78 -39.72
N GLY JB 19 4.41 -108.68 -39.47
CA GLY JB 19 4.91 -108.29 -38.14
C GLY JB 19 4.50 -106.86 -37.84
N VAL JB 20 4.57 -106.04 -38.88
CA VAL JB 20 4.43 -104.62 -38.77
C VAL JB 20 2.98 -104.24 -39.09
N MET JB 21 2.67 -102.95 -38.97
CA MET JB 21 1.51 -102.36 -39.65
C MET JB 21 1.63 -100.86 -39.81
N VAL JB 22 1.03 -100.32 -40.86
CA VAL JB 22 0.92 -98.87 -41.05
C VAL JB 22 -0.51 -98.41 -41.23
N ALA JB 23 -0.67 -97.10 -41.04
CA ALA JB 23 -1.90 -96.39 -41.30
C ALA JB 23 -1.52 -95.20 -42.18
N LYS JB 24 -2.44 -94.26 -42.29
CA LYS JB 24 -2.10 -92.89 -42.59
C LYS JB 24 -2.83 -92.10 -41.54
N LYS JB 25 -2.13 -91.24 -40.79
CA LYS JB 25 -2.78 -90.47 -39.74
C LYS JB 25 -3.83 -89.63 -40.43
N ASP JB 26 -5.02 -90.20 -40.53
CA ASP JB 26 -6.12 -89.55 -41.23
C ASP JB 26 -7.39 -90.23 -40.80
N VAL JB 27 -8.17 -89.52 -39.99
CA VAL JB 27 -9.39 -90.04 -39.42
C VAL JB 27 -10.36 -90.50 -40.49
N HIS JB 28 -10.57 -89.68 -41.50
CA HIS JB 28 -11.73 -89.83 -42.36
C HIS JB 28 -11.42 -90.71 -43.59
N MET JB 29 -11.10 -91.97 -43.37
CA MET JB 29 -10.75 -92.89 -44.47
C MET JB 29 -11.65 -94.13 -44.35
N PRO JB 30 -12.87 -94.06 -44.93
CA PRO JB 30 -13.83 -95.17 -44.77
C PRO JB 30 -13.49 -96.43 -45.59
N LYS JB 31 -12.32 -97.01 -45.34
CA LYS JB 31 -11.84 -98.14 -46.12
C LYS JB 31 -10.61 -98.80 -45.49
N HIS JB 32 -9.55 -98.01 -45.33
CA HIS JB 32 -8.21 -98.47 -44.99
C HIS JB 32 -7.55 -99.12 -46.22
N PRO JB 33 -6.38 -98.59 -46.63
CA PRO JB 33 -5.64 -99.24 -47.69
C PRO JB 33 -5.00 -100.49 -47.13
N GLU JB 34 -5.04 -101.58 -47.88
CA GLU JB 34 -4.82 -102.94 -47.34
C GLU JB 34 -6.05 -103.26 -46.50
N LEU JB 35 -6.12 -104.48 -45.98
CA LEU JB 35 -7.28 -104.94 -45.23
C LEU JB 35 -8.55 -104.76 -46.11
N ALA JB 36 -9.37 -103.74 -45.86
CA ALA JB 36 -10.49 -103.38 -46.75
C ALA JB 36 -11.49 -104.52 -47.03
N ASP JB 37 -11.66 -105.41 -46.05
CA ASP JB 37 -12.60 -106.53 -46.20
C ASP JB 37 -14.04 -106.01 -46.18
N LYS JB 38 -14.30 -105.07 -45.26
CA LYS JB 38 -15.61 -104.47 -45.12
C LYS JB 38 -15.47 -103.24 -44.25
N ASN JB 39 -15.53 -102.07 -44.90
CA ASN JB 39 -15.47 -100.76 -44.22
C ASN JB 39 -14.21 -100.59 -43.37
N VAL JB 40 -14.19 -101.27 -42.21
CA VAL JB 40 -13.04 -101.32 -41.29
C VAL JB 40 -12.02 -100.23 -41.59
N PRO JB 41 -12.36 -99.00 -41.18
CA PRO JB 41 -11.69 -97.86 -41.73
C PRO JB 41 -10.32 -97.65 -41.13
N ASN JB 42 -9.60 -96.65 -41.64
CA ASN JB 42 -8.49 -96.11 -40.89
C ASN JB 42 -9.16 -95.47 -39.69
N LEU JB 43 -8.54 -95.62 -38.54
CA LEU JB 43 -9.21 -95.50 -37.24
C LEU JB 43 -10.06 -96.75 -37.05
N HIS JB 44 -10.09 -97.24 -35.82
CA HIS JB 44 -10.40 -98.63 -35.48
C HIS JB 44 -9.07 -99.35 -35.60
N VAL JB 45 -8.44 -99.26 -36.78
CA VAL JB 45 -7.04 -99.61 -36.89
C VAL JB 45 -6.25 -98.71 -35.96
N MET JB 46 -6.40 -97.43 -36.18
CA MET JB 46 -5.55 -96.40 -35.59
C MET JB 46 -5.67 -96.39 -34.08
N LYS JB 47 -6.91 -96.46 -33.60
CA LYS JB 47 -7.15 -96.43 -32.16
C LYS JB 47 -6.93 -97.77 -31.44
N ALA JB 48 -6.99 -98.88 -32.16
CA ALA JB 48 -6.60 -100.18 -31.60
C ALA JB 48 -5.10 -100.20 -31.37
N MET JB 49 -4.35 -99.89 -32.41
CA MET JB 49 -2.90 -99.87 -32.32
C MET JB 49 -2.45 -98.99 -31.16
N GLN JB 50 -3.15 -97.88 -30.95
CA GLN JB 50 -2.77 -96.93 -29.90
C GLN JB 50 -2.96 -97.52 -28.49
N SER JB 51 -3.98 -98.38 -28.34
CA SER JB 51 -4.13 -99.17 -27.13
C SER JB 51 -2.97 -100.13 -27.03
N LEU JB 52 -2.76 -100.92 -28.09
CA LEU JB 52 -1.68 -101.90 -28.13
C LEU JB 52 -0.40 -101.31 -27.56
N LYS JB 53 -0.02 -100.15 -28.09
CA LYS JB 53 1.15 -99.42 -27.63
C LYS JB 53 1.06 -99.10 -26.14
N SER JB 54 -0.06 -98.52 -25.74
CA SER JB 54 -0.27 -98.10 -24.36
C SER JB 54 -0.09 -99.19 -23.29
N ARG JB 55 -0.61 -100.39 -23.55
CA ARG JB 55 -0.39 -101.55 -22.66
C ARG JB 55 0.92 -102.28 -23.00
N GLY JB 56 1.62 -101.83 -24.04
CA GLY JB 56 3.02 -102.21 -24.28
C GLY JB 56 3.18 -103.39 -25.22
N TYR JB 57 2.24 -103.53 -26.15
CA TYR JB 57 2.16 -104.67 -27.05
C TYR JB 57 2.46 -104.31 -28.51
N VAL JB 58 3.13 -103.18 -28.75
CA VAL JB 58 3.58 -102.76 -30.09
C VAL JB 58 4.39 -101.46 -29.97
N LYS JB 59 5.45 -101.35 -30.75
CA LYS JB 59 6.26 -100.15 -30.78
C LYS JB 59 5.78 -99.26 -31.93
N GLU JB 60 6.45 -98.14 -32.16
CA GLU JB 60 5.96 -97.05 -33.00
C GLU JB 60 7.07 -96.36 -33.78
N GLN JB 61 6.66 -95.65 -34.83
CA GLN JB 61 7.47 -94.60 -35.44
C GLN JB 61 6.49 -93.81 -36.26
N PHE JB 62 6.51 -92.49 -36.16
CA PHE JB 62 5.47 -91.71 -36.81
C PHE JB 62 5.77 -91.33 -38.27
N ALA JB 63 6.71 -90.42 -38.50
CA ALA JB 63 7.15 -90.00 -39.83
C ALA JB 63 6.07 -89.55 -40.85
N TRP JB 64 6.05 -88.25 -41.16
CA TRP JB 64 5.26 -87.67 -42.26
C TRP JB 64 3.85 -88.16 -42.28
N ARG JB 65 3.09 -87.69 -41.29
CA ARG JB 65 1.67 -88.01 -41.16
C ARG JB 65 1.37 -89.43 -41.65
N HIS JB 66 1.77 -90.43 -40.87
CA HIS JB 66 1.51 -91.79 -41.32
C HIS JB 66 1.28 -92.88 -40.28
N PHE JB 67 2.20 -93.07 -39.34
CA PHE JB 67 2.25 -94.25 -38.46
C PHE JB 67 2.90 -95.48 -39.11
N TYR JB 68 3.71 -96.12 -38.29
CA TYR JB 68 4.35 -97.36 -38.61
C TYR JB 68 4.30 -98.07 -37.26
N TRP JB 69 4.09 -99.39 -37.26
CA TRP JB 69 4.00 -100.17 -36.01
C TRP JB 69 4.79 -101.48 -36.01
N TYR JB 70 6.09 -101.36 -35.74
CA TYR JB 70 6.91 -102.53 -35.42
C TYR JB 70 6.32 -103.20 -34.14
N LEU JB 71 6.13 -104.52 -34.20
CA LEU JB 71 5.47 -105.31 -33.13
C LEU JB 71 6.48 -106.01 -32.21
N THR JB 72 6.27 -105.86 -30.90
CA THR JB 72 7.15 -106.38 -29.87
C THR JB 72 6.94 -107.89 -29.66
N ASN JB 73 7.94 -108.55 -29.05
CA ASN JB 73 7.81 -109.96 -28.65
C ASN JB 73 6.70 -110.14 -27.63
N GLU JB 74 6.67 -109.27 -26.62
CA GLU JB 74 5.61 -109.26 -25.63
C GLU JB 74 4.26 -109.03 -26.27
N GLY JB 75 4.24 -108.21 -27.31
CA GLY JB 75 3.06 -108.01 -28.16
C GLY JB 75 2.60 -109.25 -28.90
N ILE JB 76 3.54 -109.95 -29.54
CA ILE JB 76 3.24 -111.18 -30.28
C ILE JB 76 2.53 -112.18 -29.40
N GLN JB 77 3.11 -112.41 -28.23
CA GLN JB 77 2.54 -113.31 -27.24
C GLN JB 77 1.09 -112.93 -26.94
N TYR JB 78 0.83 -111.65 -26.72
CA TYR JB 78 -0.52 -111.18 -26.41
C TYR JB 78 -1.54 -111.51 -27.49
N LEU JB 79 -1.15 -111.39 -28.76
CA LEU JB 79 -2.05 -111.69 -29.88
C LEU JB 79 -2.33 -113.18 -29.98
N ARG JB 80 -1.31 -114.01 -29.77
CA ARG JB 80 -1.43 -115.48 -29.88
C ARG JB 80 -2.30 -116.04 -28.75
N ASP JB 81 -2.23 -115.41 -27.58
CA ASP JB 81 -3.15 -115.66 -26.48
C ASP JB 81 -4.57 -115.20 -26.83
N TYR JB 82 -4.69 -113.98 -27.38
CA TYR JB 82 -5.99 -113.39 -27.73
C TYR JB 82 -6.70 -114.12 -28.86
N LEU JB 83 -5.97 -114.33 -29.96
CA LEU JB 83 -6.48 -115.12 -31.07
C LEU JB 83 -6.43 -116.63 -30.82
N HIS JB 84 -6.03 -117.05 -29.61
CA HIS JB 84 -5.97 -118.46 -29.20
C HIS JB 84 -5.37 -119.34 -30.30
N LEU JB 85 -4.10 -119.07 -30.56
CA LEU JB 85 -3.38 -119.62 -31.70
C LEU JB 85 -2.32 -120.58 -31.17
N PRO JB 86 -1.72 -121.41 -32.04
CA PRO JB 86 -0.72 -122.38 -31.56
C PRO JB 86 0.62 -121.74 -31.16
N PRO JB 87 1.50 -122.52 -30.51
CA PRO JB 87 2.83 -122.02 -30.14
C PRO JB 87 3.87 -121.99 -31.27
N GLU JB 88 3.56 -122.64 -32.41
CA GLU JB 88 4.46 -122.60 -33.58
C GLU JB 88 4.17 -121.32 -34.37
N ILE JB 89 2.98 -121.26 -34.99
CA ILE JB 89 2.37 -120.02 -35.53
C ILE JB 89 3.05 -119.29 -36.71
N VAL JB 90 4.35 -118.96 -36.58
CA VAL JB 90 5.10 -118.03 -37.45
C VAL JB 90 4.38 -116.69 -37.76
N PRO JB 91 4.74 -115.60 -37.05
CA PRO JB 91 4.15 -114.28 -37.34
C PRO JB 91 4.56 -113.68 -38.70
N ALA JB 92 5.85 -113.46 -38.89
CA ALA JB 92 6.39 -112.87 -40.13
C ALA JB 92 7.91 -113.03 -40.18
N THR JB 93 8.56 -112.65 -39.08
CA THR JB 93 9.96 -113.00 -38.81
C THR JB 93 10.25 -114.52 -38.93
N LEU JB 94 10.55 -114.97 -40.16
CA LEU JB 94 11.06 -116.33 -40.42
C LEU JB 94 12.10 -116.31 -41.53
N ARG JB 95 11.68 -115.91 -42.73
CA ARG JB 95 12.54 -115.64 -43.91
C ARG JB 95 13.96 -116.21 -43.99
N ARG JB 96 14.22 -117.04 -45.02
CA ARG JB 96 15.57 -117.52 -45.31
C ARG JB 96 16.44 -116.36 -45.79
N SER JB 97 17.58 -116.17 -45.14
CA SER JB 97 18.48 -115.06 -45.45
C SER JB 97 19.32 -115.32 -46.71
N ARG JB 98 20.11 -116.41 -46.67
CA ARG JB 98 21.02 -116.76 -47.75
C ARG JB 98 20.55 -118.02 -48.45
N ALA KB 1 72.29 3.67 60.09
CA ALA KB 1 72.77 3.94 58.69
C ALA KB 1 73.50 2.76 58.07
N ASP KB 2 73.66 2.80 56.75
CA ASP KB 2 74.29 1.74 55.95
C ASP KB 2 73.50 0.43 55.99
N ILE KB 3 73.49 -0.24 57.15
CA ILE KB 3 72.84 -1.53 57.30
C ILE KB 3 71.39 -1.33 57.69
N GLN KB 4 71.17 -0.67 58.83
CA GLN KB 4 69.85 -0.59 59.46
C GLN KB 4 68.94 0.36 58.68
N THR KB 5 68.37 -0.17 57.60
CA THR KB 5 67.48 0.60 56.70
C THR KB 5 66.01 0.24 56.92
N GLU KB 6 65.74 -0.46 58.01
CA GLU KB 6 64.43 -1.02 58.28
C GLU KB 6 63.87 -0.39 59.53
N ARG KB 7 62.65 -0.78 59.86
CA ARG KB 7 61.94 -0.23 61.00
C ARG KB 7 62.50 -0.78 62.30
N ALA KB 8 62.80 -2.07 62.30
CA ALA KB 8 63.47 -2.72 63.43
C ALA KB 8 64.96 -2.76 63.21
N TYR KB 9 65.71 -2.71 64.31
CA TYR KB 9 67.16 -2.90 64.30
C TYR KB 9 67.46 -4.31 63.75
N GLN KB 10 68.51 -4.40 62.95
CA GLN KB 10 68.86 -5.59 62.21
C GLN KB 10 70.09 -6.17 62.87
N LYS KB 11 69.91 -6.88 63.98
CA LYS KB 11 71.05 -7.54 64.62
C LYS KB 11 71.04 -8.97 64.22
N GLN KB 12 72.23 -9.54 64.03
CA GLN KB 12 72.34 -10.98 63.96
C GLN KB 12 71.95 -11.47 65.33
N PRO KB 13 71.23 -12.61 65.37
CA PRO KB 13 70.93 -13.24 66.63
C PRO KB 13 72.21 -13.91 67.08
N THR KB 14 72.16 -14.77 68.08
CA THR KB 14 73.35 -15.49 68.50
C THR KB 14 74.26 -14.55 69.28
N ILE KB 15 74.86 -13.58 68.59
CA ILE KB 15 75.92 -12.81 69.20
C ILE KB 15 75.40 -11.58 69.90
N PHE KB 16 75.97 -11.34 71.07
CA PHE KB 16 75.61 -10.24 71.94
C PHE KB 16 76.58 -9.14 71.59
N GLN KB 17 76.09 -7.92 71.49
CA GLN KB 17 76.97 -6.82 71.15
C GLN KB 17 76.93 -5.76 72.23
N ASN KB 18 77.64 -6.04 73.34
CA ASN KB 18 77.52 -5.19 74.55
C ASN KB 18 78.53 -5.32 75.72
N LYS KB 19 79.18 -6.47 75.91
CA LYS KB 19 80.16 -6.61 77.01
C LYS KB 19 81.50 -5.95 76.67
N LYS KB 20 81.82 -4.83 77.33
CA LYS KB 20 83.10 -4.13 77.09
C LYS KB 20 83.43 -3.08 78.16
N ARG KB 21 84.65 -3.16 78.72
CA ARG KB 21 85.23 -2.08 79.51
C ARG KB 21 86.76 -2.26 79.69
N VAL KB 22 87.51 -1.79 78.69
CA VAL KB 22 88.99 -1.79 78.72
C VAL KB 22 89.58 -0.59 77.97
N LEU KB 23 90.90 -0.39 78.11
CA LEU KB 23 91.62 0.69 77.43
C LEU KB 23 91.80 0.44 75.92
N LEU KB 24 92.44 1.39 75.24
CA LEU KB 24 92.70 1.33 73.79
C LEU KB 24 91.41 1.58 73.01
N GLY KB 25 90.80 2.74 73.27
CA GLY KB 25 89.59 3.18 72.58
C GLY KB 25 88.33 2.41 72.93
N GLU KB 26 87.21 2.86 72.37
CA GLU KB 26 85.93 2.17 72.49
C GLU KB 26 85.86 1.06 71.44
N THR KB 27 85.46 -0.13 71.87
CA THR KB 27 85.43 -1.38 71.06
C THR KB 27 86.78 -1.78 70.43
N GLY KB 28 86.79 -2.92 69.74
CA GLY KB 28 88.02 -3.45 69.13
C GLY KB 28 88.35 -2.83 67.78
N LYS KB 29 89.21 -3.51 67.03
CA LYS KB 29 89.59 -3.09 65.68
C LYS KB 29 88.52 -3.50 64.66
N GLU KB 30 88.14 -4.78 64.70
CA GLU KB 30 86.99 -5.28 63.92
C GLU KB 30 85.64 -4.79 64.47
N LYS KB 31 85.62 -4.38 65.74
CA LYS KB 31 84.47 -3.79 66.42
C LYS KB 31 83.39 -4.83 66.76
N LEU KB 32 82.70 -5.35 65.73
CA LEU KB 32 81.73 -6.43 65.96
C LEU KB 32 82.38 -7.81 65.86
N PRO KB 33 81.78 -8.81 66.52
CA PRO KB 33 82.09 -10.21 66.28
C PRO KB 33 81.01 -10.84 65.41
N ARG KB 34 81.31 -11.08 64.14
CA ARG KB 34 80.33 -11.64 63.21
C ARG KB 34 80.14 -13.13 63.44
N TYR KB 35 78.87 -13.53 63.57
CA TYR KB 35 78.49 -14.91 63.46
C TYR KB 35 78.37 -15.36 62.03
N TYR KB 36 79.01 -16.49 61.72
CA TYR KB 36 78.73 -17.25 60.50
C TYR KB 36 78.91 -18.72 60.85
N LYS KB 37 78.62 -19.56 59.88
CA LYS KB 37 78.90 -20.99 59.97
C LYS KB 37 79.44 -21.47 58.67
N ASN KB 38 79.78 -22.75 58.62
CA ASN KB 38 79.91 -23.42 57.35
C ASN KB 38 78.69 -24.28 57.14
N ILE KB 39 78.36 -24.43 55.88
CA ILE KB 39 77.06 -24.88 55.42
C ILE KB 39 77.16 -26.33 54.97
N GLY KB 40 78.37 -26.82 54.75
CA GLY KB 40 78.63 -28.25 54.57
C GLY KB 40 78.62 -28.75 53.14
N LEU KB 41 78.62 -30.09 53.01
CA LEU KB 41 78.60 -30.79 51.72
C LEU KB 41 79.78 -30.47 50.83
N GLY KB 42 80.80 -29.81 51.37
CA GLY KB 42 81.85 -29.22 50.56
C GLY KB 42 81.34 -28.00 49.84
N PHE KB 43 81.28 -26.90 50.58
CA PHE KB 43 80.98 -25.60 50.00
C PHE KB 43 81.80 -24.57 50.75
N LYS KB 44 82.50 -23.73 50.00
CA LYS KB 44 83.30 -22.67 50.59
C LYS KB 44 82.37 -21.56 51.03
N THR KB 45 82.13 -21.47 52.34
CA THR KB 45 81.52 -20.27 52.89
C THR KB 45 82.44 -19.08 52.62
N PRO KB 46 81.96 -18.12 51.80
CA PRO KB 46 82.89 -17.16 51.22
C PRO KB 46 83.37 -16.06 52.16
N LYS KB 47 84.27 -15.25 51.63
CA LYS KB 47 84.86 -14.12 52.36
C LYS KB 47 83.78 -13.09 52.64
N GLU KB 48 83.08 -12.67 51.58
CA GLU KB 48 82.12 -11.57 51.66
C GLU KB 48 80.98 -11.78 52.65
N ALA KB 49 80.73 -13.03 53.03
CA ALA KB 49 79.85 -13.37 54.15
C ALA KB 49 80.49 -13.04 55.49
N ILE KB 50 81.70 -13.56 55.69
CA ILE KB 50 82.39 -13.52 56.98
C ILE KB 50 83.02 -12.17 57.25
N GLU KB 51 83.74 -11.68 56.27
CA GLU KB 51 84.28 -10.33 56.28
C GLU KB 51 83.13 -9.32 56.39
N GLY KB 52 82.20 -9.40 55.45
CA GLY KB 52 81.15 -8.41 55.31
C GLY KB 52 80.23 -8.30 56.50
N THR KB 53 79.62 -7.13 56.62
CA THR KB 53 78.82 -6.76 57.77
C THR KB 53 77.32 -6.97 57.64
N TYR KB 54 76.83 -7.08 56.40
CA TYR KB 54 75.38 -7.24 56.10
C TYR KB 54 74.72 -8.24 57.00
N ILE KB 55 73.38 -8.28 56.96
CA ILE KB 55 72.69 -9.25 57.79
C ILE KB 55 71.46 -9.86 57.12
N ASP KB 56 71.43 -11.20 57.15
CA ASP KB 56 70.36 -11.98 56.58
C ASP KB 56 70.22 -13.30 57.31
N LYS KB 57 69.09 -13.46 57.97
CA LYS KB 57 68.54 -14.74 58.42
C LYS KB 57 68.38 -15.83 57.34
N LYS KB 58 68.12 -15.42 56.10
CA LYS KB 58 68.03 -16.35 54.97
C LYS KB 58 69.35 -16.54 54.19
N CYS KB 59 70.46 -16.12 54.78
CA CYS KB 59 71.80 -16.51 54.32
C CYS KB 59 72.08 -17.89 54.84
N PRO KB 60 72.44 -18.80 53.95
CA PRO KB 60 72.73 -20.15 54.38
C PRO KB 60 74.02 -20.27 55.20
N PHE KB 61 74.88 -19.25 55.16
CA PHE KB 61 76.12 -19.25 55.90
C PHE KB 61 75.98 -18.48 57.22
N THR KB 62 75.42 -17.27 57.13
CA THR KB 62 75.48 -16.29 58.20
C THR KB 62 74.13 -16.05 58.81
N GLY KB 63 73.32 -17.08 58.86
CA GLY KB 63 71.97 -16.93 59.35
C GLY KB 63 71.37 -18.29 59.55
N ASN KB 64 70.25 -18.33 60.25
CA ASN KB 64 69.51 -19.57 60.51
C ASN KB 64 68.81 -20.08 59.25
N VAL KB 65 69.20 -21.28 58.82
CA VAL KB 65 68.65 -21.98 57.67
C VAL KB 65 69.58 -23.12 57.30
N SER KB 66 69.05 -24.33 57.47
CA SER KB 66 69.75 -25.57 57.15
C SER KB 66 69.62 -25.97 55.70
N ILE KB 67 70.75 -26.20 55.04
CA ILE KB 67 70.73 -26.83 53.74
C ILE KB 67 70.76 -28.31 53.97
N ARG KB 68 69.84 -28.98 53.28
CA ARG KB 68 69.37 -30.33 53.58
C ARG KB 68 68.32 -30.73 52.58
N GLY KB 69 68.69 -31.68 51.75
CA GLY KB 69 67.82 -32.21 50.72
C GLY KB 69 68.53 -32.17 49.38
N ARG KB 70 67.78 -31.83 48.34
CA ARG KB 70 68.30 -31.84 46.98
C ARG KB 70 69.24 -30.67 46.71
N ILE KB 71 70.18 -30.92 45.81
CA ILE KB 71 71.09 -29.91 45.32
C ILE KB 71 70.94 -29.85 43.82
N LEU KB 72 70.63 -28.65 43.33
CA LEU KB 72 70.27 -28.42 41.95
C LEU KB 72 71.05 -27.26 41.36
N SER KB 73 71.56 -27.48 40.16
CA SER KB 73 72.10 -26.40 39.34
C SER KB 73 70.96 -25.77 38.51
N GLY KB 74 71.02 -24.46 38.32
CA GLY KB 74 70.15 -23.77 37.38
C GLY KB 74 70.95 -22.74 36.63
N VAL KB 75 70.30 -21.65 36.24
CA VAL KB 75 70.97 -20.51 35.63
C VAL KB 75 70.13 -19.26 35.82
N VAL KB 76 70.76 -18.20 36.27
CA VAL KB 76 70.04 -17.05 36.75
C VAL KB 76 69.48 -16.26 35.59
N THR KB 77 68.16 -16.12 35.55
CA THR KB 77 67.46 -15.37 34.50
C THR KB 77 67.05 -13.94 34.90
N LYS KB 78 66.59 -13.75 36.14
CA LYS KB 78 66.24 -12.42 36.67
C LYS KB 78 66.90 -12.20 38.00
N MET KB 79 66.93 -10.95 38.44
CA MET KB 79 67.38 -10.60 39.77
C MET KB 79 66.55 -9.51 40.42
N LYS KB 80 65.29 -9.41 40.03
CA LYS KB 80 64.50 -8.23 40.34
C LYS KB 80 63.78 -8.23 41.69
N MET KB 81 63.85 -9.34 42.44
CA MET KB 81 63.32 -9.36 43.80
C MET KB 81 64.46 -9.05 44.73
N GLN KB 82 64.14 -8.57 45.93
CA GLN KB 82 65.18 -8.26 46.91
C GLN KB 82 65.61 -9.46 47.74
N ARG KB 83 66.92 -9.73 47.63
CA ARG KB 83 67.61 -10.92 48.19
C ARG KB 83 67.17 -12.26 47.59
N THR KB 84 66.60 -12.19 46.39
CA THR KB 84 66.08 -13.40 45.71
C THR KB 84 65.98 -13.20 44.20
N ILE KB 85 66.13 -14.32 43.51
CA ILE KB 85 66.29 -14.34 42.08
C ILE KB 85 65.43 -15.46 41.56
N VAL KB 86 65.46 -15.67 40.26
CA VAL KB 86 64.81 -16.82 39.64
C VAL KB 86 65.79 -17.50 38.73
N ILE KB 87 65.78 -18.82 38.77
CA ILE KB 87 66.73 -19.61 38.02
C ILE KB 87 65.94 -20.55 37.18
N ARG KB 88 66.40 -20.81 35.98
CA ARG KB 88 65.65 -21.57 35.01
C ARG KB 88 66.36 -22.90 34.81
N ARG KB 89 65.71 -23.98 35.20
CA ARG KB 89 66.30 -25.32 35.12
C ARG KB 89 65.65 -25.99 33.93
N ASP KB 90 66.50 -26.39 32.97
CA ASP KB 90 66.04 -26.86 31.65
C ASP KB 90 66.47 -28.31 31.44
N TYR KB 91 65.65 -29.07 30.72
CA TYR KB 91 65.80 -30.51 30.71
C TYR KB 91 64.97 -31.17 29.63
N LEU KB 92 65.56 -32.20 29.04
CA LEU KB 92 64.96 -32.87 27.91
C LEU KB 92 64.10 -34.01 28.43
N HIS KB 93 62.80 -33.79 28.43
CA HIS KB 93 61.85 -34.80 28.89
C HIS KB 93 61.69 -35.82 27.83
N TYR KB 94 61.64 -37.07 28.24
CA TYR KB 94 61.52 -38.18 27.32
C TYR KB 94 60.07 -38.60 27.14
N ILE KB 95 59.64 -38.63 25.90
CA ILE KB 95 58.38 -39.21 25.51
C ILE KB 95 58.84 -40.48 24.89
N ARG KB 96 58.10 -41.56 25.06
CA ARG KB 96 58.57 -42.89 24.58
C ARG KB 96 57.82 -43.48 23.41
N LYS KB 97 56.70 -42.88 22.99
CA LYS KB 97 56.11 -43.30 21.72
C LYS KB 97 57.02 -42.93 20.56
N TYR KB 98 57.45 -41.69 20.53
CA TYR KB 98 58.33 -41.16 19.52
C TYR KB 98 59.60 -41.18 20.33
N ASN KB 99 60.61 -41.92 19.91
CA ASN KB 99 61.72 -42.21 20.83
C ASN KB 99 62.67 -41.05 20.93
N ARG KB 100 62.09 -39.95 21.35
CA ARG KB 100 62.56 -38.64 21.07
C ARG KB 100 62.53 -37.91 22.38
N PHE KB 101 62.60 -36.58 22.35
CA PHE KB 101 62.50 -35.81 23.57
C PHE KB 101 61.69 -34.57 23.37
N GLU KB 102 61.36 -33.91 24.46
CA GLU KB 102 60.89 -32.55 24.39
C GLU KB 102 61.61 -31.67 25.43
N LYS KB 103 61.96 -30.44 25.05
CA LYS KB 103 62.60 -29.48 25.97
C LYS KB 103 61.58 -28.90 26.91
N ARG KB 104 62.03 -28.55 28.09
CA ARG KB 104 61.14 -28.10 29.16
C ARG KB 104 61.91 -27.36 30.25
N HIS KB 105 61.35 -26.25 30.72
CA HIS KB 105 62.04 -25.38 31.65
C HIS KB 105 61.14 -25.13 32.81
N LYS KB 106 61.75 -24.93 33.97
CA LYS KB 106 61.02 -24.66 35.20
C LYS KB 106 61.70 -23.54 35.95
N ASN KB 107 61.25 -22.31 35.73
CA ASN KB 107 61.88 -21.20 36.45
C ASN KB 107 61.37 -21.13 37.88
N MET KB 108 62.09 -21.87 38.71
CA MET KB 108 61.96 -21.81 40.15
C MET KB 108 62.60 -20.55 40.75
N SER KB 109 62.01 -20.13 41.87
CA SER KB 109 62.44 -18.95 42.60
C SER KB 109 63.38 -19.42 43.67
N VAL KB 110 64.25 -18.52 44.08
CA VAL KB 110 65.45 -18.90 44.78
C VAL KB 110 65.94 -17.76 45.59
N HIS KB 111 66.50 -18.08 46.75
CA HIS KB 111 67.02 -17.07 47.65
C HIS KB 111 68.52 -16.83 47.53
N LEU KB 112 68.88 -15.62 47.09
CA LEU KB 112 70.26 -15.24 46.81
C LEU KB 112 70.69 -14.43 48.00
N SER KB 113 71.62 -14.99 48.77
CA SER KB 113 72.15 -14.30 49.95
C SER KB 113 73.16 -13.24 49.49
N PRO KB 114 73.21 -12.10 50.19
CA PRO KB 114 74.19 -11.09 49.79
C PRO KB 114 75.49 -11.19 50.53
N CYS KB 115 75.96 -12.42 50.63
CA CYS KB 115 77.37 -12.67 50.50
C CYS KB 115 77.74 -12.41 49.04
N PHE KB 116 76.84 -12.80 48.11
CA PHE KB 116 77.11 -12.70 46.69
C PHE KB 116 76.79 -11.31 46.17
N ARG KB 117 77.84 -10.51 46.00
CA ARG KB 117 77.81 -9.30 45.20
C ARG KB 117 78.24 -9.73 43.81
N ASP KB 118 78.00 -8.85 42.83
CA ASP KB 118 78.54 -9.01 41.47
C ASP KB 118 78.19 -10.38 40.85
N VAL KB 119 76.95 -10.81 41.06
CA VAL KB 119 76.37 -11.92 40.32
C VAL KB 119 75.50 -11.26 39.27
N GLN KB 120 75.53 -11.81 38.06
CA GLN KB 120 74.77 -11.30 36.92
C GLN KB 120 73.81 -12.37 36.48
N ILE KB 121 73.01 -12.08 35.47
CA ILE KB 121 72.17 -13.12 34.86
C ILE KB 121 73.01 -13.97 33.89
N GLY KB 122 72.45 -15.10 33.47
CA GLY KB 122 73.16 -16.03 32.60
C GLY KB 122 74.29 -16.71 33.32
N ASP KB 123 74.22 -16.73 34.65
CA ASP KB 123 75.31 -17.18 35.51
C ASP KB 123 74.87 -18.46 36.17
N ILE KB 124 75.67 -19.50 36.04
CA ILE KB 124 75.25 -20.79 36.52
C ILE KB 124 75.27 -20.74 38.02
N VAL KB 125 74.21 -21.26 38.61
CA VAL KB 125 74.04 -21.19 40.04
C VAL KB 125 73.66 -22.56 40.56
N THR KB 126 74.26 -22.95 41.67
CA THR KB 126 73.99 -24.21 42.32
C THR KB 126 73.28 -23.91 43.60
N VAL KB 127 72.00 -24.23 43.63
CA VAL KB 127 71.18 -24.05 44.81
C VAL KB 127 71.06 -25.31 45.66
N GLY KB 128 71.01 -25.10 46.98
CA GLY KB 128 70.71 -26.14 47.95
C GLY KB 128 69.28 -25.97 48.42
N GLU KB 129 68.53 -27.07 48.42
CA GLU KB 129 67.19 -27.07 48.99
C GLU KB 129 67.28 -26.76 50.48
N CYS KB 130 66.21 -26.17 51.03
CA CYS KB 130 66.10 -25.92 52.46
C CYS KB 130 64.65 -25.84 52.84
N ARG KB 131 64.40 -25.34 54.05
CA ARG KB 131 63.03 -25.07 54.50
C ARG KB 131 62.35 -23.93 53.76
N PRO KB 132 61.06 -24.08 53.51
CA PRO KB 132 60.33 -23.05 52.80
C PRO KB 132 60.39 -21.74 53.55
N LEU KB 133 60.85 -20.73 52.86
CA LEU KB 133 61.19 -19.45 53.45
C LEU KB 133 60.60 -18.26 52.71
N SER KB 134 60.03 -18.52 51.55
CA SER KB 134 58.89 -17.77 51.06
C SER KB 134 57.79 -18.73 50.58
N LYS KB 135 56.65 -18.15 50.19
CA LYS KB 135 55.54 -18.91 49.62
C LYS KB 135 56.00 -19.81 48.50
N THR KB 136 56.91 -19.31 47.68
CA THR KB 136 57.47 -20.09 46.58
C THR KB 136 58.83 -20.62 46.86
N VAL KB 137 59.62 -19.91 47.65
CA VAL KB 137 61.02 -20.22 47.67
C VAL KB 137 61.30 -21.38 48.59
N ARG KB 138 62.16 -22.28 48.13
CA ARG KB 138 62.76 -23.33 48.95
C ARG KB 138 64.24 -23.58 48.73
N PHE KB 139 64.92 -22.68 48.04
CA PHE KB 139 66.30 -22.92 47.67
C PHE KB 139 67.16 -21.70 47.93
N ASN KB 140 68.23 -21.92 48.67
CA ASN KB 140 69.23 -20.90 48.82
C ASN KB 140 70.29 -21.05 47.75
N VAL KB 141 70.94 -19.94 47.43
CA VAL KB 141 72.07 -19.93 46.53
C VAL KB 141 73.30 -20.26 47.35
N LEU KB 142 74.12 -21.16 46.81
CA LEU KB 142 75.31 -21.64 47.47
C LEU KB 142 76.59 -21.36 46.69
N LYS KB 143 76.58 -21.51 45.37
CA LYS KB 143 77.76 -21.16 44.56
C LYS KB 143 77.49 -20.79 43.11
N VAL KB 144 78.18 -19.76 42.66
CA VAL KB 144 77.87 -19.07 41.43
C VAL KB 144 79.15 -18.99 40.64
N THR KB 145 79.13 -19.52 39.42
CA THR KB 145 80.33 -19.64 38.58
C THR KB 145 80.53 -18.48 37.61
N LYS KB 146 79.43 -17.97 37.05
CA LYS KB 146 79.40 -16.83 36.11
C LYS KB 146 80.31 -16.87 34.87
N ALA KB 147 81.07 -17.94 34.70
CA ALA KB 147 82.19 -17.96 33.75
C ALA KB 147 81.77 -18.29 32.32
N ALA KB 148 80.46 -18.40 32.08
CA ALA KB 148 79.92 -18.59 30.74
C ALA KB 148 80.35 -17.45 29.82
N GLY KB 149 81.54 -17.61 29.23
CA GLY KB 149 82.06 -16.66 28.27
C GLY KB 149 82.49 -15.33 28.84
N THR KB 150 81.51 -14.48 29.13
CA THR KB 150 81.72 -13.04 29.33
C THR KB 150 82.59 -12.68 30.53
N LYS KB 151 83.91 -12.71 30.31
CA LYS KB 151 84.93 -12.07 31.16
C LYS KB 151 85.09 -12.70 32.54
N LYS KB 152 86.20 -12.34 33.19
CA LYS KB 152 86.49 -12.76 34.56
C LYS KB 152 85.86 -11.82 35.58
N GLY LB 1 -4.15 -138.91 -22.71
CA GLY LB 1 -4.97 -138.05 -21.80
C GLY LB 1 -6.34 -137.70 -22.36
N GLY LB 2 -7.27 -137.38 -21.47
CA GLY LB 2 -8.63 -136.98 -21.85
C GLY LB 2 -9.50 -138.18 -22.21
N VAL LB 3 -10.25 -138.68 -21.22
CA VAL LB 3 -11.18 -139.81 -21.41
C VAL LB 3 -12.59 -139.56 -20.82
N MET LB 4 -12.96 -138.28 -20.67
CA MET LB 4 -14.28 -137.86 -20.15
C MET LB 4 -14.56 -138.32 -18.72
N ASP LB 5 -14.20 -137.47 -17.76
CA ASP LB 5 -14.43 -137.72 -16.32
C ASP LB 5 -15.83 -137.21 -15.93
N VAL LB 6 -16.00 -136.69 -14.71
CA VAL LB 6 -17.30 -136.18 -14.23
C VAL LB 6 -17.58 -134.80 -14.84
N ASN LB 7 -18.56 -134.75 -15.74
CA ASN LB 7 -18.98 -133.53 -16.49
C ASN LB 7 -17.91 -132.49 -16.92
N THR LB 8 -16.73 -132.98 -17.30
CA THR LB 8 -15.70 -132.14 -17.93
C THR LB 8 -15.81 -132.16 -19.46
N ALA LB 9 -16.55 -133.14 -19.99
CA ALA LB 9 -16.84 -133.24 -21.43
C ALA LB 9 -17.56 -132.00 -21.94
N LEU LB 10 -18.55 -131.54 -21.19
CA LEU LB 10 -19.33 -130.33 -21.52
C LEU LB 10 -18.42 -129.08 -21.55
N GLN LB 11 -17.52 -129.00 -20.58
CA GLN LB 11 -16.54 -127.90 -20.51
C GLN LB 11 -15.63 -127.89 -21.74
N GLU LB 12 -15.19 -129.07 -22.16
CA GLU LB 12 -14.33 -129.23 -23.34
C GLU LB 12 -15.04 -128.84 -24.64
N VAL LB 13 -16.35 -129.11 -24.71
CA VAL LB 13 -17.17 -128.71 -25.85
C VAL LB 13 -17.36 -127.19 -25.91
N LEU LB 14 -17.50 -126.55 -24.76
CA LEU LB 14 -17.63 -125.09 -24.68
C LEU LB 14 -16.33 -124.40 -25.10
N LYS LB 15 -15.19 -124.90 -24.62
CA LYS LB 15 -13.88 -124.37 -24.97
C LYS LB 15 -13.59 -124.45 -26.46
N THR LB 16 -14.00 -125.55 -27.09
CA THR LB 16 -13.88 -125.70 -28.55
C THR LB 16 -14.85 -124.76 -29.28
N ALA LB 17 -16.07 -124.63 -28.76
CA ALA LB 17 -17.07 -123.69 -29.28
C ALA LB 17 -16.64 -122.22 -29.13
N LEU LB 18 -15.88 -121.93 -28.08
CA LEU LB 18 -15.23 -120.64 -27.91
C LEU LB 18 -14.13 -120.47 -28.97
N ILE LB 19 -13.28 -121.50 -29.10
CA ILE LB 19 -12.15 -121.50 -30.04
C ILE LB 19 -12.59 -121.35 -31.51
N HIS LB 20 -13.73 -121.95 -31.84
CA HIS LB 20 -14.27 -121.93 -33.21
C HIS LB 20 -15.08 -120.66 -33.51
N ASP LB 21 -15.23 -119.77 -32.53
CA ASP LB 21 -15.94 -118.49 -32.65
C ASP LB 21 -17.43 -118.74 -32.91
N GLY LB 22 -18.02 -119.55 -32.04
CA GLY LB 22 -19.42 -119.95 -32.14
C GLY LB 22 -19.97 -120.38 -30.80
N LEU LB 23 -20.19 -119.41 -29.92
CA LEU LB 23 -20.71 -119.65 -28.58
C LEU LB 23 -21.80 -118.61 -28.29
N ALA LB 24 -23.04 -118.94 -28.65
CA ALA LB 24 -24.16 -118.01 -28.45
C ALA LB 24 -24.61 -117.98 -26.99
N ARG LB 25 -23.82 -117.33 -26.15
CA ARG LB 25 -24.08 -117.31 -24.70
C ARG LB 25 -25.03 -116.16 -24.33
N GLY LB 26 -25.72 -116.33 -23.21
CA GLY LB 26 -26.73 -115.38 -22.75
C GLY LB 26 -28.13 -115.73 -23.24
N ILE LB 27 -29.13 -115.35 -22.44
CA ILE LB 27 -30.55 -115.66 -22.69
C ILE LB 27 -31.05 -115.32 -24.08
N ARG LB 28 -30.94 -114.06 -24.48
CA ARG LB 28 -31.58 -113.61 -25.72
C ARG LB 28 -30.83 -114.20 -26.93
N GLU LB 29 -29.51 -114.33 -26.83
CA GLU LB 29 -28.72 -115.06 -27.83
C GLU LB 29 -29.11 -116.53 -27.91
N ALA LB 30 -29.24 -117.16 -26.74
CA ALA LB 30 -29.73 -118.54 -26.66
C ALA LB 30 -31.13 -118.65 -27.28
N ALA LB 31 -32.00 -117.70 -26.93
CA ALA LB 31 -33.34 -117.61 -27.51
C ALA LB 31 -33.31 -117.38 -29.03
N LYS LB 32 -32.38 -116.54 -29.48
CA LYS LB 32 -32.19 -116.28 -30.90
C LYS LB 32 -31.71 -117.53 -31.64
N ALA LB 33 -30.72 -118.22 -31.05
CA ALA LB 33 -30.20 -119.47 -31.60
C ALA LB 33 -31.28 -120.55 -31.71
N LEU LB 34 -32.08 -120.69 -30.65
CA LEU LB 34 -33.16 -121.69 -30.60
C LEU LB 34 -34.27 -121.43 -31.64
N ASP LB 35 -34.57 -120.16 -31.92
CA ASP LB 35 -35.52 -119.82 -32.98
C ASP LB 35 -34.97 -120.16 -34.36
N LYS LB 36 -33.66 -119.96 -34.56
CA LYS LB 36 -32.99 -120.36 -35.79
C LYS LB 36 -32.56 -121.83 -35.73
N ARG LB 37 -31.89 -122.31 -36.78
CA ARG LB 37 -31.27 -123.65 -36.79
C ARG LB 37 -29.83 -123.64 -36.22
N GLN LB 38 -29.39 -122.49 -35.70
CA GLN LB 38 -28.00 -122.34 -35.23
C GLN LB 38 -27.76 -122.94 -33.85
N ALA LB 39 -28.83 -123.23 -33.11
CA ALA LB 39 -28.74 -123.99 -31.85
C ALA LB 39 -28.28 -125.42 -32.13
N HIS LB 40 -27.56 -125.99 -31.17
CA HIS LB 40 -26.93 -127.32 -31.31
C HIS LB 40 -26.88 -128.10 -30.01
N LEU LB 41 -26.23 -127.52 -29.01
CA LEU LB 41 -26.13 -128.11 -27.68
C LEU LB 41 -26.25 -127.01 -26.64
N CYS LB 42 -26.99 -127.28 -25.57
CA CYS LB 42 -27.32 -126.27 -24.55
C CYS LB 42 -26.96 -126.74 -23.15
N VAL LB 43 -27.03 -125.79 -22.21
CA VAL LB 43 -26.86 -126.05 -20.80
C VAL LB 43 -27.41 -124.86 -19.99
N LEU LB 44 -28.12 -125.17 -18.91
CA LEU LB 44 -28.69 -124.16 -18.01
C LEU LB 44 -28.06 -124.30 -16.62
N ALA LB 45 -28.69 -123.71 -15.62
CA ALA LB 45 -28.29 -123.88 -14.23
C ALA LB 45 -29.52 -124.14 -13.35
N SER LB 46 -29.29 -124.84 -12.25
CA SER LB 46 -30.33 -125.16 -11.28
C SER LB 46 -30.74 -123.94 -10.45
N ASN LB 47 -29.73 -123.23 -9.95
CA ASN LB 47 -29.96 -122.04 -9.11
C ASN LB 47 -30.60 -120.94 -9.97
N CYS LB 48 -31.73 -120.40 -9.52
CA CYS LB 48 -32.48 -119.40 -10.29
C CYS LB 48 -33.40 -118.55 -9.42
N ASP LB 49 -33.17 -117.24 -9.45
CA ASP LB 49 -34.12 -116.27 -8.91
C ASP LB 49 -35.25 -116.10 -9.92
N GLU LB 50 -36.49 -116.05 -9.41
CA GLU LB 50 -37.74 -116.07 -10.21
C GLU LB 50 -37.76 -117.09 -11.36
N PRO LB 51 -38.26 -118.32 -11.11
CA PRO LB 51 -38.22 -119.39 -12.10
C PRO LB 51 -39.28 -119.22 -13.21
N MET LB 52 -39.07 -118.23 -14.05
CA MET LB 52 -39.89 -117.95 -15.24
C MET LB 52 -39.00 -118.06 -16.47
N TYR LB 53 -37.89 -117.33 -16.42
CA TYR LB 53 -36.74 -117.48 -17.32
C TYR LB 53 -36.37 -118.95 -17.59
N VAL LB 54 -36.12 -119.72 -16.53
CA VAL LB 54 -35.79 -121.16 -16.70
C VAL LB 54 -36.92 -121.95 -17.38
N LYS LB 55 -38.17 -121.62 -17.07
CA LYS LB 55 -39.33 -122.23 -17.73
C LYS LB 55 -39.38 -121.89 -19.23
N LEU LB 56 -39.06 -120.64 -19.57
CA LEU LB 56 -39.08 -120.18 -20.97
C LEU LB 56 -38.06 -120.90 -21.84
N VAL LB 57 -36.88 -121.15 -21.29
CA VAL LB 57 -35.81 -121.89 -22.00
C VAL LB 57 -36.20 -123.35 -22.17
N GLU LB 58 -36.76 -123.95 -21.12
CA GLU LB 58 -37.25 -125.33 -21.15
C GLU LB 58 -38.34 -125.55 -22.20
N ALA LB 59 -39.18 -124.54 -22.41
CA ALA LB 59 -40.16 -124.54 -23.49
C ALA LB 59 -39.46 -124.45 -24.86
N LEU LB 60 -38.54 -123.49 -24.98
CA LEU LB 60 -37.74 -123.29 -26.20
C LEU LB 60 -36.90 -124.50 -26.58
N CYS LB 61 -36.34 -125.17 -25.58
CA CYS LB 61 -35.63 -126.44 -25.78
C CYS LB 61 -36.55 -127.54 -26.32
N ALA LB 62 -37.79 -127.57 -25.83
CA ALA LB 62 -38.81 -128.52 -26.30
C ALA LB 62 -39.28 -128.29 -27.74
N GLU LB 63 -38.95 -127.14 -28.32
CA GLU LB 63 -39.16 -126.89 -29.76
C GLU LB 63 -38.32 -127.84 -30.60
N HIS LB 64 -38.71 -127.99 -31.87
CA HIS LB 64 -37.99 -128.82 -32.86
C HIS LB 64 -36.47 -128.69 -32.78
N GLN LB 65 -35.79 -129.80 -33.04
CA GLN LB 65 -34.36 -130.03 -32.72
C GLN LB 65 -34.19 -130.27 -31.22
N ILE LB 66 -33.86 -131.51 -30.86
CA ILE LB 66 -33.68 -131.92 -29.46
C ILE LB 66 -32.43 -131.25 -28.87
N ASN LB 67 -32.56 -130.77 -27.63
CA ASN LB 67 -31.56 -129.90 -27.02
C ASN LB 67 -31.83 -129.71 -25.54
N LEU LB 68 -30.95 -130.20 -24.66
CA LEU LB 68 -31.06 -129.93 -23.21
C LEU LB 68 -29.85 -130.37 -22.37
N ILE LB 69 -29.77 -129.76 -21.18
CA ILE LB 69 -28.96 -130.23 -20.04
C ILE LB 69 -29.40 -129.38 -18.84
N LYS LB 70 -29.34 -129.93 -17.64
CA LYS LB 70 -29.77 -129.22 -16.43
C LYS LB 70 -28.61 -128.46 -15.78
N VAL LB 71 -27.61 -129.20 -15.28
CA VAL LB 71 -26.37 -128.67 -14.67
C VAL LB 71 -26.60 -127.84 -13.37
N ASP LB 72 -25.63 -127.93 -12.46
CA ASP LB 72 -25.73 -127.33 -11.13
C ASP LB 72 -25.12 -125.92 -11.08
N ASP LB 73 -25.87 -124.97 -10.51
CA ASP LB 73 -25.40 -123.60 -10.19
C ASP LB 73 -24.98 -122.70 -11.36
N ASN LB 74 -24.99 -121.39 -11.10
CA ASN LB 74 -24.58 -120.38 -12.07
C ASN LB 74 -23.07 -120.17 -12.04
N LYS LB 75 -22.53 -119.98 -10.83
CA LYS LB 75 -21.17 -119.47 -10.63
C LYS LB 75 -20.08 -120.32 -11.27
N LYS LB 76 -20.21 -121.65 -11.16
CA LYS LB 76 -19.29 -122.57 -11.83
C LYS LB 76 -19.45 -122.54 -13.34
N LEU LB 77 -20.70 -122.45 -13.82
CA LEU LB 77 -21.01 -122.47 -15.25
C LEU LB 77 -20.25 -121.42 -16.06
N GLY LB 78 -20.11 -120.22 -15.48
CA GLY LB 78 -19.43 -119.12 -16.14
C GLY LB 78 -17.96 -119.37 -16.46
N GLU LB 79 -17.23 -119.95 -15.51
CA GLU LB 79 -15.77 -120.10 -15.63
C GLU LB 79 -15.34 -121.07 -16.74
N TRP LB 80 -16.20 -122.01 -17.11
CA TRP LB 80 -15.91 -122.94 -18.23
C TRP LB 80 -16.20 -122.22 -19.55
N VAL LB 81 -17.17 -121.29 -19.53
CA VAL LB 81 -17.46 -120.41 -20.67
C VAL LB 81 -16.41 -119.28 -20.67
N GLY LB 82 -16.14 -118.71 -21.83
CA GLY LB 82 -15.14 -117.64 -21.96
C GLY LB 82 -15.51 -116.35 -21.26
N LEU LB 83 -14.85 -116.08 -20.13
CA LEU LB 83 -14.97 -114.78 -19.43
C LEU LB 83 -13.79 -114.52 -18.47
N CYS LB 84 -12.58 -114.68 -18.99
CA CYS LB 84 -11.35 -114.37 -18.25
C CYS LB 84 -10.15 -114.19 -19.20
N LYS LB 85 -9.24 -113.29 -18.84
CA LYS LB 85 -8.08 -112.94 -19.68
C LYS LB 85 -6.71 -113.36 -19.10
N ILE LB 86 -6.70 -114.47 -18.35
CA ILE LB 86 -5.49 -115.05 -17.73
C ILE LB 86 -4.51 -114.00 -17.15
N ASP LB 87 -4.99 -113.27 -16.14
CA ASP LB 87 -4.15 -112.37 -15.33
C ASP LB 87 -3.94 -113.04 -13.98
N ARG LB 88 -2.69 -113.08 -13.51
CA ARG LB 88 -2.29 -113.73 -12.25
C ARG LB 88 -2.30 -115.27 -12.40
N GLU LB 89 -1.25 -115.92 -11.91
CA GLU LB 89 -0.98 -117.34 -12.20
C GLU LB 89 -2.06 -118.30 -11.69
N GLY LB 90 -2.46 -118.14 -10.44
CA GLY LB 90 -3.50 -118.97 -9.82
C GLY LB 90 -4.92 -118.87 -10.39
N LYS LB 91 -5.18 -117.81 -11.16
CA LYS LB 91 -6.45 -117.61 -11.89
C LYS LB 91 -7.67 -117.48 -10.95
N PRO LB 92 -7.82 -116.30 -10.31
CA PRO LB 92 -9.06 -115.94 -9.61
C PRO LB 92 -9.82 -114.83 -10.36
N ARG LB 93 -9.88 -114.94 -11.69
CA ARG LB 93 -10.39 -113.87 -12.55
C ARG LB 93 -11.91 -113.79 -12.54
N LYS LB 94 -12.44 -112.67 -12.02
CA LYS LB 94 -13.88 -112.42 -11.83
C LYS LB 94 -14.66 -113.60 -11.22
N VAL LB 95 -15.00 -114.59 -12.05
CA VAL LB 95 -15.82 -115.74 -11.67
C VAL LB 95 -17.23 -115.28 -11.25
N VAL LB 96 -18.14 -115.25 -12.22
CA VAL LB 96 -19.51 -114.75 -12.00
C VAL LB 96 -20.56 -115.75 -12.46
N GLY LB 97 -21.74 -115.67 -11.84
CA GLY LB 97 -22.86 -116.54 -12.16
C GLY LB 97 -23.45 -116.37 -13.55
N CYS LB 98 -22.94 -117.17 -14.50
CA CYS LB 98 -23.50 -117.22 -15.85
C CYS LB 98 -24.74 -118.11 -15.83
N SER LB 99 -25.79 -117.65 -16.51
CA SER LB 99 -27.11 -118.29 -16.46
C SER LB 99 -27.24 -119.48 -17.42
N CYS LB 100 -27.24 -119.20 -18.72
CA CYS LB 100 -27.43 -120.20 -19.77
C CYS LB 100 -26.49 -119.94 -20.94
N VAL LB 101 -26.30 -120.95 -21.77
CA VAL LB 101 -25.61 -120.78 -23.06
C VAL LB 101 -26.24 -121.64 -24.15
N VAL LB 102 -25.76 -121.45 -25.38
CA VAL LB 102 -26.01 -122.35 -26.50
C VAL LB 102 -24.72 -122.46 -27.31
N VAL LB 103 -24.37 -123.69 -27.69
CA VAL LB 103 -23.19 -123.96 -28.50
C VAL LB 103 -23.59 -123.75 -29.97
N LYS LB 104 -22.62 -123.37 -30.80
CA LYS LB 104 -22.84 -123.19 -32.23
C LYS LB 104 -21.65 -123.78 -32.99
N ASP LB 105 -21.89 -124.89 -33.68
CA ASP LB 105 -20.86 -125.61 -34.43
C ASP LB 105 -19.74 -126.12 -33.50
N TYR LB 106 -20.14 -126.84 -32.45
CA TYR LB 106 -19.27 -127.43 -31.42
C TYR LB 106 -17.75 -127.12 -31.46
N GLY LB 107 -17.09 -127.52 -32.53
CA GLY LB 107 -15.67 -127.23 -32.71
C GLY LB 107 -15.09 -127.82 -33.98
N LYS LB 108 -15.16 -129.15 -34.07
CA LYS LB 108 -14.61 -129.90 -35.19
C LYS LB 108 -15.15 -131.33 -35.18
N GLU LB 109 -14.62 -132.19 -34.31
CA GLU LB 109 -15.06 -133.59 -34.19
C GLU LB 109 -14.34 -134.30 -33.05
N SER LB 110 -14.85 -135.48 -32.67
CA SER LB 110 -14.21 -136.37 -31.68
C SER LB 110 -14.15 -135.77 -30.26
N GLN LB 111 -13.34 -136.37 -29.39
CA GLN LB 111 -13.08 -135.89 -28.02
C GLN LB 111 -14.34 -135.96 -27.14
N ALA LB 112 -14.99 -134.82 -26.88
CA ALA LB 112 -16.19 -134.75 -26.04
C ALA LB 112 -17.48 -134.51 -26.82
N LYS LB 113 -17.36 -134.26 -28.13
CA LYS LB 113 -18.50 -133.85 -28.97
C LYS LB 113 -19.37 -135.05 -29.32
N ASP LB 114 -18.72 -136.16 -29.66
CA ASP LB 114 -19.40 -137.43 -29.96
C ASP LB 114 -19.95 -138.10 -28.68
N VAL LB 115 -19.41 -137.72 -27.51
CA VAL LB 115 -19.80 -138.33 -26.24
C VAL LB 115 -21.14 -137.80 -25.72
N ILE LB 116 -21.19 -136.52 -25.39
CA ILE LB 116 -22.28 -135.97 -24.55
C ILE LB 116 -23.64 -135.89 -25.24
N GLU LB 117 -23.67 -135.42 -26.48
CA GLU LB 117 -24.92 -135.29 -27.25
C GLU LB 117 -25.49 -136.67 -27.61
N GLU LB 118 -24.60 -137.62 -27.91
CA GLU LB 118 -25.00 -138.98 -28.24
C GLU LB 118 -25.59 -139.71 -27.03
N TYR LB 119 -25.01 -139.51 -25.84
CA TYR LB 119 -25.57 -140.13 -24.62
C TYR LB 119 -26.91 -139.49 -24.25
N PHE LB 120 -27.04 -138.18 -24.43
CA PHE LB 120 -28.31 -137.48 -24.15
C PHE LB 120 -29.42 -137.95 -25.09
N LYS LB 121 -29.06 -138.22 -26.34
CA LYS LB 121 -30.01 -138.76 -27.34
C LYS LB 121 -30.52 -140.16 -26.98
N CYS LB 122 -29.64 -140.99 -26.41
CA CYS LB 122 -29.99 -142.36 -26.01
C CYS LB 122 -29.42 -142.70 -24.63
N LYS LB 123 -30.11 -142.23 -23.59
CA LYS LB 123 -29.69 -142.47 -22.19
C LYS LB 123 -30.03 -143.88 -21.74
N LYS LB 124 -29.09 -144.80 -21.90
CA LYS LB 124 -29.23 -146.19 -21.44
C LYS LB 124 -27.88 -146.76 -21.00
N GLY MB 1 73.54 -22.12 -0.26
CA GLY MB 1 73.56 -21.49 -1.62
C GLY MB 1 73.10 -20.04 -1.63
N ARG MB 2 73.93 -19.18 -1.07
CA ARG MB 2 73.68 -17.74 -0.91
C ARG MB 2 72.48 -17.45 0.01
N MET MB 3 72.64 -16.39 0.82
CA MET MB 3 71.72 -16.15 1.91
C MET MB 3 70.42 -15.64 1.37
N HIS MB 4 70.51 -14.53 0.65
CA HIS MB 4 69.35 -13.72 0.30
C HIS MB 4 69.23 -13.64 -1.21
N ALA MB 5 69.31 -14.79 -1.84
CA ALA MB 5 69.44 -14.82 -3.27
C ALA MB 5 69.24 -16.22 -3.79
N PRO MB 6 68.52 -16.33 -4.90
CA PRO MB 6 68.31 -17.65 -5.46
C PRO MB 6 69.60 -18.32 -5.94
N GLY MB 7 70.57 -17.52 -6.40
CA GLY MB 7 71.79 -18.03 -7.04
C GLY MB 7 72.56 -19.02 -6.17
N LYS MB 8 73.14 -20.04 -6.80
CA LYS MB 8 73.84 -21.09 -6.10
C LYS MB 8 75.18 -21.31 -6.76
N GLY MB 9 76.02 -20.29 -6.65
CA GLY MB 9 77.31 -20.24 -7.36
C GLY MB 9 78.44 -21.03 -6.73
N LEU MB 10 79.57 -21.05 -7.43
CA LEU MB 10 80.80 -21.68 -6.95
C LEU MB 10 82.06 -20.88 -7.28
N SER MB 11 81.97 -19.55 -7.23
CA SER MB 11 83.17 -18.72 -7.27
C SER MB 11 83.81 -18.79 -5.88
N GLN MB 12 85.14 -18.67 -5.84
CA GLN MB 12 85.92 -18.43 -4.60
C GLN MB 12 87.39 -18.69 -4.82
N SER MB 13 88.19 -18.14 -3.92
CA SER MB 13 89.60 -18.49 -3.86
C SER MB 13 89.78 -19.97 -3.52
N ALA MB 14 90.88 -20.52 -3.99
CA ALA MB 14 91.28 -21.86 -3.63
C ALA MB 14 92.74 -21.80 -3.28
N LEU MB 15 93.06 -22.02 -2.01
CA LEU MB 15 94.45 -22.10 -1.59
C LEU MB 15 95.23 -23.20 -2.27
N PRO MB 16 96.57 -23.15 -2.15
CA PRO MB 16 97.35 -24.34 -2.46
C PRO MB 16 97.28 -25.34 -1.33
N TYR MB 17 98.14 -26.35 -1.38
CA TYR MB 17 98.50 -27.13 -0.20
C TYR MB 17 99.70 -26.44 0.43
N ARG MB 18 100.86 -26.51 -0.23
CA ARG MB 18 102.08 -26.00 0.35
C ARG MB 18 101.83 -24.68 1.06
N ARG MB 19 101.85 -24.70 2.38
CA ARG MB 19 101.64 -23.50 3.15
C ARG MB 19 102.91 -22.66 3.28
N SER MB 20 104.06 -23.21 2.90
CA SER MB 20 105.35 -22.53 3.01
C SER MB 20 105.43 -21.24 2.21
N VAL MB 21 106.14 -20.25 2.75
CA VAL MB 21 106.48 -19.06 1.98
C VAL MB 21 107.45 -19.51 0.93
N PRO MB 22 107.32 -18.99 -0.29
CA PRO MB 22 108.02 -19.56 -1.44
C PRO MB 22 109.53 -19.75 -1.28
N THR MB 23 110.27 -18.66 -1.08
CA THR MB 23 111.75 -18.59 -1.15
C THR MB 23 112.08 -17.31 -1.90
N TRP MB 24 111.43 -17.14 -3.05
CA TRP MB 24 111.60 -15.96 -3.86
C TRP MB 24 111.04 -14.68 -3.22
N LEU MB 25 110.25 -14.86 -2.16
CA LEU MB 25 109.84 -13.77 -1.32
C LEU MB 25 111.03 -13.34 -0.48
N LYS MB 26 111.21 -12.02 -0.38
CA LYS MB 26 112.16 -11.44 0.54
C LYS MB 26 111.34 -11.00 1.77
N LEU MB 27 111.31 -9.72 2.11
CA LEU MB 27 110.34 -9.15 3.06
C LEU MB 27 110.58 -9.56 4.50
N THR MB 28 110.28 -10.81 4.85
CA THR MB 28 110.27 -11.29 6.25
C THR MB 28 109.07 -10.76 7.00
N SER MB 29 108.76 -11.43 8.11
CA SER MB 29 107.54 -11.14 8.86
C SER MB 29 107.42 -9.67 9.20
N ASP MB 30 108.38 -9.17 9.94
CA ASP MB 30 108.30 -7.83 10.53
C ASP MB 30 108.12 -6.73 9.49
N ASP MB 31 108.83 -6.86 8.37
CA ASP MB 31 108.71 -5.89 7.27
C ASP MB 31 107.34 -5.97 6.63
N VAL MB 32 106.75 -7.16 6.56
CA VAL MB 32 105.37 -7.31 6.08
C VAL MB 32 104.36 -6.66 7.01
N LYS MB 33 104.57 -6.76 8.32
CA LYS MB 33 103.73 -6.04 9.27
C LYS MB 33 103.91 -4.52 9.13
N GLU MB 34 105.17 -4.07 9.02
CA GLU MB 34 105.46 -2.66 8.74
C GLU MB 34 104.83 -2.14 7.44
N GLN MB 35 104.65 -3.03 6.47
CA GLN MB 35 103.93 -2.73 5.24
C GLN MB 35 102.42 -2.65 5.50
N ILE MB 36 101.91 -3.55 6.33
CA ILE MB 36 100.50 -3.55 6.69
C ILE MB 36 100.12 -2.31 7.52
N TYR MB 37 100.91 -2.00 8.55
CA TYR MB 37 100.61 -0.83 9.39
C TYR MB 37 100.53 0.44 8.55
N LYS MB 38 101.52 0.61 7.67
CA LYS MB 38 101.61 1.75 6.76
C LYS MB 38 100.43 1.80 5.81
N LEU MB 39 99.94 0.64 5.38
CA LEU MB 39 98.72 0.60 4.58
C LEU MB 39 97.49 1.01 5.36
N ALA MB 40 97.30 0.43 6.55
CA ALA MB 40 96.11 0.72 7.35
C ALA MB 40 96.03 2.18 7.76
N LYS MB 41 97.17 2.75 8.15
CA LYS MB 41 97.27 4.18 8.45
C LYS MB 41 96.73 4.96 7.26
N LYS MB 42 97.28 4.71 6.07
CA LYS MB 42 96.84 5.38 4.84
C LYS MB 42 95.32 5.22 4.59
N GLY MB 43 94.73 4.17 5.16
CA GLY MB 43 93.27 4.08 5.35
C GLY MB 43 92.62 3.02 4.47
N LEU MB 44 92.89 1.76 4.77
CA LEU MB 44 92.39 0.62 3.99
C LEU MB 44 91.83 -0.42 4.92
N THR MB 45 90.89 -1.22 4.43
CA THR MB 45 90.32 -2.32 5.21
C THR MB 45 91.32 -3.46 5.25
N PRO MB 46 91.10 -4.45 6.12
CA PRO MB 46 91.90 -5.66 6.11
C PRO MB 46 91.95 -6.30 4.73
N SER MB 47 90.79 -6.36 4.10
CA SER MB 47 90.68 -6.86 2.75
C SER MB 47 91.58 -6.14 1.76
N GLN MB 48 91.45 -4.84 1.71
CA GLN MB 48 92.23 -4.05 0.78
C GLN MB 48 93.72 -4.24 0.98
N ILE MB 49 94.15 -4.15 2.23
CA ILE MB 49 95.54 -4.44 2.62
C ILE MB 49 95.99 -5.76 2.06
N GLY MB 50 95.17 -6.78 2.32
CA GLY MB 50 95.48 -8.13 1.95
C GLY MB 50 95.62 -8.41 0.48
N VAL MB 51 94.87 -7.67 -0.34
CA VAL MB 51 95.02 -7.75 -1.78
C VAL MB 51 96.24 -7.01 -2.28
N ILE MB 52 96.46 -5.82 -1.75
CA ILE MB 52 97.58 -5.01 -2.15
C ILE MB 52 98.83 -5.83 -2.05
N LEU MB 53 99.01 -6.44 -0.90
CA LEU MB 53 100.20 -7.22 -0.61
C LEU MB 53 100.46 -8.36 -1.58
N ARG MB 54 99.41 -9.03 -2.05
CA ARG MB 54 99.58 -10.12 -3.02
C ARG MB 54 99.85 -9.64 -4.46
N ASP MB 55 99.16 -8.58 -4.86
CA ASP MB 55 99.24 -8.10 -6.24
C ASP MB 55 100.53 -7.36 -6.53
N SER MB 56 101.03 -6.64 -5.53
CA SER MB 56 102.22 -5.80 -5.67
C SER MB 56 103.43 -6.38 -4.96
N HIS MB 57 103.29 -6.64 -3.67
CA HIS MB 57 104.41 -7.02 -2.83
C HIS MB 57 104.66 -8.55 -2.82
N GLY MB 58 103.86 -9.28 -3.59
CA GLY MB 58 104.09 -10.71 -3.78
C GLY MB 58 103.86 -11.58 -2.56
N VAL MB 59 103.21 -11.06 -1.52
CA VAL MB 59 102.94 -11.85 -0.33
C VAL MB 59 101.58 -12.45 -0.57
N ALA MB 60 101.58 -13.73 -0.84
CA ALA MB 60 100.42 -14.44 -1.33
C ALA MB 60 99.39 -14.61 -0.25
N GLN MB 61 99.84 -15.13 0.89
CA GLN MB 61 98.99 -15.26 2.06
C GLN MB 61 99.75 -14.76 3.29
N VAL MB 62 99.27 -13.65 3.83
CA VAL MB 62 99.92 -12.97 4.95
C VAL MB 62 100.00 -13.92 6.11
N ARG MB 63 98.97 -14.73 6.25
CA ARG MB 63 98.90 -15.74 7.31
C ARG MB 63 100.12 -16.64 7.39
N PHE MB 64 100.79 -16.86 6.27
CA PHE MB 64 102.01 -17.66 6.26
C PHE MB 64 103.29 -16.86 6.47
N VAL MB 65 103.33 -15.63 5.96
CA VAL MB 65 104.55 -14.82 6.02
C VAL MB 65 104.73 -14.31 7.43
N THR MB 66 103.73 -13.59 7.91
CA THR MB 66 103.54 -13.42 9.34
C THR MB 66 102.97 -14.74 9.82
N GLY MB 67 103.04 -14.99 11.12
CA GLY MB 67 102.28 -16.08 11.69
C GLY MB 67 100.80 -15.75 11.63
N ASN MB 68 100.48 -14.54 12.06
CA ASN MB 68 99.09 -14.13 12.23
C ASN MB 68 98.43 -13.69 10.96
N LYS MB 69 97.12 -13.55 11.04
CA LYS MB 69 96.29 -13.08 9.93
C LYS MB 69 96.01 -11.58 10.07
N ILE MB 70 95.57 -10.96 8.99
CA ILE MB 70 95.74 -9.53 8.84
C ILE MB 70 95.08 -8.72 9.94
N LEU MB 71 93.76 -8.83 10.07
CA LEU MB 71 93.03 -8.13 11.13
C LEU MB 71 93.75 -8.25 12.46
N ARG MB 72 94.05 -9.48 12.85
CA ARG MB 72 94.69 -9.78 14.12
C ARG MB 72 96.03 -9.05 14.36
N ILE MB 73 96.73 -8.72 13.28
CA ILE MB 73 97.92 -7.87 13.38
C ILE MB 73 97.52 -6.43 13.66
N LEU MB 74 96.50 -5.95 12.96
CA LEU MB 74 96.02 -4.59 13.16
C LEU MB 74 95.49 -4.39 14.57
N LYS MB 75 94.79 -5.39 15.08
CA LYS MB 75 94.24 -5.31 16.44
C LYS MB 75 95.37 -5.04 17.42
N SER MB 76 96.43 -5.83 17.35
CA SER MB 76 97.58 -5.67 18.23
C SER MB 76 98.08 -4.22 18.31
N LYS MB 77 98.53 -3.67 17.18
CA LYS MB 77 99.03 -2.28 17.18
C LYS MB 77 97.94 -1.22 17.36
N GLY MB 78 96.68 -1.61 17.23
CA GLY MB 78 95.52 -0.75 17.54
C GLY MB 78 94.83 -0.13 16.33
N LEU MB 79 95.31 -0.45 15.13
CA LEU MB 79 94.83 0.16 13.89
C LEU MB 79 93.50 -0.42 13.40
N ALA MB 80 92.97 -1.42 14.08
CA ALA MB 80 91.69 -2.00 13.73
C ALA MB 80 90.56 -1.04 14.08
N PRO MB 81 89.56 -0.92 13.19
CA PRO MB 81 88.44 -0.01 13.42
C PRO MB 81 87.47 -0.50 14.47
N ASP MB 82 86.61 0.41 14.93
CA ASP MB 82 85.73 0.14 16.07
C ASP MB 82 84.74 -1.00 15.82
N LEU MB 83 84.11 -0.99 14.64
CA LEU MB 83 83.22 -2.05 14.23
C LEU MB 83 83.81 -2.67 12.99
N PRO MB 84 83.48 -3.94 12.74
CA PRO MB 84 84.22 -4.73 11.74
C PRO MB 84 83.88 -4.37 10.30
N GLU MB 85 84.88 -4.34 9.42
CA GLU MB 85 84.71 -3.83 8.04
C GLU MB 85 83.51 -4.44 7.35
N ASP MB 86 83.25 -5.69 7.70
CA ASP MB 86 82.25 -6.50 7.04
C ASP MB 86 80.82 -6.05 7.38
N LEU MB 87 80.65 -5.44 8.55
CA LEU MB 87 79.39 -4.81 8.93
C LEU MB 87 79.31 -3.39 8.43
N TYR MB 88 80.38 -2.64 8.66
CA TYR MB 88 80.50 -1.28 8.15
C TYR MB 88 80.04 -1.20 6.69
N HIS MB 89 80.49 -2.13 5.86
CA HIS MB 89 80.16 -2.09 4.42
C HIS MB 89 78.70 -2.35 4.15
N LEU MB 90 78.09 -3.13 5.04
CA LEU MB 90 76.69 -3.47 4.90
C LEU MB 90 75.85 -2.29 5.29
N ILE MB 91 76.18 -1.66 6.41
CA ILE MB 91 75.43 -0.52 6.84
C ILE MB 91 75.47 0.60 5.81
N LYS MB 92 76.67 0.87 5.35
CA LYS MB 92 76.92 1.76 4.22
C LYS MB 92 75.90 1.51 3.13
N LYS MB 93 75.82 0.26 2.66
CA LYS MB 93 74.89 -0.10 1.60
C LYS MB 93 73.47 0.21 1.95
N ALA MB 94 73.07 -0.15 3.17
CA ALA MB 94 71.74 0.17 3.63
C ALA MB 94 71.55 1.68 3.55
N VAL MB 95 72.48 2.43 4.13
CA VAL MB 95 72.34 3.88 4.13
C VAL MB 95 72.13 4.38 2.72
N ALA MB 96 72.88 3.85 1.77
CA ALA MB 96 72.75 4.26 0.39
C ALA MB 96 71.33 4.00 -0.11
N VAL MB 97 70.87 2.76 0.01
CA VAL MB 97 69.57 2.43 -0.51
C VAL MB 97 68.56 3.36 0.13
N ARG MB 98 68.59 3.35 1.44
CA ARG MB 98 67.70 4.14 2.24
C ARG MB 98 67.71 5.59 1.73
N LYS MB 99 68.89 6.18 1.59
CA LYS MB 99 69.00 7.53 1.05
C LYS MB 99 68.25 7.61 -0.25
N HIS MB 100 68.57 6.70 -1.16
CA HIS MB 100 67.98 6.67 -2.49
C HIS MB 100 66.47 6.48 -2.49
N LEU MB 101 65.99 5.75 -1.50
CA LEU MB 101 64.56 5.56 -1.30
C LEU MB 101 63.84 6.86 -0.92
N GLU MB 102 64.43 7.62 0.00
CA GLU MB 102 63.86 8.90 0.42
C GLU MB 102 63.57 9.81 -0.78
N ARG MB 103 64.48 9.87 -1.74
CA ARG MB 103 64.25 10.62 -2.98
C ARG MB 103 63.21 9.91 -3.85
N ASN MB 104 63.42 8.61 -4.08
CA ASN MB 104 62.62 7.82 -5.03
C ASN MB 104 61.67 6.90 -4.30
N ARG MB 105 60.53 7.40 -3.83
CA ARG MB 105 59.69 6.60 -2.91
C ARG MB 105 59.07 5.31 -3.47
N LYS MB 106 58.95 5.22 -4.78
CA LYS MB 106 58.31 4.08 -5.46
C LYS MB 106 59.15 2.81 -5.62
N ASP MB 107 60.49 2.94 -5.62
CA ASP MB 107 61.39 1.88 -6.08
C ASP MB 107 61.26 0.66 -5.15
N LYS MB 108 60.23 -0.14 -5.42
CA LYS MB 108 59.86 -1.25 -4.57
C LYS MB 108 61.08 -2.13 -4.41
N ASP MB 109 61.62 -2.60 -5.53
CA ASP MB 109 62.74 -3.52 -5.50
C ASP MB 109 63.82 -2.99 -4.57
N ALA MB 110 64.04 -1.68 -4.59
CA ALA MB 110 64.98 -1.06 -3.68
C ALA MB 110 64.54 -1.20 -2.24
N LYS MB 111 63.28 -0.96 -1.96
CA LYS MB 111 62.77 -1.16 -0.61
C LYS MB 111 62.97 -2.58 -0.11
N PHE MB 112 62.65 -3.55 -0.96
CA PHE MB 112 62.85 -4.97 -0.69
C PHE MB 112 64.29 -5.20 -0.31
N ARG MB 113 65.19 -4.87 -1.22
CA ARG MB 113 66.60 -5.16 -1.00
C ARG MB 113 67.06 -4.61 0.33
N LEU MB 114 66.77 -3.35 0.56
CA LEU MB 114 67.09 -2.71 1.84
C LEU MB 114 66.71 -3.61 2.98
N ILE MB 115 65.49 -4.13 2.92
CA ILE MB 115 65.02 -5.05 3.95
C ILE MB 115 65.94 -6.25 4.09
N LEU MB 116 66.33 -6.84 2.98
CA LEU MB 116 67.32 -7.90 3.03
C LEU MB 116 68.60 -7.41 3.67
N ILE MB 117 69.18 -6.34 3.11
CA ILE MB 117 70.41 -5.81 3.64
C ILE MB 117 70.26 -5.64 5.14
N GLU MB 118 69.25 -4.88 5.55
CA GLU MB 118 68.98 -4.65 6.97
C GLU MB 118 69.05 -5.95 7.74
N SER MB 119 68.43 -7.01 7.22
CA SER MB 119 68.36 -8.32 7.91
C SER MB 119 69.67 -9.09 7.95
N ARG MB 120 70.43 -9.02 6.86
CA ARG MB 120 71.81 -9.39 6.89
C ARG MB 120 72.53 -8.62 8.01
N ILE MB 121 72.40 -7.29 8.04
CA ILE MB 121 73.03 -6.47 9.08
C ILE MB 121 72.68 -6.95 10.46
N HIS MB 122 71.40 -7.16 10.72
CA HIS MB 122 70.97 -7.58 12.04
C HIS MB 122 71.51 -8.94 12.42
N ARG MB 123 71.73 -9.82 11.44
CA ARG MB 123 72.37 -11.10 11.74
C ARG MB 123 73.79 -10.92 12.20
N LEU MB 124 74.63 -10.45 11.31
CA LEU MB 124 75.98 -10.15 11.69
C LEU MB 124 75.98 -9.63 13.11
N ALA MB 125 75.22 -8.56 13.33
CA ALA MB 125 75.30 -7.82 14.57
C ALA MB 125 75.13 -8.72 15.77
N ARG MB 126 74.20 -9.68 15.70
CA ARG MB 126 74.09 -10.58 16.83
C ARG MB 126 75.29 -11.50 16.93
N TYR MB 127 75.75 -12.03 15.80
CA TYR MB 127 76.95 -12.85 15.82
C TYR MB 127 78.06 -12.12 16.51
N TYR MB 128 78.35 -10.93 16.07
CA TYR MB 128 79.40 -10.16 16.67
C TYR MB 128 79.07 -9.92 18.15
N LYS MB 129 77.81 -9.62 18.46
CA LYS MB 129 77.40 -9.40 19.85
C LYS MB 129 77.62 -10.57 20.75
N THR MB 130 77.49 -11.79 20.24
CA THR MB 130 77.82 -12.94 21.06
C THR MB 130 79.33 -13.07 21.24
N LYS MB 131 80.07 -12.94 20.15
CA LYS MB 131 81.51 -13.06 20.22
C LYS MB 131 82.20 -11.81 20.77
N ARG MB 132 81.42 -10.85 21.27
CA ARG MB 132 81.93 -9.78 22.11
C ARG MB 132 82.87 -8.81 21.39
N VAL MB 133 82.66 -8.62 20.10
CA VAL MB 133 83.32 -7.56 19.36
C VAL MB 133 82.36 -6.41 19.04
N LEU MB 134 81.06 -6.66 19.25
CA LEU MB 134 80.08 -5.62 19.30
C LEU MB 134 79.59 -5.63 20.73
N PRO MB 135 79.61 -4.48 21.42
CA PRO MB 135 79.13 -4.48 22.81
C PRO MB 135 77.63 -4.75 22.88
N PRO MB 136 77.17 -5.46 23.92
CA PRO MB 136 75.85 -6.06 23.93
C PRO MB 136 74.78 -5.00 24.18
N ASN MB 137 74.60 -4.18 23.16
CA ASN MB 137 74.07 -2.83 23.30
C ASN MB 137 73.95 -2.18 21.94
N TRP MB 138 75.04 -2.34 21.17
CA TRP MB 138 75.06 -2.00 19.77
C TRP MB 138 73.84 -2.53 19.06
N LYS MB 139 73.12 -1.59 18.47
CA LYS MB 139 71.91 -1.86 17.73
C LYS MB 139 71.97 -0.98 16.49
N TYR MB 140 71.46 -1.48 15.38
CA TYR MB 140 71.53 -0.71 14.14
C TYR MB 140 70.29 0.16 14.04
N GLU MB 141 70.42 1.39 14.51
CA GLU MB 141 69.29 2.29 14.69
C GLU MB 141 68.82 2.98 13.40
N SER MB 142 69.65 3.00 12.37
CA SER MB 142 69.26 3.48 11.02
C SER MB 142 69.12 4.99 10.91
N SER MB 143 68.33 5.58 11.79
CA SER MB 143 68.25 7.04 11.89
C SER MB 143 69.63 7.66 12.10
N THR MB 144 70.41 7.05 12.97
CA THR MB 144 71.74 7.54 13.30
C THR MB 144 72.75 7.15 12.26
N ALA MB 145 72.71 5.87 11.89
CA ALA MB 145 73.77 5.17 11.19
C ALA MB 145 74.47 5.95 10.10
N SER MB 146 73.70 6.69 9.32
CA SER MB 146 74.28 7.54 8.28
C SER MB 146 75.52 8.31 8.75
N ALA MB 147 75.59 8.58 10.05
CA ALA MB 147 76.81 9.05 10.73
C ALA MB 147 78.11 8.29 10.46
N LEU MB 148 78.03 6.97 10.29
CA LEU MB 148 79.20 6.07 10.28
C LEU MB 148 79.73 5.76 8.85
N VAL MB 149 80.06 6.83 8.13
CA VAL MB 149 80.68 6.76 6.77
C VAL MB 149 81.61 7.96 6.55
N ALA MB 150 81.02 9.16 6.57
CA ALA MB 150 81.74 10.42 6.61
C ALA MB 150 81.08 11.09 7.81
N SER NB 1 43.67 19.50 -74.61
CA SER NB 1 44.63 19.97 -73.55
C SER NB 1 44.51 19.15 -72.26
N LEU NB 2 45.02 17.92 -72.31
CA LEU NB 2 44.83 16.94 -71.23
C LEU NB 2 46.10 16.12 -71.06
N GLY NB 3 47.09 16.69 -70.36
CA GLY NB 3 48.46 16.20 -70.40
C GLY NB 3 49.01 16.24 -71.82
N PRO NB 4 48.89 17.40 -72.51
CA PRO NB 4 49.10 17.47 -73.96
C PRO NB 4 50.56 17.46 -74.43
N GLN NB 5 51.47 18.05 -73.66
CA GLN NB 5 52.89 18.13 -74.07
C GLN NB 5 53.53 16.75 -73.99
N VAL NB 6 53.36 16.01 -75.08
CA VAL NB 6 53.86 14.64 -75.18
C VAL NB 6 53.81 14.22 -76.66
N ALA NB 7 54.86 13.53 -77.11
CA ALA NB 7 55.03 13.19 -78.53
C ALA NB 7 54.49 11.80 -78.90
N GLU NB 8 53.34 11.44 -78.33
CA GLU NB 8 52.73 10.10 -78.48
C GLU NB 8 53.73 8.97 -78.20
N GLY NB 9 54.48 9.15 -77.11
CA GLY NB 9 55.59 8.25 -76.75
C GLY NB 9 55.77 8.21 -75.25
N GLU NB 10 56.00 9.39 -74.67
CA GLU NB 10 56.02 9.55 -73.21
C GLU NB 10 54.65 9.27 -72.61
N ASN NB 11 54.65 8.93 -71.33
CA ASN NB 11 53.46 8.46 -70.64
C ASN NB 11 53.09 9.45 -69.56
N VAL NB 12 51.80 9.77 -69.46
CA VAL NB 12 51.31 10.67 -68.43
C VAL NB 12 50.88 9.88 -67.21
N PHE NB 13 51.65 10.02 -66.12
CA PHE NB 13 51.43 9.14 -64.98
C PHE NB 13 50.33 9.63 -64.08
N GLY NB 14 49.35 8.75 -63.86
CA GLY NB 14 48.45 8.89 -62.75
C GLY NB 14 49.03 8.10 -61.58
N VAL NB 15 48.16 7.76 -60.64
CA VAL NB 15 48.53 6.86 -59.55
C VAL NB 15 47.25 6.36 -58.89
N CYS NB 16 47.03 5.05 -58.94
CA CYS NB 16 45.67 4.51 -58.86
C CYS NB 16 45.21 3.99 -57.50
N HIS NB 17 46.14 3.82 -56.57
CA HIS NB 17 45.83 3.50 -55.16
C HIS NB 17 45.24 2.09 -54.90
N ILE NB 18 43.94 1.88 -55.03
CA ILE NB 18 43.37 0.54 -54.72
C ILE NB 18 43.45 0.23 -53.23
N PHE NB 19 42.33 0.49 -52.56
CA PHE NB 19 42.04 0.03 -51.20
C PHE NB 19 41.16 -1.17 -51.39
N ALA NB 20 41.76 -2.33 -51.28
CA ALA NB 20 41.08 -3.55 -51.59
C ALA NB 20 40.83 -4.32 -50.30
N SER NB 21 39.70 -4.04 -49.68
CA SER NB 21 39.37 -4.60 -48.39
C SER NB 21 38.29 -5.63 -48.51
N PHE NB 22 38.24 -6.51 -47.50
CA PHE NB 22 37.11 -7.41 -47.37
C PHE NB 22 35.97 -6.45 -47.20
N ASN NB 23 34.93 -6.63 -47.98
CA ASN NB 23 33.84 -5.64 -48.13
C ASN NB 23 34.38 -4.42 -48.88
N ASP NB 24 34.12 -4.41 -50.19
CA ASP NB 24 34.50 -3.35 -51.15
C ASP NB 24 35.92 -3.35 -51.69
N THR NB 25 36.08 -2.59 -52.76
CA THR NB 25 37.36 -2.25 -53.33
C THR NB 25 37.27 -0.77 -53.71
N PHE NB 26 38.41 -0.15 -53.93
CA PHE NB 26 38.46 1.18 -54.49
C PHE NB 26 39.41 1.16 -55.69
N VAL NB 27 39.26 2.11 -56.60
CA VAL NB 27 40.24 2.29 -57.67
C VAL NB 27 40.33 3.79 -57.89
N HIS NB 28 41.02 4.50 -57.02
CA HIS NB 28 40.86 5.95 -56.94
C HIS NB 28 42.03 6.69 -57.55
N VAL NB 29 42.02 6.83 -58.86
CA VAL NB 29 43.17 7.39 -59.56
C VAL NB 29 43.36 8.84 -59.23
N THR NB 30 44.62 9.24 -59.14
CA THR NB 30 45.00 10.61 -58.94
C THR NB 30 46.20 10.93 -59.81
N ASP NB 31 46.57 12.20 -59.81
CA ASP NB 31 47.83 12.68 -60.41
C ASP NB 31 48.95 12.34 -59.43
N LEU NB 32 50.21 12.45 -59.87
CA LEU NB 32 51.36 12.14 -59.01
C LEU NB 32 51.13 12.66 -57.59
N SER NB 33 50.78 13.94 -57.56
CA SER NB 33 50.19 14.63 -56.42
C SER NB 33 49.40 13.74 -55.45
N GLY NB 34 48.15 13.44 -55.80
CA GLY NB 34 47.14 12.96 -54.85
C GLY NB 34 46.14 14.06 -54.49
N LYS NB 35 46.64 15.27 -54.29
CA LYS NB 35 45.84 16.45 -53.92
C LYS NB 35 44.66 16.73 -54.89
N GLU NB 36 44.78 16.30 -56.15
CA GLU NB 36 43.66 16.32 -57.10
C GLU NB 36 43.41 14.93 -57.59
N THR NB 37 42.19 14.62 -57.95
CA THR NB 37 41.82 13.24 -58.27
C THR NB 37 41.03 13.11 -59.58
N ILE NB 38 41.14 11.91 -60.15
CA ILE NB 38 40.75 11.56 -61.51
C ILE NB 38 40.13 10.17 -61.42
N CYS NB 39 38.81 10.07 -61.22
CA CYS NB 39 38.07 8.78 -61.12
C CYS NB 39 38.29 8.05 -59.80
N ARG NB 40 37.25 7.35 -59.36
CA ARG NB 40 37.27 6.65 -58.07
C ARG NB 40 36.78 5.21 -58.11
N VAL NB 41 35.60 5.05 -58.72
CA VAL NB 41 34.78 3.84 -58.70
C VAL NB 41 35.24 2.65 -57.87
N THR NB 42 34.31 2.21 -57.06
CA THR NB 42 34.49 1.15 -56.11
C THR NB 42 33.68 0.00 -56.58
N GLY NB 43 34.08 -1.20 -56.15
CA GLY NB 43 33.31 -2.42 -56.43
C GLY NB 43 31.83 -2.29 -56.08
N GLY NB 44 31.53 -1.64 -54.97
CA GLY NB 44 30.17 -1.46 -54.55
C GLY NB 44 29.30 -0.68 -55.51
N MET NB 45 29.90 0.21 -56.31
CA MET NB 45 29.14 0.96 -57.32
C MET NB 45 28.72 0.07 -58.46
N LYS NB 46 29.64 -0.74 -58.94
CA LYS NB 46 29.40 -1.59 -60.10
C LYS NB 46 28.41 -2.71 -59.86
N VAL NB 47 28.23 -3.12 -58.61
CA VAL NB 47 27.38 -4.26 -58.29
C VAL NB 47 26.50 -4.03 -57.08
N LYS NB 48 25.20 -4.17 -57.30
CA LYS NB 48 24.21 -3.90 -56.30
C LYS NB 48 23.69 -5.21 -55.76
N ALA NB 49 24.41 -5.71 -54.76
CA ALA NB 49 23.99 -6.82 -53.90
C ALA NB 49 24.98 -7.01 -52.72
N ASP NB 50 25.26 -5.92 -52.01
CA ASP NB 50 26.21 -5.83 -50.87
C ASP NB 50 27.31 -6.88 -50.80
N ARG NB 51 26.93 -8.14 -50.58
CA ARG NB 51 27.89 -9.22 -50.34
C ARG NB 51 29.00 -9.35 -51.38
N ASP NB 52 28.77 -8.87 -52.62
CA ASP NB 52 29.83 -8.81 -53.64
C ASP NB 52 30.17 -7.41 -54.09
N GLU NB 53 30.27 -6.51 -53.11
CA GLU NB 53 31.12 -5.34 -53.27
C GLU NB 53 32.58 -5.81 -53.31
N SER NB 54 32.89 -6.85 -52.54
CA SER NB 54 34.25 -7.34 -52.36
C SER NB 54 34.76 -8.09 -53.55
N SER NB 55 33.89 -8.92 -54.10
CA SER NB 55 34.21 -9.85 -55.18
C SER NB 55 35.13 -9.28 -56.24
N PRO NB 56 35.97 -10.14 -56.81
CA PRO NB 56 36.90 -9.69 -57.80
C PRO NB 56 36.19 -9.13 -59.02
N TYR NB 57 35.07 -9.74 -59.40
CA TYR NB 57 34.30 -9.32 -60.55
C TYR NB 57 33.99 -7.85 -60.49
N ALA NB 58 33.41 -7.43 -59.36
CA ALA NB 58 33.14 -6.02 -59.13
C ALA NB 58 34.43 -5.24 -59.28
N ALA NB 59 35.43 -5.66 -58.53
CA ALA NB 59 36.73 -4.99 -58.50
C ALA NB 59 37.40 -4.93 -59.85
N MET NB 60 37.12 -5.89 -60.70
CA MET NB 60 37.49 -5.80 -62.09
C MET NB 60 36.69 -4.68 -62.75
N LEU NB 61 35.37 -4.76 -62.63
CA LEU NB 61 34.49 -3.83 -63.31
C LEU NB 61 34.93 -2.44 -62.97
N ALA NB 62 35.04 -2.15 -61.68
CA ALA NB 62 35.53 -0.87 -61.23
C ALA NB 62 36.83 -0.48 -61.94
N ALA NB 63 37.79 -1.39 -61.97
CA ALA NB 63 39.07 -1.12 -62.62
C ALA NB 63 38.91 -0.73 -64.06
N GLN NB 64 38.10 -1.49 -64.79
CA GLN NB 64 37.80 -1.17 -66.15
C GLN NB 64 37.33 0.28 -66.26
N ASP NB 65 36.32 0.60 -65.47
CA ASP NB 65 35.69 1.91 -65.54
C ASP NB 65 36.63 3.05 -65.28
N VAL NB 66 37.67 2.79 -64.48
CA VAL NB 66 38.69 3.79 -64.24
C VAL NB 66 39.54 4.02 -65.47
N ALA NB 67 40.08 2.95 -66.03
CA ALA NB 67 40.86 3.08 -67.23
C ALA NB 67 40.06 3.86 -68.27
N GLN NB 68 38.82 3.42 -68.50
CA GLN NB 68 37.94 4.10 -69.45
C GLN NB 68 37.95 5.60 -69.27
N ARG NB 69 37.79 6.04 -68.03
CA ARG NB 69 37.70 7.46 -67.72
C ARG NB 69 39.03 8.14 -67.42
N CYS NB 70 40.10 7.35 -67.34
CA CYS NB 70 41.44 7.89 -67.11
C CYS NB 70 42.12 8.13 -68.42
N LYS NB 71 41.89 7.25 -69.40
CA LYS NB 71 42.36 7.51 -70.74
C LYS NB 71 41.62 8.70 -71.35
N GLU NB 72 40.39 8.95 -70.89
CA GLU NB 72 39.66 10.18 -71.27
C GLU NB 72 40.40 11.46 -70.91
N LEU NB 73 41.25 11.41 -69.89
CA LEU NB 73 42.08 12.55 -69.49
C LEU NB 73 43.56 12.43 -69.88
N GLY NB 74 43.85 11.57 -70.84
CA GLY NB 74 45.21 11.39 -71.31
C GLY NB 74 46.20 10.76 -70.35
N ILE NB 75 45.71 10.13 -69.27
CA ILE NB 75 46.56 9.40 -68.34
C ILE NB 75 46.89 8.06 -68.98
N THR NB 76 48.14 7.91 -69.40
CA THR NB 76 48.62 6.72 -70.05
C THR NB 76 48.81 5.64 -69.02
N ALA NB 77 49.70 5.96 -68.09
CA ALA NB 77 50.37 5.01 -67.25
C ALA NB 77 49.95 5.30 -65.84
N LEU NB 78 49.89 4.27 -65.00
CA LEU NB 78 49.49 4.44 -63.61
C LEU NB 78 50.52 3.85 -62.71
N HIS NB 79 51.00 4.61 -61.74
CA HIS NB 79 51.61 4.00 -60.57
C HIS NB 79 50.46 3.43 -59.75
N ILE NB 80 50.81 2.63 -58.75
CA ILE NB 80 49.80 1.99 -57.89
C ILE NB 80 50.28 2.04 -56.45
N LYS NB 81 49.33 2.08 -55.53
CA LYS NB 81 49.65 2.08 -54.12
C LYS NB 81 48.62 1.22 -53.35
N LEU NB 82 48.65 -0.08 -53.66
CA LEU NB 82 47.80 -1.10 -53.05
C LEU NB 82 47.77 -1.02 -51.54
N ARG NB 83 46.61 -1.32 -50.97
CA ARG NB 83 46.33 -1.04 -49.57
C ARG NB 83 45.26 -1.96 -49.03
N ALA NB 84 45.49 -2.46 -47.82
CA ALA NB 84 44.48 -3.19 -47.06
C ALA NB 84 44.18 -2.43 -45.79
N THR NB 85 43.04 -2.76 -45.20
CA THR NB 85 42.41 -1.92 -44.19
C THR NB 85 43.33 -1.42 -43.12
N GLY NB 86 44.29 -2.25 -42.75
CA GLY NB 86 45.40 -1.78 -41.95
C GLY NB 86 45.01 -1.29 -40.58
N GLY NB 87 45.89 -0.50 -39.96
CA GLY NB 87 45.74 -0.06 -38.56
C GLY NB 87 45.80 -1.20 -37.54
N ASN NB 88 44.69 -1.37 -36.81
CA ASN NB 88 44.48 -2.57 -36.01
C ASN NB 88 44.47 -3.85 -36.82
N ARG NB 89 43.74 -3.80 -37.93
CA ARG NB 89 43.06 -4.97 -38.44
C ARG NB 89 43.95 -5.90 -39.21
N THR NB 90 43.99 -5.76 -40.53
CA THR NB 90 44.28 -6.92 -41.36
C THR NB 90 45.57 -6.88 -42.16
N LYS NB 91 46.13 -5.71 -42.42
CA LYS NB 91 47.32 -5.60 -43.24
C LYS NB 91 47.51 -6.79 -44.19
N THR NB 92 46.44 -7.10 -44.93
CA THR NB 92 46.42 -8.22 -45.85
C THR NB 92 45.35 -7.92 -46.88
N PRO NB 93 45.73 -7.73 -48.15
CA PRO NB 93 44.74 -7.24 -49.10
C PRO NB 93 43.52 -8.13 -49.21
N GLY NB 94 42.36 -7.50 -49.18
CA GLY NB 94 41.11 -8.17 -49.51
C GLY NB 94 41.06 -8.49 -51.00
N PRO NB 95 40.19 -9.42 -51.40
CA PRO NB 95 40.25 -10.13 -52.68
C PRO NB 95 40.16 -9.28 -53.95
N GLY NB 96 39.54 -8.10 -53.86
CA GLY NB 96 39.42 -7.18 -54.98
C GLY NB 96 40.73 -6.81 -55.67
N ALA NB 97 41.77 -6.63 -54.88
CA ALA NB 97 43.04 -6.09 -55.35
C ALA NB 97 43.49 -6.76 -56.62
N GLN NB 98 43.88 -8.03 -56.51
CA GLN NB 98 44.41 -8.81 -57.63
C GLN NB 98 43.75 -8.48 -58.93
N SER NB 99 42.42 -8.57 -58.91
CA SER NB 99 41.59 -8.44 -60.11
C SER NB 99 41.33 -7.02 -60.53
N ALA NB 100 41.44 -6.07 -59.62
CA ALA NB 100 41.44 -4.66 -59.99
C ALA NB 100 42.74 -4.34 -60.73
N LEU NB 101 43.87 -4.59 -60.07
CA LEU NB 101 45.19 -4.30 -60.63
C LEU NB 101 45.35 -4.96 -61.98
N ARG NB 102 45.15 -6.28 -62.01
CA ARG NB 102 45.22 -7.01 -63.26
C ARG NB 102 44.39 -6.32 -64.31
N ALA NB 103 43.11 -6.14 -64.00
CA ALA NB 103 42.19 -5.61 -64.98
C ALA NB 103 42.75 -4.37 -65.60
N LEU NB 104 43.03 -3.36 -64.79
CA LEU NB 104 43.38 -2.06 -65.37
C LEU NB 104 44.67 -2.08 -66.18
N ALA NB 105 45.56 -3.04 -65.90
CA ALA NB 105 46.67 -3.31 -66.80
C ALA NB 105 46.14 -3.74 -68.16
N ARG NB 106 45.22 -4.70 -68.11
CA ARG NB 106 44.58 -5.28 -69.31
C ARG NB 106 43.64 -4.32 -70.04
N SER NB 107 43.02 -3.40 -69.30
CA SER NB 107 42.27 -2.30 -69.91
C SER NB 107 43.20 -1.22 -70.51
N GLY NB 108 44.50 -1.47 -70.49
CA GLY NB 108 45.43 -0.79 -71.37
C GLY NB 108 46.46 -0.03 -70.57
N MET NB 109 45.98 0.69 -69.56
CA MET NB 109 46.84 1.46 -68.64
C MET NB 109 48.18 0.76 -68.50
N LYS NB 110 49.24 1.48 -68.86
CA LYS NB 110 50.57 0.98 -68.65
C LYS NB 110 50.82 1.04 -67.14
N ILE NB 111 51.59 0.10 -66.62
CA ILE NB 111 51.79 0.02 -65.18
C ILE NB 111 53.20 0.48 -64.81
N GLY NB 112 53.28 1.16 -63.67
CA GLY NB 112 54.53 1.66 -63.15
C GLY NB 112 54.69 1.45 -61.65
N ARG NB 113 55.77 0.78 -61.30
CA ARG NB 113 56.24 0.68 -59.94
C ARG NB 113 55.44 -0.34 -59.10
N ILE NB 114 54.26 0.02 -58.56
CA ILE NB 114 53.53 -0.83 -57.58
C ILE NB 114 54.26 -0.98 -56.25
N GLU NB 115 53.59 -0.60 -55.17
CA GLU NB 115 54.03 -0.96 -53.83
C GLU NB 115 52.90 -0.88 -52.83
N ASP NB 116 53.09 -1.55 -51.71
CA ASP NB 116 52.09 -1.55 -50.65
C ASP NB 116 52.15 -0.29 -49.85
N VAL NB 117 50.99 0.12 -49.35
CA VAL NB 117 50.87 1.18 -48.36
C VAL NB 117 49.76 0.83 -47.38
N THR NB 118 49.72 -0.43 -46.98
CA THR NB 118 48.76 -0.84 -45.97
C THR NB 118 49.26 -0.10 -44.74
N PRO NB 119 48.41 0.75 -44.16
CA PRO NB 119 48.85 1.50 -42.98
C PRO NB 119 49.14 0.56 -41.83
N ILE NB 120 50.42 0.32 -41.61
CA ILE NB 120 50.89 -0.50 -40.50
C ILE NB 120 51.30 0.41 -39.38
N PRO NB 121 50.97 0.02 -38.15
CA PRO NB 121 51.39 0.74 -36.98
C PRO NB 121 52.63 0.12 -36.39
N SER NB 122 53.47 0.95 -35.81
CA SER NB 122 54.33 0.51 -34.74
C SER NB 122 53.37 0.51 -33.59
N ASP NB 123 52.80 -0.66 -33.32
CA ASP NB 123 51.99 -0.99 -32.13
C ASP NB 123 50.97 0.06 -31.63
N SER NB 124 49.70 -0.34 -31.56
CA SER NB 124 48.66 0.65 -31.37
C SER NB 124 47.57 0.25 -30.42
N THR NB 125 46.59 1.14 -30.38
CA THR NB 125 45.27 0.95 -29.80
C THR NB 125 44.65 -0.43 -29.93
N ARG NB 126 43.72 -0.69 -29.01
CA ARG NB 126 43.20 -2.03 -28.79
C ARG NB 126 42.21 -2.42 -29.85
N ARG NB 127 42.49 -3.56 -30.48
CA ARG NB 127 41.66 -4.15 -31.52
C ARG NB 127 40.20 -4.29 -31.08
N LYS NB 128 39.30 -4.10 -32.02
CA LYS NB 128 37.89 -4.14 -31.74
C LYS NB 128 37.52 -5.58 -31.61
N GLY NB 129 37.42 -6.06 -30.38
CA GLY NB 129 37.17 -7.48 -30.24
C GLY NB 129 37.07 -8.08 -28.86
N GLY NB 130 37.80 -7.52 -27.92
CA GLY NB 130 37.66 -7.95 -26.56
C GLY NB 130 38.06 -9.39 -26.33
N ARG NB 131 39.37 -9.60 -26.25
CA ARG NB 131 39.96 -10.65 -25.42
C ARG NB 131 39.63 -12.04 -25.93
N ARG NB 132 38.36 -12.39 -25.90
CA ARG NB 132 37.97 -13.69 -26.31
C ARG NB 132 37.61 -13.74 -27.77
N GLY NB 133 37.68 -12.61 -28.46
CA GLY NB 133 37.61 -12.61 -29.90
C GLY NB 133 36.19 -12.48 -30.44
N ARG NB 134 36.11 -12.53 -31.77
CA ARG NB 134 34.85 -12.49 -32.49
C ARG NB 134 34.40 -13.92 -32.57
N ARG NB 135 33.68 -14.28 -31.55
CA ARG NB 135 33.60 -15.65 -31.12
C ARG NB 135 32.28 -16.15 -31.64
N LEU NB 136 32.39 -16.80 -32.79
CA LEU NB 136 31.27 -17.03 -33.71
C LEU NB 136 31.35 -18.42 -34.35
N VAL OB 1 -58.42 -68.07 -48.56
CA VAL OB 1 -58.28 -67.36 -49.87
C VAL OB 1 -59.40 -67.77 -50.83
N GLU OB 2 -60.51 -67.01 -50.79
CA GLU OB 2 -61.64 -67.24 -51.70
C GLU OB 2 -62.56 -66.01 -51.83
N GLN OB 3 -63.39 -66.03 -52.87
CA GLN OB 3 -64.43 -65.01 -53.14
C GLN OB 3 -63.88 -63.65 -53.58
N LYS OB 4 -64.76 -62.82 -54.13
CA LYS OB 4 -64.40 -61.50 -54.68
C LYS OB 4 -64.46 -60.40 -53.61
N LYS OB 5 -63.63 -59.37 -53.80
CA LYS OB 5 -63.53 -58.21 -52.89
C LYS OB 5 -63.19 -58.61 -51.45
N LYS OB 6 -62.07 -59.32 -51.31
CA LYS OB 6 -61.52 -59.71 -50.01
C LYS OB 6 -60.02 -59.99 -50.16
N ARG OB 7 -59.23 -59.61 -49.15
CA ARG OB 7 -57.75 -59.69 -49.16
C ARG OB 7 -57.09 -59.45 -50.53
N THR OB 8 -57.48 -58.33 -51.15
CA THR OB 8 -57.13 -58.00 -52.54
C THR OB 8 -56.55 -56.57 -52.63
N PHE OB 9 -56.79 -55.87 -53.74
CA PHE OB 9 -56.27 -54.50 -54.01
C PHE OB 9 -54.74 -54.42 -54.18
N ARG OB 10 -54.12 -55.56 -54.50
CA ARG OB 10 -52.69 -55.64 -54.83
C ARG OB 10 -52.41 -55.86 -56.33
N LYS OB 11 -53.43 -56.24 -57.10
CA LYS OB 11 -53.31 -56.59 -58.54
C LYS OB 11 -52.07 -57.41 -58.90
N PHE OB 12 -50.92 -56.74 -59.02
CA PHE OB 12 -49.61 -57.37 -59.07
C PHE OB 12 -49.28 -58.16 -60.33
N THR OB 13 -48.39 -57.61 -61.15
CA THR OB 13 -47.90 -58.27 -62.35
C THR OB 13 -46.42 -58.56 -62.19
N TYR OB 14 -46.05 -59.84 -62.05
CA TYR OB 14 -44.65 -60.27 -62.00
C TYR OB 14 -44.16 -60.83 -63.34
N ARG OB 15 -43.37 -60.03 -64.04
CA ARG OB 15 -42.94 -60.34 -65.40
C ARG OB 15 -44.13 -60.76 -66.25
N GLY OB 16 -45.19 -59.95 -66.16
CA GLY OB 16 -46.45 -60.14 -66.88
C GLY OB 16 -47.53 -60.88 -66.12
N VAL OB 17 -47.11 -61.81 -65.29
CA VAL OB 17 -47.97 -62.84 -64.75
C VAL OB 17 -48.55 -62.35 -63.43
N ASP OB 18 -49.69 -62.95 -63.05
CA ASP OB 18 -50.38 -62.64 -61.79
C ASP OB 18 -49.97 -63.72 -60.78
N LEU OB 19 -49.88 -63.34 -59.50
CA LEU OB 19 -49.46 -64.29 -58.46
C LEU OB 19 -50.44 -65.45 -58.27
N ASP OB 20 -51.70 -65.20 -58.62
CA ASP OB 20 -52.74 -66.23 -58.58
C ASP OB 20 -52.63 -67.20 -59.76
N GLN OB 21 -52.13 -66.71 -60.91
CA GLN OB 21 -51.74 -67.58 -62.02
C GLN OB 21 -50.55 -68.43 -61.63
N LEU OB 22 -49.61 -67.82 -60.92
CA LEU OB 22 -48.52 -68.54 -60.28
C LEU OB 22 -49.13 -69.37 -59.12
N LEU OB 23 -48.32 -70.18 -58.45
CA LEU OB 23 -48.79 -71.23 -57.51
C LEU OB 23 -49.30 -72.45 -58.28
N ASP OB 24 -50.29 -72.23 -59.13
CA ASP OB 24 -50.82 -73.25 -60.03
C ASP OB 24 -50.10 -73.15 -61.38
N MET OB 25 -48.84 -73.60 -61.40
CA MET OB 25 -48.02 -73.61 -62.62
C MET OB 25 -46.82 -74.55 -62.46
N SER OB 26 -46.05 -74.69 -63.53
CA SER OB 26 -44.88 -75.58 -63.55
C SER OB 26 -43.60 -74.89 -63.11
N TYR OB 27 -42.59 -75.68 -62.73
CA TYR OB 27 -41.23 -75.17 -62.50
C TYR OB 27 -40.62 -74.72 -63.80
N GLU OB 28 -40.71 -75.57 -64.84
CA GLU OB 28 -40.19 -75.25 -66.17
C GLU OB 28 -40.71 -73.91 -66.72
N GLN OB 29 -41.98 -73.63 -66.45
CA GLN OB 29 -42.58 -72.32 -66.73
C GLN OB 29 -41.88 -71.24 -65.88
N LEU OB 30 -41.82 -71.50 -64.57
CA LEU OB 30 -41.20 -70.59 -63.60
C LEU OB 30 -39.70 -70.36 -63.82
N MET OB 31 -39.06 -71.27 -64.54
CA MET OB 31 -37.72 -71.04 -65.03
C MET OB 31 -37.77 -70.01 -66.13
N GLN OB 32 -38.45 -70.34 -67.22
CA GLN OB 32 -38.51 -69.46 -68.40
C GLN OB 32 -39.01 -68.05 -68.06
N LEU OB 33 -39.79 -67.96 -67.00
CA LEU OB 33 -40.26 -66.70 -66.45
C LEU OB 33 -39.14 -65.83 -65.89
N TYR OB 34 -38.63 -66.16 -64.70
CA TYR OB 34 -37.82 -65.20 -63.96
C TYR OB 34 -36.29 -65.24 -64.20
N SER OB 35 -35.47 -64.91 -63.20
CA SER OB 35 -34.09 -64.44 -63.45
C SER OB 35 -33.04 -65.53 -63.57
N ALA OB 36 -31.93 -65.15 -64.20
CA ALA OB 36 -30.89 -66.07 -64.64
C ALA OB 36 -30.40 -67.00 -63.54
N ARG OB 37 -29.89 -66.39 -62.48
CA ARG OB 37 -29.34 -67.14 -61.36
C ARG OB 37 -30.37 -68.09 -60.77
N GLN OB 38 -31.61 -67.62 -60.71
CA GLN OB 38 -32.69 -68.38 -60.12
C GLN OB 38 -32.96 -69.60 -60.98
N ARG OB 39 -32.92 -69.41 -62.30
CA ARG OB 39 -33.11 -70.52 -63.24
C ARG OB 39 -32.01 -71.54 -63.05
N ARG OB 40 -30.79 -71.05 -63.12
CA ARG OB 40 -29.60 -71.84 -62.89
C ARG OB 40 -29.67 -72.58 -61.57
N ARG OB 41 -30.23 -71.92 -60.54
CA ARG OB 41 -30.31 -72.53 -59.22
C ARG OB 41 -31.29 -73.70 -59.25
N LEU OB 42 -32.51 -73.49 -59.76
CA LEU OB 42 -33.48 -74.58 -59.74
C LEU OB 42 -33.23 -75.66 -60.79
N SER OB 43 -32.39 -75.37 -61.77
CA SER OB 43 -31.92 -76.39 -62.69
C SER OB 43 -31.05 -77.40 -61.95
N ARG OB 44 -30.14 -76.89 -61.12
CA ARG OB 44 -29.27 -77.72 -60.29
C ARG OB 44 -30.14 -78.56 -59.36
N GLY OB 45 -31.11 -77.88 -58.75
CA GLY OB 45 -32.13 -78.52 -57.92
C GLY OB 45 -32.46 -77.68 -56.70
N LEU OB 46 -33.10 -78.32 -55.73
CA LEU OB 46 -33.29 -77.75 -54.39
C LEU OB 46 -32.68 -78.58 -53.25
N ARG OB 47 -32.66 -79.92 -53.36
CA ARG OB 47 -32.08 -80.80 -52.33
C ARG OB 47 -32.92 -80.81 -51.05
N ARG OB 48 -32.83 -81.91 -50.30
CA ARG OB 48 -33.85 -82.25 -49.30
C ARG OB 48 -34.01 -81.22 -48.19
N LYS OB 49 -32.92 -80.54 -47.83
CA LYS OB 49 -32.97 -79.52 -46.79
C LYS OB 49 -33.96 -78.44 -47.17
N GLN OB 50 -33.87 -78.00 -48.43
CA GLN OB 50 -34.72 -76.93 -48.95
C GLN OB 50 -36.17 -77.35 -49.03
N HIS OB 51 -36.41 -78.58 -49.47
CA HIS OB 51 -37.77 -79.11 -49.54
C HIS OB 51 -38.41 -79.18 -48.16
N SER OB 52 -37.66 -79.71 -47.18
CA SER OB 52 -38.16 -79.86 -45.80
C SER OB 52 -38.65 -78.55 -45.21
N LEU OB 53 -37.98 -77.47 -45.57
CA LEU OB 53 -38.44 -76.12 -45.24
C LEU OB 53 -39.76 -75.83 -45.95
N LEU OB 54 -39.81 -76.07 -47.26
CA LEU OB 54 -41.07 -75.90 -48.01
C LEU OB 54 -42.23 -76.68 -47.40
N LYS OB 55 -41.99 -77.93 -47.06
CA LYS OB 55 -43.01 -78.76 -46.40
C LYS OB 55 -43.46 -78.18 -45.06
N ARG OB 56 -42.53 -77.62 -44.29
CA ARG OB 56 -42.86 -76.99 -43.03
C ARG OB 56 -43.61 -75.66 -43.21
N LEU OB 57 -43.33 -74.93 -44.28
CA LEU OB 57 -44.07 -73.71 -44.61
C LEU OB 57 -45.53 -74.00 -44.93
N ARG OB 58 -45.76 -75.00 -45.77
CA ARG OB 58 -47.11 -75.45 -46.13
C ARG OB 58 -47.93 -75.84 -44.90
N LYS OB 59 -47.31 -76.60 -44.00
CA LYS OB 59 -47.97 -77.07 -42.78
C LYS OB 59 -48.39 -75.89 -41.90
N ALA OB 60 -47.48 -74.95 -41.69
CA ALA OB 60 -47.82 -73.74 -40.96
C ALA OB 60 -48.95 -72.97 -41.65
N LYS OB 61 -48.86 -72.88 -42.97
CA LYS OB 61 -49.87 -72.20 -43.81
C LYS OB 61 -51.24 -72.88 -43.68
N LYS OB 62 -51.22 -74.21 -43.60
CA LYS OB 62 -52.43 -74.99 -43.36
C LYS OB 62 -52.98 -74.74 -41.96
N GLU OB 63 -52.08 -74.73 -40.97
CA GLU OB 63 -52.47 -74.58 -39.55
C GLU OB 63 -53.05 -73.21 -39.19
N ALA OB 64 -52.82 -72.21 -40.04
CA ALA OB 64 -53.36 -70.87 -39.84
C ALA OB 64 -54.89 -70.87 -39.84
N PRO OB 65 -55.50 -70.11 -38.89
CA PRO OB 65 -56.91 -69.74 -39.02
C PRO OB 65 -57.17 -68.91 -40.29
N PRO OB 66 -58.44 -68.80 -40.72
CA PRO OB 66 -58.76 -68.11 -41.98
C PRO OB 66 -58.23 -66.67 -42.05
N MET OB 67 -58.43 -65.93 -40.97
CA MET OB 67 -57.80 -64.63 -40.78
C MET OB 67 -56.53 -64.86 -39.96
N GLU OB 68 -55.65 -63.85 -39.95
CA GLU OB 68 -54.37 -63.88 -39.22
C GLU OB 68 -53.32 -64.75 -39.91
N LYS OB 69 -52.07 -64.38 -39.70
CA LYS OB 69 -50.93 -64.95 -40.42
C LYS OB 69 -50.40 -66.26 -39.81
N PRO OB 70 -49.73 -67.10 -40.62
CA PRO OB 70 -49.19 -68.39 -40.14
C PRO OB 70 -48.17 -68.29 -39.01
N GLU OB 71 -47.74 -69.45 -38.52
CA GLU OB 71 -47.12 -69.53 -37.19
C GLU OB 71 -45.59 -69.34 -37.13
N VAL OB 72 -45.01 -68.69 -38.14
CA VAL OB 72 -43.57 -68.37 -38.22
C VAL OB 72 -42.74 -69.64 -38.37
N VAL OB 73 -41.76 -69.60 -39.25
CA VAL OB 73 -40.88 -70.75 -39.43
C VAL OB 73 -39.43 -70.28 -39.41
N LYS OB 74 -38.76 -70.52 -38.29
CA LYS OB 74 -37.32 -70.30 -38.20
C LYS OB 74 -36.58 -71.21 -39.17
N THR OB 75 -35.54 -70.64 -39.80
CA THR OB 75 -34.75 -71.31 -40.82
C THR OB 75 -33.32 -70.87 -40.69
N HIS OB 76 -32.38 -71.73 -41.02
CA HIS OB 76 -31.01 -71.28 -41.17
C HIS OB 76 -30.73 -71.00 -42.63
N LEU OB 77 -31.66 -71.37 -43.52
CA LEU OB 77 -31.41 -71.48 -44.97
C LEU OB 77 -31.56 -70.15 -45.71
N ARG OB 78 -30.56 -69.29 -45.54
CA ARG OB 78 -30.56 -67.93 -46.10
C ARG OB 78 -30.68 -67.90 -47.61
N ASP OB 79 -30.03 -68.86 -48.26
CA ASP OB 79 -29.91 -68.85 -49.70
C ASP OB 79 -31.11 -69.41 -50.49
N MET OB 80 -32.26 -69.63 -49.86
CA MET OB 80 -33.40 -70.16 -50.58
C MET OB 80 -34.08 -69.08 -51.40
N ILE OB 81 -34.42 -69.42 -52.64
CA ILE OB 81 -35.09 -68.47 -53.53
C ILE OB 81 -36.55 -68.46 -53.17
N ILE OB 82 -37.10 -67.28 -52.97
CA ILE OB 82 -38.51 -67.13 -52.61
C ILE OB 82 -39.35 -67.45 -53.81
N LEU OB 83 -40.01 -68.61 -53.75
CA LEU OB 83 -40.88 -69.05 -54.81
C LEU OB 83 -42.23 -68.40 -54.63
N PRO OB 84 -43.03 -68.31 -55.71
CA PRO OB 84 -44.42 -67.86 -55.56
C PRO OB 84 -45.18 -68.76 -54.59
N GLU OB 85 -44.97 -70.07 -54.73
CA GLU OB 85 -45.47 -71.07 -53.80
C GLU OB 85 -45.35 -70.58 -52.35
N MET OB 86 -44.15 -70.13 -52.00
CA MET OB 86 -43.82 -69.70 -50.65
C MET OB 86 -44.71 -68.59 -50.09
N VAL OB 87 -45.10 -67.66 -50.96
CA VAL OB 87 -45.63 -66.34 -50.57
C VAL OB 87 -46.72 -66.40 -49.49
N GLY OB 88 -46.70 -65.40 -48.60
CA GLY OB 88 -47.71 -65.25 -47.56
C GLY OB 88 -47.41 -66.14 -46.38
N SER OB 89 -46.17 -66.08 -45.93
CA SER OB 89 -45.66 -66.95 -44.88
C SER OB 89 -44.67 -66.13 -44.04
N MET OB 90 -44.69 -66.36 -42.74
CA MET OB 90 -43.80 -65.66 -41.85
C MET OB 90 -42.60 -66.55 -41.64
N VAL OB 91 -41.42 -65.97 -41.78
CA VAL OB 91 -40.18 -66.73 -41.71
C VAL OB 91 -39.20 -66.02 -40.78
N GLY OB 92 -38.44 -66.85 -40.06
CA GLY OB 92 -37.31 -66.42 -39.24
C GLY OB 92 -36.05 -66.74 -40.01
N VAL OB 93 -35.45 -65.69 -40.55
CA VAL OB 93 -34.23 -65.82 -41.30
C VAL OB 93 -33.11 -65.44 -40.37
N TYR OB 94 -32.10 -66.32 -40.31
CA TYR OB 94 -31.09 -66.27 -39.29
C TYR OB 94 -29.91 -65.40 -39.70
N ASN OB 95 -29.52 -64.49 -38.82
CA ASN OB 95 -28.36 -63.62 -39.04
C ASN OB 95 -27.27 -64.01 -38.08
N GLY OB 96 -26.97 -65.29 -38.04
CA GLY OB 96 -25.89 -65.75 -37.21
C GLY OB 96 -26.08 -65.59 -35.72
N LYS OB 97 -26.91 -64.66 -35.25
CA LYS OB 97 -27.39 -64.69 -33.88
C LYS OB 97 -28.77 -64.05 -33.65
N THR OB 98 -29.64 -64.14 -34.65
CA THR OB 98 -31.00 -63.60 -34.55
C THR OB 98 -31.87 -64.14 -35.65
N PHE OB 99 -33.12 -64.48 -35.34
CA PHE OB 99 -34.10 -64.90 -36.35
C PHE OB 99 -35.10 -63.80 -36.64
N ASN OB 100 -34.86 -63.06 -37.71
CA ASN OB 100 -35.70 -61.90 -38.02
C ASN OB 100 -36.97 -62.32 -38.73
N GLN OB 101 -38.11 -61.78 -38.28
CA GLN OB 101 -39.42 -62.21 -38.80
C GLN OB 101 -39.68 -61.50 -40.12
N VAL OB 102 -39.36 -62.19 -41.22
CA VAL OB 102 -39.54 -61.67 -42.57
C VAL OB 102 -40.87 -62.13 -43.11
N GLU OB 103 -41.72 -61.19 -43.54
CA GLU OB 103 -42.92 -61.55 -44.26
C GLU OB 103 -42.61 -61.53 -45.73
N ILE OB 104 -42.93 -62.62 -46.43
CA ILE OB 104 -42.47 -62.80 -47.81
C ILE OB 104 -43.57 -62.42 -48.79
N LYS OB 105 -43.58 -61.14 -49.14
CA LYS OB 105 -44.59 -60.57 -50.04
C LYS OB 105 -44.19 -60.83 -51.49
N PRO OB 106 -45.18 -60.93 -52.39
CA PRO OB 106 -44.91 -61.51 -53.72
C PRO OB 106 -43.80 -60.81 -54.52
N GLU OB 107 -43.75 -59.48 -54.41
CA GLU OB 107 -42.63 -58.68 -54.99
C GLU OB 107 -41.23 -59.16 -54.58
N MET OB 108 -41.13 -59.81 -53.42
CA MET OB 108 -39.90 -60.49 -52.99
C MET OB 108 -39.52 -61.73 -53.82
N ILE OB 109 -40.42 -62.26 -54.65
CA ILE OB 109 -40.07 -63.38 -55.54
C ILE OB 109 -38.85 -63.01 -56.39
N GLY OB 110 -37.96 -63.99 -56.59
CA GLY OB 110 -36.71 -63.78 -57.31
C GLY OB 110 -35.66 -63.10 -56.46
N HIS OB 111 -35.82 -63.20 -55.13
CA HIS OB 111 -34.78 -62.86 -54.18
C HIS OB 111 -34.56 -64.04 -53.27
N TYR OB 112 -33.53 -63.93 -52.47
CA TYR OB 112 -33.18 -64.92 -51.48
C TYR OB 112 -33.72 -64.37 -50.18
N LEU OB 113 -34.06 -65.25 -49.25
CA LEU OB 113 -34.51 -64.80 -47.93
C LEU OB 113 -33.47 -63.89 -47.31
N GLY OB 114 -32.23 -64.37 -47.32
CA GLY OB 114 -31.11 -63.67 -46.72
C GLY OB 114 -31.11 -62.18 -46.93
N GLU OB 115 -31.52 -61.74 -48.11
CA GLU OB 115 -31.58 -60.32 -48.41
C GLU OB 115 -32.47 -59.50 -47.48
N PHE OB 116 -33.31 -60.16 -46.67
CA PHE OB 116 -34.24 -59.49 -45.75
C PHE OB 116 -33.93 -59.75 -44.28
N SER OB 117 -32.65 -59.82 -43.97
CA SER OB 117 -32.18 -59.96 -42.61
C SER OB 117 -30.70 -59.57 -42.61
N ILE OB 118 -30.46 -58.26 -42.75
CA ILE OB 118 -29.10 -57.65 -42.62
C ILE OB 118 -28.28 -58.27 -41.51
N THR OB 119 -27.27 -59.03 -41.91
CA THR OB 119 -26.48 -59.81 -40.98
C THR OB 119 -25.60 -58.91 -40.11
N TYR OB 120 -25.02 -57.86 -40.69
CA TYR OB 120 -24.29 -56.87 -39.89
C TYR OB 120 -25.25 -55.93 -39.22
N LYS OB 121 -24.83 -55.35 -38.10
CA LYS OB 121 -25.55 -54.21 -37.54
C LYS OB 121 -24.87 -53.00 -38.12
N PRO OB 122 -25.65 -52.13 -38.75
CA PRO OB 122 -25.06 -51.00 -39.44
C PRO OB 122 -24.45 -49.96 -38.50
N VAL OB 123 -23.76 -49.01 -39.10
CA VAL OB 123 -22.74 -48.22 -38.43
C VAL OB 123 -23.01 -46.73 -38.40
N LYS OB 124 -22.41 -46.07 -37.41
CA LYS OB 124 -22.66 -44.66 -37.16
C LYS OB 124 -21.50 -44.10 -36.33
N HIS OB 125 -20.64 -43.32 -36.98
CA HIS OB 125 -19.36 -42.96 -36.39
C HIS OB 125 -19.54 -41.65 -35.65
N GLY OB 126 -19.47 -41.70 -34.32
CA GLY OB 126 -19.55 -40.49 -33.49
C GLY OB 126 -20.00 -40.77 -32.06
N ARG OB 127 -20.37 -39.71 -31.35
CA ARG OB 127 -21.07 -39.81 -30.07
C ARG OB 127 -20.27 -40.54 -28.98
N PRO PB 1 27.58 -77.92 -110.94
CA PRO PB 1 27.89 -77.48 -109.58
C PRO PB 1 27.21 -76.16 -109.22
N LEU PB 2 26.65 -76.09 -108.01
CA LEU PB 2 25.91 -74.90 -107.55
C LEU PB 2 26.70 -74.09 -106.53
N GLN PB 3 26.51 -72.78 -106.58
CA GLN PB 3 27.09 -71.86 -105.63
C GLN PB 3 25.95 -71.47 -104.68
N SER PB 4 25.81 -72.24 -103.60
CA SER PB 4 24.82 -71.97 -102.56
C SER PB 4 25.54 -71.59 -101.28
N VAL PB 5 25.10 -70.50 -100.65
CA VAL PB 5 25.64 -70.08 -99.36
C VAL PB 5 24.48 -69.70 -98.43
N GLN PB 6 24.18 -70.57 -97.47
CA GLN PB 6 23.26 -70.24 -96.38
C GLN PB 6 24.05 -69.52 -95.33
N VAL PB 7 23.65 -68.29 -95.01
CA VAL PB 7 24.25 -67.48 -93.95
C VAL PB 7 23.13 -66.92 -93.10
N PHE PB 8 23.45 -66.54 -91.87
CA PHE PB 8 22.47 -65.89 -91.01
C PHE PB 8 22.93 -64.55 -90.43
N GLY PB 9 21.92 -63.72 -90.14
CA GLY PB 9 22.06 -62.52 -89.32
C GLY PB 9 21.22 -62.67 -88.06
N ARG PB 10 21.36 -61.71 -87.17
CA ARG PB 10 20.85 -61.82 -85.81
C ARG PB 10 20.65 -60.48 -85.14
N LYS PB 11 19.61 -60.43 -84.31
CA LYS PB 11 19.36 -59.30 -83.46
C LYS PB 11 18.40 -59.79 -82.42
N LYS PB 12 18.76 -59.53 -81.17
CA LYS PB 12 17.96 -59.94 -80.03
C LYS PB 12 17.62 -61.43 -80.02
N THR PB 13 16.50 -61.85 -80.61
CA THR PB 13 16.24 -63.29 -80.76
C THR PB 13 15.65 -63.61 -82.13
N ALA PB 14 16.00 -62.82 -83.14
CA ALA PB 14 15.52 -63.03 -84.48
C ALA PB 14 16.65 -63.66 -85.27
N THR PB 15 16.36 -64.77 -85.93
CA THR PB 15 17.33 -65.44 -86.81
C THR PB 15 16.90 -65.22 -88.22
N ALA PB 16 17.58 -64.34 -88.92
CA ALA PB 16 17.32 -64.18 -90.33
C ALA PB 16 18.33 -65.05 -91.05
N VAL PB 17 17.87 -66.03 -91.81
CA VAL PB 17 18.78 -66.92 -92.52
C VAL PB 17 18.67 -66.65 -94.00
N ALA PB 18 19.52 -65.74 -94.47
CA ALA PB 18 19.61 -65.46 -95.90
C ALA PB 18 20.17 -66.67 -96.58
N HIS PB 19 19.89 -66.78 -97.88
CA HIS PB 19 20.45 -67.85 -98.65
C HIS PB 19 20.84 -67.36 -100.06
N CYS PB 20 22.11 -66.98 -100.21
CA CYS PB 20 22.67 -66.56 -101.50
C CYS PB 20 22.80 -67.73 -102.43
N LYS PB 21 22.57 -67.44 -103.72
CA LYS PB 21 22.41 -68.49 -104.72
C LYS PB 21 22.81 -67.96 -106.11
N ARG PB 22 23.46 -68.81 -106.89
CA ARG PB 22 23.80 -68.50 -108.27
C ARG PB 22 22.50 -68.26 -109.03
N GLY PB 23 22.08 -67.00 -109.11
CA GLY PB 23 20.78 -66.64 -109.70
C GLY PB 23 20.84 -65.39 -110.55
N ASN PB 24 19.77 -64.59 -110.50
CA ASN PB 24 19.65 -63.37 -111.32
C ASN PB 24 19.15 -62.17 -110.51
N GLY PB 25 19.52 -62.11 -109.23
CA GLY PB 25 19.23 -60.97 -108.36
C GLY PB 25 17.76 -60.80 -108.04
N LEU PB 26 17.30 -61.45 -106.97
CA LEU PB 26 15.94 -61.28 -106.49
C LEU PB 26 15.96 -60.45 -105.22
N ILE PB 27 16.56 -61.05 -104.20
CA ILE PB 27 16.53 -60.54 -102.84
C ILE PB 27 15.08 -60.39 -102.38
N LYS PB 28 14.53 -61.50 -101.90
CA LYS PB 28 13.20 -61.48 -101.31
C LYS PB 28 13.02 -62.46 -100.15
N VAL PB 29 12.25 -61.99 -99.17
CA VAL PB 29 12.39 -62.39 -97.79
C VAL PB 29 11.11 -63.07 -97.34
N ASN PB 30 11.29 -64.17 -96.63
CA ASN PB 30 10.21 -65.08 -96.22
C ASN PB 30 9.41 -65.57 -97.42
N GLY PB 31 8.82 -64.65 -98.16
CA GLY PB 31 8.39 -64.94 -99.52
C GLY PB 31 7.84 -63.76 -100.29
N ARG PB 32 8.55 -62.63 -100.27
CA ARG PB 32 8.09 -61.40 -100.92
C ARG PB 32 9.18 -60.36 -100.94
N PRO PB 33 9.09 -59.41 -101.86
CA PRO PB 33 10.22 -58.51 -102.09
C PRO PB 33 10.54 -57.54 -100.96
N LEU PB 34 11.79 -57.08 -100.91
CA LEU PB 34 12.28 -56.16 -99.87
C LEU PB 34 11.47 -54.88 -99.77
N GLU PB 35 10.85 -54.48 -100.87
CA GLU PB 35 10.06 -53.26 -100.91
C GLU PB 35 8.92 -53.28 -99.91
N MET PB 36 8.47 -54.47 -99.49
CA MET PB 36 7.51 -54.58 -98.38
C MET PB 36 8.25 -54.99 -97.09
N ILE PB 37 8.16 -56.24 -96.63
CA ILE PB 37 8.56 -56.65 -95.28
C ILE PB 37 7.71 -55.94 -94.22
N GLU PB 38 7.67 -54.61 -94.27
CA GLU PB 38 6.46 -53.78 -93.99
C GLU PB 38 6.34 -52.98 -92.69
N PRO PB 39 7.33 -53.06 -91.76
CA PRO PB 39 7.47 -51.93 -90.82
C PRO PB 39 7.77 -50.64 -91.57
N ARG PB 40 8.49 -50.77 -92.68
CA ARG PB 40 8.44 -49.82 -93.79
C ARG PB 40 9.15 -48.49 -93.55
N THR PB 41 8.95 -47.88 -92.39
CA THR PB 41 9.84 -46.81 -91.96
C THR PB 41 11.27 -47.36 -91.90
N LEU PB 42 11.38 -48.64 -91.50
CA LEU PB 42 12.64 -49.40 -91.53
C LEU PB 42 12.85 -50.13 -92.87
N GLN PB 43 12.45 -49.54 -93.98
CA GLN PB 43 12.66 -50.16 -95.27
C GLN PB 43 14.07 -49.88 -95.70
N TYR PB 44 14.42 -48.61 -95.76
CA TYR PB 44 15.75 -48.20 -96.18
C TYR PB 44 16.82 -49.00 -95.47
N LYS PB 45 16.66 -49.17 -94.17
CA LYS PB 45 17.44 -50.16 -93.44
C LYS PB 45 17.73 -51.41 -94.25
N LEU PB 46 16.68 -52.16 -94.62
CA LEU PB 46 16.91 -53.42 -95.32
C LEU PB 46 17.04 -53.27 -96.84
N LEU PB 47 17.23 -52.04 -97.30
CA LEU PB 47 17.78 -51.77 -98.60
C LEU PB 47 19.25 -51.36 -98.49
N GLU PB 48 19.62 -50.66 -97.42
CA GLU PB 48 20.98 -50.11 -97.18
C GLU PB 48 22.10 -50.90 -97.86
N PRO PB 49 22.29 -52.19 -97.48
CA PRO PB 49 23.35 -53.01 -98.08
C PRO PB 49 23.34 -53.05 -99.61
N VAL PB 50 22.15 -53.09 -100.17
CA VAL PB 50 21.96 -53.11 -101.59
C VAL PB 50 22.27 -51.73 -102.20
N LEU PB 51 21.91 -50.67 -101.49
CA LEU PB 51 22.19 -49.31 -101.94
C LEU PB 51 23.66 -48.99 -101.80
N LEU PB 52 24.30 -49.54 -100.77
CA LEU PB 52 25.68 -49.23 -100.46
C LEU PB 52 26.65 -49.96 -101.37
N LEU PB 53 26.26 -51.17 -101.79
CA LEU PB 53 27.04 -51.94 -102.74
C LEU PB 53 26.62 -51.70 -104.19
N GLY PB 54 25.33 -51.52 -104.41
CA GLY PB 54 24.77 -51.36 -105.76
C GLY PB 54 24.27 -52.70 -106.27
N LYS PB 55 23.39 -52.66 -107.26
CA LYS PB 55 22.84 -53.88 -107.86
C LYS PB 55 23.86 -54.66 -108.68
N GLU PB 56 24.95 -53.99 -109.07
CA GLU PB 56 26.10 -54.65 -109.73
C GLU PB 56 26.53 -55.93 -109.01
N ARG PB 57 26.73 -55.81 -107.70
CA ARG PB 57 27.25 -56.90 -106.90
C ARG PB 57 26.23 -58.00 -106.69
N PHE PB 58 25.01 -57.61 -106.37
CA PHE PB 58 23.93 -58.58 -106.15
C PHE PB 58 23.46 -59.23 -107.46
N ALA PB 59 23.54 -58.46 -108.55
CA ALA PB 59 23.15 -58.85 -109.91
C ALA PB 59 22.88 -60.34 -110.17
N GLY PB 60 23.93 -61.15 -110.16
CA GLY PB 60 23.83 -62.57 -110.49
C GLY PB 60 23.77 -63.45 -109.27
N VAL PB 61 23.23 -62.92 -108.19
CA VAL PB 61 23.20 -63.59 -106.91
C VAL PB 61 21.79 -63.47 -106.37
N ASP PB 62 21.06 -64.59 -106.36
CA ASP PB 62 19.69 -64.62 -105.81
C ASP PB 62 19.73 -64.94 -104.31
N ILE PB 63 18.95 -64.16 -103.55
CA ILE PB 63 18.91 -64.23 -102.09
C ILE PB 63 17.49 -64.49 -101.61
N ARG PB 64 17.25 -65.70 -101.17
CA ARG PB 64 16.04 -66.05 -100.43
C ARG PB 64 16.38 -65.97 -98.92
N VAL PB 65 15.49 -65.35 -98.15
CA VAL PB 65 15.71 -65.15 -96.72
C VAL PB 65 14.55 -65.74 -95.99
N ARG PB 66 14.81 -66.27 -94.80
CA ARG PB 66 13.75 -66.71 -93.89
C ARG PB 66 14.00 -66.17 -92.51
N VAL PB 67 12.96 -65.59 -91.91
CA VAL PB 67 13.05 -65.07 -90.57
C VAL PB 67 11.98 -65.67 -89.70
N LYS PB 68 12.30 -65.74 -88.41
CA LYS PB 68 11.36 -66.12 -87.40
C LYS PB 68 11.90 -65.55 -86.09
N GLY PB 69 11.04 -65.49 -85.09
CA GLY PB 69 11.42 -64.98 -83.80
C GLY PB 69 11.63 -63.49 -83.77
N GLY PB 70 12.04 -63.02 -82.59
CA GLY PB 70 12.25 -61.59 -82.33
C GLY PB 70 11.02 -60.76 -82.60
N GLY PB 71 11.20 -59.45 -82.64
CA GLY PB 71 10.15 -58.54 -83.06
C GLY PB 71 10.40 -58.04 -84.45
N HIS PB 72 9.51 -57.16 -84.90
CA HIS PB 72 9.52 -56.63 -86.25
C HIS PB 72 10.82 -55.94 -86.59
N VAL PB 73 11.18 -55.02 -85.70
CA VAL PB 73 12.33 -54.19 -85.91
C VAL PB 73 13.61 -55.00 -85.87
N ALA PB 74 13.70 -55.90 -84.89
CA ALA PB 74 14.80 -56.84 -84.81
C ALA PB 74 14.92 -57.64 -86.09
N GLN PB 75 13.83 -58.30 -86.47
CA GLN PB 75 13.80 -59.16 -87.65
C GLN PB 75 14.45 -58.49 -88.83
N ILE PB 76 14.03 -57.27 -89.09
CA ILE PB 76 14.66 -56.43 -90.10
C ILE PB 76 16.15 -56.39 -89.85
N TYR PB 77 16.52 -55.90 -88.67
CA TYR PB 77 17.93 -55.77 -88.32
C TYR PB 77 18.69 -57.06 -88.48
N ALA PB 78 18.02 -58.20 -88.28
CA ALA PB 78 18.61 -59.50 -88.59
C ALA PB 78 18.82 -59.69 -90.08
N ILE PB 79 17.78 -59.49 -90.90
CA ILE PB 79 17.94 -59.74 -92.35
C ILE PB 79 18.97 -58.75 -92.92
N ARG PB 80 18.88 -57.52 -92.46
CA ARG PB 80 19.83 -56.44 -92.77
C ARG PB 80 21.23 -56.97 -92.68
N GLN PB 81 21.51 -57.57 -91.54
CA GLN PB 81 22.76 -58.27 -91.31
C GLN PB 81 22.85 -59.40 -92.32
N SER PB 82 21.91 -60.33 -92.24
CA SER PB 82 21.96 -61.59 -92.98
C SER PB 82 22.49 -61.48 -94.40
N ILE PB 83 21.82 -60.68 -95.24
CA ILE PB 83 22.12 -60.72 -96.68
C ILE PB 83 23.49 -60.15 -96.98
N SER PB 84 23.83 -59.07 -96.29
CA SER PB 84 25.12 -58.41 -96.43
C SER PB 84 26.28 -59.26 -95.90
N LYS PB 85 26.01 -60.05 -94.87
CA LYS PB 85 26.92 -61.12 -94.47
C LYS PB 85 27.00 -62.16 -95.57
N ALA PB 86 25.83 -62.62 -96.02
CA ALA PB 86 25.73 -63.72 -97.00
C ALA PB 86 26.40 -63.43 -98.32
N LEU PB 87 26.19 -62.21 -98.81
CA LEU PB 87 26.91 -61.74 -99.96
C LEU PB 87 28.41 -61.90 -99.69
N VAL PB 88 28.89 -61.28 -98.63
CA VAL PB 88 30.31 -61.36 -98.22
C VAL PB 88 30.78 -62.82 -98.21
N ALA PB 89 29.92 -63.71 -97.71
CA ALA PB 89 30.20 -65.13 -97.72
C ALA PB 89 30.27 -65.68 -99.13
N TYR PB 90 29.31 -65.29 -99.96
CA TYR PB 90 29.32 -65.71 -101.35
C TYR PB 90 30.63 -65.34 -102.03
N TYR PB 91 31.01 -64.08 -101.94
CA TYR PB 91 32.21 -63.59 -102.62
C TYR PB 91 33.47 -64.33 -102.19
N GLN PB 92 33.61 -64.51 -100.87
CA GLN PB 92 34.72 -65.25 -100.30
C GLN PB 92 34.88 -66.59 -100.99
N LYS PB 93 33.81 -67.38 -100.97
CA LYS PB 93 33.87 -68.79 -101.34
C LYS PB 93 33.94 -69.06 -102.83
N TYR PB 94 33.33 -68.19 -103.64
CA TYR PB 94 33.27 -68.39 -105.09
C TYR PB 94 33.93 -67.32 -105.95
N VAL PB 95 33.82 -66.06 -105.54
CA VAL PB 95 34.38 -64.97 -106.33
C VAL PB 95 35.87 -64.90 -105.99
N ASP PB 96 36.29 -63.94 -105.17
CA ASP PB 96 37.70 -63.76 -104.84
C ASP PB 96 37.86 -62.89 -103.61
N GLU PB 97 38.91 -63.15 -102.85
CA GLU PB 97 39.09 -62.55 -101.53
C GLU PB 97 39.56 -61.09 -101.57
N ALA PB 98 39.94 -60.62 -102.74
CA ALA PB 98 40.12 -59.20 -102.97
C ALA PB 98 38.78 -58.48 -103.05
N SER PB 99 37.80 -59.13 -103.66
CA SER PB 99 36.46 -58.56 -103.80
C SER PB 99 35.72 -58.52 -102.47
N LYS PB 100 35.73 -59.65 -101.78
CA LYS PB 100 35.22 -59.73 -100.41
C LYS PB 100 35.68 -58.55 -99.55
N LYS PB 101 37.00 -58.33 -99.52
CA LYS PB 101 37.59 -57.24 -98.71
C LYS PB 101 37.07 -55.88 -99.17
N GLU PB 102 37.02 -55.67 -100.48
CA GLU PB 102 36.48 -54.44 -101.04
C GLU PB 102 35.06 -54.19 -100.53
N ILE PB 103 34.21 -55.20 -100.64
CA ILE PB 103 32.82 -55.12 -100.14
C ILE PB 103 32.83 -54.85 -98.64
N LYS PB 104 33.45 -55.75 -97.90
CA LYS PB 104 33.45 -55.72 -96.43
C LYS PB 104 33.80 -54.33 -95.92
N ASP PB 105 34.80 -53.69 -96.54
CA ASP PB 105 35.16 -52.31 -96.22
C ASP PB 105 34.00 -51.36 -96.43
N ILE PB 106 33.34 -51.47 -97.59
CA ILE PB 106 32.22 -50.60 -97.94
C ILE PB 106 30.98 -50.80 -97.06
N LEU PB 107 30.82 -52.00 -96.47
CA LEU PB 107 29.79 -52.21 -95.45
C LEU PB 107 30.14 -51.62 -94.09
N ILE PB 108 31.38 -51.85 -93.66
CA ILE PB 108 31.80 -51.44 -92.32
C ILE PB 108 31.81 -49.93 -92.18
N GLN PB 109 32.52 -49.25 -93.07
CA GLN PB 109 32.61 -47.78 -93.01
C GLN PB 109 31.24 -47.12 -92.87
N TYR PB 110 30.20 -47.74 -93.44
CA TYR PB 110 28.81 -47.34 -93.15
C TYR PB 110 28.42 -47.77 -91.74
N ASP PB 111 28.42 -49.08 -91.47
CA ASP PB 111 27.94 -49.62 -90.19
C ASP PB 111 28.52 -50.99 -89.88
N ARG PB 112 29.01 -51.14 -88.65
CA ARG PB 112 29.59 -52.40 -88.17
C ARG PB 112 28.52 -53.46 -87.96
N THR PB 113 27.30 -53.03 -87.66
CA THR PB 113 26.18 -53.93 -87.39
C THR PB 113 25.74 -54.75 -88.60
N LEU PB 114 26.08 -54.31 -89.81
CA LEU PB 114 25.67 -55.03 -91.02
C LEU PB 114 26.32 -56.43 -91.11
N LEU PB 115 27.37 -56.67 -90.33
CA LEU PB 115 28.09 -57.95 -90.33
C LEU PB 115 28.24 -58.56 -88.93
N VAL PB 116 28.71 -57.73 -87.99
CA VAL PB 116 28.87 -58.11 -86.60
C VAL PB 116 27.55 -57.95 -85.86
N ALA PB 117 27.27 -58.91 -84.98
CA ALA PB 117 26.01 -58.95 -84.23
C ALA PB 117 26.05 -58.14 -82.93
N ASP PB 118 24.87 -57.69 -82.50
CA ASP PB 118 24.72 -57.15 -81.15
C ASP PB 118 24.67 -58.34 -80.22
N PRO PB 119 25.68 -58.49 -79.35
CA PRO PB 119 25.58 -59.51 -78.32
C PRO PB 119 24.52 -59.17 -77.28
N ARG PB 120 24.15 -57.89 -77.21
CA ARG PB 120 23.05 -57.44 -76.38
C ARG PB 120 21.80 -58.29 -76.50
N ARG PB 121 21.19 -58.52 -75.35
CA ARG PB 121 19.99 -59.31 -75.27
C ARG PB 121 19.29 -58.92 -73.98
N CYS PB 122 18.02 -59.27 -73.89
CA CYS PB 122 17.16 -58.84 -72.80
C CYS PB 122 17.67 -59.36 -71.44
N GLU PB 123 17.99 -58.41 -70.55
CA GLU PB 123 18.64 -58.64 -69.26
C GLU PB 123 17.61 -59.04 -68.22
N SER PB 124 17.94 -60.06 -67.44
CA SER PB 124 16.96 -60.75 -66.62
C SER PB 124 16.50 -59.94 -65.42
N LYS PB 125 15.22 -60.09 -65.09
CA LYS PB 125 14.64 -59.43 -63.94
C LYS PB 125 15.02 -60.20 -62.72
N LYS PB 126 15.29 -59.47 -61.64
CA LYS PB 126 15.47 -60.05 -60.33
C LYS PB 126 14.26 -59.62 -59.53
N PHE PB 127 13.80 -60.45 -58.62
CA PHE PB 127 12.70 -60.06 -57.75
C PHE PB 127 12.92 -58.71 -57.10
N GLY PB 128 11.90 -58.22 -56.40
CA GLY PB 128 12.01 -56.96 -55.65
C GLY PB 128 12.04 -55.73 -56.55
N GLY PB 129 11.55 -55.91 -57.76
CA GLY PB 129 11.35 -54.84 -58.66
C GLY PB 129 10.62 -55.43 -59.84
N PRO PB 130 10.07 -54.57 -60.66
CA PRO PB 130 9.35 -55.03 -61.82
C PRO PB 130 10.27 -55.54 -62.93
N GLY PB 131 11.52 -55.07 -62.96
CA GLY PB 131 12.47 -55.39 -64.02
C GLY PB 131 13.77 -55.91 -63.46
N ALA PB 132 14.88 -55.50 -64.05
CA ALA PB 132 16.18 -55.91 -63.58
C ALA PB 132 16.69 -54.91 -62.59
N ARG PB 133 16.99 -53.73 -63.09
CA ARG PB 133 17.71 -52.75 -62.31
C ARG PB 133 16.76 -51.98 -61.44
N ALA PB 134 15.57 -51.67 -61.96
CA ALA PB 134 14.53 -50.97 -61.19
C ALA PB 134 14.03 -51.77 -60.01
N ARG PB 135 13.85 -51.11 -58.88
CA ARG PB 135 13.20 -51.72 -57.72
C ARG PB 135 11.81 -51.14 -57.48
N TYR PB 136 10.99 -51.88 -56.72
CA TYR PB 136 9.68 -51.40 -56.30
C TYR PB 136 9.78 -50.32 -55.25
N GLN PB 137 8.72 -49.54 -55.11
CA GLN PB 137 8.76 -48.30 -54.30
C GLN PB 137 8.84 -48.59 -52.80
N LYS PB 138 9.76 -47.88 -52.14
CA LYS PB 138 10.00 -48.04 -50.71
C LYS PB 138 9.19 -47.00 -49.97
N SER PB 139 8.56 -47.37 -48.86
CA SER PB 139 7.53 -46.54 -48.24
C SER PB 139 8.01 -45.66 -47.10
N TYR PB 140 8.75 -46.28 -46.19
CA TYR PB 140 9.40 -45.62 -45.08
C TYR PB 140 8.45 -45.29 -43.90
N ARG PB 141 7.67 -44.22 -44.03
CA ARG PB 141 7.10 -43.49 -42.87
C ARG PB 141 5.74 -44.00 -42.37
N MET QB 1 41.41 -50.53 -64.43
CA MET QB 1 40.55 -50.16 -63.28
C MET QB 1 39.69 -51.38 -62.97
N GLY QB 2 40.34 -52.38 -62.39
CA GLY QB 2 39.73 -53.66 -62.15
C GLY QB 2 40.72 -54.74 -61.82
N ARG QB 3 41.34 -55.31 -62.84
CA ARG QB 3 41.95 -56.61 -62.65
C ARG QB 3 43.36 -56.52 -62.06
N VAL QB 4 43.41 -56.87 -60.78
CA VAL QB 4 44.63 -57.27 -60.08
C VAL QB 4 44.51 -58.76 -59.81
N ARG QB 5 45.64 -59.44 -59.91
CA ARG QB 5 45.70 -60.87 -59.66
C ARG QB 5 45.84 -61.12 -58.19
N THR QB 6 45.32 -62.26 -57.74
CA THR QB 6 45.40 -62.62 -56.33
C THR QB 6 46.71 -63.33 -56.13
N LYS QB 7 47.03 -63.61 -54.88
CA LYS QB 7 48.23 -64.34 -54.55
C LYS QB 7 48.19 -65.78 -55.11
N THR QB 8 47.00 -66.36 -55.27
CA THR QB 8 46.91 -67.70 -55.84
C THR QB 8 47.34 -67.74 -57.29
N VAL QB 9 47.31 -66.60 -57.95
CA VAL QB 9 47.94 -66.44 -59.24
C VAL QB 9 49.44 -66.28 -59.01
N LYS QB 10 49.76 -65.24 -58.24
CA LYS QB 10 51.09 -64.70 -58.22
C LYS QB 10 52.09 -65.67 -57.59
N LYS QB 11 51.63 -66.49 -56.64
CA LYS QB 11 52.47 -67.57 -56.07
C LYS QB 11 52.75 -68.59 -57.14
N ALA QB 12 51.69 -69.21 -57.65
CA ALA QB 12 51.82 -70.23 -58.68
C ALA QB 12 52.73 -69.78 -59.80
N ALA QB 13 52.49 -68.57 -60.30
CA ALA QB 13 53.27 -68.01 -61.37
C ALA QB 13 54.71 -67.80 -60.97
N ARG QB 14 54.93 -67.30 -59.76
CA ARG QB 14 56.29 -67.15 -59.25
C ARG QB 14 56.98 -68.52 -59.18
N VAL QB 15 56.30 -69.50 -58.60
CA VAL QB 15 56.91 -70.81 -58.39
C VAL QB 15 57.17 -71.48 -59.72
N ILE QB 16 56.15 -71.53 -60.57
CA ILE QB 16 56.27 -72.13 -61.91
C ILE QB 16 57.54 -71.70 -62.62
N ILE QB 17 57.77 -70.40 -62.67
CA ILE QB 17 58.95 -69.89 -63.33
C ILE QB 17 60.21 -70.37 -62.63
N GLU QB 18 60.19 -70.38 -61.30
CA GLU QB 18 61.33 -70.90 -60.55
C GLU QB 18 61.68 -72.33 -60.97
N LYS QB 19 60.66 -73.11 -61.34
CA LYS QB 19 60.84 -74.51 -61.74
C LYS QB 19 60.87 -74.79 -63.24
N TYR QB 20 60.29 -73.92 -64.04
CA TYR QB 20 60.22 -74.16 -65.49
C TYR QB 20 60.55 -72.91 -66.29
N TYR QB 21 61.54 -72.13 -65.84
CA TYR QB 21 61.99 -70.98 -66.63
C TYR QB 21 62.23 -71.42 -68.07
N THR QB 22 63.00 -72.50 -68.21
CA THR QB 22 63.36 -73.10 -69.50
C THR QB 22 62.19 -73.26 -70.49
N ARG QB 23 61.23 -74.10 -70.12
CA ARG QB 23 60.08 -74.42 -70.98
C ARG QB 23 59.16 -73.24 -71.21
N LEU QB 24 59.17 -72.30 -70.28
CA LEU QB 24 58.34 -71.11 -70.41
C LEU QB 24 58.93 -70.11 -71.38
N GLY QB 25 58.05 -69.25 -71.90
CA GLY QB 25 58.42 -68.32 -72.93
C GLY QB 25 57.52 -67.11 -72.93
N ASN QB 26 57.94 -66.11 -73.69
CA ASN QB 26 57.21 -64.87 -73.84
C ASN QB 26 55.91 -65.04 -74.60
N ASP QB 27 55.96 -65.88 -75.64
CA ASP QB 27 54.77 -66.26 -76.43
C ASP QB 27 53.74 -66.84 -75.50
N PHE QB 28 52.60 -66.17 -75.39
CA PHE QB 28 51.65 -66.50 -74.34
C PHE QB 28 51.07 -67.91 -74.50
N HIS QB 29 50.48 -68.14 -75.66
CA HIS QB 29 49.69 -69.33 -75.86
C HIS QB 29 50.51 -70.60 -75.76
N THR QB 30 51.81 -70.51 -76.07
CA THR QB 30 52.71 -71.62 -75.83
C THR QB 30 52.76 -71.91 -74.34
N ASN QB 31 53.11 -70.88 -73.56
CA ASN QB 31 53.27 -71.05 -72.12
C ASN QB 31 51.95 -71.05 -71.34
N LYS QB 32 50.85 -70.73 -72.02
CA LYS QB 32 49.51 -71.04 -71.52
C LYS QB 32 49.28 -72.51 -71.44
N ARG QB 33 49.82 -73.20 -72.43
CA ARG QB 33 49.67 -74.63 -72.52
C ARG QB 33 50.77 -75.37 -71.75
N VAL QB 34 51.95 -74.77 -71.60
CA VAL QB 34 52.99 -75.31 -70.72
C VAL QB 34 52.45 -75.45 -69.31
N CYS QB 35 51.89 -74.36 -68.81
CA CYS QB 35 51.34 -74.32 -67.46
C CYS QB 35 50.28 -75.37 -67.21
N GLU QB 36 49.57 -75.79 -68.25
CA GLU QB 36 48.70 -76.97 -68.18
C GLU QB 36 49.43 -78.30 -67.98
N GLU QB 37 50.55 -78.44 -68.67
CA GLU QB 37 51.35 -79.65 -68.60
C GLU QB 37 52.03 -79.81 -67.24
N ILE QB 38 52.90 -78.84 -66.91
CA ILE QB 38 53.74 -78.98 -65.72
C ILE QB 38 52.97 -78.84 -64.43
N ALA QB 39 51.91 -78.02 -64.43
CA ALA QB 39 51.14 -77.79 -63.20
C ALA QB 39 49.73 -78.36 -63.30
N ILE QB 40 49.28 -79.00 -62.22
CA ILE QB 40 47.91 -79.50 -62.14
C ILE QB 40 47.02 -78.40 -61.60
N ILE QB 41 46.37 -77.69 -62.52
CA ILE QB 41 45.47 -76.59 -62.22
C ILE QB 41 44.07 -77.18 -62.26
N PRO QB 42 43.14 -76.69 -61.42
CA PRO QB 42 41.79 -77.24 -61.45
C PRO QB 42 40.90 -76.63 -62.51
N SER QB 43 40.93 -75.30 -62.63
CA SER QB 43 40.01 -74.56 -63.49
C SER QB 43 40.70 -74.07 -64.76
N LYS QB 44 39.90 -73.53 -65.68
CA LYS QB 44 40.41 -73.01 -66.94
C LYS QB 44 40.85 -71.58 -66.80
N LYS QB 45 40.05 -70.78 -66.12
CA LYS QB 45 40.33 -69.36 -66.03
C LYS QB 45 41.62 -69.11 -65.25
N LEU QB 46 41.75 -69.80 -64.12
CA LEU QB 46 42.93 -69.70 -63.25
C LEU QB 46 44.22 -70.11 -63.96
N ARG QB 47 44.17 -71.26 -64.64
CA ARG QB 47 45.18 -71.67 -65.61
C ARG QB 47 45.56 -70.53 -66.54
N ASN QB 48 44.53 -69.97 -67.16
CA ASN QB 48 44.68 -68.93 -68.15
C ASN QB 48 45.25 -67.64 -67.56
N LYS QB 49 44.90 -67.38 -66.32
CA LYS QB 49 45.37 -66.23 -65.58
C LYS QB 49 46.84 -66.37 -65.14
N ILE QB 50 47.12 -67.44 -64.40
CA ILE QB 50 48.49 -67.85 -64.07
C ILE QB 50 49.44 -67.59 -65.22
N ALA QB 51 49.09 -68.15 -66.37
CA ALA QB 51 49.85 -68.03 -67.61
C ALA QB 51 50.07 -66.59 -68.02
N GLY QB 52 49.05 -65.77 -67.83
CA GLY QB 52 49.19 -64.35 -68.02
C GLY QB 52 50.31 -63.77 -67.18
N TYR QB 53 50.15 -63.84 -65.87
CA TYR QB 53 51.19 -63.33 -64.99
C TYR QB 53 52.56 -63.96 -65.28
N VAL QB 54 52.58 -65.23 -65.70
CA VAL QB 54 53.81 -65.87 -66.16
C VAL QB 54 54.43 -65.07 -67.30
N THR QB 55 53.60 -64.71 -68.28
CA THR QB 55 54.06 -63.91 -69.41
C THR QB 55 54.37 -62.45 -69.06
N HIS QB 56 53.80 -61.98 -67.96
CA HIS QB 56 54.19 -60.71 -67.39
C HIS QB 56 55.56 -60.80 -66.70
N LEU QB 57 55.82 -61.94 -66.05
CA LEU QB 57 57.11 -62.17 -65.39
C LEU QB 57 58.24 -62.56 -66.32
N MET QB 58 57.91 -63.29 -67.39
CA MET QB 58 58.91 -63.55 -68.42
C MET QB 58 59.41 -62.28 -69.08
N LYS QB 59 58.53 -61.28 -69.20
CA LYS QB 59 58.91 -59.98 -69.73
C LYS QB 59 59.85 -59.21 -68.80
N ARG QB 60 59.61 -59.27 -67.49
CA ARG QB 60 60.51 -58.62 -66.52
C ARG QB 60 61.88 -59.28 -66.46
N ILE QB 61 61.88 -60.60 -66.37
CA ILE QB 61 63.11 -61.36 -66.32
C ILE QB 61 64.05 -61.01 -67.49
N GLN QB 62 63.50 -60.77 -68.68
CA GLN QB 62 64.32 -60.45 -69.83
C GLN QB 62 64.92 -59.04 -69.78
N ARG QB 63 65.16 -58.52 -68.57
CA ARG QB 63 65.46 -57.11 -68.37
C ARG QB 63 65.89 -56.96 -66.91
N GLY QB 64 66.99 -57.63 -66.57
CA GLY QB 64 67.47 -57.70 -65.20
C GLY QB 64 66.71 -58.74 -64.38
N PRO QB 65 67.09 -58.91 -63.10
CA PRO QB 65 66.52 -59.96 -62.25
C PRO QB 65 65.21 -59.52 -61.60
N VAL QB 66 64.65 -60.40 -60.79
CA VAL QB 66 63.47 -60.09 -59.98
C VAL QB 66 63.78 -60.40 -58.53
N ARG QB 67 63.13 -59.69 -57.61
CA ARG QB 67 63.40 -59.82 -56.17
C ARG QB 67 63.00 -61.18 -55.61
N GLY QB 68 61.73 -61.54 -55.77
CA GLY QB 68 61.19 -62.76 -55.16
C GLY QB 68 61.25 -63.99 -56.03
N ILE QB 69 62.46 -64.35 -56.48
CA ILE QB 69 62.64 -65.45 -57.44
C ILE QB 69 64.10 -65.89 -57.55
N SER QB 70 64.32 -67.06 -58.13
CA SER QB 70 65.67 -67.61 -58.36
C SER QB 70 65.74 -68.44 -59.64
N ILE QB 71 66.30 -67.82 -60.67
CA ILE QB 71 66.63 -68.51 -61.91
C ILE QB 71 68.02 -69.13 -61.70
N LYS QB 72 68.23 -70.34 -62.22
CA LYS QB 72 69.47 -71.07 -61.98
C LYS QB 72 70.68 -70.38 -62.64
N LEU QB 73 70.46 -69.83 -63.83
CA LEU QB 73 71.54 -69.18 -64.59
C LEU QB 73 71.92 -67.81 -64.06
N GLN QB 74 70.96 -67.11 -63.46
CA GLN QB 74 71.24 -65.81 -62.84
C GLN QB 74 72.11 -65.99 -61.60
N GLU QB 75 71.72 -66.93 -60.74
CA GLU QB 75 72.49 -67.27 -59.53
C GLU QB 75 73.94 -67.64 -59.83
N GLU QB 76 74.15 -68.43 -60.89
CA GLU QB 76 75.50 -68.79 -61.32
C GLU QB 76 76.27 -67.55 -61.75
N GLU QB 77 75.62 -66.68 -62.52
CA GLU QB 77 76.22 -65.41 -62.94
C GLU QB 77 76.54 -64.49 -61.76
N ARG QB 78 75.65 -64.45 -60.78
CA ARG QB 78 75.84 -63.59 -59.62
C ARG QB 78 77.04 -64.12 -58.82
N GLU QB 79 77.06 -65.44 -58.61
CA GLU QB 79 78.16 -66.13 -57.92
C GLU QB 79 79.52 -65.81 -58.53
N ARG QB 80 79.62 -65.92 -59.87
CA ARG QB 80 80.86 -65.56 -60.57
C ARG QB 80 81.28 -64.12 -60.29
N ARG QB 81 80.32 -63.20 -60.39
CA ARG QB 81 80.60 -61.77 -60.21
C ARG QB 81 80.41 -61.30 -58.77
N ASP QB 82 80.44 -62.24 -57.82
CA ASP QB 82 80.67 -61.94 -56.41
C ASP QB 82 81.83 -62.76 -55.79
N ASN QB 83 82.70 -63.31 -56.64
CA ASN QB 83 84.02 -63.77 -56.22
C ASN QB 83 85.13 -63.19 -57.12
N TYR QB 84 84.86 -61.99 -57.62
CA TYR QB 84 85.78 -61.25 -58.49
C TYR QB 84 86.92 -60.66 -57.69
N VAL QB 85 88.14 -60.80 -58.20
CA VAL QB 85 89.33 -60.22 -57.58
C VAL QB 85 90.24 -59.71 -58.69
N PRO QB 86 90.53 -58.41 -58.69
CA PRO QB 86 91.61 -57.87 -59.51
C PRO QB 86 92.92 -57.96 -58.71
N GLU QB 87 93.99 -57.31 -59.19
CA GLU QB 87 95.34 -57.49 -58.62
C GLU QB 87 95.62 -56.64 -57.35
N VAL QB 88 94.56 -56.02 -56.80
CA VAL QB 88 94.39 -55.55 -55.40
C VAL QB 88 94.46 -54.04 -55.26
N SER QB 89 93.60 -53.49 -54.40
CA SER QB 89 93.47 -52.06 -54.23
C SER QB 89 94.06 -51.61 -52.91
N ALA QB 90 93.82 -52.36 -51.84
CA ALA QB 90 94.25 -51.95 -50.50
C ALA QB 90 95.77 -51.99 -50.26
N LEU QB 91 96.59 -52.14 -51.31
CA LEU QB 91 98.01 -51.75 -51.26
C LEU QB 91 98.27 -50.28 -51.61
N ASP QB 92 97.35 -49.66 -52.36
CA ASP QB 92 97.32 -48.21 -52.58
C ASP QB 92 98.63 -47.70 -53.19
N GLN QB 93 98.98 -48.33 -54.31
CA GLN QB 93 100.30 -48.23 -54.97
C GLN QB 93 101.47 -47.92 -54.01
N GLU QB 94 102.52 -47.29 -54.52
CA GLU QB 94 103.48 -46.58 -53.69
C GLU QB 94 102.77 -45.28 -53.28
N ILE QB 95 103.01 -44.83 -52.05
CA ILE QB 95 102.48 -43.55 -51.53
C ILE QB 95 101.03 -43.66 -51.05
N ILE QB 96 100.87 -43.90 -49.75
CA ILE QB 96 99.59 -43.73 -49.04
C ILE QB 96 99.56 -42.31 -48.46
N GLU QB 97 98.41 -41.64 -48.57
CA GLU QB 97 98.26 -40.27 -48.08
C GLU QB 97 97.79 -40.28 -46.63
N VAL QB 98 98.29 -39.33 -45.84
CA VAL QB 98 98.25 -39.43 -44.38
C VAL QB 98 98.38 -38.07 -43.66
N ASP QB 99 97.96 -38.04 -42.39
CA ASP QB 99 97.96 -36.82 -41.56
C ASP QB 99 99.21 -36.77 -40.70
N PRO QB 100 99.45 -35.65 -40.00
CA PRO QB 100 100.47 -35.66 -38.95
C PRO QB 100 100.02 -36.44 -37.71
N ASP QB 101 98.74 -36.37 -37.40
CA ASP QB 101 98.19 -37.08 -36.24
C ASP QB 101 98.29 -38.61 -36.39
N THR QB 102 98.01 -39.09 -37.60
CA THR QB 102 98.27 -40.48 -37.96
C THR QB 102 99.77 -40.77 -37.95
N LYS QB 103 100.58 -39.88 -38.51
CA LYS QB 103 102.03 -40.05 -38.46
C LYS QB 103 102.54 -40.07 -37.01
N GLU QB 104 101.90 -39.31 -36.14
CA GLU QB 104 102.24 -39.31 -34.70
C GLU QB 104 101.81 -40.63 -34.07
N MET QB 105 100.62 -41.10 -34.43
CA MET QB 105 100.17 -42.45 -34.10
C MET QB 105 101.21 -43.49 -34.50
N LEU QB 106 101.65 -43.45 -35.74
CA LEU QB 106 102.56 -44.46 -36.25
C LEU QB 106 103.95 -44.37 -35.61
N LYS QB 107 104.40 -43.17 -35.27
CA LYS QB 107 105.60 -43.00 -34.44
C LYS QB 107 105.46 -43.71 -33.09
N LEU QB 108 104.30 -43.55 -32.46
CA LEU QB 108 104.03 -44.16 -31.15
C LEU QB 108 103.87 -45.67 -31.23
N LEU QB 109 103.49 -46.17 -32.40
CA LEU QB 109 103.36 -47.60 -32.65
C LEU QB 109 104.60 -48.20 -33.36
N ASP QB 110 105.64 -47.38 -33.52
CA ASP QB 110 106.91 -47.79 -34.13
C ASP QB 110 106.76 -48.11 -35.61
N PHE QB 111 106.45 -47.08 -36.39
CA PHE QB 111 106.31 -47.18 -37.86
C PHE QB 111 106.74 -45.91 -38.60
N GLY QB 112 107.40 -46.11 -39.73
CA GLY QB 112 107.89 -45.05 -40.60
C GLY QB 112 108.13 -45.64 -41.98
N SER QB 113 107.04 -45.98 -42.65
CA SER QB 113 107.04 -46.80 -43.88
C SER QB 113 107.19 -45.91 -45.14
N LEU QB 114 106.48 -46.25 -46.24
CA LEU QB 114 106.35 -45.35 -47.41
C LEU QB 114 104.93 -44.80 -47.56
N SER QB 115 104.68 -43.80 -46.72
CA SER QB 115 103.43 -43.05 -46.62
C SER QB 115 103.77 -41.56 -46.54
N ASN QB 116 103.04 -40.73 -47.27
CA ASN QB 116 103.30 -39.28 -47.35
C ASN QB 116 102.32 -38.45 -46.52
N LEU QB 117 102.85 -37.41 -45.88
CA LEU QB 117 102.12 -36.62 -44.90
C LEU QB 117 101.61 -35.35 -45.57
N GLN QB 118 100.38 -34.94 -45.24
CA GLN QB 118 99.86 -33.65 -45.71
C GLN QB 118 98.65 -33.18 -44.91
N VAL QB 119 98.79 -32.01 -44.25
CA VAL QB 119 97.63 -31.20 -43.85
C VAL QB 119 97.90 -29.71 -44.04
N THR QB 120 96.80 -28.97 -44.26
CA THR QB 120 96.76 -27.52 -44.11
C THR QB 120 95.48 -27.16 -43.34
N GLN QB 121 94.33 -27.57 -43.90
CA GLN QB 121 93.00 -27.53 -43.27
C GLN QB 121 92.91 -26.97 -41.84
N PRO QB 122 92.62 -25.65 -41.69
CA PRO QB 122 92.33 -25.03 -40.38
C PRO QB 122 90.91 -25.34 -39.87
N THR QB 123 90.78 -25.69 -38.56
CA THR QB 123 89.49 -26.07 -37.90
C THR QB 123 88.33 -25.24 -38.44
N VAL QB 124 87.62 -25.78 -39.44
CA VAL QB 124 86.79 -24.95 -40.29
C VAL QB 124 85.53 -24.57 -39.54
N GLY QB 125 84.61 -25.52 -39.46
CA GLY QB 125 83.20 -25.21 -39.24
C GLY QB 125 82.41 -26.29 -39.96
N MET QB 126 82.13 -27.35 -39.22
CA MET QB 126 81.58 -28.57 -39.77
C MET QB 126 80.07 -28.52 -39.54
N ASN QB 127 79.34 -28.77 -40.63
CA ASN QB 127 77.89 -28.49 -40.79
C ASN QB 127 77.51 -26.98 -40.67
N PHE QB 128 76.21 -26.67 -40.60
CA PHE QB 128 75.78 -25.34 -40.19
C PHE QB 128 74.39 -25.43 -39.54
N LYS QB 129 74.18 -24.71 -38.44
CA LYS QB 129 72.89 -24.71 -37.69
C LYS QB 129 71.86 -23.79 -38.36
N PRO RB 1 -22.22 -28.84 -96.21
CA PRO RB 1 -23.42 -28.30 -96.86
C PRO RB 1 -24.61 -28.17 -95.91
N GLU RB 2 -25.80 -27.91 -96.47
CA GLU RB 2 -27.07 -27.84 -95.74
C GLU RB 2 -27.11 -26.72 -94.69
N LYS RB 3 -27.89 -25.69 -94.96
CA LYS RB 3 -28.02 -24.53 -94.06
C LYS RB 3 -29.43 -24.48 -93.45
N PHE RB 4 -29.57 -25.19 -92.32
CA PHE RB 4 -30.81 -25.23 -91.54
C PHE RB 4 -30.55 -25.39 -90.04
N GLN RB 5 -30.78 -26.58 -89.49
CA GLN RB 5 -31.25 -26.71 -88.09
C GLN RB 5 -30.26 -26.18 -87.06
N HIS RB 6 -29.23 -26.95 -86.75
CA HIS RB 6 -28.13 -26.54 -85.89
C HIS RB 6 -28.70 -26.11 -84.55
N ILE RB 7 -28.50 -26.98 -83.55
CA ILE RB 7 -29.40 -27.19 -82.39
C ILE RB 7 -30.70 -27.89 -82.76
N LEU RB 8 -31.12 -28.81 -81.90
CA LEU RB 8 -32.21 -29.71 -82.18
C LEU RB 8 -32.88 -30.13 -80.89
N ARG RB 9 -34.20 -30.25 -80.89
CA ARG RB 9 -34.98 -30.51 -79.67
C ARG RB 9 -35.85 -31.75 -79.88
N VAL RB 10 -35.51 -32.84 -79.19
CA VAL RB 10 -36.17 -34.13 -79.41
C VAL RB 10 -36.31 -34.89 -78.09
N LEU RB 11 -37.51 -35.40 -77.86
CA LEU RB 11 -37.76 -36.30 -76.74
C LEU RB 11 -37.45 -35.59 -75.42
N ASN RB 12 -37.89 -34.34 -75.33
CA ASN RB 12 -37.60 -33.43 -74.20
C ASN RB 12 -36.15 -33.04 -73.94
N THR RB 13 -35.20 -33.83 -74.44
CA THR RB 13 -33.80 -33.45 -74.42
C THR RB 13 -33.50 -32.54 -75.60
N ASN RB 14 -32.36 -31.88 -75.52
CA ASN RB 14 -31.82 -31.20 -76.66
C ASN RB 14 -30.95 -32.16 -77.44
N ILE RB 15 -30.39 -31.68 -78.54
CA ILE RB 15 -29.32 -32.33 -79.27
C ILE RB 15 -28.55 -31.29 -80.07
N ASP RB 16 -27.23 -31.39 -80.09
CA ASP RB 16 -26.41 -30.54 -80.97
C ASP RB 16 -26.60 -31.03 -82.41
N GLY RB 17 -27.29 -30.25 -83.22
CA GLY RB 17 -27.21 -30.39 -84.66
C GLY RB 17 -25.80 -30.25 -85.19
N ARG RB 18 -25.00 -29.43 -84.53
CA ARG RB 18 -23.62 -29.19 -84.92
C ARG RB 18 -22.73 -30.43 -84.67
N ARG RB 19 -23.21 -31.36 -83.85
CA ARG RB 19 -22.59 -32.69 -83.63
C ARG RB 19 -22.90 -33.63 -84.79
N LYS RB 20 -22.11 -34.69 -84.90
CA LYS RB 20 -22.38 -35.76 -85.86
C LYS RB 20 -23.44 -36.65 -85.23
N ILE RB 21 -24.24 -37.32 -86.07
CA ILE RB 21 -25.59 -37.77 -85.67
C ILE RB 21 -25.60 -38.93 -84.71
N ALA RB 22 -24.77 -39.92 -84.98
CA ALA RB 22 -24.66 -41.03 -84.04
C ALA RB 22 -24.23 -40.53 -82.67
N PHE RB 23 -23.22 -39.65 -82.65
CA PHE RB 23 -22.70 -39.07 -81.41
C PHE RB 23 -23.51 -37.88 -80.88
N ALA RB 24 -24.48 -37.42 -81.64
CA ALA RB 24 -25.44 -36.41 -81.18
C ALA RB 24 -26.57 -37.04 -80.39
N ILE RB 25 -27.18 -38.08 -80.96
CA ILE RB 25 -28.30 -38.77 -80.31
C ILE RB 25 -27.97 -39.15 -78.89
N THR RB 26 -26.79 -39.69 -78.68
CA THR RB 26 -26.37 -40.20 -77.38
C THR RB 26 -26.59 -39.25 -76.18
N ALA RB 27 -26.74 -37.95 -76.48
CA ALA RB 27 -27.17 -36.94 -75.49
C ALA RB 27 -28.57 -37.17 -74.91
N ILE RB 28 -29.36 -38.06 -75.51
CA ILE RB 28 -30.57 -38.56 -74.89
C ILE RB 28 -30.21 -39.63 -73.85
N LYS RB 29 -30.92 -39.58 -72.71
CA LYS RB 29 -30.78 -40.60 -71.69
C LYS RB 29 -31.35 -41.87 -72.26
N GLY RB 30 -30.59 -42.94 -72.21
CA GLY RB 30 -31.07 -44.25 -72.65
C GLY RB 30 -30.74 -44.58 -74.09
N VAL RB 31 -29.73 -43.90 -74.63
CA VAL RB 31 -29.16 -44.31 -75.91
C VAL RB 31 -27.67 -44.02 -75.90
N GLY RB 32 -26.89 -45.03 -76.27
CA GLY RB 32 -25.43 -44.99 -76.25
C GLY RB 32 -24.91 -45.32 -77.62
N ARG RB 33 -23.62 -45.08 -77.80
CA ARG RB 33 -23.03 -45.12 -79.12
C ARG RB 33 -23.33 -46.40 -79.87
N ARG RB 34 -23.47 -47.50 -79.15
CA ARG RB 34 -24.01 -48.72 -79.72
C ARG RB 34 -25.38 -48.43 -80.32
N TYR RB 35 -26.37 -48.24 -79.45
CA TYR RB 35 -27.79 -48.22 -79.82
C TYR RB 35 -28.13 -47.14 -80.84
N ALA RB 36 -27.50 -45.98 -80.67
CA ALA RB 36 -27.60 -44.93 -81.65
C ALA RB 36 -27.15 -45.46 -82.99
N HIS RB 37 -25.91 -45.90 -83.09
CA HIS RB 37 -25.39 -46.39 -84.37
C HIS RB 37 -26.32 -47.42 -84.99
N VAL RB 38 -26.85 -48.32 -84.18
CA VAL RB 38 -27.83 -49.29 -84.66
C VAL RB 38 -29.09 -48.60 -85.16
N VAL RB 39 -29.68 -47.76 -84.31
CA VAL RB 39 -30.92 -47.05 -84.63
C VAL RB 39 -30.82 -46.26 -85.94
N LEU RB 40 -29.67 -45.65 -86.17
CA LEU RB 40 -29.40 -44.98 -87.42
C LEU RB 40 -29.25 -45.98 -88.57
N ARG RB 41 -28.49 -47.06 -88.37
CA ARG RB 41 -28.28 -48.06 -89.44
C ARG RB 41 -29.55 -48.75 -89.90
N LYS RB 42 -30.54 -48.88 -89.02
CA LYS RB 42 -31.86 -49.36 -89.41
C LYS RB 42 -32.62 -48.31 -90.21
N ALA RB 43 -32.51 -47.05 -89.77
CA ALA RB 43 -33.16 -45.94 -90.46
C ALA RB 43 -32.64 -45.69 -91.88
N ASP RB 44 -31.41 -46.13 -92.17
CA ASP RB 44 -30.80 -45.96 -93.49
C ASP RB 44 -30.47 -44.48 -93.73
N ILE RB 45 -29.46 -44.01 -93.00
CA ILE RB 45 -29.06 -42.62 -93.00
C ILE RB 45 -27.60 -42.51 -93.38
N ASP RB 46 -27.28 -41.47 -94.16
CA ASP RB 46 -25.89 -41.08 -94.41
C ASP RB 46 -25.33 -40.56 -93.09
N LEU RB 47 -24.88 -41.49 -92.25
CA LEU RB 47 -24.46 -41.16 -90.89
C LEU RB 47 -23.14 -40.35 -90.80
N THR RB 48 -22.53 -40.06 -91.95
CA THR RB 48 -21.52 -39.02 -92.06
C THR RB 48 -22.10 -37.60 -92.13
N LYS RB 49 -23.43 -37.47 -92.12
CA LYS RB 49 -24.06 -36.17 -92.01
C LYS RB 49 -23.94 -35.66 -90.59
N ARG RB 50 -23.97 -34.35 -90.45
CA ARG RB 50 -24.15 -33.73 -89.15
C ARG RB 50 -25.63 -33.76 -88.86
N ALA RB 51 -26.01 -33.60 -87.60
CA ALA RB 51 -27.44 -33.54 -87.24
C ALA RB 51 -28.13 -32.21 -87.61
N GLY RB 52 -27.32 -31.19 -87.89
CA GLY RB 52 -27.80 -29.90 -88.37
C GLY RB 52 -28.18 -29.88 -89.85
N GLU RB 53 -27.91 -30.99 -90.52
CA GLU RB 53 -28.56 -31.36 -91.77
C GLU RB 53 -29.73 -32.25 -91.32
N LEU RB 54 -30.13 -33.22 -92.14
CA LEU RB 54 -31.09 -34.25 -91.73
C LEU RB 54 -32.51 -33.67 -91.68
N THR RB 55 -33.35 -34.03 -92.65
CA THR RB 55 -34.71 -33.48 -92.75
C THR RB 55 -35.55 -33.89 -91.56
N GLU RB 56 -36.52 -33.05 -91.21
CA GLU RB 56 -37.35 -33.30 -90.03
C GLU RB 56 -38.12 -34.62 -90.09
N ASP RB 57 -38.44 -35.07 -91.31
CA ASP RB 57 -39.00 -36.42 -91.49
C ASP RB 57 -38.02 -37.48 -91.02
N GLU RB 58 -36.74 -37.30 -91.35
CA GLU RB 58 -35.70 -38.22 -90.93
C GLU RB 58 -35.55 -38.28 -89.41
N VAL RB 59 -35.58 -37.13 -88.74
CA VAL RB 59 -35.43 -37.15 -87.27
C VAL RB 59 -36.65 -37.82 -86.62
N GLU RB 60 -37.83 -37.59 -87.18
CA GLU RB 60 -39.02 -38.34 -86.77
C GLU RB 60 -38.80 -39.83 -87.00
N ARG RB 61 -38.31 -40.17 -88.19
CA ARG RB 61 -38.06 -41.55 -88.57
C ARG RB 61 -37.09 -42.24 -87.59
N VAL RB 62 -36.04 -41.52 -87.19
CA VAL RB 62 -35.10 -42.04 -86.20
C VAL RB 62 -35.84 -42.30 -84.90
N ILE RB 63 -36.46 -41.24 -84.37
CA ILE RB 63 -37.17 -41.30 -83.08
C ILE RB 63 -38.08 -42.51 -83.00
N THR RB 64 -38.83 -42.76 -84.08
CA THR RB 64 -39.77 -43.88 -84.11
C THR RB 64 -39.05 -45.20 -83.98
N ILE RB 65 -37.94 -45.36 -84.68
CA ILE RB 65 -37.12 -46.54 -84.51
C ILE RB 65 -36.62 -46.62 -83.06
N MET RB 66 -36.16 -45.49 -82.54
CA MET RB 66 -35.61 -45.39 -81.17
C MET RB 66 -36.62 -45.81 -80.11
N GLN RB 67 -37.84 -45.34 -80.23
CA GLN RB 67 -38.91 -45.69 -79.30
C GLN RB 67 -39.43 -47.11 -79.51
N ASN RB 68 -39.38 -47.58 -80.75
CA ASN RB 68 -40.00 -48.85 -81.13
C ASN RB 68 -38.94 -49.74 -81.75
N PRO RB 69 -37.92 -50.10 -80.98
CA PRO RB 69 -36.79 -50.81 -81.54
C PRO RB 69 -37.14 -52.20 -82.07
N ARG RB 70 -38.07 -52.87 -81.40
CA ARG RB 70 -38.36 -54.26 -81.76
C ARG RB 70 -39.20 -54.41 -83.04
N GLN RB 71 -39.91 -53.35 -83.41
CA GLN RB 71 -40.64 -53.30 -84.69
C GLN RB 71 -39.71 -53.17 -85.87
N TYR RB 72 -38.53 -52.60 -85.65
CA TYR RB 72 -37.54 -52.43 -86.70
C TYR RB 72 -36.33 -53.35 -86.57
N LYS RB 73 -36.55 -54.52 -85.96
CA LYS RB 73 -35.53 -55.58 -85.88
C LYS RB 73 -34.25 -55.22 -85.10
N ILE RB 74 -34.33 -54.22 -84.22
CA ILE RB 74 -33.30 -53.99 -83.22
C ILE RB 74 -33.63 -55.03 -82.18
N PRO RB 75 -32.81 -56.08 -82.10
CA PRO RB 75 -33.15 -57.34 -81.44
C PRO RB 75 -33.26 -57.28 -79.92
N ASP RB 76 -33.42 -58.45 -79.30
CA ASP RB 76 -33.47 -58.58 -77.84
C ASP RB 76 -32.35 -57.81 -77.11
N TRP RB 77 -31.21 -58.46 -76.91
CA TRP RB 77 -30.02 -57.81 -76.38
C TRP RB 77 -29.95 -56.28 -76.35
N PHE RB 78 -29.98 -55.62 -77.51
CA PHE RB 78 -29.86 -54.14 -77.55
C PHE RB 78 -31.03 -53.38 -76.91
N LEU RB 79 -31.27 -53.60 -75.61
CA LEU RB 79 -32.42 -53.02 -74.94
C LEU RB 79 -32.09 -52.96 -73.46
N ASN RB 80 -32.13 -51.77 -72.90
CA ASN RB 80 -31.68 -51.60 -71.55
C ASN RB 80 -32.62 -52.25 -70.53
N ARG RB 81 -33.91 -52.38 -70.84
CA ARG RB 81 -34.91 -52.89 -69.89
C ARG RB 81 -35.60 -54.15 -70.39
N GLN RB 82 -34.99 -55.31 -70.15
CA GLN RB 82 -35.44 -56.57 -70.73
C GLN RB 82 -36.17 -57.38 -69.67
N LYS RB 83 -37.47 -57.66 -69.89
CA LYS RB 83 -38.29 -58.59 -69.09
C LYS RB 83 -38.60 -57.96 -67.72
N ASP RB 84 -39.10 -56.74 -67.79
CA ASP RB 84 -38.86 -55.75 -66.73
C ASP RB 84 -39.60 -55.88 -65.38
N VAL RB 85 -40.04 -57.07 -64.99
CA VAL RB 85 -40.68 -57.30 -63.68
C VAL RB 85 -42.09 -56.70 -63.59
N LYS RB 86 -42.21 -55.38 -63.71
CA LYS RB 86 -43.51 -54.75 -63.89
C LYS RB 86 -43.95 -55.02 -65.31
N ASP RB 87 -44.81 -56.04 -65.46
CA ASP RB 87 -45.26 -56.56 -66.75
C ASP RB 87 -44.17 -57.26 -67.55
N GLY RB 88 -44.61 -58.11 -68.46
CA GLY RB 88 -43.74 -58.96 -69.24
C GLY RB 88 -43.47 -58.26 -70.53
N LYS RB 89 -42.59 -57.26 -70.47
CA LYS RB 89 -42.18 -56.51 -71.64
C LYS RB 89 -40.68 -56.43 -71.67
N TYR RB 90 -40.11 -56.41 -72.87
CA TYR RB 90 -38.69 -56.21 -73.06
C TYR RB 90 -38.55 -55.15 -74.15
N SER RB 91 -37.91 -54.04 -73.78
CA SER RB 91 -37.92 -52.82 -74.57
C SER RB 91 -36.79 -51.86 -74.15
N GLN RB 92 -36.60 -50.78 -74.91
CA GLN RB 92 -35.68 -49.72 -74.52
C GLN RB 92 -36.48 -48.53 -74.03
N VAL RB 93 -36.00 -47.95 -72.95
CA VAL RB 93 -36.58 -46.79 -72.32
C VAL RB 93 -35.75 -45.62 -72.79
N LEU RB 94 -36.34 -44.43 -72.76
CA LEU RB 94 -35.66 -43.25 -73.20
C LEU RB 94 -36.02 -42.08 -72.30
N ALA RB 95 -35.08 -41.14 -72.19
CA ALA RB 95 -35.32 -39.85 -71.53
C ALA RB 95 -35.79 -40.02 -70.08
N ASN RB 96 -36.46 -38.99 -69.54
CA ASN RB 96 -37.04 -39.04 -68.19
C ASN RB 96 -37.81 -40.32 -67.82
N GLY RB 97 -38.35 -41.02 -68.81
CA GLY RB 97 -38.92 -42.36 -68.62
C GLY RB 97 -37.93 -43.32 -67.97
N LEU RB 98 -36.69 -43.33 -68.47
CA LEU RB 98 -35.60 -44.13 -67.93
C LEU RB 98 -35.42 -43.85 -66.46
N ASP RB 99 -35.19 -42.58 -66.15
CA ASP RB 99 -34.97 -42.14 -64.78
C ASP RB 99 -36.11 -42.54 -63.85
N ASN RB 100 -37.34 -42.52 -64.38
CA ASN RB 100 -38.51 -42.93 -63.62
C ASN RB 100 -38.52 -44.44 -63.39
N LYS RB 101 -38.11 -45.21 -64.39
CA LYS RB 101 -37.95 -46.65 -64.19
C LYS RB 101 -36.95 -46.93 -63.09
N LEU RB 102 -35.81 -46.26 -63.18
CA LEU RB 102 -34.76 -46.38 -62.16
C LEU RB 102 -35.32 -46.13 -60.77
N ARG RB 103 -36.01 -45.02 -60.59
CA ARG RB 103 -36.54 -44.66 -59.27
C ARG RB 103 -37.56 -45.69 -58.78
N GLU RB 104 -38.32 -46.27 -59.69
CA GLU RB 104 -39.28 -47.32 -59.34
C GLU RB 104 -38.65 -48.64 -58.90
N ASP RB 105 -37.43 -48.94 -59.36
CA ASP RB 105 -36.66 -50.10 -58.88
C ASP RB 105 -36.09 -49.91 -57.48
N LEU RB 106 -35.50 -48.74 -57.25
CA LEU RB 106 -34.92 -48.42 -55.95
C LEU RB 106 -36.01 -48.20 -54.92
N GLU RB 107 -37.16 -47.70 -55.37
CA GLU RB 107 -38.34 -47.66 -54.56
C GLU RB 107 -38.74 -49.09 -54.21
N ARG RB 108 -38.88 -49.94 -55.23
CA ARG RB 108 -39.37 -51.32 -55.05
C ARG RB 108 -38.65 -52.04 -53.93
N LEU RB 109 -37.34 -51.96 -53.92
CA LEU RB 109 -36.52 -52.64 -52.92
C LEU RB 109 -36.54 -51.92 -51.58
N LYS RB 110 -36.56 -50.58 -51.61
CA LYS RB 110 -36.78 -49.79 -50.40
C LYS RB 110 -38.07 -50.23 -49.73
N LYS RB 111 -39.12 -50.42 -50.53
CA LYS RB 111 -40.39 -50.94 -50.04
C LYS RB 111 -40.26 -52.37 -49.49
N ILE RB 112 -39.47 -53.19 -50.15
CA ILE RB 112 -39.17 -54.56 -49.67
C ILE RB 112 -38.17 -54.55 -48.51
N ARG RB 113 -37.62 -53.39 -48.16
CA ARG RB 113 -36.43 -53.25 -47.30
C ARG RB 113 -35.38 -54.34 -47.56
N ALA RB 114 -35.08 -54.51 -48.85
CA ALA RB 114 -34.06 -55.45 -49.32
C ALA RB 114 -32.68 -54.92 -49.01
N HIS RB 115 -31.73 -55.85 -48.87
CA HIS RB 115 -30.37 -55.49 -48.50
C HIS RB 115 -29.80 -54.45 -49.44
N ARG RB 116 -30.06 -54.62 -50.73
CA ARG RB 116 -29.63 -53.66 -51.72
C ARG RB 116 -30.37 -52.34 -51.58
N GLY RB 117 -31.68 -52.43 -51.42
CA GLY RB 117 -32.49 -51.26 -51.19
C GLY RB 117 -31.92 -50.47 -50.04
N LEU RB 118 -31.78 -51.11 -48.90
CA LEU RB 118 -31.26 -50.46 -47.72
C LEU RB 118 -29.94 -49.75 -47.97
N ARG RB 119 -29.02 -50.40 -48.70
CA ARG RB 119 -27.70 -49.79 -48.95
C ARG RB 119 -27.77 -48.65 -49.94
N HIS RB 120 -28.80 -48.67 -50.79
CA HIS RB 120 -29.18 -47.47 -51.58
C HIS RB 120 -29.72 -46.40 -50.69
N PHE RB 121 -30.67 -46.79 -49.85
CA PHE RB 121 -31.30 -45.89 -48.90
C PHE RB 121 -30.31 -45.19 -48.02
N TRP RB 122 -29.35 -45.95 -47.52
CA TRP RB 122 -28.30 -45.40 -46.70
C TRP RB 122 -27.28 -44.60 -47.48
N GLY RB 123 -27.19 -44.83 -48.79
CA GLY RB 123 -26.29 -44.06 -49.64
C GLY RB 123 -24.90 -44.60 -49.43
N LEU RB 124 -24.75 -45.87 -49.78
CA LEU RB 124 -23.52 -46.61 -49.62
C LEU RB 124 -23.10 -47.14 -50.95
N ARG RB 125 -22.02 -47.92 -50.94
CA ARG RB 125 -21.72 -48.81 -52.04
C ARG RB 125 -22.61 -50.04 -51.93
N VAL RB 126 -23.28 -50.35 -53.03
CA VAL RB 126 -24.32 -51.35 -53.08
C VAL RB 126 -23.88 -52.72 -53.60
N ARG RB 127 -22.96 -52.71 -54.58
CA ARG RB 127 -22.42 -53.93 -55.18
C ARG RB 127 -21.19 -54.33 -54.38
N GLY RB 128 -21.49 -54.80 -53.18
CA GLY RB 128 -20.53 -55.18 -52.16
C GLY RB 128 -19.08 -54.94 -52.42
N GLN RB 129 -18.74 -53.69 -52.68
CA GLN RB 129 -17.34 -53.31 -52.70
C GLN RB 129 -16.92 -52.88 -51.30
N HIS RB 130 -15.62 -52.97 -51.04
CA HIS RB 130 -15.08 -52.61 -49.76
C HIS RB 130 -15.29 -51.09 -49.62
N THR RB 131 -15.40 -50.61 -48.39
CA THR RB 131 -15.63 -49.19 -48.14
C THR RB 131 -14.84 -48.52 -47.01
N LYS RB 132 -13.99 -49.27 -46.33
CA LYS RB 132 -13.02 -48.73 -45.38
C LYS RB 132 -12.19 -47.58 -45.96
N THR RB 133 -11.82 -47.72 -47.23
CA THR RB 133 -10.78 -46.92 -47.84
C THR RB 133 -11.23 -45.96 -48.90
N THR RB 134 -12.43 -46.17 -49.44
CA THR RB 134 -12.80 -45.57 -50.73
C THR RB 134 -14.26 -45.08 -50.84
N GLY RB 135 -14.47 -44.25 -51.85
CA GLY RB 135 -15.73 -43.56 -52.06
C GLY RB 135 -16.04 -42.58 -50.96
N ARG RB 136 -15.02 -41.85 -50.50
CA ARG RB 136 -15.20 -40.86 -49.43
C ARG RB 136 -15.70 -39.54 -50.01
N ARG RB 137 -16.96 -39.21 -49.71
CA ARG RB 137 -17.60 -37.93 -50.06
C ARG RB 137 -18.53 -37.47 -48.92
N VAL SB 1 2.74 -63.20 -111.40
CA VAL SB 1 2.75 -62.39 -110.13
C VAL SB 1 1.69 -62.84 -109.10
N THR SB 2 2.16 -63.59 -108.11
CA THR SB 2 1.30 -64.18 -107.08
C THR SB 2 0.93 -63.12 -106.02
N VAL SB 3 0.21 -63.52 -104.97
CA VAL SB 3 -0.35 -62.52 -104.02
C VAL SB 3 0.68 -62.11 -102.99
N LYS SB 4 1.49 -63.06 -102.54
CA LYS SB 4 2.63 -62.73 -101.66
C LYS SB 4 3.43 -61.56 -102.20
N ASP SB 5 3.57 -61.48 -103.51
CA ASP SB 5 4.32 -60.42 -104.17
C ASP SB 5 3.72 -58.99 -104.07
N VAL SB 6 2.59 -58.82 -103.39
CA VAL SB 6 1.78 -57.61 -103.48
C VAL SB 6 1.59 -56.96 -102.09
N ASN SB 7 1.28 -55.66 -102.08
CA ASN SB 7 1.08 -54.91 -100.82
C ASN SB 7 -0.28 -55.29 -100.23
N GLN SB 8 -0.25 -56.17 -99.24
CA GLN SB 8 -1.47 -56.88 -98.78
C GLN SB 8 -2.63 -55.98 -98.35
N GLN SB 9 -2.33 -54.77 -97.89
CA GLN SB 9 -3.38 -53.80 -97.57
C GLN SB 9 -4.23 -53.57 -98.79
N GLU SB 10 -3.64 -53.02 -99.84
CA GLU SB 10 -4.37 -52.66 -101.05
C GLU SB 10 -4.94 -53.85 -101.82
N PHE SB 11 -4.50 -55.05 -101.44
CA PHE SB 11 -5.06 -56.28 -101.94
C PHE SB 11 -6.43 -56.57 -101.37
N VAL SB 12 -6.53 -56.70 -100.05
CA VAL SB 12 -7.83 -57.03 -99.46
C VAL SB 12 -8.95 -56.06 -99.89
N ARG SB 13 -8.58 -54.81 -100.16
CA ARG SB 13 -9.51 -53.81 -100.69
C ARG SB 13 -10.13 -54.27 -102.00
N ALA SB 14 -9.29 -54.65 -102.96
CA ALA SB 14 -9.78 -55.11 -104.26
C ALA SB 14 -10.41 -56.48 -104.19
N LEU SB 15 -9.98 -57.28 -103.23
CA LEU SB 15 -10.58 -58.57 -103.02
C LEU SB 15 -12.00 -58.37 -102.57
N ALA SB 16 -12.19 -57.58 -101.53
CA ALA SB 16 -13.53 -57.34 -101.04
C ALA SB 16 -14.42 -56.83 -102.18
N ALA SB 17 -13.96 -55.80 -102.87
CA ALA SB 17 -14.68 -55.23 -103.99
C ALA SB 17 -15.05 -56.32 -105.01
N PHE SB 18 -14.07 -57.16 -105.35
CA PHE SB 18 -14.31 -58.33 -106.19
C PHE SB 18 -15.46 -59.12 -105.61
N LEU SB 19 -15.39 -59.41 -104.32
CA LEU SB 19 -16.44 -60.17 -103.65
C LEU SB 19 -17.79 -59.44 -103.63
N LYS SB 20 -17.78 -58.11 -103.59
CA LYS SB 20 -18.99 -57.30 -103.79
C LYS SB 20 -19.59 -57.34 -105.20
N LYS SB 21 -18.73 -57.26 -106.21
CA LYS SB 21 -19.17 -57.27 -107.61
C LYS SB 21 -19.83 -58.60 -107.99
N SER SB 22 -19.26 -59.70 -107.52
CA SER SB 22 -19.83 -61.05 -107.71
C SER SB 22 -21.23 -61.16 -107.14
N GLY SB 23 -21.41 -60.62 -105.94
CA GLY SB 23 -22.73 -60.52 -105.31
C GLY SB 23 -23.37 -61.87 -105.02
N LYS SB 24 -22.60 -62.76 -104.40
CA LYS SB 24 -23.11 -64.08 -103.99
C LYS SB 24 -22.24 -64.68 -102.90
N LEU SB 25 -22.02 -63.87 -101.85
CA LEU SB 25 -21.19 -64.26 -100.71
C LEU SB 25 -22.07 -64.95 -99.69
N LYS SB 26 -23.09 -64.22 -99.21
CA LYS SB 26 -23.98 -64.55 -98.08
C LYS SB 26 -23.57 -63.80 -96.83
N VAL SB 27 -23.92 -62.52 -96.79
CA VAL SB 27 -23.81 -61.73 -95.58
C VAL SB 27 -25.06 -62.02 -94.74
N PRO SB 28 -24.88 -62.39 -93.45
CA PRO SB 28 -26.06 -62.72 -92.63
C PRO SB 28 -26.97 -61.54 -92.33
N GLU SB 29 -28.04 -61.81 -91.58
CA GLU SB 29 -29.01 -60.76 -91.25
C GLU SB 29 -28.54 -59.82 -90.13
N TRP SB 30 -27.74 -60.32 -89.18
CA TRP SB 30 -27.24 -59.44 -88.11
C TRP SB 30 -26.44 -58.27 -88.65
N VAL SB 31 -25.35 -58.60 -89.35
CA VAL SB 31 -24.33 -57.68 -89.83
C VAL SB 31 -24.37 -56.29 -89.19
N ASP SB 32 -25.43 -55.54 -89.51
CA ASP SB 32 -25.66 -54.18 -88.99
C ASP SB 32 -25.56 -54.09 -87.48
N THR SB 33 -26.23 -55.03 -86.83
CA THR SB 33 -26.42 -54.99 -85.39
C THR SB 33 -25.20 -55.46 -84.59
N VAL SB 34 -24.40 -56.37 -85.13
CA VAL SB 34 -23.39 -57.05 -84.32
C VAL SB 34 -22.08 -56.26 -84.17
N LYS SB 35 -21.40 -56.53 -83.06
CA LYS SB 35 -20.21 -55.76 -82.67
C LYS SB 35 -18.95 -56.14 -83.44
N LEU SB 36 -18.66 -57.44 -83.51
CA LEU SB 36 -17.49 -58.05 -84.22
C LEU SB 36 -16.44 -58.65 -83.29
N ALA SB 37 -16.59 -58.44 -81.98
CA ALA SB 37 -15.78 -59.10 -80.93
C ALA SB 37 -16.15 -58.55 -79.55
N LYS SB 38 -15.61 -59.14 -78.49
CA LYS SB 38 -15.76 -58.55 -77.15
C LYS SB 38 -14.74 -57.43 -76.89
N HIS SB 39 -13.66 -57.39 -77.69
CA HIS SB 39 -12.76 -56.23 -77.79
C HIS SB 39 -13.51 -54.91 -77.85
N LYS SB 40 -14.39 -54.87 -78.85
CA LYS SB 40 -14.68 -53.64 -79.55
C LYS SB 40 -15.72 -52.89 -78.76
N GLU SB 41 -15.51 -51.60 -78.60
CA GLU SB 41 -16.55 -50.72 -78.08
C GLU SB 41 -17.73 -50.66 -79.04
N LEU SB 42 -17.43 -50.64 -80.34
CA LEU SB 42 -18.40 -50.35 -81.39
C LEU SB 42 -18.41 -51.40 -82.49
N ALA SB 43 -19.38 -51.28 -83.40
CA ALA SB 43 -19.40 -52.03 -84.65
C ALA SB 43 -18.56 -51.30 -85.68
N PRO SB 44 -18.38 -51.87 -86.87
CA PRO SB 44 -17.52 -51.25 -87.87
C PRO SB 44 -18.12 -50.00 -88.49
N TYR SB 45 -17.26 -49.11 -88.98
CA TYR SB 45 -17.70 -47.91 -89.67
C TYR SB 45 -18.03 -48.29 -91.09
N ASP SB 46 -17.09 -48.98 -91.73
CA ASP SB 46 -17.32 -49.52 -93.07
C ASP SB 46 -18.46 -50.53 -92.98
N GLU SB 47 -19.62 -50.13 -93.52
CA GLU SB 47 -20.84 -50.90 -93.34
C GLU SB 47 -20.75 -52.23 -94.07
N ASN SB 48 -20.14 -52.20 -95.25
CA ASN SB 48 -19.79 -53.42 -95.95
C ASN SB 48 -18.45 -53.91 -95.45
N TRP SB 49 -18.47 -54.40 -94.23
CA TRP SB 49 -17.29 -54.94 -93.61
C TRP SB 49 -17.12 -56.40 -93.95
N PHE SB 50 -18.23 -57.13 -94.01
CA PHE SB 50 -18.20 -58.57 -94.24
C PHE SB 50 -17.39 -58.94 -95.46
N TYR SB 51 -17.60 -58.20 -96.53
CA TYR SB 51 -16.83 -58.35 -97.74
C TYR SB 51 -15.34 -58.19 -97.47
N THR SB 52 -15.00 -57.21 -96.64
CA THR SB 52 -13.63 -56.99 -96.23
C THR SB 52 -13.12 -58.14 -95.38
N ARG SB 53 -13.89 -58.62 -94.41
CA ARG SB 53 -13.35 -59.67 -93.56
C ARG SB 53 -13.13 -60.96 -94.31
N ALA SB 54 -14.14 -61.38 -95.09
CA ALA SB 54 -14.00 -62.55 -95.95
C ALA SB 54 -12.69 -62.49 -96.71
N ALA SB 55 -12.46 -61.39 -97.41
CA ALA SB 55 -11.22 -61.20 -98.13
C ALA SB 55 -9.99 -61.52 -97.27
N SER SB 56 -9.85 -60.79 -96.17
CA SER SB 56 -8.75 -61.00 -95.21
C SER SB 56 -8.65 -62.46 -94.78
N THR SB 57 -9.82 -63.07 -94.57
CA THR SB 57 -9.91 -64.48 -94.25
C THR SB 57 -9.37 -65.36 -95.38
N ALA SB 58 -9.86 -65.13 -96.60
CA ALA SB 58 -9.39 -65.88 -97.74
C ALA SB 58 -7.93 -65.61 -98.00
N ARG SB 59 -7.51 -64.37 -97.84
CA ARG SB 59 -6.14 -64.03 -98.14
C ARG SB 59 -5.18 -64.63 -97.08
N HIS SB 60 -5.65 -64.78 -95.85
CA HIS SB 60 -4.90 -65.56 -94.83
C HIS SB 60 -4.77 -67.03 -95.24
N LEU SB 61 -5.88 -67.61 -95.62
CA LEU SB 61 -5.92 -69.00 -96.04
C LEU SB 61 -4.99 -69.30 -97.21
N TYR SB 62 -4.88 -68.36 -98.14
CA TYR SB 62 -3.86 -68.45 -99.19
C TYR SB 62 -2.48 -68.58 -98.55
N LEU SB 63 -2.24 -67.80 -97.49
CA LEU SB 63 -0.95 -67.79 -96.78
C LEU SB 63 -0.73 -68.99 -95.86
N ARG SB 64 -1.58 -69.15 -94.83
CA ARG SB 64 -1.52 -70.33 -93.95
C ARG SB 64 -2.81 -71.12 -94.11
N GLY SB 65 -2.68 -72.37 -94.57
CA GLY SB 65 -3.83 -73.25 -94.76
C GLY SB 65 -4.26 -73.99 -93.51
N GLY SB 66 -5.39 -74.68 -93.63
CA GLY SB 66 -5.89 -75.58 -92.58
C GLY SB 66 -6.40 -74.88 -91.33
N ALA SB 67 -6.89 -73.65 -91.49
CA ALA SB 67 -7.16 -72.74 -90.38
C ALA SB 67 -8.64 -72.67 -90.04
N GLY SB 68 -9.00 -73.31 -88.94
CA GLY SB 68 -10.39 -73.34 -88.47
C GLY SB 68 -10.87 -72.01 -87.94
N VAL SB 69 -12.01 -72.04 -87.25
CA VAL SB 69 -12.59 -70.85 -86.63
C VAL SB 69 -11.68 -70.39 -85.51
N GLY SB 70 -11.33 -71.30 -84.62
CA GLY SB 70 -10.44 -70.98 -83.52
C GLY SB 70 -9.22 -70.26 -84.03
N SER SB 71 -8.57 -70.84 -85.01
CA SER SB 71 -7.55 -70.15 -85.74
C SER SB 71 -7.98 -68.71 -86.09
N MET SB 72 -9.12 -68.56 -86.76
CA MET SB 72 -9.56 -67.22 -87.18
C MET SB 72 -9.72 -66.22 -86.01
N THR SB 73 -10.11 -66.70 -84.83
CA THR SB 73 -10.34 -65.79 -83.69
C THR SB 73 -9.01 -65.20 -83.28
N LYS SB 74 -8.08 -66.09 -82.97
CA LYS SB 74 -6.72 -65.71 -82.57
C LYS SB 74 -6.09 -64.76 -83.57
N ILE SB 75 -6.34 -64.98 -84.86
CA ILE SB 75 -5.83 -64.02 -85.83
C ILE SB 75 -6.55 -62.69 -85.67
N TYR SB 76 -7.87 -62.71 -85.60
CA TYR SB 76 -8.63 -61.48 -85.49
C TYR SB 76 -8.75 -61.05 -84.01
N GLY SB 77 -7.59 -60.96 -83.37
CA GLY SB 77 -7.47 -60.76 -81.92
C GLY SB 77 -6.93 -59.37 -81.64
N GLY SB 78 -6.62 -59.11 -80.38
CA GLY SB 78 -6.15 -57.78 -79.98
C GLY SB 78 -6.36 -57.39 -78.53
N ARG SB 79 -6.34 -56.07 -78.29
CA ARG SB 79 -6.44 -55.54 -76.93
C ARG SB 79 -7.86 -55.50 -76.42
N GLN SB 80 -7.97 -55.60 -75.10
CA GLN SB 80 -9.23 -55.61 -74.42
C GLN SB 80 -9.07 -54.64 -73.26
N ARG SB 81 -9.45 -53.37 -73.48
CA ARG SB 81 -9.51 -52.41 -72.39
C ARG SB 81 -10.50 -52.99 -71.39
N ASN SB 82 -10.08 -53.23 -70.16
CA ASN SB 82 -11.00 -53.64 -69.12
C ASN SB 82 -11.31 -52.47 -68.20
N GLY SB 83 -11.10 -51.27 -68.75
CA GLY SB 83 -11.44 -50.03 -68.09
C GLY SB 83 -10.36 -49.60 -67.11
N VAL SB 84 -10.65 -49.87 -65.84
CA VAL SB 84 -9.84 -49.47 -64.71
C VAL SB 84 -8.88 -50.58 -64.26
N MET SB 85 -9.17 -51.82 -64.64
CA MET SB 85 -8.19 -52.91 -64.61
C MET SB 85 -7.41 -52.96 -65.92
N PRO SB 86 -6.22 -53.55 -65.92
CA PRO SB 86 -5.37 -53.44 -67.09
C PRO SB 86 -5.80 -54.38 -68.21
N SER SB 87 -5.14 -54.21 -69.36
CA SER SB 87 -5.59 -54.77 -70.64
C SER SB 87 -5.11 -56.20 -70.90
N HIS SB 88 -5.85 -56.87 -71.77
CA HIS SB 88 -5.56 -58.24 -72.18
C HIS SB 88 -5.88 -58.50 -73.64
N PHE SB 89 -5.47 -59.68 -74.08
CA PHE SB 89 -5.87 -60.22 -75.36
C PHE SB 89 -7.33 -60.56 -75.24
N SER SB 90 -8.05 -60.43 -76.34
CA SER SB 90 -9.36 -61.04 -76.43
C SER SB 90 -9.46 -61.73 -77.77
N ARG SB 91 -10.10 -62.90 -77.80
CA ARG SB 91 -10.28 -63.61 -79.05
C ARG SB 91 -11.47 -63.02 -79.79
N GLY SB 92 -11.29 -62.84 -81.10
CA GLY SB 92 -12.33 -62.31 -81.95
C GLY SB 92 -13.61 -63.12 -81.93
N SER SB 93 -14.60 -62.68 -82.70
CA SER SB 93 -15.91 -63.31 -82.71
C SER SB 93 -15.80 -64.65 -83.42
N LYS SB 94 -16.30 -65.70 -82.77
CA LYS SB 94 -16.34 -67.05 -83.34
C LYS SB 94 -17.28 -67.09 -84.54
N SER SB 95 -18.49 -66.59 -84.33
CA SER SB 95 -19.56 -66.74 -85.31
C SER SB 95 -19.24 -66.01 -86.60
N VAL SB 96 -18.82 -64.75 -86.51
CA VAL SB 96 -18.47 -64.02 -87.74
C VAL SB 96 -17.37 -64.69 -88.56
N ALA SB 97 -16.44 -65.35 -87.85
CA ALA SB 97 -15.38 -66.12 -88.51
C ALA SB 97 -15.88 -67.47 -89.01
N ARG SB 98 -16.85 -68.05 -88.31
CA ARG SB 98 -17.55 -69.22 -88.80
C ARG SB 98 -18.38 -68.90 -90.04
N ARG SB 99 -19.16 -67.82 -89.99
CA ARG SB 99 -20.01 -67.42 -91.13
C ARG SB 99 -19.21 -67.01 -92.33
N VAL SB 100 -18.13 -66.29 -92.12
CA VAL SB 100 -17.23 -65.96 -93.22
C VAL SB 100 -16.76 -67.26 -93.88
N LEU SB 101 -16.29 -68.21 -93.08
CA LEU SB 101 -15.76 -69.47 -93.60
C LEU SB 101 -16.83 -70.30 -94.30
N GLN SB 102 -18.05 -70.25 -93.79
CA GLN SB 102 -19.19 -70.90 -94.46
C GLN SB 102 -19.64 -70.14 -95.71
N ALA SB 103 -19.41 -68.83 -95.75
CA ALA SB 103 -19.69 -68.01 -96.93
C ALA SB 103 -18.69 -68.21 -98.05
N LEU SB 104 -17.43 -68.35 -97.69
CA LEU SB 104 -16.41 -68.68 -98.67
C LEU SB 104 -16.50 -70.15 -99.09
N GLU SB 105 -17.11 -70.98 -98.25
CA GLU SB 105 -17.41 -72.37 -98.61
C GLU SB 105 -18.46 -72.41 -99.73
N GLY SB 106 -19.52 -71.63 -99.57
CA GLY SB 106 -20.58 -71.53 -100.57
C GLY SB 106 -20.16 -70.94 -101.90
N LEU SB 107 -19.21 -70.01 -101.88
CA LEU SB 107 -18.57 -69.51 -103.09
C LEU SB 107 -17.70 -70.54 -103.81
N LYS SB 108 -17.15 -71.48 -103.04
CA LYS SB 108 -16.08 -72.40 -103.48
C LYS SB 108 -14.78 -71.64 -103.71
N MET SB 109 -14.54 -70.67 -102.84
CA MET SB 109 -13.22 -70.13 -102.60
C MET SB 109 -12.46 -71.07 -101.69
N VAL SB 110 -13.18 -71.62 -100.70
CA VAL SB 110 -12.56 -72.48 -99.70
C VAL SB 110 -13.22 -73.85 -99.60
N GLU SB 111 -12.56 -74.73 -98.88
CA GLU SB 111 -13.05 -76.06 -98.62
C GLU SB 111 -12.41 -76.57 -97.34
N LYS SB 112 -13.15 -77.38 -96.59
CA LYS SB 112 -12.63 -77.96 -95.36
C LYS SB 112 -11.64 -79.09 -95.66
N ASP SB 113 -10.40 -78.87 -95.25
CA ASP SB 113 -9.31 -79.79 -95.51
C ASP SB 113 -9.35 -80.95 -94.53
N GLN SB 114 -8.75 -82.06 -94.93
CA GLN SB 114 -8.37 -83.13 -94.01
C GLN SB 114 -7.39 -82.60 -92.97
N ASP SB 115 -7.43 -83.18 -91.78
CA ASP SB 115 -6.77 -82.64 -90.57
C ASP SB 115 -7.45 -81.35 -90.07
N GLY SB 116 -8.74 -81.16 -90.38
CA GLY SB 116 -9.53 -80.05 -89.84
C GLY SB 116 -9.21 -78.66 -90.40
N GLY SB 117 -10.14 -77.73 -90.17
CA GLY SB 117 -9.98 -76.34 -90.58
C GLY SB 117 -10.33 -76.17 -92.03
N ARG SB 118 -10.07 -74.97 -92.56
CA ARG SB 118 -10.28 -74.66 -93.97
C ARG SB 118 -8.93 -74.40 -94.61
N LYS SB 119 -8.78 -74.84 -95.86
CA LYS SB 119 -7.72 -74.40 -96.76
C LYS SB 119 -8.45 -73.71 -97.90
N LEU SB 120 -7.86 -72.67 -98.48
CA LEU SB 120 -8.52 -72.08 -99.63
C LEU SB 120 -8.33 -73.07 -100.78
N THR SB 121 -9.26 -73.03 -101.73
CA THR SB 121 -9.44 -74.08 -102.74
C THR SB 121 -8.93 -73.62 -104.11
N PRO SB 122 -8.53 -74.57 -105.00
CA PRO SB 122 -8.00 -74.22 -106.33
C PRO SB 122 -8.73 -73.08 -107.04
N GLN SB 123 -10.02 -73.29 -107.30
CA GLN SB 123 -10.85 -72.28 -107.93
C GLN SB 123 -10.73 -70.94 -107.19
N GLY SB 124 -10.54 -71.01 -105.88
CA GLY SB 124 -10.24 -69.85 -105.07
C GLY SB 124 -8.86 -69.33 -105.37
N GLN SB 125 -7.87 -70.20 -105.24
CA GLN SB 125 -6.48 -69.83 -105.55
C GLN SB 125 -6.38 -69.02 -106.82
N ARG SB 126 -7.21 -69.37 -107.81
CA ARG SB 126 -7.38 -68.57 -109.02
C ARG SB 126 -7.58 -67.10 -108.70
N ASP SB 127 -8.61 -66.84 -107.92
CA ASP SB 127 -9.22 -65.53 -107.80
C ASP SB 127 -8.29 -64.56 -107.11
N LEU SB 128 -7.74 -64.99 -105.98
CA LEU SB 128 -6.81 -64.19 -105.21
C LEU SB 128 -5.59 -63.86 -106.06
N ASP SB 129 -5.04 -64.88 -106.70
CA ASP SB 129 -3.91 -64.70 -107.59
C ASP SB 129 -4.27 -63.80 -108.77
N ARG SB 130 -5.50 -63.94 -109.27
CA ARG SB 130 -5.99 -63.09 -110.36
C ARG SB 130 -5.93 -61.61 -110.00
N ILE SB 131 -6.44 -61.27 -108.82
CA ILE SB 131 -6.51 -59.88 -108.39
C ILE SB 131 -5.15 -59.33 -107.96
N ALA SB 132 -4.25 -60.23 -107.59
CA ALA SB 132 -2.86 -59.85 -107.34
C ALA SB 132 -2.28 -59.27 -108.62
N GLY SB 133 -2.47 -59.99 -109.72
CA GLY SB 133 -2.14 -59.51 -111.06
C GLY SB 133 -2.74 -58.16 -111.38
N GLN SB 134 -4.01 -57.96 -110.99
CA GLN SB 134 -4.68 -56.68 -111.16
C GLN SB 134 -3.91 -55.57 -110.47
N VAL SB 135 -3.62 -55.76 -109.19
CA VAL SB 135 -2.97 -54.73 -108.38
C VAL SB 135 -1.56 -54.42 -108.91
N ALA SB 136 -0.81 -55.47 -109.25
CA ALA SB 136 0.53 -55.31 -109.83
C ALA SB 136 0.51 -54.55 -111.15
N ALA SB 137 -0.58 -54.70 -111.91
CA ALA SB 137 -0.83 -53.90 -113.11
C ALA SB 137 -1.75 -52.70 -112.85
N ALA SB 138 -1.65 -52.11 -111.66
CA ALA SB 138 -2.34 -50.85 -111.36
C ALA SB 138 -1.49 -49.71 -111.89
N LYS SB 139 -0.24 -49.67 -111.43
CA LYS SB 139 0.79 -48.76 -111.95
C LYS SB 139 2.13 -49.04 -111.30
N LYS SB 140 3.20 -48.50 -111.89
CA LYS SB 140 4.53 -48.55 -111.29
C LYS SB 140 4.59 -47.49 -110.18
N LYS SB 141 4.38 -47.96 -108.94
CA LYS SB 141 4.33 -47.08 -107.77
C LYS SB 141 4.64 -47.85 -106.49
CA ALA TB 1 14.74 -110.60 -86.28
C ALA TB 1 15.02 -109.12 -86.03
N ILE TB 2 14.96 -108.33 -87.12
CA ILE TB 2 15.30 -106.90 -87.07
C ILE TB 2 14.03 -106.04 -87.07
N HIS TB 3 13.83 -105.32 -85.97
CA HIS TB 3 12.74 -104.36 -85.81
C HIS TB 3 13.27 -103.13 -85.06
N ARG TB 4 12.77 -101.95 -85.42
CA ARG TB 4 13.42 -100.69 -85.06
C ARG TB 4 13.16 -100.28 -83.59
N ILE TB 5 13.93 -100.86 -82.69
CA ILE TB 5 13.87 -100.54 -81.26
C ILE TB 5 14.37 -99.10 -81.00
N ARG TB 6 13.77 -98.44 -79.99
CA ARG TB 6 14.18 -97.10 -79.53
C ARG TB 6 14.47 -97.07 -78.03
N ILE TB 7 15.69 -96.69 -77.69
CA ILE TB 7 16.10 -96.50 -76.30
C ILE TB 7 15.87 -95.05 -75.95
N THR TB 8 15.49 -94.78 -74.69
CA THR TB 8 15.27 -93.41 -74.20
C THR TB 8 15.79 -93.18 -72.78
N LEU TB 9 16.93 -92.51 -72.69
CA LEU TB 9 17.58 -92.24 -71.42
C LEU TB 9 17.08 -90.90 -70.96
N THR TB 10 16.89 -90.75 -69.65
CA THR TB 10 16.52 -89.46 -69.05
C THR TB 10 17.16 -89.35 -67.69
N SER TB 11 17.71 -88.19 -67.35
CA SER TB 11 18.26 -88.01 -66.00
C SER TB 11 18.31 -86.59 -65.54
N ARG TB 12 18.40 -86.50 -64.22
CA ARG TB 12 18.52 -85.23 -63.55
C ARG TB 12 20.00 -84.80 -63.62
N ASN TB 13 20.93 -85.76 -63.71
CA ASN TB 13 22.35 -85.46 -63.87
C ASN TB 13 22.79 -85.76 -65.28
N VAL TB 14 23.80 -85.02 -65.75
CA VAL TB 14 24.18 -85.03 -67.16
C VAL TB 14 25.34 -85.99 -67.38
N LYS TB 15 26.44 -85.76 -66.70
CA LYS TB 15 27.66 -86.56 -66.91
C LYS TB 15 27.38 -88.05 -66.83
N SER TB 16 26.63 -88.44 -65.80
CA SER TB 16 26.16 -89.82 -65.64
C SER TB 16 25.32 -90.32 -66.83
N LEU TB 17 24.41 -89.47 -67.29
CA LEU TB 17 23.63 -89.77 -68.48
C LEU TB 17 24.51 -89.89 -69.71
N GLU TB 18 25.44 -88.96 -69.90
CA GLU TB 18 26.26 -88.95 -71.11
C GLU TB 18 27.25 -90.11 -71.11
N LYS TB 19 27.69 -90.55 -69.94
CA LYS TB 19 28.46 -91.78 -69.84
C LYS TB 19 27.62 -92.96 -70.34
N VAL TB 20 26.39 -93.04 -69.87
CA VAL TB 20 25.52 -94.18 -70.17
C VAL TB 20 25.27 -94.36 -71.66
N CYS TB 21 24.85 -93.27 -72.31
CA CYS TB 21 24.57 -93.31 -73.75
C CYS TB 21 25.83 -93.74 -74.50
N ALA TB 22 26.98 -93.20 -74.11
CA ALA TB 22 28.24 -93.59 -74.72
C ALA TB 22 28.50 -95.08 -74.56
N ASP TB 23 28.20 -95.62 -73.38
CA ASP TB 23 28.34 -97.06 -73.13
C ASP TB 23 27.42 -97.93 -73.99
N LEU TB 24 26.23 -97.43 -74.33
CA LEU TB 24 25.30 -98.15 -75.23
C LEU TB 24 25.68 -98.05 -76.69
N ILE TB 25 26.18 -96.89 -77.10
CA ILE TB 25 26.70 -96.74 -78.45
C ILE TB 25 27.91 -97.67 -78.65
N ARG TB 26 28.86 -97.65 -77.70
CA ARG TB 26 30.01 -98.58 -77.73
C ARG TB 26 29.54 -100.04 -77.84
N GLY TB 27 28.55 -100.40 -77.02
CA GLY TB 27 27.92 -101.72 -77.06
C GLY TB 27 27.26 -102.03 -78.40
N ALA TB 28 26.63 -101.03 -78.99
CA ALA TB 28 26.03 -101.14 -80.33
C ALA TB 28 27.07 -101.33 -81.42
N LYS TB 29 28.22 -100.67 -81.28
CA LYS TB 29 29.35 -100.87 -82.20
C LYS TB 29 30.03 -102.23 -82.02
N GLU TB 30 30.24 -102.63 -80.77
CA GLU TB 30 30.90 -103.90 -80.46
C GLU TB 30 30.15 -105.05 -81.12
N LYS TB 31 28.85 -105.12 -80.87
CA LYS TB 31 27.95 -106.01 -81.58
C LYS TB 31 27.40 -105.23 -82.76
N ASN TB 32 28.25 -105.00 -83.75
CA ASN TB 32 27.99 -104.01 -84.82
C ASN TB 32 26.64 -104.14 -85.50
N LEU TB 33 25.98 -102.99 -85.71
CA LEU TB 33 24.69 -102.94 -86.39
C LEU TB 33 24.36 -101.54 -86.93
N LYS TB 34 23.97 -100.63 -86.04
CA LYS TB 34 23.35 -99.34 -86.41
C LYS TB 34 22.94 -98.64 -85.13
N VAL TB 35 22.66 -97.34 -85.20
CA VAL TB 35 22.47 -96.56 -83.97
C VAL TB 35 21.73 -95.22 -84.12
N LYS TB 36 22.18 -94.32 -84.99
CA LYS TB 36 21.71 -92.91 -85.04
C LYS TB 36 21.96 -92.21 -83.71
N GLY TB 37 23.01 -91.38 -83.66
CA GLY TB 37 23.53 -90.75 -82.44
C GLY TB 37 22.55 -90.34 -81.34
N PRO TB 38 23.04 -90.16 -80.10
CA PRO TB 38 22.16 -89.93 -78.98
C PRO TB 38 21.52 -88.56 -79.12
N VAL TB 39 20.22 -88.56 -79.41
CA VAL TB 39 19.52 -87.37 -79.85
C VAL TB 39 19.05 -86.54 -78.66
N ARG TB 40 19.71 -85.40 -78.48
CA ARG TB 40 19.36 -84.51 -77.41
C ARG TB 40 17.99 -83.91 -77.65
N MET TB 41 17.12 -84.08 -76.65
CA MET TB 41 15.96 -83.22 -76.45
C MET TB 41 16.42 -81.92 -75.83
N PRO TB 42 15.58 -80.89 -75.94
CA PRO TB 42 15.80 -79.68 -75.15
C PRO TB 42 15.45 -79.94 -73.70
N THR TB 43 16.46 -79.83 -72.83
CA THR TB 43 16.33 -80.20 -71.43
C THR TB 43 15.46 -79.18 -70.71
N LYS TB 44 14.55 -79.69 -69.90
CA LYS TB 44 13.52 -78.88 -69.27
C LYS TB 44 13.98 -78.48 -67.89
N THR TB 45 13.66 -77.27 -67.48
CA THR TB 45 13.87 -76.86 -66.10
C THR TB 45 12.56 -76.99 -65.39
N LEU TB 46 12.60 -77.55 -64.19
CA LEU TB 46 11.49 -77.50 -63.26
C LEU TB 46 11.82 -76.36 -62.33
N ARG TB 47 11.03 -75.30 -62.38
CA ARG TB 47 11.36 -74.10 -61.64
C ARG TB 47 10.33 -73.84 -60.53
N ILE TB 48 10.82 -73.72 -59.30
CA ILE TB 48 10.04 -73.25 -58.15
C ILE TB 48 10.70 -71.99 -57.62
N THR TB 49 9.89 -70.99 -57.29
CA THR TB 49 10.36 -69.79 -56.61
C THR TB 49 9.53 -69.53 -55.36
N THR TB 50 10.14 -69.77 -54.19
CA THR TB 50 9.45 -69.61 -52.91
C THR TB 50 10.06 -68.46 -52.18
N ARG TB 51 9.31 -67.92 -51.22
CA ARG TB 51 9.87 -66.98 -50.28
C ARG TB 51 10.86 -67.69 -49.38
N LYS TB 52 11.96 -67.02 -49.06
CA LYS TB 52 12.99 -67.62 -48.20
C LYS TB 52 12.48 -67.89 -46.80
N THR TB 53 11.82 -66.89 -46.22
CA THR TB 53 11.15 -66.99 -44.94
C THR TB 53 10.26 -68.20 -44.76
N PRO TB 54 10.01 -68.56 -43.51
CA PRO TB 54 8.69 -68.94 -43.05
C PRO TB 54 8.19 -67.71 -42.34
N CYS TB 55 6.89 -67.43 -42.44
CA CYS TB 55 6.33 -66.12 -42.05
C CYS TB 55 6.61 -65.07 -43.10
N GLY TB 56 6.18 -63.84 -42.82
CA GLY TB 56 6.20 -62.79 -43.81
C GLY TB 56 7.23 -61.71 -43.61
N GLU TB 57 7.92 -61.71 -42.48
CA GLU TB 57 8.53 -60.45 -42.03
C GLU TB 57 10.02 -60.46 -41.84
N GLY TB 58 10.67 -60.38 -42.99
CA GLY TB 58 11.95 -59.73 -43.10
C GLY TB 58 11.85 -58.76 -44.27
N SER TB 59 12.99 -58.55 -44.92
CA SER TB 59 13.00 -58.12 -46.30
C SER TB 59 12.67 -59.36 -47.12
N LYS TB 60 12.06 -59.15 -48.27
CA LYS TB 60 11.43 -60.23 -49.02
C LYS TB 60 12.43 -60.81 -49.96
N THR TB 61 12.72 -62.09 -49.80
CA THR TB 61 13.72 -62.73 -50.62
C THR TB 61 13.18 -64.00 -51.13
N TRP TB 62 13.84 -64.52 -52.16
CA TRP TB 62 13.31 -65.61 -52.93
C TRP TB 62 14.34 -66.72 -53.15
N ASP TB 63 13.94 -67.95 -52.89
CA ASP TB 63 14.74 -69.09 -53.30
C ASP TB 63 14.32 -69.38 -54.71
N ARG TB 64 15.30 -69.61 -55.58
CA ARG TB 64 15.02 -69.85 -57.00
C ARG TB 64 15.44 -71.25 -57.39
N PHE TB 65 14.66 -72.20 -56.90
CA PHE TB 65 14.98 -73.61 -57.04
C PHE TB 65 14.82 -74.05 -58.49
N GLN TB 66 15.71 -74.94 -58.93
CA GLN TB 66 15.63 -75.59 -60.24
C GLN TB 66 15.76 -77.10 -60.06
N MET TB 67 15.39 -77.82 -61.11
CA MET TB 67 15.68 -79.24 -61.21
C MET TB 67 15.64 -79.65 -62.67
N ARG TB 68 16.71 -79.30 -63.40
CA ARG TB 68 16.80 -79.63 -64.81
C ARG TB 68 16.69 -81.12 -65.05
N ILE TB 69 16.21 -81.50 -66.23
CA ILE TB 69 15.83 -82.88 -66.50
C ILE TB 69 16.11 -83.24 -67.97
N HIS TB 70 17.19 -83.98 -68.17
CA HIS TB 70 17.79 -84.19 -69.49
C HIS TB 70 17.23 -85.45 -70.11
N LYS TB 71 17.08 -85.44 -71.45
CA LYS TB 71 16.60 -86.61 -72.21
C LYS TB 71 17.50 -86.85 -73.40
N ARG TB 72 18.13 -88.01 -73.44
CA ARG TB 72 18.75 -88.51 -74.65
C ARG TB 72 17.91 -89.69 -75.14
N LEU TB 73 18.14 -90.06 -76.39
CA LEU TB 73 17.50 -91.22 -76.98
C LEU TB 73 18.15 -91.67 -78.27
N ILE TB 74 18.10 -92.98 -78.49
CA ILE TB 74 18.89 -93.64 -79.50
C ILE TB 74 18.00 -94.62 -80.25
N ASP TB 75 18.06 -94.60 -81.58
CA ASP TB 75 17.43 -95.62 -82.42
C ASP TB 75 18.34 -96.84 -82.52
N LEU TB 76 17.83 -97.92 -83.09
CA LEU TB 76 18.57 -99.18 -83.14
C LEU TB 76 17.80 -100.14 -84.04
N HIS TB 77 18.51 -100.94 -84.84
CA HIS TB 77 17.90 -101.99 -85.68
C HIS TB 77 18.46 -103.34 -85.27
N SER TB 78 17.76 -104.00 -84.34
CA SER TB 78 18.26 -105.24 -83.74
C SER TB 78 17.17 -106.08 -83.02
N PRO TB 79 17.46 -107.38 -82.79
CA PRO TB 79 16.58 -108.24 -81.98
C PRO TB 79 16.63 -107.93 -80.49
N SER TB 80 15.78 -108.61 -79.72
CA SER TB 80 15.61 -108.32 -78.30
C SER TB 80 16.78 -108.73 -77.41
N GLU TB 81 17.37 -109.89 -77.69
CA GLU TB 81 18.46 -110.45 -76.87
C GLU TB 81 19.69 -109.53 -76.84
N ILE TB 82 20.04 -108.98 -78.00
CA ILE TB 82 21.17 -108.05 -78.11
C ILE TB 82 20.92 -106.76 -77.30
N VAL TB 83 19.68 -106.27 -77.34
CA VAL TB 83 19.29 -105.06 -76.59
C VAL TB 83 19.35 -105.31 -75.08
N LYS TB 84 18.87 -106.48 -74.64
CA LYS TB 84 18.86 -106.83 -73.22
C LYS TB 84 20.25 -107.05 -72.62
N GLN TB 85 21.18 -107.54 -73.44
CA GLN TB 85 22.59 -107.64 -73.05
C GLN TB 85 23.23 -106.26 -72.89
N ILE TB 86 22.89 -105.33 -73.78
CA ILE TB 86 23.41 -103.95 -73.74
C ILE TB 86 22.87 -103.23 -72.50
N THR TB 87 21.54 -103.21 -72.35
CA THR TB 87 20.87 -102.43 -71.30
C THR TB 87 21.05 -102.98 -69.88
N SER TB 88 21.37 -104.27 -69.76
CA SER TB 88 21.75 -104.86 -68.47
C SER TB 88 23.08 -104.30 -67.93
N ILE TB 89 23.94 -103.83 -68.85
CA ILE TB 89 25.12 -103.05 -68.50
C ILE TB 89 24.69 -101.57 -68.46
N SER TB 90 25.41 -100.77 -67.69
CA SER TB 90 25.17 -99.32 -67.52
C SER TB 90 23.98 -99.03 -66.59
N ILE TB 91 24.08 -99.57 -65.38
CA ILE TB 91 23.07 -99.36 -64.34
C ILE TB 91 23.76 -99.26 -62.98
N GLU TB 92 23.27 -98.33 -62.16
CA GLU TB 92 23.85 -97.89 -60.87
C GLU TB 92 23.50 -96.42 -60.60
N PRO TB 93 23.61 -95.55 -61.62
CA PRO TB 93 23.22 -94.15 -61.43
C PRO TB 93 21.70 -93.92 -61.31
N GLY TB 94 21.28 -92.66 -61.44
CA GLY TB 94 19.85 -92.28 -61.48
C GLY TB 94 19.35 -91.93 -62.88
N VAL TB 95 19.68 -92.77 -63.85
CA VAL TB 95 19.25 -92.61 -65.23
C VAL TB 95 18.04 -93.47 -65.46
N GLU TB 96 17.04 -92.89 -66.10
CA GLU TB 96 15.78 -93.58 -66.35
C GLU TB 96 15.75 -94.04 -67.82
N VAL TB 97 16.13 -95.29 -68.03
CA VAL TB 97 16.21 -95.89 -69.36
C VAL TB 97 14.86 -96.47 -69.73
N GLU TB 98 14.40 -96.14 -70.93
CA GLU TB 98 13.11 -96.55 -71.45
C GLU TB 98 13.29 -97.12 -72.85
N VAL TB 99 12.91 -98.38 -73.04
CA VAL TB 99 13.08 -99.07 -74.31
C VAL TB 99 11.72 -99.38 -74.95
N THR TB 100 11.46 -98.73 -76.08
CA THR TB 100 10.22 -98.91 -76.85
C THR TB 100 10.49 -99.89 -78.00
N ILE TB 101 9.48 -100.70 -78.32
CA ILE TB 101 9.67 -101.86 -79.21
C ILE TB 101 9.91 -101.49 -80.67
N ALA TB 102 8.97 -100.79 -81.27
CA ALA TB 102 9.05 -100.45 -82.71
C ALA TB 102 8.12 -99.31 -83.09
N ASP TB 103 8.66 -98.38 -83.90
CA ASP TB 103 7.90 -97.25 -84.45
C ASP TB 103 7.35 -96.29 -83.38
N ALA TB 104 6.30 -96.70 -82.67
CA ALA TB 104 5.69 -95.91 -81.61
C ALA TB 104 4.84 -96.77 -80.67
N MET UB 1 76.60 -72.25 2.19
CA MET UB 1 75.16 -72.59 2.36
C MET UB 1 74.90 -73.45 3.60
N GLN UB 2 75.95 -73.86 4.30
CA GLN UB 2 75.95 -75.08 5.12
C GLN UB 2 75.11 -74.91 6.37
N ASN UB 3 74.65 -76.02 6.92
CA ASN UB 3 74.02 -76.03 8.25
C ASN UB 3 75.06 -76.29 9.33
N ASP UB 4 74.63 -76.35 10.59
CA ASP UB 4 75.55 -76.58 11.72
C ASP UB 4 76.32 -77.90 11.63
N ALA UB 5 75.75 -78.91 10.98
CA ALA UB 5 76.47 -80.16 10.71
C ALA UB 5 77.61 -80.03 9.69
N GLY UB 6 77.69 -78.88 8.99
CA GLY UB 6 78.75 -78.60 8.02
C GLY UB 6 78.46 -79.11 6.62
N GLU UB 7 77.31 -79.74 6.44
CA GLU UB 7 76.94 -80.38 5.20
C GLU UB 7 76.36 -79.33 4.27
N PHE UB 8 76.86 -79.29 3.04
CA PHE UB 8 76.33 -78.36 2.03
C PHE UB 8 74.85 -78.61 1.77
N VAL UB 9 74.10 -77.51 1.76
CA VAL UB 9 72.68 -77.51 1.44
C VAL UB 9 72.50 -76.52 0.29
N ASP UB 10 71.27 -76.27 -0.13
CA ASP UB 10 70.95 -75.30 -1.20
C ASP UB 10 71.17 -75.94 -2.55
N LEU UB 11 70.17 -75.88 -3.42
CA LEU UB 11 70.14 -76.72 -4.62
C LEU UB 11 71.11 -76.29 -5.75
N TYR UB 12 71.53 -75.03 -5.80
CA TYR UB 12 72.66 -74.67 -6.66
C TYR UB 12 73.37 -73.40 -6.28
N VAL UB 13 74.61 -73.27 -6.74
CA VAL UB 13 75.45 -72.13 -6.43
C VAL UB 13 75.52 -71.23 -7.65
N PRO UB 14 74.89 -70.07 -7.57
CA PRO UB 14 74.82 -69.15 -8.71
C PRO UB 14 76.16 -68.66 -9.26
N ARG UB 15 76.19 -68.47 -10.59
CA ARG UB 15 77.28 -67.78 -11.27
C ARG UB 15 77.22 -66.33 -10.91
N LYS UB 16 78.33 -65.64 -11.11
CA LYS UB 16 78.52 -64.36 -10.49
C LYS UB 16 79.39 -63.49 -11.37
N CYS UB 17 78.81 -62.39 -11.84
CA CYS UB 17 79.47 -61.49 -12.77
C CYS UB 17 80.94 -61.26 -12.45
N SER UB 18 81.77 -61.40 -13.47
CA SER UB 18 83.20 -61.13 -13.34
C SER UB 18 83.52 -59.63 -13.33
N ALA UB 19 82.51 -58.81 -13.64
CA ALA UB 19 82.62 -57.34 -13.59
C ALA UB 19 82.04 -56.70 -12.31
N SER UB 20 81.22 -57.46 -11.57
CA SER UB 20 80.42 -56.90 -10.48
C SER UB 20 80.05 -57.81 -9.31
N ASN UB 21 80.79 -58.89 -9.07
CA ASN UB 21 80.51 -59.76 -7.93
C ASN UB 21 79.01 -60.01 -7.74
N ARG UB 22 78.24 -59.85 -8.81
CA ARG UB 22 76.80 -59.77 -8.74
C ARG UB 22 76.30 -61.07 -9.32
N ILE UB 23 75.14 -61.54 -8.87
CA ILE UB 23 74.77 -62.89 -9.24
C ILE UB 23 73.87 -62.96 -10.46
N ILE UB 24 74.40 -63.67 -11.44
CA ILE UB 24 73.74 -63.99 -12.70
C ILE UB 24 72.69 -65.03 -12.37
N GLY UB 25 71.47 -64.54 -12.19
CA GLY UB 25 70.37 -65.34 -11.66
C GLY UB 25 69.80 -66.38 -12.59
N ALA UB 26 68.92 -67.21 -12.03
CA ALA UB 26 68.21 -68.28 -12.74
C ALA UB 26 67.66 -67.89 -14.08
N LYS UB 27 67.26 -66.63 -14.24
CA LYS UB 27 66.69 -66.19 -15.47
C LYS UB 27 67.19 -64.82 -15.90
N ASP UB 28 68.47 -64.55 -15.69
CA ASP UB 28 69.12 -63.38 -16.27
C ASP UB 28 69.63 -63.78 -17.65
N HIS UB 29 68.73 -63.72 -18.61
CA HIS UB 29 69.02 -64.19 -19.94
C HIS UB 29 69.97 -63.29 -20.70
N ALA UB 30 70.10 -62.03 -20.28
CA ALA UB 30 71.03 -61.12 -20.94
C ALA UB 30 72.47 -61.54 -20.77
N SER UB 31 72.77 -62.24 -19.67
CA SER UB 31 74.10 -62.79 -19.35
C SER UB 31 74.87 -63.53 -20.47
N ILE UB 32 76.13 -63.79 -20.18
CA ILE UB 32 77.05 -64.36 -21.12
C ILE UB 32 78.07 -65.12 -20.31
N PRO UB 33 78.44 -66.35 -20.73
CA PRO UB 33 79.84 -66.78 -20.61
C PRO UB 33 80.56 -66.73 -21.95
N MET UB 34 81.47 -65.78 -22.07
CA MET UB 34 82.38 -65.73 -23.16
C MET UB 34 83.48 -66.70 -22.77
N ASN UB 35 83.67 -67.74 -23.56
CA ASN UB 35 84.92 -68.47 -23.53
C ASN UB 35 85.85 -67.75 -24.49
N VAL UB 36 87.12 -67.72 -24.14
CA VAL UB 36 88.12 -67.10 -24.97
C VAL UB 36 89.32 -67.99 -24.97
N ALA UB 37 89.93 -68.14 -26.14
CA ALA UB 37 91.02 -69.06 -26.34
C ALA UB 37 92.37 -68.46 -25.96
N GLU UB 38 93.35 -69.35 -25.79
CA GLU UB 38 94.75 -68.99 -25.56
C GLU UB 38 95.57 -69.24 -26.83
N VAL UB 39 96.89 -69.21 -26.67
CA VAL UB 39 97.82 -69.79 -27.63
C VAL UB 39 98.93 -70.53 -26.89
N ASP UB 40 99.85 -71.14 -27.63
CA ASP UB 40 101.01 -71.78 -27.02
C ASP UB 40 102.03 -70.75 -26.54
N LYS UB 41 102.14 -69.63 -27.29
CA LYS UB 41 103.11 -68.53 -27.08
C LYS UB 41 103.98 -68.43 -28.33
N VAL UB 42 104.68 -69.52 -28.65
CA VAL UB 42 105.66 -69.54 -29.73
C VAL UB 42 105.03 -69.54 -31.14
N THR UB 43 103.79 -69.97 -31.26
CA THR UB 43 103.21 -70.26 -32.58
C THR UB 43 101.95 -69.45 -32.95
N GLY UB 44 101.40 -68.68 -32.01
CA GLY UB 44 99.99 -68.35 -32.07
C GLY UB 44 99.30 -69.67 -31.81
N ARG UB 45 98.23 -69.95 -32.55
CA ARG UB 45 97.60 -71.29 -32.58
C ARG UB 45 96.96 -71.72 -31.25
N PHE UB 46 95.65 -71.91 -31.28
CA PHE UB 46 94.87 -72.23 -30.08
C PHE UB 46 95.22 -73.57 -29.43
N ASN UB 47 95.62 -73.48 -28.15
CA ASN UB 47 96.07 -74.60 -27.35
C ASN UB 47 95.07 -74.91 -26.26
N GLY UB 48 94.10 -75.75 -26.59
CA GLY UB 48 93.24 -76.47 -25.62
C GLY UB 48 92.42 -75.74 -24.56
N GLN UB 49 93.07 -74.93 -23.74
CA GLN UB 49 92.46 -74.28 -22.57
C GLN UB 49 91.79 -72.91 -22.86
N PHE UB 50 90.98 -72.46 -21.89
CA PHE UB 50 90.19 -71.22 -21.98
C PHE UB 50 90.45 -70.24 -20.85
N LYS UB 51 90.22 -68.96 -21.17
CA LYS UB 51 90.01 -67.91 -20.18
C LYS UB 51 88.54 -67.64 -20.32
N THR UB 52 87.77 -67.80 -19.23
CA THR UB 52 86.30 -67.83 -19.34
C THR UB 52 85.53 -66.91 -18.38
N TYR UB 53 85.27 -65.69 -18.85
CA TYR UB 53 84.62 -64.65 -18.06
C TYR UB 53 83.13 -64.74 -18.23
N ALA UB 54 82.37 -64.36 -17.21
CA ALA UB 54 80.91 -64.32 -17.29
C ALA UB 54 80.43 -63.01 -16.79
N ILE UB 55 79.42 -62.45 -17.47
CA ILE UB 55 78.94 -61.11 -17.17
C ILE UB 55 77.45 -61.09 -17.03
N CYS UB 56 76.99 -60.44 -15.96
CA CYS UB 56 75.58 -60.29 -15.68
C CYS UB 56 74.90 -59.39 -16.68
N GLY UB 57 73.64 -59.72 -16.93
CA GLY UB 57 72.82 -58.93 -17.82
C GLY UB 57 73.00 -57.44 -17.62
N ALA UB 58 72.77 -57.00 -16.40
CA ALA UB 58 72.77 -55.58 -16.11
C ALA UB 58 73.85 -54.89 -16.87
N ILE UB 59 75.06 -55.36 -16.67
CA ILE UB 59 76.20 -54.67 -17.19
C ILE UB 59 76.27 -54.66 -18.69
N ARG UB 60 75.68 -55.66 -19.34
CA ARG UB 60 75.53 -55.60 -20.78
C ARG UB 60 74.65 -54.45 -21.23
N ARG UB 61 73.45 -54.39 -20.70
CA ARG UB 61 72.51 -53.35 -21.10
C ARG UB 61 72.90 -51.94 -20.59
N MET UB 62 73.86 -51.89 -19.67
CA MET UB 62 74.57 -50.66 -19.31
C MET UB 62 75.58 -50.29 -20.40
N GLY UB 63 75.95 -51.27 -21.23
CA GLY UB 63 76.84 -51.06 -22.35
C GLY UB 63 78.26 -51.07 -21.89
N GLU UB 64 78.50 -51.82 -20.82
CA GLU UB 64 79.76 -51.78 -20.09
C GLU UB 64 80.41 -53.16 -20.03
N SER UB 65 79.97 -54.06 -20.91
CA SER UB 65 80.50 -55.41 -20.97
C SER UB 65 81.82 -55.40 -21.69
N ASP UB 66 81.87 -54.71 -22.82
CA ASP UB 66 83.09 -54.66 -23.62
C ASP UB 66 84.28 -54.04 -22.87
N ASP UB 67 84.01 -52.99 -22.09
CA ASP UB 67 85.01 -52.41 -21.23
C ASP UB 67 85.43 -53.41 -20.15
N SER UB 68 84.46 -54.13 -19.59
CA SER UB 68 84.76 -55.16 -18.60
C SER UB 68 85.72 -56.21 -19.15
N ILE UB 69 85.34 -56.80 -20.28
CA ILE UB 69 86.09 -57.91 -20.84
C ILE UB 69 87.52 -57.51 -21.18
N LEU UB 70 87.65 -56.42 -21.92
CA LEU UB 70 88.94 -55.78 -22.15
C LEU UB 70 89.79 -55.80 -20.88
N ARG UB 71 89.19 -55.35 -19.77
CA ARG UB 71 89.89 -55.24 -18.48
C ARG UB 71 90.23 -56.57 -17.85
N LEU UB 72 89.36 -57.57 -17.97
CA LEU UB 72 89.69 -58.91 -17.48
C LEU UB 72 90.84 -59.52 -18.27
N ALA UB 73 90.80 -59.35 -19.59
CA ALA UB 73 91.86 -59.82 -20.47
C ALA UB 73 93.22 -59.42 -19.96
N LYS UB 74 93.40 -58.13 -19.76
CA LYS UB 74 94.70 -57.64 -19.32
C LYS UB 74 95.03 -57.96 -17.85
N ALA UB 75 94.05 -58.50 -17.11
CA ALA UB 75 94.29 -59.13 -15.81
C ALA UB 75 94.76 -60.58 -15.89
N HIS UB 76 94.59 -61.21 -17.06
CA HIS UB 76 95.05 -62.57 -17.30
C HIS UB 76 96.14 -62.67 -18.38
N GLY UB 77 96.69 -61.52 -18.79
CA GLY UB 77 97.75 -61.47 -19.79
C GLY UB 77 97.31 -61.82 -21.19
N ILE UB 78 96.03 -61.62 -21.48
CA ILE UB 78 95.51 -61.90 -22.80
C ILE UB 78 95.74 -60.69 -23.65
N VAL UB 79 95.35 -59.51 -23.17
CA VAL UB 79 95.54 -58.25 -23.90
C VAL UB 79 96.84 -57.60 -23.43
N SER UB 80 97.60 -57.05 -24.37
CA SER UB 80 99.00 -56.68 -24.12
C SER UB 80 99.24 -55.18 -24.01
N GLN UB 81 98.49 -54.54 -23.11
CA GLN UB 81 98.79 -53.18 -22.64
C GLN UB 81 98.77 -52.16 -23.78
N ASN UB 82 97.57 -51.62 -23.99
CA ASN UB 82 97.24 -50.71 -25.09
C ASN UB 82 98.15 -49.46 -25.18
N PHE UB 83 98.68 -49.01 -24.05
CA PHE UB 83 99.65 -47.91 -24.00
C PHE UB 83 100.97 -48.32 -24.67
N VAL VB 1 71.56 -28.00 4.35
CA VAL VB 1 73.04 -27.98 4.08
C VAL VB 1 73.66 -29.30 4.41
N ARG VB 2 74.97 -29.42 4.20
CA ARG VB 2 75.72 -30.59 4.66
C ARG VB 2 75.54 -30.74 6.18
N MET VB 3 74.73 -31.70 6.61
CA MET VB 3 74.32 -31.80 8.01
C MET VB 3 74.90 -33.03 8.69
N ASN VB 4 74.68 -34.19 8.08
CA ASN VB 4 75.12 -35.47 8.60
C ASN VB 4 76.06 -36.14 7.60
N VAL VB 5 77.31 -35.69 7.64
CA VAL VB 5 78.40 -36.12 6.75
C VAL VB 5 78.34 -37.61 6.51
N LEU VB 6 78.46 -38.37 7.58
CA LEU VB 6 78.36 -39.82 7.50
C LEU VB 6 77.30 -40.26 6.53
N ALA VB 7 76.11 -39.70 6.70
CA ALA VB 7 74.94 -40.06 5.91
C ALA VB 7 75.13 -39.94 4.41
N ASP VB 8 75.69 -38.81 3.99
CA ASP VB 8 75.96 -38.57 2.57
C ASP VB 8 77.15 -39.34 2.04
N ALA VB 9 78.02 -39.79 2.95
CA ALA VB 9 79.11 -40.65 2.57
C ALA VB 9 78.62 -42.04 2.32
N LEU VB 10 77.91 -42.60 3.27
CA LEU VB 10 77.42 -43.95 3.05
C LEU VB 10 76.62 -43.95 1.77
N LYS VB 11 75.65 -43.05 1.68
CA LYS VB 11 74.72 -43.05 0.55
C LYS VB 11 75.43 -43.11 -0.80
N SER VB 12 76.49 -42.33 -0.96
CA SER VB 12 77.24 -42.36 -2.20
C SER VB 12 77.90 -43.71 -2.40
N ILE VB 13 78.45 -44.30 -1.35
CA ILE VB 13 79.14 -45.58 -1.52
C ILE VB 13 78.17 -46.67 -1.89
N ASN VB 14 76.93 -46.57 -1.43
CA ASN VB 14 75.90 -47.50 -1.87
C ASN VB 14 75.44 -47.21 -3.32
N ASN VB 15 75.20 -45.95 -3.64
CA ASN VB 15 74.84 -45.55 -5.01
C ASN VB 15 75.87 -45.95 -6.04
N ALA VB 16 77.13 -45.96 -5.64
CA ALA VB 16 78.16 -46.56 -6.46
C ALA VB 16 77.87 -48.02 -6.62
N GLU VB 17 77.84 -48.73 -5.50
CA GLU VB 17 77.75 -50.19 -5.50
C GLU VB 17 76.59 -50.73 -6.28
N LYS VB 18 75.48 -49.99 -6.31
CA LYS VB 18 74.39 -50.31 -7.21
C LYS VB 18 74.86 -50.23 -8.64
N ARG VB 19 75.38 -49.08 -9.02
CA ARG VB 19 75.66 -48.83 -10.43
C ARG VB 19 76.91 -49.53 -10.95
N GLY VB 20 77.66 -50.18 -10.07
CA GLY VB 20 78.74 -51.10 -10.47
C GLY VB 20 80.14 -50.55 -10.34
N LYS VB 21 80.25 -49.25 -10.09
CA LYS VB 21 81.53 -48.58 -9.80
C LYS VB 21 82.55 -49.41 -9.03
N ARG VB 22 83.80 -49.33 -9.47
CA ARG VB 22 84.87 -50.15 -8.91
C ARG VB 22 85.37 -49.51 -7.65
N GLN VB 23 85.58 -48.19 -7.72
CA GLN VB 23 85.89 -47.38 -6.57
C GLN VB 23 85.09 -46.09 -6.59
N VAL VB 24 85.11 -45.36 -5.48
CA VAL VB 24 84.18 -44.25 -5.25
C VAL VB 24 84.75 -43.23 -4.27
N LEU VB 25 84.62 -41.95 -4.63
CA LEU VB 25 85.13 -40.85 -3.81
C LEU VB 25 84.03 -40.34 -2.90
N ILE VB 26 84.41 -39.79 -1.75
CA ILE VB 26 83.45 -39.19 -0.78
C ILE VB 26 84.02 -37.90 -0.12
N ARG VB 27 83.25 -36.82 -0.25
CA ARG VB 27 83.80 -35.43 -0.34
C ARG VB 27 84.03 -34.63 0.94
N PRO VB 28 83.61 -35.16 2.11
CA PRO VB 28 84.00 -34.52 3.37
C PRO VB 28 85.00 -35.33 4.24
N CYS VB 29 84.80 -36.65 4.37
CA CYS VB 29 85.54 -37.51 5.31
C CYS VB 29 85.46 -37.07 6.78
N SER VB 30 85.71 -38.02 7.66
CA SER VB 30 85.64 -37.78 9.12
C SER VB 30 86.20 -38.95 9.89
N LYS VB 31 86.58 -38.69 11.13
CA LYS VB 31 86.89 -39.79 12.06
C LYS VB 31 85.78 -40.82 12.02
N VAL VB 32 84.53 -40.33 12.06
CA VAL VB 32 83.36 -41.21 12.12
C VAL VB 32 83.20 -42.01 10.86
N ILE VB 33 83.21 -41.35 9.70
CA ILE VB 33 83.18 -42.11 8.46
C ILE VB 33 84.29 -43.12 8.44
N VAL VB 34 85.52 -42.66 8.64
CA VAL VB 34 86.66 -43.55 8.54
C VAL VB 34 86.36 -44.76 9.37
N ARG VB 35 86.08 -44.53 10.65
CA ARG VB 35 85.77 -45.58 11.61
C ARG VB 35 84.73 -46.56 11.13
N PHE VB 36 83.66 -46.03 10.59
CA PHE VB 36 82.63 -46.85 10.01
C PHE VB 36 83.22 -47.78 8.95
N LEU VB 37 83.87 -47.21 7.94
CA LEU VB 37 84.40 -47.99 6.84
C LEU VB 37 85.26 -49.10 7.37
N THR VB 38 86.12 -48.79 8.34
CA THR VB 38 87.02 -49.80 8.90
C THR VB 38 86.22 -50.95 9.42
N VAL VB 39 85.08 -50.69 10.07
CA VAL VB 39 84.23 -51.79 10.50
C VAL VB 39 83.71 -52.57 9.31
N MET VB 40 83.32 -51.88 8.24
CA MET VB 40 82.85 -52.59 7.03
C MET VB 40 83.96 -53.40 6.36
N MET VB 41 85.15 -52.83 6.33
CA MET VB 41 86.34 -53.51 5.86
C MET VB 41 86.69 -54.71 6.73
N LYS VB 42 86.46 -54.62 8.03
CA LYS VB 42 86.69 -55.77 8.88
C LYS VB 42 85.85 -56.95 8.40
N HIS VB 43 84.59 -56.70 8.05
CA HIS VB 43 83.69 -57.79 7.64
C HIS VB 43 83.56 -57.98 6.14
N GLY VB 44 84.60 -57.64 5.38
CA GLY VB 44 84.66 -58.00 3.97
C GLY VB 44 83.74 -57.26 3.02
N TYR VB 45 82.90 -56.37 3.55
CA TYR VB 45 81.92 -55.69 2.72
C TYR VB 45 82.53 -54.72 1.72
N ILE VB 46 83.53 -53.93 2.16
CA ILE VB 46 84.30 -53.10 1.23
C ILE VB 46 85.77 -53.54 1.17
N GLY VB 47 86.49 -52.94 0.23
CA GLY VB 47 87.93 -53.21 0.04
C GLY VB 47 88.79 -52.33 0.94
N GLU VB 48 90.00 -52.08 0.49
CA GLU VB 48 90.94 -51.26 1.24
C GLU VB 48 90.92 -49.81 0.74
N PHE VB 49 90.06 -49.02 1.37
CA PHE VB 49 89.93 -47.60 1.06
C PHE VB 49 91.13 -46.80 1.46
N GLU VB 50 91.22 -45.57 0.93
CA GLU VB 50 92.34 -44.69 1.24
C GLU VB 50 92.01 -43.23 1.09
N ILE VB 51 92.65 -42.41 1.93
CA ILE VB 51 92.13 -41.08 2.24
C ILE VB 51 93.11 -39.93 1.89
N ILE VB 52 92.57 -38.97 1.16
CA ILE VB 52 93.36 -37.94 0.54
C ILE VB 52 93.40 -36.76 1.49
N ASP VB 53 94.56 -36.61 2.12
CA ASP VB 53 94.88 -35.47 2.95
C ASP VB 53 94.97 -34.24 2.08
N ASP VB 54 93.83 -33.57 1.94
CA ASP VB 54 93.84 -32.17 1.59
C ASP VB 54 94.21 -31.47 2.89
N HIS VB 55 94.74 -30.26 2.80
CA HIS VB 55 95.21 -29.57 3.99
C HIS VB 55 94.00 -28.92 4.68
N ARG VB 56 92.91 -29.70 4.79
CA ARG VB 56 91.55 -29.19 5.01
C ARG VB 56 90.63 -30.18 5.76
N ALA VB 57 89.72 -30.81 5.04
CA ALA VB 57 88.59 -31.48 5.63
C ALA VB 57 88.59 -32.96 5.30
N GLY VB 58 88.80 -33.29 4.03
CA GLY VB 58 89.16 -34.65 3.62
C GLY VB 58 88.50 -35.15 2.36
N LYS VB 59 88.85 -36.39 2.01
CA LYS VB 59 88.36 -37.08 0.83
C LYS VB 59 88.81 -38.52 0.88
N ILE VB 60 87.87 -39.46 0.89
CA ILE VB 60 88.21 -40.87 0.92
C ILE VB 60 87.90 -41.49 -0.41
N VAL VB 61 88.75 -42.41 -0.87
CA VAL VB 61 88.42 -43.18 -2.05
C VAL VB 61 88.37 -44.65 -1.72
N VAL VB 62 87.18 -45.22 -1.72
CA VAL VB 62 86.99 -46.58 -1.25
C VAL VB 62 87.04 -47.57 -2.39
N ASN VB 63 87.93 -48.55 -2.30
CA ASN VB 63 87.88 -49.68 -3.25
C ASN VB 63 86.67 -50.50 -2.86
N LEU VB 64 85.71 -50.65 -3.77
CA LEU VB 64 84.40 -51.17 -3.37
C LEU VB 64 84.30 -52.69 -3.18
N THR VB 65 84.35 -53.46 -4.27
CA THR VB 65 84.07 -54.92 -4.24
C THR VB 65 82.57 -55.15 -4.17
N GLY VB 66 82.01 -55.81 -5.17
CA GLY VB 66 80.57 -55.80 -5.39
C GLY VB 66 79.71 -56.57 -4.39
N ARG VB 67 79.99 -56.42 -3.11
CA ARG VB 67 79.59 -57.41 -2.10
C ARG VB 67 78.57 -56.87 -1.12
N LEU VB 68 78.13 -55.64 -1.39
CA LEU VB 68 77.51 -54.79 -0.41
C LEU VB 68 76.09 -54.46 -0.87
N ASN VB 69 75.11 -55.21 -0.36
CA ASN VB 69 73.71 -54.96 -0.71
C ASN VB 69 73.32 -53.54 -0.44
N LYS VB 70 73.57 -53.08 0.78
CA LYS VB 70 73.29 -51.69 1.13
C LYS VB 70 73.94 -51.22 2.41
N CYS VB 71 74.76 -50.21 2.29
CA CYS VB 71 75.27 -49.53 3.45
C CYS VB 71 74.37 -48.32 3.75
N GLY VB 72 73.63 -48.36 4.86
CA GLY VB 72 72.68 -47.29 5.24
C GLY VB 72 72.97 -46.64 6.59
N VAL VB 73 72.25 -45.53 6.85
CA VAL VB 73 72.39 -44.76 8.10
C VAL VB 73 71.05 -44.60 8.80
N ILE VB 74 71.13 -44.44 10.13
CA ILE VB 74 70.03 -43.98 10.93
C ILE VB 74 70.42 -42.64 11.51
N SER VB 75 69.73 -41.60 11.09
CA SER VB 75 69.61 -40.40 11.88
C SER VB 75 68.18 -40.49 12.36
N PRO VB 76 67.89 -40.14 13.61
CA PRO VB 76 68.83 -39.62 14.56
C PRO VB 76 69.61 -40.73 15.16
N ARG VB 77 70.70 -40.36 15.82
CA ARG VB 77 71.57 -41.32 16.48
C ARG VB 77 70.91 -41.65 17.82
N PHE VB 78 69.91 -42.51 17.73
CA PHE VB 78 69.12 -42.92 18.87
C PHE VB 78 69.97 -43.72 19.80
N ASP VB 79 69.72 -43.56 21.07
CA ASP VB 79 70.43 -44.31 22.08
C ASP VB 79 69.78 -45.69 22.18
N VAL VB 80 70.60 -46.72 22.00
CA VAL VB 80 70.19 -48.12 22.10
C VAL VB 80 70.58 -48.57 23.47
N GLN VB 81 69.81 -49.49 24.02
CA GLN VB 81 69.97 -49.87 25.40
C GLN VB 81 70.15 -51.38 25.60
N LEU VB 82 70.90 -52.01 24.69
CA LEU VB 82 71.11 -53.47 24.70
C LEU VB 82 69.82 -54.30 24.78
N LYS VB 83 69.02 -54.14 25.84
CA LYS VB 83 67.61 -54.52 25.83
C LYS VB 83 67.02 -54.36 24.44
N ASP VB 84 67.11 -53.13 23.93
CA ASP VB 84 66.50 -52.77 22.66
C ASP VB 84 67.30 -53.34 21.48
N LEU VB 85 68.62 -53.36 21.61
CA LEU VB 85 69.50 -53.71 20.50
C LEU VB 85 69.09 -54.96 19.76
N GLU VB 86 68.48 -55.91 20.45
CA GLU VB 86 67.86 -57.04 19.76
C GLU VB 86 66.72 -56.61 18.81
N LYS VB 87 65.86 -55.71 19.30
CA LYS VB 87 64.72 -55.21 18.53
C LYS VB 87 65.16 -54.41 17.34
N TRP VB 88 66.08 -53.49 17.56
CA TRP VB 88 66.68 -52.78 16.45
C TRP VB 88 67.08 -53.75 15.34
N GLN VB 89 67.99 -54.65 15.66
CA GLN VB 89 68.58 -55.53 14.64
C GLN VB 89 67.57 -56.45 14.03
N ASN VB 90 66.49 -56.74 14.74
CA ASN VB 90 65.42 -57.47 14.11
C ASN VB 90 64.74 -56.68 12.97
N ASN VB 91 64.36 -55.43 13.22
CA ASN VB 91 63.59 -54.66 12.25
C ASN VB 91 64.42 -53.57 11.58
N LEU VB 92 65.52 -54.02 10.98
CA LEU VB 92 66.51 -53.11 10.39
C LEU VB 92 67.52 -53.88 9.54
N LEU VB 93 67.98 -55.01 10.08
CA LEU VB 93 68.77 -55.94 9.33
C LEU VB 93 67.89 -56.97 8.66
N PRO VB 94 68.38 -57.55 7.56
CA PRO VB 94 67.60 -58.48 6.74
C PRO VB 94 67.53 -59.94 7.18
N SER VB 95 68.14 -60.29 8.31
CA SER VB 95 68.14 -61.67 8.77
C SER VB 95 68.68 -61.75 10.18
N ARG VB 96 68.75 -62.95 10.73
CA ARG VB 96 69.49 -63.18 11.97
C ARG VB 96 70.82 -63.83 11.64
N GLN VB 97 71.27 -63.61 10.40
CA GLN VB 97 72.34 -64.41 9.83
C GLN VB 97 73.44 -63.56 9.21
N PHE VB 98 73.09 -62.40 8.68
CA PHE VB 98 74.06 -61.39 8.29
C PHE VB 98 73.48 -59.98 8.38
N GLY VB 99 74.38 -59.01 8.33
CA GLY VB 99 74.04 -57.64 8.65
C GLY VB 99 74.74 -57.24 9.92
N PHE VB 100 74.97 -55.93 10.04
CA PHE VB 100 75.65 -55.38 11.18
C PHE VB 100 75.12 -54.01 11.39
N ILE VB 101 74.38 -53.81 12.48
CA ILE VB 101 74.15 -52.46 12.97
C ILE VB 101 75.43 -52.01 13.63
N VAL VB 102 75.77 -50.74 13.43
CA VAL VB 102 77.02 -50.21 13.87
C VAL VB 102 76.76 -48.96 14.66
N LEU VB 103 77.11 -49.06 15.92
CA LEU VB 103 76.70 -48.12 16.94
C LEU VB 103 77.91 -47.61 17.72
N THR VB 104 77.84 -46.35 18.13
CA THR VB 104 78.99 -45.69 18.69
C THR VB 104 78.86 -45.74 20.19
N THR VB 105 79.86 -46.37 20.82
CA THR VB 105 79.86 -46.60 22.25
C THR VB 105 81.10 -45.99 22.89
N SER VB 106 80.95 -45.70 24.19
CA SER VB 106 82.05 -45.58 25.13
C SER VB 106 83.31 -46.23 24.63
N ALA VB 107 83.20 -47.51 24.28
CA ALA VB 107 84.33 -48.25 23.78
C ALA VB 107 84.79 -47.73 22.41
N GLY VB 108 83.90 -47.75 21.44
CA GLY VB 108 84.22 -47.27 20.08
C GLY VB 108 83.10 -47.47 19.08
N ILE VB 109 83.33 -47.06 17.84
CA ILE VB 109 82.36 -47.32 16.81
C ILE VB 109 82.56 -48.74 16.44
N MET VB 110 81.50 -49.51 16.54
CA MET VB 110 81.55 -50.94 16.31
C MET VB 110 80.22 -51.59 16.11
N ASP VB 111 80.25 -52.69 15.37
CA ASP VB 111 79.08 -53.52 15.13
C ASP VB 111 78.39 -53.95 16.42
N HIS VB 112 77.16 -54.43 16.31
CA HIS VB 112 76.42 -54.81 17.50
C HIS VB 112 77.01 -55.97 18.26
N GLU VB 113 77.76 -56.83 17.56
CA GLU VB 113 78.22 -58.07 18.14
C GLU VB 113 79.49 -57.88 18.96
N GLU VB 114 80.37 -57.00 18.50
CA GLU VB 114 81.49 -56.49 19.31
C GLU VB 114 80.95 -55.75 20.54
N ALA VB 115 79.83 -55.04 20.36
CA ALA VB 115 79.11 -54.41 21.47
C ALA VB 115 78.42 -55.39 22.41
N ARG VB 116 77.86 -56.45 21.84
CA ARG VB 116 77.20 -57.45 22.64
C ARG VB 116 78.24 -58.27 23.40
N ARG VB 117 79.38 -58.57 22.78
CA ARG VB 117 80.48 -59.21 23.51
C ARG VB 117 80.87 -58.38 24.71
N LYS VB 118 81.29 -57.15 24.45
CA LYS VB 118 81.75 -56.25 25.49
C LYS VB 118 80.65 -55.91 26.49
N HIS VB 119 79.39 -56.04 26.06
CA HIS VB 119 78.20 -55.79 26.91
C HIS VB 119 78.09 -54.29 27.17
N THR VB 120 78.11 -53.56 26.06
CA THR VB 120 78.21 -52.13 26.04
C THR VB 120 76.98 -51.68 25.29
N GLY VB 121 76.26 -50.69 25.83
CA GLY VB 121 75.19 -50.06 25.07
C GLY VB 121 75.79 -49.05 24.11
N GLY VB 122 74.94 -48.33 23.40
CA GLY VB 122 75.42 -47.22 22.60
C GLY VB 122 74.43 -46.52 21.71
N LYS VB 123 74.91 -45.43 21.12
CA LYS VB 123 74.16 -44.70 20.15
C LYS VB 123 74.39 -45.34 18.81
N ILE VB 124 73.30 -45.54 18.09
CA ILE VB 124 73.32 -46.05 16.73
C ILE VB 124 73.89 -45.02 15.74
N LEU VB 125 74.58 -45.50 14.70
CA LEU VB 125 75.02 -44.70 13.56
C LEU VB 125 74.25 -45.17 12.34
N GLY VB 126 74.54 -46.37 11.88
CA GLY VB 126 73.99 -46.88 10.64
C GLY VB 126 74.08 -48.37 10.61
N PHE VB 127 74.14 -48.92 9.42
CA PHE VB 127 74.03 -50.36 9.27
C PHE VB 127 74.35 -50.78 7.86
N PHE VB 128 74.68 -52.05 7.72
CA PHE VB 128 75.13 -52.56 6.47
C PHE VB 128 75.04 -54.08 6.39
N PHE VB 129 74.88 -54.52 5.14
CA PHE VB 129 74.63 -55.90 4.79
C PHE VB 129 74.55 -56.05 3.26
N GLY WB 1 58.55 -33.03 4.34
CA GLY WB 1 59.05 -34.24 5.06
C GLY WB 1 58.67 -34.31 6.53
N LYS WB 2 59.28 -35.23 7.25
CA LYS WB 2 59.03 -35.42 8.68
C LYS WB 2 59.90 -34.44 9.48
N CYS WB 3 59.75 -34.44 10.81
CA CYS WB 3 60.51 -33.54 11.69
C CYS WB 3 61.75 -34.22 12.16
N ARG WB 4 61.61 -35.52 12.43
CA ARG WB 4 62.66 -36.53 12.36
C ARG WB 4 63.74 -36.46 13.40
N GLY WB 5 64.24 -35.25 13.65
CA GLY WB 5 65.14 -34.97 14.76
C GLY WB 5 64.79 -35.58 16.10
N LEU WB 6 65.62 -35.26 17.08
CA LEU WB 6 65.68 -36.03 18.29
C LEU WB 6 64.88 -35.36 19.39
N ARG WB 7 65.05 -34.06 19.50
CA ARG WB 7 64.34 -33.27 20.46
C ARG WB 7 63.12 -32.70 19.79
N THR WB 8 62.49 -33.47 18.89
CA THR WB 8 61.28 -33.02 18.17
C THR WB 8 59.98 -33.44 18.83
N ALA WB 9 60.02 -34.53 19.62
CA ALA WB 9 58.82 -35.19 20.15
C ALA WB 9 57.60 -34.34 20.16
N ARG WB 10 57.70 -33.19 20.81
CA ARG WB 10 56.56 -32.30 20.98
C ARG WB 10 55.96 -31.89 19.67
N LYS WB 11 56.81 -31.34 18.81
CA LYS WB 11 56.38 -30.91 17.49
C LYS WB 11 55.72 -32.08 16.78
N LEU WB 12 56.35 -33.25 16.80
CA LEU WB 12 55.75 -34.44 16.20
C LEU WB 12 54.42 -34.82 16.80
N ARG WB 13 54.41 -34.95 18.12
CA ARG WB 13 53.23 -35.38 18.85
C ARG WB 13 52.07 -34.44 18.59
N SER WB 14 52.31 -33.17 18.87
CA SER WB 14 51.27 -32.18 18.71
C SER WB 14 50.72 -32.14 17.31
N HIS WB 15 51.59 -32.36 16.33
CA HIS WB 15 51.14 -32.41 14.95
C HIS WB 15 50.13 -33.54 14.77
N ARG WB 16 50.47 -34.75 15.19
CA ARG WB 16 49.54 -35.88 15.08
C ARG WB 16 48.28 -35.64 15.87
N ARG WB 17 48.42 -35.08 17.06
CA ARG WB 17 47.24 -34.68 17.88
C ARG WB 17 46.29 -33.79 17.10
N ASP WB 18 46.84 -32.87 16.34
CA ASP WB 18 46.03 -32.05 15.48
C ASP WB 18 45.40 -32.90 14.40
N GLN WB 19 46.20 -33.68 13.68
CA GLN WB 19 45.69 -34.37 12.52
C GLN WB 19 44.70 -35.46 12.83
N LYS WB 20 44.59 -35.87 14.08
CA LYS WB 20 43.55 -36.81 14.45
C LYS WB 20 42.15 -36.25 14.15
N TRP WB 21 41.97 -34.93 14.24
CA TRP WB 21 40.67 -34.30 13.97
C TRP WB 21 40.38 -34.05 12.49
N HIS WB 22 41.13 -34.68 11.61
CA HIS WB 22 40.70 -34.88 10.24
C HIS WB 22 40.39 -36.35 9.98
N ASP WB 23 40.36 -37.17 11.03
CA ASP WB 23 39.95 -38.56 10.92
C ASP WB 23 38.52 -38.67 11.38
N LYS WB 24 37.63 -38.78 10.40
CA LYS WB 24 36.18 -38.77 10.59
C LYS WB 24 35.67 -39.54 11.82
N GLN WB 25 36.25 -40.70 12.08
CA GLN WB 25 35.84 -41.52 13.21
C GLN WB 25 36.28 -40.83 14.47
N TYR WB 26 37.58 -40.54 14.60
CA TYR WB 26 38.08 -39.91 15.82
C TYR WB 26 37.18 -38.77 16.21
N LYS WB 27 36.87 -37.92 15.24
CA LYS WB 27 36.06 -36.73 15.52
C LYS WB 27 34.71 -37.09 16.14
N LYS WB 28 34.10 -38.14 15.61
CA LYS WB 28 32.85 -38.66 16.14
C LYS WB 28 32.90 -39.02 17.62
N ALA WB 29 34.00 -39.59 18.06
CA ALA WB 29 34.17 -39.96 19.47
C ALA WB 29 34.47 -38.76 20.38
N HIS WB 30 35.24 -37.79 19.87
CA HIS WB 30 35.86 -36.76 20.70
C HIS WB 30 35.25 -35.37 20.61
N LEU WB 31 34.56 -35.04 19.53
CA LEU WB 31 33.59 -33.93 19.60
C LEU WB 31 32.36 -34.44 20.30
N GLY WB 32 31.62 -33.54 20.94
CA GLY WB 32 30.35 -33.92 21.59
C GLY WB 32 29.31 -34.39 20.58
N THR WB 33 28.62 -33.42 19.98
CA THR WB 33 27.76 -33.60 18.78
C THR WB 33 27.08 -34.95 18.60
N ALA WB 34 27.85 -35.97 18.21
CA ALA WB 34 27.31 -37.29 17.93
C ALA WB 34 26.54 -37.84 19.14
N LEU WB 35 27.21 -37.82 20.30
CA LEU WB 35 26.60 -38.28 21.55
C LEU WB 35 25.33 -37.53 21.88
N LYS WB 36 25.35 -36.23 21.62
CA LYS WB 36 24.18 -35.38 21.81
C LYS WB 36 23.10 -35.75 20.80
N ALA WB 37 23.50 -35.91 19.55
CA ALA WB 37 22.58 -36.09 18.44
C ALA WB 37 21.76 -37.38 18.44
N ASN WB 38 22.33 -38.50 18.91
CA ASN WB 38 21.57 -39.76 18.98
C ASN WB 38 20.41 -39.63 19.94
N PRO WB 39 19.25 -40.20 19.57
CA PRO WB 39 18.17 -40.30 20.54
C PRO WB 39 18.47 -41.33 21.62
N PHE WB 40 19.16 -42.40 21.25
CA PHE WB 40 19.69 -43.31 22.24
C PHE WB 40 20.92 -42.60 22.73
N GLY WB 41 20.82 -41.95 23.88
CA GLY WB 41 21.96 -41.19 24.41
C GLY WB 41 23.13 -42.11 24.69
N GLY WB 42 23.86 -42.46 23.64
CA GLY WB 42 24.91 -43.46 23.72
C GLY WB 42 24.51 -44.73 24.45
N ALA WB 43 23.37 -45.29 24.05
CA ALA WB 43 22.88 -46.54 24.59
C ALA WB 43 22.61 -47.53 23.48
N SER WB 44 22.83 -48.78 23.80
CA SER WB 44 22.69 -49.87 22.85
C SER WB 44 21.24 -50.03 22.36
N HIS WB 45 20.29 -49.78 23.25
CA HIS WB 45 18.87 -49.85 22.94
C HIS WB 45 18.21 -48.76 23.75
N ALA WB 46 16.94 -48.54 23.45
CA ALA WB 46 16.15 -47.66 24.28
C ALA WB 46 14.72 -48.05 24.15
N LYS WB 47 13.97 -47.87 25.23
CA LYS WB 47 12.56 -48.15 25.22
C LYS WB 47 11.92 -46.95 24.66
N GLY WB 48 10.72 -47.16 24.13
CA GLY WB 48 9.93 -46.07 23.67
C GLY WB 48 8.50 -46.48 23.45
N ILE WB 49 7.71 -45.54 22.95
CA ILE WB 49 6.29 -45.72 22.77
C ILE WB 49 5.89 -45.47 21.34
N VAL WB 50 5.10 -46.39 20.80
CA VAL WB 50 4.71 -46.41 19.41
C VAL WB 50 3.53 -45.49 19.17
N LEU WB 51 3.79 -44.33 18.62
CA LEU WB 51 2.76 -43.31 18.49
C LEU WB 51 2.10 -43.25 17.11
N GLU WB 52 2.61 -44.04 16.16
CA GLU WB 52 1.82 -44.53 15.03
C GLU WB 52 2.64 -45.51 14.21
N LYS WB 53 1.95 -46.21 13.31
CA LYS WB 53 2.55 -47.20 12.42
C LYS WB 53 2.66 -46.55 11.07
N VAL WB 54 3.83 -46.64 10.45
CA VAL WB 54 4.20 -45.70 9.42
C VAL WB 54 4.73 -46.40 8.17
N GLY WB 55 4.21 -45.99 7.02
CA GLY WB 55 4.52 -46.61 5.74
C GLY WB 55 5.76 -46.01 5.13
N VAL WB 56 6.85 -46.77 5.14
CA VAL WB 56 8.11 -46.28 4.62
C VAL WB 56 8.37 -46.86 3.24
N GLU WB 57 8.47 -45.95 2.26
CA GLU WB 57 8.60 -46.32 0.87
C GLU WB 57 10.06 -46.46 0.55
N ALA WB 58 10.42 -47.62 0.00
CA ALA WB 58 11.82 -48.03 -0.11
C ALA WB 58 12.62 -47.29 -1.18
N LYS WB 59 13.94 -47.40 -1.04
CA LYS WB 59 14.87 -46.66 -1.87
C LYS WB 59 14.92 -47.26 -3.27
N GLN WB 60 15.05 -46.35 -4.23
CA GLN WB 60 14.58 -46.54 -5.62
C GLN WB 60 14.62 -47.97 -6.18
N PRO WB 61 15.81 -48.49 -6.47
CA PRO WB 61 15.88 -49.72 -7.27
C PRO WB 61 15.11 -50.91 -6.68
N ASN WB 62 14.98 -50.97 -5.35
CA ASN WB 62 14.26 -52.01 -4.65
C ASN WB 62 12.91 -51.50 -4.26
N SER WB 63 11.92 -51.61 -5.14
CA SER WB 63 10.61 -51.01 -4.88
C SER WB 63 9.70 -51.83 -3.96
N ALA WB 64 9.24 -51.19 -2.89
CA ALA WB 64 8.47 -51.82 -1.81
C ALA WB 64 8.00 -50.78 -0.79
N ILE WB 65 7.30 -51.24 0.24
CA ILE WB 65 7.03 -50.48 1.45
C ILE WB 65 7.63 -51.24 2.61
N ARG WB 66 8.07 -50.53 3.65
CA ARG WB 66 8.90 -51.18 4.68
C ARG WB 66 8.24 -51.47 6.01
N LYS WB 67 7.19 -50.73 6.36
CA LYS WB 67 6.48 -50.92 7.62
C LYS WB 67 7.36 -50.63 8.83
N CYS WB 68 7.17 -49.42 9.33
CA CYS WB 68 7.92 -48.88 10.44
C CYS WB 68 6.96 -48.37 11.50
N VAL WB 69 7.55 -47.88 12.58
CA VAL WB 69 6.83 -47.52 13.75
C VAL WB 69 7.42 -46.21 14.23
N ARG WB 70 6.58 -45.19 14.41
CA ARG WB 70 7.05 -43.92 14.95
C ARG WB 70 7.07 -44.05 16.46
N VAL WB 71 8.27 -44.22 16.98
CA VAL WB 71 8.51 -44.38 18.38
C VAL WB 71 8.77 -43.02 18.92
N GLN WB 72 8.46 -42.84 20.19
CA GLN WB 72 8.98 -41.72 20.97
C GLN WB 72 9.56 -42.22 22.24
N LEU WB 73 10.80 -41.83 22.48
CA LEU WB 73 11.61 -42.43 23.50
C LEU WB 73 11.20 -41.92 24.86
N ILE WB 74 11.67 -42.63 25.88
CA ILE WB 74 11.35 -42.30 27.25
C ILE WB 74 12.44 -41.40 27.77
N LYS WB 75 13.68 -41.87 27.70
CA LYS WB 75 14.81 -41.11 28.19
C LYS WB 75 14.85 -39.70 27.65
N ASN WB 76 14.80 -39.57 26.33
CA ASN WB 76 14.99 -38.27 25.68
C ASN WB 76 13.70 -37.55 25.44
N GLY WB 77 12.69 -38.28 25.03
CA GLY WB 77 11.47 -37.69 24.49
C GLY WB 77 11.66 -37.31 23.04
N LYS WB 78 12.68 -37.88 22.39
CA LYS WB 78 12.90 -37.65 20.98
C LYS WB 78 12.11 -38.70 20.25
N LYS WB 79 12.09 -38.60 18.93
CA LYS WB 79 11.34 -39.52 18.10
C LYS WB 79 12.19 -40.23 17.05
N ILE WB 80 11.59 -41.22 16.42
CA ILE WB 80 12.31 -42.19 15.62
C ILE WB 80 11.31 -42.75 14.60
N THR WB 81 11.80 -43.31 13.50
CA THR WB 81 11.00 -44.27 12.74
C THR WB 81 11.73 -45.59 12.78
N ALA WB 82 11.35 -46.42 13.75
CA ALA WB 82 11.97 -47.72 13.94
C ALA WB 82 11.41 -48.65 12.92
N PHE WB 83 12.28 -49.42 12.32
CA PHE WB 83 11.89 -50.46 11.39
C PHE WB 83 11.37 -51.66 12.16
N VAL WB 84 10.33 -52.29 11.64
CA VAL WB 84 9.82 -53.49 12.28
C VAL WB 84 10.29 -54.57 11.35
N PRO WB 85 11.10 -55.50 11.87
CA PRO WB 85 11.65 -56.52 11.01
C PRO WB 85 10.70 -57.67 10.84
N ASN WB 86 10.99 -58.49 9.85
CA ASN WB 86 10.29 -59.74 9.57
C ASN WB 86 8.86 -59.57 9.01
N ASP WB 87 8.34 -60.66 8.44
CA ASP WB 87 7.07 -60.64 7.70
C ASP WB 87 5.80 -60.79 8.54
N GLY WB 88 4.92 -59.81 8.41
CA GLY WB 88 3.67 -59.80 9.15
C GLY WB 88 3.86 -59.30 10.58
N CYS WB 89 5.06 -58.78 10.87
CA CYS WB 89 5.46 -58.51 12.24
C CYS WB 89 4.83 -57.24 12.72
N LEU WB 90 4.69 -56.28 11.80
CA LEU WB 90 4.00 -55.02 12.07
C LEU WB 90 2.70 -55.20 12.81
N ASN WB 91 1.94 -56.21 12.41
CA ASN WB 91 0.68 -56.49 13.06
C ASN WB 91 0.76 -56.83 14.55
N PHE WB 92 1.86 -57.42 15.01
CA PHE WB 92 2.05 -57.61 16.46
C PHE WB 92 1.99 -56.29 17.22
N ILE WB 93 2.59 -55.25 16.66
CA ILE WB 93 2.70 -53.94 17.30
C ILE WB 93 1.40 -53.16 17.22
N GLU WB 94 0.94 -52.64 18.35
CA GLU WB 94 -0.25 -51.81 18.42
C GLU WB 94 0.15 -50.44 18.93
N GLU WB 95 -0.71 -49.45 18.75
CA GLU WB 95 -0.37 -48.06 19.07
C GLU WB 95 -0.37 -47.83 20.56
N ASN WB 96 0.59 -47.01 21.00
CA ASN WB 96 0.89 -46.81 22.41
C ASN WB 96 1.34 -48.10 23.11
N ASP WB 97 2.47 -48.66 22.64
CA ASP WB 97 3.01 -49.93 23.15
C ASP WB 97 4.53 -50.04 23.18
N GLU WB 98 5.14 -49.31 24.11
CA GLU WB 98 6.26 -49.82 24.91
C GLU WB 98 7.37 -50.62 24.17
N VAL WB 99 7.74 -50.22 22.96
CA VAL WB 99 8.81 -50.92 22.22
C VAL WB 99 10.19 -50.67 22.78
N LEU WB 100 10.97 -51.75 22.90
CA LEU WB 100 12.42 -51.68 22.99
C LEU WB 100 12.90 -51.66 21.56
N VAL WB 101 13.84 -50.78 21.30
CA VAL WB 101 14.30 -50.55 19.97
C VAL WB 101 15.79 -50.67 20.08
N ALA WB 102 16.44 -51.04 18.99
CA ALA WB 102 17.88 -51.12 18.92
C ALA WB 102 18.36 -50.33 17.74
N GLY WB 103 19.68 -50.29 17.62
CA GLY WB 103 20.34 -49.90 16.39
C GLY WB 103 20.13 -50.97 15.35
N PHE WB 104 20.69 -50.72 14.18
CA PHE WB 104 20.33 -51.50 13.02
C PHE WB 104 21.59 -51.95 12.28
N GLY WB 105 22.67 -52.12 13.05
CA GLY WB 105 23.92 -52.67 12.55
C GLY WB 105 24.92 -51.65 12.06
N ARG WB 106 24.54 -50.40 12.07
CA ARG WB 106 25.29 -49.43 11.34
C ARG WB 106 25.57 -48.14 12.11
N LYS WB 107 25.33 -48.18 13.42
CA LYS WB 107 26.02 -47.31 14.37
C LYS WB 107 25.84 -45.81 14.13
N GLY WB 108 24.67 -45.47 13.59
CA GLY WB 108 24.34 -44.12 13.19
C GLY WB 108 23.92 -44.12 11.74
N HIS WB 109 24.68 -44.78 10.88
CA HIS WB 109 24.39 -44.82 9.44
C HIS WB 109 23.04 -45.55 9.24
N ALA WB 110 22.23 -45.07 8.30
CA ALA WB 110 21.04 -45.79 7.81
C ALA WB 110 21.37 -47.02 7.00
N VAL WB 111 20.39 -47.89 6.86
CA VAL WB 111 20.59 -49.26 6.38
C VAL WB 111 19.74 -49.66 5.18
N GLY WB 112 20.39 -50.29 4.20
CA GLY WB 112 19.70 -50.94 3.10
C GLY WB 112 18.71 -50.12 2.30
N ASP WB 113 17.55 -50.72 2.04
CA ASP WB 113 16.52 -50.09 1.24
C ASP WB 113 15.78 -49.01 1.98
N ILE WB 114 15.69 -49.10 3.31
CA ILE WB 114 14.94 -48.09 4.03
C ILE WB 114 15.73 -46.78 3.88
N PRO WB 115 15.04 -45.66 3.87
CA PRO WB 115 15.70 -44.38 3.83
C PRO WB 115 15.59 -43.63 5.15
N GLY WB 116 16.74 -43.52 5.81
CA GLY WB 116 16.85 -42.69 6.99
C GLY WB 116 16.29 -43.34 8.23
N VAL WB 117 16.42 -44.66 8.26
CA VAL WB 117 15.90 -45.47 9.34
C VAL WB 117 17.09 -46.12 10.03
N ARG WB 118 17.37 -45.63 11.22
CA ARG WB 118 18.53 -46.04 11.97
C ARG WB 118 18.30 -47.19 12.91
N PHE WB 119 17.04 -47.56 13.10
CA PHE WB 119 16.65 -48.34 14.25
C PHE WB 119 15.72 -49.46 13.88
N LYS WB 120 15.87 -50.58 14.56
CA LYS WB 120 14.92 -51.64 14.45
C LYS WB 120 14.31 -51.96 15.79
N VAL WB 121 13.08 -52.46 15.73
CA VAL WB 121 12.32 -52.83 16.91
C VAL WB 121 12.74 -54.23 17.33
N VAL WB 122 12.76 -54.45 18.64
CA VAL WB 122 13.24 -55.68 19.22
C VAL WB 122 12.15 -56.32 20.01
N LYS WB 123 11.65 -55.63 21.03
CA LYS WB 123 10.64 -56.16 21.91
C LYS WB 123 9.42 -55.28 21.89
N VAL WB 124 8.25 -55.89 22.05
CA VAL WB 124 7.00 -55.17 22.21
C VAL WB 124 6.40 -55.65 23.50
N ALA WB 125 6.04 -54.73 24.37
CA ALA WB 125 5.43 -55.10 25.65
C ALA WB 125 6.19 -56.27 26.29
N ASN WB 126 7.51 -56.11 26.35
CA ASN WB 126 8.40 -56.98 27.11
C ASN WB 126 8.38 -58.44 26.65
N VAL WB 127 8.08 -58.66 25.36
CA VAL WB 127 7.89 -60.00 24.79
C VAL WB 127 8.96 -60.47 23.79
N SER WB 128 9.52 -59.56 23.00
CA SER WB 128 10.45 -59.83 21.88
C SER WB 128 9.71 -60.36 20.68
N LEU WB 129 9.89 -59.70 19.54
CA LEU WB 129 9.22 -60.07 18.29
C LEU WB 129 9.58 -61.46 17.81
N LEU WB 130 10.86 -61.81 17.87
CA LEU WB 130 11.27 -63.12 17.38
C LEU WB 130 10.37 -64.15 17.98
N ALA WB 131 10.19 -64.07 19.29
CA ALA WB 131 9.33 -65.01 19.98
C ALA WB 131 7.92 -65.06 19.40
N LEU WB 132 7.34 -63.89 19.17
CA LEU WB 132 5.97 -63.81 18.61
C LEU WB 132 5.93 -64.41 17.23
N TYR WB 133 6.91 -64.05 16.42
CA TYR WB 133 6.97 -64.48 15.05
C TYR WB 133 7.18 -65.98 14.98
N LYS WB 134 7.97 -66.54 15.89
CA LYS WB 134 8.14 -68.00 15.96
C LYS WB 134 6.86 -68.69 16.41
N GLY WB 135 6.17 -68.10 17.37
CA GLY WB 135 4.99 -68.70 18.00
C GLY WB 135 5.27 -69.39 19.32
N LYS WB 136 6.41 -69.06 19.93
CA LYS WB 136 6.81 -69.63 21.20
C LYS WB 136 5.98 -68.97 22.29
N LYS WB 137 5.99 -67.64 22.29
CA LYS WB 137 5.26 -66.82 23.24
C LYS WB 137 4.02 -66.23 22.54
N GLU WB 138 3.14 -65.65 23.34
CA GLU WB 138 1.91 -65.02 22.85
C GLU WB 138 1.83 -63.61 23.42
N ARG WB 139 1.16 -62.72 22.69
CA ARG WB 139 0.98 -61.33 23.13
C ARG WB 139 0.04 -61.29 24.34
N PRO WB 140 0.45 -60.61 25.44
CA PRO WB 140 -0.35 -60.62 26.67
C PRO WB 140 -1.64 -59.82 26.54
N ARG WB 141 -2.70 -60.30 27.17
CA ARG WB 141 -4.02 -59.68 27.05
C ARG WB 141 -4.83 -59.92 28.33
N ASP XB 1 36.99 -103.85 60.72
CA ASP XB 1 37.88 -104.95 60.23
C ASP XB 1 38.64 -104.52 58.97
N THR XB 2 37.89 -104.10 57.95
CA THR XB 2 38.45 -103.74 56.64
C THR XB 2 38.69 -102.24 56.46
N VAL XB 3 38.58 -101.45 57.53
CA VAL XB 3 38.73 -100.01 57.43
C VAL XB 3 40.17 -99.55 57.28
N THR XB 4 41.00 -99.72 58.31
CA THR XB 4 42.33 -99.10 58.40
C THR XB 4 42.26 -97.60 58.69
N ILE XB 5 43.18 -97.17 59.55
CA ILE XB 5 43.38 -95.76 59.87
C ILE XB 5 44.86 -95.54 60.10
N ARG XB 6 45.41 -94.58 59.37
CA ARG XB 6 46.81 -94.21 59.49
C ARG XB 6 46.88 -92.78 59.99
N THR XB 7 48.06 -92.40 60.44
CA THR XB 7 48.25 -91.12 61.07
C THR XB 7 49.43 -90.41 60.42
N ARG XB 8 49.62 -89.14 60.75
CA ARG XB 8 50.49 -88.26 59.97
C ARG XB 8 50.72 -86.96 60.68
N LYS XB 9 51.91 -86.38 60.50
CA LYS XB 9 52.16 -85.01 60.94
C LYS XB 9 51.68 -84.84 62.38
N PHE XB 10 52.09 -85.80 63.21
CA PHE XB 10 51.61 -85.95 64.59
C PHE XB 10 52.39 -85.00 65.48
N MET XB 11 51.68 -84.30 66.36
CA MET XB 11 52.30 -83.34 67.27
C MET XB 11 51.87 -83.62 68.71
N THR XB 12 52.82 -83.44 69.62
CA THR XB 12 52.58 -83.55 71.04
C THR XB 12 52.58 -82.12 71.60
N ASN XB 13 51.40 -81.52 71.66
CA ASN XB 13 51.26 -80.13 72.12
C ASN XB 13 51.23 -80.13 73.64
N ARG XB 14 52.41 -80.02 74.24
CA ARG XB 14 52.54 -79.77 75.68
C ARG XB 14 51.70 -78.56 76.08
N LEU XB 15 51.70 -77.51 75.25
CA LEU XB 15 51.16 -76.21 75.65
C LEU XB 15 49.72 -75.93 75.25
N LEU XB 16 49.14 -76.75 74.37
CA LEU XB 16 47.67 -76.80 74.25
C LEU XB 16 47.10 -78.03 74.93
N GLN XB 17 47.98 -78.83 75.53
CA GLN XB 17 47.57 -79.97 76.34
C GLN XB 17 46.82 -80.94 75.43
N ARG XB 18 47.51 -81.45 74.41
CA ARG XB 18 46.89 -82.32 73.37
C ARG XB 18 47.88 -83.02 72.42
N LYS XB 19 47.49 -84.23 72.01
CA LYS XB 19 48.13 -84.94 70.91
C LYS XB 19 47.28 -84.58 69.73
N GLN XB 20 47.84 -83.89 68.73
CA GLN XB 20 47.07 -83.50 67.52
C GLN XB 20 47.75 -83.94 66.23
N MET XB 21 46.97 -84.55 65.36
CA MET XB 21 47.53 -85.11 64.15
C MET XB 21 46.51 -85.19 63.04
N VAL XB 22 47.00 -85.59 61.89
CA VAL XB 22 46.19 -85.82 60.73
C VAL XB 22 45.85 -87.31 60.73
N ILE XB 23 44.56 -87.61 60.56
CA ILE XB 23 44.10 -88.98 60.34
C ILE XB 23 43.82 -89.13 58.86
N ASP XB 24 44.14 -90.31 58.34
CA ASP XB 24 44.07 -90.58 56.92
C ASP XB 24 43.48 -91.98 56.73
N VAL XB 25 42.17 -92.01 56.47
CA VAL XB 25 41.35 -93.22 56.60
C VAL XB 25 41.16 -93.91 55.27
N LEU XB 26 41.92 -94.97 55.01
CA LEU XB 26 41.68 -95.82 53.83
C LEU XB 26 40.45 -96.62 54.19
N HIS XB 27 39.48 -96.75 53.28
CA HIS XB 27 38.15 -97.28 53.65
C HIS XB 27 37.34 -97.75 52.45
N PRO XB 28 37.99 -98.45 51.52
CA PRO XB 28 37.41 -98.71 50.23
C PRO XB 28 36.15 -99.56 50.30
N GLY XB 29 35.20 -99.23 49.44
CA GLY XB 29 33.93 -99.95 49.35
C GLY XB 29 32.82 -99.44 50.26
N LYS XB 30 33.16 -98.60 51.24
CA LYS XB 30 32.18 -98.05 52.18
C LYS XB 30 32.21 -96.53 52.13
N ALA XB 31 31.37 -95.93 52.98
CA ALA XB 31 30.75 -94.65 52.70
C ALA XB 31 31.18 -93.55 53.64
N THR XB 32 32.48 -93.28 53.64
CA THR XB 32 33.10 -92.32 54.56
C THR XB 32 32.74 -92.72 55.98
N VAL XB 33 33.59 -93.53 56.60
CA VAL XB 33 33.26 -94.13 57.89
C VAL XB 33 33.00 -93.03 58.91
N PRO XB 34 31.94 -93.18 59.73
CA PRO XB 34 31.54 -92.11 60.66
C PRO XB 34 32.57 -91.76 61.74
N LYS XB 35 32.38 -90.58 62.32
CA LYS XB 35 33.32 -90.01 63.28
C LYS XB 35 33.37 -90.76 64.61
N THR XB 36 32.25 -91.33 65.01
CA THR XB 36 32.23 -92.18 66.18
C THR XB 36 33.21 -93.33 65.97
N GLU XB 37 33.04 -94.03 64.86
CA GLU XB 37 33.90 -95.16 64.50
C GLU XB 37 35.37 -94.81 64.36
N ILE XB 38 35.69 -93.57 63.99
CA ILE XB 38 37.09 -93.14 63.91
C ILE XB 38 37.69 -92.99 65.30
N ARG XB 39 36.90 -92.43 66.22
CA ARG XB 39 37.38 -92.16 67.57
C ARG XB 39 37.62 -93.43 68.40
N GLU XB 40 36.80 -94.46 68.18
CA GLU XB 40 36.99 -95.77 68.83
C GLU XB 40 38.17 -96.55 68.29
N LYS XB 41 38.50 -96.33 67.02
CA LYS XB 41 39.74 -96.85 66.47
C LYS XB 41 40.93 -96.11 67.07
N LEU XB 42 40.87 -94.79 67.09
CA LEU XB 42 41.97 -94.00 67.62
C LEU XB 42 42.28 -94.36 69.06
N ALA XB 43 41.24 -94.59 69.85
CA ALA XB 43 41.39 -94.99 71.24
C ALA XB 43 42.18 -96.28 71.39
N LYS XB 44 41.84 -97.32 70.64
CA LYS XB 44 42.59 -98.59 70.67
C LYS XB 44 44.03 -98.42 70.19
N MET XB 45 44.22 -97.51 69.23
CA MET XB 45 45.54 -97.22 68.70
C MET XB 45 46.36 -96.52 69.76
N TYR XB 46 45.81 -95.45 70.30
CA TYR XB 46 46.49 -94.60 71.28
C TYR XB 46 46.23 -94.96 72.75
N LYS XB 47 45.44 -96.01 73.00
CA LYS XB 47 45.24 -96.56 74.33
C LYS XB 47 44.76 -95.49 75.32
N THR XB 48 43.85 -94.63 74.86
CA THR XB 48 43.54 -93.39 75.58
C THR XB 48 42.08 -92.96 75.48
N THR XB 49 41.16 -93.91 75.44
CA THR XB 49 39.70 -93.64 75.53
C THR XB 49 39.18 -92.83 74.33
N PRO XB 50 37.86 -92.59 74.26
CA PRO XB 50 37.32 -91.70 73.22
C PRO XB 50 36.96 -90.27 73.68
N ASP XB 51 36.65 -90.07 74.95
CA ASP XB 51 36.14 -88.79 75.46
C ASP XB 51 37.05 -87.60 75.20
N VAL XB 52 38.35 -87.83 75.38
CA VAL XB 52 39.37 -86.82 75.09
C VAL XB 52 39.70 -86.68 73.59
N ILE XB 53 39.22 -87.62 72.77
CA ILE XB 53 39.44 -87.56 71.35
C ILE XB 53 38.37 -86.68 70.73
N PHE XB 54 38.82 -85.75 69.88
CA PHE XB 54 37.95 -84.90 69.11
C PHE XB 54 38.42 -84.98 67.69
N VAL XB 55 37.49 -85.28 66.80
CA VAL XB 55 37.79 -85.47 65.40
C VAL XB 55 36.88 -84.63 64.56
N PHE XB 56 37.42 -84.11 63.46
CA PHE XB 56 36.70 -83.20 62.59
C PHE XB 56 37.31 -83.14 61.22
N GLY XB 57 36.64 -82.38 60.35
CA GLY XB 57 37.17 -81.97 59.06
C GLY XB 57 37.48 -83.06 58.04
N PHE XB 58 36.84 -84.22 58.18
CA PHE XB 58 37.10 -85.30 57.24
C PHE XB 58 36.61 -84.95 55.86
N ARG XB 59 37.53 -84.94 54.90
CA ARG XB 59 37.15 -84.85 53.50
C ARG XB 59 37.42 -86.21 52.88
N THR XB 60 36.51 -86.67 52.04
CA THR XB 60 36.69 -87.92 51.29
C THR XB 60 37.14 -87.61 49.89
N HIS XB 61 38.07 -88.40 49.36
CA HIS XB 61 38.56 -88.18 47.99
C HIS XB 61 37.55 -88.59 46.92
N PHE XB 62 37.73 -88.02 45.73
CA PHE XB 62 37.21 -88.56 44.47
C PHE XB 62 37.57 -90.04 44.39
N GLY XB 63 36.84 -90.81 43.59
CA GLY XB 63 37.11 -92.24 43.51
C GLY XB 63 36.56 -92.89 44.76
N GLY XB 64 37.30 -92.78 45.86
CA GLY XB 64 36.69 -92.95 47.19
C GLY XB 64 37.35 -93.78 48.27
N GLY XB 65 38.50 -94.35 47.98
CA GLY XB 65 39.18 -95.21 48.94
C GLY XB 65 40.07 -94.52 49.96
N LYS XB 66 39.82 -93.24 50.22
CA LYS XB 66 40.62 -92.47 51.15
C LYS XB 66 39.86 -91.26 51.63
N THR XB 67 39.85 -91.05 52.94
CA THR XB 67 39.46 -89.77 53.52
C THR XB 67 40.64 -89.25 54.29
N THR XB 68 40.51 -88.03 54.77
CA THR XB 68 41.60 -87.32 55.34
C THR XB 68 41.02 -86.30 56.27
N GLY XB 69 41.47 -86.28 57.52
CA GLY XB 69 41.04 -85.23 58.41
C GLY XB 69 41.72 -85.17 59.75
N PHE XB 70 41.59 -83.99 60.33
CA PHE XB 70 42.33 -83.63 61.51
C PHE XB 70 41.59 -84.22 62.69
N GLY XB 71 42.36 -84.58 63.72
CA GLY XB 71 41.81 -84.99 65.00
C GLY XB 71 42.82 -84.69 66.09
N MET XB 72 42.34 -84.49 67.30
CA MET XB 72 43.24 -84.45 68.45
C MET XB 72 42.67 -85.13 69.68
N ILE XB 73 43.58 -85.44 70.59
CA ILE XB 73 43.33 -86.29 71.71
C ILE XB 73 43.89 -85.56 72.92
N TYR XB 74 42.99 -84.96 73.69
CA TYR XB 74 43.40 -84.20 74.86
C TYR XB 74 43.97 -85.07 75.97
N ASP XB 75 44.63 -84.42 76.91
CA ASP XB 75 45.26 -85.10 78.03
C ASP XB 75 44.22 -85.49 79.06
N SER XB 76 43.12 -84.75 79.11
CA SER XB 76 41.99 -85.11 79.94
C SER XB 76 40.79 -84.26 79.57
N LEU XB 77 39.61 -84.65 80.03
CA LEU XB 77 38.40 -83.84 79.81
C LEU XB 77 38.47 -82.52 80.54
N ASP XB 78 39.16 -82.49 81.68
CA ASP XB 78 39.53 -81.24 82.33
C ASP XB 78 40.02 -80.25 81.28
N TYR XB 79 41.03 -80.68 80.53
CA TYR XB 79 41.65 -79.85 79.53
C TYR XB 79 40.82 -79.73 78.25
N ALA XB 80 40.20 -80.82 77.84
CA ALA XB 80 39.44 -80.82 76.60
C ALA XB 80 38.20 -79.92 76.63
N LYS XB 81 37.85 -79.39 77.80
CA LYS XB 81 36.88 -78.30 77.90
C LYS XB 81 37.60 -77.08 78.42
N LYS XB 82 38.61 -76.65 77.69
CA LYS XB 82 39.41 -75.50 78.10
C LYS XB 82 40.17 -74.97 76.91
N ASN XB 83 40.97 -75.81 76.29
CA ASN XB 83 41.61 -75.46 75.04
C ASN XB 83 40.92 -76.26 73.96
N GLU XB 84 39.62 -75.98 73.78
CA GLU XB 84 38.83 -76.62 72.72
C GLU XB 84 37.64 -75.77 72.27
N PRO XB 85 37.44 -75.66 70.94
CA PRO XB 85 36.24 -75.06 70.37
C PRO XB 85 34.94 -75.56 70.95
N LYS XB 86 33.98 -74.65 71.13
CA LYS XB 86 32.72 -75.01 71.77
C LYS XB 86 31.88 -75.88 70.87
N HIS XB 87 31.77 -75.50 69.60
CA HIS XB 87 30.94 -76.27 68.64
C HIS XB 87 31.30 -77.74 68.59
N ARG XB 88 32.58 -78.04 68.80
CA ARG XB 88 33.13 -79.38 68.65
C ARG XB 88 32.85 -80.23 69.91
N LEU XB 89 32.76 -79.58 71.07
CA LEU XB 89 32.25 -80.23 72.27
C LEU XB 89 30.80 -80.59 72.05
N ALA XB 90 30.04 -79.63 71.55
CA ALA XB 90 28.63 -79.82 71.24
C ALA XB 90 28.36 -80.85 70.13
N ARG XB 91 29.40 -81.26 69.41
CA ARG XB 91 29.27 -82.31 68.41
C ARG XB 91 28.97 -83.63 69.13
N HIS XB 92 29.69 -83.92 70.21
CA HIS XB 92 29.24 -84.93 71.18
C HIS XB 92 28.83 -84.23 72.47
N GLY XB 93 27.54 -83.87 72.51
CA GLY XB 93 26.95 -82.91 73.44
C GLY XB 93 27.37 -82.96 74.89
N LEU XB 94 28.47 -82.28 75.18
CA LEU XB 94 28.92 -82.07 76.56
C LEU XB 94 29.09 -80.59 76.94
N TYR XB 95 29.12 -79.68 75.96
CA TYR XB 95 29.07 -78.24 76.22
C TYR XB 95 28.18 -77.59 75.17
N GLU XB 96 26.90 -77.94 75.23
CA GLU XB 96 25.86 -77.29 74.44
C GLU XB 96 25.74 -75.78 74.71
N LYS XB 97 24.94 -75.11 73.88
CA LYS XB 97 24.77 -73.66 73.92
C LYS XB 97 23.29 -73.23 73.98
N LYS XB 98 23.08 -71.95 74.27
CA LYS XB 98 21.74 -71.36 74.38
C LYS XB 98 21.05 -71.21 73.01
N LYS XB 99 19.73 -71.04 73.04
CA LYS XB 99 18.91 -70.94 71.82
C LYS XB 99 18.16 -69.61 71.72
N THR XB 100 18.89 -68.51 71.94
CA THR XB 100 18.34 -67.16 71.83
C THR XB 100 18.16 -66.76 70.37
N SER XB 101 19.08 -67.20 69.51
CA SER XB 101 19.02 -66.99 68.06
C SER XB 101 19.22 -65.53 67.65
N ARG XB 102 20.38 -65.00 68.04
CA ARG XB 102 20.90 -63.72 67.56
C ARG XB 102 19.86 -62.59 67.46
N LYS XB 103 19.07 -62.59 66.40
CA LYS XB 103 18.20 -61.44 66.10
C LYS XB 103 17.41 -60.98 67.31
N GLN XB 104 16.87 -61.93 68.07
CA GLN XB 104 16.12 -61.62 69.29
C GLN XB 104 16.98 -60.88 70.33
N ARG XB 105 18.26 -61.23 70.40
CA ARG XB 105 19.21 -60.52 71.26
C ARG XB 105 19.41 -59.10 70.76
N LYS XB 106 19.68 -58.94 69.47
CA LYS XB 106 19.94 -57.63 68.88
C LYS XB 106 18.80 -56.66 69.10
N GLU XB 107 17.56 -57.13 69.00
CA GLU XB 107 16.39 -56.26 69.15
C GLU XB 107 16.12 -55.89 70.63
N ARG XB 108 16.47 -56.79 71.55
CA ARG XB 108 16.45 -56.46 72.97
C ARG XB 108 17.48 -55.39 73.26
N LYS XB 109 18.72 -55.60 72.84
CA LYS XB 109 19.77 -54.60 73.07
C LYS XB 109 19.51 -53.26 72.41
N ASN XB 110 18.73 -53.25 71.33
CA ASN XB 110 18.39 -52.00 70.64
C ASN XB 110 17.29 -51.24 71.36
N ARG XB 111 16.46 -51.96 72.10
CA ARG XB 111 15.72 -51.36 73.22
C ARG XB 111 16.67 -51.32 74.40
N MET XB 112 16.26 -50.74 75.52
CA MET XB 112 17.17 -50.49 76.63
C MET XB 112 18.11 -49.29 76.36
N LYS XB 113 18.42 -49.05 75.10
CA LYS XB 113 18.89 -47.74 74.66
C LYS XB 113 17.82 -46.69 74.98
N LYS XB 114 16.57 -47.14 74.96
CA LYS XB 114 15.42 -46.29 75.22
C LYS XB 114 15.30 -45.91 76.70
N VAL XB 115 15.63 -46.85 77.58
CA VAL XB 115 15.37 -46.72 79.02
C VAL XB 115 16.67 -46.56 79.82
N ARG XB 116 16.61 -45.77 80.89
CA ARG XB 116 17.73 -45.54 81.79
C ARG XB 116 17.42 -46.09 83.18
N GLY XB 117 18.26 -47.02 83.64
CA GLY XB 117 18.37 -47.35 85.08
C GLY XB 117 17.50 -48.46 85.61
N THR XB 118 16.28 -48.55 85.09
CA THR XB 118 15.27 -49.46 85.58
C THR XB 118 15.75 -50.87 85.47
N ALA XB 119 16.40 -51.33 86.53
CA ALA XB 119 17.03 -52.65 86.55
C ALA XB 119 16.04 -53.77 86.19
N LYS XB 120 14.81 -53.66 86.69
CA LYS XB 120 13.76 -54.66 86.45
C LYS XB 120 13.17 -54.57 85.03
N ALA XB 121 12.99 -53.34 84.54
CA ALA XB 121 12.47 -53.11 83.17
C ALA XB 121 13.54 -53.42 82.13
N ASN XB 122 14.77 -52.98 82.38
CA ASN XB 122 15.92 -53.37 81.57
C ASN XB 122 16.10 -54.89 81.53
N VAL XB 123 15.83 -55.54 82.66
CA VAL XB 123 15.81 -57.02 82.71
C VAL XB 123 14.61 -57.52 81.89
N GLY XB 124 13.44 -56.89 82.08
CA GLY XB 124 12.23 -57.21 81.33
C GLY XB 124 12.41 -57.06 79.83
N ALA XB 125 12.23 -55.82 79.35
CA ALA XB 125 12.43 -55.47 77.94
C ALA XB 125 11.70 -56.39 76.96
N GLY XB 126 12.25 -57.59 76.70
CA GLY XB 126 11.64 -58.54 75.78
C GLY XB 126 12.56 -59.70 75.41
N ARG YB 1 -8.55 -18.40 -70.29
CA ARG YB 1 -8.30 -17.68 -71.57
C ARG YB 1 -8.76 -18.49 -72.78
N ASP YB 2 -8.29 -19.75 -72.83
CA ASP YB 2 -8.51 -20.62 -73.99
C ASP YB 2 -9.94 -21.18 -74.01
N LYS YB 3 -10.74 -20.72 -74.97
CA LYS YB 3 -11.99 -21.40 -75.35
C LYS YB 3 -12.33 -21.04 -76.78
N LEU YB 4 -12.50 -22.06 -77.62
CA LEU YB 4 -12.57 -21.90 -79.07
C LEU YB 4 -13.84 -22.54 -79.61
N ASN YB 5 -14.58 -21.81 -80.45
CA ASN YB 5 -15.87 -22.26 -81.02
C ASN YB 5 -15.82 -22.37 -82.54
N ASN YB 6 -15.59 -23.59 -83.03
CA ASN YB 6 -15.27 -23.81 -84.45
C ASN YB 6 -16.49 -24.07 -85.30
N LEU YB 7 -16.33 -23.86 -86.61
CA LEU YB 7 -17.42 -23.97 -87.58
C LEU YB 7 -17.47 -25.36 -88.16
N VAL YB 8 -18.64 -25.76 -88.65
CA VAL YB 8 -18.83 -27.07 -89.30
C VAL YB 8 -19.62 -26.87 -90.61
N LEU YB 9 -19.22 -25.89 -91.41
CA LEU YB 9 -20.08 -25.43 -92.49
C LEU YB 9 -19.45 -24.92 -93.81
N PHE YB 10 -20.30 -24.98 -94.84
CA PHE YB 10 -20.10 -24.39 -96.16
C PHE YB 10 -20.74 -23.01 -96.04
N ASP YB 11 -20.00 -22.08 -95.43
CA ASP YB 11 -20.56 -20.80 -94.90
C ASP YB 11 -19.97 -19.54 -95.54
N LYS YB 12 -20.13 -19.49 -96.87
CA LYS YB 12 -20.02 -18.28 -97.68
C LYS YB 12 -18.66 -17.55 -97.62
N ALA YB 13 -18.44 -16.74 -96.58
CA ALA YB 13 -17.29 -15.86 -96.52
C ALA YB 13 -16.01 -16.64 -96.28
N THR YB 14 -16.12 -17.66 -95.43
CA THR YB 14 -15.04 -18.61 -95.26
C THR YB 14 -14.81 -19.32 -96.57
N TYR YB 15 -15.87 -19.85 -97.18
CA TYR YB 15 -15.73 -20.61 -98.42
C TYR YB 15 -14.99 -19.80 -99.48
N ASP YB 16 -15.22 -18.49 -99.51
CA ASP YB 16 -14.44 -17.58 -100.36
C ASP YB 16 -12.99 -17.53 -99.92
N LYS YB 17 -12.76 -17.47 -98.60
CA LYS YB 17 -11.41 -17.42 -98.06
C LYS YB 17 -10.57 -18.63 -98.44
N LEU YB 18 -11.14 -19.84 -98.31
CA LEU YB 18 -10.45 -21.06 -98.76
C LEU YB 18 -10.02 -20.91 -100.20
N CYS YB 19 -11.00 -20.73 -101.07
CA CYS YB 19 -10.78 -20.78 -102.51
C CYS YB 19 -9.97 -19.59 -103.06
N LYS YB 20 -9.82 -18.51 -102.29
CA LYS YB 20 -8.91 -17.42 -102.64
C LYS YB 20 -7.55 -17.59 -101.98
N GLU YB 21 -7.55 -17.56 -100.64
CA GLU YB 21 -6.31 -17.44 -99.88
C GLU YB 21 -5.51 -18.74 -99.86
N VAL YB 22 -6.19 -19.82 -99.48
CA VAL YB 22 -5.52 -21.01 -98.95
C VAL YB 22 -4.47 -21.59 -99.91
N PRO YB 23 -4.75 -21.62 -101.20
CA PRO YB 23 -3.72 -22.02 -102.14
C PRO YB 23 -2.49 -21.10 -102.36
N ASN YB 24 -2.33 -20.05 -101.56
CA ASN YB 24 -1.04 -19.33 -101.51
C ASN YB 24 -0.43 -19.28 -100.11
N TYR YB 25 -0.53 -20.42 -99.42
CA TYR YB 25 0.34 -20.75 -98.31
C TYR YB 25 1.33 -21.76 -98.84
N LYS YB 26 2.46 -21.91 -98.14
CA LYS YB 26 3.43 -22.97 -98.47
C LYS YB 26 3.18 -24.25 -97.67
N LEU YB 27 2.56 -24.13 -96.48
CA LEU YB 27 2.07 -25.27 -95.71
C LEU YB 27 0.57 -25.24 -95.77
N ILE YB 28 -0.03 -26.31 -96.26
CA ILE YB 28 -1.48 -26.41 -96.29
C ILE YB 28 -1.87 -27.72 -95.66
N THR YB 29 -1.91 -27.68 -94.34
CA THR YB 29 -2.28 -28.79 -93.52
C THR YB 29 -3.59 -28.37 -92.94
N PRO YB 30 -4.46 -29.31 -92.64
CA PRO YB 30 -5.70 -28.96 -91.96
C PRO YB 30 -5.48 -28.25 -90.62
N ALA YB 31 -4.40 -28.60 -89.94
CA ALA YB 31 -4.02 -27.92 -88.71
C ALA YB 31 -3.75 -26.45 -88.94
N VAL YB 32 -3.03 -26.16 -90.02
CA VAL YB 32 -2.77 -24.80 -90.41
C VAL YB 32 -4.04 -24.10 -90.86
N VAL YB 33 -4.95 -24.84 -91.48
CA VAL YB 33 -6.22 -24.25 -91.89
C VAL YB 33 -7.09 -23.98 -90.66
N SER YB 34 -7.23 -24.97 -89.80
CA SER YB 34 -8.04 -24.82 -88.58
C SER YB 34 -7.63 -23.65 -87.69
N GLU YB 35 -6.33 -23.34 -87.67
CA GLU YB 35 -5.83 -22.21 -86.89
C GLU YB 35 -6.16 -20.88 -87.59
N ARG YB 36 -5.91 -20.82 -88.91
CA ARG YB 36 -6.10 -19.59 -89.67
C ARG YB 36 -7.56 -19.22 -89.56
N LEU YB 37 -8.42 -20.11 -90.05
CA LEU YB 37 -9.85 -19.90 -90.03
C LEU YB 37 -10.30 -20.25 -88.62
N LYS YB 38 -11.60 -20.32 -88.39
CA LYS YB 38 -12.12 -20.90 -87.15
C LYS YB 38 -12.79 -22.21 -87.51
N ILE YB 39 -12.22 -22.89 -88.49
CA ILE YB 39 -12.84 -24.05 -89.09
C ILE YB 39 -12.49 -25.27 -88.25
N ARG YB 40 -13.42 -26.22 -88.17
CA ARG YB 40 -13.36 -27.33 -87.21
C ARG YB 40 -12.02 -28.07 -87.19
N GLY YB 41 -11.74 -28.82 -88.24
CA GLY YB 41 -10.60 -29.73 -88.24
C GLY YB 41 -10.95 -30.85 -89.17
N SER YB 42 -12.08 -31.48 -88.92
CA SER YB 42 -12.69 -32.39 -89.89
C SER YB 42 -13.10 -31.64 -91.15
N LEU YB 43 -13.81 -30.53 -90.95
CA LEU YB 43 -14.18 -29.60 -92.02
C LEU YB 43 -12.97 -29.23 -92.88
N ALA YB 44 -11.92 -28.74 -92.21
CA ALA YB 44 -10.68 -28.35 -92.86
C ALA YB 44 -10.17 -29.47 -93.70
N ARG YB 45 -10.04 -30.65 -93.10
CA ARG YB 45 -9.48 -31.80 -93.78
C ARG YB 45 -10.18 -32.06 -95.09
N ALA YB 46 -11.51 -32.12 -95.03
CA ALA YB 46 -12.35 -32.37 -96.21
C ALA YB 46 -12.23 -31.27 -97.27
N ALA YB 47 -12.25 -30.03 -96.82
CA ALA YB 47 -12.06 -28.87 -97.69
C ALA YB 47 -10.76 -28.96 -98.47
N LEU YB 48 -9.69 -29.29 -97.77
CA LEU YB 48 -8.40 -29.47 -98.40
C LEU YB 48 -8.36 -30.70 -99.33
N GLN YB 49 -9.21 -31.70 -99.05
CA GLN YB 49 -9.45 -32.80 -100.01
C GLN YB 49 -10.26 -32.39 -101.24
N GLU YB 50 -11.19 -31.45 -101.07
CA GLU YB 50 -11.92 -30.89 -102.22
C GLU YB 50 -10.98 -30.14 -103.14
N LEU YB 51 -10.20 -29.24 -102.55
CA LEU YB 51 -9.26 -28.44 -103.31
C LEU YB 51 -8.20 -29.25 -104.07
N LEU YB 52 -7.83 -30.40 -103.51
CA LEU YB 52 -6.90 -31.31 -104.17
C LEU YB 52 -7.53 -31.88 -105.44
N SER YB 53 -8.77 -32.35 -105.32
CA SER YB 53 -9.52 -32.93 -106.47
C SER YB 53 -9.87 -31.89 -107.54
N LYS YB 54 -10.02 -30.65 -107.11
CA LYS YB 54 -10.11 -29.51 -108.02
C LYS YB 54 -8.75 -29.27 -108.69
N GLY YB 55 -7.66 -29.50 -107.95
CA GLY YB 55 -6.30 -29.39 -108.47
C GLY YB 55 -5.56 -28.13 -108.01
N LEU YB 56 -6.17 -27.36 -107.12
CA LEU YB 56 -5.66 -26.05 -106.76
C LEU YB 56 -4.52 -26.09 -105.76
N ILE YB 57 -4.34 -27.24 -105.12
CA ILE YB 57 -3.24 -27.44 -104.19
C ILE YB 57 -2.53 -28.77 -104.47
N LYS YB 58 -1.22 -28.77 -104.28
CA LYS YB 58 -0.39 -29.95 -104.51
C LYS YB 58 -0.54 -30.87 -103.32
N LEU YB 59 -0.32 -32.15 -103.54
CA LEU YB 59 -0.19 -33.12 -102.48
C LEU YB 59 1.29 -33.28 -102.14
N VAL YB 60 1.63 -33.21 -100.86
CA VAL YB 60 2.99 -33.51 -100.45
C VAL YB 60 2.96 -34.94 -99.97
N SER YB 61 2.34 -35.14 -98.81
CA SER YB 61 2.28 -36.46 -98.17
C SER YB 61 0.92 -36.63 -97.51
N LYS YB 62 0.52 -37.89 -97.38
CA LYS YB 62 -0.85 -38.25 -97.04
C LYS YB 62 -0.79 -39.41 -96.06
N HIS YB 63 -0.33 -39.10 -94.86
CA HIS YB 63 -0.04 -40.11 -93.87
C HIS YB 63 -1.08 -40.11 -92.76
N ARG YB 64 -1.47 -41.33 -92.36
CA ARG YB 64 -2.31 -41.63 -91.20
C ARG YB 64 -2.59 -40.46 -90.27
N ALA YB 65 -1.50 -39.85 -89.80
CA ALA YB 65 -1.53 -38.82 -88.79
C ALA YB 65 -1.57 -37.42 -89.34
N GLN YB 66 -0.86 -37.20 -90.44
CA GLN YB 66 -0.72 -35.85 -90.95
C GLN YB 66 -0.61 -35.75 -92.45
N VAL YB 67 -1.42 -34.85 -93.00
CA VAL YB 67 -1.50 -34.62 -94.43
C VAL YB 67 -0.86 -33.29 -94.69
N ILE YB 68 0.02 -33.24 -95.68
CA ILE YB 68 0.69 -32.00 -96.05
C ILE YB 68 0.28 -31.63 -97.46
N TYR YB 69 0.02 -30.35 -97.69
CA TYR YB 69 -0.27 -29.85 -99.03
C TYR YB 69 0.56 -28.59 -99.33
N THR YB 70 0.42 -28.07 -100.55
CA THR YB 70 1.23 -26.94 -101.01
C THR YB 70 0.45 -26.01 -101.94
N ARG YB 71 1.03 -24.82 -102.12
CA ARG YB 71 0.75 -23.90 -103.23
C ARG YB 71 0.57 -24.62 -104.57
N ASN YB 72 -0.28 -24.07 -105.43
CA ASN YB 72 -0.59 -24.59 -106.78
C ASN YB 72 0.50 -25.40 -107.47
N THR YB 73 1.72 -24.83 -107.48
CA THR YB 73 2.93 -25.25 -108.22
C THR YB 73 3.16 -24.24 -109.33
N LYS YB 74 3.51 -23.01 -108.92
CA LYS YB 74 3.63 -21.89 -109.85
C LYS YB 74 4.87 -21.99 -110.75
N GLY YB 75 4.95 -21.08 -111.72
CA GLY YB 75 6.08 -21.00 -112.64
C GLY YB 75 6.11 -19.70 -113.44
N THR ZB 1 45.01 -35.37 -18.04
CA THR ZB 1 46.50 -35.51 -17.98
C THR ZB 1 47.24 -34.42 -18.75
N LYS ZB 2 48.53 -34.25 -18.43
CA LYS ZB 2 49.33 -33.30 -19.17
C LYS ZB 2 49.40 -33.80 -20.61
N LYS ZB 3 49.08 -32.92 -21.57
CA LYS ZB 3 49.06 -33.28 -22.97
C LYS ZB 3 50.42 -33.05 -23.58
N ARG ZB 4 51.00 -31.90 -23.26
CA ARG ZB 4 52.35 -31.62 -23.71
C ARG ZB 4 53.19 -31.19 -22.53
N ARG ZB 5 54.43 -31.69 -22.46
CA ARG ZB 5 55.42 -31.15 -21.53
C ARG ZB 5 55.50 -29.64 -21.70
N ASN ZB 6 55.85 -29.23 -22.92
CA ASN ZB 6 55.77 -27.85 -23.34
C ASN ZB 6 54.65 -27.12 -22.61
N ASN ZB 7 53.41 -27.64 -22.74
CA ASN ZB 7 52.16 -26.86 -22.65
C ASN ZB 7 52.27 -25.95 -23.83
N GLY ZB 8 51.46 -26.15 -24.85
CA GLY ZB 8 51.85 -25.73 -26.22
C GLY ZB 8 52.32 -24.29 -26.49
N ARG ZB 9 53.34 -23.85 -25.77
CA ARG ZB 9 53.46 -22.46 -25.44
C ARG ZB 9 54.86 -22.33 -24.98
N ALA ZB 10 55.68 -21.80 -25.84
CA ALA ZB 10 57.10 -21.86 -25.60
C ALA ZB 10 57.52 -20.76 -24.64
N LYS ZB 11 57.25 -20.97 -23.35
CA LYS ZB 11 57.63 -20.00 -22.35
C LYS ZB 11 58.97 -20.40 -21.71
N LYS ZB 12 58.98 -21.16 -20.60
CA LYS ZB 12 60.21 -21.59 -19.91
C LYS ZB 12 61.08 -20.44 -19.39
N GLY ZB 13 61.02 -20.20 -18.09
CA GLY ZB 13 61.83 -19.15 -17.46
C GLY ZB 13 61.35 -17.73 -17.76
N ARG ZB 14 60.19 -17.38 -17.20
CA ARG ZB 14 59.61 -16.07 -17.40
C ARG ZB 14 58.50 -15.74 -16.42
N GLY ZB 15 57.39 -16.45 -16.51
CA GLY ZB 15 56.22 -16.09 -15.71
C GLY ZB 15 55.15 -15.30 -16.45
N HIS ZB 16 55.55 -14.51 -17.43
CA HIS ZB 16 54.60 -13.77 -18.21
C HIS ZB 16 55.18 -13.30 -19.52
N VAL ZB 17 54.31 -13.15 -20.53
CA VAL ZB 17 54.71 -12.64 -21.83
C VAL ZB 17 53.62 -11.77 -22.41
N GLN ZB 18 54.00 -10.82 -23.25
CA GLN ZB 18 53.00 -9.93 -23.86
C GLN ZB 18 51.98 -10.77 -24.63
N PRO ZB 19 50.69 -10.51 -24.41
CA PRO ZB 19 49.68 -11.18 -25.21
C PRO ZB 19 49.50 -10.51 -26.58
N ILE ZB 20 49.13 -11.34 -27.56
CA ILE ZB 20 48.85 -10.93 -28.92
C ILE ZB 20 47.41 -11.26 -29.35
N ARG ZB 21 46.79 -10.27 -29.95
CA ARG ZB 21 45.44 -10.37 -30.45
C ARG ZB 21 45.51 -11.01 -31.80
N CYS ZB 22 44.69 -12.01 -32.00
CA CYS ZB 22 44.85 -12.92 -33.11
C CYS ZB 22 44.39 -12.32 -34.40
N THR ZB 23 45.20 -12.41 -35.44
CA THR ZB 23 44.83 -11.88 -36.74
C THR ZB 23 43.89 -12.83 -37.46
N ASN ZB 24 42.66 -12.90 -36.97
CA ASN ZB 24 41.61 -13.72 -37.57
C ASN ZB 24 40.37 -13.67 -36.68
N CYS ZB 25 40.52 -14.09 -35.44
CA CYS ZB 25 39.44 -14.06 -34.48
C CYS ZB 25 39.40 -12.73 -33.71
N ALA ZB 26 40.57 -12.12 -33.50
CA ALA ZB 26 40.80 -10.97 -32.60
C ALA ZB 26 41.18 -11.42 -31.21
N ARG ZB 27 40.71 -12.63 -30.85
CA ARG ZB 27 41.10 -13.37 -29.66
C ARG ZB 27 42.47 -13.02 -29.14
N CYS ZB 28 42.55 -12.94 -27.82
CA CYS ZB 28 43.76 -12.60 -27.13
C CYS ZB 28 44.52 -13.90 -26.93
N VAL ZB 29 45.84 -13.83 -26.97
CA VAL ZB 29 46.65 -15.04 -26.91
C VAL ZB 29 48.07 -14.67 -26.50
N PRO ZB 30 48.77 -15.56 -25.79
CA PRO ZB 30 50.18 -15.26 -25.54
C PRO ZB 30 51.01 -15.23 -26.81
N LYS ZB 31 52.00 -14.34 -26.90
CA LYS ZB 31 52.83 -14.30 -28.09
C LYS ZB 31 53.58 -15.57 -28.27
N ASP ZB 32 54.12 -16.11 -27.17
CA ASP ZB 32 54.93 -17.34 -27.27
C ASP ZB 32 54.13 -18.54 -27.76
N LYS ZB 33 52.89 -18.63 -27.29
CA LYS ZB 33 51.89 -19.56 -27.80
C LYS ZB 33 51.48 -19.02 -29.16
N ALA ZB 34 50.53 -19.65 -29.83
CA ALA ZB 34 49.83 -19.02 -30.95
C ALA ZB 34 50.64 -19.16 -32.21
N ILE ZB 35 50.01 -19.72 -33.22
CA ILE ZB 35 50.72 -20.22 -34.33
C ILE ZB 35 51.02 -19.05 -35.22
N LYS ZB 36 52.30 -18.83 -35.49
CA LYS ZB 36 52.74 -17.66 -36.23
C LYS ZB 36 53.14 -18.07 -37.63
N LYS ZB 37 52.46 -17.49 -38.61
CA LYS ZB 37 52.74 -17.73 -40.01
C LYS ZB 37 53.23 -16.46 -40.68
N PHE ZB 38 54.55 -16.37 -40.84
CA PHE ZB 38 55.11 -15.34 -41.67
C PHE ZB 38 54.70 -15.68 -43.08
N VAL ZB 39 54.54 -14.66 -43.89
CA VAL ZB 39 54.30 -14.82 -45.32
C VAL ZB 39 55.14 -13.83 -46.08
N ILE ZB 40 55.95 -14.34 -47.00
CA ILE ZB 40 56.45 -13.53 -48.10
C ILE ZB 40 55.62 -13.94 -49.29
N ARG ZB 41 55.40 -13.01 -50.21
CA ARG ZB 41 54.51 -13.26 -51.31
C ARG ZB 41 54.66 -12.16 -52.37
N ASN ZB 42 54.74 -12.56 -53.64
CA ASN ZB 42 54.62 -11.62 -54.75
C ASN ZB 42 53.25 -10.97 -54.66
N ILE ZB 43 53.21 -9.64 -54.74
CA ILE ZB 43 51.94 -8.91 -54.74
C ILE ZB 43 50.96 -9.47 -55.77
N VAL ZB 44 51.49 -9.74 -56.95
CA VAL ZB 44 50.70 -9.99 -58.15
C VAL ZB 44 50.12 -11.39 -58.33
N GLU ZB 45 50.82 -12.42 -57.85
CA GLU ZB 45 50.42 -13.83 -57.98
C GLU ZB 45 50.28 -14.37 -59.41
N ALA ZB 46 50.71 -15.62 -59.57
CA ALA ZB 46 51.29 -16.14 -60.81
C ALA ZB 46 50.51 -16.03 -62.11
N ALA ZB 47 49.20 -15.81 -62.06
CA ALA ZB 47 48.44 -15.64 -63.30
C ALA ZB 47 48.69 -14.25 -63.88
N ALA ZB 48 48.38 -13.23 -63.11
CA ALA ZB 48 48.42 -11.83 -63.54
C ALA ZB 48 49.84 -11.26 -63.70
N VAL ZB 49 50.84 -12.01 -63.24
CA VAL ZB 49 52.21 -11.55 -63.36
C VAL ZB 49 52.60 -11.29 -64.79
N ARG ZB 50 52.14 -12.12 -65.73
CA ARG ZB 50 52.56 -11.96 -67.11
C ARG ZB 50 51.69 -10.90 -67.79
N ASP ZB 51 50.44 -10.79 -67.36
CA ASP ZB 51 49.55 -9.68 -67.78
C ASP ZB 51 50.22 -8.34 -67.51
N ILE ZB 52 50.66 -8.18 -66.27
CA ILE ZB 52 51.33 -6.96 -65.82
C ILE ZB 52 52.66 -6.69 -66.55
N SER ZB 53 53.57 -7.66 -66.52
CA SER ZB 53 54.88 -7.52 -67.16
C SER ZB 53 54.84 -7.29 -68.68
N GLU ZB 54 53.71 -7.59 -69.31
CA GLU ZB 54 53.44 -7.20 -70.71
C GLU ZB 54 52.99 -5.73 -70.79
N ALA ZB 55 52.22 -5.29 -69.80
CA ALA ZB 55 51.72 -3.92 -69.76
C ALA ZB 55 52.47 -3.07 -68.75
N SER ZB 56 53.77 -3.27 -68.65
CA SER ZB 56 54.62 -2.46 -67.80
C SER ZB 56 55.13 -1.28 -68.60
N VAL ZB 57 55.45 -0.21 -67.90
CA VAL ZB 57 56.24 0.88 -68.47
C VAL ZB 57 57.72 0.51 -68.38
N PHE ZB 58 58.10 -0.10 -67.26
CA PHE ZB 58 59.50 -0.44 -67.03
C PHE ZB 58 59.91 -1.64 -67.86
N ASP ZB 59 61.06 -1.51 -68.50
CA ASP ZB 59 61.71 -2.62 -69.17
C ASP ZB 59 62.25 -3.52 -68.06
N ALA ZB 60 61.92 -4.81 -68.13
CA ALA ZB 60 62.18 -5.80 -67.07
C ALA ZB 60 61.35 -5.55 -65.79
N TYR ZB 61 61.92 -4.84 -64.81
CA TYR ZB 61 61.30 -4.62 -63.48
C TYR ZB 61 61.15 -5.89 -62.63
N VAL ZB 62 61.56 -5.78 -61.37
CA VAL ZB 62 61.70 -6.94 -60.49
C VAL ZB 62 60.37 -7.47 -59.92
N LEU ZB 63 59.45 -6.56 -59.63
CA LEU ZB 63 58.17 -6.83 -58.96
C LEU ZB 63 58.31 -7.15 -57.48
N PRO ZB 64 57.61 -6.40 -56.61
CA PRO ZB 64 57.89 -6.45 -55.19
C PRO ZB 64 57.11 -7.53 -54.47
N LYS ZB 65 57.35 -7.63 -53.18
CA LYS ZB 65 56.77 -8.67 -52.36
C LYS ZB 65 56.07 -8.07 -51.14
N LEU ZB 66 55.45 -8.95 -50.34
CA LEU ZB 66 54.44 -8.55 -49.39
C LEU ZB 66 54.56 -9.39 -48.14
N TYR ZB 67 55.07 -8.77 -47.07
CA TYR ZB 67 55.61 -9.49 -45.94
C TYR ZB 67 54.64 -9.37 -44.80
N VAL ZB 68 54.15 -10.50 -44.29
CA VAL ZB 68 53.04 -10.49 -43.32
C VAL ZB 68 53.30 -11.48 -42.22
N LYS ZB 69 53.37 -11.01 -40.97
CA LYS ZB 69 53.46 -11.94 -39.85
C LYS ZB 69 52.09 -12.04 -39.21
N LEU ZB 70 51.30 -12.96 -39.73
CA LEU ZB 70 50.05 -13.32 -39.12
C LEU ZB 70 50.34 -14.07 -37.86
N HIS ZB 71 49.58 -13.76 -36.83
CA HIS ZB 71 49.55 -14.55 -35.63
C HIS ZB 71 48.21 -15.24 -35.73
N TYR ZB 72 48.09 -16.43 -35.17
CA TYR ZB 72 46.83 -17.21 -35.16
C TYR ZB 72 46.60 -17.69 -33.75
N CYS ZB 73 45.37 -17.63 -33.25
CA CYS ZB 73 45.04 -18.32 -32.00
C CYS ZB 73 44.81 -19.76 -32.33
N VAL ZB 74 44.90 -20.63 -31.34
CA VAL ZB 74 44.85 -22.07 -31.61
C VAL ZB 74 43.64 -22.44 -32.44
N SER ZB 75 42.45 -22.10 -31.95
CA SER ZB 75 41.19 -22.38 -32.67
C SER ZB 75 41.27 -22.02 -34.12
N CYS ZB 76 41.72 -20.79 -34.32
CA CYS ZB 76 41.74 -20.16 -35.61
C CYS ZB 76 42.72 -20.88 -36.51
N ALA ZB 77 43.88 -21.26 -35.98
CA ALA ZB 77 44.79 -22.13 -36.71
C ALA ZB 77 44.08 -23.42 -37.07
N ILE ZB 78 43.67 -24.15 -36.05
CA ILE ZB 78 43.05 -25.45 -36.25
C ILE ZB 78 41.90 -25.40 -37.24
N HIS ZB 79 41.17 -24.28 -37.29
CA HIS ZB 79 40.00 -24.19 -38.13
C HIS ZB 79 40.32 -23.96 -39.58
N SER ZB 80 41.09 -22.91 -39.84
CA SER ZB 80 41.53 -22.62 -41.19
C SER ZB 80 42.73 -23.50 -41.60
N LYS ZB 81 42.95 -24.60 -40.89
CA LYS ZB 81 43.86 -25.66 -41.31
C LYS ZB 81 45.33 -25.24 -41.37
N VAL ZB 82 45.64 -24.17 -40.67
CA VAL ZB 82 47.00 -23.75 -40.52
C VAL ZB 82 47.78 -24.85 -39.76
N VAL ZB 83 47.07 -25.62 -38.92
CA VAL ZB 83 47.65 -26.74 -38.14
C VAL ZB 83 46.62 -27.86 -37.88
N ARG ZB 84 46.94 -29.11 -38.22
CA ARG ZB 84 46.06 -30.24 -37.89
C ARG ZB 84 46.18 -30.63 -36.43
N ASN ZB 85 45.43 -31.66 -36.02
CA ASN ZB 85 45.79 -32.48 -34.85
C ASN ZB 85 46.77 -33.58 -35.27
N ARG ZB 86 47.45 -34.18 -34.31
CA ARG ZB 86 48.41 -35.25 -34.59
C ARG ZB 86 48.35 -36.40 -33.59
N SER ZB 87 48.93 -37.52 -33.98
CA SER ZB 87 49.03 -38.68 -33.10
C SER ZB 87 49.97 -38.45 -31.93
N ARG ZB 88 49.90 -39.35 -30.95
CA ARG ZB 88 50.73 -39.20 -29.76
C ARG ZB 88 52.22 -39.17 -30.10
N GLU ZB 89 52.63 -39.91 -31.13
CA GLU ZB 89 54.02 -39.91 -31.57
C GLU ZB 89 54.33 -38.60 -32.25
N ALA ZB 90 53.54 -38.31 -33.28
CA ALA ZB 90 53.80 -37.19 -34.18
C ALA ZB 90 53.82 -35.86 -33.47
N ARG ZB 91 52.90 -35.69 -32.52
CA ARG ZB 91 52.81 -34.47 -31.74
C ARG ZB 91 54.16 -33.95 -31.28
N LYS ZB 92 55.04 -34.86 -30.86
CA LYS ZB 92 56.35 -34.50 -30.32
C LYS ZB 92 57.35 -33.93 -31.32
N ASP ZB 93 57.14 -34.17 -32.61
CA ASP ZB 93 58.19 -33.98 -33.61
C ASP ZB 93 58.09 -32.60 -34.21
N ARG ZB 94 58.89 -31.67 -33.70
CA ARG ZB 94 58.70 -30.24 -33.95
C ARG ZB 94 59.49 -29.65 -35.14
N THR ZB 95 59.63 -30.44 -36.20
CA THR ZB 95 60.17 -29.95 -37.46
C THR ZB 95 59.07 -29.29 -38.25
N PRO ZB 96 59.37 -28.15 -38.90
CA PRO ZB 96 58.36 -27.59 -39.76
C PRO ZB 96 58.06 -28.50 -40.92
N PRO ZB 97 56.90 -28.32 -41.55
CA PRO ZB 97 56.62 -29.10 -42.75
C PRO ZB 97 57.50 -28.63 -43.91
N PRO ZB 98 57.82 -29.52 -44.85
CA PRO ZB 98 58.73 -29.21 -45.95
C PRO ZB 98 58.09 -28.40 -47.08
N PRO AC 1 84.48 -45.43 -17.79
CA PRO AC 1 83.25 -45.90 -17.14
C PRO AC 1 83.45 -47.23 -16.41
N LEU AC 2 82.78 -47.39 -15.27
CA LEU AC 2 82.83 -48.63 -14.48
C LEU AC 2 84.20 -48.96 -13.87
N ALA AC 3 85.14 -48.04 -13.93
CA ALA AC 3 86.53 -48.28 -13.58
C ALA AC 3 87.33 -47.02 -13.88
N LYS AC 4 87.58 -46.24 -12.85
CA LYS AC 4 88.37 -45.02 -12.97
C LYS AC 4 89.26 -44.86 -11.76
N ASP AC 5 90.57 -44.94 -12.00
CA ASP AC 5 91.58 -44.61 -11.00
C ASP AC 5 91.41 -43.17 -10.47
N LEU AC 6 90.60 -43.05 -9.43
CA LEU AC 6 90.35 -41.76 -8.76
C LEU AC 6 91.49 -41.34 -7.85
N LEU AC 7 92.51 -42.18 -7.74
CA LEU AC 7 93.74 -41.84 -7.06
C LEU AC 7 94.89 -41.54 -8.00
N HIS AC 8 94.79 -41.93 -9.25
CA HIS AC 8 95.84 -41.68 -10.20
C HIS AC 8 95.23 -41.04 -11.46
N PRO AC 9 94.71 -39.81 -11.32
CA PRO AC 9 94.21 -39.04 -12.46
C PRO AC 9 95.35 -38.34 -13.19
N SER AC 10 95.31 -38.31 -14.51
CA SER AC 10 96.41 -37.71 -15.27
C SER AC 10 96.32 -36.18 -15.27
N PRO AC 11 97.48 -35.48 -15.33
CA PRO AC 11 97.46 -34.01 -15.30
C PRO AC 11 96.84 -33.42 -16.55
N GLU AC 12 96.88 -34.16 -17.66
CA GLU AC 12 96.16 -33.78 -18.88
C GLU AC 12 94.64 -33.70 -18.71
N GLU AC 13 94.10 -34.22 -17.61
CA GLU AC 13 92.70 -34.01 -17.24
C GLU AC 13 92.40 -33.50 -15.81
N GLU AC 14 93.44 -33.11 -15.08
CA GLU AC 14 93.25 -32.29 -13.89
C GLU AC 14 93.29 -30.84 -14.28
N LYS AC 15 94.21 -30.47 -15.16
CA LYS AC 15 94.20 -29.13 -15.74
C LYS AC 15 92.80 -28.73 -16.17
N ARG AC 16 92.07 -29.65 -16.80
CA ARG AC 16 90.71 -29.38 -17.25
C ARG AC 16 89.66 -29.79 -16.22
N LYS AC 17 89.93 -29.60 -14.94
CA LYS AC 17 88.90 -29.69 -13.91
C LYS AC 17 88.90 -28.45 -13.08
N HIS AC 18 87.75 -28.22 -12.43
CA HIS AC 18 87.53 -27.02 -11.66
C HIS AC 18 88.48 -26.99 -10.47
N LYS AC 19 89.14 -25.86 -10.30
CA LYS AC 19 90.07 -25.68 -9.21
C LYS AC 19 89.61 -26.40 -7.97
N LYS AC 20 88.34 -26.29 -7.59
CA LYS AC 20 87.85 -26.91 -6.35
C LYS AC 20 87.69 -28.43 -6.39
N LYS AC 21 87.26 -28.97 -7.52
CA LYS AC 21 86.91 -30.38 -7.60
C LYS AC 21 88.10 -31.28 -7.98
N ARG AC 22 89.27 -30.70 -8.24
CA ARG AC 22 90.49 -31.49 -8.36
C ARG AC 22 90.74 -32.16 -7.04
N LEU AC 23 91.10 -33.43 -7.09
CA LEU AC 23 91.31 -34.27 -5.91
C LEU AC 23 91.99 -33.55 -4.72
N VAL AC 24 93.00 -32.74 -5.03
CA VAL AC 24 93.55 -31.84 -4.03
C VAL AC 24 93.38 -30.41 -4.53
N GLN AC 25 92.28 -29.80 -4.09
CA GLN AC 25 91.91 -28.44 -4.44
C GLN AC 25 93.11 -27.52 -4.59
N SER AC 26 93.54 -27.36 -5.84
CA SER AC 26 94.65 -26.46 -6.17
C SER AC 26 94.14 -25.05 -6.48
N PRO AC 27 95.06 -24.11 -6.75
CA PRO AC 27 94.69 -22.85 -7.38
C PRO AC 27 95.01 -22.91 -8.86
N ASN AC 28 94.48 -21.94 -9.58
CA ASN AC 28 94.56 -21.94 -11.02
C ASN AC 28 95.46 -20.81 -11.52
N SER AC 29 96.11 -20.15 -10.59
CA SER AC 29 96.61 -18.81 -10.80
C SER AC 29 98.11 -18.78 -10.52
N TYR AC 30 98.77 -17.64 -10.75
CA TYR AC 30 100.20 -17.59 -10.52
C TYR AC 30 100.77 -16.20 -10.37
N PHE AC 31 101.97 -16.14 -9.79
CA PHE AC 31 102.71 -14.87 -9.65
C PHE AC 31 103.81 -14.80 -10.68
N MET AC 32 104.09 -13.60 -11.15
CA MET AC 32 104.93 -13.47 -12.33
C MET AC 32 105.78 -12.23 -12.28
N ASP AC 33 107.10 -12.43 -12.34
CA ASP AC 33 108.04 -11.37 -12.05
C ASP AC 33 108.21 -10.55 -13.31
N VAL AC 34 107.38 -9.52 -13.42
CA VAL AC 34 107.29 -8.69 -14.60
C VAL AC 34 108.52 -7.77 -14.67
N LYS AC 35 108.92 -7.45 -15.91
CA LYS AC 35 110.12 -6.63 -16.17
C LYS AC 35 109.78 -5.17 -16.43
N CYS AC 36 108.99 -4.94 -17.48
CA CYS AC 36 108.82 -3.62 -18.08
C CYS AC 36 110.10 -3.13 -18.80
N PRO AC 37 109.95 -2.35 -19.89
CA PRO AC 37 111.11 -2.00 -20.71
C PRO AC 37 112.00 -0.89 -20.14
N GLY AC 38 111.42 0.15 -19.53
CA GLY AC 38 112.17 1.31 -19.04
C GLY AC 38 113.04 1.04 -17.84
N CYS AC 39 112.41 0.56 -16.76
CA CYS AC 39 113.09 0.34 -15.48
C CYS AC 39 113.88 -0.97 -15.51
N TYR AC 40 114.98 -1.02 -14.76
CA TYR AC 40 115.71 -2.26 -14.50
C TYR AC 40 115.08 -3.06 -13.35
N LYS AC 41 114.37 -2.37 -12.45
CA LYS AC 41 113.70 -3.03 -11.32
C LYS AC 41 112.68 -4.05 -11.79
N ILE AC 42 112.55 -5.13 -11.04
CA ILE AC 42 111.72 -6.28 -11.41
C ILE AC 42 110.54 -6.40 -10.47
N THR AC 43 109.38 -5.93 -10.94
CA THR AC 43 108.12 -5.99 -10.19
C THR AC 43 107.58 -7.40 -10.20
N THR AC 44 106.71 -7.69 -9.24
CA THR AC 44 106.16 -9.01 -9.02
C THR AC 44 104.64 -8.92 -8.93
N VAL AC 45 103.99 -9.30 -10.04
CA VAL AC 45 102.55 -9.24 -10.20
C VAL AC 45 101.95 -10.58 -9.84
N PHE AC 46 100.63 -10.60 -9.68
CA PHE AC 46 99.86 -11.81 -9.53
C PHE AC 46 98.87 -11.86 -10.67
N SER AC 47 98.93 -12.94 -11.46
CA SER AC 47 98.07 -13.18 -12.63
C SER AC 47 96.73 -12.49 -12.63
N HIS AC 48 96.08 -12.58 -11.48
CA HIS AC 48 94.81 -11.93 -11.23
C HIS AC 48 95.04 -10.78 -10.27
N ALA AC 49 95.31 -9.61 -10.83
CA ALA AC 49 95.87 -8.52 -10.08
C ALA AC 49 94.82 -7.61 -9.52
N GLN AC 50 93.79 -7.33 -10.30
CA GLN AC 50 92.71 -6.43 -9.85
C GLN AC 50 93.17 -5.07 -9.26
N THR AC 51 94.36 -4.63 -9.64
CA THR AC 51 94.94 -3.38 -9.16
C THR AC 51 95.84 -2.88 -10.26
N VAL AC 52 95.81 -1.59 -10.53
CA VAL AC 52 96.72 -1.02 -11.50
C VAL AC 52 98.16 -0.97 -10.94
N VAL AC 53 98.95 -1.98 -11.32
CA VAL AC 53 100.24 -2.24 -10.68
C VAL AC 53 101.30 -1.25 -11.18
N LEU AC 54 101.65 -0.32 -10.31
CA LEU AC 54 102.56 0.76 -10.63
C LEU AC 54 103.96 0.35 -10.17
N CYS AC 55 104.98 0.72 -10.96
CA CYS AC 55 106.34 0.19 -10.76
C CYS AC 55 107.05 0.72 -9.50
N VAL AC 56 108.25 0.21 -9.24
CA VAL AC 56 109.08 0.64 -8.09
C VAL AC 56 109.70 2.01 -8.41
N GLY AC 57 110.22 2.17 -9.63
CA GLY AC 57 110.57 3.49 -10.17
C GLY AC 57 109.35 4.37 -10.37
N CYS AC 58 108.17 3.74 -10.45
CA CYS AC 58 106.86 4.39 -10.51
C CYS AC 58 106.69 5.17 -11.80
N SER AC 59 107.40 4.71 -12.82
CA SER AC 59 107.47 5.39 -14.10
C SER AC 59 106.22 5.13 -14.92
N THR AC 60 105.89 3.84 -15.08
CA THR AC 60 104.76 3.41 -15.91
C THR AC 60 103.93 2.35 -15.23
N VAL AC 61 102.75 2.12 -15.80
CA VAL AC 61 101.75 1.19 -15.26
C VAL AC 61 101.90 -0.17 -15.94
N LEU AC 62 101.67 -1.24 -15.18
CA LEU AC 62 101.92 -2.60 -15.64
C LEU AC 62 100.63 -3.28 -16.04
N CYS AC 63 99.77 -3.48 -15.06
CA CYS AC 63 98.63 -4.39 -15.19
C CYS AC 63 97.27 -3.74 -14.98
N GLN AC 64 96.65 -3.36 -16.09
CA GLN AC 64 95.27 -2.94 -16.05
C GLN AC 64 94.52 -4.25 -15.89
N PRO AC 65 93.65 -4.36 -14.87
CA PRO AC 65 93.03 -5.65 -14.59
C PRO AC 65 91.68 -5.76 -15.26
N THR AC 66 91.16 -6.99 -15.34
CA THR AC 66 89.86 -7.27 -15.97
C THR AC 66 89.12 -8.38 -15.24
N GLY AC 67 88.38 -9.22 -15.99
CA GLY AC 67 87.67 -10.32 -15.41
C GLY AC 67 88.64 -11.30 -14.78
N GLY AC 68 89.28 -12.11 -15.61
CA GLY AC 68 90.23 -13.12 -15.17
C GLY AC 68 91.58 -12.46 -15.10
N LYS AC 69 92.50 -12.90 -15.95
CA LYS AC 69 93.88 -12.43 -15.85
C LYS AC 69 94.03 -10.93 -16.13
N ALA AC 70 95.17 -10.39 -15.72
CA ALA AC 70 95.44 -8.98 -15.89
C ALA AC 70 96.09 -8.67 -17.23
N ARG AC 71 95.68 -7.57 -17.83
CA ARG AC 71 96.19 -7.09 -19.11
C ARG AC 71 97.58 -6.46 -18.85
N LEU AC 72 98.62 -7.05 -19.42
CA LEU AC 72 99.98 -6.56 -19.23
C LEU AC 72 100.31 -5.51 -20.30
N THR AC 73 100.92 -4.40 -19.90
CA THR AC 73 101.07 -3.23 -20.77
C THR AC 73 102.15 -3.34 -21.85
N GLU AC 74 101.71 -3.72 -23.05
CA GLU AC 74 102.44 -3.51 -24.30
C GLU AC 74 103.79 -4.26 -24.38
N GLY AC 75 104.82 -3.72 -23.74
CA GLY AC 75 106.18 -4.26 -23.84
C GLY AC 75 106.66 -4.73 -22.50
N CYS AC 76 105.84 -5.54 -21.83
CA CYS AC 76 106.10 -5.99 -20.47
C CYS AC 76 106.21 -7.50 -20.46
N SER AC 77 107.44 -7.99 -20.49
CA SER AC 77 107.72 -9.42 -20.40
C SER AC 77 107.55 -9.90 -18.97
N PHE AC 78 107.44 -11.21 -18.82
CA PHE AC 78 107.25 -11.81 -17.50
C PHE AC 78 107.66 -13.28 -17.46
N ARG AC 79 107.83 -13.78 -16.24
CA ARG AC 79 108.22 -15.15 -15.99
C ARG AC 79 107.50 -15.65 -14.76
N ARG AC 80 106.96 -16.86 -14.82
CA ARG AC 80 106.38 -17.52 -13.65
C ARG AC 80 107.48 -18.06 -12.75
N LYS AC 81 108.39 -18.79 -13.39
CA LYS AC 81 109.28 -19.81 -12.80
C LYS AC 81 109.47 -19.77 -11.28
N GLN AC 82 108.53 -20.42 -10.59
CA GLN AC 82 108.68 -20.73 -9.17
C GLN AC 82 107.59 -21.68 -8.70
N HIS AC 83 107.92 -22.47 -7.67
CA HIS AC 83 106.96 -23.25 -6.89
C HIS AC 83 106.34 -24.41 -7.68
N PRO BC 1 32.46 -8.68 -75.50
CA PRO BC 1 33.30 -9.31 -76.53
C PRO BC 1 33.48 -10.81 -76.33
N ILE BC 2 32.87 -11.62 -77.21
CA ILE BC 2 32.94 -13.09 -77.11
C ILE BC 2 34.27 -13.58 -77.65
N LYS BC 3 34.83 -14.58 -76.96
CA LYS BC 3 36.06 -15.21 -77.38
C LYS BC 3 35.92 -16.70 -77.29
N LEU BC 4 36.51 -17.41 -78.27
CA LEU BC 4 36.61 -18.86 -78.24
C LEU BC 4 37.94 -19.26 -77.63
N ALA BC 5 37.94 -20.36 -76.89
CA ALA BC 5 39.10 -20.79 -76.13
C ALA BC 5 39.27 -22.29 -76.23
N ARG BC 6 40.37 -22.72 -76.81
CA ARG BC 6 40.60 -24.14 -76.96
C ARG BC 6 41.02 -24.69 -75.62
N VAL BC 7 40.57 -25.90 -75.32
CA VAL BC 7 40.83 -26.55 -74.05
C VAL BC 7 42.10 -27.38 -74.12
N THR BC 8 43.12 -27.02 -73.33
CA THR BC 8 44.42 -27.69 -73.40
C THR BC 8 44.56 -28.82 -72.41
N LYS BC 9 44.07 -28.63 -71.20
CA LYS BC 9 44.28 -29.59 -70.16
C LYS BC 9 43.13 -29.56 -69.20
N VAL BC 10 42.40 -30.67 -69.13
CA VAL BC 10 41.52 -30.88 -68.00
C VAL BC 10 42.36 -31.07 -66.76
N ILE BC 11 42.02 -30.33 -65.72
CA ILE BC 11 42.80 -30.30 -64.50
C ILE BC 11 42.20 -31.30 -63.55
N GLY BC 12 40.94 -31.11 -63.21
CA GLY BC 12 40.28 -32.01 -62.27
C GLY BC 12 38.87 -31.57 -61.98
N LYS BC 13 38.00 -32.52 -61.64
CA LYS BC 13 36.59 -32.21 -61.47
C LYS BC 13 36.36 -31.63 -60.09
N THR BC 14 35.95 -30.37 -60.08
CA THR BC 14 35.66 -29.63 -58.87
C THR BC 14 34.14 -29.62 -58.77
N GLY BC 15 33.54 -28.47 -58.43
CA GLY BC 15 32.11 -28.39 -58.17
C GLY BC 15 31.79 -29.00 -56.81
N SER BC 16 30.63 -28.63 -56.28
CA SER BC 16 30.22 -29.07 -54.94
C SER BC 16 29.76 -30.50 -54.98
N GLN BC 17 28.88 -30.75 -55.94
CA GLN BC 17 28.30 -32.06 -56.11
C GLN BC 17 29.10 -32.86 -57.12
N GLY BC 18 30.29 -32.42 -57.50
CA GLY BC 18 31.01 -33.04 -58.58
C GLY BC 18 30.32 -32.69 -59.88
N GLN BC 19 30.82 -31.64 -60.51
CA GLN BC 19 30.21 -31.14 -61.72
C GLN BC 19 31.21 -30.34 -62.54
N CYS BC 20 31.61 -29.18 -62.06
CA CYS BC 20 32.31 -28.24 -62.90
C CYS BC 20 33.76 -28.62 -62.99
N THR BC 21 34.13 -29.15 -64.14
CA THR BC 21 35.50 -29.47 -64.43
C THR BC 21 36.34 -28.21 -64.46
N GLN BC 22 37.42 -28.19 -63.68
CA GLN BC 22 38.39 -27.10 -63.70
C GLN BC 22 39.23 -27.41 -64.94
N VAL BC 23 39.38 -26.44 -65.84
CA VAL BC 23 39.89 -26.69 -67.19
C VAL BC 23 40.82 -25.61 -67.64
N ARG BC 24 41.99 -26.00 -68.13
CA ARG BC 24 43.00 -25.07 -68.59
C ARG BC 24 42.72 -24.85 -70.08
N VAL BC 25 42.69 -23.59 -70.52
CA VAL BC 25 42.36 -23.27 -71.92
C VAL BC 25 43.38 -22.35 -72.62
N GLU BC 26 43.70 -22.68 -73.87
CA GLU BC 26 44.37 -21.74 -74.79
C GLU BC 26 43.29 -20.84 -75.32
N PHE BC 27 43.69 -19.73 -75.92
CA PHE BC 27 42.74 -18.67 -76.20
C PHE BC 27 42.41 -18.42 -77.68
N MET BC 28 42.88 -19.28 -78.59
CA MET BC 28 42.38 -19.33 -79.98
C MET BC 28 42.78 -18.14 -80.85
N ASP BC 29 42.49 -16.92 -80.39
CA ASP BC 29 42.97 -15.68 -81.03
C ASP BC 29 44.48 -15.58 -80.91
N ASP BC 30 44.95 -15.63 -79.67
CA ASP BC 30 46.37 -15.66 -79.36
C ASP BC 30 46.61 -16.80 -78.40
N THR BC 31 47.17 -17.89 -78.92
CA THR BC 31 47.39 -19.11 -78.15
C THR BC 31 48.30 -18.92 -76.93
N SER BC 32 49.16 -17.90 -76.97
CA SER BC 32 50.00 -17.53 -75.84
C SER BC 32 49.21 -17.33 -74.54
N HIS BC 33 48.01 -16.76 -74.64
CA HIS BC 33 47.20 -16.43 -73.47
C HIS BC 33 46.47 -17.69 -73.01
N SER BC 34 46.28 -17.85 -71.70
CA SER BC 34 45.61 -19.06 -71.18
C SER BC 34 45.03 -18.91 -69.77
N THR BC 35 43.72 -19.09 -69.66
CA THR BC 35 43.00 -19.06 -68.39
C THR BC 35 42.85 -20.49 -67.86
N ILE BC 36 42.52 -20.60 -66.58
CA ILE BC 36 41.85 -21.78 -66.06
C ILE BC 36 40.44 -21.38 -65.68
N ARG BC 37 39.48 -22.19 -66.13
CA ARG BC 37 38.11 -22.01 -65.70
C ARG BC 37 37.25 -23.28 -65.67
N ASN BC 38 36.13 -23.13 -64.96
CA ASN BC 38 35.22 -24.20 -64.60
C ASN BC 38 34.13 -24.36 -65.65
N VAL BC 39 33.79 -25.61 -65.96
CA VAL BC 39 32.91 -25.95 -67.08
C VAL BC 39 31.93 -27.06 -66.72
N LYS BC 40 30.68 -26.90 -67.14
CA LYS BC 40 29.65 -27.93 -67.02
C LYS BC 40 29.59 -28.82 -68.21
N GLY BC 41 29.04 -30.00 -68.00
CA GLY BC 41 28.96 -31.03 -69.01
C GLY BC 41 30.30 -31.69 -69.31
N PRO BC 42 30.26 -32.84 -69.98
CA PRO BC 42 31.51 -33.52 -70.27
C PRO BC 42 32.44 -32.79 -71.25
N VAL BC 43 33.63 -32.47 -70.75
CA VAL BC 43 34.64 -31.72 -71.47
C VAL BC 43 35.74 -32.70 -71.81
N ARG BC 44 36.57 -32.40 -72.81
CA ARG BC 44 37.81 -33.17 -72.97
C ARG BC 44 38.96 -32.44 -73.61
N GLU BC 45 40.16 -32.92 -73.30
CA GLU BC 45 41.40 -32.30 -73.75
C GLU BC 45 41.28 -32.06 -75.25
N GLY BC 46 41.23 -30.79 -75.63
CA GLY BC 46 41.04 -30.42 -77.01
C GLY BC 46 39.55 -30.43 -77.36
N ASP BC 47 38.94 -29.27 -77.16
CA ASP BC 47 37.67 -28.86 -77.79
C ASP BC 47 37.54 -27.36 -77.49
N VAL BC 48 36.39 -26.75 -77.73
CA VAL BC 48 36.29 -25.30 -77.64
C VAL BC 48 35.12 -24.82 -76.81
N LEU BC 49 35.46 -24.07 -75.77
CA LEU BC 49 34.50 -23.32 -74.97
C LEU BC 49 34.30 -21.95 -75.58
N THR BC 50 33.04 -21.51 -75.54
CA THR BC 50 32.65 -20.15 -75.88
C THR BC 50 32.48 -19.37 -74.55
N LEU BC 51 33.44 -18.48 -74.29
CA LEU BC 51 33.46 -17.71 -73.06
C LEU BC 51 32.89 -16.36 -73.44
N LEU BC 52 32.03 -15.81 -72.58
CA LEU BC 52 31.39 -14.54 -72.87
C LEU BC 52 32.25 -13.44 -72.27
N GLU BC 53 32.32 -13.39 -70.96
CA GLU BC 53 33.48 -12.87 -70.26
C GLU BC 53 34.76 -13.56 -70.73
N SER BC 54 35.89 -12.90 -70.54
CA SER BC 54 37.17 -13.53 -70.84
C SER BC 54 38.27 -12.87 -70.02
N GLU BC 55 37.94 -12.58 -68.76
CA GLU BC 55 38.85 -11.87 -67.89
C GLU BC 55 38.59 -12.22 -66.42
N ARG BC 56 38.09 -13.43 -66.18
CA ARG BC 56 37.51 -13.81 -64.88
C ARG BC 56 38.35 -14.88 -64.19
N GLU BC 57 38.53 -16.03 -64.84
CA GLU BC 57 39.53 -17.03 -64.44
C GLU BC 57 39.38 -17.53 -63.00
N ALA BC 58 38.55 -18.55 -62.80
CA ALA BC 58 38.31 -19.08 -61.45
C ALA BC 58 39.48 -19.89 -60.96
N ARG BC 59 39.49 -20.16 -59.65
CA ARG BC 59 40.43 -21.08 -59.02
C ARG BC 59 39.63 -22.10 -58.18
N ARG BC 60 39.74 -22.08 -56.85
CA ARG BC 60 39.06 -23.07 -55.99
C ARG BC 60 37.56 -22.76 -55.86
N LEU BC 61 36.72 -23.80 -55.95
CA LEU BC 61 35.30 -23.70 -55.61
C LEU BC 61 34.75 -25.06 -55.19
N GLN CC 1 -25.13 -88.44 -36.67
CA GLN CC 1 -24.08 -89.47 -37.00
C GLN CC 1 -23.39 -89.23 -38.34
N GLN CC 2 -24.17 -89.32 -39.42
CA GLN CC 2 -23.59 -89.33 -40.78
C GLN CC 2 -23.03 -87.97 -41.16
N LEU CC 3 -23.58 -86.92 -40.55
CA LEU CC 3 -23.14 -85.55 -40.83
C LEU CC 3 -21.80 -85.13 -40.21
N TYR CC 4 -21.13 -86.02 -39.46
CA TYR CC 4 -19.82 -85.77 -38.88
C TYR CC 4 -18.82 -85.12 -39.86
N TRP CC 5 -18.66 -85.71 -41.03
CA TRP CC 5 -17.75 -85.20 -42.05
C TRP CC 5 -18.54 -84.98 -43.33
N SER CC 6 -19.75 -84.44 -43.19
CA SER CC 6 -20.63 -84.25 -44.35
C SER CC 6 -20.65 -82.80 -44.70
N HIS CC 7 -19.55 -82.37 -45.30
CA HIS CC 7 -19.48 -81.11 -46.00
C HIS CC 7 -18.46 -81.33 -47.11
N PRO CC 8 -18.84 -81.07 -48.37
CA PRO CC 8 -18.03 -81.48 -49.51
C PRO CC 8 -16.57 -80.98 -49.48
N ARG CC 9 -15.66 -81.93 -49.33
CA ARG CC 9 -14.24 -81.63 -49.27
C ARG CC 9 -13.66 -82.06 -50.60
N LYS CC 10 -14.08 -81.38 -51.66
CA LYS CC 10 -13.70 -81.74 -53.03
C LYS CC 10 -12.59 -80.87 -53.62
N PHE CC 11 -12.35 -79.71 -53.01
CA PHE CC 11 -11.67 -78.60 -53.65
C PHE CC 11 -11.45 -77.45 -52.68
N GLY CC 12 -10.38 -76.69 -52.90
CA GLY CC 12 -10.11 -75.51 -52.08
C GLY CC 12 -9.22 -75.84 -50.91
N GLN CC 13 -8.56 -74.81 -50.37
CA GLN CC 13 -7.50 -75.02 -49.39
C GLN CC 13 -7.95 -75.66 -48.07
N GLY CC 14 -9.25 -75.91 -47.95
CA GLY CC 14 -9.75 -76.85 -46.97
C GLY CC 14 -9.30 -78.25 -47.31
N SER CC 15 -9.63 -78.69 -48.50
CA SER CC 15 -9.41 -80.05 -48.89
C SER CC 15 -7.94 -80.40 -48.93
N ARG CC 16 -7.23 -79.79 -49.86
CA ARG CC 16 -5.85 -80.14 -50.10
C ARG CC 16 -5.00 -79.70 -48.92
N SER CC 17 -3.96 -80.48 -48.64
CA SER CC 17 -3.09 -80.25 -47.49
C SER CC 17 -1.68 -80.75 -47.78
N CYS CC 18 -0.75 -80.49 -46.87
CA CYS CC 18 0.62 -80.95 -47.06
C CYS CC 18 0.81 -82.43 -46.79
N ARG CC 19 1.83 -83.00 -47.43
CA ARG CC 19 2.20 -84.38 -47.26
C ARG CC 19 3.22 -84.54 -46.14
N VAL CC 20 3.42 -83.51 -45.33
CA VAL CC 20 4.37 -83.58 -44.23
C VAL CC 20 3.77 -82.85 -43.03
N CYS CC 21 3.74 -81.53 -43.09
CA CYS CC 21 3.27 -80.73 -41.98
C CYS CC 21 1.75 -80.82 -41.85
N SER CC 22 1.09 -81.09 -42.98
CA SER CC 22 -0.37 -81.07 -43.12
C SER CC 22 -1.09 -79.74 -42.85
N ASN CC 23 -0.36 -78.62 -42.72
CA ASN CC 23 -0.99 -77.31 -42.63
C ASN CC 23 -1.49 -77.02 -44.04
N ARG CC 24 -2.28 -75.96 -44.18
CA ARG CC 24 -2.94 -75.68 -45.45
C ARG CC 24 -2.81 -74.25 -45.88
N HIS CC 25 -1.58 -73.79 -45.98
CA HIS CC 25 -1.28 -72.44 -46.46
C HIS CC 25 0.10 -72.47 -47.07
N GLY CC 26 0.19 -72.23 -48.37
CA GLY CC 26 1.46 -72.25 -49.09
C GLY CC 26 1.81 -73.63 -49.58
N LEU CC 27 0.85 -74.27 -50.23
CA LEU CC 27 1.06 -75.59 -50.79
C LEU CC 27 1.65 -75.47 -52.16
N ILE CC 28 2.85 -76.01 -52.34
CA ILE CC 28 3.52 -75.98 -53.63
C ILE CC 28 2.81 -76.98 -54.51
N ARG CC 29 1.66 -76.61 -55.05
CA ARG CC 29 0.84 -77.59 -55.75
C ARG CC 29 1.53 -78.14 -56.99
N LYS CC 30 2.12 -77.23 -57.77
CA LYS CC 30 2.92 -77.49 -59.00
C LYS CC 30 3.79 -78.76 -58.99
N TYR CC 31 3.79 -79.49 -60.10
CA TYR CC 31 4.45 -80.79 -60.19
C TYR CC 31 4.00 -81.75 -59.10
N GLY CC 32 2.78 -81.60 -58.61
CA GLY CC 32 2.28 -82.40 -57.48
C GLY CC 32 3.16 -82.58 -56.22
N LEU CC 33 3.93 -81.56 -55.86
CA LEU CC 33 4.71 -81.63 -54.63
C LEU CC 33 3.77 -81.76 -53.46
N ASN CC 34 2.89 -80.78 -53.31
CA ASN CC 34 1.89 -80.75 -52.23
C ASN CC 34 2.48 -80.75 -50.88
N MET CC 35 3.41 -79.85 -50.69
CA MET CC 35 3.98 -79.61 -49.40
C MET CC 35 3.99 -78.12 -49.06
N CYS CC 36 3.95 -77.85 -47.76
CA CYS CC 36 4.11 -76.52 -47.21
C CYS CC 36 5.40 -75.92 -47.77
N ARG CC 37 5.36 -74.70 -48.27
CA ARG CC 37 6.56 -74.07 -48.83
C ARG CC 37 7.75 -74.15 -47.87
N GLN CC 38 7.44 -74.18 -46.58
CA GLN CC 38 8.44 -74.42 -45.54
C GLN CC 38 8.99 -75.81 -45.71
N CYS CC 39 8.08 -76.78 -45.73
CA CYS CC 39 8.41 -78.17 -45.96
C CYS CC 39 9.21 -78.31 -47.23
N PHE CC 40 8.82 -77.60 -48.29
CA PHE CC 40 9.55 -77.69 -49.53
C PHE CC 40 11.03 -77.39 -49.30
N ARG CC 41 11.33 -76.21 -48.78
CA ARG CC 41 12.73 -75.83 -48.56
C ARG CC 41 13.47 -76.84 -47.70
N GLN CC 42 12.74 -77.40 -46.74
CA GLN CC 42 13.26 -78.37 -45.80
C GLN CC 42 13.76 -79.63 -46.51
N TYR CC 43 13.00 -80.08 -47.52
CA TYR CC 43 13.31 -81.30 -48.28
C TYR CC 43 13.87 -81.07 -49.69
N ALA CC 44 13.79 -79.85 -50.19
CA ALA CC 44 14.29 -79.50 -51.51
C ALA CC 44 15.43 -80.37 -51.99
N LYS CC 45 16.56 -80.29 -51.28
CA LYS CC 45 17.80 -80.90 -51.77
C LYS CC 45 17.63 -82.39 -51.93
N ASP CC 46 16.94 -83.02 -50.98
CA ASP CC 46 16.71 -84.47 -51.01
C ASP CC 46 15.72 -84.82 -52.13
N ILE CC 47 14.69 -83.99 -52.29
CA ILE CC 47 13.77 -84.13 -53.40
C ILE CC 47 14.47 -83.99 -54.77
N GLY CC 48 15.49 -83.12 -54.84
CA GLY CC 48 16.32 -82.97 -56.04
C GLY CC 48 16.39 -81.55 -56.53
N PHE CC 49 15.38 -80.73 -56.22
CA PHE CC 49 15.44 -79.29 -56.48
C PHE CC 49 16.62 -78.65 -55.79
N ILE CC 50 17.27 -77.74 -56.51
CA ILE CC 50 18.59 -77.32 -56.12
C ILE CC 50 18.84 -75.91 -56.60
N LYS CC 51 19.28 -75.06 -55.68
CA LYS CC 51 19.50 -73.68 -56.00
C LYS CC 51 20.76 -73.63 -56.81
N LEU CC 52 20.64 -73.22 -58.07
CA LEU CC 52 21.80 -72.90 -58.90
C LEU CC 52 21.92 -71.39 -58.92
N ASP CC 53 20.84 -70.72 -59.34
CA ASP CC 53 20.76 -69.25 -59.30
C ASP CC 53 19.31 -68.73 -59.31
N HIS DC 1 3.17 -42.04 1.02
CA HIS DC 1 2.08 -42.82 0.34
C HIS DC 1 2.33 -44.32 0.38
N GLY DC 2 1.30 -45.08 0.01
CA GLY DC 2 1.33 -46.55 0.06
C GLY DC 2 0.80 -47.02 1.40
N SER DC 3 -0.11 -47.99 1.36
CA SER DC 3 -0.81 -48.45 2.56
C SER DC 3 0.06 -49.40 3.39
N LEU DC 4 -0.27 -49.51 4.67
CA LEU DC 4 0.37 -50.46 5.59
C LEU DC 4 -0.53 -51.68 5.72
N ALA DC 5 -0.96 -52.20 4.58
CA ALA DC 5 -2.11 -53.08 4.53
C ALA DC 5 -1.71 -54.53 4.40
N ARG DC 6 -1.06 -54.83 3.28
CA ARG DC 6 -0.90 -56.21 2.85
C ARG DC 6 -0.14 -57.05 3.86
N VAL DC 7 0.94 -56.49 4.41
CA VAL DC 7 1.50 -56.87 5.70
C VAL DC 7 1.16 -58.27 6.20
N GLY DC 8 2.13 -59.17 6.10
CA GLY DC 8 1.91 -60.58 6.39
C GLY DC 8 1.10 -61.20 5.28
N LYS DC 9 1.19 -60.62 4.08
CA LYS DC 9 0.42 -61.05 2.94
C LYS DC 9 0.80 -62.48 2.60
N VAL DC 10 2.10 -62.68 2.41
CA VAL DC 10 2.61 -63.94 1.92
C VAL DC 10 2.61 -64.95 3.03
N ARG DC 11 3.41 -64.67 4.07
CA ARG DC 11 3.53 -65.57 5.20
C ARG DC 11 2.17 -66.15 5.59
N GLY DC 12 1.13 -65.31 5.52
CA GLY DC 12 -0.22 -65.76 5.74
C GLY DC 12 -0.65 -66.87 4.83
N GLN DC 13 -0.64 -66.62 3.53
CA GLN DC 13 -1.31 -67.52 2.61
C GLN DC 13 -0.50 -68.77 2.19
N THR DC 14 0.75 -68.90 2.65
CA THR DC 14 1.59 -70.03 2.24
C THR DC 14 0.98 -71.33 2.70
N LEU DC 15 1.42 -72.40 2.08
CA LEU DC 15 0.78 -73.67 2.27
C LEU DC 15 1.41 -74.33 3.48
N LYS DC 16 0.77 -74.24 4.64
CA LYS DC 16 1.38 -74.74 5.89
C LYS DC 16 1.51 -76.26 5.88
N VAL DC 17 2.58 -76.76 6.48
CA VAL DC 17 2.85 -78.20 6.51
C VAL DC 17 3.46 -78.55 7.88
N ALA DC 18 3.33 -79.81 8.27
CA ALA DC 18 4.05 -80.33 9.44
C ALA DC 18 5.51 -80.57 9.12
N LYS DC 19 6.32 -80.69 10.18
CA LYS DC 19 7.77 -80.80 10.02
C LYS DC 19 8.28 -82.24 10.19
N GLN DC 20 7.47 -83.22 9.79
CA GLN DC 20 7.82 -84.65 9.85
C GLN DC 20 8.25 -85.17 11.22
N GLU DC 21 8.51 -86.47 11.31
CA GLU DC 21 9.17 -87.06 12.47
C GLU DC 21 10.24 -88.03 11.99
N LYS DC 22 11.50 -87.58 12.05
CA LYS DC 22 12.63 -88.42 11.67
C LYS DC 22 13.21 -89.06 12.93
N LYS DC 23 14.24 -88.46 13.52
CA LYS DC 23 14.99 -89.10 14.59
C LYS DC 23 15.57 -88.10 15.56
N LYS DC 24 15.94 -88.62 16.72
CA LYS DC 24 16.87 -87.95 17.59
C LYS DC 24 18.19 -87.93 16.81
N LYS DC 25 18.71 -86.76 16.52
CA LYS DC 25 20.03 -86.64 15.90
C LYS DC 25 21.11 -86.78 16.95
N ARG DC 26 22.17 -87.51 16.61
CA ARG DC 26 23.31 -87.70 17.51
C ARG DC 26 23.92 -86.34 17.79
N THR DC 27 24.42 -86.17 19.00
CA THR DC 27 24.87 -84.85 19.46
C THR DC 27 26.27 -84.91 20.01
N GLY DC 28 26.77 -83.74 20.38
CA GLY DC 28 28.07 -83.63 21.03
C GLY DC 28 29.12 -84.34 20.21
N ARG DC 29 29.84 -85.25 20.84
CA ARG DC 29 30.95 -85.90 20.16
C ARG DC 29 30.50 -86.84 19.06
N ALA DC 30 29.51 -87.67 19.35
CA ALA DC 30 29.07 -88.69 18.39
C ALA DC 30 28.74 -88.13 17.04
N LYS DC 31 28.03 -86.99 17.04
CA LYS DC 31 27.76 -86.21 15.82
C LYS DC 31 29.03 -85.95 15.03
N ARG DC 32 30.04 -85.48 15.77
CA ARG DC 32 31.33 -85.14 15.20
C ARG DC 32 32.03 -86.33 14.60
N ARG DC 33 31.95 -87.47 15.27
CA ARG DC 33 32.45 -88.71 14.73
C ARG DC 33 31.91 -89.00 13.35
N MET DC 34 30.58 -88.96 13.29
CA MET DC 34 29.84 -89.38 12.13
C MET DC 34 30.21 -88.46 10.97
N GLN DC 35 30.19 -87.16 11.24
CA GLN DC 35 30.68 -86.17 10.30
C GLN DC 35 32.07 -86.55 9.78
N TYR DC 36 33.05 -86.71 10.68
CA TYR DC 36 34.41 -87.13 10.30
C TYR DC 36 34.45 -88.35 9.41
N ASN DC 37 33.61 -89.33 9.71
CA ASN DC 37 33.65 -90.57 8.98
C ASN DC 37 33.23 -90.40 7.52
N ARG DC 38 32.20 -89.58 7.28
CA ARG DC 38 31.65 -89.37 5.93
C ARG DC 38 32.42 -88.36 5.04
N ARG DC 39 33.44 -87.68 5.57
CA ARG DC 39 34.33 -86.88 4.73
C ARG DC 39 35.51 -87.69 4.28
N PHE DC 40 36.02 -88.57 5.14
CA PHE DC 40 37.38 -89.07 4.98
C PHE DC 40 37.56 -90.57 4.75
N VAL DC 41 36.72 -91.39 5.38
CA VAL DC 41 36.99 -92.83 5.44
C VAL DC 41 36.02 -93.72 4.65
N ASN DC 42 34.75 -93.33 4.58
CA ASN DC 42 33.76 -94.16 3.92
C ASN DC 42 33.91 -94.13 2.40
N VAL DC 43 33.89 -92.94 1.83
CA VAL DC 43 33.80 -92.78 0.38
C VAL DC 43 35.21 -92.88 -0.22
N VAL DC 44 36.03 -91.83 -0.04
CA VAL DC 44 37.35 -91.70 -0.67
C VAL DC 44 37.44 -92.37 -2.07
N PRO DC 45 36.58 -91.92 -3.01
CA PRO DC 45 36.40 -92.62 -4.28
C PRO DC 45 37.35 -92.12 -5.37
N THR DC 46 37.18 -92.66 -6.58
CA THR DC 46 37.84 -92.13 -7.78
C THR DC 46 37.09 -90.85 -8.20
N PHE DC 47 37.85 -89.76 -8.40
CA PHE DC 47 37.27 -88.44 -8.64
C PHE DC 47 36.59 -88.32 -10.02
N GLY DC 48 35.63 -87.42 -10.12
CA GLY DC 48 34.87 -87.18 -11.36
C GLY DC 48 34.43 -85.73 -11.49
N LYS DC 49 35.42 -84.85 -11.62
CA LYS DC 49 35.22 -83.40 -11.77
C LYS DC 49 34.50 -82.77 -10.57
N LYS DC 50 35.21 -82.76 -9.43
CA LYS DC 50 34.78 -82.07 -8.19
C LYS DC 50 33.51 -82.63 -7.54
N LYS DC 51 33.27 -82.21 -6.30
CA LYS DC 51 32.30 -82.86 -5.42
C LYS DC 51 31.05 -81.99 -5.16
N GLY DC 52 30.16 -82.49 -4.31
CA GLY DC 52 29.05 -81.72 -3.77
C GLY DC 52 28.42 -82.46 -2.58
N PRO DC 53 28.28 -81.80 -1.41
CA PRO DC 53 27.68 -82.44 -0.23
C PRO DC 53 26.17 -82.33 -0.07
N ASN DC 54 25.56 -81.35 -0.73
CA ASN DC 54 24.11 -81.25 -0.80
C ASN DC 54 23.62 -81.10 -2.24
N ALA DC 55 24.44 -81.53 -3.19
CA ALA DC 55 24.14 -81.39 -4.60
C ALA DC 55 23.07 -82.41 -4.99
N ASN DC 56 22.27 -82.05 -5.99
CA ASN DC 56 21.18 -82.88 -6.46
C ASN DC 56 20.74 -82.49 -7.88
N SER DC 57 21.00 -83.39 -8.83
CA SER DC 57 20.66 -83.16 -10.23
C SER DC 57 19.16 -83.34 -10.49
N LYS EC 1 -16.43 -68.96 -16.68
CA LYS EC 1 -17.35 -70.12 -16.93
C LYS EC 1 -18.71 -70.00 -16.23
N SER EC 2 -19.28 -68.80 -16.30
CA SER EC 2 -20.59 -68.51 -15.71
C SER EC 2 -21.71 -69.04 -16.62
N TYR EC 3 -22.17 -70.25 -16.31
CA TYR EC 3 -23.23 -70.91 -17.08
C TYR EC 3 -24.59 -70.30 -16.74
N THR EC 4 -25.42 -70.11 -17.77
CA THR EC 4 -26.72 -69.45 -17.62
C THR EC 4 -27.73 -70.37 -16.94
N THR EC 5 -28.57 -69.81 -16.09
CA THR EC 5 -29.52 -70.58 -15.27
C THR EC 5 -30.65 -71.29 -16.06
N PRO EC 6 -31.37 -70.55 -16.94
CA PRO EC 6 -32.44 -71.21 -17.71
C PRO EC 6 -31.93 -72.17 -18.80
N LYS EC 7 -30.77 -71.89 -19.37
CA LYS EC 7 -30.11 -72.79 -20.31
C LYS EC 7 -29.75 -74.11 -19.61
N LYS EC 8 -28.97 -74.01 -18.54
CA LYS EC 8 -28.46 -75.15 -17.75
C LYS EC 8 -27.81 -76.26 -18.61
N ASN EC 9 -27.55 -77.43 -18.02
CA ASN EC 9 -27.03 -78.58 -18.78
C ASN EC 9 -28.17 -79.24 -19.58
N LYS EC 10 -27.84 -80.25 -20.38
CA LYS EC 10 -28.84 -81.13 -20.98
C LYS EC 10 -28.47 -82.58 -20.68
N HIS EC 11 -29.24 -83.22 -19.81
CA HIS EC 11 -29.06 -84.63 -19.48
C HIS EC 11 -29.24 -85.54 -20.70
N LYS EC 12 -28.46 -86.63 -20.73
CA LYS EC 12 -28.56 -87.66 -21.78
C LYS EC 12 -29.51 -88.75 -21.29
N ARG EC 13 -29.64 -89.85 -22.04
CA ARG EC 13 -30.56 -90.92 -21.67
C ARG EC 13 -30.08 -91.84 -20.55
N LYS EC 14 -31.04 -92.55 -19.97
CA LYS EC 14 -30.80 -93.69 -19.09
C LYS EC 14 -31.75 -94.80 -19.51
N LYS EC 15 -31.20 -95.92 -19.95
CA LYS EC 15 -31.99 -97.09 -20.32
C LYS EC 15 -32.63 -97.76 -19.10
N VAL EC 16 -33.54 -98.69 -19.35
CA VAL EC 16 -34.15 -99.53 -18.30
C VAL EC 16 -34.26 -100.97 -18.80
N LYS EC 17 -33.31 -101.81 -18.39
CA LYS EC 17 -33.30 -103.24 -18.73
C LYS EC 17 -34.15 -103.95 -17.67
N LEU EC 18 -35.38 -104.33 -18.03
CA LEU EC 18 -36.35 -104.87 -17.07
C LEU EC 18 -36.20 -106.39 -16.99
N ALA EC 19 -35.10 -106.84 -16.37
CA ALA EC 19 -34.80 -108.26 -16.18
C ALA EC 19 -34.77 -109.03 -17.53
N VAL EC 20 -35.13 -110.31 -17.52
CA VAL EC 20 -35.27 -111.09 -18.75
C VAL EC 20 -36.57 -110.68 -19.43
N LEU EC 21 -36.49 -110.26 -20.69
CA LEU EC 21 -37.67 -109.80 -21.44
C LEU EC 21 -38.43 -110.99 -22.04
N LYS EC 22 -39.75 -110.98 -21.84
CA LYS EC 22 -40.63 -112.07 -22.27
C LYS EC 22 -41.35 -111.72 -23.56
N TYR EC 23 -41.15 -112.56 -24.58
CA TYR EC 23 -41.82 -112.46 -25.86
C TYR EC 23 -42.58 -113.75 -26.22
N TYR EC 24 -42.67 -114.70 -25.29
CA TYR EC 24 -43.07 -116.08 -25.59
C TYR EC 24 -44.09 -116.56 -24.57
N LYS EC 25 -44.89 -117.56 -24.95
CA LYS EC 25 -45.82 -118.24 -24.04
C LYS EC 25 -45.80 -119.76 -24.21
N VAL EC 26 -46.14 -120.46 -23.13
CA VAL EC 26 -46.16 -121.93 -23.08
C VAL EC 26 -47.59 -122.46 -23.30
N ASP EC 27 -47.83 -123.04 -24.48
CA ASP EC 27 -49.13 -123.62 -24.82
C ASP EC 27 -49.05 -125.15 -24.78
N GLU EC 28 -49.72 -125.76 -23.80
CA GLU EC 28 -49.72 -127.21 -23.58
C GLU EC 28 -48.30 -127.78 -23.41
N ASN EC 29 -47.50 -127.09 -22.59
CA ASN EC 29 -46.13 -127.48 -22.23
C ASN EC 29 -45.14 -127.57 -23.42
N GLY EC 30 -45.32 -128.56 -24.30
CA GLY EC 30 -44.43 -128.79 -25.43
C GLY EC 30 -44.37 -127.67 -26.46
N LYS EC 31 -45.52 -127.33 -27.03
CA LYS EC 31 -45.61 -126.27 -28.04
C LYS EC 31 -45.46 -124.87 -27.42
N ILE EC 32 -45.10 -123.90 -28.26
CA ILE EC 32 -44.82 -122.52 -27.82
C ILE EC 32 -45.60 -121.53 -28.68
N SER EC 33 -46.03 -120.43 -28.08
CA SER EC 33 -46.77 -119.36 -28.76
C SER EC 33 -46.04 -118.02 -28.62
N ARG EC 34 -45.55 -117.50 -29.74
CA ARG EC 34 -44.83 -116.21 -29.77
C ARG EC 34 -45.82 -115.06 -29.65
N LEU EC 35 -45.48 -114.04 -28.83
CA LEU EC 35 -46.36 -112.90 -28.61
C LEU EC 35 -46.28 -111.86 -29.74
N ARG EC 36 -45.09 -111.28 -29.92
CA ARG EC 36 -44.90 -110.13 -30.82
C ARG EC 36 -44.45 -110.53 -32.23
N ARG EC 37 -44.74 -109.67 -33.20
CA ARG EC 37 -44.54 -109.99 -34.62
C ARG EC 37 -43.06 -109.95 -35.04
N GLU EC 38 -42.70 -110.81 -35.99
CA GLU EC 38 -41.31 -110.99 -36.43
C GLU EC 38 -41.01 -110.20 -37.73
N CYS EC 39 -39.72 -110.10 -38.05
CA CYS EC 39 -39.25 -109.42 -39.27
C CYS EC 39 -39.44 -110.30 -40.51
N PRO EC 40 -39.74 -109.67 -41.66
CA PRO EC 40 -39.80 -110.38 -42.95
C PRO EC 40 -38.44 -110.61 -43.63
N SER EC 41 -37.55 -109.63 -43.59
CA SER EC 41 -36.30 -109.67 -44.36
C SER EC 41 -35.33 -110.74 -43.84
N PHE EC 48 -37.68 -109.46 -33.55
CA PHE EC 48 -39.06 -109.05 -33.29
C PHE EC 48 -39.30 -107.61 -33.71
N MET EC 49 -39.99 -107.44 -34.84
CA MET EC 49 -40.49 -106.11 -35.25
C MET EC 49 -41.58 -105.69 -34.28
N ALA EC 50 -41.16 -104.90 -33.30
CA ALA EC 50 -41.90 -104.74 -32.07
C ALA EC 50 -43.10 -103.80 -32.16
N SER EC 51 -43.90 -103.83 -31.10
CA SER EC 51 -45.13 -103.06 -31.01
C SER EC 51 -44.88 -101.64 -30.51
N HIS EC 52 -45.37 -100.67 -31.28
CA HIS EC 52 -45.51 -99.30 -30.85
C HIS EC 52 -46.97 -99.15 -30.43
N PHE EC 53 -47.41 -97.93 -30.15
CA PHE EC 53 -48.83 -97.68 -29.85
C PHE EC 53 -49.72 -97.80 -31.10
N ASP EC 54 -49.17 -97.45 -32.26
CA ASP EC 54 -49.84 -97.71 -33.55
C ASP EC 54 -48.95 -98.46 -34.56
N ARG EC 55 -47.70 -98.02 -34.71
CA ARG EC 55 -46.75 -98.62 -35.66
C ARG EC 55 -46.20 -99.97 -35.19
N HIS EC 56 -45.50 -100.65 -36.11
CA HIS EC 56 -44.78 -101.88 -35.84
C HIS EC 56 -43.33 -101.67 -36.24
N TYR EC 57 -42.52 -101.19 -35.30
CA TYR EC 57 -41.15 -100.78 -35.58
C TYR EC 57 -40.16 -101.93 -35.34
N CYS EC 58 -39.25 -102.11 -36.29
CA CYS EC 58 -38.10 -103.01 -36.15
C CYS EC 58 -37.09 -102.50 -35.14
N GLY EC 59 -36.23 -103.40 -34.67
CA GLY EC 59 -35.13 -103.06 -33.78
C GLY EC 59 -33.76 -103.10 -34.43
N LYS EC 60 -33.68 -103.40 -35.73
CA LYS EC 60 -32.40 -103.62 -36.42
C LYS EC 60 -32.40 -103.13 -37.86
N CYS EC 61 -33.20 -103.76 -38.72
CA CYS EC 61 -33.23 -103.41 -40.15
C CYS EC 61 -34.06 -102.14 -40.48
N CYS EC 62 -34.62 -101.49 -39.46
CA CYS EC 62 -35.28 -100.17 -39.58
C CYS EC 62 -36.57 -100.18 -40.40
N LEU EC 63 -37.18 -101.35 -40.56
CA LEU EC 63 -38.40 -101.50 -41.36
C LEU EC 63 -39.61 -101.09 -40.53
N THR EC 64 -40.63 -100.53 -41.19
CA THR EC 64 -41.79 -99.95 -40.51
C THR EC 64 -43.11 -100.35 -41.17
N TYR EC 65 -44.13 -100.59 -40.35
CA TYR EC 65 -45.43 -101.07 -40.80
C TYR EC 65 -46.54 -100.62 -39.85
N CYS EC 66 -47.76 -100.54 -40.38
CA CYS EC 66 -48.97 -100.35 -39.57
C CYS EC 66 -50.22 -100.71 -40.36
N PHE EC 67 -51.25 -101.17 -39.65
CA PHE EC 67 -52.56 -101.44 -40.24
C PHE EC 67 -53.51 -100.30 -39.84
N ASN EC 68 -53.98 -99.55 -40.84
CA ASN EC 68 -54.82 -98.38 -40.61
C ASN EC 68 -56.25 -98.76 -40.21
N THR FC 1 79.57 -63.33 -102.74
CA THR FC 1 79.49 -61.97 -103.39
C THR FC 1 78.04 -61.63 -103.80
N GLU FC 2 77.11 -61.83 -102.86
CA GLU FC 2 75.68 -61.63 -103.11
C GLU FC 2 74.88 -61.47 -101.80
N GLN FC 3 73.89 -60.57 -101.84
CA GLN FC 3 73.18 -60.10 -100.64
C GLN FC 3 71.67 -60.02 -100.88
N MET FC 4 70.89 -60.20 -99.81
CA MET FC 4 69.42 -60.19 -99.89
C MET FC 4 68.90 -58.75 -99.88
N THR FC 5 67.61 -58.59 -100.18
CA THR FC 5 66.96 -57.27 -100.14
C THR FC 5 65.44 -57.39 -100.32
N LEU FC 6 64.70 -56.38 -99.86
CA LEU FC 6 63.23 -56.38 -100.00
C LEU FC 6 62.81 -56.12 -101.43
N ARG FC 7 62.03 -57.05 -101.98
CA ARG FC 7 61.25 -56.82 -103.18
C ARG FC 7 59.82 -56.37 -102.81
N GLY FC 8 59.42 -56.54 -101.54
CA GLY FC 8 58.08 -56.16 -101.07
C GLY FC 8 57.60 -56.98 -99.86
N THR FC 9 56.29 -56.93 -99.58
CA THR FC 9 55.67 -57.64 -98.44
C THR FC 9 54.24 -58.09 -98.75
N LEU FC 10 53.88 -59.31 -98.33
CA LEU FC 10 52.48 -59.77 -98.38
C LEU FC 10 51.83 -59.42 -97.07
N LYS FC 11 50.65 -58.82 -97.14
CA LYS FC 11 50.00 -58.28 -95.97
C LYS FC 11 48.97 -59.31 -95.44
N GLY FC 12 47.68 -59.09 -95.67
CA GLY FC 12 46.69 -60.15 -95.56
C GLY FC 12 46.24 -60.58 -94.17
N HIS FC 13 47.07 -61.36 -93.49
CA HIS FC 13 46.65 -62.07 -92.28
C HIS FC 13 46.31 -61.15 -91.12
N ASN FC 14 45.65 -61.73 -90.12
CA ASN FC 14 45.23 -61.04 -88.93
C ASN FC 14 46.05 -61.40 -87.67
N GLY FC 15 46.46 -62.67 -87.56
CA GLY FC 15 47.34 -63.16 -86.47
C GLY FC 15 48.65 -63.57 -87.08
N TRP FC 16 49.66 -63.92 -86.27
CA TRP FC 16 51.00 -64.20 -86.83
C TRP FC 16 51.14 -65.48 -87.65
N VAL FC 17 52.14 -65.43 -88.53
CA VAL FC 17 52.23 -66.33 -89.63
C VAL FC 17 53.01 -67.55 -89.20
N THR FC 18 52.28 -68.56 -88.76
CA THR FC 18 52.85 -69.80 -88.29
C THR FC 18 53.82 -70.46 -89.24
N GLN FC 19 53.40 -70.62 -90.48
CA GLN FC 19 54.20 -71.32 -91.49
C GLN FC 19 53.96 -70.78 -92.88
N ILE FC 20 54.79 -71.20 -93.81
CA ILE FC 20 54.64 -70.86 -95.23
C ILE FC 20 54.95 -72.13 -96.00
N ALA FC 21 54.42 -72.24 -97.20
CA ALA FC 21 54.79 -73.31 -98.12
C ALA FC 21 54.73 -72.84 -99.59
N THR FC 22 55.88 -72.88 -100.24
CA THR FC 22 55.99 -72.65 -101.68
C THR FC 22 55.54 -73.91 -102.44
N THR FC 23 55.67 -73.89 -103.76
CA THR FC 23 55.56 -75.11 -104.55
C THR FC 23 56.33 -75.00 -105.87
N PRO FC 24 56.99 -76.10 -106.31
CA PRO FC 24 57.74 -76.08 -107.57
C PRO FC 24 56.83 -76.00 -108.80
N GLN FC 25 55.64 -76.56 -108.70
CA GLN FC 25 54.67 -76.58 -109.79
C GLN FC 25 54.10 -75.20 -110.08
N PHE FC 26 53.95 -74.35 -109.06
CA PHE FC 26 53.43 -72.97 -109.23
C PHE FC 26 54.35 -71.91 -108.62
N PRO FC 27 55.05 -71.14 -109.48
CA PRO FC 27 56.11 -70.23 -109.03
C PRO FC 27 55.63 -68.87 -108.53
N ASP FC 28 54.47 -68.42 -108.99
CA ASP FC 28 53.89 -67.14 -108.55
C ASP FC 28 52.57 -67.44 -107.80
N MET FC 29 52.67 -68.37 -106.86
CA MET FC 29 51.59 -68.76 -105.96
C MET FC 29 52.24 -69.23 -104.67
N ILE FC 30 51.79 -68.69 -103.54
CA ILE FC 30 52.35 -69.02 -102.23
C ILE FC 30 51.21 -69.35 -101.28
N LEU FC 31 51.49 -70.23 -100.32
CA LEU FC 31 50.52 -70.66 -99.32
C LEU FC 31 51.07 -70.43 -97.91
N SER FC 32 50.29 -69.80 -97.03
CA SER FC 32 50.76 -69.54 -95.67
C SER FC 32 49.67 -69.71 -94.65
N ALA FC 33 49.96 -70.54 -93.65
CA ALA FC 33 49.10 -70.78 -92.50
C ALA FC 33 49.28 -69.66 -91.48
N SER FC 34 48.53 -69.73 -90.39
CA SER FC 34 48.38 -68.58 -89.53
C SER FC 34 48.00 -68.91 -88.10
N ARG FC 35 48.16 -67.89 -87.26
CA ARG FC 35 47.54 -67.83 -85.93
C ARG FC 35 46.01 -67.62 -85.95
N ASP FC 36 45.50 -67.00 -87.01
CA ASP FC 36 44.07 -66.62 -87.10
C ASP FC 36 43.15 -67.65 -87.78
N LYS FC 37 43.38 -68.93 -87.50
CA LYS FC 37 42.53 -70.03 -87.99
C LYS FC 37 42.36 -70.19 -89.51
N THR FC 38 43.04 -69.36 -90.29
CA THR FC 38 42.99 -69.48 -91.72
C THR FC 38 44.36 -69.88 -92.27
N ILE FC 39 44.33 -70.44 -93.46
CA ILE FC 39 45.52 -70.66 -94.25
C ILE FC 39 45.23 -69.92 -95.54
N ILE FC 40 46.13 -69.04 -95.93
CA ILE FC 40 45.90 -68.17 -97.06
C ILE FC 40 46.67 -68.70 -98.25
N MET FC 41 45.94 -68.84 -99.36
CA MET FC 41 46.48 -69.25 -100.63
C MET FC 41 46.53 -67.97 -101.44
N TRP FC 42 47.75 -67.55 -101.79
CA TRP FC 42 48.01 -66.20 -102.31
C TRP FC 42 48.02 -66.17 -103.85
N LYS FC 43 48.33 -64.99 -104.39
CA LYS FC 43 48.71 -64.83 -105.80
C LYS FC 43 49.80 -63.79 -105.86
N LEU FC 44 50.92 -64.16 -106.46
CA LEU FC 44 52.13 -63.34 -106.40
C LEU FC 44 52.27 -62.49 -107.68
N THR FC 45 51.53 -61.39 -107.73
CA THR FC 45 51.51 -60.51 -108.90
C THR FC 45 52.85 -59.81 -109.21
N ARG FC 46 53.74 -59.75 -108.23
CA ARG FC 46 55.11 -59.24 -108.39
C ARG FC 46 55.22 -57.72 -108.65
N ASP FC 47 54.13 -57.00 -108.43
CA ASP FC 47 54.01 -55.59 -108.82
C ASP FC 47 54.83 -54.70 -107.88
N GLU FC 48 55.20 -53.52 -108.38
CA GLU FC 48 55.88 -52.48 -107.57
C GLU FC 48 55.08 -52.03 -106.34
N THR FC 49 53.75 -52.10 -106.42
CA THR FC 49 52.87 -51.77 -105.30
C THR FC 49 52.99 -52.78 -104.16
N ASN FC 50 52.80 -54.06 -104.50
CA ASN FC 50 52.89 -55.17 -103.54
C ASN FC 50 53.24 -56.48 -104.23
N TYR FC 51 54.09 -57.30 -103.61
CA TYR FC 51 54.58 -58.51 -104.26
C TYR FC 51 53.47 -59.54 -104.50
N GLY FC 52 52.40 -59.50 -103.70
CA GLY FC 52 51.26 -60.35 -103.96
C GLY FC 52 49.95 -59.90 -103.36
N ILE FC 53 48.93 -60.73 -103.56
CA ILE FC 53 47.55 -60.46 -103.15
C ILE FC 53 46.90 -61.79 -102.78
N PRO FC 54 45.99 -61.79 -101.80
CA PRO FC 54 45.33 -63.06 -101.47
C PRO FC 54 44.30 -63.54 -102.51
N GLN FC 55 44.32 -64.85 -102.75
CA GLN FC 55 43.42 -65.54 -103.68
C GLN FC 55 42.31 -66.19 -102.87
N ARG FC 56 42.70 -67.06 -101.94
CA ARG FC 56 41.74 -67.80 -101.13
C ARG FC 56 42.09 -67.81 -99.64
N ALA FC 57 41.10 -68.22 -98.86
CA ALA FC 57 41.25 -68.54 -97.44
C ALA FC 57 40.67 -69.92 -97.19
N LEU FC 58 41.48 -70.80 -96.62
CA LEU FC 58 41.03 -72.11 -96.22
C LEU FC 58 40.65 -72.03 -94.76
N ARG FC 59 39.35 -72.07 -94.47
CA ARG FC 59 38.83 -71.73 -93.13
C ARG FC 59 38.90 -72.91 -92.16
N GLY FC 60 37.77 -73.37 -91.62
CA GLY FC 60 37.73 -74.66 -90.95
C GLY FC 60 38.26 -74.76 -89.53
N HIS FC 61 39.59 -74.85 -89.40
CA HIS FC 61 40.27 -75.07 -88.11
C HIS FC 61 39.78 -74.15 -86.98
N SER FC 62 39.95 -74.62 -85.74
CA SER FC 62 39.59 -73.84 -84.56
C SER FC 62 40.78 -73.22 -83.83
N HIS FC 63 41.97 -73.21 -84.45
CA HIS FC 63 43.13 -72.56 -83.85
C HIS FC 63 44.18 -72.16 -84.83
N PHE FC 64 45.16 -71.43 -84.31
CA PHE FC 64 46.44 -71.22 -84.96
C PHE FC 64 46.74 -72.46 -85.80
N VAL FC 65 46.90 -72.29 -87.10
CA VAL FC 65 47.29 -73.39 -87.94
C VAL FC 65 48.82 -73.50 -87.90
N SER FC 66 49.30 -74.41 -87.07
CA SER FC 66 50.72 -74.59 -86.78
C SER FC 66 51.63 -74.79 -87.99
N ASP FC 67 51.12 -75.53 -88.97
CA ASP FC 67 51.89 -75.88 -90.16
C ASP FC 67 50.95 -76.06 -91.34
N VAL FC 68 51.49 -75.88 -92.53
CA VAL FC 68 50.78 -76.29 -93.73
C VAL FC 68 51.77 -76.71 -94.79
N VAL FC 69 51.41 -77.74 -95.55
CA VAL FC 69 52.29 -78.35 -96.53
C VAL FC 69 51.49 -78.80 -97.74
N ILE FC 70 52.08 -78.62 -98.92
CA ILE FC 70 51.42 -78.87 -100.20
C ILE FC 70 51.93 -80.20 -100.75
N SER FC 71 51.15 -80.84 -101.62
CA SER FC 71 51.65 -81.96 -102.42
C SER FC 71 52.69 -81.48 -103.43
N SER FC 72 53.48 -82.41 -103.97
CA SER FC 72 54.31 -82.14 -105.15
C SER FC 72 53.42 -81.83 -106.35
N ASP FC 73 52.23 -82.44 -106.36
CA ASP FC 73 51.13 -82.11 -107.27
C ASP FC 73 50.86 -80.60 -107.36
N GLY FC 74 50.79 -79.93 -106.21
CA GLY FC 74 50.44 -78.51 -106.14
C GLY FC 74 48.95 -78.40 -106.35
N GLN FC 75 48.18 -78.89 -105.38
CA GLN FC 75 46.77 -79.22 -105.59
C GLN FC 75 46.02 -79.50 -104.30
N PHE FC 76 46.54 -80.45 -103.53
CA PHE FC 76 46.01 -80.81 -102.23
C PHE FC 76 46.95 -80.32 -101.16
N ALA FC 77 46.58 -79.24 -100.49
CA ALA FC 77 47.33 -78.79 -99.32
C ALA FC 77 46.94 -79.66 -98.13
N LEU FC 78 47.90 -79.94 -97.24
CA LEU FC 78 47.62 -80.51 -95.94
C LEU FC 78 48.07 -79.53 -94.87
N SER FC 79 47.13 -79.14 -94.01
CA SER FC 79 47.37 -78.21 -92.91
C SER FC 79 47.12 -78.85 -91.57
N GLY FC 80 47.54 -78.17 -90.52
CA GLY FC 80 47.44 -78.68 -89.17
C GLY FC 80 47.44 -77.55 -88.15
N SER FC 81 46.43 -77.57 -87.28
CA SER FC 81 46.28 -76.57 -86.23
C SER FC 81 46.16 -77.23 -84.87
N TRP FC 82 46.23 -76.39 -83.85
CA TRP FC 82 46.25 -76.85 -82.47
C TRP FC 82 44.90 -77.49 -82.05
N ASP FC 83 43.86 -77.24 -82.84
CA ASP FC 83 42.58 -77.92 -82.64
C ASP FC 83 42.67 -79.44 -82.63
N GLY FC 84 43.70 -79.98 -83.29
CA GLY FC 84 43.95 -81.42 -83.32
C GLY FC 84 43.44 -82.10 -84.58
N THR FC 85 43.49 -81.36 -85.69
CA THR FC 85 43.04 -81.84 -86.99
C THR FC 85 44.11 -81.57 -88.02
N LEU FC 86 44.32 -82.55 -88.89
CA LEU FC 86 45.05 -82.30 -90.10
C LEU FC 86 43.95 -82.24 -91.14
N ARG FC 87 44.10 -81.36 -92.13
CA ARG FC 87 43.10 -81.17 -93.18
C ARG FC 87 43.74 -81.16 -94.56
N LEU FC 88 43.28 -82.09 -95.39
CA LEU FC 88 43.69 -82.17 -96.76
C LEU FC 88 42.80 -81.21 -97.57
N TRP FC 89 43.23 -79.96 -97.63
CA TRP FC 89 42.50 -78.93 -98.35
C TRP FC 89 42.70 -79.15 -99.82
N ASP FC 90 41.60 -79.34 -100.57
CA ASP FC 90 41.66 -79.41 -102.02
C ASP FC 90 41.81 -77.98 -102.55
N LEU FC 91 43.06 -77.60 -102.74
CA LEU FC 91 43.47 -76.21 -102.93
C LEU FC 91 42.81 -75.54 -104.14
N THR FC 92 42.35 -76.34 -105.10
CA THR FC 92 41.60 -75.84 -106.26
C THR FC 92 40.26 -75.28 -105.86
N THR FC 93 39.53 -76.04 -105.06
CA THR FC 93 38.15 -75.73 -104.70
C THR FC 93 38.04 -74.68 -103.61
N GLY FC 94 38.83 -74.89 -102.55
CA GLY FC 94 38.73 -74.12 -101.32
C GLY FC 94 38.35 -75.05 -100.18
N THR FC 95 37.41 -75.95 -100.44
CA THR FC 95 36.95 -76.89 -99.42
C THR FC 95 37.97 -77.96 -99.02
N THR FC 96 37.68 -78.62 -97.90
CA THR FC 96 38.45 -79.75 -97.41
C THR FC 96 37.84 -81.04 -97.92
N THR FC 97 38.67 -81.92 -98.46
CA THR FC 97 38.25 -83.28 -98.75
C THR FC 97 38.24 -84.06 -97.46
N ARG FC 98 39.41 -84.18 -96.84
CA ARG FC 98 39.58 -85.04 -95.68
C ARG FC 98 40.11 -84.34 -94.47
N ARG FC 99 39.72 -84.84 -93.30
CA ARG FC 99 40.20 -84.38 -92.02
C ARG FC 99 40.65 -85.61 -91.20
N PHE FC 100 41.74 -85.42 -90.46
CA PHE FC 100 42.55 -86.51 -89.97
C PHE FC 100 42.44 -86.52 -88.46
N VAL FC 101 41.34 -87.05 -87.96
CA VAL FC 101 41.07 -87.01 -86.53
C VAL FC 101 41.87 -88.11 -85.82
N GLY FC 102 42.46 -87.76 -84.69
CA GLY FC 102 43.23 -88.71 -83.91
C GLY FC 102 43.98 -88.03 -82.79
N HIS FC 103 44.99 -87.24 -83.16
CA HIS FC 103 45.77 -86.46 -82.20
C HIS FC 103 44.88 -85.88 -81.11
N THR FC 104 45.24 -86.16 -79.86
CA THR FC 104 44.38 -85.87 -78.71
C THR FC 104 44.53 -84.43 -78.25
N LYS FC 105 45.77 -83.94 -78.24
CA LYS FC 105 46.06 -82.55 -77.98
C LYS FC 105 46.34 -81.84 -79.32
N ASP FC 106 47.34 -80.97 -79.39
CA ASP FC 106 47.48 -80.01 -80.48
C ASP FC 106 48.43 -80.57 -81.50
N VAL FC 107 48.10 -80.42 -82.77
CA VAL FC 107 49.01 -80.74 -83.86
C VAL FC 107 50.03 -79.62 -84.04
N LEU FC 108 51.30 -79.94 -83.83
CA LEU FC 108 52.36 -78.94 -83.98
C LEU FC 108 53.03 -78.97 -85.33
N SER FC 109 52.98 -80.10 -86.02
CA SER FC 109 53.45 -80.17 -87.40
C SER FC 109 52.76 -81.27 -88.18
N VAL FC 110 52.80 -81.13 -89.49
CA VAL FC 110 52.33 -82.17 -90.37
C VAL FC 110 53.24 -82.23 -91.61
N ALA FC 111 53.47 -83.46 -92.07
CA ALA FC 111 54.50 -83.77 -93.05
C ALA FC 111 53.94 -84.69 -94.13
N PHE FC 112 53.90 -84.16 -95.35
CA PHE FC 112 53.40 -84.86 -96.52
C PHE FC 112 54.60 -85.54 -97.12
N SER FC 113 54.54 -86.85 -97.33
CA SER FC 113 55.70 -87.58 -97.90
C SER FC 113 56.02 -87.13 -99.32
N SER FC 114 57.28 -87.30 -99.71
CA SER FC 114 57.74 -86.96 -101.06
C SER FC 114 56.98 -87.75 -102.15
N ASP FC 115 56.47 -88.93 -101.78
CA ASP FC 115 55.66 -89.77 -102.66
C ASP FC 115 54.21 -89.31 -102.82
N ASN FC 116 53.75 -88.42 -101.92
CA ASN FC 116 52.35 -87.98 -101.85
C ASN FC 116 51.40 -89.14 -101.59
N ARG FC 117 51.76 -89.94 -100.58
CA ARG FC 117 51.07 -91.20 -100.28
C ARG FC 117 50.98 -91.43 -98.78
N GLN FC 118 52.12 -91.34 -98.10
CA GLN FC 118 52.19 -91.35 -96.64
C GLN FC 118 52.26 -89.94 -96.05
N ILE FC 119 51.75 -89.79 -94.83
CA ILE FC 119 51.58 -88.51 -94.17
C ILE FC 119 51.88 -88.69 -92.69
N VAL FC 120 52.58 -87.73 -92.10
CA VAL FC 120 52.98 -87.84 -90.70
C VAL FC 120 52.72 -86.54 -89.98
N SER FC 121 52.41 -86.63 -88.68
CA SER FC 121 52.19 -85.46 -87.84
C SER FC 121 52.56 -85.75 -86.38
N GLY FC 122 53.04 -84.71 -85.69
CA GLY FC 122 53.39 -84.75 -84.27
C GLY FC 122 52.64 -83.72 -83.44
N SER FC 123 52.59 -83.95 -82.13
CA SER FC 123 51.71 -83.20 -81.25
C SER FC 123 52.21 -83.02 -79.82
N ARG FC 124 51.40 -82.31 -79.04
CA ARG FC 124 51.57 -82.21 -77.59
C ARG FC 124 51.03 -83.41 -76.84
N ASP FC 125 50.31 -84.31 -77.53
CA ASP FC 125 50.04 -85.64 -76.96
C ASP FC 125 51.30 -86.44 -76.66
N LYS FC 126 52.42 -86.02 -77.28
CA LYS FC 126 53.74 -86.63 -77.13
C LYS FC 126 53.76 -87.95 -77.90
N THR FC 127 53.42 -87.84 -79.19
CA THR FC 127 53.42 -88.95 -80.14
C THR FC 127 53.60 -88.41 -81.55
N ILE FC 128 54.23 -89.20 -82.40
CA ILE FC 128 54.09 -89.02 -83.84
C ILE FC 128 52.97 -89.98 -84.26
N LYS FC 129 52.30 -89.65 -85.36
CA LYS FC 129 51.30 -90.51 -85.97
C LYS FC 129 51.54 -90.54 -87.47
N LEU FC 130 51.41 -91.72 -88.06
CA LEU FC 130 51.60 -91.92 -89.49
C LEU FC 130 50.22 -92.11 -90.14
N TRP FC 131 50.01 -91.51 -91.32
CA TRP FC 131 48.67 -91.35 -91.90
C TRP FC 131 48.55 -91.78 -93.35
N ASN FC 132 47.34 -92.22 -93.71
CA ASN FC 132 46.93 -92.50 -95.09
C ASN FC 132 46.35 -91.27 -95.74
N THR FC 133 46.28 -91.26 -97.05
CA THR FC 133 45.66 -90.17 -97.80
C THR FC 133 44.14 -90.12 -97.62
N LEU FC 134 43.55 -91.21 -97.15
CA LEU FC 134 42.13 -91.25 -96.80
C LEU FC 134 41.82 -90.62 -95.45
N GLY FC 135 42.84 -90.33 -94.65
CA GLY FC 135 42.69 -89.69 -93.34
C GLY FC 135 42.87 -90.64 -92.17
N VAL FC 136 43.11 -91.92 -92.45
CA VAL FC 136 43.17 -92.94 -91.40
C VAL FC 136 44.55 -92.90 -90.75
N CYS FC 137 44.60 -93.09 -89.43
CA CYS FC 137 45.88 -93.24 -88.73
C CYS FC 137 46.42 -94.64 -88.98
N LYS FC 138 47.44 -94.74 -89.84
CA LYS FC 138 48.02 -96.03 -90.22
C LYS FC 138 48.79 -96.64 -89.06
N TYR FC 139 49.63 -95.83 -88.42
CA TYR FC 139 50.41 -96.28 -87.27
C TYR FC 139 50.71 -95.12 -86.29
N THR FC 140 50.57 -95.42 -84.99
CA THR FC 140 50.83 -94.46 -83.91
C THR FC 140 52.18 -94.79 -83.25
N VAL FC 141 53.05 -93.79 -83.15
CA VAL FC 141 54.40 -93.99 -82.64
C VAL FC 141 54.39 -93.92 -81.11
N GLN FC 142 54.47 -95.09 -80.47
CA GLN FC 142 54.79 -95.18 -79.03
C GLN FC 142 56.26 -95.61 -78.90
N ASP FC 143 56.66 -96.11 -77.72
CA ASP FC 143 58.01 -96.63 -77.48
C ASP FC 143 59.02 -95.51 -77.63
N GLU FC 144 58.96 -94.58 -76.68
CA GLU FC 144 59.84 -93.43 -76.63
C GLU FC 144 59.74 -92.64 -77.94
N SER FC 145 58.55 -92.09 -78.19
CA SER FC 145 58.36 -91.14 -79.30
C SER FC 145 59.21 -89.94 -78.96
N HIS FC 146 58.68 -89.07 -78.13
CA HIS FC 146 59.49 -88.18 -77.34
C HIS FC 146 58.91 -88.28 -75.94
N SER FC 147 59.68 -87.88 -74.94
CA SER FC 147 59.21 -87.84 -73.56
C SER FC 147 58.30 -86.63 -73.32
N GLU FC 148 58.53 -85.55 -74.07
CA GLU FC 148 57.84 -84.26 -73.95
C GLU FC 148 57.08 -83.96 -75.27
N TRP FC 149 56.82 -82.69 -75.58
CA TRP FC 149 56.11 -82.31 -76.83
C TRP FC 149 56.88 -82.76 -78.06
N VAL FC 150 56.19 -82.82 -79.19
CA VAL FC 150 56.80 -83.15 -80.48
C VAL FC 150 56.60 -82.00 -81.45
N SER FC 151 57.60 -81.15 -81.56
CA SER FC 151 57.44 -79.84 -82.17
C SER FC 151 57.31 -79.91 -83.68
N CYS FC 152 58.13 -80.76 -84.30
CA CYS FC 152 58.13 -80.92 -85.76
C CYS FC 152 58.41 -82.33 -86.17
N VAL FC 153 57.93 -82.65 -87.37
CA VAL FC 153 58.19 -83.92 -88.02
C VAL FC 153 58.35 -83.62 -89.50
N ARG FC 154 59.34 -84.25 -90.12
CA ARG FC 154 59.64 -84.00 -91.52
C ARG FC 154 60.07 -85.30 -92.17
N PHE FC 155 60.15 -85.27 -93.49
CA PHE FC 155 60.39 -86.46 -94.30
C PHE FC 155 61.72 -86.30 -95.02
N SER FC 156 62.50 -87.37 -95.05
CA SER FC 156 63.70 -87.43 -95.88
C SER FC 156 63.28 -87.65 -97.33
N PRO FC 157 63.88 -86.89 -98.28
CA PRO FC 157 63.78 -87.28 -99.68
C PRO FC 157 64.33 -88.68 -99.94
N ASN FC 158 63.72 -89.40 -100.88
CA ASN FC 158 64.03 -90.81 -101.15
C ASN FC 158 65.49 -91.07 -101.52
N SER FC 159 66.17 -90.07 -102.09
CA SER FC 159 67.60 -90.15 -102.38
C SER FC 159 68.41 -90.34 -101.09
N SER FC 160 68.38 -91.58 -100.60
CA SER FC 160 68.97 -92.03 -99.33
C SER FC 160 68.20 -93.27 -98.86
N ASN FC 161 67.06 -93.06 -98.22
CA ASN FC 161 66.32 -94.12 -97.53
C ASN FC 161 64.98 -93.56 -97.01
N PRO FC 162 63.99 -94.42 -96.78
CA PRO FC 162 62.78 -93.99 -96.06
C PRO FC 162 63.02 -93.58 -94.59
N ILE FC 163 63.17 -92.28 -94.36
CA ILE FC 163 63.49 -91.73 -93.02
C ILE FC 163 62.61 -90.51 -92.71
N ILE FC 164 62.29 -90.31 -91.43
CA ILE FC 164 61.53 -89.12 -90.94
C ILE FC 164 62.10 -88.59 -89.62
N VAL FC 165 62.57 -87.35 -89.63
CA VAL FC 165 63.33 -86.76 -88.52
C VAL FC 165 62.41 -85.93 -87.65
N SER FC 166 62.28 -86.31 -86.39
CA SER FC 166 61.34 -85.68 -85.45
C SER FC 166 62.08 -85.00 -84.30
N CYS FC 167 61.65 -83.79 -83.96
CA CYS FC 167 62.16 -83.07 -82.79
C CYS FC 167 61.05 -82.80 -81.80
N GLY FC 168 61.48 -82.42 -80.60
CA GLY FC 168 60.57 -82.30 -79.48
C GLY FC 168 60.97 -81.25 -78.49
N TRP FC 169 60.37 -81.35 -77.30
CA TRP FC 169 60.68 -80.48 -76.20
C TRP FC 169 61.45 -81.28 -75.15
N ASP FC 170 62.07 -82.38 -75.59
CA ASP FC 170 62.88 -83.24 -74.73
C ASP FC 170 64.34 -83.29 -75.18
N LYS FC 171 64.74 -82.39 -76.08
CA LYS FC 171 66.13 -82.25 -76.54
C LYS FC 171 66.62 -83.31 -77.55
N LEU FC 172 65.86 -84.39 -77.76
CA LEU FC 172 66.33 -85.53 -78.56
C LEU FC 172 65.75 -85.44 -79.97
N VAL FC 173 66.56 -85.00 -80.93
CA VAL FC 173 66.15 -84.98 -82.34
C VAL FC 173 66.23 -86.43 -82.83
N LYS FC 174 65.10 -87.12 -82.79
CA LYS FC 174 65.05 -88.50 -83.18
C LYS FC 174 64.86 -88.64 -84.69
N VAL FC 175 65.31 -89.78 -85.21
CA VAL FC 175 65.21 -90.14 -86.62
C VAL FC 175 64.55 -91.50 -86.69
N TRP FC 176 63.63 -91.66 -87.63
CA TRP FC 176 62.72 -92.81 -87.66
C TRP FC 176 62.71 -93.49 -89.03
N ASN FC 177 62.99 -94.79 -89.03
CA ASN FC 177 63.05 -95.59 -90.26
C ASN FC 177 61.65 -96.10 -90.63
N LEU FC 178 61.14 -95.66 -91.79
CA LEU FC 178 59.74 -95.90 -92.18
C LEU FC 178 59.36 -97.37 -92.47
N ALA FC 179 60.34 -98.26 -92.59
CA ALA FC 179 60.06 -99.70 -92.80
C ALA FC 179 59.40 -100.33 -91.56
N ASN FC 180 60.11 -100.27 -90.44
CA ASN FC 180 59.59 -100.74 -89.16
C ASN FC 180 58.85 -99.62 -88.41
N CYS FC 181 59.17 -98.37 -88.72
CA CYS FC 181 58.63 -97.18 -88.05
C CYS FC 181 59.03 -97.10 -86.58
N LYS FC 182 60.27 -97.52 -86.27
CA LYS FC 182 60.88 -97.27 -84.98
C LYS FC 182 62.16 -96.47 -85.19
N LEU FC 183 62.68 -95.93 -84.08
CA LEU FC 183 63.78 -94.99 -84.12
C LEU FC 183 65.09 -95.63 -84.60
N LYS FC 184 65.73 -94.95 -85.55
CA LYS FC 184 67.03 -95.34 -86.07
C LYS FC 184 68.12 -94.84 -85.15
N THR FC 185 67.99 -93.58 -84.72
CA THR FC 185 69.01 -92.90 -83.94
C THR FC 185 68.52 -91.66 -83.20
N ASN FC 186 69.07 -91.46 -82.00
CA ASN FC 186 68.82 -90.27 -81.18
C ASN FC 186 69.97 -89.33 -81.45
N HIS FC 187 69.70 -88.04 -81.50
CA HIS FC 187 70.73 -87.02 -81.69
C HIS FC 187 70.68 -86.09 -80.50
N ILE FC 188 71.28 -86.56 -79.40
CA ILE FC 188 71.13 -85.97 -78.07
C ILE FC 188 72.16 -84.85 -77.94
N GLY FC 189 71.85 -83.70 -78.53
CA GLY FC 189 72.83 -82.64 -78.72
C GLY FC 189 72.60 -81.39 -77.93
N HIS FC 190 71.45 -80.78 -78.15
CA HIS FC 190 71.18 -79.40 -77.78
C HIS FC 190 71.09 -79.19 -76.27
N THR FC 191 70.82 -77.97 -75.86
CA THR FC 191 70.39 -77.69 -74.50
C THR FC 191 68.94 -77.27 -74.58
N GLY FC 192 68.08 -78.07 -73.96
CA GLY FC 192 66.66 -77.73 -73.82
C GLY FC 192 65.82 -78.16 -75.00
N TYR FC 193 64.84 -77.33 -75.37
CA TYR FC 193 63.84 -77.72 -76.37
C TYR FC 193 64.20 -77.30 -77.78
N LEU FC 194 63.52 -77.94 -78.73
CA LEU FC 194 63.78 -77.85 -80.15
C LEU FC 194 62.51 -77.42 -80.86
N ASN FC 195 62.61 -76.43 -81.73
CA ASN FC 195 61.43 -75.86 -82.41
C ASN FC 195 61.09 -76.58 -83.69
N THR FC 196 62.12 -77.04 -84.41
CA THR FC 196 61.96 -77.57 -85.78
C THR FC 196 63.05 -78.56 -86.14
N VAL FC 197 62.79 -79.35 -87.17
CA VAL FC 197 63.86 -79.94 -87.96
C VAL FC 197 63.55 -79.74 -89.43
N THR FC 198 64.58 -79.51 -90.21
CA THR FC 198 64.47 -79.58 -91.66
C THR FC 198 65.55 -80.56 -92.12
N VAL FC 199 65.40 -81.04 -93.35
CA VAL FC 199 66.37 -81.92 -93.98
C VAL FC 199 66.78 -81.26 -95.31
N SER FC 200 67.98 -81.58 -95.78
CA SER FC 200 68.47 -81.09 -97.07
C SER FC 200 67.70 -81.69 -98.26
N PRO FC 201 67.79 -81.05 -99.44
CA PRO FC 201 67.34 -81.71 -100.66
C PRO FC 201 68.10 -83.01 -100.94
N ASP FC 202 69.39 -83.03 -100.56
CA ASP FC 202 70.25 -84.22 -100.65
C ASP FC 202 69.66 -85.43 -99.91
N GLY FC 203 69.13 -85.18 -98.72
CA GLY FC 203 68.62 -86.23 -97.85
C GLY FC 203 69.79 -86.76 -97.03
N SER FC 204 70.35 -85.88 -96.21
CA SER FC 204 71.59 -86.17 -95.48
C SER FC 204 71.83 -85.16 -94.37
N LEU FC 205 71.96 -83.89 -94.77
CA LEU FC 205 72.26 -82.80 -93.84
C LEU FC 205 70.96 -82.36 -93.17
N CYS FC 206 70.77 -82.75 -91.91
CA CYS FC 206 69.56 -82.40 -91.14
C CYS FC 206 69.88 -81.30 -90.15
N ALA FC 207 69.17 -80.17 -90.30
CA ALA FC 207 69.41 -78.99 -89.48
C ALA FC 207 68.32 -78.87 -88.42
N SER FC 208 68.71 -78.98 -87.15
CA SER FC 208 67.79 -78.84 -86.02
C SER FC 208 68.18 -77.61 -85.21
N GLY FC 209 67.16 -76.85 -84.80
CA GLY FC 209 67.31 -75.63 -84.01
C GLY FC 209 66.37 -75.67 -82.83
N GLY FC 210 66.48 -74.66 -81.97
CA GLY FC 210 65.65 -74.63 -80.79
C GLY FC 210 65.81 -73.39 -79.94
N LYS FC 211 65.80 -73.59 -78.62
CA LYS FC 211 65.81 -72.50 -77.67
C LYS FC 211 67.17 -71.81 -77.59
N ASP FC 212 68.24 -72.60 -77.60
CA ASP FC 212 69.56 -72.09 -77.22
C ASP FC 212 70.11 -70.99 -78.13
N GLY FC 213 69.99 -71.21 -79.44
CA GLY FC 213 70.65 -70.36 -80.45
C GLY FC 213 71.69 -71.11 -81.26
N GLN FC 214 71.89 -72.39 -80.96
CA GLN FC 214 72.76 -73.25 -81.72
C GLN FC 214 71.94 -74.03 -82.72
N ALA FC 215 72.35 -73.98 -83.99
CA ALA FC 215 71.81 -74.82 -85.06
C ALA FC 215 72.75 -76.00 -85.28
N MET FC 216 72.29 -77.20 -84.98
CA MET FC 216 73.13 -78.39 -85.12
C MET FC 216 72.78 -79.14 -86.39
N LEU FC 217 73.79 -79.33 -87.23
CA LEU FC 217 73.69 -80.14 -88.43
C LEU FC 217 73.96 -81.58 -87.99
N TRP FC 218 73.23 -82.52 -88.58
CA TRP FC 218 73.48 -83.93 -88.37
C TRP FC 218 73.55 -84.63 -89.73
N ASP FC 219 74.44 -85.61 -89.85
CA ASP FC 219 74.47 -86.47 -91.04
C ASP FC 219 73.45 -87.57 -90.80
N LEU FC 220 72.57 -87.75 -91.78
CA LEU FC 220 71.52 -88.75 -91.73
C LEU FC 220 71.95 -90.06 -92.37
N ASN FC 221 72.82 -89.99 -93.39
CA ASN FC 221 73.31 -91.16 -94.10
C ASN FC 221 74.15 -92.05 -93.19
N GLU FC 222 75.17 -91.45 -92.56
CA GLU FC 222 76.02 -92.16 -91.61
C GLU FC 222 75.37 -92.24 -90.24
N GLY FC 223 74.90 -91.10 -89.74
CA GLY FC 223 74.19 -91.03 -88.45
C GLY FC 223 75.09 -90.47 -87.37
N LYS FC 224 75.53 -89.24 -87.55
CA LYS FC 224 76.48 -88.60 -86.65
C LYS FC 224 76.31 -87.08 -86.70
N HIS FC 225 76.78 -86.41 -85.67
CA HIS FC 225 76.88 -84.96 -85.66
C HIS FC 225 77.85 -84.50 -86.74
N LEU FC 226 77.52 -83.37 -87.36
CA LEU FC 226 78.44 -82.74 -88.29
C LEU FC 226 79.07 -81.53 -87.60
N TYR FC 227 78.28 -80.50 -87.36
CA TYR FC 227 78.77 -79.27 -86.73
C TYR FC 227 77.64 -78.46 -86.11
N THR FC 228 78.03 -77.40 -85.39
CA THR FC 228 77.12 -76.58 -84.61
C THR FC 228 77.46 -75.10 -84.86
N LEU FC 229 76.46 -74.34 -85.29
CA LEU FC 229 76.63 -72.93 -85.64
C LEU FC 229 75.64 -72.08 -84.85
N ASP FC 230 76.13 -71.01 -84.20
CA ASP FC 230 75.26 -70.18 -83.35
C ASP FC 230 74.56 -69.06 -84.13
N GLY FC 231 73.23 -69.15 -84.19
CA GLY FC 231 72.39 -68.03 -84.58
C GLY FC 231 72.28 -67.00 -83.45
N GLY FC 232 72.61 -67.44 -82.23
CA GLY FC 232 72.74 -66.57 -81.07
C GLY FC 232 71.43 -66.50 -80.33
N ASP FC 233 70.47 -65.78 -80.92
CA ASP FC 233 69.13 -65.68 -80.36
C ASP FC 233 68.34 -66.92 -80.81
N ILE FC 234 67.18 -67.14 -80.17
CA ILE FC 234 66.36 -68.34 -80.39
C ILE FC 234 66.05 -68.70 -81.84
N ILE FC 235 66.28 -69.96 -82.19
CA ILE FC 235 66.10 -70.43 -83.57
C ILE FC 235 64.71 -71.02 -83.73
N ASN FC 236 63.81 -70.26 -84.36
CA ASN FC 236 62.44 -70.72 -84.59
C ASN FC 236 62.32 -71.74 -85.71
N ALA FC 237 62.94 -71.42 -86.85
CA ALA FC 237 62.77 -72.19 -88.09
C ALA FC 237 64.05 -72.27 -88.91
N LEU FC 238 64.13 -73.32 -89.73
CA LEU FC 238 65.34 -73.68 -90.45
C LEU FC 238 64.97 -74.13 -91.86
N CYS FC 239 65.67 -73.61 -92.86
CA CYS FC 239 65.35 -73.85 -94.27
C CYS FC 239 66.60 -73.83 -95.16
N PHE FC 240 66.96 -74.99 -95.71
CA PHE FC 240 68.05 -75.07 -96.69
C PHE FC 240 67.62 -74.41 -97.99
N SER FC 241 68.55 -73.73 -98.65
CA SER FC 241 68.33 -73.24 -100.01
C SER FC 241 68.24 -74.46 -100.94
N PRO FC 242 67.30 -74.45 -101.91
CA PRO FC 242 67.14 -75.59 -102.81
C PRO FC 242 68.25 -75.75 -103.85
N ASN FC 243 68.88 -74.64 -104.25
CA ASN FC 243 69.97 -74.63 -105.22
C ASN FC 243 71.39 -74.47 -104.62
N ARG FC 244 71.53 -73.74 -103.51
CA ARG FC 244 72.84 -73.55 -102.84
C ARG FC 244 73.10 -74.48 -101.66
N TYR FC 245 74.37 -74.53 -101.24
CA TYR FC 245 74.80 -75.16 -99.98
C TYR FC 245 74.66 -74.10 -98.89
N TRP FC 246 73.40 -73.72 -98.64
CA TRP FC 246 73.06 -72.62 -97.76
C TRP FC 246 72.07 -73.18 -96.75
N LEU FC 247 72.27 -72.87 -95.46
CA LEU FC 247 71.26 -73.14 -94.45
C LEU FC 247 70.85 -71.81 -93.86
N CYS FC 248 69.59 -71.46 -94.13
CA CYS FC 248 68.97 -70.25 -93.61
C CYS FC 248 68.30 -70.59 -92.29
N ALA FC 249 68.56 -69.78 -91.28
CA ALA FC 249 68.02 -69.98 -89.96
C ALA FC 249 67.31 -68.72 -89.50
N ALA FC 250 66.05 -68.88 -89.12
CA ALA FC 250 65.31 -67.81 -88.47
C ALA FC 250 65.73 -67.77 -87.00
N THR FC 251 66.56 -66.78 -86.67
CA THR FC 251 66.86 -66.39 -85.29
C THR FC 251 65.60 -65.72 -84.71
N GLY FC 252 65.72 -64.99 -83.61
CA GLY FC 252 64.60 -64.25 -83.05
C GLY FC 252 64.01 -63.24 -84.03
N PRO FC 253 64.51 -62.00 -84.00
CA PRO FC 253 63.93 -60.94 -84.82
C PRO FC 253 64.35 -61.02 -86.28
N SER FC 254 65.44 -61.72 -86.57
CA SER FC 254 66.11 -61.62 -87.84
C SER FC 254 66.30 -63.00 -88.40
N ILE FC 255 66.94 -63.08 -89.57
CA ILE FC 255 67.23 -64.35 -90.22
C ILE FC 255 68.68 -64.37 -90.72
N LYS FC 256 69.36 -65.48 -90.47
CA LYS FC 256 70.79 -65.63 -90.72
C LYS FC 256 70.99 -66.73 -91.76
N ILE FC 257 71.83 -66.49 -92.76
CA ILE FC 257 72.23 -67.52 -93.74
C ILE FC 257 73.73 -67.80 -93.63
N TRP FC 258 74.06 -69.08 -93.48
CA TRP FC 258 75.43 -69.53 -93.52
C TRP FC 258 75.64 -70.34 -94.79
N ASP FC 259 76.87 -70.35 -95.29
CA ASP FC 259 77.29 -71.32 -96.30
C ASP FC 259 77.70 -72.61 -95.58
N LEU FC 260 77.62 -73.73 -96.29
CA LEU FC 260 77.98 -75.05 -95.76
C LEU FC 260 79.32 -75.58 -96.31
N GLU FC 261 79.80 -75.02 -97.43
CA GLU FC 261 81.16 -75.30 -97.91
C GLU FC 261 82.19 -74.59 -97.02
N GLY FC 262 81.87 -73.36 -96.63
CA GLY FC 262 82.59 -72.64 -95.57
C GLY FC 262 81.59 -72.29 -94.47
N LYS FC 263 81.82 -72.77 -93.25
CA LYS FC 263 80.83 -72.68 -92.17
C LYS FC 263 80.84 -71.26 -91.59
N ILE FC 264 80.31 -70.31 -92.36
CA ILE FC 264 80.47 -68.88 -92.07
C ILE FC 264 79.27 -68.09 -92.59
N ILE FC 265 78.92 -67.04 -91.85
CA ILE FC 265 77.79 -66.14 -92.20
C ILE FC 265 77.93 -65.54 -93.60
N VAL FC 266 76.81 -65.49 -94.30
CA VAL FC 266 76.72 -64.91 -95.62
C VAL FC 266 76.11 -63.51 -95.54
N ASP FC 267 74.94 -63.40 -94.89
CA ASP FC 267 74.21 -62.12 -94.77
C ASP FC 267 73.02 -62.23 -93.80
N GLU FC 268 72.80 -61.18 -93.00
CA GLU FC 268 71.69 -61.15 -92.02
C GLU FC 268 70.56 -60.25 -92.50
N LEU FC 269 69.33 -60.57 -92.11
CA LEU FC 269 68.10 -59.93 -92.64
C LEU FC 269 67.34 -59.11 -91.57
N LYS FC 270 68.07 -58.20 -90.93
CA LYS FC 270 67.48 -57.29 -89.95
C LYS FC 270 66.77 -56.17 -90.69
N GLN FC 271 65.45 -56.11 -90.58
CA GLN FC 271 64.68 -54.95 -91.02
C GLN FC 271 64.80 -53.86 -89.95
N GLU FC 272 65.17 -52.65 -90.37
CA GLU FC 272 65.39 -51.54 -89.43
C GLU FC 272 64.13 -50.69 -89.31
N VAL FC 273 63.68 -50.48 -88.07
CA VAL FC 273 62.54 -49.59 -87.81
C VAL FC 273 62.97 -48.12 -87.97
N ILE FC 274 62.14 -47.34 -88.65
CA ILE FC 274 62.43 -45.93 -88.94
C ILE FC 274 61.56 -45.02 -88.06
N SER FC 275 62.11 -43.87 -87.67
CA SER FC 275 61.40 -42.83 -86.89
C SER FC 275 61.13 -43.19 -85.41
N THR FC 276 60.36 -44.25 -85.18
CA THR FC 276 59.97 -44.68 -83.82
C THR FC 276 61.19 -45.06 -82.96
N SER FC 277 61.10 -44.74 -81.66
CA SER FC 277 62.20 -44.98 -80.71
C SER FC 277 62.31 -46.46 -80.34
N SER FC 278 63.51 -46.85 -79.89
CA SER FC 278 63.83 -48.24 -79.59
C SER FC 278 63.54 -48.62 -78.14
N LYS FC 279 62.35 -49.18 -77.91
CA LYS FC 279 61.98 -49.81 -76.63
C LYS FC 279 60.96 -50.92 -76.88
N ALA FC 280 61.19 -52.09 -76.28
CA ALA FC 280 60.57 -53.35 -76.70
C ALA FC 280 60.91 -53.54 -78.19
N GLU FC 281 59.92 -53.75 -79.06
CA GLU FC 281 59.95 -53.37 -80.51
C GLU FC 281 59.95 -54.52 -81.54
N PRO FC 282 61.03 -55.33 -81.61
CA PRO FC 282 61.21 -56.19 -82.79
C PRO FC 282 60.26 -57.40 -82.83
N PRO FC 283 59.47 -57.54 -83.92
CA PRO FC 283 58.63 -58.72 -84.09
C PRO FC 283 59.46 -59.90 -84.62
N GLN FC 284 59.52 -60.98 -83.86
CA GLN FC 284 60.36 -62.12 -84.22
C GLN FC 284 59.85 -62.87 -85.44
N CYS FC 285 60.79 -63.39 -86.23
CA CYS FC 285 60.48 -64.10 -87.46
C CYS FC 285 60.28 -65.58 -87.13
N THR FC 286 59.02 -65.97 -87.13
CA THR FC 286 58.62 -67.28 -86.63
C THR FC 286 58.77 -68.40 -87.66
N SER FC 287 58.68 -68.06 -88.94
CA SER FC 287 58.94 -69.04 -90.00
C SER FC 287 59.43 -68.39 -91.27
N LEU FC 288 59.81 -69.24 -92.21
CA LEU FC 288 60.18 -68.82 -93.55
C LEU FC 288 60.17 -70.00 -94.50
N ALA FC 289 60.36 -69.71 -95.79
CA ALA FC 289 60.42 -70.74 -96.81
C ALA FC 289 61.09 -70.22 -98.10
N TRP FC 290 61.90 -71.08 -98.72
CA TRP FC 290 62.58 -70.76 -99.97
C TRP FC 290 61.65 -70.99 -101.16
N SER FC 291 61.61 -70.02 -102.08
CA SER FC 291 61.04 -70.24 -103.41
C SER FC 291 61.88 -71.28 -104.15
N ALA FC 292 61.24 -72.20 -104.86
CA ALA FC 292 61.94 -73.30 -105.55
C ALA FC 292 62.96 -72.84 -106.62
N ASP FC 293 62.91 -71.56 -106.99
CA ASP FC 293 63.99 -70.91 -107.76
C ASP FC 293 65.34 -71.04 -107.08
N GLY FC 294 65.35 -70.86 -105.76
CA GLY FC 294 66.58 -70.67 -105.00
C GLY FC 294 67.01 -69.24 -105.23
N GLN FC 295 66.06 -68.34 -105.06
CA GLN FC 295 66.19 -66.96 -105.50
C GLN FC 295 65.41 -66.02 -104.57
N THR FC 296 64.11 -66.27 -104.43
CA THR FC 296 63.28 -65.58 -103.46
C THR FC 296 63.12 -66.46 -102.23
N LEU FC 297 62.93 -65.85 -101.06
CA LEU FC 297 62.50 -66.61 -99.88
C LEU FC 297 61.47 -65.81 -99.08
N PHE FC 298 60.41 -66.50 -98.67
CA PHE FC 298 59.27 -65.89 -97.99
C PHE FC 298 59.38 -66.10 -96.49
N ALA FC 299 59.42 -65.01 -95.75
CA ALA FC 299 59.63 -65.03 -94.32
C ALA FC 299 58.35 -64.62 -93.61
N GLY FC 300 57.81 -65.50 -92.78
CA GLY FC 300 56.62 -65.21 -91.96
C GLY FC 300 56.98 -64.64 -90.61
N TYR FC 301 56.44 -63.45 -90.30
CA TYR FC 301 56.79 -62.73 -89.09
C TYR FC 301 55.69 -62.79 -88.03
N THR FC 302 56.04 -62.33 -86.82
CA THR FC 302 55.10 -62.24 -85.70
C THR FC 302 54.15 -61.05 -85.78
N ASP FC 303 54.43 -60.08 -86.68
CA ASP FC 303 53.54 -58.94 -86.88
C ASP FC 303 52.42 -59.17 -87.92
N ASN FC 304 52.05 -60.44 -88.12
CA ASN FC 304 50.94 -60.84 -89.00
C ASN FC 304 51.21 -60.46 -90.45
N LEU FC 305 52.36 -60.93 -90.93
CA LEU FC 305 52.94 -60.48 -92.19
C LEU FC 305 53.93 -61.50 -92.77
N VAL FC 306 54.09 -61.47 -94.10
CA VAL FC 306 55.08 -62.29 -94.81
C VAL FC 306 55.97 -61.41 -95.71
N ARG FC 307 57.25 -61.33 -95.36
CA ARG FC 307 58.21 -60.56 -96.12
C ARG FC 307 58.98 -61.42 -97.11
N VAL FC 308 59.38 -60.80 -98.23
CA VAL FC 308 60.13 -61.47 -99.31
C VAL FC 308 61.60 -61.02 -99.29
N TRP FC 309 62.48 -61.89 -99.77
CA TRP FC 309 63.92 -61.64 -99.81
C TRP FC 309 64.55 -62.28 -101.04
N GLN FC 310 64.96 -61.45 -102.00
CA GLN FC 310 65.54 -61.94 -103.25
C GLN FC 310 67.06 -61.81 -103.27
N VAL FC 311 67.71 -62.75 -103.96
CA VAL FC 311 69.15 -62.75 -104.10
C VAL FC 311 69.55 -61.75 -105.19
N THR FC 312 70.58 -60.96 -104.93
CA THR FC 312 71.15 -60.01 -105.89
C THR FC 312 72.65 -59.89 -105.69
N ILE FC 313 73.36 -59.50 -106.76
CA ILE FC 313 74.82 -59.37 -106.74
C ILE FC 313 75.25 -57.90 -106.64
N SER HC 1 -33.74 -34.18 -11.57
CA SER HC 1 -34.53 -35.03 -10.62
C SER HC 1 -33.62 -35.78 -9.63
N ALA HC 2 -34.18 -36.13 -8.49
CA ALA HC 2 -33.45 -36.84 -7.43
C ALA HC 2 -33.26 -38.32 -7.73
N ALA HC 3 -34.31 -38.97 -8.25
CA ALA HC 3 -34.27 -40.39 -8.60
C ALA HC 3 -33.28 -40.70 -9.72
N ASP HC 4 -33.25 -39.85 -10.75
CA ASP HC 4 -32.32 -40.00 -11.87
C ASP HC 4 -30.87 -39.84 -11.41
N ARG HC 5 -30.64 -38.91 -10.49
CA ARG HC 5 -29.33 -38.70 -9.86
C ARG HC 5 -28.87 -39.95 -9.10
N ASN HC 6 -29.77 -40.53 -8.30
CA ASN HC 6 -29.50 -41.77 -7.55
C ASN HC 6 -29.16 -42.98 -8.44
N VAL HC 7 -29.78 -43.03 -9.63
CA VAL HC 7 -29.48 -44.05 -10.63
C VAL HC 7 -28.08 -43.85 -11.22
N GLU HC 8 -27.74 -42.60 -11.51
CA GLU HC 8 -26.41 -42.25 -12.05
C GLU HC 8 -25.28 -42.48 -11.05
N ILE HC 9 -25.56 -42.30 -9.75
CA ILE HC 9 -24.61 -42.66 -8.69
C ILE HC 9 -24.43 -44.18 -8.63
N TRP HC 10 -25.55 -44.91 -8.64
CA TRP HC 10 -25.50 -46.37 -8.63
C TRP HC 10 -24.74 -46.93 -9.83
N LYS HC 11 -25.01 -46.35 -11.00
CA LYS HC 11 -24.29 -46.67 -12.23
C LYS HC 11 -22.78 -46.52 -12.06
N ILE HC 12 -22.35 -45.38 -11.51
CA ILE HC 12 -20.93 -45.08 -11.35
C ILE HC 12 -20.30 -45.96 -10.27
N LYS HC 13 -21.01 -46.21 -9.18
CA LYS HC 13 -20.53 -47.13 -8.15
C LYS HC 13 -20.26 -48.52 -8.73
N LYS HC 14 -21.20 -49.02 -9.52
CA LYS HC 14 -21.09 -50.31 -10.21
C LYS HC 14 -19.92 -50.34 -11.20
N LEU HC 15 -19.72 -49.23 -11.91
CA LEU HC 15 -18.60 -49.08 -12.82
C LEU HC 15 -17.26 -49.17 -12.07
N ILE HC 16 -17.19 -48.52 -10.91
CA ILE HC 16 -16.00 -48.56 -10.06
C ILE HC 16 -15.71 -49.97 -9.57
N LYS HC 17 -16.75 -50.65 -9.08
CA LYS HC 17 -16.62 -52.04 -8.63
C LYS HC 17 -15.96 -52.92 -9.68
N SER HC 18 -16.41 -52.79 -10.93
CA SER HC 18 -15.84 -53.54 -12.03
C SER HC 18 -14.39 -53.13 -12.32
N LEU HC 19 -14.12 -51.82 -12.37
CA LEU HC 19 -12.79 -51.32 -12.72
C LEU HC 19 -11.73 -51.64 -11.69
N GLU HC 20 -12.12 -51.67 -10.42
CA GLU HC 20 -11.22 -52.12 -9.36
C GLU HC 20 -10.90 -53.60 -9.49
N ALA HC 21 -11.91 -54.40 -9.86
CA ALA HC 21 -11.73 -55.83 -10.09
C ALA HC 21 -10.85 -56.09 -11.31
N ALA HC 22 -11.19 -55.43 -12.42
CA ALA HC 22 -10.67 -55.71 -13.77
C ALA HC 22 -9.38 -56.52 -13.87
N ARG HC 23 -8.23 -55.84 -13.74
CA ARG HC 23 -6.90 -56.44 -13.91
C ARG HC 23 -6.67 -57.00 -15.32
N GLY HC 24 -5.40 -57.02 -15.71
CA GLY HC 24 -4.99 -57.59 -16.99
C GLY HC 24 -3.54 -58.03 -16.92
N ASN HC 25 -3.28 -59.25 -17.41
CA ASN HC 25 -1.95 -59.84 -17.30
C ASN HC 25 -1.05 -59.39 -18.44
N GLY HC 26 0.15 -58.96 -18.05
CA GLY HC 26 0.97 -58.06 -18.85
C GLY HC 26 0.34 -56.68 -18.77
N THR HC 27 0.30 -56.00 -19.92
CA THR HC 27 -0.47 -54.75 -20.20
C THR HC 27 -0.51 -53.64 -19.13
N SER HC 28 -0.88 -52.44 -19.57
CA SER HC 28 -1.23 -51.39 -18.65
C SER HC 28 -2.51 -50.74 -19.14
N MET HC 29 -3.04 -49.84 -18.31
CA MET HC 29 -4.38 -49.28 -18.45
C MET HC 29 -4.28 -47.78 -18.22
N ILE HC 30 -4.83 -47.00 -19.13
CA ILE HC 30 -4.81 -45.56 -18.97
C ILE HC 30 -5.88 -45.14 -17.97
N SER HC 31 -5.45 -44.85 -16.74
CA SER HC 31 -6.24 -44.02 -15.86
C SER HC 31 -6.16 -42.61 -16.45
N LEU HC 32 -7.25 -41.87 -16.45
CA LEU HC 32 -7.21 -40.50 -16.97
C LEU HC 32 -8.38 -39.68 -16.45
N ILE HC 33 -8.14 -38.43 -16.08
CA ILE HC 33 -9.21 -37.51 -15.69
C ILE HC 33 -8.87 -36.11 -16.16
N ILE HC 34 -9.78 -35.49 -16.92
CA ILE HC 34 -9.55 -34.16 -17.47
C ILE HC 34 -10.46 -33.15 -16.83
N PRO HC 35 -9.93 -32.33 -15.93
CA PRO HC 35 -10.76 -31.43 -15.14
C PRO HC 35 -11.48 -30.39 -16.01
N PRO HC 36 -12.55 -29.77 -15.46
CA PRO HC 36 -13.45 -28.88 -16.23
C PRO HC 36 -12.81 -27.77 -17.07
N LYS HC 37 -11.95 -26.98 -16.45
CA LYS HC 37 -11.36 -25.81 -17.12
C LYS HC 37 -10.42 -26.14 -18.28
N ASP HC 38 -9.78 -27.31 -18.21
CA ASP HC 38 -8.68 -27.70 -19.11
C ASP HC 38 -9.01 -27.54 -20.61
N GLN HC 39 -7.95 -27.39 -21.41
CA GLN HC 39 -8.04 -27.45 -22.87
C GLN HC 39 -7.72 -28.87 -23.29
N ILE HC 40 -8.55 -29.44 -24.16
CA ILE HC 40 -8.43 -30.85 -24.52
C ILE HC 40 -7.22 -31.07 -25.44
N SER HC 41 -6.95 -30.11 -26.32
CA SER HC 41 -5.71 -30.12 -27.10
C SER HC 41 -4.53 -30.45 -26.21
N ARG HC 42 -4.42 -29.72 -25.11
CA ARG HC 42 -3.37 -29.91 -24.12
C ARG HC 42 -3.26 -31.39 -23.74
N VAL HC 43 -4.41 -32.03 -23.59
CA VAL HC 43 -4.46 -33.45 -23.28
C VAL HC 43 -4.03 -34.32 -24.47
N ALA HC 44 -4.48 -33.96 -25.67
CA ALA HC 44 -4.07 -34.68 -26.88
C ALA HC 44 -2.56 -34.70 -27.07
N LYS HC 45 -1.91 -33.56 -26.88
CA LYS HC 45 -0.47 -33.47 -27.00
C LYS HC 45 0.20 -34.37 -25.98
N MET HC 46 -0.14 -34.16 -24.71
CA MET HC 46 0.38 -34.98 -23.65
C MET HC 46 0.33 -36.44 -24.06
N LEU HC 47 -0.84 -36.88 -24.53
CA LEU HC 47 -0.99 -38.26 -24.96
C LEU HC 47 -0.01 -38.60 -26.06
N ALA HC 48 0.10 -37.72 -27.06
CA ALA HC 48 0.97 -37.97 -28.21
C ALA HC 48 2.44 -38.17 -27.88
N ASP HC 49 2.93 -37.45 -26.87
CA ASP HC 49 4.30 -37.65 -26.41
C ASP HC 49 4.40 -38.87 -25.51
N GLU HC 50 3.35 -39.12 -24.73
CA GLU HC 50 3.24 -40.37 -23.98
C GLU HC 50 3.22 -41.59 -24.88
N PHE HC 51 2.67 -41.42 -26.08
CA PHE HC 51 2.71 -42.45 -27.08
C PHE HC 51 4.14 -42.68 -27.51
N GLY HC 52 4.79 -41.60 -27.92
CA GLY HC 52 6.13 -41.68 -28.49
C GLY HC 52 7.13 -42.26 -27.53
N THR HC 53 7.03 -41.86 -26.27
CA THR HC 53 7.79 -42.48 -25.20
C THR HC 53 7.47 -43.97 -25.19
N ALA HC 54 6.22 -44.34 -24.94
CA ALA HC 54 5.86 -45.76 -24.84
C ALA HC 54 6.42 -46.66 -25.95
N SER HC 55 6.68 -46.11 -27.12
CA SER HC 55 7.26 -46.89 -28.20
C SER HC 55 8.71 -47.33 -27.94
N ASN HC 56 9.35 -46.80 -26.90
CA ASN HC 56 10.65 -47.31 -26.46
C ASN HC 56 10.60 -48.29 -25.25
N ILE HC 57 9.38 -48.62 -24.80
CA ILE HC 57 9.15 -49.62 -23.73
C ILE HC 57 9.74 -50.93 -24.18
N LYS HC 58 10.50 -51.57 -23.28
CA LYS HC 58 11.28 -52.73 -23.66
C LYS HC 58 10.42 -53.98 -23.76
N SER HC 59 9.55 -54.17 -22.78
CA SER HC 59 8.61 -55.29 -22.81
C SER HC 59 7.66 -55.12 -23.97
N ARG HC 60 7.35 -56.21 -24.67
CA ARG HC 60 6.44 -56.13 -25.82
C ARG HC 60 5.00 -56.05 -25.35
N VAL HC 61 4.60 -57.00 -24.52
CA VAL HC 61 3.18 -57.15 -24.23
C VAL HC 61 2.67 -55.91 -23.52
N ASN HC 62 3.49 -55.34 -22.63
CA ASN HC 62 3.23 -54.05 -22.02
C ASN HC 62 3.19 -52.94 -23.06
N ARG HC 63 4.28 -52.81 -23.82
CA ARG HC 63 4.40 -51.78 -24.85
C ARG HC 63 3.16 -51.81 -25.68
N LEU HC 64 3.02 -52.83 -26.52
CA LEU HC 64 1.95 -52.82 -27.50
C LEU HC 64 0.59 -52.54 -26.87
N SER HC 65 0.40 -52.97 -25.63
CA SER HC 65 -0.82 -52.65 -24.92
C SER HC 65 -1.00 -51.16 -24.65
N VAL HC 66 0.05 -50.55 -24.13
CA VAL HC 66 0.03 -49.13 -23.77
C VAL HC 66 -0.16 -48.26 -25.01
N LEU HC 67 0.60 -48.55 -26.06
CA LEU HC 67 0.44 -47.85 -27.31
C LEU HC 67 -0.98 -47.94 -27.80
N GLY HC 68 -1.55 -49.15 -27.77
CA GLY HC 68 -2.97 -49.36 -28.14
C GLY HC 68 -3.98 -48.51 -27.37
N ALA HC 69 -3.82 -48.51 -26.06
CA ALA HC 69 -4.68 -47.72 -25.19
C ALA HC 69 -4.56 -46.24 -25.49
N ILE HC 70 -3.33 -45.75 -25.64
CA ILE HC 70 -3.10 -44.34 -25.93
C ILE HC 70 -3.62 -43.96 -27.32
N THR HC 71 -3.54 -44.87 -28.27
CA THR HC 71 -4.14 -44.65 -29.58
C THR HC 71 -5.64 -44.44 -29.43
N SER HC 72 -6.27 -45.28 -28.62
CA SER HC 72 -7.72 -45.29 -28.47
C SER HC 72 -8.25 -44.19 -27.56
N VAL HC 73 -7.54 -43.83 -26.49
CA VAL HC 73 -7.94 -42.68 -25.67
C VAL HC 73 -7.87 -41.38 -26.46
N GLN HC 74 -6.91 -41.25 -27.38
CA GLN HC 74 -6.90 -40.09 -28.25
C GLN HC 74 -8.18 -40.04 -29.05
N GLN HC 75 -8.62 -41.17 -29.62
CA GLN HC 75 -9.83 -41.17 -30.44
C GLN HC 75 -11.11 -40.83 -29.67
N ARG HC 76 -11.18 -41.22 -28.40
CA ARG HC 76 -12.29 -40.80 -27.55
C ARG HC 76 -12.31 -39.29 -27.47
N LEU HC 77 -11.17 -38.70 -27.12
CA LEU HC 77 -11.06 -37.24 -27.00
C LEU HC 77 -11.35 -36.49 -28.28
N LYS HC 78 -11.18 -37.13 -29.43
CA LYS HC 78 -11.54 -36.51 -30.69
C LYS HC 78 -13.05 -36.30 -30.85
N LEU HC 79 -13.85 -37.12 -30.17
CA LEU HC 79 -15.32 -37.02 -30.26
C LEU HC 79 -15.90 -35.86 -29.46
N TYR HC 80 -15.20 -35.44 -28.40
CA TYR HC 80 -15.50 -34.18 -27.72
C TYR HC 80 -14.73 -33.07 -28.39
N ASN HC 81 -15.25 -31.85 -28.34
CA ASN HC 81 -14.52 -30.69 -28.87
C ASN HC 81 -14.18 -29.62 -27.83
N LYS HC 82 -15.00 -29.51 -26.79
CA LYS HC 82 -14.60 -28.83 -25.58
C LYS HC 82 -14.67 -29.84 -24.49
N VAL HC 83 -13.97 -29.57 -23.39
CA VAL HC 83 -13.97 -30.46 -22.25
C VAL HC 83 -15.39 -30.41 -21.68
N PRO HC 84 -15.98 -31.58 -21.42
CA PRO HC 84 -17.31 -31.51 -20.86
C PRO HC 84 -17.26 -30.86 -19.49
N PRO HC 85 -18.31 -30.12 -19.11
CA PRO HC 85 -18.28 -29.53 -17.79
C PRO HC 85 -18.34 -30.67 -16.82
N ASN HC 86 -17.96 -30.42 -15.59
CA ASN HC 86 -17.86 -31.48 -14.61
C ASN HC 86 -16.74 -32.51 -14.85
N GLY HC 87 -15.77 -32.18 -15.68
CA GLY HC 87 -14.67 -33.08 -15.98
C GLY HC 87 -15.01 -34.26 -16.87
N LEU HC 88 -13.97 -35.00 -17.22
CA LEU HC 88 -14.03 -36.20 -18.05
C LEU HC 88 -13.23 -37.27 -17.37
N VAL HC 89 -13.64 -38.51 -17.51
CA VAL HC 89 -12.92 -39.61 -16.90
C VAL HC 89 -12.84 -40.74 -17.88
N VAL HC 90 -11.64 -40.96 -18.39
CA VAL HC 90 -11.37 -42.01 -19.35
C VAL HC 90 -10.59 -43.13 -18.67
N TYR HC 91 -10.84 -44.34 -19.14
CA TYR HC 91 -10.25 -45.52 -18.56
C TYR HC 91 -10.06 -46.55 -19.66
N CYS HC 92 -8.92 -46.47 -20.34
CA CYS HC 92 -8.63 -47.43 -21.40
C CYS HC 92 -7.91 -48.59 -20.81
N GLY HC 93 -7.67 -49.59 -21.64
CA GLY HC 93 -6.83 -50.71 -21.27
C GLY HC 93 -7.23 -51.98 -21.97
N THR HC 94 -6.62 -53.07 -21.52
CA THR HC 94 -6.83 -54.38 -22.08
C THR HC 94 -7.01 -55.31 -20.89
N ILE HC 95 -8.22 -55.26 -20.34
CA ILE HC 95 -8.56 -56.05 -19.17
C ILE HC 95 -8.63 -57.52 -19.54
N VAL HC 96 -8.26 -58.37 -18.59
CA VAL HC 96 -8.43 -59.82 -18.71
C VAL HC 96 -9.59 -60.22 -17.82
N THR HC 97 -10.26 -61.29 -18.21
CA THR HC 97 -11.39 -61.82 -17.46
C THR HC 97 -11.38 -63.35 -17.60
N GLU HC 98 -12.38 -64.01 -17.01
CA GLU HC 98 -12.51 -65.47 -17.10
C GLU HC 98 -12.66 -65.97 -18.53
N GLU HC 99 -12.44 -67.27 -18.72
CA GLU HC 99 -12.39 -67.93 -20.03
C GLU HC 99 -11.11 -67.61 -20.84
N GLY HC 100 -10.09 -67.05 -20.18
CA GLY HC 100 -8.85 -66.62 -20.85
C GLY HC 100 -9.11 -65.63 -21.98
N LYS HC 101 -9.89 -64.60 -21.68
CA LYS HC 101 -10.42 -63.69 -22.69
C LYS HC 101 -9.81 -62.29 -22.55
N GLU HC 102 -8.77 -62.03 -23.35
CA GLU HC 102 -8.14 -60.71 -23.39
C GLU HC 102 -9.03 -59.74 -24.16
N LYS HC 103 -9.58 -58.75 -23.46
CA LYS HC 103 -10.53 -57.80 -24.04
C LYS HC 103 -10.12 -56.35 -23.79
N LYS HC 104 -10.20 -55.53 -24.84
CA LYS HC 104 -9.92 -54.09 -24.79
C LYS HC 104 -11.16 -53.32 -24.36
N VAL HC 105 -10.97 -52.25 -23.61
CA VAL HC 105 -12.10 -51.43 -23.15
C VAL HC 105 -11.72 -49.95 -22.97
N ASN HC 106 -12.67 -49.05 -23.29
CA ASN HC 106 -12.43 -47.59 -23.36
C ASN HC 106 -13.59 -46.79 -22.80
N ILE HC 107 -13.67 -46.74 -21.47
CA ILE HC 107 -14.77 -46.09 -20.76
C ILE HC 107 -14.44 -44.63 -20.50
N ASP HC 108 -15.17 -43.76 -21.18
CA ASP HC 108 -15.11 -42.32 -20.94
C ASP HC 108 -16.49 -41.87 -20.56
N PHE HC 109 -16.57 -40.86 -19.71
CA PHE HC 109 -17.85 -40.25 -19.35
C PHE HC 109 -17.64 -38.97 -18.57
N GLU HC 110 -18.51 -38.00 -18.78
CA GLU HC 110 -18.60 -36.88 -17.85
C GLU HC 110 -19.16 -37.44 -16.54
N PRO HC 111 -18.42 -37.29 -15.43
CA PRO HC 111 -19.03 -37.62 -14.16
C PRO HC 111 -20.00 -36.52 -13.72
N PHE HC 112 -21.18 -36.93 -13.25
CA PHE HC 112 -22.24 -36.07 -12.68
C PHE HC 112 -21.86 -34.86 -11.77
N LYS HC 113 -20.89 -35.00 -10.88
CA LYS HC 113 -20.41 -33.86 -10.08
C LYS HC 113 -19.24 -33.20 -10.79
N PRO HC 114 -18.96 -31.92 -10.49
CA PRO HC 114 -17.92 -31.23 -11.26
C PRO HC 114 -16.49 -31.74 -11.18
N ILE HC 115 -16.02 -32.04 -9.97
CA ILE HC 115 -14.66 -32.55 -9.70
C ILE HC 115 -13.51 -31.63 -10.15
N ASN HC 116 -12.40 -31.74 -9.44
CA ASN HC 116 -11.28 -30.82 -9.57
C ASN HC 116 -10.04 -31.62 -9.30
N THR HC 117 -9.88 -32.69 -10.05
CA THR HC 117 -8.88 -33.70 -9.74
C THR HC 117 -8.41 -34.36 -11.03
N SER HC 118 -7.39 -33.78 -11.67
CA SER HC 118 -6.79 -34.41 -12.84
C SER HC 118 -5.91 -35.57 -12.42
N LEU HC 119 -5.66 -36.44 -13.38
CA LEU HC 119 -4.88 -37.64 -13.15
C LEU HC 119 -4.61 -38.33 -14.49
N TYR HC 120 -3.38 -38.78 -14.66
CA TYR HC 120 -3.01 -39.65 -15.76
C TYR HC 120 -2.13 -40.72 -15.15
N LEU HC 121 -2.32 -41.96 -15.59
CA LEU HC 121 -1.46 -43.07 -15.21
C LEU HC 121 -1.48 -44.18 -16.23
N CYS HC 122 -0.32 -44.77 -16.49
CA CYS HC 122 -0.28 -46.15 -16.93
C CYS HC 122 0.20 -46.96 -15.74
N ASP HC 123 -0.48 -48.07 -15.49
CA ASP HC 123 -0.04 -49.05 -14.51
C ASP HC 123 -0.77 -50.35 -14.81
N ASN HC 124 -0.38 -51.46 -14.18
CA ASN HC 124 -1.09 -52.73 -14.35
C ASN HC 124 -2.62 -52.67 -14.16
N LYS HC 125 -3.08 -51.73 -13.33
CA LYS HC 125 -4.49 -51.62 -13.00
C LYS HC 125 -4.99 -50.21 -13.26
N PHE HC 126 -6.30 -50.01 -13.02
CA PHE HC 126 -6.98 -48.72 -13.15
C PHE HC 126 -6.98 -48.10 -11.78
N HIS HC 127 -7.11 -46.79 -11.74
CA HIS HC 127 -7.11 -46.08 -10.48
C HIS HC 127 -8.40 -45.29 -10.38
N THR HC 128 -9.21 -45.64 -9.38
CA THR HC 128 -10.50 -45.01 -9.13
C THR HC 128 -10.60 -44.48 -7.70
N GLU HC 129 -9.47 -44.04 -7.15
CA GLU HC 129 -9.42 -43.48 -5.80
C GLU HC 129 -10.03 -42.08 -5.80
N ALA HC 130 -9.82 -41.34 -6.89
CA ALA HC 130 -10.45 -40.04 -7.07
C ALA HC 130 -11.96 -40.16 -7.05
N LEU HC 131 -12.48 -41.10 -7.83
CA LEU HC 131 -13.93 -41.21 -8.05
C LEU HC 131 -14.68 -41.56 -6.78
N THR HC 132 -14.20 -42.56 -6.05
CA THR HC 132 -14.77 -42.92 -4.75
C THR HC 132 -14.73 -41.74 -3.79
N ALA HC 133 -13.63 -40.98 -3.83
CA ALA HC 133 -13.47 -39.79 -2.99
C ALA HC 133 -14.34 -38.58 -3.39
N LEU HC 134 -15.08 -38.70 -4.51
CA LEU HC 134 -16.09 -37.70 -4.92
C LEU HC 134 -17.55 -38.15 -4.72
N LEU HC 135 -17.76 -39.45 -4.50
CA LEU HC 135 -19.07 -39.99 -4.07
C LEU HC 135 -19.22 -39.96 -2.55
N SER HC 136 -18.11 -40.19 -1.84
CA SER HC 136 -18.07 -40.15 -0.39
C SER HC 136 -18.40 -38.76 0.13
N ASP HC 137 -17.64 -37.76 -0.34
CA ASP HC 137 -17.77 -36.39 0.13
C ASP HC 137 -18.86 -35.64 -0.65
N ASP HC 138 -20.11 -35.82 -0.21
CA ASP HC 138 -21.24 -35.03 -0.70
C ASP HC 138 -21.16 -33.63 -0.10
N SER HC 139 -21.18 -33.61 1.24
CA SER HC 139 -21.07 -32.42 2.07
C SER HC 139 -20.63 -31.17 1.34
N LYS HC 140 -21.61 -30.42 0.85
CA LYS HC 140 -21.39 -29.11 0.24
C LYS HC 140 -21.36 -28.06 1.34
N PHE HC 141 -20.35 -27.20 1.29
CA PHE HC 141 -20.19 -26.13 2.27
C PHE HC 141 -20.22 -24.77 1.57
N GLY HC 142 -20.90 -23.81 2.20
CA GLY HC 142 -21.09 -22.49 1.63
C GLY HC 142 -20.06 -21.55 2.21
N PHE HC 143 -19.48 -20.69 1.36
CA PHE HC 143 -18.50 -19.69 1.77
C PHE HC 143 -19.00 -18.32 1.40
N ILE HC 144 -18.79 -17.35 2.31
CA ILE HC 144 -19.10 -15.93 2.03
C ILE HC 144 -17.97 -15.04 2.49
N VAL HC 145 -17.35 -14.36 1.54
CA VAL HC 145 -16.16 -13.58 1.76
C VAL HC 145 -16.57 -12.12 1.74
N ILE HC 146 -16.79 -11.58 2.92
CA ILE HC 146 -17.17 -10.20 3.08
C ILE HC 146 -15.90 -9.40 3.07
N ASP HC 147 -15.98 -8.19 2.53
CA ASP HC 147 -14.92 -7.23 2.72
C ASP HC 147 -15.49 -5.85 2.49
N GLY HC 148 -14.78 -4.86 3.00
CA GLY HC 148 -15.09 -3.46 2.72
C GLY HC 148 -15.19 -3.15 1.23
N SER HC 149 -14.24 -3.70 0.47
CA SER HC 149 -14.30 -3.62 -0.98
C SER HC 149 -15.57 -4.26 -1.51
N GLY HC 150 -15.78 -5.51 -1.13
CA GLY HC 150 -16.83 -6.30 -1.73
C GLY HC 150 -16.97 -7.71 -1.19
N ALA HC 151 -17.92 -8.42 -1.78
CA ALA HC 151 -18.31 -9.73 -1.32
C ALA HC 151 -17.96 -10.78 -2.35
N LEU HC 152 -18.07 -12.04 -1.91
CA LEU HC 152 -18.02 -13.22 -2.76
C LEU HC 152 -18.75 -14.35 -2.07
N PHE HC 153 -19.73 -14.94 -2.74
CA PHE HC 153 -20.46 -16.07 -2.23
C PHE HC 153 -20.03 -17.27 -3.03
N GLY HC 154 -19.70 -18.38 -2.37
CA GLY HC 154 -19.34 -19.59 -3.11
C GLY HC 154 -19.45 -20.91 -2.41
N THR HC 155 -19.71 -21.95 -3.21
CA THR HC 155 -19.93 -23.29 -2.72
C THR HC 155 -18.65 -24.05 -2.85
N LEU HC 156 -18.64 -25.26 -2.31
CA LEU HC 156 -17.41 -25.99 -2.12
C LEU HC 156 -17.68 -27.48 -1.87
N GLN HC 157 -17.17 -28.34 -2.75
CA GLN HC 157 -17.13 -29.81 -2.52
C GLN HC 157 -15.77 -30.18 -1.92
N GLY HC 158 -15.52 -31.47 -1.74
CA GLY HC 158 -14.21 -31.96 -1.28
C GLY HC 158 -13.03 -31.23 -1.89
N ASN HC 159 -12.98 -31.23 -3.22
CA ASN HC 159 -11.97 -30.49 -3.98
C ASN HC 159 -12.54 -29.30 -4.72
N THR HC 160 -13.79 -29.40 -5.16
CA THR HC 160 -14.36 -28.48 -6.15
C THR HC 160 -14.78 -27.14 -5.57
N ARG HC 161 -14.45 -26.07 -6.29
CA ARG HC 161 -14.47 -24.71 -5.76
C ARG HC 161 -15.29 -23.78 -6.67
N GLU HC 162 -16.58 -23.66 -6.36
CA GLU HC 162 -17.53 -22.90 -7.18
C GLU HC 162 -17.66 -21.47 -6.72
N VAL HC 163 -18.03 -20.59 -7.65
CA VAL HC 163 -18.27 -19.18 -7.40
C VAL HC 163 -19.69 -18.89 -7.81
N LEU HC 164 -20.54 -18.59 -6.83
CA LEU HC 164 -21.96 -18.41 -7.09
C LEU HC 164 -22.22 -17.03 -7.65
N HIS HC 165 -21.82 -16.03 -6.88
CA HIS HC 165 -22.21 -14.65 -7.11
C HIS HC 165 -21.29 -13.72 -6.34
N LYS HC 166 -21.16 -12.48 -6.82
CA LYS HC 166 -20.36 -11.49 -6.12
C LYS HC 166 -20.70 -10.07 -6.51
N PHE HC 167 -20.16 -9.14 -5.74
CA PHE HC 167 -20.23 -7.73 -6.05
C PHE HC 167 -19.23 -7.00 -5.19
N THR HC 168 -19.02 -5.73 -5.52
CA THR HC 168 -18.18 -4.82 -4.75
C THR HC 168 -18.97 -3.55 -4.56
N VAL HC 169 -18.45 -2.66 -3.71
CA VAL HC 169 -19.17 -1.42 -3.40
C VAL HC 169 -18.24 -0.24 -3.21
N ASP HC 170 -18.76 0.94 -3.55
CA ASP HC 170 -18.14 2.19 -3.18
C ASP HC 170 -18.75 2.60 -1.85
N LEU HC 171 -18.14 2.15 -0.77
CA LEU HC 171 -18.50 2.63 0.57
C LEU HC 171 -17.94 4.02 0.78
N PRO HC 172 -18.48 4.77 1.75
CA PRO HC 172 -17.99 6.14 1.92
C PRO HC 172 -16.59 6.25 2.52
N LYS HC 173 -16.11 7.47 2.66
CA LYS HC 173 -14.80 7.75 3.23
C LYS HC 173 -14.92 7.66 4.75
N LYS HC 174 -13.80 7.39 5.41
CA LYS HC 174 -13.80 7.22 6.87
C LYS HC 174 -14.16 8.54 7.57
N HIS HC 175 -13.65 9.67 7.05
CA HIS HC 175 -13.76 10.95 7.76
C HIS HC 175 -14.59 12.06 7.10
N GLY HC 176 -15.22 12.87 7.98
CA GLY HC 176 -15.94 14.09 7.63
C GLY HC 176 -15.33 15.32 8.28
N ARG HC 177 -14.64 16.12 7.48
CA ARG HC 177 -13.89 17.31 7.91
C ARG HC 177 -14.65 18.60 8.36
N ALA HC 178 -15.94 18.52 8.68
CA ALA HC 178 -16.62 19.62 9.43
C ALA HC 178 -16.88 19.14 10.85
N ALA HC 179 -16.89 20.07 11.82
CA ALA HC 179 -17.03 19.72 13.24
C ALA HC 179 -18.36 19.05 13.58
N GLN HC 180 -19.45 19.61 13.05
CA GLN HC 180 -20.82 19.17 13.37
C GLN HC 180 -21.22 18.06 12.43
N SER HC 181 -21.05 18.32 11.15
CA SER HC 181 -21.34 17.35 10.12
C SER HC 181 -20.56 16.05 10.35
N ALA HC 182 -19.35 16.13 10.90
CA ALA HC 182 -18.56 14.93 11.28
C ALA HC 182 -19.47 13.88 11.91
N LEU HC 183 -20.29 14.31 12.84
CA LEU HC 183 -21.15 13.43 13.60
C LEU HC 183 -22.23 12.85 12.70
N ARG HC 184 -22.90 13.73 11.95
CA ARG HC 184 -23.95 13.29 11.01
C ARG HC 184 -23.38 12.37 9.93
N PHE HC 185 -22.32 12.80 9.26
CA PHE HC 185 -21.66 11.97 8.24
C PHE HC 185 -21.23 10.63 8.80
N ALA HC 186 -20.79 10.59 10.06
CA ALA HC 186 -20.47 9.33 10.70
C ALA HC 186 -21.71 8.47 10.76
N ARG HC 187 -22.77 8.98 11.38
CA ARG HC 187 -24.06 8.24 11.46
C ARG HC 187 -24.55 7.76 10.11
N LEU HC 188 -24.29 8.57 9.08
CA LEU HC 188 -24.67 8.24 7.71
C LEU HC 188 -23.80 7.14 7.15
N ARG HC 189 -22.50 7.28 7.30
CA ARG HC 189 -21.57 6.22 6.93
C ARG HC 189 -21.96 4.90 7.59
N MET HC 190 -22.31 4.93 8.87
CA MET HC 190 -22.74 3.73 9.57
C MET HC 190 -23.97 3.11 8.89
N GLU HC 191 -24.87 3.93 8.37
CA GLU HC 191 -26.08 3.45 7.69
C GLU HC 191 -25.86 2.78 6.33
N LYS HC 192 -24.96 3.30 5.51
CA LYS HC 192 -24.65 2.68 4.22
C LYS HC 192 -23.76 1.47 4.41
N ARG HC 193 -22.89 1.52 5.41
CA ARG HC 193 -22.02 0.40 5.69
C ARG HC 193 -22.85 -0.76 6.20
N HIS HC 194 -23.81 -0.48 7.09
CA HIS HC 194 -24.73 -1.52 7.55
C HIS HC 194 -25.60 -2.04 6.41
N ASN HC 195 -26.16 -1.14 5.63
CA ASN HC 195 -27.00 -1.50 4.49
C ASN HC 195 -26.36 -2.54 3.55
N TYR HC 196 -25.08 -2.36 3.29
CA TYR HC 196 -24.28 -3.35 2.58
C TYR HC 196 -24.39 -4.70 3.26
N VAL HC 197 -24.29 -4.73 4.59
CA VAL HC 197 -24.35 -5.99 5.33
C VAL HC 197 -25.73 -6.58 5.15
N ARG HC 198 -26.76 -5.75 5.28
CA ARG HC 198 -28.14 -6.19 5.06
C ARG HC 198 -28.29 -6.88 3.70
N LYS HC 199 -27.71 -6.28 2.67
CA LYS HC 199 -27.75 -6.84 1.33
C LYS HC 199 -27.05 -8.20 1.24
N VAL HC 200 -25.87 -8.29 1.82
CA VAL HC 200 -25.15 -9.56 1.87
C VAL HC 200 -25.99 -10.64 2.54
N ALA HC 201 -26.53 -10.30 3.72
CA ALA HC 201 -27.32 -11.24 4.51
C ALA HC 201 -28.58 -11.71 3.81
N GLU HC 202 -29.15 -10.87 2.94
CA GLU HC 202 -30.27 -11.30 2.12
C GLU HC 202 -29.78 -12.20 0.98
N THR HC 203 -28.73 -11.77 0.31
CA THR HC 203 -28.22 -12.48 -0.86
C THR HC 203 -27.81 -13.90 -0.51
N ALA HC 204 -27.15 -14.07 0.64
CA ALA HC 204 -26.80 -15.39 1.17
C ALA HC 204 -28.05 -16.27 1.36
N VAL HC 205 -29.14 -15.68 1.86
CA VAL HC 205 -30.41 -16.41 1.96
C VAL HC 205 -30.85 -16.77 0.55
N GLN HC 206 -30.83 -15.79 -0.35
CA GLN HC 206 -31.20 -16.03 -1.75
C GLN HC 206 -30.42 -17.14 -2.45
N LEU HC 207 -29.16 -17.33 -2.05
CA LEU HC 207 -28.26 -18.29 -2.72
C LEU HC 207 -28.18 -19.64 -2.02
N PHE HC 208 -27.88 -19.61 -0.72
CA PHE HC 208 -27.57 -20.82 0.03
C PHE HC 208 -28.80 -21.48 0.66
N ILE HC 209 -29.99 -20.89 0.47
CA ILE HC 209 -31.24 -21.50 0.91
C ILE HC 209 -32.01 -21.99 -0.30
N SER HC 210 -32.82 -23.02 -0.08
CA SER HC 210 -33.65 -23.60 -1.13
C SER HC 210 -34.86 -24.29 -0.51
N GLY HC 211 -36.05 -23.74 -0.75
CA GLY HC 211 -37.28 -24.30 -0.24
C GLY HC 211 -37.35 -24.27 1.28
N ASP HC 212 -37.02 -23.11 1.84
CA ASP HC 212 -36.99 -22.90 3.29
C ASP HC 212 -36.08 -23.89 4.03
N LYS HC 213 -34.94 -24.21 3.40
CA LYS HC 213 -33.90 -25.02 4.04
C LYS HC 213 -32.56 -24.78 3.36
N VAL HC 214 -31.54 -24.44 4.15
CA VAL HC 214 -30.21 -24.14 3.60
C VAL HC 214 -29.66 -25.36 2.90
N ASN HC 215 -29.08 -25.15 1.72
CA ASN HC 215 -28.49 -26.25 0.98
C ASN HC 215 -27.06 -26.58 1.39
N VAL HC 216 -26.47 -25.84 2.34
CA VAL HC 216 -25.08 -26.06 2.72
C VAL HC 216 -24.93 -26.42 4.20
N ALA HC 217 -24.20 -27.50 4.43
CA ALA HC 217 -24.06 -28.09 5.77
C ALA HC 217 -23.23 -27.25 6.72
N GLY HC 218 -22.54 -26.26 6.17
CA GLY HC 218 -21.87 -25.21 6.95
C GLY HC 218 -22.14 -23.92 6.23
N LEU HC 219 -21.51 -22.85 6.71
CA LEU HC 219 -21.59 -21.57 6.05
C LEU HC 219 -20.43 -20.68 6.53
N VAL HC 220 -19.28 -20.87 5.91
CA VAL HC 220 -18.04 -20.22 6.36
C VAL HC 220 -18.13 -18.76 5.97
N LEU HC 221 -18.02 -17.88 6.94
CA LEU HC 221 -17.88 -16.46 6.64
C LEU HC 221 -16.41 -16.13 6.76
N ALA HC 222 -15.95 -15.20 5.93
CA ALA HC 222 -14.53 -14.85 5.85
C ALA HC 222 -14.34 -13.38 5.61
N GLY HC 223 -13.11 -12.93 5.68
CA GLY HC 223 -12.76 -11.58 5.27
C GLY HC 223 -11.75 -10.92 6.17
N SER HC 224 -11.99 -9.65 6.46
CA SER HC 224 -11.11 -8.85 7.27
C SER HC 224 -11.95 -7.72 7.87
N ALA HC 225 -11.30 -6.72 8.47
CA ALA HC 225 -11.97 -5.44 8.75
C ALA HC 225 -13.18 -5.48 9.70
N ASP HC 226 -13.26 -6.54 10.52
CA ASP HC 226 -14.36 -6.71 11.49
C ASP HC 226 -15.73 -6.62 10.82
N PHE HC 227 -15.85 -7.19 9.63
CA PHE HC 227 -17.05 -7.08 8.83
C PHE HC 227 -17.79 -8.40 8.83
N LYS HC 228 -17.10 -9.48 8.47
CA LYS HC 228 -17.62 -10.86 8.55
C LYS HC 228 -18.30 -11.14 9.88
N THR HC 229 -17.80 -10.49 10.94
CA THR HC 229 -18.39 -10.57 12.26
C THR HC 229 -19.69 -9.76 12.30
N GLU HC 230 -19.66 -8.54 11.76
CA GLU HC 230 -20.87 -7.69 11.68
C GLU HC 230 -22.05 -8.40 11.01
N LEU HC 231 -21.77 -9.23 10.01
CA LEU HC 231 -22.76 -10.12 9.41
C LEU HC 231 -23.09 -11.25 10.36
N SER HC 232 -22.05 -11.94 10.81
CA SER HC 232 -22.20 -13.14 11.62
C SER HC 232 -23.14 -12.95 12.77
N GLN HC 233 -22.93 -11.87 13.52
CA GLN HC 233 -23.71 -11.60 14.72
C GLN HC 233 -24.65 -10.41 14.51
N SER HC 234 -25.51 -10.52 13.50
CA SER HC 234 -26.58 -9.55 13.27
C SER HC 234 -27.93 -10.23 13.30
N ASP HC 235 -28.96 -9.41 13.46
CA ASP HC 235 -30.35 -9.84 13.45
C ASP HC 235 -30.88 -9.96 12.02
N MET HC 236 -30.16 -9.36 11.08
CA MET HC 236 -30.51 -9.40 9.66
C MET HC 236 -30.23 -10.77 9.02
N PHE HC 237 -29.12 -11.39 9.39
CA PHE HC 237 -28.72 -12.69 8.85
C PHE HC 237 -29.63 -13.75 9.40
N ASP HC 238 -30.28 -14.48 8.50
CA ASP HC 238 -31.39 -15.39 8.84
C ASP HC 238 -30.95 -16.50 9.78
N GLN HC 239 -31.73 -16.74 10.83
CA GLN HC 239 -31.31 -17.58 11.96
C GLN HC 239 -31.05 -19.04 11.57
N ARG HC 240 -31.82 -19.57 10.62
CA ARG HC 240 -31.55 -20.91 10.08
C ARG HC 240 -30.26 -20.95 9.24
N LEU HC 241 -29.92 -19.83 8.61
CA LEU HC 241 -28.65 -19.69 7.90
C LEU HC 241 -27.52 -19.49 8.90
N GLN HC 242 -27.72 -18.54 9.81
CA GLN HC 242 -26.75 -18.19 10.86
C GLN HC 242 -26.52 -19.31 11.87
N SER HC 243 -27.48 -20.22 11.98
CA SER HC 243 -27.29 -21.48 12.71
C SER HC 243 -26.07 -22.24 12.17
N LYS HC 244 -25.93 -22.26 10.85
CA LYS HC 244 -24.86 -22.98 10.18
C LYS HC 244 -23.65 -22.13 9.80
N VAL HC 245 -23.51 -20.94 10.40
CA VAL HC 245 -22.23 -20.24 10.36
C VAL HC 245 -21.29 -21.14 11.13
N LEU HC 246 -20.27 -21.57 10.41
CA LEU HC 246 -19.35 -22.55 10.89
C LEU HC 246 -17.99 -21.98 11.29
N LYS HC 247 -17.61 -20.87 10.66
CA LYS HC 247 -16.34 -20.20 10.93
C LYS HC 247 -16.40 -18.75 10.54
N LEU HC 248 -15.79 -17.92 11.38
CA LEU HC 248 -15.34 -16.60 10.99
C LEU HC 248 -13.83 -16.65 10.79
N VAL HC 249 -13.40 -16.51 9.55
CA VAL HC 249 -12.02 -16.67 9.19
C VAL HC 249 -11.46 -15.33 8.78
N ASP HC 250 -10.39 -14.94 9.45
CA ASP HC 250 -9.67 -13.72 9.09
C ASP HC 250 -8.69 -14.03 7.97
N ILE HC 251 -9.03 -13.61 6.76
CA ILE HC 251 -8.14 -13.79 5.62
C ILE HC 251 -7.46 -12.50 5.26
N SER HC 252 -6.22 -12.60 4.79
CA SER HC 252 -5.64 -11.53 4.01
C SER HC 252 -6.23 -11.73 2.63
N TYR HC 253 -6.11 -10.72 1.77
CA TYR HC 253 -6.67 -10.75 0.43
C TYR HC 253 -8.20 -10.82 0.48
N GLY HC 254 -8.83 -10.59 -0.65
CA GLY HC 254 -10.29 -10.60 -0.73
C GLY HC 254 -10.72 -11.17 -2.06
N GLY HC 255 -12.03 -11.25 -2.25
CA GLY HC 255 -12.62 -11.77 -3.48
C GLY HC 255 -12.22 -13.20 -3.80
N GLU HC 256 -12.00 -13.46 -5.08
CA GLU HC 256 -11.68 -14.79 -5.59
C GLU HC 256 -10.40 -15.34 -4.98
N ASN HC 257 -9.34 -14.53 -5.01
CA ASN HC 257 -8.08 -14.89 -4.37
C ASN HC 257 -8.27 -15.02 -2.87
N GLY HC 258 -9.19 -14.22 -2.32
CA GLY HC 258 -9.65 -14.38 -0.95
C GLY HC 258 -10.27 -15.73 -0.67
N PHE HC 259 -11.03 -16.23 -1.64
CA PHE HC 259 -11.68 -17.53 -1.52
C PHE HC 259 -10.74 -18.64 -1.06
N ASN HC 260 -9.76 -18.98 -1.89
CA ASN HC 260 -8.84 -20.10 -1.60
C ASN HC 260 -8.23 -19.99 -0.23
N GLN HC 261 -7.75 -18.80 0.07
CA GLN HC 261 -7.24 -18.53 1.39
C GLN HC 261 -8.28 -18.92 2.45
N ALA HC 262 -9.51 -18.46 2.29
CA ALA HC 262 -10.60 -18.81 3.21
C ALA HC 262 -10.83 -20.32 3.35
N ILE HC 263 -10.59 -21.09 2.29
CA ILE HC 263 -10.76 -22.55 2.34
C ILE HC 263 -9.63 -23.23 3.10
N GLU HC 264 -8.39 -22.86 2.80
CA GLU HC 264 -7.22 -23.46 3.46
C GLU HC 264 -7.18 -23.16 4.97
N LEU HC 265 -7.67 -21.99 5.37
CA LEU HC 265 -7.86 -21.67 6.77
C LEU HC 265 -9.08 -22.34 7.38
N SER HC 266 -9.99 -22.84 6.53
CA SER HC 266 -11.19 -23.58 6.94
C SER HC 266 -11.06 -25.11 7.04
N THR HC 267 -10.05 -25.67 6.37
CA THR HC 267 -9.90 -27.14 6.20
C THR HC 267 -10.12 -27.98 7.44
N GLU HC 268 -9.54 -27.52 8.55
CA GLU HC 268 -9.56 -28.24 9.81
C GLU HC 268 -10.98 -28.39 10.35
N VAL HC 269 -11.79 -27.35 10.17
CA VAL HC 269 -13.13 -27.29 10.74
C VAL HC 269 -14.10 -28.18 9.99
N LEU HC 270 -14.02 -28.16 8.67
CA LEU HC 270 -14.91 -28.97 7.82
C LEU HC 270 -14.69 -30.50 7.97
N SER HC 271 -13.53 -30.90 8.49
CA SER HC 271 -13.28 -32.30 8.85
C SER HC 271 -13.95 -32.65 10.17
N ASN HC 272 -13.70 -31.83 11.18
CA ASN HC 272 -14.31 -31.96 12.49
C ASN HC 272 -15.85 -32.06 12.41
N VAL HC 273 -16.46 -31.24 11.54
CA VAL HC 273 -17.93 -31.15 11.38
C VAL HC 273 -18.61 -32.48 11.08
N LYS HC 274 -18.04 -33.20 10.12
CA LYS HC 274 -18.52 -34.54 9.74
C LYS HC 274 -18.46 -35.54 10.90
N PHE HC 275 -17.42 -35.43 11.71
CA PHE HC 275 -17.32 -36.23 12.93
C PHE HC 275 -18.31 -35.74 13.98
N ILE HC 276 -18.44 -34.42 14.15
CA ILE HC 276 -19.36 -33.85 15.16
C ILE HC 276 -20.79 -34.34 14.97
N GLN HC 277 -21.30 -34.26 13.75
CA GLN HC 277 -22.66 -34.73 13.42
C GLN HC 277 -22.83 -36.23 13.70
N GLU HC 278 -21.79 -37.01 13.40
CA GLU HC 278 -21.78 -38.44 13.67
C GLU HC 278 -21.88 -38.69 15.16
N LYS HC 279 -21.06 -37.99 15.95
CA LYS HC 279 -21.09 -38.13 17.41
C LYS HC 279 -22.47 -37.84 17.97
N LYS HC 280 -23.11 -36.80 17.41
CA LYS HC 280 -24.44 -36.39 17.84
C LYS HC 280 -25.52 -37.44 17.63
N LEU HC 281 -25.50 -38.08 16.46
CA LEU HC 281 -26.53 -39.06 16.10
C LEU HC 281 -26.46 -40.31 16.96
N ILE HC 282 -25.26 -40.87 17.03
CA ILE HC 282 -25.01 -42.04 17.84
C ILE HC 282 -25.26 -41.72 19.31
N GLY HC 283 -24.89 -40.52 19.75
CA GLY HC 283 -25.21 -40.04 21.10
C GLY HC 283 -26.68 -40.19 21.49
N ARG HC 284 -27.56 -39.92 20.53
CA ARG HC 284 -28.99 -40.13 20.72
C ARG HC 284 -29.34 -41.59 20.75
N TYR HC 285 -28.80 -42.35 19.81
CA TYR HC 285 -28.97 -43.80 19.82
C TYR HC 285 -28.73 -44.36 21.22
N PHE HC 286 -27.57 -44.01 21.78
CA PHE HC 286 -27.19 -44.40 23.14
C PHE HC 286 -28.13 -43.89 24.24
N ASP HC 287 -28.65 -42.67 24.08
CA ASP HC 287 -29.67 -42.11 25.00
C ASP HC 287 -30.88 -43.03 25.18
N GLU HC 288 -31.30 -43.66 24.10
CA GLU HC 288 -32.42 -44.58 24.13
C GLU HC 288 -32.08 -45.87 24.88
N ILE HC 289 -30.81 -46.26 24.85
CA ILE HC 289 -30.31 -47.37 25.65
C ILE HC 289 -30.17 -46.94 27.10
N SER HC 290 -29.64 -45.73 27.31
CA SER HC 290 -29.35 -45.21 28.65
C SER HC 290 -30.61 -45.08 29.48
N GLN HC 291 -31.63 -44.46 28.89
CA GLN HC 291 -32.98 -44.49 29.43
C GLN HC 291 -33.57 -45.80 28.94
N ASP HC 292 -34.62 -46.30 29.58
CA ASP HC 292 -35.17 -47.62 29.20
C ASP HC 292 -35.85 -47.58 27.83
N THR HC 293 -36.67 -46.54 27.61
CA THR HC 293 -37.38 -46.28 26.33
C THR HC 293 -37.83 -47.54 25.59
N GLY HC 294 -36.91 -48.13 24.83
CA GLY HC 294 -37.19 -49.31 24.01
C GLY HC 294 -36.95 -49.10 22.52
N LYS HC 295 -36.80 -47.84 22.10
CA LYS HC 295 -36.79 -47.52 20.67
C LYS HC 295 -35.39 -47.55 20.05
N TYR HC 296 -34.62 -48.59 20.35
CA TYR HC 296 -33.32 -48.80 19.72
C TYR HC 296 -33.27 -50.26 19.32
N CYS HC 297 -32.25 -50.64 18.57
CA CYS HC 297 -32.02 -52.05 18.25
C CYS HC 297 -30.59 -52.27 17.84
N PHE HC 298 -30.14 -53.51 17.86
CA PHE HC 298 -28.76 -53.83 17.55
C PHE HC 298 -28.56 -55.30 17.25
N GLY HC 299 -27.56 -55.60 16.43
CA GLY HC 299 -27.32 -56.96 15.98
C GLY HC 299 -28.30 -57.30 14.87
N VAL HC 300 -27.78 -57.45 13.65
CA VAL HC 300 -28.57 -57.78 12.45
C VAL HC 300 -29.91 -58.46 12.69
N GLU HC 301 -29.91 -59.52 13.49
CA GLU HC 301 -31.07 -60.40 13.68
C GLU HC 301 -32.25 -59.57 14.14
N ASP HC 302 -32.01 -58.82 15.21
CA ASP HC 302 -33.00 -57.95 15.82
C ASP HC 302 -33.28 -56.75 14.92
N THR HC 303 -32.21 -56.09 14.47
CA THR HC 303 -32.30 -54.85 13.71
C THR HC 303 -33.11 -55.00 12.42
N LEU HC 304 -32.82 -56.05 11.67
CA LEU HC 304 -33.55 -56.37 10.43
C LEU HC 304 -34.96 -56.85 10.69
N LYS HC 305 -35.15 -57.59 11.78
CA LYS HC 305 -36.50 -57.93 12.25
C LYS HC 305 -37.33 -56.70 12.59
N ALA HC 306 -36.67 -55.67 13.14
CA ALA HC 306 -37.30 -54.37 13.39
C ALA HC 306 -37.58 -53.62 12.10
N LEU HC 307 -36.67 -53.76 11.13
CA LEU HC 307 -36.81 -53.11 9.83
C LEU HC 307 -37.94 -53.70 9.00
N GLU HC 308 -37.93 -55.03 8.88
CA GLU HC 308 -38.98 -55.77 8.21
C GLU HC 308 -40.34 -55.31 8.71
N MET HC 309 -40.51 -55.30 10.03
CA MET HC 309 -41.79 -54.93 10.66
C MET HC 309 -42.06 -53.41 10.58
N GLY HC 310 -43.03 -52.96 11.38
CA GLY HC 310 -43.17 -51.54 11.72
C GLY HC 310 -41.82 -50.93 12.00
N ALA HC 311 -41.30 -50.26 10.98
CA ALA HC 311 -39.87 -50.09 10.78
C ALA HC 311 -39.12 -49.24 11.81
N VAL HC 312 -37.81 -49.18 11.61
CA VAL HC 312 -36.93 -48.27 12.34
C VAL HC 312 -37.14 -46.84 11.80
N GLU HC 313 -36.71 -45.84 12.57
CA GLU HC 313 -36.70 -44.45 12.10
C GLU HC 313 -35.43 -44.27 11.33
N ILE HC 314 -34.32 -44.47 12.02
CA ILE HC 314 -32.97 -44.30 11.50
C ILE HC 314 -32.28 -45.63 11.63
N LEU HC 315 -31.52 -45.99 10.61
CA LEU HC 315 -30.76 -47.21 10.64
C LEU HC 315 -29.30 -46.82 10.56
N ILE HC 316 -28.52 -47.25 11.55
CA ILE HC 316 -27.12 -46.88 11.67
C ILE HC 316 -26.24 -48.07 11.36
N VAL HC 317 -25.24 -47.87 10.51
CA VAL HC 317 -24.36 -48.94 10.05
C VAL HC 317 -22.94 -48.41 9.87
N TYR HC 318 -21.96 -49.17 10.38
CA TYR HC 318 -20.56 -48.85 10.21
C TYR HC 318 -20.16 -49.13 8.77
N GLU HC 319 -19.46 -48.18 8.16
CA GLU HC 319 -19.62 -47.93 6.74
C GLU HC 319 -19.16 -49.14 5.93
N ASN HC 320 -18.07 -49.76 6.36
CA ASN HC 320 -17.81 -51.16 6.04
C ASN HC 320 -18.19 -52.04 7.22
N LEU HC 321 -19.28 -52.77 7.08
CA LEU HC 321 -19.37 -54.15 7.52
C LEU HC 321 -18.53 -55.06 6.65
N ASP HC 322 -17.92 -56.07 7.25
CA ASP HC 322 -17.76 -57.37 6.61
C ASP HC 322 -19.08 -58.08 6.31
N ILE HC 323 -20.03 -57.99 7.24
CA ILE HC 323 -21.08 -58.98 7.34
C ILE HC 323 -21.80 -58.97 6.00
N MET HC 324 -22.21 -60.15 5.54
CA MET HC 324 -22.67 -60.35 4.17
C MET HC 324 -23.90 -61.26 4.07
N ARG HC 325 -24.83 -60.86 3.21
CA ARG HC 325 -26.07 -61.60 2.96
C ARG HC 325 -25.84 -62.65 1.86
N TYR HC 326 -25.97 -63.93 2.21
CA TYR HC 326 -25.85 -65.04 1.25
C TYR HC 326 -27.22 -65.60 0.90
N VAL HC 327 -27.38 -66.11 -0.32
CA VAL HC 327 -28.64 -66.72 -0.78
C VAL HC 327 -28.48 -68.25 -0.97
N LEU HC 328 -28.87 -68.99 0.05
CA LEU HC 328 -28.68 -70.45 0.07
C LEU HC 328 -29.77 -71.17 -0.72
N HIS HC 329 -29.43 -72.34 -1.28
CA HIS HC 329 -30.29 -73.04 -2.23
C HIS HC 329 -30.10 -74.55 -2.17
N CYS HC 330 -31.19 -75.30 -2.41
CA CYS HC 330 -31.18 -76.77 -2.37
C CYS HC 330 -31.12 -77.36 -3.77
N GLN HC 331 -30.46 -78.52 -3.89
CA GLN HC 331 -30.27 -79.18 -5.19
C GLN HC 331 -31.56 -79.82 -5.71
N GLY HC 332 -32.17 -80.67 -4.90
CA GLY HC 332 -33.34 -81.46 -5.30
C GLY HC 332 -34.68 -80.77 -5.12
N THR HC 333 -34.99 -80.40 -3.88
CA THR HC 333 -36.31 -79.87 -3.52
C THR HC 333 -36.60 -78.43 -3.98
N GLU HC 334 -35.55 -77.68 -4.30
CA GLU HC 334 -35.65 -76.27 -4.72
C GLU HC 334 -36.14 -75.34 -3.60
N GLU HC 335 -35.89 -75.73 -2.35
CA GLU HC 335 -36.18 -74.89 -1.19
C GLU HC 335 -34.98 -73.98 -0.94
N GLU HC 336 -35.25 -72.73 -0.57
CA GLU HC 336 -34.20 -71.71 -0.42
C GLU HC 336 -34.42 -70.77 0.76
N LYS HC 337 -33.32 -70.21 1.26
CA LYS HC 337 -33.33 -69.23 2.34
C LYS HC 337 -32.09 -68.32 2.26
N ILE HC 338 -32.09 -67.25 3.04
CA ILE HC 338 -30.98 -66.29 3.06
C ILE HC 338 -30.50 -66.02 4.48
N LEU HC 339 -29.18 -65.84 4.63
CA LEU HC 339 -28.56 -65.67 5.95
C LEU HC 339 -27.44 -64.64 5.96
N TYR HC 340 -27.24 -64.01 7.12
CA TYR HC 340 -26.30 -62.90 7.32
C TYR HC 340 -25.05 -63.37 8.08
N LEU HC 341 -24.05 -63.80 7.32
CA LEU HC 341 -22.90 -64.53 7.86
C LEU HC 341 -21.71 -63.63 8.12
N THR HC 342 -20.99 -63.92 9.20
CA THR HC 342 -19.77 -63.20 9.57
C THR HC 342 -18.59 -63.67 8.69
N PRO HC 343 -17.49 -62.89 8.65
CA PRO HC 343 -16.26 -63.27 7.94
C PRO HC 343 -15.75 -64.70 8.20
N GLU HC 344 -15.88 -65.17 9.44
CA GLU HC 344 -15.48 -66.53 9.80
C GLU HC 344 -16.53 -67.56 9.38
N GLN HC 345 -17.79 -67.27 9.67
CA GLN HC 345 -18.90 -68.17 9.35
C GLN HC 345 -19.22 -68.25 7.85
N GLU HC 346 -18.86 -67.21 7.09
CA GLU HC 346 -19.10 -67.18 5.64
C GLU HC 346 -18.03 -67.92 4.81
N LYS HC 347 -16.79 -67.95 5.32
CA LYS HC 347 -15.65 -68.50 4.59
C LYS HC 347 -15.70 -70.04 4.52
N ASP HC 348 -15.95 -70.69 5.65
CA ASP HC 348 -16.08 -72.14 5.72
C ASP HC 348 -17.12 -72.52 6.79
N LYS HC 349 -18.05 -73.40 6.42
CA LYS HC 349 -19.19 -73.73 7.28
C LYS HC 349 -19.84 -75.06 6.87
N SER HC 350 -19.79 -76.03 7.77
CA SER HC 350 -20.40 -77.36 7.58
C SER HC 350 -21.90 -77.40 7.93
N HIS HC 351 -22.41 -76.32 8.55
CA HIS HC 351 -23.85 -76.13 8.83
C HIS HC 351 -24.76 -76.42 7.63
N PHE HC 352 -24.34 -76.00 6.43
CA PHE HC 352 -25.23 -75.96 5.27
C PHE HC 352 -25.41 -77.29 4.52
N THR HC 353 -25.78 -78.33 5.28
CA THR HC 353 -26.44 -79.53 4.76
C THR HC 353 -27.93 -79.35 5.03
N ASP HC 354 -28.77 -79.89 4.15
CA ASP HC 354 -30.22 -79.67 4.23
C ASP HC 354 -30.88 -80.42 5.41
N LYS HC 355 -30.22 -81.48 5.88
CA LYS HC 355 -30.59 -82.20 7.13
C LYS HC 355 -31.93 -82.96 7.09
N GLU HC 356 -33.04 -82.24 6.97
CA GLU HC 356 -34.39 -82.83 6.90
C GLU HC 356 -34.51 -83.82 5.72
N THR HC 357 -34.10 -83.37 4.54
CA THR HC 357 -34.07 -84.23 3.34
C THR HC 357 -32.80 -85.07 3.31
N GLY HC 358 -31.65 -84.39 3.45
CA GLY HC 358 -30.34 -85.05 3.52
C GLY HC 358 -29.51 -84.84 2.27
N GLN HC 359 -29.21 -83.56 1.97
CA GLN HC 359 -28.39 -83.17 0.82
C GLN HC 359 -27.46 -82.02 1.18
N GLU HC 360 -26.54 -81.71 0.27
CA GLU HC 360 -25.60 -80.59 0.45
C GLU HC 360 -26.27 -79.29 -0.01
N HIS HC 361 -26.58 -78.41 0.95
CA HIS HC 361 -27.32 -77.17 0.66
C HIS HC 361 -26.33 -76.12 0.19
N GLU HC 362 -26.32 -75.88 -1.12
CA GLU HC 362 -25.30 -75.02 -1.74
C GLU HC 362 -25.63 -73.54 -1.56
N LEU HC 363 -24.59 -72.77 -1.23
CA LEU HC 363 -24.72 -71.33 -0.97
C LEU HC 363 -24.40 -70.52 -2.24
N ILE HC 364 -25.45 -70.09 -2.94
CA ILE HC 364 -25.32 -69.25 -4.15
C ILE HC 364 -24.83 -67.87 -3.71
N GLU HC 365 -24.04 -67.22 -4.56
CA GLU HC 365 -23.15 -66.11 -4.16
C GLU HC 365 -23.83 -64.90 -3.50
N SER HC 366 -23.03 -64.20 -2.71
CA SER HC 366 -23.51 -63.20 -1.75
C SER HC 366 -23.66 -61.81 -2.34
N MET HC 367 -24.25 -60.93 -1.53
CA MET HC 367 -24.30 -59.49 -1.81
C MET HC 367 -24.00 -58.78 -0.47
N PRO HC 368 -22.86 -58.12 -0.36
CA PRO HC 368 -22.39 -57.64 0.94
C PRO HC 368 -23.29 -56.58 1.59
N LEU HC 369 -23.44 -56.67 2.92
CA LEU HC 369 -24.63 -56.15 3.59
C LEU HC 369 -24.81 -54.65 3.46
N LEU HC 370 -23.72 -53.90 3.64
CA LEU HC 370 -23.81 -52.46 3.80
C LEU HC 370 -24.39 -51.91 2.51
N GLU HC 371 -23.94 -52.50 1.43
CA GLU HC 371 -24.45 -52.31 0.08
C GLU HC 371 -25.90 -52.76 -0.04
N TRP HC 372 -26.25 -53.87 0.62
CA TRP HC 372 -27.63 -54.37 0.63
C TRP HC 372 -28.58 -53.36 1.24
N PHE HC 373 -28.15 -52.74 2.34
CA PHE HC 373 -28.91 -51.65 2.94
C PHE HC 373 -29.02 -50.48 1.98
N ALA HC 374 -27.89 -50.05 1.42
CA ALA HC 374 -27.85 -48.93 0.49
C ALA HC 374 -28.79 -49.09 -0.70
N ASN HC 375 -28.96 -50.32 -1.16
CA ASN HC 375 -29.92 -50.62 -2.23
C ASN HC 375 -31.36 -50.34 -1.87
N ASN HC 376 -31.78 -50.80 -0.68
CA ASN HC 376 -33.19 -50.95 -0.34
C ASN HC 376 -33.58 -50.52 1.10
N TYR HC 377 -32.84 -49.60 1.70
CA TYR HC 377 -33.26 -48.96 2.96
C TYR HC 377 -34.52 -48.10 2.78
N LYS HC 378 -34.70 -47.56 1.56
CA LYS HC 378 -35.87 -46.73 1.22
C LYS HC 378 -37.18 -47.51 1.24
N LYS HC 379 -37.11 -48.81 0.92
CA LYS HC 379 -38.28 -49.69 0.94
C LYS HC 379 -38.53 -50.26 2.33
N PHE HC 380 -38.55 -49.38 3.34
CA PHE HC 380 -38.67 -49.79 4.72
C PHE HC 380 -39.07 -48.60 5.60
N GLY HC 381 -38.11 -47.72 5.88
CA GLY HC 381 -38.18 -46.83 7.04
C GLY HC 381 -37.18 -45.67 7.07
N ALA HC 382 -36.04 -45.83 6.39
CA ALA HC 382 -35.26 -44.71 5.81
C ALA HC 382 -34.13 -44.20 6.67
N THR HC 383 -33.44 -43.17 6.15
CA THR HC 383 -32.30 -42.51 6.77
C THR HC 383 -31.20 -43.50 7.15
N LEU HC 384 -30.56 -44.02 6.11
CA LEU HC 384 -29.40 -44.90 6.26
C LEU HC 384 -28.20 -44.04 6.62
N GLU HC 385 -27.71 -44.20 7.85
CA GLU HC 385 -26.66 -43.37 8.38
C GLU HC 385 -25.39 -44.18 8.48
N ILE HC 386 -24.43 -43.84 7.64
CA ILE HC 386 -23.10 -44.43 7.70
C ILE HC 386 -22.33 -43.73 8.82
N VAL HC 387 -21.60 -44.52 9.62
CA VAL HC 387 -20.85 -44.01 10.76
C VAL HC 387 -19.39 -44.48 10.69
N THR HC 388 -18.59 -44.12 11.70
CA THR HC 388 -17.16 -44.41 11.73
C THR HC 388 -16.74 -44.85 13.14
N ASP HC 389 -15.47 -45.26 13.26
CA ASP HC 389 -14.88 -45.68 14.54
C ASP HC 389 -13.78 -44.70 15.01
N LYS HC 390 -13.99 -43.41 14.74
CA LYS HC 390 -13.03 -42.35 15.09
C LYS HC 390 -13.37 -41.68 16.42
N SER HC 391 -14.64 -41.34 16.59
CA SER HC 391 -15.14 -40.81 17.86
C SER HC 391 -15.25 -41.91 18.91
N GLN HC 392 -15.32 -41.50 20.18
CA GLN HC 392 -15.45 -42.43 21.30
C GLN HC 392 -16.83 -43.10 21.29
N GLU HC 393 -17.86 -42.32 20.96
CA GLU HC 393 -19.20 -42.86 20.74
C GLU HC 393 -19.27 -43.68 19.46
N GLY HC 394 -18.56 -43.26 18.43
CA GLY HC 394 -18.40 -44.04 17.21
C GLY HC 394 -17.80 -45.42 17.44
N SER HC 395 -16.65 -45.47 18.13
CA SER HC 395 -15.98 -46.73 18.40
C SER HC 395 -16.82 -47.65 19.25
N GLN HC 396 -17.44 -47.12 20.31
CA GLN HC 396 -18.34 -47.91 21.16
C GLN HC 396 -19.50 -48.55 20.41
N PHE HC 397 -19.95 -47.85 19.38
CA PHE HC 397 -20.96 -48.40 18.48
C PHE HC 397 -20.39 -49.54 17.64
N VAL HC 398 -19.23 -49.29 17.06
CA VAL HC 398 -18.57 -50.26 16.19
C VAL HC 398 -18.09 -51.49 16.96
N LYS HC 399 -17.40 -51.26 18.09
CA LYS HC 399 -16.75 -52.32 18.85
C LYS HC 399 -17.76 -53.18 19.60
N GLY HC 400 -18.57 -52.53 20.43
CA GLY HC 400 -19.51 -53.22 21.27
C GLY HC 400 -20.74 -53.71 20.52
N PHE HC 401 -21.52 -52.77 20.02
CA PHE HC 401 -22.85 -53.05 19.45
C PHE HC 401 -22.79 -53.73 18.08
N GLY HC 402 -21.62 -53.69 17.45
CA GLY HC 402 -21.37 -54.41 16.20
C GLY HC 402 -21.49 -53.56 14.96
N GLY HC 403 -21.53 -52.24 15.14
CA GLY HC 403 -21.63 -51.31 14.04
C GLY HC 403 -22.89 -51.50 13.23
N ILE HC 404 -23.97 -51.86 13.91
CA ILE HC 404 -25.23 -52.08 13.23
C ILE HC 404 -26.36 -52.03 14.24
N GLY HC 405 -27.46 -51.41 13.83
CA GLY HC 405 -28.56 -51.11 14.71
C GLY HC 405 -29.37 -49.98 14.09
N GLY HC 406 -30.22 -49.36 14.89
CA GLY HC 406 -30.96 -48.22 14.41
C GLY HC 406 -31.91 -47.69 15.45
N ILE HC 407 -32.20 -46.41 15.35
CA ILE HC 407 -33.16 -45.79 16.23
C ILE HC 407 -34.55 -46.04 15.67
N LEU HC 408 -35.45 -46.52 16.52
CA LEU HC 408 -36.75 -47.04 16.08
C LEU HC 408 -37.84 -45.99 16.20
N ARG HC 409 -38.90 -46.17 15.40
CA ARG HC 409 -40.02 -45.21 15.38
C ARG HC 409 -40.97 -45.34 16.58
N TYR HC 410 -40.95 -46.49 17.26
CA TYR HC 410 -41.61 -46.65 18.55
C TYR HC 410 -41.06 -47.82 19.34
N ARG HC 411 -41.55 -47.99 20.58
CA ARG HC 411 -41.09 -49.05 21.47
C ARG HC 411 -41.47 -50.45 20.99
N VAL HC 412 -40.49 -51.37 21.03
CA VAL HC 412 -40.70 -52.76 20.63
C VAL HC 412 -40.00 -53.70 21.61
N ASP HC 413 -40.73 -54.73 22.05
CA ASP HC 413 -40.16 -55.82 22.85
C ASP HC 413 -39.68 -56.92 21.92
N PHE HC 414 -38.49 -57.45 22.21
CA PHE HC 414 -37.90 -58.55 21.45
C PHE HC 414 -37.68 -59.73 22.38
N GLN HC 415 -37.61 -60.91 21.78
CA GLN HC 415 -37.66 -62.18 22.49
C GLN HC 415 -36.75 -63.20 21.81
N GLY HC 416 -35.94 -63.90 22.60
CA GLY HC 416 -35.00 -64.90 22.08
C GLY HC 416 -33.77 -64.27 21.44
N LYS IC 1 -7.84 -43.90 31.67
CA LYS IC 1 -7.45 -44.84 32.77
C LYS IC 1 -8.65 -45.24 33.63
N LEU IC 2 -9.56 -46.02 33.05
CA LEU IC 2 -10.77 -46.50 33.75
C LEU IC 2 -11.26 -47.86 33.24
N THR IC 3 -11.33 -48.83 34.17
CA THR IC 3 -11.74 -50.21 33.88
C THR IC 3 -13.01 -50.57 34.66
N ARG IC 4 -13.54 -51.75 34.37
CA ARG IC 4 -14.84 -52.22 34.84
C ARG IC 4 -14.72 -53.50 35.66
N ILE IC 5 -15.52 -53.60 36.72
CA ILE IC 5 -15.72 -54.87 37.41
C ILE IC 5 -17.19 -55.22 37.24
N ALA IC 6 -17.45 -56.51 37.02
CA ALA IC 6 -18.80 -57.07 37.06
C ALA IC 6 -18.90 -57.91 38.32
N ILE IC 7 -20.04 -57.81 39.01
CA ILE IC 7 -20.26 -58.53 40.26
C ILE IC 7 -21.57 -59.27 40.20
N VAL IC 8 -21.57 -60.51 40.66
CA VAL IC 8 -22.77 -61.34 40.64
C VAL IC 8 -23.11 -61.79 42.07
N ASN IC 9 -24.23 -61.29 42.61
CA ASN IC 9 -24.71 -61.74 43.93
C ASN IC 9 -25.08 -63.19 43.81
N HIS IC 10 -24.36 -64.05 44.52
CA HIS IC 10 -24.55 -65.49 44.40
C HIS IC 10 -25.89 -65.94 45.00
N ASP IC 11 -26.38 -65.20 46.00
CA ASP IC 11 -27.77 -65.35 46.47
C ASP IC 11 -28.94 -64.92 45.56
N LYS IC 12 -28.82 -63.77 44.91
CA LYS IC 12 -29.89 -63.21 44.04
C LYS IC 12 -29.92 -63.76 42.62
N CYS IC 13 -28.78 -64.23 42.12
CA CYS IC 13 -28.72 -64.94 40.84
C CYS IC 13 -29.23 -66.36 41.06
N LYS IC 14 -30.22 -66.75 40.27
CA LYS IC 14 -30.73 -68.11 40.23
C LYS IC 14 -30.94 -68.46 38.76
N PRO IC 15 -29.85 -68.77 38.03
CA PRO IC 15 -29.90 -68.95 36.58
C PRO IC 15 -30.96 -69.94 36.04
N LYS IC 16 -31.42 -70.88 36.86
CA LYS IC 16 -32.51 -71.79 36.48
C LYS IC 16 -33.85 -71.10 36.35
N LYS IC 17 -34.19 -70.28 37.35
CA LYS IC 17 -35.49 -69.61 37.40
C LYS IC 17 -35.73 -68.63 36.25
N CYS IC 18 -34.78 -67.73 36.01
CA CYS IC 18 -34.94 -66.61 35.07
C CYS IC 18 -34.80 -66.95 33.60
N ARG IC 19 -34.29 -68.14 33.28
CA ARG IC 19 -33.93 -68.56 31.92
C ARG IC 19 -33.08 -67.50 31.20
N GLN IC 20 -31.81 -67.41 31.61
CA GLN IC 20 -30.85 -66.51 30.98
C GLN IC 20 -31.30 -65.05 31.12
N GLU IC 21 -31.54 -64.33 30.01
CA GLU IC 21 -31.94 -62.89 29.94
C GLU IC 21 -30.76 -61.97 29.71
N CYS IC 22 -29.67 -62.21 30.44
CA CYS IC 22 -28.44 -61.46 30.28
C CYS IC 22 -27.80 -61.79 28.95
N LYS IC 23 -27.65 -63.08 28.67
CA LYS IC 23 -27.15 -63.54 27.38
C LYS IC 23 -27.86 -62.87 26.22
N LYS IC 24 -29.19 -62.92 26.28
CA LYS IC 24 -30.01 -62.43 25.18
C LYS IC 24 -29.88 -60.91 24.98
N SER IC 25 -29.88 -60.17 26.08
CA SER IC 25 -29.89 -58.72 26.04
C SER IC 25 -28.54 -58.06 25.73
N CYS IC 26 -27.44 -58.73 26.02
CA CYS IC 26 -26.11 -58.13 25.89
C CYS IC 26 -25.65 -57.99 24.44
N PRO IC 27 -25.32 -56.75 24.01
CA PRO IC 27 -24.90 -56.51 22.64
C PRO IC 27 -23.60 -57.20 22.29
N VAL IC 28 -22.68 -57.32 23.24
CA VAL IC 28 -21.42 -57.98 22.97
C VAL IC 28 -21.71 -59.44 22.63
N VAL IC 29 -22.65 -60.03 23.37
CA VAL IC 29 -23.00 -61.44 23.18
C VAL IC 29 -23.72 -61.63 21.84
N ARG IC 30 -24.59 -60.70 21.48
CA ARG IC 30 -25.20 -60.69 20.15
C ARG IC 30 -24.20 -60.37 19.05
N MET IC 31 -23.18 -59.57 19.36
CA MET IC 31 -22.07 -59.29 18.45
C MET IC 31 -21.36 -60.60 18.04
N GLY IC 32 -21.26 -61.53 19.00
CA GLY IC 32 -20.65 -62.83 18.79
C GLY IC 32 -19.33 -62.89 19.51
N LYS IC 33 -19.37 -62.66 20.82
CA LYS IC 33 -18.20 -62.64 21.67
C LYS IC 33 -18.56 -63.12 23.08
N LEU IC 34 -17.64 -63.83 23.73
CA LEU IC 34 -17.95 -64.53 24.99
C LEU IC 34 -17.95 -63.58 26.16
N CYS IC 35 -18.91 -62.66 26.14
CA CYS IC 35 -19.01 -61.60 27.14
C CYS IC 35 -19.73 -62.09 28.39
N ILE IC 36 -20.72 -62.95 28.20
CA ILE IC 36 -21.50 -63.58 29.27
C ILE IC 36 -21.61 -65.06 28.96
N GLU IC 37 -21.57 -65.89 30.00
CA GLU IC 37 -21.68 -67.34 29.85
C GLU IC 37 -22.52 -67.84 31.01
N VAL IC 38 -23.58 -68.57 30.72
CA VAL IC 38 -24.65 -68.81 31.69
C VAL IC 38 -25.15 -70.25 31.61
N THR IC 39 -25.90 -70.56 30.55
CA THR IC 39 -26.71 -71.79 30.43
C THR IC 39 -27.78 -71.92 31.54
N PRO IC 40 -28.84 -72.71 31.30
CA PRO IC 40 -29.82 -72.95 32.36
C PRO IC 40 -29.23 -73.76 33.52
N GLN IC 41 -28.37 -74.71 33.18
CA GLN IC 41 -27.55 -75.43 34.15
C GLN IC 41 -26.44 -74.47 34.64
N SER IC 42 -25.76 -74.86 35.72
CA SER IC 42 -24.61 -74.11 36.27
C SER IC 42 -25.04 -72.87 37.04
N LYS IC 43 -24.82 -72.91 38.35
CA LYS IC 43 -25.10 -71.76 39.22
C LYS IC 43 -24.21 -70.57 38.87
N ILE IC 44 -24.74 -69.37 39.13
CA ILE IC 44 -24.03 -68.11 38.99
C ILE IC 44 -23.67 -67.79 37.54
N ALA IC 45 -24.22 -66.69 37.02
CA ALA IC 45 -23.96 -66.21 35.67
C ALA IC 45 -22.59 -65.56 35.60
N TRP IC 46 -21.78 -66.01 34.67
CA TRP IC 46 -20.43 -65.48 34.50
C TRP IC 46 -20.44 -64.33 33.50
N ILE IC 47 -19.47 -63.43 33.64
CA ILE IC 47 -19.24 -62.34 32.70
C ILE IC 47 -17.74 -62.17 32.55
N SER IC 48 -17.32 -61.98 31.30
CA SER IC 48 -15.99 -61.48 31.00
C SER IC 48 -16.13 -59.98 30.97
N GLU IC 49 -15.91 -59.40 32.15
CA GLU IC 49 -15.69 -57.98 32.27
C GLU IC 49 -14.57 -57.45 31.34
N THR IC 50 -13.72 -58.34 30.83
CA THR IC 50 -12.78 -58.03 29.75
C THR IC 50 -13.48 -57.61 28.47
N LEU IC 51 -14.42 -58.45 28.04
CA LEU IC 51 -15.17 -58.23 26.80
C LEU IC 51 -16.40 -57.35 26.97
N CYS IC 52 -16.81 -57.15 28.22
CA CYS IC 52 -17.94 -56.27 28.54
C CYS IC 52 -17.69 -54.84 28.10
N ILE IC 53 -18.71 -54.21 27.53
CA ILE IC 53 -18.71 -52.77 27.28
C ILE IC 53 -18.92 -52.00 28.58
N GLY IC 54 -19.85 -52.49 29.39
CA GLY IC 54 -20.44 -51.72 30.46
C GLY IC 54 -21.49 -50.87 29.82
N CYS IC 55 -22.34 -51.52 29.02
CA CYS IC 55 -23.46 -50.86 28.38
C CYS IC 55 -24.49 -50.44 29.42
N GLY IC 56 -24.67 -51.29 30.41
CA GLY IC 56 -25.76 -51.14 31.35
C GLY IC 56 -27.04 -51.44 30.61
N ILE IC 57 -27.14 -52.66 30.14
CA ILE IC 57 -28.41 -53.22 29.66
C ILE IC 57 -28.75 -54.46 30.46
N CYS IC 58 -27.79 -55.38 30.59
CA CYS IC 58 -27.96 -56.56 31.41
C CYS IC 58 -28.34 -56.25 32.85
N ILE IC 59 -27.87 -55.13 33.38
CA ILE IC 59 -28.22 -54.73 34.74
C ILE IC 59 -29.71 -54.48 34.87
N LYS IC 60 -30.28 -53.79 33.89
CA LYS IC 60 -31.71 -53.54 33.87
C LYS IC 60 -32.51 -54.84 33.74
N LYS IC 61 -32.08 -55.71 32.83
CA LYS IC 61 -32.88 -56.87 32.44
C LYS IC 61 -33.06 -57.92 33.51
N CYS IC 62 -31.95 -58.39 34.10
CA CYS IC 62 -31.96 -59.50 35.06
C CYS IC 62 -33.10 -59.33 36.06
N PRO IC 63 -33.92 -60.38 36.25
CA PRO IC 63 -35.17 -60.18 36.98
C PRO IC 63 -35.06 -60.06 38.50
N PHE IC 64 -33.88 -60.31 39.07
CA PHE IC 64 -33.63 -60.10 40.50
C PHE IC 64 -32.58 -59.02 40.75
N GLY IC 65 -32.07 -58.40 39.69
CA GLY IC 65 -31.03 -57.39 39.79
C GLY IC 65 -29.72 -57.95 40.30
N ALA IC 66 -29.43 -59.19 39.94
CA ALA IC 66 -28.26 -59.88 40.48
C ALA IC 66 -26.96 -59.27 39.95
N LEU IC 67 -27.04 -58.63 38.77
CA LEU IC 67 -25.88 -58.06 38.10
C LEU IC 67 -25.66 -56.59 38.40
N SER IC 68 -24.48 -56.31 38.95
CA SER IC 68 -24.03 -54.97 39.30
C SER IC 68 -22.71 -54.75 38.58
N ILE IC 69 -22.68 -53.82 37.63
CA ILE IC 69 -21.44 -53.43 36.98
C ILE IC 69 -21.05 -52.08 37.52
N VAL IC 70 -19.76 -51.94 37.84
CA VAL IC 70 -19.17 -50.68 38.25
C VAL IC 70 -17.90 -50.42 37.48
N ASN IC 71 -17.47 -49.16 37.52
CA ASN IC 71 -16.16 -48.79 37.06
C ASN IC 71 -15.21 -48.74 38.24
N LEU IC 72 -13.93 -48.59 37.94
CA LEU IC 72 -12.90 -48.49 38.95
C LEU IC 72 -11.58 -48.02 38.32
N PRO IC 73 -10.85 -47.11 39.00
CA PRO IC 73 -9.61 -46.53 38.48
C PRO IC 73 -8.57 -47.54 38.03
N SER IC 74 -8.06 -47.38 36.80
CA SER IC 74 -7.06 -48.31 36.24
C SER IC 74 -5.81 -48.47 37.12
N ASN IC 75 -5.51 -47.47 37.95
CA ASN IC 75 -4.44 -47.56 38.96
C ASN IC 75 -4.59 -48.83 39.79
N LEU IC 76 -5.82 -49.09 40.21
CA LEU IC 76 -6.09 -50.08 41.25
C LEU IC 76 -5.98 -51.54 40.82
N GLU IC 77 -5.81 -51.81 39.53
CA GLU IC 77 -5.59 -53.17 39.04
C GLU IC 77 -4.24 -53.79 39.45
N LYS IC 78 -3.26 -52.95 39.75
CA LYS IC 78 -2.00 -53.42 40.36
C LYS IC 78 -2.25 -53.91 41.77
N GLU IC 79 -2.74 -53.01 42.60
CA GLU IC 79 -2.74 -53.20 44.04
C GLU IC 79 -4.00 -53.95 44.52
N THR IC 80 -4.08 -55.21 44.14
CA THR IC 80 -5.25 -56.06 44.41
C THR IC 80 -4.91 -57.16 45.40
N THR IC 81 -5.32 -56.99 46.65
CA THR IC 81 -4.92 -57.95 47.68
C THR IC 81 -5.77 -59.20 47.67
N HIS IC 82 -7.09 -59.07 47.54
CA HIS IC 82 -7.95 -60.26 47.49
C HIS IC 82 -9.17 -60.16 46.60
N ARG IC 83 -9.40 -61.20 45.82
CA ARG IC 83 -10.65 -61.38 45.10
C ARG IC 83 -11.04 -62.85 45.12
N TYR IC 84 -12.19 -63.12 45.72
CA TYR IC 84 -12.57 -64.49 46.11
C TYR IC 84 -12.92 -65.40 44.94
N CYS IC 85 -13.42 -64.82 43.87
CA CYS IC 85 -13.89 -65.58 42.72
C CYS IC 85 -13.72 -64.77 41.43
N ALA IC 86 -14.40 -65.23 40.38
CA ALA IC 86 -14.76 -64.38 39.26
C ALA IC 86 -16.00 -63.59 39.68
N ASN IC 87 -16.05 -62.35 39.23
CA ASN IC 87 -17.13 -61.43 39.52
C ASN IC 87 -17.48 -61.36 41.01
N ALA IC 88 -16.44 -61.24 41.83
CA ALA IC 88 -16.59 -61.06 43.27
C ALA IC 88 -16.07 -59.70 43.71
N PHE IC 89 -16.18 -59.45 45.01
CA PHE IC 89 -15.61 -58.27 45.64
C PHE IC 89 -14.07 -58.28 45.54
N LYS IC 90 -13.50 -57.08 45.45
CA LYS IC 90 -12.10 -56.87 45.15
C LYS IC 90 -11.49 -55.86 46.09
N LEU IC 91 -10.88 -56.33 47.17
CA LEU IC 91 -10.12 -55.46 48.05
C LEU IC 91 -8.87 -54.97 47.34
N HIS IC 92 -8.41 -53.79 47.73
CA HIS IC 92 -7.15 -53.26 47.25
C HIS IC 92 -6.29 -52.71 48.38
N ARG IC 93 -5.07 -53.24 48.47
CA ARG IC 93 -4.15 -52.99 49.57
C ARG IC 93 -4.70 -53.51 50.88
N LEU IC 94 -3.84 -53.56 51.87
CA LEU IC 94 -4.25 -53.91 53.21
C LEU IC 94 -3.87 -52.82 54.16
N PRO IC 95 -4.49 -52.83 55.35
CA PRO IC 95 -3.92 -52.04 56.45
C PRO IC 95 -2.50 -52.51 56.79
N ILE IC 96 -1.79 -51.73 57.59
CA ILE IC 96 -0.37 -51.94 57.81
C ILE IC 96 -0.13 -52.05 59.30
N PRO IC 97 -0.52 -53.18 59.91
CA PRO IC 97 -0.28 -53.32 61.35
C PRO IC 97 1.18 -53.02 61.74
N ARG IC 98 1.32 -52.20 62.77
CA ARG IC 98 2.60 -51.91 63.37
C ARG IC 98 2.47 -52.30 64.82
N PRO IC 99 3.47 -53.00 65.37
CA PRO IC 99 3.33 -53.46 66.73
C PRO IC 99 3.62 -52.33 67.70
N GLY IC 100 2.99 -52.41 68.86
CA GLY IC 100 3.04 -51.34 69.85
C GLY IC 100 2.07 -50.22 69.55
N GLU IC 101 1.07 -50.50 68.72
CA GLU IC 101 0.18 -49.48 68.21
C GLU IC 101 -1.17 -50.10 67.89
N VAL IC 102 -2.24 -49.42 68.30
CA VAL IC 102 -3.60 -49.81 67.95
C VAL IC 102 -3.97 -49.21 66.58
N LEU IC 103 -4.15 -50.07 65.58
CA LEU IC 103 -4.55 -49.67 64.22
C LEU IC 103 -6.07 -49.46 64.08
N GLY IC 104 -6.48 -48.22 63.84
CA GLY IC 104 -7.89 -47.87 63.66
C GLY IC 104 -8.31 -47.99 62.21
N LEU IC 105 -9.12 -49.01 61.90
CA LEU IC 105 -9.77 -49.10 60.57
C LEU IC 105 -11.05 -48.28 60.57
N VAL IC 106 -11.31 -47.60 59.44
CA VAL IC 106 -12.48 -46.74 59.32
C VAL IC 106 -12.94 -46.67 57.88
N GLY IC 107 -14.23 -46.44 57.71
CA GLY IC 107 -14.91 -46.49 56.41
C GLY IC 107 -16.19 -47.26 56.54
N THR IC 108 -17.10 -47.05 55.59
CA THR IC 108 -18.37 -47.78 55.55
C THR IC 108 -18.19 -49.26 55.28
N ASN IC 109 -19.21 -50.05 55.64
CA ASN IC 109 -19.15 -51.51 55.60
C ASN IC 109 -19.72 -52.06 54.31
N GLY IC 110 -19.39 -53.31 54.02
CA GLY IC 110 -19.53 -53.88 52.69
C GLY IC 110 -18.39 -53.42 51.80
N ILE IC 111 -17.23 -53.14 52.40
CA ILE IC 111 -16.05 -52.64 51.69
C ILE IC 111 -14.82 -53.41 52.19
N GLY IC 112 -14.89 -54.74 52.11
CA GLY IC 112 -13.76 -55.63 52.38
C GLY IC 112 -13.04 -55.53 53.71
N LYS IC 113 -13.68 -54.94 54.71
CA LYS IC 113 -13.05 -54.72 56.00
C LYS IC 113 -12.87 -56.07 56.70
N SER IC 114 -13.85 -56.95 56.57
CA SER IC 114 -13.75 -58.31 57.10
C SER IC 114 -12.69 -59.12 56.37
N THR IC 115 -12.55 -58.92 55.06
CA THR IC 115 -11.54 -59.62 54.28
C THR IC 115 -10.17 -59.17 54.69
N ALA IC 116 -10.01 -57.87 54.90
CA ALA IC 116 -8.77 -57.34 55.45
C ALA IC 116 -8.45 -58.03 56.78
N LEU IC 117 -9.42 -58.08 57.68
CA LEU IC 117 -9.20 -58.63 59.02
C LEU IC 117 -8.92 -60.13 59.04
N LYS IC 118 -9.61 -60.89 58.19
CA LYS IC 118 -9.29 -62.30 57.99
C LYS IC 118 -7.86 -62.50 57.54
N ILE IC 119 -7.48 -61.77 56.50
CA ILE IC 119 -6.13 -61.84 55.95
C ILE IC 119 -5.14 -61.55 57.06
N LEU IC 120 -5.33 -60.44 57.75
CA LEU IC 120 -4.41 -60.04 58.80
C LEU IC 120 -4.42 -60.99 59.98
N ALA IC 121 -5.54 -61.65 60.23
CA ALA IC 121 -5.54 -62.74 61.18
C ALA IC 121 -4.76 -63.96 60.71
N GLY IC 122 -4.58 -64.09 59.40
CA GLY IC 122 -3.76 -65.15 58.82
C GLY IC 122 -4.55 -66.39 58.45
N LYS IC 123 -5.85 -66.39 58.73
CA LYS IC 123 -6.74 -67.49 58.39
C LYS IC 123 -6.93 -67.50 56.88
N GLN IC 124 -7.05 -66.30 56.31
CA GLN IC 124 -7.16 -66.08 54.87
C GLN IC 124 -5.81 -65.80 54.23
N LYS IC 125 -5.47 -66.56 53.19
CA LYS IC 125 -4.33 -66.23 52.35
C LYS IC 125 -4.82 -65.18 51.36
N PRO IC 126 -4.13 -64.03 51.30
CA PRO IC 126 -4.50 -63.04 50.30
C PRO IC 126 -4.09 -63.55 48.93
N ASN IC 127 -5.04 -64.10 48.19
CA ASN IC 127 -4.73 -64.65 46.87
C ASN IC 127 -4.10 -63.69 45.87
N LEU IC 128 -4.21 -62.38 46.14
CA LEU IC 128 -3.54 -61.33 45.38
C LEU IC 128 -4.25 -61.16 44.03
N GLY IC 129 -5.53 -61.51 44.04
CA GLY IC 129 -6.36 -61.47 42.84
C GLY IC 129 -6.04 -62.52 41.81
N LYS IC 130 -5.72 -63.73 42.24
CA LYS IC 130 -5.37 -64.79 41.31
C LYS IC 130 -6.52 -65.78 41.17
N TYR IC 131 -6.93 -66.36 42.30
CA TYR IC 131 -8.03 -67.33 42.38
C TYR IC 131 -7.99 -68.46 41.32
N ASP IC 136 1.25 -70.39 47.87
CA ASP IC 136 1.66 -69.10 47.30
C ASP IC 136 2.73 -68.39 48.17
N TRP IC 137 2.72 -68.60 49.48
CA TRP IC 137 3.33 -67.67 50.46
C TRP IC 137 4.60 -66.91 50.07
N GLN IC 138 5.57 -67.57 49.45
CA GLN IC 138 6.81 -66.91 49.02
C GLN IC 138 6.57 -65.86 47.94
N GLU IC 139 5.57 -66.10 47.08
CA GLU IC 139 5.14 -65.11 46.09
C GLU IC 139 4.41 -63.93 46.74
N ILE IC 140 3.73 -64.20 47.84
CA ILE IC 140 3.01 -63.16 48.58
C ILE IC 140 4.01 -62.22 49.25
N LEU IC 141 4.88 -62.78 50.09
CA LEU IC 141 5.85 -61.98 50.82
C LEU IC 141 6.62 -61.06 49.87
N THR IC 142 7.08 -61.61 48.75
CA THR IC 142 7.82 -60.85 47.76
C THR IC 142 7.05 -59.66 47.23
N TYR IC 143 5.74 -59.82 47.13
CA TYR IC 143 4.88 -58.70 46.77
C TYR IC 143 4.81 -57.61 47.86
N PHE IC 144 5.01 -57.99 49.13
CA PHE IC 144 4.96 -57.03 50.25
C PHE IC 144 6.32 -56.52 50.80
N ARG IC 145 7.41 -56.68 50.05
CA ARG IC 145 8.70 -56.13 50.52
C ARG IC 145 8.72 -54.60 50.54
N GLY IC 146 9.67 -54.07 51.29
CA GLY IC 146 9.81 -52.63 51.52
C GLY IC 146 8.81 -52.06 52.53
N SER IC 147 7.89 -52.92 53.01
CA SER IC 147 6.70 -52.51 53.75
C SER IC 147 6.47 -53.44 54.92
N GLU IC 148 5.89 -52.91 55.99
CA GLU IC 148 5.77 -53.65 57.25
C GLU IC 148 4.97 -54.95 57.14
N LEU IC 149 4.18 -55.07 56.08
CA LEU IC 149 3.47 -56.30 55.76
C LEU IC 149 4.36 -57.53 55.70
N GLN IC 150 5.55 -57.40 55.09
CA GLN IC 150 6.42 -58.57 54.94
C GLN IC 150 6.94 -59.04 56.29
N ASN IC 151 7.29 -58.10 57.17
CA ASN IC 151 7.72 -58.47 58.51
C ASN IC 151 6.55 -59.15 59.24
N TYR IC 152 5.35 -58.59 59.07
CA TYR IC 152 4.11 -59.10 59.69
C TYR IC 152 3.84 -60.53 59.28
N PHE IC 153 3.83 -60.78 57.98
CA PHE IC 153 3.51 -62.11 57.46
C PHE IC 153 4.61 -63.13 57.72
N THR IC 154 5.86 -62.70 57.62
CA THR IC 154 6.95 -63.56 57.96
C THR IC 154 6.91 -63.94 59.44
N LYS IC 155 6.62 -62.97 60.31
CA LYS IC 155 6.45 -63.24 61.74
C LYS IC 155 5.36 -64.27 62.00
N ILE IC 156 4.25 -64.16 61.27
CA ILE IC 156 3.14 -65.12 61.32
C ILE IC 156 3.59 -66.55 61.00
N LEU IC 157 4.37 -66.71 59.94
CA LEU IC 157 4.62 -68.04 59.37
C LEU IC 157 5.61 -68.93 60.13
N GLU IC 158 6.55 -68.35 60.87
CA GLU IC 158 7.56 -69.15 61.62
C GLU IC 158 7.14 -69.38 63.08
N ASP IC 159 6.87 -68.29 63.79
CA ASP IC 159 6.18 -68.36 65.09
C ASP IC 159 4.72 -68.13 64.78
N ASP IC 160 3.87 -69.12 65.03
CA ASP IC 160 2.43 -68.96 64.79
C ASP IC 160 1.83 -67.94 65.76
N LEU IC 161 1.65 -66.72 65.26
CA LEU IC 161 0.96 -65.67 66.01
C LEU IC 161 -0.49 -66.07 66.20
N LYS IC 162 -0.99 -65.96 67.43
CA LYS IC 162 -2.37 -66.35 67.76
C LYS IC 162 -3.31 -65.18 67.45
N ALA IC 163 -4.23 -65.39 66.51
CA ALA IC 163 -5.20 -64.35 66.10
C ALA IC 163 -6.46 -64.40 66.93
N ILE IC 164 -6.78 -63.29 67.61
CA ILE IC 164 -7.94 -63.21 68.50
C ILE IC 164 -8.85 -62.09 68.06
N ILE IC 165 -10.15 -62.40 67.94
CA ILE IC 165 -11.13 -61.48 67.37
C ILE IC 165 -12.29 -61.22 68.32
N LYS IC 166 -12.48 -59.93 68.65
CA LYS IC 166 -13.73 -59.43 69.24
C LYS IC 166 -14.66 -59.21 68.05
N PRO IC 167 -15.75 -59.97 67.97
CA PRO IC 167 -16.56 -59.91 66.75
C PRO IC 167 -17.59 -58.77 66.73
N GLN IC 168 -18.33 -58.67 65.64
CA GLN IC 168 -19.30 -57.59 65.42
C GLN IC 168 -20.60 -57.93 66.13
N TYR IC 169 -21.20 -59.07 65.75
CA TYR IC 169 -22.50 -59.47 66.26
C TYR IC 169 -22.28 -60.07 67.64
N VAL IC 170 -22.70 -59.33 68.66
CA VAL IC 170 -22.41 -59.66 70.04
C VAL IC 170 -23.43 -60.69 70.53
N ASP IC 171 -24.62 -60.67 69.93
CA ASP IC 171 -25.73 -61.48 70.39
C ASP IC 171 -25.81 -62.86 69.74
N GLN IC 172 -24.72 -63.29 69.09
CA GLN IC 172 -24.51 -64.72 68.77
C GLN IC 172 -23.34 -65.34 69.57
N ILE IC 173 -22.88 -64.62 70.59
CA ILE IC 173 -22.08 -65.21 71.68
C ILE IC 173 -22.97 -65.97 72.69
N PRO IC 174 -24.13 -65.38 73.11
CA PRO IC 174 -25.06 -66.12 73.98
C PRO IC 174 -25.37 -67.53 73.51
N LYS IC 175 -25.76 -67.68 72.24
CA LYS IC 175 -26.16 -68.97 71.69
C LYS IC 175 -24.94 -69.82 71.31
N ALA IC 176 -24.17 -70.19 72.33
CA ALA IC 176 -22.90 -70.90 72.16
C ALA IC 176 -22.29 -71.21 73.52
N ALA IC 177 -21.91 -70.15 74.25
CA ALA IC 177 -21.22 -70.27 75.53
C ALA IC 177 -22.22 -70.37 76.69
N LYS IC 178 -22.13 -71.46 77.46
CA LYS IC 178 -22.99 -71.70 78.62
C LYS IC 178 -22.24 -71.47 79.93
N GLY IC 179 -22.98 -71.46 81.02
CA GLY IC 179 -22.43 -71.27 82.36
C GLY IC 179 -22.35 -69.80 82.71
N THR IC 180 -21.75 -69.53 83.87
CA THR IC 180 -21.65 -68.16 84.38
C THR IC 180 -20.51 -67.40 83.71
N VAL IC 181 -20.52 -66.08 83.89
CA VAL IC 181 -19.44 -65.23 83.41
C VAL IC 181 -18.16 -65.58 84.16
N GLY IC 182 -18.24 -65.63 85.49
CA GLY IC 182 -17.11 -65.91 86.37
C GLY IC 182 -16.45 -67.25 86.09
N SER IC 183 -17.24 -68.24 85.69
CA SER IC 183 -16.71 -69.54 85.26
C SER IC 183 -15.94 -69.45 83.94
N ILE IC 184 -16.50 -68.71 82.99
CA ILE IC 184 -15.94 -68.60 81.63
C ILE IC 184 -14.63 -67.83 81.57
N LEU IC 185 -14.49 -66.79 82.38
CA LEU IC 185 -13.22 -66.09 82.53
C LEU IC 185 -12.14 -67.00 83.13
N ASP IC 186 -12.50 -67.82 84.12
CA ASP IC 186 -11.56 -68.78 84.73
C ASP IC 186 -11.08 -69.85 83.75
N ARG IC 187 -11.98 -70.35 82.90
CA ARG IC 187 -11.64 -71.35 81.88
C ARG IC 187 -10.67 -70.82 80.82
N LYS IC 188 -10.90 -69.59 80.36
CA LYS IC 188 -10.09 -68.98 79.31
C LYS IC 188 -8.87 -68.20 79.81
N ASP IC 189 -8.55 -68.30 81.10
CA ASP IC 189 -7.44 -67.56 81.68
C ASP IC 189 -6.09 -68.09 81.21
N GLU IC 190 -5.14 -67.16 81.08
CA GLU IC 190 -3.79 -67.48 80.61
C GLU IC 190 -2.80 -66.44 81.17
N THR IC 191 -3.13 -65.16 81.00
CA THR IC 191 -2.43 -64.07 81.68
C THR IC 191 -2.51 -64.15 83.21
N LYS IC 192 -3.62 -64.68 83.72
CA LYS IC 192 -3.92 -64.72 85.16
C LYS IC 192 -4.01 -63.31 85.73
N THR IC 193 -4.86 -62.49 85.10
CA THR IC 193 -5.12 -61.11 85.50
C THR IC 193 -6.61 -60.79 85.34
N GLN IC 194 -7.46 -61.68 85.86
CA GLN IC 194 -8.90 -61.54 85.74
C GLN IC 194 -9.34 -60.32 86.53
N ALA IC 195 -8.93 -60.28 87.79
CA ALA IC 195 -9.36 -59.27 88.75
C ALA IC 195 -9.08 -57.85 88.28
N ILE IC 196 -7.90 -57.63 87.69
CA ILE IC 196 -7.52 -56.31 87.18
C ILE IC 196 -8.42 -55.91 86.00
N VAL IC 197 -8.62 -56.84 85.07
CA VAL IC 197 -9.50 -56.61 83.90
C VAL IC 197 -10.97 -56.42 84.31
N CYS IC 198 -11.42 -57.21 85.27
CA CYS IC 198 -12.77 -57.07 85.81
C CYS IC 198 -12.97 -55.80 86.66
N GLN IC 199 -11.90 -55.30 87.27
CA GLN IC 199 -11.94 -53.96 87.91
C GLN IC 199 -12.04 -52.86 86.87
N GLN IC 200 -11.29 -52.99 85.78
CA GLN IC 200 -11.33 -52.02 84.68
C GLN IC 200 -12.72 -51.97 84.06
N LEU IC 201 -13.17 -53.11 83.57
CA LEU IC 201 -14.44 -53.20 82.83
C LEU IC 201 -15.68 -53.39 83.70
N ASP IC 202 -15.53 -53.44 85.03
CA ASP IC 202 -16.66 -53.67 85.96
C ASP IC 202 -17.45 -54.93 85.63
N LEU IC 203 -16.84 -56.08 85.94
CA LEU IC 203 -17.49 -57.38 85.95
C LEU IC 203 -17.43 -58.00 87.35
N THR IC 204 -17.37 -57.16 88.38
CA THR IC 204 -17.44 -57.60 89.77
C THR IC 204 -18.83 -58.14 90.09
N HIS IC 205 -19.85 -57.40 89.65
CA HIS IC 205 -21.25 -57.78 89.82
C HIS IC 205 -21.64 -58.98 88.96
N LEU IC 206 -21.13 -59.01 87.74
CA LEU IC 206 -21.66 -59.86 86.68
C LEU IC 206 -21.11 -61.27 86.67
N LYS IC 207 -19.99 -61.50 87.37
CA LYS IC 207 -19.38 -62.84 87.51
C LYS IC 207 -20.38 -63.96 87.81
N GLU IC 208 -21.37 -63.64 88.64
CA GLU IC 208 -22.38 -64.61 89.07
C GLU IC 208 -23.34 -65.04 87.95
N ARG IC 209 -23.82 -64.08 87.16
CA ARG IC 209 -24.86 -64.34 86.15
C ARG IC 209 -24.37 -65.17 84.98
N ASN IC 210 -25.33 -65.71 84.23
CA ASN IC 210 -25.04 -66.39 82.97
C ASN IC 210 -24.88 -65.38 81.83
N VAL IC 211 -24.34 -65.85 80.71
CA VAL IC 211 -24.08 -65.01 79.53
C VAL IC 211 -25.40 -64.63 78.84
N GLU IC 212 -26.35 -65.56 78.85
CA GLU IC 212 -27.68 -65.33 78.29
C GLU IC 212 -28.51 -64.29 79.06
N ASP IC 213 -28.15 -64.06 80.32
CA ASP IC 213 -28.83 -63.08 81.19
C ASP IC 213 -28.44 -61.62 80.90
N LEU IC 214 -27.22 -61.40 80.41
CA LEU IC 214 -26.62 -60.06 80.33
C LEU IC 214 -27.30 -59.13 79.34
N SER IC 215 -27.25 -57.84 79.64
CA SER IC 215 -27.67 -56.80 78.72
C SER IC 215 -26.58 -56.57 77.67
N GLY IC 216 -26.94 -55.86 76.60
CA GLY IC 216 -26.05 -55.57 75.48
C GLY IC 216 -24.69 -55.01 75.90
N GLY IC 217 -24.71 -53.87 76.59
CA GLY IC 217 -23.49 -53.21 77.08
C GLY IC 217 -22.65 -54.08 78.01
N GLU IC 218 -23.33 -54.86 78.84
CA GLU IC 218 -22.67 -55.81 79.71
C GLU IC 218 -22.09 -56.95 78.88
N LEU IC 219 -22.78 -57.35 77.83
CA LEU IC 219 -22.25 -58.35 76.90
C LEU IC 219 -20.91 -57.95 76.27
N GLN IC 220 -20.80 -56.67 75.91
CA GLN IC 220 -19.56 -56.12 75.36
C GLN IC 220 -18.44 -56.29 76.37
N ARG IC 221 -18.69 -55.78 77.56
CA ARG IC 221 -17.72 -55.80 78.64
C ARG IC 221 -17.20 -57.21 78.89
N PHE IC 222 -18.10 -58.18 78.81
CA PHE IC 222 -17.75 -59.60 78.96
C PHE IC 222 -16.84 -60.10 77.82
N ALA IC 223 -17.19 -59.74 76.59
CA ALA IC 223 -16.44 -60.19 75.39
C ALA IC 223 -15.06 -59.55 75.24
N CYS IC 224 -14.95 -58.26 75.56
CA CYS IC 224 -13.66 -57.58 75.61
C CYS IC 224 -12.74 -58.18 76.69
N ALA IC 225 -13.31 -58.39 77.89
CA ALA IC 225 -12.60 -59.02 79.00
C ALA IC 225 -12.06 -60.41 78.64
N VAL IC 226 -12.84 -61.14 77.86
CA VAL IC 226 -12.40 -62.39 77.25
C VAL IC 226 -11.11 -62.21 76.44
N VAL IC 227 -11.15 -61.23 75.53
CA VAL IC 227 -10.02 -60.92 74.64
C VAL IC 227 -8.78 -60.45 75.42
N CYS IC 228 -9.02 -59.55 76.37
CA CYS IC 228 -7.98 -59.05 77.24
C CYS IC 228 -7.35 -60.11 78.15
N ILE IC 229 -8.10 -61.18 78.44
CA ILE IC 229 -7.59 -62.31 79.20
C ILE IC 229 -6.68 -63.22 78.37
N GLN IC 230 -7.13 -63.58 77.16
CA GLN IC 230 -6.42 -64.57 76.35
C GLN IC 230 -5.03 -64.10 75.91
N LYS IC 231 -4.00 -64.86 76.30
CA LYS IC 231 -2.62 -64.57 75.89
C LYS IC 231 -2.52 -64.76 74.39
N ALA IC 232 -2.12 -63.70 73.70
CA ALA IC 232 -1.98 -63.73 72.26
C ALA IC 232 -1.30 -62.49 71.70
N ASP IC 233 -0.99 -62.58 70.41
CA ASP IC 233 -0.50 -61.48 69.62
C ASP IC 233 -1.70 -61.05 68.77
N ILE IC 234 -1.48 -60.17 67.80
CA ILE IC 234 -2.52 -59.73 66.84
C ILE IC 234 -3.98 -59.74 67.33
N PHE IC 235 -4.38 -58.64 67.97
CA PHE IC 235 -5.77 -58.45 68.41
C PHE IC 235 -6.58 -57.66 67.38
N MET IC 236 -7.77 -58.16 67.05
CA MET IC 236 -8.72 -57.42 66.21
C MET IC 236 -9.86 -57.05 67.13
N PHE IC 237 -10.48 -55.90 66.87
CA PHE IC 237 -11.67 -55.46 67.60
C PHE IC 237 -12.60 -54.78 66.61
N ASP IC 238 -13.74 -55.41 66.34
CA ASP IC 238 -14.75 -54.88 65.42
C ASP IC 238 -15.94 -54.35 66.20
N GLU IC 239 -16.05 -53.03 66.28
CA GLU IC 239 -17.03 -52.35 67.14
C GLU IC 239 -16.93 -52.84 68.60
N PRO IC 240 -15.92 -52.36 69.33
CA PRO IC 240 -15.88 -52.63 70.76
C PRO IC 240 -17.08 -52.02 71.46
N SER IC 241 -17.34 -50.74 71.18
CA SER IC 241 -18.39 -50.01 71.88
C SER IC 241 -19.79 -50.57 71.54
N SER IC 242 -20.29 -50.28 70.33
CA SER IC 242 -21.69 -50.58 69.91
C SER IC 242 -22.81 -50.33 70.96
N TYR IC 243 -22.95 -51.20 71.96
CA TYR IC 243 -23.92 -50.97 73.06
C TYR IC 243 -23.35 -50.29 74.31
N LEU IC 244 -22.06 -49.98 74.32
CA LEU IC 244 -21.41 -49.46 75.53
C LEU IC 244 -21.78 -48.02 75.81
N ASP IC 245 -21.72 -47.68 77.09
CA ASP IC 245 -22.03 -46.33 77.56
C ASP IC 245 -20.74 -45.54 77.74
N VAL IC 246 -20.88 -44.22 77.61
CA VAL IC 246 -19.78 -43.26 77.66
C VAL IC 246 -18.55 -43.67 78.47
N LYS IC 247 -18.70 -43.73 79.80
CA LYS IC 247 -17.57 -44.11 80.66
C LYS IC 247 -17.10 -45.56 80.43
N GLN IC 248 -18.05 -46.42 80.05
CA GLN IC 248 -17.76 -47.84 79.78
C GLN IC 248 -16.93 -47.96 78.51
N ARG IC 249 -17.40 -47.31 77.44
CA ARG IC 249 -16.64 -47.25 76.18
C ARG IC 249 -15.33 -46.48 76.29
N LEU IC 250 -15.12 -45.69 77.33
CA LEU IC 250 -13.80 -45.16 77.64
C LEU IC 250 -12.97 -46.17 78.39
N LYS IC 251 -13.56 -46.82 79.38
CA LYS IC 251 -12.85 -47.88 80.13
C LYS IC 251 -12.42 -49.04 79.22
N ALA IC 252 -13.29 -49.40 78.28
CA ALA IC 252 -12.94 -50.36 77.24
C ALA IC 252 -11.72 -49.88 76.46
N ALA IC 253 -11.77 -48.64 76.00
CA ALA IC 253 -10.64 -48.02 75.30
C ALA IC 253 -9.36 -48.05 76.13
N ILE IC 254 -9.47 -47.70 77.41
CA ILE IC 254 -8.35 -47.83 78.35
C ILE IC 254 -7.80 -49.25 78.33
N THR IC 255 -8.70 -50.23 78.51
CA THR IC 255 -8.29 -51.63 78.64
C THR IC 255 -7.60 -52.18 77.41
N ILE IC 256 -8.17 -51.90 76.24
CA ILE IC 256 -7.59 -52.36 75.00
C ILE IC 256 -6.19 -51.73 74.84
N ARG IC 257 -6.09 -50.42 75.08
CA ARG IC 257 -4.83 -49.71 74.98
C ARG IC 257 -3.77 -50.31 75.94
N SER IC 258 -4.20 -50.78 77.11
CA SER IC 258 -3.30 -51.47 78.05
C SER IC 258 -2.74 -52.80 77.54
N LEU IC 259 -3.40 -53.42 76.57
CA LEU IC 259 -2.92 -54.66 75.93
C LEU IC 259 -1.67 -54.45 75.07
N ILE IC 260 -1.35 -53.21 74.75
CA ILE IC 260 -0.15 -52.89 73.99
C ILE IC 260 1.09 -53.25 74.79
N ASN IC 261 1.82 -54.23 74.29
CA ASN IC 261 3.24 -54.39 74.56
C ASN IC 261 3.91 -54.00 73.26
N PRO IC 262 5.21 -53.66 73.32
CA PRO IC 262 5.93 -53.43 72.06
C PRO IC 262 6.07 -54.69 71.19
N ASP IC 263 5.78 -55.86 71.75
CA ASP IC 263 5.66 -57.10 70.99
C ASP IC 263 4.38 -57.19 70.13
N ARG IC 264 3.21 -57.11 70.79
CA ARG IC 264 1.90 -57.38 70.15
C ARG IC 264 1.48 -56.37 69.08
N TYR IC 265 0.67 -56.84 68.13
CA TYR IC 265 -0.12 -55.98 67.24
C TYR IC 265 -1.58 -55.89 67.74
N ILE IC 266 -2.18 -54.72 67.54
CA ILE IC 266 -3.58 -54.45 67.93
C ILE IC 266 -4.26 -53.66 66.84
N ILE IC 267 -5.50 -54.04 66.52
CA ILE IC 267 -6.29 -53.43 65.47
C ILE IC 267 -7.66 -53.20 66.04
N VAL IC 268 -8.18 -51.98 65.91
CA VAL IC 268 -9.52 -51.65 66.39
C VAL IC 268 -10.34 -51.00 65.29
N VAL IC 269 -11.62 -51.34 65.24
CA VAL IC 269 -12.49 -50.93 64.14
C VAL IC 269 -13.77 -50.36 64.69
N GLU IC 270 -13.71 -49.09 65.05
CA GLU IC 270 -14.86 -48.39 65.61
C GLU IC 270 -15.57 -47.57 64.56
N HIS IC 271 -16.74 -47.07 64.95
CA HIS IC 271 -17.47 -46.06 64.21
C HIS IC 271 -17.67 -44.76 65.00
N ASP IC 272 -17.85 -44.85 66.32
CA ASP IC 272 -17.80 -43.64 67.14
C ASP IC 272 -16.39 -43.08 67.11
N LEU IC 273 -16.30 -41.95 66.42
CA LEU IC 273 -15.03 -41.39 66.02
C LEU IC 273 -14.24 -41.00 67.26
N SER IC 274 -14.90 -40.27 68.15
CA SER IC 274 -14.32 -39.85 69.42
C SER IC 274 -13.68 -41.02 70.17
N VAL IC 275 -14.33 -42.19 70.15
CA VAL IC 275 -13.77 -43.38 70.79
C VAL IC 275 -12.62 -43.96 69.99
N LEU IC 276 -12.80 -44.05 68.67
CA LEU IC 276 -11.73 -44.52 67.78
C LEU IC 276 -10.43 -43.71 67.97
N ASP IC 277 -10.58 -42.39 68.06
CA ASP IC 277 -9.50 -41.46 68.38
C ASP IC 277 -8.76 -41.86 69.66
N TYR IC 278 -9.52 -42.00 70.75
CA TYR IC 278 -8.95 -42.31 72.07
C TYR IC 278 -8.29 -43.69 72.11
N LEU IC 279 -8.81 -44.62 71.34
CA LEU IC 279 -8.19 -45.94 71.18
C LEU IC 279 -6.86 -45.89 70.46
N SER IC 280 -6.93 -45.48 69.21
CA SER IC 280 -5.88 -45.74 68.22
C SER IC 280 -4.70 -44.79 68.33
N ASP IC 281 -3.72 -45.03 67.46
CA ASP IC 281 -2.57 -44.15 67.30
C ASP IC 281 -2.16 -44.05 65.83
N PHE IC 282 -3.05 -44.44 64.93
CA PHE IC 282 -2.62 -45.01 63.66
C PHE IC 282 -3.84 -45.44 62.85
N ILE IC 283 -4.20 -44.70 61.78
CA ILE IC 283 -5.53 -44.88 61.13
C ILE IC 283 -5.53 -45.04 59.59
N CYS IC 284 -6.38 -45.94 59.10
CA CYS IC 284 -6.46 -46.30 57.69
C CYS IC 284 -7.90 -46.20 57.18
N CYS IC 285 -8.12 -45.53 56.05
CA CYS IC 285 -9.48 -45.39 55.47
C CYS IC 285 -9.80 -46.44 54.45
N LEU IC 286 -11.05 -46.91 54.45
CA LEU IC 286 -11.48 -47.99 53.57
C LEU IC 286 -12.53 -47.53 52.55
N TYR IC 287 -12.05 -46.71 51.62
CA TYR IC 287 -12.90 -46.15 50.60
C TYR IC 287 -13.12 -47.14 49.50
N GLY IC 288 -14.22 -46.97 48.78
CA GLY IC 288 -14.50 -47.81 47.62
C GLY IC 288 -15.95 -47.79 47.19
N VAL IC 289 -16.40 -48.88 46.58
CA VAL IC 289 -17.80 -49.05 46.25
C VAL IC 289 -18.32 -50.29 46.91
N PRO IC 290 -19.40 -50.16 47.69
CA PRO IC 290 -20.00 -51.31 48.37
C PRO IC 290 -20.29 -52.52 47.47
N SER IC 291 -19.92 -53.70 47.97
CA SER IC 291 -20.02 -54.96 47.23
C SER IC 291 -19.54 -54.86 45.78
N ALA IC 292 -18.35 -54.31 45.62
CA ALA IC 292 -17.70 -54.18 44.32
C ALA IC 292 -16.20 -54.13 44.50
N TYR IC 293 -15.75 -53.10 45.20
CA TYR IC 293 -14.36 -53.00 45.59
C TYR IC 293 -14.18 -52.08 46.78
N GLY IC 294 -13.17 -52.42 47.58
CA GLY IC 294 -12.71 -51.62 48.67
C GLY IC 294 -11.24 -51.35 48.48
N VAL IC 295 -10.82 -50.20 49.00
CA VAL IC 295 -9.46 -49.72 48.82
C VAL IC 295 -8.96 -49.21 50.15
N VAL IC 296 -8.06 -49.97 50.78
CA VAL IC 296 -7.41 -49.50 52.00
C VAL IC 296 -6.44 -48.43 51.52
N THR IC 297 -6.26 -47.36 52.30
CA THR IC 297 -5.23 -46.37 52.02
C THR IC 297 -3.93 -46.74 52.72
N MET IC 298 -2.88 -45.99 52.39
CA MET IC 298 -1.69 -45.98 53.22
C MET IC 298 -2.09 -45.43 54.59
N PRO IC 299 -1.41 -45.89 55.65
CA PRO IC 299 -1.88 -45.55 56.97
C PRO IC 299 -1.51 -44.12 57.32
N PHE IC 300 -2.51 -43.31 57.63
CA PHE IC 300 -2.27 -41.96 58.11
C PHE IC 300 -2.16 -42.03 59.62
N SER IC 301 -1.77 -40.92 60.23
CA SER IC 301 -1.86 -40.77 61.68
C SER IC 301 -3.33 -40.57 62.04
N VAL IC 302 -3.60 -40.59 63.35
CA VAL IC 302 -4.95 -40.42 63.86
C VAL IC 302 -5.62 -39.19 63.29
N ARG IC 303 -4.98 -38.05 63.52
CA ARG IC 303 -5.58 -36.77 63.21
C ARG IC 303 -5.88 -36.64 61.73
N GLU IC 304 -4.83 -36.82 60.93
CA GLU IC 304 -4.93 -36.69 59.48
C GLU IC 304 -5.91 -37.67 58.86
N GLY IC 305 -5.83 -38.93 59.30
CA GLY IC 305 -6.63 -40.01 58.73
C GLY IC 305 -8.12 -39.87 58.86
N ILE IC 306 -8.61 -39.40 60.01
CA ILE IC 306 -10.05 -39.25 60.24
C ILE IC 306 -10.55 -38.00 59.52
N ASN IC 307 -9.76 -36.93 59.52
CA ASN IC 307 -10.10 -35.75 58.73
C ASN IC 307 -10.25 -36.10 57.24
N ILE IC 308 -9.38 -37.00 56.75
CA ILE IC 308 -9.44 -37.53 55.38
C ILE IC 308 -10.68 -38.37 55.16
N PHE IC 309 -11.00 -39.21 56.14
CA PHE IC 309 -12.23 -39.96 56.08
C PHE IC 309 -13.43 -39.02 55.94
N LEU IC 310 -13.49 -38.00 56.79
CA LEU IC 310 -14.61 -37.07 56.78
C LEU IC 310 -14.66 -36.23 55.52
N ASP IC 311 -13.52 -35.72 55.06
CA ASP IC 311 -13.46 -35.04 53.76
C ASP IC 311 -14.03 -35.88 52.66
N GLY IC 312 -13.73 -37.17 52.68
CA GLY IC 312 -13.97 -38.02 51.55
C GLY IC 312 -13.07 -37.57 50.43
N TYR IC 313 -11.80 -37.35 50.74
CA TYR IC 313 -10.83 -36.89 49.74
C TYR IC 313 -9.39 -37.13 50.19
N VAL IC 314 -8.82 -38.25 49.75
CA VAL IC 314 -7.45 -38.60 50.11
C VAL IC 314 -6.55 -37.69 49.27
N PRO IC 315 -5.78 -36.80 49.92
CA PRO IC 315 -5.04 -35.76 49.19
C PRO IC 315 -3.84 -36.28 48.40
N THR IC 316 -3.19 -37.31 48.92
CA THR IC 316 -2.01 -37.91 48.29
C THR IC 316 -2.42 -38.67 47.02
N GLU IC 317 -3.29 -39.64 47.19
CA GLU IC 317 -3.87 -40.41 46.08
C GLU IC 317 -4.76 -39.54 45.18
N ASN IC 318 -5.31 -38.48 45.76
CA ASN IC 318 -6.09 -37.48 45.06
C ASN IC 318 -7.45 -38.01 44.58
N LEU IC 319 -8.04 -38.88 45.40
CA LEU IC 319 -9.33 -39.54 45.11
C LEU IC 319 -10.40 -39.03 46.05
N ARG IC 320 -11.37 -38.31 45.49
CA ARG IC 320 -12.57 -37.95 46.23
C ARG IC 320 -13.49 -39.15 46.21
N PHE IC 321 -13.56 -39.85 47.34
CA PHE IC 321 -14.20 -41.15 47.39
C PHE IC 321 -15.66 -41.05 47.80
N ARG IC 322 -15.94 -40.34 48.88
CA ARG IC 322 -17.29 -39.89 49.14
C ARG IC 322 -17.36 -38.56 48.41
N ASP IC 323 -18.56 -38.12 48.05
CA ASP IC 323 -18.67 -36.84 47.35
C ASP IC 323 -18.72 -35.66 48.31
N ALA IC 324 -19.50 -35.78 49.37
CA ALA IC 324 -19.66 -34.70 50.35
C ALA IC 324 -18.78 -34.88 51.57
N SER IC 325 -18.22 -33.77 52.04
CA SER IC 325 -17.60 -33.72 53.35
C SER IC 325 -18.71 -33.81 54.42
N LEU IC 326 -18.42 -34.46 55.54
CA LEU IC 326 -19.42 -34.76 56.58
C LEU IC 326 -19.19 -33.98 57.88
N VAL IC 327 -18.86 -32.70 57.76
CA VAL IC 327 -18.57 -31.84 58.94
C VAL IC 327 -19.87 -31.48 59.70
N PHE IC 328 -19.71 -31.01 60.94
CA PHE IC 328 -20.81 -30.89 61.91
C PHE IC 328 -21.16 -29.45 62.25
N MET IC 342 -44.55 -26.22 70.93
CA MET IC 342 -45.61 -25.79 71.85
C MET IC 342 -45.89 -26.86 72.92
N CYS IC 343 -45.73 -26.48 74.20
CA CYS IC 343 -45.67 -27.43 75.32
C CYS IC 343 -46.88 -28.35 75.40
N MET IC 344 -46.72 -29.57 74.88
CA MET IC 344 -47.80 -30.55 74.84
C MET IC 344 -48.17 -30.98 76.24
N TYR IC 345 -47.17 -31.35 77.02
CA TYR IC 345 -47.40 -31.90 78.35
C TYR IC 345 -46.41 -31.37 79.36
N LYS IC 346 -46.65 -31.74 80.62
CA LYS IC 346 -45.73 -31.52 81.70
C LYS IC 346 -45.79 -32.74 82.61
N TYR IC 347 -44.66 -33.42 82.77
CA TYR IC 347 -44.54 -34.44 83.80
C TYR IC 347 -44.25 -33.71 85.12
N PRO IC 348 -45.12 -33.90 86.15
CA PRO IC 348 -44.79 -33.38 87.48
C PRO IC 348 -43.82 -34.31 88.23
N GLY IC 349 -43.62 -34.08 89.53
CA GLY IC 349 -42.72 -34.90 90.32
C GLY IC 349 -43.13 -36.36 90.42
N MET IC 350 -42.61 -37.17 89.51
CA MET IC 350 -42.79 -38.62 89.58
C MET IC 350 -41.64 -39.20 90.39
N LYS IC 351 -41.96 -40.12 91.30
CA LYS IC 351 -40.96 -40.81 92.13
C LYS IC 351 -41.37 -42.27 92.22
N LYS IC 352 -40.43 -43.19 92.02
CA LYS IC 352 -40.74 -44.61 91.92
C LYS IC 352 -39.72 -45.47 92.64
N LYS IC 353 -40.06 -45.87 93.87
CA LYS IC 353 -39.19 -46.67 94.72
C LYS IC 353 -39.47 -48.16 94.50
N MET IC 354 -38.41 -48.93 94.32
CA MET IC 354 -38.50 -50.39 94.21
C MET IC 354 -38.57 -51.03 95.59
N GLY IC 355 -37.82 -50.48 96.53
CA GLY IC 355 -37.75 -50.97 97.91
C GLY IC 355 -36.38 -50.64 98.49
N GLU IC 356 -35.35 -51.17 97.82
CA GLU IC 356 -33.94 -50.83 98.09
C GLU IC 356 -33.38 -49.82 97.05
N PHE IC 357 -34.09 -49.65 95.93
CA PHE IC 357 -33.66 -48.77 94.83
C PHE IC 357 -34.72 -47.69 94.60
N GLU IC 358 -34.29 -46.45 94.34
CA GLU IC 358 -35.19 -45.29 94.23
C GLU IC 358 -34.95 -44.50 92.96
N LEU IC 359 -35.87 -44.60 91.99
CA LEU IC 359 -35.75 -43.90 90.70
C LEU IC 359 -36.72 -42.72 90.62
N ALA IC 360 -36.18 -41.51 90.45
CA ALA IC 360 -36.92 -40.26 90.72
C ALA IC 360 -36.88 -39.30 89.55
N ILE IC 361 -37.88 -38.40 89.48
CA ILE IC 361 -38.09 -37.51 88.32
C ILE IC 361 -38.52 -36.09 88.71
N VAL IC 362 -37.98 -35.13 87.98
CA VAL IC 362 -38.20 -33.70 88.19
C VAL IC 362 -39.41 -33.22 87.39
N ALA IC 363 -39.96 -32.07 87.79
CA ALA IC 363 -40.96 -31.33 87.01
C ALA IC 363 -40.44 -30.91 85.62
N GLY IC 364 -41.04 -31.47 84.55
CA GLY IC 364 -40.45 -31.40 83.21
C GLY IC 364 -41.41 -31.40 82.03
N GLU IC 365 -41.07 -30.60 81.01
CA GLU IC 365 -41.94 -30.22 79.89
C GLU IC 365 -41.49 -30.85 78.58
N PHE IC 366 -42.42 -30.93 77.62
CA PHE IC 366 -42.15 -31.53 76.31
C PHE IC 366 -42.82 -30.70 75.24
N THR IC 367 -42.03 -29.96 74.48
CA THR IC 367 -42.54 -29.22 73.34
C THR IC 367 -42.75 -30.23 72.22
N ASP IC 368 -43.79 -30.04 71.41
CA ASP IC 368 -43.95 -30.86 70.20
C ASP IC 368 -42.83 -30.59 69.21
N SER IC 369 -42.52 -31.59 68.38
CA SER IC 369 -41.38 -31.54 67.46
C SER IC 369 -40.09 -31.14 68.16
N GLU IC 370 -39.68 -32.02 69.07
CA GLU IC 370 -38.52 -31.84 69.91
C GLU IC 370 -37.89 -33.19 70.08
N ILE IC 371 -36.58 -33.19 70.22
CA ILE IC 371 -35.85 -34.41 70.25
C ILE IC 371 -35.09 -34.44 71.58
N MET IC 372 -35.64 -35.22 72.51
CA MET IC 372 -35.10 -35.37 73.84
C MET IC 372 -33.98 -36.38 73.78
N VAL IC 373 -33.02 -36.24 74.68
CA VAL IC 373 -31.89 -37.13 74.73
C VAL IC 373 -31.67 -37.52 76.18
N MET IC 374 -31.37 -38.79 76.38
CA MET IC 374 -31.29 -39.39 77.68
C MET IC 374 -29.80 -39.59 78.02
N LEU IC 375 -29.16 -38.55 78.54
CA LEU IC 375 -27.77 -38.68 78.94
C LEU IC 375 -27.69 -39.39 80.30
N GLY IC 376 -26.82 -40.38 80.40
CA GLY IC 376 -26.68 -41.18 81.64
C GLY IC 376 -25.77 -42.38 81.43
N GLU IC 377 -26.10 -43.49 82.10
CA GLU IC 377 -25.28 -44.71 82.06
C GLU IC 377 -26.11 -45.99 81.88
N ASN IC 378 -25.44 -47.06 81.44
CA ASN IC 378 -26.05 -48.40 81.36
C ASN IC 378 -26.22 -48.96 82.78
N GLY IC 379 -27.35 -48.58 83.39
CA GLY IC 379 -27.60 -48.84 84.81
C GLY IC 379 -28.47 -47.76 85.45
N THR IC 380 -28.19 -46.50 85.11
CA THR IC 380 -28.97 -45.35 85.61
C THR IC 380 -30.40 -45.28 85.06
N GLY IC 381 -30.85 -46.37 84.43
CA GLY IC 381 -32.27 -46.61 84.28
C GLY IC 381 -32.89 -45.75 83.19
N LYS IC 382 -32.20 -45.64 82.06
CA LYS IC 382 -32.77 -45.01 80.88
C LYS IC 382 -33.86 -45.96 80.37
N THR IC 383 -33.46 -47.22 80.16
CA THR IC 383 -34.33 -48.29 79.68
C THR IC 383 -35.54 -48.56 80.60
N THR IC 384 -35.31 -48.54 81.90
CA THR IC 384 -36.38 -48.77 82.88
C THR IC 384 -37.37 -47.59 82.95
N PHE IC 385 -36.86 -46.36 82.84
CA PHE IC 385 -37.74 -45.18 82.68
C PHE IC 385 -38.48 -45.23 81.35
N ILE IC 386 -37.76 -45.60 80.28
CA ILE IC 386 -38.35 -45.81 78.94
C ILE IC 386 -39.52 -46.80 78.99
N ARG IC 387 -39.32 -47.93 79.67
CA ARG IC 387 -40.37 -48.94 79.85
C ARG IC 387 -41.51 -48.43 80.75
N MET IC 388 -41.16 -47.66 81.78
CA MET IC 388 -42.16 -47.02 82.66
C MET IC 388 -43.03 -45.98 81.93
N LEU IC 389 -42.38 -45.19 81.09
CA LEU IC 389 -43.07 -44.21 80.23
C LEU IC 389 -44.07 -44.88 79.29
N ALA IC 390 -43.69 -46.04 78.76
CA ALA IC 390 -44.51 -46.81 77.82
C ALA IC 390 -45.77 -47.39 78.47
N GLY IC 391 -45.55 -48.14 79.55
CA GLY IC 391 -46.57 -49.02 80.13
C GLY IC 391 -46.09 -50.46 80.20
N ARG IC 392 -45.06 -50.79 79.40
CA ARG IC 392 -44.37 -52.09 79.48
C ARG IC 392 -43.81 -52.44 80.87
N LEU IC 393 -43.48 -51.42 81.66
CA LEU IC 393 -43.23 -51.58 83.10
C LEU IC 393 -44.29 -50.82 83.90
N LYS IC 394 -44.78 -51.46 84.96
CA LYS IC 394 -45.86 -50.92 85.79
C LYS IC 394 -45.29 -50.18 87.01
N PRO IC 395 -46.02 -49.18 87.53
CA PRO IC 395 -45.48 -48.33 88.59
C PRO IC 395 -45.59 -48.94 90.00
N ASP IC 396 -44.55 -48.72 90.81
CA ASP IC 396 -44.59 -49.06 92.24
C ASP IC 396 -45.31 -47.94 92.99
N GLU IC 397 -44.84 -46.70 92.78
CA GLU IC 397 -45.49 -45.48 93.27
C GLU IC 397 -45.55 -44.43 92.16
N GLY IC 398 -46.14 -43.27 92.45
CA GLY IC 398 -46.25 -42.20 91.47
C GLY IC 398 -47.31 -42.50 90.43
N GLY IC 399 -46.96 -43.34 89.46
CA GLY IC 399 -47.91 -43.89 88.49
C GLY IC 399 -47.96 -43.17 87.16
N GLU IC 400 -47.18 -43.65 86.20
CA GLU IC 400 -47.21 -43.13 84.81
C GLU IC 400 -48.13 -43.99 83.93
N VAL IC 401 -49.33 -43.46 83.70
CA VAL IC 401 -50.25 -44.00 82.71
C VAL IC 401 -50.74 -42.80 81.88
N PRO IC 402 -49.84 -42.21 81.07
CA PRO IC 402 -50.27 -41.12 80.19
C PRO IC 402 -51.01 -41.71 78.99
N VAL IC 403 -52.03 -41.00 78.51
CA VAL IC 403 -52.75 -41.45 77.32
C VAL IC 403 -51.87 -41.09 76.11
N LEU IC 404 -50.86 -41.92 75.87
CA LEU IC 404 -49.89 -41.70 74.80
C LEU IC 404 -49.52 -43.00 74.13
N ASN IC 405 -49.78 -43.08 72.84
CA ASN IC 405 -49.25 -44.15 72.02
C ASN IC 405 -47.76 -43.89 71.88
N VAL IC 406 -46.96 -44.94 71.99
CA VAL IC 406 -45.50 -44.81 71.96
C VAL IC 406 -44.89 -45.97 71.15
N SER IC 407 -43.67 -45.74 70.65
CA SER IC 407 -42.93 -46.71 69.84
C SER IC 407 -41.50 -46.84 70.40
N TYR IC 408 -40.83 -47.98 70.15
CA TYR IC 408 -39.59 -48.34 70.87
C TYR IC 408 -38.58 -49.11 69.99
N LYS IC 409 -37.44 -48.49 69.69
CA LYS IC 409 -36.33 -49.13 68.95
C LYS IC 409 -35.34 -49.64 69.96
N PRO IC 410 -35.50 -50.91 70.40
CA PRO IC 410 -34.67 -51.38 71.50
C PRO IC 410 -33.24 -51.64 71.06
N GLN IC 411 -32.39 -51.98 72.02
CA GLN IC 411 -30.98 -52.20 71.72
C GLN IC 411 -30.86 -53.53 70.99
N LYS IC 412 -31.34 -54.60 71.63
CA LYS IC 412 -31.25 -55.96 71.10
C LYS IC 412 -32.37 -56.19 70.09
N ILE IC 413 -31.99 -56.53 68.86
CA ILE IC 413 -32.95 -56.82 67.78
C ILE IC 413 -32.39 -57.88 66.83
N SER IC 414 -34.59 -59.75 68.00
CA SER IC 414 -34.09 -60.77 67.10
C SER IC 414 -34.79 -60.70 65.73
N PRO IC 415 -34.20 -61.33 64.70
CA PRO IC 415 -34.88 -61.50 63.42
C PRO IC 415 -35.71 -62.79 63.38
N LYS IC 416 -36.62 -62.93 64.35
CA LYS IC 416 -37.50 -64.09 64.46
C LYS IC 416 -38.88 -63.71 63.95
N SER IC 417 -38.93 -63.46 62.65
CA SER IC 417 -40.17 -63.16 61.94
C SER IC 417 -39.89 -63.40 60.45
N THR IC 418 -39.93 -64.68 60.07
CA THR IC 418 -39.42 -65.14 58.78
C THR IC 418 -40.17 -64.55 57.59
N GLY IC 419 -39.47 -64.54 56.46
CA GLY IC 419 -39.95 -63.87 55.25
C GLY IC 419 -39.08 -62.67 54.95
N SER IC 420 -39.59 -61.78 54.11
CA SER IC 420 -38.85 -60.61 53.63
C SER IC 420 -39.05 -59.39 54.52
N VAL IC 421 -38.30 -58.33 54.22
CA VAL IC 421 -38.49 -57.02 54.85
C VAL IC 421 -39.81 -56.43 54.37
N ARG IC 422 -40.09 -56.51 53.07
CA ARG IC 422 -41.38 -56.10 52.50
C ARG IC 422 -42.57 -56.60 53.30
N GLN IC 423 -42.58 -57.91 53.52
CA GLN IC 423 -43.64 -58.57 54.31
C GLN IC 423 -43.67 -58.05 55.74
N LEU IC 424 -42.49 -57.86 56.32
CA LEU IC 424 -42.36 -57.32 57.66
C LEU IC 424 -42.89 -55.88 57.72
N LEU IC 425 -42.52 -55.06 56.74
CA LEU IC 425 -42.93 -53.65 56.72
C LEU IC 425 -44.44 -53.45 56.54
N HIS IC 426 -45.07 -54.23 55.66
CA HIS IC 426 -46.53 -54.11 55.46
C HIS IC 426 -47.33 -54.62 56.65
N GLU IC 427 -46.84 -55.66 57.33
CA GLU IC 427 -47.48 -56.12 58.55
C GLU IC 427 -47.54 -55.00 59.57
N LYS IC 428 -46.41 -54.33 59.77
CA LYS IC 428 -46.32 -53.26 60.77
C LYS IC 428 -46.99 -51.96 60.32
N ILE IC 429 -46.66 -51.52 59.11
CA ILE IC 429 -46.96 -50.15 58.70
C ILE IC 429 -47.22 -50.04 57.19
N ARG IC 430 -48.45 -50.29 56.78
CA ARG IC 430 -48.82 -50.22 55.36
C ARG IC 430 -48.84 -48.79 54.83
N ASP IC 431 -49.23 -47.86 55.70
CA ASP IC 431 -49.39 -46.47 55.30
C ASP IC 431 -48.04 -45.78 55.15
N ALA IC 432 -47.17 -45.95 56.15
CA ALA IC 432 -45.84 -45.34 56.13
C ALA IC 432 -44.99 -45.85 54.98
N TYR IC 433 -44.86 -47.17 54.90
CA TYR IC 433 -44.17 -47.90 53.81
C TYR IC 433 -44.39 -47.28 52.42
N THR IC 434 -45.63 -46.87 52.16
CA THR IC 434 -46.01 -46.21 50.91
C THR IC 434 -45.86 -44.69 50.93
N HIS IC 435 -46.30 -44.06 52.02
CA HIS IC 435 -46.39 -42.58 52.10
C HIS IC 435 -45.12 -41.92 51.60
N PRO IC 436 -45.23 -41.01 50.62
CA PRO IC 436 -43.98 -40.49 50.09
C PRO IC 436 -43.20 -39.62 51.10
N GLN IC 437 -43.85 -38.69 51.80
CA GLN IC 437 -43.14 -37.91 52.84
C GLN IC 437 -42.79 -38.66 54.07
N PHE IC 438 -42.95 -39.97 53.98
CA PHE IC 438 -42.22 -40.88 54.81
C PHE IC 438 -41.05 -41.46 54.01
N VAL IC 439 -41.32 -41.97 52.82
CA VAL IC 439 -40.29 -42.57 51.94
C VAL IC 439 -39.06 -41.69 51.73
N THR IC 440 -39.29 -40.41 51.47
CA THR IC 440 -38.21 -39.47 51.19
C THR IC 440 -37.52 -39.00 52.45
N ASP IC 441 -38.26 -39.01 53.56
CA ASP IC 441 -37.69 -38.73 54.88
C ASP IC 441 -37.02 -39.93 55.51
N VAL IC 442 -37.54 -41.13 55.25
CA VAL IC 442 -37.18 -42.32 56.01
C VAL IC 442 -36.61 -43.46 55.19
N MET IC 443 -37.34 -43.91 54.17
CA MET IC 443 -36.92 -45.08 53.41
C MET IC 443 -35.65 -44.82 52.57
N LYS IC 444 -35.70 -43.81 51.71
CA LYS IC 444 -34.58 -43.47 50.81
C LYS IC 444 -33.25 -43.21 51.51
N PRO IC 445 -33.24 -42.42 52.59
CA PRO IC 445 -31.98 -42.23 53.32
C PRO IC 445 -31.53 -43.44 54.15
N LEU IC 446 -32.42 -44.38 54.42
CA LEU IC 446 -32.04 -45.64 55.07
C LEU IC 446 -31.71 -46.75 54.09
N GLN IC 447 -31.85 -46.48 52.79
CA GLN IC 447 -31.52 -47.45 51.75
C GLN IC 447 -32.29 -48.77 51.90
N ILE IC 448 -33.49 -48.71 52.47
CA ILE IC 448 -34.32 -49.90 52.64
C ILE IC 448 -34.66 -50.41 51.26
N GLU IC 449 -34.96 -49.47 50.36
CA GLU IC 449 -35.08 -49.71 48.92
C GLU IC 449 -34.23 -50.89 48.44
N ASN IC 450 -32.97 -50.90 48.86
CA ASN IC 450 -32.07 -52.01 48.58
C ASN IC 450 -32.55 -53.27 49.30
N ILE IC 451 -32.59 -53.19 50.63
CA ILE IC 451 -32.77 -54.36 51.49
C ILE IC 451 -34.08 -55.03 51.15
N ILE IC 452 -35.15 -54.24 51.20
CA ILE IC 452 -36.55 -54.63 50.94
C ILE IC 452 -36.86 -56.12 50.70
N ASP IC 453 -36.27 -56.73 49.68
CA ASP IC 453 -36.62 -58.09 49.27
C ASP IC 453 -35.82 -59.20 49.99
N GLN IC 454 -34.73 -58.84 50.67
CA GLN IC 454 -33.96 -59.80 51.47
C GLN IC 454 -34.79 -60.35 52.61
N GLU IC 455 -34.47 -61.58 53.02
CA GLU IC 455 -35.04 -62.16 54.24
C GLU IC 455 -34.65 -61.35 55.46
N VAL IC 456 -35.39 -61.58 56.53
CA VAL IC 456 -35.14 -60.91 57.79
C VAL IC 456 -34.05 -61.65 58.55
N GLN IC 457 -34.10 -62.99 58.52
CA GLN IC 457 -33.08 -63.83 59.17
C GLN IC 457 -31.67 -63.53 58.66
N THR IC 458 -31.54 -63.25 57.37
CA THR IC 458 -30.25 -62.98 56.73
C THR IC 458 -29.85 -61.49 56.73
N LEU IC 459 -30.39 -60.69 57.66
CA LEU IC 459 -30.00 -59.29 57.81
C LEU IC 459 -28.78 -59.14 58.70
N SER IC 460 -27.96 -58.15 58.36
CA SER IC 460 -26.85 -57.73 59.23
C SER IC 460 -27.42 -56.90 60.36
N GLY IC 461 -26.58 -56.60 61.33
CA GLY IC 461 -26.99 -55.87 62.52
C GLY IC 461 -27.29 -54.41 62.24
N GLY IC 462 -26.47 -53.79 61.41
CA GLY IC 462 -26.77 -52.47 60.89
C GLY IC 462 -28.08 -52.49 60.13
N GLU IC 463 -28.15 -53.37 59.12
CA GLU IC 463 -29.35 -53.55 58.31
C GLU IC 463 -30.61 -53.62 59.17
N LEU IC 464 -30.58 -54.44 60.22
CA LEU IC 464 -31.67 -54.54 61.19
C LEU IC 464 -31.99 -53.19 61.84
N GLN IC 465 -30.95 -52.50 62.30
CA GLN IC 465 -31.11 -51.17 62.91
C GLN IC 465 -31.76 -50.17 61.95
N ARG IC 466 -31.49 -50.29 60.66
CA ARG IC 466 -32.11 -49.43 59.63
C ARG IC 466 -33.58 -49.76 59.44
N VAL IC 467 -33.95 -51.03 59.59
CA VAL IC 467 -35.34 -51.46 59.51
C VAL IC 467 -36.11 -51.04 60.77
N ALA IC 468 -35.52 -51.25 61.95
CA ALA IC 468 -36.16 -50.85 63.19
C ALA IC 468 -36.44 -49.33 63.26
N LEU IC 469 -35.45 -48.52 62.88
CA LEU IC 469 -35.62 -47.06 62.73
C LEU IC 469 -36.87 -46.76 61.94
N ALA IC 470 -36.95 -47.37 60.75
CA ALA IC 470 -38.10 -47.20 59.86
C ALA IC 470 -39.39 -47.57 60.56
N LEU IC 471 -39.43 -48.79 61.10
CA LEU IC 471 -40.63 -49.32 61.71
C LEU IC 471 -41.13 -48.37 62.78
N CYS IC 472 -40.24 -47.99 63.69
CA CYS IC 472 -40.66 -47.23 64.87
C CYS IC 472 -40.96 -45.79 64.59
N LEU IC 473 -40.45 -45.25 63.49
CA LEU IC 473 -40.96 -43.98 63.00
C LEU IC 473 -42.32 -44.22 62.35
N GLY IC 474 -42.38 -45.23 61.48
CA GLY IC 474 -43.62 -45.58 60.77
C GLY IC 474 -44.88 -45.61 61.62
N LYS IC 475 -44.80 -46.30 62.75
CA LYS IC 475 -45.97 -46.49 63.62
C LYS IC 475 -46.28 -45.19 64.36
N PRO IC 476 -47.52 -44.68 64.25
CA PRO IC 476 -47.83 -43.35 64.80
C PRO IC 476 -47.87 -43.31 66.31
N ALA IC 477 -47.63 -42.14 66.87
CA ALA IC 477 -47.47 -41.97 68.31
C ALA IC 477 -47.58 -40.50 68.74
N ASP IC 478 -47.21 -40.19 69.97
CA ASP IC 478 -46.88 -38.82 70.37
C ASP IC 478 -45.41 -38.78 70.75
N VAL IC 479 -45.03 -39.67 71.65
CA VAL IC 479 -43.65 -39.84 72.04
C VAL IC 479 -43.12 -41.04 71.25
N TYR IC 480 -41.82 -41.01 70.96
CA TYR IC 480 -41.11 -42.12 70.36
C TYR IC 480 -39.89 -42.40 71.24
N LEU IC 481 -39.55 -43.67 71.43
CA LEU IC 481 -38.36 -44.05 72.18
C LEU IC 481 -37.41 -44.79 71.29
N ILE IC 482 -36.12 -44.60 71.56
CA ILE IC 482 -35.05 -45.03 70.68
C ILE IC 482 -33.81 -45.27 71.54
N ASP IC 483 -33.34 -46.51 71.59
CA ASP IC 483 -32.12 -46.82 72.31
C ASP IC 483 -31.06 -47.14 71.29
N GLU IC 484 -29.95 -46.39 71.31
CA GLU IC 484 -28.81 -46.69 70.45
C GLU IC 484 -29.23 -46.93 68.99
N PRO IC 485 -29.73 -45.88 68.32
CA PRO IC 485 -30.00 -45.94 66.87
C PRO IC 485 -28.70 -46.01 66.07
N SER IC 486 -27.65 -45.40 66.60
CA SER IC 486 -26.29 -45.54 66.12
C SER IC 486 -25.82 -47.00 66.05
N ALA IC 487 -26.00 -47.73 67.15
CA ALA IC 487 -25.41 -49.06 67.34
C ALA IC 487 -25.41 -49.92 66.08
N TYR IC 488 -24.22 -50.44 65.75
CA TYR IC 488 -23.95 -51.34 64.59
C TYR IC 488 -23.81 -50.64 63.23
N LEU IC 489 -24.17 -49.36 63.16
CA LEU IC 489 -24.05 -48.62 61.93
C LEU IC 489 -22.64 -48.13 61.73
N ASP IC 490 -22.38 -47.69 60.50
CA ASP IC 490 -21.16 -47.01 60.12
C ASP IC 490 -21.31 -45.55 60.50
N SER IC 491 -20.19 -44.91 60.84
CA SER IC 491 -20.17 -43.49 61.16
C SER IC 491 -20.88 -42.60 60.14
N GLU IC 492 -20.87 -42.99 58.87
CA GLU IC 492 -21.69 -42.33 57.84
C GLU IC 492 -23.17 -42.58 58.08
N GLN IC 493 -23.52 -43.85 58.20
CA GLN IC 493 -24.91 -44.27 58.40
C GLN IC 493 -25.54 -43.67 59.65
N ARG IC 494 -24.77 -43.63 60.73
CA ARG IC 494 -25.22 -43.03 61.98
C ARG IC 494 -25.81 -41.67 61.71
N LEU IC 495 -25.00 -40.80 61.13
CA LEU IC 495 -25.43 -39.45 60.81
C LEU IC 495 -26.70 -39.42 60.00
N MET IC 496 -26.87 -40.36 59.06
CA MET IC 496 -28.10 -40.41 58.25
C MET IC 496 -29.32 -40.74 59.08
N ALA IC 497 -29.20 -41.73 59.94
CA ALA IC 497 -30.28 -42.04 60.87
C ALA IC 497 -30.64 -40.81 61.70
N ALA IC 498 -29.68 -39.94 61.97
CA ALA IC 498 -29.94 -38.71 62.70
C ALA IC 498 -30.83 -37.79 61.91
N ARG IC 499 -30.43 -37.50 60.68
CA ARG IC 499 -31.23 -36.69 59.76
C ARG IC 499 -32.68 -37.19 59.59
N VAL IC 500 -32.84 -38.52 59.55
CA VAL IC 500 -34.16 -39.16 59.46
C VAL IC 500 -35.02 -38.73 60.64
N VAL IC 501 -34.54 -39.01 61.85
CA VAL IC 501 -35.26 -38.72 63.08
C VAL IC 501 -35.52 -37.23 63.19
N LYS IC 502 -34.50 -36.41 62.94
CA LYS IC 502 -34.67 -34.96 63.00
C LYS IC 502 -35.75 -34.41 62.08
N ARG IC 503 -35.77 -34.87 60.83
CA ARG IC 503 -36.74 -34.34 59.86
C ARG IC 503 -38.10 -34.90 60.08
N PHE IC 504 -38.19 -36.23 60.20
CA PHE IC 504 -39.46 -36.91 60.48
C PHE IC 504 -40.27 -36.22 61.59
N ILE IC 505 -39.57 -35.87 62.66
CA ILE IC 505 -40.15 -35.15 63.78
C ILE IC 505 -40.60 -33.73 63.44
N LEU IC 506 -39.86 -33.03 62.58
CA LEU IC 506 -40.30 -31.70 62.08
C LEU IC 506 -41.50 -31.76 61.13
N HIS IC 507 -41.70 -32.90 60.46
CA HIS IC 507 -42.87 -33.14 59.61
C HIS IC 507 -44.06 -33.71 60.40
N ALA IC 508 -43.77 -34.45 61.46
CA ALA IC 508 -44.81 -35.06 62.29
C ALA IC 508 -45.34 -34.13 63.36
N LYS IC 509 -44.42 -33.50 64.08
CA LYS IC 509 -44.68 -32.73 65.31
C LYS IC 509 -45.06 -33.65 66.45
N LYS IC 510 -44.20 -34.62 66.68
CA LYS IC 510 -44.41 -35.63 67.68
C LYS IC 510 -43.06 -35.94 68.26
N THR IC 511 -42.96 -35.81 69.58
CA THR IC 511 -41.66 -35.78 70.24
C THR IC 511 -40.88 -37.09 70.14
N ALA IC 512 -39.59 -37.02 70.45
CA ALA IC 512 -38.76 -38.21 70.47
C ALA IC 512 -37.76 -38.22 71.60
N PHE IC 513 -37.31 -39.42 71.93
CA PHE IC 513 -36.45 -39.67 73.05
C PHE IC 513 -35.42 -40.68 72.59
N VAL IC 514 -34.14 -40.35 72.75
CA VAL IC 514 -33.09 -41.18 72.22
C VAL IC 514 -31.99 -41.38 73.24
N VAL IC 515 -31.82 -42.64 73.65
CA VAL IC 515 -30.63 -43.04 74.40
C VAL IC 515 -29.50 -43.18 73.40
N GLU IC 516 -28.71 -42.12 73.28
CA GLU IC 516 -27.50 -42.11 72.48
C GLU IC 516 -26.31 -41.81 73.36
N HIS IC 517 -25.29 -42.66 73.28
CA HIS IC 517 -24.07 -42.49 74.06
C HIS IC 517 -22.99 -41.73 73.29
N ASP IC 518 -23.29 -41.38 72.03
CA ASP IC 518 -22.27 -41.05 71.05
C ASP IC 518 -22.25 -39.55 70.82
N PHE IC 519 -21.20 -38.89 71.33
CA PHE IC 519 -21.18 -37.42 71.55
C PHE IC 519 -21.32 -36.57 70.30
N ILE IC 520 -20.94 -37.12 69.15
CA ILE IC 520 -21.22 -36.48 67.86
C ILE IC 520 -22.71 -36.57 67.58
N MET IC 521 -23.28 -37.76 67.76
CA MET IC 521 -24.68 -37.99 67.45
C MET IC 521 -25.66 -37.35 68.44
N ALA IC 522 -25.33 -37.44 69.72
CA ALA IC 522 -26.17 -36.85 70.77
C ALA IC 522 -26.29 -35.35 70.56
N THR IC 523 -25.16 -34.70 70.31
CA THR IC 523 -25.14 -33.28 70.01
C THR IC 523 -25.95 -32.92 68.76
N TYR IC 524 -25.90 -33.82 67.79
CA TYR IC 524 -26.65 -33.69 66.54
C TYR IC 524 -28.13 -33.59 66.82
N LEU IC 525 -28.66 -34.60 67.51
CA LEU IC 525 -30.11 -34.70 67.75
C LEU IC 525 -30.68 -33.64 68.69
N ALA IC 526 -30.14 -33.62 69.91
CA ALA IC 526 -30.69 -32.84 71.03
C ALA IC 526 -31.08 -31.41 70.71
N ASP IC 527 -32.35 -31.10 70.96
CA ASP IC 527 -32.83 -29.73 71.19
C ASP IC 527 -33.02 -29.53 72.70
N ARG IC 528 -33.58 -30.54 73.37
CA ARG IC 528 -33.58 -30.61 74.84
C ARG IC 528 -32.97 -31.92 75.32
N VAL IC 529 -32.49 -31.89 76.55
CA VAL IC 529 -31.67 -32.96 77.09
C VAL IC 529 -32.05 -33.32 78.52
N ILE IC 530 -32.58 -34.53 78.70
CA ILE IC 530 -32.76 -35.16 80.02
C ILE IC 530 -31.43 -35.74 80.51
N VAL IC 531 -31.02 -35.29 81.69
CA VAL IC 531 -29.75 -35.64 82.26
C VAL IC 531 -30.06 -36.55 83.44
N PHE IC 532 -29.54 -37.77 83.44
CA PHE IC 532 -29.72 -38.62 84.60
C PHE IC 532 -28.60 -38.41 85.60
N ASP IC 533 -28.76 -39.01 86.79
CA ASP IC 533 -27.81 -38.90 87.89
C ASP IC 533 -27.82 -40.20 88.73
N GLY IC 534 -26.79 -40.33 89.56
CA GLY IC 534 -26.82 -41.22 90.71
C GLY IC 534 -26.01 -42.48 90.55
N VAL IC 535 -26.30 -43.46 91.40
CA VAL IC 535 -25.68 -44.76 91.37
C VAL IC 535 -26.49 -45.62 90.38
N PRO IC 536 -25.93 -45.92 89.20
CA PRO IC 536 -26.61 -46.85 88.31
C PRO IC 536 -27.06 -48.13 89.01
N SER IC 537 -28.28 -48.55 88.71
CA SER IC 537 -28.91 -49.75 89.29
C SER IC 537 -29.30 -49.57 90.76
N LYS IC 538 -29.38 -48.31 91.23
CA LYS IC 538 -29.84 -48.00 92.59
C LYS IC 538 -30.60 -46.67 92.61
N ASN IC 539 -29.94 -45.57 92.99
CA ASN IC 539 -30.59 -44.27 93.11
C ASN IC 539 -30.39 -43.47 91.84
N THR IC 540 -31.44 -42.82 91.36
CA THR IC 540 -31.36 -41.96 90.18
C THR IC 540 -32.17 -40.69 90.37
N VAL IC 541 -31.81 -39.66 89.60
CA VAL IC 541 -32.57 -38.42 89.55
C VAL IC 541 -32.55 -37.95 88.11
N ALA IC 542 -33.58 -38.33 87.37
CA ALA IC 542 -33.77 -37.84 86.02
C ALA IC 542 -34.09 -36.37 86.08
N ASN IC 543 -33.07 -35.53 85.93
CA ASN IC 543 -33.25 -34.11 86.07
C ASN IC 543 -34.23 -33.56 85.04
N SER IC 544 -34.66 -32.33 85.25
CA SER IC 544 -35.44 -31.62 84.25
C SER IC 544 -34.64 -31.57 82.96
N PRO IC 545 -35.35 -31.44 81.81
CA PRO IC 545 -34.64 -31.35 80.54
C PRO IC 545 -33.94 -30.00 80.36
N GLN IC 546 -32.62 -30.04 80.16
CA GLN IC 546 -31.78 -28.86 80.12
C GLN IC 546 -31.86 -28.31 78.69
N THR IC 547 -30.97 -27.39 78.32
CA THR IC 547 -30.84 -26.95 76.91
C THR IC 547 -30.12 -28.09 76.19
N LEU IC 548 -28.99 -27.79 75.54
CA LEU IC 548 -27.97 -28.80 75.29
C LEU IC 548 -26.74 -28.50 76.14
N LEU IC 549 -26.22 -27.27 76.03
CA LEU IC 549 -24.99 -26.87 76.72
C LEU IC 549 -24.92 -27.30 78.16
N ALA IC 550 -25.88 -26.81 78.96
CA ALA IC 550 -25.90 -27.11 80.39
C ALA IC 550 -26.04 -28.61 80.67
N GLY IC 551 -26.84 -29.30 79.87
CA GLY IC 551 -27.05 -30.74 80.02
C GLY IC 551 -25.84 -31.60 79.71
N MET IC 552 -25.13 -31.24 78.64
CA MET IC 552 -23.89 -31.91 78.30
C MET IC 552 -22.83 -31.65 79.36
N ASN IC 553 -22.64 -30.39 79.72
CA ASN IC 553 -21.65 -30.02 80.74
C ASN IC 553 -21.88 -30.73 82.07
N LYS IC 554 -23.14 -30.82 82.49
CA LYS IC 554 -23.51 -31.62 83.67
C LYS IC 554 -23.15 -33.08 83.48
N PHE IC 555 -23.51 -33.61 82.33
CA PHE IC 555 -23.24 -34.99 82.03
C PHE IC 555 -21.75 -35.31 81.97
N LEU IC 556 -20.98 -34.45 81.31
CA LEU IC 556 -19.53 -34.61 81.24
C LEU IC 556 -18.86 -34.47 82.61
N SER IC 557 -19.33 -33.50 83.40
CA SER IC 557 -18.79 -33.28 84.74
C SER IC 557 -18.97 -34.51 85.64
N GLN IC 558 -20.11 -35.19 85.50
CA GLN IC 558 -20.36 -36.44 86.22
C GLN IC 558 -19.45 -37.56 85.74
N LEU IC 559 -19.15 -37.58 84.45
CA LEU IC 559 -18.26 -38.57 83.84
C LEU IC 559 -16.78 -38.23 83.97
N GLU IC 560 -16.50 -36.96 84.24
CA GLU IC 560 -15.14 -36.41 84.33
C GLU IC 560 -14.37 -36.63 83.02
N ILE IC 561 -14.95 -36.08 81.96
CA ILE IC 561 -14.43 -36.12 80.60
C ILE IC 561 -14.53 -34.71 80.04
N THR IC 562 -13.67 -34.37 79.09
CA THR IC 562 -13.81 -33.14 78.34
C THR IC 562 -13.35 -33.35 76.92
N PHE IC 563 -13.85 -32.52 76.01
CA PHE IC 563 -13.44 -32.54 74.61
C PHE IC 563 -12.94 -31.21 74.09
N ARG IC 564 -12.11 -31.30 73.07
CA ARG IC 564 -11.75 -30.15 72.28
C ARG IC 564 -12.25 -30.41 70.87
N ARG IC 565 -12.25 -29.37 70.05
CA ARG IC 565 -12.66 -29.45 68.67
C ARG IC 565 -11.46 -29.27 67.76
N ASP IC 566 -11.23 -30.26 66.89
CA ASP IC 566 -10.27 -30.12 65.79
C ASP IC 566 -10.87 -29.10 64.81
N PRO IC 567 -10.23 -27.93 64.67
CA PRO IC 567 -10.96 -26.82 64.10
C PRO IC 567 -11.03 -26.83 62.56
N ASN IC 568 -10.39 -27.78 61.90
CA ASN IC 568 -10.54 -27.89 60.45
C ASN IC 568 -11.91 -28.49 60.07
N ASN IC 569 -12.40 -29.43 60.88
CA ASN IC 569 -13.70 -30.11 60.66
C ASN IC 569 -14.71 -30.09 61.82
N TYR IC 570 -14.29 -29.59 62.99
CA TYR IC 570 -15.12 -29.51 64.20
C TYR IC 570 -15.63 -30.83 64.75
N ARG IC 571 -14.89 -31.92 64.49
CA ARG IC 571 -15.14 -33.18 65.16
C ARG IC 571 -14.69 -32.93 66.60
N PRO IC 572 -15.39 -33.49 67.60
CA PRO IC 572 -14.91 -33.40 68.98
C PRO IC 572 -14.03 -34.59 69.33
N ARG IC 573 -12.92 -34.30 69.99
CA ARG IC 573 -11.88 -35.28 70.29
C ARG IC 573 -11.59 -35.25 71.79
N ILE IC 574 -11.11 -36.37 72.32
CA ILE IC 574 -11.02 -36.56 73.76
C ILE IC 574 -9.73 -35.96 74.30
N ASN IC 575 -9.79 -35.55 75.57
CA ASN IC 575 -8.64 -35.06 76.31
C ASN IC 575 -8.22 -36.08 77.40
N LYS IC 576 -6.92 -36.26 77.63
CA LYS IC 576 -6.42 -37.08 78.76
C LYS IC 576 -6.80 -36.49 80.12
N LEU IC 577 -6.79 -37.32 81.15
CA LEU IC 577 -6.97 -36.87 82.53
C LEU IC 577 -5.74 -36.13 83.00
N ASN IC 578 -5.95 -34.97 83.61
CA ASN IC 578 -4.89 -34.06 83.99
C ASN IC 578 -3.99 -33.65 82.82
N SER IC 579 -4.62 -33.38 81.67
CA SER IC 579 -4.00 -32.63 80.59
C SER IC 579 -4.39 -31.19 80.81
N ILE IC 580 -3.52 -30.27 80.40
CA ILE IC 580 -3.73 -28.83 80.68
C ILE IC 580 -5.02 -28.39 80.03
N LYS IC 581 -5.25 -28.82 78.79
CA LYS IC 581 -6.53 -28.63 78.11
C LYS IC 581 -7.70 -29.01 79.01
N ASP IC 582 -7.75 -30.28 79.40
CA ASP IC 582 -8.82 -30.83 80.23
C ASP IC 582 -9.06 -29.97 81.46
N VAL IC 583 -7.99 -29.65 82.17
CA VAL IC 583 -8.06 -28.84 83.38
C VAL IC 583 -8.46 -27.39 83.08
N GLU IC 584 -8.01 -26.85 81.94
CA GLU IC 584 -8.47 -25.52 81.48
C GLU IC 584 -9.94 -25.50 81.06
N GLN IC 585 -10.48 -26.65 80.69
CA GLN IC 585 -11.93 -26.77 80.43
C GLN IC 585 -12.78 -27.09 81.67
N LYS IC 586 -12.22 -27.78 82.65
CA LYS IC 586 -12.93 -27.98 83.92
C LYS IC 586 -13.03 -26.69 84.75
N LYS IC 587 -11.93 -25.95 84.86
CA LYS IC 587 -11.91 -24.68 85.61
C LYS IC 587 -12.73 -23.59 84.94
N SER IC 588 -12.86 -23.63 83.62
CA SER IC 588 -13.83 -22.81 82.89
C SER IC 588 -15.22 -23.43 82.98
N GLY IC 589 -15.27 -24.76 83.06
CA GLY IC 589 -16.52 -25.51 83.18
C GLY IC 589 -17.25 -25.59 81.85
N ASN IC 590 -16.52 -25.40 80.76
CA ASN IC 590 -17.04 -25.50 79.39
C ASN IC 590 -16.53 -26.79 78.80
N TYR IC 591 -17.17 -27.89 79.24
CA TYR IC 591 -16.62 -29.23 79.13
C TYR IC 591 -16.42 -29.66 77.71
N PHE IC 592 -17.26 -29.14 76.83
CA PHE IC 592 -17.08 -29.27 75.39
C PHE IC 592 -17.55 -27.98 74.75
N PHE IC 593 -17.22 -27.79 73.47
CA PHE IC 593 -17.53 -26.53 72.82
C PHE IC 593 -18.75 -26.70 71.93
N LEU IC 594 -18.88 -25.83 70.93
CA LEU IC 594 -19.27 -26.26 69.60
C LEU IC 594 -18.23 -25.87 68.56
#